data_8V43
#
_entry.id   8V43
#
_cell.length_a   1.00
_cell.length_b   1.00
_cell.length_c   1.00
_cell.angle_alpha   90.00
_cell.angle_beta   90.00
_cell.angle_gamma   90.00
#
_symmetry.space_group_name_H-M   'P 1'
#
loop_
_entity.id
_entity.type
_entity.pdbx_description
1 polymer 'TRI-2 (CD1371)'
2 polymer 'TRI-1 (CD1372)'
3 polymer 'Sheath initiator (CD1370)'
4 polymer 'Sheath (CD1363)'
#
loop_
_entity_poly.entity_id
_entity_poly.type
_entity_poly.pdbx_seq_one_letter_code
_entity_poly.pdbx_strand_id
1 'polypeptide(L)'
;MYSDQTYEVIKNRTLENINLDIYKGEGSFLNNMVSGNNLELSKIYLELSKMHKMAFIQDTYNQFLDKRVNEFGVYRKLGT
ESNGEVEFIGEKGTVINNGTIISYRDLLFVVIKDVTIGSEEGDNSPVQALEVGKKYNLPTNCEFKLVDNISGVTKITNTR
SFEGGTDIETDEELKERFYKIQRNQATSGNKAHYEEWALEVDGVYNVKVYPRWDGPGTVKVLIFGKNNQAVDTETIERCQ
QHIDEEKPIGPTITVVTPLPIEISISAVMKLEDGYTLDNVKESFLESINTYFRDIRGEIIYTKVMGILINTTGVHDLSNL
LINGSTDNITINEDKIPSVTTVNFSEVENQ
;
v,B,m,O,n,Q,K,F,o,R,e,Z
2 'polypeptide(L)'
;MKLIDKLPSFDRNYIVEEIQGAYDTELNILKEDIDDTFNQLFVDTATWGLDMWEDILCIEKKELDFDTRRSNIKAKMRSR
GTSTIEVIKSICEAYTKSETDIKVYSDEFTFVLSFIANNCDYKTLLDCSDMIERVKPAHLLHYLEPIILDKSMVYCGGGM
VCSEEVKVHPYFEPIIKCSAVVNCGAGMISREEIKVYPLSIKCIENNCKINIAIANDTGVENVVVYPKSEVV
;
A,L,M,E,N,Y
3 'polypeptide(L)'
;MSTIFPFIGVPEDYILPKTEELPIFREVAWDFEKDEPILEKGDFKIIEKKEALKVWIYKCIKTNRYEHEIYSLEYGTELS
ELIGQKYTKGLTESEASRFIKEALLINPYILEVNVKSANFNRDILSANVKVSTIYGEVEINV
;
j,i,k,J,l,d
4 'polypeptide(L)'
;MAIGLPSINISFKELATTVKERSARGIIAMVLKDAKALGLNEIHEKEDIPVDLSAENKEYINLALMGNVNTPNKLLVYVI
EGEADIQTALDFLETKEFNYLCMPKAVEADKTAIKNWIIKLRDIDKVKVKAVLGKVVGNHEGIINFTTEDVLVGEKKYSV
DEFTSRVAGLIAGTPLSQSVTYTKLSDVVDIPKMTKVDAESRVNKGELILIKEAGAIRIARGVNSLTELTAEKGEMFQKI
KIVDTLDIIHSDIRKVIIDDYIGKVTNSYDNKCLLIVAIKSYLEELEKSALIESDSTVEIDFEAQKSYLKSKGVDLSYMT
LQEIKEANTGSKVFLKAKIKVLDAMEDIDLSIEI
;
P,C,D,f,S,V,g,T,W,I,G,H,h,U,X,c,a,b
#
# COMPACT_ATOMS: atom_id res chain seq x y z
N MET A 1 -45.79 36.48 -58.87
CA MET A 1 -46.60 36.13 -60.02
C MET A 1 -47.06 34.66 -59.95
N TYR A 2 -47.29 34.05 -61.10
CA TYR A 2 -47.85 32.70 -61.13
C TYR A 2 -46.95 31.70 -60.40
N SER A 3 -45.64 31.84 -60.55
CA SER A 3 -44.72 30.97 -59.82
C SER A 3 -44.88 31.17 -58.32
N ASP A 4 -45.04 32.42 -57.88
CA ASP A 4 -45.30 32.68 -56.46
C ASP A 4 -46.62 32.06 -56.03
N GLN A 5 -47.62 32.11 -56.88
CA GLN A 5 -48.93 31.53 -56.55
C GLN A 5 -48.82 30.01 -56.45
N THR A 6 -48.95 29.50 -55.22
CA THR A 6 -48.93 28.07 -55.00
C THR A 6 -49.96 27.74 -53.92
N TYR A 7 -50.12 26.45 -53.64
CA TYR A 7 -51.14 26.02 -52.69
C TYR A 7 -50.88 26.57 -51.29
N GLU A 8 -49.62 26.52 -50.84
CA GLU A 8 -49.31 26.97 -49.49
C GLU A 8 -49.42 28.49 -49.36
N VAL A 9 -48.95 29.22 -50.36
CA VAL A 9 -48.97 30.68 -50.29
C VAL A 9 -50.41 31.18 -50.24
N ILE A 10 -51.26 30.70 -51.16
CA ILE A 10 -52.65 31.12 -51.15
C ILE A 10 -53.39 30.54 -49.95
N LYS A 11 -52.93 29.41 -49.40
CA LYS A 11 -53.52 28.90 -48.17
C LYS A 11 -53.30 29.88 -47.02
N ASN A 12 -52.05 30.34 -46.86
CA ASN A 12 -51.77 31.33 -45.82
C ASN A 12 -52.52 32.63 -46.09
N ARG A 13 -52.60 33.03 -47.37
CA ARG A 13 -53.32 34.25 -47.72
C ARG A 13 -54.78 34.17 -47.33
N THR A 14 -55.44 33.06 -47.66
CA THR A 14 -56.85 32.90 -47.32
C THR A 14 -57.05 32.75 -45.82
N LEU A 15 -56.13 32.11 -45.12
CA LEU A 15 -56.21 32.03 -43.67
C LEU A 15 -56.13 33.42 -43.06
N GLU A 16 -55.26 34.28 -43.60
CA GLU A 16 -55.23 35.67 -43.14
C GLU A 16 -56.51 36.41 -43.50
N ASN A 17 -57.08 36.10 -44.66
CA ASN A 17 -58.31 36.78 -45.09
C ASN A 17 -59.48 36.48 -44.16
N ILE A 18 -59.49 35.29 -43.55
CA ILE A 18 -60.58 34.87 -42.69
C ILE A 18 -60.18 35.10 -41.24
N ASN A 19 -60.87 36.01 -40.56
CA ASN A 19 -60.70 36.24 -39.14
C ASN A 19 -61.99 35.80 -38.46
N LEU A 20 -61.88 34.90 -37.49
CA LEU A 20 -63.06 34.27 -36.92
C LEU A 20 -62.74 33.80 -35.50
N ASP A 21 -63.81 33.52 -34.75
CA ASP A 21 -63.67 33.24 -33.32
C ASP A 21 -62.85 31.98 -33.07
N ILE A 22 -63.12 30.92 -33.84
CA ILE A 22 -62.44 29.65 -33.58
C ILE A 22 -60.99 29.73 -34.03
N TYR A 23 -60.11 29.09 -33.27
CA TYR A 23 -58.68 29.16 -33.56
C TYR A 23 -58.33 28.36 -34.80
N LYS A 24 -57.32 28.85 -35.54
CA LYS A 24 -56.87 28.23 -36.78
C LYS A 24 -55.67 27.34 -36.50
N GLY A 25 -55.75 26.08 -36.93
CA GLY A 25 -54.67 25.14 -36.71
C GLY A 25 -54.65 24.06 -37.77
N GLU A 26 -53.56 23.30 -37.77
CA GLU A 26 -53.41 22.20 -38.72
C GLU A 26 -54.41 21.10 -38.42
N GLY A 27 -55.02 20.56 -39.47
CA GLY A 27 -56.01 19.52 -39.33
C GLY A 27 -57.41 20.00 -39.02
N SER A 28 -57.63 21.30 -38.95
CA SER A 28 -58.96 21.83 -38.68
C SER A 28 -59.90 21.55 -39.85
N PHE A 29 -61.20 21.47 -39.54
CA PHE A 29 -62.20 21.26 -40.58
C PHE A 29 -62.15 22.37 -41.61
N LEU A 30 -62.22 23.63 -41.16
CA LEU A 30 -62.13 24.76 -42.08
C LEU A 30 -60.78 24.79 -42.78
N ASN A 31 -59.73 24.32 -42.11
CA ASN A 31 -58.41 24.25 -42.74
C ASN A 31 -58.47 23.37 -43.99
N ASN A 32 -59.03 22.18 -43.87
CA ASN A 32 -59.14 21.29 -45.03
C ASN A 32 -60.11 21.84 -46.08
N MET A 33 -61.21 22.45 -45.62
CA MET A 33 -62.18 23.04 -46.54
C MET A 33 -61.50 24.08 -47.44
N VAL A 34 -60.69 24.95 -46.84
CA VAL A 34 -59.98 25.96 -47.60
C VAL A 34 -58.87 25.32 -48.45
N SER A 35 -58.18 24.32 -47.90
CA SER A 35 -57.03 23.73 -48.58
C SER A 35 -57.43 23.05 -49.88
N GLY A 36 -58.57 22.36 -49.90
CA GLY A 36 -59.01 21.72 -51.13
C GLY A 36 -59.26 22.73 -52.24
N ASN A 37 -60.01 23.79 -51.92
CA ASN A 37 -60.27 24.83 -52.90
C ASN A 37 -58.99 25.53 -53.33
N ASN A 38 -58.02 25.66 -52.42
CA ASN A 38 -56.78 26.31 -52.79
C ASN A 38 -55.92 25.42 -53.69
N LEU A 39 -55.99 24.10 -53.51
CA LEU A 39 -55.36 23.21 -54.49
C LEU A 39 -56.02 23.36 -55.85
N GLU A 40 -57.35 23.46 -55.87
CA GLU A 40 -58.05 23.73 -57.13
C GLU A 40 -57.56 25.03 -57.75
N LEU A 41 -57.40 26.07 -56.92
CA LEU A 41 -56.95 27.36 -57.42
C LEU A 41 -55.50 27.31 -57.91
N SER A 42 -54.67 26.45 -57.30
CA SER A 42 -53.32 26.25 -57.82
C SER A 42 -53.35 25.61 -59.20
N LYS A 43 -54.24 24.62 -59.40
CA LYS A 43 -54.42 24.06 -60.73
C LYS A 43 -54.88 25.13 -61.72
N ILE A 44 -55.81 25.99 -61.28
CA ILE A 44 -56.28 27.08 -62.13
C ILE A 44 -55.15 28.03 -62.46
N TYR A 45 -54.26 28.30 -61.50
CA TYR A 45 -53.11 29.16 -61.74
C TYR A 45 -52.17 28.56 -62.77
N LEU A 46 -51.95 27.24 -62.69
CA LEU A 46 -51.13 26.58 -63.70
C LEU A 46 -51.77 26.68 -65.08
N GLU A 47 -53.09 26.51 -65.15
CA GLU A 47 -53.79 26.66 -66.43
C GLU A 47 -53.65 28.08 -66.96
N LEU A 48 -53.77 29.08 -66.09
CA LEU A 48 -53.62 30.46 -66.51
C LEU A 48 -52.19 30.75 -66.95
N SER A 49 -51.21 30.11 -66.33
CA SER A 49 -49.83 30.23 -66.79
C SER A 49 -49.67 29.66 -68.19
N LYS A 50 -50.26 28.50 -68.44
CA LYS A 50 -50.21 27.92 -69.78
C LYS A 50 -50.98 28.74 -70.81
N MET A 51 -51.96 29.54 -70.35
CA MET A 51 -52.65 30.46 -71.25
C MET A 51 -51.67 31.38 -71.96
N HIS A 52 -50.69 31.90 -71.22
CA HIS A 52 -49.69 32.78 -71.83
C HIS A 52 -48.95 32.08 -72.96
N LYS A 53 -48.41 30.89 -72.69
CA LYS A 53 -47.61 30.20 -73.69
C LYS A 53 -48.45 29.81 -74.91
N MET A 54 -49.68 29.35 -74.69
CA MET A 54 -50.50 28.94 -75.84
C MET A 54 -51.05 30.13 -76.60
N ALA A 55 -51.15 31.30 -75.95
CA ALA A 55 -51.63 32.49 -76.65
C ALA A 55 -50.56 33.09 -77.56
N PHE A 56 -49.29 32.88 -77.24
CA PHE A 56 -48.21 33.48 -78.01
C PHE A 56 -48.13 32.87 -79.40
N ILE A 57 -47.68 33.69 -80.37
CA ILE A 57 -47.50 33.21 -81.73
C ILE A 57 -46.37 32.20 -81.80
N GLN A 58 -45.32 32.37 -80.99
CA GLN A 58 -44.23 31.42 -80.98
C GLN A 58 -44.65 30.13 -80.28
N ASP A 59 -43.79 29.12 -80.40
CA ASP A 59 -43.94 27.78 -79.80
C ASP A 59 -45.40 27.30 -79.80
N THR A 60 -46.05 27.45 -80.95
CA THR A 60 -47.42 26.99 -81.12
C THR A 60 -47.45 25.52 -81.53
N TYR A 61 -48.64 24.94 -81.44
CA TYR A 61 -48.87 23.56 -81.83
C TYR A 61 -49.40 23.51 -83.25
N ASN A 62 -49.81 22.31 -83.68
CA ASN A 62 -50.33 22.15 -85.04
C ASN A 62 -51.61 22.95 -85.24
N GLN A 63 -52.55 22.83 -84.30
CA GLN A 63 -53.83 23.52 -84.46
C GLN A 63 -53.67 25.03 -84.30
N PHE A 64 -52.81 25.47 -83.37
CA PHE A 64 -52.59 26.90 -83.19
C PHE A 64 -52.01 27.53 -84.45
N LEU A 65 -50.95 26.92 -84.99
CA LEU A 65 -50.35 27.44 -86.22
C LEU A 65 -51.33 27.35 -87.37
N ASP A 66 -52.14 26.29 -87.42
CA ASP A 66 -53.13 26.16 -88.48
C ASP A 66 -54.13 27.31 -88.43
N LYS A 67 -54.62 27.64 -87.24
CA LYS A 67 -55.54 28.76 -87.12
C LYS A 67 -54.87 30.08 -87.50
N ARG A 68 -53.63 30.29 -87.04
CA ARG A 68 -52.93 31.53 -87.35
C ARG A 68 -52.73 31.70 -88.85
N VAL A 69 -52.31 30.62 -89.53
CA VAL A 69 -52.05 30.73 -90.96
C VAL A 69 -53.35 30.78 -91.76
N ASN A 70 -54.42 30.17 -91.25
CA ASN A 70 -55.72 30.34 -91.90
C ASN A 70 -56.19 31.79 -91.82
N GLU A 71 -55.93 32.45 -90.69
CA GLU A 71 -56.14 33.89 -90.61
C GLU A 71 -55.24 34.64 -91.58
N PHE A 72 -53.98 34.18 -91.72
CA PHE A 72 -53.02 34.87 -92.55
C PHE A 72 -53.03 34.41 -94.01
N GLY A 73 -53.49 33.18 -94.28
CA GLY A 73 -53.58 32.70 -95.64
C GLY A 73 -52.36 31.95 -96.15
N VAL A 74 -51.30 31.84 -95.36
CA VAL A 74 -50.08 31.12 -95.77
C VAL A 74 -50.25 29.68 -95.31
N TYR A 75 -50.92 28.88 -96.14
CA TYR A 75 -51.25 27.52 -95.76
C TYR A 75 -50.00 26.63 -95.71
N ARG A 76 -49.99 25.72 -94.75
CA ARG A 76 -48.88 24.80 -94.58
C ARG A 76 -48.85 23.76 -95.69
N LYS A 77 -47.63 23.35 -96.06
CA LYS A 77 -47.43 22.35 -97.09
C LYS A 77 -47.44 20.96 -96.48
N LEU A 78 -48.22 20.06 -97.08
CA LEU A 78 -48.34 18.69 -96.57
C LEU A 78 -47.33 17.73 -97.18
N GLY A 79 -46.50 18.19 -98.12
CA GLY A 79 -45.53 17.34 -98.76
C GLY A 79 -46.09 16.67 -100.00
N THR A 80 -45.18 16.09 -100.79
CA THR A 80 -45.53 15.44 -102.04
C THR A 80 -44.98 14.01 -102.04
N GLU A 81 -45.76 13.10 -102.63
CA GLU A 81 -45.32 11.72 -102.74
C GLU A 81 -44.20 11.58 -103.76
N SER A 82 -43.27 10.66 -103.48
CA SER A 82 -42.18 10.41 -104.39
C SER A 82 -42.66 9.75 -105.67
N ASN A 83 -42.01 10.09 -106.78
CA ASN A 83 -42.35 9.55 -108.10
C ASN A 83 -41.10 9.04 -108.77
N GLY A 84 -41.23 7.89 -109.44
CA GLY A 84 -40.10 7.30 -110.13
C GLY A 84 -40.59 6.26 -111.13
N GLU A 85 -39.64 5.73 -111.90
CA GLU A 85 -39.93 4.72 -112.92
C GLU A 85 -39.13 3.47 -112.60
N VAL A 86 -39.79 2.31 -112.69
CA VAL A 86 -39.15 1.03 -112.43
C VAL A 86 -39.28 0.15 -113.67
N GLU A 87 -38.43 -0.86 -113.75
CA GLU A 87 -38.42 -1.81 -114.86
C GLU A 87 -38.89 -3.16 -114.34
N PHE A 88 -39.83 -3.77 -115.06
CA PHE A 88 -40.38 -5.07 -114.70
C PHE A 88 -39.73 -6.14 -115.56
N ILE A 89 -39.13 -7.15 -114.92
CA ILE A 89 -38.44 -8.22 -115.61
C ILE A 89 -39.11 -9.54 -115.22
N GLY A 90 -39.46 -10.34 -116.22
CA GLY A 90 -40.12 -11.60 -115.96
C GLY A 90 -40.58 -12.25 -117.25
N GLU A 91 -41.57 -13.11 -117.13
CA GLU A 91 -42.11 -13.82 -118.29
C GLU A 91 -42.73 -12.84 -119.27
N LYS A 92 -42.43 -13.03 -120.56
CA LYS A 92 -42.99 -12.16 -121.60
C LYS A 92 -44.49 -12.36 -121.70
N GLY A 93 -45.20 -11.26 -121.95
CA GLY A 93 -46.65 -11.28 -122.04
C GLY A 93 -47.38 -11.07 -120.73
N THR A 94 -46.65 -11.01 -119.61
CA THR A 94 -47.28 -10.76 -118.32
C THR A 94 -47.84 -9.35 -118.27
N VAL A 95 -49.08 -9.21 -117.83
CA VAL A 95 -49.77 -7.93 -117.77
C VAL A 95 -49.96 -7.55 -116.31
N ILE A 96 -49.45 -6.39 -115.93
CA ILE A 96 -49.60 -5.85 -114.58
C ILE A 96 -50.56 -4.68 -114.66
N ASN A 97 -51.72 -4.82 -114.02
CA ASN A 97 -52.77 -3.83 -114.09
C ASN A 97 -52.44 -2.62 -113.22
N ASN A 98 -53.22 -1.56 -113.40
CA ASN A 98 -53.07 -0.36 -112.58
C ASN A 98 -53.50 -0.62 -111.16
N GLY A 99 -52.92 0.13 -110.22
CA GLY A 99 -53.22 -0.01 -108.81
C GLY A 99 -52.40 -1.05 -108.08
N THR A 100 -51.58 -1.82 -108.79
CA THR A 100 -50.72 -2.79 -108.14
C THR A 100 -49.69 -2.09 -107.27
N ILE A 101 -49.45 -2.64 -106.08
CA ILE A 101 -48.56 -2.05 -105.09
C ILE A 101 -47.27 -2.87 -105.03
N ILE A 102 -46.13 -2.17 -105.03
CA ILE A 102 -44.83 -2.79 -104.94
C ILE A 102 -44.14 -2.27 -103.68
N SER A 103 -43.49 -3.17 -102.95
CA SER A 103 -42.83 -2.83 -101.69
C SER A 103 -41.35 -3.10 -101.78
N TYR A 104 -40.55 -2.08 -101.46
CA TYR A 104 -39.10 -2.21 -101.31
C TYR A 104 -38.77 -2.03 -99.84
N ARG A 105 -38.16 -3.04 -99.23
CA ARG A 105 -37.90 -3.07 -97.78
C ARG A 105 -39.25 -2.92 -97.09
N ASP A 106 -39.40 -1.97 -96.17
CA ASP A 106 -40.69 -1.70 -95.54
C ASP A 106 -41.47 -0.61 -96.24
N LEU A 107 -40.90 0.03 -97.26
CA LEU A 107 -41.59 1.09 -97.98
C LEU A 107 -42.66 0.51 -98.89
N LEU A 108 -43.66 1.34 -99.21
CA LEU A 108 -44.76 0.95 -100.06
C LEU A 108 -44.85 1.89 -101.26
N PHE A 109 -45.07 1.31 -102.44
CA PHE A 109 -45.17 2.07 -103.68
C PHE A 109 -46.28 1.49 -104.53
N VAL A 110 -46.80 2.31 -105.44
CA VAL A 110 -47.90 1.90 -106.31
C VAL A 110 -47.55 2.22 -107.76
N VAL A 111 -48.01 1.37 -108.66
CA VAL A 111 -47.78 1.51 -110.10
C VAL A 111 -48.97 2.23 -110.71
N ILE A 112 -48.71 3.26 -111.50
CA ILE A 112 -49.79 4.08 -112.06
C ILE A 112 -50.41 3.39 -113.28
N LYS A 113 -49.62 3.17 -114.32
CA LYS A 113 -50.12 2.69 -115.60
C LYS A 113 -49.81 1.20 -115.76
N ASP A 114 -50.62 0.55 -116.60
CA ASP A 114 -50.42 -0.85 -116.90
C ASP A 114 -49.12 -1.05 -117.67
N VAL A 115 -48.40 -2.11 -117.32
CA VAL A 115 -47.12 -2.45 -117.96
C VAL A 115 -47.16 -3.93 -118.35
N THR A 116 -46.70 -4.23 -119.56
CA THR A 116 -46.64 -5.60 -120.06
C THR A 116 -45.19 -5.97 -120.31
N ILE A 117 -44.78 -7.13 -119.79
CA ILE A 117 -43.41 -7.58 -119.95
C ILE A 117 -43.20 -8.09 -121.37
N GLY A 118 -42.19 -7.57 -122.06
CA GLY A 118 -41.90 -7.95 -123.41
C GLY A 118 -42.72 -7.25 -124.48
N SER A 119 -43.61 -6.34 -124.09
CA SER A 119 -44.41 -5.61 -125.07
C SER A 119 -43.58 -4.53 -125.75
N GLU A 120 -44.09 -4.05 -126.88
CA GLU A 120 -43.41 -2.99 -127.62
C GLU A 120 -43.40 -1.67 -126.87
N GLU A 121 -44.34 -1.46 -125.94
CA GLU A 121 -44.36 -0.22 -125.17
C GLU A 121 -43.22 -0.15 -124.17
N GLY A 122 -42.59 -1.28 -123.86
CA GLY A 122 -41.49 -1.31 -122.91
C GLY A 122 -41.91 -1.90 -121.57
N ASP A 123 -40.89 -2.21 -120.76
CA ASP A 123 -41.10 -2.78 -119.44
C ASP A 123 -40.96 -1.75 -118.33
N ASN A 124 -40.89 -0.46 -118.68
CA ASN A 124 -40.74 0.61 -117.71
C ASN A 124 -42.09 1.27 -117.46
N SER A 125 -42.46 1.36 -116.19
CA SER A 125 -43.72 1.99 -115.80
C SER A 125 -43.48 2.95 -114.64
N PRO A 126 -44.06 4.16 -114.69
CA PRO A 126 -43.90 5.10 -113.58
C PRO A 126 -44.50 4.54 -112.30
N VAL A 127 -43.87 4.86 -111.18
CA VAL A 127 -44.30 4.40 -109.86
C VAL A 127 -44.31 5.60 -108.92
N GLN A 128 -45.43 5.77 -108.21
CA GLN A 128 -45.61 6.88 -107.28
C GLN A 128 -45.68 6.35 -105.86
N ALA A 129 -45.05 7.08 -104.94
CA ALA A 129 -45.06 6.67 -103.53
C ALA A 129 -46.48 6.74 -102.97
N LEU A 130 -46.80 5.78 -102.10
CA LEU A 130 -48.13 5.78 -101.47
C LEU A 130 -48.28 6.92 -100.48
N GLU A 131 -47.21 7.30 -99.80
CA GLU A 131 -47.24 8.37 -98.81
C GLU A 131 -46.12 9.36 -99.09
N VAL A 132 -46.30 10.58 -98.56
CA VAL A 132 -45.29 11.61 -98.71
C VAL A 132 -44.09 11.31 -97.83
N GLY A 133 -42.97 11.95 -98.12
CA GLY A 133 -41.77 11.81 -97.31
C GLY A 133 -40.52 11.59 -98.15
N LYS A 134 -39.39 12.07 -97.62
CA LYS A 134 -38.12 11.88 -98.29
C LYS A 134 -37.65 10.44 -98.26
N LYS A 135 -38.11 9.65 -97.29
CA LYS A 135 -37.75 8.24 -97.24
C LYS A 135 -38.26 7.47 -98.46
N TYR A 136 -39.30 7.97 -99.12
CA TYR A 136 -39.81 7.36 -100.34
C TYR A 136 -38.97 7.71 -101.57
N ASN A 137 -38.06 8.67 -101.46
CA ASN A 137 -37.17 9.04 -102.56
C ASN A 137 -36.06 7.98 -102.70
N LEU A 138 -36.48 6.80 -103.16
CA LEU A 138 -35.56 5.69 -103.30
C LEU A 138 -34.52 6.00 -104.38
N PRO A 139 -33.26 5.62 -104.18
CA PRO A 139 -32.24 5.87 -105.21
C PRO A 139 -32.36 4.91 -106.39
N THR A 140 -31.44 5.00 -107.33
CA THR A 140 -31.43 4.10 -108.46
C THR A 140 -30.99 2.70 -108.03
N ASN A 141 -31.36 1.71 -108.85
CA ASN A 141 -30.98 0.31 -108.64
C ASN A 141 -31.51 -0.21 -107.30
N CYS A 142 -32.83 -0.15 -107.15
CA CYS A 142 -33.53 -0.72 -106.01
C CYS A 142 -34.42 -1.85 -106.51
N GLU A 143 -34.29 -3.02 -105.89
CA GLU A 143 -35.01 -4.22 -106.34
C GLU A 143 -36.38 -4.23 -105.68
N PHE A 144 -37.38 -3.70 -106.37
CA PHE A 144 -38.74 -3.66 -105.86
C PHE A 144 -39.36 -5.06 -105.88
N LYS A 145 -40.24 -5.30 -104.92
CA LYS A 145 -40.91 -6.59 -104.77
C LYS A 145 -42.42 -6.37 -104.74
N LEU A 146 -43.15 -7.22 -105.45
CA LEU A 146 -44.61 -7.15 -105.44
C LEU A 146 -45.14 -7.49 -104.05
N VAL A 147 -46.06 -6.64 -103.55
CA VAL A 147 -46.75 -6.98 -102.31
C VAL A 147 -47.64 -8.18 -102.50
N ASP A 148 -48.36 -8.22 -103.62
CA ASP A 148 -49.20 -9.36 -103.99
C ASP A 148 -48.52 -10.15 -105.09
N ASN A 149 -48.46 -11.47 -104.92
CA ASN A 149 -47.76 -12.32 -105.88
C ASN A 149 -48.52 -12.34 -107.21
N ILE A 150 -47.78 -12.08 -108.30
CA ILE A 150 -48.33 -12.10 -109.64
C ILE A 150 -47.48 -13.04 -110.48
N SER A 151 -48.12 -14.02 -111.11
CA SER A 151 -47.40 -14.96 -111.96
C SER A 151 -46.86 -14.25 -113.20
N GLY A 152 -45.65 -14.63 -113.61
CA GLY A 152 -45.01 -14.04 -114.77
C GLY A 152 -44.09 -12.88 -114.47
N VAL A 153 -44.05 -12.39 -113.23
CA VAL A 153 -43.17 -11.31 -112.82
C VAL A 153 -42.12 -11.89 -111.88
N THR A 154 -40.85 -11.65 -112.18
CA THR A 154 -39.75 -12.21 -111.42
C THR A 154 -38.96 -11.14 -110.66
N LYS A 155 -38.47 -10.12 -111.35
CA LYS A 155 -37.66 -9.07 -110.73
C LYS A 155 -38.15 -7.70 -111.17
N ILE A 156 -38.21 -6.78 -110.21
CA ILE A 156 -38.59 -5.39 -110.47
C ILE A 156 -37.48 -4.49 -109.93
N THR A 157 -36.97 -3.61 -110.78
CA THR A 157 -35.93 -2.67 -110.39
C THR A 157 -36.18 -1.34 -111.07
N ASN A 158 -35.62 -0.28 -110.48
CA ASN A 158 -35.78 1.08 -111.00
C ASN A 158 -34.51 1.52 -111.69
N THR A 159 -34.64 2.02 -112.91
CA THR A 159 -33.51 2.55 -113.66
C THR A 159 -33.17 3.98 -113.29
N ARG A 160 -34.04 4.68 -112.56
CA ARG A 160 -33.82 6.05 -112.15
C ARG A 160 -34.19 6.21 -110.68
N SER A 161 -33.49 7.12 -110.01
CA SER A 161 -33.76 7.39 -108.61
C SER A 161 -35.12 8.07 -108.45
N PHE A 162 -35.86 7.64 -107.43
CA PHE A 162 -37.17 8.23 -107.17
C PHE A 162 -37.02 9.65 -106.64
N GLU A 163 -37.90 10.53 -107.12
CA GLU A 163 -37.86 11.94 -106.76
C GLU A 163 -39.27 12.42 -106.46
N GLY A 164 -39.36 13.58 -105.81
CA GLY A 164 -40.64 14.17 -105.45
C GLY A 164 -41.07 13.94 -104.02
N GLY A 165 -40.41 13.03 -103.31
CA GLY A 165 -40.76 12.77 -101.92
C GLY A 165 -40.36 13.89 -101.00
N THR A 166 -41.34 14.64 -100.50
CA THR A 166 -41.10 15.79 -99.64
C THR A 166 -41.83 15.59 -98.31
N ASP A 167 -41.14 15.93 -97.23
CA ASP A 167 -41.72 15.80 -95.89
C ASP A 167 -42.76 16.88 -95.65
N ILE A 168 -43.58 16.67 -94.62
CA ILE A 168 -44.57 17.66 -94.22
C ILE A 168 -43.87 18.89 -93.65
N GLU A 169 -44.28 20.06 -94.10
CA GLU A 169 -43.69 21.30 -93.62
C GLU A 169 -43.92 21.46 -92.13
N THR A 170 -42.83 21.58 -91.38
CA THR A 170 -42.94 21.70 -89.93
C THR A 170 -43.44 23.11 -89.57
N ASP A 171 -43.76 23.28 -88.29
CA ASP A 171 -44.29 24.56 -87.82
C ASP A 171 -43.26 25.67 -87.99
N GLU A 172 -42.01 25.39 -87.61
CA GLU A 172 -40.98 26.43 -87.60
C GLU A 172 -40.67 26.93 -89.01
N GLU A 173 -40.57 26.01 -89.97
CA GLU A 173 -40.23 26.40 -91.34
C GLU A 173 -41.29 27.34 -91.91
N LEU A 174 -42.57 26.97 -91.77
CA LEU A 174 -43.64 27.85 -92.16
C LEU A 174 -43.61 29.15 -91.39
N LYS A 175 -43.13 29.12 -90.14
CA LYS A 175 -43.05 30.33 -89.34
C LYS A 175 -42.04 31.31 -89.94
N GLU A 176 -40.83 30.86 -90.27
CA GLU A 176 -39.89 31.81 -90.86
C GLU A 176 -40.30 32.18 -92.27
N ARG A 177 -40.97 31.28 -92.99
CA ARG A 177 -41.49 31.65 -94.31
C ARG A 177 -42.50 32.78 -94.21
N PHE A 178 -43.42 32.68 -93.26
CA PHE A 178 -44.39 33.74 -93.03
C PHE A 178 -43.70 35.03 -92.58
N TYR A 179 -42.69 34.92 -91.72
CA TYR A 179 -41.99 36.12 -91.27
C TYR A 179 -41.30 36.82 -92.44
N LYS A 180 -40.66 36.05 -93.32
CA LYS A 180 -40.02 36.64 -94.50
C LYS A 180 -41.05 37.26 -95.42
N ILE A 181 -42.21 36.62 -95.59
CA ILE A 181 -43.28 37.19 -96.40
C ILE A 181 -43.74 38.51 -95.82
N GLN A 182 -43.88 38.58 -94.50
CA GLN A 182 -44.33 39.81 -93.86
C GLN A 182 -43.29 40.92 -93.99
N ARG A 183 -42.00 40.59 -93.85
CA ARG A 183 -40.97 41.61 -93.93
C ARG A 183 -40.83 42.17 -95.34
N ASN A 184 -40.89 41.31 -96.36
CA ASN A 184 -40.64 41.69 -97.73
C ASN A 184 -41.87 41.45 -98.59
N GLN A 185 -42.29 42.47 -99.32
CA GLN A 185 -43.43 42.39 -100.22
C GLN A 185 -42.97 42.69 -101.64
N ALA A 186 -43.77 42.22 -102.60
CA ALA A 186 -43.44 42.42 -104.02
C ALA A 186 -43.40 43.91 -104.34
N THR A 187 -42.34 44.34 -105.03
CA THR A 187 -42.13 45.73 -105.37
C THR A 187 -41.72 45.85 -106.83
N SER A 188 -42.00 47.03 -107.39
CA SER A 188 -41.79 47.25 -108.82
C SER A 188 -40.31 47.25 -109.19
N GLY A 189 -39.49 47.99 -108.45
CA GLY A 189 -38.13 48.24 -108.88
C GLY A 189 -37.09 47.31 -108.33
N ASN A 190 -37.30 46.79 -107.12
CA ASN A 190 -36.35 45.85 -106.54
C ASN A 190 -36.22 44.63 -107.43
N LYS A 191 -35.02 44.43 -107.99
CA LYS A 191 -34.81 43.38 -108.96
C LYS A 191 -35.08 42.00 -108.39
N ALA A 192 -34.96 41.82 -107.07
CA ALA A 192 -35.24 40.52 -106.47
C ALA A 192 -36.70 40.13 -106.67
N HIS A 193 -37.62 41.05 -106.37
CA HIS A 193 -39.04 40.75 -106.51
C HIS A 193 -39.42 40.46 -107.96
N TYR A 194 -38.90 41.26 -108.90
CA TYR A 194 -39.23 41.05 -110.30
C TYR A 194 -38.64 39.76 -110.83
N GLU A 195 -37.38 39.48 -110.49
CA GLU A 195 -36.74 38.26 -110.96
C GLU A 195 -37.27 37.01 -110.27
N GLU A 196 -37.97 37.16 -109.15
CA GLU A 196 -38.59 36.01 -108.50
C GLU A 196 -39.60 35.33 -109.41
N TRP A 197 -40.44 36.13 -110.08
CA TRP A 197 -41.44 35.56 -110.97
C TRP A 197 -40.80 34.88 -112.18
N ALA A 198 -39.74 35.48 -112.73
CA ALA A 198 -39.03 34.86 -113.83
C ALA A 198 -38.37 33.56 -113.40
N LEU A 199 -37.78 33.54 -112.21
CA LEU A 199 -37.12 32.34 -111.71
C LEU A 199 -38.11 31.22 -111.41
N GLU A 200 -39.40 31.52 -111.32
CA GLU A 200 -40.40 30.47 -111.12
C GLU A 200 -40.47 29.52 -112.30
N VAL A 201 -39.97 29.92 -113.46
CA VAL A 201 -39.86 29.01 -114.60
C VAL A 201 -38.65 28.11 -114.41
N ASP A 202 -38.87 26.80 -114.52
CA ASP A 202 -37.79 25.85 -114.28
C ASP A 202 -36.69 25.94 -115.34
N GLY A 203 -37.05 26.34 -116.57
CA GLY A 203 -36.06 26.38 -117.63
C GLY A 203 -34.93 27.36 -117.38
N VAL A 204 -35.25 28.50 -116.76
CA VAL A 204 -34.27 29.56 -116.52
C VAL A 204 -33.80 29.47 -115.08
N TYR A 205 -32.51 29.75 -114.86
CA TYR A 205 -31.91 29.72 -113.53
C TYR A 205 -31.22 31.01 -113.14
N ASN A 206 -30.88 31.87 -114.08
CA ASN A 206 -30.30 33.17 -113.78
C ASN A 206 -31.07 34.24 -114.55
N VAL A 207 -31.54 35.26 -113.84
CA VAL A 207 -32.34 36.33 -114.42
C VAL A 207 -31.68 37.66 -114.10
N LYS A 208 -31.53 38.51 -115.11
CA LYS A 208 -30.92 39.82 -114.97
C LYS A 208 -31.87 40.90 -115.47
N VAL A 209 -31.94 42.00 -114.74
CA VAL A 209 -32.79 43.13 -115.09
C VAL A 209 -31.90 44.29 -115.50
N TYR A 210 -32.20 44.88 -116.65
CA TYR A 210 -31.41 46.00 -117.18
C TYR A 210 -32.23 47.28 -117.13
N PRO A 211 -32.05 48.12 -116.10
CA PRO A 211 -32.78 49.38 -116.06
C PRO A 211 -32.26 50.38 -117.08
N ARG A 212 -33.15 51.28 -117.51
CA ARG A 212 -32.81 52.39 -118.40
C ARG A 212 -32.16 51.89 -119.70
N TRP A 213 -32.85 50.96 -120.35
CA TRP A 213 -32.39 50.41 -121.61
C TRP A 213 -33.02 51.09 -122.82
N ASP A 214 -34.22 51.65 -122.66
CA ASP A 214 -34.92 52.35 -123.74
C ASP A 214 -35.52 53.65 -123.22
N GLY A 215 -34.87 54.27 -122.26
CA GLY A 215 -35.37 55.46 -121.62
C GLY A 215 -35.93 55.17 -120.25
N PRO A 216 -36.45 56.21 -119.57
CA PRO A 216 -37.00 56.00 -118.23
C PRO A 216 -38.20 55.07 -118.24
N GLY A 217 -38.33 54.29 -117.17
CA GLY A 217 -39.43 53.35 -117.06
C GLY A 217 -39.31 52.11 -117.90
N THR A 218 -38.18 51.91 -118.56
CA THR A 218 -37.97 50.77 -119.45
C THR A 218 -37.10 49.73 -118.74
N VAL A 219 -37.61 48.51 -118.64
CA VAL A 219 -36.92 47.42 -117.95
C VAL A 219 -36.68 46.31 -118.96
N LYS A 220 -35.42 45.93 -119.14
CA LYS A 220 -35.04 44.84 -120.03
C LYS A 220 -34.79 43.59 -119.20
N VAL A 221 -35.49 42.51 -119.53
CA VAL A 221 -35.40 41.25 -118.80
C VAL A 221 -34.42 40.35 -119.50
N LEU A 222 -33.37 39.95 -118.79
CA LEU A 222 -32.37 39.01 -119.30
C LEU A 222 -32.45 37.74 -118.47
N ILE A 223 -32.60 36.60 -119.15
CA ILE A 223 -32.73 35.31 -118.48
C ILE A 223 -31.66 34.37 -119.02
N PHE A 224 -31.27 33.42 -118.18
CA PHE A 224 -30.29 32.39 -118.54
C PHE A 224 -30.88 31.03 -118.27
N GLY A 225 -30.82 30.15 -119.26
CA GLY A 225 -31.36 28.81 -119.14
C GLY A 225 -30.45 27.88 -118.37
N LYS A 226 -30.45 26.61 -118.78
CA LYS A 226 -29.59 25.61 -118.15
C LYS A 226 -28.15 25.86 -118.57
N ASN A 227 -27.33 26.29 -117.62
CA ASN A 227 -25.91 26.59 -117.84
C ASN A 227 -25.74 27.58 -119.00
N ASN A 228 -26.64 28.56 -119.06
CA ASN A 228 -26.59 29.67 -120.01
C ASN A 228 -26.69 29.18 -121.46
N GLN A 229 -27.65 28.29 -121.66
CA GLN A 229 -28.03 27.73 -122.96
C GLN A 229 -29.43 28.27 -123.24
N ALA A 230 -29.68 28.76 -124.45
CA ALA A 230 -30.95 29.38 -124.78
C ALA A 230 -32.11 28.42 -124.57
N VAL A 231 -33.20 28.92 -123.99
CA VAL A 231 -34.43 28.16 -123.83
C VAL A 231 -35.25 28.26 -125.11
N ASP A 232 -36.27 27.42 -125.24
CA ASP A 232 -37.09 27.41 -126.44
C ASP A 232 -37.94 28.68 -126.52
N THR A 233 -38.47 28.94 -127.72
CA THR A 233 -39.28 30.13 -127.94
C THR A 233 -40.54 30.11 -127.08
N GLU A 234 -41.17 28.95 -126.94
CA GLU A 234 -42.37 28.84 -126.11
C GLU A 234 -42.07 29.17 -124.65
N THR A 235 -40.90 28.75 -124.16
CA THR A 235 -40.51 29.09 -122.79
C THR A 235 -40.36 30.61 -122.64
N ILE A 236 -39.72 31.25 -123.60
CA ILE A 236 -39.58 32.70 -123.56
C ILE A 236 -40.94 33.36 -123.54
N GLU A 237 -41.85 32.90 -124.41
CA GLU A 237 -43.19 33.49 -124.48
C GLU A 237 -43.92 33.34 -123.15
N ARG A 238 -43.96 32.12 -122.61
CA ARG A 238 -44.72 31.85 -121.40
C ARG A 238 -44.15 32.65 -120.23
N CYS A 239 -42.82 32.75 -120.14
CA CYS A 239 -42.22 33.64 -119.16
C CYS A 239 -42.68 35.07 -119.37
N GLN A 240 -42.84 35.48 -120.64
CA GLN A 240 -43.27 36.85 -120.92
C GLN A 240 -44.67 37.11 -120.40
N GLN A 241 -45.63 36.22 -120.73
CA GLN A 241 -46.98 36.44 -120.19
C GLN A 241 -46.99 36.33 -118.68
N HIS A 242 -46.22 35.41 -118.09
CA HIS A 242 -46.22 35.32 -116.63
C HIS A 242 -45.74 36.61 -116.00
N ILE A 243 -44.55 37.09 -116.41
CA ILE A 243 -44.01 38.31 -115.82
C ILE A 243 -44.94 39.48 -116.07
N ASP A 244 -45.58 39.52 -117.25
CA ASP A 244 -46.57 40.56 -117.51
C ASP A 244 -47.73 40.47 -116.52
N GLU A 245 -48.14 39.25 -116.17
CA GLU A 245 -49.18 39.10 -115.16
C GLU A 245 -48.73 39.65 -113.81
N GLU A 246 -47.45 39.47 -113.45
CA GLU A 246 -46.95 40.08 -112.23
C GLU A 246 -46.10 41.33 -112.43
N LYS A 247 -45.98 41.85 -113.65
CA LYS A 247 -45.20 43.08 -113.83
C LYS A 247 -45.95 44.28 -113.25
N PRO A 248 -45.22 45.34 -112.87
CA PRO A 248 -45.88 46.52 -112.28
C PRO A 248 -46.67 47.31 -113.31
N ILE A 249 -47.16 48.48 -112.91
CA ILE A 249 -48.04 49.28 -113.75
C ILE A 249 -47.21 50.03 -114.79
N GLY A 250 -47.52 49.80 -116.06
CA GLY A 250 -46.96 50.55 -117.16
C GLY A 250 -45.46 50.46 -117.41
N PRO A 251 -44.87 49.25 -117.39
CA PRO A 251 -43.49 49.12 -117.86
C PRO A 251 -43.40 48.67 -119.31
N THR A 252 -42.23 48.80 -119.91
CA THR A 252 -41.93 48.16 -121.19
C THR A 252 -40.96 47.01 -120.93
N ILE A 253 -41.37 45.79 -121.27
CA ILE A 253 -40.67 44.58 -120.88
C ILE A 253 -40.22 43.85 -122.13
N THR A 254 -38.93 43.52 -122.18
CA THR A 254 -38.35 42.75 -123.27
C THR A 254 -37.55 41.59 -122.68
N VAL A 255 -37.78 40.39 -123.20
CA VAL A 255 -37.12 39.18 -122.73
C VAL A 255 -36.12 38.73 -123.80
N VAL A 256 -34.88 38.50 -123.38
CA VAL A 256 -33.82 38.07 -124.28
C VAL A 256 -33.28 36.73 -123.81
N THR A 257 -32.57 36.05 -124.71
CA THR A 257 -32.03 34.73 -124.45
C THR A 257 -30.56 34.71 -124.84
N PRO A 258 -29.76 33.84 -124.22
CA PRO A 258 -28.35 33.72 -124.63
C PRO A 258 -28.23 33.33 -126.09
N LEU A 259 -27.23 33.92 -126.75
CA LEU A 259 -27.04 33.73 -128.19
C LEU A 259 -25.80 32.88 -128.44
N PRO A 260 -25.94 31.68 -128.98
CA PRO A 260 -24.75 30.86 -129.28
C PRO A 260 -23.88 31.54 -130.33
N ILE A 261 -22.57 31.34 -130.19
CA ILE A 261 -21.57 31.93 -131.09
C ILE A 261 -20.80 30.79 -131.73
N GLU A 262 -20.76 30.78 -133.07
CA GLU A 262 -20.05 29.74 -133.78
C GLU A 262 -18.54 29.89 -133.59
N ILE A 263 -17.84 28.76 -133.52
CA ILE A 263 -16.39 28.72 -133.38
C ILE A 263 -15.82 27.86 -134.49
N SER A 264 -14.88 28.41 -135.25
CA SER A 264 -14.18 27.68 -136.30
C SER A 264 -12.70 27.67 -135.97
N ILE A 265 -12.09 26.48 -136.01
CA ILE A 265 -10.70 26.30 -135.62
C ILE A 265 -9.97 25.57 -136.73
N SER A 266 -8.65 25.77 -136.79
CA SER A 266 -7.81 25.12 -137.78
C SER A 266 -6.38 25.11 -137.26
N ALA A 267 -5.74 23.94 -137.32
CA ALA A 267 -4.38 23.80 -136.83
C ALA A 267 -3.72 22.62 -137.54
N VAL A 268 -2.39 22.62 -137.53
CA VAL A 268 -1.59 21.54 -138.08
C VAL A 268 -0.82 20.91 -136.93
N MET A 269 -1.01 19.60 -136.73
CA MET A 269 -0.44 18.90 -135.60
C MET A 269 0.09 17.54 -136.01
N LYS A 270 1.05 17.04 -135.23
CA LYS A 270 1.62 15.72 -135.42
C LYS A 270 1.00 14.78 -134.40
N LEU A 271 0.29 13.76 -134.88
CA LEU A 271 -0.40 12.84 -134.00
C LEU A 271 0.54 11.76 -133.48
N GLU A 272 0.35 11.38 -132.23
CA GLU A 272 1.13 10.29 -131.65
C GLU A 272 0.72 8.96 -132.26
N ASP A 273 1.59 7.96 -132.08
CA ASP A 273 1.33 6.63 -132.62
C ASP A 273 0.11 6.02 -131.95
N GLY A 274 -0.70 5.30 -132.74
CA GLY A 274 -1.89 4.67 -132.22
C GLY A 274 -3.07 5.61 -132.02
N TYR A 275 -2.98 6.86 -132.45
CA TYR A 275 -4.05 7.83 -132.30
C TYR A 275 -4.38 8.42 -133.67
N THR A 276 -5.67 8.45 -133.99
CA THR A 276 -6.15 8.97 -135.26
C THR A 276 -6.72 10.37 -135.06
N LEU A 277 -7.11 11.00 -136.18
CA LEU A 277 -7.65 12.35 -136.12
C LEU A 277 -8.99 12.40 -135.39
N ASP A 278 -9.82 11.36 -135.54
CA ASP A 278 -11.15 11.39 -134.93
C ASP A 278 -11.07 11.36 -133.41
N ASN A 279 -10.17 10.55 -132.84
CA ASN A 279 -10.06 10.45 -131.39
C ASN A 279 -9.61 11.77 -130.77
N VAL A 280 -8.53 12.34 -131.31
CA VAL A 280 -8.05 13.61 -130.79
C VAL A 280 -9.07 14.71 -131.04
N LYS A 281 -9.78 14.65 -132.17
CA LYS A 281 -10.80 15.65 -132.46
C LYS A 281 -11.92 15.61 -131.43
N GLU A 282 -12.43 14.41 -131.12
CA GLU A 282 -13.53 14.31 -130.17
C GLU A 282 -13.07 14.68 -128.76
N SER A 283 -11.87 14.25 -128.36
CA SER A 283 -11.37 14.61 -127.05
C SER A 283 -11.19 16.12 -126.92
N PHE A 284 -10.61 16.75 -127.94
CA PHE A 284 -10.38 18.19 -127.88
C PHE A 284 -11.69 18.97 -127.93
N LEU A 285 -12.67 18.49 -128.71
CA LEU A 285 -13.94 19.21 -128.75
C LEU A 285 -14.67 19.09 -127.42
N GLU A 286 -14.60 17.93 -126.77
CA GLU A 286 -15.18 17.80 -125.43
C GLU A 286 -14.48 18.73 -124.45
N SER A 287 -13.15 18.76 -124.49
CA SER A 287 -12.39 19.62 -123.58
C SER A 287 -12.70 21.10 -123.82
N ILE A 288 -12.81 21.50 -125.08
CA ILE A 288 -13.06 22.90 -125.39
C ILE A 288 -14.51 23.27 -125.11
N ASN A 289 -15.43 22.30 -125.20
CA ASN A 289 -16.80 22.55 -124.76
C ASN A 289 -16.84 22.79 -123.25
N THR A 290 -16.10 21.99 -122.49
CA THR A 290 -16.00 22.23 -121.05
C THR A 290 -15.39 23.59 -120.77
N TYR A 291 -14.33 23.94 -121.49
CA TYR A 291 -13.69 25.24 -121.31
C TYR A 291 -14.65 26.39 -121.63
N PHE A 292 -15.42 26.26 -122.72
CA PHE A 292 -16.41 27.26 -123.07
C PHE A 292 -17.47 27.37 -121.99
N ARG A 293 -17.83 26.25 -121.37
CA ARG A 293 -18.77 26.30 -120.26
C ARG A 293 -18.18 27.04 -119.07
N ASP A 294 -16.89 26.85 -118.79
CA ASP A 294 -16.28 27.43 -117.61
C ASP A 294 -15.56 28.76 -117.86
N ILE A 295 -15.55 29.26 -119.09
CA ILE A 295 -14.83 30.50 -119.40
C ILE A 295 -15.75 31.68 -119.14
N ARG A 296 -15.21 32.71 -118.48
CA ARG A 296 -15.90 33.97 -118.27
C ARG A 296 -15.09 35.08 -118.95
N GLY A 297 -15.75 35.84 -119.82
CA GLY A 297 -15.07 36.89 -120.54
C GLY A 297 -14.66 36.49 -121.94
N GLU A 298 -13.60 37.11 -122.46
CA GLU A 298 -13.14 36.85 -123.81
C GLU A 298 -12.46 35.49 -123.92
N ILE A 299 -12.44 34.96 -125.14
CA ILE A 299 -11.75 33.71 -125.44
C ILE A 299 -10.25 33.93 -125.34
N ILE A 300 -9.56 32.98 -124.70
CA ILE A 300 -8.11 33.04 -124.53
C ILE A 300 -7.49 32.08 -125.54
N TYR A 301 -6.63 32.63 -126.41
CA TYR A 301 -5.94 31.79 -127.39
C TYR A 301 -5.03 30.77 -126.72
N THR A 302 -4.29 31.20 -125.70
CA THR A 302 -3.30 30.32 -125.09
C THR A 302 -3.96 29.21 -124.27
N LYS A 303 -5.09 29.50 -123.65
CA LYS A 303 -5.85 28.43 -122.99
C LYS A 303 -6.33 27.40 -124.01
N VAL A 304 -6.77 27.86 -125.18
CA VAL A 304 -7.22 26.94 -126.22
C VAL A 304 -6.07 26.05 -126.70
N MET A 305 -4.92 26.67 -126.97
CA MET A 305 -3.79 25.85 -127.45
C MET A 305 -3.27 24.93 -126.35
N GLY A 306 -3.32 25.36 -125.09
CA GLY A 306 -2.91 24.49 -124.00
C GLY A 306 -3.82 23.29 -123.84
N ILE A 307 -5.14 23.51 -123.92
CA ILE A 307 -6.06 22.39 -123.84
C ILE A 307 -5.97 21.52 -125.09
N LEU A 308 -5.50 22.07 -126.21
CA LEU A 308 -5.29 21.26 -127.41
C LEU A 308 -4.07 20.37 -127.27
N ILE A 309 -2.96 20.92 -126.77
CA ILE A 309 -1.75 20.11 -126.60
C ILE A 309 -1.95 19.10 -125.49
N ASN A 310 -2.65 19.48 -124.42
CA ASN A 310 -2.95 18.54 -123.34
C ASN A 310 -3.82 17.38 -123.80
N THR A 311 -4.54 17.54 -124.90
CA THR A 311 -5.33 16.44 -125.45
C THR A 311 -4.42 15.27 -125.81
N THR A 312 -4.81 14.07 -125.39
CA THR A 312 -3.96 12.90 -125.61
C THR A 312 -3.86 12.60 -127.10
N GLY A 313 -2.65 12.26 -127.54
CA GLY A 313 -2.38 12.00 -128.93
C GLY A 313 -1.78 13.16 -129.71
N VAL A 314 -1.41 14.24 -129.03
CA VAL A 314 -0.82 15.42 -129.67
C VAL A 314 0.66 15.47 -129.31
N HIS A 315 1.51 15.31 -130.30
CA HIS A 315 2.96 15.41 -130.10
C HIS A 315 3.48 16.82 -130.41
N ASP A 316 3.23 17.29 -131.63
CA ASP A 316 3.69 18.60 -132.07
C ASP A 316 2.60 19.23 -132.93
N LEU A 317 2.22 20.46 -132.58
CA LEU A 317 1.20 21.19 -133.32
C LEU A 317 1.72 22.57 -133.69
N SER A 318 1.13 23.15 -134.73
CA SER A 318 1.54 24.44 -135.23
C SER A 318 0.40 25.05 -136.02
N ASN A 319 0.50 26.36 -136.25
CA ASN A 319 -0.45 27.11 -137.08
C ASN A 319 -1.88 26.98 -136.56
N LEU A 320 -2.06 27.17 -135.26
CA LEU A 320 -3.39 27.14 -134.66
C LEU A 320 -4.11 28.44 -134.97
N LEU A 321 -5.27 28.33 -135.62
CA LEU A 321 -6.06 29.48 -136.00
C LEU A 321 -7.49 29.30 -135.51
N ILE A 322 -8.02 30.31 -134.83
CA ILE A 322 -9.38 30.29 -134.29
C ILE A 322 -10.16 31.39 -134.96
N ASN A 323 -11.18 31.02 -135.74
CA ASN A 323 -12.03 31.97 -136.45
C ASN A 323 -11.21 32.91 -137.32
N GLY A 324 -10.16 32.38 -137.93
CA GLY A 324 -9.32 33.16 -138.82
C GLY A 324 -8.29 34.03 -138.14
N SER A 325 -8.09 33.88 -136.83
CA SER A 325 -7.13 34.72 -136.12
C SER A 325 -6.54 33.94 -134.95
N THR A 326 -5.37 34.39 -134.51
CA THR A 326 -4.72 33.84 -133.33
C THR A 326 -4.84 34.75 -132.12
N ASP A 327 -5.56 35.87 -132.23
CA ASP A 327 -5.72 36.78 -131.12
C ASP A 327 -6.89 36.36 -130.23
N ASN A 328 -6.94 36.95 -129.03
CA ASN A 328 -8.05 36.68 -128.13
C ASN A 328 -9.36 37.16 -128.73
N ILE A 329 -10.38 36.32 -128.66
CA ILE A 329 -11.69 36.61 -129.23
C ILE A 329 -12.58 37.12 -128.12
N THR A 330 -13.07 38.36 -128.27
CA THR A 330 -13.93 38.96 -127.25
C THR A 330 -15.33 38.40 -127.35
N ILE A 331 -15.86 37.92 -126.21
CA ILE A 331 -17.22 37.41 -126.13
C ILE A 331 -18.11 38.51 -125.60
N ASN A 332 -19.15 38.84 -126.37
CA ASN A 332 -20.13 39.81 -125.90
C ASN A 332 -21.02 39.18 -124.83
N GLU A 333 -21.78 40.03 -124.14
CA GLU A 333 -22.67 39.55 -123.10
C GLU A 333 -23.77 38.67 -123.71
N ASP A 334 -24.21 37.70 -122.91
CA ASP A 334 -25.28 36.77 -123.31
C ASP A 334 -24.92 35.98 -124.55
N LYS A 335 -23.64 35.65 -124.72
CA LYS A 335 -23.17 34.87 -125.85
C LYS A 335 -22.28 33.74 -125.36
N ILE A 336 -22.48 32.56 -125.95
CA ILE A 336 -21.70 31.38 -125.58
C ILE A 336 -21.02 30.81 -126.82
N PRO A 337 -19.75 30.42 -126.74
CA PRO A 337 -19.09 29.82 -127.90
C PRO A 337 -19.68 28.47 -128.25
N SER A 338 -19.65 28.14 -129.54
CA SER A 338 -20.13 26.87 -130.04
C SER A 338 -19.23 26.40 -131.17
N VAL A 339 -18.67 25.20 -131.02
CA VAL A 339 -17.75 24.67 -132.03
C VAL A 339 -18.54 24.26 -133.26
N THR A 340 -18.13 24.77 -134.42
CA THR A 340 -18.78 24.47 -135.68
C THR A 340 -17.84 23.89 -136.73
N THR A 341 -16.60 24.37 -136.80
CA THR A 341 -15.63 23.90 -137.78
C THR A 341 -14.34 23.52 -137.08
N VAL A 342 -13.86 22.31 -137.37
CA VAL A 342 -12.58 21.83 -136.86
C VAL A 342 -11.76 21.35 -138.04
N ASN A 343 -10.59 21.96 -138.25
CA ASN A 343 -9.72 21.64 -139.38
C ASN A 343 -8.37 21.18 -138.82
N PHE A 344 -8.21 19.88 -138.67
CA PHE A 344 -7.00 19.29 -138.12
C PHE A 344 -6.28 18.53 -139.22
N SER A 345 -5.00 18.86 -139.43
CA SER A 345 -4.19 18.25 -140.48
C SER A 345 -2.91 17.69 -139.86
N GLU A 346 -2.53 16.49 -140.30
CA GLU A 346 -1.31 15.86 -139.82
C GLU A 346 -0.18 16.02 -140.83
N MET B 1 -67.11 16.59 -55.44
CA MET B 1 -66.85 15.17 -55.23
C MET B 1 -65.36 14.88 -55.21
N LYS B 2 -64.57 15.76 -55.84
CA LYS B 2 -63.12 15.57 -55.85
C LYS B 2 -62.54 15.77 -54.45
N LEU B 3 -62.89 16.87 -53.79
CA LEU B 3 -62.30 17.17 -52.49
C LEU B 3 -62.72 16.14 -51.45
N ILE B 4 -63.98 15.74 -51.44
CA ILE B 4 -64.43 14.76 -50.44
C ILE B 4 -63.70 13.44 -50.62
N ASP B 5 -63.36 13.10 -51.87
CA ASP B 5 -62.46 11.96 -52.09
C ASP B 5 -61.09 12.25 -51.51
N LYS B 6 -60.58 13.48 -51.71
CA LYS B 6 -59.31 13.86 -51.07
C LYS B 6 -59.48 14.04 -49.56
N LEU B 7 -60.67 14.42 -49.12
CA LEU B 7 -60.90 14.68 -47.71
C LEU B 7 -60.91 13.38 -46.91
N PRO B 8 -60.63 13.45 -45.61
CA PRO B 8 -60.56 12.23 -44.80
C PRO B 8 -61.92 11.55 -44.67
N SER B 9 -61.85 10.27 -44.30
CA SER B 9 -63.06 9.45 -44.24
C SER B 9 -64.03 9.94 -43.18
N PHE B 10 -63.52 10.37 -42.02
CA PHE B 10 -64.40 10.77 -40.93
C PHE B 10 -65.20 12.03 -41.23
N ASP B 11 -64.85 12.75 -42.29
CA ASP B 11 -65.57 13.96 -42.70
C ASP B 11 -66.55 13.69 -43.83
N ARG B 12 -67.18 12.51 -43.84
CA ARG B 12 -68.11 12.12 -44.87
C ARG B 12 -69.55 12.53 -44.57
N ASN B 13 -69.75 13.58 -43.77
CA ASN B 13 -71.09 13.99 -43.39
C ASN B 13 -71.73 14.83 -44.49
N TYR B 14 -73.01 15.14 -44.29
CA TYR B 14 -73.80 15.84 -45.31
C TYR B 14 -73.34 17.28 -45.50
N ILE B 15 -72.89 17.94 -44.42
CA ILE B 15 -72.44 19.33 -44.55
C ILE B 15 -71.25 19.42 -45.50
N VAL B 16 -70.29 18.52 -45.35
CA VAL B 16 -69.13 18.51 -46.23
C VAL B 16 -69.57 18.27 -47.67
N GLU B 17 -70.49 17.33 -47.88
CA GLU B 17 -70.96 17.04 -49.23
C GLU B 17 -71.59 18.27 -49.87
N GLU B 18 -72.45 18.98 -49.12
CA GLU B 18 -73.09 20.18 -49.66
C GLU B 18 -72.06 21.26 -49.98
N ILE B 19 -71.12 21.49 -49.06
CA ILE B 19 -70.12 22.55 -49.25
C ILE B 19 -69.27 22.25 -50.48
N GLN B 20 -68.79 21.01 -50.60
CA GLN B 20 -67.94 20.68 -51.73
C GLN B 20 -68.72 20.57 -53.03
N GLY B 21 -70.02 20.25 -52.97
CA GLY B 21 -70.83 20.32 -54.17
C GLY B 21 -70.98 21.74 -54.68
N ALA B 22 -71.21 22.69 -53.77
CA ALA B 22 -71.26 24.09 -54.17
C ALA B 22 -69.92 24.54 -54.74
N TYR B 23 -68.82 24.12 -54.09
CA TYR B 23 -67.50 24.49 -54.60
C TYR B 23 -67.22 23.87 -55.95
N ASP B 24 -67.74 22.66 -56.20
CA ASP B 24 -67.55 22.03 -57.51
C ASP B 24 -68.38 22.72 -58.57
N THR B 25 -69.59 23.18 -58.22
CA THR B 25 -70.36 23.99 -59.17
C THR B 25 -69.61 25.28 -59.51
N GLU B 26 -69.01 25.91 -58.49
CA GLU B 26 -68.18 27.08 -58.76
C GLU B 26 -67.00 26.73 -59.66
N LEU B 27 -66.39 25.56 -59.45
CA LEU B 27 -65.30 25.11 -60.29
C LEU B 27 -65.75 24.95 -61.74
N ASN B 28 -66.94 24.37 -61.94
CA ASN B 28 -67.47 24.21 -63.29
C ASN B 28 -67.69 25.57 -63.94
N ILE B 29 -68.25 26.53 -63.19
CA ILE B 29 -68.44 27.87 -63.74
C ILE B 29 -67.10 28.49 -64.12
N LEU B 30 -66.10 28.35 -63.25
CA LEU B 30 -64.79 28.94 -63.52
C LEU B 30 -64.13 28.30 -64.73
N LYS B 31 -64.22 26.98 -64.86
CA LYS B 31 -63.57 26.30 -65.98
C LYS B 31 -64.27 26.60 -67.30
N GLU B 32 -65.60 26.72 -67.29
CA GLU B 32 -66.28 27.10 -68.52
C GLU B 32 -65.98 28.55 -68.88
N ASP B 33 -65.82 29.43 -67.88
CA ASP B 33 -65.37 30.79 -68.18
C ASP B 33 -63.97 30.80 -68.78
N ILE B 34 -63.07 29.97 -68.26
CA ILE B 34 -61.72 29.88 -68.81
C ILE B 34 -61.76 29.39 -70.26
N ASP B 35 -62.59 28.38 -70.52
CA ASP B 35 -62.72 27.87 -71.88
C ASP B 35 -63.27 28.94 -72.81
N ASP B 36 -64.28 29.70 -72.35
CA ASP B 36 -64.85 30.76 -73.15
C ASP B 36 -63.81 31.84 -73.45
N THR B 37 -62.99 32.20 -72.46
CA THR B 37 -61.95 33.19 -72.68
C THR B 37 -60.91 32.68 -73.68
N PHE B 38 -60.52 31.41 -73.55
CA PHE B 38 -59.56 30.83 -74.50
C PHE B 38 -60.13 30.83 -75.91
N ASN B 39 -61.43 30.56 -76.05
CA ASN B 39 -62.07 30.70 -77.35
C ASN B 39 -62.02 32.14 -77.84
N GLN B 40 -62.25 33.09 -76.92
CA GLN B 40 -62.19 34.51 -77.29
C GLN B 40 -60.80 34.91 -77.75
N LEU B 41 -59.77 34.21 -77.31
CA LEU B 41 -58.41 34.53 -77.75
C LEU B 41 -58.27 34.37 -79.26
N PHE B 42 -58.82 33.30 -79.81
CA PHE B 42 -58.73 33.06 -81.25
C PHE B 42 -59.82 33.83 -81.99
N VAL B 43 -59.48 34.30 -83.19
CA VAL B 43 -60.39 35.12 -83.97
C VAL B 43 -61.64 34.34 -84.35
N ASP B 44 -61.45 33.10 -84.81
CA ASP B 44 -62.59 32.30 -85.27
C ASP B 44 -63.55 31.99 -84.14
N THR B 45 -63.03 31.66 -82.96
CA THR B 45 -63.86 31.26 -81.83
C THR B 45 -64.31 32.44 -80.97
N ALA B 46 -63.81 33.64 -81.23
CA ALA B 46 -64.24 34.82 -80.47
C ALA B 46 -65.59 35.30 -80.99
N THR B 47 -66.45 35.74 -80.07
CA THR B 47 -67.75 36.29 -80.41
C THR B 47 -67.87 37.77 -80.07
N TRP B 48 -67.65 38.14 -78.81
CA TRP B 48 -67.73 39.54 -78.42
C TRP B 48 -66.37 40.22 -78.40
N GLY B 49 -65.28 39.48 -78.59
CA GLY B 49 -63.97 40.08 -78.63
C GLY B 49 -63.58 40.72 -79.94
N LEU B 50 -64.39 40.52 -80.99
CA LEU B 50 -64.08 41.08 -82.30
C LEU B 50 -64.10 42.61 -82.30
N ASP B 51 -64.75 43.22 -81.31
CA ASP B 51 -64.76 44.68 -81.23
C ASP B 51 -63.35 45.23 -81.07
N MET B 52 -62.56 44.63 -80.19
CA MET B 52 -61.19 45.11 -80.02
C MET B 52 -60.32 44.73 -81.20
N TRP B 53 -60.62 43.62 -81.89
CA TRP B 53 -59.91 43.32 -83.12
C TRP B 53 -60.13 44.42 -84.16
N GLU B 54 -61.38 44.86 -84.29
CA GLU B 54 -61.69 45.97 -85.21
C GLU B 54 -61.02 47.26 -84.75
N ASP B 55 -60.99 47.50 -83.44
CA ASP B 55 -60.34 48.70 -82.91
C ASP B 55 -58.84 48.70 -83.23
N ILE B 56 -58.19 47.55 -83.09
CA ILE B 56 -56.79 47.43 -83.49
C ILE B 56 -56.66 47.67 -84.98
N LEU B 57 -57.60 47.15 -85.78
CA LEU B 57 -57.64 47.46 -87.20
C LEU B 57 -57.95 48.92 -87.48
N CYS B 58 -58.40 49.67 -86.48
CA CYS B 58 -58.69 51.10 -86.60
C CYS B 58 -59.83 51.35 -87.58
N ILE B 59 -60.74 50.39 -87.71
CA ILE B 59 -61.95 50.54 -88.51
C ILE B 59 -63.14 50.30 -87.60
N GLU B 60 -64.10 51.22 -87.63
CA GLU B 60 -65.29 51.15 -86.80
C GLU B 60 -66.49 50.80 -87.69
N LYS B 61 -67.15 49.69 -87.38
CA LYS B 61 -68.28 49.21 -88.16
C LYS B 61 -69.38 48.75 -87.23
N LYS B 62 -70.63 49.02 -87.59
CA LYS B 62 -71.76 48.57 -86.80
C LYS B 62 -71.80 47.05 -86.77
N GLU B 63 -72.24 46.50 -85.64
CA GLU B 63 -72.28 45.05 -85.46
C GLU B 63 -73.36 44.45 -86.37
N LEU B 64 -72.95 43.55 -87.26
CA LEU B 64 -73.87 42.86 -88.15
C LEU B 64 -73.90 41.37 -87.91
N ASP B 65 -72.76 40.70 -87.91
CA ASP B 65 -72.68 39.28 -87.63
C ASP B 65 -71.26 38.93 -87.23
N PHE B 66 -71.13 37.87 -86.42
CA PHE B 66 -69.81 37.42 -85.99
C PHE B 66 -69.00 36.92 -87.17
N ASP B 67 -69.61 36.09 -88.03
CA ASP B 67 -68.92 35.62 -89.23
C ASP B 67 -68.60 36.78 -90.16
N THR B 68 -69.52 37.73 -90.30
CA THR B 68 -69.26 38.91 -91.12
C THR B 68 -68.13 39.73 -90.55
N ARG B 69 -68.08 39.88 -89.21
CA ARG B 69 -67.00 40.61 -88.58
C ARG B 69 -65.66 39.93 -88.82
N ARG B 70 -65.61 38.60 -88.70
CA ARG B 70 -64.37 37.87 -88.96
C ARG B 70 -63.95 38.00 -90.41
N SER B 71 -64.91 37.95 -91.34
CA SER B 71 -64.59 38.14 -92.76
C SER B 71 -64.03 39.53 -93.01
N ASN B 72 -64.62 40.55 -92.38
CA ASN B 72 -64.12 41.91 -92.54
C ASN B 72 -62.72 42.05 -91.96
N ILE B 73 -62.46 41.40 -90.83
CA ILE B 73 -61.12 41.42 -90.25
C ILE B 73 -60.11 40.77 -91.19
N LYS B 74 -60.48 39.63 -91.77
CA LYS B 74 -59.59 38.95 -92.71
C LYS B 74 -59.35 39.80 -93.95
N ALA B 75 -60.38 40.50 -94.43
CA ALA B 75 -60.22 41.36 -95.59
C ALA B 75 -59.34 42.56 -95.29
N LYS B 76 -59.48 43.14 -94.10
CA LYS B 76 -58.71 44.31 -93.73
C LYS B 76 -57.22 44.00 -93.69
N MET B 77 -56.85 42.88 -93.08
CA MET B 77 -55.45 42.47 -93.03
C MET B 77 -54.97 42.06 -94.42
N ARG B 78 -53.74 42.49 -94.76
CA ARG B 78 -53.12 42.35 -96.07
C ARG B 78 -54.14 42.48 -97.21
N SER B 79 -54.08 41.55 -98.17
CA SER B 79 -54.99 41.55 -99.32
C SER B 79 -54.96 42.89 -100.06
N ARG B 80 -53.76 43.44 -100.21
CA ARG B 80 -53.55 44.74 -100.84
C ARG B 80 -52.53 44.59 -101.95
N GLY B 81 -52.31 45.69 -102.68
CA GLY B 81 -51.32 45.71 -103.73
C GLY B 81 -51.85 45.24 -105.07
N THR B 82 -51.69 46.07 -106.10
CA THR B 82 -52.08 45.72 -107.46
C THR B 82 -50.87 45.10 -108.15
N SER B 83 -50.96 43.80 -108.45
CA SER B 83 -49.83 43.10 -109.06
C SER B 83 -49.49 43.68 -110.42
N THR B 84 -50.50 43.97 -111.24
CA THR B 84 -50.29 44.45 -112.60
C THR B 84 -51.32 45.53 -112.92
N ILE B 85 -51.31 45.96 -114.19
CA ILE B 85 -52.26 46.97 -114.64
C ILE B 85 -53.69 46.44 -114.58
N GLU B 86 -53.86 45.15 -114.87
CA GLU B 86 -55.20 44.58 -114.98
C GLU B 86 -55.98 44.73 -113.68
N VAL B 87 -55.31 44.68 -112.53
CA VAL B 87 -56.00 44.86 -111.26
C VAL B 87 -56.64 46.24 -111.20
N ILE B 88 -55.87 47.28 -111.51
CA ILE B 88 -56.39 48.64 -111.49
C ILE B 88 -57.48 48.82 -112.54
N LYS B 89 -57.29 48.22 -113.72
CA LYS B 89 -58.30 48.33 -114.77
C LYS B 89 -59.62 47.71 -114.34
N SER B 90 -59.56 46.52 -113.74
CA SER B 90 -60.77 45.84 -113.29
C SER B 90 -61.44 46.60 -112.15
N ILE B 91 -60.64 47.19 -111.25
CA ILE B 91 -61.22 47.97 -110.16
C ILE B 91 -61.89 49.22 -110.70
N CYS B 92 -61.28 49.88 -111.68
CA CYS B 92 -61.82 51.13 -112.20
C CYS B 92 -63.04 50.92 -113.10
N GLU B 93 -63.05 49.84 -113.88
CA GLU B 93 -64.17 49.61 -114.79
C GLU B 93 -65.48 49.35 -114.03
N ALA B 94 -65.40 48.91 -112.78
CA ALA B 94 -66.60 48.79 -111.96
C ALA B 94 -67.22 50.16 -111.72
N TYR B 95 -66.39 51.17 -111.44
CA TYR B 95 -66.91 52.52 -111.27
C TYR B 95 -67.37 53.11 -112.60
N THR B 96 -66.58 52.92 -113.65
CA THR B 96 -66.94 53.50 -114.95
C THR B 96 -68.09 52.75 -115.61
N LYS B 97 -68.27 51.48 -115.27
CA LYS B 97 -69.32 50.63 -115.85
C LYS B 97 -69.20 50.56 -117.37
N SER B 98 -67.99 50.62 -117.88
CA SER B 98 -67.74 50.55 -119.32
C SER B 98 -66.30 50.13 -119.55
N GLU B 99 -66.02 49.69 -120.78
CA GLU B 99 -64.67 49.29 -121.13
C GLU B 99 -63.74 50.50 -121.11
N THR B 100 -62.49 50.27 -120.69
CA THR B 100 -61.49 51.33 -120.61
C THR B 100 -60.21 50.84 -121.27
N ASP B 101 -59.70 51.64 -122.20
CA ASP B 101 -58.43 51.37 -122.86
C ASP B 101 -57.34 52.28 -122.28
N ILE B 102 -56.12 51.77 -122.28
CA ILE B 102 -55.00 52.44 -121.63
C ILE B 102 -53.91 52.72 -122.65
N LYS B 103 -53.37 53.93 -122.60
CA LYS B 103 -52.23 54.34 -123.43
C LYS B 103 -51.14 54.81 -122.49
N VAL B 104 -50.25 53.91 -122.09
CA VAL B 104 -49.24 54.15 -121.08
C VAL B 104 -47.87 54.16 -121.75
N TYR B 105 -47.10 55.21 -121.50
CA TYR B 105 -45.74 55.33 -122.00
C TYR B 105 -44.77 55.30 -120.84
N SER B 106 -43.77 54.42 -120.90
CA SER B 106 -42.75 54.37 -119.87
C SER B 106 -41.94 55.67 -119.82
N ASP B 107 -41.62 56.23 -120.99
CA ASP B 107 -40.92 57.50 -121.03
C ASP B 107 -41.77 58.61 -120.43
N GLU B 108 -43.06 58.64 -120.75
CA GLU B 108 -43.96 59.65 -120.20
C GLU B 108 -44.38 59.36 -118.76
N PHE B 109 -44.30 58.10 -118.33
CA PHE B 109 -44.83 57.68 -117.02
C PHE B 109 -46.28 58.09 -116.86
N THR B 110 -47.01 58.13 -117.97
CA THR B 110 -48.35 58.71 -118.03
C THR B 110 -49.39 57.61 -118.16
N PHE B 111 -50.42 57.69 -117.32
CA PHE B 111 -51.56 56.78 -117.38
C PHE B 111 -52.78 57.57 -117.84
N VAL B 112 -53.56 56.97 -118.74
CA VAL B 112 -54.77 57.60 -119.26
C VAL B 112 -55.88 56.56 -119.31
N LEU B 113 -57.08 56.97 -118.93
CA LEU B 113 -58.26 56.10 -118.94
C LEU B 113 -59.35 56.78 -119.74
N SER B 114 -59.85 56.09 -120.77
CA SER B 114 -60.90 56.60 -121.62
C SER B 114 -62.20 55.86 -121.32
N PHE B 115 -63.29 56.62 -121.16
CA PHE B 115 -64.57 56.06 -120.77
C PHE B 115 -65.68 56.93 -121.33
N ILE B 116 -66.86 56.34 -121.47
CA ILE B 116 -68.01 57.07 -121.98
C ILE B 116 -68.50 58.04 -120.92
N ALA B 117 -68.65 59.32 -121.30
CA ALA B 117 -69.06 60.34 -120.35
C ALA B 117 -70.48 60.10 -119.85
N ASN B 118 -71.38 59.66 -120.74
CA ASN B 118 -72.78 59.50 -120.35
C ASN B 118 -72.98 58.37 -119.35
N ASN B 119 -72.08 57.38 -119.35
CA ASN B 119 -72.25 56.24 -118.46
C ASN B 119 -71.96 56.59 -117.01
N CYS B 120 -70.90 57.36 -116.76
CA CYS B 120 -70.42 57.63 -115.41
C CYS B 120 -70.58 59.11 -115.09
N ASP B 121 -71.17 59.40 -113.94
CA ASP B 121 -71.47 60.77 -113.53
C ASP B 121 -70.21 61.48 -113.05
N TYR B 122 -70.33 62.81 -112.91
CA TYR B 122 -69.19 63.62 -112.51
C TYR B 122 -68.72 63.31 -111.10
N LYS B 123 -69.65 63.22 -110.15
CA LYS B 123 -69.27 63.00 -108.75
C LYS B 123 -68.64 61.63 -108.56
N THR B 124 -69.24 60.60 -109.13
CA THR B 124 -68.65 59.27 -109.04
C THR B 124 -67.36 59.17 -109.83
N LEU B 125 -67.21 59.95 -110.91
CA LEU B 125 -65.94 60.03 -111.60
C LEU B 125 -64.86 60.61 -110.69
N LEU B 126 -65.19 61.67 -109.96
CA LEU B 126 -64.23 62.26 -109.03
C LEU B 126 -63.87 61.28 -107.92
N ASP B 127 -64.87 60.56 -107.40
CA ASP B 127 -64.59 59.56 -106.37
C ASP B 127 -63.69 58.45 -106.89
N CYS B 128 -63.95 57.98 -108.11
CA CYS B 128 -63.12 56.94 -108.71
C CYS B 128 -61.70 57.45 -108.94
N SER B 129 -61.56 58.70 -109.37
CA SER B 129 -60.24 59.27 -109.58
C SER B 129 -59.47 59.39 -108.27
N ASP B 130 -60.16 59.81 -107.20
CA ASP B 130 -59.51 59.88 -105.89
C ASP B 130 -59.08 58.51 -105.41
N MET B 131 -59.94 57.50 -105.60
CA MET B 131 -59.57 56.13 -105.24
C MET B 131 -58.38 55.65 -106.05
N ILE B 132 -58.36 55.95 -107.35
CA ILE B 132 -57.24 55.56 -108.19
C ILE B 132 -55.95 56.19 -107.68
N GLU B 133 -55.98 57.51 -107.45
CA GLU B 133 -54.80 58.20 -106.91
C GLU B 133 -54.39 57.58 -105.58
N ARG B 134 -55.35 57.17 -104.77
CA ARG B 134 -55.04 56.42 -103.56
C ARG B 134 -54.31 55.12 -103.88
N VAL B 135 -54.58 54.53 -105.04
CA VAL B 135 -53.92 53.30 -105.46
C VAL B 135 -52.78 53.59 -106.43
N LYS B 136 -52.95 54.60 -107.28
CA LYS B 136 -52.01 54.85 -108.35
C LYS B 136 -50.69 55.40 -107.79
N PRO B 137 -49.55 55.00 -108.35
CA PRO B 137 -48.25 55.38 -107.76
C PRO B 137 -48.02 56.89 -107.81
N ALA B 138 -47.21 57.37 -106.86
CA ALA B 138 -46.97 58.80 -106.76
C ALA B 138 -46.31 59.36 -108.02
N HIS B 139 -45.33 58.64 -108.56
CA HIS B 139 -44.66 59.12 -109.78
C HIS B 139 -45.60 59.08 -110.97
N LEU B 140 -46.35 57.99 -111.12
CA LEU B 140 -47.29 57.90 -112.23
C LEU B 140 -48.39 58.93 -112.08
N LEU B 141 -48.98 59.30 -113.21
CA LEU B 141 -50.10 60.23 -113.23
C LEU B 141 -51.20 59.65 -114.12
N HIS B 142 -52.39 59.49 -113.55
CA HIS B 142 -53.52 58.93 -114.27
C HIS B 142 -54.39 60.06 -114.82
N TYR B 143 -54.86 59.88 -116.06
CA TYR B 143 -55.72 60.85 -116.72
C TYR B 143 -57.08 60.23 -116.95
N LEU B 144 -58.12 60.91 -116.46
CA LEU B 144 -59.50 60.50 -116.71
C LEU B 144 -60.00 61.22 -117.95
N GLU B 145 -60.40 60.46 -118.97
CA GLU B 145 -60.83 61.03 -120.23
C GLU B 145 -62.26 60.61 -120.54
N PRO B 146 -63.22 61.54 -120.53
CA PRO B 146 -64.59 61.18 -120.90
C PRO B 146 -64.78 61.24 -122.42
N ILE B 147 -65.28 60.15 -122.99
CA ILE B 147 -65.52 60.09 -124.43
C ILE B 147 -66.70 60.98 -124.78
N ILE B 148 -66.51 61.86 -125.75
CA ILE B 148 -67.55 62.78 -126.17
C ILE B 148 -68.37 62.16 -127.30
N LEU C 16 -34.73 36.22 -21.04
CA LEU C 16 -35.35 36.76 -19.84
C LEU C 16 -36.90 36.72 -19.88
N PRO C 17 -37.53 37.17 -20.96
CA PRO C 17 -39.00 37.09 -21.01
C PRO C 17 -39.48 35.65 -20.95
N LYS C 18 -40.60 35.45 -20.24
CA LYS C 18 -41.18 34.12 -20.10
C LYS C 18 -41.88 33.71 -21.40
N THR C 19 -42.01 32.40 -21.58
CA THR C 19 -42.69 31.87 -22.76
C THR C 19 -44.15 32.27 -22.77
N GLU C 20 -44.62 32.73 -23.93
CA GLU C 20 -46.01 33.13 -24.08
C GLU C 20 -46.90 31.89 -24.12
N GLU C 21 -47.96 31.91 -23.33
CA GLU C 21 -48.87 30.77 -23.27
C GLU C 21 -49.61 30.60 -24.61
N LEU C 22 -49.87 29.35 -24.95
CA LEU C 22 -50.61 29.07 -26.18
C LEU C 22 -52.07 29.43 -25.99
N PRO C 23 -52.65 30.26 -26.86
CA PRO C 23 -54.06 30.61 -26.72
C PRO C 23 -54.96 29.40 -26.89
N ILE C 24 -56.14 29.48 -26.28
CA ILE C 24 -57.08 28.37 -26.30
C ILE C 24 -57.46 28.04 -27.73
N PHE C 25 -57.33 26.76 -28.09
CA PHE C 25 -57.66 26.30 -29.44
C PHE C 25 -59.16 26.10 -29.53
N ARG C 26 -59.81 26.85 -30.42
CA ARG C 26 -61.24 26.79 -30.61
C ARG C 26 -61.55 26.31 -32.03
N GLU C 27 -62.54 25.43 -32.14
CA GLU C 27 -62.94 24.84 -33.42
C GLU C 27 -64.27 24.14 -33.19
N VAL C 28 -64.74 23.43 -34.22
CA VAL C 28 -66.00 22.70 -34.13
C VAL C 28 -65.85 21.53 -33.16
N ALA C 29 -67.00 21.01 -32.72
CA ALA C 29 -67.04 19.88 -31.80
C ALA C 29 -68.09 18.89 -32.24
N TRP C 30 -67.91 17.65 -31.82
CA TRP C 30 -68.87 16.57 -32.07
C TRP C 30 -68.54 15.41 -31.16
N ASP C 31 -69.45 14.44 -31.14
CA ASP C 31 -69.22 13.22 -30.38
C ASP C 31 -68.23 12.34 -31.12
N PHE C 32 -67.18 11.91 -30.42
CA PHE C 32 -66.17 11.06 -31.04
C PHE C 32 -66.75 9.71 -31.46
N GLU C 33 -67.77 9.23 -30.74
CA GLU C 33 -68.43 8.00 -31.13
C GLU C 33 -69.36 8.20 -32.32
N LYS C 34 -70.00 9.37 -32.41
CA LYS C 34 -70.90 9.64 -33.53
C LYS C 34 -70.12 9.79 -34.83
N ASP C 35 -68.94 10.39 -34.78
CA ASP C 35 -68.09 10.67 -35.94
C ASP C 35 -68.78 11.61 -36.93
N GLU C 36 -69.80 12.34 -36.50
CA GLU C 36 -70.49 13.31 -37.32
C GLU C 36 -70.58 14.64 -36.58
N PRO C 37 -70.35 15.75 -37.26
CA PRO C 37 -70.37 17.06 -36.58
C PRO C 37 -71.73 17.34 -35.97
N ILE C 38 -71.72 17.97 -34.80
CA ILE C 38 -72.92 18.32 -34.07
C ILE C 38 -73.11 19.83 -34.11
N LEU C 39 -74.37 20.25 -34.07
CA LEU C 39 -74.72 21.66 -34.14
C LEU C 39 -75.60 22.01 -32.94
N GLU C 40 -75.20 23.02 -32.17
CA GLU C 40 -76.00 23.56 -31.09
C GLU C 40 -76.74 24.77 -31.62
N LYS C 41 -78.07 24.64 -31.76
CA LYS C 41 -78.96 25.67 -32.33
C LYS C 41 -78.36 26.32 -33.57
N GLY C 42 -77.62 25.54 -34.35
CA GLY C 42 -76.93 26.05 -35.52
C GLY C 42 -75.48 26.42 -35.29
N ASP C 43 -75.01 26.46 -34.05
CA ASP C 43 -73.63 26.79 -33.75
C ASP C 43 -72.89 25.54 -33.32
N PHE C 44 -71.74 25.31 -33.95
CA PHE C 44 -70.88 24.20 -33.53
C PHE C 44 -70.44 24.41 -32.09
N LYS C 45 -70.43 23.31 -31.32
CA LYS C 45 -70.09 23.40 -29.91
C LYS C 45 -68.67 23.92 -29.73
N ILE C 46 -68.51 24.83 -28.78
CA ILE C 46 -67.21 25.47 -28.53
C ILE C 46 -66.32 24.52 -27.76
N ILE C 47 -65.06 24.44 -28.17
CA ILE C 47 -64.07 23.59 -27.51
C ILE C 47 -63.01 24.49 -26.88
N GLU C 48 -62.77 24.29 -25.59
CA GLU C 48 -61.79 25.06 -24.84
C GLU C 48 -61.10 24.15 -23.84
N LYS C 49 -59.89 24.55 -23.44
CA LYS C 49 -59.07 23.82 -22.47
C LYS C 49 -58.85 22.41 -23.01
N LYS C 50 -59.23 21.35 -22.30
CA LYS C 50 -59.06 19.98 -22.79
C LYS C 50 -60.30 19.54 -23.56
N GLU C 51 -60.52 20.20 -24.68
CA GLU C 51 -61.52 19.78 -25.66
C GLU C 51 -60.98 19.75 -27.07
N ALA C 52 -60.08 20.68 -27.42
CA ALA C 52 -59.55 20.73 -28.78
C ALA C 52 -58.52 19.64 -29.03
N LEU C 53 -57.70 19.33 -28.02
CA LEU C 53 -56.62 18.37 -28.22
C LEU C 53 -57.14 16.97 -28.49
N LYS C 54 -58.24 16.58 -27.85
CA LYS C 54 -58.84 15.28 -28.15
C LYS C 54 -59.29 15.21 -29.60
N VAL C 55 -59.92 16.28 -30.10
CA VAL C 55 -60.35 16.31 -31.50
C VAL C 55 -59.14 16.23 -32.43
N TRP C 56 -58.08 16.97 -32.11
CA TRP C 56 -56.89 16.95 -32.96
C TRP C 56 -56.26 15.56 -33.00
N ILE C 57 -56.15 14.91 -31.83
CA ILE C 57 -55.57 13.57 -31.78
C ILE C 57 -56.45 12.58 -32.54
N TYR C 58 -57.76 12.70 -32.39
CA TYR C 58 -58.68 11.82 -33.10
C TYR C 58 -58.52 11.99 -34.61
N LYS C 59 -58.45 13.23 -35.08
CA LYS C 59 -58.27 13.49 -36.51
C LYS C 59 -56.94 12.95 -37.01
N CYS C 60 -55.86 13.14 -36.24
CA CYS C 60 -54.54 12.70 -36.67
C CYS C 60 -54.47 11.18 -36.74
N ILE C 61 -54.97 10.49 -35.70
CA ILE C 61 -54.86 9.04 -35.66
C ILE C 61 -55.80 8.39 -36.67
N LYS C 62 -56.99 8.95 -36.86
CA LYS C 62 -58.01 8.28 -37.65
C LYS C 62 -57.58 8.07 -39.09
N THR C 63 -56.98 9.08 -39.70
CA THR C 63 -56.63 9.03 -41.11
C THR C 63 -55.14 9.28 -41.32
N ASN C 64 -54.54 8.51 -42.21
CA ASN C 64 -53.14 8.69 -42.57
C ASN C 64 -53.00 9.79 -43.62
N ARG C 65 -51.86 10.47 -43.58
CA ARG C 65 -51.61 11.53 -44.56
C ARG C 65 -51.29 10.96 -45.93
N TYR C 66 -50.53 9.86 -45.97
CA TYR C 66 -50.05 9.34 -47.25
C TYR C 66 -51.19 8.88 -48.14
N GLU C 67 -52.39 8.70 -47.59
CA GLU C 67 -53.55 8.37 -48.42
C GLU C 67 -54.08 9.60 -49.15
N HIS C 68 -54.01 10.78 -48.52
CA HIS C 68 -54.60 11.99 -49.06
C HIS C 68 -53.50 13.01 -49.37
N GLU C 69 -53.45 13.46 -50.63
CA GLU C 69 -52.39 14.37 -51.06
C GLU C 69 -52.52 15.76 -50.43
N ILE C 70 -53.71 16.13 -49.95
CA ILE C 70 -53.93 17.51 -49.50
C ILE C 70 -53.14 17.80 -48.22
N TYR C 71 -53.04 16.82 -47.32
CA TYR C 71 -52.45 17.07 -46.01
C TYR C 71 -50.94 17.24 -46.12
N SER C 72 -50.38 17.95 -45.14
CA SER C 72 -48.94 18.19 -45.09
C SER C 72 -48.19 16.91 -44.73
N LEU C 73 -46.95 16.83 -45.20
CA LEU C 73 -46.16 15.60 -45.04
C LEU C 73 -45.94 15.26 -43.57
N GLU C 74 -45.74 16.27 -42.72
CA GLU C 74 -45.52 16.02 -41.30
C GLU C 74 -46.74 15.37 -40.65
N TYR C 75 -47.94 15.64 -41.17
CA TYR C 75 -49.15 15.04 -40.65
C TYR C 75 -49.19 13.54 -40.99
N GLY C 76 -50.05 12.82 -40.27
CA GLY C 76 -50.33 11.43 -40.59
C GLY C 76 -49.65 10.47 -39.63
N THR C 77 -50.17 9.25 -39.61
CA THR C 77 -49.64 8.17 -38.80
C THR C 77 -49.58 6.90 -39.64
N GLU C 78 -48.67 6.00 -39.25
CA GLU C 78 -48.46 4.74 -39.97
C GLU C 78 -48.94 3.54 -39.17
N LEU C 79 -49.92 3.75 -38.29
CA LEU C 79 -50.49 2.64 -37.54
C LEU C 79 -51.31 1.72 -38.44
N SER C 80 -51.93 2.26 -39.48
CA SER C 80 -52.72 1.44 -40.40
C SER C 80 -51.87 0.46 -41.19
N GLU C 81 -50.56 0.67 -41.26
CA GLU C 81 -49.69 -0.33 -41.87
C GLU C 81 -49.72 -1.63 -41.07
N LEU C 82 -49.73 -1.52 -39.74
CA LEU C 82 -49.85 -2.71 -38.90
C LEU C 82 -51.22 -3.36 -39.02
N ILE C 83 -52.23 -2.64 -39.51
CA ILE C 83 -53.55 -3.21 -39.73
C ILE C 83 -53.45 -4.25 -40.84
N GLY C 84 -54.04 -5.41 -40.61
CA GLY C 84 -53.94 -6.52 -41.54
C GLY C 84 -52.95 -7.60 -41.17
N GLN C 85 -52.33 -7.50 -39.99
CA GLN C 85 -51.40 -8.51 -39.47
C GLN C 85 -50.23 -8.73 -40.45
N LYS C 86 -49.41 -7.68 -40.55
CA LYS C 86 -48.19 -7.76 -41.34
C LYS C 86 -46.98 -8.21 -40.53
N TYR C 87 -47.10 -8.33 -39.20
CA TYR C 87 -45.99 -8.79 -38.38
C TYR C 87 -46.54 -9.25 -37.03
N THR C 88 -45.70 -9.97 -36.30
CA THR C 88 -46.08 -10.50 -34.99
C THR C 88 -46.29 -9.38 -33.98
N LYS C 89 -47.04 -9.70 -32.93
CA LYS C 89 -47.44 -8.69 -31.95
C LYS C 89 -46.30 -8.27 -31.03
N GLY C 90 -45.36 -9.16 -30.77
CA GLY C 90 -44.37 -8.92 -29.71
C GLY C 90 -43.56 -7.65 -29.92
N LEU C 91 -43.05 -7.45 -31.13
CA LEU C 91 -42.29 -6.24 -31.42
C LEU C 91 -43.16 -5.12 -31.94
N THR C 92 -44.24 -5.44 -32.66
CA THR C 92 -45.14 -4.40 -33.14
C THR C 92 -45.84 -3.66 -32.00
N GLU C 93 -45.87 -4.22 -30.79
CA GLU C 93 -46.37 -3.44 -29.66
C GLU C 93 -45.51 -2.20 -29.44
N SER C 94 -44.19 -2.38 -29.31
CA SER C 94 -43.29 -1.25 -29.16
C SER C 94 -43.25 -0.40 -30.42
N GLU C 95 -43.36 -1.04 -31.59
CA GLU C 95 -43.37 -0.27 -32.84
C GLU C 95 -44.57 0.66 -32.91
N ALA C 96 -45.75 0.17 -32.50
CA ALA C 96 -46.94 1.02 -32.48
C ALA C 96 -46.85 2.08 -31.40
N SER C 97 -46.24 1.77 -30.26
CA SER C 97 -45.99 2.80 -29.26
C SER C 97 -45.16 3.93 -29.85
N ARG C 98 -44.08 3.57 -30.56
CA ARG C 98 -43.23 4.58 -31.20
C ARG C 98 -43.99 5.35 -32.27
N PHE C 99 -44.83 4.65 -33.04
CA PHE C 99 -45.63 5.31 -34.07
C PHE C 99 -46.58 6.34 -33.46
N ILE C 100 -47.25 5.97 -32.37
CA ILE C 100 -48.14 6.90 -31.69
C ILE C 100 -47.36 8.09 -31.15
N LYS C 101 -46.19 7.83 -30.58
CA LYS C 101 -45.36 8.94 -30.07
C LYS C 101 -44.97 9.89 -31.19
N GLU C 102 -44.58 9.34 -32.35
CA GLU C 102 -44.24 10.19 -33.48
C GLU C 102 -45.45 10.98 -33.97
N ALA C 103 -46.62 10.33 -33.99
CA ALA C 103 -47.80 10.97 -34.58
C ALA C 103 -48.40 12.03 -33.66
N LEU C 104 -48.20 11.91 -32.35
CA LEU C 104 -48.90 12.79 -31.41
C LEU C 104 -48.04 13.93 -30.86
N LEU C 105 -46.72 13.74 -30.74
CA LEU C 105 -45.87 14.81 -30.22
C LEU C 105 -45.60 15.90 -31.25
N ILE C 106 -46.09 15.76 -32.48
CA ILE C 106 -45.93 16.83 -33.45
C ILE C 106 -46.74 18.07 -33.04
N ASN C 107 -47.83 17.87 -32.32
CA ASN C 107 -48.65 18.99 -31.87
C ASN C 107 -47.90 19.80 -30.81
N PRO C 108 -47.75 21.12 -30.99
CA PRO C 108 -47.09 21.91 -29.95
C PRO C 108 -47.80 21.90 -28.61
N TYR C 109 -49.13 21.77 -28.61
CA TYR C 109 -49.88 21.75 -27.36
C TYR C 109 -49.50 20.55 -26.50
N ILE C 110 -49.37 19.38 -27.11
CA ILE C 110 -49.11 18.15 -26.38
C ILE C 110 -47.64 18.13 -25.94
N LEU C 111 -47.42 17.73 -24.69
CA LEU C 111 -46.06 17.66 -24.14
C LEU C 111 -45.43 16.28 -24.37
N GLU C 112 -46.07 15.23 -23.87
CA GLU C 112 -45.53 13.88 -24.02
C GLU C 112 -46.68 12.88 -24.05
N VAL C 113 -46.38 11.71 -24.61
CA VAL C 113 -47.35 10.63 -24.75
C VAL C 113 -46.71 9.35 -24.23
N ASN C 114 -47.45 8.62 -23.39
CA ASN C 114 -46.97 7.39 -22.77
C ASN C 114 -47.89 6.23 -23.11
N VAL C 115 -47.31 5.08 -23.38
CA VAL C 115 -48.05 3.86 -23.69
C VAL C 115 -47.77 2.85 -22.59
N LYS C 116 -48.83 2.30 -21.99
CA LYS C 116 -48.65 1.40 -20.86
C LYS C 116 -48.35 -0.03 -21.31
N SER C 117 -49.28 -0.66 -22.00
CA SER C 117 -49.12 -2.06 -22.39
C SER C 117 -50.17 -2.39 -23.44
N ALA C 118 -50.21 -3.67 -23.82
CA ALA C 118 -51.16 -4.18 -24.81
C ALA C 118 -51.75 -5.48 -24.30
N ASN C 119 -53.03 -5.71 -24.60
CA ASN C 119 -53.76 -6.89 -24.14
C ASN C 119 -54.07 -7.79 -25.33
N PHE C 120 -53.62 -9.04 -25.25
CA PHE C 120 -53.82 -10.02 -26.31
C PHE C 120 -55.05 -10.87 -25.99
N ASN C 121 -56.03 -10.83 -26.88
CA ASN C 121 -57.25 -11.63 -26.73
C ASN C 121 -57.91 -11.78 -28.09
N ARG C 122 -58.03 -13.01 -28.57
CA ARG C 122 -58.67 -13.33 -29.86
C ARG C 122 -57.94 -12.54 -30.94
N ASP C 123 -58.63 -11.76 -31.77
CA ASP C 123 -58.00 -10.94 -32.79
C ASP C 123 -57.97 -9.46 -32.40
N ILE C 124 -58.62 -9.08 -31.31
CA ILE C 124 -58.76 -7.69 -30.91
C ILE C 124 -57.64 -7.36 -29.94
N LEU C 125 -56.89 -6.31 -30.25
CA LEU C 125 -55.80 -5.83 -29.40
C LEU C 125 -56.24 -4.56 -28.70
N SER C 126 -56.10 -4.54 -27.38
CA SER C 126 -56.42 -3.38 -26.55
C SER C 126 -55.14 -2.88 -25.89
N ALA C 127 -54.89 -1.58 -26.00
CA ALA C 127 -53.71 -0.97 -25.42
C ALA C 127 -54.10 0.31 -24.68
N ASN C 128 -53.31 0.65 -23.67
CA ASN C 128 -53.53 1.84 -22.87
C ASN C 128 -52.43 2.85 -23.16
N VAL C 129 -52.83 4.04 -23.59
CA VAL C 129 -51.91 5.10 -23.98
C VAL C 129 -52.29 6.35 -23.20
N LYS C 130 -51.29 7.12 -22.79
CA LYS C 130 -51.48 8.28 -21.92
C LYS C 130 -51.11 9.57 -22.65
N VAL C 131 -51.81 10.65 -22.31
CA VAL C 131 -51.59 11.96 -22.91
C VAL C 131 -51.31 12.96 -21.79
N SER C 132 -50.26 13.76 -21.98
CA SER C 132 -49.92 14.85 -21.09
C SER C 132 -50.21 16.17 -21.79
N THR C 133 -50.86 17.10 -21.09
CA THR C 133 -51.32 18.34 -21.67
C THR C 133 -50.79 19.53 -20.87
N ILE C 134 -51.11 20.73 -21.34
CA ILE C 134 -50.62 21.96 -20.72
C ILE C 134 -51.64 22.56 -19.76
N TYR C 135 -52.91 22.65 -20.18
CA TYR C 135 -53.95 23.19 -19.30
C TYR C 135 -54.47 22.10 -18.37
N PRO D 6 -6.91 -53.87 -55.49
CA PRO D 6 -5.77 -53.32 -54.75
C PRO D 6 -5.87 -51.81 -54.55
N SER D 7 -6.89 -51.20 -55.14
CA SER D 7 -7.04 -49.74 -55.11
C SER D 7 -8.38 -49.37 -54.49
N ILE D 8 -8.33 -48.61 -53.40
CA ILE D 8 -9.50 -47.95 -52.84
C ILE D 8 -9.32 -46.45 -52.99
N ASN D 9 -10.25 -45.80 -53.67
CA ASN D 9 -10.14 -44.41 -54.05
C ASN D 9 -10.96 -43.54 -53.10
N ILE D 10 -10.71 -42.23 -53.15
CA ILE D 10 -11.46 -41.26 -52.35
C ILE D 10 -12.74 -40.93 -53.09
N SER D 11 -13.86 -41.41 -52.56
CA SER D 11 -15.18 -41.14 -53.10
C SER D 11 -15.99 -40.35 -52.08
N PHE D 12 -16.17 -39.06 -52.34
CA PHE D 12 -16.83 -38.15 -51.41
C PHE D 12 -18.10 -37.61 -52.04
N LYS D 13 -19.20 -37.69 -51.29
CA LYS D 13 -20.51 -37.26 -51.75
C LYS D 13 -21.06 -36.23 -50.78
N GLU D 14 -21.45 -35.06 -51.30
CA GLU D 14 -21.81 -33.95 -50.44
C GLU D 14 -23.14 -34.20 -49.73
N LEU D 15 -23.33 -33.51 -48.59
CA LEU D 15 -24.51 -33.64 -47.77
C LEU D 15 -25.01 -32.25 -47.39
N ALA D 16 -26.31 -32.03 -47.52
CA ALA D 16 -26.93 -30.75 -47.18
C ALA D 16 -27.97 -30.98 -46.09
N THR D 17 -27.99 -30.11 -45.09
CA THR D 17 -28.92 -30.19 -43.98
C THR D 17 -29.85 -29.00 -44.00
N THR D 18 -31.15 -29.26 -43.93
CA THR D 18 -32.17 -28.23 -43.91
C THR D 18 -32.84 -28.21 -42.53
N VAL D 19 -32.78 -27.06 -41.87
CA VAL D 19 -33.43 -26.93 -40.56
C VAL D 19 -34.94 -27.02 -40.70
N LYS D 20 -35.48 -26.50 -41.80
CA LYS D 20 -36.91 -26.49 -42.06
C LYS D 20 -37.24 -27.50 -43.15
N GLU D 21 -38.21 -28.37 -42.88
CA GLU D 21 -38.65 -29.38 -43.82
C GLU D 21 -40.02 -29.01 -44.35
N ARG D 22 -40.18 -28.99 -45.67
CA ARG D 22 -41.40 -28.57 -46.33
C ARG D 22 -42.09 -29.79 -46.94
N SER D 23 -43.40 -29.90 -46.74
CA SER D 23 -44.18 -31.02 -47.26
C SER D 23 -45.59 -30.54 -47.57
N ALA D 24 -46.01 -30.76 -48.83
CA ALA D 24 -47.37 -30.47 -49.27
C ALA D 24 -47.78 -29.02 -49.00
N ARG D 25 -46.90 -28.09 -49.39
CA ARG D 25 -47.15 -26.68 -49.24
C ARG D 25 -46.85 -25.95 -50.54
N GLY D 26 -47.63 -24.91 -50.83
CA GLY D 26 -47.41 -24.11 -52.02
C GLY D 26 -47.76 -24.80 -53.32
N ILE D 27 -48.62 -25.81 -53.27
CA ILE D 27 -49.01 -26.55 -54.47
C ILE D 27 -50.25 -25.92 -55.07
N ILE D 28 -50.23 -25.75 -56.39
CA ILE D 28 -51.37 -25.22 -57.13
C ILE D 28 -51.80 -26.26 -58.14
N ALA D 29 -53.06 -26.66 -58.08
CA ALA D 29 -53.63 -27.63 -59.01
C ALA D 29 -54.42 -26.88 -60.08
N MET D 30 -54.00 -27.02 -61.33
CA MET D 30 -54.61 -26.32 -62.45
C MET D 30 -55.11 -27.33 -63.47
N VAL D 31 -56.39 -27.24 -63.80
CA VAL D 31 -57.00 -28.10 -64.81
C VAL D 31 -57.78 -27.21 -65.77
N LEU D 32 -57.53 -27.36 -67.07
CA LEU D 32 -58.17 -26.55 -68.09
C LEU D 32 -58.65 -27.44 -69.22
N LYS D 33 -59.73 -27.00 -69.88
CA LYS D 33 -60.37 -27.77 -70.95
C LYS D 33 -59.84 -27.25 -72.29
N ASP D 34 -58.94 -28.02 -72.90
CA ASP D 34 -58.42 -27.71 -74.22
C ASP D 34 -58.35 -28.99 -75.03
N ALA D 35 -58.59 -28.87 -76.34
CA ALA D 35 -58.59 -30.01 -77.24
C ALA D 35 -57.25 -30.23 -77.93
N LYS D 36 -56.23 -29.44 -77.59
CA LYS D 36 -54.94 -29.51 -78.27
C LYS D 36 -53.86 -30.17 -77.43
N ALA D 37 -53.67 -29.73 -76.18
CA ALA D 37 -52.61 -30.29 -75.35
C ALA D 37 -52.98 -31.69 -74.87
N LEU D 38 -54.06 -31.80 -74.10
CA LEU D 38 -54.56 -33.07 -73.58
C LEU D 38 -53.47 -33.82 -72.80
N GLY D 39 -53.01 -33.19 -71.72
CA GLY D 39 -51.98 -33.80 -70.89
C GLY D 39 -51.68 -32.95 -69.68
N LEU D 40 -50.82 -33.48 -68.83
CA LEU D 40 -50.41 -32.81 -67.60
C LEU D 40 -49.06 -32.13 -67.81
N ASN D 41 -48.95 -30.90 -67.31
CA ASN D 41 -47.72 -30.12 -67.42
C ASN D 41 -47.41 -29.51 -66.06
N GLU D 42 -46.26 -29.89 -65.49
CA GLU D 42 -45.78 -29.31 -64.25
C GLU D 42 -44.80 -28.20 -64.57
N ILE D 43 -45.11 -26.99 -64.11
CA ILE D 43 -44.32 -25.81 -64.42
C ILE D 43 -43.54 -25.43 -63.17
N HIS D 44 -42.21 -25.53 -63.24
CA HIS D 44 -41.34 -25.13 -62.16
C HIS D 44 -40.53 -23.88 -62.48
N GLU D 45 -40.41 -23.51 -63.75
CA GLU D 45 -39.71 -22.31 -64.17
C GLU D 45 -40.71 -21.36 -64.81
N LYS D 46 -40.54 -20.06 -64.52
CA LYS D 46 -41.44 -19.05 -65.06
C LYS D 46 -41.35 -19.01 -66.58
N GLU D 47 -42.28 -18.25 -67.18
CA GLU D 47 -42.39 -18.04 -68.62
C GLU D 47 -42.27 -19.33 -69.42
N ASP D 48 -42.68 -20.45 -68.82
CA ASP D 48 -42.71 -21.74 -69.50
C ASP D 48 -44.13 -21.98 -70.00
N ILE D 49 -44.36 -21.70 -71.27
CA ILE D 49 -45.69 -21.77 -71.87
C ILE D 49 -45.66 -22.80 -72.99
N PRO D 50 -46.46 -23.87 -72.90
CA PRO D 50 -46.61 -24.77 -74.05
C PRO D 50 -47.38 -24.09 -75.18
N VAL D 51 -46.98 -24.39 -76.41
CA VAL D 51 -47.65 -23.80 -77.56
C VAL D 51 -49.07 -24.30 -77.74
N ASP D 52 -49.39 -25.46 -77.15
CA ASP D 52 -50.72 -26.05 -77.34
C ASP D 52 -51.80 -25.25 -76.63
N LEU D 53 -51.49 -24.66 -75.48
CA LEU D 53 -52.52 -24.01 -74.67
C LEU D 53 -53.02 -22.73 -75.33
N SER D 54 -54.29 -22.42 -75.06
CA SER D 54 -54.95 -21.29 -75.70
C SER D 54 -54.56 -19.98 -75.02
N ALA D 55 -54.99 -18.87 -75.62
CA ALA D 55 -54.68 -17.55 -75.09
C ALA D 55 -55.31 -17.34 -73.72
N GLU D 56 -56.56 -17.78 -73.54
CA GLU D 56 -57.21 -17.64 -72.24
C GLU D 56 -56.51 -18.51 -71.19
N ASN D 57 -56.12 -19.72 -71.57
CA ASN D 57 -55.35 -20.56 -70.66
C ASN D 57 -53.99 -19.95 -70.33
N LYS D 58 -53.36 -19.31 -71.32
CA LYS D 58 -52.12 -18.59 -71.07
C LYS D 58 -52.34 -17.44 -70.10
N GLU D 59 -53.46 -16.73 -70.22
CA GLU D 59 -53.78 -15.66 -69.27
C GLU D 59 -53.98 -16.23 -67.87
N TYR D 60 -54.64 -17.38 -67.76
CA TYR D 60 -54.79 -18.04 -66.47
C TYR D 60 -53.43 -18.37 -65.87
N ILE D 61 -52.52 -18.92 -66.69
CA ILE D 61 -51.19 -19.26 -66.21
C ILE D 61 -50.45 -18.01 -65.75
N ASN D 62 -50.54 -16.94 -66.53
CA ASN D 62 -49.87 -15.69 -66.16
C ASN D 62 -50.43 -15.14 -64.85
N LEU D 63 -51.74 -15.20 -64.66
CA LEU D 63 -52.33 -14.78 -63.40
C LEU D 63 -51.80 -15.62 -62.25
N ALA D 64 -51.69 -16.94 -62.47
CA ALA D 64 -51.15 -17.81 -61.43
C ALA D 64 -49.65 -17.62 -61.21
N LEU D 65 -48.96 -16.94 -62.15
CA LEU D 65 -47.50 -16.86 -62.07
C LEU D 65 -47.03 -16.05 -60.86
N MET D 66 -47.58 -14.85 -60.69
CA MET D 66 -47.07 -13.96 -59.66
C MET D 66 -47.88 -14.10 -58.37
N GLY D 67 -47.21 -13.78 -57.25
CA GLY D 67 -47.87 -13.75 -55.96
C GLY D 67 -47.62 -12.41 -55.27
N ASN D 68 -48.28 -12.25 -54.12
CA ASN D 68 -48.17 -11.00 -53.38
C ASN D 68 -46.74 -10.78 -52.89
N VAL D 69 -46.15 -11.79 -52.28
CA VAL D 69 -44.81 -11.70 -51.70
C VAL D 69 -43.81 -12.57 -52.47
N ASN D 70 -44.17 -13.81 -52.76
CA ASN D 70 -43.29 -14.73 -53.45
C ASN D 70 -44.05 -15.45 -54.56
N THR D 71 -43.31 -15.87 -55.58
CA THR D 71 -43.89 -16.71 -56.61
C THR D 71 -44.30 -18.05 -56.02
N PRO D 72 -45.46 -18.59 -56.40
CA PRO D 72 -45.85 -19.91 -55.88
C PRO D 72 -44.80 -20.97 -56.18
N ASN D 73 -44.57 -21.84 -55.20
CA ASN D 73 -43.46 -22.78 -55.29
C ASN D 73 -43.65 -23.75 -56.46
N LYS D 74 -44.83 -24.33 -56.59
CA LYS D 74 -45.09 -25.30 -57.65
C LYS D 74 -46.40 -24.99 -58.33
N LEU D 75 -46.38 -24.99 -59.67
CA LEU D 75 -47.58 -24.82 -60.48
C LEU D 75 -47.75 -26.07 -61.34
N LEU D 76 -48.86 -26.77 -61.15
CA LEU D 76 -49.13 -28.02 -61.85
C LEU D 76 -50.38 -27.83 -62.69
N VAL D 77 -50.27 -28.10 -64.00
CA VAL D 77 -51.36 -27.88 -64.95
C VAL D 77 -51.66 -29.18 -65.67
N TYR D 78 -52.93 -29.53 -65.75
CA TYR D 78 -53.38 -30.70 -66.50
C TYR D 78 -54.40 -30.26 -67.54
N VAL D 79 -54.34 -30.90 -68.72
CA VAL D 79 -55.20 -30.56 -69.84
C VAL D 79 -55.95 -31.80 -70.29
N ILE D 80 -57.26 -31.67 -70.49
CA ILE D 80 -58.07 -32.73 -71.09
C ILE D 80 -59.29 -32.07 -71.69
N GLU D 81 -59.99 -32.81 -72.55
CA GLU D 81 -61.22 -32.32 -73.15
C GLU D 81 -62.26 -32.00 -72.08
N GLY D 82 -63.13 -31.04 -72.39
CA GLY D 82 -64.14 -30.61 -71.42
C GLY D 82 -65.08 -31.74 -71.02
N GLU D 83 -65.39 -32.63 -71.97
CA GLU D 83 -66.23 -33.78 -71.65
C GLU D 83 -65.49 -34.73 -70.74
N ALA D 84 -66.18 -35.21 -69.70
CA ALA D 84 -65.61 -36.10 -68.69
C ALA D 84 -64.36 -35.51 -68.04
N ASP D 85 -64.34 -34.19 -67.87
CA ASP D 85 -63.19 -33.53 -67.27
C ASP D 85 -63.12 -33.78 -65.78
N ILE D 86 -64.27 -33.83 -65.11
CA ILE D 86 -64.30 -33.92 -63.65
C ILE D 86 -63.73 -35.26 -63.17
N GLN D 87 -64.07 -36.35 -63.85
CA GLN D 87 -63.58 -37.67 -63.43
C GLN D 87 -62.07 -37.75 -63.53
N THR D 88 -61.51 -37.33 -64.68
CA THR D 88 -60.08 -37.40 -64.87
C THR D 88 -59.35 -36.44 -63.93
N ALA D 89 -59.94 -35.26 -63.70
CA ALA D 89 -59.34 -34.32 -62.75
C ALA D 89 -59.29 -34.92 -61.35
N LEU D 90 -60.37 -35.57 -60.92
CA LEU D 90 -60.37 -36.23 -59.62
C LEU D 90 -59.34 -37.33 -59.56
N ASP D 91 -59.23 -38.13 -60.62
CA ASP D 91 -58.26 -39.21 -60.63
C ASP D 91 -56.83 -38.68 -60.55
N PHE D 92 -56.54 -37.61 -61.29
CA PHE D 92 -55.19 -37.05 -61.28
C PHE D 92 -54.87 -36.40 -59.94
N LEU D 93 -55.84 -35.72 -59.34
CA LEU D 93 -55.61 -35.12 -58.02
C LEU D 93 -55.44 -36.21 -56.96
N GLU D 94 -56.10 -37.35 -57.13
CA GLU D 94 -55.83 -38.50 -56.25
C GLU D 94 -54.42 -39.02 -56.48
N THR D 95 -53.97 -39.05 -57.74
CA THR D 95 -52.64 -39.55 -58.05
C THR D 95 -51.55 -38.68 -57.44
N LYS D 96 -51.70 -37.36 -57.54
CA LYS D 96 -50.68 -36.43 -57.07
C LYS D 96 -51.30 -35.44 -56.11
N GLU D 97 -50.69 -35.27 -54.95
CA GLU D 97 -51.23 -34.39 -53.92
C GLU D 97 -51.18 -32.93 -54.36
N PHE D 98 -52.09 -32.13 -53.81
CA PHE D 98 -52.17 -30.71 -54.15
C PHE D 98 -52.62 -29.94 -52.91
N ASN D 99 -52.38 -28.64 -52.95
CA ASN D 99 -52.76 -27.75 -51.85
C ASN D 99 -53.98 -26.89 -52.19
N TYR D 100 -54.06 -26.35 -53.39
CA TYR D 100 -55.18 -25.52 -53.80
C TYR D 100 -55.64 -25.93 -55.19
N LEU D 101 -56.94 -25.74 -55.45
CA LEU D 101 -57.57 -26.17 -56.69
C LEU D 101 -58.39 -25.04 -57.27
N CYS D 102 -58.41 -24.95 -58.60
CA CYS D 102 -59.19 -23.94 -59.31
C CYS D 102 -59.56 -24.47 -60.68
N MET D 103 -60.72 -24.04 -61.18
CA MET D 103 -61.23 -24.48 -62.48
C MET D 103 -61.76 -23.27 -63.24
N PRO D 104 -61.26 -23.02 -64.47
CA PRO D 104 -61.77 -21.87 -65.24
C PRO D 104 -63.26 -21.93 -65.55
N LYS D 105 -63.78 -23.12 -65.83
CA LYS D 105 -65.16 -23.29 -66.29
C LYS D 105 -65.93 -24.22 -65.36
N ALA D 106 -65.77 -24.04 -64.06
CA ALA D 106 -66.47 -24.85 -63.07
C ALA D 106 -67.92 -24.40 -62.99
N VAL D 107 -68.84 -25.27 -63.43
CA VAL D 107 -70.26 -24.98 -63.32
C VAL D 107 -70.71 -25.31 -61.91
N GLU D 108 -71.95 -24.91 -61.56
CA GLU D 108 -72.44 -25.13 -60.21
C GLU D 108 -72.44 -26.60 -59.84
N ALA D 109 -72.86 -27.46 -60.76
CA ALA D 109 -72.80 -28.91 -60.50
C ALA D 109 -71.36 -29.37 -60.36
N ASP D 110 -70.46 -28.86 -61.21
CA ASP D 110 -69.05 -29.22 -61.10
C ASP D 110 -68.47 -28.73 -59.78
N LYS D 111 -68.81 -27.51 -59.37
CA LYS D 111 -68.33 -27.00 -58.09
C LYS D 111 -68.85 -27.83 -56.93
N THR D 112 -70.13 -28.22 -56.98
CA THR D 112 -70.68 -29.06 -55.92
C THR D 112 -69.99 -30.42 -55.86
N ALA D 113 -69.75 -31.03 -57.01
CA ALA D 113 -69.03 -32.31 -57.04
C ALA D 113 -67.62 -32.16 -56.51
N ILE D 114 -66.94 -31.07 -56.88
CA ILE D 114 -65.59 -30.83 -56.38
C ILE D 114 -65.60 -30.69 -54.87
N LYS D 115 -66.55 -29.91 -54.33
CA LYS D 115 -66.63 -29.72 -52.89
C LYS D 115 -66.93 -31.05 -52.18
N ASN D 116 -67.83 -31.85 -52.74
CA ASN D 116 -68.14 -33.14 -52.14
C ASN D 116 -66.92 -34.05 -52.12
N TRP D 117 -66.17 -34.08 -53.22
CA TRP D 117 -64.96 -34.89 -53.25
C TRP D 117 -63.93 -34.39 -52.25
N ILE D 118 -63.78 -33.08 -52.14
CA ILE D 118 -62.79 -32.50 -51.23
C ILE D 118 -63.15 -32.83 -49.79
N ILE D 119 -64.43 -32.66 -49.42
CA ILE D 119 -64.84 -32.93 -48.05
C ILE D 119 -64.76 -34.43 -47.75
N LYS D 120 -65.06 -35.27 -48.74
CA LYS D 120 -64.92 -36.71 -48.55
C LYS D 120 -63.48 -37.08 -48.29
N LEU D 121 -62.55 -36.49 -49.05
CA LEU D 121 -61.13 -36.72 -48.80
C LEU D 121 -60.76 -36.28 -47.39
N ARG D 122 -61.13 -35.06 -47.02
CA ARG D 122 -60.74 -34.51 -45.72
C ARG D 122 -61.34 -35.29 -44.57
N ASP D 123 -62.50 -35.91 -44.77
CA ASP D 123 -63.20 -36.58 -43.68
C ASP D 123 -62.93 -38.08 -43.60
N ILE D 124 -62.53 -38.72 -44.70
CA ILE D 124 -62.29 -40.15 -44.67
C ILE D 124 -60.82 -40.42 -44.96
N ASP D 125 -60.32 -39.90 -46.08
CA ASP D 125 -58.93 -40.13 -46.45
C ASP D 125 -57.95 -39.35 -45.58
N LYS D 126 -58.45 -38.42 -44.75
CA LYS D 126 -57.61 -37.61 -43.87
C LYS D 126 -56.57 -36.83 -44.66
N VAL D 127 -56.94 -36.42 -45.87
CA VAL D 127 -56.08 -35.64 -46.75
C VAL D 127 -56.57 -34.20 -46.71
N LYS D 128 -55.75 -33.31 -46.16
CA LYS D 128 -56.12 -31.91 -45.98
C LYS D 128 -55.85 -31.15 -47.28
N VAL D 129 -56.92 -30.87 -48.03
CA VAL D 129 -56.83 -30.18 -49.30
C VAL D 129 -57.82 -29.02 -49.31
N LYS D 130 -57.54 -28.02 -50.14
CA LYS D 130 -58.34 -26.82 -50.24
C LYS D 130 -58.68 -26.54 -51.70
N ALA D 131 -59.84 -25.90 -51.91
CA ALA D 131 -60.29 -25.53 -53.24
C ALA D 131 -60.85 -24.12 -53.23
N VAL D 132 -60.66 -23.40 -54.33
CA VAL D 132 -61.16 -22.04 -54.49
C VAL D 132 -62.23 -22.07 -55.56
N LEU D 133 -63.43 -21.60 -55.20
CA LEU D 133 -64.58 -21.64 -56.09
C LEU D 133 -65.28 -20.29 -56.11
N GLY D 134 -65.97 -20.01 -57.21
CA GLY D 134 -66.58 -18.72 -57.42
C GLY D 134 -67.84 -18.46 -56.64
N LYS D 135 -68.86 -19.29 -56.81
CA LYS D 135 -70.16 -19.11 -56.14
C LYS D 135 -70.60 -20.45 -55.57
N VAL D 136 -70.22 -20.72 -54.32
CA VAL D 136 -70.58 -21.94 -53.63
C VAL D 136 -71.05 -21.59 -52.22
N VAL D 137 -72.22 -22.08 -51.85
CA VAL D 137 -72.78 -21.84 -50.52
C VAL D 137 -72.59 -23.06 -49.61
N GLY D 138 -71.62 -23.92 -49.92
CA GLY D 138 -71.45 -25.16 -49.19
C GLY D 138 -71.11 -24.94 -47.73
N ASN D 139 -71.29 -26.01 -46.95
CA ASN D 139 -71.18 -25.98 -45.50
C ASN D 139 -69.84 -26.52 -45.01
N HIS D 140 -68.75 -26.25 -45.73
CA HIS D 140 -67.43 -26.69 -45.33
C HIS D 140 -66.44 -25.55 -45.39
N GLU D 141 -65.45 -25.58 -44.49
CA GLU D 141 -64.43 -24.54 -44.41
C GLU D 141 -63.24 -24.78 -45.32
N GLY D 142 -63.07 -25.99 -45.84
CA GLY D 142 -61.96 -26.28 -46.73
C GLY D 142 -62.08 -25.64 -48.09
N ILE D 143 -63.31 -25.32 -48.51
CA ILE D 143 -63.53 -24.65 -49.79
C ILE D 143 -63.46 -23.14 -49.57
N ILE D 144 -63.14 -22.42 -50.64
CA ILE D 144 -63.04 -20.96 -50.62
C ILE D 144 -64.03 -20.40 -51.62
N ASN D 145 -64.89 -19.50 -51.16
CA ASN D 145 -65.94 -18.90 -51.97
C ASN D 145 -65.62 -17.42 -52.17
N PHE D 146 -65.37 -17.03 -53.42
CA PHE D 146 -65.05 -15.66 -53.77
C PHE D 146 -66.20 -15.12 -54.64
N THR D 147 -67.15 -14.45 -54.00
CA THR D 147 -68.32 -13.91 -54.69
C THR D 147 -68.11 -12.41 -54.88
N THR D 148 -67.43 -12.05 -55.97
CA THR D 148 -67.22 -10.66 -56.34
C THR D 148 -67.43 -10.56 -57.86
N GLU D 149 -68.55 -9.97 -58.26
CA GLU D 149 -68.93 -9.92 -59.65
C GLU D 149 -68.44 -8.63 -60.31
N ASP D 150 -68.42 -8.65 -61.65
CA ASP D 150 -68.03 -7.50 -62.46
C ASP D 150 -66.63 -7.01 -62.11
N VAL D 151 -65.71 -7.94 -61.88
CA VAL D 151 -64.34 -7.59 -61.53
C VAL D 151 -63.55 -7.30 -62.80
N LEU D 152 -62.85 -6.18 -62.81
CA LEU D 152 -61.99 -5.78 -63.92
C LEU D 152 -60.60 -5.50 -63.39
N VAL D 153 -59.59 -6.09 -64.01
CA VAL D 153 -58.20 -5.92 -63.60
C VAL D 153 -57.42 -5.39 -64.79
N GLY D 154 -56.70 -4.28 -64.60
CA GLY D 154 -55.93 -3.68 -65.66
C GLY D 154 -56.80 -3.26 -66.83
N GLU D 155 -57.88 -2.53 -66.53
CA GLU D 155 -58.88 -2.08 -67.51
C GLU D 155 -59.29 -3.20 -68.47
N LYS D 156 -59.25 -4.43 -67.99
CA LYS D 156 -59.63 -5.61 -68.76
C LYS D 156 -60.70 -6.37 -68.00
N LYS D 157 -61.77 -6.75 -68.70
CA LYS D 157 -62.83 -7.52 -68.08
C LYS D 157 -62.32 -8.91 -67.70
N TYR D 158 -62.60 -9.32 -66.47
CA TYR D 158 -62.18 -10.62 -65.96
C TYR D 158 -63.38 -11.38 -65.43
N SER D 159 -63.45 -12.67 -65.74
CA SER D 159 -64.50 -13.52 -65.19
C SER D 159 -64.22 -13.80 -63.71
N VAL D 160 -65.23 -14.33 -63.04
CA VAL D 160 -65.09 -14.64 -61.61
C VAL D 160 -64.01 -15.69 -61.40
N ASP D 161 -64.03 -16.74 -62.21
CA ASP D 161 -63.06 -17.83 -62.03
C ASP D 161 -61.64 -17.38 -62.30
N GLU D 162 -61.44 -16.47 -63.26
CA GLU D 162 -60.11 -15.93 -63.51
C GLU D 162 -59.54 -15.28 -62.25
N PHE D 163 -60.33 -14.43 -61.61
CA PHE D 163 -59.83 -13.74 -60.41
C PHE D 163 -59.73 -14.68 -59.22
N THR D 164 -60.59 -15.71 -59.16
CA THR D 164 -60.41 -16.70 -58.09
C THR D 164 -59.08 -17.44 -58.25
N SER D 165 -58.74 -17.80 -59.49
CA SER D 165 -57.43 -18.42 -59.73
C SER D 165 -56.30 -17.46 -59.39
N ARG D 166 -56.45 -16.18 -59.74
CA ARG D 166 -55.43 -15.19 -59.42
C ARG D 166 -55.25 -15.07 -57.90
N VAL D 167 -56.36 -15.03 -57.16
CA VAL D 167 -56.29 -14.90 -55.72
C VAL D 167 -55.71 -16.16 -55.09
N ALA D 168 -56.03 -17.33 -55.63
CA ALA D 168 -55.44 -18.57 -55.13
C ALA D 168 -53.92 -18.57 -55.34
N GLY D 169 -53.47 -18.13 -56.51
CA GLY D 169 -52.04 -18.02 -56.75
C GLY D 169 -51.37 -17.02 -55.82
N LEU D 170 -52.05 -15.90 -55.57
CA LEU D 170 -51.52 -14.90 -54.65
C LEU D 170 -51.40 -15.46 -53.23
N ILE D 171 -52.42 -16.19 -52.79
CA ILE D 171 -52.41 -16.79 -51.45
C ILE D 171 -51.31 -17.83 -51.35
N ALA D 172 -51.08 -18.58 -52.43
CA ALA D 172 -49.99 -19.55 -52.45
C ALA D 172 -48.65 -18.88 -52.16
N GLY D 173 -48.46 -17.65 -52.63
CA GLY D 173 -47.26 -16.89 -52.33
C GLY D 173 -47.29 -16.11 -51.03
N THR D 174 -48.40 -16.17 -50.30
CA THR D 174 -48.51 -15.43 -49.05
C THR D 174 -47.80 -16.18 -47.93
N PRO D 175 -46.86 -15.56 -47.22
CA PRO D 175 -46.21 -16.22 -46.09
C PRO D 175 -47.18 -16.41 -44.93
N LEU D 176 -46.84 -17.39 -44.09
CA LEU D 176 -47.70 -17.70 -42.95
C LEU D 176 -47.69 -16.59 -41.91
N SER D 177 -46.55 -15.91 -41.73
CA SER D 177 -46.50 -14.79 -40.79
C SER D 177 -47.44 -13.67 -41.23
N GLN D 178 -47.47 -13.38 -42.53
CA GLN D 178 -48.38 -12.37 -43.06
C GLN D 178 -49.80 -12.91 -43.11
N SER D 179 -50.76 -11.98 -43.11
CA SER D 179 -52.18 -12.31 -43.21
C SER D 179 -52.73 -11.75 -44.51
N VAL D 180 -53.64 -12.50 -45.13
CA VAL D 180 -54.23 -12.09 -46.40
C VAL D 180 -55.13 -10.87 -46.24
N THR D 181 -55.52 -10.53 -45.02
CA THR D 181 -56.40 -9.40 -44.81
C THR D 181 -55.69 -8.09 -45.16
N TYR D 182 -56.42 -7.20 -45.84
CA TYR D 182 -55.91 -5.88 -46.22
C TYR D 182 -54.65 -5.98 -47.08
N THR D 183 -54.64 -6.89 -48.04
CA THR D 183 -53.56 -6.99 -49.01
C THR D 183 -54.01 -6.32 -50.31
N LYS D 184 -53.32 -5.28 -50.71
CA LYS D 184 -53.72 -4.46 -51.85
C LYS D 184 -53.22 -5.05 -53.16
N LEU D 185 -53.99 -4.83 -54.21
CA LEU D 185 -53.66 -5.28 -55.56
C LEU D 185 -53.43 -4.07 -56.44
N SER D 186 -52.21 -3.95 -56.98
CA SER D 186 -51.89 -2.85 -57.88
C SER D 186 -52.47 -3.06 -59.27
N ASP D 187 -52.56 -4.32 -59.72
CA ASP D 187 -53.09 -4.60 -61.06
C ASP D 187 -54.55 -4.20 -61.17
N VAL D 188 -55.34 -4.47 -60.14
CA VAL D 188 -56.76 -4.11 -60.15
C VAL D 188 -56.88 -2.60 -60.09
N VAL D 189 -57.54 -2.01 -61.10
CA VAL D 189 -57.66 -0.56 -61.23
C VAL D 189 -59.11 -0.11 -61.25
N ASP D 190 -59.98 -0.84 -61.95
CA ASP D 190 -61.38 -0.44 -62.12
C ASP D 190 -62.28 -1.48 -61.50
N ILE D 191 -63.10 -1.05 -60.54
CA ILE D 191 -64.12 -1.91 -59.94
C ILE D 191 -65.40 -1.12 -59.78
N PRO D 192 -66.55 -1.79 -59.85
CA PRO D 192 -67.82 -1.12 -59.59
C PRO D 192 -67.85 -0.57 -58.18
N LYS D 193 -68.44 0.62 -58.03
CA LYS D 193 -68.48 1.27 -56.73
C LYS D 193 -69.42 0.53 -55.79
N MET D 194 -68.95 0.25 -54.58
CA MET D 194 -69.75 -0.41 -53.56
C MET D 194 -69.72 0.42 -52.29
N THR D 195 -70.79 0.32 -51.51
CA THR D 195 -70.86 1.02 -50.25
C THR D 195 -70.17 0.22 -49.15
N LYS D 196 -69.78 0.92 -48.09
CA LYS D 196 -69.14 0.26 -46.96
C LYS D 196 -70.10 -0.71 -46.27
N VAL D 197 -71.37 -0.32 -46.15
CA VAL D 197 -72.35 -1.19 -45.53
C VAL D 197 -72.54 -2.47 -46.33
N ASP D 198 -72.63 -2.34 -47.66
CA ASP D 198 -72.78 -3.52 -48.51
C ASP D 198 -71.58 -4.44 -48.40
N ALA D 199 -70.36 -3.87 -48.40
CA ALA D 199 -69.16 -4.69 -48.25
C ALA D 199 -69.13 -5.41 -46.91
N GLU D 200 -69.49 -4.69 -45.84
CA GLU D 200 -69.51 -5.32 -44.52
C GLU D 200 -70.54 -6.45 -44.47
N SER D 201 -71.72 -6.24 -45.05
CA SER D 201 -72.73 -7.28 -45.07
C SER D 201 -72.25 -8.49 -45.89
N ARG D 202 -71.59 -8.24 -47.01
CA ARG D 202 -71.07 -9.34 -47.83
C ARG D 202 -70.02 -10.13 -47.08
N VAL D 203 -69.12 -9.44 -46.38
CA VAL D 203 -68.09 -10.14 -45.61
C VAL D 203 -68.71 -10.95 -44.47
N ASN D 204 -69.68 -10.35 -43.77
CA ASN D 204 -70.36 -11.07 -42.70
C ASN D 204 -71.11 -12.29 -43.21
N LYS D 205 -71.42 -12.35 -44.51
CA LYS D 205 -71.99 -13.54 -45.11
C LYS D 205 -70.96 -14.63 -45.36
N GLY D 206 -69.68 -14.35 -45.10
CA GLY D 206 -68.63 -15.32 -45.35
C GLY D 206 -68.02 -15.24 -46.73
N GLU D 207 -68.22 -14.15 -47.45
CA GLU D 207 -67.73 -13.99 -48.80
C GLU D 207 -66.45 -13.15 -48.83
N LEU D 208 -65.60 -13.44 -49.81
CA LEU D 208 -64.37 -12.69 -50.02
C LEU D 208 -64.60 -11.68 -51.15
N ILE D 209 -64.34 -10.41 -50.88
CA ILE D 209 -64.59 -9.34 -51.82
C ILE D 209 -63.44 -8.34 -51.79
N LEU D 210 -63.41 -7.48 -52.80
CA LEU D 210 -62.42 -6.41 -52.92
C LEU D 210 -63.01 -5.09 -52.46
N ILE D 211 -62.22 -4.31 -51.72
CA ILE D 211 -62.63 -3.00 -51.26
C ILE D 211 -61.52 -2.00 -51.59
N LYS D 212 -61.93 -0.75 -51.79
CA LYS D 212 -61.01 0.35 -52.08
C LYS D 212 -60.74 1.08 -50.77
N GLU D 213 -59.62 0.77 -50.13
CA GLU D 213 -59.28 1.32 -48.83
C GLU D 213 -57.79 1.64 -48.79
N ALA D 214 -57.44 2.64 -47.99
CA ALA D 214 -56.06 3.09 -47.83
C ALA D 214 -55.43 3.47 -49.17
N GLY D 215 -56.23 4.09 -50.03
CA GLY D 215 -55.76 4.48 -51.35
C GLY D 215 -55.34 3.33 -52.23
N ALA D 216 -56.00 2.18 -52.09
CA ALA D 216 -55.67 1.00 -52.89
C ALA D 216 -56.86 0.05 -52.85
N ILE D 217 -56.83 -0.92 -53.75
CA ILE D 217 -57.85 -1.95 -53.84
C ILE D 217 -57.33 -3.20 -53.15
N ARG D 218 -57.98 -3.58 -52.05
CA ARG D 218 -57.56 -4.71 -51.24
C ARG D 218 -58.78 -5.54 -50.85
N ILE D 219 -58.53 -6.74 -50.35
CA ILE D 219 -59.60 -7.59 -49.85
C ILE D 219 -59.88 -7.23 -48.40
N ALA D 220 -61.16 -7.31 -48.01
CA ALA D 220 -61.58 -6.81 -46.70
C ALA D 220 -61.19 -7.76 -45.58
N ARG D 221 -61.20 -9.07 -45.85
CA ARG D 221 -61.01 -10.06 -44.80
C ARG D 221 -60.48 -11.34 -45.43
N GLY D 222 -60.12 -12.30 -44.58
CA GLY D 222 -59.64 -13.59 -45.03
C GLY D 222 -60.33 -14.75 -44.36
N VAL D 223 -61.61 -14.58 -44.04
CA VAL D 223 -62.40 -15.61 -43.38
C VAL D 223 -62.64 -16.77 -44.33
N ASN D 224 -63.05 -17.92 -43.79
CA ASN D 224 -63.35 -19.08 -44.60
C ASN D 224 -64.71 -18.92 -45.28
N SER D 225 -64.93 -19.76 -46.29
CA SER D 225 -66.22 -19.76 -46.98
C SER D 225 -67.34 -20.34 -46.13
N LEU D 226 -66.99 -21.07 -45.06
CA LEU D 226 -68.02 -21.70 -44.23
C LEU D 226 -68.73 -20.65 -43.39
N THR D 227 -70.03 -20.51 -43.62
CA THR D 227 -70.82 -19.55 -42.87
C THR D 227 -71.11 -20.05 -41.45
N GLU D 228 -71.41 -21.33 -41.30
CA GLU D 228 -71.85 -21.91 -40.03
C GLU D 228 -70.73 -22.76 -39.44
N LEU D 229 -70.06 -22.23 -38.42
CA LEU D 229 -69.10 -22.99 -37.64
C LEU D 229 -69.76 -23.46 -36.36
N THR D 230 -69.61 -24.74 -36.06
CA THR D 230 -70.26 -25.31 -34.89
C THR D 230 -69.67 -24.72 -33.61
N ALA D 231 -70.27 -25.10 -32.47
CA ALA D 231 -69.86 -24.52 -31.19
C ALA D 231 -68.40 -24.84 -30.88
N GLU D 232 -67.95 -26.06 -31.21
CA GLU D 232 -66.58 -26.43 -30.94
C GLU D 232 -65.59 -25.67 -31.82
N LYS D 233 -65.95 -25.42 -33.07
CA LYS D 233 -65.02 -24.80 -34.02
C LYS D 233 -64.62 -23.40 -33.59
N GLY D 234 -65.59 -22.59 -33.16
CA GLY D 234 -65.29 -21.28 -32.63
C GLY D 234 -64.96 -20.25 -33.69
N GLU D 235 -64.53 -19.08 -33.21
CA GLU D 235 -64.22 -17.97 -34.10
C GLU D 235 -62.96 -18.23 -34.93
N MET D 236 -61.95 -18.84 -34.31
CA MET D 236 -60.68 -19.02 -35.02
C MET D 236 -60.83 -19.97 -36.21
N PHE D 237 -61.71 -20.96 -36.11
CA PHE D 237 -61.94 -21.85 -37.24
C PHE D 237 -62.69 -21.17 -38.37
N GLN D 238 -63.20 -19.96 -38.15
CA GLN D 238 -63.77 -19.17 -39.24
C GLN D 238 -62.70 -18.49 -40.09
N LYS D 239 -61.42 -18.69 -39.77
CA LYS D 239 -60.32 -18.07 -40.49
C LYS D 239 -59.54 -19.14 -41.25
N ILE D 240 -59.21 -18.84 -42.51
CA ILE D 240 -58.41 -19.78 -43.31
C ILE D 240 -57.00 -19.89 -42.75
N LYS D 241 -56.51 -18.85 -42.07
CA LYS D 241 -55.15 -18.87 -41.56
C LYS D 241 -54.94 -19.97 -40.53
N ILE D 242 -55.91 -20.15 -39.63
CA ILE D 242 -55.80 -21.20 -38.61
C ILE D 242 -55.86 -22.58 -39.27
N VAL D 243 -56.84 -22.80 -40.14
CA VAL D 243 -57.01 -24.12 -40.74
C VAL D 243 -55.82 -24.47 -41.62
N ASP D 244 -55.15 -23.46 -42.20
CA ASP D 244 -53.99 -23.73 -43.04
C ASP D 244 -52.86 -24.34 -42.22
N THR D 245 -52.51 -23.73 -41.10
CA THR D 245 -51.43 -24.27 -40.28
C THR D 245 -51.85 -25.59 -39.62
N LEU D 246 -53.12 -25.74 -39.26
CA LEU D 246 -53.57 -27.02 -38.72
C LEU D 246 -53.44 -28.12 -39.75
N ASP D 247 -53.82 -27.84 -41.00
CA ASP D 247 -53.68 -28.83 -42.07
C ASP D 247 -52.22 -29.15 -42.34
N ILE D 248 -51.36 -28.14 -42.30
CA ILE D 248 -49.93 -28.37 -42.52
C ILE D 248 -49.36 -29.27 -41.44
N ILE D 249 -49.72 -29.01 -40.18
CA ILE D 249 -49.25 -29.85 -39.08
C ILE D 249 -49.78 -31.27 -39.23
N HIS D 250 -51.06 -31.41 -39.59
CA HIS D 250 -51.64 -32.73 -39.84
C HIS D 250 -50.87 -33.47 -40.91
N SER D 251 -50.61 -32.82 -42.04
CA SER D 251 -49.91 -33.47 -43.14
C SER D 251 -48.50 -33.87 -42.74
N ASP D 252 -47.79 -33.00 -42.04
CA ASP D 252 -46.42 -33.32 -41.64
C ASP D 252 -46.39 -34.49 -40.67
N ILE D 253 -47.31 -34.50 -39.69
CA ILE D 253 -47.34 -35.59 -38.72
C ILE D 253 -47.68 -36.90 -39.42
N ARG D 254 -48.67 -36.88 -40.31
CA ARG D 254 -49.03 -38.10 -41.03
C ARG D 254 -47.87 -38.59 -41.90
N LYS D 255 -47.18 -37.67 -42.56
CA LYS D 255 -46.06 -38.04 -43.41
C LYS D 255 -44.94 -38.69 -42.60
N VAL D 256 -44.57 -38.08 -41.48
CA VAL D 256 -43.48 -38.64 -40.68
C VAL D 256 -43.89 -39.97 -40.07
N ILE D 257 -45.16 -40.10 -39.67
CA ILE D 257 -45.63 -41.37 -39.11
C ILE D 257 -45.55 -42.48 -40.15
N ILE D 258 -46.03 -42.19 -41.37
CA ILE D 258 -45.96 -43.19 -42.44
C ILE D 258 -44.52 -43.51 -42.80
N ASP D 259 -43.63 -42.50 -42.76
CA ASP D 259 -42.25 -42.74 -43.13
C ASP D 259 -41.53 -43.61 -42.11
N ASP D 260 -41.80 -43.41 -40.82
CA ASP D 260 -40.98 -44.02 -39.78
C ASP D 260 -41.71 -45.13 -39.02
N TYR D 261 -42.87 -44.85 -38.43
CA TYR D 261 -43.38 -45.70 -37.37
C TYR D 261 -44.15 -46.92 -37.85
N ILE D 262 -44.78 -46.87 -39.02
CA ILE D 262 -45.53 -48.02 -39.50
C ILE D 262 -44.56 -49.04 -40.09
N GLY D 263 -44.66 -50.28 -39.63
CA GLY D 263 -43.81 -51.35 -40.13
C GLY D 263 -42.40 -51.33 -39.56
N LYS D 264 -41.68 -50.24 -39.80
CA LYS D 264 -40.27 -50.18 -39.39
C LYS D 264 -40.12 -50.22 -37.88
N VAL D 265 -40.95 -49.47 -37.16
CA VAL D 265 -40.85 -49.36 -35.71
C VAL D 265 -41.84 -50.32 -35.08
N THR D 266 -41.46 -50.92 -33.96
CA THR D 266 -42.35 -51.78 -33.20
C THR D 266 -43.09 -50.99 -32.13
N ASN D 267 -43.98 -51.68 -31.42
CA ASN D 267 -44.74 -51.09 -30.33
C ASN D 267 -44.10 -51.48 -29.01
N SER D 268 -43.68 -50.49 -28.24
CA SER D 268 -43.11 -50.72 -26.91
C SER D 268 -43.20 -49.42 -26.12
N TYR D 269 -43.00 -49.54 -24.81
CA TYR D 269 -42.98 -48.35 -23.96
C TYR D 269 -41.83 -47.44 -24.35
N ASP D 270 -40.66 -48.01 -24.64
CA ASP D 270 -39.54 -47.21 -25.14
C ASP D 270 -39.86 -46.61 -26.50
N ASN D 271 -40.51 -47.39 -27.36
CA ASN D 271 -40.94 -46.85 -28.65
C ASN D 271 -41.94 -45.72 -28.47
N LYS D 272 -42.85 -45.86 -27.51
CA LYS D 272 -43.80 -44.78 -27.22
C LYS D 272 -43.06 -43.53 -26.75
N CYS D 273 -42.06 -43.70 -25.88
CA CYS D 273 -41.28 -42.56 -25.40
C CYS D 273 -40.54 -41.89 -26.55
N LEU D 274 -39.96 -42.68 -27.45
CA LEU D 274 -39.25 -42.11 -28.59
C LEU D 274 -40.21 -41.35 -29.51
N LEU D 275 -41.40 -41.91 -29.74
CA LEU D 275 -42.40 -41.21 -30.54
C LEU D 275 -42.82 -39.90 -29.89
N ILE D 276 -43.00 -39.92 -28.56
CA ILE D 276 -43.36 -38.70 -27.84
C ILE D 276 -42.26 -37.67 -27.98
N VAL D 277 -41.00 -38.10 -27.87
CA VAL D 277 -39.87 -37.17 -27.99
C VAL D 277 -39.83 -36.58 -29.40
N ALA D 278 -40.06 -37.39 -30.43
CA ALA D 278 -40.06 -36.88 -31.79
C ALA D 278 -41.20 -35.90 -32.01
N ILE D 279 -42.38 -36.20 -31.48
CA ILE D 279 -43.50 -35.28 -31.61
C ILE D 279 -43.20 -33.97 -30.90
N LYS D 280 -42.60 -34.04 -29.71
CA LYS D 280 -42.23 -32.83 -28.99
C LYS D 280 -41.19 -32.02 -29.77
N SER D 281 -40.25 -32.70 -30.41
CA SER D 281 -39.25 -32.01 -31.23
C SER D 281 -39.90 -31.31 -32.41
N TYR D 282 -40.85 -31.98 -33.08
CA TYR D 282 -41.55 -31.34 -34.19
C TYR D 282 -42.36 -30.14 -33.71
N LEU D 283 -43.02 -30.27 -32.56
CA LEU D 283 -43.76 -29.14 -32.00
C LEU D 283 -42.83 -27.99 -31.64
N GLU D 284 -41.63 -28.29 -31.14
CA GLU D 284 -40.65 -27.24 -30.87
C GLU D 284 -40.19 -26.56 -32.16
N GLU D 285 -40.02 -27.34 -33.24
CA GLU D 285 -39.69 -26.75 -34.53
C GLU D 285 -40.79 -25.81 -34.99
N LEU D 286 -42.06 -26.20 -34.80
CA LEU D 286 -43.16 -25.30 -35.10
C LEU D 286 -43.12 -24.07 -34.20
N GLU D 287 -42.77 -24.25 -32.92
CA GLU D 287 -42.67 -23.15 -31.99
C GLU D 287 -41.59 -22.16 -32.40
N LYS D 288 -40.56 -22.63 -33.10
CA LYS D 288 -39.55 -21.72 -33.61
C LYS D 288 -40.17 -20.69 -34.55
N SER D 289 -41.07 -21.14 -35.42
CA SER D 289 -41.89 -20.21 -36.18
C SER D 289 -42.97 -19.62 -35.28
N ALA D 290 -43.48 -18.46 -35.69
CA ALA D 290 -44.51 -17.78 -34.93
C ALA D 290 -45.89 -18.39 -35.12
N LEU D 291 -46.00 -19.51 -35.83
CA LEU D 291 -47.30 -20.07 -36.16
C LEU D 291 -48.06 -20.52 -34.92
N ILE D 292 -47.38 -21.19 -33.99
CA ILE D 292 -48.03 -21.74 -32.81
C ILE D 292 -47.36 -21.17 -31.55
N GLU D 293 -48.08 -21.31 -30.43
CA GLU D 293 -47.57 -20.84 -29.15
C GLU D 293 -46.34 -21.65 -28.73
N SER D 294 -45.47 -21.01 -27.95
CA SER D 294 -44.26 -21.66 -27.48
C SER D 294 -44.51 -22.75 -26.46
N ASP D 295 -45.71 -22.83 -25.89
CA ASP D 295 -46.04 -23.81 -24.87
C ASP D 295 -46.97 -24.87 -25.43
N SER D 296 -46.56 -26.14 -25.32
CA SER D 296 -47.38 -27.26 -25.75
C SER D 296 -46.92 -28.50 -24.99
N THR D 297 -47.82 -29.47 -24.88
CA THR D 297 -47.56 -30.70 -24.14
C THR D 297 -47.93 -31.90 -24.99
N VAL D 298 -47.17 -32.98 -24.83
CA VAL D 298 -47.44 -34.26 -25.48
C VAL D 298 -47.60 -35.31 -24.39
N GLU D 299 -48.71 -36.06 -24.43
CA GLU D 299 -49.01 -37.00 -23.37
C GLU D 299 -49.68 -38.24 -23.96
N ILE D 300 -49.59 -39.33 -23.22
CA ILE D 300 -50.26 -40.58 -23.61
C ILE D 300 -51.74 -40.47 -23.26
N ASP D 301 -52.60 -40.84 -24.21
CA ASP D 301 -54.04 -40.83 -23.97
C ASP D 301 -54.38 -41.92 -22.96
N PHE D 302 -54.55 -41.53 -21.71
CA PHE D 302 -54.71 -42.51 -20.63
C PHE D 302 -56.10 -43.13 -20.65
N GLU D 303 -57.13 -42.34 -20.96
CA GLU D 303 -58.49 -42.86 -21.02
C GLU D 303 -58.66 -43.81 -22.20
N ALA D 304 -57.95 -43.56 -23.30
CA ALA D 304 -57.96 -44.53 -24.40
C ALA D 304 -57.36 -45.85 -23.95
N GLN D 305 -56.31 -45.81 -23.13
CA GLN D 305 -55.77 -47.03 -22.54
C GLN D 305 -56.79 -47.71 -21.63
N LYS D 306 -57.55 -46.91 -20.86
CA LYS D 306 -58.64 -47.47 -20.07
C LYS D 306 -59.62 -48.23 -20.95
N SER D 307 -60.04 -47.60 -22.05
CA SER D 307 -61.01 -48.23 -22.95
C SER D 307 -60.44 -49.50 -23.57
N TYR D 308 -59.15 -49.48 -23.92
CA TYR D 308 -58.53 -50.67 -24.48
C TYR D 308 -58.50 -51.80 -23.45
N LEU D 309 -58.23 -51.47 -22.19
CA LEU D 309 -58.26 -52.49 -21.14
C LEU D 309 -59.67 -53.04 -20.95
N LYS D 310 -60.68 -52.17 -20.98
CA LYS D 310 -62.06 -52.64 -20.88
C LYS D 310 -62.41 -53.58 -22.03
N SER D 311 -61.94 -53.26 -23.23
CA SER D 311 -62.12 -54.18 -24.35
C SER D 311 -61.41 -55.51 -24.08
N LYS D 312 -60.19 -55.44 -23.54
CA LYS D 312 -59.49 -56.65 -23.12
C LYS D 312 -60.22 -57.32 -21.96
N GLY D 313 -60.71 -56.54 -21.01
CA GLY D 313 -61.41 -57.06 -19.86
C GLY D 313 -60.60 -57.16 -18.59
N VAL D 314 -59.38 -56.61 -18.56
CA VAL D 314 -58.55 -56.67 -17.37
C VAL D 314 -59.13 -55.75 -16.30
N ASP D 315 -59.24 -56.26 -15.08
CA ASP D 315 -59.77 -55.47 -13.98
C ASP D 315 -58.81 -54.33 -13.65
N LEU D 316 -59.39 -53.15 -13.37
CA LEU D 316 -58.58 -51.96 -13.12
C LEU D 316 -58.01 -51.92 -11.71
N SER D 317 -58.54 -52.74 -10.80
CA SER D 317 -58.09 -52.70 -9.42
C SER D 317 -56.76 -53.44 -9.25
N TYR D 318 -56.17 -53.27 -8.06
CA TYR D 318 -54.97 -53.98 -7.61
C TYR D 318 -53.81 -53.90 -8.62
N MET D 319 -53.57 -52.70 -9.16
CA MET D 319 -52.23 -52.36 -9.65
C MET D 319 -52.09 -50.86 -9.68
N THR D 320 -50.85 -50.40 -9.81
CA THR D 320 -50.56 -48.98 -9.90
C THR D 320 -51.10 -48.41 -11.20
N LEU D 321 -51.53 -47.14 -11.16
CA LEU D 321 -52.01 -46.48 -12.37
C LEU D 321 -50.93 -46.39 -13.44
N GLN D 322 -49.66 -46.36 -13.02
CA GLN D 322 -48.57 -46.34 -14.00
C GLN D 322 -48.51 -47.65 -14.79
N GLU D 323 -48.95 -48.76 -14.19
CA GLU D 323 -48.96 -50.03 -14.89
C GLU D 323 -49.88 -49.99 -16.11
N ILE D 324 -50.88 -49.11 -16.10
CA ILE D 324 -51.72 -48.93 -17.28
C ILE D 324 -50.89 -48.46 -18.46
N LYS D 325 -50.02 -47.47 -18.23
CA LYS D 325 -49.10 -47.04 -19.27
C LYS D 325 -48.10 -48.13 -19.59
N GLU D 326 -47.60 -48.83 -18.57
CA GLU D 326 -46.64 -49.91 -18.81
C GLU D 326 -47.27 -51.09 -19.53
N ALA D 327 -48.58 -51.29 -19.38
CA ALA D 327 -49.24 -52.40 -20.04
C ALA D 327 -49.21 -52.24 -21.55
N ASN D 328 -48.99 -53.35 -22.25
CA ASN D 328 -48.96 -53.31 -23.71
C ASN D 328 -50.35 -52.98 -24.26
N THR D 329 -50.37 -52.18 -25.32
CA THR D 329 -51.61 -51.73 -25.94
C THR D 329 -51.95 -52.51 -27.20
N GLY D 330 -51.32 -53.66 -27.41
CA GLY D 330 -51.64 -54.52 -28.54
C GLY D 330 -51.44 -53.86 -29.89
N SER D 331 -50.17 -53.54 -30.20
CA SER D 331 -49.81 -52.93 -31.48
C SER D 331 -50.53 -51.60 -31.70
N LYS D 332 -50.80 -50.87 -30.62
CA LYS D 332 -51.50 -49.61 -30.68
C LYS D 332 -50.79 -48.58 -29.81
N VAL D 333 -51.01 -47.30 -30.12
CA VAL D 333 -50.49 -46.19 -29.35
C VAL D 333 -51.58 -45.14 -29.23
N PHE D 334 -51.78 -44.62 -28.01
CA PHE D 334 -52.76 -43.59 -27.74
C PHE D 334 -52.05 -42.36 -27.18
N LEU D 335 -52.30 -41.20 -27.77
CA LEU D 335 -51.59 -39.98 -27.43
C LEU D 335 -52.55 -38.82 -27.25
N LYS D 336 -52.12 -37.85 -26.43
CA LYS D 336 -52.85 -36.62 -26.20
C LYS D 336 -51.87 -35.46 -26.32
N ALA D 337 -52.30 -34.39 -26.99
CA ALA D 337 -51.45 -33.22 -27.18
C ALA D 337 -52.27 -31.95 -26.98
N LYS D 338 -51.66 -30.98 -26.31
CA LYS D 338 -52.27 -29.67 -26.06
C LYS D 338 -51.55 -28.66 -26.92
N ILE D 339 -52.28 -28.00 -27.83
CA ILE D 339 -51.71 -27.03 -28.75
C ILE D 339 -52.60 -25.80 -28.79
N LYS D 340 -52.04 -24.70 -29.31
CA LYS D 340 -52.78 -23.47 -29.50
C LYS D 340 -52.14 -22.70 -30.65
N VAL D 341 -52.97 -22.17 -31.55
CA VAL D 341 -52.48 -21.50 -32.74
C VAL D 341 -52.15 -20.05 -32.39
N LEU D 342 -50.89 -19.66 -32.60
CA LEU D 342 -50.45 -18.29 -32.37
C LEU D 342 -50.46 -17.52 -33.69
N ASP D 343 -51.65 -17.29 -34.20
CA ASP D 343 -51.86 -16.44 -35.36
C ASP D 343 -52.25 -15.07 -34.86
N ALA D 344 -51.45 -14.06 -35.20
CA ALA D 344 -51.59 -12.75 -34.57
C ALA D 344 -52.74 -11.97 -35.18
N MET D 345 -52.83 -10.68 -34.85
CA MET D 345 -54.06 -9.92 -34.97
C MET D 345 -54.05 -9.00 -36.20
N GLU D 346 -55.12 -9.10 -36.98
CA GLU D 346 -55.32 -8.26 -38.16
C GLU D 346 -55.83 -6.87 -37.79
N ASP D 347 -56.59 -6.76 -36.71
CA ASP D 347 -57.24 -5.53 -36.31
C ASP D 347 -56.90 -5.20 -34.86
N ILE D 348 -57.00 -3.92 -34.50
CA ILE D 348 -56.65 -3.44 -33.18
C ILE D 348 -57.66 -2.39 -32.74
N ASP D 349 -57.79 -2.24 -31.41
CA ASP D 349 -58.67 -1.22 -30.84
C ASP D 349 -58.17 -0.88 -29.44
N LEU D 350 -57.47 0.24 -29.32
CA LEU D 350 -56.84 0.64 -28.07
C LEU D 350 -57.54 1.86 -27.48
N SER D 351 -57.21 2.15 -26.22
CA SER D 351 -57.81 3.27 -25.51
C SER D 351 -56.76 4.29 -25.10
N ILE D 352 -57.21 5.53 -24.92
CA ILE D 352 -56.35 6.65 -24.54
C ILE D 352 -56.81 7.13 -23.17
N GLU D 353 -56.03 8.00 -22.54
CA GLU D 353 -56.50 8.69 -21.34
C GLU D 353 -56.39 10.20 -21.54
N ILE E 3 19.22 -103.76 18.64
CA ILE E 3 19.75 -103.81 20.00
C ILE E 3 21.27 -103.61 19.97
N GLY E 4 21.88 -103.92 18.83
CA GLY E 4 23.30 -103.78 18.67
C GLY E 4 23.65 -102.58 17.82
N LEU E 5 24.22 -101.55 18.47
CA LEU E 5 24.55 -100.28 17.86
C LEU E 5 23.34 -99.72 17.13
N PRO E 6 22.33 -99.24 17.87
CA PRO E 6 21.15 -98.70 17.20
C PRO E 6 21.42 -97.34 16.59
N SER E 7 21.35 -97.29 15.26
CA SER E 7 21.47 -96.05 14.51
C SER E 7 20.38 -96.03 13.45
N ILE E 8 19.21 -95.51 13.82
CA ILE E 8 18.05 -95.52 12.95
C ILE E 8 18.33 -94.65 11.74
N ASN E 9 17.98 -95.14 10.56
CA ASN E 9 18.24 -94.47 9.30
C ASN E 9 17.17 -93.41 9.07
N ILE E 10 17.55 -92.36 8.34
CA ILE E 10 16.63 -91.28 7.98
C ILE E 10 16.38 -91.35 6.48
N SER E 11 15.14 -91.62 6.10
CA SER E 11 14.76 -91.74 4.70
C SER E 11 13.42 -91.06 4.49
N PHE E 12 13.00 -90.99 3.24
CA PHE E 12 11.77 -90.29 2.85
C PHE E 12 10.85 -91.20 2.07
N LYS E 13 9.54 -91.03 2.28
CA LYS E 13 8.55 -91.61 1.38
C LYS E 13 7.92 -90.50 0.55
N GLU E 14 8.04 -90.63 -0.77
CA GLU E 14 7.52 -89.61 -1.67
C GLU E 14 6.00 -89.60 -1.63
N LEU E 15 5.41 -88.41 -1.72
CA LEU E 15 3.97 -88.24 -1.61
C LEU E 15 3.32 -88.43 -2.97
N ALA E 16 2.58 -89.52 -3.12
CA ALA E 16 1.79 -89.78 -4.32
C ALA E 16 0.32 -89.71 -3.95
N THR E 17 -0.49 -89.26 -4.90
CA THR E 17 -1.92 -89.11 -4.65
C THR E 17 -2.55 -90.47 -4.35
N THR E 18 -3.21 -90.56 -3.19
CA THR E 18 -3.85 -91.81 -2.80
C THR E 18 -5.05 -92.09 -3.70
N VAL E 19 -5.12 -93.33 -4.19
CA VAL E 19 -6.18 -93.75 -5.10
C VAL E 19 -6.86 -94.97 -4.52
N LYS E 20 -8.19 -94.89 -4.34
CA LYS E 20 -8.95 -96.04 -3.90
C LYS E 20 -8.97 -97.10 -4.99
N GLU E 21 -8.77 -98.36 -4.59
CA GLU E 21 -8.71 -99.48 -5.52
C GLU E 21 -10.00 -100.29 -5.41
N ARG E 22 -10.66 -100.47 -6.55
CA ARG E 22 -11.90 -101.25 -6.62
C ARG E 22 -11.86 -102.10 -7.88
N SER E 23 -12.91 -102.89 -8.09
CA SER E 23 -12.98 -103.74 -9.25
C SER E 23 -13.03 -102.91 -10.53
N ALA E 24 -12.24 -103.33 -11.53
CA ALA E 24 -12.21 -102.61 -12.80
C ALA E 24 -13.56 -102.71 -13.50
N ARG E 25 -13.97 -101.61 -14.12
CA ARG E 25 -15.24 -101.53 -14.80
C ARG E 25 -15.05 -101.04 -16.23
N GLY E 26 -15.94 -101.46 -17.11
CA GLY E 26 -15.89 -101.06 -18.50
C GLY E 26 -14.89 -101.80 -19.37
N ILE E 27 -14.21 -102.82 -18.83
CA ILE E 27 -13.24 -103.56 -19.62
C ILE E 27 -13.98 -104.41 -20.65
N ILE E 28 -13.30 -104.66 -21.77
CA ILE E 28 -13.86 -105.45 -22.87
C ILE E 28 -13.07 -106.74 -22.99
N ALA E 29 -13.76 -107.86 -23.01
CA ALA E 29 -13.15 -109.16 -23.28
C ALA E 29 -13.43 -109.51 -24.73
N MET E 30 -12.36 -109.60 -25.53
CA MET E 30 -12.46 -109.82 -26.97
C MET E 30 -12.05 -111.25 -27.28
N VAL E 31 -12.96 -112.01 -27.88
CA VAL E 31 -12.72 -113.40 -28.25
C VAL E 31 -12.98 -113.55 -29.74
N LEU E 32 -12.07 -114.24 -30.43
CA LEU E 32 -12.12 -114.34 -31.88
C LEU E 32 -11.36 -115.57 -32.33
N LYS E 33 -11.69 -116.04 -33.54
CA LYS E 33 -11.11 -117.25 -34.10
C LYS E 33 -10.18 -116.91 -35.25
N ASP E 34 -9.03 -117.58 -35.28
CA ASP E 34 -8.06 -117.45 -36.36
C ASP E 34 -7.16 -118.67 -36.37
N ALA E 35 -6.48 -118.86 -37.51
CA ALA E 35 -5.55 -119.97 -37.69
C ALA E 35 -4.09 -119.55 -37.52
N LYS E 36 -3.83 -118.32 -37.12
CA LYS E 36 -2.48 -117.80 -36.98
C LYS E 36 -2.23 -117.41 -35.53
N ALA E 37 -1.12 -117.88 -34.97
CA ALA E 37 -0.64 -117.49 -33.65
C ALA E 37 -1.75 -117.55 -32.60
N LEU E 38 -2.22 -118.77 -32.37
CA LEU E 38 -3.29 -119.01 -31.40
C LEU E 38 -2.87 -118.54 -30.01
N GLY E 39 -3.78 -117.83 -29.36
CA GLY E 39 -3.54 -117.31 -28.02
C GLY E 39 -4.04 -115.89 -27.86
N LEU E 40 -4.18 -115.48 -26.60
CA LEU E 40 -4.66 -114.15 -26.28
C LEU E 40 -3.60 -113.10 -26.63
N ASN E 41 -4.08 -111.91 -27.03
CA ASN E 41 -3.20 -110.87 -27.54
C ASN E 41 -2.96 -109.74 -26.54
N GLU E 42 -3.84 -109.57 -25.55
CA GLU E 42 -3.75 -108.54 -24.50
C GLU E 42 -3.29 -107.20 -25.08
N ILE E 43 -4.10 -106.67 -25.98
CA ILE E 43 -3.75 -105.41 -26.69
C ILE E 43 -4.22 -104.27 -25.79
N HIS E 44 -3.36 -103.89 -24.85
CA HIS E 44 -3.63 -102.72 -24.03
C HIS E 44 -3.23 -101.44 -24.75
N GLU E 45 -2.12 -101.49 -25.50
CA GLU E 45 -1.67 -100.32 -26.25
C GLU E 45 -2.61 -100.06 -27.43
N LYS E 46 -2.84 -98.78 -27.71
CA LYS E 46 -3.78 -98.40 -28.75
C LYS E 46 -3.15 -98.50 -30.13
N GLU E 47 -3.98 -98.87 -31.11
CA GLU E 47 -3.58 -98.96 -32.52
C GLU E 47 -2.40 -99.91 -32.71
N ASP E 48 -2.53 -101.10 -32.14
CA ASP E 48 -1.56 -102.18 -32.33
C ASP E 48 -2.29 -103.40 -32.86
N ILE E 49 -1.92 -103.85 -34.05
CA ILE E 49 -2.54 -105.00 -34.70
C ILE E 49 -1.50 -106.11 -34.78
N PRO E 50 -1.62 -107.16 -33.97
CA PRO E 50 -0.71 -108.30 -34.11
C PRO E 50 -0.94 -109.01 -35.45
N VAL E 51 0.13 -109.64 -35.95
CA VAL E 51 0.08 -110.27 -37.27
C VAL E 51 -0.90 -111.43 -37.31
N ASP E 52 -1.27 -111.97 -36.15
CA ASP E 52 -2.20 -113.11 -36.14
C ASP E 52 -3.57 -112.72 -36.69
N LEU E 53 -4.05 -111.53 -36.34
CA LEU E 53 -5.39 -111.11 -36.70
C LEU E 53 -5.44 -110.59 -38.13
N SER E 54 -6.49 -110.97 -38.85
CA SER E 54 -6.61 -110.71 -40.28
C SER E 54 -7.16 -109.31 -40.53
N ALA E 55 -7.47 -109.01 -41.80
CA ALA E 55 -7.96 -107.68 -42.17
C ALA E 55 -9.30 -107.38 -41.53
N GLU E 56 -10.24 -108.34 -41.57
CA GLU E 56 -11.52 -108.14 -40.89
C GLU E 56 -11.31 -108.00 -39.39
N ASN E 57 -10.41 -108.81 -38.82
CA ASN E 57 -10.07 -108.66 -37.41
C ASN E 57 -9.37 -107.34 -37.15
N LYS E 58 -8.56 -106.86 -38.09
CA LYS E 58 -7.95 -105.54 -37.96
C LYS E 58 -9.03 -104.46 -37.89
N GLU E 59 -10.04 -104.55 -38.75
CA GLU E 59 -11.15 -103.60 -38.70
C GLU E 59 -11.91 -103.73 -37.39
N TYR E 60 -12.05 -104.94 -36.87
CA TYR E 60 -12.67 -105.14 -35.56
C TYR E 60 -11.90 -104.40 -34.48
N ILE E 61 -10.57 -104.53 -34.48
CA ILE E 61 -9.74 -103.83 -33.50
C ILE E 61 -9.91 -102.32 -33.66
N ASN E 62 -9.88 -101.83 -34.89
CA ASN E 62 -10.01 -100.39 -35.11
C ASN E 62 -11.36 -99.88 -34.61
N LEU E 63 -12.43 -100.63 -34.87
CA LEU E 63 -13.75 -100.23 -34.38
C LEU E 63 -13.81 -100.24 -32.86
N ALA E 64 -13.23 -101.27 -32.23
CA ALA E 64 -13.33 -101.40 -30.79
C ALA E 64 -12.50 -100.35 -30.06
N LEU E 65 -11.31 -100.03 -30.60
CA LEU E 65 -10.41 -99.12 -29.90
C LEU E 65 -11.01 -97.73 -29.76
N MET E 66 -11.62 -97.21 -30.81
CA MET E 66 -12.18 -95.87 -30.77
C MET E 66 -13.62 -95.91 -30.27
N GLY E 67 -13.97 -94.92 -29.45
CA GLY E 67 -15.28 -94.84 -28.86
C GLY E 67 -15.87 -93.45 -28.99
N ASN E 68 -17.08 -93.29 -28.46
CA ASN E 68 -17.78 -92.01 -28.55
C ASN E 68 -17.04 -90.94 -27.77
N VAL E 69 -16.69 -91.22 -26.51
CA VAL E 69 -16.09 -90.25 -25.61
C VAL E 69 -14.62 -90.58 -25.33
N ASN E 70 -14.34 -91.79 -24.86
CA ASN E 70 -12.99 -92.19 -24.50
C ASN E 70 -12.71 -93.58 -25.04
N THR E 71 -11.43 -93.86 -25.24
CA THR E 71 -11.00 -95.21 -25.59
C THR E 71 -11.28 -96.15 -24.42
N PRO E 72 -11.76 -97.37 -24.68
CA PRO E 72 -11.94 -98.33 -23.60
C PRO E 72 -10.62 -98.59 -22.87
N ASN E 73 -10.73 -98.79 -21.56
CA ASN E 73 -9.54 -98.84 -20.70
C ASN E 73 -8.60 -99.96 -21.12
N LYS E 74 -9.12 -101.18 -21.25
CA LYS E 74 -8.29 -102.33 -21.58
C LYS E 74 -9.01 -103.18 -22.63
N LEU E 75 -8.24 -103.69 -23.59
CA LEU E 75 -8.75 -104.59 -24.61
C LEU E 75 -7.95 -105.88 -24.57
N LEU E 76 -8.64 -107.01 -24.50
CA LEU E 76 -8.02 -108.33 -24.39
C LEU E 76 -8.56 -109.21 -25.51
N VAL E 77 -7.80 -109.33 -26.59
CA VAL E 77 -8.21 -110.08 -27.77
C VAL E 77 -7.62 -111.49 -27.69
N TYR E 78 -8.45 -112.50 -27.94
CA TYR E 78 -8.04 -113.89 -27.89
C TYR E 78 -8.09 -114.50 -29.29
N VAL E 79 -7.12 -115.36 -29.60
CA VAL E 79 -7.02 -116.01 -30.90
C VAL E 79 -6.91 -117.51 -30.69
N ILE E 80 -7.78 -118.26 -31.37
CA ILE E 80 -7.75 -119.72 -31.39
C ILE E 80 -8.38 -120.18 -32.69
N GLU E 81 -8.17 -121.47 -33.02
CA GLU E 81 -8.77 -122.04 -34.22
C GLU E 81 -10.29 -121.97 -34.15
N GLY E 82 -10.93 -121.97 -35.33
CA GLY E 82 -12.37 -121.79 -35.38
C GLY E 82 -13.13 -122.85 -34.60
N GLU E 83 -12.64 -124.08 -34.62
CA GLU E 83 -13.30 -125.15 -33.87
C GLU E 83 -13.13 -124.93 -32.37
N ALA E 84 -14.16 -125.29 -31.61
CA ALA E 84 -14.17 -125.22 -30.15
C ALA E 84 -13.88 -123.79 -29.66
N ASP E 85 -14.47 -122.80 -30.33
CA ASP E 85 -14.38 -121.43 -29.84
C ASP E 85 -15.06 -121.28 -28.49
N ILE E 86 -16.23 -121.90 -28.33
CA ILE E 86 -17.03 -121.70 -27.13
C ILE E 86 -16.32 -122.22 -25.89
N GLN E 87 -15.69 -123.41 -25.97
CA GLN E 87 -15.05 -123.99 -24.80
C GLN E 87 -13.88 -123.13 -24.32
N THR E 88 -13.00 -122.75 -25.25
CA THR E 88 -11.84 -121.94 -24.85
C THR E 88 -12.26 -120.54 -24.42
N ALA E 89 -13.29 -119.97 -25.04
CA ALA E 89 -13.79 -118.68 -24.61
C ALA E 89 -14.32 -118.76 -23.18
N LEU E 90 -15.08 -119.81 -22.89
CA LEU E 90 -15.59 -120.01 -21.53
C LEU E 90 -14.45 -120.17 -20.53
N ASP E 91 -13.44 -120.97 -20.88
CA ASP E 91 -12.32 -121.18 -19.97
C ASP E 91 -11.57 -119.88 -19.70
N PHE E 92 -11.29 -119.11 -20.76
CA PHE E 92 -10.53 -117.88 -20.59
C PHE E 92 -11.34 -116.84 -19.82
N LEU E 93 -12.65 -116.75 -20.05
CA LEU E 93 -13.48 -115.82 -19.31
C LEU E 93 -13.62 -116.24 -17.85
N GLU E 94 -13.60 -117.55 -17.58
CA GLU E 94 -13.58 -118.01 -16.20
C GLU E 94 -12.25 -117.67 -15.53
N THR E 95 -11.15 -117.73 -16.29
CA THR E 95 -9.84 -117.46 -15.71
C THR E 95 -9.72 -116.02 -15.22
N LYS E 96 -10.21 -115.06 -16.00
CA LYS E 96 -10.06 -113.64 -15.70
C LYS E 96 -11.40 -112.94 -15.85
N GLU E 97 -11.68 -112.02 -14.91
CA GLU E 97 -12.95 -111.31 -14.92
C GLU E 97 -13.03 -110.36 -16.11
N PHE E 98 -14.26 -109.95 -16.43
CA PHE E 98 -14.50 -109.09 -17.58
C PHE E 98 -15.80 -108.33 -17.35
N ASN E 99 -16.01 -107.30 -18.18
CA ASN E 99 -17.24 -106.51 -18.15
C ASN E 99 -18.02 -106.53 -19.45
N TYR E 100 -17.35 -106.72 -20.59
CA TYR E 100 -18.00 -106.77 -21.88
C TYR E 100 -17.51 -107.98 -22.67
N LEU E 101 -18.38 -108.52 -23.51
CA LEU E 101 -18.06 -109.71 -24.30
C LEU E 101 -18.70 -109.58 -25.67
N CYS E 102 -17.96 -110.03 -26.70
CA CYS E 102 -18.47 -109.98 -28.06
C CYS E 102 -17.72 -111.00 -28.91
N MET E 103 -18.47 -111.85 -29.61
CA MET E 103 -17.88 -112.84 -30.52
C MET E 103 -18.25 -112.50 -31.96
N PRO E 104 -17.28 -112.10 -32.78
CA PRO E 104 -17.61 -111.77 -34.18
C PRO E 104 -18.22 -112.91 -34.97
N LYS E 105 -17.82 -114.15 -34.71
CA LYS E 105 -18.25 -115.28 -35.51
C LYS E 105 -19.16 -116.23 -34.73
N ALA E 106 -19.92 -115.70 -33.77
CA ALA E 106 -20.84 -116.55 -33.02
C ALA E 106 -22.12 -116.78 -33.82
N VAL E 107 -22.40 -118.04 -34.12
CA VAL E 107 -23.65 -118.43 -34.76
C VAL E 107 -24.77 -118.31 -33.74
N GLU E 108 -26.02 -118.43 -34.20
CA GLU E 108 -27.15 -118.32 -33.28
C GLU E 108 -27.06 -119.33 -32.16
N ALA E 109 -26.62 -120.55 -32.47
CA ALA E 109 -26.38 -121.54 -31.42
C ALA E 109 -25.25 -121.10 -30.50
N ASP E 110 -24.18 -120.55 -31.07
CA ASP E 110 -23.08 -120.04 -30.25
C ASP E 110 -23.53 -118.88 -29.38
N LYS E 111 -24.35 -117.98 -29.94
CA LYS E 111 -24.87 -116.86 -29.16
C LYS E 111 -25.76 -117.35 -28.02
N THR E 112 -26.59 -118.35 -28.30
CA THR E 112 -27.45 -118.91 -27.25
C THR E 112 -26.61 -119.56 -26.15
N ALA E 113 -25.58 -120.30 -26.52
CA ALA E 113 -24.69 -120.89 -25.52
C ALA E 113 -23.99 -119.82 -24.70
N ILE E 114 -23.54 -118.74 -25.35
CA ILE E 114 -22.92 -117.64 -24.64
C ILE E 114 -23.88 -117.03 -23.65
N LYS E 115 -25.13 -116.80 -24.07
CA LYS E 115 -26.13 -116.21 -23.18
C LYS E 115 -26.42 -117.13 -22.00
N ASN E 116 -26.53 -118.44 -22.24
CA ASN E 116 -26.78 -119.38 -21.16
C ASN E 116 -25.62 -119.38 -20.16
N TRP E 117 -24.38 -119.36 -20.66
CA TRP E 117 -23.24 -119.31 -19.76
C TRP E 117 -23.21 -118.01 -18.97
N ILE E 118 -23.53 -116.90 -19.62
CA ILE E 118 -23.59 -115.61 -18.95
C ILE E 118 -24.60 -115.64 -17.81
N ILE E 119 -25.81 -116.13 -18.08
CA ILE E 119 -26.84 -116.12 -17.05
C ILE E 119 -26.49 -117.11 -15.94
N LYS E 120 -25.87 -118.24 -16.29
CA LYS E 120 -25.47 -119.20 -15.28
C LYS E 120 -24.44 -118.62 -14.33
N LEU E 121 -23.44 -117.91 -14.86
CA LEU E 121 -22.44 -117.30 -13.97
C LEU E 121 -22.99 -116.08 -13.27
N ARG E 122 -23.97 -115.39 -13.84
CA ARG E 122 -24.62 -114.30 -13.12
C ARG E 122 -25.40 -114.83 -11.92
N ASP E 123 -26.01 -116.00 -12.07
CA ASP E 123 -26.72 -116.61 -10.94
C ASP E 123 -25.74 -117.14 -9.90
N ILE E 124 -24.70 -117.86 -10.34
CA ILE E 124 -23.78 -118.50 -9.39
C ILE E 124 -22.92 -117.45 -8.68
N ASP E 125 -22.29 -116.56 -9.45
CA ASP E 125 -21.37 -115.58 -8.92
C ASP E 125 -22.05 -114.35 -8.34
N LYS E 126 -23.37 -114.21 -8.56
CA LYS E 126 -24.18 -113.06 -8.14
C LYS E 126 -23.78 -111.77 -8.84
N VAL E 127 -22.77 -111.80 -9.71
CA VAL E 127 -22.30 -110.61 -10.41
C VAL E 127 -22.95 -110.60 -11.78
N LYS E 128 -23.64 -109.51 -12.10
CA LYS E 128 -24.37 -109.38 -13.35
C LYS E 128 -23.47 -108.76 -14.41
N VAL E 129 -23.43 -109.38 -15.59
CA VAL E 129 -22.58 -108.94 -16.69
C VAL E 129 -23.44 -108.80 -17.94
N LYS E 130 -22.91 -108.08 -18.92
CA LYS E 130 -23.63 -107.76 -20.15
C LYS E 130 -22.89 -108.33 -21.36
N ALA E 131 -23.67 -108.72 -22.37
CA ALA E 131 -23.14 -109.21 -23.63
C ALA E 131 -23.87 -108.53 -24.77
N VAL E 132 -23.12 -108.11 -25.78
CA VAL E 132 -23.69 -107.45 -26.95
C VAL E 132 -23.69 -108.46 -28.10
N LEU E 133 -24.87 -108.79 -28.60
CA LEU E 133 -25.04 -109.80 -29.63
C LEU E 133 -25.97 -109.29 -30.72
N GLY E 134 -25.85 -109.89 -31.90
CA GLY E 134 -26.57 -109.42 -33.06
C GLY E 134 -28.05 -109.69 -33.06
N LYS E 135 -28.45 -110.97 -32.96
CA LYS E 135 -29.85 -111.37 -33.04
C LYS E 135 -30.13 -112.39 -31.94
N VAL E 136 -30.57 -111.90 -30.78
CA VAL E 136 -30.94 -112.75 -29.65
C VAL E 136 -32.30 -112.29 -29.14
N VAL E 137 -33.27 -113.21 -29.12
CA VAL E 137 -34.61 -112.91 -28.63
C VAL E 137 -34.80 -113.44 -27.20
N GLY E 138 -33.71 -113.70 -26.50
CA GLY E 138 -33.80 -114.30 -25.18
C GLY E 138 -34.43 -113.37 -24.14
N ASN E 139 -34.77 -113.98 -23.01
CA ASN E 139 -35.45 -113.30 -21.92
C ASN E 139 -34.50 -112.85 -20.83
N HIS E 140 -33.31 -112.40 -21.20
CA HIS E 140 -32.29 -111.97 -20.24
C HIS E 140 -31.98 -110.50 -20.44
N GLU E 141 -31.72 -109.80 -19.32
CA GLU E 141 -31.53 -108.37 -19.35
C GLU E 141 -30.09 -107.96 -19.67
N GLY E 142 -29.11 -108.73 -19.19
CA GLY E 142 -27.73 -108.37 -19.44
C GLY E 142 -27.35 -108.41 -20.90
N ILE E 143 -27.82 -109.44 -21.61
CA ILE E 143 -27.55 -109.54 -23.04
C ILE E 143 -28.24 -108.39 -23.77
N ILE E 144 -27.64 -107.96 -24.89
CA ILE E 144 -28.13 -106.84 -25.67
C ILE E 144 -28.36 -107.31 -27.10
N ASN E 145 -29.53 -106.99 -27.64
CA ASN E 145 -29.92 -107.38 -28.99
C ASN E 145 -29.86 -106.16 -29.89
N PHE E 146 -29.18 -106.30 -31.03
CA PHE E 146 -29.01 -105.21 -32.00
C PHE E 146 -29.50 -105.71 -33.35
N THR E 147 -30.81 -105.57 -33.58
CA THR E 147 -31.43 -106.05 -34.83
C THR E 147 -31.43 -104.94 -35.88
N THR E 148 -30.24 -104.69 -36.41
CA THR E 148 -30.04 -103.69 -37.46
C THR E 148 -29.12 -104.31 -38.52
N GLU E 149 -29.73 -104.85 -39.57
CA GLU E 149 -28.99 -105.48 -40.64
C GLU E 149 -28.77 -104.49 -41.79
N ASP E 150 -27.89 -104.90 -42.72
CA ASP E 150 -27.57 -104.10 -43.90
C ASP E 150 -27.04 -102.71 -43.51
N VAL E 151 -26.22 -102.66 -42.47
CA VAL E 151 -25.64 -101.40 -42.04
C VAL E 151 -24.53 -100.98 -42.99
N LEU E 152 -24.57 -99.72 -43.43
CA LEU E 152 -23.59 -99.17 -44.35
C LEU E 152 -22.81 -98.08 -43.62
N VAL E 153 -21.62 -98.41 -43.15
CA VAL E 153 -20.79 -97.50 -42.37
C VAL E 153 -19.60 -97.10 -43.24
N GLY E 154 -19.54 -95.83 -43.60
CA GLY E 154 -18.44 -95.32 -44.40
C GLY E 154 -18.30 -95.98 -45.76
N GLU E 155 -19.43 -96.26 -46.42
CA GLU E 155 -19.45 -96.92 -47.72
C GLU E 155 -18.70 -98.25 -47.66
N LYS E 156 -19.15 -99.13 -46.77
CA LYS E 156 -18.57 -100.45 -46.61
C LYS E 156 -19.61 -101.38 -46.00
N LYS E 157 -19.71 -102.59 -46.55
CA LYS E 157 -20.66 -103.57 -46.04
C LYS E 157 -20.18 -104.07 -44.69
N TYR E 158 -20.98 -103.84 -43.66
CA TYR E 158 -20.66 -104.27 -42.30
C TYR E 158 -21.64 -105.33 -41.85
N SER E 159 -21.12 -106.43 -41.31
CA SER E 159 -21.98 -107.45 -40.75
C SER E 159 -22.62 -106.96 -39.46
N VAL E 160 -23.66 -107.66 -39.04
CA VAL E 160 -24.35 -107.30 -37.80
C VAL E 160 -23.41 -107.42 -36.61
N ASP E 161 -22.62 -108.50 -36.56
CA ASP E 161 -21.72 -108.72 -35.44
C ASP E 161 -20.63 -107.65 -35.39
N GLU E 162 -20.17 -107.18 -36.56
CA GLU E 162 -19.19 -106.10 -36.60
C GLU E 162 -19.72 -104.86 -35.88
N PHE E 163 -20.94 -104.45 -36.20
CA PHE E 163 -21.47 -103.25 -35.59
C PHE E 163 -21.88 -103.49 -34.13
N THR E 164 -22.23 -104.72 -33.77
CA THR E 164 -22.46 -105.00 -32.35
C THR E 164 -21.17 -104.85 -31.55
N SER E 165 -20.06 -105.32 -32.09
CA SER E 165 -18.77 -105.11 -31.43
C SER E 165 -18.43 -103.62 -31.37
N ARG E 166 -18.72 -102.89 -32.45
CA ARG E 166 -18.49 -101.44 -32.44
C ARG E 166 -19.32 -100.76 -31.35
N VAL E 167 -20.59 -101.15 -31.22
CA VAL E 167 -21.46 -100.55 -30.22
C VAL E 167 -21.00 -100.92 -28.82
N ALA E 168 -20.52 -102.16 -28.64
CA ALA E 168 -19.97 -102.55 -27.34
C ALA E 168 -18.76 -101.70 -26.97
N GLY E 169 -17.87 -101.47 -27.93
CA GLY E 169 -16.73 -100.60 -27.67
C GLY E 169 -17.16 -99.18 -27.35
N LEU E 170 -18.16 -98.67 -28.07
CA LEU E 170 -18.68 -97.33 -27.81
C LEU E 170 -19.27 -97.23 -26.40
N ILE E 171 -20.04 -98.23 -26.00
CA ILE E 171 -20.65 -98.23 -24.67
C ILE E 171 -19.58 -98.31 -23.59
N ALA E 172 -18.57 -99.16 -23.79
CA ALA E 172 -17.46 -99.22 -22.84
C ALA E 172 -16.73 -97.89 -22.76
N GLY E 173 -16.60 -97.18 -23.87
CA GLY E 173 -16.02 -95.85 -23.84
C GLY E 173 -16.95 -94.77 -23.33
N THR E 174 -18.23 -95.08 -23.21
CA THR E 174 -19.20 -94.10 -22.71
C THR E 174 -19.11 -94.01 -21.20
N PRO E 175 -18.93 -92.82 -20.64
CA PRO E 175 -18.87 -92.68 -19.18
C PRO E 175 -20.23 -92.89 -18.55
N LEU E 176 -20.21 -93.13 -17.23
CA LEU E 176 -21.45 -93.35 -16.49
C LEU E 176 -22.34 -92.12 -16.46
N SER E 177 -21.77 -90.92 -16.60
CA SER E 177 -22.59 -89.72 -16.66
C SER E 177 -23.39 -89.65 -17.95
N GLN E 178 -22.82 -90.13 -19.05
CA GLN E 178 -23.48 -90.07 -20.35
C GLN E 178 -24.34 -91.30 -20.58
N SER E 179 -25.37 -91.13 -21.40
CA SER E 179 -26.29 -92.20 -21.76
C SER E 179 -26.18 -92.50 -23.25
N VAL E 180 -26.36 -93.78 -23.59
CA VAL E 180 -26.23 -94.22 -24.97
C VAL E 180 -27.39 -93.78 -25.84
N THR E 181 -28.46 -93.26 -25.26
CA THR E 181 -29.59 -92.80 -26.04
C THR E 181 -29.21 -91.57 -26.87
N TYR E 182 -29.66 -91.57 -28.13
CA TYR E 182 -29.45 -90.43 -29.04
C TYR E 182 -27.97 -90.07 -29.19
N THR E 183 -27.12 -91.07 -29.38
CA THR E 183 -25.70 -90.85 -29.64
C THR E 183 -25.43 -90.95 -31.14
N LYS E 184 -24.84 -89.89 -31.69
CA LYS E 184 -24.59 -89.81 -33.12
C LYS E 184 -23.39 -90.66 -33.52
N LEU E 185 -23.48 -91.27 -34.70
CA LEU E 185 -22.39 -92.04 -35.29
C LEU E 185 -21.95 -91.34 -36.57
N SER E 186 -20.78 -90.69 -36.52
CA SER E 186 -20.28 -89.98 -37.70
C SER E 186 -19.83 -90.95 -38.79
N ASP E 187 -19.27 -92.09 -38.40
CA ASP E 187 -18.76 -93.04 -39.40
C ASP E 187 -19.88 -93.61 -40.25
N VAL E 188 -21.04 -93.86 -39.65
CA VAL E 188 -22.15 -94.46 -40.39
C VAL E 188 -22.69 -93.46 -41.39
N VAL E 189 -22.84 -93.91 -42.64
CA VAL E 189 -23.30 -93.04 -43.71
C VAL E 189 -24.73 -93.34 -44.15
N ASP E 190 -25.15 -94.60 -44.15
CA ASP E 190 -26.48 -94.96 -44.61
C ASP E 190 -26.99 -96.15 -43.83
N ILE E 191 -28.30 -96.13 -43.53
CA ILE E 191 -28.99 -97.25 -42.91
C ILE E 191 -30.26 -97.51 -43.70
N PRO E 192 -30.81 -98.72 -43.68
CA PRO E 192 -32.05 -98.99 -44.43
C PRO E 192 -33.19 -98.11 -43.94
N LYS E 193 -34.00 -97.64 -44.89
CA LYS E 193 -35.14 -96.80 -44.56
C LYS E 193 -36.22 -97.63 -43.87
N MET E 194 -36.76 -97.08 -42.79
CA MET E 194 -37.75 -97.80 -42.00
C MET E 194 -38.59 -96.81 -41.21
N THR E 195 -39.85 -97.18 -40.96
CA THR E 195 -40.80 -96.29 -40.32
C THR E 195 -40.49 -96.12 -38.84
N LYS E 196 -40.81 -94.93 -38.32
CA LYS E 196 -40.59 -94.66 -36.90
C LYS E 196 -41.51 -95.50 -36.02
N VAL E 197 -42.67 -95.89 -36.54
CA VAL E 197 -43.55 -96.79 -35.79
C VAL E 197 -42.88 -98.12 -35.56
N ASP E 198 -42.20 -98.65 -36.58
CA ASP E 198 -41.45 -99.89 -36.42
C ASP E 198 -40.33 -99.71 -35.39
N ALA E 199 -39.67 -98.55 -35.40
CA ALA E 199 -38.63 -98.29 -34.41
C ALA E 199 -39.19 -98.28 -33.00
N GLU E 200 -40.35 -97.64 -32.80
CA GLU E 200 -40.98 -97.63 -31.49
C GLU E 200 -41.37 -99.03 -31.05
N SER E 201 -41.92 -99.82 -31.98
CA SER E 201 -42.28 -101.20 -31.65
C SER E 201 -41.05 -102.02 -31.27
N ARG E 202 -39.95 -101.85 -32.00
CA ARG E 202 -38.73 -102.58 -31.69
C ARG E 202 -38.18 -102.17 -30.32
N VAL E 203 -38.24 -100.87 -30.01
CA VAL E 203 -37.78 -100.41 -28.70
C VAL E 203 -38.67 -100.99 -27.60
N ASN E 204 -39.97 -101.04 -27.83
CA ASN E 204 -40.86 -101.68 -26.86
C ASN E 204 -40.51 -103.15 -26.67
N LYS E 205 -40.16 -103.84 -27.76
CA LYS E 205 -39.66 -105.20 -27.64
C LYS E 205 -38.32 -105.23 -26.92
N GLY E 206 -37.56 -104.14 -27.01
CA GLY E 206 -36.25 -104.03 -26.38
C GLY E 206 -35.08 -104.07 -27.33
N GLU E 207 -35.30 -104.31 -28.62
CA GLU E 207 -34.21 -104.39 -29.58
C GLU E 207 -33.58 -103.01 -29.79
N LEU E 208 -32.26 -102.97 -29.88
CA LEU E 208 -31.53 -101.74 -30.13
C LEU E 208 -31.29 -101.59 -31.62
N ILE E 209 -31.64 -100.42 -32.16
CA ILE E 209 -31.51 -100.15 -33.59
C ILE E 209 -30.99 -98.74 -33.82
N LEU E 210 -30.57 -98.50 -35.05
CA LEU E 210 -30.17 -97.16 -35.48
C LEU E 210 -31.37 -96.39 -36.01
N ILE E 211 -31.33 -95.07 -35.85
CA ILE E 211 -32.39 -94.19 -36.33
C ILE E 211 -31.77 -92.94 -36.93
N LYS E 212 -32.44 -92.41 -37.94
CA LYS E 212 -32.02 -91.16 -38.60
C LYS E 212 -32.76 -90.00 -37.95
N GLU E 213 -32.05 -89.24 -37.12
CA GLU E 213 -32.66 -88.11 -36.43
C GLU E 213 -31.64 -86.98 -36.31
N ALA E 214 -32.16 -85.76 -36.24
CA ALA E 214 -31.33 -84.55 -36.15
C ALA E 214 -30.34 -84.47 -37.30
N GLY E 215 -30.78 -84.91 -38.48
CA GLY E 215 -29.91 -84.91 -39.65
C GLY E 215 -28.70 -85.81 -39.51
N ALA E 216 -28.84 -86.92 -38.78
CA ALA E 216 -27.74 -87.84 -38.57
C ALA E 216 -28.31 -89.20 -38.17
N ILE E 217 -27.46 -90.22 -38.22
CA ILE E 217 -27.82 -91.57 -37.81
C ILE E 217 -27.38 -91.75 -36.38
N ARG E 218 -28.35 -91.97 -35.48
CA ARG E 218 -28.09 -91.98 -34.04
C ARG E 218 -28.69 -93.24 -33.43
N ILE E 219 -28.16 -93.62 -32.27
CA ILE E 219 -28.66 -94.76 -31.53
C ILE E 219 -30.08 -94.45 -31.05
N ALA E 220 -31.00 -95.38 -31.29
CA ALA E 220 -32.39 -95.16 -30.89
C ALA E 220 -32.54 -95.15 -29.38
N ARG E 221 -32.22 -96.28 -28.73
CA ARG E 221 -32.47 -96.41 -27.30
C ARG E 221 -31.42 -97.30 -26.68
N GLY E 222 -31.40 -97.31 -25.35
CA GLY E 222 -30.49 -98.17 -24.60
C GLY E 222 -31.23 -99.22 -23.80
N VAL E 223 -32.39 -99.66 -24.31
CA VAL E 223 -33.18 -100.66 -23.60
C VAL E 223 -32.50 -102.02 -23.71
N ASN E 224 -32.74 -102.86 -22.71
CA ASN E 224 -32.18 -104.20 -22.68
C ASN E 224 -32.90 -105.10 -23.68
N SER E 225 -32.26 -106.22 -24.01
CA SER E 225 -32.85 -107.18 -24.94
C SER E 225 -33.96 -108.01 -24.32
N LEU E 226 -34.09 -107.98 -22.99
CA LEU E 226 -35.12 -108.76 -22.32
C LEU E 226 -36.50 -108.25 -22.73
N THR E 227 -37.41 -109.17 -23.00
CA THR E 227 -38.71 -108.79 -23.56
C THR E 227 -39.67 -108.29 -22.50
N GLU E 228 -40.03 -109.13 -21.53
CA GLU E 228 -41.04 -108.81 -20.53
C GLU E 228 -40.38 -108.88 -19.15
N LEU E 229 -40.05 -107.72 -18.59
CA LEU E 229 -39.43 -107.67 -17.27
C LEU E 229 -40.44 -108.02 -16.19
N THR E 230 -39.93 -108.58 -15.09
CA THR E 230 -40.78 -108.85 -13.95
C THR E 230 -41.14 -107.55 -13.24
N ALA E 231 -42.25 -107.60 -12.48
CA ALA E 231 -42.72 -106.41 -11.77
C ALA E 231 -41.70 -105.94 -10.73
N GLU E 232 -40.92 -106.85 -10.16
CA GLU E 232 -39.94 -106.47 -9.16
C GLU E 232 -38.83 -105.61 -9.77
N LYS E 233 -38.40 -105.95 -10.99
CA LYS E 233 -37.29 -105.22 -11.61
C LYS E 233 -37.73 -103.82 -12.05
N GLY E 234 -38.67 -103.75 -12.99
CA GLY E 234 -39.25 -102.48 -13.39
C GLY E 234 -38.52 -101.79 -14.52
N GLU E 235 -39.08 -100.64 -14.90
CA GLU E 235 -38.56 -99.88 -16.04
C GLU E 235 -37.14 -99.39 -15.78
N MET E 236 -36.86 -98.96 -14.55
CA MET E 236 -35.50 -98.54 -14.21
C MET E 236 -34.51 -99.69 -14.36
N PHE E 237 -34.95 -100.92 -14.06
CA PHE E 237 -34.09 -102.07 -14.26
C PHE E 237 -34.02 -102.49 -15.73
N GLN E 238 -34.98 -102.06 -16.55
CA GLN E 238 -34.88 -102.33 -17.98
C GLN E 238 -33.64 -101.67 -18.59
N LYS E 239 -33.34 -100.45 -18.18
CA LYS E 239 -32.23 -99.72 -18.76
C LYS E 239 -30.89 -100.38 -18.41
N ILE E 240 -30.04 -100.56 -19.41
CA ILE E 240 -28.72 -101.15 -19.20
C ILE E 240 -27.85 -100.19 -18.40
N LYS E 241 -27.97 -98.89 -18.68
CA LYS E 241 -27.17 -97.89 -17.95
C LYS E 241 -27.47 -97.93 -16.46
N ILE E 242 -28.73 -98.07 -16.10
CA ILE E 242 -29.11 -98.04 -14.68
C ILE E 242 -28.63 -99.30 -13.97
N VAL E 243 -28.74 -100.46 -14.62
CA VAL E 243 -28.27 -101.68 -13.99
C VAL E 243 -26.75 -101.77 -13.98
N ASP E 244 -26.07 -100.99 -14.84
CA ASP E 244 -24.61 -101.02 -14.88
C ASP E 244 -24.02 -100.58 -13.54
N THR E 245 -24.52 -99.46 -13.00
CA THR E 245 -23.99 -98.99 -11.72
C THR E 245 -24.33 -99.94 -10.59
N LEU E 246 -25.50 -100.59 -10.64
CA LEU E 246 -25.84 -101.59 -9.63
C LEU E 246 -24.87 -102.76 -9.67
N ASP E 247 -24.55 -103.24 -10.88
CA ASP E 247 -23.59 -104.34 -11.01
C ASP E 247 -22.22 -103.93 -10.51
N ILE E 248 -21.78 -102.71 -10.84
CA ILE E 248 -20.47 -102.23 -10.38
C ILE E 248 -20.44 -102.15 -8.85
N ILE E 249 -21.52 -101.62 -8.26
CA ILE E 249 -21.59 -101.50 -6.81
C ILE E 249 -21.54 -102.88 -6.16
N HIS E 250 -22.30 -103.83 -6.69
CA HIS E 250 -22.30 -105.17 -6.13
C HIS E 250 -20.92 -105.81 -6.24
N SER E 251 -20.26 -105.65 -7.39
CA SER E 251 -18.94 -106.24 -7.57
C SER E 251 -17.94 -105.66 -6.59
N ASP E 252 -17.95 -104.33 -6.43
CA ASP E 252 -17.02 -103.70 -5.49
C ASP E 252 -17.29 -104.12 -4.05
N ILE E 253 -18.58 -104.19 -3.68
CA ILE E 253 -18.93 -104.60 -2.32
C ILE E 253 -18.49 -106.03 -2.05
N ARG E 254 -18.74 -106.94 -3.00
CA ARG E 254 -18.31 -108.31 -2.81
C ARG E 254 -16.80 -108.42 -2.75
N LYS E 255 -16.09 -107.63 -3.58
CA LYS E 255 -14.63 -107.66 -3.56
C LYS E 255 -14.10 -107.23 -2.20
N VAL E 256 -14.61 -106.12 -1.66
CA VAL E 256 -14.10 -105.64 -0.38
C VAL E 256 -14.49 -106.59 0.74
N ILE E 257 -15.68 -107.19 0.66
CA ILE E 257 -16.10 -108.13 1.70
C ILE E 257 -15.20 -109.36 1.70
N ILE E 258 -14.90 -109.89 0.51
CA ILE E 258 -14.01 -111.05 0.42
C ILE E 258 -12.61 -110.68 0.89
N ASP E 259 -12.16 -109.45 0.59
CA ASP E 259 -10.83 -109.03 1.00
C ASP E 259 -10.73 -108.93 2.52
N ASP E 260 -11.77 -108.43 3.18
CA ASP E 260 -11.69 -108.08 4.59
C ASP E 260 -12.39 -109.07 5.52
N TYR E 261 -13.67 -109.34 5.28
CA TYR E 261 -14.52 -109.88 6.34
C TYR E 261 -14.43 -111.39 6.47
N ILE E 262 -14.37 -112.12 5.35
CA ILE E 262 -14.43 -113.58 5.42
C ILE E 262 -13.16 -114.12 6.05
N GLY E 263 -13.33 -114.93 7.09
CA GLY E 263 -12.19 -115.58 7.76
C GLY E 263 -11.33 -114.72 8.65
N LYS E 264 -10.94 -113.53 8.18
CA LYS E 264 -10.00 -112.69 8.93
C LYS E 264 -10.60 -112.24 10.25
N VAL E 265 -11.87 -111.83 10.26
CA VAL E 265 -12.52 -111.29 11.44
C VAL E 265 -13.65 -112.21 11.86
N THR E 266 -13.72 -112.48 13.16
CA THR E 266 -14.82 -113.28 13.69
C THR E 266 -16.08 -112.43 13.81
N ASN E 267 -17.22 -113.01 13.46
CA ASN E 267 -18.48 -112.28 13.52
C ASN E 267 -18.81 -111.90 14.95
N SER E 268 -19.21 -110.64 15.14
CA SER E 268 -19.60 -110.13 16.45
C SER E 268 -20.46 -108.90 16.25
N TYR E 269 -21.13 -108.49 17.33
CA TYR E 269 -22.00 -107.32 17.25
C TYR E 269 -21.18 -106.07 16.93
N ASP E 270 -20.04 -105.89 17.58
CA ASP E 270 -19.16 -104.77 17.25
C ASP E 270 -18.63 -104.89 15.83
N ASN E 271 -18.30 -106.11 15.40
CA ASN E 271 -17.86 -106.33 14.03
C ASN E 271 -18.98 -106.01 13.04
N LYS E 272 -20.23 -106.35 13.40
CA LYS E 272 -21.36 -105.99 12.55
C LYS E 272 -21.53 -104.48 12.46
N CYS E 273 -21.34 -103.78 13.59
CA CYS E 273 -21.41 -102.32 13.57
C CYS E 273 -20.32 -101.72 12.69
N LEU E 274 -19.10 -102.28 12.77
CA LEU E 274 -18.02 -101.80 11.92
C LEU E 274 -18.32 -102.07 10.44
N LEU E 275 -18.93 -103.22 10.14
CA LEU E 275 -19.34 -103.51 8.77
C LEU E 275 -20.39 -102.51 8.30
N ILE E 276 -21.33 -102.16 9.17
CA ILE E 276 -22.34 -101.17 8.82
C ILE E 276 -21.69 -99.82 8.54
N VAL E 277 -20.70 -99.44 9.36
CA VAL E 277 -19.99 -98.18 9.16
C VAL E 277 -19.26 -98.20 7.82
N ALA E 278 -18.62 -99.32 7.49
CA ALA E 278 -17.92 -99.44 6.21
C ALA E 278 -18.88 -99.34 5.04
N ILE E 279 -20.06 -99.98 5.16
CA ILE E 279 -21.05 -99.91 4.09
C ILE E 279 -21.56 -98.48 3.94
N LYS E 280 -21.75 -97.78 5.06
CA LYS E 280 -22.17 -96.39 4.99
C LYS E 280 -21.11 -95.52 4.32
N SER E 281 -19.84 -95.78 4.62
CA SER E 281 -18.76 -95.06 3.95
C SER E 281 -18.76 -95.35 2.44
N TYR E 282 -19.02 -96.60 2.06
CA TYR E 282 -19.11 -96.94 0.65
C TYR E 282 -20.26 -96.23 -0.02
N LEU E 283 -21.41 -96.15 0.67
CA LEU E 283 -22.55 -95.42 0.13
C LEU E 283 -22.25 -93.93 -0.02
N GLU E 284 -21.52 -93.36 0.94
CA GLU E 284 -21.09 -91.97 0.82
C GLU E 284 -20.16 -91.79 -0.37
N GLU E 285 -19.28 -92.77 -0.62
CA GLU E 285 -18.42 -92.73 -1.79
C GLU E 285 -19.26 -92.75 -3.07
N LEU E 286 -20.28 -93.60 -3.11
CA LEU E 286 -21.17 -93.65 -4.28
C LEU E 286 -21.87 -92.32 -4.48
N GLU E 287 -22.36 -91.71 -3.39
CA GLU E 287 -23.03 -90.42 -3.50
C GLU E 287 -22.07 -89.35 -4.00
N LYS E 288 -20.83 -89.37 -3.53
CA LYS E 288 -19.83 -88.43 -4.04
C LYS E 288 -19.55 -88.67 -5.51
N SER E 289 -19.60 -89.93 -5.94
CA SER E 289 -19.45 -90.23 -7.36
C SER E 289 -20.60 -89.68 -8.19
N ALA E 290 -21.72 -89.33 -7.55
CA ALA E 290 -22.90 -88.74 -8.17
C ALA E 290 -23.56 -89.63 -9.21
N LEU E 291 -23.13 -90.89 -9.32
CA LEU E 291 -23.80 -91.81 -10.23
C LEU E 291 -25.20 -92.15 -9.75
N ILE E 292 -25.37 -92.33 -8.45
CA ILE E 292 -26.68 -92.52 -7.83
C ILE E 292 -26.81 -91.56 -6.65
N GLU E 293 -28.04 -91.18 -6.35
CA GLU E 293 -28.27 -90.26 -5.24
C GLU E 293 -27.98 -90.93 -3.90
N SER E 294 -28.53 -92.14 -3.69
CA SER E 294 -28.22 -92.98 -2.55
C SER E 294 -28.49 -92.27 -1.21
N ASP E 295 -29.76 -91.90 -1.01
CA ASP E 295 -30.16 -91.32 0.26
C ASP E 295 -30.33 -92.38 1.35
N SER E 296 -30.76 -93.58 0.96
CA SER E 296 -31.08 -94.63 1.92
C SER E 296 -29.81 -95.15 2.59
N THR E 297 -30.01 -95.87 3.70
CA THR E 297 -28.92 -96.41 4.49
C THR E 297 -29.10 -97.91 4.67
N VAL E 298 -28.00 -98.62 4.85
CA VAL E 298 -28.00 -100.06 5.05
C VAL E 298 -27.94 -100.34 6.54
N GLU E 299 -28.86 -101.17 7.03
CA GLU E 299 -28.96 -101.49 8.44
C GLU E 299 -29.28 -102.97 8.59
N ILE E 300 -29.10 -103.47 9.81
CA ILE E 300 -29.43 -104.87 10.10
C ILE E 300 -30.93 -105.08 9.94
N ASP E 301 -31.30 -106.09 9.15
CA ASP E 301 -32.70 -106.43 8.96
C ASP E 301 -33.21 -107.20 10.17
N PHE E 302 -34.18 -106.62 10.87
CA PHE E 302 -34.74 -107.30 12.03
C PHE E 302 -35.50 -108.55 11.62
N GLU E 303 -36.05 -108.58 10.40
CA GLU E 303 -36.67 -109.80 9.90
C GLU E 303 -35.64 -110.91 9.73
N ALA E 304 -34.48 -110.58 9.16
CA ALA E 304 -33.41 -111.58 9.03
C ALA E 304 -32.87 -111.98 10.41
N GLN E 305 -32.79 -111.02 11.33
CA GLN E 305 -32.37 -111.35 12.69
C GLN E 305 -33.34 -112.31 13.33
N LYS E 306 -34.64 -112.07 13.17
CA LYS E 306 -35.65 -112.98 13.72
C LYS E 306 -35.57 -114.35 13.06
N SER E 307 -35.32 -114.38 11.75
CA SER E 307 -35.18 -115.66 11.06
C SER E 307 -33.99 -116.45 11.60
N TYR E 308 -32.85 -115.78 11.82
CA TYR E 308 -31.68 -116.49 12.35
C TYR E 308 -31.90 -116.91 13.80
N LEU E 309 -32.61 -116.09 14.58
CA LEU E 309 -32.92 -116.47 15.95
C LEU E 309 -33.84 -117.69 15.98
N LYS E 310 -34.81 -117.74 15.07
CA LYS E 310 -35.65 -118.92 14.94
C LYS E 310 -34.83 -120.14 14.53
N SER E 311 -33.87 -119.95 13.62
CA SER E 311 -32.98 -121.05 13.25
C SER E 311 -32.19 -121.54 14.46
N LYS E 312 -31.70 -120.63 15.28
CA LYS E 312 -31.07 -120.99 16.54
C LYS E 312 -32.08 -121.47 17.58
N GLY E 313 -33.36 -121.18 17.37
CA GLY E 313 -34.40 -121.64 18.27
C GLY E 313 -34.59 -120.84 19.53
N VAL E 314 -33.92 -119.69 19.66
CA VAL E 314 -34.08 -118.86 20.85
C VAL E 314 -35.48 -118.25 20.88
N ASP E 315 -36.04 -118.14 22.07
CA ASP E 315 -37.42 -117.67 22.22
C ASP E 315 -37.55 -116.20 21.82
N LEU E 316 -38.76 -115.85 21.38
CA LEU E 316 -39.10 -114.49 20.99
C LEU E 316 -39.69 -113.68 22.14
N SER E 317 -40.58 -114.29 22.93
CA SER E 317 -41.22 -113.58 24.03
C SER E 317 -40.22 -113.30 25.15
N TYR E 318 -40.50 -112.25 25.92
CA TYR E 318 -39.72 -111.83 27.08
C TYR E 318 -38.32 -111.35 26.68
N MET E 319 -38.00 -111.34 25.39
CA MET E 319 -36.70 -110.88 24.90
C MET E 319 -36.82 -109.43 24.43
N THR E 320 -35.90 -108.59 24.90
CA THR E 320 -35.87 -107.21 24.48
C THR E 320 -35.58 -107.11 22.99
N LEU E 321 -36.22 -106.15 22.32
CA LEU E 321 -36.02 -105.95 20.89
C LEU E 321 -34.55 -105.66 20.59
N GLN E 322 -33.93 -104.79 21.39
CA GLN E 322 -32.50 -104.52 21.24
C GLN E 322 -31.69 -105.77 21.52
N GLU E 323 -32.06 -106.53 22.55
CA GLU E 323 -31.35 -107.76 22.86
C GLU E 323 -31.43 -108.76 21.71
N ILE E 324 -32.61 -108.88 21.09
CA ILE E 324 -32.75 -109.75 19.93
C ILE E 324 -31.87 -109.25 18.79
N LYS E 325 -31.86 -107.93 18.57
CA LYS E 325 -31.03 -107.36 17.51
C LYS E 325 -29.55 -107.61 17.77
N GLU E 326 -29.11 -107.47 19.02
CA GLU E 326 -27.71 -107.63 19.38
C GLU E 326 -27.37 -109.07 19.78
N ALA E 327 -28.30 -110.00 19.63
CA ALA E 327 -28.04 -111.39 19.98
C ALA E 327 -26.97 -111.98 19.06
N ASN E 328 -26.38 -113.09 19.51
CA ASN E 328 -25.32 -113.72 18.75
C ASN E 328 -25.83 -114.18 17.39
N THR E 329 -25.09 -113.84 16.34
CA THR E 329 -25.45 -114.19 14.98
C THR E 329 -24.61 -115.34 14.43
N GLY E 330 -23.79 -115.97 15.26
CA GLY E 330 -22.95 -117.05 14.78
C GLY E 330 -21.98 -116.56 13.74
N SER E 331 -21.65 -117.42 12.78
CA SER E 331 -20.78 -117.03 11.68
C SER E 331 -21.52 -116.19 10.64
N LYS E 332 -22.82 -116.42 10.47
CA LYS E 332 -23.57 -115.75 9.41
C LYS E 332 -23.80 -114.28 9.74
N VAL E 333 -23.83 -113.46 8.70
CA VAL E 333 -24.12 -112.03 8.80
C VAL E 333 -25.25 -111.71 7.84
N PHE E 334 -26.24 -110.97 8.33
CA PHE E 334 -27.43 -110.61 7.56
C PHE E 334 -27.56 -109.11 7.48
N LEU E 335 -27.83 -108.60 6.28
CA LEU E 335 -27.94 -107.16 6.05
C LEU E 335 -29.15 -106.88 5.16
N LYS E 336 -29.68 -105.66 5.27
CA LYS E 336 -30.76 -105.18 4.44
C LYS E 336 -30.23 -104.05 3.57
N ALA E 337 -30.41 -104.17 2.26
CA ALA E 337 -29.87 -103.22 1.30
C ALA E 337 -30.99 -102.47 0.61
N LYS E 338 -30.93 -101.14 0.66
CA LYS E 338 -31.84 -100.28 -0.08
C LYS E 338 -31.09 -99.02 -0.48
N ILE E 339 -31.30 -98.59 -1.74
CA ILE E 339 -30.58 -97.45 -2.30
C ILE E 339 -31.53 -96.68 -3.20
N LYS E 340 -31.08 -95.48 -3.58
CA LYS E 340 -31.75 -94.65 -4.57
C LYS E 340 -30.84 -94.50 -5.78
N VAL E 341 -31.38 -94.79 -6.96
CA VAL E 341 -30.59 -94.83 -8.19
C VAL E 341 -30.98 -93.63 -9.05
N LEU E 342 -29.96 -92.91 -9.53
CA LEU E 342 -30.17 -91.74 -10.37
C LEU E 342 -30.35 -92.15 -11.82
N ASP E 343 -31.27 -91.46 -12.51
CA ASP E 343 -31.59 -91.75 -13.89
C ASP E 343 -31.22 -90.56 -14.77
N ALA E 344 -30.64 -90.85 -15.93
CA ALA E 344 -30.34 -89.79 -16.89
C ALA E 344 -31.60 -89.39 -17.66
N MET E 345 -31.73 -88.09 -17.92
CA MET E 345 -32.92 -87.60 -18.61
C MET E 345 -32.89 -88.04 -20.07
N GLU E 346 -34.07 -88.31 -20.60
CA GLU E 346 -34.25 -88.74 -21.97
C GLU E 346 -35.26 -87.87 -22.72
N ASP E 347 -35.98 -87.01 -22.01
CA ASP E 347 -37.08 -86.24 -22.55
C ASP E 347 -37.48 -85.15 -21.57
N ILE E 348 -37.98 -84.03 -22.12
CA ILE E 348 -38.22 -82.82 -21.34
C ILE E 348 -39.58 -82.24 -21.67
N ASP E 349 -40.40 -82.03 -20.64
CA ASP E 349 -41.58 -81.18 -20.71
C ASP E 349 -41.18 -79.73 -20.48
N LEU E 350 -41.82 -78.81 -21.21
CA LEU E 350 -41.69 -77.39 -20.96
C LEU E 350 -42.93 -76.69 -21.52
N SER E 351 -43.69 -76.08 -20.61
CA SER E 351 -44.92 -75.38 -20.97
C SER E 351 -44.70 -73.89 -20.84
N ILE E 352 -44.17 -73.28 -21.90
CA ILE E 352 -44.03 -71.83 -21.98
C ILE E 352 -45.41 -71.27 -22.27
N GLU E 353 -45.58 -69.96 -22.01
CA GLU E 353 -46.90 -69.35 -22.10
C GLU E 353 -46.77 -67.92 -22.62
N ILE E 354 -47.87 -67.41 -23.15
CA ILE E 354 -47.90 -66.06 -23.68
C ILE E 354 -48.38 -65.09 -22.61
N GLY F 4 8.31 -88.71 -22.55
CA GLY F 4 8.74 -87.76 -23.56
C GLY F 4 9.76 -86.78 -23.05
N LEU F 5 10.56 -86.23 -23.97
CA LEU F 5 11.55 -85.24 -23.58
C LEU F 5 10.85 -83.91 -23.27
N PRO F 6 11.08 -83.35 -22.09
CA PRO F 6 10.53 -82.02 -21.80
C PRO F 6 11.31 -80.92 -22.51
N SER F 7 10.63 -80.18 -23.38
CA SER F 7 11.24 -79.08 -24.13
C SER F 7 10.26 -77.92 -24.22
N ILE F 8 10.80 -76.72 -24.40
CA ILE F 8 9.97 -75.54 -24.48
C ILE F 8 9.12 -75.58 -25.74
N ASN F 9 7.83 -75.27 -25.59
CA ASN F 9 6.89 -75.25 -26.70
C ASN F 9 6.01 -74.01 -26.56
N ILE F 10 6.30 -73.00 -27.38
CA ILE F 10 5.57 -71.74 -27.36
C ILE F 10 4.56 -71.76 -28.49
N SER F 11 3.28 -71.60 -28.13
CA SER F 11 2.19 -71.63 -29.08
C SER F 11 1.71 -70.22 -29.36
N PHE F 12 1.35 -69.95 -30.61
CA PHE F 12 0.83 -68.65 -31.02
C PHE F 12 -0.49 -68.85 -31.74
N LYS F 13 -1.53 -68.20 -31.23
CA LYS F 13 -2.89 -68.38 -31.72
C LYS F 13 -3.50 -67.03 -32.06
N GLU F 14 -4.54 -67.05 -32.87
CA GLU F 14 -5.21 -65.82 -33.27
C GLU F 14 -6.55 -65.69 -32.58
N LEU F 15 -6.85 -64.49 -32.08
CA LEU F 15 -8.12 -64.22 -31.40
C LEU F 15 -9.14 -63.82 -32.45
N ALA F 16 -10.14 -64.67 -32.64
CA ALA F 16 -11.34 -64.33 -33.40
C ALA F 16 -12.52 -64.45 -32.47
N THR F 17 -13.33 -63.38 -32.38
CA THR F 17 -14.43 -63.37 -31.43
C THR F 17 -15.43 -64.47 -31.76
N THR F 18 -15.56 -65.43 -30.84
CA THR F 18 -16.42 -66.58 -31.02
C THR F 18 -17.72 -66.37 -30.27
N VAL F 19 -18.83 -66.39 -30.98
CA VAL F 19 -20.16 -66.24 -30.41
C VAL F 19 -20.99 -67.45 -30.80
N LYS F 20 -21.69 -68.03 -29.82
CA LYS F 20 -22.52 -69.19 -30.10
C LYS F 20 -23.58 -68.86 -31.15
N GLU F 21 -23.71 -69.74 -32.14
CA GLU F 21 -24.61 -69.54 -33.26
C GLU F 21 -25.87 -70.37 -33.06
N ARG F 22 -27.03 -69.74 -33.20
CA ARG F 22 -28.30 -70.41 -33.04
C ARG F 22 -28.76 -70.96 -34.39
N SER F 23 -30.02 -71.38 -34.47
CA SER F 23 -30.56 -71.91 -35.71
C SER F 23 -30.58 -70.85 -36.80
N ALA F 24 -30.27 -71.25 -38.02
CA ALA F 24 -30.21 -70.31 -39.13
C ALA F 24 -31.59 -69.76 -39.44
N ARG F 25 -31.64 -68.49 -39.81
CA ARG F 25 -32.88 -67.82 -40.14
C ARG F 25 -32.71 -67.04 -41.44
N GLY F 26 -33.83 -66.86 -42.16
CA GLY F 26 -33.83 -66.11 -43.39
C GLY F 26 -33.48 -66.91 -44.63
N ILE F 27 -33.19 -68.20 -44.51
CA ILE F 27 -32.88 -69.01 -45.67
C ILE F 27 -34.15 -69.24 -46.49
N ILE F 28 -33.97 -69.45 -47.79
CA ILE F 28 -35.08 -69.64 -48.72
C ILE F 28 -34.93 -71.00 -49.38
N ALA F 29 -35.99 -71.79 -49.35
CA ALA F 29 -36.02 -73.09 -50.02
C ALA F 29 -36.71 -72.90 -51.37
N MET F 30 -35.89 -72.72 -52.42
CA MET F 30 -36.39 -72.56 -53.78
C MET F 30 -36.41 -73.92 -54.46
N VAL F 31 -37.60 -74.40 -54.80
CA VAL F 31 -37.77 -75.66 -55.51
C VAL F 31 -38.63 -75.40 -56.75
N LEU F 32 -38.16 -75.88 -57.90
CA LEU F 32 -38.87 -75.66 -59.15
C LEU F 32 -38.34 -76.64 -60.19
N LYS F 33 -39.15 -76.87 -61.22
CA LYS F 33 -38.90 -77.93 -62.18
C LYS F 33 -38.13 -77.41 -63.39
N ASP F 34 -37.25 -78.26 -63.91
CA ASP F 34 -36.52 -77.98 -65.15
C ASP F 34 -35.99 -79.29 -65.71
N ALA F 35 -35.62 -79.25 -66.99
CA ALA F 35 -35.11 -80.42 -67.70
C ALA F 35 -33.61 -80.35 -67.94
N LYS F 36 -32.92 -79.36 -67.39
CA LYS F 36 -31.49 -79.18 -67.58
C LYS F 36 -30.77 -79.30 -66.26
N ALA F 37 -29.73 -80.15 -66.23
CA ALA F 37 -28.84 -80.30 -65.08
C ALA F 37 -29.62 -80.47 -63.77
N LEU F 38 -30.34 -81.58 -63.71
CA LEU F 38 -31.17 -81.87 -62.55
C LEU F 38 -30.34 -81.92 -61.28
N GLY F 39 -30.83 -81.27 -60.23
CA GLY F 39 -30.16 -81.23 -58.95
C GLY F 39 -30.19 -79.85 -58.33
N LEU F 40 -29.94 -79.84 -57.02
CA LEU F 40 -29.96 -78.58 -56.27
C LEU F 40 -28.78 -77.70 -56.66
N ASN F 41 -29.00 -76.39 -56.60
CA ASN F 41 -28.02 -75.41 -57.06
C ASN F 41 -27.28 -74.68 -55.94
N GLU F 42 -27.87 -74.63 -54.74
CA GLU F 42 -27.29 -73.98 -53.55
C GLU F 42 -26.60 -72.66 -53.90
N ILE F 43 -27.39 -71.74 -54.45
CA ILE F 43 -26.87 -70.45 -54.89
C ILE F 43 -26.71 -69.52 -53.69
N HIS F 44 -25.53 -69.53 -53.07
CA HIS F 44 -25.24 -68.60 -51.98
C HIS F 44 -24.66 -67.29 -52.47
N GLU F 45 -23.81 -67.35 -53.50
CA GLU F 45 -23.22 -66.13 -54.04
C GLU F 45 -24.27 -65.29 -54.75
N LYS F 46 -24.14 -63.97 -54.63
CA LYS F 46 -25.14 -63.07 -55.21
C LYS F 46 -25.01 -63.03 -56.73
N GLU F 47 -26.17 -63.02 -57.40
CA GLU F 47 -26.27 -62.86 -58.85
C GLU F 47 -25.43 -63.91 -59.59
N ASP F 48 -25.80 -65.17 -59.41
CA ASP F 48 -25.19 -66.28 -60.12
C ASP F 48 -26.30 -67.20 -60.61
N ILE F 49 -26.55 -67.18 -61.91
CA ILE F 49 -27.61 -67.98 -62.53
C ILE F 49 -26.95 -69.13 -63.27
N PRO F 50 -27.07 -70.37 -62.79
CA PRO F 50 -26.54 -71.50 -63.55
C PRO F 50 -27.30 -71.70 -64.85
N VAL F 51 -26.62 -72.28 -65.83
CA VAL F 51 -27.18 -72.44 -67.17
C VAL F 51 -28.39 -73.37 -67.18
N ASP F 52 -28.55 -74.18 -66.14
CA ASP F 52 -29.69 -75.10 -66.09
C ASP F 52 -31.00 -74.33 -66.03
N LEU F 53 -31.04 -73.26 -65.26
CA LEU F 53 -32.27 -72.50 -65.03
C LEU F 53 -32.56 -71.57 -66.21
N SER F 54 -33.83 -71.50 -66.60
CA SER F 54 -34.25 -70.81 -67.80
C SER F 54 -34.48 -69.33 -67.51
N ALA F 55 -35.05 -68.62 -68.49
CA ALA F 55 -35.26 -67.17 -68.36
C ALA F 55 -36.25 -66.85 -67.24
N GLU F 56 -37.37 -67.58 -67.20
CA GLU F 56 -38.32 -67.40 -66.10
C GLU F 56 -37.67 -67.78 -64.78
N ASN F 57 -36.88 -68.84 -64.77
CA ASN F 57 -36.13 -69.22 -63.58
C ASN F 57 -35.15 -68.12 -63.18
N LYS F 58 -34.47 -67.52 -64.18
CA LYS F 58 -33.56 -66.42 -63.90
C LYS F 58 -34.29 -65.23 -63.27
N GLU F 59 -35.48 -64.92 -63.79
CA GLU F 59 -36.28 -63.85 -63.22
C GLU F 59 -36.70 -64.18 -61.79
N TYR F 60 -37.04 -65.45 -61.53
CA TYR F 60 -37.36 -65.88 -60.17
C TYR F 60 -36.18 -65.65 -59.23
N ILE F 61 -34.98 -66.03 -59.68
CA ILE F 61 -33.79 -65.83 -58.86
C ILE F 61 -33.56 -64.35 -58.60
N ASN F 62 -33.69 -63.53 -59.65
CA ASN F 62 -33.46 -62.09 -59.49
C ASN F 62 -34.46 -61.49 -58.52
N LEU F 63 -35.73 -61.91 -58.58
CA LEU F 63 -36.72 -61.42 -57.64
C LEU F 63 -36.41 -61.86 -56.22
N ALA F 64 -35.96 -63.10 -56.04
CA ALA F 64 -35.71 -63.61 -54.70
C ALA F 64 -34.43 -63.03 -54.09
N LEU F 65 -33.44 -62.69 -54.92
CA LEU F 65 -32.15 -62.27 -54.40
C LEU F 65 -32.24 -60.95 -53.64
N MET F 66 -32.96 -59.98 -54.19
CA MET F 66 -33.06 -58.67 -53.56
C MET F 66 -34.28 -58.61 -52.64
N GLY F 67 -34.11 -57.93 -51.50
CA GLY F 67 -35.15 -57.83 -50.51
C GLY F 67 -35.40 -56.38 -50.12
N ASN F 68 -36.35 -56.21 -49.19
CA ASN F 68 -36.73 -54.88 -48.75
C ASN F 68 -35.60 -54.20 -47.98
N VAL F 69 -35.02 -54.91 -47.01
CA VAL F 69 -33.99 -54.35 -46.14
C VAL F 69 -32.61 -54.89 -46.50
N ASN F 70 -32.47 -56.21 -46.54
CA ASN F 70 -31.19 -56.84 -46.84
C ASN F 70 -31.42 -58.04 -47.74
N THR F 71 -30.35 -58.44 -48.43
CA THR F 71 -30.39 -59.66 -49.21
C THR F 71 -30.55 -60.86 -48.27
N PRO F 72 -31.40 -61.83 -48.62
CA PRO F 72 -31.50 -63.04 -47.79
C PRO F 72 -30.16 -63.74 -47.67
N ASN F 73 -29.90 -64.29 -46.48
CA ASN F 73 -28.58 -64.81 -46.16
C ASN F 73 -28.19 -65.96 -47.09
N LYS F 74 -29.07 -66.93 -47.27
CA LYS F 74 -28.78 -68.09 -48.10
C LYS F 74 -30.01 -68.44 -48.94
N LEU F 75 -29.77 -68.81 -50.19
CA LEU F 75 -30.81 -69.27 -51.10
C LEU F 75 -30.41 -70.61 -51.68
N LEU F 76 -31.32 -71.58 -51.63
CA LEU F 76 -31.08 -72.91 -52.17
C LEU F 76 -32.11 -73.20 -53.25
N VAL F 77 -31.64 -73.44 -54.47
CA VAL F 77 -32.51 -73.68 -55.62
C VAL F 77 -32.32 -75.12 -56.06
N TYR F 78 -33.43 -75.81 -56.28
CA TYR F 78 -33.43 -77.21 -56.67
C TYR F 78 -33.96 -77.37 -58.08
N VAL F 79 -33.37 -78.28 -58.84
CA VAL F 79 -33.73 -78.53 -60.24
C VAL F 79 -34.02 -80.01 -60.39
N ILE F 80 -35.20 -80.33 -60.93
CA ILE F 80 -35.56 -81.70 -61.28
C ILE F 80 -36.64 -81.64 -62.34
N GLU F 81 -36.86 -82.76 -63.03
CA GLU F 81 -37.90 -82.83 -64.05
C GLU F 81 -39.27 -82.57 -63.43
N GLY F 82 -40.20 -82.11 -64.27
CA GLY F 82 -41.51 -81.72 -63.77
C GLY F 82 -42.25 -82.86 -63.08
N GLU F 83 -42.06 -84.08 -63.58
CA GLU F 83 -42.69 -85.23 -62.95
C GLU F 83 -42.09 -85.49 -61.57
N ALA F 84 -42.94 -85.85 -60.62
CA ALA F 84 -42.54 -86.18 -59.25
C ALA F 84 -41.79 -85.03 -58.59
N ASP F 85 -42.26 -83.80 -58.81
CA ASP F 85 -41.68 -82.65 -58.11
C ASP F 85 -41.91 -82.73 -56.61
N ILE F 86 -43.12 -83.13 -56.21
CA ILE F 86 -43.50 -83.07 -54.80
C ILE F 86 -42.67 -84.07 -53.98
N GLN F 87 -42.44 -85.27 -54.52
CA GLN F 87 -41.71 -86.29 -53.77
C GLN F 87 -40.27 -85.84 -53.48
N THR F 88 -39.55 -85.42 -54.52
CA THR F 88 -38.17 -85.00 -54.32
C THR F 88 -38.10 -83.71 -53.51
N ALA F 89 -39.08 -82.82 -53.66
CA ALA F 89 -39.10 -81.60 -52.84
C ALA F 89 -39.24 -81.96 -51.36
N LEU F 90 -40.15 -82.89 -51.05
CA LEU F 90 -40.31 -83.33 -49.67
C LEU F 90 -39.04 -83.99 -49.15
N ASP F 91 -38.41 -84.85 -49.97
CA ASP F 91 -37.19 -85.52 -49.54
C ASP F 91 -36.08 -84.53 -49.25
N PHE F 92 -35.90 -83.54 -50.13
CA PHE F 92 -34.82 -82.57 -49.96
C PHE F 92 -35.09 -81.64 -48.79
N LEU F 93 -36.35 -81.26 -48.58
CA LEU F 93 -36.68 -80.40 -47.44
C LEU F 93 -36.56 -81.17 -46.13
N GLU F 94 -36.81 -82.48 -46.14
CA GLU F 94 -36.53 -83.29 -44.97
C GLU F 94 -35.03 -83.40 -44.74
N THR F 95 -34.25 -83.46 -45.81
CA THR F 95 -32.80 -83.56 -45.68
C THR F 95 -32.20 -82.34 -45.01
N LYS F 96 -32.64 -81.15 -45.41
CA LYS F 96 -32.06 -79.90 -44.91
C LYS F 96 -33.18 -78.93 -44.53
N GLU F 97 -32.99 -78.24 -43.40
CA GLU F 97 -33.99 -77.33 -42.88
C GLU F 97 -34.13 -76.11 -43.79
N PHE F 98 -35.22 -75.37 -43.56
CA PHE F 98 -35.50 -74.16 -44.34
C PHE F 98 -36.42 -73.27 -43.54
N ASN F 99 -36.52 -72.01 -43.98
CA ASN F 99 -37.41 -71.03 -43.35
C ASN F 99 -38.65 -70.74 -44.17
N TYR F 100 -38.54 -70.70 -45.50
CA TYR F 100 -39.67 -70.38 -46.36
C TYR F 100 -39.70 -71.35 -47.53
N LEU F 101 -40.91 -71.58 -48.06
CA LEU F 101 -41.12 -72.52 -49.15
C LEU F 101 -42.06 -71.91 -50.17
N CYS F 102 -41.77 -72.15 -51.45
CA CYS F 102 -42.62 -71.68 -52.54
C CYS F 102 -42.39 -72.55 -53.76
N MET F 103 -43.48 -73.07 -54.33
CA MET F 103 -43.43 -73.87 -55.55
C MET F 103 -44.12 -73.12 -56.68
N PRO F 104 -43.37 -72.51 -57.61
CA PRO F 104 -44.00 -71.72 -58.67
C PRO F 104 -44.92 -72.51 -59.58
N LYS F 105 -44.73 -73.82 -59.71
CA LYS F 105 -45.57 -74.64 -60.58
C LYS F 105 -46.41 -75.63 -59.79
N ALA F 106 -46.79 -75.27 -58.57
CA ALA F 106 -47.64 -76.14 -57.76
C ALA F 106 -49.10 -76.00 -58.19
N VAL F 107 -49.71 -77.12 -58.55
CA VAL F 107 -51.13 -77.16 -58.85
C VAL F 107 -51.89 -77.17 -57.52
N GLU F 108 -53.21 -77.00 -57.59
CA GLU F 108 -54.01 -76.95 -56.37
C GLU F 108 -53.83 -78.21 -55.53
N ALA F 109 -53.79 -79.37 -56.18
CA ALA F 109 -53.48 -80.61 -55.46
C ALA F 109 -52.06 -80.57 -54.88
N ASP F 110 -51.10 -80.05 -55.65
CA ASP F 110 -49.74 -79.93 -55.15
C ASP F 110 -49.68 -78.96 -53.98
N LYS F 111 -50.40 -77.84 -54.07
CA LYS F 111 -50.43 -76.90 -52.95
C LYS F 111 -51.06 -77.52 -51.71
N THR F 112 -52.13 -78.30 -51.88
CA THR F 112 -52.75 -78.98 -50.76
C THR F 112 -51.79 -79.98 -50.13
N ALA F 113 -51.07 -80.74 -50.95
CA ALA F 113 -50.09 -81.68 -50.43
C ALA F 113 -48.97 -80.96 -49.68
N ILE F 114 -48.52 -79.83 -50.22
CA ILE F 114 -47.48 -79.04 -49.55
C ILE F 114 -47.97 -78.57 -48.20
N LYS F 115 -49.19 -78.05 -48.14
CA LYS F 115 -49.75 -77.59 -46.87
C LYS F 115 -49.89 -78.74 -45.88
N ASN F 116 -50.33 -79.90 -46.36
CA ASN F 116 -50.45 -81.06 -45.48
C ASN F 116 -49.10 -81.47 -44.92
N TRP F 117 -48.07 -81.47 -45.75
CA TRP F 117 -46.73 -81.81 -45.26
C TRP F 117 -46.23 -80.78 -44.26
N ILE F 118 -46.47 -79.50 -44.53
CA ILE F 118 -46.06 -78.44 -43.60
C ILE F 118 -46.73 -78.63 -42.24
N ILE F 119 -48.05 -78.84 -42.25
CA ILE F 119 -48.77 -78.96 -40.99
C ILE F 119 -48.39 -80.25 -40.28
N LYS F 120 -48.14 -81.33 -41.02
CA LYS F 120 -47.70 -82.57 -40.40
C LYS F 120 -46.37 -82.38 -39.68
N LEU F 121 -45.42 -81.70 -40.34
CA LEU F 121 -44.15 -81.41 -39.68
C LEU F 121 -44.36 -80.55 -38.44
N ARG F 122 -45.09 -79.44 -38.59
CA ARG F 122 -45.27 -78.51 -37.50
C ARG F 122 -46.04 -79.11 -36.32
N ASP F 123 -46.84 -80.15 -36.55
CA ASP F 123 -47.65 -80.73 -35.50
C ASP F 123 -47.05 -81.99 -34.88
N ILE F 124 -46.27 -82.77 -35.63
CA ILE F 124 -45.69 -84.01 -35.14
C ILE F 124 -44.18 -83.91 -35.01
N ASP F 125 -43.50 -83.48 -36.08
CA ASP F 125 -42.04 -83.40 -36.07
C ASP F 125 -41.52 -82.21 -35.28
N LYS F 126 -42.39 -81.29 -34.88
CA LYS F 126 -42.00 -80.07 -34.17
C LYS F 126 -40.95 -79.28 -34.95
N VAL F 127 -41.12 -79.24 -36.26
CA VAL F 127 -40.24 -78.48 -37.15
C VAL F 127 -41.02 -77.25 -37.61
N LYS F 128 -40.54 -76.07 -37.23
CA LYS F 128 -41.21 -74.82 -37.54
C LYS F 128 -40.84 -74.41 -38.97
N VAL F 129 -41.78 -74.58 -39.89
CA VAL F 129 -41.58 -74.28 -41.30
C VAL F 129 -42.75 -73.43 -41.80
N LYS F 130 -42.45 -72.51 -42.72
CA LYS F 130 -43.46 -71.66 -43.32
C LYS F 130 -43.37 -71.78 -44.84
N ALA F 131 -44.52 -71.64 -45.49
CA ALA F 131 -44.59 -71.73 -46.95
C ALA F 131 -45.44 -70.59 -47.49
N VAL F 132 -45.09 -70.14 -48.69
CA VAL F 132 -45.83 -69.09 -49.39
C VAL F 132 -46.54 -69.73 -50.57
N LEU F 133 -47.86 -69.56 -50.64
CA LEU F 133 -48.67 -70.22 -51.64
C LEU F 133 -49.59 -69.20 -52.32
N GLY F 134 -49.95 -69.51 -53.57
CA GLY F 134 -50.74 -68.61 -54.37
C GLY F 134 -52.18 -68.45 -53.92
N LYS F 135 -52.97 -69.52 -54.02
CA LYS F 135 -54.39 -69.48 -53.67
C LYS F 135 -54.71 -70.71 -52.83
N VAL F 136 -54.58 -70.56 -51.51
CA VAL F 136 -54.87 -71.63 -50.56
C VAL F 136 -55.75 -71.06 -49.46
N VAL F 137 -56.89 -71.70 -49.21
CA VAL F 137 -57.84 -71.25 -48.20
C VAL F 137 -57.69 -72.14 -46.97
N GLY F 138 -56.51 -72.77 -46.85
CA GLY F 138 -56.30 -73.74 -45.80
C GLY F 138 -56.42 -73.14 -44.41
N ASN F 139 -56.61 -74.04 -43.44
CA ASN F 139 -56.93 -73.67 -42.06
C ASN F 139 -55.70 -73.73 -41.15
N HIS F 140 -54.53 -73.32 -41.64
CA HIS F 140 -53.32 -73.30 -40.82
C HIS F 140 -52.64 -71.94 -40.95
N GLU F 141 -51.86 -71.60 -39.93
CA GLU F 141 -51.18 -70.31 -39.89
C GLU F 141 -49.79 -70.35 -40.52
N GLY F 142 -49.16 -71.52 -40.59
CA GLY F 142 -47.82 -71.59 -41.15
C GLY F 142 -47.79 -71.34 -42.64
N ILE F 143 -48.90 -71.59 -43.33
CA ILE F 143 -48.98 -71.33 -44.76
C ILE F 143 -49.32 -69.86 -44.99
N ILE F 144 -48.99 -69.38 -46.19
CA ILE F 144 -49.22 -67.98 -46.57
C ILE F 144 -50.00 -67.96 -47.87
N ASN F 145 -51.09 -67.19 -47.90
CA ASN F 145 -51.96 -67.07 -49.05
C ASN F 145 -51.93 -65.64 -49.56
N PHE F 146 -51.71 -65.47 -50.86
CA PHE F 146 -51.65 -64.16 -51.50
C PHE F 146 -52.65 -64.15 -52.66
N THR F 147 -53.83 -63.59 -52.44
CA THR F 147 -54.89 -63.58 -53.43
C THR F 147 -54.91 -62.22 -54.13
N THR F 148 -54.02 -62.07 -55.11
CA THR F 148 -53.98 -60.86 -55.94
C THR F 148 -53.50 -61.28 -57.33
N GLU F 149 -54.43 -61.31 -58.29
CA GLU F 149 -54.12 -61.68 -59.65
C GLU F 149 -53.87 -60.45 -60.51
N ASP F 150 -53.39 -60.69 -61.73
CA ASP F 150 -53.14 -59.63 -62.71
C ASP F 150 -52.19 -58.57 -62.17
N VAL F 151 -51.14 -59.02 -61.48
CA VAL F 151 -50.15 -58.10 -60.94
C VAL F 151 -49.27 -57.58 -62.06
N LEU F 152 -49.05 -56.27 -62.08
CA LEU F 152 -48.23 -55.62 -63.11
C LEU F 152 -46.99 -55.04 -62.42
N VAL F 153 -45.86 -55.70 -62.59
CA VAL F 153 -44.59 -55.29 -62.00
C VAL F 153 -43.63 -54.98 -63.14
N GLY F 154 -43.11 -53.75 -63.16
CA GLY F 154 -42.16 -53.35 -64.18
C GLY F 154 -42.69 -53.49 -65.59
N GLU F 155 -43.91 -52.99 -65.81
CA GLU F 155 -44.65 -53.06 -67.07
C GLU F 155 -44.54 -54.44 -67.73
N LYS F 156 -44.45 -55.48 -66.90
CA LYS F 156 -44.34 -56.84 -67.38
C LYS F 156 -45.39 -57.71 -66.69
N LYS F 157 -46.03 -58.58 -67.47
CA LYS F 157 -47.01 -59.49 -66.89
C LYS F 157 -46.32 -60.46 -65.95
N TYR F 158 -46.85 -60.57 -64.72
CA TYR F 158 -46.29 -61.46 -63.70
C TYR F 158 -47.37 -62.43 -63.24
N SER F 159 -47.01 -63.70 -63.17
CA SER F 159 -47.91 -64.68 -62.58
C SER F 159 -48.01 -64.47 -61.08
N VAL F 160 -49.07 -65.03 -60.48
CA VAL F 160 -49.26 -64.88 -59.04
C VAL F 160 -48.10 -65.52 -58.28
N ASP F 161 -47.67 -66.70 -58.72
CA ASP F 161 -46.59 -67.40 -58.02
C ASP F 161 -45.27 -66.64 -58.11
N GLU F 162 -45.03 -65.95 -59.23
CA GLU F 162 -43.83 -65.13 -59.36
C GLU F 162 -43.76 -64.08 -58.25
N PHE F 163 -44.84 -63.32 -58.06
CA PHE F 163 -44.80 -62.27 -57.07
C PHE F 163 -44.92 -62.82 -55.65
N THR F 164 -45.52 -63.99 -55.47
CA THR F 164 -45.47 -64.62 -54.15
C THR F 164 -44.05 -65.03 -53.79
N SER F 165 -43.30 -65.55 -54.76
CA SER F 165 -41.88 -65.84 -54.51
C SER F 165 -41.12 -64.55 -54.23
N ARG F 166 -41.45 -63.47 -54.94
CA ARG F 166 -40.85 -62.17 -54.65
C ARG F 166 -41.13 -61.74 -53.22
N VAL F 167 -42.37 -61.91 -52.77
CA VAL F 167 -42.74 -61.54 -51.40
C VAL F 167 -42.02 -62.42 -50.39
N ALA F 168 -41.88 -63.71 -50.70
CA ALA F 168 -41.15 -64.61 -49.81
C ALA F 168 -39.70 -64.16 -49.67
N GLY F 169 -39.06 -63.79 -50.77
CA GLY F 169 -37.71 -63.27 -50.71
C GLY F 169 -37.63 -61.98 -49.91
N LEU F 170 -38.61 -61.10 -50.10
CA LEU F 170 -38.65 -59.85 -49.34
C LEU F 170 -38.77 -60.12 -47.84
N ILE F 171 -39.64 -61.06 -47.46
CA ILE F 171 -39.82 -61.38 -46.06
C ILE F 171 -38.55 -62.02 -45.48
N ALA F 172 -37.90 -62.90 -46.26
CA ALA F 172 -36.64 -63.47 -45.81
C ALA F 172 -35.60 -62.39 -45.61
N GLY F 173 -35.61 -61.36 -46.46
CA GLY F 173 -34.74 -60.22 -46.26
C GLY F 173 -35.18 -59.25 -45.19
N THR F 174 -36.38 -59.43 -44.66
CA THR F 174 -36.90 -58.54 -43.62
C THR F 174 -36.40 -59.01 -42.25
N PRO F 175 -35.76 -58.14 -41.47
CA PRO F 175 -35.30 -58.51 -40.13
C PRO F 175 -36.47 -58.59 -39.17
N LEU F 176 -36.16 -58.92 -37.92
CA LEU F 176 -37.20 -59.09 -36.90
C LEU F 176 -37.75 -57.76 -36.42
N SER F 177 -37.02 -56.66 -36.61
CA SER F 177 -37.50 -55.36 -36.15
C SER F 177 -38.58 -54.77 -37.05
N GLN F 178 -38.53 -55.07 -38.35
CA GLN F 178 -39.46 -54.48 -39.30
C GLN F 178 -40.69 -55.35 -39.48
N SER F 179 -41.83 -54.70 -39.72
CA SER F 179 -43.09 -55.38 -39.98
C SER F 179 -43.42 -55.24 -41.47
N VAL F 180 -43.74 -56.36 -42.11
CA VAL F 180 -43.94 -56.39 -43.56
C VAL F 180 -45.13 -55.55 -44.01
N THR F 181 -46.00 -55.15 -43.10
CA THR F 181 -47.17 -54.37 -43.47
C THR F 181 -46.76 -52.99 -43.97
N TYR F 182 -47.45 -52.52 -45.01
CA TYR F 182 -47.24 -51.19 -45.58
C TYR F 182 -45.81 -50.99 -46.05
N THR F 183 -45.24 -52.04 -46.65
CA THR F 183 -43.91 -51.96 -47.24
C THR F 183 -44.02 -51.61 -48.71
N LYS F 184 -43.34 -50.55 -49.13
CA LYS F 184 -43.43 -50.08 -50.49
C LYS F 184 -42.59 -50.93 -51.43
N LEU F 185 -43.16 -51.21 -52.61
CA LEU F 185 -42.48 -51.97 -53.66
C LEU F 185 -42.30 -51.06 -54.87
N SER F 186 -41.05 -50.62 -55.09
CA SER F 186 -40.78 -49.73 -56.22
C SER F 186 -40.89 -50.45 -57.55
N ASP F 187 -40.58 -51.75 -57.59
CA ASP F 187 -40.63 -52.48 -58.85
C ASP F 187 -42.05 -52.56 -59.40
N VAL F 188 -43.04 -52.75 -58.53
CA VAL F 188 -44.42 -52.85 -58.98
C VAL F 188 -44.88 -51.51 -59.51
N VAL F 189 -45.48 -51.53 -60.70
CA VAL F 189 -45.92 -50.30 -61.36
C VAL F 189 -47.43 -50.12 -61.33
N ASP F 190 -48.21 -51.19 -61.40
CA ASP F 190 -49.66 -51.07 -61.45
C ASP F 190 -50.30 -52.32 -60.85
N ILE F 191 -51.46 -52.13 -60.24
CA ILE F 191 -52.28 -53.23 -59.73
C ILE F 191 -53.72 -52.99 -60.18
N PRO F 192 -54.52 -54.04 -60.35
CA PRO F 192 -55.92 -53.82 -60.75
C PRO F 192 -56.68 -53.02 -59.70
N LYS F 193 -57.59 -52.17 -60.17
CA LYS F 193 -58.40 -51.37 -59.27
C LYS F 193 -59.30 -52.28 -58.43
N MET F 194 -59.35 -52.01 -57.13
CA MET F 194 -60.05 -52.88 -56.19
C MET F 194 -60.41 -52.07 -54.95
N THR F 195 -61.70 -52.10 -54.58
CA THR F 195 -62.23 -51.18 -53.58
C THR F 195 -61.64 -51.45 -52.21
N LYS F 196 -61.51 -50.37 -51.42
CA LYS F 196 -60.94 -50.48 -50.09
C LYS F 196 -61.78 -51.38 -49.19
N VAL F 197 -63.10 -51.41 -49.40
CA VAL F 197 -63.96 -52.32 -48.64
C VAL F 197 -63.61 -53.76 -48.94
N ASP F 198 -63.39 -54.08 -50.22
CA ASP F 198 -62.99 -55.43 -50.60
C ASP F 198 -61.62 -55.77 -50.01
N ALA F 199 -60.71 -54.79 -49.98
CA ALA F 199 -59.41 -55.01 -49.35
C ALA F 199 -59.55 -55.32 -47.87
N GLU F 200 -60.41 -54.58 -47.18
CA GLU F 200 -60.65 -54.84 -45.76
C GLU F 200 -61.25 -56.22 -45.55
N SER F 201 -62.20 -56.60 -46.39
CA SER F 201 -62.78 -57.94 -46.28
C SER F 201 -61.73 -59.02 -46.51
N ARG F 202 -60.87 -58.83 -47.50
CA ARG F 202 -59.81 -59.81 -47.76
C ARG F 202 -58.85 -59.91 -46.58
N VAL F 203 -58.51 -58.77 -45.98
CA VAL F 203 -57.64 -58.79 -44.81
C VAL F 203 -58.30 -59.54 -43.65
N ASN F 204 -59.59 -59.29 -43.44
CA ASN F 204 -60.32 -60.03 -42.41
C ASN F 204 -60.30 -61.52 -42.70
N LYS F 205 -60.38 -61.90 -43.97
CA LYS F 205 -60.20 -63.29 -44.34
C LYS F 205 -58.76 -63.77 -44.13
N GLY F 206 -57.82 -62.85 -43.93
CA GLY F 206 -56.43 -63.18 -43.72
C GLY F 206 -55.58 -63.14 -44.98
N GLU F 207 -56.20 -63.00 -46.15
CA GLU F 207 -55.44 -62.99 -47.39
C GLU F 207 -54.58 -61.73 -47.48
N LEU F 208 -53.30 -61.91 -47.80
CA LEU F 208 -52.39 -60.79 -48.00
C LEU F 208 -52.55 -60.27 -49.42
N ILE F 209 -52.66 -58.95 -49.56
CA ILE F 209 -52.91 -58.32 -50.86
C ILE F 209 -52.11 -57.04 -50.96
N LEU F 210 -52.03 -56.50 -52.17
CA LEU F 210 -51.40 -55.22 -52.42
C LEU F 210 -52.45 -54.10 -52.40
N ILE F 211 -51.99 -52.89 -52.09
CA ILE F 211 -52.86 -51.73 -52.03
C ILE F 211 -52.08 -50.50 -52.43
N LYS F 212 -52.78 -49.53 -53.03
CA LYS F 212 -52.17 -48.27 -53.45
C LYS F 212 -52.36 -47.26 -52.32
N GLU F 213 -51.29 -46.97 -51.60
CA GLU F 213 -51.35 -46.02 -50.49
C GLU F 213 -50.04 -45.26 -50.40
N ALA F 214 -50.12 -44.03 -49.89
CA ALA F 214 -48.97 -43.14 -49.75
C ALA F 214 -48.27 -42.93 -51.09
N GLY F 215 -49.08 -42.83 -52.16
CA GLY F 215 -48.53 -42.64 -53.49
C GLY F 215 -47.68 -43.77 -53.98
N ALA F 216 -47.98 -45.01 -53.57
CA ALA F 216 -47.20 -46.16 -53.99
C ALA F 216 -48.03 -47.41 -53.74
N ILE F 217 -47.58 -48.53 -54.30
CA ILE F 217 -48.21 -49.83 -54.10
C ILE F 217 -47.48 -50.52 -52.96
N ARG F 218 -48.21 -50.84 -51.90
CA ARG F 218 -47.63 -51.40 -50.68
C ARG F 218 -48.43 -52.62 -50.24
N ILE F 219 -47.83 -53.38 -49.33
CA ILE F 219 -48.52 -54.53 -48.73
C ILE F 219 -49.66 -54.01 -47.86
N ALA F 220 -50.85 -54.59 -48.07
CA ALA F 220 -52.00 -54.18 -47.27
C ALA F 220 -51.78 -54.50 -45.80
N ARG F 221 -51.66 -55.78 -45.45
CA ARG F 221 -51.42 -56.19 -44.08
C ARG F 221 -50.51 -57.42 -44.09
N GLY F 222 -49.92 -57.68 -42.93
CA GLY F 222 -49.03 -58.83 -42.77
C GLY F 222 -49.69 -60.00 -42.07
N VAL F 223 -51.03 -60.05 -42.14
CA VAL F 223 -51.78 -61.10 -41.47
C VAL F 223 -51.49 -62.45 -42.12
N ASN F 224 -51.64 -63.52 -41.34
CA ASN F 224 -51.39 -64.86 -41.83
C ASN F 224 -52.56 -65.35 -42.69
N SER F 225 -52.31 -66.42 -43.43
CA SER F 225 -53.34 -67.01 -44.27
C SER F 225 -54.46 -67.66 -43.47
N LEU F 226 -54.22 -67.96 -42.19
CA LEU F 226 -55.21 -68.66 -41.38
C LEU F 226 -56.44 -67.78 -41.19
N THR F 227 -57.57 -68.22 -41.75
CA THR F 227 -58.79 -67.42 -41.71
C THR F 227 -59.40 -67.40 -40.32
N GLU F 228 -59.50 -68.56 -39.67
CA GLU F 228 -60.16 -68.69 -38.39
C GLU F 228 -59.14 -69.06 -37.31
N LEU F 229 -59.11 -68.26 -36.25
CA LEU F 229 -58.22 -68.49 -35.12
C LEU F 229 -59.04 -68.95 -33.93
N THR F 230 -58.61 -70.04 -33.29
CA THR F 230 -59.34 -70.59 -32.16
C THR F 230 -59.24 -69.67 -30.96
N ALA F 231 -59.98 -70.01 -29.91
CA ALA F 231 -59.98 -69.20 -28.69
C ALA F 231 -58.59 -69.17 -28.06
N GLU F 232 -57.81 -70.24 -28.23
CA GLU F 232 -56.47 -70.26 -27.66
C GLU F 232 -55.48 -69.48 -28.51
N LYS F 233 -55.48 -69.72 -29.83
CA LYS F 233 -54.46 -69.13 -30.68
C LYS F 233 -54.49 -67.61 -30.63
N GLY F 234 -55.67 -67.02 -30.70
CA GLY F 234 -55.84 -65.61 -30.47
C GLY F 234 -55.47 -64.74 -31.67
N GLU F 235 -55.61 -63.43 -31.46
CA GLU F 235 -55.35 -62.46 -32.53
C GLU F 235 -53.87 -62.24 -32.77
N MET F 236 -53.04 -62.34 -31.73
CA MET F 236 -51.61 -62.10 -31.91
C MET F 236 -50.96 -63.14 -32.82
N PHE F 237 -51.58 -64.32 -32.95
CA PHE F 237 -51.03 -65.34 -33.83
C PHE F 237 -51.40 -65.09 -35.29
N GLN F 238 -52.36 -64.21 -35.56
CA GLN F 238 -52.72 -63.89 -36.94
C GLN F 238 -51.62 -63.14 -37.66
N LYS F 239 -50.66 -62.57 -36.94
CA LYS F 239 -49.54 -61.86 -37.56
C LYS F 239 -48.38 -62.82 -37.75
N ILE F 240 -47.87 -62.89 -38.99
CA ILE F 240 -46.73 -63.75 -39.28
C ILE F 240 -45.49 -63.30 -38.52
N LYS F 241 -45.35 -61.99 -38.31
CA LYS F 241 -44.20 -61.47 -37.57
C LYS F 241 -44.16 -62.01 -36.15
N ILE F 242 -45.32 -62.06 -35.47
CA ILE F 242 -45.36 -62.53 -34.10
C ILE F 242 -45.03 -64.02 -34.02
N VAL F 243 -45.58 -64.82 -34.95
CA VAL F 243 -45.33 -66.25 -34.91
C VAL F 243 -43.92 -66.59 -35.37
N ASP F 244 -43.28 -65.71 -36.14
CA ASP F 244 -41.93 -66.00 -36.63
C ASP F 244 -40.94 -66.09 -35.47
N THR F 245 -40.99 -65.12 -34.55
CA THR F 245 -40.08 -65.16 -33.41
C THR F 245 -40.37 -66.32 -32.48
N LEU F 246 -41.65 -66.70 -32.33
CA LEU F 246 -41.98 -67.87 -31.54
C LEU F 246 -41.40 -69.13 -32.17
N ASP F 247 -41.50 -69.26 -33.49
CA ASP F 247 -40.93 -70.41 -34.17
C ASP F 247 -39.41 -70.44 -34.02
N ILE F 248 -38.77 -69.27 -34.14
CA ILE F 248 -37.31 -69.20 -33.99
C ILE F 248 -36.90 -69.62 -32.58
N ILE F 249 -37.62 -69.12 -31.58
CA ILE F 249 -37.31 -69.47 -30.18
C ILE F 249 -37.49 -70.96 -29.96
N HIS F 250 -38.58 -71.53 -30.47
CA HIS F 250 -38.81 -72.96 -30.32
C HIS F 250 -37.71 -73.77 -30.98
N SER F 251 -37.30 -73.37 -32.18
CA SER F 251 -36.24 -74.10 -32.88
C SER F 251 -34.93 -74.01 -32.11
N ASP F 252 -34.59 -72.83 -31.60
CA ASP F 252 -33.35 -72.69 -30.84
C ASP F 252 -33.38 -73.52 -29.57
N ILE F 253 -34.50 -73.51 -28.86
CA ILE F 253 -34.62 -74.29 -27.62
C ILE F 253 -34.49 -75.77 -27.93
N ARG F 254 -35.18 -76.24 -28.97
CA ARG F 254 -35.09 -77.65 -29.34
C ARG F 254 -33.66 -78.03 -29.72
N LYS F 255 -32.99 -77.18 -30.49
CA LYS F 255 -31.62 -77.47 -30.90
C LYS F 255 -30.68 -77.56 -29.70
N VAL F 256 -30.76 -76.59 -28.80
CA VAL F 256 -29.84 -76.59 -27.66
C VAL F 256 -30.15 -77.75 -26.72
N ILE F 257 -31.43 -78.08 -26.54
CA ILE F 257 -31.80 -79.19 -25.67
C ILE F 257 -31.29 -80.50 -26.24
N ILE F 258 -31.46 -80.71 -27.55
CA ILE F 258 -30.97 -81.93 -28.18
C ILE F 258 -29.45 -82.00 -28.07
N ASP F 259 -28.77 -80.88 -28.32
CA ASP F 259 -27.31 -80.88 -28.30
C ASP F 259 -26.75 -81.18 -26.92
N ASP F 260 -27.37 -80.63 -25.87
CA ASP F 260 -26.76 -80.66 -24.55
C ASP F 260 -27.33 -81.73 -23.62
N TYR F 261 -28.65 -81.80 -23.49
CA TYR F 261 -29.23 -82.47 -22.33
C TYR F 261 -29.49 -83.96 -22.53
N ILE F 262 -30.03 -84.38 -23.68
CA ILE F 262 -30.39 -85.78 -23.86
C ILE F 262 -29.12 -86.63 -23.89
N GLY F 263 -29.06 -87.63 -23.01
CA GLY F 263 -27.97 -88.58 -23.00
C GLY F 263 -26.73 -88.13 -22.25
N LYS F 264 -26.28 -86.90 -22.52
CA LYS F 264 -24.98 -86.45 -22.01
C LYS F 264 -24.98 -86.35 -20.49
N VAL F 265 -26.06 -85.85 -19.89
CA VAL F 265 -26.12 -85.59 -18.46
C VAL F 265 -27.20 -86.46 -17.82
N THR F 266 -27.34 -86.31 -16.51
CA THR F 266 -28.21 -87.15 -15.69
C THR F 266 -29.14 -86.29 -14.86
N ASN F 267 -30.36 -86.77 -14.64
CA ASN F 267 -31.33 -86.01 -13.85
C ASN F 267 -30.84 -85.78 -12.44
N SER F 268 -31.16 -84.60 -11.91
CA SER F 268 -30.90 -84.24 -10.53
C SER F 268 -31.64 -82.95 -10.23
N TYR F 269 -32.06 -82.79 -8.98
CA TYR F 269 -32.70 -81.54 -8.59
C TYR F 269 -31.77 -80.37 -8.81
N ASP F 270 -30.48 -80.55 -8.49
CA ASP F 270 -29.48 -79.54 -8.85
C ASP F 270 -29.38 -79.38 -10.35
N ASN F 271 -29.43 -80.49 -11.10
CA ASN F 271 -29.43 -80.40 -12.55
C ASN F 271 -30.70 -79.75 -13.07
N LYS F 272 -31.83 -79.98 -12.40
CA LYS F 272 -33.06 -79.27 -12.74
C LYS F 272 -32.88 -77.76 -12.56
N CYS F 273 -32.26 -77.35 -11.46
CA CYS F 273 -32.01 -75.94 -11.23
C CYS F 273 -31.06 -75.37 -12.28
N LEU F 274 -30.03 -76.13 -12.65
CA LEU F 274 -29.11 -75.69 -13.69
C LEU F 274 -29.80 -75.52 -15.03
N LEU F 275 -30.69 -76.45 -15.38
CA LEU F 275 -31.47 -76.32 -16.61
C LEU F 275 -32.36 -75.08 -16.55
N ILE F 276 -32.99 -74.84 -15.40
CA ILE F 276 -33.83 -73.64 -15.25
C ILE F 276 -32.99 -72.39 -15.45
N VAL F 277 -31.78 -72.35 -14.87
CA VAL F 277 -30.91 -71.20 -15.00
C VAL F 277 -30.48 -71.03 -16.46
N ALA F 278 -30.22 -72.13 -17.16
CA ALA F 278 -29.84 -72.03 -18.56
C ALA F 278 -30.97 -71.46 -19.41
N ILE F 279 -32.20 -71.92 -19.16
CA ILE F 279 -33.34 -71.39 -19.92
C ILE F 279 -33.57 -69.93 -19.56
N LYS F 280 -33.35 -69.55 -18.29
CA LYS F 280 -33.45 -68.15 -17.90
C LYS F 280 -32.41 -67.30 -18.61
N SER F 281 -31.19 -67.82 -18.76
CA SER F 281 -30.16 -67.10 -19.50
C SER F 281 -30.54 -66.96 -20.98
N TYR F 282 -31.15 -68.00 -21.55
CA TYR F 282 -31.62 -67.90 -22.93
C TYR F 282 -32.71 -66.84 -23.07
N LEU F 283 -33.63 -66.78 -22.09
CA LEU F 283 -34.66 -65.74 -22.11
C LEU F 283 -34.06 -64.36 -21.95
N GLU F 284 -33.01 -64.24 -21.13
CA GLU F 284 -32.32 -62.96 -20.99
C GLU F 284 -31.66 -62.56 -22.30
N GLU F 285 -31.08 -63.53 -23.01
CA GLU F 285 -30.52 -63.24 -24.33
C GLU F 285 -31.61 -62.77 -25.29
N LEU F 286 -32.78 -63.40 -25.25
CA LEU F 286 -33.89 -62.95 -26.09
C LEU F 286 -34.30 -61.52 -25.74
N GLU F 287 -34.35 -61.22 -24.44
CA GLU F 287 -34.70 -59.86 -24.01
C GLU F 287 -33.68 -58.85 -24.49
N LYS F 288 -32.39 -59.20 -24.40
CA LYS F 288 -31.35 -58.32 -24.92
C LYS F 288 -31.47 -58.15 -26.42
N SER F 289 -31.98 -59.17 -27.12
CA SER F 289 -32.26 -59.02 -28.54
C SER F 289 -33.42 -58.06 -28.80
N ALA F 290 -34.18 -57.71 -27.76
CA ALA F 290 -35.29 -56.76 -27.80
C ALA F 290 -36.44 -57.24 -28.70
N LEU F 291 -36.40 -58.49 -29.16
CA LEU F 291 -37.50 -59.01 -29.96
C LEU F 291 -38.75 -59.23 -29.12
N ILE F 292 -38.59 -59.64 -27.87
CA ILE F 292 -39.71 -59.87 -26.97
C ILE F 292 -39.41 -59.19 -25.64
N GLU F 293 -40.48 -58.80 -24.94
CA GLU F 293 -40.31 -58.15 -23.65
C GLU F 293 -39.80 -59.13 -22.59
N SER F 294 -40.44 -60.30 -22.50
CA SER F 294 -39.99 -61.40 -21.65
C SER F 294 -39.86 -60.98 -20.18
N ASP F 295 -41.02 -60.61 -19.60
CA ASP F 295 -41.02 -60.21 -18.20
C ASP F 295 -40.90 -61.41 -17.27
N SER F 296 -41.60 -62.50 -17.59
CA SER F 296 -41.71 -63.62 -16.67
C SER F 296 -40.57 -64.62 -16.89
N THR F 297 -40.54 -65.67 -16.05
CA THR F 297 -39.44 -66.62 -16.04
C THR F 297 -39.95 -68.07 -16.14
N VAL F 298 -39.06 -69.02 -15.92
CA VAL F 298 -39.35 -70.45 -16.02
C VAL F 298 -39.26 -71.06 -14.63
N GLU F 299 -40.07 -72.10 -14.42
CA GLU F 299 -40.08 -72.81 -13.14
C GLU F 299 -40.56 -74.23 -13.37
N ILE F 300 -40.74 -74.96 -12.28
CA ILE F 300 -41.17 -76.35 -12.33
C ILE F 300 -42.70 -76.41 -12.42
N ASP F 301 -43.20 -77.23 -13.34
CA ASP F 301 -44.64 -77.43 -13.47
C ASP F 301 -45.11 -78.35 -12.36
N PHE F 302 -45.75 -77.78 -11.34
CA PHE F 302 -46.20 -78.58 -10.20
C PHE F 302 -47.28 -79.57 -10.60
N GLU F 303 -48.18 -79.16 -11.50
CA GLU F 303 -49.24 -80.06 -11.95
C GLU F 303 -48.67 -81.26 -12.68
N ALA F 304 -47.66 -81.03 -13.54
CA ALA F 304 -47.02 -82.15 -14.24
C ALA F 304 -46.33 -83.09 -13.27
N GLN F 305 -45.66 -82.55 -12.26
CA GLN F 305 -45.03 -83.40 -11.25
C GLN F 305 -46.07 -84.20 -10.47
N LYS F 306 -47.19 -83.57 -10.12
CA LYS F 306 -48.26 -84.30 -9.44
C LYS F 306 -48.81 -85.42 -10.31
N SER F 307 -48.98 -85.15 -11.60
CA SER F 307 -49.44 -86.19 -12.52
C SER F 307 -48.44 -87.33 -12.60
N TYR F 308 -47.14 -87.01 -12.63
CA TYR F 308 -46.12 -88.05 -12.67
C TYR F 308 -46.15 -88.91 -11.41
N LEU F 309 -46.27 -88.27 -10.24
CA LEU F 309 -46.37 -89.03 -9.00
C LEU F 309 -47.63 -89.89 -8.97
N LYS F 310 -48.75 -89.37 -9.49
CA LYS F 310 -49.96 -90.17 -9.58
C LYS F 310 -49.75 -91.38 -10.48
N SER F 311 -49.06 -91.18 -11.61
CA SER F 311 -48.73 -92.31 -12.48
C SER F 311 -47.84 -93.32 -11.77
N LYS F 312 -46.90 -92.84 -10.94
CA LYS F 312 -46.08 -93.73 -10.13
C LYS F 312 -46.90 -94.48 -9.09
N GLY F 313 -48.11 -94.01 -8.78
CA GLY F 313 -48.93 -94.66 -7.78
C GLY F 313 -48.62 -94.31 -6.35
N VAL F 314 -47.70 -93.38 -6.11
CA VAL F 314 -47.33 -92.99 -4.76
C VAL F 314 -48.45 -92.14 -4.17
N ASP F 315 -48.87 -92.47 -2.95
CA ASP F 315 -49.87 -91.68 -2.25
C ASP F 315 -49.35 -90.26 -2.03
N LEU F 316 -50.20 -89.27 -2.31
CA LEU F 316 -49.82 -87.88 -2.21
C LEU F 316 -49.75 -87.39 -0.76
N SER F 317 -50.42 -88.06 0.16
CA SER F 317 -50.53 -87.58 1.52
C SER F 317 -49.19 -87.63 2.25
N TYR F 318 -49.01 -86.67 3.17
CA TYR F 318 -47.90 -86.68 4.14
C TYR F 318 -46.53 -86.49 3.48
N MET F 319 -46.42 -85.48 2.62
CA MET F 319 -45.13 -84.96 2.19
C MET F 319 -45.16 -83.45 2.22
N THR F 320 -43.99 -82.85 2.40
CA THR F 320 -43.86 -81.41 2.29
C THR F 320 -43.98 -80.98 0.84
N LEU F 321 -44.49 -79.76 0.62
CA LEU F 321 -44.63 -79.25 -0.74
C LEU F 321 -43.26 -79.13 -1.41
N GLN F 322 -42.26 -78.67 -0.68
CA GLN F 322 -40.90 -78.64 -1.22
C GLN F 322 -40.40 -80.04 -1.53
N GLU F 323 -40.71 -81.00 -0.66
CA GLU F 323 -40.31 -82.39 -0.92
C GLU F 323 -40.97 -82.92 -2.18
N ILE F 324 -42.25 -82.61 -2.39
CA ILE F 324 -42.94 -83.03 -3.60
C ILE F 324 -42.29 -82.37 -4.81
N LYS F 325 -41.93 -81.09 -4.69
CA LYS F 325 -41.28 -80.40 -5.79
C LYS F 325 -39.94 -81.02 -6.15
N GLU F 326 -39.16 -81.41 -5.14
CA GLU F 326 -37.83 -81.96 -5.35
C GLU F 326 -37.84 -83.49 -5.48
N ALA F 327 -39.01 -84.11 -5.48
CA ALA F 327 -39.09 -85.56 -5.60
C ALA F 327 -38.56 -86.02 -6.97
N ASN F 328 -38.12 -87.27 -7.00
CA ASN F 328 -37.55 -87.82 -8.23
C ASN F 328 -38.60 -87.89 -9.33
N THR F 329 -38.19 -87.52 -10.54
CA THR F 329 -39.05 -87.56 -11.71
C THR F 329 -38.61 -88.63 -12.71
N GLY F 330 -37.68 -89.50 -12.33
CA GLY F 330 -37.16 -90.48 -13.25
C GLY F 330 -36.44 -89.82 -14.41
N SER F 331 -36.50 -90.47 -15.58
CA SER F 331 -35.96 -89.87 -16.78
C SER F 331 -36.82 -88.72 -17.28
N LYS F 332 -38.08 -88.65 -16.84
CA LYS F 332 -38.98 -87.58 -17.25
C LYS F 332 -38.53 -86.24 -16.67
N VAL F 333 -38.73 -85.18 -17.46
CA VAL F 333 -38.41 -83.82 -17.05
C VAL F 333 -39.64 -82.96 -17.26
N PHE F 334 -40.00 -82.16 -16.25
CA PHE F 334 -41.18 -81.31 -16.31
C PHE F 334 -40.80 -79.88 -16.00
N LEU F 335 -41.36 -78.93 -16.77
CA LEU F 335 -41.06 -77.52 -16.61
C LEU F 335 -42.28 -76.70 -16.97
N LYS F 336 -42.34 -75.48 -16.42
CA LYS F 336 -43.41 -74.53 -16.69
C LYS F 336 -42.80 -73.16 -16.88
N ALA F 337 -43.28 -72.42 -17.89
CA ALA F 337 -42.76 -71.10 -18.19
C ALA F 337 -43.86 -70.22 -18.75
N LYS F 338 -43.51 -68.95 -18.97
CA LYS F 338 -44.41 -67.96 -19.54
C LYS F 338 -43.58 -66.81 -20.10
N ILE F 339 -43.95 -66.34 -21.28
CA ILE F 339 -43.18 -65.33 -21.99
C ILE F 339 -44.10 -64.20 -22.42
N LYS F 340 -43.50 -63.03 -22.63
CA LYS F 340 -44.19 -61.87 -23.17
C LYS F 340 -43.51 -61.45 -24.47
N VAL F 341 -44.32 -61.31 -25.52
CA VAL F 341 -43.81 -61.05 -26.87
C VAL F 341 -44.10 -59.59 -27.23
N LEU F 342 -43.07 -58.88 -27.67
CA LEU F 342 -43.23 -57.51 -28.12
C LEU F 342 -44.00 -57.49 -29.45
N ASP F 343 -44.72 -56.40 -29.68
CA ASP F 343 -45.57 -56.26 -30.85
C ASP F 343 -45.08 -55.11 -31.71
N ALA F 344 -45.33 -55.23 -33.01
CA ALA F 344 -44.98 -54.17 -33.95
C ALA F 344 -45.96 -52.99 -33.82
N MET F 345 -45.57 -51.86 -34.39
CA MET F 345 -46.37 -50.65 -34.37
C MET F 345 -47.20 -50.60 -35.64
N GLU F 346 -48.52 -50.69 -35.49
CA GLU F 346 -49.39 -50.77 -36.66
C GLU F 346 -50.59 -49.83 -36.57
N ASP F 347 -50.97 -49.44 -35.36
CA ASP F 347 -52.20 -48.66 -35.15
C ASP F 347 -51.88 -47.49 -34.22
N ILE F 348 -51.48 -46.36 -34.80
CA ILE F 348 -51.20 -45.16 -34.03
C ILE F 348 -52.48 -44.35 -33.89
N ASP F 349 -52.84 -44.03 -32.65
CA ASP F 349 -54.00 -43.20 -32.36
C ASP F 349 -53.53 -41.99 -31.57
N LEU F 350 -54.10 -40.83 -31.87
CA LEU F 350 -53.68 -39.59 -31.26
C LEU F 350 -54.87 -38.65 -31.14
N SER F 351 -54.76 -37.68 -30.24
CA SER F 351 -55.74 -36.62 -30.10
C SER F 351 -55.03 -35.33 -29.73
N ILE F 352 -55.46 -34.23 -30.34
CA ILE F 352 -54.90 -32.91 -30.09
C ILE F 352 -55.92 -32.11 -29.29
N GLU F 353 -55.43 -31.10 -28.57
CA GLU F 353 -56.27 -30.25 -27.74
C GLU F 353 -55.98 -28.79 -28.05
N ILE F 354 -56.92 -28.13 -28.70
CA ILE F 354 -56.77 -26.71 -29.04
C ILE F 354 -57.05 -25.85 -27.82
N MET G 1 -68.40 35.04 -68.09
CA MET G 1 -67.83 36.37 -68.23
C MET G 1 -67.15 36.81 -66.94
N TYR G 2 -65.88 37.20 -67.04
CA TYR G 2 -65.13 37.58 -65.85
C TYR G 2 -65.70 38.84 -65.21
N SER G 3 -66.12 39.82 -66.03
CA SER G 3 -66.67 41.06 -65.49
C SER G 3 -68.07 40.87 -64.92
N ASP G 4 -68.84 39.92 -65.47
CA ASP G 4 -70.18 39.68 -64.96
C ASP G 4 -70.15 39.21 -63.52
N GLN G 5 -69.22 38.32 -63.19
CA GLN G 5 -69.07 37.86 -61.82
C GLN G 5 -68.29 38.88 -61.01
N THR G 6 -68.88 39.34 -59.91
CA THR G 6 -68.24 40.32 -59.04
C THR G 6 -68.25 39.80 -57.60
N TYR G 7 -67.54 40.53 -56.74
CA TYR G 7 -67.25 40.06 -55.39
C TYR G 7 -68.53 39.71 -54.62
N GLU G 8 -69.38 40.72 -54.39
CA GLU G 8 -70.56 40.50 -53.55
C GLU G 8 -71.56 39.56 -54.21
N VAL G 9 -71.70 39.61 -55.53
CA VAL G 9 -72.68 38.76 -56.20
C VAL G 9 -72.31 37.29 -56.04
N ILE G 10 -71.05 36.94 -56.28
CA ILE G 10 -70.63 35.55 -56.14
C ILE G 10 -70.60 35.16 -54.67
N LYS G 11 -70.31 36.09 -53.77
CA LYS G 11 -70.41 35.81 -52.34
C LYS G 11 -71.83 35.40 -51.97
N ASN G 12 -72.82 36.18 -52.39
CA ASN G 12 -74.20 35.88 -52.08
C ASN G 12 -74.65 34.59 -52.75
N ARG G 13 -74.18 34.34 -53.98
CA ARG G 13 -74.52 33.10 -54.66
C ARG G 13 -73.97 31.89 -53.92
N THR G 14 -72.73 31.97 -53.46
CA THR G 14 -72.14 30.87 -52.70
C THR G 14 -72.90 30.66 -51.40
N LEU G 15 -73.29 31.74 -50.73
CA LEU G 15 -74.05 31.61 -49.49
C LEU G 15 -75.42 30.97 -49.76
N GLU G 16 -76.07 31.35 -50.85
CA GLU G 16 -77.44 30.90 -51.11
C GLU G 16 -77.48 29.47 -51.64
N ASN G 17 -76.48 29.05 -52.42
CA ASN G 17 -76.54 27.76 -53.08
C ASN G 17 -76.63 26.61 -52.09
N ILE G 18 -76.00 26.74 -50.93
CA ILE G 18 -76.07 25.72 -49.89
C ILE G 18 -77.21 26.07 -48.95
N ASN G 19 -78.12 25.12 -48.74
CA ASN G 19 -79.22 25.29 -47.80
C ASN G 19 -78.75 24.92 -46.41
N LEU G 20 -78.80 25.88 -45.48
CA LEU G 20 -78.32 25.69 -44.13
C LEU G 20 -79.47 25.87 -43.15
N ASP G 21 -79.59 24.94 -42.20
CA ASP G 21 -80.44 25.19 -41.04
C ASP G 21 -79.84 26.23 -40.11
N ILE G 22 -78.59 26.62 -40.34
CA ILE G 22 -77.90 27.62 -39.53
C ILE G 22 -78.23 29.00 -40.08
N TYR G 23 -78.62 29.91 -39.18
CA TYR G 23 -78.83 31.29 -39.58
C TYR G 23 -77.51 31.94 -39.98
N LYS G 24 -77.56 32.71 -41.06
CA LYS G 24 -76.38 33.39 -41.59
C LYS G 24 -76.40 34.85 -41.17
N GLY G 25 -75.33 35.30 -40.52
CA GLY G 25 -75.23 36.67 -40.07
C GLY G 25 -73.88 37.26 -40.38
N GLU G 26 -73.80 38.58 -40.30
CA GLU G 26 -72.55 39.28 -40.55
C GLU G 26 -71.54 38.96 -39.46
N GLY G 27 -70.29 38.75 -39.88
CA GLY G 27 -69.22 38.42 -38.95
C GLY G 27 -69.19 36.98 -38.51
N SER G 28 -70.09 36.13 -39.00
CA SER G 28 -70.11 34.73 -38.61
C SER G 28 -68.90 34.00 -39.17
N PHE G 29 -68.50 32.93 -38.47
CA PHE G 29 -67.37 32.13 -38.92
C PHE G 29 -67.61 31.56 -40.31
N LEU G 30 -68.83 31.07 -40.57
CA LEU G 30 -69.18 30.67 -41.92
C LEU G 30 -69.14 31.85 -42.87
N ASN G 31 -69.66 33.00 -42.43
CA ASN G 31 -69.59 34.20 -43.25
C ASN G 31 -68.16 34.63 -43.48
N ASN G 32 -67.31 34.52 -42.45
CA ASN G 32 -65.91 34.90 -42.60
C ASN G 32 -65.19 34.01 -43.61
N MET G 33 -65.42 32.70 -43.55
CA MET G 33 -64.74 31.81 -44.49
C MET G 33 -65.29 31.98 -45.91
N VAL G 34 -66.59 32.21 -46.04
CA VAL G 34 -67.15 32.54 -47.35
C VAL G 34 -66.53 33.82 -47.88
N SER G 35 -66.31 34.79 -47.00
CA SER G 35 -65.68 36.05 -47.41
C SER G 35 -64.26 35.83 -47.88
N GLY G 36 -63.50 34.99 -47.18
CA GLY G 36 -62.13 34.71 -47.61
C GLY G 36 -62.09 33.99 -48.95
N ASN G 37 -62.94 32.98 -49.12
CA ASN G 37 -63.01 32.29 -50.41
C ASN G 37 -63.45 33.23 -51.52
N ASN G 38 -64.39 34.12 -51.22
CA ASN G 38 -64.84 35.10 -52.21
C ASN G 38 -63.73 36.08 -52.55
N LEU G 39 -62.91 36.46 -51.57
CA LEU G 39 -61.78 37.34 -51.85
C LEU G 39 -60.79 36.66 -52.79
N GLU G 40 -60.48 35.39 -52.52
CA GLU G 40 -59.57 34.66 -53.40
C GLU G 40 -60.17 34.52 -54.80
N LEU G 41 -61.46 34.21 -54.89
CA LEU G 41 -62.11 34.05 -56.18
C LEU G 41 -62.16 35.37 -56.95
N SER G 42 -62.38 36.48 -56.25
CA SER G 42 -62.36 37.79 -56.90
C SER G 42 -60.96 38.14 -57.38
N LYS G 43 -59.93 37.75 -56.62
CA LYS G 43 -58.57 37.90 -57.10
C LYS G 43 -58.36 37.12 -58.39
N ILE G 44 -58.87 35.88 -58.43
CA ILE G 44 -58.74 35.05 -59.63
C ILE G 44 -59.46 35.71 -60.81
N TYR G 45 -60.67 36.23 -60.57
CA TYR G 45 -61.43 36.87 -61.64
C TYR G 45 -60.75 38.13 -62.13
N LEU G 46 -60.17 38.92 -61.22
CA LEU G 46 -59.42 40.10 -61.62
C LEU G 46 -58.19 39.71 -62.44
N GLU G 47 -57.51 38.62 -62.05
CA GLU G 47 -56.38 38.15 -62.84
C GLU G 47 -56.83 37.71 -64.22
N LEU G 48 -57.99 37.04 -64.31
CA LEU G 48 -58.50 36.64 -65.62
C LEU G 48 -58.83 37.85 -66.49
N SER G 49 -59.43 38.88 -65.88
CA SER G 49 -59.69 40.12 -66.62
C SER G 49 -58.40 40.74 -67.11
N LYS G 50 -57.37 40.76 -66.25
CA LYS G 50 -56.08 41.30 -66.67
C LYS G 50 -55.48 40.48 -67.80
N MET G 51 -55.64 39.16 -67.75
CA MET G 51 -55.15 38.31 -68.84
C MET G 51 -55.87 38.59 -70.15
N HIS G 52 -57.19 38.81 -70.07
CA HIS G 52 -57.93 39.19 -71.27
C HIS G 52 -57.44 40.52 -71.82
N LYS G 53 -57.19 41.49 -70.94
CA LYS G 53 -56.64 42.77 -71.37
C LYS G 53 -55.28 42.58 -72.03
N MET G 54 -54.43 41.73 -71.45
CA MET G 54 -53.13 41.45 -72.05
C MET G 54 -53.28 40.82 -73.43
N ALA G 55 -54.24 39.91 -73.57
CA ALA G 55 -54.49 39.29 -74.87
C ALA G 55 -54.90 40.33 -75.90
N PHE G 56 -55.74 41.27 -75.51
CA PHE G 56 -56.09 42.35 -76.43
C PHE G 56 -55.17 43.56 -76.31
N ILE G 57 -54.29 43.59 -75.30
CA ILE G 57 -53.19 44.53 -75.15
C ILE G 57 -53.62 45.98 -75.43
N GLN G 58 -54.88 46.29 -75.11
CA GLN G 58 -55.44 47.61 -75.44
C GLN G 58 -54.66 48.73 -74.76
N ASP G 59 -54.65 48.75 -73.44
CA ASP G 59 -54.07 49.87 -72.70
C ASP G 59 -52.62 49.62 -72.30
N THR G 60 -52.36 48.54 -71.57
CA THR G 60 -51.03 48.28 -71.04
C THR G 60 -50.10 47.82 -72.15
N TYR G 61 -48.84 48.24 -72.06
CA TYR G 61 -47.79 47.82 -72.99
C TYR G 61 -47.13 46.55 -72.49
N ASN G 62 -46.95 45.58 -73.37
CA ASN G 62 -46.30 44.33 -73.01
C ASN G 62 -45.71 43.71 -74.27
N GLN G 63 -45.01 42.59 -74.08
CA GLN G 63 -44.39 41.88 -75.20
C GLN G 63 -45.41 41.32 -76.16
N PHE G 64 -46.66 41.13 -75.72
CA PHE G 64 -47.70 40.66 -76.63
C PHE G 64 -47.91 41.63 -77.78
N LEU G 65 -47.95 42.93 -77.48
CA LEU G 65 -48.14 43.93 -78.52
C LEU G 65 -46.98 43.91 -79.51
N ASP G 66 -45.75 43.85 -79.01
CA ASP G 66 -44.59 43.84 -79.89
C ASP G 66 -44.57 42.60 -80.77
N LYS G 67 -44.88 41.44 -80.19
CA LYS G 67 -44.90 40.21 -80.99
C LYS G 67 -46.01 40.25 -82.03
N ARG G 68 -47.18 40.78 -81.68
CA ARG G 68 -48.26 40.86 -82.66
C ARG G 68 -47.90 41.83 -83.79
N VAL G 69 -47.25 42.95 -83.45
CA VAL G 69 -46.79 43.87 -84.47
C VAL G 69 -45.78 43.20 -85.39
N ASN G 70 -44.88 42.39 -84.82
CA ASN G 70 -43.95 41.62 -85.63
C ASN G 70 -44.68 40.64 -86.53
N GLU G 71 -45.77 40.04 -86.04
CA GLU G 71 -46.61 39.21 -86.89
C GLU G 71 -47.16 40.01 -88.06
N PHE G 72 -47.58 41.24 -87.80
CA PHE G 72 -48.09 42.10 -88.87
C PHE G 72 -46.98 42.63 -89.78
N GLY G 73 -45.72 42.39 -89.45
CA GLY G 73 -44.61 42.73 -90.32
C GLY G 73 -43.83 43.97 -89.94
N VAL G 74 -44.35 44.80 -89.05
CA VAL G 74 -43.64 46.01 -88.64
C VAL G 74 -42.58 45.63 -87.60
N TYR G 75 -41.39 46.20 -87.75
CA TYR G 75 -40.23 45.86 -86.95
C TYR G 75 -39.80 47.07 -86.12
N ARG G 76 -39.38 46.81 -84.87
CA ARG G 76 -38.94 47.87 -83.97
C ARG G 76 -37.55 48.32 -84.37
N LYS G 77 -37.44 49.54 -84.90
CA LYS G 77 -36.16 50.09 -85.35
C LYS G 77 -35.38 50.56 -84.13
N LEU G 78 -34.38 49.77 -83.73
CA LEU G 78 -33.61 50.10 -82.53
C LEU G 78 -32.88 51.43 -82.68
N GLY G 79 -32.27 51.67 -83.83
CA GLY G 79 -31.58 52.91 -84.12
C GLY G 79 -30.15 52.67 -84.53
N THR G 80 -29.42 53.78 -84.70
CA THR G 80 -28.03 53.76 -85.13
C THR G 80 -27.18 54.54 -84.17
N GLU G 81 -25.90 54.19 -84.10
CA GLU G 81 -24.95 54.85 -83.22
C GLU G 81 -24.35 56.07 -83.91
N SER G 82 -24.03 57.08 -83.12
CA SER G 82 -23.43 58.30 -83.65
C SER G 82 -22.01 58.03 -84.16
N ASN G 83 -21.65 58.73 -85.23
CA ASN G 83 -20.34 58.58 -85.85
C ASN G 83 -19.68 59.94 -85.98
N GLY G 84 -18.36 59.97 -85.82
CA GLY G 84 -17.61 61.21 -85.93
C GLY G 84 -16.13 60.92 -85.95
N GLU G 85 -15.35 61.99 -86.06
CA GLU G 85 -13.89 61.90 -86.10
C GLU G 85 -13.31 62.86 -85.07
N VAL G 86 -12.29 62.39 -84.35
CA VAL G 86 -11.64 63.19 -83.32
C VAL G 86 -10.18 63.38 -83.68
N GLU G 87 -9.57 64.39 -83.08
CA GLU G 87 -8.16 64.71 -83.30
C GLU G 87 -7.36 64.41 -82.04
N PHE G 88 -6.28 63.66 -82.20
CA PHE G 88 -5.40 63.30 -81.09
C PHE G 88 -4.20 64.24 -81.10
N ILE G 89 -3.99 64.93 -79.97
CA ILE G 89 -2.92 65.90 -79.84
C ILE G 89 -1.99 65.45 -78.72
N GLY G 90 -0.70 65.38 -79.02
CA GLY G 90 0.26 64.95 -78.02
C GLY G 90 1.62 64.68 -78.62
N GLU G 91 2.38 63.82 -77.94
CA GLU G 91 3.73 63.49 -78.40
C GLU G 91 3.69 62.75 -79.73
N LYS G 92 4.58 63.13 -80.63
CA LYS G 92 4.66 62.48 -81.93
C LYS G 92 5.18 61.05 -81.78
N GLY G 93 4.66 60.15 -82.62
CA GLY G 93 5.07 58.77 -82.62
C GLY G 93 4.17 57.84 -81.82
N THR G 94 3.32 58.37 -80.96
CA THR G 94 2.39 57.54 -80.20
C THR G 94 1.35 56.94 -81.13
N VAL G 95 1.06 55.66 -80.94
CA VAL G 95 0.15 54.91 -81.79
C VAL G 95 -1.11 54.62 -80.99
N ILE G 96 -2.26 55.03 -81.51
CA ILE G 96 -3.56 54.79 -80.89
C ILE G 96 -4.22 53.68 -81.70
N ASN G 97 -4.19 52.46 -81.16
CA ASN G 97 -4.65 51.29 -81.89
C ASN G 97 -6.17 51.26 -81.97
N ASN G 98 -6.67 50.36 -82.82
CA ASN G 98 -8.11 50.19 -82.98
C ASN G 98 -8.72 49.67 -81.68
N GLY G 99 -9.95 50.08 -81.43
CA GLY G 99 -10.63 49.71 -80.20
C GLY G 99 -10.31 50.58 -79.00
N THR G 100 -9.56 51.66 -79.19
CA THR G 100 -9.23 52.55 -78.09
C THR G 100 -10.49 53.23 -77.57
N ILE G 101 -10.59 53.34 -76.24
CA ILE G 101 -11.79 53.83 -75.58
C ILE G 101 -11.56 55.27 -75.14
N ILE G 102 -12.47 56.15 -75.53
CA ILE G 102 -12.45 57.55 -75.10
C ILE G 102 -13.82 57.90 -74.54
N SER G 103 -13.84 58.63 -73.43
CA SER G 103 -15.07 58.96 -72.74
C SER G 103 -15.25 60.47 -72.68
N TYR G 104 -16.45 60.93 -73.03
CA TYR G 104 -16.85 62.33 -72.88
C TYR G 104 -18.00 62.36 -71.90
N ARG G 105 -17.76 62.89 -70.70
CA ARG G 105 -18.75 62.95 -69.61
C ARG G 105 -19.19 61.52 -69.34
N ASP G 106 -20.49 61.23 -69.24
CA ASP G 106 -20.94 59.86 -69.04
C ASP G 106 -20.88 59.03 -70.32
N LEU G 107 -21.00 59.67 -71.47
CA LEU G 107 -21.01 58.95 -72.74
C LEU G 107 -19.65 58.31 -73.01
N LEU G 108 -19.69 57.15 -73.66
CA LEU G 108 -18.51 56.36 -73.97
C LEU G 108 -18.37 56.21 -75.47
N PHE G 109 -17.13 56.34 -75.96
CA PHE G 109 -16.84 56.28 -77.39
C PHE G 109 -15.64 55.36 -77.62
N VAL G 110 -15.54 54.87 -78.85
CA VAL G 110 -14.49 53.94 -79.25
C VAL G 110 -13.84 54.43 -80.53
N VAL G 111 -12.51 54.32 -80.60
CA VAL G 111 -11.77 54.69 -81.80
C VAL G 111 -11.85 53.55 -82.81
N ILE G 112 -12.09 53.90 -84.07
CA ILE G 112 -12.32 52.91 -85.11
C ILE G 112 -11.05 52.64 -85.93
N LYS G 113 -10.24 53.66 -86.18
CA LYS G 113 -9.07 53.53 -87.03
C LYS G 113 -7.80 53.70 -86.21
N ASP G 114 -6.80 52.84 -86.47
CA ASP G 114 -5.51 52.93 -85.82
C ASP G 114 -4.79 54.19 -86.29
N VAL G 115 -4.66 55.17 -85.41
CA VAL G 115 -4.09 56.47 -85.74
C VAL G 115 -2.80 56.66 -84.94
N THR G 116 -1.77 57.17 -85.61
CA THR G 116 -0.49 57.49 -84.98
C THR G 116 -0.32 59.01 -84.98
N ILE G 117 -0.06 59.57 -83.80
CA ILE G 117 0.09 61.01 -83.68
C ILE G 117 1.38 61.45 -84.37
N GLY G 118 1.26 62.45 -85.24
CA GLY G 118 2.40 62.96 -85.98
C GLY G 118 2.78 62.16 -87.20
N SER G 119 2.03 61.11 -87.53
CA SER G 119 2.33 60.30 -88.70
C SER G 119 1.78 60.98 -89.96
N GLU G 120 2.16 60.44 -91.12
CA GLU G 120 1.71 60.98 -92.39
C GLU G 120 0.23 60.71 -92.66
N GLU G 121 -0.41 59.86 -91.86
CA GLU G 121 -1.82 59.57 -92.01
C GLU G 121 -2.72 60.56 -91.27
N GLY G 122 -2.13 61.53 -90.56
CA GLY G 122 -2.89 62.51 -89.83
C GLY G 122 -3.19 62.06 -88.41
N ASP G 123 -3.66 63.01 -87.61
CA ASP G 123 -4.02 62.77 -86.21
C ASP G 123 -5.52 62.61 -86.01
N ASN G 124 -6.28 62.47 -87.09
CA ASN G 124 -7.73 62.34 -87.02
C ASN G 124 -8.13 60.89 -87.28
N SER G 125 -8.97 60.34 -86.40
CA SER G 125 -9.45 58.98 -86.54
C SER G 125 -10.97 58.94 -86.34
N PRO G 126 -11.69 58.20 -87.17
CA PRO G 126 -13.14 58.07 -86.98
C PRO G 126 -13.47 57.43 -85.65
N VAL G 127 -14.56 57.90 -85.03
CA VAL G 127 -15.02 57.40 -83.74
C VAL G 127 -16.52 57.13 -83.85
N GLN G 128 -16.93 55.93 -83.44
CA GLN G 128 -18.33 55.54 -83.44
C GLN G 128 -18.84 55.45 -82.02
N ALA G 129 -20.05 55.94 -81.79
CA ALA G 129 -20.66 55.85 -80.48
C ALA G 129 -20.86 54.39 -80.08
N LEU G 130 -20.56 54.07 -78.82
CA LEU G 130 -20.69 52.71 -78.33
C LEU G 130 -22.13 52.34 -77.99
N GLU G 131 -23.04 53.30 -77.97
CA GLU G 131 -24.44 53.03 -77.67
C GLU G 131 -25.33 53.88 -78.58
N VAL G 132 -26.54 53.39 -78.80
CA VAL G 132 -27.52 54.09 -79.63
C VAL G 132 -28.17 55.19 -78.82
N GLY G 133 -28.43 56.32 -79.46
CA GLY G 133 -29.10 57.43 -78.81
C GLY G 133 -28.68 58.76 -79.42
N LYS G 134 -29.59 59.73 -79.32
CA LYS G 134 -29.30 61.08 -79.83
C LYS G 134 -28.31 61.83 -78.95
N LYS G 135 -28.18 61.44 -77.69
CA LYS G 135 -27.23 62.10 -76.79
C LYS G 135 -25.80 61.96 -77.27
N TYR G 136 -25.50 60.92 -78.05
CA TYR G 136 -24.14 60.71 -78.56
C TYR G 136 -23.80 61.60 -79.73
N ASN G 137 -24.78 62.32 -80.29
CA ASN G 137 -24.54 63.25 -81.39
C ASN G 137 -23.91 64.53 -80.85
N LEU G 138 -22.64 64.40 -80.46
CA LEU G 138 -21.94 65.50 -79.82
C LEU G 138 -21.64 66.61 -80.82
N PRO G 139 -21.61 67.86 -80.36
CA PRO G 139 -21.21 68.97 -81.25
C PRO G 139 -19.71 68.98 -81.50
N THR G 140 -19.25 69.91 -82.34
CA THR G 140 -17.83 69.97 -82.68
C THR G 140 -17.03 70.54 -81.52
N ASN G 141 -15.71 70.30 -81.58
CA ASN G 141 -14.74 70.84 -80.61
C ASN G 141 -15.03 70.38 -79.19
N CYS G 142 -15.61 69.19 -79.03
CA CYS G 142 -15.79 68.61 -77.71
C CYS G 142 -14.52 67.94 -77.25
N GLU G 143 -14.20 68.09 -75.96
CA GLU G 143 -13.00 67.50 -75.38
C GLU G 143 -13.31 66.10 -74.87
N PHE G 144 -12.56 65.12 -75.37
CA PHE G 144 -12.74 63.72 -74.99
C PHE G 144 -11.63 63.29 -74.05
N LYS G 145 -11.95 62.32 -73.19
CA LYS G 145 -11.04 61.83 -72.18
C LYS G 145 -10.80 60.34 -72.38
N LEU G 146 -9.53 59.94 -72.29
CA LEU G 146 -9.16 58.54 -72.47
C LEU G 146 -9.51 57.74 -71.22
N VAL G 147 -10.32 56.70 -71.40
CA VAL G 147 -10.59 55.77 -70.31
C VAL G 147 -9.32 55.07 -69.87
N ASP G 148 -8.55 54.59 -70.85
CA ASP G 148 -7.24 53.98 -70.61
C ASP G 148 -6.17 55.01 -70.94
N ASN G 149 -5.34 55.33 -69.95
CA ASN G 149 -4.32 56.35 -70.14
C ASN G 149 -3.25 55.87 -71.12
N ILE G 150 -2.92 56.71 -72.10
CA ILE G 150 -1.89 56.41 -73.08
C ILE G 150 -0.82 57.48 -73.00
N SER G 151 0.42 57.06 -72.87
CA SER G 151 1.54 58.01 -72.79
C SER G 151 1.68 58.76 -74.11
N GLY G 152 1.94 60.06 -74.00
CA GLY G 152 2.13 60.89 -75.18
C GLY G 152 0.86 61.43 -75.79
N VAL G 153 -0.29 61.21 -75.18
CA VAL G 153 -1.57 61.74 -75.65
C VAL G 153 -2.04 62.79 -74.64
N THR G 154 -2.32 63.99 -75.13
CA THR G 154 -2.68 65.12 -74.28
C THR G 154 -4.11 65.58 -74.49
N LYS G 155 -4.47 65.93 -75.72
CA LYS G 155 -5.80 66.49 -76.02
C LYS G 155 -6.50 65.65 -77.07
N ILE G 156 -7.79 65.43 -76.87
CA ILE G 156 -8.64 64.73 -77.83
C ILE G 156 -9.84 65.63 -78.10
N THR G 157 -9.96 66.10 -79.34
CA THR G 157 -11.07 66.95 -79.74
C THR G 157 -11.54 66.54 -81.13
N ASN G 158 -12.82 66.82 -81.41
CA ASN G 158 -13.43 66.47 -82.67
C ASN G 158 -13.56 67.72 -83.54
N THR G 159 -13.08 67.63 -84.78
CA THR G 159 -13.14 68.77 -85.70
C THR G 159 -14.54 69.04 -86.20
N ARG G 160 -15.47 68.09 -86.05
CA ARG G 160 -16.83 68.26 -86.52
C ARG G 160 -17.78 67.58 -85.56
N SER G 161 -19.04 67.99 -85.63
CA SER G 161 -20.07 67.42 -84.77
C SER G 161 -20.36 65.97 -85.16
N PHE G 162 -20.64 65.14 -84.16
CA PHE G 162 -20.95 63.74 -84.40
C PHE G 162 -22.37 63.60 -84.93
N GLU G 163 -22.56 62.66 -85.86
CA GLU G 163 -23.86 62.41 -86.47
C GLU G 163 -24.09 60.91 -86.57
N GLY G 164 -25.34 60.55 -86.80
CA GLY G 164 -25.74 59.16 -86.94
C GLY G 164 -26.34 58.53 -85.70
N GLY G 165 -26.48 59.28 -84.62
CA GLY G 165 -27.05 58.74 -83.40
C GLY G 165 -28.56 58.84 -83.35
N THR G 166 -29.24 57.98 -84.12
CA THR G 166 -30.69 57.98 -84.10
C THR G 166 -31.21 57.50 -82.75
N ASP G 167 -32.34 58.08 -82.34
CA ASP G 167 -32.91 57.79 -81.03
C ASP G 167 -33.42 56.36 -80.95
N ILE G 168 -33.38 55.80 -79.75
CA ILE G 168 -33.86 54.44 -79.52
C ILE G 168 -35.38 54.41 -79.62
N GLU G 169 -35.92 53.36 -80.23
CA GLU G 169 -37.36 53.24 -80.40
C GLU G 169 -38.06 53.16 -79.07
N THR G 170 -39.22 53.82 -78.98
CA THR G 170 -40.10 53.74 -77.84
C THR G 170 -41.39 53.05 -78.25
N ASP G 171 -42.07 52.46 -77.27
CA ASP G 171 -43.31 51.73 -77.55
C ASP G 171 -44.38 52.65 -78.12
N GLU G 172 -44.42 53.92 -77.68
CA GLU G 172 -45.41 54.85 -78.19
C GLU G 172 -45.22 55.10 -79.68
N GLU G 173 -43.98 55.28 -80.12
CA GLU G 173 -43.72 55.51 -81.54
C GLU G 173 -44.11 54.31 -82.38
N LEU G 174 -43.77 53.11 -81.90
CA LEU G 174 -44.13 51.89 -82.63
C LEU G 174 -45.64 51.73 -82.70
N LYS G 175 -46.34 52.03 -81.59
CA LYS G 175 -47.80 51.93 -81.59
C LYS G 175 -48.41 52.93 -82.56
N GLU G 176 -47.89 54.17 -82.59
CA GLU G 176 -48.41 55.16 -83.52
C GLU G 176 -48.17 54.76 -84.97
N ARG G 177 -46.99 54.23 -85.26
CA ARG G 177 -46.71 53.75 -86.62
C ARG G 177 -47.64 52.61 -87.01
N PHE G 178 -47.86 51.67 -86.09
CA PHE G 178 -48.79 50.57 -86.37
C PHE G 178 -50.20 51.09 -86.62
N TYR G 179 -50.65 52.05 -85.81
CA TYR G 179 -51.99 52.59 -85.96
C TYR G 179 -52.16 53.34 -87.28
N LYS G 180 -51.19 54.18 -87.62
CA LYS G 180 -51.28 54.92 -88.88
C LYS G 180 -51.18 53.97 -90.08
N ILE G 181 -50.42 52.88 -89.95
CA ILE G 181 -50.44 51.85 -90.99
C ILE G 181 -51.81 51.21 -91.07
N GLN G 182 -52.46 51.02 -89.91
CA GLN G 182 -53.79 50.44 -89.90
C GLN G 182 -54.79 51.30 -90.65
N ARG G 183 -54.72 52.63 -90.46
CA ARG G 183 -55.50 53.50 -91.36
C ARG G 183 -55.00 53.41 -92.80
N ASN G 184 -53.69 53.27 -93.00
CA ASN G 184 -53.16 53.24 -94.35
C ASN G 184 -53.60 51.98 -95.09
N GLN G 185 -54.23 52.16 -96.24
CA GLN G 185 -54.57 51.07 -97.14
C GLN G 185 -53.50 51.05 -98.23
N ALA G 186 -52.37 50.42 -97.92
CA ALA G 186 -51.22 50.45 -98.80
C ALA G 186 -51.49 49.64 -100.07
N THR G 187 -50.58 49.80 -101.03
CA THR G 187 -50.67 49.11 -102.32
C THR G 187 -49.29 49.14 -102.94
N SER G 188 -48.92 48.04 -103.61
CA SER G 188 -47.64 48.00 -104.31
C SER G 188 -47.58 49.15 -105.31
N GLY G 189 -46.75 50.15 -105.03
CA GLY G 189 -46.73 51.35 -105.84
C GLY G 189 -47.88 52.29 -105.57
N ASN G 190 -47.93 52.88 -104.38
CA ASN G 190 -48.86 53.95 -104.09
C ASN G 190 -48.26 54.84 -103.01
N LYS G 191 -48.80 56.06 -102.90
CA LYS G 191 -48.24 57.06 -101.99
C LYS G 191 -48.14 56.52 -100.57
N ALA G 192 -49.12 55.72 -100.15
CA ALA G 192 -49.05 55.10 -98.83
C ALA G 192 -47.84 54.17 -98.72
N HIS G 193 -47.55 53.42 -99.78
CA HIS G 193 -46.42 52.49 -99.72
C HIS G 193 -45.10 53.25 -99.62
N TYR G 194 -44.97 54.37 -100.36
CA TYR G 194 -43.77 55.18 -100.26
C TYR G 194 -43.63 55.82 -98.89
N GLU G 195 -44.73 56.33 -98.32
CA GLU G 195 -44.62 56.93 -96.99
C GLU G 195 -44.34 55.88 -95.93
N GLU G 196 -44.83 54.65 -96.12
CA GLU G 196 -44.45 53.56 -95.23
C GLU G 196 -42.96 53.23 -95.37
N TRP G 197 -42.45 53.27 -96.61
CA TRP G 197 -41.00 53.11 -96.81
C TRP G 197 -40.23 54.16 -96.04
N ALA G 198 -40.71 55.41 -96.08
CA ALA G 198 -40.07 56.48 -95.33
C ALA G 198 -40.15 56.21 -93.83
N LEU G 199 -41.27 55.68 -93.36
CA LEU G 199 -41.41 55.35 -91.94
C LEU G 199 -40.44 54.26 -91.52
N GLU G 200 -40.00 53.41 -92.46
CA GLU G 200 -39.04 52.36 -92.13
C GLU G 200 -37.68 52.92 -91.73
N VAL G 201 -37.39 54.16 -92.07
CA VAL G 201 -36.08 54.74 -91.81
C VAL G 201 -36.07 55.38 -90.44
N ASP G 202 -34.94 55.28 -89.76
CA ASP G 202 -34.81 55.81 -88.41
C ASP G 202 -34.94 57.34 -88.41
N GLY G 203 -35.59 57.86 -87.38
CA GLY G 203 -35.72 59.30 -87.20
C GLY G 203 -36.72 59.97 -88.10
N VAL G 204 -37.54 59.22 -88.84
CA VAL G 204 -38.55 59.80 -89.73
C VAL G 204 -39.85 59.87 -88.91
N TYR G 205 -40.00 60.98 -88.18
CA TYR G 205 -41.19 61.16 -87.35
C TYR G 205 -42.40 61.55 -88.20
N ASN G 206 -42.21 62.35 -89.24
CA ASN G 206 -43.29 62.81 -90.09
C ASN G 206 -42.91 62.63 -91.55
N VAL G 207 -43.89 62.24 -92.37
CA VAL G 207 -43.68 61.97 -93.78
C VAL G 207 -44.64 62.83 -94.60
N LYS G 208 -44.11 63.47 -95.63
CA LYS G 208 -44.92 64.22 -96.59
C LYS G 208 -44.51 63.81 -98.00
N VAL G 209 -45.49 63.39 -98.80
CA VAL G 209 -45.25 62.93 -100.16
C VAL G 209 -46.08 63.79 -101.10
N TYR G 210 -45.43 64.31 -102.14
CA TYR G 210 -46.10 65.17 -103.12
C TYR G 210 -45.98 64.55 -104.50
N PRO G 211 -47.03 63.94 -105.04
CA PRO G 211 -46.93 63.30 -106.35
C PRO G 211 -47.02 64.31 -107.48
N ARG G 212 -46.29 64.00 -108.56
CA ARG G 212 -46.28 64.82 -109.78
C ARG G 212 -45.85 66.26 -109.48
N TRP G 213 -44.89 66.41 -108.57
CA TRP G 213 -44.38 67.75 -108.27
C TRP G 213 -43.70 68.36 -109.47
N ASP G 214 -42.92 67.56 -110.20
CA ASP G 214 -42.38 67.97 -111.49
C ASP G 214 -43.14 67.35 -112.67
N GLY G 215 -44.19 66.59 -112.39
CA GLY G 215 -45.02 66.04 -113.43
C GLY G 215 -44.79 64.57 -113.69
N PRO G 216 -44.26 64.24 -114.87
CA PRO G 216 -44.16 62.84 -115.30
C PRO G 216 -43.12 62.08 -114.48
N GLY G 217 -43.59 61.08 -113.73
CA GLY G 217 -42.70 60.19 -113.02
C GLY G 217 -41.83 60.87 -111.97
N THR G 218 -42.40 61.80 -111.22
CA THR G 218 -41.65 62.57 -110.23
C THR G 218 -42.37 62.53 -108.90
N VAL G 219 -41.63 62.24 -107.84
CA VAL G 219 -42.15 62.19 -106.47
C VAL G 219 -41.35 63.15 -105.61
N LYS G 220 -42.04 63.99 -104.86
CA LYS G 220 -41.42 64.89 -103.91
C LYS G 220 -41.63 64.31 -102.51
N VAL G 221 -40.53 63.98 -101.83
CA VAL G 221 -40.58 63.37 -100.51
C VAL G 221 -40.07 64.39 -99.50
N LEU G 222 -40.90 64.70 -98.51
CA LEU G 222 -40.54 65.62 -97.44
C LEU G 222 -40.66 64.89 -96.11
N ILE G 223 -39.62 65.01 -95.28
CA ILE G 223 -39.58 64.33 -93.99
C ILE G 223 -39.25 65.34 -92.91
N PHE G 224 -39.60 64.99 -91.67
CA PHE G 224 -39.39 65.85 -90.52
C PHE G 224 -38.80 65.05 -89.37
N GLY G 225 -38.10 65.76 -88.49
CA GLY G 225 -37.57 65.17 -87.28
C GLY G 225 -38.61 65.17 -86.18
N LYS G 226 -38.11 65.00 -84.95
CA LYS G 226 -39.01 65.01 -83.79
C LYS G 226 -39.63 66.39 -83.62
N ASN G 227 -40.93 66.41 -83.33
CA ASN G 227 -41.68 67.65 -83.16
C ASN G 227 -41.53 68.57 -84.38
N ASN G 228 -41.57 67.97 -85.57
CA ASN G 228 -41.45 68.70 -86.83
C ASN G 228 -40.14 69.46 -86.91
N GLN G 229 -39.04 68.75 -86.73
CA GLN G 229 -37.69 69.31 -86.80
C GLN G 229 -36.98 68.84 -88.08
N ALA G 230 -35.78 69.34 -88.27
CA ALA G 230 -34.97 68.95 -89.41
C ALA G 230 -34.26 67.62 -89.15
N VAL G 231 -33.82 66.99 -90.22
CA VAL G 231 -33.11 65.72 -90.17
C VAL G 231 -31.75 65.89 -90.82
N ASP G 232 -30.75 65.20 -90.26
CA ASP G 232 -29.39 65.30 -90.77
C ASP G 232 -29.30 64.72 -92.18
N THR G 233 -28.30 65.19 -92.93
CA THR G 233 -28.14 64.76 -94.31
C THR G 233 -27.83 63.27 -94.40
N GLU G 234 -27.17 62.71 -93.38
CA GLU G 234 -26.92 61.26 -93.39
C GLU G 234 -28.22 60.48 -93.33
N THR G 235 -29.16 60.93 -92.50
CA THR G 235 -30.46 60.26 -92.43
C THR G 235 -31.20 60.35 -93.76
N ILE G 236 -31.14 61.51 -94.41
CA ILE G 236 -31.78 61.67 -95.71
C ILE G 236 -31.15 60.73 -96.74
N GLU G 237 -29.82 60.63 -96.72
CA GLU G 237 -29.13 59.75 -97.66
C GLU G 237 -29.51 58.29 -97.41
N ARG G 238 -29.56 57.87 -96.15
CA ARG G 238 -29.95 56.50 -95.84
C ARG G 238 -31.38 56.23 -96.28
N CYS G 239 -32.29 57.18 -96.02
CA CYS G 239 -33.68 57.00 -96.42
C CYS G 239 -33.81 56.88 -97.93
N GLN G 240 -33.13 57.76 -98.66
CA GLN G 240 -33.27 57.74 -100.12
C GLN G 240 -32.62 56.50 -100.72
N GLN G 241 -31.50 56.04 -100.16
CA GLN G 241 -30.89 54.83 -100.70
C GLN G 241 -31.72 53.60 -100.40
N HIS G 242 -32.33 53.54 -99.20
CA HIS G 242 -33.25 52.44 -98.90
C HIS G 242 -34.44 52.45 -99.85
N ILE G 243 -35.02 53.63 -100.07
CA ILE G 243 -36.13 53.74 -101.01
C ILE G 243 -35.71 53.24 -102.38
N ASP G 244 -34.59 53.76 -102.89
CA ASP G 244 -34.10 53.33 -104.20
C ASP G 244 -33.86 51.83 -104.25
N GLU G 245 -33.46 51.23 -103.12
CA GLU G 245 -33.37 49.78 -103.06
C GLU G 245 -34.74 49.14 -103.25
N GLU G 246 -35.78 49.72 -102.65
CA GLU G 246 -37.12 49.14 -102.77
C GLU G 246 -38.03 49.86 -103.77
N LYS G 247 -37.72 51.09 -104.16
CA LYS G 247 -38.63 51.86 -105.00
C LYS G 247 -38.72 51.30 -106.41
N PRO G 248 -39.78 51.62 -107.14
CA PRO G 248 -39.81 51.32 -108.58
C PRO G 248 -38.68 52.00 -109.31
N ILE G 249 -38.16 51.32 -110.32
CA ILE G 249 -37.05 51.84 -111.11
C ILE G 249 -37.60 52.78 -112.18
N GLY G 250 -37.09 54.01 -112.20
CA GLY G 250 -37.50 54.99 -113.18
C GLY G 250 -38.02 56.30 -112.59
N PRO G 251 -38.84 56.24 -111.55
CA PRO G 251 -39.26 57.48 -110.89
C PRO G 251 -38.09 58.25 -110.29
N THR G 252 -38.23 59.58 -110.30
CA THR G 252 -37.26 60.47 -109.68
C THR G 252 -37.78 60.87 -108.30
N ILE G 253 -36.96 60.64 -107.28
CA ILE G 253 -37.34 60.89 -105.89
C ILE G 253 -36.43 61.96 -105.32
N THR G 254 -37.02 62.98 -104.72
CA THR G 254 -36.28 64.06 -104.07
C THR G 254 -36.66 64.09 -102.59
N VAL G 255 -35.66 64.00 -101.72
CA VAL G 255 -35.84 64.01 -100.28
C VAL G 255 -35.17 65.25 -99.71
N VAL G 256 -35.94 66.06 -98.96
CA VAL G 256 -35.46 67.31 -98.41
C VAL G 256 -35.79 67.35 -96.92
N THR G 257 -35.22 68.35 -96.25
CA THR G 257 -35.42 68.58 -94.82
C THR G 257 -35.84 70.01 -94.59
N PRO G 258 -36.62 70.28 -93.55
CA PRO G 258 -37.00 71.66 -93.24
C PRO G 258 -35.79 72.52 -92.90
N LEU G 259 -35.88 73.80 -93.25
CA LEU G 259 -34.81 74.75 -92.96
C LEU G 259 -35.32 75.83 -92.02
N PRO G 260 -34.51 76.25 -91.05
CA PRO G 260 -34.97 77.24 -90.07
C PRO G 260 -35.08 78.63 -90.68
N ILE G 261 -35.86 79.47 -90.00
CA ILE G 261 -36.00 80.88 -90.34
C ILE G 261 -35.40 81.69 -89.20
N GLU G 262 -34.40 82.51 -89.52
CA GLU G 262 -33.71 83.30 -88.50
C GLU G 262 -34.52 84.54 -88.17
N ILE G 263 -34.52 84.91 -86.88
CA ILE G 263 -35.24 86.07 -86.39
C ILE G 263 -34.30 86.89 -85.52
N SER G 264 -34.57 88.19 -85.44
CA SER G 264 -33.83 89.11 -84.59
C SER G 264 -34.82 89.94 -83.80
N ILE G 265 -34.55 90.09 -82.49
CA ILE G 265 -35.46 90.78 -81.58
C ILE G 265 -34.74 92.01 -81.03
N SER G 266 -35.38 93.17 -81.16
CA SER G 266 -34.85 94.43 -80.65
C SER G 266 -35.95 95.17 -79.90
N ALA G 267 -35.65 95.55 -78.65
CA ALA G 267 -36.62 96.26 -77.84
C ALA G 267 -35.88 96.97 -76.70
N VAL G 268 -36.55 97.96 -76.13
CA VAL G 268 -36.05 98.67 -74.95
C VAL G 268 -36.98 98.34 -73.79
N MET G 269 -36.45 97.63 -72.79
CA MET G 269 -37.25 97.11 -71.70
C MET G 269 -36.66 97.55 -70.37
N LYS G 270 -37.50 98.13 -69.52
CA LYS G 270 -37.10 98.58 -68.18
C LYS G 270 -37.12 97.39 -67.24
N LEU G 271 -35.94 96.99 -66.79
CA LEU G 271 -35.81 95.81 -65.93
C LEU G 271 -36.32 96.09 -64.53
N GLU G 272 -36.78 95.03 -63.87
CA GLU G 272 -37.21 95.14 -62.48
C GLU G 272 -36.01 95.11 -61.55
N ASP G 273 -36.26 95.43 -60.28
CA ASP G 273 -35.19 95.44 -59.29
C ASP G 273 -34.69 94.03 -59.02
N GLY G 274 -33.37 93.89 -58.91
CA GLY G 274 -32.76 92.61 -58.63
C GLY G 274 -32.66 91.67 -59.80
N TYR G 275 -32.96 92.13 -61.01
CA TYR G 275 -32.91 91.30 -62.20
C TYR G 275 -31.95 91.90 -63.21
N THR G 276 -31.04 91.10 -63.73
CA THR G 276 -30.06 91.53 -64.72
C THR G 276 -30.50 91.13 -66.11
N LEU G 277 -29.77 91.66 -67.11
CA LEU G 277 -30.15 91.43 -68.50
C LEU G 277 -30.02 89.97 -68.89
N ASP G 278 -28.98 89.28 -68.40
CA ASP G 278 -28.76 87.90 -68.79
C ASP G 278 -29.89 86.98 -68.32
N ASN G 279 -30.36 87.17 -67.09
CA ASN G 279 -31.40 86.30 -66.56
C ASN G 279 -32.70 86.43 -67.34
N VAL G 280 -33.15 87.67 -67.56
CA VAL G 280 -34.39 87.89 -68.30
C VAL G 280 -34.21 87.45 -69.75
N LYS G 281 -33.02 87.64 -70.33
CA LYS G 281 -32.78 87.19 -71.69
C LYS G 281 -32.89 85.67 -71.80
N GLU G 282 -32.31 84.96 -70.84
CA GLU G 282 -32.40 83.50 -70.86
C GLU G 282 -33.84 83.02 -70.66
N SER G 283 -34.56 83.66 -69.73
CA SER G 283 -35.95 83.26 -69.49
C SER G 283 -36.80 83.52 -70.73
N PHE G 284 -36.62 84.66 -71.39
CA PHE G 284 -37.35 84.94 -72.61
C PHE G 284 -36.92 84.00 -73.74
N LEU G 285 -35.66 83.58 -73.77
CA LEU G 285 -35.22 82.61 -74.76
C LEU G 285 -35.94 81.29 -74.57
N GLU G 286 -36.04 80.83 -73.32
CA GLU G 286 -36.78 79.59 -73.05
C GLU G 286 -38.25 79.74 -73.41
N SER G 287 -38.85 80.88 -73.07
CA SER G 287 -40.25 81.10 -73.37
C SER G 287 -40.51 81.12 -74.87
N ILE G 288 -39.65 81.80 -75.64
CA ILE G 288 -39.84 81.85 -77.09
C ILE G 288 -39.54 80.50 -77.71
N ASN G 289 -38.63 79.72 -77.13
CA ASN G 289 -38.36 78.38 -77.64
C ASN G 289 -39.58 77.49 -77.47
N THR G 290 -40.18 77.49 -76.27
CA THR G 290 -41.37 76.66 -76.07
C THR G 290 -42.55 77.18 -76.88
N TYR G 291 -42.63 78.50 -77.10
CA TYR G 291 -43.67 79.05 -77.96
C TYR G 291 -43.49 78.58 -79.40
N PHE G 292 -42.25 78.57 -79.90
CA PHE G 292 -41.98 78.06 -81.24
C PHE G 292 -42.31 76.58 -81.34
N ARG G 293 -42.01 75.82 -80.28
CA ARG G 293 -42.40 74.42 -80.25
C ARG G 293 -43.93 74.27 -80.29
N ASP G 294 -44.64 75.21 -79.67
CA ASP G 294 -46.10 75.15 -79.61
C ASP G 294 -46.78 76.02 -80.67
N ILE G 295 -46.01 76.61 -81.59
CA ILE G 295 -46.58 77.53 -82.57
C ILE G 295 -47.02 76.77 -83.80
N ARG G 296 -47.95 77.36 -84.56
CA ARG G 296 -48.39 76.83 -85.84
C ARG G 296 -48.88 77.99 -86.69
N GLY G 297 -48.51 77.99 -87.97
CA GLY G 297 -48.92 79.04 -88.86
C GLY G 297 -47.87 80.12 -89.05
N GLU G 298 -48.02 81.24 -88.34
CA GLU G 298 -47.10 82.36 -88.44
C GLU G 298 -46.72 82.83 -87.05
N ILE G 299 -45.54 83.43 -86.93
CA ILE G 299 -45.14 84.05 -85.68
C ILE G 299 -45.95 85.33 -85.50
N ILE G 300 -46.58 85.47 -84.34
CA ILE G 300 -47.46 86.59 -84.05
C ILE G 300 -46.71 87.57 -83.17
N TYR G 301 -46.54 88.80 -83.67
CA TYR G 301 -45.79 89.82 -82.94
C TYR G 301 -46.41 90.11 -81.58
N THR G 302 -47.74 89.96 -81.47
CA THR G 302 -48.40 90.22 -80.20
C THR G 302 -48.15 89.11 -79.19
N LYS G 303 -48.13 87.86 -79.65
CA LYS G 303 -47.77 86.76 -78.78
C LYS G 303 -46.33 86.91 -78.30
N VAL G 304 -45.44 87.39 -79.17
CA VAL G 304 -44.06 87.64 -78.78
C VAL G 304 -44.01 88.70 -77.70
N MET G 305 -44.75 89.81 -77.88
CA MET G 305 -44.74 90.84 -76.86
C MET G 305 -45.30 90.32 -75.54
N GLY G 306 -46.38 89.54 -75.59
CA GLY G 306 -46.97 89.02 -74.37
C GLY G 306 -46.08 88.04 -73.64
N ILE G 307 -45.39 87.18 -74.39
CA ILE G 307 -44.47 86.24 -73.76
C ILE G 307 -43.21 86.95 -73.27
N LEU G 308 -42.91 88.15 -73.79
CA LEU G 308 -41.79 88.90 -73.22
C LEU G 308 -42.18 89.63 -71.94
N ILE G 309 -43.35 90.27 -71.91
CA ILE G 309 -43.74 91.02 -70.72
C ILE G 309 -44.01 90.07 -69.55
N ASN G 310 -44.60 88.91 -69.82
CA ASN G 310 -44.86 87.94 -68.76
C ASN G 310 -43.59 87.34 -68.19
N THR G 311 -42.44 87.55 -68.83
CA THR G 311 -41.18 87.08 -68.29
C THR G 311 -40.89 87.74 -66.95
N THR G 312 -40.39 86.95 -66.00
CA THR G 312 -40.09 87.46 -64.68
C THR G 312 -38.96 88.49 -64.76
N GLY G 313 -39.10 89.56 -63.99
CA GLY G 313 -38.14 90.65 -64.01
C GLY G 313 -38.37 91.71 -65.07
N VAL G 314 -39.48 91.63 -65.81
CA VAL G 314 -39.80 92.58 -66.86
C VAL G 314 -40.85 93.54 -66.31
N HIS G 315 -40.51 94.83 -66.26
CA HIS G 315 -41.42 95.86 -65.77
C HIS G 315 -42.08 96.64 -66.90
N ASP G 316 -41.29 97.26 -67.77
CA ASP G 316 -41.83 98.09 -68.84
C ASP G 316 -40.93 97.96 -70.06
N LEU G 317 -41.54 97.66 -71.21
CA LEU G 317 -40.80 97.49 -72.45
C LEU G 317 -41.36 98.45 -73.50
N SER G 318 -40.60 98.61 -74.59
CA SER G 318 -41.01 99.52 -75.65
C SER G 318 -40.30 99.14 -76.94
N ASN G 319 -40.84 99.65 -78.05
CA ASN G 319 -40.29 99.47 -79.40
C ASN G 319 -39.82 98.05 -79.64
N LEU G 320 -40.71 97.09 -79.40
CA LEU G 320 -40.42 95.69 -79.67
C LEU G 320 -40.47 95.46 -81.17
N LEU G 321 -39.44 94.81 -81.70
CA LEU G 321 -39.34 94.54 -83.13
C LEU G 321 -38.85 93.13 -83.36
N ILE G 322 -39.53 92.39 -84.23
CA ILE G 322 -39.07 91.10 -84.70
C ILE G 322 -38.52 91.29 -86.11
N ASN G 323 -37.22 91.03 -86.28
CA ASN G 323 -36.51 91.32 -87.52
C ASN G 323 -36.67 92.79 -87.90
N GLY G 324 -36.70 93.67 -86.90
CA GLY G 324 -36.83 95.09 -87.12
C GLY G 324 -38.22 95.55 -87.50
N SER G 325 -39.24 94.70 -87.36
CA SER G 325 -40.59 95.04 -87.78
C SER G 325 -41.58 94.56 -86.72
N THR G 326 -42.76 95.19 -86.73
CA THR G 326 -43.85 94.83 -85.84
C THR G 326 -44.93 94.00 -86.53
N ASP G 327 -44.64 93.46 -87.70
CA ASP G 327 -45.61 92.70 -88.48
C ASP G 327 -45.36 91.20 -88.33
N ASN G 328 -46.46 90.44 -88.32
CA ASN G 328 -46.36 88.99 -88.26
C ASN G 328 -45.71 88.45 -89.53
N ILE G 329 -44.86 87.44 -89.37
CA ILE G 329 -44.09 86.86 -90.46
C ILE G 329 -44.60 85.44 -90.70
N THR G 330 -44.92 85.12 -91.94
CA THR G 330 -45.46 83.82 -92.29
C THR G 330 -44.36 82.75 -92.19
N ILE G 331 -44.68 81.65 -91.52
CA ILE G 331 -43.80 80.49 -91.44
C ILE G 331 -44.32 79.49 -92.47
N ASN G 332 -43.61 79.37 -93.58
CA ASN G 332 -44.04 78.53 -94.69
C ASN G 332 -43.77 77.06 -94.38
N GLU G 333 -44.06 76.21 -95.36
CA GLU G 333 -43.82 74.78 -95.21
C GLU G 333 -42.33 74.50 -95.11
N ASP G 334 -42.00 73.36 -94.49
CA ASP G 334 -40.64 72.93 -94.19
C ASP G 334 -39.78 74.09 -93.69
N LYS G 335 -40.35 74.92 -92.82
CA LYS G 335 -39.65 76.07 -92.25
C LYS G 335 -40.05 76.22 -90.79
N ILE G 336 -39.07 76.55 -89.96
CA ILE G 336 -39.31 76.77 -88.53
C ILE G 336 -38.66 78.08 -88.11
N PRO G 337 -39.19 78.77 -87.10
CA PRO G 337 -38.55 80.00 -86.62
C PRO G 337 -37.35 79.68 -85.73
N SER G 338 -36.25 80.39 -85.96
CA SER G 338 -35.02 80.21 -85.21
C SER G 338 -34.58 81.56 -84.65
N VAL G 339 -34.26 81.58 -83.36
CA VAL G 339 -33.78 82.79 -82.71
C VAL G 339 -32.30 82.94 -82.96
N THR G 340 -31.90 84.09 -83.50
CA THR G 340 -30.50 84.36 -83.83
C THR G 340 -29.94 85.56 -83.11
N THR G 341 -30.68 86.66 -83.04
CA THR G 341 -30.21 87.89 -82.40
C THR G 341 -31.21 88.33 -81.35
N VAL G 342 -30.71 88.62 -80.15
CA VAL G 342 -31.52 89.13 -79.05
C VAL G 342 -30.92 90.46 -78.62
N ASN G 343 -31.70 91.54 -78.75
CA ASN G 343 -31.25 92.88 -78.39
C ASN G 343 -32.24 93.47 -77.40
N PHE G 344 -31.82 93.60 -76.14
CA PHE G 344 -32.64 94.17 -75.08
C PHE G 344 -31.85 95.25 -74.36
N SER G 345 -32.53 96.35 -74.04
CA SER G 345 -31.88 97.47 -73.39
C SER G 345 -32.86 98.13 -72.43
N GLU G 346 -32.31 98.90 -71.49
CA GLU G 346 -33.12 99.60 -70.51
C GLU G 346 -33.05 101.12 -70.71
N MET H 1 -35.20 75.15 4.08
CA MET H 1 -36.50 75.79 3.88
C MET H 1 -37.63 74.76 3.98
N TYR H 2 -38.75 75.03 3.28
CA TYR H 2 -39.92 74.17 3.40
C TYR H 2 -39.63 72.74 2.99
N SER H 3 -38.82 72.55 1.95
CA SER H 3 -38.43 71.20 1.55
C SER H 3 -37.64 70.52 2.66
N ASP H 4 -36.75 71.26 3.32
CA ASP H 4 -36.03 70.72 4.47
C ASP H 4 -36.98 70.36 5.60
N GLN H 5 -38.00 71.19 5.83
CA GLN H 5 -38.96 70.94 6.88
C GLN H 5 -39.78 69.70 6.55
N THR H 6 -39.56 68.63 7.32
CA THR H 6 -40.31 67.39 7.16
C THR H 6 -40.58 66.81 8.54
N TYR H 7 -41.33 65.71 8.56
CA TYR H 7 -41.73 65.13 9.84
C TYR H 7 -40.52 64.66 10.65
N GLU H 8 -39.57 63.99 9.99
CA GLU H 8 -38.42 63.46 10.72
C GLU H 8 -37.49 64.57 11.19
N VAL H 9 -37.26 65.59 10.34
CA VAL H 9 -36.34 66.66 10.72
C VAL H 9 -36.88 67.42 11.92
N ILE H 10 -38.15 67.83 11.86
CA ILE H 10 -38.72 68.54 13.00
C ILE H 10 -38.92 67.62 14.19
N LYS H 11 -39.06 66.31 13.96
CA LYS H 11 -39.10 65.36 15.07
C LYS H 11 -37.79 65.38 15.84
N ASN H 12 -36.67 65.28 15.12
CA ASN H 12 -35.37 65.36 15.76
C ASN H 12 -35.16 66.72 16.41
N ARG H 13 -35.60 67.79 15.76
CA ARG H 13 -35.45 69.12 16.31
C ARG H 13 -36.19 69.26 17.63
N THR H 14 -37.44 68.79 17.69
CA THR H 14 -38.23 68.88 18.91
C THR H 14 -37.68 67.96 19.99
N LEU H 15 -37.16 66.79 19.60
CA LEU H 15 -36.52 65.91 20.58
C LEU H 15 -35.31 66.60 21.20
N GLU H 16 -34.52 67.30 20.39
CA GLU H 16 -33.42 68.08 20.94
C GLU H 16 -33.92 69.23 21.81
N ASN H 17 -35.05 69.84 21.44
CA ASN H 17 -35.58 70.94 22.22
C ASN H 17 -36.00 70.51 23.61
N ILE H 18 -36.44 69.27 23.77
CA ILE H 18 -36.92 68.76 25.05
C ILE H 18 -35.79 67.97 25.70
N ASN H 19 -35.30 68.47 26.84
CA ASN H 19 -34.34 67.77 27.68
C ASN H 19 -35.04 67.41 28.98
N LEU H 20 -35.05 66.13 29.32
CA LEU H 20 -35.85 65.65 30.44
C LEU H 20 -35.23 64.39 31.01
N ASP H 21 -35.67 64.04 32.22
CA ASP H 21 -35.03 62.96 32.96
C ASP H 21 -35.19 61.61 32.26
N ILE H 22 -36.38 61.32 31.74
CA ILE H 22 -36.62 60.01 31.14
C ILE H 22 -35.91 59.93 29.79
N TYR H 23 -35.42 58.74 29.48
CA TYR H 23 -34.66 58.54 28.25
C TYR H 23 -35.56 58.57 27.02
N LYS H 24 -35.02 59.07 25.92
CA LYS H 24 -35.76 59.19 24.66
C LYS H 24 -35.44 58.01 23.76
N GLY H 25 -36.47 57.31 23.31
CA GLY H 25 -36.30 56.16 22.46
C GLY H 25 -37.49 55.95 21.55
N GLU H 26 -37.29 55.07 20.57
CA GLU H 26 -38.36 54.74 19.64
C GLU H 26 -39.49 54.01 20.35
N GLY H 27 -40.72 54.39 20.02
CA GLY H 27 -41.89 53.79 20.64
C GLY H 27 -42.29 54.38 21.97
N SER H 28 -41.58 55.41 22.44
CA SER H 28 -41.92 56.03 23.71
C SER H 28 -43.25 56.77 23.60
N PHE H 29 -43.92 56.90 24.76
CA PHE H 29 -45.18 57.64 24.79
C PHE H 29 -45.00 59.07 24.33
N LEU H 30 -44.04 59.78 24.93
CA LEU H 30 -43.75 61.15 24.50
C LEU H 30 -43.28 61.19 23.05
N ASN H 31 -42.58 60.15 22.60
CA ASN H 31 -42.16 60.08 21.21
C ASN H 31 -43.37 60.16 20.28
N ASN H 32 -44.39 59.33 20.52
CA ASN H 32 -45.59 59.36 19.69
C ASN H 32 -46.35 60.67 19.86
N MET H 33 -46.42 61.19 21.09
CA MET H 33 -47.11 62.45 21.34
C MET H 33 -46.52 63.56 20.48
N VAL H 34 -45.19 63.64 20.44
CA VAL H 34 -44.51 64.66 19.63
C VAL H 34 -44.67 64.35 18.14
N SER H 35 -44.60 63.06 17.78
CA SER H 35 -44.61 62.68 16.36
C SER H 35 -45.94 63.04 15.69
N GLY H 36 -47.06 62.84 16.39
CA GLY H 36 -48.33 63.21 15.80
C GLY H 36 -48.42 64.69 15.49
N ASN H 37 -48.06 65.52 16.46
CA ASN H 37 -48.07 66.97 16.26
C ASN H 37 -47.09 67.38 15.17
N ASN H 38 -45.96 66.67 15.05
CA ASN H 38 -45.01 67.02 14.02
C ASN H 38 -45.49 66.62 12.63
N LEU H 39 -46.25 65.53 12.53
CA LEU H 39 -46.91 65.24 11.26
C LEU H 39 -47.92 66.33 10.91
N GLU H 40 -48.67 66.80 11.90
CA GLU H 40 -49.56 67.93 11.68
C GLU H 40 -48.78 69.16 11.20
N LEU H 41 -47.63 69.42 11.81
CA LEU H 41 -46.81 70.56 11.43
C LEU H 41 -46.22 70.39 10.03
N SER H 42 -45.94 69.15 9.62
CA SER H 42 -45.50 68.90 8.25
C SER H 42 -46.62 69.23 7.26
N LYS H 43 -47.85 68.85 7.59
CA LYS H 43 -48.99 69.25 6.75
C LYS H 43 -49.11 70.77 6.69
N ILE H 44 -48.93 71.43 7.84
CA ILE H 44 -48.98 72.90 7.87
C ILE H 44 -47.87 73.49 7.01
N TYR H 45 -46.69 72.87 7.02
CA TYR H 45 -45.58 73.35 6.20
C TYR H 45 -45.90 73.21 4.72
N LEU H 46 -46.54 72.10 4.33
CA LEU H 46 -46.96 71.95 2.95
C LEU H 46 -47.99 73.01 2.56
N GLU H 47 -48.93 73.30 3.46
CA GLU H 47 -49.90 74.36 3.19
C GLU H 47 -49.22 75.71 3.04
N LEU H 48 -48.24 76.00 3.90
CA LEU H 48 -47.51 77.26 3.80
C LEU H 48 -46.69 77.33 2.52
N SER H 49 -46.18 76.19 2.05
CA SER H 49 -45.50 76.15 0.76
C SER H 49 -46.46 76.49 -0.37
N LYS H 50 -47.67 75.92 -0.33
CA LYS H 50 -48.67 76.24 -1.34
C LYS H 50 -49.15 77.69 -1.24
N MET H 51 -49.02 78.30 -0.06
CA MET H 51 -49.34 79.72 0.07
C MET H 51 -48.54 80.56 -0.92
N HIS H 52 -47.25 80.25 -1.08
CA HIS H 52 -46.41 80.99 -2.03
C HIS H 52 -46.97 80.91 -3.44
N LYS H 53 -47.24 79.69 -3.91
CA LYS H 53 -47.69 79.51 -5.28
C LYS H 53 -49.04 80.15 -5.52
N MET H 54 -49.97 80.03 -4.56
CA MET H 54 -51.29 80.61 -4.76
C MET H 54 -51.27 82.13 -4.60
N ALA H 55 -50.29 82.67 -3.87
CA ALA H 55 -50.20 84.12 -3.71
C ALA H 55 -49.66 84.80 -4.96
N PHE H 56 -48.85 84.08 -5.75
CA PHE H 56 -48.22 84.68 -6.92
C PHE H 56 -49.25 85.02 -7.99
N ILE H 57 -48.96 86.07 -8.76
CA ILE H 57 -49.84 86.45 -9.86
C ILE H 57 -49.82 85.38 -10.95
N GLN H 58 -48.67 84.75 -11.18
CA GLN H 58 -48.60 83.70 -12.19
C GLN H 58 -49.29 82.43 -11.70
N ASP H 59 -49.45 81.48 -12.62
CA ASP H 59 -50.04 80.16 -12.39
C ASP H 59 -51.22 80.21 -11.41
N THR H 60 -52.10 81.17 -11.63
CA THR H 60 -53.30 81.31 -10.80
C THR H 60 -54.42 80.43 -11.33
N TYR H 61 -55.48 80.32 -10.53
CA TYR H 61 -56.66 79.56 -10.89
C TYR H 61 -57.73 80.50 -11.40
N ASN H 62 -58.94 79.96 -11.63
CA ASN H 62 -60.03 80.77 -12.15
C ASN H 62 -60.43 81.85 -11.16
N GLN H 63 -60.59 81.48 -9.87
CA GLN H 63 -61.02 82.46 -8.88
C GLN H 63 -59.91 83.47 -8.59
N PHE H 64 -58.65 83.03 -8.55
CA PHE H 64 -57.55 83.94 -8.31
C PHE H 64 -57.44 84.98 -9.41
N LEU H 65 -57.45 84.53 -10.66
CA LEU H 65 -57.39 85.47 -11.78
C LEU H 65 -58.62 86.36 -11.81
N ASP H 66 -59.79 85.81 -11.46
CA ASP H 66 -61.01 86.61 -11.42
C ASP H 66 -60.88 87.75 -10.41
N LYS H 67 -60.37 87.45 -9.22
CA LYS H 67 -60.16 88.49 -8.22
C LYS H 67 -59.15 89.52 -8.70
N ARG H 68 -58.04 89.05 -9.28
CA ARG H 68 -57.02 89.99 -9.73
C ARG H 68 -57.56 90.92 -10.81
N VAL H 69 -58.29 90.38 -11.77
CA VAL H 69 -58.80 91.23 -12.85
C VAL H 69 -59.96 92.10 -12.39
N ASN H 70 -60.73 91.65 -11.39
CA ASN H 70 -61.74 92.53 -10.80
C ASN H 70 -61.07 93.71 -10.12
N GLU H 71 -59.94 93.48 -9.46
CA GLU H 71 -59.15 94.60 -8.94
C GLU H 71 -58.64 95.46 -10.08
N PHE H 72 -58.23 94.84 -11.19
CA PHE H 72 -57.64 95.57 -12.30
C PHE H 72 -58.68 96.08 -13.31
N GLY H 73 -59.85 95.44 -13.39
CA GLY H 73 -60.89 95.88 -14.30
C GLY H 73 -60.87 95.25 -15.67
N VAL H 74 -59.89 94.40 -15.98
CA VAL H 74 -59.81 93.75 -17.30
C VAL H 74 -60.56 92.43 -17.17
N TYR H 75 -61.89 92.50 -17.37
CA TYR H 75 -62.73 91.32 -17.16
C TYR H 75 -62.50 90.27 -18.23
N ARG H 76 -62.57 89.00 -17.82
CA ARG H 76 -62.37 87.89 -18.73
C ARG H 76 -63.56 87.74 -19.67
N LYS H 77 -63.27 87.30 -20.90
CA LYS H 77 -64.29 87.08 -21.92
C LYS H 77 -64.83 85.66 -21.80
N LEU H 78 -66.16 85.54 -21.78
CA LEU H 78 -66.81 84.25 -21.65
C LEU H 78 -67.10 83.58 -23.00
N GLY H 79 -66.79 84.23 -24.11
CA GLY H 79 -67.06 83.69 -25.42
C GLY H 79 -68.44 84.07 -25.93
N THR H 80 -68.64 83.83 -27.22
CA THR H 80 -69.89 84.15 -27.89
C THR H 80 -70.44 82.92 -28.59
N GLU H 81 -71.76 82.78 -28.58
CA GLU H 81 -72.41 81.67 -29.26
C GLU H 81 -72.33 81.84 -30.77
N SER H 82 -72.21 80.72 -31.47
CA SER H 82 -72.15 80.74 -32.92
C SER H 82 -73.51 81.13 -33.50
N ASN H 83 -73.46 81.84 -34.62
CA ASN H 83 -74.67 82.29 -35.32
C ASN H 83 -74.57 81.93 -36.79
N GLY H 84 -75.69 81.48 -37.35
CA GLY H 84 -75.73 81.12 -38.76
C GLY H 84 -77.16 81.05 -39.24
N GLU H 85 -77.31 80.81 -40.54
CA GLU H 85 -78.61 80.72 -41.18
C GLU H 85 -78.75 79.36 -41.84
N VAL H 86 -79.90 78.71 -41.64
CA VAL H 86 -80.18 77.41 -42.21
C VAL H 86 -81.43 77.50 -43.07
N GLU H 87 -81.56 76.53 -43.98
CA GLU H 87 -82.70 76.45 -44.88
C GLU H 87 -83.56 75.25 -44.49
N PHE H 88 -84.87 75.48 -44.37
CA PHE H 88 -85.81 74.43 -44.00
C PHE H 88 -86.52 73.94 -45.26
N ILE H 89 -86.45 72.63 -45.50
CA ILE H 89 -87.05 72.01 -46.67
C ILE H 89 -88.07 70.97 -46.19
N GLY H 90 -89.27 71.05 -46.74
CA GLY H 90 -90.31 70.12 -46.33
C GLY H 90 -91.64 70.51 -46.96
N GLU H 91 -92.73 70.06 -46.31
CA GLU H 91 -94.06 70.36 -46.79
C GLU H 91 -94.34 71.86 -46.76
N LYS H 92 -94.93 72.36 -47.84
CA LYS H 92 -95.25 73.79 -47.91
C LYS H 92 -96.34 74.13 -46.90
N GLY H 93 -96.21 75.31 -46.30
CA GLY H 93 -97.14 75.77 -45.28
C GLY H 93 -96.79 75.38 -43.87
N THR H 94 -95.75 74.56 -43.68
CA THR H 94 -95.33 74.18 -42.34
C THR H 94 -94.75 75.39 -41.61
N VAL H 95 -95.21 75.59 -40.37
CA VAL H 95 -94.80 76.73 -39.56
C VAL H 95 -93.94 76.21 -38.41
N ILE H 96 -92.72 76.74 -38.31
CA ILE H 96 -91.80 76.41 -37.23
C ILE H 96 -91.71 77.62 -36.32
N ASN H 97 -92.16 77.47 -35.08
CA ASN H 97 -92.22 78.57 -34.14
C ASN H 97 -90.83 78.89 -33.58
N ASN H 98 -90.74 80.03 -32.90
CA ASN H 98 -89.50 80.42 -32.25
C ASN H 98 -89.20 79.52 -31.06
N GLY H 99 -87.92 79.38 -30.76
CA GLY H 99 -87.47 78.55 -29.67
C GLY H 99 -87.24 77.10 -30.02
N THR H 100 -87.58 76.68 -31.24
CA THR H 100 -87.33 75.31 -31.66
C THR H 100 -85.83 75.05 -31.73
N ILE H 101 -85.43 73.87 -31.27
CA ILE H 101 -84.02 73.49 -31.18
C ILE H 101 -83.72 72.46 -32.26
N ILE H 102 -82.60 72.66 -32.96
CA ILE H 102 -82.14 71.76 -34.01
C ILE H 102 -80.77 71.23 -33.62
N SER H 103 -80.56 69.93 -33.81
CA SER H 103 -79.32 69.27 -33.43
C SER H 103 -78.63 68.70 -34.66
N TYR H 104 -77.36 69.06 -34.83
CA TYR H 104 -76.49 68.46 -35.84
C TYR H 104 -75.43 67.66 -35.10
N ARG H 105 -75.38 66.35 -35.39
CA ARG H 105 -74.50 65.41 -34.68
C ARG H 105 -74.86 65.52 -33.20
N ASP H 106 -73.91 65.75 -32.30
CA ASP H 106 -74.20 65.95 -30.89
C ASP H 106 -74.36 67.43 -30.52
N LEU H 107 -74.14 68.33 -31.47
CA LEU H 107 -74.27 69.75 -31.18
C LEU H 107 -75.74 70.15 -31.09
N LEU H 108 -76.00 71.25 -30.38
CA LEU H 108 -77.34 71.76 -30.19
C LEU H 108 -77.42 73.19 -30.69
N PHE H 109 -78.50 73.51 -31.41
CA PHE H 109 -78.72 74.83 -31.96
C PHE H 109 -80.18 75.19 -31.81
N VAL H 110 -80.46 76.50 -31.82
CA VAL H 110 -81.82 77.01 -31.63
C VAL H 110 -82.14 78.00 -32.75
N VAL H 111 -83.41 78.00 -33.16
CA VAL H 111 -83.89 78.89 -34.22
C VAL H 111 -84.49 80.13 -33.57
N ILE H 112 -84.10 81.31 -34.05
CA ILE H 112 -84.54 82.56 -33.43
C ILE H 112 -85.94 82.92 -33.88
N LYS H 113 -86.13 83.13 -35.18
CA LYS H 113 -87.37 83.65 -35.72
C LYS H 113 -88.19 82.53 -36.36
N ASP H 114 -89.50 82.76 -36.43
CA ASP H 114 -90.40 81.80 -37.06
C ASP H 114 -90.13 81.72 -38.56
N VAL H 115 -90.16 80.50 -39.09
CA VAL H 115 -89.93 80.26 -40.51
C VAL H 115 -91.06 79.37 -41.03
N THR H 116 -91.57 79.70 -42.21
CA THR H 116 -92.63 78.94 -42.85
C THR H 116 -92.12 78.38 -44.18
N ILE H 117 -92.31 77.08 -44.39
CA ILE H 117 -91.85 76.44 -45.60
C ILE H 117 -92.77 76.82 -46.76
N GLY H 118 -92.19 77.32 -47.84
CA GLY H 118 -92.93 77.74 -49.00
C GLY H 118 -93.53 79.13 -48.92
N SER H 119 -93.31 79.85 -47.82
CA SER H 119 -93.83 81.20 -47.69
C SER H 119 -93.02 82.18 -48.51
N GLU H 120 -93.61 83.35 -48.78
CA GLU H 120 -92.92 84.39 -49.54
C GLU H 120 -91.73 84.96 -48.79
N GLU H 121 -91.70 84.85 -47.47
CA GLU H 121 -90.56 85.35 -46.70
C GLU H 121 -89.31 84.50 -46.89
N GLY H 122 -89.46 83.28 -47.40
CA GLY H 122 -88.34 82.38 -47.62
C GLY H 122 -88.28 81.28 -46.58
N ASP H 123 -87.45 80.28 -46.88
CA ASP H 123 -87.25 79.14 -46.01
C ASP H 123 -85.97 79.24 -45.19
N ASN H 124 -85.32 80.40 -45.20
CA ASN H 124 -84.07 80.61 -44.48
C ASN H 124 -84.34 81.35 -43.17
N SER H 125 -83.88 80.79 -42.06
CA SER H 125 -84.05 81.40 -40.76
C SER H 125 -82.72 81.39 -40.00
N PRO H 126 -82.35 82.50 -39.37
CA PRO H 126 -81.11 82.52 -38.58
C PRO H 126 -81.18 81.54 -37.42
N VAL H 127 -80.02 80.94 -37.12
CA VAL H 127 -79.90 79.95 -36.05
C VAL H 127 -78.70 80.32 -35.20
N GLN H 128 -78.90 80.37 -33.88
CA GLN H 128 -77.86 80.72 -32.93
C GLN H 128 -77.51 79.50 -32.08
N ALA H 129 -76.22 79.34 -31.80
CA ALA H 129 -75.76 78.22 -30.99
C ALA H 129 -76.29 78.36 -29.56
N LEU H 130 -76.62 77.22 -28.96
CA LEU H 130 -77.11 77.23 -27.58
C LEU H 130 -76.00 77.56 -26.59
N GLU H 131 -74.77 77.16 -26.89
CA GLU H 131 -73.64 77.40 -26.01
C GLU H 131 -72.49 77.99 -26.81
N VAL H 132 -71.58 78.66 -26.11
CA VAL H 132 -70.41 79.26 -26.74
C VAL H 132 -69.42 78.15 -27.13
N GLY H 133 -68.50 78.51 -28.01
CA GLY H 133 -67.46 77.59 -28.43
C GLY H 133 -67.26 77.53 -29.93
N LYS H 134 -66.01 77.28 -30.34
CA LYS H 134 -65.70 77.16 -31.75
C LYS H 134 -66.30 75.90 -32.38
N LYS H 135 -66.57 74.87 -31.58
CA LYS H 135 -67.20 73.66 -32.09
C LYS H 135 -68.59 73.94 -32.65
N TYR H 136 -69.25 75.01 -32.20
CA TYR H 136 -70.55 75.39 -32.73
C TYR H 136 -70.45 76.13 -34.06
N ASN H 137 -69.25 76.53 -34.47
CA ASN H 137 -69.04 77.20 -35.77
C ASN H 137 -69.09 76.15 -36.88
N LEU H 138 -70.30 75.65 -37.11
CA LEU H 138 -70.50 74.61 -38.11
C LEU H 138 -70.24 75.18 -39.51
N PRO H 139 -69.62 74.41 -40.40
CA PRO H 139 -69.37 74.90 -41.75
C PRO H 139 -70.62 74.90 -42.60
N THR H 140 -70.48 75.24 -43.88
CA THR H 140 -71.62 75.23 -44.79
C THR H 140 -72.01 73.80 -45.14
N ASN H 141 -73.25 73.64 -45.58
CA ASN H 141 -73.80 72.36 -46.03
C ASN H 141 -73.75 71.31 -44.90
N CYS H 142 -74.42 71.64 -43.80
CA CYS H 142 -74.61 70.73 -42.68
C CYS H 142 -76.09 70.41 -42.55
N GLU H 143 -76.42 69.13 -42.52
CA GLU H 143 -77.82 68.68 -42.50
C GLU H 143 -78.31 68.69 -41.06
N PHE H 144 -78.94 69.79 -40.65
CA PHE H 144 -79.48 69.90 -39.30
C PHE H 144 -80.71 69.03 -39.15
N LYS H 145 -80.92 68.53 -37.92
CA LYS H 145 -82.03 67.66 -37.59
C LYS H 145 -82.79 68.24 -36.41
N LEU H 146 -84.13 68.22 -36.49
CA LEU H 146 -84.95 68.67 -35.39
C LEU H 146 -84.78 67.76 -34.17
N VAL H 147 -84.55 68.38 -33.01
CA VAL H 147 -84.54 67.60 -31.77
C VAL H 147 -85.93 67.05 -31.48
N ASP H 148 -86.95 67.87 -31.66
CA ASP H 148 -88.35 67.46 -31.50
C ASP H 148 -88.98 67.31 -32.88
N ASN H 149 -89.67 66.19 -33.08
CA ASN H 149 -90.26 65.90 -34.38
C ASN H 149 -91.39 66.87 -34.68
N ILE H 150 -91.34 67.49 -35.85
CA ILE H 150 -92.37 68.42 -36.31
C ILE H 150 -92.86 67.94 -37.67
N SER H 151 -94.17 67.75 -37.80
CA SER H 151 -94.74 67.32 -39.07
C SER H 151 -94.60 68.42 -40.10
N GLY H 152 -94.32 68.03 -41.35
CA GLY H 152 -94.16 68.97 -42.44
C GLY H 152 -92.73 69.42 -42.69
N VAL H 153 -91.79 69.05 -41.84
CA VAL H 153 -90.38 69.38 -42.01
C VAL H 153 -89.63 68.09 -42.31
N THR H 154 -88.87 68.10 -43.41
CA THR H 154 -88.15 66.91 -43.86
C THR H 154 -86.64 67.06 -43.74
N LYS H 155 -86.06 68.10 -44.33
CA LYS H 155 -84.63 68.29 -44.32
C LYS H 155 -84.30 69.73 -43.96
N ILE H 156 -83.28 69.90 -43.11
CA ILE H 156 -82.79 71.22 -42.71
C ILE H 156 -81.30 71.27 -42.99
N THR H 157 -80.87 72.30 -43.73
CA THR H 157 -79.47 72.48 -44.07
C THR H 157 -79.15 73.97 -44.03
N ASN H 158 -77.87 74.27 -43.87
CA ASN H 158 -77.38 75.64 -43.79
C ASN H 158 -76.70 76.01 -45.09
N THR H 159 -77.09 77.15 -45.66
CA THR H 159 -76.46 77.66 -46.88
C THR H 159 -75.19 78.44 -46.59
N ARG H 160 -74.93 78.79 -45.33
CA ARG H 160 -73.74 79.53 -44.96
C ARG H 160 -73.11 78.91 -43.73
N SER H 161 -71.79 79.00 -43.64
CA SER H 161 -71.07 78.47 -42.48
C SER H 161 -71.39 79.28 -41.23
N PHE H 162 -71.58 78.58 -40.12
CA PHE H 162 -71.88 79.25 -38.86
C PHE H 162 -70.66 80.00 -38.35
N GLU H 163 -70.88 81.19 -37.81
CA GLU H 163 -69.81 82.04 -37.32
C GLU H 163 -70.22 82.64 -35.97
N GLY H 164 -69.24 83.17 -35.26
CA GLY H 164 -69.45 83.78 -33.97
C GLY H 164 -69.13 82.90 -32.78
N GLY H 165 -68.93 81.60 -33.00
CA GLY H 165 -68.60 80.70 -31.91
C GLY H 165 -67.19 80.91 -31.40
N THR H 166 -67.08 81.46 -30.19
CA THR H 166 -65.79 81.76 -29.59
C THR H 166 -65.67 81.05 -28.24
N ASP H 167 -64.50 80.47 -27.99
CA ASP H 167 -64.25 79.76 -26.75
C ASP H 167 -64.11 80.74 -25.58
N ILE H 168 -64.20 80.21 -24.37
CA ILE H 168 -63.98 81.01 -23.17
C ILE H 168 -62.52 81.41 -23.09
N GLU H 169 -62.28 82.70 -22.82
CA GLU H 169 -60.91 83.19 -22.70
C GLU H 169 -60.20 82.51 -21.55
N THR H 170 -59.09 81.84 -21.86
CA THR H 170 -58.34 81.14 -20.83
C THR H 170 -57.58 82.14 -19.94
N ASP H 171 -57.03 81.61 -18.84
CA ASP H 171 -56.32 82.47 -17.90
C ASP H 171 -55.10 83.11 -18.54
N GLU H 172 -54.32 82.33 -19.29
CA GLU H 172 -53.06 82.82 -19.82
C GLU H 172 -53.28 83.92 -20.85
N GLU H 173 -54.27 83.76 -21.73
CA GLU H 173 -54.52 84.76 -22.76
C GLU H 173 -54.88 86.10 -22.15
N LEU H 174 -55.80 86.11 -21.19
CA LEU H 174 -56.11 87.33 -20.46
C LEU H 174 -54.88 87.84 -19.73
N LYS H 175 -53.99 86.95 -19.29
CA LYS H 175 -52.79 87.40 -18.60
C LYS H 175 -51.88 88.21 -19.53
N GLU H 176 -51.60 87.69 -20.73
CA GLU H 176 -50.74 88.49 -21.60
C GLU H 176 -51.48 89.72 -22.12
N ARG H 177 -52.80 89.65 -22.27
CA ARG H 177 -53.55 90.83 -22.65
C ARG H 177 -53.42 91.94 -21.60
N PHE H 178 -53.55 91.57 -20.33
CA PHE H 178 -53.37 92.52 -19.25
C PHE H 178 -51.94 93.04 -19.20
N TYR H 179 -50.95 92.17 -19.43
CA TYR H 179 -49.57 92.62 -19.43
C TYR H 179 -49.32 93.63 -20.53
N LYS H 180 -49.85 93.38 -21.73
CA LYS H 180 -49.70 94.32 -22.83
C LYS H 180 -50.41 95.64 -22.53
N ILE H 181 -51.58 95.57 -21.91
CA ILE H 181 -52.30 96.78 -21.52
C ILE H 181 -51.46 97.59 -20.53
N GLN H 182 -50.84 96.91 -19.57
CA GLN H 182 -50.02 97.60 -18.58
C GLN H 182 -48.78 98.23 -19.21
N ARG H 183 -48.14 97.52 -20.15
CA ARG H 183 -46.92 98.06 -20.75
C ARG H 183 -47.22 99.26 -21.64
N ASN H 184 -48.29 99.21 -22.42
CA ASN H 184 -48.59 100.24 -23.40
C ASN H 184 -49.92 100.90 -23.08
N GLN H 185 -49.92 102.22 -23.03
CA GLN H 185 -51.11 103.02 -22.76
C GLN H 185 -51.38 103.95 -23.94
N ALA H 186 -52.63 104.36 -24.07
CA ALA H 186 -53.03 105.25 -25.17
C ALA H 186 -52.26 106.55 -25.10
N THR H 187 -51.71 106.97 -26.23
CA THR H 187 -50.89 108.17 -26.33
C THR H 187 -51.33 109.00 -27.52
N SER H 188 -51.04 110.30 -27.44
CA SER H 188 -51.52 111.24 -28.45
C SER H 188 -50.80 111.03 -29.80
N GLY H 189 -49.49 110.94 -29.77
CA GLY H 189 -48.71 110.99 -31.01
C GLY H 189 -48.38 109.65 -31.63
N ASN H 190 -48.22 108.62 -30.81
CA ASN H 190 -47.93 107.29 -31.33
C ASN H 190 -49.06 106.85 -32.25
N LYS H 191 -48.74 106.68 -33.53
CA LYS H 191 -49.76 106.37 -34.53
C LYS H 191 -50.48 105.06 -34.25
N ALA H 192 -49.84 104.13 -33.54
CA ALA H 192 -50.50 102.88 -33.21
C ALA H 192 -51.73 103.11 -32.33
N HIS H 193 -51.57 103.90 -31.27
CA HIS H 193 -52.69 104.17 -30.36
C HIS H 193 -53.82 104.90 -31.06
N TYR H 194 -53.48 105.90 -31.88
CA TYR H 194 -54.53 106.67 -32.57
C TYR H 194 -55.23 105.81 -33.61
N GLU H 195 -54.48 105.02 -34.39
CA GLU H 195 -55.07 104.19 -35.41
C GLU H 195 -55.81 102.98 -34.83
N GLU H 196 -55.58 102.66 -33.56
CA GLU H 196 -56.32 101.57 -32.93
C GLU H 196 -57.82 101.88 -32.90
N TRP H 197 -58.17 103.12 -32.53
CA TRP H 197 -59.59 103.49 -32.47
C TRP H 197 -60.22 103.48 -33.86
N ALA H 198 -59.49 103.96 -34.87
CA ALA H 198 -60.01 103.93 -36.23
C ALA H 198 -60.19 102.49 -36.72
N LEU H 199 -59.23 101.62 -36.40
CA LEU H 199 -59.32 100.22 -36.82
C LEU H 199 -60.46 99.48 -36.14
N GLU H 200 -61.00 100.02 -35.05
CA GLU H 200 -62.14 99.39 -34.40
C GLU H 200 -63.37 99.37 -35.29
N VAL H 201 -63.43 100.22 -36.31
CA VAL H 201 -64.49 100.17 -37.31
C VAL H 201 -64.21 99.02 -38.26
N ASP H 202 -65.21 98.15 -38.45
CA ASP H 202 -65.02 96.97 -39.29
C ASP H 202 -64.84 97.35 -40.76
N GLY H 203 -65.43 98.46 -41.19
CA GLY H 203 -65.35 98.83 -42.60
C GLY H 203 -63.94 99.12 -43.07
N VAL H 204 -63.11 99.71 -42.22
CA VAL H 204 -61.75 100.08 -42.57
C VAL H 204 -60.78 99.05 -42.02
N TYR H 205 -59.73 98.76 -42.79
CA TYR H 205 -58.71 97.80 -42.39
C TYR H 205 -57.30 98.36 -42.39
N ASN H 206 -57.04 99.46 -43.07
CA ASN H 206 -55.74 100.12 -43.04
C ASN H 206 -55.95 101.60 -42.74
N VAL H 207 -55.24 102.09 -41.71
CA VAL H 207 -55.36 103.47 -41.28
C VAL H 207 -53.98 104.11 -41.29
N LYS H 208 -53.89 105.31 -41.86
CA LYS H 208 -52.64 106.04 -41.97
C LYS H 208 -52.81 107.42 -41.36
N VAL H 209 -51.80 107.87 -40.62
CA VAL H 209 -51.79 109.17 -39.96
C VAL H 209 -50.75 110.04 -40.64
N TYR H 210 -51.15 111.24 -41.04
CA TYR H 210 -50.25 112.17 -41.74
C TYR H 210 -49.92 113.35 -40.83
N PRO H 211 -48.80 113.35 -40.15
CA PRO H 211 -48.42 114.49 -39.31
C PRO H 211 -48.03 115.69 -40.15
N ARG H 212 -48.22 116.88 -39.57
CA ARG H 212 -47.79 118.15 -40.17
C ARG H 212 -48.36 118.34 -41.56
N TRP H 213 -49.68 118.19 -41.66
CA TRP H 213 -50.38 118.39 -42.93
C TRP H 213 -50.95 119.79 -43.08
N ASP H 214 -51.25 120.47 -41.97
CA ASP H 214 -51.79 121.83 -42.00
C ASP H 214 -51.09 122.69 -40.95
N GLY H 215 -49.82 122.42 -40.70
CA GLY H 215 -49.09 123.10 -39.66
C GLY H 215 -48.90 122.24 -38.44
N PRO H 216 -48.24 122.78 -37.42
CA PRO H 216 -48.01 121.99 -36.19
C PRO H 216 -49.32 121.64 -35.51
N GLY H 217 -49.33 120.46 -34.88
CA GLY H 217 -50.51 119.99 -34.18
C GLY H 217 -51.63 119.51 -35.07
N THR H 218 -51.40 119.40 -36.38
CA THR H 218 -52.43 119.00 -37.33
C THR H 218 -52.18 117.54 -37.73
N VAL H 219 -53.19 116.70 -37.54
CA VAL H 219 -53.10 115.28 -37.84
C VAL H 219 -54.15 114.96 -38.89
N LYS H 220 -53.70 114.41 -40.01
CA LYS H 220 -54.60 113.99 -41.09
C LYS H 220 -54.80 112.49 -41.00
N VAL H 221 -56.06 112.06 -40.91
CA VAL H 221 -56.40 110.64 -40.77
C VAL H 221 -56.72 110.08 -42.14
N LEU H 222 -55.97 109.07 -42.56
CA LEU H 222 -56.19 108.37 -43.81
C LEU H 222 -56.61 106.93 -43.48
N ILE H 223 -57.75 106.51 -44.04
CA ILE H 223 -58.28 105.18 -43.78
C ILE H 223 -58.48 104.46 -45.12
N PHE H 224 -58.40 103.14 -45.07
CA PHE H 224 -58.62 102.29 -46.23
C PHE H 224 -59.69 101.26 -45.90
N GLY H 225 -60.69 101.14 -46.76
CA GLY H 225 -61.78 100.21 -46.56
C GLY H 225 -61.42 98.80 -46.94
N LYS H 226 -62.41 98.07 -47.45
CA LYS H 226 -62.18 96.70 -47.91
C LYS H 226 -61.37 96.71 -49.20
N ASN H 227 -60.13 96.26 -49.11
CA ASN H 227 -59.20 96.22 -50.24
C ASN H 227 -59.07 97.59 -50.90
N ASN H 228 -59.05 98.63 -50.06
CA ASN H 228 -58.82 100.01 -50.48
C ASN H 228 -59.91 100.52 -51.42
N GLN H 229 -61.16 100.23 -51.02
CA GLN H 229 -62.38 100.66 -51.69
C GLN H 229 -63.04 101.65 -50.71
N ALA H 230 -63.49 102.80 -51.20
CA ALA H 230 -64.04 103.83 -50.33
C ALA H 230 -65.24 103.29 -49.54
N VAL H 231 -65.30 103.66 -48.26
CA VAL H 231 -66.43 103.32 -47.40
C VAL H 231 -67.50 104.40 -47.58
N ASP H 232 -68.71 104.11 -47.08
CA ASP H 232 -69.81 105.05 -47.23
C ASP H 232 -69.59 106.30 -46.39
N THR H 233 -70.35 107.34 -46.70
CA THR H 233 -70.21 108.62 -46.00
C THR H 233 -70.55 108.46 -44.51
N GLU H 234 -71.58 107.67 -44.20
CA GLU H 234 -71.95 107.45 -42.81
C GLU H 234 -70.82 106.78 -42.04
N THR H 235 -70.13 105.83 -42.67
CA THR H 235 -68.99 105.18 -42.02
C THR H 235 -67.90 106.19 -41.72
N ILE H 236 -67.60 107.07 -42.68
CA ILE H 236 -66.59 108.10 -42.46
C ILE H 236 -67.01 108.99 -41.30
N GLU H 237 -68.28 109.40 -41.27
CA GLU H 237 -68.75 110.27 -40.20
C GLU H 237 -68.62 109.59 -38.84
N ARG H 238 -69.12 108.36 -38.72
CA ARG H 238 -69.11 107.68 -37.43
C ARG H 238 -67.69 107.43 -36.95
N CYS H 239 -66.79 107.09 -37.87
CA CYS H 239 -65.38 107.02 -37.50
C CYS H 239 -64.89 108.36 -37.00
N GLN H 240 -65.36 109.45 -37.60
CA GLN H 240 -64.92 110.78 -37.18
C GLN H 240 -65.35 111.08 -35.75
N GLN H 241 -66.64 110.87 -35.44
CA GLN H 241 -67.06 111.11 -34.05
C GLN H 241 -66.36 110.15 -33.09
N HIS H 242 -66.16 108.89 -33.48
CA HIS H 242 -65.48 107.97 -32.58
C HIS H 242 -64.06 108.45 -32.27
N ILE H 243 -63.27 108.72 -33.31
CA ILE H 243 -61.90 109.14 -33.08
C ILE H 243 -61.87 110.45 -32.31
N ASP H 244 -62.83 111.34 -32.58
CA ASP H 244 -62.92 112.57 -31.79
C ASP H 244 -63.17 112.26 -30.32
N GLU H 245 -63.99 111.26 -30.04
CA GLU H 245 -64.20 110.84 -28.67
C GLU H 245 -62.91 110.34 -28.02
N GLU H 246 -62.06 109.64 -28.79
CA GLU H 246 -60.76 109.24 -28.26
C GLU H 246 -59.58 110.07 -28.75
N LYS H 247 -59.80 111.14 -29.51
CA LYS H 247 -58.68 111.96 -29.95
C LYS H 247 -58.09 112.75 -28.78
N PRO H 248 -56.81 113.12 -28.86
CA PRO H 248 -56.19 113.86 -27.76
C PRO H 248 -56.69 115.29 -27.65
N ILE H 249 -56.07 116.09 -26.79
CA ILE H 249 -56.53 117.44 -26.53
C ILE H 249 -56.09 118.38 -27.64
N GLY H 250 -57.06 119.04 -28.28
CA GLY H 250 -56.82 120.08 -29.25
C GLY H 250 -56.08 119.72 -30.53
N PRO H 251 -56.48 118.61 -31.21
CA PRO H 251 -55.97 118.37 -32.56
C PRO H 251 -56.93 118.85 -33.63
N THR H 252 -56.44 119.00 -34.86
CA THR H 252 -57.30 119.16 -36.02
C THR H 252 -57.30 117.86 -36.81
N ILE H 253 -58.47 117.25 -36.97
CA ILE H 253 -58.59 115.90 -37.49
C ILE H 253 -59.40 115.93 -38.77
N THR H 254 -58.85 115.36 -39.83
CA THR H 254 -59.52 115.22 -41.11
C THR H 254 -59.45 113.77 -41.57
N VAL H 255 -60.60 113.23 -41.99
CA VAL H 255 -60.70 111.84 -42.43
C VAL H 255 -60.91 111.84 -43.94
N VAL H 256 -60.09 111.06 -44.64
CA VAL H 256 -60.17 110.96 -46.09
C VAL H 256 -60.43 109.51 -46.47
N THR H 257 -60.88 109.32 -47.70
CA THR H 257 -61.24 108.00 -48.23
C THR H 257 -60.55 107.79 -49.56
N PRO H 258 -60.30 106.53 -49.95
CA PRO H 258 -59.73 106.27 -51.27
C PRO H 258 -60.63 106.80 -52.37
N LEU H 259 -60.01 107.36 -53.42
CA LEU H 259 -60.74 107.99 -54.51
C LEU H 259 -60.64 107.13 -55.76
N PRO H 260 -61.74 106.57 -56.25
CA PRO H 260 -61.67 105.78 -57.49
C PRO H 260 -61.27 106.65 -58.68
N ILE H 261 -60.53 106.05 -59.60
CA ILE H 261 -60.02 106.73 -60.78
C ILE H 261 -60.58 106.02 -62.01
N GLU H 262 -61.24 106.77 -62.88
CA GLU H 262 -61.82 106.20 -64.09
C GLU H 262 -60.72 105.77 -65.05
N ILE H 263 -60.96 104.66 -65.76
CA ILE H 263 -60.03 104.14 -66.75
C ILE H 263 -60.78 103.96 -68.06
N SER H 264 -60.26 104.56 -69.13
CA SER H 264 -60.81 104.41 -70.48
C SER H 264 -59.76 103.78 -71.37
N ILE H 265 -60.14 102.72 -72.08
CA ILE H 265 -59.21 101.97 -72.91
C ILE H 265 -59.79 101.84 -74.31
N SER H 266 -58.89 101.66 -75.28
CA SER H 266 -59.28 101.50 -76.67
C SER H 266 -58.17 100.78 -77.41
N ALA H 267 -58.52 99.73 -78.16
CA ALA H 267 -57.54 98.96 -78.89
C ALA H 267 -58.22 98.29 -80.07
N VAL H 268 -57.40 97.90 -81.06
CA VAL H 268 -57.87 97.17 -82.24
C VAL H 268 -57.22 95.80 -82.20
N MET H 269 -58.04 94.75 -82.19
CA MET H 269 -57.54 93.40 -82.04
C MET H 269 -58.27 92.45 -82.98
N LYS H 270 -57.60 91.33 -83.29
CA LYS H 270 -58.16 90.27 -84.11
C LYS H 270 -58.60 89.14 -83.20
N LEU H 271 -59.91 88.84 -83.20
CA LEU H 271 -60.45 87.83 -82.31
C LEU H 271 -60.28 86.43 -82.91
N GLU H 272 -60.01 85.46 -82.05
CA GLU H 272 -59.91 84.08 -82.49
C GLU H 272 -61.29 83.54 -82.85
N ASP H 273 -61.29 82.44 -83.59
CA ASP H 273 -62.54 81.82 -84.01
C ASP H 273 -63.31 81.30 -82.80
N GLY H 274 -64.63 81.44 -82.85
CA GLY H 274 -65.48 81.01 -81.76
C GLY H 274 -65.52 81.93 -80.58
N TYR H 275 -64.90 83.11 -80.66
CA TYR H 275 -64.87 84.07 -79.57
C TYR H 275 -65.40 85.41 -80.06
N THR H 276 -66.33 85.98 -79.30
CA THR H 276 -66.94 87.26 -79.64
C THR H 276 -66.33 88.37 -78.80
N LEU H 277 -66.75 89.61 -79.09
CA LEU H 277 -66.21 90.76 -78.36
C LEU H 277 -66.62 90.75 -76.90
N ASP H 278 -67.84 90.29 -76.59
CA ASP H 278 -68.31 90.33 -75.21
C ASP H 278 -67.51 89.40 -74.31
N ASN H 279 -67.17 88.21 -74.79
CA ASN H 279 -66.43 87.25 -73.96
C ASN H 279 -65.03 87.77 -73.64
N VAL H 280 -64.31 88.21 -74.66
CA VAL H 280 -62.96 88.73 -74.43
C VAL H 280 -63.03 90.01 -73.60
N LYS H 281 -64.07 90.82 -73.81
CA LYS H 281 -64.21 92.05 -73.03
C LYS H 281 -64.40 91.74 -71.54
N GLU H 282 -65.30 90.79 -71.22
CA GLU H 282 -65.53 90.47 -69.82
C GLU H 282 -64.31 89.82 -69.19
N SER H 283 -63.65 88.92 -69.92
CA SER H 283 -62.45 88.27 -69.38
C SER H 283 -61.35 89.29 -69.12
N PHE H 284 -61.13 90.21 -70.07
CA PHE H 284 -60.09 91.20 -69.90
C PHE H 284 -60.42 92.20 -68.81
N LEU H 285 -61.70 92.57 -68.67
CA LEU H 285 -62.06 93.49 -67.60
C LEU H 285 -61.90 92.85 -66.24
N GLU H 286 -62.24 91.56 -66.12
CA GLU H 286 -61.98 90.85 -64.86
C GLU H 286 -60.48 90.79 -64.56
N SER H 287 -59.68 90.46 -65.57
CA SER H 287 -58.23 90.36 -65.38
C SER H 287 -57.64 91.72 -65.00
N ILE H 288 -58.10 92.79 -65.64
CA ILE H 288 -57.54 94.10 -65.36
C ILE H 288 -58.06 94.63 -64.03
N ASN H 289 -59.25 94.21 -63.59
CA ASN H 289 -59.70 94.54 -62.24
C ASN H 289 -58.81 93.86 -61.21
N THR H 290 -58.47 92.59 -61.44
CA THR H 290 -57.53 91.91 -60.55
C THR H 290 -56.18 92.61 -60.53
N TYR H 291 -55.69 93.00 -61.71
CA TYR H 291 -54.41 93.70 -61.79
C TYR H 291 -54.46 95.03 -61.06
N PHE H 292 -55.56 95.78 -61.21
CA PHE H 292 -55.71 97.03 -60.49
C PHE H 292 -55.74 96.79 -58.98
N ARG H 293 -56.33 95.68 -58.56
CA ARG H 293 -56.30 95.33 -57.15
C ARG H 293 -54.89 95.04 -56.67
N ASP H 294 -54.09 94.38 -57.50
CA ASP H 294 -52.75 93.95 -57.08
C ASP H 294 -51.63 94.90 -57.52
N ILE H 295 -51.94 96.00 -58.19
CA ILE H 295 -50.91 96.92 -58.66
C ILE H 295 -50.59 97.94 -57.56
N ARG H 296 -49.30 98.17 -57.34
CA ARG H 296 -48.84 99.21 -56.43
C ARG H 296 -48.00 100.21 -57.23
N GLY H 297 -48.37 101.48 -57.14
CA GLY H 297 -47.69 102.52 -57.88
C GLY H 297 -48.40 102.92 -59.16
N GLU H 298 -47.65 103.38 -60.15
CA GLU H 298 -48.22 103.85 -61.40
C GLU H 298 -48.71 102.69 -62.26
N ILE H 299 -49.65 102.99 -63.15
CA ILE H 299 -50.15 102.00 -64.11
C ILE H 299 -49.04 101.68 -65.10
N ILE H 300 -48.88 100.40 -65.40
CA ILE H 300 -47.86 99.93 -66.34
C ILE H 300 -48.56 99.59 -67.64
N TYR H 301 -48.12 100.25 -68.73
CA TYR H 301 -48.69 99.98 -70.05
C TYR H 301 -48.43 98.55 -70.49
N THR H 302 -47.21 98.05 -70.27
CA THR H 302 -46.85 96.74 -70.79
C THR H 302 -47.55 95.63 -70.02
N LYS H 303 -47.76 95.81 -68.72
CA LYS H 303 -48.56 94.84 -67.97
C LYS H 303 -49.98 94.80 -68.51
N VAL H 304 -50.55 95.95 -68.84
CA VAL H 304 -51.92 95.99 -69.36
C VAL H 304 -51.99 95.28 -70.71
N MET H 305 -51.04 95.56 -71.60
CA MET H 305 -51.10 94.91 -72.91
C MET H 305 -50.82 93.43 -72.81
N GLY H 306 -49.94 93.02 -71.88
CA GLY H 306 -49.67 91.60 -71.69
C GLY H 306 -50.88 90.86 -71.15
N ILE H 307 -51.58 91.45 -70.19
CA ILE H 307 -52.78 90.81 -69.69
C ILE H 307 -53.90 90.86 -70.73
N LEU H 308 -53.84 91.80 -71.68
CA LEU H 308 -54.83 91.84 -72.75
C LEU H 308 -54.56 90.73 -73.78
N ILE H 309 -53.30 90.55 -74.17
CA ILE H 309 -52.98 89.49 -75.14
C ILE H 309 -53.15 88.12 -74.50
N ASN H 310 -52.81 87.99 -73.21
CA ASN H 310 -53.01 86.73 -72.52
C ASN H 310 -54.48 86.36 -72.38
N THR H 311 -55.38 87.33 -72.52
CA THR H 311 -56.81 87.04 -72.48
C THR H 311 -57.17 86.09 -73.63
N THR H 312 -57.93 85.05 -73.30
CA THR H 312 -58.27 84.04 -74.30
C THR H 312 -59.16 84.64 -75.38
N GLY H 313 -58.87 84.28 -76.64
CA GLY H 313 -59.58 84.82 -77.77
C GLY H 313 -58.90 85.97 -78.48
N VAL H 314 -57.67 86.28 -78.11
CA VAL H 314 -56.91 87.38 -78.72
C VAL H 314 -55.79 86.76 -79.55
N HIS H 315 -55.87 86.96 -80.87
CA HIS H 315 -54.82 86.51 -81.79
C HIS H 315 -53.81 87.62 -82.07
N ASP H 316 -54.30 88.77 -82.54
CA ASP H 316 -53.46 89.90 -82.88
C ASP H 316 -54.16 91.18 -82.46
N LEU H 317 -53.44 92.06 -81.76
CA LEU H 317 -53.98 93.33 -81.33
C LEU H 317 -53.02 94.46 -81.67
N SER H 318 -53.56 95.66 -81.77
CA SER H 318 -52.77 96.83 -82.13
C SER H 318 -53.49 98.09 -81.67
N ASN H 319 -52.74 99.19 -81.63
CA ASN H 319 -53.29 100.50 -81.30
C ASN H 319 -53.95 100.51 -79.93
N LEU H 320 -53.27 99.94 -78.93
CA LEU H 320 -53.79 99.94 -77.57
C LEU H 320 -53.59 101.32 -76.96
N LEU H 321 -54.68 101.94 -76.51
CA LEU H 321 -54.65 103.27 -75.94
C LEU H 321 -55.38 103.25 -74.61
N ILE H 322 -54.74 103.80 -73.58
CA ILE H 322 -55.31 103.86 -72.23
C ILE H 322 -55.44 105.33 -71.85
N ASN H 323 -56.69 105.78 -71.68
CA ASN H 323 -56.97 107.16 -71.30
C ASN H 323 -56.34 108.15 -72.27
N GLY H 324 -56.34 107.80 -73.55
CA GLY H 324 -55.81 108.66 -74.58
C GLY H 324 -54.31 108.64 -74.74
N SER H 325 -53.61 107.70 -74.08
CA SER H 325 -52.16 107.66 -74.17
C SER H 325 -51.69 106.21 -74.02
N THR H 326 -50.47 105.96 -74.51
CA THR H 326 -49.82 104.67 -74.36
C THR H 326 -48.71 104.69 -73.31
N ASP H 327 -48.52 105.82 -72.63
CA ASP H 327 -47.48 105.92 -71.61
C ASP H 327 -48.01 105.42 -70.27
N ASN H 328 -47.08 105.18 -69.34
CA ASN H 328 -47.44 104.76 -68.00
C ASN H 328 -48.24 105.86 -67.30
N ILE H 329 -49.35 105.47 -66.68
CA ILE H 329 -50.24 106.41 -66.00
C ILE H 329 -49.89 106.40 -64.52
N THR H 330 -49.50 107.56 -63.99
CA THR H 330 -49.14 107.67 -62.59
C THR H 330 -50.39 107.70 -61.72
N ILE H 331 -50.41 106.83 -60.71
CA ILE H 331 -51.51 106.77 -59.75
C ILE H 331 -51.10 107.57 -58.52
N ASN H 332 -51.92 108.56 -58.17
CA ASN H 332 -51.68 109.31 -56.94
C ASN H 332 -52.06 108.46 -55.73
N GLU H 333 -51.65 108.92 -54.56
CA GLU H 333 -51.95 108.21 -53.33
C GLU H 333 -53.46 108.21 -53.07
N ASP H 334 -53.93 107.13 -52.44
CA ASP H 334 -55.34 106.97 -52.09
C ASP H 334 -56.24 106.99 -53.31
N LYS H 335 -55.76 106.46 -54.43
CA LYS H 335 -56.52 106.40 -55.67
C LYS H 335 -56.43 104.99 -56.25
N ILE H 336 -57.57 104.50 -56.73
CA ILE H 336 -57.64 103.16 -57.31
C ILE H 336 -58.21 103.25 -58.72
N PRO H 337 -57.65 102.54 -59.69
CA PRO H 337 -58.20 102.57 -61.05
C PRO H 337 -59.58 101.91 -61.10
N SER H 338 -60.40 102.40 -62.02
CA SER H 338 -61.73 101.86 -62.25
C SER H 338 -62.05 101.90 -63.73
N VAL H 339 -62.38 100.74 -64.30
CA VAL H 339 -62.66 100.66 -65.73
C VAL H 339 -64.01 101.30 -66.01
N THR H 340 -64.04 102.23 -66.96
CA THR H 340 -65.26 102.93 -67.34
C THR H 340 -65.58 102.83 -68.82
N THR H 341 -64.57 102.87 -69.68
CA THR H 341 -64.78 102.81 -71.12
C THR H 341 -63.87 101.74 -71.72
N VAL H 342 -64.46 100.84 -72.50
CA VAL H 342 -63.72 99.81 -73.23
C VAL H 342 -64.13 99.91 -74.70
N ASN H 343 -63.15 100.16 -75.57
CA ASN H 343 -63.39 100.31 -77.00
C ASN H 343 -62.57 99.26 -77.73
N PHE H 344 -63.21 98.13 -78.03
CA PHE H 344 -62.55 97.02 -78.71
C PHE H 344 -63.13 96.88 -80.11
N SER H 345 -62.26 96.88 -81.11
CA SER H 345 -62.67 96.80 -82.51
C SER H 345 -61.94 95.65 -83.18
N GLU H 346 -62.66 94.88 -83.99
CA GLU H 346 -62.08 93.77 -84.72
C GLU H 346 -61.79 94.15 -86.16
N MET I 1 -58.57 64.13 18.03
CA MET I 1 -59.18 62.85 17.67
C MET I 1 -58.44 62.18 16.52
N LYS I 2 -57.75 63.00 15.72
CA LYS I 2 -56.99 62.45 14.59
C LYS I 2 -55.81 61.62 15.08
N LEU I 3 -55.01 62.18 15.99
CA LEU I 3 -53.81 61.48 16.44
C LEU I 3 -54.17 60.20 17.20
N ILE I 4 -55.16 60.25 18.08
CA ILE I 4 -55.53 59.06 18.85
C ILE I 4 -56.00 57.95 17.91
N ASP I 5 -56.64 58.32 16.80
CA ASP I 5 -56.90 57.33 15.76
C ASP I 5 -55.60 56.81 15.15
N LYS I 6 -54.65 57.72 14.90
CA LYS I 6 -53.33 57.27 14.45
C LYS I 6 -52.54 56.59 15.56
N LEU I 7 -52.80 56.96 16.82
CA LEU I 7 -52.07 56.40 17.94
C LEU I 7 -52.47 54.95 18.19
N PRO I 8 -51.60 54.16 18.82
CA PRO I 8 -51.90 52.75 19.03
C PRO I 8 -53.07 52.53 19.98
N SER I 9 -53.64 51.33 19.91
CA SER I 9 -54.84 51.01 20.66
C SER I 9 -54.59 51.04 22.17
N PHE I 10 -53.43 50.56 22.61
CA PHE I 10 -53.16 50.47 24.04
C PHE I 10 -53.00 51.84 24.70
N ASP I 11 -52.90 52.92 23.92
CA ASP I 11 -52.79 54.26 24.45
C ASP I 11 -54.13 55.00 24.40
N ARG I 12 -55.23 54.29 24.62
CA ARG I 12 -56.57 54.87 24.57
C ARG I 12 -57.02 55.41 25.92
N ASN I 13 -56.09 55.80 26.80
CA ASN I 13 -56.45 56.28 28.13
C ASN I 13 -56.89 57.74 28.07
N TYR I 14 -57.36 58.23 29.22
CA TYR I 14 -57.92 59.58 29.30
C TYR I 14 -56.85 60.65 29.13
N ILE I 15 -55.63 60.41 29.60
CA ILE I 15 -54.57 61.40 29.49
C ILE I 15 -54.27 61.69 28.01
N VAL I 16 -54.18 60.63 27.20
CA VAL I 16 -53.93 60.81 25.78
C VAL I 16 -55.07 61.58 25.13
N GLU I 17 -56.31 61.25 25.50
CA GLU I 17 -57.46 61.96 24.93
C GLU I 17 -57.41 63.45 25.26
N GLU I 18 -57.11 63.80 26.51
CA GLU I 18 -57.03 65.20 26.89
C GLU I 18 -55.91 65.92 26.14
N ILE I 19 -54.73 65.28 26.07
CA ILE I 19 -53.58 65.92 25.43
C ILE I 19 -53.87 66.17 23.96
N GLN I 20 -54.41 65.15 23.27
CA GLN I 20 -54.67 65.31 21.85
C GLN I 20 -55.87 66.21 21.58
N GLY I 21 -56.81 66.31 22.52
CA GLY I 21 -57.87 67.30 22.38
C GLY I 21 -57.35 68.72 22.46
N ALA I 22 -56.44 68.97 23.40
CA ALA I 22 -55.81 70.29 23.46
C ALA I 22 -55.01 70.58 22.20
N TYR I 23 -54.28 69.57 21.70
CA TYR I 23 -53.50 69.75 20.48
C TYR I 23 -54.42 70.00 19.28
N ASP I 24 -55.59 69.37 19.27
CA ASP I 24 -56.54 69.60 18.17
C ASP I 24 -57.15 70.98 18.25
N THR I 25 -57.41 71.48 19.46
CA THR I 25 -57.85 72.86 19.60
C THR I 25 -56.79 73.82 19.09
N GLU I 26 -55.52 73.54 19.41
CA GLU I 26 -54.43 74.35 18.87
C GLU I 26 -54.40 74.26 17.35
N LEU I 27 -54.64 73.08 16.80
CA LEU I 27 -54.69 72.91 15.35
C LEU I 27 -55.80 73.76 14.74
N ASN I 28 -56.97 73.79 15.37
CA ASN I 28 -58.07 74.60 14.87
C ASN I 28 -57.70 76.08 14.90
N ILE I 29 -57.06 76.53 15.98
CA ILE I 29 -56.63 77.92 16.06
C ILE I 29 -55.64 78.22 14.95
N LEU I 30 -54.67 77.33 14.74
CA LEU I 30 -53.66 77.56 13.71
C LEU I 30 -54.28 77.59 12.32
N LYS I 31 -55.21 76.68 12.03
CA LYS I 31 -55.79 76.64 10.69
C LYS I 31 -56.70 77.83 10.44
N GLU I 32 -57.43 78.30 11.45
CA GLU I 32 -58.22 79.49 11.25
C GLU I 32 -57.33 80.73 11.10
N ASP I 33 -56.19 80.76 11.80
CA ASP I 33 -55.23 81.84 11.56
C ASP I 33 -54.68 81.80 10.14
N ILE I 34 -54.39 80.60 9.63
CA ILE I 34 -53.91 80.48 8.26
C ILE I 34 -54.96 80.95 7.27
N ASP I 35 -56.22 80.56 7.50
CA ASP I 35 -57.30 81.02 6.63
C ASP I 35 -57.45 82.53 6.67
N ASP I 36 -57.36 83.12 7.86
CA ASP I 36 -57.45 84.57 7.99
C ASP I 36 -56.32 85.26 7.25
N THR I 37 -55.10 84.73 7.36
CA THR I 37 -53.98 85.31 6.64
C THR I 37 -54.17 85.20 5.13
N PHE I 38 -54.65 84.05 4.65
CA PHE I 38 -54.90 83.89 3.22
C PHE I 38 -55.97 84.87 2.75
N ASN I 39 -56.98 85.11 3.57
CA ASN I 39 -57.95 86.15 3.25
C ASN I 39 -57.29 87.53 3.20
N GLN I 40 -56.37 87.78 4.14
CA GLN I 40 -55.66 89.06 4.15
C GLN I 40 -54.80 89.24 2.91
N LEU I 41 -54.39 88.14 2.28
CA LEU I 41 -53.59 88.26 1.06
C LEU I 41 -54.37 88.97 -0.04
N PHE I 42 -55.64 88.64 -0.20
CA PHE I 42 -56.47 89.26 -1.23
C PHE I 42 -57.02 90.59 -0.73
N VAL I 43 -57.13 91.55 -1.66
CA VAL I 43 -57.58 92.89 -1.30
C VAL I 43 -59.01 92.87 -0.78
N ASP I 44 -59.89 92.14 -1.46
CA ASP I 44 -61.30 92.13 -1.09
C ASP I 44 -61.50 91.51 0.30
N THR I 45 -60.79 90.43 0.58
CA THR I 45 -60.97 89.71 1.85
C THR I 45 -60.08 90.23 2.97
N ALA I 46 -59.17 91.15 2.68
CA ALA I 46 -58.33 91.74 3.72
C ALA I 46 -59.09 92.80 4.50
N THR I 47 -58.88 92.83 5.81
CA THR I 47 -59.51 93.82 6.67
C THR I 47 -58.49 94.78 7.27
N TRP I 48 -57.50 94.27 8.01
CA TRP I 48 -56.48 95.12 8.60
C TRP I 48 -55.23 95.25 7.74
N GLY I 49 -55.13 94.49 6.65
CA GLY I 49 -53.98 94.58 5.77
C GLY I 49 -54.02 95.72 4.79
N LEU I 50 -55.17 96.41 4.68
CA LEU I 50 -55.30 97.51 3.74
C LEU I 50 -54.38 98.68 4.07
N ASP I 51 -53.88 98.75 5.30
CA ASP I 51 -52.97 99.83 5.67
C ASP I 51 -51.69 99.76 4.83
N MET I 52 -51.12 98.57 4.67
CA MET I 52 -49.92 98.45 3.85
C MET I 52 -50.23 98.59 2.37
N TRP I 53 -51.44 98.23 1.94
CA TRP I 53 -51.83 98.51 0.57
C TRP I 53 -51.82 100.02 0.30
N GLU I 54 -52.37 100.79 1.23
CA GLU I 54 -52.34 102.25 1.11
C GLU I 54 -50.91 102.77 1.16
N ASP I 55 -50.07 102.18 2.03
CA ASP I 55 -48.68 102.60 2.12
C ASP I 55 -47.94 102.37 0.80
N ILE I 56 -48.17 101.22 0.18
CA ILE I 56 -47.62 100.97 -1.15
C ILE I 56 -48.14 101.97 -2.14
N LEU I 57 -49.43 102.31 -2.05
CA LEU I 57 -49.99 103.37 -2.87
C LEU I 57 -49.43 104.75 -2.51
N CYS I 58 -48.72 104.86 -1.39
CA CYS I 58 -48.09 106.11 -0.95
C CYS I 58 -49.11 107.20 -0.68
N ILE I 59 -50.32 106.80 -0.28
CA ILE I 59 -51.36 107.72 0.15
C ILE I 59 -51.77 107.35 1.57
N GLU I 60 -51.80 108.35 2.45
CA GLU I 60 -52.14 108.15 3.85
C GLU I 60 -53.51 108.74 4.11
N LYS I 61 -54.45 107.91 4.57
CA LYS I 61 -55.81 108.32 4.82
C LYS I 61 -56.28 107.73 6.14
N LYS I 62 -57.05 108.51 6.89
CA LYS I 62 -57.62 108.03 8.14
C LYS I 62 -58.57 106.86 7.88
N GLU I 63 -58.59 105.91 8.81
CA GLU I 63 -59.42 104.73 8.65
C GLU I 63 -60.89 105.10 8.75
N LEU I 64 -61.65 104.82 7.69
CA LEU I 64 -63.09 105.08 7.66
C LEU I 64 -63.90 103.81 7.53
N ASP I 65 -63.61 102.98 6.54
CA ASP I 65 -64.30 101.71 6.37
C ASP I 65 -63.45 100.80 5.50
N PHE I 66 -63.62 99.49 5.69
CA PHE I 66 -62.88 98.52 4.89
C PHE I 66 -63.30 98.59 3.43
N ASP I 67 -64.61 98.63 3.18
CA ASP I 67 -65.09 98.78 1.81
C ASP I 67 -64.66 100.11 1.21
N THR I 68 -64.71 101.19 2.01
CA THR I 68 -64.24 102.48 1.53
C THR I 68 -62.75 102.45 1.22
N ARG I 69 -61.96 101.77 2.07
CA ARG I 69 -60.53 101.65 1.82
C ARG I 69 -60.27 100.88 0.53
N ARG I 70 -60.99 99.79 0.29
CA ARG I 70 -60.82 99.03 -0.94
C ARG I 70 -61.22 99.85 -2.16
N SER I 71 -62.31 100.62 -2.04
CA SER I 71 -62.71 101.49 -3.14
C SER I 71 -61.66 102.55 -3.43
N ASN I 72 -61.07 103.13 -2.38
CA ASN I 72 -60.00 104.11 -2.58
C ASN I 72 -58.78 103.48 -3.22
N ILE I 73 -58.45 102.25 -2.84
CA ILE I 73 -57.33 101.54 -3.45
C ILE I 73 -57.61 101.30 -4.93
N LYS I 74 -58.83 100.88 -5.27
CA LYS I 74 -59.19 100.66 -6.67
C LYS I 74 -59.15 101.95 -7.46
N ALA I 75 -59.57 103.06 -6.85
CA ALA I 75 -59.55 104.35 -7.54
C ALA I 75 -58.12 104.83 -7.75
N LYS I 76 -57.24 104.62 -6.76
CA LYS I 76 -55.86 105.08 -6.86
C LYS I 76 -55.14 104.39 -8.02
N MET I 77 -55.29 103.08 -8.13
CA MET I 77 -54.68 102.34 -9.23
C MET I 77 -55.35 102.69 -10.56
N ARG I 78 -54.52 102.87 -11.59
CA ARG I 78 -54.89 103.36 -12.92
C ARG I 78 -56.01 104.40 -12.86
N SER I 79 -57.03 104.25 -13.70
CA SER I 79 -58.16 105.17 -13.75
C SER I 79 -57.69 106.61 -13.98
N ARG I 80 -56.70 106.77 -14.85
CA ARG I 80 -56.10 108.06 -15.14
C ARG I 80 -56.14 108.31 -16.64
N GLY I 81 -55.70 109.50 -17.05
CA GLY I 81 -55.62 109.83 -18.45
C GLY I 81 -56.91 110.41 -19.00
N THR I 82 -56.82 111.59 -19.61
CA THR I 82 -57.96 112.23 -20.26
C THR I 82 -57.96 111.81 -21.72
N SER I 83 -58.97 111.03 -22.11
CA SER I 83 -59.02 110.52 -23.48
C SER I 83 -59.17 111.65 -24.48
N THR I 84 -60.01 112.64 -24.19
CA THR I 84 -60.27 113.74 -25.11
C THR I 84 -60.41 115.03 -24.32
N ILE I 85 -60.77 116.10 -25.04
CA ILE I 85 -60.95 117.41 -24.41
C ILE I 85 -62.10 117.38 -23.42
N GLU I 86 -63.16 116.62 -23.75
CA GLU I 86 -64.37 116.62 -22.94
C GLU I 86 -64.10 116.20 -21.50
N VAL I 87 -63.13 115.31 -21.28
CA VAL I 87 -62.79 114.91 -19.92
C VAL I 87 -62.30 116.12 -19.12
N ILE I 88 -61.36 116.87 -19.68
CA ILE I 88 -60.82 118.04 -19.00
C ILE I 88 -61.91 119.09 -18.82
N LYS I 89 -62.76 119.27 -19.83
CA LYS I 89 -63.83 120.26 -19.73
C LYS I 89 -64.79 119.92 -18.60
N SER I 90 -65.18 118.64 -18.51
CA SER I 90 -66.10 118.21 -17.46
C SER I 90 -65.46 118.31 -16.09
N ILE I 91 -64.16 118.01 -15.99
CA ILE I 91 -63.48 118.14 -14.71
C ILE I 91 -63.39 119.60 -14.28
N CYS I 92 -63.11 120.50 -15.23
CA CYS I 92 -62.94 121.91 -14.91
C CYS I 92 -64.25 122.61 -14.60
N GLU I 93 -65.32 122.25 -15.32
CA GLU I 93 -66.60 122.93 -15.11
C GLU I 93 -67.16 122.67 -13.71
N ALA I 94 -66.75 121.58 -13.06
CA ALA I 94 -67.14 121.35 -11.68
C ALA I 94 -66.55 122.44 -10.78
N TYR I 95 -65.29 122.81 -11.00
CA TYR I 95 -64.68 123.89 -10.23
C TYR I 95 -65.27 125.23 -10.62
N THR I 96 -65.45 125.49 -11.92
CA THR I 96 -65.96 126.78 -12.36
C THR I 96 -67.45 126.92 -12.07
N LYS I 97 -68.18 125.80 -11.98
CA LYS I 97 -69.62 125.79 -11.75
C LYS I 97 -70.38 126.59 -12.81
N SER I 98 -69.86 126.58 -14.04
CA SER I 98 -70.48 127.30 -15.15
C SER I 98 -69.98 126.70 -16.45
N GLU I 99 -70.71 127.00 -17.53
CA GLU I 99 -70.31 126.51 -18.84
C GLU I 99 -68.99 127.16 -19.27
N THR I 100 -68.18 126.39 -19.99
CA THR I 100 -66.89 126.85 -20.45
C THR I 100 -66.74 126.51 -21.94
N ASP I 101 -66.40 127.51 -22.74
CA ASP I 101 -66.13 127.32 -24.16
C ASP I 101 -64.63 127.37 -24.41
N ILE I 102 -64.18 126.63 -25.42
CA ILE I 102 -62.77 126.45 -25.70
C ILE I 102 -62.46 126.94 -27.11
N LYS I 103 -61.37 127.70 -27.24
CA LYS I 103 -60.85 128.13 -28.53
C LYS I 103 -59.42 127.60 -28.63
N VAL I 104 -59.25 126.43 -29.23
CA VAL I 104 -57.97 125.74 -29.28
C VAL I 104 -57.48 125.74 -30.72
N TYR I 105 -56.24 126.17 -30.92
CA TYR I 105 -55.61 126.19 -32.24
C TYR I 105 -54.43 125.22 -32.23
N SER I 106 -54.42 124.30 -33.20
CA SER I 106 -53.30 123.37 -33.31
C SER I 106 -52.00 124.10 -33.61
N ASP I 107 -52.05 125.10 -34.48
CA ASP I 107 -50.86 125.90 -34.76
C ASP I 107 -50.39 126.64 -33.51
N GLU I 108 -51.32 127.21 -32.75
CA GLU I 108 -50.98 127.92 -31.53
C GLU I 108 -50.67 126.99 -30.37
N PHE I 109 -51.18 125.76 -30.40
CA PHE I 109 -51.08 124.83 -29.27
C PHE I 109 -51.63 125.46 -27.99
N THR I 110 -52.61 126.35 -28.15
CA THR I 110 -53.09 127.20 -27.07
C THR I 110 -54.46 126.74 -26.61
N PHE I 111 -54.61 126.61 -25.29
CA PHE I 111 -55.89 126.28 -24.67
C PHE I 111 -56.39 127.49 -23.88
N VAL I 112 -57.67 127.78 -24.00
CA VAL I 112 -58.28 128.91 -23.31
C VAL I 112 -59.61 128.46 -22.73
N LEU I 113 -59.90 128.90 -21.51
CA LEU I 113 -61.14 128.57 -20.81
C LEU I 113 -61.80 129.88 -20.37
N SER I 114 -63.04 130.09 -20.79
CA SER I 114 -63.80 131.29 -20.44
C SER I 114 -64.88 130.92 -19.43
N PHE I 115 -64.98 131.70 -18.37
CA PHE I 115 -65.91 131.43 -17.29
C PHE I 115 -66.33 132.74 -16.64
N ILE I 116 -67.48 132.71 -15.97
CA ILE I 116 -67.98 133.89 -15.28
C ILE I 116 -67.12 134.16 -14.05
N ALA I 117 -66.63 135.39 -13.92
CA ALA I 117 -65.78 135.74 -12.80
C ALA I 117 -66.52 135.67 -11.48
N ASN I 118 -67.79 136.11 -11.46
CA ASN I 118 -68.53 136.17 -10.20
C ASN I 118 -68.84 134.78 -9.66
N ASN I 119 -68.89 133.77 -10.52
CA ASN I 119 -69.27 132.43 -10.06
C ASN I 119 -68.13 131.77 -9.28
N CYS I 120 -66.90 131.91 -9.75
CA CYS I 120 -65.76 131.19 -9.20
C CYS I 120 -64.79 132.17 -8.57
N ASP I 121 -64.38 131.89 -7.34
CA ASP I 121 -63.52 132.78 -6.58
C ASP I 121 -62.06 132.69 -7.06
N TYR I 122 -61.25 133.65 -6.61
CA TYR I 122 -59.85 133.71 -7.05
C TYR I 122 -59.05 132.51 -6.56
N LYS I 123 -59.19 132.17 -5.28
CA LYS I 123 -58.39 131.07 -4.71
C LYS I 123 -58.75 129.74 -5.34
N THR I 124 -60.04 129.45 -5.47
CA THR I 124 -60.45 128.21 -6.12
C THR I 124 -60.12 128.24 -7.60
N LEU I 125 -60.11 129.42 -8.23
CA LEU I 125 -59.64 129.52 -9.61
C LEU I 125 -58.17 129.12 -9.71
N LEU I 126 -57.33 129.59 -8.79
CA LEU I 126 -55.93 129.22 -8.79
C LEU I 126 -55.76 127.73 -8.55
N ASP I 127 -56.54 127.16 -7.63
CA ASP I 127 -56.46 125.73 -7.38
C ASP I 127 -56.86 124.93 -8.61
N CYS I 128 -57.93 125.35 -9.30
CA CYS I 128 -58.36 124.67 -10.51
C CYS I 128 -57.32 124.79 -11.60
N SER I 129 -56.67 125.96 -11.72
CA SER I 129 -55.63 126.13 -12.72
C SER I 129 -54.43 125.23 -12.43
N ASP I 130 -54.05 125.13 -11.16
CA ASP I 130 -52.95 124.24 -10.79
C ASP I 130 -53.29 122.79 -11.09
N MET I 131 -54.53 122.38 -10.77
CA MET I 131 -54.96 121.02 -11.11
C MET I 131 -54.95 120.78 -12.61
N ILE I 132 -55.42 121.76 -13.38
CA ILE I 132 -55.41 121.63 -14.84
C ILE I 132 -53.98 121.46 -15.34
N GLU I 133 -53.07 122.33 -14.91
CA GLU I 133 -51.66 122.20 -15.30
C GLU I 133 -51.12 120.84 -14.89
N ARG I 134 -51.54 120.33 -13.74
CA ARG I 134 -51.19 118.96 -13.36
C ARG I 134 -51.72 117.95 -14.37
N VAL I 135 -52.83 118.26 -15.03
CA VAL I 135 -53.40 117.37 -16.03
C VAL I 135 -53.03 117.83 -17.44
N LYS I 136 -52.93 119.14 -17.64
CA LYS I 136 -52.75 119.69 -18.98
C LYS I 136 -51.34 119.41 -19.50
N PRO I 137 -51.19 119.09 -20.78
CA PRO I 137 -49.87 118.67 -21.29
C PRO I 137 -48.83 119.77 -21.20
N ALA I 138 -47.56 119.36 -21.09
CA ALA I 138 -46.48 120.31 -20.91
C ALA I 138 -46.38 121.28 -22.08
N HIS I 139 -46.50 120.77 -23.31
CA HIS I 139 -46.42 121.65 -24.48
C HIS I 139 -47.62 122.58 -24.55
N LEU I 140 -48.81 122.06 -24.32
CA LEU I 140 -50.00 122.90 -24.35
C LEU I 140 -49.96 123.93 -23.21
N LEU I 141 -50.66 125.03 -23.41
CA LEU I 141 -50.78 126.06 -22.40
C LEU I 141 -52.24 126.45 -22.27
N HIS I 142 -52.77 126.38 -21.05
CA HIS I 142 -54.17 126.68 -20.78
C HIS I 142 -54.29 128.11 -20.25
N TYR I 143 -55.31 128.81 -20.72
CA TYR I 143 -55.56 130.19 -20.31
C TYR I 143 -56.89 130.25 -19.56
N LEU I 144 -56.85 130.77 -18.34
CA LEU I 144 -58.06 131.00 -17.56
C LEU I 144 -58.54 132.41 -17.82
N GLU I 145 -59.76 132.54 -18.34
CA GLU I 145 -60.32 133.83 -18.70
C GLU I 145 -61.60 134.10 -17.92
N PRO I 146 -61.61 135.08 -17.01
CA PRO I 146 -62.84 135.41 -16.30
C PRO I 146 -63.68 136.40 -17.09
N ILE I 147 -64.95 136.04 -17.32
CA ILE I 147 -65.85 136.91 -18.07
C ILE I 147 -66.20 138.12 -17.23
N ILE I 148 -66.02 139.31 -17.80
CA ILE I 148 -66.31 140.55 -17.10
C ILE I 148 -67.76 140.97 -17.33
N LEU J 16 -9.52 49.79 19.85
CA LEU J 16 -8.95 49.68 21.19
C LEU J 16 -9.91 50.10 22.31
N PRO J 17 -10.57 51.26 22.19
CA PRO J 17 -11.53 51.66 23.23
C PRO J 17 -12.68 50.66 23.34
N LYS J 18 -13.10 50.41 24.57
CA LYS J 18 -14.21 49.49 24.82
C LYS J 18 -15.54 50.13 24.43
N THR J 19 -16.52 49.27 24.15
CA THR J 19 -17.84 49.76 23.79
C THR J 19 -18.49 50.49 24.95
N GLU J 20 -19.09 51.64 24.67
CA GLU J 20 -19.76 52.42 25.69
C GLU J 20 -21.08 51.76 26.06
N GLU J 21 -21.31 51.62 27.38
CA GLU J 21 -22.52 50.98 27.85
C GLU J 21 -23.75 51.83 27.52
N LEU J 22 -24.85 51.16 27.23
CA LEU J 22 -26.09 51.86 26.94
C LEU J 22 -26.65 52.46 28.23
N PRO J 23 -26.93 53.76 28.26
CA PRO J 23 -27.49 54.35 29.48
C PRO J 23 -28.87 53.79 29.80
N ILE J 24 -29.22 53.84 31.08
CA ILE J 24 -30.48 53.27 31.53
C ILE J 24 -31.64 53.96 30.83
N PHE J 25 -32.53 53.16 30.25
CA PHE J 25 -33.70 53.68 29.54
C PHE J 25 -34.78 54.01 30.56
N ARG J 26 -35.16 55.28 30.63
CA ARG J 26 -36.16 55.77 31.55
C ARG J 26 -37.36 56.30 30.78
N GLU J 27 -38.56 55.99 31.26
CA GLU J 27 -39.81 56.39 30.63
C GLU J 27 -40.93 56.11 31.62
N VAL J 28 -42.18 56.30 31.17
CA VAL J 28 -43.33 56.06 32.01
C VAL J 28 -43.48 54.56 32.29
N ALA J 29 -44.27 54.25 33.31
CA ALA J 29 -44.51 52.86 33.69
C ALA J 29 -45.99 52.66 33.99
N TRP J 30 -46.42 51.41 33.87
CA TRP J 30 -47.78 51.03 34.20
C TRP J 30 -47.84 49.50 34.30
N ASP J 31 -48.97 49.01 34.79
CA ASP J 31 -49.20 47.58 34.85
C ASP J 31 -49.53 47.06 33.45
N PHE J 32 -48.80 46.02 33.02
CA PHE J 32 -49.03 45.46 31.70
C PHE J 32 -50.41 44.84 31.59
N GLU J 33 -50.96 44.34 32.69
CA GLU J 33 -52.32 43.82 32.68
C GLU J 33 -53.36 44.92 32.68
N LYS J 34 -53.06 46.05 33.34
CA LYS J 34 -54.00 47.17 33.35
C LYS J 34 -54.11 47.82 31.98
N ASP J 35 -53.00 47.91 31.25
CA ASP J 35 -52.91 48.56 29.94
C ASP J 35 -53.26 50.05 30.01
N GLU J 36 -53.18 50.64 31.19
CA GLU J 36 -53.43 52.06 31.39
C GLU J 36 -52.29 52.66 32.20
N PRO J 37 -51.81 53.84 31.82
CA PRO J 37 -50.67 54.44 32.54
C PRO J 37 -51.01 54.69 34.00
N ILE J 38 -50.02 54.48 34.87
CA ILE J 38 -50.17 54.66 36.30
C ILE J 38 -49.38 55.89 36.72
N LEU J 39 -49.86 56.55 37.78
CA LEU J 39 -49.24 57.77 38.28
C LEU J 39 -48.95 57.60 39.78
N GLU J 40 -47.70 57.80 40.16
CA GLU J 40 -47.30 57.81 41.56
C GLU J 40 -47.27 59.26 42.03
N LYS J 41 -48.22 59.63 42.89
CA LYS J 41 -48.41 60.99 43.41
C LYS J 41 -48.27 62.04 42.31
N GLY J 42 -48.70 61.70 41.10
CA GLY J 42 -48.56 62.56 39.94
C GLY J 42 -47.35 62.29 39.09
N ASP J 43 -46.42 61.47 39.55
CA ASP J 43 -45.22 61.15 38.78
C ASP J 43 -45.33 59.73 38.23
N PHE J 44 -45.09 59.59 36.94
CA PHE J 44 -45.05 58.25 36.34
C PHE J 44 -43.93 57.44 36.97
N LYS J 45 -44.20 56.17 37.22
CA LYS J 45 -43.23 55.31 37.89
C LYS J 45 -41.96 55.19 37.05
N ILE J 46 -40.82 55.29 37.74
CA ILE J 46 -39.53 55.26 37.06
C ILE J 46 -39.17 53.83 36.69
N ILE J 47 -38.68 53.64 35.47
CA ILE J 47 -38.26 52.34 34.97
C ILE J 47 -36.75 52.35 34.77
N GLU J 48 -36.07 51.38 35.37
CA GLU J 48 -34.63 51.25 35.28
C GLU J 48 -34.26 49.78 35.21
N LYS J 49 -33.08 49.51 34.65
CA LYS J 49 -32.54 48.15 34.51
C LYS J 49 -33.54 47.33 33.70
N LYS J 50 -34.06 46.22 34.23
CA LYS J 50 -35.04 45.42 33.50
C LYS J 50 -36.47 45.88 33.85
N GLU J 51 -36.75 47.10 33.44
CA GLU J 51 -38.11 47.63 33.48
C GLU J 51 -38.53 48.27 32.17
N ALA J 52 -37.60 48.92 31.47
CA ALA J 52 -37.95 49.60 30.22
C ALA J 52 -38.12 48.62 29.08
N LEU J 53 -37.31 47.56 29.05
CA LEU J 53 -37.34 46.64 27.92
C LEU J 53 -38.66 45.88 27.84
N LYS J 54 -39.23 45.52 29.00
CA LYS J 54 -40.55 44.89 28.99
C LYS J 54 -41.59 45.81 28.37
N VAL J 55 -41.56 47.10 28.73
CA VAL J 55 -42.52 48.05 28.17
C VAL J 55 -42.31 48.19 26.66
N TRP J 56 -41.05 48.26 26.22
CA TRP J 56 -40.77 48.39 24.80
C TRP J 56 -41.27 47.17 24.02
N ILE J 57 -41.01 45.97 24.55
CA ILE J 57 -41.44 44.75 23.87
C ILE J 57 -42.97 44.69 23.83
N TYR J 58 -43.63 45.06 24.94
CA TYR J 58 -45.08 45.08 24.97
C TYR J 58 -45.65 46.04 23.93
N LYS J 59 -45.07 47.23 23.83
CA LYS J 59 -45.53 48.20 22.86
C LYS J 59 -45.32 47.70 21.44
N CYS J 60 -44.16 47.10 21.16
CA CYS J 60 -43.85 46.64 19.82
C CYS J 60 -44.78 45.50 19.41
N ILE J 61 -44.97 44.52 20.30
CA ILE J 61 -45.79 43.36 19.96
C ILE J 61 -47.26 43.72 19.86
N LYS J 62 -47.73 44.60 20.76
CA LYS J 62 -49.17 44.84 20.87
C LYS J 62 -49.77 45.39 19.58
N THR J 63 -49.08 46.35 18.95
CA THR J 63 -49.62 47.03 17.78
C THR J 63 -48.67 46.90 16.61
N ASN J 64 -49.24 46.67 15.43
CA ASN J 64 -48.47 46.61 14.20
C ASN J 64 -48.25 48.02 13.65
N ARG J 65 -47.11 48.20 12.97
CA ARG J 65 -46.81 49.51 12.38
C ARG J 65 -47.65 49.77 11.15
N TYR J 66 -47.89 48.75 10.33
CA TYR J 66 -48.57 48.95 9.06
C TYR J 66 -50.00 49.45 9.24
N GLU J 67 -50.56 49.33 10.44
CA GLU J 67 -51.86 49.91 10.72
C GLU J 67 -51.80 51.42 10.91
N HIS J 68 -50.71 51.92 11.49
CA HIS J 68 -50.59 53.33 11.85
C HIS J 68 -49.47 53.96 11.04
N GLU J 69 -49.79 55.02 10.30
CA GLU J 69 -48.81 55.66 9.42
C GLU J 69 -47.73 56.39 10.19
N ILE J 70 -47.97 56.74 11.46
CA ILE J 70 -47.03 57.59 12.19
C ILE J 70 -45.73 56.84 12.48
N TYR J 71 -45.81 55.54 12.78
CA TYR J 71 -44.63 54.81 13.22
C TYR J 71 -43.67 54.56 12.07
N SER J 72 -42.40 54.38 12.42
CA SER J 72 -41.36 54.12 11.43
C SER J 72 -41.51 52.72 10.84
N LEU J 73 -41.04 52.57 9.60
CA LEU J 73 -41.25 51.32 8.87
C LEU J 73 -40.59 50.14 9.56
N GLU J 74 -39.41 50.36 10.16
CA GLU J 74 -38.72 49.28 10.85
C GLU J 74 -39.52 48.75 12.03
N TYR J 75 -40.34 49.60 12.65
CA TYR J 75 -41.18 49.18 13.76
C TYR J 75 -42.29 48.25 13.27
N GLY J 76 -42.89 47.54 14.21
CA GLY J 76 -44.07 46.75 13.93
C GLY J 76 -43.78 45.26 13.84
N THR J 77 -44.83 44.47 14.00
CA THR J 77 -44.76 43.02 13.90
C THR J 77 -45.93 42.53 13.05
N GLU J 78 -45.74 41.36 12.44
CA GLU J 78 -46.74 40.76 11.57
C GLU J 78 -47.37 39.51 12.18
N LEU J 79 -47.39 39.44 13.51
CA LEU J 79 -48.04 38.32 14.19
C LEU J 79 -49.55 38.38 14.03
N SER J 80 -50.12 39.58 13.93
CA SER J 80 -51.57 39.71 13.77
C SER J 80 -52.06 39.18 12.44
N GLU J 81 -51.16 39.04 11.45
CA GLU J 81 -51.55 38.39 10.21
C GLU J 81 -51.93 36.93 10.45
N LEU J 82 -51.19 36.24 11.30
CA LEU J 82 -51.55 34.88 11.68
C LEU J 82 -52.83 34.82 12.49
N ILE J 83 -53.25 35.94 13.09
CA ILE J 83 -54.50 35.98 13.83
C ILE J 83 -55.66 35.87 12.85
N GLY J 84 -56.61 35.00 13.16
CA GLY J 84 -57.71 34.71 12.27
C GLY J 84 -57.61 33.39 11.54
N GLN J 85 -56.60 32.58 11.84
CA GLN J 85 -56.42 31.24 11.27
C GLN J 85 -56.32 31.31 9.74
N LYS J 86 -55.23 31.92 9.29
CA LYS J 86 -54.92 31.97 7.87
C LYS J 86 -54.07 30.79 7.39
N TYR J 87 -53.55 29.98 8.32
CA TYR J 87 -52.76 28.81 7.94
C TYR J 87 -52.70 27.86 9.12
N THR J 88 -52.28 26.62 8.85
CA THR J 88 -52.18 25.60 9.87
C THR J 88 -51.11 25.94 10.90
N LYS J 89 -51.23 25.31 12.07
CA LYS J 89 -50.36 25.64 13.19
C LYS J 89 -48.94 25.08 13.03
N GLY J 90 -48.80 23.96 12.31
CA GLY J 90 -47.53 23.25 12.31
C GLY J 90 -46.37 24.09 11.83
N LEU J 91 -46.56 24.80 10.71
CA LEU J 91 -45.50 25.66 10.19
C LEU J 91 -45.59 27.07 10.73
N THR J 92 -46.80 27.56 11.03
CA THR J 92 -46.91 28.89 11.60
C THR J 92 -46.30 28.98 13.00
N GLU J 93 -46.05 27.86 13.67
CA GLU J 93 -45.27 27.92 14.91
C GLU J 93 -43.88 28.50 14.66
N SER J 94 -43.15 27.90 13.70
CA SER J 94 -41.83 28.42 13.34
C SER J 94 -41.93 29.79 12.70
N GLU J 95 -42.98 30.03 11.90
CA GLU J 95 -43.16 31.33 11.28
C GLU J 95 -43.33 32.43 12.33
N ALA J 96 -44.13 32.16 13.36
CA ALA J 96 -44.32 33.12 14.44
C ALA J 96 -43.06 33.28 15.27
N SER J 97 -42.31 32.20 15.47
CA SER J 97 -41.01 32.33 16.13
C SER J 97 -40.11 33.30 15.36
N ARG J 98 -40.04 33.13 14.04
CA ARG J 98 -39.23 34.03 13.22
C ARG J 98 -39.77 35.45 13.25
N PHE J 99 -41.09 35.61 13.25
CA PHE J 99 -41.69 36.95 13.32
C PHE J 99 -41.33 37.65 14.62
N ILE J 100 -41.40 36.92 15.74
CA ILE J 100 -41.02 37.50 17.04
C ILE J 100 -39.55 37.86 17.05
N LYS J 101 -38.69 36.99 16.47
CA LYS J 101 -37.27 37.30 16.41
C LYS J 101 -37.01 38.56 15.60
N GLU J 102 -37.71 38.71 14.47
CA GLU J 102 -37.55 39.92 13.66
C GLU J 102 -38.05 41.15 14.41
N ALA J 103 -39.16 41.01 15.14
CA ALA J 103 -39.77 42.16 15.78
C ALA J 103 -39.02 42.62 17.03
N LEU J 104 -38.31 41.70 17.70
CA LEU J 104 -37.71 42.03 18.99
C LEU J 104 -36.22 42.33 18.93
N LEU J 105 -35.48 41.73 17.98
CA LEU J 105 -34.05 42.01 17.89
C LEU J 105 -33.73 43.36 17.27
N ILE J 106 -34.75 44.11 16.81
CA ILE J 106 -34.49 45.46 16.31
C ILE J 106 -34.00 46.38 17.42
N ASN J 107 -34.42 46.12 18.65
CA ASN J 107 -34.00 46.95 19.78
C ASN J 107 -32.51 46.73 20.06
N PRO J 108 -31.70 47.80 20.11
CA PRO J 108 -30.27 47.62 20.43
C PRO J 108 -30.05 47.03 21.81
N TYR J 109 -30.92 47.31 22.78
CA TYR J 109 -30.74 46.78 24.13
C TYR J 109 -30.82 45.26 24.15
N ILE J 110 -31.78 44.69 23.42
CA ILE J 110 -31.99 43.24 23.44
C ILE J 110 -30.91 42.56 22.63
N LEU J 111 -30.38 41.45 23.17
CA LEU J 111 -29.33 40.69 22.50
C LEU J 111 -29.91 39.60 21.60
N GLU J 112 -30.69 38.69 22.18
CA GLU J 112 -31.26 37.60 21.41
C GLU J 112 -32.59 37.18 22.03
N VAL J 113 -33.41 36.53 21.22
CA VAL J 113 -34.74 36.06 21.61
C VAL J 113 -34.87 34.59 21.22
N ASN J 114 -35.34 33.76 22.15
CA ASN J 114 -35.47 32.34 21.94
C ASN J 114 -36.92 31.91 22.17
N VAL J 115 -37.41 31.02 21.32
CA VAL J 115 -38.77 30.48 21.42
C VAL J 115 -38.67 28.99 21.69
N LYS J 116 -39.34 28.54 22.76
CA LYS J 116 -39.22 27.13 23.16
C LYS J 116 -40.14 26.23 22.37
N SER J 117 -41.45 26.42 22.50
CA SER J 117 -42.42 25.55 21.86
C SER J 117 -43.80 26.22 21.90
N ALA J 118 -44.80 25.50 21.39
CA ALA J 118 -46.18 25.96 21.38
C ALA J 118 -47.09 24.83 21.84
N ASN J 119 -48.18 25.20 22.52
CA ASN J 119 -49.12 24.23 23.08
C ASN J 119 -50.46 24.32 22.36
N PHE J 120 -50.92 23.18 21.86
CA PHE J 120 -52.17 23.11 21.11
C PHE J 120 -53.30 22.69 22.05
N ASN J 121 -54.30 23.55 22.20
CA ASN J 121 -55.48 23.24 23.01
C ASN J 121 -56.62 24.16 22.60
N ARG J 122 -57.70 23.58 22.08
CA ARG J 122 -58.92 24.31 21.71
C ARG J 122 -58.52 25.42 20.73
N ASP J 123 -58.96 26.66 20.94
CA ASP J 123 -58.61 27.78 20.06
C ASP J 123 -57.60 28.73 20.69
N ILE J 124 -56.95 28.32 21.77
CA ILE J 124 -55.98 29.17 22.47
C ILE J 124 -54.61 28.52 22.38
N LEU J 125 -53.67 29.19 21.73
CA LEU J 125 -52.31 28.72 21.56
C LEU J 125 -51.40 29.41 22.58
N SER J 126 -50.69 28.61 23.36
CA SER J 126 -49.73 29.13 24.34
C SER J 126 -48.33 28.74 23.92
N ALA J 127 -47.43 29.71 23.90
CA ALA J 127 -46.04 29.48 23.51
C ALA J 127 -45.11 30.14 24.53
N ASN J 128 -43.94 29.54 24.69
CA ASN J 128 -42.93 30.03 25.61
C ASN J 128 -41.78 30.64 24.82
N VAL J 129 -41.50 31.92 25.09
CA VAL J 129 -40.49 32.68 24.37
C VAL J 129 -39.55 33.28 25.40
N LYS J 130 -38.27 33.37 25.07
CA LYS J 130 -37.22 33.80 26.00
C LYS J 130 -36.59 35.11 25.54
N VAL J 131 -36.17 35.92 26.50
CA VAL J 131 -35.54 37.22 26.23
C VAL J 131 -34.20 37.25 26.93
N SER J 132 -33.17 37.67 26.20
CA SER J 132 -31.83 37.89 26.75
C SER J 132 -31.55 39.38 26.78
N THR J 133 -31.02 39.85 27.90
CA THR J 133 -30.83 41.29 28.13
C THR J 133 -29.38 41.56 28.49
N ILE J 134 -29.07 42.85 28.67
CA ILE J 134 -27.70 43.27 28.95
C ILE J 134 -27.47 43.47 30.45
N TYR J 135 -28.37 44.16 31.14
CA TYR J 135 -28.22 44.36 32.58
C TYR J 135 -28.73 43.14 33.34
N PRO K 6 -65.21 -6.70 -41.21
CA PRO K 6 -63.89 -6.57 -41.84
C PRO K 6 -63.27 -5.19 -41.64
N SER K 7 -64.11 -4.19 -41.38
CA SER K 7 -63.67 -2.83 -41.13
C SER K 7 -63.66 -2.57 -39.63
N ILE K 8 -62.48 -2.34 -39.08
CA ILE K 8 -62.28 -2.15 -37.65
C ILE K 8 -61.46 -0.89 -37.46
N ASN K 9 -61.66 -0.21 -36.32
CA ASN K 9 -61.07 1.10 -36.08
C ASN K 9 -60.44 1.15 -34.71
N ILE K 10 -59.52 2.10 -34.52
CA ILE K 10 -58.95 2.42 -33.21
C ILE K 10 -59.87 3.44 -32.56
N SER K 11 -60.55 3.03 -31.49
CA SER K 11 -61.46 3.89 -30.76
C SER K 11 -60.91 4.15 -29.37
N PHE K 12 -60.31 5.33 -29.19
CA PHE K 12 -59.68 5.70 -27.93
C PHE K 12 -60.46 6.84 -27.29
N LYS K 13 -60.81 6.65 -26.02
CA LYS K 13 -61.61 7.61 -25.27
C LYS K 13 -60.85 8.02 -24.02
N GLU K 14 -60.64 9.32 -23.84
CA GLU K 14 -59.76 9.82 -22.79
C GLU K 14 -60.36 9.57 -21.41
N LEU K 15 -59.48 9.43 -20.42
CA LEU K 15 -59.86 9.18 -19.03
C LEU K 15 -59.11 10.15 -18.13
N ALA K 16 -59.83 10.81 -17.23
CA ALA K 16 -59.25 11.76 -16.30
C ALA K 16 -59.46 11.26 -14.88
N THR K 17 -58.41 11.32 -14.07
CA THR K 17 -58.45 10.88 -12.69
C THR K 17 -58.29 12.07 -11.77
N THR K 18 -59.21 12.21 -10.81
CA THR K 18 -59.17 13.28 -9.82
C THR K 18 -58.88 12.69 -8.45
N VAL K 19 -57.80 13.15 -7.83
CA VAL K 19 -57.45 12.66 -6.49
C VAL K 19 -58.49 13.13 -5.47
N LYS K 20 -59.04 14.32 -5.66
CA LYS K 20 -60.04 14.89 -4.77
C LYS K 20 -61.41 14.84 -5.43
N GLU K 21 -62.39 14.30 -4.72
CA GLU K 21 -63.76 14.20 -5.19
C GLU K 21 -64.63 15.19 -4.43
N ARG K 22 -65.39 15.99 -5.16
CA ARG K 22 -66.21 17.05 -4.58
C ARG K 22 -67.68 16.69 -4.71
N SER K 23 -68.43 16.87 -3.63
CA SER K 23 -69.86 16.55 -3.61
C SER K 23 -70.57 17.50 -2.67
N ALA K 24 -71.60 18.18 -3.19
CA ALA K 24 -72.47 19.05 -2.39
C ALA K 24 -71.67 20.11 -1.63
N ARG K 25 -70.79 20.80 -2.34
CA ARG K 25 -69.98 21.86 -1.76
C ARG K 25 -70.01 23.08 -2.66
N GLY K 26 -69.98 24.26 -2.06
CA GLY K 26 -69.96 25.50 -2.81
C GLY K 26 -71.25 25.83 -3.52
N ILE K 27 -72.37 25.29 -3.05
CA ILE K 27 -73.67 25.53 -3.68
C ILE K 27 -74.34 26.72 -3.01
N ILE K 28 -74.89 27.61 -3.84
CA ILE K 28 -75.63 28.77 -3.35
C ILE K 28 -77.06 28.68 -3.89
N ALA K 29 -78.03 28.71 -2.99
CA ALA K 29 -79.44 28.68 -3.36
C ALA K 29 -79.99 30.09 -3.30
N MET K 30 -80.47 30.59 -4.44
CA MET K 30 -80.96 31.95 -4.55
C MET K 30 -82.41 31.92 -5.03
N VAL K 31 -83.30 32.54 -4.28
CA VAL K 31 -84.70 32.66 -4.64
C VAL K 31 -85.11 34.12 -4.48
N LEU K 32 -85.71 34.68 -5.53
CA LEU K 32 -86.12 36.08 -5.53
C LEU K 32 -87.53 36.20 -6.08
N LYS K 33 -88.24 37.22 -5.61
CA LYS K 33 -89.64 37.44 -5.98
C LYS K 33 -89.69 38.46 -7.12
N ASP K 34 -89.92 37.98 -8.33
CA ASP K 34 -90.09 38.83 -9.49
C ASP K 34 -91.25 38.31 -10.33
N ALA K 35 -91.97 39.23 -10.95
CA ALA K 35 -93.14 38.90 -11.76
C ALA K 35 -92.82 38.74 -13.24
N LYS K 36 -91.55 38.85 -13.63
CA LYS K 36 -91.16 38.81 -15.03
C LYS K 36 -90.47 37.51 -15.43
N ALA K 37 -89.45 37.08 -14.68
CA ALA K 37 -88.74 35.85 -15.05
C ALA K 37 -89.57 34.62 -14.76
N LEU K 38 -89.90 34.39 -13.48
CA LEU K 38 -90.72 33.26 -13.04
C LEU K 38 -90.13 31.93 -13.53
N GLY K 39 -88.92 31.65 -13.04
CA GLY K 39 -88.26 30.41 -13.41
C GLY K 39 -86.94 30.27 -12.69
N LEU K 40 -86.31 29.12 -12.90
CA LEU K 40 -85.03 28.80 -12.29
C LEU K 40 -83.90 29.05 -13.28
N ASN K 41 -82.83 29.66 -12.80
CA ASN K 41 -81.66 29.97 -13.62
C ASN K 41 -80.41 29.55 -12.86
N GLU K 42 -79.66 28.60 -13.43
CA GLU K 42 -78.39 28.18 -12.87
C GLU K 42 -77.27 28.93 -13.57
N ILE K 43 -76.48 29.67 -12.80
CA ILE K 43 -75.43 30.53 -13.34
C ILE K 43 -74.09 29.87 -13.04
N HIS K 44 -73.40 29.45 -14.10
CA HIS K 44 -72.07 28.88 -13.97
C HIS K 44 -70.97 29.78 -14.51
N GLU K 45 -71.31 30.77 -15.34
CA GLU K 45 -70.37 31.72 -15.88
C GLU K 45 -70.70 33.10 -15.35
N LYS K 46 -69.66 33.88 -15.02
CA LYS K 46 -69.85 35.22 -14.49
C LYS K 46 -70.55 36.11 -15.51
N GLU K 47 -70.94 37.31 -15.05
CA GLU K 47 -71.61 38.34 -15.84
C GLU K 47 -72.74 37.79 -16.70
N ASP K 48 -73.37 36.70 -16.26
CA ASP K 48 -74.52 36.14 -16.94
C ASP K 48 -75.77 36.64 -16.24
N ILE K 49 -76.41 37.64 -16.83
CA ILE K 49 -77.56 38.32 -16.23
C ILE K 49 -78.74 38.18 -17.17
N PRO K 50 -79.84 37.56 -16.73
CA PRO K 50 -81.06 37.58 -17.54
C PRO K 50 -81.68 38.97 -17.55
N VAL K 51 -82.25 39.35 -18.69
CA VAL K 51 -82.87 40.66 -18.82
C VAL K 51 -84.14 40.78 -17.97
N ASP K 52 -84.75 39.65 -17.61
CA ASP K 52 -86.00 39.69 -16.86
C ASP K 52 -85.81 40.20 -15.43
N LEU K 53 -84.67 39.89 -14.82
CA LEU K 53 -84.47 40.21 -13.41
C LEU K 53 -84.34 41.71 -13.19
N SER K 54 -84.77 42.15 -12.01
CA SER K 54 -84.79 43.57 -11.69
C SER K 54 -83.40 44.06 -11.28
N ALA K 55 -83.30 45.38 -11.11
CA ALA K 55 -82.03 45.99 -10.74
C ALA K 55 -81.58 45.53 -9.35
N GLU K 56 -82.52 45.45 -8.40
CA GLU K 56 -82.16 44.99 -7.06
C GLU K 56 -81.75 43.52 -7.09
N ASN K 57 -82.44 42.70 -7.87
CA ASN K 57 -82.04 41.31 -8.04
C ASN K 57 -80.68 41.22 -8.72
N LYS K 58 -80.40 42.09 -9.69
CA LYS K 58 -79.07 42.13 -10.30
C LYS K 58 -78.01 42.50 -9.28
N GLU K 59 -78.32 43.44 -8.38
CA GLU K 59 -77.38 43.79 -7.33
C GLU K 59 -77.13 42.60 -6.40
N TYR K 60 -78.19 41.86 -6.07
CA TYR K 60 -78.02 40.64 -5.27
C TYR K 60 -77.10 39.65 -5.98
N ILE K 61 -77.31 39.45 -7.28
CA ILE K 61 -76.47 38.53 -8.04
C ILE K 61 -75.02 39.00 -8.04
N ASN K 62 -74.80 40.30 -8.24
CA ASN K 62 -73.44 40.84 -8.25
C ASN K 62 -72.77 40.66 -6.89
N LEU K 63 -73.52 40.88 -5.81
CA LEU K 63 -72.97 40.64 -4.48
C LEU K 63 -72.59 39.17 -4.31
N ALA K 64 -73.43 38.26 -4.80
CA ALA K 64 -73.12 36.85 -4.72
C ALA K 64 -71.99 36.43 -5.67
N LEU K 65 -71.63 37.28 -6.63
CA LEU K 65 -70.66 36.89 -7.66
C LEU K 65 -69.27 36.68 -7.06
N MET K 66 -68.77 37.65 -6.30
CA MET K 66 -67.39 37.58 -5.84
C MET K 66 -67.31 36.96 -4.45
N GLY K 67 -66.15 36.37 -4.16
CA GLY K 67 -65.87 35.82 -2.86
C GLY K 67 -64.56 36.36 -2.33
N ASN K 68 -64.27 36.01 -1.07
CA ASN K 68 -63.05 36.49 -0.43
C ASN K 68 -61.80 35.96 -1.13
N VAL K 69 -61.76 34.66 -1.39
CA VAL K 69 -60.60 34.01 -1.99
C VAL K 69 -60.92 33.52 -3.41
N ASN K 70 -62.06 32.84 -3.58
CA ASN K 70 -62.44 32.29 -4.85
C ASN K 70 -63.91 32.61 -5.14
N THR K 71 -64.24 32.67 -6.43
CA THR K 71 -65.63 32.81 -6.83
C THR K 71 -66.39 31.55 -6.42
N PRO K 72 -67.62 31.69 -5.91
CA PRO K 72 -68.40 30.49 -5.56
C PRO K 72 -68.57 29.56 -6.75
N ASN K 73 -68.47 28.26 -6.48
CA ASN K 73 -68.42 27.27 -7.56
C ASN K 73 -69.71 27.28 -8.37
N LYS K 74 -70.86 27.25 -7.69
CA LYS K 74 -72.15 27.20 -8.37
C LYS K 74 -73.10 28.22 -7.76
N LEU K 75 -73.76 28.98 -8.63
CA LEU K 75 -74.79 29.92 -8.22
C LEU K 75 -76.10 29.52 -8.90
N LEU K 76 -77.11 29.20 -8.10
CA LEU K 76 -78.40 28.74 -8.59
C LEU K 76 -79.47 29.73 -8.16
N VAL K 77 -80.22 30.24 -9.12
CA VAL K 77 -81.22 31.28 -8.87
C VAL K 77 -82.57 30.78 -9.38
N TYR K 78 -83.60 30.93 -8.55
CA TYR K 78 -84.97 30.61 -8.93
C TYR K 78 -85.84 31.84 -8.75
N VAL K 79 -86.79 32.02 -9.67
CA VAL K 79 -87.67 33.19 -9.68
C VAL K 79 -89.12 32.72 -9.67
N ILE K 80 -89.93 33.31 -8.79
CA ILE K 80 -91.37 33.09 -8.78
C ILE K 80 -92.02 34.29 -8.11
N GLU K 81 -93.32 34.43 -8.30
CA GLU K 81 -94.06 35.51 -7.66
C GLU K 81 -93.95 35.43 -6.15
N GLY K 82 -94.04 36.59 -5.50
CA GLY K 82 -93.90 36.63 -4.05
C GLY K 82 -94.95 35.81 -3.33
N GLU K 83 -96.17 35.78 -3.87
CA GLU K 83 -97.22 34.96 -3.28
C GLU K 83 -96.90 33.48 -3.45
N ALA K 84 -97.08 32.72 -2.37
CA ALA K 84 -96.78 31.29 -2.34
C ALA K 84 -95.34 31.01 -2.74
N ASP K 85 -94.42 31.91 -2.38
CA ASP K 85 -93.01 31.72 -2.72
C ASP K 85 -92.37 30.63 -1.86
N ILE K 86 -92.76 30.55 -0.59
CA ILE K 86 -92.08 29.65 0.34
C ILE K 86 -92.32 28.19 -0.06
N GLN K 87 -93.55 27.84 -0.46
CA GLN K 87 -93.84 26.46 -0.82
C GLN K 87 -93.04 26.02 -2.03
N THR K 88 -93.03 26.85 -3.08
CA THR K 88 -92.29 26.48 -4.29
C THR K 88 -90.78 26.48 -4.04
N ALA K 89 -90.30 27.40 -3.21
CA ALA K 89 -88.88 27.38 -2.86
C ALA K 89 -88.50 26.10 -2.13
N LEU K 90 -89.34 25.66 -1.19
CA LEU K 90 -89.09 24.40 -0.49
C LEU K 90 -89.12 23.23 -1.45
N ASP K 91 -90.09 23.21 -2.37
CA ASP K 91 -90.17 22.11 -3.33
C ASP K 91 -88.93 22.07 -4.23
N PHE K 92 -88.48 23.23 -4.70
CA PHE K 92 -87.32 23.27 -5.58
C PHE K 92 -86.05 22.88 -4.83
N LEU K 93 -85.90 23.34 -3.59
CA LEU K 93 -84.73 22.95 -2.80
C LEU K 93 -84.76 21.46 -2.47
N GLU K 94 -85.94 20.88 -2.32
CA GLU K 94 -86.04 19.43 -2.21
C GLU K 94 -85.63 18.75 -3.50
N THR K 95 -86.02 19.34 -4.64
CA THR K 95 -85.69 18.74 -5.93
C THR K 95 -84.18 18.74 -6.18
N LYS K 96 -83.51 19.84 -5.87
CA LYS K 96 -82.09 19.99 -6.13
C LYS K 96 -81.36 20.38 -4.85
N GLU K 97 -80.30 19.65 -4.53
CA GLU K 97 -79.56 19.88 -3.30
C GLU K 97 -78.86 21.23 -3.32
N PHE K 98 -78.62 21.78 -2.13
CA PHE K 98 -77.99 23.07 -1.99
C PHE K 98 -77.14 23.07 -0.71
N ASN K 99 -76.21 24.02 -0.64
CA ASN K 99 -75.34 24.17 0.52
C ASN K 99 -75.71 25.36 1.39
N TYR K 100 -76.07 26.49 0.79
CA TYR K 100 -76.42 27.69 1.54
C TYR K 100 -77.66 28.33 0.91
N LEU K 101 -78.46 28.99 1.75
CA LEU K 101 -79.73 29.56 1.34
C LEU K 101 -79.83 31.00 1.82
N CYS K 102 -80.45 31.85 1.00
CA CYS K 102 -80.66 33.25 1.34
C CYS K 102 -81.91 33.75 0.63
N MET K 103 -82.60 34.70 1.27
CA MET K 103 -83.83 35.26 0.73
C MET K 103 -83.81 36.79 0.89
N PRO K 104 -83.97 37.54 -0.20
CA PRO K 104 -83.96 39.01 -0.09
C PRO K 104 -85.06 39.57 0.80
N LYS K 105 -86.25 38.98 0.77
CA LYS K 105 -87.42 39.51 1.47
C LYS K 105 -87.98 38.48 2.46
N ALA K 106 -87.10 37.82 3.20
CA ALA K 106 -87.52 36.83 4.18
C ALA K 106 -88.09 37.54 5.39
N VAL K 107 -89.40 37.40 5.63
CA VAL K 107 -90.03 37.96 6.82
C VAL K 107 -89.78 37.01 7.98
N GLU K 108 -90.11 37.47 9.19
CA GLU K 108 -89.83 36.66 10.38
C GLU K 108 -90.57 35.32 10.32
N ALA K 109 -91.83 35.33 9.87
CA ALA K 109 -92.55 34.07 9.69
C ALA K 109 -91.89 33.21 8.61
N ASP K 110 -91.47 33.84 7.50
CA ASP K 110 -90.78 33.10 6.46
C ASP K 110 -89.45 32.53 6.96
N LYS K 111 -88.71 33.33 7.73
CA LYS K 111 -87.45 32.84 8.29
C LYS K 111 -87.69 31.67 9.24
N THR K 112 -88.72 31.76 10.08
CA THR K 112 -89.03 30.68 11.00
C THR K 112 -89.42 29.41 10.24
N ALA K 113 -90.23 29.54 9.19
CA ALA K 113 -90.61 28.39 8.40
C ALA K 113 -89.39 27.78 7.70
N ILE K 114 -88.49 28.63 7.20
CA ILE K 114 -87.28 28.13 6.55
C ILE K 114 -86.43 27.37 7.56
N LYS K 115 -86.25 27.92 8.76
CA LYS K 115 -85.46 27.24 9.77
C LYS K 115 -86.09 25.92 10.17
N ASN K 116 -87.41 25.89 10.32
CA ASN K 116 -88.09 24.64 10.68
C ASN K 116 -87.90 23.59 9.59
N TRP K 117 -88.03 23.99 8.32
CA TRP K 117 -87.82 23.05 7.23
C TRP K 117 -86.37 22.55 7.21
N ILE K 118 -85.42 23.44 7.44
CA ILE K 118 -84.01 23.07 7.40
C ILE K 118 -83.69 22.08 8.52
N ILE K 119 -84.16 22.36 9.73
CA ILE K 119 -83.89 21.47 10.85
C ILE K 119 -84.62 20.15 10.68
N LYS K 120 -85.83 20.16 10.11
CA LYS K 120 -86.52 18.92 9.83
C LYS K 120 -85.75 18.07 8.84
N LEU K 121 -85.22 18.70 7.78
CA LEU K 121 -84.37 17.96 6.85
C LEU K 121 -83.16 17.38 7.55
N ARG K 122 -82.44 18.20 8.32
CA ARG K 122 -81.21 17.75 8.96
C ARG K 122 -81.47 16.65 9.99
N ASP K 123 -82.65 16.63 10.59
CA ASP K 123 -82.93 15.68 11.67
C ASP K 123 -83.66 14.42 11.21
N ILE K 124 -84.36 14.46 10.09
CA ILE K 124 -85.09 13.28 9.62
C ILE K 124 -84.52 12.81 8.29
N ASP K 125 -84.45 13.73 7.31
CA ASP K 125 -83.95 13.36 6.00
C ASP K 125 -82.44 13.17 5.99
N LYS K 126 -81.75 13.52 7.07
CA LYS K 126 -80.29 13.39 7.17
C LYS K 126 -79.58 14.15 6.05
N VAL K 127 -80.16 15.28 5.66
CA VAL K 127 -79.60 16.14 4.62
C VAL K 127 -79.00 17.36 5.31
N LYS K 128 -77.67 17.49 5.22
CA LYS K 128 -76.96 18.56 5.91
C LYS K 128 -76.98 19.80 5.03
N VAL K 129 -77.83 20.76 5.40
CA VAL K 129 -78.00 22.01 4.67
C VAL K 129 -77.88 23.17 5.64
N LYS K 130 -77.54 24.34 5.10
CA LYS K 130 -77.33 25.54 5.89
C LYS K 130 -78.09 26.71 5.28
N ALA K 131 -78.50 27.64 6.12
CA ALA K 131 -79.23 28.82 5.68
C ALA K 131 -78.69 30.04 6.41
N VAL K 132 -78.69 31.18 5.71
CA VAL K 132 -78.23 32.45 6.26
C VAL K 132 -79.45 33.36 6.38
N LEU K 133 -79.70 33.86 7.59
CA LEU K 133 -80.87 34.67 7.88
C LEU K 133 -80.48 35.91 8.66
N GLY K 134 -81.28 36.96 8.53
CA GLY K 134 -80.96 38.25 9.11
C GLY K 134 -81.16 38.35 10.61
N LYS K 135 -82.37 38.10 11.09
CA LYS K 135 -82.70 38.23 12.51
C LYS K 135 -83.51 37.00 12.93
N VAL K 136 -82.81 35.96 13.38
CA VAL K 136 -83.43 34.72 13.85
C VAL K 136 -82.77 34.31 15.15
N VAL K 137 -83.60 34.05 16.16
CA VAL K 137 -83.12 33.63 17.48
C VAL K 137 -83.29 32.11 17.66
N GLY K 138 -83.38 31.37 16.56
CA GLY K 138 -83.68 29.96 16.65
C GLY K 138 -82.60 29.16 17.37
N ASN K 139 -82.98 27.95 17.77
CA ASN K 139 -82.15 27.09 18.62
C ASN K 139 -81.42 26.02 17.83
N HIS K 140 -80.97 26.32 16.61
CA HIS K 140 -80.24 25.37 15.79
C HIS K 140 -78.97 26.01 15.25
N GLU K 141 -77.94 25.17 15.09
CA GLU K 141 -76.65 25.63 14.60
C GLU K 141 -76.54 25.63 13.08
N GLY K 142 -77.45 24.96 12.37
CA GLY K 142 -77.39 24.94 10.92
C GLY K 142 -77.76 26.26 10.28
N ILE K 143 -78.53 27.09 10.97
CA ILE K 143 -78.89 28.41 10.47
C ILE K 143 -77.81 29.41 10.87
N ILE K 144 -77.72 30.48 10.10
CA ILE K 144 -76.75 31.55 10.35
C ILE K 144 -77.51 32.86 10.55
N ASN K 145 -77.24 33.52 11.67
CA ASN K 145 -77.93 34.75 12.06
C ASN K 145 -76.93 35.89 12.00
N PHE K 146 -77.17 36.84 11.11
CA PHE K 146 -76.31 38.01 10.93
C PHE K 146 -77.11 39.25 11.34
N THR K 147 -76.96 39.66 12.59
CA THR K 147 -77.68 40.81 13.14
C THR K 147 -76.71 41.99 13.16
N THR K 148 -76.65 42.71 12.05
CA THR K 148 -75.84 43.93 11.93
C THR K 148 -76.68 44.94 11.14
N GLU K 149 -77.19 45.94 11.84
CA GLU K 149 -78.10 46.91 11.25
C GLU K 149 -77.34 48.13 10.73
N ASP K 150 -78.02 48.88 9.86
CA ASP K 150 -77.49 50.12 9.28
C ASP K 150 -76.17 49.89 8.57
N VAL K 151 -76.08 48.78 7.84
CA VAL K 151 -74.86 48.43 7.11
C VAL K 151 -74.84 49.18 5.78
N LEU K 152 -73.73 49.84 5.49
CA LEU K 152 -73.53 50.55 4.23
C LEU K 152 -72.24 50.06 3.59
N VAL K 153 -72.30 49.69 2.32
CA VAL K 153 -71.16 49.18 1.58
C VAL K 153 -70.97 50.05 0.35
N GLY K 154 -69.75 50.56 0.18
CA GLY K 154 -69.47 51.42 -0.95
C GLY K 154 -70.32 52.68 -0.97
N GLU K 155 -70.38 53.37 0.18
CA GLU K 155 -71.21 54.57 0.40
C GLU K 155 -72.62 54.39 -0.14
N LYS K 156 -73.11 53.14 -0.13
CA LYS K 156 -74.45 52.81 -0.57
C LYS K 156 -75.18 52.10 0.56
N LYS K 157 -76.42 52.52 0.83
CA LYS K 157 -77.21 51.87 1.85
C LYS K 157 -77.57 50.45 1.43
N TYR K 158 -77.37 49.50 2.33
CA TYR K 158 -77.66 48.09 2.07
C TYR K 158 -78.58 47.55 3.15
N SER K 159 -79.58 46.78 2.74
CA SER K 159 -80.45 46.12 3.69
C SER K 159 -79.71 44.96 4.37
N VAL K 160 -80.30 44.46 5.45
CA VAL K 160 -79.68 43.36 6.19
C VAL K 160 -79.56 42.13 5.30
N ASP K 161 -80.63 41.80 4.58
CA ASP K 161 -80.64 40.59 3.76
C ASP K 161 -79.63 40.68 2.62
N GLU K 162 -79.44 41.88 2.05
CA GLU K 162 -78.44 42.05 1.01
C GLU K 162 -77.05 41.66 1.52
N PHE K 163 -76.67 42.15 2.70
CA PHE K 163 -75.35 41.84 3.21
C PHE K 163 -75.26 40.40 3.71
N THR K 164 -76.37 39.83 4.18
CA THR K 164 -76.34 38.40 4.52
C THR K 164 -76.07 37.56 3.28
N SER K 165 -76.71 37.89 2.15
CA SER K 165 -76.43 37.19 0.91
C SER K 165 -74.98 37.40 0.48
N ARG K 166 -74.46 38.62 0.63
CA ARG K 166 -73.07 38.89 0.28
C ARG K 166 -72.13 38.06 1.13
N VAL K 167 -72.39 37.97 2.44
CA VAL K 167 -71.53 37.21 3.34
C VAL K 167 -71.64 35.72 3.05
N ALA K 168 -72.82 35.24 2.70
CA ALA K 168 -72.97 33.83 2.33
C ALA K 168 -72.17 33.52 1.07
N GLY K 169 -72.22 34.41 0.08
CA GLY K 169 -71.41 34.22 -1.12
C GLY K 169 -69.93 34.25 -0.81
N LEU K 170 -69.51 35.15 0.07
CA LEU K 170 -68.11 35.22 0.47
C LEU K 170 -67.67 33.94 1.17
N ILE K 171 -68.52 33.41 2.06
CA ILE K 171 -68.18 32.18 2.77
C ILE K 171 -68.12 31.01 1.81
N ALA K 172 -68.99 31.00 0.79
CA ALA K 172 -68.93 29.96 -0.22
C ALA K 172 -67.57 29.92 -0.91
N GLY K 173 -66.94 31.09 -1.09
CA GLY K 173 -65.60 31.15 -1.63
C GLY K 173 -64.48 30.99 -0.62
N THR K 174 -64.81 30.84 0.66
CA THR K 174 -63.79 30.70 1.68
C THR K 174 -63.26 29.27 1.71
N PRO K 175 -61.95 29.07 1.58
CA PRO K 175 -61.39 27.72 1.66
C PRO K 175 -61.49 27.17 3.09
N LEU K 176 -61.47 25.84 3.18
CA LEU K 176 -61.60 25.18 4.48
C LEU K 176 -60.38 25.43 5.36
N SER K 177 -59.19 25.51 4.77
CA SER K 177 -58.00 25.81 5.56
C SER K 177 -58.10 27.18 6.20
N GLN K 178 -58.59 28.17 5.46
CA GLN K 178 -58.79 29.50 6.00
C GLN K 178 -60.01 29.54 6.93
N SER K 179 -60.02 30.52 7.82
CA SER K 179 -61.13 30.74 8.74
C SER K 179 -61.77 32.07 8.44
N VAL K 180 -63.10 32.13 8.57
CA VAL K 180 -63.83 33.36 8.29
C VAL K 180 -63.55 34.45 9.32
N THR K 181 -62.94 34.09 10.45
CA THR K 181 -62.65 35.08 11.48
C THR K 181 -61.61 36.08 10.99
N TYR K 182 -61.85 37.36 11.28
CA TYR K 182 -60.93 38.45 10.94
C TYR K 182 -60.67 38.53 9.44
N THR K 183 -61.71 38.35 8.64
CA THR K 183 -61.63 38.55 7.20
C THR K 183 -62.15 39.93 6.86
N LYS K 184 -61.29 40.77 6.30
CA LYS K 184 -61.61 42.16 6.04
C LYS K 184 -62.34 42.33 4.71
N LEU K 185 -63.20 43.34 4.65
CA LEU K 185 -63.96 43.68 3.46
C LEU K 185 -63.51 45.04 2.96
N SER K 186 -62.98 45.10 1.74
CA SER K 186 -62.56 46.38 1.17
C SER K 186 -63.74 47.19 0.67
N ASP K 187 -64.80 46.51 0.19
CA ASP K 187 -65.97 47.23 -0.33
C ASP K 187 -66.67 48.02 0.77
N VAL K 188 -66.78 47.44 1.97
CA VAL K 188 -67.43 48.14 3.08
C VAL K 188 -66.54 49.29 3.51
N VAL K 189 -67.09 50.50 3.47
CA VAL K 189 -66.34 51.71 3.79
C VAL K 189 -66.95 52.49 4.95
N ASP K 190 -68.27 52.59 5.00
CA ASP K 190 -68.95 53.40 6.01
C ASP K 190 -69.83 52.51 6.87
N ILE K 191 -69.57 52.50 8.18
CA ILE K 191 -70.41 51.80 9.13
C ILE K 191 -70.62 52.67 10.35
N PRO K 192 -71.77 52.53 11.02
CA PRO K 192 -71.98 53.26 12.26
C PRO K 192 -70.95 52.86 13.31
N LYS K 193 -70.50 53.84 14.08
CA LYS K 193 -69.46 53.60 15.07
C LYS K 193 -70.02 52.76 16.22
N MET K 194 -69.29 51.70 16.57
CA MET K 194 -69.67 50.85 17.69
C MET K 194 -68.50 50.72 18.66
N THR K 195 -68.81 50.52 19.92
CA THR K 195 -67.77 50.34 20.93
C THR K 195 -67.29 48.89 20.94
N LYS K 196 -66.08 48.71 21.48
CA LYS K 196 -65.52 47.36 21.59
C LYS K 196 -66.35 46.49 22.53
N VAL K 197 -66.82 47.09 23.63
CA VAL K 197 -67.64 46.34 24.59
C VAL K 197 -68.93 45.88 23.95
N ASP K 198 -69.59 46.76 23.19
CA ASP K 198 -70.83 46.40 22.52
C ASP K 198 -70.60 45.29 21.49
N ALA K 199 -69.51 45.38 20.73
CA ALA K 199 -69.20 44.34 19.76
C ALA K 199 -68.93 43.00 20.44
N GLU K 200 -68.18 43.02 21.55
CA GLU K 200 -67.91 41.78 22.28
C GLU K 200 -69.20 41.18 22.83
N SER K 201 -70.09 42.02 23.37
CA SER K 201 -71.37 41.53 23.88
C SER K 201 -72.21 40.93 22.76
N ARG K 202 -72.23 41.58 21.59
CA ARG K 202 -72.98 41.06 20.45
C ARG K 202 -72.43 39.72 20.00
N VAL K 203 -71.09 39.59 19.97
CA VAL K 203 -70.49 38.32 19.57
C VAL K 203 -70.81 37.23 20.57
N ASN K 204 -70.72 37.55 21.87
CA ASN K 204 -71.04 36.57 22.90
C ASN K 204 -72.50 36.15 22.85
N LYS K 205 -73.36 36.96 22.23
CA LYS K 205 -74.75 36.58 22.02
C LYS K 205 -74.93 35.59 20.88
N GLY K 206 -73.86 35.29 20.14
CA GLY K 206 -73.95 34.40 19.01
C GLY K 206 -74.24 35.07 17.69
N GLU K 207 -74.06 36.39 17.61
CA GLU K 207 -74.36 37.15 16.41
C GLU K 207 -73.10 37.44 15.62
N LEU K 208 -73.25 37.55 14.30
CA LEU K 208 -72.16 37.90 13.40
C LEU K 208 -72.25 39.39 13.07
N ILE K 209 -71.18 40.12 13.33
CA ILE K 209 -71.15 41.57 13.15
C ILE K 209 -69.83 41.97 12.50
N LEU K 210 -69.79 43.22 12.02
CA LEU K 210 -68.60 43.79 11.42
C LEU K 210 -67.92 44.71 12.42
N ILE K 211 -66.58 44.64 12.46
CA ILE K 211 -65.79 45.49 13.33
C ILE K 211 -64.68 46.14 12.52
N LYS K 212 -64.25 47.32 12.95
CA LYS K 212 -63.17 48.06 12.30
C LYS K 212 -61.89 47.78 13.08
N GLU K 213 -61.09 46.84 12.59
CA GLU K 213 -59.88 46.42 13.27
C GLU K 213 -58.77 46.20 12.26
N ALA K 214 -57.53 46.40 12.71
CA ALA K 214 -56.33 46.25 11.88
C ALA K 214 -56.40 47.13 10.64
N GLY K 215 -56.94 48.33 10.81
CA GLY K 215 -57.08 49.26 9.70
C GLY K 215 -57.98 48.78 8.59
N ALA K 216 -59.02 48.02 8.94
CA ALA K 216 -59.95 47.49 7.94
C ALA K 216 -61.23 47.09 8.65
N ILE K 217 -62.27 46.84 7.86
CA ILE K 217 -63.56 46.42 8.36
C ILE K 217 -63.67 44.91 8.16
N ARG K 218 -63.74 44.18 9.28
CA ARG K 218 -63.79 42.72 9.25
C ARG K 218 -64.82 42.23 10.24
N ILE K 219 -65.11 40.93 10.19
CA ILE K 219 -66.02 40.31 11.15
C ILE K 219 -65.22 39.82 12.35
N ALA K 220 -65.84 39.87 13.53
CA ALA K 220 -65.11 39.58 14.76
C ALA K 220 -64.91 38.08 14.95
N ARG K 221 -65.87 37.26 14.53
CA ARG K 221 -65.81 35.84 14.80
C ARG K 221 -66.60 35.09 13.72
N GLY K 222 -66.55 33.77 13.81
CA GLY K 222 -67.28 32.92 12.88
C GLY K 222 -68.10 31.86 13.59
N VAL K 223 -68.62 32.19 14.77
CA VAL K 223 -69.39 31.26 15.58
C VAL K 223 -70.74 31.00 14.92
N ASN K 224 -71.41 29.93 15.34
CA ASN K 224 -72.72 29.60 14.80
C ASN K 224 -73.80 30.50 15.41
N SER K 225 -74.96 30.52 14.75
CA SER K 225 -76.08 31.28 15.27
C SER K 225 -76.68 30.66 16.52
N LEU K 226 -76.38 29.39 16.79
CA LEU K 226 -76.96 28.70 17.94
C LEU K 226 -76.33 29.22 19.24
N THR K 227 -77.14 29.85 20.08
CA THR K 227 -76.65 30.37 21.35
C THR K 227 -76.40 29.26 22.36
N GLU K 228 -77.31 28.28 22.42
CA GLU K 228 -77.27 27.23 23.44
C GLU K 228 -76.83 25.92 22.81
N LEU K 229 -75.59 25.53 23.06
CA LEU K 229 -75.08 24.22 22.69
C LEU K 229 -75.13 23.31 23.90
N THR K 230 -75.66 22.11 23.72
CA THR K 230 -75.81 21.19 24.83
C THR K 230 -74.45 20.73 25.35
N ALA K 231 -74.49 19.95 26.42
CA ALA K 231 -73.25 19.50 27.07
C ALA K 231 -72.40 18.66 26.12
N GLU K 232 -73.05 17.79 25.33
CA GLU K 232 -72.30 16.96 24.40
C GLU K 232 -71.69 17.77 23.26
N LYS K 233 -72.40 18.79 22.76
CA LYS K 233 -71.94 19.52 21.58
C LYS K 233 -70.62 20.23 21.84
N GLY K 234 -70.50 20.89 22.99
CA GLY K 234 -69.25 21.49 23.39
C GLY K 234 -68.93 22.78 22.64
N GLU K 235 -67.70 23.25 22.87
CA GLU K 235 -67.28 24.54 22.33
C GLU K 235 -67.08 24.49 20.82
N MET K 236 -66.49 23.41 20.30
CA MET K 236 -66.20 23.35 18.88
C MET K 236 -67.48 23.33 18.04
N PHE K 237 -68.56 22.74 18.57
CA PHE K 237 -69.83 22.77 17.86
C PHE K 237 -70.45 24.17 17.84
N GLN K 238 -69.89 25.11 18.60
CA GLN K 238 -70.31 26.51 18.49
C GLN K 238 -69.69 27.21 17.29
N LYS K 239 -68.86 26.52 16.51
CA LYS K 239 -68.20 27.09 15.36
C LYS K 239 -68.75 26.49 14.08
N ILE K 240 -69.02 27.35 13.09
CA ILE K 240 -69.51 26.88 11.80
C ILE K 240 -68.45 26.06 11.08
N LYS K 241 -67.17 26.31 11.36
CA LYS K 241 -66.10 25.62 10.67
C LYS K 241 -66.13 24.12 10.94
N ILE K 242 -66.37 23.73 12.20
CA ILE K 242 -66.43 22.32 12.55
C ILE K 242 -67.65 21.66 11.89
N VAL K 243 -68.83 22.29 12.03
CA VAL K 243 -70.04 21.67 11.51
C VAL K 243 -69.99 21.59 9.99
N ASP K 244 -69.26 22.50 9.34
CA ASP K 244 -69.15 22.45 7.88
C ASP K 244 -68.44 21.18 7.43
N THR K 245 -67.27 20.88 8.02
CA THR K 245 -66.54 19.68 7.62
C THR K 245 -67.27 18.43 8.07
N LEU K 246 -67.94 18.47 9.23
CA LEU K 246 -68.73 17.31 9.64
C LEU K 246 -69.86 17.03 8.65
N ASP K 247 -70.55 18.08 8.19
CA ASP K 247 -71.61 17.92 7.21
C ASP K 247 -71.06 17.41 5.89
N ILE K 248 -69.89 17.90 5.48
CA ILE K 248 -69.29 17.44 4.23
C ILE K 248 -68.95 15.96 4.31
N ILE K 249 -68.37 15.53 5.43
CA ILE K 249 -68.04 14.12 5.61
C ILE K 249 -69.32 13.28 5.61
N HIS K 250 -70.36 13.75 6.31
CA HIS K 250 -71.63 13.06 6.31
C HIS K 250 -72.18 12.89 4.90
N SER K 251 -72.19 13.97 4.12
CA SER K 251 -72.73 13.92 2.77
C SER K 251 -71.92 12.98 1.89
N ASP K 252 -70.59 13.03 1.99
CA ASP K 252 -69.76 12.17 1.16
C ASP K 252 -69.97 10.69 1.52
N ILE K 253 -70.03 10.38 2.82
CA ILE K 253 -70.24 8.99 3.23
C ILE K 253 -71.61 8.50 2.77
N ARG K 254 -72.64 9.32 2.94
CA ARG K 254 -73.97 8.92 2.50
C ARG K 254 -74.01 8.71 1.00
N LYS K 255 -73.36 9.60 0.24
CA LYS K 255 -73.35 9.49 -1.21
C LYS K 255 -72.66 8.21 -1.66
N VAL K 256 -71.49 7.91 -1.09
CA VAL K 256 -70.77 6.71 -1.52
C VAL K 256 -71.53 5.46 -1.09
N ILE K 257 -72.17 5.48 0.07
CA ILE K 257 -72.95 4.34 0.52
C ILE K 257 -74.12 4.07 -0.43
N ILE K 258 -74.84 5.14 -0.80
CA ILE K 258 -75.96 4.98 -1.72
C ILE K 258 -75.47 4.54 -3.10
N ASP K 259 -74.30 5.03 -3.52
CA ASP K 259 -73.79 4.66 -4.84
C ASP K 259 -73.38 3.20 -4.90
N ASP K 260 -72.76 2.69 -3.84
CA ASP K 260 -72.11 1.38 -3.91
C ASP K 260 -72.85 0.30 -3.13
N TYR K 261 -73.09 0.50 -1.83
CA TYR K 261 -73.37 -0.63 -0.95
C TYR K 261 -74.83 -1.06 -0.94
N ILE K 262 -75.78 -0.15 -1.18
CA ILE K 262 -77.18 -0.53 -1.16
C ILE K 262 -77.52 -1.24 -2.47
N GLY K 263 -78.11 -2.43 -2.36
CA GLY K 263 -78.50 -3.19 -3.53
C GLY K 263 -77.36 -3.91 -4.22
N LYS K 264 -76.37 -3.14 -4.69
CA LYS K 264 -75.28 -3.73 -5.47
C LYS K 264 -74.45 -4.70 -4.63
N VAL K 265 -74.12 -4.31 -3.40
CA VAL K 265 -73.26 -5.10 -2.52
C VAL K 265 -74.14 -5.92 -1.59
N THR K 266 -73.69 -7.14 -1.28
CA THR K 266 -74.38 -7.99 -0.32
C THR K 266 -73.80 -7.78 1.08
N ASN K 267 -74.40 -8.47 2.05
CA ASN K 267 -73.95 -8.43 3.44
C ASN K 267 -73.12 -9.68 3.72
N SER K 268 -71.87 -9.49 4.10
CA SER K 268 -70.99 -10.60 4.46
C SER K 268 -69.85 -10.04 5.30
N TYR K 269 -69.14 -10.95 5.97
CA TYR K 269 -67.96 -10.55 6.74
C TYR K 269 -66.91 -9.95 5.83
N ASP K 270 -66.70 -10.56 4.65
CA ASP K 270 -65.77 -9.98 3.68
C ASP K 270 -66.29 -8.65 3.17
N ASN K 271 -67.60 -8.54 2.94
CA ASN K 271 -68.18 -7.26 2.54
C ASN K 271 -68.00 -6.22 3.64
N LYS K 272 -68.15 -6.63 4.91
CA LYS K 272 -67.90 -5.70 6.02
C LYS K 272 -66.46 -5.24 6.04
N CYS K 273 -65.52 -6.16 5.81
CA CYS K 273 -64.10 -5.78 5.76
C CYS K 273 -63.82 -4.82 4.62
N LEU K 274 -64.41 -5.07 3.45
CA LEU K 274 -64.21 -4.17 2.32
C LEU K 274 -64.79 -2.79 2.60
N LEU K 275 -65.96 -2.74 3.23
CA LEU K 275 -66.55 -1.45 3.59
C LEU K 275 -65.68 -0.72 4.61
N ILE K 276 -65.12 -1.45 5.57
CA ILE K 276 -64.22 -0.84 6.55
C ILE K 276 -62.98 -0.28 5.85
N VAL K 277 -62.43 -1.04 4.90
CA VAL K 277 -61.25 -0.59 4.18
C VAL K 277 -61.57 0.67 3.38
N ALA K 278 -62.73 0.71 2.72
CA ALA K 278 -63.12 1.89 1.96
C ALA K 278 -63.31 3.11 2.86
N ILE K 279 -63.93 2.90 4.02
CA ILE K 279 -64.12 4.00 4.97
C ILE K 279 -62.77 4.51 5.47
N LYS K 280 -61.84 3.58 5.76
CA LYS K 280 -60.51 3.98 6.18
C LYS K 280 -59.79 4.75 5.08
N SER K 281 -59.95 4.34 3.83
CA SER K 281 -59.35 5.06 2.72
C SER K 281 -59.90 6.46 2.59
N TYR K 282 -61.22 6.61 2.74
CA TYR K 282 -61.83 7.94 2.68
C TYR K 282 -61.33 8.81 3.84
N LEU K 283 -61.23 8.23 5.04
CA LEU K 283 -60.70 8.97 6.17
C LEU K 283 -59.24 9.37 5.95
N GLU K 284 -58.45 8.51 5.30
CA GLU K 284 -57.09 8.87 4.96
C GLU K 284 -57.04 10.02 3.95
N GLU K 285 -57.96 10.00 2.98
CA GLU K 285 -58.05 11.10 2.03
C GLU K 285 -58.38 12.41 2.75
N LEU K 286 -59.29 12.36 3.73
CA LEU K 286 -59.55 13.53 4.55
C LEU K 286 -58.31 13.93 5.35
N GLU K 287 -57.57 12.95 5.85
CA GLU K 287 -56.35 13.22 6.61
C GLU K 287 -55.30 13.90 5.74
N LYS K 288 -55.32 13.65 4.43
CA LYS K 288 -54.41 14.35 3.54
C LYS K 288 -54.63 15.86 3.62
N SER K 289 -55.89 16.29 3.63
CA SER K 289 -56.20 17.67 3.96
C SER K 289 -56.02 17.91 5.45
N ALA K 290 -55.82 19.17 5.81
CA ALA K 290 -55.64 19.55 7.21
C ALA K 290 -56.95 19.60 7.99
N LEU K 291 -58.07 19.18 7.38
CA LEU K 291 -59.37 19.33 8.02
C LEU K 291 -59.47 18.48 9.28
N ILE K 292 -58.99 17.24 9.23
CA ILE K 292 -59.13 16.32 10.35
C ILE K 292 -57.75 15.83 10.77
N GLU K 293 -57.69 15.28 11.98
CA GLU K 293 -56.44 14.74 12.51
C GLU K 293 -55.99 13.53 11.71
N SER K 294 -54.68 13.32 11.69
CA SER K 294 -54.11 12.20 10.94
C SER K 294 -54.42 10.84 11.56
N ASP K 295 -54.91 10.80 12.79
CA ASP K 295 -55.18 9.55 13.49
C ASP K 295 -56.68 9.33 13.60
N SER K 296 -57.15 8.18 13.12
CA SER K 296 -58.55 7.81 13.22
C SER K 296 -58.65 6.30 13.11
N THR K 297 -59.74 5.76 13.66
CA THR K 297 -59.96 4.31 13.67
C THR K 297 -61.35 3.99 13.16
N VAL K 298 -61.48 2.87 12.47
CA VAL K 298 -62.76 2.34 12.01
C VAL K 298 -62.94 0.96 12.60
N GLU K 299 -64.08 0.72 13.24
CA GLU K 299 -64.32 -0.52 13.95
C GLU K 299 -65.76 -0.93 13.81
N ILE K 300 -66.02 -2.23 14.00
CA ILE K 300 -67.38 -2.75 14.00
C ILE K 300 -68.04 -2.45 15.33
N ASP K 301 -69.27 -1.94 15.29
CA ASP K 301 -70.01 -1.65 16.51
C ASP K 301 -70.38 -2.97 17.18
N PHE K 302 -69.60 -3.35 18.19
CA PHE K 302 -69.75 -4.68 18.79
C PHE K 302 -70.98 -4.74 19.69
N GLU K 303 -71.27 -3.65 20.42
CA GLU K 303 -72.45 -3.64 21.29
C GLU K 303 -73.74 -3.62 20.48
N ALA K 304 -73.71 -3.01 19.30
CA ALA K 304 -74.86 -3.09 18.40
C ALA K 304 -75.09 -4.54 17.96
N GLN K 305 -74.02 -5.28 17.72
CA GLN K 305 -74.15 -6.71 17.44
C GLN K 305 -74.72 -7.45 18.64
N LYS K 306 -74.30 -7.08 19.85
CA LYS K 306 -74.89 -7.66 21.05
C LYS K 306 -76.40 -7.44 21.07
N SER K 307 -76.82 -6.20 20.82
CA SER K 307 -78.25 -5.88 20.84
C SER K 307 -79.00 -6.65 19.75
N TYR K 308 -78.39 -6.79 18.57
CA TYR K 308 -79.03 -7.57 17.51
C TYR K 308 -79.18 -9.02 17.91
N LEU K 309 -78.18 -9.58 18.58
CA LEU K 309 -78.29 -10.96 19.06
C LEU K 309 -79.38 -11.09 20.11
N LYS K 310 -79.48 -10.11 21.02
CA LYS K 310 -80.55 -10.15 22.01
C LYS K 310 -81.91 -10.08 21.35
N SER K 311 -82.05 -9.27 20.30
CA SER K 311 -83.29 -9.27 19.54
C SER K 311 -83.55 -10.64 18.91
N LYS K 312 -82.50 -11.26 18.35
CA LYS K 312 -82.62 -12.62 17.85
C LYS K 312 -82.87 -13.60 19.00
N GLY K 313 -82.21 -13.41 20.13
CA GLY K 313 -82.36 -14.28 21.28
C GLY K 313 -81.30 -15.32 21.45
N VAL K 314 -80.21 -15.27 20.68
CA VAL K 314 -79.14 -16.25 20.81
C VAL K 314 -78.38 -16.01 22.10
N ASP K 315 -78.14 -17.07 22.87
CA ASP K 315 -77.40 -16.95 24.12
C ASP K 315 -75.96 -16.54 23.85
N LEU K 316 -75.44 -15.65 24.69
CA LEU K 316 -74.10 -15.12 24.50
C LEU K 316 -73.02 -16.08 24.98
N SER K 317 -73.37 -17.07 25.79
CA SER K 317 -72.37 -17.98 26.34
C SER K 317 -71.95 -19.02 25.31
N TYR K 318 -70.89 -19.75 25.66
CA TYR K 318 -70.37 -20.90 24.90
C TYR K 318 -70.13 -20.58 23.42
N MET K 319 -69.51 -19.42 23.15
CA MET K 319 -68.75 -19.27 21.91
C MET K 319 -67.75 -18.14 22.10
N THR K 320 -66.79 -18.08 21.18
CA THR K 320 -65.78 -17.02 21.20
C THR K 320 -66.42 -15.68 20.88
N LEU K 321 -65.87 -14.62 21.48
CA LEU K 321 -66.36 -13.27 21.22
C LEU K 321 -66.20 -12.90 19.75
N GLN K 322 -65.21 -13.47 19.07
CA GLN K 322 -65.04 -13.21 17.65
C GLN K 322 -66.21 -13.75 16.84
N GLU K 323 -66.86 -14.83 17.32
CA GLU K 323 -68.01 -15.38 16.62
C GLU K 323 -69.15 -14.37 16.53
N ILE K 324 -69.20 -13.42 17.46
CA ILE K 324 -70.20 -12.36 17.38
C ILE K 324 -70.01 -11.55 16.10
N LYS K 325 -68.76 -11.18 15.81
CA LYS K 325 -68.46 -10.52 14.55
C LYS K 325 -68.69 -11.46 13.37
N GLU K 326 -68.31 -12.73 13.51
CA GLU K 326 -68.52 -13.69 12.43
C GLU K 326 -69.98 -13.98 12.19
N ALA K 327 -70.82 -13.85 13.22
CA ALA K 327 -72.24 -14.13 13.07
C ALA K 327 -72.89 -13.12 12.11
N ASN K 328 -73.79 -13.63 11.28
CA ASN K 328 -74.50 -12.77 10.34
C ASN K 328 -75.41 -11.80 11.08
N THR K 329 -75.47 -10.57 10.59
CA THR K 329 -76.25 -9.51 11.21
C THR K 329 -77.59 -9.28 10.50
N GLY K 330 -78.01 -10.21 9.65
CA GLY K 330 -79.31 -10.12 9.00
C GLY K 330 -79.46 -8.90 8.12
N SER K 331 -78.66 -8.82 7.06
CA SER K 331 -78.71 -7.71 6.10
C SER K 331 -78.43 -6.37 6.77
N LYS K 332 -77.59 -6.38 7.80
CA LYS K 332 -77.26 -5.17 8.55
C LYS K 332 -75.77 -5.10 8.80
N VAL K 333 -75.27 -3.89 9.01
CA VAL K 333 -73.87 -3.65 9.35
C VAL K 333 -73.83 -2.61 10.46
N PHE K 334 -73.02 -2.88 11.50
CA PHE K 334 -72.84 -1.98 12.62
C PHE K 334 -71.37 -1.56 12.69
N LEU K 335 -71.13 -0.25 12.74
CA LEU K 335 -69.77 0.27 12.67
C LEU K 335 -69.54 1.33 13.75
N LYS K 336 -68.28 1.48 14.14
CA LYS K 336 -67.84 2.51 15.07
C LYS K 336 -66.59 3.18 14.52
N ALA K 337 -66.54 4.50 14.63
CA ALA K 337 -65.41 5.26 14.12
C ALA K 337 -65.03 6.33 15.13
N LYS K 338 -63.72 6.53 15.29
CA LYS K 338 -63.17 7.56 16.17
C LYS K 338 -62.52 8.63 15.30
N ILE K 339 -63.02 9.86 15.39
CA ILE K 339 -62.53 10.97 14.59
C ILE K 339 -62.33 12.18 15.47
N LYS K 340 -61.59 13.16 14.95
CA LYS K 340 -61.38 14.43 15.64
C LYS K 340 -61.10 15.50 14.59
N VAL K 341 -61.73 16.66 14.75
CA VAL K 341 -61.64 17.73 13.77
C VAL K 341 -60.37 18.54 14.04
N LEU K 342 -59.50 18.61 13.04
CA LEU K 342 -58.27 19.40 13.15
C LEU K 342 -58.48 20.76 12.48
N ASP K 343 -59.26 21.60 13.15
CA ASP K 343 -59.45 22.99 12.74
C ASP K 343 -58.60 23.85 13.66
N ALA K 344 -57.69 24.62 13.06
CA ALA K 344 -56.67 25.31 13.83
C ALA K 344 -57.17 26.60 14.46
N MET K 345 -56.25 27.46 14.90
CA MET K 345 -56.54 28.50 15.87
C MET K 345 -56.63 29.87 15.19
N GLU K 346 -57.63 30.65 15.62
CA GLU K 346 -57.86 31.99 15.09
C GLU K 346 -57.03 33.05 15.82
N ASP K 347 -57.19 33.16 17.13
CA ASP K 347 -56.46 34.12 17.95
C ASP K 347 -55.83 33.41 19.14
N ILE K 348 -54.66 33.89 19.56
CA ILE K 348 -53.76 33.12 20.40
C ILE K 348 -53.29 33.98 21.58
N ASP K 349 -52.59 33.33 22.50
CA ASP K 349 -52.09 33.98 23.71
C ASP K 349 -50.86 33.23 24.21
N LEU K 350 -49.68 33.81 24.03
CA LEU K 350 -48.43 33.17 24.43
C LEU K 350 -47.75 33.97 25.54
N SER K 351 -46.72 33.38 26.13
CA SER K 351 -46.03 33.99 27.25
C SER K 351 -44.54 34.19 26.95
N ILE K 352 -43.91 35.06 27.75
CA ILE K 352 -42.51 35.41 27.61
C ILE K 352 -41.82 35.07 28.92
N GLU K 353 -40.48 35.12 28.92
CA GLU K 353 -39.74 35.08 30.17
C GLU K 353 -38.85 36.32 30.27
N ILE L 3 -42.74 -95.25 -23.70
CA ILE L 3 -41.75 -96.25 -23.32
C ILE L 3 -40.80 -96.52 -24.48
N GLY L 4 -41.27 -96.22 -25.70
CA GLY L 4 -40.48 -96.44 -26.89
C GLY L 4 -39.91 -95.14 -27.41
N LEU L 5 -38.60 -94.96 -27.20
CA LEU L 5 -37.88 -93.76 -27.56
C LEU L 5 -38.59 -92.54 -26.98
N PRO L 6 -38.52 -92.33 -25.67
CA PRO L 6 -39.18 -91.16 -25.09
C PRO L 6 -38.44 -89.87 -25.43
N SER L 7 -39.02 -89.12 -26.36
CA SER L 7 -38.53 -87.79 -26.73
C SER L 7 -39.69 -86.82 -26.62
N ILE L 8 -39.91 -86.31 -25.42
CA ILE L 8 -41.10 -85.52 -25.11
C ILE L 8 -41.03 -84.20 -25.86
N ASN L 9 -42.13 -83.83 -26.50
CA ASN L 9 -42.24 -82.59 -27.26
C ASN L 9 -42.35 -81.41 -26.31
N ILE L 10 -41.98 -80.23 -26.79
CA ILE L 10 -42.11 -78.98 -26.04
C ILE L 10 -43.02 -78.05 -26.80
N SER L 11 -44.16 -77.70 -26.20
CA SER L 11 -45.14 -76.83 -26.82
C SER L 11 -45.62 -75.82 -25.80
N PHE L 12 -46.53 -74.94 -26.24
CA PHE L 12 -47.04 -73.87 -25.40
C PHE L 12 -48.55 -73.81 -25.46
N LYS L 13 -49.17 -73.39 -24.36
CA LYS L 13 -50.57 -73.01 -24.37
C LYS L 13 -50.69 -71.50 -24.22
N GLU L 14 -51.35 -70.87 -25.18
CA GLU L 14 -51.50 -69.42 -25.15
C GLU L 14 -52.41 -69.01 -24.01
N LEU L 15 -52.09 -67.88 -23.39
CA LEU L 15 -52.81 -67.40 -22.22
C LEU L 15 -54.01 -66.57 -22.64
N ALA L 16 -55.20 -67.06 -22.33
CA ALA L 16 -56.44 -66.32 -22.55
C ALA L 16 -57.10 -66.07 -21.21
N THR L 17 -57.81 -64.94 -21.12
CA THR L 17 -58.45 -64.57 -19.87
C THR L 17 -59.50 -65.60 -19.48
N THR L 18 -59.38 -66.16 -18.28
CA THR L 18 -60.33 -67.15 -17.81
C THR L 18 -61.68 -66.51 -17.55
N VAL L 19 -62.74 -67.13 -18.07
CA VAL L 19 -64.10 -66.62 -17.95
C VAL L 19 -64.96 -67.70 -17.33
N LYS L 20 -65.63 -67.36 -16.22
CA LYS L 20 -66.57 -68.28 -15.61
C LYS L 20 -67.79 -68.45 -16.50
N GLU L 21 -68.24 -69.69 -16.66
CA GLU L 21 -69.36 -70.03 -17.53
C GLU L 21 -70.58 -70.33 -16.67
N ARG L 22 -71.68 -69.61 -16.94
CA ARG L 22 -72.93 -69.81 -16.23
C ARG L 22 -74.07 -69.74 -17.23
N SER L 23 -75.29 -69.92 -16.74
CA SER L 23 -76.46 -69.87 -17.61
C SER L 23 -76.62 -68.47 -18.22
N ALA L 24 -76.90 -68.44 -19.52
CA ALA L 24 -77.09 -67.16 -20.21
C ALA L 24 -78.32 -66.44 -19.67
N ARG L 25 -78.21 -65.13 -19.53
CA ARG L 25 -79.28 -64.30 -19.00
C ARG L 25 -79.57 -63.16 -19.96
N GLY L 26 -80.82 -62.71 -19.95
CA GLY L 26 -81.25 -61.61 -20.78
C GLY L 26 -81.53 -61.96 -22.23
N ILE L 27 -81.47 -63.24 -22.60
CA ILE L 27 -81.75 -63.62 -23.98
C ILE L 27 -83.24 -63.46 -24.27
N ILE L 28 -83.57 -63.20 -25.53
CA ILE L 28 -84.94 -63.00 -25.97
C ILE L 28 -85.30 -64.14 -26.91
N ALA L 29 -86.43 -64.79 -26.63
CA ALA L 29 -87.01 -65.79 -27.52
C ALA L 29 -88.12 -65.14 -28.32
N MET L 30 -87.94 -65.06 -29.63
CA MET L 30 -88.86 -64.36 -30.52
C MET L 30 -89.66 -65.38 -31.31
N VAL L 31 -90.97 -65.35 -31.17
CA VAL L 31 -91.86 -66.26 -31.87
C VAL L 31 -92.87 -65.43 -32.66
N LEU L 32 -93.10 -65.82 -33.92
CA LEU L 32 -93.93 -65.03 -34.82
C LEU L 32 -94.44 -65.92 -35.93
N LYS L 33 -95.54 -65.48 -36.55
CA LYS L 33 -96.22 -66.24 -37.59
C LYS L 33 -96.03 -65.59 -38.96
N ASP L 34 -95.77 -66.41 -39.96
CA ASP L 34 -95.66 -65.95 -41.34
C ASP L 34 -95.88 -67.13 -42.27
N ALA L 35 -96.15 -66.82 -43.54
CA ALA L 35 -96.37 -67.82 -44.57
C ALA L 35 -95.15 -68.03 -45.45
N LYS L 36 -94.03 -67.39 -45.14
CA LYS L 36 -92.83 -67.47 -45.95
C LYS L 36 -91.69 -68.08 -45.14
N ALA L 37 -91.04 -69.08 -45.71
CA ALA L 37 -89.83 -69.70 -45.14
C ALA L 37 -90.01 -70.03 -43.66
N LEU L 38 -90.93 -70.96 -43.42
CA LEU L 38 -91.23 -71.39 -42.06
C LEU L 38 -89.98 -71.96 -41.38
N GLY L 39 -89.76 -71.54 -40.14
CA GLY L 39 -88.62 -71.99 -39.37
C GLY L 39 -87.97 -70.85 -38.61
N LEU L 40 -87.17 -71.24 -37.62
CA LEU L 40 -86.47 -70.27 -36.78
C LEU L 40 -85.36 -69.57 -37.57
N ASN L 41 -85.12 -68.31 -37.22
CA ASN L 41 -84.20 -67.46 -37.97
C ASN L 41 -82.86 -67.25 -37.28
N GLU L 42 -82.79 -67.44 -35.97
CA GLU L 42 -81.57 -67.29 -35.16
C GLU L 42 -80.75 -66.07 -35.59
N ILE L 43 -81.38 -64.90 -35.46
CA ILE L 43 -80.75 -63.65 -35.91
C ILE L 43 -79.89 -63.16 -34.75
N HIS L 44 -78.65 -63.67 -34.71
CA HIS L 44 -77.69 -63.17 -33.75
C HIS L 44 -77.02 -61.90 -34.24
N GLU L 45 -76.75 -61.81 -35.55
CA GLU L 45 -76.14 -60.62 -36.12
C GLU L 45 -77.14 -59.47 -36.11
N LYS L 46 -76.64 -58.27 -35.86
CA LYS L 46 -77.50 -57.09 -35.75
C LYS L 46 -77.88 -56.56 -37.12
N GLU L 47 -79.11 -56.02 -37.20
CA GLU L 47 -79.64 -55.39 -38.41
C GLU L 47 -79.61 -56.35 -39.60
N ASP L 48 -80.14 -57.55 -39.39
CA ASP L 48 -80.31 -58.53 -40.45
C ASP L 48 -81.77 -58.95 -40.50
N ILE L 49 -82.43 -58.71 -41.63
CA ILE L 49 -83.83 -59.03 -41.81
C ILE L 49 -83.94 -60.13 -42.86
N PRO L 50 -84.24 -61.37 -42.48
CA PRO L 50 -84.46 -62.41 -43.49
C PRO L 50 -85.70 -62.11 -44.31
N VAL L 51 -85.70 -62.59 -45.55
CA VAL L 51 -86.79 -62.30 -46.48
C VAL L 51 -88.12 -62.88 -46.03
N ASP L 52 -88.10 -63.86 -45.12
CA ASP L 52 -89.34 -64.46 -44.65
C ASP L 52 -90.20 -63.45 -43.91
N LEU L 53 -89.59 -62.62 -43.09
CA LEU L 53 -90.33 -61.70 -42.22
C LEU L 53 -90.76 -60.46 -42.99
N SER L 54 -91.99 -60.02 -42.74
CA SER L 54 -92.63 -58.96 -43.52
C SER L 54 -92.23 -57.60 -42.98
N ALA L 55 -92.88 -56.54 -43.49
CA ALA L 55 -92.53 -55.18 -43.09
C ALA L 55 -92.84 -54.92 -41.62
N GLU L 56 -94.01 -55.37 -41.15
CA GLU L 56 -94.32 -55.25 -39.74
C GLU L 56 -93.34 -56.07 -38.90
N ASN L 57 -93.02 -57.28 -39.37
CA ASN L 57 -92.01 -58.08 -38.70
C ASN L 57 -90.63 -57.43 -38.78
N LYS L 58 -90.33 -56.75 -39.88
CA LYS L 58 -89.08 -55.99 -39.97
C LYS L 58 -89.03 -54.90 -38.91
N GLU L 59 -90.14 -54.18 -38.72
CA GLU L 59 -90.19 -53.17 -37.67
C GLU L 59 -90.06 -53.81 -36.30
N TYR L 60 -90.64 -55.00 -36.11
CA TYR L 60 -90.47 -55.73 -34.86
C TYR L 60 -89.00 -56.02 -34.59
N ILE L 61 -88.29 -56.49 -35.61
CA ILE L 61 -86.86 -56.76 -35.45
C ILE L 61 -86.10 -55.49 -35.12
N ASN L 62 -86.42 -54.40 -35.82
CA ASN L 62 -85.72 -53.15 -35.57
C ASN L 62 -85.96 -52.65 -34.15
N LEU L 63 -87.20 -52.77 -33.66
CA LEU L 63 -87.51 -52.36 -32.29
C LEU L 63 -86.79 -53.25 -31.28
N ALA L 64 -86.74 -54.56 -31.53
CA ALA L 64 -86.14 -55.48 -30.57
C ALA L 64 -84.63 -55.33 -30.51
N LEU L 65 -83.99 -55.11 -31.66
CA LEU L 65 -82.53 -55.09 -31.71
C LEU L 65 -81.96 -53.94 -30.88
N MET L 66 -82.55 -52.75 -30.99
CA MET L 66 -82.04 -51.60 -30.27
C MET L 66 -82.68 -51.50 -28.89
N GLY L 67 -81.86 -51.13 -27.91
CA GLY L 67 -82.30 -51.04 -26.54
C GLY L 67 -81.87 -49.73 -25.90
N ASN L 68 -82.24 -49.58 -24.62
CA ASN L 68 -81.91 -48.35 -23.91
C ASN L 68 -80.42 -48.20 -23.73
N VAL L 69 -79.74 -49.24 -23.26
CA VAL L 69 -78.33 -49.20 -22.93
C VAL L 69 -77.50 -50.02 -23.92
N ASN L 70 -77.84 -51.30 -24.06
CA ASN L 70 -77.09 -52.21 -24.92
C ASN L 70 -78.05 -53.03 -25.76
N THR L 71 -77.54 -53.50 -26.90
CA THR L 71 -78.30 -54.44 -27.71
C THR L 71 -78.45 -55.76 -26.96
N PRO L 72 -79.61 -56.39 -27.02
CA PRO L 72 -79.77 -57.71 -26.40
C PRO L 72 -78.77 -58.70 -26.97
N ASN L 73 -78.29 -59.60 -26.10
CA ASN L 73 -77.17 -60.47 -26.46
C ASN L 73 -77.51 -61.35 -27.65
N LYS L 74 -78.63 -62.06 -27.59
CA LYS L 74 -79.01 -62.97 -28.66
C LYS L 74 -80.50 -62.82 -28.96
N LEU L 75 -80.84 -62.86 -30.25
CA LEU L 75 -82.22 -62.81 -30.71
C LEU L 75 -82.51 -64.04 -31.54
N LEU L 76 -83.59 -64.74 -31.21
CA LEU L 76 -83.96 -65.99 -31.87
C LEU L 76 -85.40 -65.87 -32.37
N VAL L 77 -85.56 -65.52 -33.64
CA VAL L 77 -86.88 -65.30 -34.24
C VAL L 77 -87.32 -66.58 -34.91
N TYR L 78 -88.58 -66.96 -34.67
CA TYR L 78 -89.17 -68.17 -35.23
C TYR L 78 -90.29 -67.80 -36.21
N VAL L 79 -90.39 -68.57 -37.29
CA VAL L 79 -91.37 -68.33 -38.34
C VAL L 79 -92.13 -69.63 -38.59
N ILE L 80 -93.46 -69.55 -38.54
CA ILE L 80 -94.34 -70.66 -38.88
C ILE L 80 -95.68 -70.08 -39.34
N GLU L 81 -96.50 -70.92 -39.96
CA GLU L 81 -97.83 -70.49 -40.39
C GLU L 81 -98.67 -70.04 -39.20
N GLY L 82 -99.64 -69.18 -39.47
CA GLY L 82 -100.44 -68.60 -38.39
C GLY L 82 -101.16 -69.65 -37.55
N GLU L 83 -101.63 -70.70 -38.18
CA GLU L 83 -102.31 -71.77 -37.45
C GLU L 83 -101.31 -72.53 -36.58
N ALA L 84 -101.77 -72.93 -35.39
CA ALA L 84 -100.98 -73.72 -34.45
C ALA L 84 -99.69 -73.00 -34.06
N ASP L 85 -99.77 -71.69 -33.83
CA ASP L 85 -98.62 -70.96 -33.31
C ASP L 85 -98.25 -71.43 -31.92
N ILE L 86 -99.26 -71.67 -31.07
CA ILE L 86 -99.02 -71.98 -29.67
C ILE L 86 -98.27 -73.30 -29.52
N GLN L 87 -98.67 -74.32 -30.28
CA GLN L 87 -98.04 -75.64 -30.13
C GLN L 87 -96.57 -75.60 -30.52
N THR L 88 -96.27 -75.03 -31.69
CA THR L 88 -94.87 -74.98 -32.13
C THR L 88 -94.04 -74.04 -31.26
N ALA L 89 -94.64 -72.95 -30.78
CA ALA L 89 -93.92 -72.07 -29.86
C ALA L 89 -93.56 -72.81 -28.57
N LEU L 90 -94.53 -73.57 -28.03
CA LEU L 90 -94.27 -74.35 -26.83
C LEU L 90 -93.17 -75.38 -27.06
N ASP L 91 -93.22 -76.08 -28.21
CA ASP L 91 -92.22 -77.09 -28.51
C ASP L 91 -90.83 -76.47 -28.63
N PHE L 92 -90.73 -75.36 -29.36
CA PHE L 92 -89.41 -74.74 -29.55
C PHE L 92 -88.88 -74.16 -28.25
N LEU L 93 -89.73 -73.59 -27.41
CA LEU L 93 -89.28 -73.07 -26.13
C LEU L 93 -88.89 -74.20 -25.18
N GLU L 94 -89.55 -75.36 -25.29
CA GLU L 94 -89.11 -76.52 -24.52
C GLU L 94 -87.76 -77.02 -25.00
N THR L 95 -87.52 -76.96 -26.32
CA THR L 95 -86.28 -77.46 -26.88
C THR L 95 -85.07 -76.68 -26.36
N LYS L 96 -85.17 -75.36 -26.29
CA LYS L 96 -84.05 -74.50 -25.92
C LYS L 96 -84.49 -73.49 -24.87
N GLU L 97 -83.63 -73.26 -23.88
CA GLU L 97 -83.95 -72.34 -22.80
C GLU L 97 -84.02 -70.90 -23.29
N PHE L 98 -84.67 -70.06 -22.50
CA PHE L 98 -84.87 -68.66 -22.86
C PHE L 98 -85.08 -67.85 -21.61
N ASN L 99 -85.00 -66.52 -21.76
CA ASN L 99 -85.23 -65.59 -20.66
C ASN L 99 -86.37 -64.62 -20.93
N TYR L 100 -86.67 -64.30 -22.19
CA TYR L 100 -87.76 -63.39 -22.53
C TYR L 100 -88.59 -64.00 -23.65
N LEU L 101 -89.88 -63.66 -23.65
CA LEU L 101 -90.81 -64.20 -24.63
C LEU L 101 -91.82 -63.12 -25.01
N CYS L 102 -92.17 -63.08 -26.29
CA CYS L 102 -93.14 -62.10 -26.78
C CYS L 102 -93.74 -62.61 -28.08
N MET L 103 -95.07 -62.64 -28.15
CA MET L 103 -95.79 -63.03 -29.36
C MET L 103 -96.52 -61.83 -29.93
N PRO L 104 -96.12 -61.32 -31.09
CA PRO L 104 -96.82 -60.16 -31.66
C PRO L 104 -98.29 -60.39 -31.95
N LYS L 105 -98.68 -61.60 -32.34
CA LYS L 105 -100.05 -61.87 -32.76
C LYS L 105 -100.78 -62.80 -31.79
N ALA L 106 -100.44 -62.74 -30.50
CA ALA L 106 -101.12 -63.54 -29.51
C ALA L 106 -102.44 -62.89 -29.12
N VAL L 107 -103.54 -63.59 -29.36
CA VAL L 107 -104.86 -63.14 -28.92
C VAL L 107 -104.95 -63.34 -27.42
N GLU L 108 -105.99 -62.79 -26.80
CA GLU L 108 -106.15 -62.91 -25.35
C GLU L 108 -106.15 -64.38 -24.91
N ALA L 109 -106.81 -65.25 -25.69
CA ALA L 109 -106.73 -66.68 -25.41
C ALA L 109 -105.31 -67.20 -25.57
N ASP L 110 -104.61 -66.76 -26.62
CA ASP L 110 -103.22 -67.16 -26.81
C ASP L 110 -102.34 -66.66 -25.68
N LYS L 111 -102.55 -65.41 -25.25
CA LYS L 111 -101.78 -64.87 -24.13
C LYS L 111 -102.05 -65.64 -22.85
N THR L 112 -103.31 -66.00 -22.60
CA THR L 112 -103.63 -66.79 -21.42
C THR L 112 -102.97 -68.16 -21.46
N ALA L 113 -103.00 -68.81 -22.64
CA ALA L 113 -102.32 -70.10 -22.77
C ALA L 113 -100.83 -69.96 -22.55
N ILE L 114 -100.23 -68.89 -23.09
CA ILE L 114 -98.81 -68.65 -22.87
C ILE L 114 -98.52 -68.49 -21.39
N LYS L 115 -99.32 -67.71 -20.69
CA LYS L 115 -99.12 -67.48 -19.26
C LYS L 115 -99.25 -68.78 -18.47
N ASN L 116 -100.25 -69.60 -18.82
CA ASN L 116 -100.42 -70.88 -18.14
C ASN L 116 -99.23 -71.79 -18.36
N TRP L 117 -98.70 -71.83 -19.59
CA TRP L 117 -97.53 -72.66 -19.86
C TRP L 117 -96.31 -72.13 -19.12
N ILE L 118 -96.15 -70.81 -19.06
CA ILE L 118 -95.07 -70.20 -18.31
C ILE L 118 -95.12 -70.62 -16.85
N ILE L 119 -96.30 -70.48 -16.23
CA ILE L 119 -96.39 -70.80 -14.80
C ILE L 119 -96.22 -72.29 -14.56
N LYS L 120 -96.72 -73.13 -15.48
CA LYS L 120 -96.55 -74.57 -15.33
C LYS L 120 -95.09 -74.96 -15.38
N LEU L 121 -94.32 -74.41 -16.32
CA LEU L 121 -92.90 -74.73 -16.37
C LEU L 121 -92.11 -74.06 -15.26
N ARG L 122 -92.58 -72.92 -14.75
CA ARG L 122 -91.93 -72.33 -13.59
C ARG L 122 -92.12 -73.21 -12.35
N ASP L 123 -93.29 -73.83 -12.23
CA ASP L 123 -93.52 -74.74 -11.12
C ASP L 123 -92.72 -76.04 -11.29
N ILE L 124 -92.75 -76.62 -12.49
CA ILE L 124 -92.11 -77.92 -12.69
C ILE L 124 -90.60 -77.79 -12.67
N ASP L 125 -90.06 -76.85 -13.45
CA ASP L 125 -88.62 -76.67 -13.60
C ASP L 125 -88.00 -75.88 -12.45
N LYS L 126 -88.81 -75.26 -11.59
CA LYS L 126 -88.39 -74.41 -10.49
C LYS L 126 -87.70 -73.14 -10.96
N VAL L 127 -87.55 -72.93 -12.27
CA VAL L 127 -86.89 -71.75 -12.83
C VAL L 127 -87.97 -70.76 -13.21
N LYS L 128 -87.86 -69.55 -12.68
CA LYS L 128 -88.86 -68.51 -12.92
C LYS L 128 -88.47 -67.67 -14.12
N VAL L 129 -89.42 -67.47 -15.03
CA VAL L 129 -89.20 -66.72 -16.27
C VAL L 129 -90.28 -65.66 -16.41
N LYS L 130 -90.01 -64.69 -17.27
CA LYS L 130 -90.87 -63.53 -17.45
C LYS L 130 -91.39 -63.47 -18.88
N ALA L 131 -92.61 -62.96 -19.02
CA ALA L 131 -93.24 -62.76 -20.32
C ALA L 131 -93.85 -61.36 -20.36
N VAL L 132 -93.64 -60.66 -21.47
CA VAL L 132 -94.18 -59.32 -21.67
C VAL L 132 -95.38 -59.43 -22.60
N LEU L 133 -96.55 -59.05 -22.11
CA LEU L 133 -97.79 -59.18 -22.84
C LEU L 133 -98.60 -57.88 -22.74
N GLY L 134 -99.49 -57.69 -23.71
CA GLY L 134 -100.23 -56.45 -23.82
C GLY L 134 -101.30 -56.24 -22.77
N LYS L 135 -102.25 -57.16 -22.67
CA LYS L 135 -103.39 -57.01 -21.76
C LYS L 135 -103.63 -58.34 -21.06
N VAL L 136 -103.01 -58.52 -19.90
CA VAL L 136 -103.19 -59.71 -19.08
C VAL L 136 -103.46 -59.27 -17.65
N VAL L 137 -104.59 -59.71 -17.11
CA VAL L 137 -104.98 -59.39 -15.74
C VAL L 137 -104.69 -60.56 -14.79
N GLY L 138 -103.83 -61.49 -15.21
CA GLY L 138 -103.58 -62.69 -14.43
C GLY L 138 -102.88 -62.40 -13.11
N ASN L 139 -102.87 -63.42 -12.26
CA ASN L 139 -102.32 -63.34 -10.92
C ASN L 139 -100.90 -63.91 -10.84
N HIS L 140 -100.09 -63.69 -11.87
CA HIS L 140 -98.74 -64.21 -11.93
C HIS L 140 -97.74 -63.06 -11.98
N GLU L 141 -96.60 -63.25 -11.32
CA GLU L 141 -95.61 -62.19 -11.19
C GLU L 141 -94.66 -62.11 -12.37
N GLY L 142 -94.28 -63.25 -12.96
CA GLY L 142 -93.35 -63.24 -14.06
C GLY L 142 -93.90 -62.54 -15.29
N ILE L 143 -95.17 -62.76 -15.60
CA ILE L 143 -95.79 -62.08 -16.73
C ILE L 143 -95.87 -60.59 -16.45
N ILE L 144 -95.81 -59.80 -17.52
CA ILE L 144 -95.81 -58.34 -17.43
C ILE L 144 -96.97 -57.80 -18.26
N ASN L 145 -97.76 -56.91 -17.66
CA ASN L 145 -98.92 -56.31 -18.32
C ASN L 145 -98.60 -54.87 -18.68
N PHE L 146 -98.84 -54.51 -19.94
CA PHE L 146 -98.56 -53.17 -20.45
C PHE L 146 -99.85 -52.62 -21.05
N THR L 147 -100.67 -52.00 -20.20
CA THR L 147 -101.97 -51.48 -20.62
C THR L 147 -101.83 -50.02 -21.07
N THR L 148 -101.22 -49.85 -22.24
CA THR L 148 -101.02 -48.53 -22.85
C THR L 148 -101.38 -48.66 -24.32
N GLU L 149 -102.61 -48.28 -24.67
CA GLU L 149 -103.09 -48.34 -26.03
C GLU L 149 -102.94 -46.99 -26.72
N ASP L 150 -103.14 -46.99 -28.04
CA ASP L 150 -103.05 -45.79 -28.87
C ASP L 150 -101.69 -45.11 -28.72
N VAL L 151 -100.63 -45.92 -28.68
CA VAL L 151 -99.28 -45.38 -28.57
C VAL L 151 -98.84 -44.82 -29.91
N LEU L 152 -98.31 -43.60 -29.91
CA LEU L 152 -97.84 -42.93 -31.12
C LEU L 152 -96.33 -42.76 -30.99
N VAL L 153 -95.58 -43.62 -31.65
CA VAL L 153 -94.12 -43.62 -31.58
C VAL L 153 -93.60 -43.15 -32.94
N GLY L 154 -92.96 -41.98 -32.95
CA GLY L 154 -92.39 -41.44 -34.17
C GLY L 154 -93.41 -41.21 -35.27
N GLU L 155 -94.59 -40.70 -34.90
CA GLU L 155 -95.68 -40.44 -35.86
C GLU L 155 -96.00 -41.72 -36.66
N LYS L 156 -96.37 -42.76 -35.94
CA LYS L 156 -96.75 -44.04 -36.54
C LYS L 156 -97.64 -44.80 -35.57
N LYS L 157 -98.72 -45.36 -36.09
CA LYS L 157 -99.63 -46.14 -35.27
C LYS L 157 -98.97 -47.45 -34.86
N TYR L 158 -98.78 -47.64 -33.56
CA TYR L 158 -98.16 -48.84 -33.02
C TYR L 158 -99.19 -49.64 -32.23
N SER L 159 -99.28 -50.93 -32.50
CA SER L 159 -100.14 -51.79 -31.72
C SER L 159 -99.56 -52.00 -30.32
N VAL L 160 -100.41 -52.48 -29.41
CA VAL L 160 -99.98 -52.72 -28.04
C VAL L 160 -98.88 -53.77 -28.01
N ASP L 161 -99.05 -54.85 -28.79
CA ASP L 161 -98.06 -55.93 -28.79
C ASP L 161 -96.73 -55.45 -29.35
N GLU L 162 -96.76 -54.56 -30.34
CA GLU L 162 -95.52 -53.99 -30.87
C GLU L 162 -94.71 -53.31 -29.77
N PHE L 163 -95.37 -52.46 -28.98
CA PHE L 163 -94.63 -51.75 -27.94
C PHE L 163 -94.29 -52.66 -26.77
N THR L 164 -95.07 -53.71 -26.52
CA THR L 164 -94.66 -54.68 -25.50
C THR L 164 -93.39 -55.39 -25.92
N SER L 165 -93.28 -55.77 -27.20
CA SER L 165 -92.03 -56.35 -27.69
C SER L 165 -90.88 -55.35 -27.59
N ARG L 166 -91.15 -54.08 -27.91
CA ARG L 166 -90.13 -53.05 -27.78
C ARG L 166 -89.66 -52.93 -26.34
N VAL L 167 -90.59 -52.94 -25.39
CA VAL L 167 -90.25 -52.81 -23.97
C VAL L 167 -89.49 -54.05 -23.51
N ALA L 168 -89.85 -55.23 -24.01
CA ALA L 168 -89.12 -56.44 -23.67
C ALA L 168 -87.67 -56.36 -24.16
N GLY L 169 -87.48 -55.88 -25.38
CA GLY L 169 -86.12 -55.68 -25.88
C GLY L 169 -85.34 -54.67 -25.06
N LEU L 170 -86.01 -53.57 -24.68
CA LEU L 170 -85.36 -52.57 -23.85
C LEU L 170 -84.94 -53.14 -22.49
N ILE L 171 -85.82 -53.92 -21.87
CA ILE L 171 -85.50 -54.52 -20.58
C ILE L 171 -84.36 -55.51 -20.70
N ALA L 172 -84.38 -56.33 -21.76
CA ALA L 172 -83.27 -57.25 -21.99
C ALA L 172 -81.97 -56.50 -22.21
N GLY L 173 -82.01 -55.35 -22.88
CA GLY L 173 -80.83 -54.53 -23.01
C GLY L 173 -80.48 -53.72 -21.78
N THR L 174 -81.37 -53.67 -20.80
CA THR L 174 -81.11 -52.94 -19.57
C THR L 174 -80.22 -53.77 -18.64
N PRO L 175 -79.10 -53.23 -18.18
CA PRO L 175 -78.24 -54.00 -17.27
C PRO L 175 -78.86 -54.13 -15.89
N LEU L 176 -78.34 -55.09 -15.13
CA LEU L 176 -78.84 -55.33 -13.78
C LEU L 176 -78.61 -54.15 -12.84
N SER L 177 -77.61 -53.32 -13.12
CA SER L 177 -77.39 -52.13 -12.29
C SER L 177 -78.50 -51.10 -12.50
N GLN L 178 -78.98 -50.98 -13.73
CA GLN L 178 -80.00 -49.99 -14.05
C GLN L 178 -81.40 -50.55 -13.80
N SER L 179 -82.33 -49.65 -13.51
CA SER L 179 -83.72 -49.99 -13.28
C SER L 179 -84.61 -49.38 -14.36
N VAL L 180 -85.66 -50.11 -14.72
CA VAL L 180 -86.56 -49.69 -15.79
C VAL L 180 -87.43 -48.50 -15.40
N THR L 181 -87.45 -48.14 -14.12
CA THR L 181 -88.25 -47.00 -13.68
C THR L 181 -87.69 -45.69 -14.25
N TYR L 182 -88.59 -44.84 -14.72
CA TYR L 182 -88.24 -43.51 -15.22
C TYR L 182 -87.20 -43.56 -16.34
N THR L 183 -87.39 -44.49 -17.28
CA THR L 183 -86.54 -44.57 -18.46
C THR L 183 -87.19 -43.84 -19.63
N LYS L 184 -86.46 -42.90 -20.22
CA LYS L 184 -87.00 -42.07 -21.29
C LYS L 184 -86.99 -42.82 -22.62
N LEU L 185 -88.02 -42.57 -23.43
CA LEU L 185 -88.14 -43.13 -24.77
C LEU L 185 -88.09 -41.97 -25.76
N SER L 186 -86.97 -41.84 -26.47
CA SER L 186 -86.83 -40.76 -27.44
C SER L 186 -87.71 -40.98 -28.67
N ASP L 187 -87.88 -42.24 -29.08
CA ASP L 187 -88.65 -42.52 -30.28
C ASP L 187 -90.11 -42.14 -30.11
N VAL L 188 -90.66 -42.35 -28.92
CA VAL L 188 -92.07 -42.06 -28.67
C VAL L 188 -92.30 -40.56 -28.72
N VAL L 189 -93.29 -40.14 -29.49
CA VAL L 189 -93.58 -38.71 -29.65
C VAL L 189 -94.84 -38.29 -28.92
N ASP L 190 -95.88 -39.13 -28.88
CA ASP L 190 -97.14 -38.74 -28.24
C ASP L 190 -97.79 -39.96 -27.61
N ILE L 191 -98.40 -39.75 -26.46
CA ILE L 191 -99.19 -40.77 -25.77
C ILE L 191 -100.52 -40.14 -25.38
N PRO L 192 -101.59 -40.93 -25.21
CA PRO L 192 -102.87 -40.34 -24.82
C PRO L 192 -102.78 -39.62 -23.48
N LYS L 193 -103.46 -38.48 -23.39
CA LYS L 193 -103.46 -37.71 -22.15
C LYS L 193 -104.27 -38.42 -21.08
N MET L 194 -103.72 -38.49 -19.87
CA MET L 194 -104.35 -39.21 -18.78
C MET L 194 -103.85 -38.66 -17.46
N THR L 195 -104.71 -38.73 -16.45
CA THR L 195 -104.41 -38.14 -15.15
C THR L 195 -103.36 -38.97 -14.40
N LYS L 196 -102.56 -38.27 -13.59
CA LYS L 196 -101.55 -38.95 -12.79
C LYS L 196 -102.16 -39.84 -11.72
N VAL L 197 -103.38 -39.51 -11.27
CA VAL L 197 -104.07 -40.37 -10.31
C VAL L 197 -104.38 -41.72 -10.95
N ASP L 198 -104.81 -41.72 -12.20
CA ASP L 198 -105.03 -42.98 -12.91
C ASP L 198 -103.73 -43.76 -13.07
N ALA L 199 -102.63 -43.06 -13.31
CA ALA L 199 -101.34 -43.73 -13.41
C ALA L 199 -100.95 -44.38 -12.10
N GLU L 200 -101.15 -43.68 -10.98
CA GLU L 200 -100.86 -44.25 -9.67
C GLU L 200 -101.73 -45.46 -9.39
N SER L 201 -103.02 -45.38 -9.73
CA SER L 201 -103.92 -46.50 -9.54
C SER L 201 -103.49 -47.71 -10.38
N ARG L 202 -103.10 -47.46 -11.64
CA ARG L 202 -102.65 -48.54 -12.50
C ARG L 202 -101.38 -49.19 -11.96
N VAL L 203 -100.46 -48.38 -11.45
CA VAL L 203 -99.24 -48.91 -10.86
C VAL L 203 -99.55 -49.74 -9.62
N ASN L 204 -100.49 -49.27 -8.80
CA ASN L 204 -100.92 -50.06 -7.65
C ASN L 204 -101.52 -51.39 -8.08
N LYS L 205 -102.29 -51.38 -9.17
CA LYS L 205 -102.77 -52.63 -9.74
C LYS L 205 -101.61 -53.47 -10.29
N GLY L 206 -100.54 -52.81 -10.72
CA GLY L 206 -99.37 -53.47 -11.26
C GLY L 206 -99.16 -53.28 -12.75
N GLU L 207 -100.10 -52.64 -13.45
CA GLU L 207 -99.97 -52.46 -14.88
C GLU L 207 -98.85 -51.47 -15.21
N LEU L 208 -98.08 -51.77 -16.24
CA LEU L 208 -97.00 -50.90 -16.69
C LEU L 208 -97.53 -49.98 -17.78
N ILE L 209 -97.28 -48.68 -17.63
CA ILE L 209 -97.77 -47.68 -18.57
C ILE L 209 -96.71 -46.62 -18.81
N LEU L 210 -96.93 -45.83 -19.86
CA LEU L 210 -96.08 -44.69 -20.16
C LEU L 210 -96.60 -43.44 -19.44
N ILE L 211 -95.68 -42.54 -19.09
CA ILE L 211 -96.02 -41.30 -18.42
C ILE L 211 -95.18 -40.17 -19.01
N LYS L 212 -95.78 -38.97 -19.04
CA LYS L 212 -95.10 -37.78 -19.52
C LYS L 212 -94.49 -37.06 -18.32
N GLU L 213 -93.18 -37.16 -18.16
CA GLU L 213 -92.50 -36.53 -17.04
C GLU L 213 -91.13 -36.03 -17.49
N ALA L 214 -90.65 -35.00 -16.80
CA ALA L 214 -89.37 -34.36 -17.11
C ALA L 214 -89.31 -33.92 -18.57
N GLY L 215 -90.43 -33.43 -19.09
CA GLY L 215 -90.50 -33.00 -20.47
C GLY L 215 -90.27 -34.11 -21.47
N ALA L 216 -90.66 -35.34 -21.13
CA ALA L 216 -90.46 -36.48 -22.01
C ALA L 216 -91.42 -37.58 -21.61
N ILE L 217 -91.57 -38.56 -22.49
CA ILE L 217 -92.42 -39.72 -22.23
C ILE L 217 -91.53 -40.83 -21.68
N ARG L 218 -91.79 -41.23 -20.44
CA ARG L 218 -90.93 -42.16 -19.72
C ARG L 218 -91.75 -43.31 -19.15
N ILE L 219 -91.07 -44.41 -18.88
CA ILE L 219 -91.71 -45.57 -18.26
C ILE L 219 -92.14 -45.20 -16.85
N ALA L 220 -93.40 -45.50 -16.51
CA ALA L 220 -93.90 -45.16 -15.19
C ALA L 220 -93.23 -45.99 -14.11
N ARG L 221 -93.40 -47.31 -14.16
CA ARG L 221 -92.91 -48.18 -13.10
C ARG L 221 -92.51 -49.53 -13.67
N GLY L 222 -91.81 -50.31 -12.86
CA GLY L 222 -91.41 -51.65 -13.23
C GLY L 222 -92.10 -52.71 -12.39
N VAL L 223 -93.31 -52.43 -11.93
CA VAL L 223 -94.04 -53.38 -11.09
C VAL L 223 -94.53 -54.56 -11.94
N ASN L 224 -94.66 -55.71 -11.29
CA ASN L 224 -95.13 -56.90 -11.97
C ASN L 224 -96.63 -56.80 -12.26
N SER L 225 -97.09 -57.65 -13.17
CA SER L 225 -98.50 -57.67 -13.52
C SER L 225 -99.36 -58.34 -12.47
N LEU L 226 -98.76 -59.06 -11.52
CA LEU L 226 -99.53 -59.74 -10.49
C LEU L 226 -100.25 -58.72 -9.62
N THR L 227 -101.51 -59.01 -9.30
CA THR L 227 -102.36 -58.03 -8.63
C THR L 227 -102.07 -57.97 -7.13
N GLU L 228 -102.31 -59.08 -6.42
CA GLU L 228 -102.20 -59.13 -4.97
C GLU L 228 -101.16 -60.17 -4.58
N LEU L 229 -99.95 -59.70 -4.25
CA LEU L 229 -98.89 -60.61 -3.86
C LEU L 229 -99.17 -61.22 -2.49
N THR L 230 -98.66 -62.42 -2.26
CA THR L 230 -98.75 -63.05 -0.96
C THR L 230 -97.82 -62.37 0.03
N ALA L 231 -98.12 -62.54 1.32
CA ALA L 231 -97.32 -61.91 2.37
C ALA L 231 -95.90 -62.44 2.37
N GLU L 232 -95.69 -63.69 1.96
CA GLU L 232 -94.35 -64.26 1.94
C GLU L 232 -93.46 -63.58 0.90
N LYS L 233 -94.03 -63.24 -0.26
CA LYS L 233 -93.22 -62.65 -1.32
C LYS L 233 -92.85 -61.20 -0.99
N GLY L 234 -93.85 -60.33 -0.87
CA GLY L 234 -93.60 -58.98 -0.43
C GLY L 234 -93.33 -57.99 -1.56
N GLU L 235 -93.16 -56.73 -1.14
CA GLU L 235 -92.96 -55.65 -2.11
C GLU L 235 -91.67 -55.83 -2.89
N MET L 236 -90.61 -56.30 -2.23
CA MET L 236 -89.36 -56.56 -2.95
C MET L 236 -89.54 -57.63 -4.00
N PHE L 237 -90.41 -58.62 -3.74
CA PHE L 237 -90.71 -59.64 -4.74
C PHE L 237 -91.66 -59.12 -5.82
N GLN L 238 -92.39 -58.03 -5.54
CA GLN L 238 -93.23 -57.44 -6.58
C GLN L 238 -92.39 -56.95 -7.75
N LYS L 239 -91.25 -56.34 -7.47
CA LYS L 239 -90.41 -55.76 -8.51
C LYS L 239 -89.84 -56.85 -9.42
N ILE L 240 -89.96 -56.64 -10.73
CA ILE L 240 -89.40 -57.59 -11.69
C ILE L 240 -87.88 -57.58 -11.64
N LYS L 241 -87.29 -56.39 -11.45
CA LYS L 241 -85.84 -56.28 -11.38
C LYS L 241 -85.27 -57.09 -10.22
N ILE L 242 -85.95 -57.05 -9.07
CA ILE L 242 -85.44 -57.74 -7.89
C ILE L 242 -85.55 -59.25 -8.05
N VAL L 243 -86.67 -59.73 -8.62
CA VAL L 243 -86.83 -61.16 -8.82
C VAL L 243 -85.95 -61.67 -9.97
N ASP L 244 -85.50 -60.78 -10.85
CA ASP L 244 -84.65 -61.19 -11.97
C ASP L 244 -83.34 -61.80 -11.47
N THR L 245 -82.67 -61.12 -10.52
CA THR L 245 -81.43 -61.65 -10.00
C THR L 245 -81.64 -62.95 -9.22
N LEU L 246 -82.78 -63.08 -8.53
CA LEU L 246 -83.08 -64.32 -7.83
C LEU L 246 -83.23 -65.47 -8.83
N ASP L 247 -83.95 -65.22 -9.93
CA ASP L 247 -84.10 -66.26 -10.95
C ASP L 247 -82.77 -66.64 -11.58
N ILE L 248 -81.92 -65.64 -11.85
CA ILE L 248 -80.62 -65.92 -12.43
C ILE L 248 -79.77 -66.74 -11.46
N ILE L 249 -79.79 -66.39 -10.18
CA ILE L 249 -79.03 -67.11 -9.18
C ILE L 249 -79.51 -68.56 -9.08
N HIS L 250 -80.83 -68.75 -9.06
CA HIS L 250 -81.37 -70.10 -8.97
C HIS L 250 -81.00 -70.92 -10.20
N SER L 251 -81.07 -70.31 -11.39
CA SER L 251 -80.73 -71.03 -12.61
C SER L 251 -79.26 -71.45 -12.61
N ASP L 252 -78.37 -70.53 -12.23
CA ASP L 252 -76.95 -70.86 -12.20
C ASP L 252 -76.65 -71.95 -11.16
N ILE L 253 -77.28 -71.85 -9.98
CA ILE L 253 -77.05 -72.85 -8.94
C ILE L 253 -77.53 -74.21 -9.39
N ARG L 254 -78.72 -74.28 -9.99
CA ARG L 254 -79.21 -75.57 -10.48
C ARG L 254 -78.32 -76.12 -11.59
N LYS L 255 -77.84 -75.24 -12.48
CA LYS L 255 -76.97 -75.68 -13.56
C LYS L 255 -75.69 -76.30 -13.00
N VAL L 256 -75.04 -75.62 -12.06
CA VAL L 256 -73.79 -76.15 -11.53
C VAL L 256 -74.03 -77.42 -10.72
N ILE L 257 -75.16 -77.48 -10.01
CA ILE L 257 -75.48 -78.68 -9.23
C ILE L 257 -75.68 -79.88 -10.16
N ILE L 258 -76.42 -79.68 -11.24
CA ILE L 258 -76.64 -80.76 -12.20
C ILE L 258 -75.33 -81.15 -12.87
N ASP L 259 -74.47 -80.17 -13.15
CA ASP L 259 -73.20 -80.47 -13.77
C ASP L 259 -72.30 -81.30 -12.87
N ASP L 260 -72.30 -81.01 -11.56
CA ASP L 260 -71.32 -81.59 -10.65
C ASP L 260 -71.88 -82.68 -9.76
N TYR L 261 -72.94 -82.38 -9.01
CA TYR L 261 -73.25 -83.16 -7.82
C TYR L 261 -74.07 -84.42 -8.12
N ILE L 262 -75.03 -84.34 -9.03
CA ILE L 262 -75.93 -85.47 -9.24
C ILE L 262 -75.18 -86.62 -9.90
N GLY L 263 -75.25 -87.79 -9.29
CA GLY L 263 -74.62 -89.00 -9.84
C GLY L 263 -73.12 -89.11 -9.72
N LYS L 264 -72.39 -88.05 -10.07
CA LYS L 264 -70.94 -88.12 -10.11
C LYS L 264 -70.34 -88.36 -8.74
N VAL L 265 -70.85 -87.69 -7.71
CA VAL L 265 -70.30 -87.76 -6.36
C VAL L 265 -71.34 -88.40 -5.44
N THR L 266 -70.89 -89.34 -4.62
CA THR L 266 -71.77 -89.95 -3.62
C THR L 266 -71.94 -89.01 -2.44
N ASN L 267 -73.17 -88.92 -1.93
CA ASN L 267 -73.46 -88.04 -0.81
C ASN L 267 -72.70 -88.49 0.43
N SER L 268 -72.07 -87.53 1.11
CA SER L 268 -71.33 -87.79 2.33
C SER L 268 -71.19 -86.49 3.11
N TYR L 269 -70.80 -86.61 4.38
CA TYR L 269 -70.63 -85.43 5.21
C TYR L 269 -69.54 -84.51 4.66
N ASP L 270 -68.40 -85.09 4.25
CA ASP L 270 -67.36 -84.29 3.62
C ASP L 270 -67.84 -83.71 2.30
N ASN L 271 -68.60 -84.50 1.53
CA ASN L 271 -69.17 -83.98 0.29
C ASN L 271 -70.14 -82.83 0.57
N LYS L 272 -70.92 -82.95 1.65
CA LYS L 272 -71.81 -81.86 2.02
C LYS L 272 -71.03 -80.61 2.42
N CYS L 273 -69.91 -80.79 3.13
CA CYS L 273 -69.07 -79.64 3.47
C CYS L 273 -68.48 -78.99 2.22
N LEU L 274 -68.06 -79.80 1.25
CA LEU L 274 -67.55 -79.26 0.00
C LEU L 274 -68.64 -78.51 -0.76
N LEU L 275 -69.86 -79.05 -0.75
CA LEU L 275 -70.99 -78.35 -1.37
C LEU L 275 -71.25 -77.02 -0.68
N ILE L 276 -71.16 -76.99 0.65
CA ILE L 276 -71.34 -75.73 1.38
C ILE L 276 -70.26 -74.74 0.99
N VAL L 277 -69.01 -75.20 0.86
CA VAL L 277 -67.91 -74.33 0.45
C VAL L 277 -68.16 -73.77 -0.94
N ALA L 278 -68.63 -74.62 -1.86
CA ALA L 278 -68.92 -74.16 -3.21
C ALA L 278 -70.05 -73.14 -3.22
N ILE L 279 -71.09 -73.36 -2.41
CA ILE L 279 -72.18 -72.40 -2.33
C ILE L 279 -71.70 -71.08 -1.75
N LYS L 280 -70.80 -71.13 -0.76
CA LYS L 280 -70.23 -69.91 -0.20
C LYS L 280 -69.41 -69.17 -1.23
N SER L 281 -68.65 -69.91 -2.06
CA SER L 281 -67.90 -69.28 -3.14
C SER L 281 -68.84 -68.63 -4.15
N TYR L 282 -69.95 -69.28 -4.46
CA TYR L 282 -70.94 -68.70 -5.37
C TYR L 282 -71.54 -67.42 -4.77
N LEU L 283 -71.83 -67.44 -3.47
CA LEU L 283 -72.35 -66.24 -2.81
C LEU L 283 -71.33 -65.12 -2.83
N GLU L 284 -70.05 -65.45 -2.64
CA GLU L 284 -68.99 -64.44 -2.75
C GLU L 284 -68.92 -63.88 -4.16
N GLU L 285 -69.11 -64.74 -5.17
CA GLU L 285 -69.17 -64.26 -6.55
C GLU L 285 -70.34 -63.30 -6.75
N LEU L 286 -71.50 -63.63 -6.18
CA LEU L 286 -72.66 -62.74 -6.27
C LEU L 286 -72.37 -61.40 -5.61
N GLU L 287 -71.73 -61.43 -4.43
CA GLU L 287 -71.39 -60.20 -3.73
C GLU L 287 -70.42 -59.36 -4.55
N LYS L 288 -69.43 -60.01 -5.18
CA LYS L 288 -68.51 -59.28 -6.04
C LYS L 288 -69.24 -58.68 -7.24
N SER L 289 -70.26 -59.38 -7.73
CA SER L 289 -71.09 -58.82 -8.81
C SER L 289 -71.85 -57.58 -8.37
N ALA L 290 -71.99 -57.38 -7.06
CA ALA L 290 -72.65 -56.23 -6.46
C ALA L 290 -74.13 -56.12 -6.81
N LEU L 291 -74.70 -57.14 -7.46
CA LEU L 291 -76.13 -57.12 -7.74
C LEU L 291 -76.94 -57.25 -6.45
N ILE L 292 -76.49 -58.10 -5.53
CA ILE L 292 -77.09 -58.23 -4.21
C ILE L 292 -75.98 -58.14 -3.17
N GLU L 293 -76.34 -57.68 -1.98
CA GLU L 293 -75.35 -57.56 -0.91
C GLU L 293 -74.91 -58.92 -0.40
N SER L 294 -75.89 -59.80 -0.11
CA SER L 294 -75.63 -61.21 0.22
C SER L 294 -74.69 -61.35 1.41
N ASP L 295 -75.13 -60.83 2.56
CA ASP L 295 -74.37 -61.02 3.79
C ASP L 295 -74.57 -62.41 4.39
N SER L 296 -75.77 -62.97 4.21
CA SER L 296 -76.11 -64.24 4.85
C SER L 296 -75.32 -65.39 4.22
N THR L 297 -75.32 -66.52 4.92
CA THR L 297 -74.59 -67.71 4.50
C THR L 297 -75.54 -68.89 4.45
N VAL L 298 -75.20 -69.86 3.59
CA VAL L 298 -75.98 -71.08 3.41
C VAL L 298 -75.37 -72.17 4.28
N GLU L 299 -76.19 -72.82 5.10
CA GLU L 299 -75.74 -73.86 6.00
C GLU L 299 -76.76 -74.98 6.02
N ILE L 300 -76.35 -76.13 6.57
CA ILE L 300 -77.25 -77.26 6.70
C ILE L 300 -78.37 -76.91 7.67
N ASP L 301 -79.60 -77.11 7.24
CA ASP L 301 -80.76 -76.84 8.09
C ASP L 301 -80.92 -77.99 9.08
N PHE L 302 -80.80 -77.69 10.37
CA PHE L 302 -80.97 -78.72 11.38
C PHE L 302 -82.41 -79.21 11.44
N GLU L 303 -83.36 -78.37 11.05
CA GLU L 303 -84.75 -78.82 10.94
C GLU L 303 -84.90 -79.87 9.84
N ALA L 304 -84.29 -79.62 8.69
CA ALA L 304 -84.32 -80.60 7.61
C ALA L 304 -83.55 -81.86 7.99
N GLN L 305 -82.44 -81.70 8.71
CA GLN L 305 -81.69 -82.86 9.20
C GLN L 305 -82.54 -83.70 10.14
N LYS L 306 -83.27 -83.05 11.05
CA LYS L 306 -84.15 -83.76 11.96
C LYS L 306 -85.28 -84.44 11.20
N SER L 307 -85.81 -83.79 10.17
CA SER L 307 -86.87 -84.40 9.37
C SER L 307 -86.36 -85.65 8.66
N TYR L 308 -85.15 -85.59 8.09
CA TYR L 308 -84.61 -86.77 7.42
C TYR L 308 -84.27 -87.87 8.42
N LEU L 309 -83.79 -87.50 9.61
CA LEU L 309 -83.52 -88.50 10.63
C LEU L 309 -84.80 -89.18 11.08
N LYS L 310 -85.88 -88.41 11.21
CA LYS L 310 -87.19 -89.00 11.51
C LYS L 310 -87.65 -89.92 10.39
N SER L 311 -87.42 -89.53 9.14
CA SER L 311 -87.74 -90.40 8.02
C SER L 311 -86.96 -91.71 8.10
N LYS L 312 -85.67 -91.62 8.44
CA LYS L 312 -84.88 -92.82 8.69
C LYS L 312 -85.26 -93.49 10.00
N GLY L 313 -85.96 -92.79 10.89
CA GLY L 313 -86.41 -93.36 12.13
C GLY L 313 -85.39 -93.43 13.25
N VAL L 314 -84.22 -92.82 13.07
CA VAL L 314 -83.21 -92.84 14.11
C VAL L 314 -83.66 -91.99 15.29
N ASP L 315 -83.33 -92.44 16.49
CA ASP L 315 -83.79 -91.77 17.71
C ASP L 315 -83.17 -90.38 17.85
N LEU L 316 -83.91 -89.51 18.55
CA LEU L 316 -83.46 -88.14 18.82
C LEU L 316 -82.75 -88.03 20.16
N SER L 317 -83.27 -88.68 21.20
CA SER L 317 -82.66 -88.60 22.51
C SER L 317 -81.32 -89.33 22.55
N TYR L 318 -80.46 -88.90 23.47
CA TYR L 318 -79.13 -89.47 23.71
C TYR L 318 -78.18 -89.29 22.52
N MET L 319 -78.64 -88.62 21.45
CA MET L 319 -77.83 -88.36 20.28
C MET L 319 -77.24 -86.96 20.37
N THR L 320 -75.93 -86.85 20.15
CA THR L 320 -75.28 -85.56 20.15
C THR L 320 -75.80 -84.71 18.99
N LEU L 321 -75.93 -83.40 19.26
CA LEU L 321 -76.41 -82.48 18.23
C LEU L 321 -75.49 -82.51 17.00
N GLN L 322 -74.18 -82.48 17.25
CA GLN L 322 -73.23 -82.59 16.14
C GLN L 322 -73.36 -83.95 15.45
N GLU L 323 -73.54 -85.02 16.23
CA GLU L 323 -73.71 -86.34 15.65
C GLU L 323 -74.96 -86.40 14.77
N ILE L 324 -76.05 -85.81 15.23
CA ILE L 324 -77.26 -85.73 14.41
C ILE L 324 -77.00 -84.95 13.14
N LYS L 325 -76.30 -83.83 13.25
CA LYS L 325 -75.99 -83.02 12.08
C LYS L 325 -75.11 -83.79 11.10
N GLU L 326 -74.13 -84.53 11.60
CA GLU L 326 -73.20 -85.27 10.75
C GLU L 326 -73.67 -86.69 10.45
N ALA L 327 -74.89 -87.05 10.86
CA ALA L 327 -75.40 -88.38 10.60
C ALA L 327 -75.60 -88.60 9.10
N ASN L 328 -75.69 -89.87 8.72
CA ASN L 328 -75.82 -90.22 7.31
C ASN L 328 -77.10 -89.64 6.73
N THR L 329 -76.97 -88.97 5.59
CA THR L 329 -78.10 -88.33 4.92
C THR L 329 -78.58 -89.13 3.71
N GLY L 330 -78.06 -90.34 3.51
CA GLY L 330 -78.46 -91.12 2.34
C GLY L 330 -78.09 -90.41 1.06
N SER L 331 -78.91 -90.61 0.03
CA SER L 331 -78.70 -89.91 -1.24
C SER L 331 -79.16 -88.46 -1.18
N LYS L 332 -80.17 -88.16 -0.37
CA LYS L 332 -80.75 -86.83 -0.34
C LYS L 332 -79.83 -85.83 0.34
N VAL L 333 -79.87 -84.59 -0.13
CA VAL L 333 -79.11 -83.49 0.43
C VAL L 333 -80.08 -82.35 0.74
N PHE L 334 -79.98 -81.79 1.94
CA PHE L 334 -80.87 -80.74 2.40
C PHE L 334 -80.07 -79.50 2.77
N LEU L 335 -80.53 -78.34 2.31
CA LEU L 335 -79.83 -77.07 2.54
C LEU L 335 -80.84 -76.00 2.93
N LYS L 336 -80.34 -75.00 3.64
CA LYS L 336 -81.12 -73.82 4.01
C LYS L 336 -80.55 -72.60 3.31
N ALA L 337 -81.40 -71.88 2.58
CA ALA L 337 -80.98 -70.75 1.76
C ALA L 337 -81.55 -69.46 2.33
N LYS L 338 -80.65 -68.50 2.58
CA LYS L 338 -81.06 -67.15 2.98
C LYS L 338 -80.04 -66.17 2.41
N ILE L 339 -80.53 -65.07 1.86
CA ILE L 339 -79.69 -64.08 1.20
C ILE L 339 -80.23 -62.68 1.50
N LYS L 340 -79.43 -61.68 1.15
CA LYS L 340 -79.81 -60.28 1.20
C LYS L 340 -79.79 -59.73 -0.22
N VAL L 341 -80.90 -59.11 -0.63
CA VAL L 341 -81.07 -58.65 -2.00
C VAL L 341 -81.00 -57.13 -2.02
N LEU L 342 -80.18 -56.59 -2.93
CA LEU L 342 -80.00 -55.16 -3.06
C LEU L 342 -81.10 -54.56 -3.94
N ASP L 343 -81.59 -53.39 -3.55
CA ASP L 343 -82.67 -52.71 -4.26
C ASP L 343 -82.15 -51.41 -4.84
N ALA L 344 -82.51 -51.15 -6.10
CA ALA L 344 -82.17 -49.88 -6.72
C ALA L 344 -83.09 -48.77 -6.20
N MET L 345 -82.53 -47.60 -5.98
CA MET L 345 -83.32 -46.50 -5.45
C MET L 345 -84.30 -46.00 -6.52
N GLU L 346 -85.48 -45.63 -6.07
CA GLU L 346 -86.53 -45.11 -6.92
C GLU L 346 -86.98 -43.72 -6.49
N ASP L 347 -86.47 -43.24 -5.36
CA ASP L 347 -86.90 -42.01 -4.73
C ASP L 347 -85.89 -41.59 -3.68
N ILE L 348 -85.80 -40.28 -3.45
CA ILE L 348 -84.81 -39.70 -2.54
C ILE L 348 -85.49 -38.67 -1.66
N ASP L 349 -85.24 -38.74 -0.35
CA ASP L 349 -85.69 -37.74 0.60
C ASP L 349 -84.47 -36.96 1.10
N LEU L 350 -84.62 -35.65 1.25
CA LEU L 350 -83.57 -34.79 1.76
C LEU L 350 -84.19 -33.59 2.47
N SER L 351 -83.78 -33.41 3.73
CA SER L 351 -84.30 -32.33 4.57
C SER L 351 -83.21 -31.28 4.75
N ILE L 352 -83.32 -30.19 4.00
CA ILE L 352 -82.40 -29.06 4.08
C ILE L 352 -82.86 -28.18 5.23
N GLU L 353 -81.93 -27.44 5.83
CA GLU L 353 -82.27 -26.55 6.93
C GLU L 353 -81.55 -25.22 6.74
N ILE L 354 -82.16 -24.18 7.27
CA ILE L 354 -81.62 -22.83 7.14
C ILE L 354 -80.75 -22.48 8.34
N GLY M 4 -61.16 -56.63 -38.75
CA GLY M 4 -60.79 -55.42 -39.47
C GLY M 4 -59.30 -55.31 -39.72
N LEU M 5 -58.92 -54.60 -40.77
CA LEU M 5 -57.51 -54.41 -41.04
C LEU M 5 -56.95 -53.36 -40.07
N PRO M 6 -55.88 -53.70 -39.35
CA PRO M 6 -55.24 -52.70 -38.48
C PRO M 6 -54.45 -51.68 -39.28
N SER M 7 -54.86 -50.41 -39.17
CA SER M 7 -54.19 -49.32 -39.88
C SER M 7 -54.10 -48.12 -38.96
N ILE M 8 -53.13 -47.24 -39.24
CA ILE M 8 -52.94 -46.05 -38.42
C ILE M 8 -54.13 -45.10 -38.60
N ASN M 9 -54.66 -44.62 -37.49
CA ASN M 9 -55.79 -43.69 -37.49
C ASN M 9 -55.49 -42.57 -36.51
N ILE M 10 -55.07 -41.42 -37.03
CA ILE M 10 -54.71 -40.27 -36.22
C ILE M 10 -55.91 -39.34 -36.16
N SER M 11 -56.38 -39.06 -34.95
CA SER M 11 -57.55 -38.22 -34.73
C SER M 11 -57.10 -36.83 -34.28
N PHE M 12 -57.77 -35.80 -34.78
CA PHE M 12 -57.50 -34.42 -34.41
C PHE M 12 -58.79 -33.77 -33.95
N LYS M 13 -58.81 -33.32 -32.70
CA LYS M 13 -60.01 -32.78 -32.07
C LYS M 13 -59.72 -31.39 -31.53
N GLU M 14 -60.78 -30.60 -31.40
CA GLU M 14 -60.62 -29.24 -30.88
C GLU M 14 -61.06 -29.18 -29.43
N LEU M 15 -60.26 -28.53 -28.59
CA LEU M 15 -60.56 -28.38 -27.18
C LEU M 15 -61.40 -27.12 -26.98
N ALA M 16 -62.64 -27.31 -26.56
CA ALA M 16 -63.49 -26.23 -26.07
C ALA M 16 -63.79 -26.55 -24.62
N THR M 17 -63.56 -25.57 -23.73
CA THR M 17 -63.74 -25.80 -22.31
C THR M 17 -65.18 -26.17 -22.00
N THR M 18 -65.39 -27.39 -21.52
CA THR M 18 -66.71 -27.92 -21.24
C THR M 18 -66.98 -27.84 -19.74
N VAL M 19 -68.03 -27.11 -19.38
CA VAL M 19 -68.45 -26.96 -17.99
C VAL M 19 -69.90 -27.42 -17.87
N LYS M 20 -70.18 -28.23 -16.86
CA LYS M 20 -71.54 -28.71 -16.65
C LYS M 20 -72.50 -27.54 -16.47
N GLU M 21 -73.62 -27.59 -17.18
CA GLU M 21 -74.61 -26.52 -17.17
C GLU M 21 -75.78 -26.92 -16.28
N ARG M 22 -76.17 -26.02 -15.39
CA ARG M 22 -77.27 -26.26 -14.48
C ARG M 22 -78.57 -25.75 -15.10
N SER M 23 -79.63 -25.68 -14.30
CA SER M 23 -80.92 -25.20 -14.80
C SER M 23 -80.82 -23.75 -15.26
N ALA M 24 -81.49 -23.44 -16.35
CA ALA M 24 -81.45 -22.10 -16.91
C ALA M 24 -82.11 -21.10 -15.96
N ARG M 25 -81.54 -19.89 -15.90
CA ARG M 25 -82.05 -18.83 -15.05
C ARG M 25 -82.13 -17.55 -15.85
N GLY M 26 -83.05 -16.67 -15.44
CA GLY M 26 -83.21 -15.38 -16.07
C GLY M 26 -84.13 -15.36 -17.28
N ILE M 27 -84.67 -16.51 -17.68
CA ILE M 27 -85.58 -16.54 -18.82
C ILE M 27 -86.90 -15.87 -18.44
N ILE M 28 -87.59 -15.33 -19.44
CA ILE M 28 -88.85 -14.62 -19.25
C ILE M 28 -89.92 -15.31 -20.07
N ALA M 29 -91.04 -15.63 -19.43
CA ALA M 29 -92.20 -16.21 -20.09
C ALA M 29 -93.18 -15.09 -20.40
N MET M 30 -93.11 -14.59 -21.64
CA MET M 30 -94.01 -13.53 -22.10
C MET M 30 -95.20 -14.17 -22.81
N VAL M 31 -96.38 -13.99 -22.23
CA VAL M 31 -97.62 -14.48 -22.82
C VAL M 31 -98.61 -13.32 -22.92
N LEU M 32 -99.21 -13.16 -24.09
CA LEU M 32 -100.12 -12.05 -24.31
C LEU M 32 -100.93 -12.35 -25.57
N LYS M 33 -102.09 -11.69 -25.67
CA LYS M 33 -103.08 -12.00 -26.69
C LYS M 33 -102.91 -11.13 -27.92
N ASP M 34 -103.17 -11.72 -29.08
CA ASP M 34 -103.18 -11.00 -30.35
C ASP M 34 -103.96 -11.82 -31.38
N ALA M 35 -104.36 -11.15 -32.45
CA ALA M 35 -105.13 -11.77 -33.52
C ALA M 35 -104.30 -12.02 -34.78
N LYS M 36 -102.99 -11.78 -34.74
CA LYS M 36 -102.13 -11.94 -35.89
C LYS M 36 -101.09 -13.01 -35.61
N ALA M 37 -100.96 -13.97 -36.53
CA ALA M 37 -99.93 -15.02 -36.51
C ALA M 37 -99.84 -15.67 -35.12
N LEU M 38 -100.93 -16.35 -34.77
CA LEU M 38 -101.03 -17.00 -33.47
C LEU M 38 -99.91 -18.03 -33.31
N GLY M 39 -99.27 -18.00 -32.13
CA GLY M 39 -98.19 -18.90 -31.82
C GLY M 39 -97.05 -18.21 -31.11
N LEU M 40 -96.23 -19.02 -30.46
CA LEU M 40 -95.09 -18.50 -29.71
C LEU M 40 -94.03 -17.94 -30.65
N ASN M 41 -93.32 -16.92 -30.18
CA ASN M 41 -92.36 -16.19 -31.00
C ASN M 41 -90.90 -16.50 -30.67
N GLU M 42 -90.61 -16.97 -29.47
CA GLU M 42 -89.26 -17.35 -29.01
C GLU M 42 -88.21 -16.34 -29.47
N ILE M 43 -88.40 -15.09 -29.04
CA ILE M 43 -87.51 -14.00 -29.44
C ILE M 43 -86.24 -14.03 -28.60
N HIS M 44 -85.22 -14.74 -29.09
CA HIS M 44 -83.92 -14.75 -28.41
C HIS M 44 -83.02 -13.63 -28.89
N GLU M 45 -83.05 -13.32 -30.18
CA GLU M 45 -82.22 -12.25 -30.71
C GLU M 45 -82.70 -10.90 -30.22
N LYS M 46 -81.76 -10.00 -29.97
CA LYS M 46 -82.10 -8.69 -29.42
C LYS M 46 -82.77 -7.82 -30.47
N GLU M 47 -83.81 -7.09 -30.03
CA GLU M 47 -84.50 -6.09 -30.84
C GLU M 47 -85.01 -6.69 -32.16
N ASP M 48 -85.92 -7.66 -32.03
CA ASP M 48 -86.60 -8.26 -33.16
C ASP M 48 -88.08 -8.36 -32.83
N ILE M 49 -88.88 -7.52 -33.48
CA ILE M 49 -90.32 -7.47 -33.24
C ILE M 49 -91.01 -8.10 -34.45
N PRO M 50 -91.60 -9.29 -34.31
CA PRO M 50 -92.36 -9.87 -35.41
C PRO M 50 -93.61 -9.04 -35.71
N VAL M 51 -94.04 -9.11 -36.97
CA VAL M 51 -95.15 -8.29 -37.43
C VAL M 51 -96.46 -8.66 -36.74
N ASP M 52 -96.54 -9.84 -36.13
CA ASP M 52 -97.76 -10.23 -35.43
C ASP M 52 -98.05 -9.30 -34.26
N LEU M 53 -97.02 -8.91 -33.52
CA LEU M 53 -97.18 -8.12 -32.31
C LEU M 53 -97.38 -6.65 -32.65
N SER M 54 -98.31 -6.01 -31.93
CA SER M 54 -98.74 -4.65 -32.24
C SER M 54 -97.82 -3.63 -31.58
N ALA M 55 -98.23 -2.35 -31.64
CA ALA M 55 -97.40 -1.28 -31.10
C ALA M 55 -97.24 -1.40 -29.59
N GLU M 56 -98.34 -1.66 -28.88
CA GLU M 56 -98.24 -1.89 -27.44
C GLU M 56 -97.41 -3.13 -27.15
N ASN M 57 -97.58 -4.18 -27.96
CA ASN M 57 -96.75 -5.36 -27.85
C ASN M 57 -95.28 -5.04 -28.10
N LYS M 58 -95.02 -4.19 -29.10
CA LYS M 58 -93.65 -3.79 -29.37
C LYS M 58 -93.05 -3.03 -28.19
N GLU M 59 -93.83 -2.15 -27.57
CA GLU M 59 -93.36 -1.44 -26.39
C GLU M 59 -93.09 -2.41 -25.24
N TYR M 60 -93.95 -3.42 -25.08
CA TYR M 60 -93.72 -4.44 -24.07
C TYR M 60 -92.40 -5.16 -24.31
N ILE M 61 -92.12 -5.54 -25.56
CA ILE M 61 -90.86 -6.21 -25.88
C ILE M 61 -89.69 -5.29 -25.59
N ASN M 62 -89.78 -4.02 -25.98
CA ASN M 62 -88.70 -3.08 -25.76
C ASN M 62 -88.42 -2.90 -24.27
N LEU M 63 -89.48 -2.82 -23.46
CA LEU M 63 -89.31 -2.69 -22.02
C LEU M 63 -88.67 -3.95 -21.44
N ALA M 64 -89.07 -5.13 -21.91
CA ALA M 64 -88.55 -6.36 -21.35
C ALA M 64 -87.11 -6.64 -21.79
N LEU M 65 -86.72 -6.19 -22.98
CA LEU M 65 -85.42 -6.55 -23.52
C LEU M 65 -84.28 -5.96 -22.70
N MET M 66 -84.40 -4.70 -22.31
CA MET M 66 -83.33 -4.03 -21.57
C MET M 66 -83.56 -4.18 -20.08
N GLY M 67 -82.46 -4.37 -19.33
CA GLY M 67 -82.52 -4.58 -17.90
C GLY M 67 -81.59 -3.63 -17.17
N ASN M 68 -81.60 -3.76 -15.84
CA ASN M 68 -80.77 -2.89 -15.00
C ASN M 68 -79.29 -3.15 -15.22
N VAL M 69 -78.88 -4.41 -15.17
CA VAL M 69 -77.47 -4.79 -15.28
C VAL M 69 -77.15 -5.39 -16.63
N ASN M 70 -77.91 -6.41 -17.04
CA ASN M 70 -77.67 -7.08 -18.31
C ASN M 70 -79.00 -7.41 -18.97
N THR M 71 -78.96 -7.62 -20.27
CA THR M 71 -80.13 -8.08 -20.99
C THR M 71 -80.49 -9.50 -20.52
N PRO M 72 -81.77 -9.79 -20.30
CA PRO M 72 -82.16 -11.17 -19.96
C PRO M 72 -81.71 -12.15 -21.02
N ASN M 73 -81.30 -13.34 -20.58
CA ASN M 73 -80.66 -14.30 -21.47
C ASN M 73 -81.60 -14.74 -22.58
N LYS M 74 -82.82 -15.13 -22.23
CA LYS M 74 -83.78 -15.61 -23.21
C LYS M 74 -85.16 -15.05 -22.91
N LEU M 75 -85.88 -14.67 -23.97
CA LEU M 75 -87.25 -14.19 -23.86
C LEU M 75 -88.13 -14.98 -24.81
N LEU M 76 -89.25 -15.48 -24.31
CA LEU M 76 -90.19 -16.26 -25.10
C LEU M 76 -91.54 -15.55 -25.08
N VAL M 77 -92.02 -15.16 -26.25
CA VAL M 77 -93.27 -14.42 -26.39
C VAL M 77 -94.28 -15.31 -27.10
N TYR M 78 -95.48 -15.39 -26.56
CA TYR M 78 -96.54 -16.24 -27.10
C TYR M 78 -97.68 -15.37 -27.64
N VAL M 79 -98.26 -15.80 -28.75
CA VAL M 79 -99.34 -15.07 -29.40
C VAL M 79 -100.51 -16.02 -29.61
N ILE M 80 -101.69 -15.63 -29.12
CA ILE M 80 -102.92 -16.36 -29.37
C ILE M 80 -104.08 -15.38 -29.23
N GLU M 81 -105.25 -15.77 -29.74
CA GLU M 81 -106.43 -14.93 -29.62
C GLU M 81 -106.79 -14.69 -28.16
N GLY M 82 -107.49 -13.60 -27.91
CA GLY M 82 -107.79 -13.22 -26.54
C GLY M 82 -108.58 -14.26 -25.78
N GLU M 83 -109.47 -14.96 -26.48
CA GLU M 83 -110.24 -16.03 -25.85
C GLU M 83 -109.33 -17.19 -25.48
N ALA M 84 -109.59 -17.77 -24.30
CA ALA M 84 -108.86 -18.94 -23.80
C ALA M 84 -107.35 -18.66 -23.70
N ASP M 85 -107.00 -17.46 -23.24
CA ASP M 85 -105.59 -17.15 -22.99
C ASP M 85 -105.02 -18.03 -21.88
N ILE M 86 -105.79 -18.22 -20.80
CA ILE M 86 -105.26 -18.89 -19.62
C ILE M 86 -104.97 -20.36 -19.91
N GLN M 87 -105.84 -21.03 -20.67
CA GLN M 87 -105.64 -22.45 -20.96
C GLN M 87 -104.36 -22.68 -21.74
N THR M 88 -104.19 -21.97 -22.85
CA THR M 88 -102.99 -22.15 -23.67
C THR M 88 -101.74 -21.67 -22.95
N ALA M 89 -101.86 -20.62 -22.13
CA ALA M 89 -100.71 -20.18 -21.35
C ALA M 89 -100.28 -21.26 -20.37
N LEU M 90 -101.24 -21.89 -19.69
CA LEU M 90 -100.90 -22.98 -18.79
C LEU M 90 -100.28 -24.15 -19.54
N ASP M 91 -100.84 -24.51 -20.69
CA ASP M 91 -100.30 -25.63 -21.47
C ASP M 91 -98.87 -25.35 -21.90
N PHE M 92 -98.61 -24.14 -22.39
CA PHE M 92 -97.27 -23.82 -22.90
C PHE M 92 -96.26 -23.71 -21.76
N LEU M 93 -96.69 -23.17 -20.61
CA LEU M 93 -95.78 -23.09 -19.46
C LEU M 93 -95.51 -24.47 -18.88
N GLU M 94 -96.48 -25.39 -18.96
CA GLU M 94 -96.21 -26.77 -18.59
C GLU M 94 -95.25 -27.42 -19.58
N THR M 95 -95.36 -27.07 -20.86
CA THR M 95 -94.50 -27.65 -21.87
C THR M 95 -93.04 -27.27 -21.64
N LYS M 96 -92.78 -26.01 -21.32
CA LYS M 96 -91.41 -25.52 -21.18
C LYS M 96 -91.29 -24.68 -19.91
N GLU M 97 -90.18 -24.86 -19.20
CA GLU M 97 -89.97 -24.18 -17.93
C GLU M 97 -89.75 -22.69 -18.14
N PHE M 98 -89.84 -21.94 -17.05
CA PHE M 98 -89.66 -20.49 -17.08
C PHE M 98 -89.25 -20.01 -15.70
N ASN M 99 -88.77 -18.77 -15.65
CA ASN M 99 -88.38 -18.14 -14.39
C ASN M 99 -89.37 -17.08 -13.92
N TYR M 100 -89.95 -16.32 -14.85
CA TYR M 100 -90.88 -15.24 -14.49
C TYR M 100 -92.07 -15.28 -15.42
N LEU M 101 -93.21 -14.81 -14.90
CA LEU M 101 -94.47 -14.82 -15.64
C LEU M 101 -95.18 -13.50 -15.47
N CYS M 102 -95.81 -13.02 -16.54
CA CYS M 102 -96.57 -11.78 -16.51
C CYS M 102 -97.60 -11.79 -17.63
N MET M 103 -98.86 -11.54 -17.28
CA MET M 103 -99.94 -11.45 -18.26
C MET M 103 -100.47 -10.03 -18.31
N PRO M 104 -100.12 -9.26 -19.34
CA PRO M 104 -100.56 -7.85 -19.38
C PRO M 104 -102.06 -7.67 -19.44
N LYS M 105 -102.81 -8.64 -19.94
CA LYS M 105 -104.26 -8.53 -20.03
C LYS M 105 -104.98 -9.51 -19.11
N ALA M 106 -104.38 -9.81 -17.96
CA ALA M 106 -105.00 -10.69 -16.99
C ALA M 106 -106.01 -9.93 -16.15
N VAL M 107 -107.26 -10.39 -16.16
CA VAL M 107 -108.29 -9.84 -15.29
C VAL M 107 -108.09 -10.40 -13.89
N GLU M 108 -108.80 -9.85 -12.91
CA GLU M 108 -108.64 -10.31 -11.53
C GLU M 108 -108.88 -11.80 -11.40
N ALA M 109 -109.90 -12.32 -12.08
CA ALA M 109 -110.11 -13.77 -12.10
C ALA M 109 -108.94 -14.47 -12.78
N ASP M 110 -108.44 -13.91 -13.89
CA ASP M 110 -107.28 -14.50 -14.56
C ASP M 110 -106.05 -14.47 -13.67
N LYS M 111 -105.84 -13.36 -12.95
CA LYS M 111 -104.72 -13.27 -12.02
C LYS M 111 -104.84 -14.30 -10.90
N THR M 112 -106.06 -14.47 -10.37
CA THR M 112 -106.27 -15.47 -9.33
C THR M 112 -106.00 -16.88 -9.85
N ALA M 113 -106.44 -17.18 -11.06
CA ALA M 113 -106.17 -18.48 -11.65
C ALA M 113 -104.68 -18.69 -11.87
N ILE M 114 -103.97 -17.64 -12.31
CA ILE M 114 -102.53 -17.73 -12.50
C ILE M 114 -101.84 -18.02 -11.18
N LYS M 115 -102.24 -17.30 -10.12
CA LYS M 115 -101.65 -17.53 -8.81
C LYS M 115 -101.93 -18.94 -8.31
N ASN M 116 -103.16 -19.43 -8.52
CA ASN M 116 -103.50 -20.79 -8.11
C ASN M 116 -102.65 -21.82 -8.84
N TRP M 117 -102.44 -21.62 -10.14
CA TRP M 117 -101.60 -22.55 -10.90
C TRP M 117 -100.16 -22.50 -10.41
N ILE M 118 -99.65 -21.29 -10.14
CA ILE M 118 -98.28 -21.14 -9.64
C ILE M 118 -98.12 -21.88 -8.32
N ILE M 119 -99.04 -21.66 -7.38
CA ILE M 119 -98.91 -22.28 -6.07
C ILE M 119 -99.11 -23.78 -6.16
N LYS M 120 -100.01 -24.25 -7.05
CA LYS M 120 -100.19 -25.68 -7.23
C LYS M 120 -98.90 -26.33 -7.72
N LEU M 121 -98.25 -25.70 -8.71
CA LEU M 121 -96.97 -26.24 -9.18
C LEU M 121 -95.94 -26.23 -8.06
N ARG M 122 -95.77 -25.09 -7.38
CA ARG M 122 -94.74 -24.98 -6.35
C ARG M 122 -94.98 -25.89 -5.16
N ASP M 123 -96.22 -26.32 -4.93
CA ASP M 123 -96.54 -27.15 -3.77
C ASP M 123 -96.63 -28.63 -4.09
N ILE M 124 -97.03 -29.01 -5.31
CA ILE M 124 -97.20 -30.41 -5.68
C ILE M 124 -96.15 -30.85 -6.71
N ASP M 125 -96.01 -30.08 -7.79
CA ASP M 125 -95.09 -30.46 -8.86
C ASP M 125 -93.64 -30.16 -8.52
N LYS M 126 -93.38 -29.45 -7.41
CA LYS M 126 -92.03 -29.07 -7.01
C LYS M 126 -91.32 -28.30 -8.11
N VAL M 127 -92.07 -27.45 -8.80
CA VAL M 127 -91.53 -26.59 -9.85
C VAL M 127 -91.49 -25.18 -9.30
N LYS M 128 -90.28 -24.62 -9.21
CA LYS M 128 -90.07 -23.29 -8.64
C LYS M 128 -90.32 -22.25 -9.72
N VAL M 129 -91.47 -21.59 -9.66
CA VAL M 129 -91.86 -20.59 -10.64
C VAL M 129 -92.32 -19.33 -9.93
N LYS M 130 -92.00 -18.18 -10.52
CA LYS M 130 -92.39 -16.88 -10.00
C LYS M 130 -93.18 -16.12 -11.06
N ALA M 131 -94.11 -15.30 -10.59
CA ALA M 131 -94.94 -14.51 -11.48
C ALA M 131 -95.05 -13.08 -10.96
N VAL M 132 -95.17 -12.14 -11.88
CA VAL M 132 -95.33 -10.72 -11.55
C VAL M 132 -96.75 -10.32 -11.92
N LEU M 133 -97.48 -9.77 -10.95
CA LEU M 133 -98.88 -9.45 -11.12
C LEU M 133 -99.15 -8.02 -10.67
N GLY M 134 -100.18 -7.42 -11.26
CA GLY M 134 -100.51 -6.04 -11.00
C GLY M 134 -101.04 -5.76 -9.60
N LYS M 135 -102.23 -6.29 -9.30
CA LYS M 135 -102.89 -6.06 -8.01
C LYS M 135 -103.41 -7.40 -7.49
N VAL M 136 -102.57 -8.09 -6.71
CA VAL M 136 -102.92 -9.37 -6.12
C VAL M 136 -102.54 -9.34 -4.65
N VAL M 137 -103.50 -9.63 -3.78
CA VAL M 137 -103.29 -9.61 -2.33
C VAL M 137 -103.13 -11.05 -1.85
N GLY M 138 -102.74 -11.93 -2.77
CA GLY M 138 -102.68 -13.35 -2.47
C GLY M 138 -101.68 -13.67 -1.37
N ASN M 139 -101.86 -14.86 -0.80
CA ASN M 139 -101.14 -15.30 0.39
C ASN M 139 -99.97 -16.23 0.05
N HIS M 140 -99.26 -15.98 -1.05
CA HIS M 140 -98.10 -16.77 -1.42
C HIS M 140 -96.92 -15.86 -1.74
N GLU M 141 -95.71 -16.41 -1.59
CA GLU M 141 -94.49 -15.65 -1.81
C GLU M 141 -94.00 -15.69 -3.24
N GLY M 142 -94.37 -16.73 -4.01
CA GLY M 142 -93.89 -16.83 -5.38
C GLY M 142 -94.48 -15.78 -6.29
N ILE M 143 -95.66 -15.26 -5.95
CA ILE M 143 -96.26 -14.20 -6.75
C ILE M 143 -95.68 -12.85 -6.35
N ILE M 144 -95.80 -11.88 -7.25
CA ILE M 144 -95.26 -10.54 -7.04
C ILE M 144 -96.38 -9.53 -7.28
N ASN M 145 -96.57 -8.62 -6.34
CA ASN M 145 -97.61 -7.61 -6.39
C ASN M 145 -96.96 -6.24 -6.46
N PHE M 146 -97.39 -5.42 -7.43
CA PHE M 146 -96.85 -4.08 -7.64
C PHE M 146 -98.02 -3.10 -7.65
N THR M 147 -98.29 -2.48 -6.50
CA THR M 147 -99.44 -1.58 -6.34
C THR M 147 -98.97 -0.14 -6.51
N THR M 148 -98.79 0.26 -7.77
CA THR M 148 -98.41 1.63 -8.09
C THR M 148 -99.11 2.01 -9.39
N GLU M 149 -100.18 2.80 -9.28
CA GLU M 149 -100.95 3.23 -10.44
C GLU M 149 -100.49 4.61 -10.91
N ASP M 150 -100.97 5.00 -12.09
CA ASP M 150 -100.67 6.29 -12.68
C ASP M 150 -99.17 6.52 -12.83
N VAL M 151 -98.45 5.48 -13.24
CA VAL M 151 -97.01 5.59 -13.44
C VAL M 151 -96.74 6.39 -14.71
N LEU M 152 -95.82 7.34 -14.63
CA LEU M 152 -95.45 8.19 -15.75
C LEU M 152 -93.99 7.89 -16.11
N VAL M 153 -93.80 7.15 -17.20
CA VAL M 153 -92.49 6.77 -17.69
C VAL M 153 -92.29 7.38 -19.06
N GLY M 154 -91.23 8.19 -19.21
CA GLY M 154 -90.93 8.81 -20.48
C GLY M 154 -92.05 9.68 -21.00
N GLU M 155 -92.60 10.54 -20.13
CA GLU M 155 -93.72 11.44 -20.40
C GLU M 155 -94.84 10.74 -21.17
N LYS M 156 -95.02 9.44 -20.92
CA LYS M 156 -96.03 8.64 -21.58
C LYS M 156 -96.82 7.87 -20.52
N LYS M 157 -98.14 7.84 -20.69
CA LYS M 157 -98.99 7.09 -19.77
C LYS M 157 -98.71 5.59 -19.91
N TYR M 158 -98.44 4.94 -18.79
CA TYR M 158 -98.16 3.51 -18.76
C TYR M 158 -99.17 2.81 -17.87
N SER M 159 -99.72 1.70 -18.35
CA SER M 159 -100.57 0.88 -17.52
C SER M 159 -99.75 0.20 -16.43
N VAL M 160 -100.44 -0.27 -15.39
CA VAL M 160 -99.75 -0.94 -14.29
C VAL M 160 -99.06 -2.20 -14.80
N ASP M 161 -99.73 -2.98 -15.65
CA ASP M 161 -99.14 -4.22 -16.15
C ASP M 161 -97.93 -3.95 -17.03
N GLU M 162 -97.92 -2.85 -17.78
CA GLU M 162 -96.75 -2.48 -18.57
C GLU M 162 -95.52 -2.35 -17.68
N PHE M 163 -95.64 -1.59 -16.60
CA PHE M 163 -94.49 -1.40 -15.73
C PHE M 163 -94.17 -2.62 -14.89
N THR M 164 -95.16 -3.47 -14.59
CA THR M 164 -94.84 -4.74 -13.93
C THR M 164 -94.03 -5.63 -14.85
N SER M 165 -94.37 -5.67 -16.15
CA SER M 165 -93.55 -6.41 -17.11
C SER M 165 -92.16 -5.81 -17.21
N ARG M 166 -92.07 -4.48 -17.19
CA ARG M 166 -90.76 -3.82 -17.19
C ARG M 166 -89.93 -4.24 -15.99
N VAL M 167 -90.56 -4.26 -14.81
CA VAL M 167 -89.85 -4.66 -13.59
C VAL M 167 -89.45 -6.12 -13.65
N ALA M 168 -90.31 -6.97 -14.22
CA ALA M 168 -89.96 -8.39 -14.37
C ALA M 168 -88.75 -8.56 -15.28
N GLY M 169 -88.70 -7.81 -16.38
CA GLY M 169 -87.52 -7.85 -17.23
C GLY M 169 -86.28 -7.34 -16.53
N LEU M 170 -86.42 -6.28 -15.73
CA LEU M 170 -85.30 -5.76 -14.96
C LEU M 170 -84.77 -6.80 -13.98
N ILE M 171 -85.69 -7.49 -13.27
CA ILE M 171 -85.29 -8.51 -12.31
C ILE M 171 -84.62 -9.68 -13.02
N ALA M 172 -85.16 -10.10 -14.17
CA ALA M 172 -84.53 -11.16 -14.94
C ALA M 172 -83.13 -10.75 -15.39
N GLY M 173 -82.93 -9.47 -15.70
CA GLY M 173 -81.60 -8.97 -16.01
C GLY M 173 -80.73 -8.74 -14.80
N THR M 174 -81.29 -8.83 -13.60
CA THR M 174 -80.52 -8.62 -12.38
C THR M 174 -79.81 -9.90 -11.98
N PRO M 175 -78.49 -9.87 -11.77
CA PRO M 175 -77.77 -11.07 -11.33
C PRO M 175 -78.05 -11.36 -9.87
N LEU M 176 -77.43 -12.43 -9.37
CA LEU M 176 -77.64 -12.84 -7.99
C LEU M 176 -76.92 -11.95 -6.99
N SER M 177 -75.89 -11.21 -7.43
CA SER M 177 -75.15 -10.35 -6.52
C SER M 177 -75.91 -9.08 -6.16
N GLN M 178 -76.71 -8.57 -7.08
CA GLN M 178 -77.40 -7.30 -6.88
C GLN M 178 -78.76 -7.51 -6.26
N SER M 179 -79.17 -6.54 -5.43
CA SER M 179 -80.49 -6.54 -4.80
C SER M 179 -81.35 -5.48 -5.46
N VAL M 180 -82.56 -5.87 -5.87
CA VAL M 180 -83.43 -5.00 -6.64
C VAL M 180 -83.86 -3.75 -5.88
N THR M 181 -83.69 -3.72 -4.56
CA THR M 181 -84.10 -2.58 -3.77
C THR M 181 -83.24 -1.35 -4.10
N TYR M 182 -83.90 -0.19 -4.16
CA TYR M 182 -83.23 1.10 -4.40
C TYR M 182 -82.48 1.09 -5.73
N THR M 183 -83.10 0.51 -6.76
CA THR M 183 -82.54 0.52 -8.10
C THR M 183 -83.14 1.67 -8.89
N LYS M 184 -82.29 2.52 -9.44
CA LYS M 184 -82.74 3.71 -10.15
C LYS M 184 -83.25 3.36 -11.55
N LEU M 185 -84.35 3.99 -11.93
CA LEU M 185 -84.94 3.83 -13.26
C LEU M 185 -84.89 5.17 -13.97
N SER M 186 -83.98 5.28 -14.96
CA SER M 186 -83.84 6.54 -15.69
C SER M 186 -85.02 6.81 -16.60
N ASP M 187 -85.66 5.74 -17.12
CA ASP M 187 -86.78 5.92 -18.03
C ASP M 187 -87.96 6.60 -17.35
N VAL M 188 -88.23 6.24 -16.10
CA VAL M 188 -89.35 6.81 -15.37
C VAL M 188 -89.07 8.29 -15.10
N VAL M 189 -90.05 9.13 -15.41
CA VAL M 189 -89.90 10.57 -15.25
C VAL M 189 -90.68 11.13 -14.08
N ASP M 190 -91.86 10.57 -13.76
CA ASP M 190 -92.67 11.10 -12.68
C ASP M 190 -93.52 9.99 -12.08
N ILE M 191 -93.80 10.10 -10.80
CA ILE M 191 -94.71 9.21 -10.10
C ILE M 191 -95.66 10.05 -9.26
N PRO M 192 -96.88 9.59 -8.99
CA PRO M 192 -97.79 10.38 -8.15
C PRO M 192 -97.22 10.60 -6.76
N LYS M 193 -97.50 11.78 -6.20
CA LYS M 193 -97.03 12.10 -4.86
C LYS M 193 -97.70 11.18 -3.85
N MET M 194 -96.91 10.65 -2.92
CA MET M 194 -97.39 9.65 -1.99
C MET M 194 -96.48 9.65 -0.76
N THR M 195 -97.09 9.77 0.42
CA THR M 195 -96.35 10.04 1.65
C THR M 195 -95.45 8.87 2.03
N LYS M 196 -94.32 9.20 2.65
CA LYS M 196 -93.35 8.17 3.05
C LYS M 196 -93.96 7.21 4.07
N VAL M 197 -94.88 7.68 4.91
CA VAL M 197 -95.56 6.80 5.85
C VAL M 197 -96.39 5.78 5.09
N ASP M 198 -97.11 6.22 4.04
CA ASP M 198 -97.87 5.29 3.22
C ASP M 198 -96.96 4.29 2.51
N ALA M 199 -95.80 4.76 2.05
CA ALA M 199 -94.83 3.86 1.43
C ALA M 199 -94.35 2.81 2.42
N GLU M 200 -94.07 3.21 3.65
CA GLU M 200 -93.64 2.26 4.67
C GLU M 200 -94.74 1.25 4.98
N SER M 201 -95.99 1.72 5.07
CA SER M 201 -97.11 0.81 5.30
C SER M 201 -97.25 -0.19 4.16
N ARG M 202 -97.12 0.29 2.92
CA ARG M 202 -97.21 -0.61 1.77
C ARG M 202 -96.10 -1.64 1.77
N VAL M 203 -94.88 -1.22 2.14
CA VAL M 203 -93.77 -2.16 2.23
C VAL M 203 -94.04 -3.21 3.30
N ASN M 204 -94.54 -2.78 4.46
CA ASN M 204 -94.90 -3.74 5.50
C ASN M 204 -95.96 -4.71 5.01
N LYS M 205 -96.90 -4.24 4.19
CA LYS M 205 -97.84 -5.13 3.54
C LYS M 205 -97.17 -6.03 2.51
N GLY M 206 -95.94 -5.71 2.10
CA GLY M 206 -95.22 -6.48 1.11
C GLY M 206 -95.31 -5.96 -0.30
N GLU M 207 -96.19 -5.00 -0.56
CA GLU M 207 -96.36 -4.49 -1.91
C GLU M 207 -95.11 -3.72 -2.35
N LEU M 208 -94.63 -4.04 -3.54
CA LEU M 208 -93.48 -3.34 -4.13
C LEU M 208 -93.97 -2.08 -4.82
N ILE M 209 -93.32 -0.95 -4.54
CA ILE M 209 -93.73 0.34 -5.06
C ILE M 209 -92.50 1.15 -5.44
N LEU M 210 -92.73 2.24 -6.16
CA LEU M 210 -91.68 3.19 -6.50
C LEU M 210 -91.61 4.29 -5.46
N ILE M 211 -90.46 4.95 -5.40
CA ILE M 211 -90.24 6.05 -4.46
C ILE M 211 -89.21 7.00 -5.05
N LYS M 212 -89.33 8.27 -4.69
CA LYS M 212 -88.41 9.31 -5.15
C LYS M 212 -87.33 9.49 -4.08
N GLU M 213 -86.13 8.98 -4.36
CA GLU M 213 -85.03 9.07 -3.41
C GLU M 213 -83.73 9.22 -4.18
N ALA M 214 -82.76 9.87 -3.53
CA ALA M 214 -81.44 10.14 -4.13
C ALA M 214 -81.58 10.88 -5.46
N GLY M 215 -82.54 11.81 -5.52
CA GLY M 215 -82.76 12.57 -6.73
C GLY M 215 -83.19 11.74 -7.92
N ALA M 216 -83.93 10.66 -7.68
CA ALA M 216 -84.39 9.79 -8.75
C ALA M 216 -85.54 8.93 -8.24
N ILE M 217 -86.23 8.29 -9.16
CA ILE M 217 -87.30 7.37 -8.85
C ILE M 217 -86.72 5.95 -8.80
N ARG M 218 -86.82 5.30 -7.65
CA ARG M 218 -86.20 4.01 -7.42
C ARG M 218 -87.21 3.06 -6.79
N ILE M 219 -86.86 1.77 -6.79
CA ILE M 219 -87.67 0.76 -6.14
C ILE M 219 -87.62 0.97 -4.63
N ALA M 220 -88.79 1.00 -4.00
CA ALA M 220 -88.84 1.19 -2.55
C ALA M 220 -88.15 0.04 -1.83
N ARG M 221 -88.70 -1.17 -1.97
CA ARG M 221 -88.13 -2.36 -1.34
C ARG M 221 -88.33 -3.55 -2.27
N GLY M 222 -87.53 -4.59 -2.04
CA GLY M 222 -87.62 -5.81 -2.83
C GLY M 222 -88.40 -6.91 -2.16
N VAL M 223 -89.25 -6.54 -1.19
CA VAL M 223 -90.00 -7.53 -0.43
C VAL M 223 -90.98 -8.26 -1.35
N ASN M 224 -91.31 -9.49 -0.97
CA ASN M 224 -92.24 -10.30 -1.75
C ASN M 224 -93.68 -9.83 -1.52
N SER M 225 -94.57 -10.30 -2.41
CA SER M 225 -95.98 -9.95 -2.31
C SER M 225 -96.66 -10.60 -1.11
N LEU M 226 -96.04 -11.62 -0.52
CA LEU M 226 -96.66 -12.35 0.58
C LEU M 226 -96.77 -11.44 1.80
N THR M 227 -98.01 -11.13 2.19
CA THR M 227 -98.23 -10.19 3.28
C THR M 227 -97.88 -10.82 4.64
N GLU M 228 -98.33 -12.05 4.88
CA GLU M 228 -98.16 -12.71 6.15
C GLU M 228 -97.23 -13.90 6.01
N LEU M 229 -96.18 -13.93 6.82
CA LEU M 229 -95.20 -15.01 6.82
C LEU M 229 -95.35 -15.80 8.11
N THR M 230 -95.43 -17.11 7.99
CA THR M 230 -95.61 -17.96 9.16
C THR M 230 -94.32 -17.99 9.99
N ALA M 231 -94.40 -18.67 11.13
CA ALA M 231 -93.24 -18.77 12.02
C ALA M 231 -92.09 -19.52 11.33
N GLU M 232 -92.41 -20.56 10.55
CA GLU M 232 -91.37 -21.31 9.87
C GLU M 232 -90.78 -20.51 8.71
N LYS M 233 -91.63 -19.83 7.93
CA LYS M 233 -91.14 -19.14 6.74
C LYS M 233 -90.17 -18.03 7.11
N GLY M 234 -90.50 -17.24 8.12
CA GLY M 234 -89.59 -16.26 8.66
C GLY M 234 -89.46 -15.01 7.82
N GLU M 235 -88.62 -14.08 8.30
CA GLU M 235 -88.44 -12.80 7.64
C GLU M 235 -87.54 -12.90 6.41
N MET M 236 -86.57 -13.82 6.42
CA MET M 236 -85.65 -13.92 5.28
C MET M 236 -86.36 -14.37 4.01
N PHE M 237 -87.52 -15.03 4.15
CA PHE M 237 -88.27 -15.44 2.96
C PHE M 237 -89.08 -14.30 2.37
N GLN M 238 -89.24 -13.19 3.10
CA GLN M 238 -89.96 -12.04 2.56
C GLN M 238 -89.20 -11.36 1.42
N LYS M 239 -87.92 -11.63 1.28
CA LYS M 239 -87.12 -11.05 0.20
C LYS M 239 -87.10 -12.01 -0.99
N ILE M 240 -87.45 -11.48 -2.16
CA ILE M 240 -87.46 -12.30 -3.37
C ILE M 240 -86.04 -12.74 -3.72
N LYS M 241 -85.05 -11.91 -3.41
CA LYS M 241 -83.66 -12.27 -3.69
C LYS M 241 -83.25 -13.52 -2.92
N ILE M 242 -83.63 -13.61 -1.65
CA ILE M 242 -83.26 -14.76 -0.83
C ILE M 242 -83.93 -16.04 -1.34
N VAL M 243 -85.22 -15.95 -1.69
CA VAL M 243 -85.94 -17.14 -2.15
C VAL M 243 -85.52 -17.53 -3.56
N ASP M 244 -84.99 -16.60 -4.34
CA ASP M 244 -84.59 -16.93 -5.71
C ASP M 244 -83.46 -17.94 -5.73
N THR M 245 -82.44 -17.74 -4.90
CA THR M 245 -81.33 -18.69 -4.87
C THR M 245 -81.76 -20.03 -4.29
N LEU M 246 -82.67 -20.03 -3.32
CA LEU M 246 -83.20 -21.29 -2.82
C LEU M 246 -83.94 -22.05 -3.91
N ASP M 247 -84.76 -21.35 -4.70
CA ASP M 247 -85.46 -22.00 -5.81
C ASP M 247 -84.48 -22.54 -6.84
N ILE M 248 -83.43 -21.77 -7.15
CA ILE M 248 -82.45 -22.22 -8.12
C ILE M 248 -81.73 -23.47 -7.62
N ILE M 249 -81.36 -23.48 -6.34
CA ILE M 249 -80.67 -24.63 -5.75
C ILE M 249 -81.58 -25.85 -5.78
N HIS M 250 -82.86 -25.67 -5.42
CA HIS M 250 -83.80 -26.79 -5.44
C HIS M 250 -83.97 -27.33 -6.85
N SER M 251 -84.09 -26.45 -7.85
CA SER M 251 -84.24 -26.90 -9.22
C SER M 251 -83.01 -27.65 -9.70
N ASP M 252 -81.82 -27.15 -9.38
CA ASP M 252 -80.59 -27.84 -9.79
C ASP M 252 -80.47 -29.21 -9.13
N ILE M 253 -80.79 -29.28 -7.83
CA ILE M 253 -80.72 -30.56 -7.13
C ILE M 253 -81.71 -31.55 -7.71
N ARG M 254 -82.93 -31.10 -7.97
CA ARG M 254 -83.94 -31.99 -8.56
C ARG M 254 -83.49 -32.47 -9.93
N LYS M 255 -82.95 -31.56 -10.76
CA LYS M 255 -82.52 -31.93 -12.10
C LYS M 255 -81.41 -32.98 -12.04
N VAL M 256 -80.38 -32.74 -11.22
CA VAL M 256 -79.25 -33.66 -11.17
C VAL M 256 -79.68 -35.00 -10.59
N ILE M 257 -80.57 -34.98 -9.59
CA ILE M 257 -81.04 -36.23 -8.98
C ILE M 257 -81.82 -37.06 -10.00
N ILE M 258 -82.72 -36.40 -10.73
CA ILE M 258 -83.49 -37.11 -11.76
C ILE M 258 -82.57 -37.65 -12.85
N ASP M 259 -81.59 -36.85 -13.26
CA ASP M 259 -80.70 -37.28 -14.35
C ASP M 259 -79.85 -38.48 -13.93
N ASP M 260 -79.35 -38.49 -12.70
CA ASP M 260 -78.33 -39.46 -12.31
C ASP M 260 -78.86 -40.65 -11.53
N TYR M 261 -79.63 -40.41 -10.48
CA TYR M 261 -79.80 -41.44 -9.45
C TYR M 261 -80.98 -42.38 -9.69
N ILE M 262 -82.15 -41.86 -10.09
CA ILE M 262 -83.31 -42.73 -10.25
C ILE M 262 -83.09 -43.71 -11.38
N GLY M 263 -83.23 -45.00 -11.08
CA GLY M 263 -83.15 -46.03 -12.09
C GLY M 263 -81.74 -46.49 -12.43
N LYS M 264 -80.85 -45.52 -12.70
CA LYS M 264 -79.54 -45.86 -13.25
C LYS M 264 -78.70 -46.69 -12.28
N VAL M 265 -78.72 -46.33 -10.99
CA VAL M 265 -77.86 -46.95 -10.00
C VAL M 265 -78.72 -47.64 -8.95
N THR M 266 -78.05 -48.27 -7.98
CA THR M 266 -78.67 -49.12 -6.98
C THR M 266 -78.29 -48.67 -5.57
N ASN M 267 -79.21 -48.83 -4.63
CA ASN M 267 -78.94 -48.42 -3.25
C ASN M 267 -77.77 -49.22 -2.68
N SER M 268 -76.97 -48.54 -1.86
CA SER M 268 -75.89 -49.14 -1.10
C SER M 268 -75.40 -48.12 -0.09
N TYR M 269 -74.94 -48.61 1.06
CA TYR M 269 -74.36 -47.71 2.05
C TYR M 269 -73.18 -46.95 1.45
N ASP M 270 -72.36 -47.64 0.67
CA ASP M 270 -71.31 -46.96 -0.09
C ASP M 270 -71.91 -45.98 -1.10
N ASN M 271 -73.01 -46.38 -1.75
CA ASN M 271 -73.69 -45.45 -2.66
C ASN M 271 -74.32 -44.30 -1.89
N LYS M 272 -74.80 -44.56 -0.68
CA LYS M 272 -75.26 -43.46 0.17
C LYS M 272 -74.15 -42.47 0.45
N CYS M 273 -72.96 -42.97 0.77
CA CYS M 273 -71.81 -42.10 1.01
C CYS M 273 -71.44 -41.33 -0.25
N LEU M 274 -71.48 -41.99 -1.41
CA LEU M 274 -71.17 -41.31 -2.65
C LEU M 274 -72.17 -40.20 -2.95
N LEU M 275 -73.45 -40.45 -2.71
CA LEU M 275 -74.47 -39.42 -2.88
C LEU M 275 -74.22 -38.25 -1.92
N ILE M 276 -73.86 -38.56 -0.68
CA ILE M 276 -73.55 -37.50 0.28
C ILE M 276 -72.37 -36.67 -0.20
N VAL M 277 -71.34 -37.32 -0.73
CA VAL M 277 -70.17 -36.61 -1.23
C VAL M 277 -70.54 -35.74 -2.43
N ALA M 278 -71.41 -36.26 -3.30
CA ALA M 278 -71.84 -35.48 -4.45
C ALA M 278 -72.61 -34.23 -4.03
N ILE M 279 -73.51 -34.37 -3.05
CA ILE M 279 -74.24 -33.21 -2.55
C ILE M 279 -73.30 -32.22 -1.87
N LYS M 280 -72.29 -32.75 -1.16
CA LYS M 280 -71.30 -31.88 -0.54
C LYS M 280 -70.51 -31.11 -1.60
N SER M 281 -70.16 -31.77 -2.71
CA SER M 281 -69.48 -31.09 -3.80
C SER M 281 -70.37 -30.01 -4.42
N TYR M 282 -71.67 -30.30 -4.55
CA TYR M 282 -72.60 -29.29 -5.05
C TYR M 282 -72.67 -28.09 -4.11
N LEU M 283 -72.69 -28.35 -2.80
CA LEU M 283 -72.69 -27.25 -1.83
C LEU M 283 -71.38 -26.45 -1.90
N GLU M 284 -70.26 -27.15 -2.13
CA GLU M 284 -68.99 -26.46 -2.30
C GLU M 284 -69.00 -25.58 -3.54
N GLU M 285 -69.62 -26.06 -4.62
CA GLU M 285 -69.78 -25.24 -5.81
C GLU M 285 -70.62 -24.00 -5.51
N LEU M 286 -71.70 -24.18 -4.76
CA LEU M 286 -72.52 -23.03 -4.36
C LEU M 286 -71.72 -22.03 -3.54
N GLU M 287 -70.89 -22.53 -2.61
CA GLU M 287 -70.06 -21.65 -1.80
C GLU M 287 -69.06 -20.90 -2.67
N LYS M 288 -68.45 -21.58 -3.64
CA LYS M 288 -67.54 -20.92 -4.56
C LYS M 288 -68.27 -19.87 -5.39
N SER M 289 -69.56 -20.10 -5.67
CA SER M 289 -70.37 -19.08 -6.33
C SER M 289 -70.61 -17.87 -5.43
N ALA M 290 -70.33 -17.98 -4.13
CA ALA M 290 -70.45 -16.93 -3.14
C ALA M 290 -71.87 -16.44 -2.95
N LEU M 291 -72.86 -17.13 -3.53
CA LEU M 291 -74.25 -16.74 -3.33
C LEU M 291 -74.73 -17.04 -1.91
N ILE M 292 -74.24 -18.12 -1.33
CA ILE M 292 -74.60 -18.50 0.04
C ILE M 292 -73.32 -18.84 0.80
N GLU M 293 -73.37 -18.65 2.12
CA GLU M 293 -72.22 -18.94 2.95
C GLU M 293 -71.98 -20.44 3.05
N SER M 294 -73.04 -21.20 3.33
CA SER M 294 -73.01 -22.67 3.32
C SER M 294 -71.94 -23.23 4.26
N ASP M 295 -72.11 -22.95 5.56
CA ASP M 295 -71.15 -23.45 6.54
C ASP M 295 -71.34 -24.95 6.80
N SER M 296 -72.59 -25.39 6.90
CA SER M 296 -72.87 -26.76 7.33
C SER M 296 -72.91 -27.71 6.14
N THR M 297 -73.11 -28.99 6.43
CA THR M 297 -73.07 -30.04 5.42
C THR M 297 -74.32 -30.92 5.44
N VAL M 298 -74.28 -32.02 4.70
CA VAL M 298 -75.39 -32.95 4.57
C VAL M 298 -75.00 -34.27 5.21
N GLU M 299 -76.00 -34.95 5.79
CA GLU M 299 -75.78 -36.23 6.44
C GLU M 299 -77.06 -37.05 6.38
N ILE M 300 -77.03 -38.22 7.01
CA ILE M 300 -78.17 -39.12 7.01
C ILE M 300 -79.17 -38.67 8.07
N ASP M 301 -80.44 -38.61 7.70
CA ASP M 301 -81.50 -38.27 8.65
C ASP M 301 -81.79 -39.50 9.52
N PHE M 302 -81.31 -39.47 10.76
CA PHE M 302 -81.49 -40.62 11.64
C PHE M 302 -82.95 -40.83 12.00
N GLU M 303 -83.70 -39.74 12.19
CA GLU M 303 -85.12 -39.87 12.51
C GLU M 303 -85.90 -40.52 11.37
N ALA M 304 -85.59 -40.15 10.13
CA ALA M 304 -86.25 -40.76 8.98
C ALA M 304 -85.92 -42.25 8.89
N GLN M 305 -84.66 -42.61 9.15
CA GLN M 305 -84.28 -44.02 9.15
C GLN M 305 -85.02 -44.79 10.25
N LYS M 306 -85.12 -44.19 11.44
CA LYS M 306 -85.86 -44.84 12.52
C LYS M 306 -87.33 -45.02 12.15
N SER M 307 -87.93 -44.02 11.51
CA SER M 307 -89.31 -44.15 11.06
C SER M 307 -89.45 -45.26 10.02
N TYR M 308 -88.48 -45.37 9.10
CA TYR M 308 -88.53 -46.43 8.10
C TYR M 308 -88.43 -47.81 8.75
N LEU M 309 -87.52 -47.96 9.71
CA LEU M 309 -87.41 -49.23 10.42
C LEU M 309 -88.68 -49.55 11.20
N LYS M 310 -89.30 -48.53 11.80
CA LYS M 310 -90.58 -48.75 12.48
C LYS M 310 -91.66 -49.21 11.50
N SER M 311 -91.68 -48.60 10.31
CA SER M 311 -92.61 -49.03 9.27
C SER M 311 -92.34 -50.48 8.87
N LYS M 312 -91.07 -50.85 8.79
CA LYS M 312 -90.71 -52.25 8.51
C LYS M 312 -91.15 -53.19 9.62
N GLY M 313 -91.42 -52.67 10.81
CA GLY M 313 -91.82 -53.50 11.93
C GLY M 313 -90.69 -54.15 12.68
N VAL M 314 -89.44 -53.86 12.33
CA VAL M 314 -88.30 -54.45 13.01
C VAL M 314 -88.14 -53.83 14.39
N ASP M 315 -87.99 -54.67 15.40
CA ASP M 315 -87.75 -54.18 16.76
C ASP M 315 -86.45 -53.38 16.80
N LEU M 316 -86.50 -52.22 17.45
CA LEU M 316 -85.35 -51.32 17.52
C LEU M 316 -84.28 -51.81 18.50
N SER M 317 -84.64 -52.66 19.45
CA SER M 317 -83.71 -53.05 20.50
C SER M 317 -82.56 -53.90 19.96
N TYR M 318 -81.40 -53.76 20.60
CA TYR M 318 -80.25 -54.64 20.41
C TYR M 318 -79.63 -54.51 19.01
N MET M 319 -79.38 -53.27 18.58
CA MET M 319 -78.50 -53.01 17.46
C MET M 319 -77.57 -51.85 17.81
N THR M 320 -76.41 -51.84 17.18
CA THR M 320 -75.49 -50.71 17.31
C THR M 320 -76.04 -49.51 16.55
N LEU M 321 -75.71 -48.32 17.05
CA LEU M 321 -76.15 -47.10 16.38
C LEU M 321 -75.60 -47.01 14.96
N GLN M 322 -74.35 -47.38 14.77
CA GLN M 322 -73.78 -47.43 13.43
C GLN M 322 -74.50 -48.46 12.57
N GLU M 323 -74.83 -49.61 13.15
CA GLU M 323 -75.58 -50.63 12.42
C GLU M 323 -76.95 -50.10 11.98
N ILE M 324 -77.64 -49.39 12.88
CA ILE M 324 -78.92 -48.80 12.52
C ILE M 324 -78.75 -47.77 11.41
N LYS M 325 -77.68 -46.99 11.48
CA LYS M 325 -77.41 -46.00 10.43
C LYS M 325 -77.17 -46.66 9.09
N GLU M 326 -76.43 -47.76 9.06
CA GLU M 326 -76.08 -48.45 7.83
C GLU M 326 -77.08 -49.52 7.44
N ALA M 327 -78.18 -49.65 8.18
CA ALA M 327 -79.17 -50.67 7.87
C ALA M 327 -79.83 -50.38 6.52
N ASN M 328 -80.34 -51.45 5.90
CA ASN M 328 -80.96 -51.31 4.59
C ASN M 328 -82.20 -50.42 4.65
N THR M 329 -82.32 -49.53 3.67
CA THR M 329 -83.47 -48.64 3.55
C THR M 329 -84.35 -49.00 2.37
N GLY M 330 -84.13 -50.15 1.74
CA GLY M 330 -84.89 -50.51 0.56
C GLY M 330 -84.64 -49.54 -0.57
N SER M 331 -85.66 -49.35 -1.40
CA SER M 331 -85.58 -48.34 -2.45
C SER M 331 -85.65 -46.93 -1.88
N LYS M 332 -86.16 -46.78 -0.65
CA LYS M 332 -86.28 -45.46 -0.04
C LYS M 332 -84.90 -44.89 0.28
N VAL M 333 -84.79 -43.57 0.15
CA VAL M 333 -83.56 -42.84 0.44
C VAL M 333 -83.90 -41.69 1.38
N PHE M 334 -83.14 -41.57 2.47
CA PHE M 334 -83.37 -40.53 3.47
C PHE M 334 -82.08 -39.77 3.71
N LEU M 335 -82.18 -38.45 3.83
CA LEU M 335 -81.03 -37.58 4.02
C LEU M 335 -81.43 -36.36 4.84
N LYS M 336 -80.43 -35.74 5.47
CA LYS M 336 -80.64 -34.54 6.28
C LYS M 336 -79.57 -33.52 5.94
N ALA M 337 -79.99 -32.27 5.70
CA ALA M 337 -79.07 -31.21 5.30
C ALA M 337 -79.38 -29.94 6.07
N LYS M 338 -78.45 -29.00 6.00
CA LYS M 338 -78.60 -27.68 6.60
C LYS M 338 -77.69 -26.70 5.87
N ILE M 339 -78.23 -25.54 5.54
CA ILE M 339 -77.54 -24.58 4.70
C ILE M 339 -77.60 -23.20 5.34
N LYS M 340 -76.64 -22.35 4.98
CA LYS M 340 -76.61 -20.95 5.39
C LYS M 340 -76.61 -20.08 4.14
N VAL M 341 -77.53 -19.11 4.09
CA VAL M 341 -77.74 -18.28 2.91
C VAL M 341 -77.21 -16.89 3.19
N LEU M 342 -76.36 -16.39 2.30
CA LEU M 342 -75.87 -15.03 2.42
C LEU M 342 -76.98 -14.03 2.14
N ASP M 343 -76.86 -12.84 2.74
CA ASP M 343 -77.88 -11.81 2.66
C ASP M 343 -77.33 -10.57 1.97
N ALA M 344 -78.22 -9.83 1.33
CA ALA M 344 -77.85 -8.57 0.69
C ALA M 344 -77.61 -7.48 1.73
N MET M 345 -76.98 -6.40 1.30
CA MET M 345 -76.67 -5.26 2.15
C MET M 345 -77.79 -4.24 2.00
N GLU M 346 -78.56 -4.02 3.06
CA GLU M 346 -79.72 -3.17 2.97
C GLU M 346 -79.81 -2.16 4.12
N ASP M 347 -79.18 -2.47 5.25
CA ASP M 347 -79.31 -1.65 6.45
C ASP M 347 -77.93 -1.39 7.03
N ILE M 348 -77.29 -0.31 6.61
CA ILE M 348 -75.98 0.07 7.11
C ILE M 348 -76.19 0.98 8.32
N ASP M 349 -75.60 0.60 9.45
CA ASP M 349 -75.64 1.39 10.67
C ASP M 349 -74.22 1.72 11.09
N LEU M 350 -74.01 2.94 11.55
CA LEU M 350 -72.68 3.42 11.89
C LEU M 350 -72.77 4.41 13.03
N SER M 351 -71.66 4.60 13.74
CA SER M 351 -71.54 5.61 14.76
C SER M 351 -70.12 6.17 14.74
N ILE M 352 -70.02 7.50 14.88
CA ILE M 352 -68.74 8.18 14.91
C ILE M 352 -68.46 8.62 16.34
N GLU M 353 -67.19 8.84 16.66
CA GLU M 353 -66.76 9.25 17.98
C GLU M 353 -65.83 10.44 17.88
N ILE M 354 -66.33 11.63 18.26
CA ILE M 354 -65.53 12.84 18.20
C ILE M 354 -64.55 12.88 19.38
N MET N 1 -54.41 85.89 14.74
CA MET N 1 -53.33 86.83 14.51
C MET N 1 -51.99 86.21 14.91
N TYR N 2 -51.03 86.21 13.98
CA TYR N 2 -49.73 85.59 14.26
C TYR N 2 -48.98 86.35 15.35
N SER N 3 -49.05 87.69 15.33
CA SER N 3 -48.34 88.48 16.34
C SER N 3 -49.01 88.40 17.70
N ASP N 4 -50.34 88.22 17.73
CA ASP N 4 -51.04 88.12 19.01
C ASP N 4 -50.58 86.91 19.81
N GLN N 5 -50.39 85.78 19.14
CA GLN N 5 -49.89 84.57 19.80
C GLN N 5 -48.38 84.66 19.95
N THR N 6 -47.90 84.55 21.18
CA THR N 6 -46.48 84.61 21.47
C THR N 6 -46.07 83.39 22.27
N TYR N 7 -44.76 83.23 22.45
CA TYR N 7 -44.18 82.01 23.00
C TYR N 7 -44.78 81.66 24.36
N GLU N 8 -44.58 82.54 25.35
CA GLU N 8 -44.99 82.22 26.71
C GLU N 8 -46.51 82.18 26.86
N VAL N 9 -47.24 83.02 26.12
CA VAL N 9 -48.69 83.04 26.25
C VAL N 9 -49.29 81.72 25.78
N ILE N 10 -48.86 81.25 24.61
CA ILE N 10 -49.39 79.97 24.11
C ILE N 10 -48.87 78.81 24.94
N LYS N 11 -47.66 78.92 25.49
CA LYS N 11 -47.17 77.90 26.42
C LYS N 11 -48.09 77.77 27.62
N ASN N 12 -48.42 78.90 28.25
CA ASN N 12 -49.29 78.89 29.41
C ASN N 12 -50.68 78.42 29.05
N ARG N 13 -51.18 78.81 27.87
CA ARG N 13 -52.50 78.37 27.43
C ARG N 13 -52.53 76.86 27.24
N THR N 14 -51.49 76.28 26.62
CA THR N 14 -51.44 74.84 26.45
C THR N 14 -51.35 74.14 27.80
N LEU N 15 -50.59 74.69 28.73
CA LEU N 15 -50.51 74.08 30.06
C LEU N 15 -51.85 74.14 30.78
N GLU N 16 -52.57 75.26 30.65
CA GLU N 16 -53.81 75.47 31.40
C GLU N 16 -54.98 74.68 30.80
N ASN N 17 -55.02 74.54 29.48
CA ASN N 17 -56.19 73.95 28.83
C ASN N 17 -56.45 72.53 29.28
N ILE N 18 -55.40 71.77 29.59
CA ILE N 18 -55.54 70.41 30.09
C ILE N 18 -55.53 70.45 31.60
N ASN N 19 -56.57 69.86 32.22
CA ASN N 19 -56.65 69.77 33.67
C ASN N 19 -55.88 68.54 34.12
N LEU N 20 -54.86 68.75 34.96
CA LEU N 20 -54.00 67.68 35.43
C LEU N 20 -54.10 67.57 36.94
N ASP N 21 -54.25 66.35 37.44
CA ASP N 21 -54.03 66.09 38.85
C ASP N 21 -52.55 66.18 39.22
N ILE N 22 -51.68 66.27 38.23
CA ILE N 22 -50.24 66.36 38.44
C ILE N 22 -49.85 67.82 38.62
N TYR N 23 -49.08 68.11 39.67
CA TYR N 23 -48.56 69.45 39.85
C TYR N 23 -47.58 69.81 38.74
N LYS N 24 -47.67 71.03 38.24
CA LYS N 24 -46.81 71.50 37.16
C LYS N 24 -45.71 72.37 37.77
N GLY N 25 -44.45 72.01 37.48
CA GLY N 25 -43.32 72.74 37.99
C GLY N 25 -42.30 73.00 36.91
N GLU N 26 -41.40 73.93 37.20
CA GLU N 26 -40.33 74.26 36.26
C GLU N 26 -39.37 73.09 36.10
N GLY N 27 -38.94 72.86 34.87
CA GLY N 27 -38.05 71.77 34.56
C GLY N 27 -38.68 70.40 34.53
N SER N 28 -39.99 70.30 34.71
CA SER N 28 -40.67 69.01 34.69
C SER N 28 -40.68 68.43 33.29
N PHE N 29 -40.75 67.09 33.22
CA PHE N 29 -40.79 66.42 31.93
C PHE N 29 -41.99 66.87 31.11
N LEU N 30 -43.16 66.99 31.75
CA LEU N 30 -44.30 67.58 31.07
C LEU N 30 -44.03 69.02 30.68
N ASN N 31 -43.41 69.78 31.59
CA ASN N 31 -43.04 71.16 31.26
C ASN N 31 -42.02 71.20 30.13
N ASN N 32 -41.06 70.28 30.13
CA ASN N 32 -40.07 70.26 29.07
C ASN N 32 -40.68 69.95 27.71
N MET N 33 -41.61 68.99 27.66
CA MET N 33 -42.22 68.67 26.37
C MET N 33 -43.16 69.77 25.91
N VAL N 34 -43.88 70.41 26.84
CA VAL N 34 -44.68 71.57 26.49
C VAL N 34 -43.78 72.68 25.96
N SER N 35 -42.60 72.85 26.55
CA SER N 35 -41.66 73.87 26.09
C SER N 35 -41.17 73.57 24.68
N GLY N 36 -40.88 72.29 24.39
CA GLY N 36 -40.45 71.94 23.04
C GLY N 36 -41.54 72.17 22.01
N ASN N 37 -42.76 71.73 22.32
CA ASN N 37 -43.88 71.97 21.42
C ASN N 37 -44.14 73.45 21.22
N ASN N 38 -44.01 74.23 22.30
CA ASN N 38 -44.17 75.68 22.22
C ASN N 38 -43.08 76.31 21.37
N LEU N 39 -41.85 75.80 21.46
CA LEU N 39 -40.77 76.30 20.63
C LEU N 39 -41.07 76.05 19.16
N GLU N 40 -41.52 74.84 18.83
CA GLU N 40 -41.87 74.55 17.45
C GLU N 40 -43.02 75.41 16.96
N LEU N 41 -44.04 75.60 17.81
CA LEU N 41 -45.19 76.41 17.43
C LEU N 41 -44.80 77.88 17.26
N SER N 42 -43.89 78.38 18.10
CA SER N 42 -43.40 79.74 17.94
C SER N 42 -42.59 79.89 16.67
N LYS N 43 -41.83 78.85 16.30
CA LYS N 43 -41.15 78.87 15.01
C LYS N 43 -42.15 78.94 13.87
N ILE N 44 -43.25 78.18 13.97
CA ILE N 44 -44.28 78.22 12.95
C ILE N 44 -44.91 79.61 12.87
N TYR N 45 -45.20 80.20 14.03
CA TYR N 45 -45.81 81.54 14.04
C TYR N 45 -44.87 82.59 13.48
N LEU N 46 -43.58 82.49 13.79
CA LEU N 46 -42.60 83.41 13.21
C LEU N 46 -42.52 83.24 11.70
N GLU N 47 -42.57 81.99 11.22
CA GLU N 47 -42.59 81.75 9.79
C GLU N 47 -43.83 82.34 9.14
N LEU N 48 -44.98 82.22 9.80
CA LEU N 48 -46.21 82.83 9.28
C LEU N 48 -46.10 84.35 9.22
N SER N 49 -45.52 84.95 10.26
CA SER N 49 -45.29 86.39 10.25
C SER N 49 -44.37 86.79 9.10
N LYS N 50 -43.31 86.01 8.88
CA LYS N 50 -42.40 86.28 7.77
C LYS N 50 -43.12 86.15 6.43
N MET N 51 -44.01 85.17 6.31
CA MET N 51 -44.78 85.01 5.07
C MET N 51 -45.70 86.20 4.85
N HIS N 52 -46.33 86.70 5.91
CA HIS N 52 -47.14 87.91 5.79
C HIS N 52 -46.30 89.10 5.34
N LYS N 53 -45.09 89.23 5.93
CA LYS N 53 -44.18 90.29 5.51
C LYS N 53 -43.82 90.15 4.04
N MET N 54 -43.54 88.92 3.59
CA MET N 54 -43.23 88.69 2.18
C MET N 54 -44.40 89.08 1.29
N ALA N 55 -45.62 88.75 1.73
CA ALA N 55 -46.81 89.11 0.97
C ALA N 55 -46.93 90.63 0.84
N PHE N 56 -46.66 91.36 1.92
CA PHE N 56 -46.67 92.82 1.82
C PHE N 56 -45.31 93.41 1.48
N ILE N 57 -44.25 92.60 1.49
CA ILE N 57 -42.91 92.93 0.97
C ILE N 57 -42.45 94.33 1.43
N GLN N 58 -42.89 94.74 2.62
CA GLN N 58 -42.65 96.11 3.07
C GLN N 58 -41.17 96.40 3.23
N ASP N 59 -40.40 95.45 3.77
CA ASP N 59 -39.01 95.72 4.08
C ASP N 59 -38.04 94.88 3.23
N THR N 60 -38.17 93.56 3.29
CA THR N 60 -37.25 92.68 2.60
C THR N 60 -37.52 92.69 1.09
N TYR N 61 -36.44 92.60 0.32
CA TYR N 61 -36.53 92.55 -1.13
C TYR N 61 -36.66 91.10 -1.58
N ASN N 62 -37.62 90.82 -2.45
CA ASN N 62 -37.84 89.48 -2.95
C ASN N 62 -38.52 89.57 -4.31
N GLN N 63 -38.70 88.40 -4.93
CA GLN N 63 -39.33 88.33 -6.24
C GLN N 63 -40.79 88.76 -6.21
N PHE N 64 -41.44 88.73 -5.04
CA PHE N 64 -42.81 89.18 -4.94
C PHE N 64 -42.93 90.66 -5.30
N LEU N 65 -42.00 91.49 -4.81
CA LEU N 65 -42.03 92.91 -5.13
C LEU N 65 -41.84 93.14 -6.63
N ASP N 66 -40.87 92.45 -7.23
CA ASP N 66 -40.62 92.63 -8.66
C ASP N 66 -41.82 92.19 -9.49
N LYS N 67 -42.43 91.06 -9.13
CA LYS N 67 -43.59 90.59 -9.87
C LYS N 67 -44.78 91.54 -9.71
N ARG N 68 -44.98 92.07 -8.50
CA ARG N 68 -46.07 93.02 -8.30
C ARG N 68 -45.84 94.31 -9.09
N VAL N 69 -44.59 94.77 -9.13
CA VAL N 69 -44.26 95.95 -9.93
C VAL N 69 -44.52 95.67 -11.41
N ASN N 70 -44.19 94.46 -11.88
CA ASN N 70 -44.50 94.09 -13.25
C ASN N 70 -46.01 94.07 -13.49
N GLU N 71 -46.78 93.65 -12.48
CA GLU N 71 -48.23 93.75 -12.57
C GLU N 71 -48.67 95.20 -12.76
N PHE N 72 -48.04 96.11 -12.00
CA PHE N 72 -48.36 97.53 -12.14
C PHE N 72 -47.83 98.14 -13.43
N GLY N 73 -47.04 97.40 -14.20
CA GLY N 73 -46.61 97.84 -15.51
C GLY N 73 -45.18 98.36 -15.59
N VAL N 74 -44.53 98.62 -14.46
CA VAL N 74 -43.16 99.09 -14.48
C VAL N 74 -42.23 97.91 -14.68
N TYR N 75 -41.22 98.08 -15.55
CA TYR N 75 -40.34 97.02 -15.97
C TYR N 75 -38.91 97.33 -15.52
N ARG N 76 -38.19 96.30 -15.09
CA ARG N 76 -36.82 96.46 -14.63
C ARG N 76 -35.90 96.63 -15.83
N LYS N 77 -35.35 97.83 -15.99
CA LYS N 77 -34.47 98.15 -17.11
C LYS N 77 -33.09 97.57 -16.82
N LEU N 78 -32.77 96.45 -17.48
CA LEU N 78 -31.50 95.79 -17.22
C LEU N 78 -30.31 96.68 -17.59
N GLY N 79 -30.38 97.35 -18.72
CA GLY N 79 -29.34 98.25 -19.16
C GLY N 79 -28.84 97.91 -20.54
N THR N 80 -27.80 98.65 -20.96
CA THR N 80 -27.19 98.48 -22.27
C THR N 80 -25.70 98.28 -22.13
N GLU N 81 -25.12 97.60 -23.11
CA GLU N 81 -23.69 97.32 -23.12
C GLU N 81 -22.93 98.48 -23.76
N SER N 82 -21.70 98.68 -23.29
CA SER N 82 -20.86 99.76 -23.82
C SER N 82 -20.43 99.44 -25.24
N ASN N 83 -20.33 100.49 -26.06
CA ASN N 83 -19.95 100.36 -27.46
C ASN N 83 -18.78 101.29 -27.75
N GLY N 84 -17.88 100.83 -28.63
CA GLY N 84 -16.72 101.62 -29.00
C GLY N 84 -16.01 101.00 -30.18
N GLU N 85 -14.94 101.65 -30.61
CA GLU N 85 -14.13 101.19 -31.72
C GLU N 85 -12.67 101.15 -31.31
N VAL N 86 -11.97 100.09 -31.70
CA VAL N 86 -10.57 99.90 -31.37
C VAL N 86 -9.76 99.84 -32.65
N GLU N 87 -8.46 100.09 -32.53
CA GLU N 87 -7.52 100.06 -33.64
C GLU N 87 -6.60 98.86 -33.50
N PHE N 88 -6.48 98.07 -34.56
CA PHE N 88 -5.61 96.90 -34.58
C PHE N 88 -4.31 97.28 -35.28
N ILE N 89 -3.19 97.10 -34.59
CA ILE N 89 -1.87 97.46 -35.09
C ILE N 89 -1.03 96.19 -35.16
N GLY N 90 -0.44 95.94 -36.33
CA GLY N 90 0.39 94.75 -36.50
C GLY N 90 0.73 94.52 -37.95
N GLU N 91 1.01 93.24 -38.26
CA GLU N 91 1.39 92.87 -39.62
C GLU N 91 0.23 93.09 -40.58
N LYS N 92 0.54 93.66 -41.75
CA LYS N 92 -0.46 93.89 -42.77
C LYS N 92 -0.95 92.56 -43.36
N GLY N 93 -2.24 92.52 -43.68
CA GLY N 93 -2.85 91.34 -44.27
C GLY N 93 -3.55 90.43 -43.29
N THR N 94 -3.30 90.58 -41.99
CA THR N 94 -3.99 89.77 -41.00
C THR N 94 -5.46 90.16 -40.93
N VAL N 95 -6.33 89.14 -40.86
CA VAL N 95 -7.77 89.34 -40.88
C VAL N 95 -8.30 89.00 -39.48
N ILE N 96 -9.01 89.96 -38.88
CA ILE N 96 -9.63 89.78 -37.58
C ILE N 96 -11.12 89.59 -37.83
N ASN N 97 -11.58 88.34 -37.76
CA ASN N 97 -12.94 88.02 -38.13
C ASN N 97 -13.93 88.49 -37.05
N ASN N 98 -15.21 88.43 -37.40
CA ASN N 98 -16.26 88.80 -36.46
C ASN N 98 -16.29 87.82 -35.29
N GLY N 99 -16.66 88.34 -34.12
CA GLY N 99 -16.67 87.55 -32.91
C GLY N 99 -15.34 87.41 -32.22
N THR N 100 -14.32 88.14 -32.68
CA THR N 100 -13.01 88.08 -32.04
C THR N 100 -13.09 88.65 -30.62
N ILE N 101 -12.41 88.00 -29.69
CA ILE N 101 -12.50 88.33 -28.27
C ILE N 101 -11.25 89.09 -27.87
N ILE N 102 -11.45 90.26 -27.25
CA ILE N 102 -10.37 91.08 -26.71
C ILE N 102 -10.70 91.40 -25.26
N SER N 103 -9.69 91.32 -24.40
CA SER N 103 -9.87 91.51 -22.96
C SER N 103 -9.03 92.69 -22.49
N TYR N 104 -9.65 93.58 -21.72
CA TYR N 104 -8.95 94.67 -21.04
C TYR N 104 -9.13 94.46 -19.55
N ARG N 105 -8.04 94.10 -18.87
CA ARG N 105 -8.06 93.80 -17.43
C ARG N 105 -9.07 92.67 -17.23
N ASP N 106 -9.98 92.76 -16.25
CA ASP N 106 -10.99 91.74 -16.06
C ASP N 106 -12.11 91.83 -17.10
N LEU N 107 -12.38 93.02 -17.60
CA LEU N 107 -13.47 93.21 -18.55
C LEU N 107 -13.19 92.49 -19.86
N LEU N 108 -14.26 92.00 -20.49
CA LEU N 108 -14.17 91.24 -21.72
C LEU N 108 -14.94 91.96 -22.82
N PHE N 109 -14.37 91.98 -24.02
CA PHE N 109 -14.96 92.68 -25.16
C PHE N 109 -14.91 91.78 -26.39
N VAL N 110 -15.78 92.09 -27.35
CA VAL N 110 -15.92 91.31 -28.57
C VAL N 110 -15.88 92.25 -29.76
N VAL N 111 -15.18 91.83 -30.82
CA VAL N 111 -15.10 92.60 -32.06
C VAL N 111 -16.36 92.33 -32.87
N ILE N 112 -16.93 93.40 -33.44
CA ILE N 112 -18.21 93.32 -34.13
C ILE N 112 -18.03 93.22 -35.64
N LYS N 113 -17.03 93.92 -36.19
CA LYS N 113 -16.83 93.97 -37.64
C LYS N 113 -15.54 93.25 -38.02
N ASP N 114 -15.61 92.49 -39.11
CA ASP N 114 -14.44 91.80 -39.64
C ASP N 114 -13.47 92.82 -40.22
N VAL N 115 -12.34 93.02 -39.54
CA VAL N 115 -11.36 94.04 -39.92
C VAL N 115 -10.07 93.35 -40.32
N THR N 116 -9.47 93.83 -41.42
CA THR N 116 -8.19 93.35 -41.89
C THR N 116 -7.15 94.45 -41.71
N ILE N 117 -6.04 94.12 -41.05
CA ILE N 117 -5.00 95.10 -40.77
C ILE N 117 -4.31 95.46 -42.08
N GLY N 118 -4.21 96.77 -42.35
CA GLY N 118 -3.59 97.26 -43.55
C GLY N 118 -4.47 97.25 -44.79
N SER N 119 -5.73 96.87 -44.65
CA SER N 119 -6.64 96.85 -45.78
C SER N 119 -7.19 98.25 -46.04
N GLU N 120 -7.89 98.40 -47.17
CA GLU N 120 -8.47 99.68 -47.54
C GLU N 120 -9.66 100.05 -46.65
N GLU N 121 -10.17 99.13 -45.85
CA GLU N 121 -11.29 99.39 -44.95
C GLU N 121 -10.84 99.97 -43.61
N GLY N 122 -9.53 100.13 -43.40
CA GLY N 122 -9.01 100.67 -42.16
C GLY N 122 -8.75 99.58 -41.13
N ASP N 123 -8.04 99.98 -40.08
CA ASP N 123 -7.68 99.10 -38.97
C ASP N 123 -8.60 99.27 -37.76
N ASN N 124 -9.69 100.02 -37.91
CA ASN N 124 -10.60 100.28 -36.81
C ASN N 124 -11.87 99.45 -36.98
N SER N 125 -12.27 98.77 -35.91
CA SER N 125 -13.47 97.96 -35.91
C SER N 125 -14.30 98.23 -34.67
N PRO N 126 -15.62 98.36 -34.82
CA PRO N 126 -16.47 98.57 -33.64
C PRO N 126 -16.41 97.40 -32.67
N VAL N 127 -16.45 97.72 -31.38
CA VAL N 127 -16.38 96.71 -30.32
C VAL N 127 -17.50 97.00 -29.32
N GLN N 128 -18.29 95.97 -29.02
CA GLN N 128 -19.38 96.07 -28.05
C GLN N 128 -19.01 95.32 -26.78
N ALA N 129 -19.33 95.91 -25.63
CA ALA N 129 -19.08 95.25 -24.36
C ALA N 129 -19.91 93.97 -24.25
N LEU N 130 -19.28 92.92 -23.75
CA LEU N 130 -19.95 91.63 -23.62
C LEU N 130 -20.88 91.56 -22.42
N GLU N 131 -20.81 92.53 -21.51
CA GLU N 131 -21.68 92.55 -20.34
C GLU N 131 -22.15 93.99 -20.08
N VAL N 132 -23.30 94.09 -19.43
CA VAL N 132 -23.88 95.39 -19.09
C VAL N 132 -23.18 95.94 -17.85
N GLY N 133 -22.97 97.25 -17.85
CA GLY N 133 -22.36 97.91 -16.71
C GLY N 133 -21.60 99.15 -17.12
N LYS N 134 -21.50 100.10 -16.19
CA LYS N 134 -20.76 101.33 -16.45
C LYS N 134 -19.25 101.12 -16.47
N LYS N 135 -18.77 100.05 -15.85
CA LYS N 135 -17.34 99.76 -15.85
C LYS N 135 -16.80 99.51 -17.24
N TYR N 136 -17.65 99.09 -18.18
CA TYR N 136 -17.22 98.83 -19.55
C TYR N 136 -17.07 100.11 -20.37
N ASN N 137 -17.50 101.25 -19.85
CA ASN N 137 -17.34 102.53 -20.55
C ASN N 137 -15.90 103.01 -20.40
N LEU N 138 -15.01 102.33 -21.12
CA LEU N 138 -13.59 102.59 -21.02
C LEU N 138 -13.23 103.93 -21.64
N PRO N 139 -12.20 104.61 -21.12
CA PRO N 139 -11.74 105.85 -21.76
C PRO N 139 -10.96 105.57 -23.03
N THR N 140 -10.54 106.63 -23.71
CA THR N 140 -9.82 106.48 -24.96
C THR N 140 -8.39 106.01 -24.71
N ASN N 141 -7.78 105.48 -25.78
CA ASN N 141 -6.37 105.05 -25.77
C ASN N 141 -6.11 103.96 -24.75
N CYS N 142 -7.10 103.13 -24.47
CA CYS N 142 -6.91 101.97 -23.60
C CYS N 142 -6.31 100.82 -24.39
N GLU N 143 -5.39 100.09 -23.78
CA GLU N 143 -4.73 98.97 -24.43
C GLU N 143 -5.50 97.68 -24.16
N PHE N 144 -5.92 97.02 -25.23
CA PHE N 144 -6.69 95.79 -25.15
C PHE N 144 -5.81 94.59 -25.47
N LYS N 145 -6.16 93.45 -24.89
CA LYS N 145 -5.40 92.23 -25.03
C LYS N 145 -6.27 91.14 -25.64
N LEU N 146 -5.70 90.41 -26.60
CA LEU N 146 -6.43 89.35 -27.28
C LEU N 146 -6.51 88.11 -26.39
N VAL N 147 -7.74 87.65 -26.12
CA VAL N 147 -7.90 86.39 -25.40
C VAL N 147 -7.35 85.24 -26.23
N ASP N 148 -7.68 85.22 -27.52
CA ASP N 148 -7.14 84.24 -28.46
C ASP N 148 -6.03 84.92 -29.25
N ASN N 149 -4.83 84.35 -29.18
CA ASN N 149 -3.68 84.95 -29.85
C ASN N 149 -3.83 84.84 -31.36
N ILE N 150 -3.60 85.95 -32.06
CA ILE N 150 -3.67 86.01 -33.51
C ILE N 150 -2.32 86.47 -34.03
N SER N 151 -1.75 85.71 -34.96
CA SER N 151 -0.46 86.07 -35.54
C SER N 151 -0.57 87.36 -36.34
N GLY N 152 0.44 88.21 -36.20
CA GLY N 152 0.46 89.48 -36.91
C GLY N 152 -0.29 90.61 -36.25
N VAL N 153 -0.80 90.41 -35.04
CA VAL N 153 -1.48 91.46 -34.28
C VAL N 153 -0.62 91.81 -33.08
N THR N 154 -0.29 93.09 -32.94
CA THR N 154 0.62 93.55 -31.90
C THR N 154 -0.06 94.43 -30.87
N LYS N 155 -0.71 95.52 -31.30
CA LYS N 155 -1.31 96.49 -30.40
C LYS N 155 -2.79 96.68 -30.72
N ILE N 156 -3.59 96.75 -29.67
CA ILE N 156 -5.03 97.03 -29.79
C ILE N 156 -5.33 98.21 -28.90
N THR N 157 -5.74 99.33 -29.50
CA THR N 157 -6.09 100.53 -28.75
C THR N 157 -7.33 101.16 -29.36
N ASN N 158 -8.07 101.89 -28.54
CA ASN N 158 -9.30 102.55 -28.97
C ASN N 158 -9.05 104.04 -29.16
N THR N 159 -9.45 104.56 -30.33
CA THR N 159 -9.25 105.97 -30.63
C THR N 159 -10.19 106.87 -29.85
N ARG N 160 -11.25 106.32 -29.27
CA ARG N 160 -12.21 107.12 -28.51
C ARG N 160 -12.72 106.31 -27.34
N SER N 161 -13.26 107.03 -26.35
CA SER N 161 -13.79 106.39 -25.16
C SER N 161 -15.05 105.60 -25.49
N PHE N 162 -15.23 104.46 -24.82
CA PHE N 162 -16.40 103.63 -25.02
C PHE N 162 -17.61 104.23 -24.33
N GLU N 163 -18.77 104.11 -24.98
CA GLU N 163 -20.02 104.65 -24.44
C GLU N 163 -21.13 103.63 -24.64
N GLY N 164 -22.23 103.85 -23.93
CA GLY N 164 -23.39 102.98 -24.02
C GLY N 164 -23.52 101.97 -22.91
N GLY N 165 -22.59 101.94 -21.96
CA GLY N 165 -22.64 100.99 -20.87
C GLY N 165 -23.47 101.46 -19.70
N THR N 166 -24.79 101.45 -19.86
CA THR N 166 -25.67 101.86 -18.77
C THR N 166 -25.60 100.86 -17.62
N ASP N 167 -25.71 101.38 -16.40
CA ASP N 167 -25.57 100.56 -15.21
C ASP N 167 -26.72 99.57 -15.08
N ILE N 168 -26.42 98.43 -14.44
CA ILE N 168 -27.45 97.41 -14.22
C ILE N 168 -28.42 97.89 -13.16
N GLU N 169 -29.70 97.58 -13.37
CA GLU N 169 -30.74 98.01 -12.44
C GLU N 169 -30.54 97.38 -11.07
N THR N 170 -30.77 98.16 -10.03
CA THR N 170 -30.77 97.70 -8.66
C THR N 170 -32.19 97.77 -8.10
N ASP N 171 -32.46 96.95 -7.09
CA ASP N 171 -33.79 96.91 -6.51
C ASP N 171 -34.17 98.25 -5.88
N GLU N 172 -33.20 98.97 -5.31
CA GLU N 172 -33.49 100.26 -4.70
C GLU N 172 -33.98 101.26 -5.75
N GLU N 173 -33.32 101.30 -6.91
CA GLU N 173 -33.76 102.23 -7.96
C GLU N 173 -35.16 101.91 -8.45
N LEU N 174 -35.45 100.62 -8.65
CA LEU N 174 -36.78 100.22 -9.08
C LEU N 174 -37.83 100.58 -8.04
N LYS N 175 -37.51 100.35 -6.75
CA LYS N 175 -38.44 100.71 -5.69
C LYS N 175 -38.69 102.20 -5.65
N GLU N 176 -37.64 103.01 -5.80
CA GLU N 176 -37.80 104.46 -5.79
C GLU N 176 -38.64 104.93 -6.98
N ARG N 177 -38.41 104.35 -8.16
CA ARG N 177 -39.22 104.69 -9.32
C ARG N 177 -40.68 104.32 -9.11
N PHE N 178 -40.93 103.14 -8.55
CA PHE N 178 -42.31 102.72 -8.27
C PHE N 178 -42.96 103.67 -7.27
N TYR N 179 -42.23 104.06 -6.23
CA TYR N 179 -42.78 104.95 -5.21
C TYR N 179 -43.09 106.33 -5.78
N LYS N 180 -42.17 106.90 -6.56
CA LYS N 180 -42.41 108.21 -7.13
C LYS N 180 -43.53 108.17 -8.16
N ILE N 181 -43.69 107.04 -8.86
CA ILE N 181 -44.85 106.87 -9.73
C ILE N 181 -46.12 106.80 -8.89
N GLN N 182 -46.03 106.19 -7.71
CA GLN N 182 -47.20 106.11 -6.83
C GLN N 182 -47.65 107.50 -6.39
N ARG N 183 -46.70 108.37 -6.04
CA ARG N 183 -47.09 109.77 -5.85
C ARG N 183 -47.57 110.41 -7.16
N ASN N 184 -46.97 110.04 -8.29
CA ASN N 184 -47.35 110.66 -9.56
C ASN N 184 -48.76 110.25 -9.96
N GLN N 185 -49.62 111.23 -10.18
CA GLN N 185 -50.95 111.02 -10.73
C GLN N 185 -50.86 111.33 -12.22
N ALA N 186 -50.42 110.35 -12.99
CA ALA N 186 -50.15 110.56 -14.40
C ALA N 186 -51.45 110.75 -15.18
N THR N 187 -51.30 111.16 -16.43
CA THR N 187 -52.43 111.42 -17.32
C THR N 187 -51.90 111.41 -18.74
N SER N 188 -52.69 110.86 -19.67
CA SER N 188 -52.29 110.86 -21.07
C SER N 188 -52.06 112.30 -21.52
N GLY N 189 -50.79 112.65 -21.75
CA GLY N 189 -50.45 114.03 -22.04
C GLY N 189 -50.44 114.93 -20.82
N ASN N 190 -49.50 114.70 -19.90
CA ASN N 190 -49.26 115.62 -18.81
C ASN N 190 -47.80 115.50 -18.38
N LYS N 191 -47.32 116.52 -17.66
CA LYS N 191 -45.92 116.59 -17.28
C LYS N 191 -45.46 115.32 -16.56
N ALA N 192 -46.33 114.75 -15.74
CA ALA N 192 -46.00 113.48 -15.09
C ALA N 192 -45.79 112.38 -16.11
N HIS N 193 -46.62 112.33 -17.16
CA HIS N 193 -46.46 111.27 -18.15
C HIS N 193 -45.16 111.42 -18.90
N TYR N 194 -44.77 112.66 -19.24
CA TYR N 194 -43.48 112.88 -19.90
C TYR N 194 -42.31 112.53 -18.99
N GLU N 195 -42.37 112.89 -17.71
CA GLU N 195 -41.27 112.56 -16.82
C GLU N 195 -41.21 111.05 -16.58
N GLU N 196 -42.36 110.37 -16.60
CA GLU N 196 -42.35 108.91 -16.54
C GLU N 196 -41.72 108.33 -17.80
N TRP N 197 -42.01 108.92 -18.96
CA TRP N 197 -41.34 108.50 -20.20
C TRP N 197 -39.83 108.64 -20.06
N ALA N 198 -39.38 109.75 -19.48
CA ALA N 198 -37.95 109.95 -19.25
C ALA N 198 -37.40 108.89 -18.30
N LEU N 199 -38.17 108.53 -17.27
CA LEU N 199 -37.73 107.50 -16.33
C LEU N 199 -37.61 106.15 -17.02
N GLU N 200 -38.34 105.92 -18.11
CA GLU N 200 -38.25 104.65 -18.83
C GLU N 200 -36.88 104.45 -19.47
N VAL N 201 -36.11 105.51 -19.64
CA VAL N 201 -34.83 105.43 -20.33
C VAL N 201 -33.73 105.12 -19.33
N ASP N 202 -32.76 104.32 -19.77
CA ASP N 202 -31.68 103.91 -18.89
C ASP N 202 -30.82 105.10 -18.48
N GLY N 203 -30.36 105.10 -17.23
CA GLY N 203 -29.47 106.12 -16.74
C GLY N 203 -30.11 107.44 -16.42
N VAL N 204 -31.45 107.52 -16.43
CA VAL N 204 -32.15 108.77 -16.13
C VAL N 204 -32.48 108.73 -14.64
N TYR N 205 -31.52 109.20 -13.83
CA TYR N 205 -31.71 109.20 -12.38
C TYR N 205 -32.63 110.32 -11.93
N ASN N 206 -32.54 111.48 -12.57
CA ASN N 206 -33.35 112.64 -12.21
C ASN N 206 -33.97 113.24 -13.47
N VAL N 207 -35.22 113.70 -13.33
CA VAL N 207 -35.97 114.26 -14.45
C VAL N 207 -36.44 115.66 -14.08
N LYS N 208 -36.25 116.60 -15.00
CA LYS N 208 -36.76 117.96 -14.85
C LYS N 208 -37.48 118.35 -16.13
N VAL N 209 -38.74 118.78 -16.01
CA VAL N 209 -39.57 119.15 -17.14
C VAL N 209 -40.01 120.59 -16.95
N TYR N 210 -39.82 121.42 -17.97
CA TYR N 210 -40.19 122.83 -17.93
C TYR N 210 -41.20 123.12 -19.03
N PRO N 211 -42.48 123.25 -18.71
CA PRO N 211 -43.48 123.49 -19.76
C PRO N 211 -43.49 124.95 -20.20
N ARG N 212 -43.79 125.13 -21.49
CA ARG N 212 -43.90 126.46 -22.11
C ARG N 212 -42.61 127.26 -21.94
N TRP N 213 -41.46 126.57 -22.04
CA TRP N 213 -40.19 127.27 -21.96
C TRP N 213 -40.02 128.25 -23.10
N ASP N 214 -40.40 127.84 -24.31
CA ASP N 214 -40.49 128.74 -25.45
C ASP N 214 -41.91 129.16 -25.77
N GLY N 215 -42.88 128.73 -24.97
CA GLY N 215 -44.25 129.15 -25.13
C GLY N 215 -45.14 128.11 -25.77
N PRO N 216 -45.62 128.40 -26.98
CA PRO N 216 -46.63 127.54 -27.62
C PRO N 216 -46.06 126.19 -28.02
N GLY N 217 -46.58 125.13 -27.41
CA GLY N 217 -46.21 123.77 -27.79
C GLY N 217 -44.75 123.44 -27.62
N THR N 218 -44.14 123.88 -26.53
CA THR N 218 -42.71 123.68 -26.30
C THR N 218 -42.50 123.09 -24.92
N VAL N 219 -41.69 122.03 -24.87
CA VAL N 219 -41.34 121.35 -23.61
C VAL N 219 -39.83 121.35 -23.47
N LYS N 220 -39.35 121.77 -22.30
CA LYS N 220 -37.93 121.71 -21.97
C LYS N 220 -37.71 120.52 -21.05
N VAL N 221 -36.92 119.56 -21.50
CA VAL N 221 -36.65 118.34 -20.75
C VAL N 221 -35.21 118.37 -20.28
N LEU N 222 -35.01 118.28 -18.97
CA LEU N 222 -33.69 118.25 -18.36
C LEU N 222 -33.53 116.96 -17.57
N ILE N 223 -32.41 116.27 -17.79
CA ILE N 223 -32.15 114.99 -17.15
C ILE N 223 -30.78 115.04 -16.49
N PHE N 224 -30.58 114.15 -15.52
CA PHE N 224 -29.34 114.09 -14.76
C PHE N 224 -28.89 112.64 -14.63
N GLY N 225 -27.58 112.47 -14.45
CA GLY N 225 -27.02 111.16 -14.19
C GLY N 225 -27.08 110.81 -12.72
N LYS N 226 -26.27 109.83 -12.34
CA LYS N 226 -26.20 109.42 -10.94
C LYS N 226 -25.64 110.54 -10.08
N ASN N 227 -26.27 110.77 -8.93
CA ASN N 227 -25.87 111.83 -8.00
C ASN N 227 -25.84 113.19 -8.70
N ASN N 228 -26.83 113.44 -9.54
CA ASN N 228 -26.96 114.70 -10.29
C ASN N 228 -25.73 114.95 -11.16
N GLN N 229 -25.41 113.98 -12.02
CA GLN N 229 -24.30 114.07 -12.95
C GLN N 229 -24.81 114.25 -14.37
N ALA N 230 -23.86 114.40 -15.30
CA ALA N 230 -24.20 114.53 -16.70
C ALA N 230 -24.48 113.16 -17.32
N VAL N 231 -25.11 113.18 -18.49
CA VAL N 231 -25.44 111.97 -19.23
C VAL N 231 -24.85 112.09 -20.63
N ASP N 232 -24.39 110.96 -21.16
CA ASP N 232 -23.77 110.94 -22.48
C ASP N 232 -24.79 111.28 -23.56
N THR N 233 -24.27 111.81 -24.68
CA THR N 233 -25.14 112.23 -25.78
C THR N 233 -25.92 111.06 -26.36
N GLU N 234 -25.36 109.85 -26.32
CA GLU N 234 -26.09 108.68 -26.81
C GLU N 234 -27.33 108.42 -25.96
N THR N 235 -27.20 108.55 -24.64
CA THR N 235 -28.36 108.37 -23.76
C THR N 235 -29.42 109.43 -24.04
N ILE N 236 -29.01 110.67 -24.26
CA ILE N 236 -29.96 111.73 -24.58
C ILE N 236 -30.67 111.43 -25.90
N GLU N 237 -29.92 110.98 -26.90
CA GLU N 237 -30.53 110.64 -28.19
C GLU N 237 -31.53 109.50 -28.05
N ARG N 238 -31.17 108.46 -27.29
CA ARG N 238 -32.09 107.35 -27.09
C ARG N 238 -33.35 107.80 -26.36
N CYS N 239 -33.18 108.63 -25.33
CA CYS N 239 -34.33 109.13 -24.59
C CYS N 239 -35.25 109.96 -25.47
N GLN N 240 -34.68 110.86 -26.27
CA GLN N 240 -35.51 111.73 -27.10
C GLN N 240 -36.19 110.95 -28.21
N GLN N 241 -35.50 109.96 -28.78
CA GLN N 241 -36.15 109.16 -29.83
C GLN N 241 -37.25 108.29 -29.26
N HIS N 242 -37.05 107.73 -28.06
CA HIS N 242 -38.13 106.98 -27.42
C HIS N 242 -39.32 107.87 -27.14
N ILE N 243 -39.06 109.07 -26.61
CA ILE N 243 -40.14 110.01 -26.35
C ILE N 243 -40.90 110.32 -27.64
N ASP N 244 -40.16 110.69 -28.69
CA ASP N 244 -40.79 110.98 -29.99
C ASP N 244 -41.59 109.80 -30.50
N GLU N 245 -41.15 108.57 -30.20
CA GLU N 245 -41.95 107.40 -30.52
C GLU N 245 -43.27 107.42 -29.76
N GLU N 246 -43.24 107.82 -28.49
CA GLU N 246 -44.46 107.82 -27.68
C GLU N 246 -45.08 109.21 -27.49
N LYS N 247 -44.34 110.29 -27.72
CA LYS N 247 -44.84 111.63 -27.41
C LYS N 247 -45.94 112.04 -28.37
N PRO N 248 -46.76 113.02 -27.98
CA PRO N 248 -47.69 113.63 -28.93
C PRO N 248 -46.97 114.25 -30.10
N ILE N 249 -47.59 114.17 -31.27
CA ILE N 249 -46.99 114.70 -32.49
C ILE N 249 -47.27 116.20 -32.58
N GLY N 250 -46.22 116.99 -32.71
CA GLY N 250 -46.36 118.43 -32.83
C GLY N 250 -45.58 119.25 -31.80
N PRO N 251 -45.58 118.83 -30.54
CA PRO N 251 -44.74 119.52 -29.55
C PRO N 251 -43.26 119.41 -29.88
N THR N 252 -42.52 120.46 -29.51
CA THR N 252 -41.08 120.51 -29.65
C THR N 252 -40.44 120.16 -28.31
N ILE N 253 -39.58 119.16 -28.30
CA ILE N 253 -38.95 118.65 -27.09
C ILE N 253 -37.45 118.87 -27.18
N THR N 254 -36.88 119.48 -26.15
CA THR N 254 -35.44 119.70 -26.06
C THR N 254 -34.91 118.97 -24.83
N VAL N 255 -33.90 118.12 -25.04
CA VAL N 255 -33.28 117.34 -23.99
C VAL N 255 -31.83 117.77 -23.87
N VAL N 256 -31.41 118.16 -22.66
CA VAL N 256 -30.07 118.65 -22.41
C VAL N 256 -29.49 117.92 -21.21
N THR N 257 -28.19 118.12 -20.99
CA THR N 257 -27.46 117.52 -19.89
C THR N 257 -26.70 118.60 -19.14
N PRO N 258 -26.48 118.42 -17.84
CA PRO N 258 -25.71 119.40 -17.08
C PRO N 258 -24.28 119.50 -17.58
N LEU N 259 -23.72 120.70 -17.48
CA LEU N 259 -22.34 120.96 -17.89
C LEU N 259 -21.50 121.37 -16.69
N PRO N 260 -20.26 120.90 -16.60
CA PRO N 260 -19.43 121.22 -15.43
C PRO N 260 -18.95 122.66 -15.45
N ILE N 261 -18.57 123.13 -14.26
CA ILE N 261 -17.96 124.44 -14.08
C ILE N 261 -16.52 124.24 -13.64
N GLU N 262 -15.58 124.76 -14.42
CA GLU N 262 -14.17 124.57 -14.12
C GLU N 262 -13.72 125.55 -13.04
N ILE N 263 -12.84 125.08 -12.16
CA ILE N 263 -12.30 125.89 -11.07
C ILE N 263 -10.80 125.73 -11.05
N SER N 264 -10.12 126.76 -10.53
CA SER N 264 -8.68 126.75 -10.35
C SER N 264 -8.36 127.21 -8.93
N ILE N 265 -7.45 126.49 -8.27
CA ILE N 265 -7.10 126.74 -6.87
C ILE N 265 -5.64 127.15 -6.81
N SER N 266 -5.38 128.30 -6.18
CA SER N 266 -4.03 128.81 -6.01
C SER N 266 -3.85 129.25 -4.55
N ALA N 267 -2.82 128.73 -3.90
CA ALA N 267 -2.53 129.09 -2.52
C ALA N 267 -1.08 128.76 -2.20
N VAL N 268 -0.58 129.36 -1.14
CA VAL N 268 0.76 129.08 -0.61
C VAL N 268 0.58 128.41 0.74
N MET N 269 1.01 127.16 0.85
CA MET N 269 0.75 126.34 2.02
C MET N 269 2.05 125.72 2.52
N LYS N 270 2.33 125.90 3.81
CA LYS N 270 3.52 125.35 4.44
C LYS N 270 3.25 123.90 4.82
N LEU N 271 3.96 122.97 4.17
CA LEU N 271 3.71 121.56 4.38
C LEU N 271 4.29 121.09 5.71
N GLU N 272 3.71 120.04 6.26
CA GLU N 272 4.21 119.44 7.47
C GLU N 272 5.40 118.52 7.17
N ASP N 273 6.08 118.10 8.23
CA ASP N 273 7.24 117.23 8.06
C ASP N 273 6.82 115.86 7.56
N GLY N 274 7.60 115.32 6.61
CA GLY N 274 7.33 114.01 6.07
C GLY N 274 6.20 113.94 5.06
N TYR N 275 5.68 115.08 4.62
CA TYR N 275 4.59 115.14 3.66
C TYR N 275 5.03 115.91 2.42
N THR N 276 4.82 115.32 1.25
CA THR N 276 5.17 115.94 -0.02
C THR N 276 3.95 116.58 -0.65
N LEU N 277 4.21 117.35 -1.72
CA LEU N 277 3.13 118.10 -2.37
C LEU N 277 2.12 117.17 -3.01
N ASP N 278 2.57 116.07 -3.61
CA ASP N 278 1.65 115.18 -4.32
C ASP N 278 0.64 114.54 -3.37
N ASN N 279 1.10 114.10 -2.20
CA ASN N 279 0.21 113.41 -1.27
C ASN N 279 -0.89 114.35 -0.77
N VAL N 280 -0.51 115.54 -0.32
CA VAL N 280 -1.50 116.49 0.18
C VAL N 280 -2.40 116.96 -0.96
N LYS N 281 -1.85 117.10 -2.17
CA LYS N 281 -2.68 117.49 -3.31
C LYS N 281 -3.73 116.43 -3.61
N GLU N 282 -3.34 115.15 -3.59
CA GLU N 282 -4.30 114.08 -3.83
C GLU N 282 -5.35 114.01 -2.72
N SER N 283 -4.93 114.16 -1.46
CA SER N 283 -5.89 114.13 -0.36
C SER N 283 -6.88 115.28 -0.47
N PHE N 284 -6.40 116.48 -0.79
CA PHE N 284 -7.29 117.62 -0.96
C PHE N 284 -8.19 117.44 -2.18
N LEU N 285 -7.69 116.79 -3.23
CA LEU N 285 -8.52 116.49 -4.39
C LEU N 285 -9.68 115.57 -4.00
N GLU N 286 -9.39 114.52 -3.23
CA GLU N 286 -10.45 113.65 -2.76
C GLU N 286 -11.44 114.38 -1.87
N SER N 287 -10.93 115.23 -0.98
CA SER N 287 -11.79 115.98 -0.08
C SER N 287 -12.70 116.93 -0.84
N ILE N 288 -12.15 117.65 -1.82
CA ILE N 288 -12.97 118.58 -2.59
C ILE N 288 -13.94 117.83 -3.49
N ASN N 289 -13.56 116.64 -3.96
CA ASN N 289 -14.49 115.84 -4.76
C ASN N 289 -15.68 115.39 -3.93
N THR N 290 -15.44 114.88 -2.72
CA THR N 290 -16.57 114.48 -1.88
C THR N 290 -17.37 115.69 -1.40
N TYR N 291 -16.72 116.84 -1.22
CA TYR N 291 -17.44 118.05 -0.89
C TYR N 291 -18.36 118.47 -2.03
N PHE N 292 -17.86 118.40 -3.27
CA PHE N 292 -18.69 118.72 -4.43
C PHE N 292 -19.85 117.74 -4.55
N ARG N 293 -19.60 116.46 -4.25
CA ARG N 293 -20.68 115.49 -4.23
C ARG N 293 -21.72 115.85 -3.16
N ASP N 294 -21.26 116.40 -2.04
CA ASP N 294 -22.14 116.75 -0.94
C ASP N 294 -22.56 118.22 -0.93
N ILE N 295 -22.20 118.99 -1.95
CA ILE N 295 -22.48 120.41 -1.96
C ILE N 295 -23.85 120.67 -2.57
N ARG N 296 -24.42 121.82 -2.25
CA ARG N 296 -25.65 122.29 -2.84
C ARG N 296 -25.67 123.81 -2.78
N GLY N 297 -26.11 124.44 -3.87
CA GLY N 297 -26.16 125.89 -3.92
C GLY N 297 -24.96 126.51 -4.61
N GLU N 298 -23.99 127.00 -3.83
CA GLU N 298 -22.80 127.64 -4.36
C GLU N 298 -21.57 127.09 -3.66
N ILE N 299 -20.43 127.15 -4.34
CA ILE N 299 -19.16 126.79 -3.72
C ILE N 299 -18.77 127.91 -2.76
N ILE N 300 -18.49 127.53 -1.51
CA ILE N 300 -18.18 128.48 -0.44
C ILE N 300 -16.68 128.48 -0.21
N TYR N 301 -16.07 129.66 -0.28
CA TYR N 301 -14.63 129.78 -0.08
C TYR N 301 -14.23 129.27 1.30
N THR N 302 -15.09 129.45 2.29
CA THR N 302 -14.74 129.09 3.66
C THR N 302 -14.72 127.57 3.83
N LYS N 303 -15.66 126.86 3.20
CA LYS N 303 -15.62 125.41 3.20
C LYS N 303 -14.39 124.89 2.46
N VAL N 304 -14.03 125.53 1.35
CA VAL N 304 -12.84 125.12 0.60
C VAL N 304 -11.59 125.26 1.46
N MET N 305 -11.43 126.42 2.10
CA MET N 305 -10.23 126.61 2.90
C MET N 305 -10.22 125.73 4.14
N GLY N 306 -11.39 125.46 4.75
CA GLY N 306 -11.43 124.55 5.87
C GLY N 306 -11.10 123.12 5.47
N ILE N 307 -11.61 122.66 4.34
CA ILE N 307 -11.31 121.31 3.87
C ILE N 307 -9.88 121.21 3.36
N LEU N 308 -9.25 122.34 3.03
CA LEU N 308 -7.83 122.31 2.71
C LEU N 308 -6.98 122.21 3.96
N ILE N 309 -7.27 123.02 4.98
CA ILE N 309 -6.45 122.94 6.20
C ILE N 309 -6.67 121.63 6.93
N ASN N 310 -7.87 121.07 6.91
CA ASN N 310 -8.12 119.78 7.55
C ASN N 310 -7.38 118.64 6.88
N THR N 311 -6.85 118.85 5.69
CA THR N 311 -6.06 117.83 5.01
C THR N 311 -4.83 117.47 5.82
N THR N 312 -4.53 116.18 5.89
CA THR N 312 -3.36 115.71 6.63
C THR N 312 -2.09 116.20 5.96
N GLY N 313 -1.12 116.62 6.79
CA GLY N 313 0.12 117.17 6.29
C GLY N 313 0.10 118.65 5.97
N VAL N 314 -0.97 119.35 6.31
CA VAL N 314 -1.11 120.78 6.05
C VAL N 314 -0.90 121.53 7.35
N HIS N 315 0.13 122.37 7.40
CA HIS N 315 0.47 123.13 8.60
C HIS N 315 0.00 124.57 8.54
N ASP N 316 0.43 125.32 7.52
CA ASP N 316 0.11 126.74 7.43
C ASP N 316 -0.07 127.11 5.96
N LEU N 317 -1.23 127.68 5.64
CA LEU N 317 -1.56 128.07 4.28
C LEU N 317 -1.83 129.57 4.24
N SER N 318 -1.85 130.11 3.02
CA SER N 318 -2.08 131.53 2.83
C SER N 318 -2.55 131.78 1.40
N ASN N 319 -3.12 132.97 1.20
CA ASN N 319 -3.60 133.46 -0.09
C ASN N 319 -4.33 132.38 -0.88
N LEU N 320 -5.34 131.79 -0.24
CA LEU N 320 -6.16 130.79 -0.91
C LEU N 320 -7.12 131.47 -1.88
N LEU N 321 -7.11 131.02 -3.13
CA LEU N 321 -7.92 131.62 -4.17
C LEU N 321 -8.60 130.52 -4.98
N ILE N 322 -9.91 130.66 -5.18
CA ILE N 322 -10.65 129.81 -6.11
C ILE N 322 -10.93 130.63 -7.36
N ASN N 323 -10.39 130.17 -8.49
CA ASN N 323 -10.41 130.93 -9.74
C ASN N 323 -9.82 132.32 -9.56
N GLY N 324 -8.78 132.41 -8.73
CA GLY N 324 -8.12 133.67 -8.48
C GLY N 324 -8.84 134.62 -7.55
N SER N 325 -9.89 134.15 -6.86
CA SER N 325 -10.67 135.01 -5.99
C SER N 325 -11.03 134.25 -4.72
N THR N 326 -11.36 135.02 -3.68
CA THR N 326 -11.82 134.47 -2.40
C THR N 326 -13.33 134.56 -2.23
N ASP N 327 -14.06 134.87 -3.30
CA ASP N 327 -15.50 135.05 -3.23
C ASP N 327 -16.22 133.77 -3.64
N ASN N 328 -17.38 133.54 -3.02
CA ASN N 328 -18.19 132.39 -3.37
C ASN N 328 -18.73 132.54 -4.79
N ILE N 329 -18.78 131.41 -5.51
CA ILE N 329 -19.22 131.38 -6.90
C ILE N 329 -20.52 130.58 -6.97
N THR N 330 -21.54 131.16 -7.61
CA THR N 330 -22.84 130.51 -7.68
C THR N 330 -22.79 129.33 -8.65
N ILE N 331 -23.32 128.20 -8.21
CA ILE N 331 -23.48 127.02 -9.06
C ILE N 331 -24.93 127.02 -9.53
N ASN N 332 -25.13 127.36 -10.79
CA ASN N 332 -26.46 127.48 -11.35
C ASN N 332 -27.04 126.10 -11.65
N GLU N 333 -28.25 126.11 -12.23
CA GLU N 333 -28.90 124.86 -12.61
C GLU N 333 -28.13 124.17 -13.72
N ASP N 334 -28.31 122.84 -13.80
CA ASP N 334 -27.60 121.95 -14.71
C ASP N 334 -26.12 122.31 -14.79
N LYS N 335 -25.52 122.59 -13.64
CA LYS N 335 -24.10 122.93 -13.57
C LYS N 335 -23.50 122.30 -12.32
N ILE N 336 -22.28 121.80 -12.46
CA ILE N 336 -21.57 121.20 -11.32
C ILE N 336 -20.16 121.77 -11.26
N PRO N 337 -19.55 121.86 -10.09
CA PRO N 337 -18.16 122.33 -10.01
C PRO N 337 -17.18 121.23 -10.40
N SER N 338 -16.20 121.60 -11.21
CA SER N 338 -15.18 120.67 -11.68
C SER N 338 -13.80 121.24 -11.38
N VAL N 339 -12.94 120.41 -10.80
CA VAL N 339 -11.58 120.83 -10.49
C VAL N 339 -10.71 120.66 -11.73
N THR N 340 -10.05 121.73 -12.13
CA THR N 340 -9.21 121.73 -13.32
C THR N 340 -7.75 122.07 -13.04
N THR N 341 -7.50 123.08 -12.21
CA THR N 341 -6.14 123.52 -11.91
C THR N 341 -5.92 123.53 -10.40
N VAL N 342 -4.85 122.90 -9.95
CA VAL N 342 -4.45 122.88 -8.54
C VAL N 342 -3.06 123.47 -8.44
N ASN N 343 -2.94 124.59 -7.73
CA ASN N 343 -1.65 125.28 -7.56
C ASN N 343 -1.39 125.43 -6.06
N PHE N 344 -0.41 124.68 -5.56
CA PHE N 344 -0.02 124.72 -4.16
C PHE N 344 1.48 124.91 -4.07
N SER N 345 1.92 125.75 -3.13
CA SER N 345 3.33 126.05 -2.97
C SER N 345 3.63 126.27 -1.50
N GLU N 346 4.91 126.15 -1.16
CA GLU N 346 5.36 126.35 0.21
C GLU N 346 6.23 127.60 0.35
N MET O 1 27.14 64.88 44.13
CA MET O 1 26.65 65.86 45.10
C MET O 1 25.39 65.35 45.79
N TYR O 2 24.53 66.27 46.23
CA TYR O 2 23.37 65.89 47.02
C TYR O 2 22.44 64.96 46.25
N SER O 3 22.29 65.19 44.94
CA SER O 3 21.49 64.28 44.13
C SER O 3 22.10 62.89 44.10
N ASP O 4 23.43 62.82 44.01
CA ASP O 4 24.11 61.52 44.08
C ASP O 4 23.90 60.87 45.43
N GLN O 5 23.91 61.66 46.51
CA GLN O 5 23.71 61.13 47.84
C GLN O 5 22.29 60.60 47.99
N THR O 6 22.16 59.29 48.10
CA THR O 6 20.86 58.65 48.29
C THR O 6 21.05 57.49 49.25
N TYR O 7 19.93 56.84 49.61
CA TYR O 7 19.98 55.77 50.60
C TYR O 7 20.82 54.59 50.11
N GLU O 8 20.66 54.20 48.85
CA GLU O 8 21.39 53.05 48.34
C GLU O 8 22.88 53.35 48.18
N VAL O 9 23.22 54.55 47.68
CA VAL O 9 24.61 54.89 47.45
C VAL O 9 25.37 54.92 48.77
N ILE O 10 24.83 55.64 49.77
CA ILE O 10 25.50 55.68 51.06
C ILE O 10 25.42 54.33 51.77
N LYS O 11 24.41 53.51 51.46
CA LYS O 11 24.37 52.16 52.01
C LYS O 11 25.56 51.35 51.52
N ASN O 12 25.81 51.37 50.21
CA ASN O 12 26.97 50.68 49.66
C ASN O 12 28.27 51.27 50.20
N ARG O 13 28.31 52.61 50.33
CA ARG O 13 29.52 53.26 50.85
C ARG O 13 29.82 52.80 52.27
N THR O 14 28.80 52.77 53.13
CA THR O 14 29.01 52.35 54.52
C THR O 14 29.32 50.86 54.60
N LEU O 15 28.72 50.05 53.73
CA LEU O 15 29.06 48.63 53.69
C LEU O 15 30.53 48.44 53.33
N GLU O 16 31.03 49.23 52.38
CA GLU O 16 32.45 49.19 52.05
C GLU O 16 33.30 49.70 53.22
N ASN O 17 32.80 50.70 53.95
CA ASN O 17 33.56 51.25 55.08
C ASN O 17 33.75 50.22 56.18
N ILE O 18 32.80 49.30 56.34
CA ILE O 18 32.84 48.30 57.41
C ILE O 18 33.36 47.00 56.83
N ASN O 19 34.55 46.60 57.28
CA ASN O 19 35.12 45.30 56.95
C ASN O 19 35.15 44.46 58.23
N LEU O 20 34.53 43.30 58.18
CA LEU O 20 34.32 42.52 59.39
C LEU O 20 34.21 41.05 59.03
N ASP O 21 34.34 40.20 60.06
CA ASP O 21 34.45 38.76 59.83
C ASP O 21 33.17 38.19 59.23
N ILE O 22 32.01 38.61 59.73
CA ILE O 22 30.75 38.03 59.27
C ILE O 22 30.43 38.55 57.86
N TYR O 23 29.84 37.68 57.04
CA TYR O 23 29.56 38.02 55.66
C TYR O 23 28.40 39.01 55.56
N LYS O 24 28.47 39.88 54.57
CA LYS O 24 27.47 40.92 54.35
C LYS O 24 26.48 40.45 53.28
N GLY O 25 25.19 40.50 53.61
CA GLY O 25 24.16 40.07 52.69
C GLY O 25 22.86 40.77 52.95
N GLU O 26 21.93 40.62 52.00
CA GLU O 26 20.61 41.21 52.12
C GLU O 26 19.84 40.55 53.25
N GLY O 27 19.15 41.37 54.05
CA GLY O 27 18.39 40.88 55.18
C GLY O 27 19.20 40.65 56.44
N SER O 28 20.50 40.95 56.42
CA SER O 28 21.33 40.78 57.61
C SER O 28 20.92 41.77 58.69
N PHE O 29 21.19 41.40 59.95
CA PHE O 29 20.89 42.29 61.07
C PHE O 29 21.64 43.62 60.92
N LEU O 30 22.96 43.54 60.73
CA LEU O 30 23.74 44.76 60.56
C LEU O 30 23.33 45.50 59.30
N ASN O 31 22.88 44.77 58.28
CA ASN O 31 22.40 45.42 57.06
C ASN O 31 21.24 46.37 57.37
N ASN O 32 20.23 45.89 58.09
CA ASN O 32 19.10 46.74 58.44
C ASN O 32 19.52 47.84 59.42
N MET O 33 20.41 47.51 60.35
CA MET O 33 20.88 48.49 61.33
C MET O 33 21.52 49.68 60.62
N VAL O 34 22.35 49.42 59.62
CA VAL O 34 22.97 50.48 58.84
C VAL O 34 21.94 51.16 57.94
N SER O 35 21.02 50.39 57.37
CA SER O 35 20.08 50.94 56.39
C SER O 35 19.16 51.97 57.01
N GLY O 36 18.69 51.73 58.24
CA GLY O 36 17.84 52.72 58.88
C GLY O 36 18.54 54.06 59.08
N ASN O 37 19.77 54.01 59.61
CA ASN O 37 20.54 55.24 59.78
C ASN O 37 20.85 55.90 58.45
N ASN O 38 21.02 55.11 57.40
CA ASN O 38 21.31 55.70 56.09
C ASN O 38 20.07 56.34 55.49
N LEU O 39 18.88 55.80 55.76
CA LEU O 39 17.66 56.51 55.39
C LEU O 39 17.55 57.83 56.13
N GLU O 40 17.88 57.82 57.43
CA GLU O 40 17.94 59.08 58.18
C GLU O 40 18.91 60.06 57.55
N LEU O 41 20.08 59.57 57.14
CA LEU O 41 21.08 60.44 56.51
C LEU O 41 20.60 60.95 55.15
N SER O 42 19.81 60.16 54.43
CA SER O 42 19.22 60.65 53.19
C SER O 42 18.25 61.79 53.45
N LYS O 43 17.44 61.66 54.51
CA LYS O 43 16.58 62.77 54.90
C LYS O 43 17.40 64.01 55.27
N ILE O 44 18.51 63.79 55.99
CA ILE O 44 19.40 64.89 56.35
C ILE O 44 19.99 65.54 55.10
N TYR O 45 20.33 64.72 54.10
CA TYR O 45 20.87 65.25 52.85
C TYR O 45 19.83 66.10 52.13
N LEU O 46 18.58 65.65 52.12
CA LEU O 46 17.51 66.47 51.52
C LEU O 46 17.36 67.79 52.26
N GLU O 47 17.43 67.76 53.60
CA GLU O 47 17.36 68.99 54.37
C GLU O 47 18.52 69.92 54.05
N LEU O 48 19.72 69.36 53.91
CA LEU O 48 20.89 70.18 53.56
C LEU O 48 20.77 70.73 52.15
N SER O 49 20.14 69.99 51.24
CA SER O 49 19.86 70.52 49.91
C SER O 49 18.93 71.72 49.98
N LYS O 50 17.87 71.60 50.78
CA LYS O 50 16.96 72.72 50.96
C LYS O 50 17.60 73.90 51.68
N MET O 51 18.65 73.65 52.45
CA MET O 51 19.41 74.74 53.06
C MET O 51 19.90 75.72 52.01
N HIS O 52 20.40 75.21 50.88
CA HIS O 52 20.88 76.09 49.82
C HIS O 52 19.77 77.00 49.30
N LYS O 53 18.62 76.42 48.97
CA LYS O 53 17.54 77.22 48.39
C LYS O 53 17.00 78.24 49.38
N MET O 54 16.85 77.85 50.65
CA MET O 54 16.32 78.79 51.63
C MET O 54 17.35 79.84 52.03
N ALA O 55 18.64 79.55 51.87
CA ALA O 55 19.66 80.54 52.21
C ALA O 55 19.77 81.62 51.14
N PHE O 56 19.42 81.31 49.90
CA PHE O 56 19.57 82.26 48.81
C PHE O 56 18.61 83.44 48.96
N ILE O 57 19.04 84.60 48.47
CA ILE O 57 18.17 85.78 48.50
C ILE O 57 16.98 85.61 47.57
N GLN O 58 17.17 84.93 46.45
CA GLN O 58 16.07 84.69 45.53
C GLN O 58 15.12 83.64 46.11
N ASP O 59 13.96 83.51 45.45
CA ASP O 59 12.90 82.54 45.77
C ASP O 59 12.72 82.34 47.27
N THR O 60 12.68 83.46 47.99
CA THR O 60 12.46 83.43 49.44
C THR O 60 10.98 83.41 49.76
N TYR O 61 10.67 83.11 51.02
CA TYR O 61 9.32 83.07 51.51
C TYR O 61 8.97 84.40 52.18
N ASN O 62 7.81 84.46 52.83
CA ASN O 62 7.39 85.70 53.49
C ASN O 62 8.33 86.05 54.63
N GLN O 63 8.65 85.09 55.49
CA GLN O 63 9.51 85.37 56.63
C GLN O 63 10.94 85.66 56.21
N PHE O 64 11.44 84.94 55.20
CA PHE O 64 12.81 85.18 54.72
C PHE O 64 12.94 86.59 54.16
N LEU O 65 12.02 86.97 53.28
CA LEU O 65 12.07 88.32 52.72
C LEU O 65 11.85 89.36 53.80
N ASP O 66 10.99 89.07 54.78
CA ASP O 66 10.77 90.01 55.88
C ASP O 66 12.06 90.26 56.65
N LYS O 67 12.79 89.19 56.96
CA LYS O 67 14.06 89.35 57.67
C LYS O 67 15.07 90.11 56.82
N ARG O 68 15.16 89.78 55.53
CA ARG O 68 16.11 90.46 54.66
C ARG O 68 15.81 91.95 54.57
N VAL O 69 14.54 92.32 54.40
CA VAL O 69 14.21 93.73 54.26
C VAL O 69 14.29 94.46 55.60
N ASN O 70 14.06 93.75 56.71
CA ASN O 70 14.29 94.36 58.02
C ASN O 70 15.76 94.68 58.21
N GLU O 71 16.64 93.79 57.75
CA GLU O 71 18.06 94.12 57.71
C GLU O 71 18.32 95.30 56.78
N PHE O 72 17.62 95.35 55.64
CA PHE O 72 17.86 96.40 54.65
C PHE O 72 17.04 97.65 54.89
N GLY O 73 15.91 97.55 55.57
CA GLY O 73 15.08 98.71 55.86
C GLY O 73 14.00 99.03 54.85
N VAL O 74 13.91 98.28 53.75
CA VAL O 74 12.90 98.52 52.72
C VAL O 74 11.69 97.67 53.09
N TYR O 75 10.84 98.21 53.96
CA TYR O 75 9.71 97.45 54.48
C TYR O 75 8.67 97.19 53.41
N ARG O 76 8.05 96.02 53.47
CA ARG O 76 7.02 95.63 52.51
C ARG O 76 5.73 96.41 52.76
N LYS O 77 5.01 96.70 51.68
CA LYS O 77 3.75 97.42 51.76
C LYS O 77 2.60 96.44 51.94
N LEU O 78 1.74 96.71 52.92
CA LEU O 78 0.62 95.83 53.23
C LEU O 78 -0.64 96.18 52.46
N GLY O 79 -0.62 97.24 51.65
CA GLY O 79 -1.79 97.68 50.91
C GLY O 79 -2.66 98.65 51.69
N THR O 80 -3.58 99.26 50.97
CA THR O 80 -4.48 100.27 51.55
C THR O 80 -5.92 99.89 51.26
N GLU O 81 -6.79 100.16 52.22
CA GLU O 81 -8.22 99.89 52.05
C GLU O 81 -8.83 100.88 51.06
N SER O 82 -9.80 100.39 50.30
CA SER O 82 -10.50 101.24 49.34
C SER O 82 -11.37 102.26 50.06
N ASN O 83 -11.47 103.45 49.47
CA ASN O 83 -12.27 104.54 50.01
C ASN O 83 -13.19 105.08 48.93
N GLY O 84 -14.42 105.40 49.32
CA GLY O 84 -15.40 105.94 48.38
C GLY O 84 -16.54 106.58 49.13
N GLU O 85 -17.44 107.20 48.37
CA GLU O 85 -18.60 107.88 48.91
C GLU O 85 -19.86 107.26 48.32
N VAL O 86 -20.85 106.99 49.17
CA VAL O 86 -22.11 106.40 48.73
C VAL O 86 -23.24 107.33 49.14
N GLU O 87 -24.39 107.16 48.48
CA GLU O 87 -25.58 107.94 48.74
C GLU O 87 -26.64 107.05 49.37
N PHE O 88 -27.22 107.53 50.48
CA PHE O 88 -28.24 106.78 51.20
C PHE O 88 -29.61 107.33 50.83
N ILE O 89 -30.49 106.46 50.36
CA ILE O 89 -31.83 106.83 49.93
C ILE O 89 -32.84 106.07 50.77
N GLY O 90 -33.79 106.78 51.36
CA GLY O 90 -34.79 106.15 52.20
C GLY O 90 -35.66 107.18 52.88
N GLU O 91 -36.26 106.78 53.98
CA GLU O 91 -37.14 107.67 54.74
C GLU O 91 -36.36 108.86 55.27
N LYS O 92 -36.94 110.05 55.14
CA LYS O 92 -36.31 111.26 55.62
C LYS O 92 -36.23 111.25 57.14
N GLY O 93 -35.12 111.77 57.68
CA GLY O 93 -34.89 111.79 59.10
C GLY O 93 -34.20 110.57 59.66
N THR O 94 -33.98 109.53 58.84
CA THR O 94 -33.28 108.35 59.30
C THR O 94 -31.82 108.68 59.59
N VAL O 95 -31.33 108.24 60.75
CA VAL O 95 -29.98 108.52 61.20
C VAL O 95 -29.19 107.21 61.17
N ILE O 96 -28.08 107.21 60.44
CA ILE O 96 -27.18 106.07 60.37
C ILE O 96 -25.91 106.43 61.13
N ASN O 97 -25.65 105.72 62.23
CA ASN O 97 -24.53 106.04 63.09
C ASN O 97 -23.22 105.56 62.48
N ASN O 98 -22.11 106.00 63.07
CA ASN O 98 -20.79 105.57 62.63
C ASN O 98 -20.57 104.10 62.98
N GLY O 99 -19.72 103.45 62.19
CA GLY O 99 -19.41 102.05 62.38
C GLY O 99 -20.35 101.09 61.69
N THR O 100 -21.43 101.59 61.07
CA THR O 100 -22.34 100.71 60.34
C THR O 100 -21.63 100.12 59.13
N ILE O 101 -21.87 98.84 58.87
CA ILE O 101 -21.21 98.10 57.81
C ILE O 101 -22.22 97.86 56.69
N ILE O 102 -21.78 98.10 55.45
CA ILE O 102 -22.59 97.89 54.26
C ILE O 102 -21.89 96.87 53.38
N SER O 103 -22.65 95.93 52.83
CA SER O 103 -22.12 94.86 52.02
C SER O 103 -22.68 94.93 50.61
N TYR O 104 -21.80 94.95 49.62
CA TYR O 104 -22.15 94.82 48.21
C TYR O 104 -21.64 93.48 47.72
N ARG O 105 -22.55 92.64 47.23
CA ARG O 105 -22.24 91.26 46.84
C ARG O 105 -21.64 90.58 48.07
N ASP O 106 -20.47 89.96 47.98
CA ASP O 106 -19.80 89.38 49.13
C ASP O 106 -18.80 90.33 49.78
N LEU O 107 -18.59 91.51 49.20
CA LEU O 107 -17.65 92.47 49.77
C LEU O 107 -18.24 93.13 51.00
N LEU O 108 -17.36 93.63 51.86
CA LEU O 108 -17.75 94.29 53.10
C LEU O 108 -17.18 95.70 53.14
N PHE O 109 -18.00 96.66 53.56
CA PHE O 109 -17.61 98.05 53.63
C PHE O 109 -18.18 98.67 54.90
N VAL O 110 -17.56 99.75 55.37
CA VAL O 110 -17.97 100.41 56.59
C VAL O 110 -18.12 101.90 56.33
N VAL O 111 -19.07 102.52 57.03
CA VAL O 111 -19.36 103.95 56.91
C VAL O 111 -18.63 104.69 58.02
N ILE O 112 -17.91 105.75 57.65
CA ILE O 112 -17.09 106.47 58.62
C ILE O 112 -17.94 107.41 59.46
N LYS O 113 -18.58 108.38 58.82
CA LYS O 113 -19.30 109.45 59.51
C LYS O 113 -20.80 109.20 59.48
N ASP O 114 -21.49 109.78 60.46
CA ASP O 114 -22.94 109.68 60.53
C ASP O 114 -23.59 110.41 59.37
N VAL O 115 -24.63 109.80 58.80
CA VAL O 115 -25.37 110.37 57.68
C VAL O 115 -26.85 110.32 58.01
N THR O 116 -27.55 111.41 57.70
CA THR O 116 -28.99 111.51 57.94
C THR O 116 -29.70 111.70 56.61
N ILE O 117 -30.72 110.88 56.35
CA ILE O 117 -31.45 110.98 55.09
C ILE O 117 -32.36 112.20 55.12
N GLY O 118 -32.24 113.04 54.10
CA GLY O 118 -33.03 114.25 54.01
C GLY O 118 -32.49 115.43 54.78
N SER O 119 -31.37 115.29 55.46
CA SER O 119 -30.80 116.39 56.22
C SER O 119 -30.12 117.39 55.28
N GLU O 120 -29.87 118.59 55.81
CA GLU O 120 -29.21 119.62 55.03
C GLU O 120 -27.76 119.29 54.72
N GLU O 121 -27.13 118.42 55.53
CA GLU O 121 -25.76 118.02 55.26
C GLU O 121 -25.63 117.13 54.04
N GLY O 122 -26.72 116.54 53.57
CA GLY O 122 -26.71 115.67 52.42
C GLY O 122 -26.82 114.20 52.81
N ASP O 123 -27.10 113.38 51.80
CA ASP O 123 -27.24 111.94 51.97
C ASP O 123 -25.98 111.19 51.54
N ASN O 124 -24.88 111.89 51.30
CA ASN O 124 -23.64 111.27 50.86
C ASN O 124 -22.68 111.16 52.05
N SER O 125 -22.18 109.95 52.29
CA SER O 125 -21.24 109.70 53.37
C SER O 125 -20.07 108.88 52.86
N PRO O 126 -18.84 109.24 53.23
CA PRO O 126 -17.68 108.45 52.80
C PRO O 126 -17.73 107.04 53.38
N VAL O 127 -17.26 106.09 52.59
CA VAL O 127 -17.25 104.68 52.97
C VAL O 127 -15.86 104.12 52.69
N GLN O 128 -15.29 103.44 53.68
CA GLN O 128 -13.96 102.85 53.58
C GLN O 128 -14.06 101.34 53.61
N ALA O 129 -13.25 100.69 52.78
CA ALA O 129 -13.24 99.23 52.74
C ALA O 129 -12.75 98.65 54.06
N LEU O 130 -13.34 97.53 54.47
CA LEU O 130 -12.93 96.88 55.70
C LEU O 130 -11.55 96.23 55.57
N GLU O 131 -11.22 95.75 54.38
CA GLU O 131 -9.94 95.09 54.14
C GLU O 131 -9.29 95.69 52.89
N VAL O 132 -7.96 95.53 52.82
CA VAL O 132 -7.22 96.01 51.66
C VAL O 132 -7.50 95.12 50.45
N GLY O 133 -7.18 95.64 49.27
CA GLY O 133 -7.33 94.87 48.04
C GLY O 133 -8.01 95.65 46.93
N LYS O 134 -7.62 95.34 45.69
CA LYS O 134 -8.23 95.99 44.53
C LYS O 134 -9.68 95.57 44.33
N LYS O 135 -10.07 94.39 44.83
CA LYS O 135 -11.45 93.95 44.72
C LYS O 135 -12.41 94.88 45.46
N TYR O 136 -11.92 95.62 46.45
CA TYR O 136 -12.73 96.59 47.16
C TYR O 136 -12.89 97.89 46.40
N ASN O 137 -12.12 98.11 45.32
CA ASN O 137 -12.25 99.30 44.49
C ASN O 137 -13.50 99.17 43.61
N LEU O 138 -14.65 99.27 44.25
CA LEU O 138 -15.92 99.12 43.56
C LEU O 138 -16.13 100.28 42.59
N PRO O 139 -16.68 100.03 41.40
CA PRO O 139 -16.91 101.13 40.45
C PRO O 139 -18.10 101.99 40.85
N THR O 140 -18.45 102.95 40.01
CA THR O 140 -19.61 103.79 40.27
C THR O 140 -20.90 103.01 40.05
N ASN O 141 -21.97 103.50 40.67
CA ASN O 141 -23.31 102.94 40.52
C ASN O 141 -23.37 101.49 40.99
N CYS O 142 -23.00 101.29 42.26
CA CYS O 142 -23.11 99.98 42.92
C CYS O 142 -24.12 100.10 44.04
N GLU O 143 -25.10 99.20 44.05
CA GLU O 143 -26.20 99.24 45.01
C GLU O 143 -25.77 98.55 46.29
N PHE O 144 -25.26 99.34 47.24
CA PHE O 144 -24.82 98.80 48.52
C PHE O 144 -26.03 98.39 49.37
N LYS O 145 -25.83 97.36 50.19
CA LYS O 145 -26.87 96.82 51.06
C LYS O 145 -26.37 96.79 52.50
N LEU O 146 -27.22 97.20 53.43
CA LEU O 146 -26.88 97.14 54.85
C LEU O 146 -26.72 95.70 55.30
N VAL O 147 -25.62 95.42 55.99
CA VAL O 147 -25.44 94.11 56.61
C VAL O 147 -26.48 93.92 57.72
N ASP O 148 -26.67 94.95 58.54
CA ASP O 148 -27.69 94.94 59.59
C ASP O 148 -28.87 95.80 59.16
N ASN O 149 -30.07 95.26 59.31
CA ASN O 149 -31.27 95.97 58.87
C ASN O 149 -31.51 97.21 59.73
N ILE O 150 -31.69 98.34 59.08
CA ILE O 150 -31.97 99.61 59.75
C ILE O 150 -33.24 100.18 59.14
N SER O 151 -34.22 100.47 60.00
CA SER O 151 -35.47 101.06 59.53
C SER O 151 -35.24 102.47 59.00
N GLY O 152 -35.95 102.80 57.93
CA GLY O 152 -35.83 104.10 57.31
C GLY O 152 -34.83 104.19 56.17
N VAL O 153 -34.06 103.14 55.93
CA VAL O 153 -33.10 103.10 54.83
C VAL O 153 -33.59 102.07 53.82
N THR O 154 -33.68 102.50 52.56
CA THR O 154 -34.21 101.65 51.49
C THR O 154 -33.15 101.25 50.48
N LYS O 155 -32.46 102.22 49.88
CA LYS O 155 -31.46 101.96 48.86
C LYS O 155 -30.20 102.75 49.13
N ILE O 156 -29.04 102.10 48.95
CA ILE O 156 -27.75 102.72 49.10
C ILE O 156 -26.96 102.50 47.82
N THR O 157 -26.46 103.59 47.25
CA THR O 157 -25.66 103.53 46.03
C THR O 157 -24.53 104.55 46.11
N ASN O 158 -23.49 104.31 45.32
CA ASN O 158 -22.32 105.17 45.30
C ASN O 158 -22.33 106.01 44.03
N THR O 159 -22.17 107.33 44.19
CA THR O 159 -22.09 108.23 43.06
C THR O 159 -20.70 108.30 42.45
N ARG O 160 -19.68 107.77 43.12
CA ARG O 160 -18.31 107.78 42.63
C ARG O 160 -17.70 106.40 42.82
N SER O 161 -16.79 106.04 41.91
CA SER O 161 -16.11 104.76 42.00
C SER O 161 -15.16 104.74 43.20
N PHE O 162 -15.14 103.62 43.90
CA PHE O 162 -14.27 103.48 45.06
C PHE O 162 -12.81 103.40 44.63
N GLU O 163 -11.94 104.05 45.38
CA GLU O 163 -10.52 104.11 45.07
C GLU O 163 -9.72 103.91 46.35
N GLY O 164 -8.43 103.61 46.18
CA GLY O 164 -7.53 103.38 47.28
C GLY O 164 -7.28 101.93 47.61
N GLY O 165 -8.07 101.01 47.06
CA GLY O 165 -7.87 99.60 47.32
C GLY O 165 -6.64 99.06 46.64
N THR O 166 -5.61 98.74 47.43
CA THR O 166 -4.34 98.25 46.91
C THR O 166 -4.02 96.90 47.54
N ASP O 167 -3.54 95.97 46.71
CA ASP O 167 -3.19 94.64 47.16
C ASP O 167 -1.90 94.68 47.99
N ILE O 168 -1.68 93.58 48.72
CA ILE O 168 -0.45 93.44 49.49
C ILE O 168 0.73 93.29 48.53
N GLU O 169 1.81 94.03 48.78
CA GLU O 169 2.99 93.95 47.93
C GLU O 169 3.59 92.56 48.00
N THR O 170 3.69 91.92 46.84
CA THR O 170 4.23 90.56 46.80
C THR O 170 5.74 90.59 47.00
N ASP O 171 6.32 89.40 47.18
CA ASP O 171 7.75 89.29 47.42
C ASP O 171 8.55 89.81 46.24
N GLU O 172 8.16 89.42 45.01
CA GLU O 172 8.94 89.75 43.83
C GLU O 172 8.97 91.24 43.57
N GLU O 173 7.82 91.92 43.73
CA GLU O 173 7.76 93.36 43.46
C GLU O 173 8.69 94.12 44.38
N LEU O 174 8.61 93.82 45.69
CA LEU O 174 9.55 94.42 46.63
C LEU O 174 10.99 94.04 46.29
N LYS O 175 11.19 92.85 45.72
CA LYS O 175 12.54 92.43 45.34
C LYS O 175 13.12 93.34 44.26
N GLU O 176 12.37 93.56 43.18
CA GLU O 176 12.93 94.44 42.14
C GLU O 176 12.97 95.88 42.61
N ARG O 177 12.06 96.29 43.50
CA ARG O 177 12.14 97.64 44.05
C ARG O 177 13.43 97.82 44.84
N PHE O 178 13.77 96.84 45.69
CA PHE O 178 15.02 96.89 46.43
C PHE O 178 16.23 96.85 45.50
N TYR O 179 16.16 96.03 44.44
CA TYR O 179 17.28 95.98 43.50
C TYR O 179 17.48 97.32 42.82
N LYS O 180 16.41 97.97 42.40
CA LYS O 180 16.51 99.29 41.79
C LYS O 180 17.04 100.32 42.78
N ILE O 181 16.61 100.24 44.04
CA ILE O 181 17.13 101.14 45.07
C ILE O 181 18.63 100.94 45.23
N GLN O 182 19.08 99.68 45.24
CA GLN O 182 20.51 99.40 45.40
C GLN O 182 21.31 99.90 44.20
N ARG O 183 20.79 99.71 42.99
CA ARG O 183 21.54 100.13 41.81
C ARG O 183 21.65 101.65 41.71
N ASN O 184 20.57 102.36 42.01
CA ASN O 184 20.51 103.81 41.82
C ASN O 184 20.29 104.51 43.15
N GLN O 185 21.14 105.49 43.46
CA GLN O 185 21.04 106.28 44.67
C GLN O 185 20.85 107.74 44.31
N ALA O 186 20.29 108.50 45.25
CA ALA O 186 20.04 109.92 45.03
C ALA O 186 21.34 110.65 44.76
N THR O 187 21.35 111.48 43.72
CA THR O 187 22.53 112.21 43.30
C THR O 187 22.17 113.66 43.03
N SER O 188 23.18 114.53 43.15
CA SER O 188 22.96 115.96 43.04
C SER O 188 22.57 116.38 41.62
N GLY O 189 23.33 115.92 40.63
CA GLY O 189 23.19 116.45 39.29
C GLY O 189 22.26 115.71 38.37
N ASN O 190 22.14 114.40 38.55
CA ASN O 190 21.23 113.60 37.73
C ASN O 190 19.81 114.13 37.89
N LYS O 191 19.24 114.65 36.80
CA LYS O 191 17.93 115.28 36.87
C LYS O 191 16.84 114.33 37.31
N ALA O 192 17.01 113.03 37.11
CA ALA O 192 16.01 112.07 37.55
C ALA O 192 15.86 112.09 39.07
N HIS O 193 16.99 112.03 39.79
CA HIS O 193 16.94 112.02 41.24
C HIS O 193 16.35 113.31 41.80
N TYR O 194 16.75 114.45 41.23
CA TYR O 194 16.24 115.73 41.74
C TYR O 194 14.76 115.90 41.42
N GLU O 195 14.34 115.53 40.21
CA GLU O 195 12.94 115.67 39.83
C GLU O 195 12.05 114.61 40.50
N GLU O 196 12.64 113.56 41.07
CA GLU O 196 11.84 112.59 41.80
C GLU O 196 11.15 113.23 43.00
N TRP O 197 11.88 114.06 43.74
CA TRP O 197 11.30 114.72 44.92
C TRP O 197 10.21 115.70 44.51
N ALA O 198 10.42 116.44 43.42
CA ALA O 198 9.39 117.36 42.93
C ALA O 198 8.16 116.61 42.46
N LEU O 199 8.36 115.48 41.77
CA LEU O 199 7.23 114.69 41.29
C LEU O 199 6.43 114.04 42.41
N GLU O 200 7.00 113.98 43.62
CA GLU O 200 6.26 113.45 44.77
C GLU O 200 5.04 114.30 45.10
N VAL O 201 5.02 115.56 44.67
CA VAL O 201 3.84 116.40 44.83
C VAL O 201 2.81 116.00 43.78
N ASP O 202 1.58 115.74 44.22
CA ASP O 202 0.54 115.27 43.31
C ASP O 202 0.13 116.36 42.31
N GLY O 203 0.24 117.63 42.71
CA GLY O 203 -0.21 118.70 41.83
C GLY O 203 0.58 118.80 40.54
N VAL O 204 1.88 118.51 40.59
CA VAL O 204 2.75 118.62 39.43
C VAL O 204 2.98 117.23 38.84
N TYR O 205 3.05 117.15 37.51
CA TYR O 205 3.26 115.90 36.81
C TYR O 205 4.46 115.91 35.87
N ASN O 206 4.96 117.08 35.47
CA ASN O 206 6.15 117.19 34.65
C ASN O 206 7.10 118.20 35.30
N VAL O 207 8.35 117.78 35.52
CA VAL O 207 9.35 118.62 36.17
C VAL O 207 10.56 118.71 35.27
N LYS O 208 11.05 119.94 35.07
CA LYS O 208 12.21 120.19 34.22
C LYS O 208 13.27 120.94 35.03
N VAL O 209 14.53 120.56 34.83
CA VAL O 209 15.66 121.17 35.51
C VAL O 209 16.48 121.94 34.47
N TYR O 210 16.79 123.20 34.77
CA TYR O 210 17.53 124.05 33.85
C TYR O 210 18.91 124.33 34.43
N PRO O 211 19.95 123.60 34.02
CA PRO O 211 21.30 123.89 34.51
C PRO O 211 21.85 125.17 33.93
N ARG O 212 22.77 125.79 34.69
CA ARG O 212 23.50 126.98 34.25
C ARG O 212 22.56 128.10 33.82
N TRP O 213 21.62 128.41 34.71
CA TRP O 213 20.68 129.50 34.47
C TRP O 213 21.12 130.82 35.09
N ASP O 214 21.93 130.78 36.15
CA ASP O 214 22.42 131.98 36.82
C ASP O 214 23.90 131.82 37.14
N GLY O 215 24.63 131.12 36.28
CA GLY O 215 26.02 130.83 36.53
C GLY O 215 26.23 129.41 37.00
N PRO O 216 27.48 129.03 37.28
CA PRO O 216 27.75 127.67 37.73
C PRO O 216 27.09 127.37 39.07
N GLY O 217 26.67 126.12 39.23
CA GLY O 217 26.03 125.69 40.47
C GLY O 217 24.61 126.16 40.63
N THR O 218 24.02 126.77 39.61
CA THR O 218 22.66 127.31 39.69
C THR O 218 21.72 126.37 38.95
N VAL O 219 20.69 125.90 39.65
CA VAL O 219 19.71 124.96 39.10
C VAL O 219 18.35 125.62 39.15
N LYS O 220 17.71 125.73 37.99
CA LYS O 220 16.36 126.30 37.88
C LYS O 220 15.36 125.15 37.78
N VAL O 221 14.39 125.14 38.68
CA VAL O 221 13.40 124.08 38.74
C VAL O 221 12.15 124.54 38.00
N LEU O 222 11.76 123.79 36.97
CA LEU O 222 10.56 124.04 36.19
C LEU O 222 9.59 122.89 36.42
N ILE O 223 8.37 123.21 36.82
CA ILE O 223 7.35 122.20 37.11
C ILE O 223 6.12 122.49 36.28
N PHE O 224 5.37 121.43 35.98
CA PHE O 224 4.12 121.53 35.23
C PHE O 224 3.01 120.85 36.01
N GLY O 225 1.90 121.55 36.20
CA GLY O 225 0.77 121.03 36.95
C GLY O 225 -0.06 120.07 36.14
N LYS O 226 -1.37 120.10 36.40
CA LYS O 226 -2.30 119.26 35.66
C LYS O 226 -2.47 119.79 34.25
N ASN O 227 -1.95 119.04 33.27
CA ASN O 227 -2.00 119.40 31.86
C ASN O 227 -1.41 120.79 31.62
N ASN O 228 -0.33 121.08 32.35
CA ASN O 228 0.45 122.31 32.21
C ASN O 228 -0.38 123.56 32.52
N GLN O 229 -1.10 123.46 33.65
CA GLN O 229 -1.91 124.54 34.22
C GLN O 229 -1.20 124.89 35.54
N ALA O 230 -1.01 126.18 35.81
CA ALA O 230 -0.27 126.61 36.98
C ALA O 230 -0.90 126.09 38.26
N VAL O 231 -0.06 125.64 39.19
CA VAL O 231 -0.51 125.21 40.50
C VAL O 231 -0.59 126.43 41.42
N ASP O 232 -1.24 126.28 42.57
CA ASP O 232 -1.41 127.40 43.49
C ASP O 232 -0.07 127.79 44.11
N THR O 233 -0.05 128.99 44.70
CA THR O 233 1.17 129.51 45.31
C THR O 233 1.63 128.63 46.46
N GLU O 234 0.69 128.13 47.27
CA GLU O 234 1.03 127.26 48.38
C GLU O 234 1.68 125.97 47.89
N THR O 235 1.20 125.42 46.78
CA THR O 235 1.82 124.24 46.21
C THR O 235 3.25 124.51 45.79
N ILE O 236 3.48 125.65 45.13
CA ILE O 236 4.83 126.03 44.74
C ILE O 236 5.73 126.15 45.97
N GLU O 237 5.23 126.81 47.01
CA GLU O 237 6.02 126.98 48.23
C GLU O 237 6.37 125.64 48.86
N ARG O 238 5.37 124.77 49.05
CA ARG O 238 5.61 123.51 49.73
C ARG O 238 6.55 122.63 48.92
N CYS O 239 6.43 122.65 47.60
CA CYS O 239 7.43 121.98 46.77
C CYS O 239 8.81 122.57 46.99
N GLN O 240 8.88 123.89 47.19
CA GLN O 240 10.17 124.53 47.40
C GLN O 240 10.82 124.05 48.69
N GLN O 241 10.08 124.07 49.81
CA GLN O 241 10.68 123.57 51.04
C GLN O 241 11.00 122.08 50.95
N HIS O 242 10.15 121.29 50.28
CA HIS O 242 10.46 119.87 50.16
C HIS O 242 11.76 119.65 49.40
N ILE O 243 11.86 120.23 48.20
CA ILE O 243 13.07 120.02 47.41
C ILE O 243 14.29 120.57 48.16
N ASP O 244 14.12 121.68 48.88
CA ASP O 244 15.22 122.18 49.70
C ASP O 244 15.63 121.16 50.75
N GLU O 245 14.66 120.47 51.33
CA GLU O 245 14.98 119.41 52.27
C GLU O 245 15.78 118.28 51.62
N GLU O 246 15.46 117.95 50.37
CA GLU O 246 16.28 116.97 49.65
C GLU O 246 17.24 117.55 48.62
N LYS O 247 17.38 118.88 48.53
CA LYS O 247 18.34 119.44 47.58
C LYS O 247 19.77 119.18 48.05
N PRO O 248 20.73 119.15 47.11
CA PRO O 248 22.13 118.90 47.50
C PRO O 248 22.75 120.07 48.24
N ILE O 249 24.05 120.00 48.49
CA ILE O 249 24.74 121.01 49.29
C ILE O 249 25.02 122.24 48.45
N GLY O 250 24.51 123.39 48.90
CA GLY O 250 24.81 124.68 48.32
C GLY O 250 24.37 124.94 46.89
N PRO O 251 23.11 124.61 46.52
CA PRO O 251 22.61 125.07 45.22
C PRO O 251 21.77 126.34 45.35
N THR O 252 21.50 127.01 44.25
CA THR O 252 20.50 128.07 44.19
C THR O 252 19.31 127.53 43.41
N ILE O 253 18.14 127.49 44.06
CA ILE O 253 16.98 126.79 43.53
C ILE O 253 15.85 127.80 43.34
N THR O 254 15.28 127.82 42.12
CA THR O 254 14.15 128.66 41.79
C THR O 254 13.07 127.80 41.16
N VAL O 255 11.84 127.95 41.63
CA VAL O 255 10.70 127.18 41.14
C VAL O 255 9.79 128.11 40.34
N VAL O 256 9.45 127.70 39.13
CA VAL O 256 8.60 128.49 38.24
C VAL O 256 7.36 127.67 37.90
N THR O 257 6.35 128.37 37.41
CA THR O 257 5.06 127.78 37.07
C THR O 257 4.65 128.20 35.67
N PRO O 258 3.85 127.39 34.98
CA PRO O 258 3.36 127.80 33.66
C PRO O 258 2.56 129.10 33.74
N LEU O 259 2.75 129.95 32.74
CA LEU O 259 2.15 131.28 32.71
C LEU O 259 1.04 131.32 31.67
N PRO O 260 -0.22 131.49 32.06
CA PRO O 260 -1.29 131.60 31.06
C PRO O 260 -1.10 132.83 30.19
N ILE O 261 -1.51 132.70 28.93
CA ILE O 261 -1.39 133.76 27.94
C ILE O 261 -2.77 134.09 27.42
N GLU O 262 -3.16 135.37 27.53
CA GLU O 262 -4.48 135.79 27.07
C GLU O 262 -4.57 135.71 25.55
N ILE O 263 -5.75 135.35 25.06
CA ILE O 263 -6.02 135.27 23.63
C ILE O 263 -7.25 136.11 23.32
N SER O 264 -7.12 137.03 22.37
CA SER O 264 -8.22 137.86 21.91
C SER O 264 -8.43 137.59 20.42
N ILE O 265 -9.67 137.32 20.03
CA ILE O 265 -10.00 136.96 18.66
C ILE O 265 -11.14 137.86 18.18
N SER O 266 -11.20 138.02 16.85
CA SER O 266 -12.25 138.83 16.23
C SER O 266 -12.39 138.39 14.78
N ALA O 267 -13.63 138.13 14.37
CA ALA O 267 -13.90 137.69 13.01
C ALA O 267 -15.32 138.05 12.63
N VAL O 268 -15.58 138.08 11.34
CA VAL O 268 -16.91 138.34 10.79
C VAL O 268 -17.36 137.08 10.05
N MET O 269 -18.49 136.51 10.47
CA MET O 269 -18.95 135.26 9.91
C MET O 269 -20.45 135.31 9.65
N LYS O 270 -20.89 134.46 8.73
CA LYS O 270 -22.30 134.29 8.40
C LYS O 270 -22.79 133.01 9.08
N LEU O 271 -23.75 133.16 9.98
CA LEU O 271 -24.25 132.02 10.74
C LEU O 271 -25.30 131.26 9.95
N GLU O 272 -25.29 129.94 10.08
CA GLU O 272 -26.30 129.10 9.44
C GLU O 272 -27.65 129.30 10.13
N ASP O 273 -28.70 128.89 9.44
CA ASP O 273 -30.05 129.01 9.97
C ASP O 273 -30.21 128.14 11.21
N GLY O 274 -30.94 128.66 12.19
CA GLY O 274 -31.17 127.94 13.44
C GLY O 274 -30.02 127.96 14.41
N TYR O 275 -28.97 128.73 14.13
CA TYR O 275 -27.81 128.83 15.00
C TYR O 275 -27.56 130.28 15.36
N THR O 276 -27.37 130.55 16.64
CA THR O 276 -27.13 131.89 17.14
C THR O 276 -25.63 132.07 17.45
N LEU O 277 -25.27 133.30 17.83
CA LEU O 277 -23.88 133.60 18.12
C LEU O 277 -23.38 132.87 19.37
N ASP O 278 -24.25 132.68 20.36
CA ASP O 278 -23.81 132.05 21.60
C ASP O 278 -23.43 130.58 21.39
N ASN O 279 -24.21 129.85 20.58
CA ASN O 279 -23.93 128.43 20.37
C ASN O 279 -22.60 128.24 19.63
N VAL O 280 -22.41 128.96 18.53
CA VAL O 280 -21.16 128.85 17.79
C VAL O 280 -20.00 129.35 18.62
N LYS O 281 -20.23 130.39 19.44
CA LYS O 281 -19.18 130.91 20.30
C LYS O 281 -18.72 129.86 21.30
N GLU O 282 -19.67 129.21 21.99
CA GLU O 282 -19.30 128.21 22.99
C GLU O 282 -18.65 127.00 22.34
N SER O 283 -19.18 126.55 21.20
CA SER O 283 -18.57 125.40 20.52
C SER O 283 -17.15 125.72 20.07
N PHE O 284 -16.94 126.90 19.49
CA PHE O 284 -15.62 127.26 19.01
C PHE O 284 -14.66 127.49 20.17
N LEU O 285 -15.13 128.05 21.28
CA LEU O 285 -14.22 128.24 22.41
C LEU O 285 -13.83 126.90 23.03
N GLU O 286 -14.76 125.94 23.09
CA GLU O 286 -14.41 124.61 23.56
C GLU O 286 -13.39 123.95 22.62
N SER O 287 -13.62 124.07 21.31
CA SER O 287 -12.71 123.46 20.34
C SER O 287 -11.33 124.10 20.42
N ILE O 288 -11.27 125.43 20.56
CA ILE O 288 -9.98 126.11 20.60
C ILE O 288 -9.29 125.89 21.95
N ASN O 289 -10.05 125.65 23.02
CA ASN O 289 -9.42 125.24 24.27
C ASN O 289 -8.79 123.87 24.13
N THR O 290 -9.48 122.94 23.48
CA THR O 290 -8.88 121.63 23.21
C THR O 290 -7.63 121.78 22.35
N TYR O 291 -7.69 122.61 21.32
CA TYR O 291 -6.53 122.83 20.45
C TYR O 291 -5.37 123.43 21.24
N PHE O 292 -5.64 124.40 22.10
CA PHE O 292 -4.60 124.98 22.94
C PHE O 292 -4.00 123.94 23.87
N ARG O 293 -4.83 123.01 24.35
CA ARG O 293 -4.30 121.91 25.15
C ARG O 293 -3.38 121.01 24.33
N ASP O 294 -3.73 120.76 23.07
CA ASP O 294 -2.98 119.81 22.25
C ASP O 294 -1.95 120.47 21.33
N ILE O 295 -1.80 121.79 21.36
CA ILE O 295 -0.84 122.47 20.49
C ILE O 295 0.52 122.50 21.16
N ARG O 296 1.55 122.19 20.39
CA ARG O 296 2.94 122.31 20.82
C ARG O 296 3.65 123.30 19.91
N GLY O 297 4.27 124.32 20.50
CA GLY O 297 4.93 125.35 19.72
C GLY O 297 4.10 126.59 19.53
N GLU O 298 4.34 127.31 18.44
CA GLU O 298 3.64 128.57 18.17
C GLU O 298 2.20 128.32 17.76
N ILE O 299 1.36 129.34 17.97
CA ILE O 299 -0.02 129.29 17.54
C ILE O 299 -0.08 129.31 16.02
N ILE O 300 -0.92 128.45 15.44
CA ILE O 300 -1.08 128.33 14.00
C ILE O 300 -2.38 129.05 13.62
N TYR O 301 -2.26 130.06 12.77
CA TYR O 301 -3.44 130.79 12.31
C TYR O 301 -4.37 129.88 11.52
N THR O 302 -3.81 129.02 10.66
CA THR O 302 -4.65 128.20 9.79
C THR O 302 -5.36 127.11 10.59
N LYS O 303 -4.73 126.60 11.64
CA LYS O 303 -5.45 125.68 12.53
C LYS O 303 -6.63 126.38 13.19
N VAL O 304 -6.45 127.65 13.58
CA VAL O 304 -7.53 128.38 14.23
C VAL O 304 -8.69 128.61 13.25
N MET O 305 -8.37 129.05 12.03
CA MET O 305 -9.41 129.26 11.03
C MET O 305 -10.10 127.95 10.63
N GLY O 306 -9.34 126.85 10.54
CA GLY O 306 -9.96 125.57 10.23
C GLY O 306 -10.89 125.09 11.33
N ILE O 307 -10.46 125.20 12.59
CA ILE O 307 -11.31 124.79 13.69
C ILE O 307 -12.49 125.75 13.86
N LEU O 308 -12.39 126.97 13.32
CA LEU O 308 -13.51 127.89 13.39
C LEU O 308 -14.55 127.60 12.31
N ILE O 309 -14.10 127.31 11.09
CA ILE O 309 -15.06 126.95 10.05
C ILE O 309 -15.68 125.58 10.33
N ASN O 310 -14.89 124.65 10.88
CA ASN O 310 -15.43 123.34 11.24
C ASN O 310 -16.49 123.42 12.33
N THR O 311 -16.52 124.51 13.10
CA THR O 311 -17.55 124.68 14.11
C THR O 311 -18.93 124.72 13.45
N THR O 312 -19.86 123.96 14.01
CA THR O 312 -21.19 123.86 13.42
C THR O 312 -21.91 125.20 13.50
N GLY O 313 -22.58 125.58 12.42
CA GLY O 313 -23.26 126.85 12.33
C GLY O 313 -22.49 127.94 11.61
N VAL O 314 -21.36 127.61 10.98
CA VAL O 314 -20.54 128.58 10.26
C VAL O 314 -20.67 128.32 8.78
N HIS O 315 -21.26 129.27 8.06
CA HIS O 315 -21.39 129.16 6.60
C HIS O 315 -20.29 129.92 5.87
N ASP O 316 -20.14 131.21 6.14
CA ASP O 316 -19.14 132.05 5.51
C ASP O 316 -18.55 132.98 6.56
N LEU O 317 -17.23 132.98 6.67
CA LEU O 317 -16.53 133.84 7.63
C LEU O 317 -15.39 134.55 6.93
N SER O 318 -15.00 135.70 7.49
CA SER O 318 -13.95 136.53 6.93
C SER O 318 -13.40 137.43 8.02
N ASN O 319 -12.25 138.05 7.72
CA ASN O 319 -11.60 139.01 8.62
C ASN O 319 -11.29 138.39 9.98
N LEU O 320 -10.73 137.19 9.97
CA LEU O 320 -10.34 136.53 11.21
C LEU O 320 -9.06 137.16 11.74
N LEU O 321 -9.11 137.68 12.96
CA LEU O 321 -8.00 138.37 13.58
C LEU O 321 -7.77 137.79 14.97
N ILE O 322 -6.51 137.43 15.26
CA ILE O 322 -6.13 136.86 16.55
C ILE O 322 -5.13 137.81 17.20
N ASN O 323 -5.52 138.41 18.33
CA ASN O 323 -4.66 139.32 19.06
C ASN O 323 -4.16 140.46 18.18
N GLY O 324 -5.03 140.94 17.29
CA GLY O 324 -4.70 142.04 16.42
C GLY O 324 -3.88 141.68 15.20
N SER O 325 -3.70 140.39 14.91
CA SER O 325 -2.90 139.99 13.76
C SER O 325 -3.43 138.67 13.22
N THR O 326 -3.09 138.42 11.94
CA THR O 326 -3.42 137.15 11.29
C THR O 326 -2.20 136.25 11.13
N ASP O 327 -1.05 136.65 11.65
CA ASP O 327 0.15 135.84 11.56
C ASP O 327 0.21 134.82 12.69
N ASN O 328 1.10 133.84 12.53
CA ASN O 328 1.30 132.85 13.57
C ASN O 328 1.85 133.51 14.83
N ILE O 329 1.27 133.17 15.97
CA ILE O 329 1.66 133.75 17.26
C ILE O 329 2.62 132.78 17.94
N THR O 330 3.83 133.25 18.24
CA THR O 330 4.83 132.42 18.88
C THR O 330 4.54 132.29 20.37
N ILE O 331 4.50 131.05 20.85
CA ILE O 331 4.30 130.75 22.26
C ILE O 331 5.65 130.53 22.90
N ASN O 332 5.96 131.32 23.93
CA ASN O 332 7.18 131.11 24.68
C ASN O 332 7.04 129.87 25.57
N GLU O 333 8.19 129.42 26.10
CA GLU O 333 8.18 128.25 26.96
C GLU O 333 7.40 128.52 28.24
N ASP O 334 6.78 127.47 28.77
CA ASP O 334 6.01 127.55 30.01
C ASP O 334 4.84 128.53 29.92
N LYS O 335 4.25 128.64 28.73
CA LYS O 335 3.12 129.53 28.50
C LYS O 335 2.01 128.78 27.78
N ILE O 336 0.77 128.99 28.22
CA ILE O 336 -0.38 128.33 27.64
C ILE O 336 -1.39 129.39 27.18
N PRO O 337 -1.97 129.25 26.00
CA PRO O 337 -2.98 130.23 25.56
C PRO O 337 -4.24 130.15 26.41
N SER O 338 -4.90 131.29 26.54
CA SER O 338 -6.16 131.38 27.29
C SER O 338 -7.07 132.37 26.59
N VAL O 339 -8.27 131.91 26.23
CA VAL O 339 -9.21 132.77 25.52
C VAL O 339 -9.78 133.81 26.48
N THR O 340 -9.70 135.07 26.10
CA THR O 340 -10.20 136.17 26.91
C THR O 340 -11.21 137.05 26.19
N THR O 341 -11.02 137.29 24.89
CA THR O 341 -11.91 138.15 24.12
C THR O 341 -12.32 137.42 22.85
N VAL O 342 -13.63 137.36 22.60
CA VAL O 342 -14.19 136.79 21.38
C VAL O 342 -15.11 137.84 20.78
N ASN O 343 -14.82 138.26 19.55
CA ASN O 343 -15.59 139.29 18.86
C ASN O 343 -16.14 138.68 17.57
N PHE O 344 -17.37 138.19 17.64
CA PHE O 344 -18.04 137.56 16.51
C PHE O 344 -19.19 138.45 16.04
N SER O 345 -19.17 138.78 14.75
CA SER O 345 -20.18 139.66 14.15
C SER O 345 -20.77 138.96 12.93
N GLU O 346 -22.11 138.98 12.84
CA GLU O 346 -22.79 138.39 11.69
C GLU O 346 -23.11 139.46 10.65
N MET P 1 13.40 55.07 68.14
CA MET P 1 12.08 54.47 68.10
C MET P 1 11.52 54.42 66.68
N LYS P 2 12.02 55.30 65.82
CA LYS P 2 11.57 55.33 64.44
C LYS P 2 12.02 54.07 63.69
N LEU P 3 13.30 53.73 63.79
CA LEU P 3 13.83 52.59 63.03
C LEU P 3 13.23 51.28 63.51
N ILE P 4 13.12 51.10 64.84
CA ILE P 4 12.55 49.85 65.35
C ILE P 4 11.11 49.68 64.88
N ASP P 5 10.38 50.78 64.73
CA ASP P 5 9.08 50.72 64.07
C ASP P 5 9.25 50.30 62.61
N LYS P 6 10.25 50.85 61.92
CA LYS P 6 10.53 50.40 60.56
C LYS P 6 11.14 49.01 60.54
N LEU P 7 11.88 48.64 61.59
CA LEU P 7 12.53 47.34 61.64
C LEU P 7 11.50 46.22 61.80
N PRO P 8 11.86 45.01 61.38
CA PRO P 8 10.90 43.90 61.47
C PRO P 8 10.56 43.52 62.90
N SER P 9 9.44 42.81 63.04
CA SER P 9 8.92 42.48 64.35
C SER P 9 9.86 41.56 65.12
N PHE P 10 10.48 40.59 64.44
CA PHE P 10 11.32 39.62 65.14
C PHE P 10 12.59 40.24 65.71
N ASP P 11 12.91 41.48 65.35
CA ASP P 11 14.08 42.17 65.87
C ASP P 11 13.71 43.14 66.99
N ARG P 12 12.73 42.79 67.81
CA ARG P 12 12.26 43.64 68.90
C ARG P 12 13.01 43.40 70.21
N ASN P 13 14.25 42.93 70.14
CA ASN P 13 15.01 42.62 71.33
C ASN P 13 15.61 43.89 71.94
N TYR P 14 16.21 43.72 73.12
CA TYR P 14 16.74 44.85 73.88
C TYR P 14 17.95 45.48 73.21
N ILE P 15 18.80 44.69 72.55
CA ILE P 15 19.98 45.23 71.90
C ILE P 15 19.58 46.22 70.81
N VAL P 16 18.59 45.85 69.99
CA VAL P 16 18.12 46.75 68.95
C VAL P 16 17.56 48.03 69.55
N GLU P 17 16.78 47.91 70.62
CA GLU P 17 16.22 49.09 71.25
C GLU P 17 17.31 50.03 71.76
N GLU P 18 18.33 49.47 72.41
CA GLU P 18 19.42 50.31 72.93
C GLU P 18 20.17 51.00 71.80
N ILE P 19 20.51 50.26 70.74
CA ILE P 19 21.33 50.84 69.68
C ILE P 19 20.53 51.89 68.91
N GLN P 20 19.25 51.62 68.65
CA GLN P 20 18.43 52.62 67.98
C GLN P 20 18.16 53.82 68.88
N GLY P 21 18.10 53.63 70.20
CA GLY P 21 18.00 54.78 71.08
C GLY P 21 19.22 55.67 71.02
N ALA P 22 20.41 55.05 71.00
CA ALA P 22 21.63 55.84 70.83
C ALA P 22 21.64 56.56 69.49
N TYR P 23 21.22 55.88 68.42
CA TYR P 23 21.16 56.50 67.11
C TYR P 23 20.16 57.64 67.07
N ASP P 24 19.05 57.51 67.81
CA ASP P 24 18.06 58.57 67.86
C ASP P 24 18.58 59.77 68.65
N THR P 25 19.34 59.52 69.71
CA THR P 25 20.00 60.63 70.41
C THR P 25 20.97 61.35 69.48
N GLU P 26 21.72 60.58 68.70
CA GLU P 26 22.60 61.19 67.70
C GLU P 26 21.80 62.00 66.68
N LEU P 27 20.64 61.48 66.27
CA LEU P 27 19.77 62.23 65.35
C LEU P 27 19.32 63.53 65.97
N ASN P 28 18.94 63.53 67.25
CA ASN P 28 18.53 64.75 67.91
C ASN P 28 19.67 65.75 67.96
N ILE P 29 20.88 65.28 68.26
CA ILE P 29 22.05 66.17 68.27
C ILE P 29 22.26 66.77 66.89
N LEU P 30 22.18 65.94 65.85
CA LEU P 30 22.41 66.41 64.50
C LEU P 30 21.34 67.42 64.07
N LYS P 31 20.08 67.17 64.40
CA LYS P 31 19.02 68.06 63.98
C LYS P 31 19.08 69.39 64.74
N GLU P 32 19.45 69.36 66.02
CA GLU P 32 19.61 70.62 66.74
C GLU P 32 20.82 71.39 66.23
N ASP P 33 21.88 70.69 65.82
CA ASP P 33 23.01 71.36 65.18
C ASP P 33 22.58 72.01 63.86
N ILE P 34 21.76 71.31 63.07
CA ILE P 34 21.28 71.88 61.82
C ILE P 34 20.43 73.11 62.07
N ASP P 35 19.55 73.05 63.08
CA ASP P 35 18.73 74.21 63.42
C ASP P 35 19.60 75.37 63.88
N ASP P 36 20.63 75.10 64.68
CA ASP P 36 21.52 76.16 65.13
C ASP P 36 22.26 76.79 63.96
N THR P 37 22.72 75.97 63.01
CA THR P 37 23.39 76.52 61.83
C THR P 37 22.44 77.36 60.99
N PHE P 38 21.20 76.91 60.82
CA PHE P 38 20.22 77.68 60.06
C PHE P 38 19.94 79.01 60.75
N ASN P 39 19.89 79.02 62.08
CA ASN P 39 19.78 80.27 62.81
C ASN P 39 21.01 81.15 62.57
N GLN P 40 22.19 80.54 62.54
CA GLN P 40 23.42 81.29 62.28
C GLN P 40 23.42 81.91 60.89
N LEU P 41 22.67 81.33 59.96
CA LEU P 41 22.59 81.90 58.61
C LEU P 41 22.01 83.30 58.64
N PHE P 42 20.95 83.50 59.43
CA PHE P 42 20.32 84.81 59.51
C PHE P 42 21.05 85.70 60.51
N VAL P 43 21.10 86.99 60.20
CA VAL P 43 21.85 87.94 61.03
C VAL P 43 21.24 88.02 62.43
N ASP P 44 19.91 88.12 62.50
CA ASP P 44 19.25 88.29 63.79
C ASP P 44 19.45 87.07 64.69
N THR P 45 19.35 85.88 64.12
CA THR P 45 19.45 84.65 64.90
C THR P 45 20.88 84.13 65.06
N ALA P 46 21.85 84.75 64.38
CA ALA P 46 23.24 84.34 64.54
C ALA P 46 23.82 84.92 65.82
N THR P 47 24.64 84.12 66.50
CA THR P 47 25.31 84.55 67.72
C THR P 47 26.83 84.65 67.54
N TRP P 48 27.48 83.55 67.16
CA TRP P 48 28.92 83.56 66.96
C TRP P 48 29.31 83.79 65.50
N GLY P 49 28.35 83.82 64.59
CA GLY P 49 28.65 84.08 63.19
C GLY P 49 28.82 85.54 62.83
N LEU P 50 28.52 86.45 63.75
CA LEU P 50 28.62 87.87 63.48
C LEU P 50 30.07 88.30 63.24
N ASP P 51 31.04 87.50 63.67
CA ASP P 51 32.44 87.85 63.43
C ASP P 51 32.73 87.91 61.94
N MET P 52 32.26 86.92 61.18
CA MET P 52 32.48 86.95 59.74
C MET P 52 31.64 88.02 59.06
N TRP P 53 30.47 88.35 59.61
CA TRP P 53 29.71 89.48 59.08
C TRP P 53 30.52 90.77 59.21
N GLU P 54 31.13 90.98 60.37
CA GLU P 54 31.99 92.14 60.57
C GLU P 54 33.20 92.10 59.65
N ASP P 55 33.78 90.92 59.45
CA ASP P 55 34.93 90.78 58.56
C ASP P 55 34.56 91.15 57.12
N ILE P 56 33.39 90.71 56.67
CA ILE P 56 32.89 91.11 55.36
C ILE P 56 32.69 92.63 55.32
N LEU P 57 32.17 93.20 56.41
CA LEU P 57 32.07 94.65 56.52
C LEU P 57 33.43 95.32 56.62
N CYS P 58 34.51 94.55 56.81
CA CYS P 58 35.88 95.07 56.88
C CYS P 58 36.07 96.03 58.04
N ILE P 59 35.30 95.83 59.12
CA ILE P 59 35.46 96.59 60.35
C ILE P 59 35.71 95.60 61.48
N GLU P 60 36.76 95.86 62.27
CA GLU P 60 37.14 95.00 63.38
C GLU P 60 36.80 95.70 64.69
N LYS P 61 35.96 95.05 65.50
CA LYS P 61 35.51 95.62 66.76
C LYS P 61 35.54 94.53 67.83
N LYS P 62 35.94 94.92 69.04
CA LYS P 62 35.94 93.98 70.15
C LYS P 62 34.52 93.52 70.45
N GLU P 63 34.39 92.26 70.87
CA GLU P 63 33.09 91.68 71.14
C GLU P 63 32.48 92.33 72.38
N LEU P 64 31.31 92.95 72.21
CA LEU P 64 30.59 93.58 73.31
C LEU P 64 29.26 92.91 73.58
N ASP P 65 28.41 92.78 72.56
CA ASP P 65 27.13 92.11 72.72
C ASP P 65 26.64 91.68 71.35
N PHE P 66 25.83 90.62 71.32
CA PHE P 66 25.28 90.13 70.07
C PHE P 66 24.32 91.15 69.47
N ASP P 67 23.43 91.71 70.29
CA ASP P 67 22.52 92.75 69.80
C ASP P 67 23.30 93.99 69.37
N THR P 68 24.33 94.36 70.15
CA THR P 68 25.17 95.49 69.76
C THR P 68 25.89 95.21 68.45
N ARG P 69 26.38 93.98 68.26
CA ARG P 69 27.04 93.63 67.01
C ARG P 69 26.07 93.72 65.83
N ARG P 70 24.84 93.23 66.01
CA ARG P 70 23.84 93.32 64.94
C ARG P 70 23.49 94.77 64.63
N SER P 71 23.37 95.61 65.67
CA SER P 71 23.09 97.02 65.45
C SER P 71 24.24 97.70 64.70
N ASN P 72 25.48 97.36 65.04
CA ASN P 72 26.63 97.91 64.34
C ASN P 72 26.65 97.46 62.88
N ILE P 73 26.29 96.20 62.63
CA ILE P 73 26.21 95.71 61.25
C ILE P 73 25.16 96.47 60.47
N LYS P 74 23.98 96.68 61.08
CA LYS P 74 22.93 97.43 60.42
C LYS P 74 23.34 98.86 60.14
N ALA P 75 24.06 99.48 61.08
CA ALA P 75 24.52 100.85 60.89
C ALA P 75 25.58 100.93 59.79
N LYS P 76 26.48 99.94 59.72
CA LYS P 76 27.53 99.95 58.72
C LYS P 76 26.96 99.89 57.31
N MET P 77 26.00 99.00 57.09
CA MET P 77 25.36 98.90 55.78
C MET P 77 24.50 100.13 55.51
N ARG P 78 24.60 100.63 54.27
CA ARG P 78 23.99 101.88 53.80
C ARG P 78 23.99 102.96 54.88
N SER P 79 22.85 103.63 55.08
CA SER P 79 22.71 104.68 56.07
C SER P 79 23.76 105.77 55.88
N ARG P 80 24.02 106.12 54.62
CA ARG P 80 25.02 107.11 54.26
C ARG P 80 24.39 108.18 53.38
N GLY P 81 25.18 109.20 53.05
CA GLY P 81 24.71 110.25 52.17
C GLY P 81 24.02 111.38 52.89
N THR P 82 24.48 112.60 52.70
CA THR P 82 23.86 113.79 53.26
C THR P 82 22.86 114.33 52.24
N SER P 83 21.57 114.24 52.59
CA SER P 83 20.54 114.67 51.66
C SER P 83 20.63 116.16 51.35
N THR P 84 20.89 116.98 52.37
CA THR P 84 20.93 118.42 52.21
C THR P 84 22.06 119.00 53.07
N ILE P 85 22.11 120.33 53.11
CA ILE P 85 23.14 121.02 53.90
C ILE P 85 22.92 120.75 55.38
N GLU P 86 21.66 120.66 55.81
CA GLU P 86 21.34 120.53 57.22
C GLU P 86 21.98 119.31 57.85
N VAL P 87 22.12 118.21 57.08
CA VAL P 87 22.78 117.02 57.62
C VAL P 87 24.22 117.33 58.00
N ILE P 88 24.96 117.96 57.09
CA ILE P 88 26.35 118.29 57.37
C ILE P 88 26.44 119.31 58.51
N LYS P 89 25.52 120.29 58.53
CA LYS P 89 25.55 121.28 59.60
C LYS P 89 25.31 120.64 60.96
N SER P 90 24.34 119.72 61.05
CA SER P 90 24.07 119.05 62.32
C SER P 90 25.22 118.14 62.73
N ILE P 91 25.86 117.48 61.77
CA ILE P 91 27.00 116.63 62.10
C ILE P 91 28.17 117.48 62.60
N CYS P 92 28.41 118.64 61.98
CA CYS P 92 29.55 119.47 62.32
C CYS P 92 29.34 120.21 63.64
N GLU P 93 28.11 120.66 63.92
CA GLU P 93 27.86 121.41 65.14
C GLU P 93 28.07 120.56 66.39
N ALA P 94 27.98 119.24 66.28
CA ALA P 94 28.33 118.37 67.40
C ALA P 94 29.80 118.51 67.75
N TYR P 95 30.67 118.55 66.74
CA TYR P 95 32.09 118.76 67.01
C TYR P 95 32.37 120.17 67.47
N THR P 96 31.76 121.16 66.83
CA THR P 96 32.03 122.55 67.21
C THR P 96 31.36 122.93 68.53
N LYS P 97 30.29 122.23 68.89
CA LYS P 97 29.53 122.51 70.11
C LYS P 97 29.02 123.95 70.16
N SER P 98 28.71 124.51 68.99
CA SER P 98 28.20 125.87 68.90
C SER P 98 27.47 126.03 67.58
N GLU P 99 26.67 127.09 67.49
CA GLU P 99 25.94 127.38 66.26
C GLU P 99 26.92 127.73 65.15
N THR P 100 26.57 127.32 63.92
CA THR P 100 27.39 127.58 62.75
C THR P 100 26.51 128.13 61.64
N ASP P 101 26.92 129.27 61.09
CA ASP P 101 26.25 129.88 59.96
C ASP P 101 27.05 129.63 58.69
N ILE P 102 26.35 129.54 57.56
CA ILE P 102 26.95 129.16 56.29
C ILE P 102 26.71 130.27 55.27
N LYS P 103 27.77 130.60 54.53
CA LYS P 103 27.70 131.53 53.40
C LYS P 103 28.18 130.78 52.17
N VAL P 104 27.25 130.19 51.43
CA VAL P 104 27.58 129.33 50.30
C VAL P 104 27.14 130.03 49.02
N TYR P 105 28.04 130.12 48.06
CA TYR P 105 27.78 130.72 46.76
C TYR P 105 27.88 129.64 45.69
N SER P 106 26.83 129.50 44.88
CA SER P 106 26.87 128.54 43.78
C SER P 106 27.95 128.90 42.77
N ASP P 107 28.09 130.19 42.46
CA ASP P 107 29.16 130.62 41.56
C ASP P 107 30.53 130.31 42.15
N GLU P 108 30.71 130.57 43.45
CA GLU P 108 31.98 130.30 44.10
C GLU P 108 32.18 128.83 44.42
N PHE P 109 31.10 128.06 44.53
CA PHE P 109 31.16 126.67 44.98
C PHE P 109 31.87 126.57 46.34
N THR P 110 31.75 127.61 47.14
CA THR P 110 32.54 127.77 48.36
C THR P 110 31.67 127.54 49.58
N PHE P 111 32.16 126.72 50.51
CA PHE P 111 31.51 126.47 51.78
C PHE P 111 32.35 127.07 52.89
N VAL P 112 31.69 127.74 53.84
CA VAL P 112 32.37 128.37 54.96
C VAL P 112 31.60 128.07 56.24
N LEU P 113 32.32 127.77 57.32
CA LEU P 113 31.72 127.49 58.61
C LEU P 113 32.35 128.40 59.65
N SER P 114 31.52 129.16 60.36
CA SER P 114 31.98 130.08 61.38
C SER P 114 31.62 129.53 62.75
N PHE P 115 32.58 129.54 63.66
CA PHE P 115 32.40 128.96 64.99
C PHE P 115 33.29 129.69 65.99
N ILE P 116 32.91 129.61 67.26
CA ILE P 116 33.69 130.25 68.30
C ILE P 116 34.99 129.50 68.51
N ALA P 117 36.11 130.22 68.48
CA ALA P 117 37.42 129.59 68.61
C ALA P 117 37.60 128.98 70.00
N ASN P 118 37.11 129.66 71.05
CA ASN P 118 37.35 129.20 72.41
C ASN P 118 36.58 127.91 72.70
N ASN P 119 35.48 127.66 71.98
CA ASN P 119 34.68 126.48 72.28
C ASN P 119 35.34 125.20 71.79
N CYS P 120 35.94 125.23 70.61
CA CYS P 120 36.46 124.02 69.96
C CYS P 120 37.97 124.13 69.83
N ASP P 121 38.67 123.08 70.25
CA ASP P 121 40.14 123.07 70.27
C ASP P 121 40.70 122.87 68.87
N TYR P 122 42.01 123.10 68.74
CA TYR P 122 42.66 123.01 67.43
C TYR P 122 42.66 121.58 66.90
N LYS P 123 43.00 120.61 67.75
CA LYS P 123 43.11 119.23 67.28
C LYS P 123 41.75 118.68 66.88
N THR P 124 40.73 118.89 67.71
CA THR P 124 39.39 118.46 67.35
C THR P 124 38.85 119.25 66.16
N LEU P 125 39.26 120.50 66.00
CA LEU P 125 38.90 121.24 64.79
C LEU P 125 39.49 120.59 63.55
N LEU P 126 40.76 120.17 63.62
CA LEU P 126 41.37 119.48 62.49
C LEU P 126 40.68 118.16 62.20
N ASP P 127 40.34 117.42 63.25
CA ASP P 127 39.62 116.15 63.06
C ASP P 127 38.26 116.38 62.41
N CYS P 128 37.53 117.41 62.87
CA CYS P 128 36.24 117.71 62.27
C CYS P 128 36.38 118.14 60.83
N SER P 129 37.42 118.92 60.51
CA SER P 129 37.64 119.34 59.14
C SER P 129 37.97 118.14 58.25
N ASP P 130 38.78 117.21 58.75
CA ASP P 130 39.08 116.01 57.98
C ASP P 130 37.83 115.18 57.74
N MET P 131 36.99 115.04 58.78
CA MET P 131 35.74 114.31 58.62
C MET P 131 34.83 115.01 57.60
N ILE P 132 34.75 116.34 57.66
CA ILE P 132 33.94 117.08 56.71
C ILE P 132 34.43 116.83 55.29
N GLU P 133 35.74 116.98 55.07
CA GLU P 133 36.30 116.70 53.75
C GLU P 133 36.01 115.28 53.32
N ARG P 134 36.03 114.34 54.26
CA ARG P 134 35.59 112.98 53.97
C ARG P 134 34.14 112.94 53.50
N VAL P 135 33.33 113.88 53.98
CA VAL P 135 31.92 113.95 53.58
C VAL P 135 31.70 115.01 52.50
N LYS P 136 32.47 116.10 52.57
CA LYS P 136 32.23 117.25 51.71
C LYS P 136 32.64 116.92 50.27
N PRO P 137 31.89 117.39 49.27
CA PRO P 137 32.17 116.99 47.89
C PRO P 137 33.53 117.47 47.39
N ALA P 138 34.08 116.74 46.43
CA ALA P 138 35.42 117.05 45.93
C ALA P 138 35.47 118.43 45.31
N HIS P 139 34.46 118.80 44.52
CA HIS P 139 34.45 120.12 43.90
C HIS P 139 34.27 121.23 44.93
N LEU P 140 33.35 121.03 45.88
CA LEU P 140 33.13 122.02 46.92
C LEU P 140 34.37 122.12 47.81
N LEU P 141 34.52 123.29 48.43
CA LEU P 141 35.61 123.52 49.38
C LEU P 141 35.03 124.16 50.63
N HIS P 142 35.28 123.54 51.78
CA HIS P 142 34.78 124.01 53.05
C HIS P 142 35.85 124.82 53.77
N TYR P 143 35.43 125.94 54.37
CA TYR P 143 36.33 126.81 55.10
C TYR P 143 35.96 126.81 56.57
N LEU P 144 36.92 126.48 57.43
CA LEU P 144 36.73 126.54 58.87
C LEU P 144 37.18 127.91 59.36
N GLU P 145 36.25 128.65 59.96
CA GLU P 145 36.52 130.02 60.41
C GLU P 145 36.31 130.13 61.92
N PRO P 146 37.37 130.34 62.70
CA PRO P 146 37.20 130.52 64.15
C PRO P 146 36.89 131.97 64.46
N ILE P 147 35.79 132.20 65.19
CA ILE P 147 35.40 133.55 65.56
C ILE P 147 36.36 134.08 66.61
N ILE P 148 36.90 135.28 66.35
CA ILE P 148 37.86 135.89 67.27
C ILE P 148 37.12 136.76 68.29
N LEU Q 16 35.05 29.05 29.79
CA LEU Q 16 36.01 28.03 30.20
C LEU Q 16 36.25 27.97 31.72
N PRO Q 17 36.50 29.11 32.37
CA PRO Q 17 36.71 29.08 33.82
C PRO Q 17 35.45 28.58 34.54
N LYS Q 18 35.67 27.81 35.59
CA LYS Q 18 34.56 27.28 36.37
C LYS Q 18 33.96 28.37 37.26
N THR Q 19 32.70 28.16 37.65
CA THR Q 19 32.00 29.12 38.50
C THR Q 19 32.67 29.18 39.87
N GLU Q 20 32.86 30.41 40.36
CA GLU Q 20 33.46 30.60 41.67
C GLU Q 20 32.45 30.25 42.76
N GLU Q 21 32.89 29.45 43.73
CA GLU Q 21 32.01 29.04 44.81
C GLU Q 21 31.63 30.23 45.68
N LEU Q 22 30.40 30.20 46.18
CA LEU Q 22 29.95 31.26 47.07
C LEU Q 22 30.63 31.12 48.43
N PRO Q 23 31.27 32.17 48.93
CA PRO Q 23 31.92 32.08 50.24
C PRO Q 23 30.91 31.86 51.35
N ILE Q 24 31.38 31.25 52.44
CA ILE Q 24 30.50 30.92 53.55
C ILE Q 24 29.87 32.18 54.11
N PHE Q 25 28.54 32.17 54.23
CA PHE Q 25 27.80 33.30 54.76
C PHE Q 25 27.88 33.27 56.29
N ARG Q 26 28.47 34.30 56.86
CA ARG Q 26 28.63 34.41 58.31
C ARG Q 26 27.85 35.62 58.82
N GLU Q 27 27.18 35.45 59.96
CA GLU Q 27 26.36 36.47 60.57
C GLU Q 27 26.00 36.01 61.98
N VAL Q 28 25.14 36.78 62.65
CA VAL Q 28 24.73 36.44 64.00
C VAL Q 28 23.86 35.17 63.98
N ALA Q 29 23.69 34.58 65.16
CA ALA Q 29 22.90 33.37 65.31
C ALA Q 29 22.03 33.48 66.55
N TRP Q 30 20.95 32.70 66.55
CA TRP Q 30 20.05 32.60 67.69
C TRP Q 30 19.14 31.40 67.48
N ASP Q 31 18.40 31.07 68.54
CA ASP Q 31 17.41 30.01 68.45
C ASP Q 31 16.18 30.51 67.70
N PHE Q 32 15.77 29.76 66.66
CA PHE Q 32 14.61 30.16 65.88
C PHE Q 32 13.34 30.14 66.72
N GLU Q 33 13.27 29.29 67.73
CA GLU Q 33 12.13 29.28 68.62
C GLU Q 33 12.18 30.43 69.62
N LYS Q 34 13.38 30.82 70.05
CA LYS Q 34 13.51 31.94 71.00
C LYS Q 34 13.15 33.27 70.34
N ASP Q 35 13.50 33.43 69.06
CA ASP Q 35 13.28 34.66 68.30
C ASP Q 35 14.03 35.85 68.90
N GLU Q 36 15.04 35.60 69.73
CA GLU Q 36 15.86 36.64 70.32
C GLU Q 36 17.33 36.30 70.12
N PRO Q 37 18.15 37.28 69.75
CA PRO Q 37 19.57 37.00 69.50
C PRO Q 37 20.28 36.44 70.72
N ILE Q 38 21.19 35.50 70.49
CA ILE Q 38 21.94 34.84 71.55
C ILE Q 38 23.39 35.30 71.48
N LEU Q 39 24.03 35.32 72.63
CA LEU Q 39 25.42 35.77 72.74
C LEU Q 39 26.24 34.70 73.44
N GLU Q 40 27.32 34.26 72.79
CA GLU Q 40 28.28 33.34 73.38
C GLU Q 40 29.43 34.16 73.96
N LYS Q 41 29.52 34.22 75.29
CA LYS Q 41 30.50 35.01 76.04
C LYS Q 41 30.67 36.40 75.45
N GLY Q 42 29.58 36.98 74.93
CA GLY Q 42 29.62 38.26 74.28
C GLY Q 42 29.74 38.21 72.77
N ASP Q 43 30.05 37.05 72.19
CA ASP Q 43 30.17 36.91 70.74
C ASP Q 43 28.95 36.18 70.20
N PHE Q 44 28.34 36.75 69.16
CA PHE Q 44 27.25 36.07 68.49
C PHE Q 44 27.75 34.76 67.88
N LYS Q 45 26.92 33.72 67.99
CA LYS Q 45 27.31 32.41 67.51
C LYS Q 45 27.60 32.45 66.01
N ILE Q 46 28.68 31.80 65.61
CA ILE Q 46 29.10 31.79 64.22
C ILE Q 46 28.24 30.83 63.42
N ILE Q 47 27.82 31.25 62.24
CA ILE Q 47 27.00 30.45 61.33
C ILE Q 47 27.81 30.13 60.08
N GLU Q 48 27.91 28.85 59.75
CA GLU Q 48 28.65 28.40 58.59
C GLU Q 48 27.93 27.20 57.98
N LYS Q 49 28.19 26.98 56.69
CA LYS Q 49 27.62 25.87 55.92
C LYS Q 49 26.10 25.99 55.98
N LYS Q 50 25.37 24.99 56.48
CA LYS Q 50 23.92 25.08 56.59
C LYS Q 50 23.52 25.64 57.96
N GLU Q 51 23.89 26.89 58.17
CA GLU Q 51 23.43 27.67 59.31
C GLU Q 51 22.91 29.04 58.91
N ALA Q 52 23.51 29.66 57.88
CA ALA Q 52 23.09 30.99 57.47
C ALA Q 52 21.78 30.96 56.69
N LEU Q 53 21.60 29.95 55.85
CA LEU Q 53 20.43 29.91 54.97
C LEU Q 53 19.13 29.76 55.76
N LYS Q 54 19.17 28.99 56.86
CA LYS Q 54 17.99 28.88 57.70
C LYS Q 54 17.61 30.24 58.29
N VAL Q 55 18.60 30.99 58.76
CA VAL Q 55 18.34 32.32 59.31
C VAL Q 55 17.78 33.24 58.23
N TRP Q 56 18.36 33.19 57.03
CA TRP Q 56 17.88 34.05 55.95
C TRP Q 56 16.44 33.72 55.57
N ILE Q 57 16.12 32.43 55.47
CA ILE Q 57 14.76 32.01 55.12
C ILE Q 57 13.79 32.43 56.22
N TYR Q 58 14.19 32.26 57.49
CA TYR Q 58 13.34 32.67 58.60
C TYR Q 58 13.06 34.17 58.56
N LYS Q 59 14.10 34.96 58.32
CA LYS Q 59 13.91 36.41 58.23
C LYS Q 59 13.01 36.79 57.07
N CYS Q 60 13.21 36.16 55.90
CA CYS Q 60 12.42 36.50 54.72
C CYS Q 60 10.95 36.14 54.92
N ILE Q 61 10.68 34.93 55.43
CA ILE Q 61 9.30 34.48 55.57
C ILE Q 61 8.59 35.23 56.70
N LYS Q 62 9.30 35.51 57.79
CA LYS Q 62 8.64 36.03 58.98
C LYS Q 62 7.97 37.37 58.73
N THR Q 63 8.64 38.27 58.01
CA THR Q 63 8.14 39.63 57.82
C THR Q 63 8.04 39.94 56.33
N ASN Q 64 6.95 40.62 55.96
CA ASN Q 64 6.76 41.07 54.59
C ASN Q 64 7.49 42.39 54.37
N ARG Q 65 7.93 42.61 53.13
CA ARG Q 65 8.62 43.86 52.80
C ARG Q 65 7.63 45.02 52.70
N TYR Q 66 6.44 44.78 52.14
CA TYR Q 66 5.52 45.87 51.89
C TYR Q 66 5.06 46.55 53.17
N GLU Q 67 5.26 45.92 54.32
CA GLU Q 67 4.96 46.58 55.59
C GLU Q 67 6.03 47.59 55.97
N HIS Q 68 7.29 47.33 55.63
CA HIS Q 68 8.41 48.16 56.06
C HIS Q 68 9.07 48.79 54.84
N GLU Q 69 9.14 50.12 54.83
CA GLU Q 69 9.67 50.83 53.67
C GLU Q 69 11.18 50.64 53.50
N ILE Q 70 11.89 50.23 54.55
CA ILE Q 70 13.34 50.18 54.50
C ILE Q 70 13.82 49.07 53.55
N TYR Q 71 13.13 47.94 53.54
CA TYR Q 71 13.59 46.78 52.80
C TYR Q 71 13.44 46.99 51.29
N SER Q 72 14.27 46.28 50.53
CA SER Q 72 14.24 46.36 49.08
C SER Q 72 12.99 45.68 48.53
N LEU Q 73 12.54 46.16 47.36
CA LEU Q 73 11.28 45.69 46.80
C LEU Q 73 11.31 44.20 46.50
N GLU Q 74 12.46 43.68 46.05
CA GLU Q 74 12.56 42.25 45.75
C GLU Q 74 12.36 41.40 46.99
N TYR Q 75 12.70 41.92 48.16
CA TYR Q 75 12.50 41.21 49.42
C TYR Q 75 11.01 41.10 49.74
N GLY Q 76 10.69 40.17 50.63
CA GLY Q 76 9.36 40.07 51.18
C GLY Q 76 8.57 38.91 50.59
N THR Q 77 7.52 38.51 51.32
CA THR Q 77 6.62 37.45 50.90
C THR Q 77 5.18 37.90 51.13
N GLU Q 78 4.27 37.31 50.37
CA GLU Q 78 2.85 37.66 50.44
C GLU Q 78 2.02 36.52 51.04
N LEU Q 79 2.65 35.70 51.88
CA LEU Q 79 1.92 34.64 52.57
C LEU Q 79 0.96 35.20 53.61
N SER Q 80 1.31 36.34 54.22
CA SER Q 80 0.44 36.95 55.23
C SER Q 80 -0.86 37.46 54.65
N GLU Q 81 -0.94 37.63 53.32
CA GLU Q 81 -2.21 37.97 52.70
C GLU Q 81 -3.22 36.85 52.88
N LEU Q 82 -2.77 35.60 52.74
CA LEU Q 82 -3.63 34.45 52.99
C LEU Q 82 -4.02 34.33 54.46
N ILE Q 83 -3.27 34.96 55.36
CA ILE Q 83 -3.62 34.95 56.78
C ILE Q 83 -4.92 35.73 56.96
N GLY Q 84 -5.85 35.14 57.72
CA GLY Q 84 -7.16 35.72 57.90
C GLY Q 84 -8.27 35.10 57.07
N GLN Q 85 -7.97 34.02 56.33
CA GLN Q 85 -8.96 33.28 55.56
C GLN Q 85 -9.66 34.20 54.53
N LYS Q 86 -8.85 34.63 53.57
CA LYS Q 86 -9.37 35.41 52.46
C LYS Q 86 -9.82 34.57 51.27
N TYR Q 87 -9.54 33.26 51.28
CA TYR Q 87 -9.96 32.38 50.19
C TYR Q 87 -9.92 30.94 50.69
N THR Q 88 -10.56 30.07 49.91
CA THR Q 88 -10.64 28.65 50.26
C THR Q 88 -9.26 27.99 50.18
N LYS Q 89 -9.14 26.86 50.86
CA LYS Q 89 -7.85 26.19 51.00
C LYS Q 89 -7.41 25.48 49.72
N GLY Q 90 -8.37 25.01 48.91
CA GLY Q 90 -8.03 24.11 47.82
C GLY Q 90 -7.04 24.70 46.83
N LEU Q 91 -7.29 25.94 46.40
CA LEU Q 91 -6.37 26.59 45.47
C LEU Q 91 -5.29 27.38 46.18
N THR Q 92 -5.58 27.93 47.36
CA THR Q 92 -4.56 28.65 48.10
C THR Q 92 -3.42 27.75 48.56
N GLU Q 93 -3.61 26.43 48.57
CA GLU Q 93 -2.48 25.54 48.82
C GLU Q 93 -1.40 25.71 47.74
N SER Q 94 -1.81 25.60 46.47
CA SER Q 94 -0.87 25.81 45.38
C SER Q 94 -0.41 27.26 45.31
N GLU Q 95 -1.30 28.20 45.63
CA GLU Q 95 -0.91 29.61 45.62
C GLU Q 95 0.17 29.88 46.66
N ALA Q 96 0.05 29.31 47.86
CA ALA Q 96 1.07 29.48 48.88
C ALA Q 96 2.36 28.75 48.51
N SER Q 97 2.25 27.60 47.85
CA SER Q 97 3.45 26.94 47.33
C SER Q 97 4.19 27.86 46.38
N ARG Q 98 3.46 28.49 45.46
CA ARG Q 98 4.07 29.41 44.51
C ARG Q 98 4.65 30.63 45.22
N PHE Q 99 3.95 31.13 46.25
CA PHE Q 99 4.45 32.28 47.00
C PHE Q 99 5.76 31.94 47.70
N ILE Q 100 5.84 30.77 48.31
CA ILE Q 100 7.08 30.34 48.97
C ILE Q 100 8.20 30.19 47.95
N LYS Q 101 7.88 29.61 46.78
CA LYS Q 101 8.89 29.48 45.74
C LYS Q 101 9.42 30.84 45.30
N GLU Q 102 8.52 31.81 45.13
CA GLU Q 102 8.94 33.16 44.75
C GLU Q 102 9.79 33.79 45.85
N ALA Q 103 9.40 33.60 47.11
CA ALA Q 103 10.06 34.29 48.20
C ALA Q 103 11.42 33.68 48.54
N LEU Q 104 11.62 32.40 48.26
CA LEU Q 104 12.84 31.72 48.69
C LEU Q 104 13.88 31.54 47.60
N LEU Q 105 13.47 31.45 46.33
CA LEU Q 105 14.44 31.28 45.26
C LEU Q 105 15.18 32.58 44.91
N ILE Q 106 14.81 33.71 45.53
CA ILE Q 106 15.54 34.95 45.27
C ILE Q 106 16.96 34.86 45.81
N ASN Q 107 17.18 34.07 46.86
CA ASN Q 107 18.52 33.94 47.42
C ASN Q 107 19.42 33.18 46.45
N PRO Q 108 20.59 33.73 46.09
CA PRO Q 108 21.49 32.99 45.20
C PRO Q 108 21.98 31.68 45.78
N TYR Q 109 22.12 31.58 47.11
CA TYR Q 109 22.59 30.34 47.72
C TYR Q 109 21.62 29.20 47.48
N ILE Q 110 20.32 29.45 47.61
CA ILE Q 110 19.32 28.41 47.49
C ILE Q 110 19.13 28.05 46.02
N LEU Q 111 19.04 26.75 45.75
CA LEU Q 111 18.87 26.26 44.38
C LEU Q 111 17.39 26.11 44.02
N GLU Q 112 16.65 25.31 44.78
CA GLU Q 112 15.24 25.09 44.50
C GLU Q 112 14.51 24.79 45.80
N VAL Q 113 13.19 25.01 45.76
CA VAL Q 113 12.33 24.79 46.92
C VAL Q 113 11.14 23.96 46.47
N ASN Q 114 10.82 22.91 47.23
CA ASN Q 114 9.73 21.99 46.91
C ASN Q 114 8.73 21.94 48.05
N VAL Q 115 7.45 21.90 47.70
CA VAL Q 115 6.35 21.82 48.66
C VAL Q 115 5.64 20.49 48.44
N LYS Q 116 5.49 19.72 49.53
CA LYS Q 116 4.92 18.38 49.41
C LYS Q 116 3.40 18.42 49.39
N SER Q 117 2.79 18.87 50.49
CA SER Q 117 1.33 18.85 50.61
C SER Q 117 0.94 19.72 51.80
N ALA Q 118 -0.36 19.73 52.09
CA ALA Q 118 -0.93 20.48 53.19
C ALA Q 118 -1.92 19.60 53.95
N ASN Q 119 -1.96 19.77 55.27
CA ASN Q 119 -2.81 18.96 56.15
C ASN Q 119 -3.93 19.82 56.73
N PHE Q 120 -5.17 19.41 56.49
CA PHE Q 120 -6.34 20.14 56.95
C PHE Q 120 -6.81 19.55 58.27
N ASN Q 121 -6.84 20.39 59.32
CA ASN Q 121 -7.31 19.94 60.63
C ASN Q 121 -7.69 21.18 61.43
N ARG Q 122 -8.97 21.28 61.79
CA ARG Q 122 -9.49 22.41 62.59
C ARG Q 122 -9.15 23.69 61.85
N ASP Q 123 -8.53 24.68 62.49
CA ASP Q 123 -8.13 25.92 61.84
C ASP Q 123 -6.64 25.98 61.55
N ILE Q 124 -5.87 25.02 62.04
CA ILE Q 124 -4.42 25.01 61.91
C ILE Q 124 -4.05 24.21 60.66
N LEU Q 125 -3.33 24.84 59.75
CA LEU Q 125 -2.87 24.21 58.52
C LEU Q 125 -1.39 23.89 58.63
N SER Q 126 -1.03 22.64 58.35
CA SER Q 126 0.35 22.18 58.37
C SER Q 126 0.75 21.73 56.97
N ALA Q 127 1.90 22.22 56.51
CA ALA Q 127 2.41 21.88 55.19
C ALA Q 127 3.88 21.52 55.29
N ASN Q 128 4.33 20.67 54.36
CA ASN Q 128 5.71 20.23 54.30
C ASN Q 128 6.38 20.84 53.08
N VAL Q 129 7.46 21.58 53.31
CA VAL Q 129 8.19 22.29 52.26
C VAL Q 129 9.66 21.89 52.34
N LYS Q 130 10.30 21.75 51.19
CA LYS Q 130 11.66 21.24 51.09
C LYS Q 130 12.60 22.31 50.59
N VAL Q 131 13.85 22.26 51.05
CA VAL Q 131 14.88 23.23 50.68
C VAL Q 131 16.08 22.46 50.12
N SER Q 132 16.57 22.90 48.97
CA SER Q 132 17.79 22.38 48.36
C SER Q 132 18.89 23.42 48.49
N THR Q 133 20.08 22.97 48.88
CA THR Q 133 21.19 23.87 49.18
C THR Q 133 22.43 23.45 48.38
N ILE Q 134 23.49 24.23 48.55
CA ILE Q 134 24.73 24.00 47.79
C ILE Q 134 25.75 23.23 48.60
N TYR Q 135 25.96 23.60 49.86
CA TYR Q 135 26.91 22.87 50.71
C TYR Q 135 26.25 21.64 51.33
N PRO R 6 -64.60 37.59 21.21
CA PRO R 6 -64.09 37.08 19.93
C PRO R 6 -62.59 37.32 19.75
N SER R 7 -61.99 38.01 20.70
CA SER R 7 -60.58 38.40 20.61
C SER R 7 -59.80 37.86 21.79
N ILE R 8 -58.80 37.03 21.50
CA ILE R 8 -57.80 36.62 22.49
C ILE R 8 -56.47 37.20 22.06
N ASN R 9 -55.86 38.00 22.93
CA ASN R 9 -54.66 38.77 22.62
C ASN R 9 -53.44 38.07 23.18
N ILE R 10 -52.26 38.49 22.71
CA ILE R 10 -50.99 37.98 23.21
C ILE R 10 -50.63 38.72 24.49
N SER R 11 -50.72 38.03 25.62
CA SER R 11 -50.36 38.58 26.92
C SER R 11 -49.18 37.79 27.47
N PHE R 12 -48.01 38.40 27.46
CA PHE R 12 -46.78 37.74 27.87
C PHE R 12 -46.19 38.44 29.09
N LYS R 13 -45.84 37.66 30.11
CA LYS R 13 -45.31 38.16 31.36
C LYS R 13 -43.97 37.50 31.63
N GLU R 14 -42.94 38.32 31.86
CA GLU R 14 -41.58 37.80 31.95
C GLU R 14 -41.37 37.00 33.22
N LEU R 15 -40.39 36.09 33.18
CA LEU R 15 -40.07 35.22 34.29
C LEU R 15 -38.56 35.21 34.49
N ALA R 16 -38.13 35.36 35.74
CA ALA R 16 -36.72 35.37 36.10
C ALA R 16 -36.44 34.23 37.06
N THR R 17 -35.34 33.51 36.84
CA THR R 17 -34.94 32.38 37.66
C THR R 17 -33.63 32.71 38.37
N THR R 18 -33.62 32.51 39.68
CA THR R 18 -32.43 32.74 40.50
C THR R 18 -31.93 31.41 41.03
N VAL R 19 -30.66 31.09 40.71
CA VAL R 19 -30.08 29.84 41.20
C VAL R 19 -29.89 29.89 42.72
N LYS R 20 -29.60 31.07 43.25
CA LYS R 20 -29.38 31.27 44.68
C LYS R 20 -30.58 32.01 45.27
N GLU R 21 -31.13 31.46 46.35
CA GLU R 21 -32.26 32.06 47.05
C GLU R 21 -31.79 32.60 48.38
N ARG R 22 -32.12 33.86 48.65
CA ARG R 22 -31.67 34.56 49.85
C ARG R 22 -32.85 34.79 50.79
N SER R 23 -32.64 34.51 52.07
CA SER R 23 -33.68 34.66 53.08
C SER R 23 -33.05 35.04 54.40
N ALA R 24 -33.51 36.16 54.98
CA ALA R 24 -33.10 36.61 56.30
C ALA R 24 -31.58 36.74 56.42
N ARG R 25 -30.98 37.42 55.44
CA ARG R 25 -29.54 37.65 55.42
C ARG R 25 -29.27 39.12 55.13
N GLY R 26 -28.22 39.65 55.74
CA GLY R 26 -27.82 41.03 55.51
C GLY R 26 -28.76 42.06 56.09
N ILE R 27 -29.55 41.70 57.09
CA ILE R 27 -30.50 42.61 57.71
C ILE R 27 -29.83 43.33 58.87
N ILE R 28 -30.03 44.64 58.96
CA ILE R 28 -29.52 45.46 60.05
C ILE R 28 -30.70 46.10 60.74
N ALA R 29 -30.80 45.88 62.05
CA ALA R 29 -31.86 46.48 62.86
C ALA R 29 -31.29 47.68 63.60
N MET R 30 -31.85 48.86 63.34
CA MET R 30 -31.37 50.10 63.92
C MET R 30 -32.50 50.77 64.69
N VAL R 31 -32.27 51.06 65.95
CA VAL R 31 -33.23 51.76 66.79
C VAL R 31 -32.50 52.90 67.50
N LEU R 32 -33.05 54.11 67.39
CA LEU R 32 -32.43 55.29 67.98
C LEU R 32 -33.49 56.11 68.72
N LYS R 33 -33.05 56.81 69.75
CA LYS R 33 -33.94 57.60 70.61
C LYS R 33 -33.93 59.05 70.14
N ASP R 34 -34.98 59.45 69.44
CA ASP R 34 -35.15 60.83 68.99
C ASP R 34 -36.59 61.25 69.22
N ALA R 35 -36.78 62.52 69.55
CA ALA R 35 -38.11 63.06 69.84
C ALA R 35 -38.76 63.71 68.62
N LYS R 36 -38.12 63.66 67.46
CA LYS R 36 -38.62 64.34 66.27
C LYS R 36 -39.21 63.39 65.24
N ALA R 37 -38.50 62.32 64.87
CA ALA R 37 -39.01 61.41 63.85
C ALA R 37 -40.13 60.53 64.40
N LEU R 38 -39.81 59.72 65.41
CA LEU R 38 -40.78 58.84 66.07
C LEU R 38 -41.47 57.93 65.05
N GLY R 39 -40.68 57.09 64.39
CA GLY R 39 -41.23 56.17 63.41
C GLY R 39 -40.15 55.26 62.86
N LEU R 40 -40.60 54.33 62.02
CA LEU R 40 -39.70 53.37 61.38
C LEU R 40 -39.37 53.82 59.97
N ASN R 41 -38.10 53.69 59.60
CA ASN R 41 -37.62 54.07 58.28
C ASN R 41 -36.75 52.95 57.74
N GLU R 42 -37.16 52.35 56.63
CA GLU R 42 -36.38 51.34 55.94
C GLU R 42 -35.60 52.01 54.82
N ILE R 43 -34.27 51.90 54.87
CA ILE R 43 -33.39 52.57 53.93
C ILE R 43 -32.85 51.50 52.98
N HIS R 44 -33.22 51.60 51.70
CA HIS R 44 -32.72 50.72 50.67
C HIS R 44 -31.77 51.40 49.69
N GLU R 45 -31.80 52.73 49.63
CA GLU R 45 -30.92 53.51 48.77
C GLU R 45 -29.99 54.35 49.65
N LYS R 46 -28.73 54.45 49.24
CA LYS R 46 -27.75 55.21 49.99
C LYS R 46 -28.13 56.68 50.04
N GLU R 47 -27.40 57.44 50.87
CA GLU R 47 -27.56 58.88 51.08
C GLU R 47 -29.02 59.27 51.26
N ASP R 48 -29.84 58.38 51.80
CA ASP R 48 -31.23 58.66 52.11
C ASP R 48 -31.32 59.01 53.60
N ILE R 49 -31.38 60.29 53.90
CA ILE R 49 -31.35 60.79 55.28
C ILE R 49 -32.63 61.57 55.53
N PRO R 50 -33.46 61.15 56.49
CA PRO R 50 -34.59 62.00 56.89
C PRO R 50 -34.11 63.23 57.64
N VAL R 51 -34.80 64.34 57.41
CA VAL R 51 -34.44 65.59 58.06
C VAL R 51 -34.69 65.55 59.56
N ASP R 52 -35.56 64.65 60.02
CA ASP R 52 -35.91 64.60 61.44
C ASP R 52 -34.75 64.11 62.30
N LEU R 53 -33.94 63.18 61.79
CA LEU R 53 -32.92 62.55 62.61
C LEU R 53 -31.80 63.52 62.94
N SER R 54 -31.19 63.30 64.11
CA SER R 54 -30.17 64.20 64.62
C SER R 54 -28.82 63.94 63.94
N ALA R 55 -27.86 64.82 64.24
CA ALA R 55 -26.53 64.70 63.65
C ALA R 55 -25.84 63.41 64.11
N GLU R 56 -25.96 63.07 65.39
CA GLU R 56 -25.35 61.83 65.89
C GLU R 56 -26.02 60.61 65.26
N ASN R 57 -27.35 60.65 65.11
CA ASN R 57 -28.03 59.57 64.42
C ASN R 57 -27.62 59.50 62.95
N LYS R 58 -27.42 60.65 62.31
CA LYS R 58 -26.90 60.66 60.95
C LYS R 58 -25.51 60.05 60.87
N GLU R 59 -24.66 60.33 61.86
CA GLU R 59 -23.34 59.70 61.91
C GLU R 59 -23.45 58.19 62.07
N TYR R 60 -24.39 57.74 62.91
CA TYR R 60 -24.63 56.30 63.04
C TYR R 60 -25.04 55.69 61.70
N ILE R 61 -25.95 56.36 60.99
CA ILE R 61 -26.39 55.86 59.69
C ILE R 61 -25.23 55.79 58.72
N ASN R 62 -24.41 56.85 58.69
CA ASN R 62 -23.27 56.88 57.79
C ASN R 62 -22.28 55.76 58.11
N LEU R 63 -22.04 55.51 59.39
CA LEU R 63 -21.18 54.39 59.78
C LEU R 63 -21.77 53.07 59.31
N ALA R 64 -23.09 52.91 59.44
CA ALA R 64 -23.73 51.69 58.96
C ALA R 64 -23.78 51.60 57.44
N LEU R 65 -23.54 52.71 56.73
CA LEU R 65 -23.72 52.72 55.28
C LEU R 65 -22.71 51.81 54.58
N MET R 66 -21.43 51.97 54.88
CA MET R 66 -20.40 51.26 54.14
C MET R 66 -20.02 49.96 54.83
N GLY R 67 -19.55 49.00 54.02
CA GLY R 67 -19.06 47.74 54.53
C GLY R 67 -17.66 47.47 54.00
N ASN R 68 -17.06 46.39 54.51
CA ASN R 68 -15.69 46.04 54.10
C ASN R 68 -15.63 45.69 52.63
N VAL R 69 -16.54 44.84 52.16
CA VAL R 69 -16.55 44.37 50.78
C VAL R 69 -17.76 44.90 50.02
N ASN R 70 -18.94 44.81 50.62
CA ASN R 70 -20.17 45.25 49.98
C ASN R 70 -21.00 46.07 50.95
N THR R 71 -21.81 46.96 50.40
CA THR R 71 -22.77 47.69 51.21
C THR R 71 -23.80 46.72 51.78
N PRO R 72 -24.20 46.88 53.04
CA PRO R 72 -25.22 45.99 53.61
C PRO R 72 -26.50 46.03 52.78
N ASN R 73 -27.10 44.85 52.61
CA ASN R 73 -28.23 44.71 51.70
C ASN R 73 -29.42 45.55 52.15
N LYS R 74 -29.77 45.47 53.43
CA LYS R 74 -30.93 46.18 53.95
C LYS R 74 -30.57 46.89 55.24
N LEU R 75 -30.94 48.16 55.36
CA LEU R 75 -30.77 48.93 56.58
C LEU R 75 -32.14 49.39 57.04
N LEU R 76 -32.55 48.97 58.23
CA LEU R 76 -33.86 49.28 58.78
C LEU R 76 -33.67 50.09 60.06
N VAL R 77 -34.30 51.26 60.11
CA VAL R 77 -34.14 52.19 61.23
C VAL R 77 -35.52 52.49 61.82
N TYR R 78 -35.62 52.41 63.13
CA TYR R 78 -36.84 52.78 63.85
C TYR R 78 -36.52 53.86 64.86
N VAL R 79 -37.45 54.81 65.03
CA VAL R 79 -37.26 55.95 65.91
C VAL R 79 -38.42 56.00 66.91
N ILE R 80 -38.10 56.16 68.18
CA ILE R 80 -39.09 56.41 69.21
C ILE R 80 -38.40 57.12 70.37
N GLU R 81 -39.20 57.70 71.26
CA GLU R 81 -38.66 58.37 72.43
C GLU R 81 -37.87 57.39 73.29
N GLY R 82 -36.87 57.92 74.01
CA GLY R 82 -36.03 57.07 74.84
C GLY R 82 -36.80 56.33 75.92
N GLU R 83 -37.83 56.97 76.47
CA GLU R 83 -38.67 56.31 77.46
C GLU R 83 -39.48 55.19 76.81
N ALA R 84 -39.50 54.04 77.47
CA ALA R 84 -40.19 52.83 76.96
C ALA R 84 -39.69 52.45 75.58
N ASP R 85 -38.39 52.65 75.32
CA ASP R 85 -37.84 52.31 74.01
C ASP R 85 -37.68 50.80 73.85
N ILE R 86 -37.33 50.11 74.93
CA ILE R 86 -37.02 48.69 74.83
C ILE R 86 -38.25 47.87 74.46
N GLN R 87 -39.40 48.19 75.05
CA GLN R 87 -40.62 47.45 74.76
C GLN R 87 -41.02 47.58 73.29
N THR R 88 -41.04 48.81 72.79
CA THR R 88 -41.43 49.03 71.41
C THR R 88 -40.41 48.46 70.44
N ALA R 89 -39.13 48.53 70.80
CA ALA R 89 -38.10 47.91 69.96
C ALA R 89 -38.29 46.41 69.87
N LEU R 90 -38.58 45.77 71.01
CA LEU R 90 -38.83 44.33 71.01
C LEU R 90 -40.08 44.00 70.18
N ASP R 91 -41.14 44.80 70.32
CA ASP R 91 -42.35 44.54 69.54
C ASP R 91 -42.09 44.68 68.05
N PHE R 92 -41.35 45.71 67.64
CA PHE R 92 -41.07 45.91 66.22
C PHE R 92 -40.16 44.83 65.67
N LEU R 93 -39.16 44.40 66.44
CA LEU R 93 -38.29 43.31 66.00
C LEU R 93 -39.05 42.00 65.91
N GLU R 94 -40.05 41.80 66.78
CA GLU R 94 -40.94 40.66 66.62
C GLU R 94 -41.77 40.79 65.35
N THR R 95 -42.22 42.01 65.04
CA THR R 95 -43.05 42.21 63.85
C THR R 95 -42.27 41.92 62.57
N LYS R 96 -41.02 42.38 62.50
CA LYS R 96 -40.21 42.24 61.29
C LYS R 96 -38.88 41.58 61.65
N GLU R 97 -38.53 40.53 60.91
CA GLU R 97 -37.32 39.78 61.19
C GLU R 97 -36.08 40.63 60.93
N PHE R 98 -35.00 40.29 61.63
CA PHE R 98 -33.74 41.01 61.50
C PHE R 98 -32.59 40.03 61.69
N ASN R 99 -31.41 40.44 61.24
CA ASN R 99 -30.20 39.63 61.36
C ASN R 99 -29.25 40.13 62.43
N TYR R 100 -29.05 41.44 62.54
CA TYR R 100 -28.16 42.02 63.52
C TYR R 100 -28.82 43.23 64.18
N LEU R 101 -28.48 43.47 65.44
CA LEU R 101 -29.10 44.50 66.25
C LEU R 101 -28.03 45.35 66.92
N CYS R 102 -28.31 46.65 67.04
CA CYS R 102 -27.40 47.57 67.71
C CYS R 102 -28.20 48.73 68.29
N MET R 103 -27.71 49.28 69.40
CA MET R 103 -28.38 50.38 70.09
C MET R 103 -27.35 51.43 70.48
N PRO R 104 -27.53 52.69 70.07
CA PRO R 104 -26.55 53.74 70.43
C PRO R 104 -26.43 53.96 71.93
N LYS R 105 -27.52 53.87 72.68
CA LYS R 105 -27.54 54.20 74.10
C LYS R 105 -28.03 53.02 74.93
N ALA R 106 -27.52 51.82 74.62
CA ALA R 106 -27.89 50.63 75.36
C ALA R 106 -27.17 50.61 76.69
N VAL R 107 -27.93 50.75 77.78
CA VAL R 107 -27.36 50.67 79.12
C VAL R 107 -27.20 49.20 79.49
N GLU R 108 -26.49 48.93 80.59
CA GLU R 108 -26.23 47.54 80.97
C GLU R 108 -27.51 46.78 81.21
N ALA R 109 -28.50 47.39 81.86
CA ALA R 109 -29.80 46.75 82.02
C ALA R 109 -30.47 46.54 80.68
N ASP R 110 -30.41 47.54 79.78
CA ASP R 110 -30.98 47.38 78.45
C ASP R 110 -30.28 46.28 77.67
N LYS R 111 -28.94 46.22 77.77
CA LYS R 111 -28.20 45.16 77.08
C LYS R 111 -28.57 43.79 77.62
N THR R 112 -28.72 43.67 78.94
CA THR R 112 -29.11 42.40 79.54
C THR R 112 -30.51 41.98 79.09
N ALA R 113 -31.44 42.94 79.06
CA ALA R 113 -32.79 42.63 78.59
C ALA R 113 -32.77 42.21 77.12
N ILE R 114 -31.98 42.90 76.31
CA ILE R 114 -31.88 42.56 74.89
C ILE R 114 -31.32 41.14 74.73
N LYS R 115 -30.27 40.82 75.48
CA LYS R 115 -29.70 39.48 75.40
C LYS R 115 -30.68 38.41 75.84
N ASN R 116 -31.42 38.68 76.92
CA ASN R 116 -32.41 37.72 77.39
C ASN R 116 -33.50 37.50 76.35
N TRP R 117 -33.98 38.57 75.72
CA TRP R 117 -34.99 38.42 74.68
C TRP R 117 -34.44 37.65 73.49
N ILE R 118 -33.20 37.93 73.10
CA ILE R 118 -32.59 37.26 71.95
C ILE R 118 -32.45 35.77 72.22
N ILE R 119 -31.94 35.41 73.40
CA ILE R 119 -31.75 34.01 73.73
C ILE R 119 -33.09 33.30 73.89
N LYS R 120 -34.10 34.00 74.44
CA LYS R 120 -35.42 33.40 74.52
C LYS R 120 -35.99 33.11 73.14
N LEU R 121 -35.81 34.05 72.20
CA LEU R 121 -36.23 33.81 70.82
C LEU R 121 -35.51 32.60 70.24
N ARG R 122 -34.18 32.57 70.37
CA ARG R 122 -33.39 31.50 69.76
C ARG R 122 -33.69 30.15 70.38
N ASP R 123 -34.11 30.11 71.65
CA ASP R 123 -34.31 28.85 72.35
C ASP R 123 -35.75 28.37 72.34
N ILE R 124 -36.74 29.25 72.15
CA ILE R 124 -38.13 28.83 72.16
C ILE R 124 -38.75 29.08 70.78
N ASP R 125 -38.65 30.33 70.31
CA ASP R 125 -39.24 30.68 69.02
C ASP R 125 -38.45 30.10 67.86
N LYS R 126 -37.27 29.54 68.09
CA LYS R 126 -36.43 28.97 67.05
C LYS R 126 -36.11 30.00 65.98
N VAL R 127 -35.96 31.26 66.38
CA VAL R 127 -35.62 32.35 65.49
C VAL R 127 -34.16 32.70 65.72
N LYS R 128 -33.33 32.46 64.70
CA LYS R 128 -31.89 32.68 64.81
C LYS R 128 -31.58 34.14 64.54
N VAL R 129 -31.31 34.89 65.61
CA VAL R 129 -31.02 36.32 65.52
C VAL R 129 -29.74 36.61 66.29
N LYS R 130 -29.09 37.71 65.93
CA LYS R 130 -27.81 38.11 66.52
C LYS R 130 -27.88 39.57 66.93
N ALA R 131 -27.11 39.91 67.96
CA ALA R 131 -27.04 41.28 68.47
C ALA R 131 -25.60 41.64 68.77
N VAL R 132 -25.26 42.91 68.59
CA VAL R 132 -23.92 43.42 68.85
C VAL R 132 -24.02 44.39 70.02
N LEU R 133 -23.26 44.15 71.07
CA LEU R 133 -23.33 44.93 72.29
C LEU R 133 -21.92 45.31 72.75
N GLY R 134 -21.83 46.41 73.48
CA GLY R 134 -20.54 46.95 73.88
C GLY R 134 -19.83 46.22 75.00
N LYS R 135 -20.48 46.09 76.16
CA LYS R 135 -19.88 45.46 77.33
C LYS R 135 -20.91 44.51 77.94
N VAL R 136 -20.89 43.25 77.50
CA VAL R 136 -21.79 42.23 78.00
C VAL R 136 -20.99 40.96 78.26
N VAL R 137 -21.13 40.41 79.46
CA VAL R 137 -20.44 39.19 79.85
C VAL R 137 -21.38 37.98 79.78
N GLY R 138 -22.45 38.08 79.00
CA GLY R 138 -23.45 37.03 78.98
C GLY R 138 -22.92 35.70 78.48
N ASN R 139 -23.69 34.66 78.76
CA ASN R 139 -23.28 33.28 78.52
C ASN R 139 -23.91 32.70 77.25
N HIS R 140 -24.06 33.51 76.20
CA HIS R 140 -24.63 33.05 74.94
C HIS R 140 -23.75 33.49 73.78
N GLU R 141 -23.73 32.65 72.73
CA GLU R 141 -22.92 32.92 71.56
C GLU R 141 -23.62 33.78 70.51
N GLY R 142 -24.95 33.93 70.60
CA GLY R 142 -25.66 34.75 69.64
C GLY R 142 -25.40 36.22 69.78
N ILE R 143 -24.99 36.68 70.96
CA ILE R 143 -24.66 38.07 71.18
C ILE R 143 -23.19 38.30 70.84
N ILE R 144 -22.86 39.54 70.50
CA ILE R 144 -21.51 39.94 70.15
C ILE R 144 -21.06 41.02 71.12
N ASN R 145 -19.91 40.80 71.76
CA ASN R 145 -19.37 41.71 72.76
C ASN R 145 -18.09 42.33 72.22
N PHE R 146 -18.11 43.64 72.03
CA PHE R 146 -16.97 44.39 71.52
C PHE R 146 -16.48 45.32 72.61
N THR R 147 -15.50 44.86 73.39
CA THR R 147 -14.94 45.62 74.51
C THR R 147 -13.63 46.24 74.05
N THR R 148 -13.72 47.42 73.43
CA THR R 148 -12.54 48.19 73.01
C THR R 148 -12.82 49.64 73.36
N GLU R 149 -12.15 50.15 74.37
CA GLU R 149 -12.41 51.49 74.88
C GLU R 149 -11.47 52.50 74.24
N ASP R 150 -11.85 53.78 74.35
CA ASP R 150 -11.06 54.91 73.84
C ASP R 150 -10.77 54.76 72.35
N VAL R 151 -11.77 54.31 71.59
CA VAL R 151 -11.61 54.13 70.15
C VAL R 151 -11.83 55.46 69.45
N LEU R 152 -10.90 55.82 68.56
CA LEU R 152 -11.00 57.03 67.76
C LEU R 152 -10.84 56.66 66.30
N VAL R 153 -11.76 57.13 65.46
CA VAL R 153 -11.76 56.86 64.03
C VAL R 153 -11.73 58.18 63.29
N GLY R 154 -10.77 58.33 62.37
CA GLY R 154 -10.64 59.56 61.62
C GLY R 154 -10.39 60.76 62.50
N GLU R 155 -9.42 60.63 63.41
CA GLU R 155 -9.07 61.66 64.41
C GLU R 155 -10.31 62.24 65.09
N LYS R 156 -11.36 61.42 65.21
CA LYS R 156 -12.59 61.82 65.86
C LYS R 156 -12.90 60.83 66.98
N LYS R 157 -13.24 61.35 68.16
CA LYS R 157 -13.60 60.48 69.27
C LYS R 157 -14.90 59.75 68.97
N TYR R 158 -14.91 58.44 69.21
CA TYR R 158 -16.08 57.61 68.97
C TYR R 158 -16.41 56.84 70.23
N SER R 159 -17.71 56.76 70.55
CA SER R 159 -18.14 55.95 71.67
C SER R 159 -18.07 54.46 71.31
N VAL R 160 -18.19 53.61 72.33
CA VAL R 160 -18.11 52.17 72.11
C VAL R 160 -19.26 51.72 71.21
N ASP R 161 -20.48 52.20 71.48
CA ASP R 161 -21.63 51.76 70.71
C ASP R 161 -21.56 52.20 69.26
N GLU R 162 -20.99 53.38 69.00
CA GLU R 162 -20.81 53.83 67.62
C GLU R 162 -19.96 52.85 66.83
N PHE R 163 -18.83 52.43 67.40
CA PHE R 163 -17.96 51.52 66.68
C PHE R 163 -18.54 50.11 66.64
N THR R 164 -19.32 49.70 67.64
CA THR R 164 -20.01 48.42 67.55
C THR R 164 -21.00 48.41 66.39
N SER R 165 -21.75 49.52 66.21
CA SER R 165 -22.64 49.63 65.07
C SER R 165 -21.87 49.62 63.76
N ARG R 166 -20.72 50.32 63.72
CA ARG R 166 -19.90 50.33 62.52
C ARG R 166 -19.40 48.92 62.18
N VAL R 167 -18.96 48.18 63.19
CA VAL R 167 -18.45 46.83 62.96
C VAL R 167 -19.58 45.89 62.55
N ALA R 168 -20.77 46.06 63.12
CA ALA R 168 -21.91 45.26 62.70
C ALA R 168 -22.26 45.51 61.25
N GLY R 169 -22.25 46.79 60.83
CA GLY R 169 -22.49 47.10 59.44
C GLY R 169 -21.42 46.53 58.53
N LEU R 170 -20.16 46.58 58.96
CA LEU R 170 -19.08 46.00 58.19
C LEU R 170 -19.24 44.49 58.04
N ILE R 171 -19.62 43.82 59.12
CA ILE R 171 -19.81 42.37 59.08
C ILE R 171 -20.99 42.02 58.18
N ALA R 172 -22.03 42.86 58.18
CA ALA R 172 -23.15 42.63 57.27
C ALA R 172 -22.71 42.61 55.82
N GLY R 173 -21.71 43.42 55.47
CA GLY R 173 -21.15 43.40 54.13
C GLY R 173 -20.05 42.38 53.91
N THR R 174 -19.69 41.61 54.93
CA THR R 174 -18.63 40.62 54.80
C THR R 174 -19.17 39.36 54.14
N PRO R 175 -18.57 38.91 53.04
CA PRO R 175 -19.02 37.66 52.41
C PRO R 175 -18.70 36.45 53.27
N LEU R 176 -19.45 35.38 53.04
CA LEU R 176 -19.28 34.16 53.82
C LEU R 176 -17.96 33.48 53.52
N SER R 177 -17.48 33.55 52.28
CA SER R 177 -16.17 32.97 51.95
C SER R 177 -15.07 33.67 52.72
N GLN R 178 -15.13 35.00 52.82
CA GLN R 178 -14.15 35.75 53.58
C GLN R 178 -14.40 35.59 55.08
N SER R 179 -13.34 35.81 55.86
CA SER R 179 -13.40 35.75 57.31
C SER R 179 -13.13 37.14 57.88
N VAL R 180 -13.84 37.48 58.96
CA VAL R 180 -13.67 38.79 59.58
C VAL R 180 -12.31 38.95 60.24
N THR R 181 -11.59 37.86 60.46
CA THR R 181 -10.29 37.94 61.12
C THR R 181 -9.28 38.67 60.23
N TYR R 182 -8.50 39.56 60.85
CA TYR R 182 -7.45 40.31 60.16
C TYR R 182 -8.01 41.16 59.01
N THR R 183 -9.15 41.81 59.26
CA THR R 183 -9.71 42.77 58.30
C THR R 183 -9.34 44.18 58.76
N LYS R 184 -8.58 44.89 57.93
CA LYS R 184 -8.06 46.20 58.29
C LYS R 184 -9.07 47.30 58.02
N LEU R 185 -8.99 48.35 58.84
CA LEU R 185 -9.86 49.52 58.72
C LEU R 185 -8.99 50.72 58.36
N SER R 186 -9.26 51.32 57.19
CA SER R 186 -8.52 52.50 56.78
C SER R 186 -8.98 53.75 57.52
N ASP R 187 -10.27 53.83 57.86
CA ASP R 187 -10.80 55.01 58.55
C ASP R 187 -10.18 55.16 59.94
N VAL R 188 -10.00 54.06 60.66
CA VAL R 188 -9.39 54.12 61.98
C VAL R 188 -7.92 54.50 61.84
N VAL R 189 -7.53 55.60 62.47
CA VAL R 189 -6.17 56.12 62.35
C VAL R 189 -5.46 56.20 63.70
N ASP R 190 -6.17 56.64 64.74
CA ASP R 190 -5.57 56.86 66.05
C ASP R 190 -6.21 55.93 67.08
N ILE R 191 -5.39 55.09 67.71
CA ILE R 191 -5.85 54.24 68.80
C ILE R 191 -4.81 54.25 69.91
N PRO R 192 -5.26 54.09 71.16
CA PRO R 192 -4.30 53.98 72.26
C PRO R 192 -3.39 52.77 72.07
N LYS R 193 -2.12 52.95 72.42
CA LYS R 193 -1.14 51.88 72.23
C LYS R 193 -1.41 50.74 73.20
N MET R 194 -1.45 49.51 72.67
CA MET R 194 -1.64 48.32 73.48
C MET R 194 -0.52 47.33 73.18
N THR R 195 -0.19 46.52 74.19
CA THR R 195 0.83 45.50 74.01
C THR R 195 0.24 44.26 73.36
N LYS R 196 1.12 43.45 72.76
CA LYS R 196 0.67 42.21 72.14
C LYS R 196 0.13 41.24 73.18
N VAL R 197 0.77 41.18 74.35
CA VAL R 197 0.31 40.28 75.41
C VAL R 197 -1.08 40.70 75.89
N ASP R 198 -1.31 42.00 76.07
CA ASP R 198 -2.61 42.48 76.50
C ASP R 198 -3.68 42.15 75.47
N ALA R 199 -3.37 42.35 74.19
CA ALA R 199 -4.34 42.05 73.14
C ALA R 199 -4.65 40.55 73.09
N GLU R 200 -3.63 39.71 73.23
CA GLU R 200 -3.85 38.26 73.24
C GLU R 200 -4.70 37.85 74.43
N SER R 201 -4.44 38.43 75.61
CA SER R 201 -5.24 38.11 76.79
C SER R 201 -6.69 38.56 76.60
N ARG R 202 -6.89 39.75 76.02
CA ARG R 202 -8.24 40.24 75.77
C ARG R 202 -8.99 39.34 74.81
N VAL R 203 -8.32 38.89 73.73
CA VAL R 203 -8.97 38.01 72.77
C VAL R 203 -9.30 36.66 73.42
N ASN R 204 -8.37 36.11 74.20
CA ASN R 204 -8.61 34.86 74.89
C ASN R 204 -9.77 34.97 75.87
N LYS R 205 -10.10 36.18 76.32
CA LYS R 205 -11.28 36.39 77.15
C LYS R 205 -12.57 36.35 76.34
N GLY R 206 -12.48 36.26 75.01
CA GLY R 206 -13.65 36.26 74.17
C GLY R 206 -14.08 37.63 73.68
N GLU R 207 -13.21 38.62 73.77
CA GLU R 207 -13.53 39.98 73.38
C GLU R 207 -12.99 40.30 71.99
N LEU R 208 -13.68 41.19 71.30
CA LEU R 208 -13.28 41.66 69.98
C LEU R 208 -12.60 43.03 70.14
N ILE R 209 -11.37 43.13 69.63
CA ILE R 209 -10.56 44.33 69.79
C ILE R 209 -9.84 44.64 68.48
N LEU R 210 -9.29 45.84 68.41
CA LEU R 210 -8.51 46.30 67.26
C LEU R 210 -7.03 46.21 67.57
N ILE R 211 -6.25 45.75 66.59
CA ILE R 211 -4.80 45.67 66.72
C ILE R 211 -4.17 46.32 65.51
N LYS R 212 -2.96 46.85 65.70
CA LYS R 212 -2.18 47.47 64.63
C LYS R 212 -1.18 46.44 64.13
N GLU R 213 -1.53 45.78 63.02
CA GLU R 213 -0.71 44.71 62.47
C GLU R 213 -0.69 44.82 60.95
N ALA R 214 0.41 44.36 60.36
CA ALA R 214 0.61 44.39 58.91
C ALA R 214 0.49 45.81 58.36
N GLY R 215 0.98 46.78 59.12
CA GLY R 215 0.91 48.17 58.72
C GLY R 215 -0.50 48.70 58.59
N ALA R 216 -1.42 48.21 59.42
CA ALA R 216 -2.80 48.66 59.36
C ALA R 216 -3.47 48.30 60.69
N ILE R 217 -4.64 48.89 60.91
CA ILE R 217 -5.44 48.65 62.11
C ILE R 217 -6.52 47.64 61.74
N ARG R 218 -6.47 46.46 62.35
CA ARG R 218 -7.40 45.38 62.04
C ARG R 218 -7.83 44.72 63.34
N ILE R 219 -8.87 43.90 63.26
CA ILE R 219 -9.33 43.14 64.41
C ILE R 219 -8.55 41.84 64.50
N ALA R 220 -8.27 41.40 65.72
CA ALA R 220 -7.37 40.28 65.93
C ALA R 220 -8.04 38.94 65.61
N ARG R 221 -9.33 38.82 65.88
CA ARG R 221 -10.02 37.55 65.74
C ARG R 221 -11.50 37.80 65.51
N GLY R 222 -12.24 36.72 65.22
CA GLY R 222 -13.67 36.81 65.01
C GLY R 222 -14.44 35.80 65.84
N VAL R 223 -13.95 35.51 67.04
CA VAL R 223 -14.59 34.55 67.93
C VAL R 223 -15.90 35.13 68.46
N ASN R 224 -16.76 34.26 69.01
CA ASN R 224 -18.01 34.71 69.57
C ASN R 224 -17.80 35.35 70.93
N SER R 225 -18.83 36.06 71.40
CA SER R 225 -18.77 36.66 72.73
C SER R 225 -18.87 35.64 73.85
N LEU R 226 -19.32 34.42 73.53
CA LEU R 226 -19.51 33.41 74.56
C LEU R 226 -18.16 32.86 75.00
N THR R 227 -17.83 33.07 76.28
CA THR R 227 -16.57 32.58 76.82
C THR R 227 -16.60 31.07 77.05
N GLU R 228 -17.71 30.55 77.55
CA GLU R 228 -17.82 29.15 77.97
C GLU R 228 -18.68 28.40 76.96
N LEU R 229 -18.04 27.60 76.12
CA LEU R 229 -18.72 26.68 75.23
C LEU R 229 -18.70 25.28 75.85
N THR R 230 -19.85 24.64 75.89
CA THR R 230 -19.94 23.33 76.51
C THR R 230 -19.15 22.29 75.70
N ALA R 231 -19.08 21.08 76.25
CA ALA R 231 -18.27 20.03 75.63
C ALA R 231 -18.77 19.70 74.23
N GLU R 232 -20.10 19.69 74.03
CA GLU R 232 -20.64 19.38 72.71
C GLU R 232 -20.35 20.47 71.71
N LYS R 233 -20.38 21.74 72.13
CA LYS R 233 -20.24 22.85 71.19
C LYS R 233 -18.87 22.85 70.52
N GLY R 234 -17.81 22.63 71.28
CA GLY R 234 -16.48 22.50 70.71
C GLY R 234 -15.87 23.83 70.31
N GLU R 235 -14.72 23.72 69.63
CA GLU R 235 -13.97 24.90 69.24
C GLU R 235 -14.68 25.68 68.13
N MET R 236 -15.28 24.97 67.17
CA MET R 236 -15.88 25.66 66.03
C MET R 236 -17.05 26.53 66.46
N PHE R 237 -17.80 26.11 67.49
CA PHE R 237 -18.91 26.92 67.97
C PHE R 237 -18.44 28.17 68.70
N GLN R 238 -17.14 28.29 68.96
CA GLN R 238 -16.59 29.53 69.49
C GLN R 238 -16.39 30.59 68.41
N LYS R 239 -16.70 30.26 67.16
CA LYS R 239 -16.54 31.18 66.04
C LYS R 239 -17.90 31.63 65.52
N ILE R 240 -18.03 32.93 65.27
CA ILE R 240 -19.27 33.47 64.73
C ILE R 240 -19.51 32.95 63.31
N LYS R 241 -18.44 32.62 62.59
CA LYS R 241 -18.58 32.19 61.20
C LYS R 241 -19.38 30.90 61.09
N ILE R 242 -19.12 29.95 61.99
CA ILE R 242 -19.85 28.69 61.97
C ILE R 242 -21.31 28.91 62.32
N VAL R 243 -21.58 29.63 63.41
CA VAL R 243 -22.95 29.83 63.85
C VAL R 243 -23.74 30.63 62.83
N ASP R 244 -23.08 31.50 62.06
CA ASP R 244 -23.78 32.27 61.04
C ASP R 244 -24.37 31.36 59.97
N THR R 245 -23.54 30.46 59.41
CA THR R 245 -24.04 29.57 58.37
C THR R 245 -25.02 28.56 58.94
N LEU R 246 -24.81 28.11 60.18
CA LEU R 246 -25.79 27.21 60.79
C LEU R 246 -27.15 27.90 60.95
N ASP R 247 -27.15 29.16 61.39
CA ASP R 247 -28.39 29.91 61.52
C ASP R 247 -29.04 30.14 60.18
N ILE R 248 -28.25 30.42 59.14
CA ILE R 248 -28.81 30.62 57.81
C ILE R 248 -29.47 29.35 57.31
N ILE R 249 -28.81 28.21 57.49
CA ILE R 249 -29.39 26.94 57.08
C ILE R 249 -30.67 26.66 57.86
N HIS R 250 -30.65 26.91 59.17
CA HIS R 250 -31.85 26.73 59.99
C HIS R 250 -33.00 27.58 59.46
N SER R 251 -32.74 28.86 59.20
CA SER R 251 -33.79 29.77 58.74
C SER R 251 -34.33 29.33 57.38
N ASP R 252 -33.44 28.93 56.46
CA ASP R 252 -33.89 28.51 55.14
C ASP R 252 -34.74 27.25 55.23
N ILE R 253 -34.32 26.27 56.03
CA ILE R 253 -35.08 25.03 56.16
C ILE R 253 -36.44 25.31 56.79
N ARG R 254 -36.47 26.12 57.85
CA ARG R 254 -37.74 26.46 58.47
C ARG R 254 -38.66 27.19 57.50
N LYS R 255 -38.10 28.12 56.72
CA LYS R 255 -38.91 28.88 55.76
C LYS R 255 -39.51 27.96 54.71
N VAL R 256 -38.70 27.07 54.13
CA VAL R 256 -39.21 26.21 53.08
C VAL R 256 -40.23 25.22 53.64
N ILE R 257 -40.01 24.73 54.87
CA ILE R 257 -40.95 23.82 55.49
C ILE R 257 -42.29 24.51 55.71
N ILE R 258 -42.27 25.73 56.24
CA ILE R 258 -43.50 26.47 56.47
C ILE R 258 -44.18 26.80 55.14
N ASP R 259 -43.40 27.09 54.09
CA ASP R 259 -43.99 27.44 52.81
C ASP R 259 -44.67 26.25 52.16
N ASP R 260 -44.08 25.06 52.25
CA ASP R 260 -44.52 23.91 51.47
C ASP R 260 -45.23 22.84 52.29
N TYR R 261 -44.59 22.32 53.32
CA TYR R 261 -45.01 21.04 53.87
C TYR R 261 -46.15 21.11 54.88
N ILE R 262 -46.28 22.21 55.61
CA ILE R 262 -47.36 22.31 56.59
C ILE R 262 -48.65 22.64 55.87
N GLY R 263 -49.69 21.84 56.14
CA GLY R 263 -50.99 22.06 55.53
C GLY R 263 -51.09 21.58 54.09
N LYS R 264 -50.27 22.15 53.22
CA LYS R 264 -50.36 21.85 51.79
C LYS R 264 -50.03 20.38 51.51
N VAL R 265 -48.97 19.86 52.13
CA VAL R 265 -48.49 18.52 51.87
C VAL R 265 -49.04 17.59 52.95
N THR R 266 -49.37 16.37 52.57
CA THR R 266 -49.81 15.35 53.53
C THR R 266 -48.62 14.53 54.02
N ASN R 267 -48.90 13.63 54.96
CA ASN R 267 -47.89 12.72 55.50
C ASN R 267 -48.03 11.36 54.82
N SER R 268 -46.97 10.93 54.16
CA SER R 268 -46.94 9.62 53.52
C SER R 268 -45.49 9.22 53.31
N TYR R 269 -45.28 7.94 53.02
CA TYR R 269 -43.93 7.46 52.70
C TYR R 269 -43.39 8.15 51.46
N ASP R 270 -44.24 8.31 50.44
CA ASP R 270 -43.83 9.05 49.24
C ASP R 270 -43.59 10.52 49.57
N ASN R 271 -44.42 11.10 50.44
CA ASN R 271 -44.20 12.48 50.87
C ASN R 271 -42.89 12.60 51.64
N LYS R 272 -42.58 11.60 52.49
CA LYS R 272 -41.31 11.61 53.20
C LYS R 272 -40.14 11.52 52.23
N CYS R 273 -40.26 10.67 51.20
CA CYS R 273 -39.20 10.56 50.21
C CYS R 273 -39.01 11.88 49.46
N LEU R 274 -40.11 12.54 49.08
CA LEU R 274 -40.01 13.83 48.40
C LEU R 274 -39.36 14.88 49.30
N LEU R 275 -39.72 14.90 50.58
CA LEU R 275 -39.09 15.83 51.51
C LEU R 275 -37.60 15.55 51.65
N ILE R 276 -37.23 14.27 51.70
CA ILE R 276 -35.82 13.91 51.77
C ILE R 276 -35.08 14.37 50.52
N VAL R 277 -35.70 14.20 49.35
CA VAL R 277 -35.08 14.62 48.10
C VAL R 277 -34.90 16.14 48.08
N ALA R 278 -35.92 16.88 48.55
CA ALA R 278 -35.80 18.34 48.58
C ALA R 278 -34.71 18.78 49.55
N ILE R 279 -34.62 18.14 50.72
CA ILE R 279 -33.57 18.47 51.68
C ILE R 279 -32.20 18.19 51.08
N LYS R 280 -32.06 17.05 50.40
CA LYS R 280 -30.80 16.72 49.75
C LYS R 280 -30.45 17.74 48.67
N SER R 281 -31.44 18.19 47.92
CA SER R 281 -31.19 19.21 46.90
C SER R 281 -30.73 20.53 47.53
N TYR R 282 -31.37 20.93 48.63
CA TYR R 282 -30.93 22.15 49.32
C TYR R 282 -29.52 22.00 49.87
N LEU R 283 -29.21 20.82 50.42
CA LEU R 283 -27.85 20.58 50.90
C LEU R 283 -26.84 20.61 49.76
N GLU R 284 -27.22 20.09 48.58
CA GLU R 284 -26.34 20.17 47.43
C GLU R 284 -26.13 21.62 46.99
N GLU R 285 -27.19 22.43 47.04
CA GLU R 285 -27.06 23.85 46.74
C GLU R 285 -26.08 24.52 47.70
N LEU R 286 -26.16 24.18 48.99
CA LEU R 286 -25.18 24.66 49.95
C LEU R 286 -23.78 24.15 49.62
N GLU R 287 -23.68 22.90 49.19
CA GLU R 287 -22.39 22.32 48.81
C GLU R 287 -21.78 23.04 47.62
N LYS R 288 -22.62 23.62 46.75
CA LYS R 288 -22.09 24.42 45.65
C LYS R 288 -21.26 25.58 46.17
N SER R 289 -21.75 26.25 47.21
CA SER R 289 -20.93 27.21 47.93
C SER R 289 -19.91 26.46 48.80
N ALA R 290 -18.83 27.17 49.14
CA ALA R 290 -17.78 26.59 49.97
C ALA R 290 -18.14 26.55 51.44
N LEU R 291 -19.38 26.89 51.81
CA LEU R 291 -19.75 27.01 53.22
C LEU R 291 -19.70 25.65 53.91
N ILE R 292 -20.19 24.60 53.27
CA ILE R 292 -20.27 23.29 53.89
C ILE R 292 -19.53 22.27 53.03
N GLU R 293 -19.22 21.14 53.65
CA GLU R 293 -18.53 20.06 52.95
C GLU R 293 -19.41 19.48 51.85
N SER R 294 -18.76 18.95 50.81
CA SER R 294 -19.47 18.37 49.68
C SER R 294 -20.19 17.07 50.03
N ASP R 295 -19.87 16.46 51.17
CA ASP R 295 -20.45 15.17 51.56
C ASP R 295 -21.43 15.37 52.70
N SER R 296 -22.66 14.93 52.51
CA SER R 296 -23.69 14.99 53.54
C SER R 296 -24.74 13.93 53.24
N THR R 297 -25.45 13.50 54.28
CA THR R 297 -26.46 12.46 54.17
C THR R 297 -27.75 12.92 54.82
N VAL R 298 -28.88 12.50 54.24
CA VAL R 298 -30.21 12.73 54.79
C VAL R 298 -30.86 11.38 55.02
N GLU R 299 -31.37 11.16 56.23
CA GLU R 299 -31.92 9.87 56.60
C GLU R 299 -33.12 10.06 57.52
N ILE R 300 -33.97 9.03 57.55
CA ILE R 300 -35.12 9.03 58.45
C ILE R 300 -34.63 8.67 59.85
N ASP R 301 -35.09 9.43 60.85
CA ASP R 301 -34.74 9.15 62.24
C ASP R 301 -35.43 7.86 62.67
N PHE R 302 -34.68 6.76 62.65
CA PHE R 302 -35.28 5.44 62.87
C PHE R 302 -35.60 5.22 64.35
N GLU R 303 -34.73 5.70 65.24
CA GLU R 303 -34.99 5.56 66.68
C GLU R 303 -36.17 6.41 67.12
N ALA R 304 -36.39 7.56 66.48
CA ALA R 304 -37.59 8.33 66.75
C ALA R 304 -38.83 7.56 66.36
N GLN R 305 -38.76 6.82 65.24
CA GLN R 305 -39.86 5.93 64.88
C GLN R 305 -40.05 4.83 65.91
N LYS R 306 -38.95 4.29 66.44
CA LYS R 306 -39.05 3.32 67.53
C LYS R 306 -39.81 3.91 68.70
N SER R 307 -39.45 5.13 69.11
CA SER R 307 -40.10 5.76 70.26
C SER R 307 -41.57 6.03 69.97
N TYR R 308 -41.89 6.43 68.74
CA TYR R 308 -43.29 6.64 68.38
C TYR R 308 -44.08 5.34 68.45
N LEU R 309 -43.48 4.23 68.01
CA LEU R 309 -44.15 2.94 68.12
C LEU R 309 -44.34 2.54 69.57
N LYS R 310 -43.34 2.79 70.43
CA LYS R 310 -43.49 2.49 71.85
C LYS R 310 -44.62 3.30 72.46
N SER R 311 -44.73 4.58 72.06
CA SER R 311 -45.88 5.38 72.49
C SER R 311 -47.19 4.77 72.00
N LYS R 312 -47.22 4.33 70.74
CA LYS R 312 -48.38 3.61 70.24
C LYS R 312 -48.55 2.27 70.95
N GLY R 313 -47.46 1.57 71.21
CA GLY R 313 -47.51 0.28 71.88
C GLY R 313 -47.42 -0.93 70.97
N VAL R 314 -47.13 -0.74 69.69
CA VAL R 314 -47.01 -1.87 68.78
C VAL R 314 -45.75 -2.66 69.08
N ASP R 315 -45.88 -3.97 69.17
CA ASP R 315 -44.72 -4.82 69.44
C ASP R 315 -43.74 -4.77 68.28
N LEU R 316 -42.45 -4.73 68.62
CA LEU R 316 -41.41 -4.60 67.60
C LEU R 316 -41.11 -5.92 66.90
N SER R 317 -41.52 -7.05 67.47
CA SER R 317 -41.21 -8.34 66.90
C SER R 317 -42.11 -8.65 65.70
N TYR R 318 -41.74 -9.71 64.99
CA TYR R 318 -42.51 -10.30 63.89
C TYR R 318 -42.92 -9.26 62.83
N MET R 319 -41.99 -8.40 62.43
CA MET R 319 -42.06 -7.78 61.11
C MET R 319 -40.67 -7.31 60.72
N THR R 320 -40.52 -7.01 59.44
CA THR R 320 -39.25 -6.50 58.91
C THR R 320 -38.98 -5.11 59.47
N LEU R 321 -37.68 -4.81 59.66
CA LEU R 321 -37.29 -3.49 60.14
C LEU R 321 -37.71 -2.39 59.16
N GLN R 322 -37.81 -2.72 57.87
CA GLN R 322 -38.27 -1.74 56.89
C GLN R 322 -39.72 -1.36 57.14
N GLU R 323 -40.52 -2.27 57.70
CA GLU R 323 -41.91 -1.95 58.00
C GLU R 323 -42.03 -0.81 59.00
N ILE R 324 -41.00 -0.61 59.82
CA ILE R 324 -40.99 0.53 60.74
C ILE R 324 -41.03 1.84 59.94
N LYS R 325 -40.20 1.93 58.91
CA LYS R 325 -40.25 3.08 58.02
C LYS R 325 -41.57 3.12 57.26
N GLU R 326 -42.05 1.96 56.80
CA GLU R 326 -43.31 1.93 56.07
C GLU R 326 -44.50 2.26 56.95
N ALA R 327 -44.39 2.00 58.26
CA ALA R 327 -45.50 2.30 59.16
C ALA R 327 -45.76 3.79 59.24
N ASN R 328 -47.03 4.15 59.28
CA ASN R 328 -47.40 5.56 59.39
C ASN R 328 -46.97 6.13 60.73
N THR R 329 -46.49 7.37 60.70
CA THR R 329 -45.99 8.04 61.89
C THR R 329 -47.01 9.00 62.50
N GLY R 330 -48.28 8.89 62.10
CA GLY R 330 -49.32 9.71 62.69
C GLY R 330 -49.13 11.20 62.49
N SER R 331 -49.16 11.64 61.22
CA SER R 331 -49.00 13.05 60.87
C SER R 331 -47.67 13.60 61.37
N LYS R 332 -46.62 12.77 61.38
CA LYS R 332 -45.32 13.17 61.88
C LYS R 332 -44.23 12.68 60.92
N VAL R 333 -43.09 13.35 60.94
CA VAL R 333 -41.92 12.96 60.17
C VAL R 333 -40.70 13.07 61.08
N PHE R 334 -39.85 12.05 61.05
CA PHE R 334 -38.61 12.02 61.81
C PHE R 334 -37.44 11.87 60.85
N LEU R 335 -36.46 12.75 60.97
CA LEU R 335 -35.34 12.81 60.02
C LEU R 335 -34.02 12.93 60.75
N LYS R 336 -32.97 12.44 60.08
CA LYS R 336 -31.60 12.54 60.56
C LYS R 336 -30.71 13.02 59.42
N ALA R 337 -29.81 13.95 59.71
CA ALA R 337 -28.92 14.50 58.70
C ALA R 337 -27.52 14.64 59.26
N LYS R 338 -26.53 14.29 58.44
CA LYS R 338 -25.13 14.40 58.80
C LYS R 338 -24.53 15.54 57.99
N ILE R 339 -24.02 16.56 58.68
CA ILE R 339 -23.46 17.74 58.05
C ILE R 339 -22.14 18.09 58.70
N LYS R 340 -21.36 18.92 58.01
CA LYS R 340 -20.10 19.43 58.54
C LYS R 340 -19.80 20.77 57.89
N VAL R 341 -19.40 21.75 58.69
CA VAL R 341 -19.17 23.10 58.21
C VAL R 341 -17.77 23.19 57.60
N LEU R 342 -17.71 23.56 56.33
CA LEU R 342 -16.44 23.74 55.64
C LEU R 342 -16.07 25.23 55.64
N ASP R 343 -15.76 25.73 56.83
CA ASP R 343 -15.25 27.07 56.99
C ASP R 343 -13.73 26.98 57.11
N ALA R 344 -13.03 27.63 56.20
CA ALA R 344 -11.60 27.40 56.04
C ALA R 344 -10.78 28.15 57.09
N MET R 345 -9.47 28.25 56.85
CA MET R 345 -8.50 28.49 57.89
C MET R 345 -8.00 29.92 57.88
N GLU R 346 -8.10 30.58 59.03
CA GLU R 346 -7.62 31.95 59.21
C GLU R 346 -6.11 31.98 59.46
N ASP R 347 -5.56 30.95 60.10
CA ASP R 347 -4.15 30.89 60.47
C ASP R 347 -3.53 29.60 59.96
N ILE R 348 -2.21 29.62 59.79
CA ILE R 348 -1.47 28.49 59.24
C ILE R 348 -0.16 28.32 60.01
N ASP R 349 0.36 27.10 59.99
CA ASP R 349 1.64 26.79 60.62
C ASP R 349 2.24 25.57 59.93
N LEU R 350 3.20 25.80 59.05
CA LEU R 350 3.80 24.74 58.25
C LEU R 350 5.25 24.49 58.66
N SER R 351 5.80 23.38 58.18
CA SER R 351 7.17 22.99 58.51
C SER R 351 8.04 22.93 57.26
N ILE R 352 9.34 23.10 57.47
CA ILE R 352 10.34 23.08 56.41
C ILE R 352 11.25 21.89 56.65
N GLU R 353 12.09 21.57 55.67
CA GLU R 353 13.16 20.60 55.90
C GLU R 353 14.50 21.23 55.54
N ILE S 3 -96.50 -46.50 -2.78
CA ILE S 3 -96.28 -47.78 -3.43
C ILE S 3 -96.40 -47.61 -4.94
N GLY S 4 -97.13 -46.59 -5.37
CA GLY S 4 -97.33 -46.31 -6.77
C GLY S 4 -96.46 -45.16 -7.24
N LEU S 5 -95.45 -45.50 -8.04
CA LEU S 5 -94.46 -44.54 -8.54
C LEU S 5 -93.88 -43.75 -7.36
N PRO S 6 -93.05 -44.37 -6.53
CA PRO S 6 -92.50 -43.64 -5.39
C PRO S 6 -91.41 -42.67 -5.82
N SER S 7 -91.70 -41.38 -5.65
CA SER S 7 -90.74 -40.31 -5.90
C SER S 7 -90.83 -39.31 -4.74
N ILE S 8 -90.05 -39.57 -3.71
CA ILE S 8 -90.10 -38.75 -2.49
C ILE S 8 -89.65 -37.34 -2.82
N ASN S 9 -90.39 -36.36 -2.30
CA ASN S 9 -90.13 -34.95 -2.55
C ASN S 9 -88.99 -34.47 -1.66
N ILE S 10 -88.21 -33.53 -2.17
CA ILE S 10 -87.10 -32.93 -1.43
C ILE S 10 -87.50 -31.52 -1.03
N SER S 11 -87.64 -31.30 0.28
CA SER S 11 -88.06 -30.01 0.81
C SER S 11 -87.25 -29.70 2.05
N PHE S 12 -87.29 -28.44 2.46
CA PHE S 12 -86.47 -27.95 3.56
C PHE S 12 -87.34 -27.38 4.67
N LYS S 13 -86.91 -27.59 5.91
CA LYS S 13 -87.53 -26.92 7.05
C LYS S 13 -86.60 -25.82 7.56
N GLU S 14 -87.13 -24.60 7.63
CA GLU S 14 -86.34 -23.46 8.09
C GLU S 14 -86.08 -23.59 9.59
N LEU S 15 -84.90 -23.15 10.02
CA LEU S 15 -84.49 -23.27 11.40
C LEU S 15 -84.94 -22.05 12.20
N ALA S 16 -85.86 -22.26 13.13
CA ALA S 16 -86.30 -21.25 14.07
C ALA S 16 -85.84 -21.65 15.46
N THR S 17 -85.50 -20.65 16.27
CA THR S 17 -85.01 -20.91 17.62
C THR S 17 -86.07 -21.61 18.45
N THR S 18 -85.72 -22.77 19.01
CA THR S 18 -86.67 -23.53 19.82
C THR S 18 -86.95 -22.80 21.13
N VAL S 19 -88.23 -22.68 21.46
CA VAL S 19 -88.67 -21.97 22.65
C VAL S 19 -89.54 -22.91 23.48
N LYS S 20 -89.17 -23.10 24.74
CA LYS S 20 -89.99 -23.89 25.64
C LYS S 20 -91.28 -23.14 25.95
N GLU S 21 -92.39 -23.88 25.94
CA GLU S 21 -93.71 -23.30 26.15
C GLU S 21 -94.20 -23.68 27.54
N ARG S 22 -94.55 -22.68 28.34
CA ARG S 22 -95.06 -22.88 29.68
C ARG S 22 -96.22 -21.92 29.92
N SER S 23 -96.82 -21.99 31.10
CA SER S 23 -97.93 -21.11 31.42
C SER S 23 -97.49 -19.65 31.44
N ALA S 24 -98.29 -18.79 30.84
CA ALA S 24 -97.97 -17.37 30.81
C ALA S 24 -98.00 -16.78 32.20
N ARG S 25 -97.05 -15.89 32.48
CA ARG S 25 -96.91 -15.26 33.78
C ARG S 25 -96.87 -13.75 33.63
N GLY S 26 -97.36 -13.05 34.66
CA GLY S 26 -97.35 -11.60 34.65
C GLY S 26 -98.48 -10.95 33.89
N ILE S 27 -99.42 -11.72 33.36
CA ILE S 27 -100.53 -11.14 32.61
C ILE S 27 -101.46 -10.42 33.57
N ILE S 28 -102.14 -9.38 33.07
CA ILE S 28 -103.07 -8.59 33.85
C ILE S 28 -104.47 -8.80 33.30
N ALA S 29 -105.41 -9.14 34.18
CA ALA S 29 -106.82 -9.22 33.84
C ALA S 29 -107.49 -7.93 34.29
N MET S 30 -108.01 -7.17 33.34
CA MET S 30 -108.58 -5.85 33.61
C MET S 30 -110.09 -5.94 33.49
N VAL S 31 -110.79 -5.61 34.57
CA VAL S 31 -112.25 -5.63 34.60
C VAL S 31 -112.74 -4.24 35.02
N LEU S 32 -113.75 -3.75 34.31
CA LEU S 32 -114.21 -2.38 34.52
C LEU S 32 -115.65 -2.27 34.03
N LYS S 33 -116.35 -1.26 34.52
CA LYS S 33 -117.75 -1.05 34.22
C LYS S 33 -117.94 0.21 33.36
N ASP S 34 -118.79 0.09 32.35
CA ASP S 34 -119.16 1.21 31.48
C ASP S 34 -120.50 0.90 30.83
N ALA S 35 -121.12 1.95 30.28
CA ALA S 35 -122.40 1.84 29.59
C ALA S 35 -122.24 1.84 28.08
N LYS S 36 -121.02 1.82 27.56
CA LYS S 36 -120.76 1.88 26.13
C LYS S 36 -120.03 0.62 25.68
N ALA S 37 -120.54 0.00 24.62
CA ALA S 37 -119.91 -1.14 23.95
C ALA S 37 -119.46 -2.20 24.97
N LEU S 38 -120.46 -2.80 25.61
CA LEU S 38 -120.21 -3.83 26.60
C LEU S 38 -119.46 -5.01 25.98
N GLY S 39 -118.44 -5.48 26.68
CA GLY S 39 -117.64 -6.59 26.24
C GLY S 39 -116.16 -6.36 26.47
N LEU S 40 -115.41 -7.46 26.43
CA LEU S 40 -113.97 -7.40 26.64
C LEU S 40 -113.27 -6.73 25.46
N ASN S 41 -112.17 -6.04 25.76
CA ASN S 41 -111.48 -5.23 24.76
C ASN S 41 -110.20 -5.85 24.25
N GLU S 42 -109.60 -6.79 24.99
CA GLU S 42 -108.37 -7.49 24.62
C GLU S 42 -107.34 -6.54 23.99
N ILE S 43 -106.94 -5.55 24.78
CA ILE S 43 -106.01 -4.51 24.29
C ILE S 43 -104.60 -5.05 24.47
N HIS S 44 -104.15 -5.82 23.47
CA HIS S 44 -102.77 -6.28 23.47
C HIS S 44 -101.83 -5.20 22.91
N GLU S 45 -102.29 -4.46 21.91
CA GLU S 45 -101.48 -3.39 21.34
C GLU S 45 -101.38 -2.23 22.32
N LYS S 46 -100.21 -1.60 22.35
CA LYS S 46 -99.94 -0.55 23.31
C LYS S 46 -100.54 0.78 22.84
N GLU S 47 -100.99 1.58 23.81
CA GLU S 47 -101.53 2.92 23.56
C GLU S 47 -102.71 2.89 22.59
N ASP S 48 -103.66 1.99 22.86
CA ASP S 48 -104.91 1.92 22.11
C ASP S 48 -106.07 2.05 23.08
N ILE S 49 -106.89 3.07 22.89
CA ILE S 49 -108.02 3.36 23.76
C ILE S 49 -109.30 3.14 22.94
N PRO S 50 -110.05 2.06 23.17
CA PRO S 50 -111.33 1.91 22.49
C PRO S 50 -112.32 2.97 22.97
N VAL S 51 -113.27 3.31 22.09
CA VAL S 51 -114.21 4.38 22.37
C VAL S 51 -115.12 4.06 23.54
N ASP S 52 -115.26 2.78 23.89
CA ASP S 52 -116.13 2.40 25.01
C ASP S 52 -115.63 2.97 26.32
N LEU S 53 -114.32 2.94 26.54
CA LEU S 53 -113.74 3.36 27.81
C LEU S 53 -113.65 4.88 27.87
N SER S 54 -114.01 5.44 29.02
CA SER S 54 -114.13 6.88 29.19
C SER S 54 -112.75 7.50 29.48
N ALA S 55 -112.74 8.80 29.76
CA ALA S 55 -111.49 9.51 30.01
C ALA S 55 -110.79 8.98 31.25
N GLU S 56 -111.54 8.75 32.34
CA GLU S 56 -110.94 8.15 33.53
C GLU S 56 -110.46 6.74 33.23
N ASN S 57 -111.25 5.98 32.48
CA ASN S 57 -110.80 4.65 32.03
C ASN S 57 -109.61 4.77 31.09
N LYS S 58 -109.56 5.83 30.28
CA LYS S 58 -108.37 6.08 29.47
C LYS S 58 -107.15 6.27 30.35
N GLU S 59 -107.34 6.97 31.48
CA GLU S 59 -106.27 7.19 32.45
C GLU S 59 -105.82 5.86 33.02
N TYR S 60 -106.79 5.00 33.35
CA TYR S 60 -106.48 3.65 33.82
C TYR S 60 -105.63 2.89 32.81
N ILE S 61 -106.01 2.94 31.54
CA ILE S 61 -105.24 2.25 30.50
C ILE S 61 -103.82 2.80 30.43
N ASN S 62 -103.69 4.13 30.45
CA ASN S 62 -102.37 4.74 30.36
C ASN S 62 -101.49 4.34 31.55
N LEU S 63 -102.07 4.33 32.75
CA LEU S 63 -101.31 3.92 33.92
C LEU S 63 -100.90 2.46 33.85
N ALA S 64 -101.80 1.59 33.38
CA ALA S 64 -101.51 0.16 33.36
C ALA S 64 -100.49 -0.19 32.29
N LEU S 65 -100.55 0.47 31.13
CA LEU S 65 -99.69 0.10 30.01
C LEU S 65 -98.22 0.32 30.35
N MET S 66 -97.90 1.46 30.96
CA MET S 66 -96.51 1.78 31.27
C MET S 66 -96.13 1.22 32.63
N GLY S 67 -94.89 0.72 32.74
CA GLY S 67 -94.42 0.11 33.96
C GLY S 67 -93.03 0.61 34.31
N ASN S 68 -92.51 0.08 35.43
CA ASN S 68 -91.20 0.50 35.91
C ASN S 68 -90.10 0.09 34.93
N VAL S 69 -90.11 -1.17 34.50
CA VAL S 69 -89.06 -1.73 33.67
C VAL S 69 -89.57 -2.04 32.26
N ASN S 70 -90.64 -2.83 32.15
CA ASN S 70 -91.16 -3.24 30.87
C ASN S 70 -92.68 -3.11 30.88
N THR S 71 -93.24 -2.94 29.69
CA THR S 71 -94.69 -2.96 29.54
C THR S 71 -95.22 -4.36 29.86
N PRO S 72 -96.34 -4.47 30.58
CA PRO S 72 -96.93 -5.79 30.80
C PRO S 72 -97.23 -6.50 29.50
N ASN S 73 -97.04 -7.82 29.51
CA ASN S 73 -97.08 -8.59 28.28
C ASN S 73 -98.43 -8.48 27.58
N LYS S 74 -99.52 -8.73 28.31
CA LYS S 74 -100.85 -8.70 27.73
C LYS S 74 -101.80 -7.98 28.68
N LEU S 75 -102.68 -7.16 28.11
CA LEU S 75 -103.72 -6.46 28.85
C LEU S 75 -105.08 -6.84 28.28
N LEU S 76 -105.99 -7.25 29.15
CA LEU S 76 -107.32 -7.72 28.76
C LEU S 76 -108.36 -6.92 29.55
N VAL S 77 -108.90 -5.88 28.93
CA VAL S 77 -109.86 -4.98 29.57
C VAL S 77 -111.27 -5.44 29.22
N TYR S 78 -112.13 -5.50 30.23
CA TYR S 78 -113.51 -5.93 30.06
C TYR S 78 -114.46 -4.76 30.34
N VAL S 79 -115.54 -4.70 29.57
CA VAL S 79 -116.52 -3.62 29.68
C VAL S 79 -117.90 -4.25 29.84
N ILE S 80 -118.63 -3.83 30.88
CA ILE S 80 -120.02 -4.23 31.10
C ILE S 80 -120.70 -3.14 31.93
N GLU S 81 -122.02 -3.18 31.98
CA GLU S 81 -122.77 -2.22 32.78
C GLU S 81 -122.39 -2.34 34.24
N GLY S 82 -122.59 -1.23 34.98
CA GLY S 82 -122.16 -1.19 36.37
C GLY S 82 -122.80 -2.27 37.23
N GLU S 83 -124.06 -2.58 36.96
CA GLU S 83 -124.75 -3.62 37.71
C GLU S 83 -124.16 -5.00 37.37
N ALA S 84 -124.11 -5.86 38.38
CA ALA S 84 -123.63 -7.25 38.22
C ALA S 84 -122.21 -7.30 37.65
N ASP S 85 -121.35 -6.40 38.13
CA ASP S 85 -119.94 -6.47 37.76
C ASP S 85 -119.30 -7.75 38.28
N ILE S 86 -119.63 -8.14 39.51
CA ILE S 86 -118.95 -9.26 40.15
C ILE S 86 -119.24 -10.57 39.43
N GLN S 87 -120.49 -10.79 39.02
CA GLN S 87 -120.86 -12.05 38.38
C GLN S 87 -120.14 -12.22 37.05
N THR S 88 -120.20 -11.19 36.19
CA THR S 88 -119.56 -11.29 34.89
C THR S 88 -118.04 -11.32 35.02
N ALA S 89 -117.47 -10.60 35.99
CA ALA S 89 -116.03 -10.68 36.21
C ALA S 89 -115.62 -12.09 36.61
N LEU S 90 -116.38 -12.70 37.51
CA LEU S 90 -116.11 -14.07 37.92
C LEU S 90 -116.20 -15.04 36.75
N ASP S 91 -117.24 -14.88 35.92
CA ASP S 91 -117.42 -15.77 34.78
C ASP S 91 -116.26 -15.62 33.79
N PHE S 92 -115.87 -14.38 33.48
CA PHE S 92 -114.81 -14.17 32.51
C PHE S 92 -113.46 -14.64 33.04
N LEU S 93 -113.20 -14.45 34.33
CA LEU S 93 -111.96 -14.93 34.91
C LEU S 93 -111.93 -16.45 35.00
N GLU S 94 -113.09 -17.08 35.18
CA GLU S 94 -113.17 -18.53 35.11
C GLU S 94 -112.91 -19.02 33.69
N THR S 95 -113.39 -18.28 32.69
CA THR S 95 -113.23 -18.69 31.31
C THR S 95 -111.76 -18.75 30.90
N LYS S 96 -110.98 -17.75 31.28
CA LYS S 96 -109.59 -17.64 30.86
C LYS S 96 -108.70 -17.34 32.06
N GLU S 97 -107.53 -17.98 32.10
CA GLU S 97 -106.62 -17.83 33.21
C GLU S 97 -106.03 -16.42 33.24
N PHE S 98 -105.49 -16.05 34.41
CA PHE S 98 -104.94 -14.72 34.62
C PHE S 98 -103.91 -14.78 35.73
N ASN S 99 -103.13 -13.70 35.84
CA ASN S 99 -102.15 -13.56 36.90
C ASN S 99 -102.37 -12.35 37.79
N TYR S 100 -102.99 -11.28 37.28
CA TYR S 100 -103.26 -10.08 38.05
C TYR S 100 -104.71 -9.66 37.84
N LEU S 101 -105.28 -9.04 38.87
CA LEU S 101 -106.67 -8.61 38.83
C LEU S 101 -106.81 -7.27 39.55
N CYS S 102 -107.64 -6.39 39.01
CA CYS S 102 -107.87 -5.09 39.62
C CYS S 102 -109.21 -4.54 39.14
N MET S 103 -110.08 -4.18 40.09
CA MET S 103 -111.36 -3.56 39.78
C MET S 103 -111.36 -2.11 40.25
N PRO S 104 -111.32 -1.13 39.34
CA PRO S 104 -111.30 0.27 39.76
C PRO S 104 -112.50 0.70 40.59
N LYS S 105 -113.68 0.13 40.34
CA LYS S 105 -114.90 0.56 41.01
C LYS S 105 -115.42 -0.49 42.00
N ALA S 106 -114.53 -1.30 42.56
CA ALA S 106 -114.93 -2.30 43.53
C ALA S 106 -115.14 -1.66 44.90
N VAL S 107 -116.36 -1.74 45.42
CA VAL S 107 -116.65 -1.29 46.78
C VAL S 107 -116.06 -2.29 47.76
N GLU S 108 -116.05 -1.92 49.05
CA GLU S 108 -115.48 -2.81 50.05
C GLU S 108 -116.16 -4.18 50.03
N ALA S 109 -117.48 -4.21 49.84
CA ALA S 109 -118.17 -5.49 49.68
C ALA S 109 -117.71 -6.20 48.42
N ASP S 110 -117.56 -5.45 47.32
CA ASP S 110 -117.07 -6.04 46.08
C ASP S 110 -115.65 -6.57 46.24
N LYS S 111 -114.80 -5.82 46.94
CA LYS S 111 -113.43 -6.27 47.18
C LYS S 111 -113.41 -7.53 48.04
N THR S 112 -114.27 -7.58 49.05
CA THR S 112 -114.35 -8.78 49.89
C THR S 112 -114.82 -9.98 49.09
N ALA S 113 -115.82 -9.79 48.23
CA ALA S 113 -116.28 -10.89 47.38
C ALA S 113 -115.18 -11.34 46.43
N ILE S 114 -114.43 -10.39 45.86
CA ILE S 114 -113.32 -10.74 44.98
C ILE S 114 -112.29 -11.56 45.74
N LYS S 115 -111.95 -11.13 46.96
CA LYS S 115 -110.95 -11.86 47.75
C LYS S 115 -111.44 -13.27 48.08
N ASN S 116 -112.71 -13.40 48.44
CA ASN S 116 -113.26 -14.72 48.74
C ASN S 116 -113.21 -15.62 47.51
N TRP S 117 -113.54 -15.09 46.34
CA TRP S 117 -113.49 -15.90 45.14
C TRP S 117 -112.05 -16.28 44.79
N ILE S 118 -111.11 -15.34 44.99
CA ILE S 118 -109.69 -15.64 44.78
C ILE S 118 -109.25 -16.79 45.67
N ILE S 119 -109.56 -16.71 46.97
CA ILE S 119 -109.09 -17.75 47.88
C ILE S 119 -109.78 -19.08 47.59
N LYS S 120 -111.06 -19.03 47.20
CA LYS S 120 -111.77 -20.27 46.89
C LYS S 120 -111.15 -20.97 45.67
N LEU S 121 -110.82 -20.21 44.63
CA LEU S 121 -110.20 -20.84 43.47
C LEU S 121 -108.74 -21.19 43.73
N ARG S 122 -108.06 -20.49 44.63
CA ARG S 122 -106.72 -20.91 45.00
C ARG S 122 -106.75 -22.23 45.75
N ASP S 123 -107.78 -22.45 46.57
CA ASP S 123 -107.91 -23.72 47.26
C ASP S 123 -108.30 -24.84 46.29
N ILE S 124 -109.30 -24.58 45.43
CA ILE S 124 -109.82 -25.63 44.56
C ILE S 124 -108.81 -25.97 43.47
N ASP S 125 -108.30 -24.96 42.77
CA ASP S 125 -107.40 -25.14 41.64
C ASP S 125 -105.96 -25.37 42.06
N LYS S 126 -105.62 -25.19 43.34
CA LYS S 126 -104.29 -25.29 43.90
C LYS S 126 -103.33 -24.24 43.35
N VAL S 127 -103.78 -23.37 42.45
CA VAL S 127 -102.94 -22.35 41.84
C VAL S 127 -103.17 -21.05 42.61
N LYS S 128 -102.10 -20.47 43.13
CA LYS S 128 -102.18 -19.26 43.94
C LYS S 128 -102.05 -18.04 43.05
N VAL S 129 -102.96 -17.08 43.22
CA VAL S 129 -103.00 -15.86 42.42
C VAL S 129 -103.07 -14.66 43.36
N LYS S 130 -102.74 -13.50 42.80
CA LYS S 130 -102.64 -12.26 43.56
C LYS S 130 -103.65 -11.24 43.06
N ALA S 131 -104.13 -10.42 43.98
CA ALA S 131 -105.05 -9.32 43.67
C ALA S 131 -104.58 -8.06 44.38
N VAL S 132 -104.59 -6.94 43.66
CA VAL S 132 -104.19 -5.66 44.21
C VAL S 132 -105.45 -4.84 44.49
N LEU S 133 -105.67 -4.51 45.76
CA LEU S 133 -106.87 -3.82 46.18
C LEU S 133 -106.51 -2.67 47.12
N GLY S 134 -107.41 -1.71 47.21
CA GLY S 134 -107.15 -0.49 47.94
C GLY S 134 -107.13 -0.62 49.46
N LYS S 135 -108.22 -1.11 50.04
CA LYS S 135 -108.35 -1.20 51.50
C LYS S 135 -108.97 -2.55 51.84
N VAL S 136 -108.11 -3.54 52.08
CA VAL S 136 -108.54 -4.87 52.49
C VAL S 136 -107.70 -5.29 53.69
N VAL S 137 -108.38 -5.62 54.79
CA VAL S 137 -107.71 -6.06 56.01
C VAL S 137 -107.77 -7.58 56.15
N GLY S 138 -108.04 -8.29 55.07
CA GLY S 138 -108.23 -9.72 55.13
C GLY S 138 -106.96 -10.48 55.49
N ASN S 139 -107.16 -11.76 55.83
CA ASN S 139 -106.09 -12.64 56.28
C ASN S 139 -105.55 -13.52 55.17
N HIS S 140 -105.45 -12.99 53.95
CA HIS S 140 -105.00 -13.74 52.79
C HIS S 140 -103.72 -13.12 52.25
N GLU S 141 -102.80 -13.98 51.78
CA GLU S 141 -101.48 -13.53 51.35
C GLU S 141 -101.46 -13.04 49.90
N GLY S 142 -102.24 -13.69 49.02
CA GLY S 142 -102.23 -13.29 47.62
C GLY S 142 -102.75 -11.88 47.40
N ILE S 143 -103.82 -11.51 48.11
CA ILE S 143 -104.35 -10.16 47.99
C ILE S 143 -103.33 -9.16 48.54
N ILE S 144 -103.35 -7.95 47.98
CA ILE S 144 -102.41 -6.90 48.33
C ILE S 144 -103.20 -5.67 48.77
N ASN S 145 -102.82 -5.12 49.93
CA ASN S 145 -103.48 -3.95 50.49
C ASN S 145 -102.59 -2.74 50.32
N PHE S 146 -103.15 -1.66 49.78
CA PHE S 146 -102.42 -0.42 49.52
C PHE S 146 -103.16 0.72 50.21
N THR S 147 -102.85 0.93 51.49
CA THR S 147 -103.52 1.95 52.30
C THR S 147 -102.76 3.27 52.20
N THR S 148 -102.89 3.91 51.04
CA THR S 148 -102.27 5.21 50.77
C THR S 148 -103.30 6.08 50.08
N GLU S 149 -104.00 6.89 50.87
CA GLU S 149 -105.02 7.78 50.34
C GLU S 149 -104.45 9.16 50.08
N ASP S 150 -105.25 9.98 49.39
CA ASP S 150 -104.87 11.36 49.04
C ASP S 150 -103.56 11.40 48.25
N VAL S 151 -103.39 10.45 47.34
CA VAL S 151 -102.18 10.41 46.51
C VAL S 151 -102.27 11.50 45.45
N LEU S 152 -101.19 12.28 45.32
CA LEU S 152 -101.10 13.36 44.34
C LEU S 152 -100.04 12.96 43.32
N VAL S 153 -100.48 12.43 42.19
CA VAL S 153 -99.59 11.97 41.13
C VAL S 153 -99.75 12.93 39.95
N GLY S 154 -98.67 13.61 39.59
CA GLY S 154 -98.73 14.56 38.50
C GLY S 154 -99.71 15.69 38.73
N GLU S 155 -99.66 16.31 39.92
CA GLU S 155 -100.57 17.38 40.34
C GLU S 155 -102.02 17.09 39.95
N LYS S 156 -102.41 15.82 40.07
CA LYS S 156 -103.75 15.37 39.74
C LYS S 156 -104.26 14.49 40.87
N LYS S 157 -105.52 14.72 41.27
CA LYS S 157 -106.14 13.91 42.31
C LYS S 157 -106.37 12.50 41.81
N TYR S 158 -105.78 11.52 42.50
CA TYR S 158 -105.89 10.11 42.14
C TYR S 158 -106.59 9.35 43.25
N SER S 159 -107.58 8.55 42.89
CA SER S 159 -108.23 7.68 43.85
C SER S 159 -107.31 6.54 44.26
N VAL S 160 -107.66 5.88 45.36
CA VAL S 160 -106.85 4.77 45.85
C VAL S 160 -106.82 3.64 44.83
N ASP S 161 -107.98 3.32 44.25
CA ASP S 161 -108.05 2.21 43.30
C ASP S 161 -107.25 2.51 42.04
N GLU S 162 -107.22 3.78 41.61
CA GLU S 162 -106.41 4.16 40.46
C GLU S 162 -104.94 3.80 40.69
N PHE S 163 -104.40 4.17 41.85
CA PHE S 163 -103.00 3.90 42.11
C PHE S 163 -102.75 2.43 42.42
N THR S 164 -103.75 1.71 42.95
CA THR S 164 -103.59 0.26 43.08
C THR S 164 -103.46 -0.40 41.73
N SER S 165 -104.28 0.02 40.76
CA SER S 165 -104.15 -0.49 39.40
C SER S 165 -102.79 -0.12 38.81
N ARG S 166 -102.33 1.10 39.06
CA ARG S 166 -101.01 1.52 38.60
C ARG S 166 -99.92 0.64 39.19
N VAL S 167 -100.00 0.35 40.49
CA VAL S 167 -99.00 -0.48 41.15
C VAL S 167 -99.06 -1.91 40.63
N ALA S 168 -100.26 -2.41 40.35
CA ALA S 168 -100.39 -3.74 39.77
C ALA S 168 -99.72 -3.80 38.40
N GLY S 169 -99.93 -2.78 37.57
CA GLY S 169 -99.25 -2.74 36.28
C GLY S 169 -97.74 -2.65 36.43
N LEU S 170 -97.27 -1.87 37.39
CA LEU S 170 -95.83 -1.76 37.65
C LEU S 170 -95.24 -3.10 38.08
N ILE S 171 -95.94 -3.81 38.97
CA ILE S 171 -95.45 -5.10 39.44
C ILE S 171 -95.44 -6.11 38.29
N ALA S 172 -96.49 -6.13 37.48
CA ALA S 172 -96.51 -7.01 36.31
C ALA S 172 -95.37 -6.68 35.36
N GLY S 173 -95.03 -5.40 35.21
CA GLY S 173 -93.88 -5.03 34.40
C GLY S 173 -92.55 -5.25 35.08
N THR S 174 -92.55 -5.51 36.38
CA THR S 174 -91.31 -5.75 37.12
C THR S 174 -90.82 -7.17 36.87
N PRO S 175 -89.58 -7.35 36.44
CA PRO S 175 -89.06 -8.71 36.22
C PRO S 175 -88.82 -9.43 37.53
N LEU S 176 -88.70 -10.76 37.43
CA LEU S 176 -88.47 -11.58 38.61
C LEU S 176 -87.14 -11.30 39.27
N SER S 177 -86.14 -10.79 38.52
CA SER S 177 -84.87 -10.44 39.12
C SER S 177 -85.00 -9.21 40.02
N GLN S 178 -85.86 -8.27 39.65
CA GLN S 178 -86.03 -7.04 40.40
C GLN S 178 -87.09 -7.20 41.48
N SER S 179 -86.95 -6.41 42.55
CA SER S 179 -87.88 -6.41 43.66
C SER S 179 -88.59 -5.06 43.74
N VAL S 180 -89.85 -5.11 44.17
CA VAL S 180 -90.68 -3.90 44.24
C VAL S 180 -90.27 -2.99 45.39
N THR S 181 -89.42 -3.45 46.29
CA THR S 181 -88.98 -2.60 47.39
C THR S 181 -88.12 -1.45 46.88
N TYR S 182 -88.37 -0.26 47.44
CA TYR S 182 -87.60 0.95 47.13
C TYR S 182 -87.58 1.25 45.63
N THR S 183 -88.74 1.16 44.99
CA THR S 183 -88.86 1.54 43.58
C THR S 183 -89.41 2.95 43.48
N LYS S 184 -88.70 3.80 42.75
CA LYS S 184 -89.05 5.21 42.64
C LYS S 184 -90.18 5.41 41.63
N LEU S 185 -91.06 6.36 41.94
CA LEU S 185 -92.16 6.75 41.06
C LEU S 185 -91.93 8.20 40.64
N SER S 186 -91.54 8.39 39.38
CA SER S 186 -91.29 9.74 38.88
C SER S 186 -92.58 10.52 38.71
N ASP S 187 -93.67 9.85 38.32
CA ASP S 187 -94.93 10.55 38.08
C ASP S 187 -95.48 11.15 39.36
N VAL S 188 -95.32 10.46 40.49
CA VAL S 188 -95.87 10.95 41.75
C VAL S 188 -95.09 12.18 42.19
N VAL S 189 -95.83 13.25 42.53
CA VAL S 189 -95.21 14.50 42.92
C VAL S 189 -95.34 14.78 44.42
N ASP S 190 -96.44 14.39 45.05
CA ASP S 190 -96.65 14.68 46.46
C ASP S 190 -97.46 13.56 47.11
N ILE S 191 -97.11 13.24 48.34
CA ILE S 191 -97.87 12.28 49.15
C ILE S 191 -98.10 12.92 50.52
N PRO S 192 -99.13 12.54 51.27
CA PRO S 192 -99.35 13.13 52.59
C PRO S 192 -98.17 12.87 53.52
N LYS S 193 -97.84 13.88 54.32
CA LYS S 193 -96.73 13.75 55.26
C LYS S 193 -97.10 12.81 56.40
N MET S 194 -96.21 11.90 56.73
CA MET S 194 -96.47 10.89 57.75
C MET S 194 -95.16 10.40 58.34
N THR S 195 -95.20 10.00 59.60
CA THR S 195 -94.00 9.61 60.32
C THR S 195 -93.50 8.25 59.85
N LYS S 196 -92.18 8.07 59.91
CA LYS S 196 -91.58 6.80 59.52
C LYS S 196 -91.96 5.68 60.48
N VAL S 197 -92.25 6.01 61.74
CA VAL S 197 -92.71 5.00 62.68
C VAL S 197 -94.05 4.42 62.23
N ASP S 198 -94.94 5.28 61.75
CA ASP S 198 -96.22 4.81 61.21
C ASP S 198 -95.99 3.93 59.99
N ALA S 199 -95.02 4.29 59.15
CA ALA S 199 -94.71 3.46 57.99
C ALA S 199 -94.21 2.08 58.41
N GLU S 200 -93.33 2.03 59.41
CA GLU S 200 -92.83 0.75 59.90
C GLU S 200 -93.97 -0.08 60.48
N SER S 201 -94.86 0.56 61.25
CA SER S 201 -96.01 -0.16 61.80
C SER S 201 -96.91 -0.71 60.70
N ARG S 202 -97.17 0.09 59.67
CA ARG S 202 -97.99 -0.36 58.56
C ARG S 202 -97.35 -1.52 57.83
N VAL S 203 -96.02 -1.47 57.63
CA VAL S 203 -95.32 -2.58 56.99
C VAL S 203 -95.41 -3.84 57.84
N ASN S 204 -95.27 -3.68 59.16
CA ASN S 204 -95.43 -4.82 60.06
C ASN S 204 -96.83 -5.41 59.94
N LYS S 205 -97.85 -4.56 59.82
CA LYS S 205 -99.20 -5.04 59.56
C LYS S 205 -99.28 -5.67 58.17
N GLY S 206 -98.44 -5.24 57.24
CA GLY S 206 -98.42 -5.77 55.89
C GLY S 206 -98.93 -4.80 54.83
N GLU S 207 -99.45 -3.65 55.22
CA GLU S 207 -99.99 -2.71 54.24
C GLU S 207 -98.87 -2.10 53.41
N LEU S 208 -99.11 -1.94 52.12
CA LEU S 208 -98.16 -1.33 51.21
C LEU S 208 -98.47 0.16 51.09
N ILE S 209 -97.44 1.00 51.28
CA ILE S 209 -97.60 2.45 51.25
C ILE S 209 -96.44 3.08 50.52
N LEU S 210 -96.62 4.36 50.17
CA LEU S 210 -95.55 5.17 49.59
C LEU S 210 -94.75 5.85 50.68
N ILE S 211 -93.46 6.06 50.40
CA ILE S 211 -92.56 6.71 51.34
C ILE S 211 -91.65 7.68 50.58
N LYS S 212 -91.29 8.77 51.25
CA LYS S 212 -90.39 9.76 50.68
C LYS S 212 -88.97 9.44 51.14
N GLU S 213 -88.16 8.90 50.24
CA GLU S 213 -86.80 8.53 50.58
C GLU S 213 -85.90 8.77 49.38
N ALA S 214 -84.61 9.04 49.66
CA ALA S 214 -83.62 9.32 48.63
C ALA S 214 -84.05 10.49 47.75
N GLY S 215 -84.68 11.49 48.36
CA GLY S 215 -85.16 12.65 47.62
C GLY S 215 -86.22 12.30 46.59
N ALA S 216 -87.04 11.29 46.84
CA ALA S 216 -88.07 10.87 45.91
C ALA S 216 -89.11 10.08 46.66
N ILE S 217 -90.26 9.87 46.01
CA ILE S 217 -91.35 9.09 46.56
C ILE S 217 -91.22 7.67 46.02
N ARG S 218 -90.99 6.72 46.93
CA ARG S 218 -90.68 5.35 46.54
C ARG S 218 -91.59 4.38 47.29
N ILE S 219 -91.73 3.18 46.71
CA ILE S 219 -92.51 2.13 47.34
C ILE S 219 -91.82 1.70 48.62
N ALA S 220 -92.59 1.63 49.71
CA ALA S 220 -92.00 1.25 50.99
C ALA S 220 -91.56 -0.20 51.00
N ARG S 221 -92.50 -1.13 50.83
CA ARG S 221 -92.18 -2.55 50.96
C ARG S 221 -93.06 -3.35 50.02
N GLY S 222 -92.71 -4.63 49.87
CA GLY S 222 -93.49 -5.54 49.07
C GLY S 222 -94.13 -6.65 49.90
N VAL S 223 -94.46 -6.33 51.16
CA VAL S 223 -95.06 -7.33 52.03
C VAL S 223 -96.51 -7.59 51.62
N ASN S 224 -96.97 -8.80 51.91
CA ASN S 224 -98.34 -9.18 51.60
C ASN S 224 -99.32 -8.50 52.54
N SER S 225 -100.59 -8.49 52.13
CA SER S 225 -101.64 -7.89 52.95
C SER S 225 -102.03 -8.77 54.13
N LEU S 226 -101.62 -10.04 54.13
CA LEU S 226 -101.98 -10.94 55.21
C LEU S 226 -101.35 -10.47 56.51
N THR S 227 -102.11 -10.51 57.60
CA THR S 227 -101.66 -9.91 58.86
C THR S 227 -100.71 -10.83 59.61
N GLU S 228 -101.18 -12.01 60.02
CA GLU S 228 -100.40 -12.92 60.85
C GLU S 228 -100.21 -14.23 60.09
N LEU S 229 -99.03 -14.42 59.51
CA LEU S 229 -98.76 -15.65 58.78
C LEU S 229 -98.60 -16.82 59.73
N THR S 230 -98.92 -18.01 59.23
CA THR S 230 -98.71 -19.23 60.00
C THR S 230 -97.22 -19.56 60.06
N ALA S 231 -96.85 -20.34 61.08
CA ALA S 231 -95.44 -20.69 61.27
C ALA S 231 -94.90 -21.52 60.11
N GLU S 232 -95.76 -22.29 59.44
CA GLU S 232 -95.32 -23.09 58.31
C GLU S 232 -94.89 -22.23 57.14
N LYS S 233 -95.61 -21.13 56.89
CA LYS S 233 -95.30 -20.29 55.73
C LYS S 233 -94.03 -19.49 55.97
N GLY S 234 -94.03 -18.61 56.96
CA GLY S 234 -92.83 -17.90 57.35
C GLY S 234 -92.63 -16.58 56.62
N GLU S 235 -91.54 -15.91 57.01
CA GLU S 235 -91.23 -14.59 56.47
C GLU S 235 -90.97 -14.64 54.98
N MET S 236 -90.29 -15.69 54.51
CA MET S 236 -90.06 -15.82 53.07
C MET S 236 -91.37 -15.98 52.32
N PHE S 237 -92.37 -16.63 52.93
CA PHE S 237 -93.68 -16.72 52.30
C PHE S 237 -94.48 -15.44 52.44
N GLN S 238 -94.11 -14.57 53.38
CA GLN S 238 -94.78 -13.27 53.47
C GLN S 238 -94.56 -12.45 52.20
N LYS S 239 -93.35 -12.48 51.64
CA LYS S 239 -93.03 -11.66 50.49
C LYS S 239 -93.82 -12.14 49.27
N ILE S 240 -94.42 -11.19 48.55
CA ILE S 240 -95.16 -11.51 47.34
C ILE S 240 -94.21 -11.96 46.24
N LYS S 241 -93.03 -11.33 46.16
CA LYS S 241 -92.05 -11.71 45.15
C LYS S 241 -91.62 -13.17 45.31
N ILE S 242 -91.42 -13.61 46.54
CA ILE S 242 -90.94 -14.96 46.78
C ILE S 242 -92.02 -15.99 46.44
N VAL S 243 -93.28 -15.70 46.81
CA VAL S 243 -94.35 -16.63 46.51
C VAL S 243 -94.72 -16.60 45.02
N ASP S 244 -94.34 -15.53 44.32
CA ASP S 244 -94.65 -15.44 42.89
C ASP S 244 -94.00 -16.57 42.10
N THR S 245 -92.70 -16.79 42.34
CA THR S 245 -92.00 -17.86 41.63
C THR S 245 -92.54 -19.23 42.03
N LEU S 246 -92.94 -19.41 43.29
CA LEU S 246 -93.54 -20.67 43.69
C LEU S 246 -94.85 -20.93 42.95
N ASP S 247 -95.68 -19.90 42.83
CA ASP S 247 -96.93 -20.04 42.09
C ASP S 247 -96.67 -20.35 40.62
N ILE S 248 -95.70 -19.67 40.02
CA ILE S 248 -95.37 -19.93 38.62
C ILE S 248 -94.88 -21.35 38.43
N ILE S 249 -94.03 -21.82 39.34
CA ILE S 249 -93.50 -23.18 39.25
C ILE S 249 -94.63 -24.20 39.37
N HIS S 250 -95.54 -23.98 40.34
CA HIS S 250 -96.65 -24.90 40.51
C HIS S 250 -97.54 -24.92 39.28
N SER S 251 -97.82 -23.74 38.72
CA SER S 251 -98.68 -23.68 37.54
C SER S 251 -98.06 -24.42 36.37
N ASP S 252 -96.76 -24.20 36.12
CA ASP S 252 -96.09 -24.88 35.02
C ASP S 252 -96.05 -26.38 35.23
N ILE S 253 -95.78 -26.82 36.47
CA ILE S 253 -95.71 -28.25 36.76
C ILE S 253 -97.08 -28.89 36.54
N ARG S 254 -98.14 -28.26 37.03
CA ARG S 254 -99.47 -28.81 36.83
C ARG S 254 -99.83 -28.83 35.35
N LYS S 255 -99.46 -27.79 34.61
CA LYS S 255 -99.77 -27.75 33.19
C LYS S 255 -99.09 -28.91 32.45
N VAL S 256 -97.80 -29.12 32.71
CA VAL S 256 -97.10 -30.19 32.01
C VAL S 256 -97.62 -31.56 32.44
N ILE S 257 -97.98 -31.70 33.73
CA ILE S 257 -98.51 -32.98 34.21
C ILE S 257 -99.84 -33.29 33.53
N ILE S 258 -100.72 -32.30 33.43
CA ILE S 258 -102.00 -32.50 32.77
C ILE S 258 -101.79 -32.78 31.29
N ASP S 259 -100.81 -32.12 30.66
CA ASP S 259 -100.54 -32.35 29.25
C ASP S 259 -100.06 -33.77 29.00
N ASP S 260 -99.21 -34.30 29.88
CA ASP S 260 -98.51 -35.55 29.60
C ASP S 260 -99.07 -36.75 30.37
N TYR S 261 -99.14 -36.64 31.70
CA TYR S 261 -99.20 -37.84 32.53
C TYR S 261 -100.61 -38.40 32.69
N ILE S 262 -101.61 -37.53 32.84
CA ILE S 262 -102.95 -38.02 33.15
C ILE S 262 -103.54 -38.72 31.93
N GLY S 263 -103.99 -39.95 32.13
CA GLY S 263 -104.63 -40.73 31.07
C GLY S 263 -103.74 -41.31 30.00
N LYS S 264 -102.82 -40.51 29.46
CA LYS S 264 -102.02 -40.95 28.33
C LYS S 264 -101.11 -42.11 28.71
N VAL S 265 -100.48 -42.05 29.87
CA VAL S 265 -99.51 -43.05 30.32
C VAL S 265 -100.06 -43.77 31.53
N THR S 266 -99.95 -45.09 31.54
CA THR S 266 -100.35 -45.88 32.70
C THR S 266 -99.27 -45.81 33.77
N ASN S 267 -99.69 -45.68 35.02
CA ASN S 267 -98.75 -45.58 36.12
C ASN S 267 -97.94 -46.86 36.26
N SER S 268 -96.63 -46.70 36.42
CA SER S 268 -95.71 -47.83 36.59
C SER S 268 -94.44 -47.32 37.25
N TYR S 269 -93.64 -48.26 37.74
CA TYR S 269 -92.38 -47.90 38.38
C TYR S 269 -91.45 -47.19 37.40
N ASP S 270 -91.32 -47.72 36.19
CA ASP S 270 -90.52 -47.05 35.17
C ASP S 270 -91.13 -45.70 34.80
N ASN S 271 -92.46 -45.63 34.72
CA ASN S 271 -93.11 -44.35 34.47
C ASN S 271 -92.86 -43.37 35.60
N LYS S 272 -92.86 -43.85 36.84
CA LYS S 272 -92.52 -42.98 37.97
C LYS S 272 -91.09 -42.49 37.89
N CYS S 273 -90.16 -43.36 37.48
CA CYS S 273 -88.78 -42.93 37.30
C CYS S 273 -88.66 -41.87 36.20
N LEU S 274 -89.40 -42.05 35.10
CA LEU S 274 -89.39 -41.05 34.04
C LEU S 274 -89.98 -39.73 34.53
N LEU S 275 -91.04 -39.80 35.34
CA LEU S 275 -91.60 -38.58 35.92
C LEU S 275 -90.59 -37.88 36.83
N ILE S 276 -89.84 -38.66 37.61
CA ILE S 276 -88.80 -38.08 38.46
C ILE S 276 -87.73 -37.41 37.61
N VAL S 277 -87.34 -38.05 36.51
CA VAL S 277 -86.34 -37.45 35.62
C VAL S 277 -86.86 -36.16 35.03
N ALA S 278 -88.14 -36.13 34.62
CA ALA S 278 -88.71 -34.91 34.07
C ALA S 278 -88.77 -33.80 35.12
N ILE S 279 -89.12 -34.14 36.35
CA ILE S 279 -89.15 -33.14 37.43
C ILE S 279 -87.75 -32.61 37.70
N LYS S 280 -86.74 -33.49 37.66
CA LYS S 280 -85.36 -33.06 37.83
C LYS S 280 -84.94 -32.12 36.70
N SER S 281 -85.35 -32.42 35.48
CA SER S 281 -85.06 -31.53 34.35
C SER S 281 -85.74 -30.17 34.54
N TYR S 282 -86.98 -30.18 35.05
CA TYR S 282 -87.66 -28.93 35.33
C TYR S 282 -86.94 -28.12 36.41
N LEU S 283 -86.45 -28.81 37.45
CA LEU S 283 -85.70 -28.13 38.50
C LEU S 283 -84.39 -27.56 37.96
N GLU S 284 -83.74 -28.29 37.05
CA GLU S 284 -82.54 -27.76 36.40
C GLU S 284 -82.88 -26.52 35.57
N GLU S 285 -84.03 -26.54 34.89
CA GLU S 285 -84.48 -25.36 34.16
C GLU S 285 -84.68 -24.18 35.10
N LEU S 286 -85.30 -24.42 36.27
CA LEU S 286 -85.49 -23.36 37.25
C LEU S 286 -84.16 -22.81 37.72
N GLU S 287 -83.20 -23.70 38.00
CA GLU S 287 -81.88 -23.26 38.44
C GLU S 287 -81.19 -22.43 37.37
N LYS S 288 -81.31 -22.84 36.10
CA LYS S 288 -80.75 -22.05 35.00
C LYS S 288 -81.43 -20.70 34.91
N SER S 289 -82.73 -20.63 35.22
CA SER S 289 -83.43 -19.36 35.26
C SER S 289 -82.91 -18.45 36.37
N ALA S 290 -82.20 -19.01 37.35
CA ALA S 290 -81.58 -18.30 38.46
C ALA S 290 -82.58 -17.59 39.36
N LEU S 291 -83.88 -17.83 39.16
CA LEU S 291 -84.88 -17.24 40.06
C LEU S 291 -84.79 -17.85 41.45
N ILE S 292 -84.57 -19.17 41.52
CA ILE S 292 -84.34 -19.86 42.78
C ILE S 292 -83.09 -20.72 42.63
N GLU S 293 -82.41 -20.96 43.76
CA GLU S 293 -81.19 -21.77 43.72
C GLU S 293 -81.52 -23.23 43.43
N SER S 294 -82.50 -23.79 44.15
CA SER S 294 -83.05 -25.13 43.89
C SER S 294 -81.96 -26.21 43.91
N ASP S 295 -81.32 -26.34 45.07
CA ASP S 295 -80.35 -27.41 45.25
C ASP S 295 -81.02 -28.77 45.50
N SER S 296 -82.18 -28.76 46.17
CA SER S 296 -82.83 -29.99 46.55
C SER S 296 -83.38 -30.73 45.34
N THR S 297 -83.72 -32.00 45.55
CA THR S 297 -84.23 -32.87 44.50
C THR S 297 -85.56 -33.47 44.92
N VAL S 298 -86.39 -33.79 43.94
CA VAL S 298 -87.69 -34.40 44.16
C VAL S 298 -87.56 -35.91 44.02
N GLU S 299 -88.04 -36.64 45.03
CA GLU S 299 -87.95 -38.09 45.05
C GLU S 299 -89.24 -38.66 45.60
N ILE S 300 -89.42 -39.97 45.40
CA ILE S 300 -90.60 -40.65 45.92
C ILE S 300 -90.55 -40.63 47.45
N ASP S 301 -91.65 -40.18 48.05
CA ASP S 301 -91.75 -40.14 49.51
C ASP S 301 -92.04 -41.54 50.03
N PHE S 302 -91.12 -42.10 50.81
CA PHE S 302 -91.34 -43.42 51.37
C PHE S 302 -92.49 -43.42 52.37
N GLU S 303 -92.74 -42.28 53.02
CA GLU S 303 -93.91 -42.17 53.89
C GLU S 303 -95.20 -42.28 53.09
N ALA S 304 -95.27 -41.59 51.94
CA ALA S 304 -96.44 -41.71 51.09
C ALA S 304 -96.56 -43.11 50.50
N GLN S 305 -95.42 -43.72 50.16
CA GLN S 305 -95.44 -45.10 49.68
C GLN S 305 -95.98 -46.04 50.74
N LYS S 306 -95.56 -45.87 51.99
CA LYS S 306 -96.07 -46.69 53.08
C LYS S 306 -97.56 -46.45 53.29
N SER S 307 -97.99 -45.20 53.17
CA SER S 307 -99.41 -44.89 53.32
C SER S 307 -100.24 -45.58 52.24
N TYR S 308 -99.77 -45.55 51.00
CA TYR S 308 -100.51 -46.20 49.93
C TYR S 308 -100.48 -47.72 50.08
N LEU S 309 -99.35 -48.27 50.55
CA LEU S 309 -99.29 -49.71 50.79
C LEU S 309 -100.24 -50.13 51.89
N LYS S 310 -100.36 -49.30 52.94
CA LYS S 310 -101.35 -49.54 53.99
C LYS S 310 -102.76 -49.46 53.43
N SER S 311 -103.02 -48.51 52.53
CA SER S 311 -104.32 -48.43 51.89
C SER S 311 -104.61 -49.69 51.09
N LYS S 312 -103.60 -50.20 50.37
CA LYS S 312 -103.74 -51.49 49.69
C LYS S 312 -103.71 -52.65 50.67
N GLY S 313 -103.23 -52.43 51.89
CA GLY S 313 -103.24 -53.46 52.91
C GLY S 313 -102.09 -54.45 52.84
N VAL S 314 -101.11 -54.23 51.98
CA VAL S 314 -99.98 -55.14 51.88
C VAL S 314 -99.12 -55.03 53.14
N ASP S 315 -98.58 -56.17 53.57
CA ASP S 315 -97.84 -56.23 54.82
C ASP S 315 -96.55 -55.42 54.76
N LEU S 316 -96.09 -54.97 55.93
CA LEU S 316 -94.85 -54.22 56.06
C LEU S 316 -93.66 -55.11 56.39
N SER S 317 -93.85 -56.08 57.28
CA SER S 317 -92.77 -56.95 57.68
C SER S 317 -92.40 -57.92 56.55
N TYR S 318 -91.15 -58.38 56.59
CA TYR S 318 -90.59 -59.33 55.63
C TYR S 318 -90.49 -58.75 54.21
N MET S 319 -90.91 -57.51 54.02
CA MET S 319 -90.88 -56.86 52.72
C MET S 319 -89.63 -55.99 52.62
N THR S 320 -88.90 -56.14 51.52
CA THR S 320 -87.70 -55.36 51.30
C THR S 320 -88.06 -53.88 51.13
N LEU S 321 -87.20 -53.01 51.66
CA LEU S 321 -87.43 -51.57 51.55
C LEU S 321 -87.51 -51.14 50.09
N GLN S 322 -86.58 -51.63 49.26
CA GLN S 322 -86.64 -51.35 47.83
C GLN S 322 -87.91 -51.94 47.22
N GLU S 323 -88.28 -53.16 47.62
CA GLU S 323 -89.49 -53.78 47.11
C GLU S 323 -90.72 -52.97 47.47
N ILE S 324 -90.77 -52.46 48.70
CA ILE S 324 -91.88 -51.59 49.10
C ILE S 324 -91.89 -50.33 48.26
N LYS S 325 -90.72 -49.74 48.04
CA LYS S 325 -90.63 -48.53 47.22
C LYS S 325 -91.08 -48.79 45.79
N GLU S 326 -90.68 -49.94 45.22
CA GLU S 326 -91.01 -50.26 43.85
C GLU S 326 -92.32 -51.04 43.71
N ALA S 327 -93.06 -51.20 44.81
CA ALA S 327 -94.32 -51.92 44.76
C ALA S 327 -95.33 -51.15 43.90
N ASN S 328 -96.37 -51.88 43.47
CA ASN S 328 -97.38 -51.28 42.60
C ASN S 328 -98.08 -50.14 43.31
N THR S 329 -98.18 -49.00 42.62
CA THR S 329 -98.82 -47.81 43.16
C THR S 329 -100.22 -47.57 42.60
N GLY S 330 -100.74 -48.53 41.82
CA GLY S 330 -102.05 -48.33 41.23
C GLY S 330 -102.05 -47.15 40.28
N SER S 331 -103.19 -46.47 40.20
CA SER S 331 -103.28 -45.26 39.38
C SER S 331 -102.64 -44.06 40.06
N LYS S 332 -102.66 -44.01 41.39
CA LYS S 332 -102.17 -42.85 42.10
C LYS S 332 -100.65 -42.76 42.06
N VAL S 333 -100.15 -41.52 42.04
CA VAL S 333 -98.72 -41.22 42.06
C VAL S 333 -98.46 -40.26 43.22
N PHE S 334 -97.43 -40.56 44.01
CA PHE S 334 -97.09 -39.77 45.19
C PHE S 334 -95.67 -39.27 45.07
N LEU S 335 -95.46 -37.99 45.36
CA LEU S 335 -94.15 -37.36 45.25
C LEU S 335 -93.89 -36.48 46.46
N LYS S 336 -92.61 -36.26 46.75
CA LYS S 336 -92.18 -35.37 47.81
C LYS S 336 -91.43 -34.20 47.18
N ALA S 337 -91.87 -32.98 47.51
CA ALA S 337 -91.33 -31.77 46.90
C ALA S 337 -90.60 -30.94 47.94
N LYS S 338 -89.35 -30.61 47.64
CA LYS S 338 -88.57 -29.71 48.47
C LYS S 338 -87.62 -28.92 47.55
N ILE S 339 -87.52 -27.61 47.79
CA ILE S 339 -86.74 -26.71 46.95
C ILE S 339 -86.06 -25.67 47.82
N LYS S 340 -85.13 -24.94 47.22
CA LYS S 340 -84.49 -23.79 47.82
C LYS S 340 -84.85 -22.56 47.02
N VAL S 341 -85.34 -21.53 47.71
CA VAL S 341 -85.86 -20.32 47.07
C VAL S 341 -84.90 -19.18 47.31
N LEU S 342 -84.55 -18.47 46.24
CA LEU S 342 -83.63 -17.35 46.31
C LEU S 342 -84.37 -16.08 46.69
N ASP S 343 -83.74 -15.27 47.54
CA ASP S 343 -84.32 -14.04 48.05
C ASP S 343 -83.51 -12.84 47.56
N ALA S 344 -84.20 -11.79 47.15
CA ALA S 344 -83.53 -10.56 46.76
C ALA S 344 -83.11 -9.77 47.99
N MET S 345 -81.93 -9.15 47.93
CA MET S 345 -81.43 -8.39 49.07
C MET S 345 -82.25 -7.12 49.25
N GLU S 346 -82.42 -6.74 50.50
CA GLU S 346 -83.16 -5.55 50.89
C GLU S 346 -82.35 -4.64 51.80
N ASP S 347 -81.22 -5.11 52.29
CA ASP S 347 -80.43 -4.41 53.29
C ASP S 347 -79.05 -5.05 53.40
N ILE S 348 -78.06 -4.24 53.75
CA ILE S 348 -76.65 -4.65 53.70
C ILE S 348 -75.93 -4.22 54.98
N ASP S 349 -75.30 -5.19 55.65
CA ASP S 349 -74.29 -4.93 56.67
C ASP S 349 -72.93 -4.73 56.00
N LEU S 350 -72.16 -3.78 56.52
CA LEU S 350 -70.77 -3.60 56.14
C LEU S 350 -70.03 -2.93 57.29
N SER S 351 -69.05 -3.63 57.83
CA SER S 351 -68.26 -3.15 58.94
C SER S 351 -66.85 -2.84 58.47
N ILE S 352 -66.66 -1.64 57.94
CA ILE S 352 -65.34 -1.13 57.56
C ILE S 352 -64.62 -0.77 58.86
N GLU S 353 -63.30 -0.65 58.78
CA GLU S 353 -62.49 -0.45 59.97
C GLU S 353 -61.31 0.44 59.65
N ILE S 354 -60.75 1.05 60.70
CA ILE S 354 -59.60 1.95 60.54
C ILE S 354 -58.32 1.18 60.74
N GLY T 4 -91.45 -3.19 9.19
CA GLY T 4 -90.89 -1.95 8.72
C GLY T 4 -90.02 -2.11 7.48
N LEU T 5 -89.91 -1.06 6.68
CA LEU T 5 -89.05 -1.12 5.51
C LEU T 5 -87.58 -1.07 5.94
N PRO T 6 -86.77 -2.03 5.50
CA PRO T 6 -85.33 -1.94 5.79
C PRO T 6 -84.64 -0.91 4.91
N SER T 7 -84.05 0.10 5.54
CA SER T 7 -83.34 1.17 4.83
C SER T 7 -82.08 1.53 5.59
N ILE T 8 -81.11 2.10 4.88
CA ILE T 8 -79.84 2.47 5.50
C ILE T 8 -80.07 3.63 6.47
N ASN T 9 -79.49 3.51 7.66
CA ASN T 9 -79.59 4.53 8.70
C ASN T 9 -78.22 4.72 9.33
N ILE T 10 -77.54 5.80 8.95
CA ILE T 10 -76.20 6.10 9.44
C ILE T 10 -76.34 7.12 10.56
N SER T 11 -75.83 6.77 11.74
CA SER T 11 -75.91 7.62 12.92
C SER T 11 -74.55 8.27 13.16
N PHE T 12 -74.58 9.54 13.57
CA PHE T 12 -73.36 10.29 13.88
C PHE T 12 -73.49 10.86 15.28
N LYS T 13 -72.55 10.51 16.15
CA LYS T 13 -72.59 10.86 17.56
C LYS T 13 -71.28 11.54 17.96
N GLU T 14 -71.35 12.30 19.05
CA GLU T 14 -70.16 13.01 19.53
C GLU T 14 -69.60 12.32 20.76
N LEU T 15 -68.28 12.16 20.80
CA LEU T 15 -67.60 11.53 21.93
C LEU T 15 -67.31 12.61 22.97
N ALA T 16 -67.97 12.50 24.11
CA ALA T 16 -67.62 13.28 25.30
C ALA T 16 -67.25 12.30 26.39
N THR T 17 -66.07 12.48 26.98
CA THR T 17 -65.59 11.54 27.98
C THR T 17 -66.53 11.50 29.17
N THR T 18 -67.15 10.33 29.38
CA THR T 18 -68.13 10.15 30.44
C THR T 18 -67.47 9.42 31.61
N VAL T 19 -67.48 10.07 32.77
CA VAL T 19 -66.92 9.49 34.00
C VAL T 19 -68.01 9.50 35.05
N LYS T 20 -68.17 8.37 35.75
CA LYS T 20 -69.17 8.27 36.79
C LYS T 20 -68.93 9.32 37.87
N GLU T 21 -70.01 10.01 38.23
CA GLU T 21 -69.94 11.11 39.19
C GLU T 21 -70.44 10.63 40.55
N ARG T 22 -69.67 10.91 41.60
CA ARG T 22 -70.01 10.50 42.94
C ARG T 22 -70.80 11.62 43.62
N SER T 23 -70.98 11.52 44.93
CA SER T 23 -71.72 12.54 45.66
C SER T 23 -71.01 13.88 45.60
N ALA T 24 -71.78 14.95 45.48
CA ALA T 24 -71.21 16.29 45.36
C ALA T 24 -70.51 16.68 46.65
N ARG T 25 -69.39 17.39 46.51
CA ARG T 25 -68.61 17.86 47.65
C ARG T 25 -68.27 19.33 47.47
N GLY T 26 -68.08 20.01 48.60
CA GLY T 26 -67.71 21.41 48.59
C GLY T 26 -68.86 22.39 48.51
N ILE T 27 -70.11 21.91 48.42
CA ILE T 27 -71.25 22.80 48.37
C ILE T 27 -71.44 23.46 49.73
N ILE T 28 -72.02 24.67 49.72
CA ILE T 28 -72.24 25.45 50.93
C ILE T 28 -73.74 25.71 51.08
N ALA T 29 -74.27 25.41 52.25
CA ALA T 29 -75.67 25.69 52.57
C ALA T 29 -75.73 27.00 53.33
N MET T 30 -76.01 28.09 52.61
CA MET T 30 -76.13 29.41 53.19
C MET T 30 -77.60 29.68 53.50
N VAL T 31 -77.91 29.83 54.78
CA VAL T 31 -79.27 30.14 55.23
C VAL T 31 -79.19 31.36 56.14
N LEU T 32 -80.05 32.35 55.89
CA LEU T 32 -80.04 33.58 56.65
C LEU T 32 -81.34 34.31 56.40
N LYS T 33 -81.68 35.21 57.33
CA LYS T 33 -83.00 35.84 57.37
C LYS T 33 -82.98 37.18 56.63
N ASP T 34 -84.09 37.47 55.95
CA ASP T 34 -84.30 38.76 55.30
C ASP T 34 -85.79 38.95 55.06
N ALA T 35 -86.17 40.20 54.82
CA ALA T 35 -87.56 40.57 54.59
C ALA T 35 -87.85 40.88 53.12
N LYS T 36 -86.89 40.65 52.22
CA LYS T 36 -87.05 40.97 50.81
C LYS T 36 -86.96 39.68 50.00
N ALA T 37 -87.93 39.46 49.12
CA ALA T 37 -87.94 38.36 48.16
C ALA T 37 -87.59 37.03 48.83
N LEU T 38 -88.48 36.62 49.73
CA LEU T 38 -88.29 35.39 50.49
C LEU T 38 -88.16 34.19 49.56
N GLY T 39 -87.17 33.36 49.82
CA GLY T 39 -86.91 32.17 49.03
C GLY T 39 -85.43 31.97 48.78
N LEU T 40 -85.09 30.73 48.42
CA LEU T 40 -83.72 30.37 48.15
C LEU T 40 -83.21 31.03 46.87
N ASN T 41 -81.91 31.34 46.85
CA ASN T 41 -81.30 32.09 45.77
C ASN T 41 -80.46 31.26 44.82
N GLU T 42 -79.96 30.10 45.27
CA GLU T 42 -79.15 29.18 44.48
C GLU T 42 -78.13 29.91 43.60
N ILE T 43 -77.25 30.65 44.28
CA ILE T 43 -76.26 31.47 43.59
C ILE T 43 -75.08 30.59 43.17
N HIS T 44 -75.15 30.05 41.95
CA HIS T 44 -74.03 29.28 41.41
C HIS T 44 -73.05 30.14 40.65
N GLU T 45 -73.52 31.16 39.94
CA GLU T 45 -72.64 32.04 39.20
C GLU T 45 -71.84 32.92 40.15
N LYS T 46 -70.59 33.19 39.80
CA LYS T 46 -69.71 33.96 40.65
C LYS T 46 -70.11 35.44 40.67
N GLU T 47 -70.06 36.02 41.87
CA GLU T 47 -70.29 37.46 42.07
C GLU T 47 -71.63 37.91 41.50
N ASP T 48 -72.70 37.36 42.06
CA ASP T 48 -74.06 37.75 41.72
C ASP T 48 -74.85 37.90 43.02
N ILE T 49 -75.13 39.15 43.39
CA ILE T 49 -75.85 39.47 44.61
C ILE T 49 -77.27 39.88 44.23
N PRO T 50 -78.28 39.06 44.52
CA PRO T 50 -79.66 39.48 44.27
C PRO T 50 -80.05 40.65 45.17
N VAL T 51 -81.00 41.45 44.68
CA VAL T 51 -81.41 42.66 45.39
C VAL T 51 -82.05 42.36 46.73
N ASP T 52 -82.52 41.13 46.94
CA ASP T 52 -83.14 40.77 48.21
C ASP T 52 -82.15 40.87 49.36
N LEU T 53 -80.92 40.43 49.13
CA LEU T 53 -79.92 40.39 50.19
C LEU T 53 -79.30 41.76 50.43
N SER T 54 -79.10 42.09 51.69
CA SER T 54 -78.69 43.43 52.10
C SER T 54 -77.17 43.57 52.05
N ALA T 55 -76.66 44.68 52.59
CA ALA T 55 -75.22 44.95 52.52
C ALA T 55 -74.42 43.95 53.34
N GLU T 56 -74.89 43.64 54.57
CA GLU T 56 -74.23 42.60 55.35
C GLU T 56 -74.35 41.25 54.66
N ASN T 57 -75.52 40.99 54.05
CA ASN T 57 -75.69 39.77 53.27
C ASN T 57 -74.74 39.74 52.08
N LYS T 58 -74.56 40.90 51.42
CA LYS T 58 -73.63 40.98 50.31
C LYS T 58 -72.20 40.69 50.77
N GLU T 59 -71.81 41.22 51.92
CA GLU T 59 -70.49 40.94 52.47
C GLU T 59 -70.34 39.46 52.80
N TYR T 60 -71.40 38.84 53.33
CA TYR T 60 -71.38 37.40 53.59
C TYR T 60 -71.13 36.62 52.30
N ILE T 61 -71.84 36.99 51.24
CA ILE T 61 -71.66 36.31 49.95
C ILE T 61 -70.23 36.50 49.45
N ASN T 62 -69.73 37.72 49.53
CA ASN T 62 -68.37 37.99 49.05
C ASN T 62 -67.34 37.19 49.83
N LEU T 63 -67.52 37.08 51.14
CA LEU T 63 -66.61 36.28 51.95
C LEU T 63 -66.70 34.80 51.59
N ALA T 64 -67.91 34.30 51.34
CA ALA T 64 -68.07 32.87 51.06
C ALA T 64 -67.62 32.51 49.65
N LEU T 65 -67.71 33.43 48.70
CA LEU T 65 -67.44 33.11 47.30
C LEU T 65 -65.99 32.71 47.08
N MET T 66 -65.06 33.47 47.65
CA MET T 66 -63.65 33.20 47.44
C MET T 66 -63.11 32.29 48.54
N GLY T 67 -62.12 31.48 48.18
CA GLY T 67 -61.55 30.51 49.09
C GLY T 67 -60.03 30.54 49.08
N ASN T 68 -59.45 29.67 49.90
CA ASN T 68 -57.99 29.61 50.01
C ASN T 68 -57.37 29.10 48.72
N VAL T 69 -57.88 28.00 48.18
CA VAL T 69 -57.32 27.38 46.99
C VAL T 69 -58.19 27.62 45.76
N ASN T 70 -59.48 27.29 45.86
CA ASN T 70 -60.40 27.45 44.74
C ASN T 70 -61.74 27.95 45.25
N THR T 71 -62.50 28.55 44.33
CA THR T 71 -63.86 28.94 44.66
C THR T 71 -64.71 27.69 44.93
N PRO T 72 -65.55 27.70 45.97
CA PRO T 72 -66.45 26.57 46.20
C PRO T 72 -67.33 26.32 44.98
N ASN T 73 -67.59 25.03 44.72
CA ASN T 73 -68.24 24.64 43.48
C ASN T 73 -69.65 25.22 43.38
N LYS T 74 -70.44 25.08 44.43
CA LYS T 74 -71.82 25.57 44.43
C LYS T 74 -72.15 26.21 45.76
N LEU T 75 -72.89 27.32 45.72
CA LEU T 75 -73.36 28.01 46.90
C LEU T 75 -74.86 28.21 46.79
N LEU T 76 -75.58 27.86 47.84
CA LEU T 76 -77.04 28.00 47.88
C LEU T 76 -77.40 28.90 49.05
N VAL T 77 -78.05 30.02 48.74
CA VAL T 77 -78.42 31.03 49.73
C VAL T 77 -79.94 31.05 49.85
N TYR T 78 -80.43 31.01 51.08
CA TYR T 78 -81.86 30.98 51.35
C TYR T 78 -82.29 32.28 52.03
N VAL T 79 -83.47 32.77 51.66
CA VAL T 79 -84.01 34.01 52.21
C VAL T 79 -85.40 33.73 52.76
N ILE T 80 -85.62 34.10 54.03
CA ILE T 80 -86.94 34.04 54.64
C ILE T 80 -86.96 35.03 55.80
N GLU T 81 -88.16 35.37 56.26
CA GLU T 81 -88.31 36.27 57.39
C GLU T 81 -87.63 35.70 58.62
N GLY T 82 -87.24 36.60 59.54
CA GLY T 82 -86.50 36.18 60.71
C GLY T 82 -87.23 35.17 61.57
N GLU T 83 -88.55 35.29 61.64
CA GLU T 83 -89.35 34.33 62.40
C GLU T 83 -89.34 32.97 61.72
N ALA T 84 -89.25 31.92 62.53
CA ALA T 84 -89.26 30.53 62.06
C ALA T 84 -88.14 30.26 61.06
N ASP T 85 -86.95 30.80 61.34
CA ASP T 85 -85.79 30.49 60.51
C ASP T 85 -85.42 29.01 60.61
N ILE T 86 -85.45 28.46 61.84
CA ILE T 86 -84.95 27.11 62.05
C ILE T 86 -85.82 26.08 61.35
N GLN T 87 -87.15 26.26 61.38
CA GLN T 87 -88.04 25.29 60.76
C GLN T 87 -87.82 25.20 59.26
N THR T 88 -87.84 26.34 58.58
CA THR T 88 -87.65 26.33 57.12
C THR T 88 -86.23 25.92 56.75
N ALA T 89 -85.24 26.28 57.57
CA ALA T 89 -83.88 25.83 57.31
C ALA T 89 -83.79 24.31 57.37
N LEU T 90 -84.40 23.70 58.39
CA LEU T 90 -84.42 22.25 58.50
C LEU T 90 -85.14 21.63 57.32
N ASP T 91 -86.28 22.19 56.93
CA ASP T 91 -87.04 21.63 55.81
C ASP T 91 -86.24 21.69 54.52
N PHE T 92 -85.58 22.82 54.26
CA PHE T 92 -84.84 22.97 53.01
C PHE T 92 -83.58 22.11 53.00
N LEU T 93 -82.92 21.97 54.16
CA LEU T 93 -81.74 21.10 54.22
C LEU T 93 -82.13 19.64 54.11
N GLU T 94 -83.33 19.27 54.59
CA GLU T 94 -83.83 17.92 54.34
C GLU T 94 -84.15 17.73 52.87
N THR T 95 -84.65 18.77 52.21
CA THR T 95 -85.00 18.68 50.79
C THR T 95 -83.77 18.41 49.94
N LYS T 96 -82.67 19.12 50.21
CA LYS T 96 -81.47 19.01 49.38
C LYS T 96 -80.25 18.88 50.26
N GLU T 97 -79.33 18.01 49.85
CA GLU T 97 -78.13 17.73 50.64
C GLU T 97 -77.20 18.93 50.65
N PHE T 98 -76.23 18.89 51.56
CA PHE T 98 -75.25 19.97 51.71
C PHE T 98 -74.01 19.40 52.38
N ASN T 99 -72.92 20.18 52.31
CA ASN T 99 -71.66 19.82 52.94
C ASN T 99 -71.37 20.63 54.19
N TYR T 100 -71.72 21.92 54.20
CA TYR T 100 -71.43 22.79 55.33
C TYR T 100 -72.65 23.64 55.64
N LEU T 101 -72.78 24.02 56.90
CA LEU T 101 -73.92 24.80 57.37
C LEU T 101 -73.45 25.91 58.29
N CYS T 102 -74.08 27.08 58.18
CA CYS T 102 -73.76 28.22 59.02
C CYS T 102 -74.96 29.16 59.07
N MET T 103 -75.39 29.51 60.28
CA MET T 103 -76.49 30.45 60.48
C MET T 103 -75.96 31.72 61.13
N PRO T 104 -75.78 32.80 60.37
CA PRO T 104 -75.20 34.03 60.95
C PRO T 104 -76.02 34.64 62.08
N LYS T 105 -77.33 34.39 62.13
CA LYS T 105 -78.18 34.95 63.17
C LYS T 105 -78.75 33.87 64.09
N ALA T 106 -77.98 32.80 64.31
CA ALA T 106 -78.41 31.75 65.22
C ALA T 106 -78.13 32.14 66.66
N VAL T 107 -79.17 32.13 67.49
CA VAL T 107 -79.01 32.34 68.92
C VAL T 107 -78.51 31.05 69.54
N GLU T 108 -78.11 31.10 70.82
CA GLU T 108 -77.58 29.91 71.47
C GLU T 108 -78.59 28.76 71.43
N ALA T 109 -79.87 29.05 71.65
CA ALA T 109 -80.90 28.03 71.49
C ALA T 109 -80.97 27.55 70.04
N ASP T 110 -80.88 28.48 69.09
CA ASP T 110 -80.89 28.08 67.68
C ASP T 110 -79.67 27.24 67.33
N LYS T 111 -78.50 27.61 67.86
CA LYS T 111 -77.31 26.81 67.62
C LYS T 111 -77.44 25.42 68.22
N THR T 112 -78.00 25.33 69.42
CA THR T 112 -78.22 24.02 70.05
C THR T 112 -79.18 23.17 69.22
N ALA T 113 -80.26 23.77 68.72
CA ALA T 113 -81.20 23.05 67.88
C ALA T 113 -80.53 22.58 66.59
N ILE T 114 -79.69 23.44 65.99
CA ILE T 114 -78.97 23.07 64.78
C ILE T 114 -78.07 21.88 65.04
N LYS T 115 -77.32 21.92 66.16
CA LYS T 115 -76.44 20.82 66.50
C LYS T 115 -77.23 19.53 66.74
N ASN T 116 -78.37 19.64 67.41
CA ASN T 116 -79.20 18.47 67.66
C ASN T 116 -79.69 17.87 66.35
N TRP T 117 -80.11 18.71 65.41
CA TRP T 117 -80.56 18.20 64.12
C TRP T 117 -79.41 17.55 63.35
N ILE T 118 -78.23 18.16 63.40
CA ILE T 118 -77.06 17.60 62.72
C ILE T 118 -76.73 16.21 63.29
N ILE T 119 -76.68 16.10 64.63
CA ILE T 119 -76.32 14.83 65.23
C ILE T 119 -77.42 13.80 65.02
N LYS T 120 -78.68 14.21 65.02
CA LYS T 120 -79.77 13.28 64.74
C LYS T 120 -79.64 12.71 63.35
N LEU T 121 -79.37 13.57 62.36
CA LEU T 121 -79.16 13.07 61.00
C LEU T 121 -77.97 12.13 60.94
N ARG T 122 -76.83 12.54 61.48
CA ARG T 122 -75.62 11.75 61.39
C ARG T 122 -75.72 10.43 62.14
N ASP T 123 -76.61 10.33 63.12
CA ASP T 123 -76.71 9.11 63.92
C ASP T 123 -77.86 8.20 63.50
N ILE T 124 -78.93 8.72 62.93
CA ILE T 124 -80.08 7.93 62.52
C ILE T 124 -80.24 7.90 61.01
N ASP T 125 -80.25 9.07 60.37
CA ASP T 125 -80.46 9.13 58.93
C ASP T 125 -79.22 8.75 58.14
N LYS T 126 -78.08 8.59 58.80
CA LYS T 126 -76.82 8.26 58.14
C LYS T 126 -76.48 9.28 57.04
N VAL T 127 -76.77 10.55 57.33
CA VAL T 127 -76.46 11.65 56.43
C VAL T 127 -75.27 12.40 57.03
N LYS T 128 -74.15 12.40 56.31
CA LYS T 128 -72.92 13.03 56.80
C LYS T 128 -73.00 14.52 56.50
N VAL T 129 -73.23 15.32 57.54
CA VAL T 129 -73.37 16.76 57.42
C VAL T 129 -72.50 17.44 58.47
N LYS T 130 -71.90 18.56 58.09
CA LYS T 130 -71.07 19.36 58.98
C LYS T 130 -71.61 20.78 59.05
N ALA T 131 -71.43 21.41 60.21
CA ALA T 131 -71.90 22.77 60.42
C ALA T 131 -70.82 23.58 61.12
N VAL T 132 -70.78 24.87 60.82
CA VAL T 132 -69.85 25.81 61.44
C VAL T 132 -70.64 26.72 62.34
N LEU T 133 -70.24 26.78 63.61
CA LEU T 133 -70.98 27.52 64.63
C LEU T 133 -70.04 28.43 65.40
N GLY T 134 -70.60 29.52 65.93
CA GLY T 134 -69.81 30.51 66.63
C GLY T 134 -69.26 30.06 67.96
N LYS T 135 -70.15 29.83 68.94
CA LYS T 135 -69.74 29.44 70.30
C LYS T 135 -70.61 28.26 70.73
N VAL T 136 -70.14 27.06 70.46
CA VAL T 136 -70.84 25.83 70.84
C VAL T 136 -69.83 24.89 71.50
N VAL T 137 -70.15 24.44 72.71
CA VAL T 137 -69.28 23.55 73.47
C VAL T 137 -69.81 22.13 73.36
N GLY T 138 -70.58 21.88 72.29
CA GLY T 138 -71.27 20.61 72.16
C GLY T 138 -70.30 19.43 72.04
N ASN T 139 -70.84 18.25 72.29
CA ASN T 139 -70.06 17.02 72.41
C ASN T 139 -70.11 16.18 71.15
N HIS T 140 -70.08 16.81 69.97
CA HIS T 140 -70.06 16.08 68.71
C HIS T 140 -68.96 16.63 67.82
N GLU T 141 -68.49 15.78 66.89
CA GLU T 141 -67.40 16.13 66.00
C GLU T 141 -67.87 16.78 64.70
N GLY T 142 -69.11 16.55 64.29
CA GLY T 142 -69.59 17.12 63.04
C GLY T 142 -69.76 18.63 63.11
N ILE T 143 -69.99 19.16 64.30
CA ILE T 143 -70.11 20.61 64.47
C ILE T 143 -68.71 21.23 64.57
N ILE T 144 -68.65 22.53 64.28
CA ILE T 144 -67.40 23.28 64.29
C ILE T 144 -67.58 24.50 65.18
N ASN T 145 -66.65 24.69 66.11
CA ASN T 145 -66.69 25.81 67.06
C ASN T 145 -65.48 26.69 66.83
N PHE T 146 -65.72 28.00 66.72
CA PHE T 146 -64.66 28.99 66.49
C PHE T 146 -64.78 30.06 67.57
N THR T 147 -63.96 29.95 68.62
CA THR T 147 -64.02 30.87 69.76
C THR T 147 -62.92 31.92 69.60
N THR T 148 -63.21 32.94 68.80
CA THR T 148 -62.31 34.07 68.63
C THR T 148 -63.17 35.30 68.35
N GLU T 149 -63.27 36.19 69.35
CA GLU T 149 -64.05 37.39 69.23
C GLU T 149 -63.17 38.58 68.86
N ASP T 150 -63.83 39.71 68.54
CA ASP T 150 -63.15 40.96 68.20
C ASP T 150 -62.19 40.78 67.04
N VAL T 151 -62.61 40.01 66.03
CA VAL T 151 -61.77 39.80 64.85
C VAL T 151 -61.78 41.07 64.00
N LEU T 152 -60.58 41.47 63.56
CA LEU T 152 -60.41 42.67 62.75
C LEU T 152 -59.91 42.24 61.37
N VAL T 153 -60.80 42.25 60.39
CA VAL T 153 -60.49 41.86 59.02
C VAL T 153 -60.70 43.08 58.13
N GLY T 154 -59.63 43.47 57.42
CA GLY T 154 -59.72 44.60 56.51
C GLY T 154 -60.12 45.89 57.19
N GLU T 155 -59.48 46.19 58.32
CA GLU T 155 -59.75 47.35 59.17
C GLU T 155 -61.24 47.59 59.37
N LYS T 156 -62.02 46.50 59.39
CA LYS T 156 -63.46 46.57 59.58
C LYS T 156 -63.87 45.60 60.68
N LYS T 157 -64.77 46.06 61.54
CA LYS T 157 -65.27 45.19 62.61
C LYS T 157 -66.10 44.05 62.00
N TYR T 158 -65.77 42.82 62.39
CA TYR T 158 -66.46 41.64 61.90
C TYR T 158 -67.04 40.88 63.08
N SER T 159 -68.29 40.47 62.95
CA SER T 159 -68.89 39.60 63.94
C SER T 159 -68.26 38.21 63.86
N VAL T 160 -68.43 37.44 64.94
CA VAL T 160 -67.86 36.09 64.98
C VAL T 160 -68.47 35.23 63.89
N ASP T 161 -69.79 35.33 63.70
CA ASP T 161 -70.47 34.51 62.70
C ASP T 161 -70.03 34.87 61.28
N GLU T 162 -69.72 36.15 61.04
CA GLU T 162 -69.22 36.56 59.73
C GLU T 162 -67.94 35.80 59.38
N PHE T 163 -66.97 35.79 60.29
CA PHE T 163 -65.71 35.14 59.98
C PHE T 163 -65.81 33.63 60.06
N THR T 164 -66.76 33.08 60.84
CA THR T 164 -67.00 31.64 60.78
C THR T 164 -67.56 31.24 59.41
N SER T 165 -68.45 32.05 58.84
CA SER T 165 -68.92 31.80 57.49
C SER T 165 -67.78 31.92 56.48
N ARG T 166 -66.91 32.91 56.69
CA ARG T 166 -65.71 33.03 55.86
C ARG T 166 -64.87 31.76 55.91
N VAL T 167 -64.67 31.23 57.12
CA VAL T 167 -63.87 30.01 57.28
C VAL T 167 -64.56 28.82 56.65
N ALA T 168 -65.90 28.75 56.75
CA ALA T 168 -66.64 27.68 56.10
C ALA T 168 -66.46 27.73 54.59
N GLY T 169 -66.53 28.93 54.01
CA GLY T 169 -66.27 29.06 52.59
C GLY T 169 -64.85 28.67 52.22
N LEU T 170 -63.88 29.05 53.05
CA LEU T 170 -62.49 28.68 52.81
C LEU T 170 -62.32 27.16 52.83
N ILE T 171 -62.94 26.50 53.80
CA ILE T 171 -62.83 25.04 53.91
C ILE T 171 -63.52 24.38 52.72
N ALA T 172 -64.68 24.88 52.31
CA ALA T 172 -65.34 24.35 51.12
C ALA T 172 -64.47 24.51 49.89
N GLY T 173 -63.73 25.61 49.81
CA GLY T 173 -62.78 25.79 48.73
C GLY T 173 -61.48 25.02 48.89
N THR T 174 -61.27 24.41 50.06
CA THR T 174 -60.05 23.64 50.30
C THR T 174 -60.21 22.23 49.77
N PRO T 175 -59.30 21.76 48.93
CA PRO T 175 -59.37 20.39 48.43
C PRO T 175 -58.96 19.39 49.51
N LEU T 176 -59.00 18.11 49.14
CA LEU T 176 -58.68 17.05 50.08
C LEU T 176 -57.18 16.95 50.36
N SER T 177 -56.34 17.46 49.47
CA SER T 177 -54.90 17.37 49.66
C SER T 177 -54.39 18.36 50.71
N GLN T 178 -55.02 19.51 50.83
CA GLN T 178 -54.56 20.56 51.72
C GLN T 178 -55.19 20.43 53.10
N SER T 179 -54.43 20.80 54.12
CA SER T 179 -54.90 20.81 55.50
C SER T 179 -55.10 22.26 55.95
N VAL T 180 -56.28 22.54 56.50
CA VAL T 180 -56.66 23.91 56.85
C VAL T 180 -55.76 24.53 57.90
N THR T 181 -54.97 23.73 58.61
CA THR T 181 -54.11 24.27 59.66
C THR T 181 -53.02 25.15 59.06
N TYR T 182 -52.72 26.25 59.76
CA TYR T 182 -51.66 27.18 59.38
C TYR T 182 -51.89 27.75 57.98
N THR T 183 -53.13 28.05 57.66
CA THR T 183 -53.47 28.69 56.39
C THR T 183 -53.53 30.20 56.59
N LYS T 184 -52.77 30.93 55.77
CA LYS T 184 -52.67 32.37 55.92
C LYS T 184 -53.90 33.06 55.33
N LEU T 185 -54.37 34.09 56.04
CA LEU T 185 -55.50 34.90 55.61
C LEU T 185 -55.00 36.32 55.38
N SER T 186 -54.90 36.72 54.11
CA SER T 186 -54.42 38.05 53.78
C SER T 186 -55.43 39.13 54.15
N ASP T 187 -56.73 38.81 54.06
CA ASP T 187 -57.75 39.80 54.36
C ASP T 187 -57.71 40.25 55.82
N VAL T 188 -57.47 39.31 56.73
CA VAL T 188 -57.42 39.65 58.15
C VAL T 188 -56.20 40.53 58.42
N VAL T 189 -56.43 41.64 59.12
CA VAL T 189 -55.37 42.60 59.39
C VAL T 189 -54.89 42.56 60.84
N ASP T 190 -55.77 42.30 61.80
CA ASP T 190 -55.39 42.32 63.21
C ASP T 190 -56.27 41.37 63.99
N ILE T 191 -55.70 40.80 65.04
CA ILE T 191 -56.44 39.98 66.00
C ILE T 191 -56.04 40.44 67.40
N PRO T 192 -56.91 40.30 68.40
CA PRO T 192 -56.53 40.71 69.76
C PRO T 192 -55.33 39.92 70.27
N LYS T 193 -54.48 40.61 71.03
CA LYS T 193 -53.33 39.96 71.62
C LYS T 193 -53.79 38.87 72.58
N MET T 194 -53.19 37.68 72.48
CA MET T 194 -53.70 36.50 73.17
C MET T 194 -52.58 35.48 73.23
N THR T 195 -52.28 35.02 74.46
CA THR T 195 -51.06 34.29 74.74
C THR T 195 -51.04 32.92 74.08
N LYS T 196 -49.83 32.47 73.76
CA LYS T 196 -49.66 31.18 73.09
C LYS T 196 -50.09 30.01 73.98
N VAL T 197 -49.89 30.13 75.30
CA VAL T 197 -50.31 29.07 76.21
C VAL T 197 -51.83 28.91 76.18
N ASP T 198 -52.55 30.03 76.18
CA ASP T 198 -54.00 29.96 76.09
C ASP T 198 -54.42 29.42 74.73
N ALA T 199 -53.66 29.73 73.68
CA ALA T 199 -53.93 29.13 72.37
C ALA T 199 -53.81 27.62 72.41
N GLU T 200 -52.75 27.12 73.06
CA GLU T 200 -52.59 25.68 73.20
C GLU T 200 -53.72 25.06 74.00
N SER T 201 -54.13 25.73 75.08
CA SER T 201 -55.25 25.22 75.87
C SER T 201 -56.53 25.17 75.05
N ARG T 202 -56.79 26.21 74.26
CA ARG T 202 -57.98 26.24 73.41
C ARG T 202 -57.94 25.13 72.37
N VAL T 203 -56.76 24.88 71.78
CA VAL T 203 -56.63 23.80 70.82
C VAL T 203 -56.89 22.45 71.48
N ASN T 204 -56.37 22.26 72.70
CA ASN T 204 -56.66 21.04 73.44
C ASN T 204 -58.15 20.90 73.70
N LYS T 205 -58.84 22.02 73.97
CA LYS T 205 -60.29 22.00 74.05
C LYS T 205 -60.94 21.72 72.70
N GLY T 206 -60.19 21.85 71.61
CA GLY T 206 -60.72 21.62 70.27
C GLY T 206 -61.18 22.87 69.56
N GLU T 207 -61.24 24.00 70.25
CA GLU T 207 -61.71 25.23 69.63
C GLU T 207 -60.70 25.72 68.59
N LEU T 208 -61.20 26.03 67.40
CA LEU T 208 -60.37 26.58 66.33
C LEU T 208 -60.24 28.08 66.54
N ILE T 209 -59.02 28.59 66.44
CA ILE T 209 -58.73 30.00 66.68
C ILE T 209 -57.70 30.49 65.67
N LEU T 210 -57.55 31.81 65.61
CA LEU T 210 -56.52 32.44 64.80
C LEU T 210 -55.27 32.68 65.63
N ILE T 211 -54.13 32.75 64.95
CA ILE T 211 -52.85 32.98 65.60
C ILE T 211 -51.94 33.74 64.64
N LYS T 212 -51.06 34.56 65.22
CA LYS T 212 -50.10 35.35 64.45
C LYS T 212 -48.80 34.56 64.36
N GLU T 213 -48.53 33.98 63.19
CA GLU T 213 -47.33 33.19 62.99
C GLU T 213 -46.84 33.38 61.55
N ALA T 214 -45.53 33.22 61.38
CA ALA T 214 -44.88 33.39 60.08
C ALA T 214 -45.17 34.77 59.49
N GLY T 215 -45.22 35.78 60.35
CA GLY T 215 -45.49 37.15 59.92
C GLY T 215 -46.86 37.32 59.31
N ALA T 216 -47.86 36.57 59.78
CA ALA T 216 -49.22 36.66 59.26
C ALA T 216 -50.16 36.04 60.28
N ILE T 217 -51.45 36.28 60.07
CA ILE T 217 -52.51 35.69 60.89
C ILE T 217 -52.99 34.43 60.19
N ARG T 218 -52.86 33.29 60.87
CA ARG T 218 -53.16 31.99 60.29
C ARG T 218 -54.03 31.19 61.24
N ILE T 219 -54.63 30.12 60.69
CA ILE T 219 -55.42 29.21 61.50
C ILE T 219 -54.48 28.46 62.45
N ALA T 220 -54.85 28.44 63.74
CA ALA T 220 -54.03 27.74 64.72
C ALA T 220 -53.97 26.24 64.42
N ARG T 221 -55.11 25.56 64.48
CA ARG T 221 -55.18 24.14 64.20
C ARG T 221 -56.50 23.84 63.51
N GLY T 222 -56.57 22.68 62.86
CA GLY T 222 -57.77 22.24 62.19
C GLY T 222 -58.56 21.22 62.98
N VAL T 223 -58.37 21.21 64.30
CA VAL T 223 -59.04 20.23 65.15
C VAL T 223 -60.54 20.49 65.17
N ASN T 224 -61.30 19.43 65.41
CA ASN T 224 -62.75 19.52 65.45
C ASN T 224 -63.21 20.16 66.76
N SER T 225 -64.49 20.57 66.77
CA SER T 225 -65.06 21.18 67.96
C SER T 225 -65.26 20.18 69.10
N LEU T 226 -65.21 18.88 68.79
CA LEU T 226 -65.46 17.87 69.80
C LEU T 226 -64.35 17.88 70.85
N THR T 227 -64.71 18.25 72.08
CA THR T 227 -63.71 18.38 73.14
C THR T 227 -63.20 17.03 73.60
N GLU T 228 -64.11 16.08 73.83
CA GLU T 228 -63.76 14.78 74.39
C GLU T 228 -64.00 13.69 73.36
N LEU T 229 -62.96 12.90 73.09
CA LEU T 229 -63.04 11.80 72.14
C LEU T 229 -63.00 10.49 72.92
N THR T 230 -63.93 9.58 72.62
CA THR T 230 -64.01 8.31 73.32
C THR T 230 -62.82 7.43 72.95
N ALA T 231 -62.72 6.29 73.65
CA ALA T 231 -61.63 5.36 73.39
C ALA T 231 -61.69 4.82 71.96
N GLU T 232 -62.89 4.71 71.40
CA GLU T 232 -63.02 4.21 70.04
C GLU T 232 -62.70 5.29 69.01
N LYS T 233 -63.27 6.48 69.18
CA LYS T 233 -63.15 7.51 68.15
C LYS T 233 -61.69 7.90 67.92
N GLY T 234 -60.93 8.08 68.99
CA GLY T 234 -59.50 8.25 68.89
C GLY T 234 -59.09 9.66 68.49
N GLU T 235 -57.77 9.84 68.38
CA GLU T 235 -57.20 11.15 68.06
C GLU T 235 -57.34 11.51 66.59
N MET T 236 -57.32 10.52 65.69
CA MET T 236 -57.40 10.82 64.27
C MET T 236 -58.76 11.41 63.89
N PHE T 237 -59.79 11.16 64.70
CA PHE T 237 -61.10 11.75 64.42
C PHE T 237 -61.19 13.20 64.87
N GLN T 238 -60.24 13.66 65.69
CA GLN T 238 -60.25 15.06 66.12
C GLN T 238 -59.95 16.02 64.98
N LYS T 239 -59.39 15.53 63.87
CA LYS T 239 -59.11 16.37 62.71
C LYS T 239 -60.29 16.33 61.76
N ILE T 240 -60.79 17.51 61.38
CA ILE T 240 -61.90 17.59 60.45
C ILE T 240 -61.50 17.05 59.08
N LYS T 241 -60.23 17.23 58.71
CA LYS T 241 -59.76 16.71 57.42
C LYS T 241 -59.89 15.20 57.34
N ILE T 242 -59.54 14.50 58.42
CA ILE T 242 -59.60 13.04 58.42
C ILE T 242 -61.04 12.57 58.34
N VAL T 243 -61.94 13.20 59.10
CA VAL T 243 -63.33 12.77 59.10
C VAL T 243 -64.05 13.16 57.81
N ASP T 244 -63.56 14.18 57.10
CA ASP T 244 -64.22 14.62 55.88
C ASP T 244 -64.17 13.53 54.82
N THR T 245 -63.01 12.91 54.62
CA THR T 245 -62.91 11.85 53.62
C THR T 245 -63.69 10.62 54.03
N LEU T 246 -63.75 10.31 55.33
CA LEU T 246 -64.59 9.21 55.78
C LEU T 246 -66.06 9.48 55.48
N ASP T 247 -66.52 10.71 55.73
CA ASP T 247 -67.91 11.05 55.43
C ASP T 247 -68.18 10.97 53.94
N ILE T 248 -67.23 11.44 53.11
CA ILE T 248 -67.41 11.37 51.66
C ILE T 248 -67.49 9.93 51.19
N ILE T 249 -66.61 9.07 51.72
CA ILE T 249 -66.62 7.66 51.35
C ILE T 249 -67.93 7.00 51.76
N HIS T 250 -68.40 7.29 52.98
CA HIS T 250 -69.66 6.72 53.43
C HIS T 250 -70.82 7.17 52.55
N SER T 251 -70.85 8.46 52.20
CA SER T 251 -71.92 8.97 51.35
C SER T 251 -71.89 8.31 49.97
N ASP T 252 -70.70 8.17 49.38
CA ASP T 252 -70.59 7.54 48.08
C ASP T 252 -71.03 6.08 48.13
N ILE T 253 -70.62 5.35 49.17
CA ILE T 253 -70.99 3.95 49.30
C ILE T 253 -72.50 3.83 49.46
N ARG T 254 -73.09 4.66 50.31
CA ARG T 254 -74.53 4.62 50.49
C ARG T 254 -75.27 4.93 49.19
N LYS T 255 -74.81 5.94 48.46
CA LYS T 255 -75.45 6.31 47.21
C LYS T 255 -75.39 5.17 46.19
N VAL T 256 -74.22 4.58 46.01
CA VAL T 256 -74.08 3.52 45.00
C VAL T 256 -74.87 2.28 45.42
N ILE T 257 -74.88 1.96 46.72
CA ILE T 257 -75.61 0.81 47.20
C ILE T 257 -77.12 0.99 46.97
N ILE T 258 -77.63 2.18 47.30
CA ILE T 258 -79.05 2.46 47.08
C ILE T 258 -79.38 2.40 45.60
N ASP T 259 -78.51 2.98 44.76
CA ASP T 259 -78.79 3.04 43.33
C ASP T 259 -78.80 1.65 42.71
N ASP T 260 -77.88 0.78 43.11
CA ASP T 260 -77.68 -0.48 42.39
C ASP T 260 -78.33 -1.70 43.05
N TYR T 261 -78.11 -1.89 44.35
CA TYR T 261 -78.32 -3.22 44.92
C TYR T 261 -79.72 -3.46 45.45
N ILE T 262 -80.31 -2.51 46.17
CA ILE T 262 -81.62 -2.75 46.77
C ILE T 262 -82.67 -2.91 45.67
N GLY T 263 -83.39 -4.03 45.71
CA GLY T 263 -84.49 -4.26 44.79
C GLY T 263 -84.09 -4.81 43.44
N LYS T 264 -83.10 -4.17 42.81
CA LYS T 264 -82.79 -4.49 41.41
C LYS T 264 -82.28 -5.91 41.26
N VAL T 265 -81.44 -6.38 42.17
CA VAL T 265 -80.79 -7.68 42.04
C VAL T 265 -81.22 -8.58 43.20
N THR T 266 -80.71 -9.81 43.19
CA THR T 266 -81.11 -10.87 44.10
C THR T 266 -79.89 -11.46 44.79
N ASN T 267 -80.06 -11.86 46.06
CA ASN T 267 -78.95 -12.43 46.81
C ASN T 267 -78.43 -13.69 46.14
N SER T 268 -77.11 -13.87 46.18
CA SER T 268 -76.46 -15.09 45.74
C SER T 268 -75.02 -15.04 46.23
N TYR T 269 -74.45 -16.21 46.49
CA TYR T 269 -73.04 -16.27 46.88
C TYR T 269 -72.17 -15.68 45.77
N ASP T 270 -72.50 -15.98 44.52
CA ASP T 270 -71.83 -15.32 43.40
C ASP T 270 -72.12 -13.82 43.41
N ASN T 271 -73.35 -13.43 43.71
CA ASN T 271 -73.67 -12.00 43.84
C ASN T 271 -72.94 -11.37 45.03
N LYS T 272 -72.76 -12.14 46.11
CA LYS T 272 -71.95 -11.65 47.22
C LYS T 272 -70.52 -11.39 46.78
N CYS T 273 -69.95 -12.31 46.00
CA CYS T 273 -68.60 -12.11 45.47
C CYS T 273 -68.53 -10.91 44.56
N LEU T 274 -69.55 -10.72 43.71
CA LEU T 274 -69.58 -9.56 42.82
C LEU T 274 -69.65 -8.26 43.61
N LEU T 275 -70.46 -8.23 44.67
CA LEU T 275 -70.52 -7.06 45.53
C LEU T 275 -69.17 -6.79 46.19
N ILE T 276 -68.50 -7.85 46.65
CA ILE T 276 -67.18 -7.69 47.24
C ILE T 276 -66.20 -7.11 46.23
N VAL T 277 -66.25 -7.60 44.98
CA VAL T 277 -65.36 -7.11 43.94
C VAL T 277 -65.66 -5.65 43.63
N ALA T 278 -66.95 -5.29 43.62
CA ALA T 278 -67.32 -3.89 43.37
C ALA T 278 -66.79 -2.98 44.47
N ILE T 279 -66.92 -3.38 45.73
CA ILE T 279 -66.41 -2.57 46.83
C ILE T 279 -64.89 -2.49 46.76
N LYS T 280 -64.24 -3.59 46.36
CA LYS T 280 -62.79 -3.58 46.18
C LYS T 280 -62.38 -2.60 45.09
N SER T 281 -63.14 -2.55 43.99
CA SER T 281 -62.86 -1.60 42.93
C SER T 281 -63.06 -0.17 43.42
N TYR T 282 -64.07 0.06 44.24
CA TYR T 282 -64.26 1.39 44.82
C TYR T 282 -63.09 1.78 45.71
N LEU T 283 -62.60 0.83 46.51
CA LEU T 283 -61.43 1.10 47.34
C LEU T 283 -60.19 1.36 46.50
N GLU T 284 -60.06 0.65 45.38
CA GLU T 284 -58.95 0.90 44.47
C GLU T 284 -59.05 2.30 43.87
N GLU T 285 -60.26 2.73 43.54
CA GLU T 285 -60.47 4.09 43.07
C GLU T 285 -60.07 5.11 44.13
N LEU T 286 -60.44 4.85 45.39
CA LEU T 286 -60.02 5.72 46.48
C LEU T 286 -58.50 5.78 46.61
N GLU T 287 -57.85 4.62 46.49
CA GLU T 287 -56.38 4.58 46.55
C GLU T 287 -55.76 5.37 45.42
N LYS T 288 -56.31 5.24 44.21
CA LYS T 288 -55.82 6.03 43.08
C LYS T 288 -56.04 7.51 43.32
N SER T 289 -57.10 7.87 44.05
CA SER T 289 -57.29 9.26 44.45
C SER T 289 -56.23 9.73 45.44
N ALA T 290 -55.48 8.80 46.03
CA ALA T 290 -54.38 9.07 46.96
C ALA T 290 -54.85 9.74 48.25
N LEU T 291 -56.17 9.83 48.47
CA LEU T 291 -56.65 10.41 49.71
C LEU T 291 -56.40 9.49 50.90
N ILE T 292 -56.48 8.18 50.70
CA ILE T 292 -56.24 7.20 51.75
C ILE T 292 -55.29 6.13 51.22
N GLU T 293 -54.53 5.52 52.13
CA GLU T 293 -53.60 4.48 51.72
C GLU T 293 -54.33 3.22 51.31
N SER T 294 -55.30 2.77 52.11
CA SER T 294 -56.20 1.66 51.79
C SER T 294 -55.41 0.38 51.46
N ASP T 295 -54.69 -0.11 52.46
CA ASP T 295 -53.93 -1.35 52.27
C ASP T 295 -54.83 -2.58 52.27
N SER T 296 -55.81 -2.61 53.18
CA SER T 296 -56.60 -3.82 53.39
C SER T 296 -57.82 -3.84 52.46
N THR T 297 -58.58 -4.93 52.53
CA THR T 297 -59.69 -5.17 51.62
C THR T 297 -60.98 -5.50 52.38
N VAL T 298 -62.00 -5.95 51.64
CA VAL T 298 -63.31 -6.27 52.19
C VAL T 298 -63.52 -7.77 52.09
N GLU T 299 -64.30 -8.31 53.04
CA GLU T 299 -64.62 -9.73 53.05
C GLU T 299 -65.94 -9.93 53.77
N ILE T 300 -66.29 -11.20 53.97
CA ILE T 300 -67.54 -11.55 54.64
C ILE T 300 -67.32 -11.56 56.15
N ASP T 301 -68.24 -10.93 56.88
CA ASP T 301 -68.19 -10.92 58.34
C ASP T 301 -68.68 -12.28 58.85
N PHE T 302 -67.74 -13.11 59.29
CA PHE T 302 -68.09 -14.45 59.75
C PHE T 302 -68.92 -14.40 61.03
N GLU T 303 -68.62 -13.45 61.92
CA GLU T 303 -69.38 -13.32 63.15
C GLU T 303 -70.83 -12.93 62.86
N ALA T 304 -71.04 -12.01 61.92
CA ALA T 304 -72.40 -11.63 61.55
C ALA T 304 -73.16 -12.80 60.95
N GLN T 305 -72.50 -13.59 60.11
CA GLN T 305 -73.15 -14.77 59.54
C GLN T 305 -73.50 -15.78 60.61
N LYS T 306 -72.59 -15.98 61.58
CA LYS T 306 -72.88 -16.89 62.68
C LYS T 306 -74.07 -16.40 63.50
N SER T 307 -74.14 -15.09 63.75
CA SER T 307 -75.29 -14.53 64.46
C SER T 307 -76.57 -14.73 63.67
N TYR T 308 -76.53 -14.56 62.35
CA TYR T 308 -77.71 -14.77 61.54
C TYR T 308 -78.18 -16.22 61.59
N LEU T 309 -77.23 -17.17 61.50
CA LEU T 309 -77.59 -18.58 61.61
C LEU T 309 -78.16 -18.90 62.99
N LYS T 310 -77.59 -18.30 64.03
CA LYS T 310 -78.14 -18.49 65.38
C LYS T 310 -79.57 -17.96 65.46
N SER T 311 -79.82 -16.80 64.86
CA SER T 311 -81.18 -16.28 64.81
C SER T 311 -82.11 -17.22 64.04
N LYS T 312 -81.61 -17.83 62.97
CA LYS T 312 -82.38 -18.83 62.24
C LYS T 312 -82.65 -20.07 63.07
N GLY T 313 -81.88 -20.29 64.14
CA GLY T 313 -82.05 -21.47 64.97
C GLY T 313 -81.38 -22.72 64.45
N VAL T 314 -80.63 -22.63 63.36
CA VAL T 314 -79.97 -23.80 62.79
C VAL T 314 -78.77 -24.18 63.68
N ASP T 315 -78.67 -25.47 64.01
CA ASP T 315 -77.55 -25.94 64.80
C ASP T 315 -76.24 -25.73 64.05
N LEU T 316 -75.25 -25.20 64.77
CA LEU T 316 -73.96 -24.89 64.17
C LEU T 316 -73.11 -26.13 63.93
N SER T 317 -73.39 -27.22 64.64
CA SER T 317 -72.56 -28.42 64.53
C SER T 317 -72.69 -29.08 63.16
N TYR T 318 -71.56 -29.62 62.68
CA TYR T 318 -71.53 -30.51 61.50
C TYR T 318 -71.86 -29.76 60.20
N MET T 319 -71.14 -28.66 59.97
CA MET T 319 -71.01 -28.11 58.62
C MET T 319 -69.58 -27.65 58.41
N THR T 320 -69.16 -27.62 57.15
CA THR T 320 -67.85 -27.12 56.80
C THR T 320 -67.81 -25.60 56.96
N LEU T 321 -66.62 -25.08 57.29
CA LEU T 321 -66.47 -23.64 57.44
C LEU T 321 -66.80 -22.90 56.15
N GLN T 322 -66.35 -23.44 55.01
CA GLN T 322 -66.72 -22.85 53.73
C GLN T 322 -68.24 -22.93 53.51
N GLU T 323 -68.85 -24.05 53.89
CA GLU T 323 -70.30 -24.17 53.76
C GLU T 323 -71.01 -23.14 54.62
N ILE T 324 -70.54 -22.92 55.85
CA ILE T 324 -71.13 -21.90 56.70
C ILE T 324 -70.96 -20.52 56.07
N LYS T 325 -69.80 -20.26 55.48
CA LYS T 325 -69.56 -18.98 54.83
C LYS T 325 -70.51 -18.77 53.66
N GLU T 326 -70.75 -19.80 52.86
CA GLU T 326 -71.58 -19.70 51.67
C GLU T 326 -73.05 -20.02 51.96
N ALA T 327 -73.42 -20.23 53.22
CA ALA T 327 -74.80 -20.53 53.55
C ALA T 327 -75.70 -19.34 53.24
N ASN T 328 -76.98 -19.63 53.01
CA ASN T 328 -77.95 -18.60 52.67
C ASN T 328 -78.10 -17.60 53.82
N THR T 329 -78.13 -16.32 53.47
CA THR T 329 -78.34 -15.25 54.43
C THR T 329 -79.69 -14.58 54.28
N GLY T 330 -80.59 -15.16 53.47
CA GLY T 330 -81.87 -14.54 53.22
C GLY T 330 -81.69 -13.21 52.51
N SER T 331 -82.62 -12.29 52.79
CA SER T 331 -82.49 -10.93 52.27
C SER T 331 -81.38 -10.16 52.97
N LYS T 332 -80.94 -10.62 54.14
CA LYS T 332 -79.88 -9.95 54.87
C LYS T 332 -78.54 -10.11 54.15
N VAL T 333 -77.71 -9.07 54.24
CA VAL T 333 -76.38 -9.04 53.65
C VAL T 333 -75.40 -8.66 54.74
N PHE T 334 -74.30 -9.40 54.85
CA PHE T 334 -73.29 -9.17 55.87
C PHE T 334 -71.92 -9.04 55.22
N LEU T 335 -71.13 -8.06 55.68
CA LEU T 335 -69.81 -7.80 55.13
C LEU T 335 -68.90 -7.27 56.23
N LYS T 336 -67.59 -7.45 56.01
CA LYS T 336 -66.57 -6.96 56.94
C LYS T 336 -65.44 -6.35 56.13
N ALA T 337 -64.93 -5.21 56.56
CA ALA T 337 -63.87 -4.52 55.86
C ALA T 337 -62.98 -3.77 56.83
N LYS T 338 -61.91 -3.18 56.29
CA LYS T 338 -60.95 -2.40 57.05
C LYS T 338 -60.18 -1.51 56.10
N ILE T 339 -59.98 -0.25 56.50
CA ILE T 339 -59.37 0.75 55.63
C ILE T 339 -58.25 1.44 56.37
N LYS T 340 -57.32 2.02 55.60
CA LYS T 340 -56.23 2.82 56.13
C LYS T 340 -56.32 4.21 55.52
N VAL T 341 -56.31 5.23 56.37
CA VAL T 341 -56.53 6.61 55.97
C VAL T 341 -55.20 7.37 56.04
N LEU T 342 -54.84 8.02 54.94
CA LEU T 342 -53.65 8.85 54.92
C LEU T 342 -53.83 10.08 55.80
N ASP T 343 -52.72 10.57 56.34
CA ASP T 343 -52.73 11.71 57.25
C ASP T 343 -51.99 12.89 56.63
N ALA T 344 -52.39 14.09 57.04
CA ALA T 344 -51.72 15.31 56.60
C ALA T 344 -50.39 15.48 57.32
N MET T 345 -49.57 16.36 56.79
CA MET T 345 -48.25 16.66 57.37
C MET T 345 -48.38 17.86 58.30
N GLU T 346 -48.19 17.62 59.60
CA GLU T 346 -48.44 18.67 60.59
C GLU T 346 -47.29 18.80 61.58
N ASP T 347 -46.54 17.72 61.79
CA ASP T 347 -45.51 17.69 62.83
C ASP T 347 -44.22 17.14 62.24
N ILE T 348 -43.38 18.02 61.70
CA ILE T 348 -42.09 17.62 61.15
C ILE T 348 -41.05 17.69 62.24
N ASP T 349 -40.33 16.58 62.45
CA ASP T 349 -39.25 16.51 63.41
C ASP T 349 -37.98 16.11 62.67
N LEU T 350 -36.86 16.70 63.06
CA LEU T 350 -35.59 16.48 62.37
C LEU T 350 -34.45 16.59 63.37
N SER T 351 -33.32 16.00 63.01
CA SER T 351 -32.08 16.13 63.77
C SER T 351 -30.91 16.19 62.82
N ILE T 352 -29.96 17.07 63.11
CA ILE T 352 -28.75 17.22 62.31
C ILE T 352 -27.58 16.65 63.09
N GLU T 353 -26.53 16.26 62.37
CA GLU T 353 -25.35 15.66 62.97
C GLU T 353 -24.11 16.38 62.46
N ILE T 354 -23.47 17.16 63.33
CA ILE T 354 -22.27 17.88 62.96
C ILE T 354 -21.06 16.95 62.99
N MET U 1 27.61 72.36 67.41
CA MET U 1 28.72 72.90 66.64
C MET U 1 29.35 71.81 65.78
N TYR U 2 29.46 72.08 64.47
CA TYR U 2 30.00 71.08 63.56
C TYR U 2 31.47 70.80 63.84
N SER U 3 32.24 71.84 64.17
CA SER U 3 33.67 71.65 64.44
C SER U 3 33.91 70.99 65.79
N ASP U 4 33.02 71.23 66.76
CA ASP U 4 33.19 70.62 68.07
C ASP U 4 33.12 69.10 67.98
N GLN U 5 32.19 68.56 67.20
CA GLN U 5 32.09 67.13 67.00
C GLN U 5 33.13 66.68 65.98
N THR U 6 33.97 65.73 66.37
CA THR U 6 35.02 65.20 65.51
C THR U 6 34.91 63.68 65.46
N TYR U 7 35.70 63.08 64.56
CA TYR U 7 35.58 61.66 64.24
C TYR U 7 35.70 60.79 65.47
N GLU U 8 36.86 60.82 66.12
CA GLU U 8 37.12 59.91 67.23
C GLU U 8 36.25 60.22 68.44
N VAL U 9 35.96 61.50 68.69
CA VAL U 9 35.16 61.86 69.86
C VAL U 9 33.75 61.30 69.74
N ILE U 10 33.11 61.50 68.58
CA ILE U 10 31.77 60.97 68.41
C ILE U 10 31.79 59.45 68.31
N LYS U 11 32.86 58.88 67.77
CA LYS U 11 33.00 57.41 67.78
C LYS U 11 32.98 56.88 69.21
N ASN U 12 33.80 57.46 70.08
CA ASN U 12 33.86 57.03 71.46
C ASN U 12 32.53 57.29 72.19
N ARG U 13 31.88 58.41 71.88
CA ARG U 13 30.59 58.70 72.50
C ARG U 13 29.54 57.67 72.10
N THR U 14 29.50 57.31 70.82
CA THR U 14 28.56 56.28 70.37
C THR U 14 28.85 54.94 71.02
N LEU U 15 30.14 54.60 71.15
CA LEU U 15 30.49 53.34 71.81
C LEU U 15 30.08 53.35 73.28
N GLU U 16 30.27 54.49 73.96
CA GLU U 16 30.04 54.55 75.40
C GLU U 16 28.55 54.65 75.73
N ASN U 17 27.76 55.31 74.89
CA ASN U 17 26.37 55.59 75.24
C ASN U 17 25.57 54.31 75.44
N ILE U 18 25.89 53.26 74.70
CA ILE U 18 25.22 51.97 74.84
C ILE U 18 26.01 51.11 75.81
N ASN U 19 25.35 50.61 76.84
CA ASN U 19 25.98 49.72 77.81
C ASN U 19 25.91 48.29 77.28
N LEU U 20 27.08 47.67 77.08
CA LEU U 20 27.18 46.34 76.51
C LEU U 20 27.83 45.41 77.52
N ASP U 21 27.24 44.23 77.69
CA ASP U 21 27.94 43.15 78.38
C ASP U 21 29.07 42.58 77.53
N ILE U 22 29.15 42.97 76.26
CA ILE U 22 30.18 42.51 75.35
C ILE U 22 31.40 43.41 75.48
N TYR U 23 32.57 42.79 75.62
CA TYR U 23 33.81 43.56 75.63
C TYR U 23 34.05 44.18 74.26
N LYS U 24 34.49 45.44 74.27
CA LYS U 24 34.76 46.19 73.04
C LYS U 24 36.26 46.18 72.79
N GLY U 25 36.66 45.72 71.59
CA GLY U 25 38.06 45.67 71.23
C GLY U 25 38.27 46.21 69.83
N GLU U 26 39.52 46.50 69.53
CA GLU U 26 39.88 47.00 68.21
C GLU U 26 39.67 45.93 67.15
N GLY U 27 39.13 46.33 66.01
CA GLY U 27 38.87 45.41 64.93
C GLY U 27 37.61 44.57 65.09
N SER U 28 36.86 44.77 66.16
CA SER U 28 35.66 43.98 66.39
C SER U 28 34.57 44.35 65.37
N PHE U 29 33.68 43.40 65.10
CA PHE U 29 32.59 43.64 64.18
C PHE U 29 31.72 44.80 64.65
N LEU U 30 31.41 44.86 65.94
CA LEU U 30 30.73 46.03 66.49
C LEU U 30 31.58 47.27 66.33
N ASN U 31 32.89 47.15 66.60
CA ASN U 31 33.79 48.28 66.40
C ASN U 31 33.85 48.68 64.94
N ASN U 32 33.86 47.70 64.03
CA ASN U 32 33.91 48.01 62.61
C ASN U 32 32.66 48.76 62.15
N MET U 33 31.48 48.31 62.60
CA MET U 33 30.26 48.99 62.18
C MET U 33 30.14 50.37 62.81
N VAL U 34 30.57 50.51 64.08
CA VAL U 34 30.63 51.84 64.68
C VAL U 34 31.58 52.74 63.90
N SER U 35 32.70 52.18 63.44
CA SER U 35 33.65 52.96 62.65
C SER U 35 33.05 53.41 61.32
N GLY U 36 32.30 52.52 60.67
CA GLY U 36 31.65 52.91 59.42
C GLY U 36 30.60 53.99 59.62
N ASN U 37 29.76 53.84 60.65
CA ASN U 37 28.77 54.86 60.95
C ASN U 37 29.44 56.18 61.33
N ASN U 38 30.54 56.12 62.07
CA ASN U 38 31.29 57.32 62.43
C ASN U 38 31.90 57.97 61.20
N LEU U 39 32.39 57.17 60.25
CA LEU U 39 32.92 57.73 59.02
C LEU U 39 31.83 58.48 58.25
N GLU U 40 30.64 57.88 58.14
CA GLU U 40 29.55 58.57 57.45
C GLU U 40 29.15 59.84 58.19
N LEU U 41 29.09 59.77 59.52
CA LEU U 41 28.70 60.95 60.31
C LEU U 41 29.75 62.05 60.21
N SER U 42 31.03 61.68 60.16
CA SER U 42 32.08 62.67 59.97
C SER U 42 32.02 63.29 58.59
N LYS U 43 31.66 62.50 57.58
CA LYS U 43 31.41 63.06 56.25
C LYS U 43 30.27 64.08 56.30
N ILE U 44 29.20 63.75 57.02
CA ILE U 44 28.07 64.68 57.16
C ILE U 44 28.50 65.95 57.86
N TYR U 45 29.29 65.82 58.92
CA TYR U 45 29.75 66.99 59.67
C TYR U 45 30.69 67.86 58.82
N LEU U 46 31.56 67.23 58.04
CA LEU U 46 32.42 67.98 57.13
C LEU U 46 31.59 68.71 56.07
N GLU U 47 30.55 68.05 55.55
CA GLU U 47 29.66 68.72 54.60
C GLU U 47 28.95 69.90 55.25
N LEU U 48 28.53 69.76 56.51
CA LEU U 48 27.89 70.86 57.21
C LEU U 48 28.86 72.02 57.41
N SER U 49 30.12 71.72 57.75
CA SER U 49 31.12 72.76 57.87
C SER U 49 31.34 73.46 56.53
N LYS U 50 31.39 72.70 55.44
CA LYS U 50 31.53 73.29 54.12
C LYS U 50 30.34 74.17 53.78
N MET U 51 29.14 73.75 54.17
CA MET U 51 27.95 74.56 53.93
C MET U 51 28.00 75.86 54.71
N HIS U 52 28.48 75.80 55.97
CA HIS U 52 28.66 77.02 56.74
C HIS U 52 29.67 77.95 56.08
N LYS U 53 30.77 77.39 55.58
CA LYS U 53 31.75 78.19 54.86
C LYS U 53 31.13 78.83 53.61
N MET U 54 30.32 78.06 52.88
CA MET U 54 29.65 78.61 51.70
C MET U 54 28.72 79.75 52.09
N ALA U 55 28.00 79.59 53.20
CA ALA U 55 27.11 80.64 53.68
C ALA U 55 27.89 81.90 53.99
N PHE U 56 29.05 81.77 54.63
CA PHE U 56 29.89 82.94 54.88
C PHE U 56 30.88 83.21 53.75
N ILE U 57 31.02 82.28 52.79
CA ILE U 57 31.74 82.46 51.53
C ILE U 57 33.10 83.13 51.74
N GLN U 58 33.73 82.85 52.89
CA GLN U 58 34.99 83.51 53.24
C GLN U 58 36.07 83.22 52.22
N ASP U 59 36.46 81.95 52.08
CA ASP U 59 37.60 81.59 51.25
C ASP U 59 37.19 81.21 49.83
N THR U 60 36.33 80.20 49.70
CA THR U 60 35.97 79.68 48.39
C THR U 60 35.05 80.64 47.65
N TYR U 61 35.23 80.73 46.33
CA TYR U 61 34.39 81.55 45.47
C TYR U 61 33.20 80.73 44.99
N ASN U 62 32.01 81.32 45.08
CA ASN U 62 30.80 80.65 44.61
C ASN U 62 29.76 81.69 44.26
N GLN U 63 28.63 81.22 43.74
CA GLN U 63 27.54 82.11 43.36
C GLN U 63 26.93 82.84 44.55
N PHE U 64 27.12 82.31 45.77
CA PHE U 64 26.62 83.00 46.95
C PHE U 64 27.27 84.38 47.10
N LEU U 65 28.59 84.45 46.89
CA LEU U 65 29.28 85.73 47.00
C LEU U 65 28.77 86.72 45.96
N ASP U 66 28.62 86.27 44.72
CA ASP U 66 28.15 87.16 43.66
C ASP U 66 26.74 87.65 43.94
N LYS U 67 25.85 86.75 44.39
CA LYS U 67 24.49 87.16 44.70
C LYS U 67 24.44 88.12 45.86
N ARG U 68 25.26 87.89 46.89
CA ARG U 68 25.29 88.81 48.04
C ARG U 68 25.83 90.18 47.62
N VAL U 69 26.84 90.20 46.76
CA VAL U 69 27.36 91.46 46.24
C VAL U 69 26.27 92.18 45.45
N ASN U 70 25.49 91.45 44.66
CA ASN U 70 24.37 92.05 43.96
C ASN U 70 23.34 92.61 44.92
N GLU U 71 23.12 91.92 46.04
CA GLU U 71 22.25 92.47 47.09
C GLU U 71 22.80 93.79 47.60
N PHE U 72 24.12 93.88 47.79
CA PHE U 72 24.74 95.11 48.24
C PHE U 72 24.76 96.19 47.15
N GLY U 73 24.40 95.85 45.92
CA GLY U 73 24.27 96.82 44.85
C GLY U 73 25.39 96.85 43.84
N VAL U 74 26.53 96.21 44.13
CA VAL U 74 27.64 96.19 43.18
C VAL U 74 27.36 95.14 42.12
N TYR U 75 27.63 95.49 40.86
CA TYR U 75 27.30 94.67 39.71
C TYR U 75 28.58 94.24 38.99
N ARG U 76 28.59 93.00 38.52
CA ARG U 76 29.76 92.45 37.82
C ARG U 76 29.80 93.03 36.42
N LYS U 77 30.80 93.87 36.15
CA LYS U 77 30.94 94.52 34.84
C LYS U 77 31.57 93.52 33.88
N LEU U 78 30.75 92.95 32.99
CA LEU U 78 31.24 91.93 32.07
C LEU U 78 32.31 92.48 31.14
N GLY U 79 32.10 93.68 30.61
CA GLY U 79 33.06 94.32 29.74
C GLY U 79 32.45 94.72 28.42
N THR U 80 33.32 95.22 27.54
CA THR U 80 32.91 95.68 26.22
C THR U 80 33.76 95.02 25.15
N GLU U 81 33.20 94.90 23.96
CA GLU U 81 33.88 94.29 22.82
C GLU U 81 34.72 95.33 22.08
N SER U 82 35.83 94.87 21.52
CA SER U 82 36.72 95.75 20.78
C SER U 82 36.06 96.21 19.48
N ASN U 83 36.35 97.46 19.11
CA ASN U 83 35.80 98.06 17.91
C ASN U 83 36.92 98.60 17.04
N GLY U 84 36.73 98.52 15.72
CA GLY U 84 37.73 99.00 14.79
C GLY U 84 37.16 99.01 13.39
N GLU U 85 38.00 99.45 12.44
CA GLU U 85 37.63 99.51 11.03
C GLU U 85 38.70 98.82 10.20
N VAL U 86 38.27 98.05 9.21
CA VAL U 86 39.17 97.31 8.35
C VAL U 86 38.96 97.78 6.91
N GLU U 87 39.96 97.51 6.08
CA GLU U 87 39.94 97.88 4.67
C GLU U 87 39.83 96.61 3.82
N PHE U 88 38.88 96.60 2.90
CA PHE U 88 38.67 95.47 2.00
C PHE U 88 39.34 95.80 0.66
N ILE U 89 40.25 94.93 0.23
CA ILE U 89 41.00 95.12 -1.01
C ILE U 89 40.71 93.96 -1.94
N GLY U 90 40.30 94.28 -3.17
CA GLY U 90 39.99 93.24 -4.13
C GLY U 90 39.31 93.80 -5.36
N GLU U 91 38.53 92.94 -6.02
CA GLU U 91 37.84 93.33 -7.24
C GLU U 91 36.79 94.40 -6.94
N LYS U 92 36.74 95.41 -7.80
CA LYS U 92 35.75 96.47 -7.65
C LYS U 92 34.35 95.94 -7.92
N GLY U 93 33.37 96.47 -7.19
CA GLY U 93 31.98 96.09 -7.35
C GLY U 93 31.50 95.02 -6.39
N THR U 94 32.40 94.31 -5.72
CA THR U 94 32.00 93.31 -4.75
C THR U 94 31.37 93.98 -3.53
N VAL U 95 30.27 93.43 -3.04
CA VAL U 95 29.51 93.99 -1.93
C VAL U 95 29.69 93.09 -0.73
N ILE U 96 30.17 93.66 0.38
CA ILE U 96 30.35 92.94 1.63
C ILE U 96 29.21 93.37 2.54
N ASN U 97 28.20 92.51 2.68
CA ASN U 97 26.99 92.86 3.39
C ASN U 97 27.23 92.87 4.90
N ASN U 98 26.25 93.40 5.63
CA ASN U 98 26.32 93.43 7.08
C ASN U 98 26.29 92.02 7.66
N GLY U 99 26.99 91.85 8.77
CA GLY U 99 27.11 90.54 9.38
C GLY U 99 28.18 89.66 8.81
N THR U 100 29.00 90.18 7.90
CA THR U 100 30.08 89.39 7.32
C THR U 100 31.11 89.03 8.40
N ILE U 101 31.59 87.79 8.35
CA ILE U 101 32.46 87.24 9.38
C ILE U 101 33.89 87.23 8.87
N ILE U 102 34.80 87.82 9.64
CA ILE U 102 36.22 87.81 9.35
C ILE U 102 36.97 87.32 10.57
N SER U 103 37.97 86.47 10.37
CA SER U 103 38.71 85.84 11.45
C SER U 103 40.19 86.21 11.36
N TYR U 104 40.75 86.62 12.48
CA TYR U 104 42.18 86.86 12.62
C TYR U 104 42.71 85.88 13.66
N ARG U 105 43.49 84.90 13.21
CA ARG U 105 44.02 83.83 14.07
C ARG U 105 42.82 83.15 14.72
N ASP U 106 42.83 82.91 16.04
CA ASP U 106 41.69 82.30 16.69
C ASP U 106 40.54 83.30 16.90
N LEU U 107 40.85 84.58 17.02
CA LEU U 107 39.84 85.59 17.26
C LEU U 107 38.89 85.72 16.08
N LEU U 108 37.63 86.02 16.38
CA LEU U 108 36.58 86.13 15.37
C LEU U 108 36.00 87.54 15.41
N PHE U 109 35.75 88.09 14.22
CA PHE U 109 35.25 89.46 14.08
C PHE U 109 34.09 89.47 13.09
N VAL U 110 33.27 90.51 13.19
CA VAL U 110 32.08 90.66 12.35
C VAL U 110 32.07 92.07 11.75
N VAL U 111 31.70 92.15 10.48
CA VAL U 111 31.59 93.44 9.80
C VAL U 111 30.26 94.08 10.17
N ILE U 112 30.28 95.38 10.45
CA ILE U 112 29.12 96.09 10.95
C ILE U 112 28.40 96.85 9.83
N LYS U 113 29.13 97.40 8.88
CA LYS U 113 28.55 98.23 7.83
C LYS U 113 28.70 97.54 6.47
N ASP U 114 27.63 97.60 5.68
CA ASP U 114 27.63 97.05 4.32
C ASP U 114 28.55 97.90 3.46
N VAL U 115 29.71 97.33 3.08
CA VAL U 115 30.72 98.04 2.32
C VAL U 115 30.87 97.39 0.95
N THR U 116 30.97 98.21 -0.08
CA THR U 116 31.22 97.76 -1.45
C THR U 116 32.61 98.19 -1.87
N ILE U 117 33.41 97.23 -2.35
CA ILE U 117 34.77 97.53 -2.75
C ILE U 117 34.75 98.37 -4.02
N GLY U 118 35.48 99.49 -4.00
CA GLY U 118 35.54 100.38 -5.13
C GLY U 118 34.39 101.35 -5.25
N SER U 119 33.45 101.34 -4.31
CA SER U 119 32.32 102.25 -4.36
C SER U 119 32.72 103.63 -3.82
N GLU U 120 31.81 104.59 -3.99
CA GLU U 120 32.05 105.95 -3.51
C GLU U 120 32.02 106.06 -1.99
N GLU U 121 31.56 105.02 -1.30
CA GLU U 121 31.51 105.02 0.16
C GLU U 121 32.81 104.56 0.79
N GLY U 122 33.81 104.18 -0.02
CA GLY U 122 35.08 103.71 0.49
C GLY U 122 35.10 102.21 0.73
N ASP U 123 36.31 101.71 0.95
CA ASP U 123 36.53 100.29 1.21
C ASP U 123 36.71 99.99 2.69
N ASN U 124 36.45 100.94 3.56
CA ASN U 124 36.62 100.78 5.00
C ASN U 124 35.26 100.60 5.66
N SER U 125 35.14 99.57 6.51
CA SER U 125 33.91 99.30 7.23
C SER U 125 34.22 99.03 8.69
N PRO U 126 33.42 99.58 9.61
CA PRO U 126 33.64 99.30 11.03
C PRO U 126 33.45 97.83 11.35
N VAL U 127 34.27 97.33 12.27
CA VAL U 127 34.24 95.94 12.70
C VAL U 127 34.24 95.90 14.22
N GLN U 128 33.29 95.16 14.79
CA GLN U 128 33.19 94.98 16.23
C GLN U 128 33.60 93.56 16.60
N ALA U 129 34.35 93.44 17.70
CA ALA U 129 34.74 92.12 18.19
C ALA U 129 33.51 91.33 18.60
N LEU U 130 33.50 90.05 18.24
CA LEU U 130 32.37 89.19 18.55
C LEU U 130 32.39 88.69 19.99
N GLU U 131 33.48 88.91 20.73
CA GLU U 131 33.57 88.49 22.12
C GLU U 131 34.28 89.56 22.92
N VAL U 132 34.01 89.58 24.22
CA VAL U 132 34.62 90.54 25.14
C VAL U 132 36.01 90.04 25.51
N GLY U 133 36.95 90.96 25.62
CA GLY U 133 38.30 90.63 26.03
C GLY U 133 39.31 91.61 25.45
N LYS U 134 40.43 91.75 26.16
CA LYS U 134 41.50 92.63 25.70
C LYS U 134 42.26 92.05 24.52
N LYS U 135 42.21 90.73 24.34
CA LYS U 135 42.90 90.11 23.22
C LYS U 135 42.36 90.58 21.88
N TYR U 136 41.11 91.05 21.82
CA TYR U 136 40.52 91.52 20.58
C TYR U 136 40.98 92.93 20.21
N ASN U 137 41.68 93.62 21.09
CA ASN U 137 42.21 94.95 20.79
C ASN U 137 43.45 94.81 19.91
N LEU U 138 43.20 94.47 18.65
CA LEU U 138 44.27 94.19 17.71
C LEU U 138 44.99 95.48 17.32
N PRO U 139 46.30 95.40 17.04
CA PRO U 139 47.02 96.57 16.53
C PRO U 139 46.67 96.89 15.10
N THR U 140 47.23 97.97 14.57
CA THR U 140 46.93 98.38 13.21
C THR U 140 47.63 97.47 12.20
N ASN U 141 47.12 97.50 10.96
CA ASN U 141 47.71 96.77 9.83
C ASN U 141 47.72 95.27 10.06
N CYS U 142 46.75 94.76 10.81
CA CYS U 142 46.60 93.32 10.97
C CYS U 142 45.84 92.73 9.78
N GLU U 143 46.27 91.56 9.34
CA GLU U 143 45.65 90.89 8.20
C GLU U 143 44.53 89.98 8.69
N PHE U 144 43.32 90.21 8.19
CA PHE U 144 42.14 89.45 8.56
C PHE U 144 41.77 88.47 7.46
N LYS U 145 41.16 87.36 7.85
CA LYS U 145 40.80 86.29 6.94
C LYS U 145 39.28 86.08 6.97
N LEU U 146 38.69 85.91 5.80
CA LEU U 146 37.25 85.71 5.69
C LEU U 146 36.90 84.28 6.06
N VAL U 147 36.02 84.12 7.05
CA VAL U 147 35.50 82.78 7.38
C VAL U 147 34.70 82.23 6.21
N ASP U 148 33.84 83.06 5.63
CA ASP U 148 33.09 82.71 4.43
C ASP U 148 33.75 83.36 3.23
N ASN U 149 34.17 82.56 2.26
CA ASN U 149 34.89 83.07 1.10
C ASN U 149 33.96 83.90 0.24
N ILE U 150 34.43 85.09 -0.14
CA ILE U 150 33.68 86.01 -1.00
C ILE U 150 34.52 86.27 -2.25
N SER U 151 33.91 86.07 -3.41
CA SER U 151 34.61 86.31 -4.66
C SER U 151 34.94 87.79 -4.82
N GLY U 152 36.14 88.08 -5.31
CA GLY U 152 36.58 89.44 -5.52
C GLY U 152 37.16 90.14 -4.31
N VAL U 153 37.34 89.43 -3.20
CA VAL U 153 37.96 89.97 -2.00
C VAL U 153 39.30 89.30 -1.81
N THR U 154 40.37 90.10 -1.71
CA THR U 154 41.72 89.58 -1.63
C THR U 154 42.38 89.85 -0.27
N LYS U 155 42.44 91.11 0.14
CA LYS U 155 43.14 91.51 1.36
C LYS U 155 42.19 92.25 2.29
N ILE U 156 42.29 91.93 3.59
CA ILE U 156 41.54 92.62 4.63
C ILE U 156 42.54 93.09 5.67
N THR U 157 42.67 94.41 5.83
CA THR U 157 43.58 94.98 6.80
C THR U 157 42.91 96.18 7.47
N ASN U 158 43.35 96.47 8.69
CA ASN U 158 42.79 97.56 9.48
C ASN U 158 43.75 98.75 9.47
N THR U 159 43.23 99.93 9.13
CA THR U 159 44.07 101.11 9.07
C THR U 159 44.46 101.63 10.46
N ARG U 160 43.78 101.17 11.51
CA ARG U 160 44.07 101.61 12.86
C ARG U 160 43.87 100.46 13.83
N SER U 161 44.48 100.59 15.00
CA SER U 161 44.37 99.55 16.02
C SER U 161 42.96 99.50 16.58
N PHE U 162 42.51 98.30 16.91
CA PHE U 162 41.17 98.12 17.48
C PHE U 162 41.17 98.52 18.95
N GLU U 163 40.07 99.14 19.38
CA GLU U 163 39.92 99.60 20.75
C GLU U 163 38.52 99.26 21.25
N GLY U 164 38.35 99.33 22.56
CA GLY U 164 37.08 99.05 23.20
C GLY U 164 36.94 97.67 23.79
N GLY U 165 37.97 96.83 23.69
CA GLY U 165 37.90 95.48 24.22
C GLY U 165 38.30 95.40 25.68
N THR U 166 37.41 95.86 26.57
CA THR U 166 37.69 95.79 28.00
C THR U 166 37.71 94.34 28.46
N ASP U 167 38.58 94.07 29.43
CA ASP U 167 38.76 92.70 29.91
C ASP U 167 37.53 92.20 30.65
N ILE U 168 37.32 90.88 30.60
CA ILE U 168 36.20 90.28 31.29
C ILE U 168 36.44 90.30 32.80
N GLU U 169 35.38 90.55 33.55
CA GLU U 169 35.49 90.62 35.00
C GLU U 169 35.92 89.28 35.59
N THR U 170 36.78 89.36 36.59
CA THR U 170 37.19 88.20 37.37
C THR U 170 36.67 88.34 38.79
N ASP U 171 36.52 87.20 39.47
CA ASP U 171 35.99 87.22 40.83
C ASP U 171 36.90 87.97 41.78
N GLU U 172 38.22 87.91 41.56
CA GLU U 172 39.15 88.62 42.42
C GLU U 172 38.94 90.13 42.33
N GLU U 173 38.76 90.66 41.12
CA GLU U 173 38.55 92.10 40.96
C GLU U 173 37.26 92.54 41.62
N LEU U 174 36.19 91.77 41.45
CA LEU U 174 34.91 92.09 42.08
C LEU U 174 35.03 92.05 43.61
N LYS U 175 35.74 91.05 44.14
CA LYS U 175 35.93 90.96 45.58
C LYS U 175 36.74 92.14 46.10
N GLU U 176 37.79 92.54 45.38
CA GLU U 176 38.58 93.69 45.81
C GLU U 176 37.75 94.98 45.77
N ARG U 177 36.95 95.16 44.73
CA ARG U 177 36.08 96.33 44.67
C ARG U 177 35.08 96.34 45.82
N PHE U 178 34.48 95.19 46.11
CA PHE U 178 33.55 95.10 47.24
C PHE U 178 34.24 95.43 48.55
N TYR U 179 35.45 94.91 48.75
CA TYR U 179 36.18 95.14 49.99
C TYR U 179 36.56 96.62 50.15
N LYS U 180 37.07 97.23 49.08
CA LYS U 180 37.44 98.64 49.17
C LYS U 180 36.21 99.52 49.34
N ILE U 181 35.07 99.13 48.77
CA ILE U 181 33.82 99.82 49.07
C ILE U 181 33.45 99.65 50.53
N GLN U 182 33.72 98.47 51.09
CA GLN U 182 33.42 98.23 52.50
C GLN U 182 34.23 99.15 53.40
N ARG U 183 35.52 99.34 53.10
CA ARG U 183 36.25 100.41 53.79
C ARG U 183 35.68 101.79 53.47
N ASN U 184 35.25 102.00 52.22
CA ASN U 184 34.76 103.31 51.84
C ASN U 184 33.45 103.63 52.56
N GLN U 185 33.40 104.79 53.19
CA GLN U 185 32.18 105.33 53.80
C GLN U 185 31.68 106.41 52.85
N ALA U 186 30.90 105.99 51.85
CA ALA U 186 30.47 106.88 50.80
C ALA U 186 29.43 107.87 51.33
N THR U 187 29.15 108.88 50.50
CA THR U 187 28.17 109.91 50.82
C THR U 187 27.76 110.58 49.52
N SER U 188 26.48 110.93 49.40
CA SER U 188 26.01 111.64 48.22
C SER U 188 26.81 112.92 48.06
N GLY U 189 27.67 112.97 47.05
CA GLY U 189 28.59 114.07 46.89
C GLY U 189 29.77 114.04 47.84
N ASN U 190 30.65 113.05 47.67
CA ASN U 190 31.92 113.04 48.38
C ASN U 190 32.94 112.28 47.54
N LYS U 191 34.22 112.51 47.85
CA LYS U 191 35.30 111.94 47.05
C LYS U 191 35.17 110.43 46.90
N ALA U 192 34.70 109.76 47.96
CA ALA U 192 34.46 108.32 47.87
C ALA U 192 33.39 108.01 46.84
N HIS U 193 32.33 108.82 46.78
CA HIS U 193 31.27 108.55 45.83
C HIS U 193 31.76 108.72 44.40
N TYR U 194 32.58 109.76 44.15
CA TYR U 194 33.16 109.94 42.81
C TYR U 194 34.10 108.81 42.45
N GLU U 195 34.94 108.36 43.38
CA GLU U 195 35.85 107.27 43.05
C GLU U 195 35.10 105.96 42.85
N GLU U 196 33.98 105.79 43.56
CA GLU U 196 33.12 104.64 43.29
C GLU U 196 32.49 104.74 41.90
N TRP U 197 32.08 105.95 41.50
CA TRP U 197 31.61 106.16 40.14
C TRP U 197 32.68 105.75 39.13
N ALA U 198 33.93 106.13 39.38
CA ALA U 198 35.02 105.74 38.50
C ALA U 198 35.19 104.22 38.48
N LEU U 199 35.03 103.58 39.65
CA LEU U 199 35.13 102.12 39.70
C LEU U 199 34.03 101.44 38.89
N GLU U 200 32.89 102.13 38.70
CA GLU U 200 31.81 101.54 37.91
C GLU U 200 32.17 101.38 36.44
N VAL U 201 33.20 102.06 35.97
CA VAL U 201 33.57 102.04 34.56
C VAL U 201 34.55 100.90 34.31
N ASP U 202 34.42 100.27 33.15
CA ASP U 202 35.26 99.13 32.81
C ASP U 202 36.72 99.57 32.68
N GLY U 203 37.62 98.70 33.13
CA GLY U 203 39.05 98.93 32.99
C GLY U 203 39.64 99.94 33.94
N VAL U 204 38.88 100.39 34.94
CA VAL U 204 39.38 101.36 35.92
C VAL U 204 39.92 100.56 37.10
N TYR U 205 41.19 100.17 37.00
CA TYR U 205 41.81 99.38 38.05
C TYR U 205 42.18 100.24 39.26
N ASN U 206 42.62 101.48 39.02
CA ASN U 206 43.03 102.38 40.09
C ASN U 206 42.39 103.74 39.88
N VAL U 207 41.99 104.37 40.99
CA VAL U 207 41.31 105.65 40.96
C VAL U 207 42.07 106.64 41.82
N LYS U 208 42.31 107.84 41.29
CA LYS U 208 42.90 108.93 42.05
C LYS U 208 42.05 110.18 41.85
N VAL U 209 41.63 110.80 42.95
CA VAL U 209 40.79 111.98 42.94
C VAL U 209 41.50 113.09 43.68
N TYR U 210 41.58 114.26 43.05
CA TYR U 210 42.25 115.42 43.65
C TYR U 210 41.27 116.57 43.76
N PRO U 211 40.75 116.85 44.95
CA PRO U 211 39.77 117.94 45.08
C PRO U 211 40.43 119.31 45.11
N ARG U 212 39.70 120.28 44.55
CA ARG U 212 40.14 121.69 44.50
C ARG U 212 41.49 121.82 43.82
N TRP U 213 41.71 121.03 42.76
CA TRP U 213 42.95 121.15 42.00
C TRP U 213 43.06 122.51 41.34
N ASP U 214 41.97 123.02 40.78
CA ASP U 214 41.90 124.39 40.31
C ASP U 214 41.15 125.30 41.26
N GLY U 215 40.70 124.78 42.40
CA GLY U 215 40.06 125.58 43.41
C GLY U 215 38.55 125.42 43.45
N PRO U 216 37.83 126.48 43.10
CA PRO U 216 36.36 126.50 43.28
C PRO U 216 35.67 125.53 42.32
N GLY U 217 35.02 124.52 42.88
CA GLY U 217 34.21 123.61 42.09
C GLY U 217 34.96 122.85 41.02
N THR U 218 36.17 122.37 41.35
CA THR U 218 37.02 121.68 40.39
C THR U 218 37.48 120.35 40.98
N VAL U 219 37.34 119.28 40.21
CA VAL U 219 37.76 117.95 40.60
C VAL U 219 38.76 117.43 39.56
N LYS U 220 39.90 116.92 40.03
CA LYS U 220 40.89 116.27 39.18
C LYS U 220 40.75 114.77 39.36
N VAL U 221 40.41 114.07 38.28
CA VAL U 221 40.20 112.63 38.30
C VAL U 221 41.34 111.97 37.53
N LEU U 222 42.05 111.08 38.20
CA LEU U 222 43.14 110.33 37.59
C LEU U 222 42.85 108.84 37.71
N ILE U 223 42.99 108.12 36.60
CA ILE U 223 42.68 106.70 36.55
C ILE U 223 43.88 105.96 35.95
N PHE U 224 43.94 104.66 36.23
CA PHE U 224 45.04 103.82 35.77
C PHE U 224 44.49 102.51 35.22
N GLY U 225 45.25 101.90 34.33
CA GLY U 225 44.92 100.59 33.81
C GLY U 225 45.42 99.49 34.72
N LYS U 226 45.50 98.29 34.16
CA LYS U 226 45.99 97.15 34.91
C LYS U 226 47.46 97.34 35.26
N ASN U 227 47.81 97.02 36.51
CA ASN U 227 49.17 97.17 37.02
C ASN U 227 49.68 98.60 36.84
N ASN U 228 48.80 99.57 37.08
CA ASN U 228 49.11 101.00 36.96
C ASN U 228 49.58 101.34 35.54
N GLN U 229 48.73 101.02 34.57
CA GLN U 229 48.98 101.30 33.16
C GLN U 229 48.06 102.42 32.68
N ALA U 230 48.25 102.80 31.42
CA ALA U 230 47.42 103.82 30.80
C ALA U 230 46.10 103.21 30.33
N VAL U 231 45.13 104.09 30.08
CA VAL U 231 43.81 103.70 29.61
C VAL U 231 43.52 104.42 28.30
N ASP U 232 42.84 103.74 27.40
CA ASP U 232 42.53 104.32 26.08
C ASP U 232 41.58 105.50 26.23
N THR U 233 41.64 106.40 25.24
CA THR U 233 40.82 107.60 25.28
C THR U 233 39.33 107.29 25.25
N GLU U 234 38.95 106.18 24.60
CA GLU U 234 37.54 105.77 24.60
C GLU U 234 37.07 105.44 26.01
N THR U 235 37.89 104.73 26.79
CA THR U 235 37.54 104.43 28.16
C THR U 235 37.40 105.69 28.99
N ILE U 236 38.30 106.66 28.80
CA ILE U 236 38.22 107.92 29.52
C ILE U 236 36.93 108.66 29.15
N GLU U 237 36.59 108.68 27.86
CA GLU U 237 35.37 109.34 27.44
C GLU U 237 34.13 108.68 28.03
N ARG U 238 34.09 107.35 28.03
CA ARG U 238 32.96 106.65 28.62
C ARG U 238 32.86 106.93 30.12
N CYS U 239 33.99 106.92 30.82
CA CYS U 239 33.98 107.19 32.25
C CYS U 239 33.49 108.60 32.54
N GLN U 240 33.99 109.59 31.79
CA GLN U 240 33.60 110.97 32.06
C GLN U 240 32.14 111.22 31.70
N GLN U 241 31.64 110.59 30.63
CA GLN U 241 30.24 110.79 30.28
C GLN U 241 29.32 110.10 31.29
N HIS U 242 29.71 108.93 31.78
CA HIS U 242 28.93 108.29 32.84
C HIS U 242 28.91 109.14 34.09
N ILE U 243 30.07 109.68 34.48
CA ILE U 243 30.13 110.55 35.64
C ILE U 243 29.21 111.75 35.45
N ASP U 244 29.34 112.43 34.31
CA ASP U 244 28.50 113.58 34.02
C ASP U 244 27.01 113.21 34.04
N GLU U 245 26.68 111.98 33.65
CA GLU U 245 25.31 111.51 33.81
C GLU U 245 24.91 111.46 35.27
N GLU U 246 25.82 111.01 36.14
CA GLU U 246 25.50 110.90 37.56
C GLU U 246 26.08 112.01 38.44
N LYS U 247 27.08 112.76 37.96
CA LYS U 247 27.76 113.74 38.79
C LYS U 247 26.86 114.93 39.09
N PRO U 248 27.17 115.67 40.16
CA PRO U 248 26.49 116.96 40.38
C PRO U 248 26.72 117.92 39.22
N ILE U 249 25.70 118.71 38.92
CA ILE U 249 25.78 119.66 37.81
C ILE U 249 26.47 120.93 38.28
N GLY U 250 27.53 121.31 37.57
CA GLY U 250 28.27 122.51 37.90
C GLY U 250 29.76 122.31 38.13
N PRO U 251 30.15 121.26 38.85
CA PRO U 251 31.58 120.96 38.99
C PRO U 251 32.24 120.65 37.66
N THR U 252 33.51 121.03 37.56
CA THR U 252 34.35 120.72 36.41
C THR U 252 35.20 119.50 36.71
N ILE U 253 35.10 118.48 35.86
CA ILE U 253 35.78 117.21 36.05
C ILE U 253 36.78 117.01 34.92
N THR U 254 38.02 116.71 35.27
CA THR U 254 39.07 116.41 34.30
C THR U 254 39.56 114.99 34.53
N VAL U 255 39.54 114.18 33.48
CA VAL U 255 39.97 112.79 33.54
C VAL U 255 41.17 112.63 32.60
N VAL U 256 42.27 112.10 33.14
CA VAL U 256 43.51 111.95 32.40
C VAL U 256 44.02 110.53 32.58
N THR U 257 45.03 110.18 31.80
CA THR U 257 45.67 108.88 31.81
C THR U 257 47.18 109.05 31.96
N PRO U 258 47.86 108.09 32.58
CA PRO U 258 49.31 108.18 32.68
C PRO U 258 49.98 108.13 31.32
N LEU U 259 51.12 108.83 31.22
CA LEU U 259 51.89 108.87 29.99
C LEU U 259 53.26 108.25 30.21
N PRO U 260 53.77 107.49 29.25
CA PRO U 260 55.05 106.81 29.44
C PRO U 260 56.22 107.78 29.37
N ILE U 261 57.34 107.33 29.92
CA ILE U 261 58.60 108.05 29.85
C ILE U 261 59.57 107.22 29.01
N GLU U 262 60.06 107.80 27.92
CA GLU U 262 60.95 107.08 27.02
C GLU U 262 62.37 107.07 27.57
N ILE U 263 63.06 105.95 27.38
CA ILE U 263 64.43 105.79 27.84
C ILE U 263 65.26 105.21 26.69
N SER U 264 66.56 105.51 26.74
CA SER U 264 67.51 104.97 25.77
C SER U 264 68.70 104.41 26.52
N ILE U 265 69.15 103.23 26.12
CA ILE U 265 70.22 102.51 26.80
C ILE U 265 71.39 102.35 25.84
N SER U 266 72.57 102.78 26.27
CA SER U 266 73.79 102.68 25.48
C SER U 266 74.90 102.12 26.36
N ALA U 267 75.54 101.05 25.89
CA ALA U 267 76.63 100.43 26.63
C ALA U 267 77.45 99.58 25.69
N VAL U 268 78.67 99.27 26.12
CA VAL U 268 79.58 98.37 25.41
C VAL U 268 79.75 97.12 26.26
N MET U 269 79.26 95.99 25.76
CA MET U 269 79.21 94.76 26.54
C MET U 269 79.88 93.63 25.77
N LYS U 270 80.82 92.95 26.41
CA LYS U 270 81.53 91.82 25.81
C LYS U 270 80.66 90.57 25.95
N LEU U 271 80.18 90.07 24.82
CA LEU U 271 79.28 88.93 24.82
C LEU U 271 80.01 87.64 25.14
N GLU U 272 79.29 86.69 25.71
CA GLU U 272 79.85 85.37 25.99
C GLU U 272 79.84 84.52 24.72
N ASP U 273 80.54 83.39 24.79
CA ASP U 273 80.62 82.49 23.65
C ASP U 273 79.25 81.85 23.37
N GLY U 274 78.91 81.75 22.09
CA GLY U 274 77.66 81.15 21.68
C GLY U 274 76.43 82.01 21.86
N TYR U 275 76.59 83.29 22.18
CA TYR U 275 75.48 84.19 22.39
C TYR U 275 75.60 85.37 21.44
N THR U 276 74.52 85.68 20.73
CA THR U 276 74.47 86.78 19.79
C THR U 276 73.80 87.99 20.42
N LEU U 277 73.89 89.13 19.71
CA LEU U 277 73.37 90.38 20.25
C LEU U 277 71.86 90.33 20.42
N ASP U 278 71.15 89.71 19.47
CA ASP U 278 69.69 89.71 19.52
C ASP U 278 69.17 88.96 20.75
N ASN U 279 69.77 87.81 21.06
CA ASN U 279 69.29 87.00 22.18
C ASN U 279 69.46 87.74 23.50
N VAL U 280 70.65 88.27 23.75
CA VAL U 280 70.88 89.00 25.00
C VAL U 280 70.05 90.27 25.04
N LYS U 281 69.85 90.93 23.89
CA LYS U 281 69.01 92.12 23.87
C LYS U 281 67.57 91.79 24.24
N GLU U 282 67.03 90.69 23.70
CA GLU U 282 65.66 90.29 24.05
C GLU U 282 65.56 89.90 25.51
N SER U 283 66.54 89.16 26.03
CA SER U 283 66.51 88.77 27.43
C SER U 283 66.57 89.98 28.34
N PHE U 284 67.43 90.95 28.02
CA PHE U 284 67.49 92.17 28.82
C PHE U 284 66.23 93.00 28.67
N LEU U 285 65.59 92.97 27.49
CA LEU U 285 64.32 93.66 27.32
C LEU U 285 63.26 93.07 28.25
N GLU U 286 63.18 91.74 28.30
CA GLU U 286 62.24 91.10 29.21
C GLU U 286 62.55 91.42 30.66
N SER U 287 63.84 91.39 31.02
CA SER U 287 64.23 91.69 32.40
C SER U 287 63.89 93.12 32.78
N ILE U 288 64.16 94.08 31.90
CA ILE U 288 63.86 95.47 32.21
C ILE U 288 62.35 95.70 32.21
N ASN U 289 61.60 94.96 31.39
CA ASN U 289 60.14 95.08 31.41
C ASN U 289 59.58 94.61 32.74
N THR U 290 60.03 93.45 33.22
CA THR U 290 59.53 92.97 34.50
C THR U 290 60.03 93.84 35.65
N TYR U 291 61.23 94.42 35.52
CA TYR U 291 61.70 95.36 36.52
C TYR U 291 60.84 96.61 36.57
N PHE U 292 60.46 97.14 35.40
CA PHE U 292 59.56 98.29 35.35
C PHE U 292 58.21 97.94 35.94
N ARG U 293 57.72 96.74 35.68
CA ARG U 293 56.48 96.29 36.30
C ARG U 293 56.61 96.22 37.82
N ASP U 294 57.79 95.86 38.30
CA ASP U 294 58.04 95.73 39.73
C ASP U 294 58.70 96.96 40.35
N ILE U 295 58.87 98.04 39.59
CA ILE U 295 59.58 99.22 40.08
C ILE U 295 58.60 100.16 40.76
N ARG U 296 59.15 101.01 41.63
CA ARG U 296 58.38 102.08 42.27
C ARG U 296 59.34 103.20 42.63
N GLY U 297 58.92 104.44 42.39
CA GLY U 297 59.76 105.58 42.69
C GLY U 297 60.51 106.11 41.49
N GLU U 298 61.79 105.74 41.38
CA GLU U 298 62.64 106.19 40.29
C GLU U 298 63.39 105.00 39.71
N ILE U 299 63.77 105.11 38.44
CA ILE U 299 64.62 104.10 37.82
C ILE U 299 66.02 104.26 38.39
N ILE U 300 66.57 103.16 38.89
CA ILE U 300 67.89 103.17 39.53
C ILE U 300 68.91 102.64 38.54
N TYR U 301 69.90 103.47 38.21
CA TYR U 301 70.91 103.10 37.23
C TYR U 301 71.68 101.85 37.66
N THR U 302 71.82 101.65 38.97
CA THR U 302 72.53 100.48 39.46
C THR U 302 71.71 99.22 39.31
N LYS U 303 70.40 99.30 39.55
CA LYS U 303 69.53 98.16 39.30
C LYS U 303 69.53 97.81 37.82
N VAL U 304 69.58 98.82 36.95
CA VAL U 304 69.66 98.57 35.51
C VAL U 304 70.95 97.83 35.17
N MET U 305 72.08 98.30 35.73
CA MET U 305 73.34 97.60 35.46
C MET U 305 73.29 96.17 35.96
N GLY U 306 72.76 95.96 37.15
CA GLY U 306 72.72 94.61 37.71
C GLY U 306 71.82 93.67 36.93
N ILE U 307 70.67 94.18 36.48
CA ILE U 307 69.78 93.34 35.68
C ILE U 307 70.34 93.13 34.27
N LEU U 308 71.27 93.98 33.82
CA LEU U 308 71.93 93.70 32.55
C LEU U 308 73.03 92.66 32.69
N ILE U 309 73.87 92.77 33.72
CA ILE U 309 74.97 91.82 33.86
C ILE U 309 74.45 90.42 34.18
N ASN U 310 73.39 90.33 34.98
CA ASN U 310 72.81 89.03 35.31
C ASN U 310 72.17 88.35 34.10
N THR U 311 71.97 89.08 33.01
CA THR U 311 71.42 88.48 31.80
C THR U 311 72.36 87.40 31.28
N THR U 312 71.77 86.28 30.83
CA THR U 312 72.57 85.18 30.32
C THR U 312 73.29 85.60 29.05
N GLY U 313 74.54 85.16 28.92
CA GLY U 313 75.37 85.53 27.80
C GLY U 313 76.13 86.82 27.95
N VAL U 314 76.06 87.47 29.12
CA VAL U 314 76.75 88.73 29.37
C VAL U 314 78.01 88.44 30.18
N HIS U 315 79.16 88.77 29.62
CA HIS U 315 80.44 88.56 30.29
C HIS U 315 81.00 89.82 30.91
N ASP U 316 81.19 90.87 30.11
CA ASP U 316 81.79 92.11 30.59
C ASP U 316 81.16 93.27 29.85
N LEU U 317 80.69 94.26 30.60
CA LEU U 317 80.06 95.45 30.02
C LEU U 317 80.78 96.70 30.51
N SER U 318 80.50 97.82 29.85
CA SER U 318 81.14 99.08 30.19
C SER U 318 80.29 100.23 29.68
N ASN U 319 80.58 101.42 30.22
CA ASN U 319 79.94 102.68 29.84
C ASN U 319 78.44 102.53 29.64
N LEU U 320 77.77 101.98 30.66
CA LEU U 320 76.33 101.86 30.64
C LEU U 320 75.70 103.24 30.87
N LEU U 321 74.76 103.60 30.02
CA LEU U 321 74.09 104.90 30.11
C LEU U 321 72.60 104.72 29.89
N ILE U 322 71.81 105.32 30.76
CA ILE U 322 70.36 105.43 30.57
C ILE U 322 70.05 106.86 30.14
N ASN U 323 69.52 106.99 28.93
CA ASN U 323 69.33 108.30 28.29
C ASN U 323 70.64 109.07 28.24
N GLY U 324 71.74 108.36 28.01
CA GLY U 324 73.05 108.97 27.93
C GLY U 324 73.64 109.41 29.24
N SER U 325 73.07 109.00 30.36
CA SER U 325 73.54 109.43 31.68
C SER U 325 73.57 108.24 32.63
N THR U 326 74.37 108.39 33.68
CA THR U 326 74.49 107.37 34.74
C THR U 326 73.72 107.76 35.99
N ASP U 327 72.84 108.74 35.92
CA ASP U 327 72.09 109.23 37.07
C ASP U 327 70.68 108.67 37.07
N ASN U 328 70.17 108.39 38.27
CA ASN U 328 68.79 107.93 38.41
C ASN U 328 67.82 109.02 37.99
N ILE U 329 66.75 108.61 37.30
CA ILE U 329 65.76 109.52 36.76
C ILE U 329 64.46 109.32 37.52
N THR U 330 63.88 110.42 38.01
CA THR U 330 62.66 110.34 38.79
C THR U 330 61.47 110.00 37.91
N ILE U 331 60.67 109.03 38.35
CA ILE U 331 59.43 108.66 37.68
C ILE U 331 58.31 109.35 38.44
N ASN U 332 57.76 110.42 37.87
CA ASN U 332 56.76 111.22 38.55
C ASN U 332 55.40 110.51 38.50
N GLU U 333 54.38 111.19 39.03
CA GLU U 333 53.03 110.65 39.03
C GLU U 333 52.50 110.54 37.60
N ASP U 334 51.53 109.63 37.42
CA ASP U 334 50.95 109.28 36.13
C ASP U 334 52.02 109.17 35.04
N LYS U 335 53.14 108.54 35.38
CA LYS U 335 54.24 108.36 34.45
C LYS U 335 54.86 106.99 34.65
N ILE U 336 55.21 106.33 33.56
CA ILE U 336 55.84 105.00 33.62
C ILE U 336 57.08 105.00 32.72
N PRO U 337 58.10 104.22 33.04
CA PRO U 337 59.26 104.13 32.15
C PRO U 337 58.98 103.24 30.95
N SER U 338 59.39 103.71 29.78
CA SER U 338 59.18 102.99 28.53
C SER U 338 60.51 102.85 27.81
N VAL U 339 60.82 101.63 27.36
CA VAL U 339 62.06 101.38 26.63
C VAL U 339 61.85 101.73 25.17
N THR U 340 62.70 102.60 24.64
CA THR U 340 62.60 103.04 23.25
C THR U 340 63.82 102.72 22.42
N THR U 341 65.02 102.93 22.95
CA THR U 341 66.26 102.69 22.22
C THR U 341 67.16 101.76 23.03
N VAL U 342 67.66 100.72 22.38
CA VAL U 342 68.60 99.78 22.99
C VAL U 342 69.86 99.77 22.12
N ASN U 343 70.98 100.17 22.72
CA ASN U 343 72.26 100.23 22.01
C ASN U 343 73.27 99.39 22.79
N PHE U 344 73.65 98.25 22.23
CA PHE U 344 74.63 97.36 22.84
C PHE U 344 75.70 97.01 21.81
N SER U 345 76.95 96.99 22.25
CA SER U 345 78.07 96.71 21.37
C SER U 345 79.13 95.93 22.12
N GLU U 346 80.01 95.29 21.37
CA GLU U 346 81.10 94.50 21.95
C GLU U 346 82.46 95.12 21.64
N MET V 1 78.68 16.00 21.21
CA MET V 1 79.48 16.34 22.38
C MET V 1 78.75 15.91 23.67
N TYR V 2 79.02 16.61 24.77
CA TYR V 2 78.48 16.20 26.07
C TYR V 2 76.96 16.19 26.06
N SER V 3 76.34 17.18 25.39
CA SER V 3 74.89 17.18 25.28
C SER V 3 74.39 15.96 24.52
N ASP V 4 75.11 15.58 23.45
CA ASP V 4 74.75 14.35 22.73
C ASP V 4 74.91 13.13 23.62
N GLN V 5 75.96 13.11 24.45
CA GLN V 5 76.19 11.98 25.35
C GLN V 5 75.08 11.90 26.40
N THR V 6 74.24 10.88 26.29
CA THR V 6 73.16 10.65 27.25
C THR V 6 73.05 9.15 27.49
N TYR V 7 72.17 8.78 28.42
CA TYR V 7 72.04 7.38 28.79
C TYR V 7 71.58 6.53 27.61
N GLU V 8 70.60 7.01 26.84
CA GLU V 8 70.07 6.22 25.74
C GLU V 8 71.07 6.11 24.59
N VAL V 9 71.75 7.21 24.28
CA VAL V 9 72.69 7.21 23.16
C VAL V 9 73.84 6.25 23.44
N ILE V 10 74.45 6.37 24.61
CA ILE V 10 75.54 5.46 24.95
C ILE V 10 75.02 4.05 25.19
N LYS V 11 73.76 3.88 25.58
CA LYS V 11 73.18 2.55 25.67
C LYS V 11 73.14 1.87 24.31
N ASN V 12 72.65 2.59 23.30
CA ASN V 12 72.64 2.04 21.95
C ASN V 12 74.07 1.81 21.45
N ARG V 13 74.98 2.73 21.76
CA ARG V 13 76.36 2.59 21.33
C ARG V 13 76.99 1.32 21.93
N THR V 14 76.80 1.08 23.22
CA THR V 14 77.37 -0.10 23.86
C THR V 14 76.68 -1.37 23.38
N LEU V 15 75.38 -1.31 23.11
CA LEU V 15 74.69 -2.46 22.53
C LEU V 15 75.27 -2.81 21.16
N GLU V 16 75.58 -1.81 20.35
CA GLU V 16 76.26 -2.05 19.08
C GLU V 16 77.66 -2.59 19.30
N ASN V 17 78.36 -2.11 20.33
CA ASN V 17 79.71 -2.56 20.60
C ASN V 17 79.76 -4.04 20.95
N ILE V 18 78.71 -4.56 21.58
CA ILE V 18 78.67 -5.95 22.02
C ILE V 18 77.90 -6.76 20.99
N ASN V 19 78.58 -7.68 20.32
CA ASN V 19 77.96 -8.64 19.42
C ASN V 19 78.11 -10.02 20.04
N LEU V 20 76.99 -10.72 20.23
CA LEU V 20 77.01 -11.95 21.01
C LEU V 20 75.84 -12.83 20.56
N ASP V 21 75.92 -14.11 20.94
CA ASP V 21 74.98 -15.10 20.44
C ASP V 21 73.56 -14.81 20.89
N ILE V 22 73.37 -14.45 22.15
CA ILE V 22 72.02 -14.25 22.67
C ILE V 22 71.44 -12.96 22.11
N TYR V 23 70.14 -12.98 21.86
CA TYR V 23 69.46 -11.83 21.25
C TYR V 23 69.33 -10.69 22.25
N LYS V 24 69.41 -9.46 21.75
CA LYS V 24 69.32 -8.26 22.56
C LYS V 24 67.90 -7.71 22.51
N GLY V 25 67.32 -7.48 23.70
CA GLY V 25 65.96 -6.98 23.78
C GLY V 25 65.73 -6.22 25.07
N GLU V 26 64.60 -5.52 25.12
CA GLU V 26 64.23 -4.77 26.31
C GLU V 26 63.93 -5.72 27.46
N GLY V 27 64.40 -5.35 28.65
CA GLY V 27 64.22 -6.18 29.83
C GLY V 27 65.21 -7.30 29.98
N SER V 28 66.17 -7.43 29.06
CA SER V 28 67.17 -8.48 29.17
C SER V 28 68.09 -8.23 30.35
N PHE V 29 68.66 -9.32 30.88
CA PHE V 29 69.59 -9.21 32.00
C PHE V 29 70.78 -8.34 31.64
N LEU V 30 71.47 -8.69 30.55
CA LEU V 30 72.61 -7.88 30.10
C LEU V 30 72.19 -6.47 29.76
N ASN V 31 70.96 -6.29 29.27
CA ASN V 31 70.43 -4.96 29.00
C ASN V 31 70.48 -4.10 30.26
N ASN V 32 69.98 -4.62 31.37
CA ASN V 32 69.99 -3.87 32.62
C ASN V 32 71.40 -3.67 33.15
N MET V 33 72.24 -4.71 33.04
CA MET V 33 73.63 -4.58 33.50
C MET V 33 74.35 -3.46 32.77
N VAL V 34 74.15 -3.35 31.46
CA VAL V 34 74.76 -2.28 30.69
C VAL V 34 74.11 -0.94 31.02
N SER V 35 72.78 -0.94 31.20
CA SER V 35 72.05 0.30 31.40
C SER V 35 72.45 1.00 32.70
N GLY V 36 72.67 0.24 33.77
CA GLY V 36 73.09 0.86 35.02
C GLY V 36 74.43 1.56 34.89
N ASN V 37 75.41 0.87 34.30
CA ASN V 37 76.72 1.48 34.09
C ASN V 37 76.63 2.67 33.15
N ASN V 38 75.72 2.62 32.18
CA ASN V 38 75.59 3.76 31.26
C ASN V 38 74.93 4.96 31.94
N LEU V 39 74.02 4.73 32.88
CA LEU V 39 73.53 5.82 33.70
C LEU V 39 74.65 6.43 34.53
N GLU V 40 75.51 5.58 35.10
CA GLU V 40 76.70 6.08 35.80
C GLU V 40 77.57 6.92 34.87
N LEU V 41 77.76 6.45 33.64
CA LEU V 41 78.58 7.18 32.68
C LEU V 41 77.93 8.50 32.26
N SER V 42 76.59 8.55 32.24
CA SER V 42 75.90 9.81 31.98
C SER V 42 76.16 10.81 33.11
N LYS V 43 76.12 10.32 34.36
CA LYS V 43 76.48 11.19 35.48
C LYS V 43 77.93 11.67 35.35
N ILE V 44 78.83 10.78 34.94
CA ILE V 44 80.22 11.16 34.73
C ILE V 44 80.34 12.20 33.63
N TYR V 45 79.54 12.06 32.58
CA TYR V 45 79.55 13.03 31.49
C TYR V 45 79.08 14.40 31.96
N LEU V 46 78.05 14.43 32.81
CA LEU V 46 77.61 15.70 33.39
C LEU V 46 78.70 16.32 34.25
N GLU V 47 79.40 15.50 35.04
CA GLU V 47 80.51 16.01 35.83
C GLU V 47 81.62 16.58 34.95
N LEU V 48 81.93 15.89 33.86
CA LEU V 48 82.95 16.36 32.93
C LEU V 48 82.51 17.64 32.24
N SER V 49 81.22 17.79 31.98
CA SER V 49 80.70 19.04 31.44
C SER V 49 80.90 20.18 32.43
N LYS V 50 80.60 19.93 33.71
CA LYS V 50 80.82 20.95 34.74
C LYS V 50 82.30 21.25 34.94
N MET V 51 83.18 20.30 34.60
CA MET V 51 84.62 20.56 34.64
C MET V 51 84.98 21.78 33.81
N HIS V 52 84.40 21.90 32.62
CA HIS V 52 84.68 23.05 31.76
C HIS V 52 84.31 24.35 32.45
N LYS V 53 83.10 24.45 32.98
CA LYS V 53 82.65 25.70 33.58
C LYS V 53 83.45 26.05 34.81
N MET V 54 83.76 25.06 35.65
CA MET V 54 84.52 25.36 36.86
C MET V 54 85.99 25.63 36.57
N ALA V 55 86.51 25.12 35.44
CA ALA V 55 87.90 25.40 35.09
C ALA V 55 88.09 26.81 34.56
N PHE V 56 87.05 27.40 33.97
CA PHE V 56 87.17 28.71 33.36
C PHE V 56 87.40 29.80 34.42
N ILE V 57 88.12 30.84 34.02
CA ILE V 57 88.36 31.97 34.92
C ILE V 57 87.05 32.71 35.18
N GLN V 58 86.17 32.80 34.19
CA GLN V 58 84.89 33.47 34.39
C GLN V 58 83.97 32.60 35.25
N ASP V 59 82.85 33.21 35.66
CA ASP V 59 81.78 32.59 36.45
C ASP V 59 82.32 31.62 37.50
N THR V 60 83.35 32.06 38.22
CA THR V 60 83.94 31.28 39.29
C THR V 60 83.19 31.50 40.60
N TYR V 61 83.45 30.63 41.56
CA TYR V 61 82.86 30.70 42.89
C TYR V 61 83.82 31.43 43.83
N ASN V 62 83.48 31.42 45.12
CA ASN V 62 84.32 32.10 46.10
C ASN V 62 85.69 31.45 46.20
N GLN V 63 85.73 30.12 46.31
CA GLN V 63 87.01 29.43 46.47
C GLN V 63 87.82 29.49 45.19
N PHE V 64 87.17 29.37 44.03
CA PHE V 64 87.89 29.44 42.76
C PHE V 64 88.56 30.80 42.58
N LEU V 65 87.79 31.87 42.78
CA LEU V 65 88.35 33.21 42.67
C LEU V 65 89.43 33.44 43.73
N ASP V 66 89.23 32.89 44.94
CA ASP V 66 90.22 33.04 45.99
C ASP V 66 91.54 32.40 45.58
N LYS V 67 91.50 31.19 45.01
CA LYS V 67 92.71 30.55 44.54
C LYS V 67 93.35 31.34 43.41
N ARG V 68 92.55 31.80 42.46
CA ARG V 68 93.11 32.55 41.33
C ARG V 68 93.80 33.83 41.81
N VAL V 69 93.17 34.57 42.71
CA VAL V 69 93.77 35.83 43.17
C VAL V 69 94.93 35.57 44.12
N ASN V 70 94.93 34.45 44.84
CA ASN V 70 96.11 34.10 45.63
C ASN V 70 97.29 33.80 44.71
N GLU V 71 97.04 33.14 43.58
CA GLU V 71 98.08 33.01 42.57
C GLU V 71 98.48 34.38 42.02
N PHE V 72 97.52 35.27 41.83
CA PHE V 72 97.80 36.57 41.23
C PHE V 72 98.20 37.63 42.26
N GLY V 73 97.79 37.49 43.51
CA GLY V 73 98.16 38.44 44.55
C GLY V 73 97.20 39.57 44.77
N VAL V 74 96.12 39.68 43.98
CA VAL V 74 95.14 40.75 44.14
C VAL V 74 94.07 40.23 45.09
N TYR V 75 94.33 40.38 46.39
CA TYR V 75 93.45 39.81 47.40
C TYR V 75 92.11 40.55 47.46
N ARG V 76 91.05 39.80 47.71
CA ARG V 76 89.71 40.35 47.78
C ARG V 76 89.53 41.17 49.07
N LYS V 77 88.73 42.23 48.98
CA LYS V 77 88.44 43.10 50.10
C LYS V 77 87.25 42.57 50.88
N LEU V 78 87.40 42.47 52.20
CA LEU V 78 86.34 41.94 53.05
C LEU V 78 85.40 43.02 53.58
N GLY V 79 85.66 44.28 53.26
CA GLY V 79 84.83 45.38 53.74
C GLY V 79 85.30 45.91 55.08
N THR V 80 84.77 47.07 55.44
CA THR V 80 85.13 47.76 56.67
C THR V 80 83.88 48.06 57.49
N GLU V 81 84.01 47.95 58.81
CA GLU V 81 82.90 48.26 59.70
C GLU V 81 82.64 49.76 59.73
N SER V 82 81.36 50.11 59.87
CA SER V 82 80.97 51.50 59.95
C SER V 82 81.44 52.12 61.27
N ASN V 83 81.81 53.40 61.21
CA ASN V 83 82.27 54.14 62.37
C ASN V 83 81.51 55.45 62.48
N GLY V 84 81.15 55.82 63.70
CA GLY V 84 80.43 57.05 63.95
C GLY V 84 80.51 57.43 65.40
N GLU V 85 79.96 58.61 65.71
CA GLU V 85 79.95 59.15 67.06
C GLU V 85 78.51 59.38 67.49
N VAL V 86 78.18 58.96 68.71
CA VAL V 86 76.84 59.13 69.27
C VAL V 86 76.93 59.93 70.56
N GLU V 87 75.80 60.52 70.94
CA GLU V 87 75.69 61.30 72.16
C GLU V 87 74.84 60.56 73.17
N PHE V 88 75.33 60.45 74.39
CA PHE V 88 74.64 59.75 75.47
C PHE V 88 73.96 60.79 76.37
N ILE V 89 72.65 60.64 76.54
CA ILE V 89 71.85 61.57 77.34
C ILE V 89 71.20 60.78 78.48
N GLY V 90 71.36 61.27 79.71
CA GLY V 90 70.80 60.58 80.85
C GLY V 90 71.25 61.22 82.14
N GLU V 91 71.21 60.44 83.21
CA GLU V 91 71.61 60.93 84.52
C GLU V 91 73.08 61.31 84.53
N LYS V 92 73.38 62.46 85.12
CA LYS V 92 74.77 62.92 85.20
C LYS V 92 75.58 62.00 86.11
N GLY V 93 76.84 61.77 85.73
CA GLY V 93 77.71 60.89 86.46
C GLY V 93 77.66 59.44 86.05
N THR V 94 76.75 59.07 85.16
CA THR V 94 76.67 57.69 84.68
C THR V 94 77.90 57.36 83.85
N VAL V 95 78.51 56.21 84.14
CA VAL V 95 79.73 55.77 83.48
C VAL V 95 79.39 54.56 82.61
N ILE V 96 79.67 54.67 81.32
CA ILE V 96 79.48 53.58 80.37
C ILE V 96 80.85 53.06 79.97
N ASN V 97 81.13 51.80 80.34
CA ASN V 97 82.44 51.22 80.12
C ASN V 97 82.63 50.83 78.66
N ASN V 98 83.87 50.51 78.30
CA ASN V 98 84.18 50.05 76.95
C ASN V 98 83.59 48.67 76.71
N GLY V 99 83.30 48.39 75.44
CA GLY V 99 82.72 47.13 75.05
C GLY V 99 81.21 47.06 75.11
N THR V 100 80.55 48.11 75.62
CA THR V 100 79.10 48.12 75.65
C THR V 100 78.55 48.18 74.23
N ILE V 101 77.48 47.42 73.99
CA ILE V 101 76.88 47.29 72.67
C ILE V 101 75.56 48.04 72.65
N ILE V 102 75.35 48.81 71.59
CA ILE V 102 74.12 49.58 71.39
C ILE V 102 73.47 49.11 70.10
N SER V 103 72.14 48.94 70.13
CA SER V 103 71.39 48.43 68.99
C SER V 103 70.38 49.47 68.53
N TYR V 104 70.44 49.80 67.24
CA TYR V 104 69.43 50.63 66.59
C TYR V 104 68.66 49.74 65.62
N ARG V 105 67.35 49.64 65.82
CA ARG V 105 66.49 48.73 65.05
C ARG V 105 67.06 47.33 65.25
N ASP V 106 67.33 46.57 64.19
CA ASP V 106 67.97 45.26 64.31
C ASP V 106 69.48 45.33 64.18
N LEU V 107 70.04 46.50 63.89
CA LEU V 107 71.49 46.64 63.75
C LEU V 107 72.16 46.59 65.12
N LEU V 108 73.44 46.21 65.11
CA LEU V 108 74.25 46.12 66.32
C LEU V 108 75.48 47.00 66.21
N PHE V 109 75.78 47.73 67.28
CA PHE V 109 76.92 48.63 67.32
C PHE V 109 77.59 48.53 68.67
N VAL V 110 78.87 48.89 68.72
CA VAL V 110 79.66 48.80 69.94
C VAL V 110 80.36 50.14 70.19
N VAL V 111 80.49 50.48 71.48
CA VAL V 111 81.13 51.72 71.91
C VAL V 111 82.59 51.43 72.22
N ILE V 112 83.49 52.25 71.67
CA ILE V 112 84.92 51.99 71.83
C ILE V 112 85.41 52.47 73.19
N LYS V 113 85.29 53.76 73.46
CA LYS V 113 85.87 54.38 74.64
C LYS V 113 84.80 54.64 75.70
N ASP V 114 85.25 54.72 76.95
CA ASP V 114 84.34 55.01 78.05
C ASP V 114 83.81 56.44 77.94
N VAL V 115 82.52 56.60 78.23
CA VAL V 115 81.87 57.90 78.19
C VAL V 115 81.11 58.10 79.49
N THR V 116 81.19 59.30 80.05
CA THR V 116 80.50 59.66 81.28
C THR V 116 79.52 60.78 80.99
N ILE V 117 78.28 60.60 81.43
CA ILE V 117 77.25 61.61 81.20
C ILE V 117 77.47 62.78 82.13
N GLY V 118 77.54 63.99 81.57
CA GLY V 118 77.76 65.18 82.34
C GLY V 118 79.21 65.48 82.68
N SER V 119 80.14 64.65 82.24
CA SER V 119 81.55 64.88 82.53
C SER V 119 82.09 66.00 81.63
N GLU V 120 83.25 66.53 82.02
CA GLU V 120 83.88 67.59 81.24
C GLU V 120 84.40 67.09 79.90
N GLU V 121 84.65 65.78 79.77
CA GLU V 121 85.11 65.24 78.49
C GLU V 121 84.01 65.24 77.44
N GLY V 122 82.75 65.37 77.84
CA GLY V 122 81.63 65.38 76.93
C GLY V 122 80.87 64.06 76.95
N ASP V 123 79.68 64.11 76.34
CA ASP V 123 78.80 62.96 76.26
C ASP V 123 78.88 62.26 74.90
N ASN V 124 79.84 62.62 74.07
CA ASN V 124 80.00 62.04 72.74
C ASN V 124 81.10 60.99 72.76
N SER V 125 80.78 59.79 72.29
CA SER V 125 81.75 58.70 72.23
C SER V 125 81.68 58.03 70.86
N PRO V 126 82.84 57.76 70.26
CA PRO V 126 82.83 57.06 68.96
C PRO V 126 82.23 55.66 69.08
N VAL V 127 81.54 55.26 68.03
CA VAL V 127 80.86 53.96 67.97
C VAL V 127 81.22 53.29 66.65
N GLN V 128 81.65 52.04 66.72
CA GLN V 128 82.04 51.27 65.55
C GLN V 128 81.06 50.13 65.33
N ALA V 129 80.73 49.88 64.07
CA ALA V 129 79.81 48.79 63.74
C ALA V 129 80.43 47.44 64.10
N LEU V 130 79.58 46.53 64.57
CA LEU V 130 80.05 45.19 64.92
C LEU V 130 80.42 44.39 63.67
N GLU V 131 79.72 44.61 62.57
CA GLU V 131 79.97 43.88 61.33
C GLU V 131 80.10 44.87 60.18
N VAL V 132 80.74 44.42 59.11
CA VAL V 132 80.91 45.24 57.92
C VAL V 132 79.57 45.35 57.18
N GLY V 133 79.49 46.34 56.29
CA GLY V 133 78.31 46.51 55.46
C GLY V 133 77.82 47.94 55.42
N LYS V 134 77.24 48.32 54.28
CA LYS V 134 76.68 49.65 54.12
C LYS V 134 75.44 49.87 54.99
N LYS V 135 74.73 48.79 55.36
CA LYS V 135 73.58 48.91 56.23
C LYS V 135 73.94 49.46 57.60
N TYR V 136 75.21 49.31 58.01
CA TYR V 136 75.67 49.87 59.27
C TYR V 136 75.99 51.36 59.17
N ASN V 137 76.03 51.92 57.97
CA ASN V 137 76.26 53.35 57.78
C ASN V 137 74.98 54.12 58.11
N LEU V 138 74.67 54.15 59.40
CA LEU V 138 73.47 54.81 59.86
C LEU V 138 73.57 56.31 59.64
N PRO V 139 72.48 56.97 59.24
CA PRO V 139 72.53 58.43 59.04
C PRO V 139 72.54 59.19 60.35
N THR V 140 72.49 60.52 60.28
CA THR V 140 72.45 61.32 61.48
C THR V 140 71.07 61.24 62.13
N ASN V 141 71.04 61.56 63.43
CA ASN V 141 69.82 61.61 64.22
C ASN V 141 69.14 60.23 64.26
N CYS V 142 69.87 59.24 64.75
CA CYS V 142 69.34 57.90 64.99
C CYS V 142 69.37 57.63 66.48
N GLU V 143 68.23 57.22 67.03
CA GLU V 143 68.08 57.02 68.47
C GLU V 143 68.57 55.62 68.82
N PHE V 144 69.83 55.52 69.21
CA PHE V 144 70.42 54.24 69.59
C PHE V 144 69.87 53.79 70.94
N LYS V 145 69.77 52.47 71.10
CA LYS V 145 69.26 51.86 72.32
C LYS V 145 70.27 50.86 72.85
N LEU V 146 70.48 50.86 74.17
CA LEU V 146 71.38 49.90 74.79
C LEU V 146 70.81 48.49 74.66
N VAL V 147 71.66 47.56 74.24
CA VAL V 147 71.28 46.15 74.25
C VAL V 147 71.09 45.65 75.67
N ASP V 148 72.02 46.02 76.55
CA ASP V 148 71.94 45.70 77.97
C ASP V 148 71.54 46.93 78.75
N ASN V 149 70.56 46.79 79.64
CA ASN V 149 70.04 47.93 80.39
C ASN V 149 71.10 48.44 81.37
N ILE V 150 71.36 49.74 81.32
CA ILE V 150 72.31 50.39 82.21
C ILE V 150 71.58 51.55 82.90
N SER V 151 71.61 51.56 84.23
CA SER V 151 70.97 52.62 84.97
C SER V 151 71.71 53.94 84.75
N GLY V 152 70.95 55.03 84.67
CA GLY V 152 71.51 56.35 84.45
C GLY V 152 71.59 56.78 83.00
N VAL V 153 71.29 55.90 82.05
CA VAL V 153 71.28 56.22 80.63
C VAL V 153 69.85 56.17 80.14
N THR V 154 69.41 57.25 79.49
CA THR V 154 68.03 57.38 79.05
C THR V 154 67.91 57.37 77.52
N LYS V 155 68.62 58.26 76.83
CA LYS V 155 68.53 58.37 75.38
C LYS V 155 69.92 58.44 74.78
N ILE V 156 70.12 57.72 73.69
CA ILE V 156 71.37 57.74 72.94
C ILE V 156 71.06 58.09 71.49
N THR V 157 71.74 59.10 70.96
CA THR V 157 71.56 59.52 69.59
C THR V 157 72.90 59.93 69.01
N ASN V 158 72.99 59.91 67.69
CA ASN V 158 74.21 60.25 66.98
C ASN V 158 74.08 61.64 66.35
N THR V 159 75.08 62.49 66.60
CA THR V 159 75.10 63.82 66.01
C THR V 159 75.67 63.83 64.59
N ARG V 160 76.29 62.74 64.16
CA ARG V 160 76.87 62.64 62.83
C ARG V 160 76.49 61.29 62.21
N SER V 161 76.36 61.29 60.88
CA SER V 161 76.04 60.06 60.18
C SER V 161 77.19 59.08 60.23
N PHE V 162 76.88 57.81 60.44
CA PHE V 162 77.90 56.78 60.50
C PHE V 162 78.51 56.54 59.12
N GLU V 163 79.83 56.37 59.08
CA GLU V 163 80.56 56.18 57.85
C GLU V 163 81.56 55.05 58.02
N GLY V 164 82.07 54.56 56.88
CA GLY V 164 83.04 53.49 56.87
C GLY V 164 82.46 52.12 56.59
N GLY V 165 81.14 51.96 56.65
CA GLY V 165 80.52 50.68 56.38
C GLY V 165 80.58 50.30 54.91
N THR V 166 81.41 49.31 54.59
CA THR V 166 81.62 48.87 53.21
C THR V 166 81.29 47.39 53.10
N ASP V 167 80.59 47.03 52.02
CA ASP V 167 80.22 45.65 51.78
C ASP V 167 81.43 44.82 51.36
N ILE V 168 81.27 43.50 51.43
CA ILE V 168 82.32 42.60 50.97
C ILE V 168 82.44 42.69 49.46
N GLU V 169 83.67 42.80 48.98
CA GLU V 169 83.91 42.89 47.54
C GLU V 169 83.44 41.62 46.84
N THR V 170 82.52 41.77 45.89
CA THR V 170 82.00 40.61 45.19
C THR V 170 83.03 40.08 44.20
N ASP V 171 82.73 38.90 43.65
CA ASP V 171 83.66 38.27 42.71
C ASP V 171 83.86 39.12 41.47
N GLU V 172 82.77 39.64 40.90
CA GLU V 172 82.85 40.35 39.63
C GLU V 172 83.64 41.64 39.75
N GLU V 173 83.45 42.39 40.84
CA GLU V 173 84.16 43.66 41.01
C GLU V 173 85.66 43.43 41.06
N LEU V 174 86.10 42.48 41.88
CA LEU V 174 87.50 42.11 41.91
C LEU V 174 87.97 41.60 40.55
N LYS V 175 87.06 40.97 39.79
CA LYS V 175 87.44 40.49 38.46
C LYS V 175 87.78 41.63 37.54
N GLU V 176 86.92 42.65 37.45
CA GLU V 176 87.27 43.76 36.55
C GLU V 176 88.42 44.58 37.11
N ARG V 177 88.57 44.64 38.43
CA ARG V 177 89.73 45.32 39.01
C ARG V 177 91.03 44.62 38.58
N PHE V 178 91.05 43.29 38.66
CA PHE V 178 92.22 42.54 38.21
C PHE V 178 92.44 42.70 36.72
N TYR V 179 91.37 42.71 35.93
CA TYR V 179 91.53 42.90 34.49
C TYR V 179 92.13 44.26 34.17
N LYS V 180 91.67 45.31 34.84
CA LYS V 180 92.24 46.63 34.64
C LYS V 180 93.69 46.69 35.08
N ILE V 181 94.02 46.02 36.19
CA ILE V 181 95.41 45.97 36.64
C ILE V 181 96.28 45.28 35.60
N GLN V 182 95.79 44.19 35.02
CA GLN V 182 96.56 43.49 34.00
C GLN V 182 96.74 44.32 32.74
N ARG V 183 95.69 45.03 32.31
CA ARG V 183 95.80 45.81 31.08
C ARG V 183 96.75 47.00 31.25
N ASN V 184 96.69 47.69 32.38
CA ASN V 184 97.46 48.91 32.59
C ASN V 184 98.42 48.73 33.76
N GLN V 185 99.69 49.05 33.51
CA GLN V 185 100.73 48.98 34.53
C GLN V 185 101.34 50.37 34.74
N ALA V 186 101.94 50.55 35.92
CA ALA V 186 102.55 51.82 36.25
C ALA V 186 103.66 52.17 35.27
N THR V 187 103.63 53.40 34.76
CA THR V 187 104.59 53.86 33.76
C THR V 187 105.13 55.23 34.15
N SER V 188 106.32 55.53 33.65
CA SER V 188 107.02 56.76 34.04
C SER V 188 106.32 58.00 33.51
N GLY V 189 105.98 58.01 32.23
CA GLY V 189 105.55 59.24 31.58
C GLY V 189 104.05 59.47 31.54
N ASN V 190 103.27 58.40 31.49
CA ASN V 190 101.82 58.53 31.48
C ASN V 190 101.37 59.24 32.75
N LYS V 191 100.80 60.44 32.58
CA LYS V 191 100.43 61.26 33.73
C LYS V 191 99.41 60.59 34.64
N ALA V 192 98.61 59.67 34.10
CA ALA V 192 97.63 58.96 34.94
C ALA V 192 98.34 58.15 36.02
N HIS V 193 99.35 57.36 35.62
CA HIS V 193 100.04 56.51 36.59
C HIS V 193 100.77 57.35 37.64
N TYR V 194 101.42 58.43 37.21
CA TYR V 194 102.15 59.25 38.18
C TYR V 194 101.20 59.99 39.12
N GLU V 195 100.11 60.54 38.58
CA GLU V 195 99.15 61.27 39.41
C GLU V 195 98.32 60.34 40.27
N GLU V 196 98.31 59.03 39.99
CA GLU V 196 97.60 58.09 40.84
C GLU V 196 98.19 58.10 42.25
N TRP V 197 99.52 58.07 42.35
CA TRP V 197 100.16 58.06 43.67
C TRP V 197 99.90 59.36 44.42
N ALA V 198 99.93 60.50 43.72
CA ALA V 198 99.63 61.77 44.36
C ALA V 198 98.19 61.83 44.83
N LEU V 199 97.25 61.31 44.01
CA LEU V 199 95.84 61.31 44.38
C LEU V 199 95.55 60.40 45.57
N GLU V 200 96.46 59.49 45.90
CA GLU V 200 96.26 58.64 47.07
C GLU V 200 96.22 59.44 48.36
N VAL V 201 96.76 60.65 48.36
CA VAL V 201 96.65 61.54 49.51
C VAL V 201 95.25 62.15 49.52
N ASP V 202 94.58 62.04 50.66
CA ASP V 202 93.20 62.52 50.76
C ASP V 202 93.12 64.04 50.65
N GLY V 203 94.17 64.75 51.09
CA GLY V 203 94.11 66.20 51.08
C GLY V 203 93.98 66.80 49.69
N VAL V 204 94.62 66.18 48.69
CA VAL V 204 94.62 66.68 47.33
C VAL V 204 93.61 65.90 46.49
N TYR V 205 92.93 66.60 45.59
CA TYR V 205 91.93 65.98 44.72
C TYR V 205 92.19 66.19 43.24
N ASN V 206 93.00 67.18 42.86
CA ASN V 206 93.38 67.38 41.47
C ASN V 206 94.88 67.51 41.38
N VAL V 207 95.50 66.70 40.51
CA VAL V 207 96.95 66.67 40.36
C VAL V 207 97.28 66.92 38.89
N LYS V 208 98.23 67.83 38.65
CA LYS V 208 98.66 68.18 37.30
C LYS V 208 100.16 67.98 37.18
N VAL V 209 100.58 67.44 36.04
CA VAL V 209 101.99 67.18 35.75
C VAL V 209 102.42 68.13 34.64
N TYR V 210 103.53 68.84 34.86
CA TYR V 210 104.05 69.80 33.89
C TYR V 210 105.34 69.28 33.28
N PRO V 211 105.30 68.67 32.11
CA PRO V 211 106.55 68.21 31.48
C PRO V 211 107.37 69.37 30.96
N ARG V 212 108.69 69.15 30.89
CA ARG V 212 109.64 70.09 30.30
C ARG V 212 109.54 71.46 30.96
N TRP V 213 109.65 71.46 32.29
CA TRP V 213 109.62 72.70 33.06
C TRP V 213 111.01 73.22 33.40
N ASP V 214 112.01 72.34 33.47
CA ASP V 214 113.39 72.72 33.77
C ASP V 214 114.35 72.00 32.84
N GLY V 215 113.91 71.73 31.61
CA GLY V 215 114.69 70.97 30.68
C GLY V 215 114.17 69.55 30.53
N PRO V 216 114.85 68.75 29.69
CA PRO V 216 114.39 67.37 29.48
C PRO V 216 114.50 66.55 30.76
N GLY V 217 113.56 65.62 30.92
CA GLY V 217 113.53 64.78 32.09
C GLY V 217 113.05 65.44 33.36
N THR V 218 112.55 66.66 33.28
CA THR V 218 112.10 67.42 34.44
C THR V 218 110.58 67.40 34.48
N VAL V 219 110.02 66.93 35.60
CA VAL V 219 108.58 66.82 35.78
C VAL V 219 108.19 67.69 36.97
N LYS V 220 107.28 68.63 36.74
CA LYS V 220 106.77 69.51 37.78
C LYS V 220 105.41 69.00 38.23
N VAL V 221 105.27 68.73 39.53
CA VAL V 221 104.04 68.18 40.09
C VAL V 221 103.21 69.32 40.64
N LEU V 222 101.99 69.46 40.12
CA LEU V 222 101.02 70.45 40.57
C LEU V 222 99.85 69.71 41.20
N ILE V 223 99.51 70.08 42.43
CA ILE V 223 98.43 69.43 43.16
C ILE V 223 97.43 70.49 43.61
N PHE V 224 96.18 70.08 43.75
CA PHE V 224 95.11 70.94 44.23
C PHE V 224 94.42 70.29 45.41
N GLY V 225 94.28 71.04 46.50
CA GLY V 225 93.66 70.53 47.71
C GLY V 225 92.15 70.51 47.63
N LYS V 226 91.51 70.76 48.77
CA LYS V 226 90.06 70.80 48.82
C LYS V 226 89.57 72.08 48.15
N ASN V 227 88.92 71.92 47.00
CA ASN V 227 88.39 73.03 46.21
C ASN V 227 89.49 74.06 45.91
N ASN V 228 90.69 73.55 45.63
CA ASN V 228 91.83 74.35 45.20
C ASN V 228 92.26 75.36 46.28
N GLN V 229 92.34 74.84 47.51
CA GLN V 229 92.80 75.55 48.69
C GLN V 229 94.12 74.86 49.07
N ALA V 230 95.16 75.63 49.38
CA ALA V 230 96.47 75.08 49.65
C ALA V 230 96.42 74.11 50.85
N VAL V 231 97.12 72.98 50.72
CA VAL V 231 97.26 72.02 51.80
C VAL V 231 98.42 72.45 52.68
N ASP V 232 98.52 71.85 53.88
CA ASP V 232 99.57 72.22 54.80
C ASP V 232 100.94 71.77 54.30
N THR V 233 101.99 72.33 54.90
CA THR V 233 103.35 72.02 54.49
C THR V 233 103.67 70.55 54.69
N GLU V 234 103.21 69.98 55.81
CA GLU V 234 103.46 68.57 56.08
C GLU V 234 102.80 67.69 55.02
N THR V 235 101.60 68.06 54.56
CA THR V 235 100.96 67.29 53.49
C THR V 235 101.79 67.35 52.21
N ILE V 236 102.29 68.52 51.86
CA ILE V 236 103.14 68.65 50.68
C ILE V 236 104.37 67.77 50.83
N GLU V 237 105.01 67.81 52.00
CA GLU V 237 106.21 67.01 52.22
C GLU V 237 105.92 65.52 52.08
N ARG V 238 104.88 65.04 52.77
CA ARG V 238 104.58 63.61 52.76
C ARG V 238 104.21 63.13 51.37
N CYS V 239 103.46 63.95 50.61
CA CYS V 239 103.23 63.64 49.21
C CYS V 239 104.54 63.57 48.45
N GLN V 240 105.50 64.43 48.79
CA GLN V 240 106.78 64.43 48.10
C GLN V 240 107.53 63.12 48.34
N GLN V 241 107.67 62.70 49.61
CA GLN V 241 108.34 61.43 49.84
C GLN V 241 107.58 60.27 49.23
N HIS V 242 106.24 60.30 49.28
CA HIS V 242 105.49 59.18 48.69
C HIS V 242 105.75 59.09 47.19
N ILE V 243 105.56 60.19 46.47
CA ILE V 243 105.76 60.16 45.03
C ILE V 243 107.21 59.79 44.70
N ASP V 244 108.16 60.26 45.51
CA ASP V 244 109.55 59.86 45.31
C ASP V 244 109.71 58.35 45.48
N GLU V 245 108.98 57.77 46.43
CA GLU V 245 109.01 56.31 46.57
C GLU V 245 108.47 55.62 45.32
N GLU V 246 107.43 56.17 44.70
CA GLU V 246 106.96 55.61 43.44
C GLU V 246 107.38 56.37 42.19
N LYS V 247 108.23 57.39 42.29
CA LYS V 247 108.66 58.09 41.09
C LYS V 247 109.60 57.21 40.26
N PRO V 248 109.69 57.46 38.96
CA PRO V 248 110.57 56.64 38.11
C PRO V 248 112.05 56.93 38.35
N ILE V 249 112.91 56.35 37.52
CA ILE V 249 114.35 56.45 37.72
C ILE V 249 114.85 57.81 37.24
N GLY V 250 115.49 58.56 38.13
CA GLY V 250 116.16 59.79 37.79
C GLY V 250 115.33 60.95 37.26
N PRO V 251 114.19 61.27 37.90
CA PRO V 251 113.50 62.52 37.56
C PRO V 251 113.86 63.65 38.52
N THR V 252 113.52 64.88 38.15
CA THR V 252 113.54 66.01 39.07
C THR V 252 112.09 66.39 39.36
N ILE V 253 111.70 66.33 40.63
CA ILE V 253 110.31 66.43 41.03
C ILE V 253 110.15 67.65 41.94
N THR V 254 109.21 68.52 41.60
CA THR V 254 108.87 69.68 42.41
C THR V 254 107.36 69.71 42.63
N VAL V 255 106.95 69.90 43.89
CA VAL V 255 105.55 69.93 44.26
C VAL V 255 105.18 71.37 44.62
N VAL V 256 104.09 71.85 44.02
CA VAL V 256 103.62 73.21 44.25
C VAL V 256 102.19 73.15 44.78
N THR V 257 101.76 74.26 45.37
CA THR V 257 100.45 74.36 45.99
C THR V 257 99.76 75.62 45.50
N PRO V 258 98.42 75.63 45.48
CA PRO V 258 97.71 76.86 45.09
C PRO V 258 98.08 78.03 46.00
N LEU V 259 98.19 79.21 45.39
CA LEU V 259 98.63 80.41 46.09
C LEU V 259 97.46 81.37 46.26
N PRO V 260 97.01 81.64 47.48
CA PRO V 260 95.93 82.61 47.67
C PRO V 260 96.35 84.00 47.23
N ILE V 261 95.38 84.74 46.70
CA ILE V 261 95.61 86.08 46.19
C ILE V 261 94.71 87.04 46.97
N GLU V 262 95.31 88.06 47.58
CA GLU V 262 94.55 89.03 48.35
C GLU V 262 93.68 89.88 47.44
N ILE V 263 92.49 90.23 47.92
CA ILE V 263 91.54 91.07 47.20
C ILE V 263 91.17 92.24 48.10
N SER V 264 91.33 93.46 47.58
CA SER V 264 90.93 94.68 48.28
C SER V 264 89.90 95.40 47.44
N ILE V 265 88.77 95.77 48.06
CA ILE V 265 87.66 96.38 47.35
C ILE V 265 87.27 97.67 48.07
N SER V 266 86.67 98.58 47.31
CA SER V 266 86.21 99.85 47.86
C SER V 266 85.11 100.41 46.95
N ALA V 267 84.00 100.80 47.55
CA ALA V 267 82.88 101.33 46.79
C ALA V 267 82.05 102.24 47.69
N VAL V 268 81.27 103.11 47.05
CA VAL V 268 80.35 104.01 47.73
C VAL V 268 78.94 103.61 47.33
N MET V 269 78.11 103.28 48.32
CA MET V 269 76.78 102.77 48.04
C MET V 269 75.77 103.36 49.02
N LYS V 270 74.51 103.37 48.58
CA LYS V 270 73.38 103.83 49.39
C LYS V 270 72.66 102.62 49.93
N LEU V 271 72.62 102.48 51.24
CA LEU V 271 72.01 101.32 51.88
C LEU V 271 70.51 101.50 52.00
N GLU V 272 69.77 100.41 51.82
CA GLU V 272 68.33 100.44 52.00
C GLU V 272 67.99 100.59 53.48
N ASP V 273 66.74 100.97 53.74
CA ASP V 273 66.28 101.15 55.11
C ASP V 273 66.27 99.81 55.85
N GLY V 274 66.65 99.84 57.12
CA GLY V 274 66.70 98.64 57.93
C GLY V 274 67.90 97.76 57.70
N TYR V 275 68.86 98.21 56.90
CA TYR V 275 70.07 97.44 56.60
C TYR V 275 71.29 98.26 56.94
N THR V 276 72.23 97.67 57.68
CA THR V 276 73.45 98.34 58.09
C THR V 276 74.62 97.87 57.21
N LEU V 277 75.78 98.48 57.45
CA LEU V 277 76.95 98.14 56.65
C LEU V 277 77.43 96.72 56.92
N ASP V 278 77.30 96.24 58.16
CA ASP V 278 77.81 94.92 58.49
C ASP V 278 77.03 93.81 57.78
N ASN V 279 75.70 93.94 57.70
CA ASN V 279 74.89 92.92 57.07
C ASN V 279 75.20 92.81 55.57
N VAL V 280 75.19 93.94 54.87
CA VAL V 280 75.49 93.93 53.45
C VAL V 280 76.93 93.48 53.22
N LYS V 281 77.85 93.88 54.12
CA LYS V 281 79.23 93.48 53.98
C LYS V 281 79.38 91.96 54.08
N GLU V 282 78.75 91.34 55.08
CA GLU V 282 78.88 89.90 55.24
C GLU V 282 78.19 89.16 54.09
N SER V 283 77.01 89.63 53.67
CA SER V 283 76.32 88.98 52.55
C SER V 283 77.15 89.07 51.28
N PHE V 284 77.71 90.24 50.99
CA PHE V 284 78.50 90.41 49.77
C PHE V 284 79.81 89.63 49.84
N LEU V 285 80.43 89.55 51.01
CA LEU V 285 81.66 88.78 51.10
C LEU V 285 81.39 87.29 50.93
N GLU V 286 80.27 86.79 51.47
CA GLU V 286 79.90 85.40 51.23
C GLU V 286 79.63 85.16 49.74
N SER V 287 78.89 86.07 49.11
CA SER V 287 78.58 85.92 47.69
C SER V 287 79.85 85.96 46.83
N ILE V 288 80.77 86.86 47.16
CA ILE V 288 81.99 86.99 46.36
C ILE V 288 82.95 85.84 46.65
N ASN V 289 82.89 85.26 47.85
CA ASN V 289 83.66 84.04 48.10
C ASN V 289 83.12 82.89 47.26
N THR V 290 81.79 82.77 47.16
CA THR V 290 81.22 81.76 46.28
C THR V 290 81.62 82.00 44.83
N TYR V 291 81.57 83.26 44.39
CA TYR V 291 81.97 83.59 43.03
C TYR V 291 83.44 83.26 42.78
N PHE V 292 84.31 83.58 43.74
CA PHE V 292 85.72 83.24 43.61
C PHE V 292 85.91 81.72 43.53
N ARG V 293 85.09 80.98 44.26
CA ARG V 293 85.13 79.52 44.16
C ARG V 293 84.72 79.04 42.77
N ASP V 294 83.70 79.68 42.18
CA ASP V 294 83.16 79.22 40.91
C ASP V 294 83.73 79.95 39.69
N ILE V 295 84.65 80.90 39.87
CA ILE V 295 85.18 81.64 38.74
C ILE V 295 86.37 80.89 38.16
N ARG V 296 86.42 80.81 36.84
CA ARG V 296 87.55 80.25 36.11
C ARG V 296 88.13 81.34 35.21
N GLY V 297 89.42 81.59 35.33
CA GLY V 297 90.06 82.63 34.55
C GLY V 297 90.23 83.93 35.30
N GLU V 298 90.25 85.04 34.58
CA GLU V 298 90.47 86.35 35.18
C GLU V 298 89.23 86.82 35.93
N ILE V 299 89.45 87.72 36.89
CA ILE V 299 88.36 88.34 37.63
C ILE V 299 87.57 89.25 36.70
N ILE V 300 86.25 89.17 36.78
CA ILE V 300 85.35 89.97 35.96
C ILE V 300 84.81 91.11 36.82
N TYR V 301 85.05 92.35 36.38
CA TYR V 301 84.56 93.51 37.11
C TYR V 301 83.04 93.54 37.14
N THR V 302 82.40 93.24 36.01
CA THR V 302 80.94 93.38 35.93
C THR V 302 80.24 92.30 36.74
N LYS V 303 80.81 91.09 36.78
CA LYS V 303 80.25 90.08 37.67
C LYS V 303 80.33 90.51 39.13
N VAL V 304 81.44 91.13 39.51
CA VAL V 304 81.60 91.59 40.89
C VAL V 304 80.57 92.67 41.22
N MET V 305 80.42 93.65 40.32
CA MET V 305 79.46 94.72 40.61
C MET V 305 78.03 94.20 40.58
N GLY V 306 77.73 93.25 39.70
CA GLY V 306 76.40 92.67 39.67
C GLY V 306 76.06 91.90 40.92
N ILE V 307 77.02 91.10 41.42
CA ILE V 307 76.79 90.39 42.67
C ILE V 307 76.76 91.35 43.85
N LEU V 308 77.38 92.54 43.72
CA LEU V 308 77.31 93.53 44.78
C LEU V 308 75.94 94.22 44.81
N ILE V 309 75.42 94.59 43.63
CA ILE V 309 74.10 95.23 43.59
C ILE V 309 73.02 94.22 43.94
N ASN V 310 73.16 92.97 43.51
CA ASN V 310 72.20 91.94 43.85
C ASN V 310 72.18 91.64 45.35
N THR V 311 73.24 92.00 46.08
CA THR V 311 73.24 91.83 47.52
C THR V 311 72.11 92.64 48.15
N THR V 312 71.36 92.01 49.04
CA THR V 312 70.20 92.65 49.64
C THR V 312 70.65 93.83 50.51
N GLY V 313 69.91 94.94 50.41
CA GLY V 313 70.24 96.15 51.13
C GLY V 313 71.00 97.18 50.32
N VAL V 314 71.17 96.97 49.03
CA VAL V 314 71.88 97.90 48.16
C VAL V 314 70.86 98.58 47.24
N HIS V 315 70.71 99.88 47.41
CA HIS V 315 69.83 100.68 46.54
C HIS V 315 70.61 101.31 45.39
N ASP V 316 71.66 102.06 45.71
CA ASP V 316 72.48 102.75 44.72
C ASP V 316 73.93 102.67 45.16
N LEU V 317 74.80 102.28 44.22
CA LEU V 317 76.23 102.21 44.51
C LEU V 317 77.01 102.89 43.39
N SER V 318 78.23 103.31 43.72
CA SER V 318 79.08 104.02 42.78
C SER V 318 80.52 103.91 43.23
N ASN V 319 81.44 104.22 42.30
CA ASN V 319 82.87 104.25 42.58
C ASN V 319 83.39 102.91 43.10
N LEU V 320 82.98 101.83 42.44
CA LEU V 320 83.45 100.50 42.82
C LEU V 320 84.88 100.30 42.33
N LEU V 321 85.79 100.01 43.25
CA LEU V 321 87.21 99.85 42.95
C LEU V 321 87.69 98.53 43.54
N ILE V 322 88.35 97.73 42.72
CA ILE V 322 88.89 96.43 43.14
C ILE V 322 90.40 96.48 42.98
N ASN V 323 91.12 96.39 44.11
CA ASN V 323 92.57 96.40 44.11
C ASN V 323 93.12 97.64 43.41
N GLY V 324 92.44 98.77 43.60
CA GLY V 324 92.88 100.02 43.01
C GLY V 324 92.52 100.23 41.56
N SER V 325 91.70 99.37 40.98
CA SER V 325 91.35 99.49 39.57
C SER V 325 89.94 98.96 39.34
N THR V 326 89.33 99.41 38.25
CA THR V 326 88.03 98.94 37.81
C THR V 326 88.12 97.98 36.62
N ASP V 327 89.32 97.65 36.18
CA ASP V 327 89.50 96.74 35.05
C ASP V 327 89.49 95.29 35.52
N ASN V 328 89.34 94.39 34.56
CA ASN V 328 89.39 92.96 34.87
C ASN V 328 90.75 92.58 35.40
N ILE V 329 90.77 91.82 36.49
CA ILE V 329 92.01 91.40 37.14
C ILE V 329 92.34 89.99 36.67
N THR V 330 93.50 89.83 36.03
CA THR V 330 93.92 88.54 35.52
C THR V 330 94.42 87.65 36.66
N ILE V 331 93.88 86.44 36.74
CA ILE V 331 94.30 85.46 37.74
C ILE V 331 95.30 84.53 37.09
N ASN V 332 96.49 84.44 37.68
CA ASN V 332 97.48 83.48 37.21
C ASN V 332 97.09 82.07 37.62
N GLU V 333 97.76 81.10 37.02
CA GLU V 333 97.48 79.70 37.33
C GLU V 333 97.83 79.40 38.77
N ASP V 334 97.08 78.47 39.37
CA ASP V 334 97.29 78.02 40.75
C ASP V 334 97.14 79.16 41.75
N LYS V 335 96.26 80.11 41.46
CA LYS V 335 96.00 81.24 42.33
C LYS V 335 94.51 81.41 42.54
N ILE V 336 94.12 81.68 43.79
CA ILE V 336 92.72 81.84 44.15
C ILE V 336 92.53 83.20 44.83
N PRO V 337 91.50 83.96 44.48
CA PRO V 337 91.26 85.24 45.15
C PRO V 337 90.88 85.04 46.61
N SER V 338 91.26 86.03 47.42
CA SER V 338 90.94 86.03 48.85
C SER V 338 90.63 87.45 49.29
N VAL V 339 89.44 87.65 49.86
CA VAL V 339 89.04 88.99 50.29
C VAL V 339 89.82 89.38 51.53
N THR V 340 90.46 90.55 51.48
CA THR V 340 91.24 91.06 52.60
C THR V 340 90.81 92.44 53.06
N THR V 341 90.43 93.32 52.16
CA THR V 341 90.01 94.68 52.50
C THR V 341 88.67 94.98 51.85
N VAL V 342 87.73 95.46 52.66
CA VAL V 342 86.41 95.90 52.18
C VAL V 342 86.18 97.30 52.70
N ASN V 343 85.99 98.26 51.78
CA ASN V 343 85.80 99.66 52.12
C ASN V 343 84.45 100.09 51.57
N PHE V 344 83.42 100.03 52.41
CA PHE V 344 82.07 100.39 52.02
C PHE V 344 81.65 101.66 52.75
N SER V 345 81.23 102.67 51.99
CA SER V 345 80.85 103.97 52.54
C SER V 345 79.43 104.30 52.08
N GLU V 346 78.63 104.83 53.00
CA GLU V 346 77.27 105.24 52.68
C GLU V 346 77.18 106.74 52.46
N MET W 1 76.55 -1.46 44.70
CA MET W 1 75.37 -1.52 45.55
C MET W 1 74.28 -0.57 45.04
N LYS W 2 74.69 0.46 44.30
CA LYS W 2 73.73 1.42 43.76
C LYS W 2 72.85 0.77 42.70
N LEU W 3 73.46 0.08 41.73
CA LEU W 3 72.70 -0.49 40.63
C LEU W 3 71.78 -1.61 41.10
N ILE W 4 72.26 -2.48 42.01
CA ILE W 4 71.42 -3.56 42.49
C ILE W 4 70.20 -3.01 43.22
N ASP W 5 70.36 -1.87 43.91
CA ASP W 5 69.19 -1.17 44.44
C ASP W 5 68.30 -0.68 43.30
N LYS W 6 68.90 -0.14 42.23
CA LYS W 6 68.11 0.23 41.06
C LYS W 6 67.61 -0.99 40.31
N LEU W 7 68.35 -2.10 40.37
CA LEU W 7 67.96 -3.30 39.64
C LEU W 7 66.74 -3.96 40.27
N PRO W 8 66.00 -4.75 39.50
CA PRO W 8 64.78 -5.38 40.02
C PRO W 8 65.08 -6.39 41.11
N SER W 9 64.03 -6.69 41.90
CA SER W 9 64.18 -7.57 43.06
C SER W 9 64.57 -8.98 42.66
N PHE W 10 64.01 -9.49 41.57
CA PHE W 10 64.27 -10.87 41.19
C PHE W 10 65.70 -11.11 40.73
N ASP W 11 66.48 -10.05 40.51
CA ASP W 11 67.88 -10.16 40.12
C ASP W 11 68.82 -9.96 41.30
N ARG W 12 68.42 -10.43 42.49
CA ARG W 12 69.22 -10.27 43.70
C ARG W 12 70.19 -11.43 43.92
N ASN W 13 70.60 -12.12 42.86
CA ASN W 13 71.48 -13.27 42.99
C ASN W 13 72.93 -12.82 43.20
N TYR W 14 73.79 -13.81 43.47
CA TYR W 14 75.18 -13.52 43.79
C TYR W 14 75.96 -13.00 42.58
N ILE W 15 75.65 -13.48 41.37
CA ILE W 15 76.37 -13.03 40.18
C ILE W 15 76.17 -11.53 39.99
N VAL W 16 74.94 -11.05 40.13
CA VAL W 16 74.67 -9.63 40.00
C VAL W 16 75.44 -8.84 41.04
N GLU W 17 75.44 -9.33 42.29
CA GLU W 17 76.15 -8.62 43.35
C GLU W 17 77.63 -8.52 43.04
N GLU W 18 78.24 -9.61 42.57
CA GLU W 18 79.67 -9.59 42.25
C GLU W 18 79.98 -8.63 41.12
N ILE W 19 79.19 -8.69 40.03
CA ILE W 19 79.47 -7.85 38.87
C ILE W 19 79.28 -6.38 39.23
N GLN W 20 78.21 -6.06 39.97
CA GLN W 20 77.99 -4.67 40.36
C GLN W 20 79.01 -4.19 41.37
N GLY W 21 79.54 -5.09 42.22
CA GLY W 21 80.63 -4.69 43.10
C GLY W 21 81.88 -4.34 42.32
N ALA W 22 82.20 -5.13 41.30
CA ALA W 22 83.34 -4.79 40.44
C ALA W 22 83.10 -3.47 39.73
N TYR W 23 81.89 -3.25 39.22
CA TYR W 23 81.58 -1.99 38.55
C TYR W 23 81.65 -0.81 39.52
N ASP W 24 81.28 -1.03 40.78
CA ASP W 24 81.36 0.04 41.77
C ASP W 24 82.81 0.34 42.13
N THR W 25 83.67 -0.68 42.19
CA THR W 25 85.09 -0.43 42.38
C THR W 25 85.65 0.38 41.20
N GLU W 26 85.24 0.04 39.98
CA GLU W 26 85.63 0.82 38.83
C GLU W 26 85.13 2.26 38.95
N LEU W 27 83.90 2.44 39.43
CA LEU W 27 83.37 3.79 39.65
C LEU W 27 84.21 4.56 40.65
N ASN W 28 84.63 3.91 41.74
CA ASN W 28 85.48 4.58 42.72
C ASN W 28 86.81 4.99 42.10
N ILE W 29 87.40 4.11 41.30
CA ILE W 29 88.66 4.44 40.63
C ILE W 29 88.45 5.64 39.71
N LEU W 30 87.36 5.63 38.93
CA LEU W 30 87.10 6.72 38.00
C LEU W 30 86.87 8.03 38.72
N LYS W 31 86.12 8.01 39.82
CA LYS W 31 85.82 9.26 40.52
C LYS W 31 87.05 9.80 41.23
N GLU W 32 87.91 8.92 41.77
CA GLU W 32 89.14 9.43 42.37
C GLU W 32 90.09 9.96 41.30
N ASP W 33 90.09 9.36 40.10
CA ASP W 33 90.86 9.92 39.00
C ASP W 33 90.33 11.30 38.61
N ILE W 34 89.01 11.46 38.56
CA ILE W 34 88.42 12.76 38.24
C ILE W 34 88.81 13.79 39.29
N ASP W 35 88.74 13.42 40.57
CA ASP W 35 89.13 14.33 41.63
C ASP W 35 90.61 14.71 41.51
N ASP W 36 91.47 13.73 41.21
CA ASP W 36 92.89 14.02 41.05
C ASP W 36 93.13 14.97 39.88
N THR W 37 92.42 14.78 38.77
CA THR W 37 92.57 15.68 37.63
C THR W 37 92.09 17.09 37.98
N PHE W 38 90.97 17.19 38.70
CA PHE W 38 90.47 18.50 39.10
C PHE W 38 91.47 19.20 40.03
N ASN W 39 92.11 18.43 40.91
CA ASN W 39 93.21 19.00 41.70
C ASN W 39 94.36 19.46 40.81
N GLN W 40 94.68 18.67 39.79
CA GLN W 40 95.74 19.04 38.87
C GLN W 40 95.42 20.32 38.11
N LEU W 41 94.13 20.63 37.95
CA LEU W 41 93.75 21.86 37.26
C LEU W 41 94.27 23.10 38.01
N PHE W 42 94.17 23.09 39.34
CA PHE W 42 94.63 24.22 40.13
C PHE W 42 96.13 24.10 40.41
N VAL W 43 96.80 25.25 40.44
CA VAL W 43 98.25 25.28 40.61
C VAL W 43 98.65 24.71 41.96
N ASP W 44 97.94 25.12 43.02
CA ASP W 44 98.30 24.69 44.36
C ASP W 44 98.12 23.18 44.54
N THR W 45 97.05 22.62 44.00
CA THR W 45 96.75 21.21 44.18
C THR W 45 97.36 20.32 43.11
N ALA W 46 97.99 20.90 42.08
CA ALA W 46 98.65 20.10 41.07
C ALA W 46 100.02 19.63 41.57
N THR W 47 100.37 18.39 41.22
CA THR W 47 101.66 17.82 41.59
C THR W 47 102.53 17.55 40.37
N TRP W 48 102.06 16.76 39.41
CA TRP W 48 102.83 16.47 38.22
C TRP W 48 102.47 17.38 37.05
N GLY W 49 101.44 18.21 37.18
CA GLY W 49 101.08 19.13 36.13
C GLY W 49 101.89 20.40 36.07
N LEU W 50 102.73 20.64 37.08
CA LEU W 50 103.53 21.86 37.11
C LEU W 50 104.54 21.91 35.97
N ASP W 51 104.87 20.77 35.35
CA ASP W 51 105.80 20.76 34.23
C ASP W 51 105.25 21.60 33.07
N MET W 52 103.98 21.43 32.75
CA MET W 52 103.40 22.23 31.66
C MET W 52 103.20 23.67 32.08
N TRP W 53 102.97 23.94 33.36
CA TRP W 53 102.94 25.33 33.82
C TRP W 53 104.29 26.00 33.56
N GLU W 54 105.38 25.30 33.89
CA GLU W 54 106.71 25.83 33.62
C GLU W 54 106.94 25.99 32.13
N ASP W 55 106.47 25.03 31.32
CA ASP W 55 106.63 25.12 29.87
C ASP W 55 105.90 26.34 29.32
N ILE W 56 104.69 26.61 29.81
CA ILE W 56 103.98 27.83 29.42
C ILE W 56 104.77 29.05 29.86
N LEU W 57 105.35 29.00 31.05
CA LEU W 57 106.24 30.07 31.49
C LEU W 57 107.52 30.14 30.68
N CYS W 58 107.80 29.12 29.85
CA CYS W 58 108.98 29.09 28.98
C CYS W 58 110.28 29.09 29.77
N ILE W 59 110.24 28.55 30.99
CA ILE W 59 111.43 28.36 31.81
C ILE W 59 111.54 26.88 32.14
N GLU W 60 112.73 26.33 31.92
CA GLU W 60 112.99 24.91 32.16
C GLU W 60 113.88 24.78 33.39
N LYS W 61 113.39 24.06 34.39
CA LYS W 61 114.12 23.88 35.65
C LYS W 61 114.01 22.44 36.08
N LYS W 62 115.10 21.90 36.64
CA LYS W 62 115.08 20.55 37.17
C LYS W 62 114.10 20.43 38.31
N GLU W 63 113.46 19.26 38.41
CA GLU W 63 112.46 19.03 39.44
C GLU W 63 113.12 18.99 40.82
N LEU W 64 112.71 19.89 41.70
CA LEU W 64 113.22 19.94 43.07
C LEU W 64 112.15 19.65 44.10
N ASP W 65 111.04 20.39 44.06
CA ASP W 65 109.93 20.17 44.97
C ASP W 65 108.67 20.78 44.38
N PHE W 66 107.52 20.20 44.73
CA PHE W 66 106.25 20.72 44.25
C PHE W 66 106.00 22.12 44.78
N ASP W 67 106.21 22.33 46.08
CA ASP W 67 106.07 23.65 46.66
C ASP W 67 107.08 24.63 46.06
N THR W 68 108.32 24.17 45.86
CA THR W 68 109.33 25.01 45.22
C THR W 68 108.92 25.36 43.80
N ARG W 69 108.37 24.39 43.07
CA ARG W 69 107.91 24.65 41.70
C ARG W 69 106.79 25.69 41.68
N ARG W 70 105.83 25.57 42.62
CA ARG W 70 104.74 26.54 42.70
C ARG W 70 105.27 27.92 43.06
N SER W 71 106.24 27.99 43.98
CA SER W 71 106.84 29.27 44.34
C SER W 71 107.56 29.89 43.15
N ASN W 72 108.27 29.08 42.37
CA ASN W 72 108.94 29.59 41.18
C ASN W 72 107.94 30.08 40.14
N ILE W 73 106.82 29.36 39.99
CA ILE W 73 105.78 29.81 39.07
C ILE W 73 105.20 31.15 39.53
N LYS W 74 104.94 31.29 40.83
CA LYS W 74 104.42 32.55 41.33
C LYS W 74 105.41 33.69 41.16
N ALA W 75 106.71 33.40 41.33
CA ALA W 75 107.73 34.42 41.14
C ALA W 75 107.86 34.83 39.68
N LYS W 76 107.75 33.85 38.77
CA LYS W 76 107.90 34.14 37.34
C LYS W 76 106.79 35.09 36.86
N MET W 77 105.55 34.81 37.25
CA MET W 77 104.45 35.68 36.88
C MET W 77 104.55 37.03 37.60
N ARG W 78 104.28 38.10 36.85
CA ARG W 78 104.44 39.49 37.26
C ARG W 78 105.66 39.68 38.17
N SER W 79 105.48 40.40 39.28
CA SER W 79 106.55 40.67 40.23
C SER W 79 107.75 41.32 39.55
N ARG W 80 107.48 42.23 38.63
CA ARG W 80 108.51 42.90 37.85
C ARG W 80 108.34 44.41 37.98
N GLY W 81 109.27 45.15 37.39
CA GLY W 81 109.20 46.59 37.38
C GLY W 81 109.84 47.23 38.60
N THR W 82 110.77 48.15 38.37
CA THR W 82 111.42 48.91 39.44
C THR W 82 110.64 50.19 39.64
N SER W 83 109.98 50.30 40.80
CA SER W 83 109.14 51.46 41.06
C SER W 83 109.96 52.74 41.09
N THR W 84 111.13 52.71 41.74
CA THR W 84 111.97 53.89 41.90
C THR W 84 113.42 53.51 41.72
N ILE W 85 114.31 54.48 41.96
CA ILE W 85 115.74 54.24 41.85
C ILE W 85 116.21 53.24 42.90
N GLU W 86 115.60 53.29 44.09
CA GLU W 86 116.05 52.46 45.21
C GLU W 86 116.01 50.98 44.88
N VAL W 87 115.03 50.55 44.06
CA VAL W 87 114.96 49.15 43.67
C VAL W 87 116.21 48.75 42.91
N ILE W 88 116.59 49.54 41.90
CA ILE W 88 117.78 49.23 41.12
C ILE W 88 119.03 49.32 41.98
N LYS W 89 119.09 50.31 42.88
CA LYS W 89 120.26 50.45 43.75
C LYS W 89 120.42 49.23 44.65
N SER W 90 119.31 48.75 45.24
CA SER W 90 119.37 47.60 46.12
C SER W 90 119.72 46.33 45.34
N ILE W 91 119.21 46.21 44.11
CA ILE W 91 119.55 45.04 43.30
C ILE W 91 121.03 45.06 42.92
N CYS W 92 121.55 46.23 42.59
CA CYS W 92 122.94 46.33 42.13
C CYS W 92 123.94 46.18 43.28
N GLU W 93 123.61 46.73 44.46
CA GLU W 93 124.56 46.66 45.57
C GLU W 93 124.79 45.23 46.04
N ALA W 94 123.86 44.32 45.77
CA ALA W 94 124.10 42.90 46.05
C ALA W 94 125.26 42.37 45.21
N TYR W 95 125.30 42.75 43.92
CA TYR W 95 126.41 42.34 43.07
C TYR W 95 127.70 43.07 43.45
N THR W 96 127.61 44.38 43.71
CA THR W 96 128.81 45.13 44.03
C THR W 96 129.31 44.84 45.44
N LYS W 97 128.41 44.42 46.33
CA LYS W 97 128.75 44.13 47.73
C LYS W 97 129.36 45.34 48.42
N SER W 98 128.92 46.54 48.04
CA SER W 98 129.41 47.77 48.64
C SER W 98 128.39 48.87 48.38
N GLU W 99 128.52 49.96 49.13
CA GLU W 99 127.64 51.10 48.95
C GLU W 99 127.87 51.74 47.59
N THR W 100 126.79 52.24 46.98
CA THR W 100 126.85 52.88 45.68
C THR W 100 126.09 54.20 45.74
N ASP W 101 126.76 55.27 45.32
CA ASP W 101 126.14 56.59 45.22
C ASP W 101 125.83 56.89 43.76
N ILE W 102 124.77 57.68 43.56
CA ILE W 102 124.24 57.96 42.23
C ILE W 102 124.28 59.45 41.97
N LYS W 103 124.73 59.83 40.78
CA LYS W 103 124.73 61.22 40.32
C LYS W 103 123.94 61.24 39.00
N VAL W 104 122.63 61.49 39.10
CA VAL W 104 121.73 61.40 37.96
C VAL W 104 121.24 62.80 37.63
N TYR W 105 121.36 63.17 36.35
CA TYR W 105 120.88 64.45 35.85
C TYR W 105 119.74 64.20 34.87
N SER W 106 118.61 64.87 35.10
CA SER W 106 117.48 64.76 34.18
C SER W 106 117.85 65.30 32.80
N ASP W 107 118.57 66.43 32.76
CA ASP W 107 119.01 66.98 31.49
C ASP W 107 119.95 66.00 30.77
N GLU W 108 120.88 65.41 31.52
CA GLU W 108 121.82 64.45 30.93
C GLU W 108 121.20 63.09 30.69
N PHE W 109 120.12 62.75 31.41
CA PHE W 109 119.53 61.41 31.35
C PHE W 109 120.58 60.34 31.67
N THR W 110 121.56 60.70 32.49
CA THR W 110 122.76 59.89 32.72
C THR W 110 122.71 59.26 34.10
N PHE W 111 122.96 57.95 34.15
CA PHE W 111 123.07 57.22 35.40
C PHE W 111 124.52 56.78 35.59
N VAL W 112 125.01 56.93 36.82
CA VAL W 112 126.38 56.55 37.16
C VAL W 112 126.37 55.82 38.48
N LEU W 113 127.18 54.76 38.58
CA LEU W 113 127.29 53.96 39.79
C LEU W 113 128.76 53.87 40.16
N SER W 114 129.08 54.29 41.39
CA SER W 114 130.45 54.27 41.89
C SER W 114 130.58 53.15 42.93
N PHE W 115 131.64 52.35 42.79
CA PHE W 115 131.85 51.19 43.64
C PHE W 115 133.33 50.93 43.77
N ILE W 116 133.71 50.23 44.84
CA ILE W 116 135.11 49.89 45.07
C ILE W 116 135.52 48.82 44.07
N ALA W 117 136.63 49.07 43.36
CA ALA W 117 137.10 48.12 42.35
C ALA W 117 137.54 46.80 42.97
N ASN W 118 138.19 46.86 44.14
CA ASN W 118 138.74 45.65 44.74
C ASN W 118 137.64 44.72 45.24
N ASN W 119 136.46 45.26 45.54
CA ASN W 119 135.38 44.43 46.09
C ASN W 119 134.76 43.54 45.02
N CYS W 120 134.53 44.08 43.83
CA CYS W 120 133.79 43.39 42.79
C CYS W 120 134.70 43.11 41.61
N ASP W 121 134.68 41.87 41.13
CA ASP W 121 135.57 41.43 40.07
C ASP W 121 135.07 41.92 38.70
N TYR W 122 135.95 41.79 37.70
CA TYR W 122 135.62 42.29 36.36
C TYR W 122 134.47 41.51 35.73
N LYS W 123 134.51 40.18 35.80
CA LYS W 123 133.49 39.37 35.15
C LYS W 123 132.12 39.58 35.79
N THR W 124 132.07 39.55 37.12
CA THR W 124 130.80 39.82 37.80
C THR W 124 130.35 41.26 37.62
N LEU W 125 131.30 42.20 37.45
CA LEU W 125 130.92 43.57 37.11
C LEU W 125 130.24 43.61 35.75
N LEU W 126 130.78 42.89 34.76
CA LEU W 126 130.16 42.86 33.45
C LEU W 126 128.78 42.20 33.51
N ASP W 127 128.65 41.13 34.28
CA ASP W 127 127.35 40.48 34.43
C ASP W 127 126.34 41.42 35.07
N CYS W 128 126.76 42.15 36.12
CA CYS W 128 125.86 43.10 36.77
C CYS W 128 125.47 44.22 35.83
N SER W 129 126.43 44.70 35.02
CA SER W 129 126.11 45.75 34.05
C SER W 129 125.12 45.26 33.00
N ASP W 130 125.29 44.03 32.52
CA ASP W 130 124.34 43.46 31.56
C ASP W 130 122.96 43.33 32.18
N MET W 131 122.89 42.87 33.42
CA MET W 131 121.60 42.77 34.11
C MET W 131 120.97 44.15 34.28
N ILE W 132 121.78 45.15 34.64
CA ILE W 132 121.26 46.50 34.80
C ILE W 132 120.68 47.00 33.48
N GLU W 133 121.45 46.86 32.40
CA GLU W 133 120.96 47.26 31.08
C GLU W 133 119.67 46.51 30.73
N ARG W 134 119.58 45.24 31.13
CA ARG W 134 118.34 44.49 30.99
C ARG W 134 117.21 45.16 31.77
N VAL W 135 117.53 45.83 32.87
CA VAL W 135 116.53 46.52 33.68
C VAL W 135 116.51 48.02 33.36
N LYS W 136 117.67 48.59 33.07
CA LYS W 136 117.79 50.03 32.92
C LYS W 136 117.12 50.50 31.64
N PRO W 137 116.44 51.66 31.65
CA PRO W 137 115.66 52.06 30.49
C PRO W 137 116.53 52.34 29.26
N ALA W 138 115.92 52.17 28.08
CA ALA W 138 116.67 52.32 26.84
C ALA W 138 117.24 53.71 26.68
N HIS W 139 116.45 54.75 27.01
CA HIS W 139 116.94 56.11 26.89
C HIS W 139 118.04 56.40 27.90
N LEU W 140 117.84 55.97 29.15
CA LEU W 140 118.85 56.19 30.18
C LEU W 140 120.12 55.39 29.85
N LEU W 141 121.24 55.87 30.38
CA LEU W 141 122.52 55.20 30.21
C LEU W 141 123.20 55.12 31.56
N HIS W 142 123.52 53.90 32.00
CA HIS W 142 124.16 53.67 33.29
C HIS W 142 125.67 53.57 33.10
N TYR W 143 126.41 54.18 34.02
CA TYR W 143 127.86 54.17 34.00
C TYR W 143 128.38 53.42 35.21
N LEU W 144 129.20 52.40 34.97
CA LEU W 144 129.85 51.66 36.04
C LEU W 144 131.22 52.30 36.30
N GLU W 145 131.42 52.76 37.52
CA GLU W 145 132.65 53.47 37.89
C GLU W 145 133.36 52.74 39.02
N PRO W 146 134.53 52.15 38.77
CA PRO W 146 135.28 51.51 39.87
C PRO W 146 136.15 52.52 40.60
N ILE W 147 136.00 52.57 41.92
CA ILE W 147 136.78 53.50 42.73
C ILE W 147 138.23 53.03 42.78
N ILE W 148 139.15 53.93 42.46
CA ILE W 148 140.57 53.60 42.46
C ILE W 148 141.18 53.89 43.83
N LEU X 16 54.12 -5.22 -1.10
CA LEU X 16 54.27 -6.52 -1.77
C LEU X 16 55.17 -7.51 -1.00
N PRO X 17 56.35 -7.09 -0.55
CA PRO X 17 57.19 -8.03 0.23
C PRO X 17 56.50 -8.45 1.51
N LYS X 18 56.68 -9.72 1.87
CA LYS X 18 56.09 -10.26 3.08
C LYS X 18 56.84 -9.77 4.30
N THR X 19 56.15 -9.79 5.44
CA THR X 19 56.75 -9.35 6.70
C THR X 19 57.88 -10.29 7.10
N GLU X 20 59.00 -9.70 7.51
CA GLU X 20 60.15 -10.48 7.94
C GLU X 20 59.88 -11.09 9.30
N GLU X 21 60.15 -12.39 9.44
CA GLU X 21 59.91 -13.08 10.69
C GLU X 21 60.85 -12.57 11.77
N LEU X 22 60.35 -12.54 13.00
CA LEU X 22 61.17 -12.11 14.13
C LEU X 22 62.19 -13.20 14.45
N PRO X 23 63.48 -12.87 14.51
CA PRO X 23 64.49 -13.90 14.84
C PRO X 23 64.30 -14.41 16.26
N ILE X 24 64.75 -15.65 16.48
CA ILE X 24 64.59 -16.29 17.77
C ILE X 24 65.28 -15.47 18.86
N PHE X 25 64.52 -15.17 19.92
CA PHE X 25 65.05 -14.40 21.04
C PHE X 25 65.86 -15.32 21.93
N ARG X 26 67.14 -15.05 22.07
CA ARG X 26 68.04 -15.85 22.90
C ARG X 26 68.56 -15.00 24.05
N GLU X 27 68.63 -15.60 25.23
CA GLU X 27 69.07 -14.93 26.45
C GLU X 27 69.29 -16.01 27.51
N VAL X 28 69.58 -15.57 28.74
CA VAL X 28 69.81 -16.49 29.84
C VAL X 28 68.50 -17.19 30.21
N ALA X 29 68.63 -18.29 30.94
CA ALA X 29 67.48 -19.07 31.38
C ALA X 29 67.66 -19.47 32.84
N TRP X 30 66.52 -19.73 33.49
CA TRP X 30 66.51 -20.21 34.86
C TRP X 30 65.12 -20.75 35.17
N ASP X 31 65.01 -21.41 36.33
CA ASP X 31 63.71 -21.87 36.79
C ASP X 31 62.91 -20.70 37.32
N PHE X 32 61.67 -20.55 36.84
CA PHE X 32 60.82 -19.45 37.28
C PHE X 32 60.47 -19.58 38.76
N GLU X 33 60.41 -20.81 39.27
CA GLU X 33 60.17 -21.00 40.70
C GLU X 33 61.43 -20.73 41.52
N LYS X 34 62.61 -21.01 40.98
CA LYS X 34 63.84 -20.76 41.70
C LYS X 34 64.11 -19.26 41.83
N ASP X 35 63.77 -18.50 40.79
CA ASP X 35 64.01 -17.05 40.72
C ASP X 35 65.50 -16.70 40.81
N GLU X 36 66.37 -17.67 40.51
CA GLU X 36 67.80 -17.46 40.49
C GLU X 36 68.38 -18.02 39.20
N PRO X 37 69.30 -17.30 38.55
CA PRO X 37 69.83 -17.78 37.27
C PRO X 37 70.54 -19.12 37.42
N ILE X 38 70.38 -19.97 36.40
CA ILE X 38 70.96 -21.30 36.38
C ILE X 38 72.09 -21.32 35.36
N LEU X 39 73.09 -22.15 35.62
CA LEU X 39 74.26 -22.27 34.75
C LEU X 39 74.45 -23.73 34.36
N GLU X 40 74.50 -23.99 33.06
CA GLU X 40 74.82 -25.32 32.53
C GLU X 40 76.30 -25.35 32.21
N LYS X 41 77.07 -26.11 33.01
CA LYS X 41 78.52 -26.23 32.91
C LYS X 41 79.19 -24.88 32.69
N GLY X 42 78.62 -23.83 33.28
CA GLY X 42 79.11 -22.48 33.11
C GLY X 42 78.39 -21.67 32.04
N ASP X 43 77.56 -22.31 31.23
CA ASP X 43 76.81 -21.62 30.17
C ASP X 43 75.35 -21.50 30.58
N PHE X 44 74.81 -20.28 30.49
CA PHE X 44 73.39 -20.09 30.75
C PHE X 44 72.58 -20.88 29.72
N LYS X 45 71.50 -21.50 30.18
CA LYS X 45 70.69 -22.33 29.31
C LYS X 45 70.10 -21.52 28.17
N ILE X 46 70.15 -22.08 26.97
CA ILE X 46 69.70 -21.40 25.77
C ILE X 46 68.18 -21.44 25.71
N ILE X 47 67.58 -20.31 25.36
CA ILE X 47 66.13 -20.18 25.23
C ILE X 47 65.80 -19.92 23.76
N GLU X 48 64.91 -20.74 23.20
CA GLU X 48 64.49 -20.63 21.82
C GLU X 48 63.03 -20.96 21.72
N LYS X 49 62.39 -20.46 20.66
CA LYS X 49 60.97 -20.67 20.37
C LYS X 49 60.17 -20.19 21.57
N LYS X 50 59.36 -21.03 22.21
CA LYS X 50 58.60 -20.62 23.39
C LYS X 50 59.39 -20.87 24.66
N GLU X 51 60.49 -20.14 24.78
CA GLU X 51 61.26 -20.09 26.02
C GLU X 51 61.59 -18.66 26.44
N ALA X 52 61.83 -17.76 25.49
CA ALA X 52 62.20 -16.39 25.83
C ALA X 52 60.99 -15.58 26.28
N LEU X 53 59.83 -15.82 25.67
CA LEU X 53 58.65 -15.01 25.97
C LEU X 53 58.18 -15.20 27.40
N LYS X 54 58.28 -16.44 27.92
CA LYS X 54 57.93 -16.66 29.32
C LYS X 54 58.83 -15.84 30.24
N VAL X 55 60.13 -15.83 29.95
CA VAL X 55 61.07 -15.06 30.77
C VAL X 55 60.74 -13.57 30.69
N TRP X 56 60.44 -13.08 29.48
CA TRP X 56 60.13 -11.67 29.32
C TRP X 56 58.87 -11.29 30.09
N ILE X 57 57.83 -12.12 29.99
CA ILE X 57 56.58 -11.83 30.70
C ILE X 57 56.80 -11.88 32.21
N TYR X 58 57.58 -12.86 32.68
CA TYR X 58 57.89 -12.95 34.10
C TYR X 58 58.62 -11.71 34.59
N LYS X 59 59.61 -11.25 33.83
CA LYS X 59 60.35 -10.05 34.21
C LYS X 59 59.44 -8.83 34.22
N CYS X 60 58.58 -8.68 33.20
CA CYS X 60 57.71 -7.51 33.12
C CYS X 60 56.71 -7.49 34.25
N ILE X 61 56.07 -8.63 34.53
CA ILE X 61 55.03 -8.66 35.56
C ILE X 61 55.63 -8.54 36.95
N LYS X 62 56.79 -9.16 37.18
CA LYS X 62 57.31 -9.26 38.54
C LYS X 62 57.60 -7.90 39.15
N THR X 63 58.20 -6.99 38.38
CA THR X 63 58.64 -5.70 38.89
C THR X 63 58.01 -4.57 38.10
N ASN X 64 57.58 -3.53 38.80
CA ASN X 64 57.06 -2.33 38.16
C ASN X 64 58.19 -1.40 37.75
N ARG X 65 57.96 -0.65 36.67
CA ARG X 65 58.97 0.29 36.21
C ARG X 65 59.05 1.51 37.11
N TYR X 66 57.90 1.99 37.59
CA TYR X 66 57.88 3.24 38.34
C TYR X 66 58.68 3.15 39.64
N GLU X 67 58.99 1.94 40.10
CA GLU X 67 59.86 1.79 41.26
C GLU X 67 61.32 2.04 40.91
N HIS X 68 61.76 1.67 39.71
CA HIS X 68 63.16 1.73 39.31
C HIS X 68 63.32 2.73 38.18
N GLU X 69 64.18 3.74 38.39
CA GLU X 69 64.35 4.79 37.40
C GLU X 69 65.05 4.32 36.13
N ILE X 70 65.76 3.18 36.19
CA ILE X 70 66.58 2.76 35.06
C ILE X 70 65.71 2.33 33.88
N TYR X 71 64.58 1.67 34.16
CA TYR X 71 63.78 1.09 33.09
C TYR X 71 63.05 2.17 32.29
N SER X 72 62.74 1.83 31.05
CA SER X 72 62.03 2.75 30.17
C SER X 72 60.57 2.91 30.60
N LEU X 73 59.99 4.07 30.30
CA LEU X 73 58.66 4.41 30.78
C LEU X 73 57.61 3.43 30.27
N GLU X 74 57.75 2.97 29.02
CA GLU X 74 56.78 2.03 28.46
C GLU X 74 56.77 0.72 29.24
N TYR X 75 57.89 0.34 29.83
CA TYR X 75 57.97 -0.88 30.62
C TYR X 75 57.16 -0.71 31.92
N GLY X 76 56.86 -1.86 32.54
CA GLY X 76 56.26 -1.86 33.86
C GLY X 76 54.78 -2.19 33.83
N THR X 77 54.27 -2.61 34.99
CA THR X 77 52.87 -2.91 35.18
C THR X 77 52.40 -2.29 36.48
N GLU X 78 51.09 -2.02 36.56
CA GLU X 78 50.48 -1.40 37.73
C GLU X 78 49.59 -2.37 38.49
N LEU X 79 49.89 -3.68 38.40
CA LEU X 79 49.14 -4.66 39.17
C LEU X 79 49.44 -4.56 40.66
N SER X 80 50.65 -4.15 41.03
CA SER X 80 51.02 -4.03 42.43
C SER X 80 50.24 -2.91 43.14
N GLU X 81 49.67 -1.97 42.38
CA GLU X 81 48.79 -0.98 42.99
C GLU X 81 47.56 -1.64 43.60
N LEU X 82 47.00 -2.64 42.90
CA LEU X 82 45.88 -3.39 43.45
C LEU X 82 46.29 -4.24 44.65
N ILE X 83 47.59 -4.51 44.80
CA ILE X 83 48.06 -5.26 45.96
C ILE X 83 47.92 -4.40 47.20
N GLY X 84 47.37 -4.98 48.26
CA GLY X 84 47.06 -4.25 49.47
C GLY X 84 45.59 -3.92 49.66
N GLN X 85 44.71 -4.41 48.78
CA GLN X 85 43.27 -4.23 48.88
C GLN X 85 42.90 -2.74 48.92
N LYS X 86 43.14 -2.09 47.78
CA LYS X 86 42.75 -0.70 47.60
C LYS X 86 41.35 -0.55 47.02
N TYR X 87 40.73 -1.64 46.56
CA TYR X 87 39.38 -1.57 46.02
C TYR X 87 38.79 -2.97 46.01
N THR X 88 37.47 -3.03 45.83
CA THR X 88 36.76 -4.31 45.84
C THR X 88 37.13 -5.15 44.62
N LYS X 89 36.87 -6.46 44.73
CA LYS X 89 37.32 -7.41 43.72
C LYS X 89 36.49 -7.34 42.44
N GLY X 90 35.21 -6.97 42.55
CA GLY X 90 34.29 -7.11 41.43
C GLY X 90 34.74 -6.36 40.19
N LEU X 91 35.14 -5.10 40.36
CA LEU X 91 35.62 -4.32 39.23
C LEU X 91 37.13 -4.44 39.01
N THR X 92 37.89 -4.64 40.09
CA THR X 92 39.32 -4.82 39.93
C THR X 92 39.67 -6.09 39.18
N GLU X 93 38.74 -7.05 39.06
CA GLU X 93 39.00 -8.19 38.18
C GLU X 93 39.20 -7.73 36.74
N SER X 94 38.25 -6.95 36.22
CA SER X 94 38.39 -6.42 34.87
C SER X 94 39.52 -5.41 34.78
N GLU X 95 39.73 -4.63 35.85
CA GLU X 95 40.82 -3.66 35.85
C GLU X 95 42.18 -4.36 35.74
N ALA X 96 42.36 -5.46 36.48
CA ALA X 96 43.60 -6.22 36.39
C ALA X 96 43.73 -6.92 35.06
N SER X 97 42.62 -7.39 34.48
CA SER X 97 42.68 -7.93 33.13
C SER X 97 43.20 -6.89 32.15
N ARG X 98 42.68 -5.67 32.24
CA ARG X 98 43.14 -4.59 31.37
C ARG X 98 44.60 -4.24 31.64
N PHE X 99 45.00 -4.24 32.92
CA PHE X 99 46.39 -3.96 33.27
C PHE X 99 47.33 -4.99 32.66
N ILE X 100 46.97 -6.27 32.76
CA ILE X 100 47.79 -7.34 32.17
C ILE X 100 47.85 -7.17 30.66
N LYS X 101 46.71 -6.85 30.03
CA LYS X 101 46.72 -6.64 28.57
C LYS X 101 47.64 -5.49 28.19
N GLU X 102 47.60 -4.39 28.95
CA GLU X 102 48.50 -3.28 28.66
C GLU X 102 49.95 -3.66 28.87
N ALA X 103 50.24 -4.45 29.92
CA ALA X 103 51.62 -4.75 30.26
C ALA X 103 52.22 -5.79 29.33
N LEU X 104 51.42 -6.66 28.72
CA LEU X 104 51.97 -7.78 27.96
C LEU X 104 51.93 -7.58 26.45
N LEU X 105 50.99 -6.81 25.92
CA LEU X 105 50.95 -6.59 24.48
C LEU X 105 52.00 -5.58 24.00
N ILE X 106 52.77 -4.98 24.90
CA ILE X 106 53.85 -4.10 24.46
C ILE X 106 54.93 -4.89 23.72
N ASN X 107 55.11 -6.17 24.06
CA ASN X 107 56.11 -6.98 23.39
C ASN X 107 55.70 -7.25 21.95
N PRO X 108 56.56 -6.96 20.97
CA PRO X 108 56.21 -7.26 19.57
C PRO X 108 55.98 -8.75 19.31
N TYR X 109 56.68 -9.63 20.04
CA TYR X 109 56.50 -11.06 19.84
C TYR X 109 55.09 -11.52 20.16
N ILE X 110 54.53 -11.03 21.26
CA ILE X 110 53.22 -11.46 21.72
C ILE X 110 52.14 -10.83 20.86
N LEU X 111 51.16 -11.63 20.47
CA LEU X 111 50.05 -11.17 19.64
C LEU X 111 48.88 -10.64 20.47
N GLU X 112 48.33 -11.48 21.35
CA GLU X 112 47.21 -11.09 22.17
C GLU X 112 47.24 -11.85 23.48
N VAL X 113 46.56 -11.29 24.48
CA VAL X 113 46.48 -11.87 25.82
C VAL X 113 45.01 -11.91 26.24
N ASN X 114 44.58 -13.06 26.75
CA ASN X 114 43.19 -13.27 27.16
C ASN X 114 43.14 -13.67 28.63
N VAL X 115 42.16 -13.12 29.35
CA VAL X 115 41.94 -13.44 30.76
C VAL X 115 40.59 -14.13 30.88
N LYS X 116 40.58 -15.29 31.52
CA LYS X 116 39.35 -16.08 31.61
C LYS X 116 38.45 -15.61 32.75
N SER X 117 38.92 -15.72 33.99
CA SER X 117 38.10 -15.41 35.16
C SER X 117 39.00 -15.31 36.38
N ALA X 118 38.38 -15.08 37.53
CA ALA X 118 39.06 -14.98 38.81
C ALA X 118 38.32 -15.80 39.85
N ASN X 119 39.06 -16.39 40.79
CA ASN X 119 38.50 -17.26 41.81
C ASN X 119 38.64 -16.61 43.17
N PHE X 120 37.53 -16.45 43.88
CA PHE X 120 37.48 -15.80 45.18
C PHE X 120 37.57 -16.86 46.28
N ASN X 121 38.61 -16.77 47.10
CA ASN X 121 38.76 -17.68 48.24
C ASN X 121 39.74 -17.08 49.23
N ARG X 122 39.25 -16.78 50.43
CA ARG X 122 40.07 -16.26 51.54
C ARG X 122 40.77 -14.99 51.04
N ASP X 123 42.08 -14.84 51.24
CA ASP X 123 42.83 -13.67 50.78
C ASP X 123 43.68 -13.97 49.56
N ILE X 124 43.49 -15.12 48.91
CA ILE X 124 44.26 -15.51 47.75
C ILE X 124 43.34 -15.54 46.54
N LEU X 125 43.62 -14.69 45.55
CA LEU X 125 42.86 -14.60 44.32
C LEU X 125 43.62 -15.30 43.20
N SER X 126 42.96 -16.27 42.57
CA SER X 126 43.54 -17.03 41.47
C SER X 126 42.80 -16.69 40.19
N ALA X 127 43.55 -16.36 39.14
CA ALA X 127 42.97 -16.00 37.85
C ALA X 127 43.68 -16.76 36.74
N ASN X 128 42.94 -17.04 35.68
CA ASN X 128 43.46 -17.75 34.52
C ASN X 128 43.60 -16.78 33.36
N VAL X 129 44.82 -16.65 32.85
CA VAL X 129 45.15 -15.70 31.78
C VAL X 129 45.83 -16.48 30.66
N LYS X 130 45.55 -16.10 29.42
CA LYS X 130 46.01 -16.82 28.24
C LYS X 130 46.99 -15.98 27.44
N VAL X 131 47.95 -16.64 26.79
CA VAL X 131 48.97 -16.00 25.98
C VAL X 131 48.94 -16.60 24.58
N SER X 132 48.93 -15.74 23.57
CA SER X 132 49.03 -16.14 22.18
C SER X 132 50.40 -15.73 21.65
N THR X 133 51.05 -16.66 20.93
CA THR X 133 52.42 -16.46 20.49
C THR X 133 52.51 -16.66 18.98
N ILE X 134 53.71 -16.46 18.43
CA ILE X 134 53.93 -16.54 16.99
C ILE X 134 54.47 -17.91 16.59
N TYR X 135 55.49 -18.41 17.29
CA TYR X 135 56.03 -19.73 16.97
C TYR X 135 55.19 -20.84 17.60
N PRO Y 6 -5.08 34.90 68.94
CA PRO Y 6 -5.38 35.58 67.69
C PRO Y 6 -4.14 35.83 66.83
N SER Y 7 -2.96 35.82 67.46
CA SER Y 7 -1.70 36.00 66.77
C SER Y 7 -1.04 34.64 66.58
N ILE Y 8 -0.90 34.22 65.33
CA ILE Y 8 -0.37 32.92 64.97
C ILE Y 8 0.70 33.11 63.91
N ASN Y 9 1.69 32.21 63.88
CA ASN Y 9 2.88 32.37 63.07
C ASN Y 9 3.18 31.09 62.30
N ILE Y 10 3.94 31.22 61.23
CA ILE Y 10 4.50 30.09 60.49
C ILE Y 10 5.82 29.71 61.15
N SER Y 11 5.84 28.55 61.78
CA SER Y 11 7.03 28.05 62.48
C SER Y 11 7.55 26.82 61.75
N PHE Y 12 8.58 27.00 60.95
CA PHE Y 12 9.16 25.93 60.14
C PHE Y 12 10.56 25.59 60.66
N LYS Y 13 10.80 24.31 60.91
CA LYS Y 13 12.06 23.84 61.47
C LYS Y 13 12.64 22.78 60.53
N GLU Y 14 13.87 23.00 60.08
CA GLU Y 14 14.45 22.17 59.04
C GLU Y 14 14.71 20.76 59.54
N LEU Y 15 14.68 19.80 58.61
CA LEU Y 15 14.89 18.39 58.89
C LEU Y 15 15.90 17.84 57.90
N ALA Y 16 16.91 17.12 58.42
CA ALA Y 16 17.95 16.53 57.60
C ALA Y 16 17.91 15.02 57.76
N THR Y 17 17.99 14.30 56.64
CA THR Y 17 17.96 12.85 56.63
C THR Y 17 19.31 12.31 56.17
N THR Y 18 19.86 11.39 56.96
CA THR Y 18 21.13 10.76 56.65
C THR Y 18 20.89 9.29 56.33
N VAL Y 19 21.29 8.86 55.13
CA VAL Y 19 21.14 7.46 54.75
C VAL Y 19 22.04 6.57 55.59
N LYS Y 20 23.22 7.08 55.95
CA LYS Y 20 24.19 6.33 56.74
C LYS Y 20 24.23 6.90 58.16
N GLU Y 21 24.10 6.02 59.14
CA GLU Y 21 24.14 6.39 60.55
C GLU Y 21 25.44 5.89 61.16
N ARG Y 22 26.15 6.80 61.83
CA ARG Y 22 27.47 6.51 62.41
C ARG Y 22 27.36 6.47 63.92
N SER Y 23 27.97 5.45 64.53
CA SER Y 23 27.95 5.28 65.98
C SER Y 23 29.23 4.62 66.43
N ALA Y 24 29.93 5.27 67.37
CA ALA Y 24 31.13 4.72 68.00
C ALA Y 24 32.19 4.33 66.97
N ARG Y 25 32.47 5.24 66.04
CA ARG Y 25 33.47 5.02 65.01
C ARG Y 25 34.39 6.23 64.92
N GLY Y 26 35.67 5.98 64.63
CA GLY Y 26 36.62 7.05 64.47
C GLY Y 26 37.00 7.77 65.74
N ILE Y 27 36.82 7.13 66.89
CA ILE Y 27 37.13 7.75 68.18
C ILE Y 27 38.56 7.42 68.57
N ILE Y 28 39.29 8.43 69.04
CA ILE Y 28 40.65 8.27 69.52
C ILE Y 28 40.69 8.70 70.98
N ALA Y 29 41.16 7.81 71.84
CA ALA Y 29 41.29 8.09 73.26
C ALA Y 29 42.75 8.42 73.56
N MET Y 30 43.00 9.63 74.05
CA MET Y 30 44.35 10.11 74.31
C MET Y 30 44.46 10.50 75.78
N VAL Y 31 45.43 9.91 76.48
CA VAL Y 31 45.70 10.23 77.87
C VAL Y 31 47.19 10.48 78.00
N LEU Y 32 47.56 11.62 78.59
CA LEU Y 32 48.96 11.99 78.75
C LEU Y 32 49.19 12.50 80.17
N LYS Y 33 50.42 12.31 80.65
CA LYS Y 33 50.80 12.66 82.02
C LYS Y 33 51.46 14.04 82.00
N ASP Y 34 50.71 15.06 82.43
CA ASP Y 34 51.23 16.41 82.55
C ASP Y 34 50.74 17.01 83.86
N ALA Y 35 51.58 17.84 84.47
CA ALA Y 35 51.27 18.47 85.74
C ALA Y 35 50.65 19.86 85.59
N LYS Y 36 50.41 20.31 84.36
CA LYS Y 36 49.93 21.66 84.11
C LYS Y 36 48.45 21.70 83.71
N ALA Y 37 48.05 20.90 82.72
CA ALA Y 37 46.67 20.94 82.26
C ALA Y 37 45.73 20.27 83.26
N LEU Y 38 45.93 18.98 83.50
CA LEU Y 38 45.14 18.20 84.45
C LEU Y 38 43.64 18.31 84.14
N GLY Y 39 43.28 17.81 82.96
CA GLY Y 39 41.89 17.84 82.56
C GLY Y 39 41.69 17.17 81.23
N LEU Y 40 40.43 17.07 80.83
CA LEU Y 40 40.06 16.44 79.56
C LEU Y 40 39.81 17.52 78.51
N ASN Y 41 40.31 17.27 77.30
CA ASN Y 41 40.16 18.18 76.19
C ASN Y 41 39.73 17.40 74.96
N GLU Y 42 38.54 17.69 74.44
CA GLU Y 42 38.04 17.10 73.21
C GLU Y 42 38.35 18.04 72.06
N ILE Y 43 39.11 17.54 71.09
CA ILE Y 43 39.57 18.35 69.95
C ILE Y 43 38.77 17.93 68.73
N HIS Y 44 37.96 18.85 68.22
CA HIS Y 44 37.19 18.63 67.00
C HIS Y 44 37.69 19.45 65.82
N GLU Y 45 38.46 20.50 66.07
CA GLU Y 45 39.03 21.35 65.03
C GLU Y 45 40.55 21.21 65.06
N LYS Y 46 41.16 21.15 63.89
CA LYS Y 46 42.61 21.02 63.79
C LYS Y 46 43.31 22.23 64.41
N GLU Y 47 44.63 22.11 64.55
CA GLU Y 47 45.52 23.13 65.10
C GLU Y 47 44.97 23.76 66.39
N ASP Y 48 44.21 22.98 67.16
CA ASP Y 48 43.70 23.41 68.45
C ASP Y 48 44.61 22.84 69.52
N ILE Y 49 45.52 23.67 70.03
CA ILE Y 49 46.54 23.24 70.98
C ILE Y 49 46.38 24.05 72.26
N PRO Y 50 46.10 23.42 73.40
CA PRO Y 50 46.14 24.15 74.67
C PRO Y 50 47.58 24.52 75.03
N VAL Y 51 47.72 25.70 75.64
CA VAL Y 51 49.05 26.17 76.03
C VAL Y 51 49.63 25.34 77.17
N ASP Y 52 48.79 24.63 77.93
CA ASP Y 52 49.27 23.88 79.08
C ASP Y 52 50.10 22.67 78.67
N LEU Y 53 49.77 22.04 77.55
CA LEU Y 53 50.40 20.79 77.17
C LEU Y 53 51.85 21.00 76.76
N SER Y 54 52.67 19.98 77.00
CA SER Y 54 54.10 20.08 76.74
C SER Y 54 54.41 19.90 75.26
N ALA Y 55 55.68 20.11 74.91
CA ALA Y 55 56.11 19.97 73.52
C ALA Y 55 55.98 18.54 73.03
N GLU Y 56 56.34 17.56 73.87
CA GLU Y 56 56.19 16.16 73.49
C GLU Y 56 54.72 15.78 73.33
N ASN Y 57 53.87 16.27 74.23
CA ASN Y 57 52.43 16.05 74.08
C ASN Y 57 51.89 16.73 72.83
N LYS Y 58 52.40 17.92 72.50
CA LYS Y 58 52.03 18.58 71.26
C LYS Y 58 52.46 17.76 70.05
N GLU Y 59 53.64 17.15 70.10
CA GLU Y 59 54.07 16.26 69.02
C GLU Y 59 53.16 15.05 68.89
N TYR Y 60 52.74 14.49 70.03
CA TYR Y 60 51.78 13.39 70.00
C TYR Y 60 50.48 13.82 69.33
N ILE Y 61 49.98 15.00 69.69
CA ILE Y 61 48.74 15.50 69.10
C ILE Y 61 48.92 15.69 67.59
N ASN Y 62 50.05 16.26 67.18
CA ASN Y 62 50.29 16.48 65.76
C ASN Y 62 50.36 15.16 65.01
N LEU Y 63 51.01 14.16 65.60
CA LEU Y 63 51.03 12.83 64.98
C LEU Y 63 49.62 12.27 64.84
N ALA Y 64 48.78 12.46 65.87
CA ALA Y 64 47.42 11.99 65.80
C ALA Y 64 46.55 12.82 64.85
N LEU Y 65 47.03 14.01 64.44
CA LEU Y 65 46.19 14.91 63.65
C LEU Y 65 45.89 14.34 62.27
N MET Y 66 46.91 13.91 61.55
CA MET Y 66 46.72 13.50 60.16
C MET Y 66 46.49 12.00 60.05
N GLY Y 67 45.78 11.60 58.99
CA GLY Y 67 45.56 10.21 58.69
C GLY Y 67 45.97 9.90 57.26
N ASN Y 68 45.93 8.62 56.91
CA ASN Y 68 46.32 8.19 55.58
C ASN Y 68 45.40 8.77 54.51
N VAL Y 69 44.09 8.65 54.72
CA VAL Y 69 43.09 9.09 53.76
C VAL Y 69 42.30 10.28 54.28
N ASN Y 70 41.84 10.20 55.52
CA ASN Y 70 41.04 11.26 56.12
C ASN Y 70 41.54 11.56 57.53
N THR Y 71 41.32 12.80 57.96
CA THR Y 71 41.59 13.16 59.34
C THR Y 71 40.67 12.39 60.26
N PRO Y 72 41.17 11.88 61.39
CA PRO Y 72 40.29 11.18 62.34
C PRO Y 72 39.12 12.05 62.77
N ASN Y 73 37.95 11.43 62.87
CA ASN Y 73 36.72 12.18 63.10
C ASN Y 73 36.74 12.90 64.45
N LYS Y 74 37.13 12.20 65.51
CA LYS Y 74 37.14 12.78 66.84
C LYS Y 74 38.45 12.45 67.54
N LEU Y 75 39.06 13.46 68.14
CA LEU Y 75 40.26 13.29 68.95
C LEU Y 75 39.95 13.77 70.37
N LEU Y 76 40.05 12.87 71.33
CA LEU Y 76 39.73 13.16 72.73
C LEU Y 76 40.99 12.99 73.56
N VAL Y 77 41.36 14.03 74.30
CA VAL Y 77 42.59 14.05 75.08
C VAL Y 77 42.25 14.33 76.54
N TYR Y 78 42.81 13.54 77.45
CA TYR Y 78 42.66 13.75 78.88
C TYR Y 78 44.04 13.90 79.51
N VAL Y 79 44.15 14.78 80.50
CA VAL Y 79 45.40 15.08 81.16
C VAL Y 79 45.24 14.88 82.66
N ILE Y 80 46.18 14.16 83.27
CA ILE Y 80 46.25 14.04 84.72
C ILE Y 80 47.70 13.71 85.09
N GLU Y 81 48.02 13.87 86.37
CA GLU Y 81 49.36 13.55 86.85
C GLU Y 81 49.67 12.07 86.61
N GLY Y 82 50.96 11.77 86.43
CA GLY Y 82 51.37 10.40 86.15
C GLY Y 82 50.99 9.43 87.26
N GLU Y 83 51.05 9.89 88.51
CA GLU Y 83 50.64 9.05 89.62
C GLU Y 83 49.14 8.82 89.57
N ALA Y 84 48.74 7.56 89.78
CA ALA Y 84 47.33 7.15 89.73
C ALA Y 84 46.68 7.50 88.40
N ASP Y 85 47.47 7.45 87.32
CA ASP Y 85 46.93 7.78 86.00
C ASP Y 85 46.02 6.68 85.47
N ILE Y 86 46.35 5.42 85.76
CA ILE Y 86 45.62 4.30 85.16
C ILE Y 86 44.18 4.26 85.67
N GLN Y 87 43.99 4.49 86.98
CA GLN Y 87 42.64 4.43 87.54
C GLN Y 87 41.74 5.50 86.94
N THR Y 88 42.23 6.74 86.88
CA THR Y 88 41.43 7.82 86.34
C THR Y 88 41.20 7.65 84.85
N ALA Y 89 42.20 7.13 84.13
CA ALA Y 89 42.02 6.85 82.70
C ALA Y 89 40.93 5.81 82.49
N LEU Y 90 40.94 4.75 83.29
CA LEU Y 90 39.89 3.73 83.20
C LEU Y 90 38.53 4.32 83.51
N ASP Y 91 38.45 5.15 84.56
CA ASP Y 91 37.16 5.76 84.92
C ASP Y 91 36.64 6.65 83.80
N PHE Y 92 37.53 7.46 83.20
CA PHE Y 92 37.10 8.36 82.14
C PHE Y 92 36.69 7.59 80.89
N LEU Y 93 37.43 6.52 80.55
CA LEU Y 93 37.06 5.71 79.39
C LEU Y 93 35.75 4.97 79.64
N GLU Y 94 35.47 4.60 80.89
CA GLU Y 94 34.15 4.07 81.22
C GLU Y 94 33.08 5.15 81.05
N THR Y 95 33.39 6.39 81.45
CA THR Y 95 32.42 7.47 81.34
C THR Y 95 32.06 7.77 79.89
N LYS Y 96 33.06 7.81 79.00
CA LYS Y 96 32.85 8.17 77.61
C LYS Y 96 33.42 7.08 76.72
N GLU Y 97 32.61 6.61 75.77
CA GLU Y 97 33.02 5.52 74.89
C GLU Y 97 34.16 5.96 73.98
N PHE Y 98 34.96 4.98 73.55
CA PHE Y 98 36.10 5.24 72.67
C PHE Y 98 36.29 4.06 71.74
N ASN Y 99 37.02 4.30 70.66
CA ASN Y 99 37.31 3.26 69.67
C ASN Y 99 38.74 2.75 69.75
N TYR Y 100 39.72 3.64 69.94
CA TYR Y 100 41.12 3.25 70.02
C TYR Y 100 41.78 3.97 71.18
N LEU Y 101 42.78 3.33 71.77
CA LEU Y 101 43.46 3.83 72.96
C LEU Y 101 44.96 3.78 72.77
N CYS Y 102 45.65 4.77 73.31
CA CYS Y 102 47.11 4.83 73.25
C CYS Y 102 47.63 5.61 74.46
N MET Y 103 48.83 5.24 74.90
CA MET Y 103 49.45 5.86 76.06
C MET Y 103 50.92 6.14 75.76
N PRO Y 104 51.38 7.39 75.90
CA PRO Y 104 52.79 7.70 75.62
C PRO Y 104 53.76 6.96 76.52
N LYS Y 105 53.43 6.77 77.79
CA LYS Y 105 54.34 6.20 78.78
C LYS Y 105 53.75 4.96 79.42
N ALA Y 106 53.16 4.08 78.60
CA ALA Y 106 52.57 2.86 79.11
C ALA Y 106 53.68 1.86 79.41
N VAL Y 107 53.86 1.55 80.70
CA VAL Y 107 54.84 0.54 81.11
C VAL Y 107 54.22 -0.83 80.91
N GLU Y 108 55.04 -1.89 81.05
CA GLU Y 108 54.55 -3.24 80.81
C GLU Y 108 53.40 -3.58 81.76
N ALA Y 109 53.52 -3.21 83.03
CA ALA Y 109 52.42 -3.42 83.97
C ALA Y 109 51.19 -2.61 83.57
N ASP Y 110 51.41 -1.35 83.16
CA ASP Y 110 50.29 -0.53 82.71
C ASP Y 110 49.64 -1.11 81.45
N LYS Y 111 50.45 -1.59 80.51
CA LYS Y 111 49.90 -2.22 79.31
C LYS Y 111 49.11 -3.48 79.65
N THR Y 112 49.62 -4.29 80.58
CA THR Y 112 48.90 -5.49 80.98
C THR Y 112 47.58 -5.14 81.65
N ALA Y 113 47.58 -4.14 82.52
CA ALA Y 113 46.34 -3.71 83.17
C ALA Y 113 45.35 -3.18 82.14
N ILE Y 114 45.84 -2.41 81.17
CA ILE Y 114 44.97 -1.88 80.12
C ILE Y 114 44.35 -3.02 79.32
N LYS Y 115 45.16 -4.01 78.95
CA LYS Y 115 44.65 -5.14 78.19
C LYS Y 115 43.63 -5.93 78.99
N ASN Y 116 43.89 -6.14 80.29
CA ASN Y 116 42.94 -6.85 81.13
C ASN Y 116 41.62 -6.11 81.23
N TRP Y 117 41.67 -4.79 81.41
CA TRP Y 117 40.45 -4.01 81.47
C TRP Y 117 39.70 -4.07 80.13
N ILE Y 118 40.43 -3.99 79.01
CA ILE Y 118 39.79 -4.00 77.69
C ILE Y 118 39.09 -5.34 77.46
N ILE Y 119 39.78 -6.44 77.77
CA ILE Y 119 39.20 -7.75 77.54
C ILE Y 119 38.03 -8.00 78.50
N LYS Y 120 38.14 -7.49 79.74
CA LYS Y 120 37.01 -7.62 80.65
C LYS Y 120 35.79 -6.87 80.13
N LEU Y 121 36.00 -5.66 79.61
CA LEU Y 121 34.89 -4.93 78.99
C LEU Y 121 34.30 -5.72 77.83
N ARG Y 122 35.14 -6.19 76.91
CA ARG Y 122 34.66 -6.88 75.73
C ARG Y 122 33.95 -8.20 76.07
N ASP Y 123 34.32 -8.83 77.18
CA ASP Y 123 33.78 -10.13 77.52
C ASP Y 123 32.60 -10.09 78.49
N ILE Y 124 32.47 -9.03 79.28
CA ILE Y 124 31.37 -8.96 80.24
C ILE Y 124 30.45 -7.78 79.88
N ASP Y 125 31.04 -6.60 79.75
CA ASP Y 125 30.24 -5.41 79.44
C ASP Y 125 29.76 -5.39 77.99
N LYS Y 126 30.26 -6.31 77.16
CA LYS Y 126 29.90 -6.38 75.74
C LYS Y 126 30.17 -5.06 75.03
N VAL Y 127 31.24 -4.38 75.44
CA VAL Y 127 31.66 -3.12 74.84
C VAL Y 127 32.88 -3.41 73.97
N LYS Y 128 32.73 -3.23 72.66
CA LYS Y 128 33.78 -3.55 71.71
C LYS Y 128 34.73 -2.36 71.61
N VAL Y 129 35.89 -2.49 72.23
CA VAL Y 129 36.90 -1.43 72.25
C VAL Y 129 38.25 -2.02 71.85
N LYS Y 130 39.13 -1.17 71.35
CA LYS Y 130 40.44 -1.57 70.88
C LYS Y 130 41.51 -0.68 71.49
N ALA Y 131 42.71 -1.25 71.65
CA ALA Y 131 43.84 -0.53 72.22
C ALA Y 131 45.09 -0.85 71.41
N VAL Y 132 45.96 0.14 71.25
CA VAL Y 132 47.22 0.00 70.54
C VAL Y 132 48.34 0.09 71.56
N LEU Y 133 49.19 -0.95 71.61
CA LEU Y 133 50.25 -1.03 72.60
C LEU Y 133 51.56 -1.41 71.92
N GLY Y 134 52.67 -1.02 72.55
CA GLY Y 134 53.99 -1.19 71.96
C GLY Y 134 54.52 -2.61 71.99
N LYS Y 135 54.65 -3.19 73.18
CA LYS Y 135 55.23 -4.53 73.34
C LYS Y 135 54.34 -5.32 74.31
N VAL Y 136 53.34 -6.02 73.76
CA VAL Y 136 52.43 -6.84 74.54
C VAL Y 136 52.27 -8.18 73.85
N VAL Y 137 52.46 -9.26 74.61
CA VAL Y 137 52.33 -10.61 74.09
C VAL Y 137 50.98 -11.23 74.50
N GLY Y 138 49.99 -10.39 74.81
CA GLY Y 138 48.73 -10.88 75.33
C GLY Y 138 47.98 -11.76 74.34
N ASN Y 139 47.02 -12.50 74.87
CA ASN Y 139 46.28 -13.53 74.13
C ASN Y 139 44.91 -13.04 73.69
N HIS Y 140 44.78 -11.78 73.30
CA HIS Y 140 43.52 -11.23 72.83
C HIS Y 140 43.73 -10.48 71.52
N GLU Y 141 42.70 -10.51 70.67
CA GLU Y 141 42.75 -9.85 69.36
C GLU Y 141 42.32 -8.39 69.41
N GLY Y 142 41.67 -7.95 70.48
CA GLY Y 142 41.25 -6.56 70.57
C GLY Y 142 42.39 -5.59 70.76
N ILE Y 143 43.51 -6.06 71.30
CA ILE Y 143 44.68 -5.21 71.48
C ILE Y 143 45.53 -5.26 70.21
N ILE Y 144 46.32 -4.21 70.01
CA ILE Y 144 47.20 -4.10 68.86
C ILE Y 144 48.64 -3.96 69.36
N ASN Y 145 49.51 -4.84 68.87
CA ASN Y 145 50.92 -4.89 69.30
C ASN Y 145 51.79 -4.47 68.12
N PHE Y 146 52.49 -3.35 68.29
CA PHE Y 146 53.38 -2.81 67.26
C PHE Y 146 54.80 -2.88 67.78
N THR Y 147 55.51 -3.97 67.45
CA THR Y 147 56.88 -4.19 67.91
C THR Y 147 57.82 -3.84 66.76
N THR Y 148 58.18 -2.56 66.68
CA THR Y 148 59.14 -2.08 65.69
C THR Y 148 60.04 -1.07 66.41
N GLU Y 149 61.28 -1.47 66.68
CA GLU Y 149 62.20 -0.66 67.46
C GLU Y 149 63.07 0.20 66.56
N ASP Y 150 63.67 1.23 67.18
CA ASP Y 150 64.58 2.15 66.49
C ASP Y 150 63.90 2.82 65.30
N VAL Y 151 62.65 3.20 65.46
CA VAL Y 151 61.91 3.85 64.39
C VAL Y 151 62.24 5.35 64.38
N LEU Y 152 62.57 5.87 63.20
CA LEU Y 152 62.85 7.28 63.01
C LEU Y 152 61.97 7.80 61.89
N VAL Y 153 61.28 8.91 62.14
CA VAL Y 153 60.38 9.54 61.17
C VAL Y 153 60.85 10.97 60.94
N GLY Y 154 61.04 11.33 59.68
CA GLY Y 154 61.50 12.67 59.35
C GLY Y 154 62.84 13.00 59.97
N GLU Y 155 63.81 12.09 59.81
CA GLU Y 155 65.16 12.19 60.38
C GLU Y 155 65.12 12.59 61.86
N LYS Y 156 64.05 12.20 62.55
CA LYS Y 156 63.87 12.48 63.97
C LYS Y 156 63.64 11.16 64.71
N LYS Y 157 64.35 10.98 65.82
CA LYS Y 157 64.17 9.77 66.62
C LYS Y 157 62.79 9.77 67.25
N TYR Y 158 62.09 8.64 67.13
CA TYR Y 158 60.74 8.48 67.67
C TYR Y 158 60.71 7.25 68.57
N SER Y 159 60.05 7.38 69.71
CA SER Y 159 59.85 6.25 70.60
C SER Y 159 58.81 5.31 70.01
N VAL Y 160 58.73 4.10 70.57
CA VAL Y 160 57.77 3.11 70.09
C VAL Y 160 56.35 3.61 70.27
N ASP Y 161 56.04 4.17 71.45
CA ASP Y 161 54.69 4.61 71.73
C ASP Y 161 54.28 5.77 70.84
N GLU Y 162 55.20 6.66 70.49
CA GLU Y 162 54.89 7.75 69.57
C GLU Y 162 54.40 7.21 68.23
N PHE Y 163 55.11 6.24 67.67
CA PHE Y 163 54.70 5.71 66.38
C PHE Y 163 53.47 4.83 66.50
N THR Y 164 53.26 4.16 67.64
CA THR Y 164 52.00 3.44 67.83
C THR Y 164 50.82 4.39 67.83
N SER Y 165 50.96 5.54 68.49
CA SER Y 165 49.90 6.55 68.44
C SER Y 165 49.70 7.08 67.03
N ARG Y 166 50.79 7.31 66.31
CA ARG Y 166 50.70 7.77 64.92
C ARG Y 166 49.95 6.76 64.07
N VAL Y 167 50.28 5.47 64.22
CA VAL Y 167 49.64 4.43 63.42
C VAL Y 167 48.17 4.29 63.80
N ALA Y 168 47.86 4.43 65.09
CA ALA Y 168 46.46 4.38 65.51
C ALA Y 168 45.66 5.53 64.89
N GLY Y 169 46.24 6.73 64.88
CA GLY Y 169 45.59 7.85 64.23
C GLY Y 169 45.42 7.64 62.75
N LEU Y 170 46.43 7.06 62.10
CA LEU Y 170 46.34 6.75 60.67
C LEU Y 170 45.23 5.74 60.39
N ILE Y 171 45.13 4.70 61.23
CA ILE Y 171 44.11 3.68 61.05
C ILE Y 171 42.72 4.27 61.28
N ALA Y 172 42.62 5.20 62.23
CA ALA Y 172 41.34 5.89 62.44
C ALA Y 172 40.86 6.58 61.18
N GLY Y 173 41.78 7.12 60.39
CA GLY Y 173 41.43 7.72 59.11
C GLY Y 173 41.36 6.76 57.94
N THR Y 174 41.61 5.48 58.17
CA THR Y 174 41.57 4.50 57.10
C THR Y 174 40.14 4.08 56.82
N PRO Y 175 39.66 4.21 55.58
CA PRO Y 175 38.30 3.76 55.27
C PRO Y 175 38.19 2.24 55.32
N LEU Y 176 36.96 1.77 55.51
CA LEU Y 176 36.72 0.34 55.64
C LEU Y 176 36.94 -0.39 54.32
N SER Y 177 36.64 0.26 53.19
CA SER Y 177 36.91 -0.37 51.90
C SER Y 177 38.40 -0.60 51.70
N GLN Y 178 39.22 0.36 52.08
CA GLN Y 178 40.67 0.22 52.00
C GLN Y 178 41.18 -0.70 53.11
N SER Y 179 42.35 -1.28 52.86
CA SER Y 179 43.02 -2.14 53.83
C SER Y 179 44.33 -1.49 54.26
N VAL Y 180 44.67 -1.67 55.54
CA VAL Y 180 45.88 -1.07 56.07
C VAL Y 180 47.13 -1.74 55.51
N THR Y 181 47.00 -2.89 54.87
CA THR Y 181 48.15 -3.58 54.32
C THR Y 181 48.76 -2.79 53.16
N TYR Y 182 50.10 -2.73 53.15
CA TYR Y 182 50.86 -2.05 52.10
C TYR Y 182 50.46 -0.58 51.96
N THR Y 183 50.29 0.09 53.10
CA THR Y 183 50.06 1.53 53.11
C THR Y 183 51.38 2.24 53.42
N LYS Y 184 51.86 3.04 52.48
CA LYS Y 184 53.16 3.67 52.57
C LYS Y 184 53.09 4.96 53.39
N LEU Y 185 54.19 5.26 54.07
CA LEU Y 185 54.33 6.47 54.87
C LEU Y 185 55.41 7.35 54.24
N SER Y 186 55.03 8.55 53.81
CA SER Y 186 55.99 9.49 53.25
C SER Y 186 56.84 10.15 54.32
N ASP Y 187 56.29 10.37 55.51
CA ASP Y 187 57.04 11.03 56.58
C ASP Y 187 58.21 10.16 57.04
N VAL Y 188 58.02 8.85 57.14
CA VAL Y 188 59.09 7.96 57.54
C VAL Y 188 60.13 7.90 56.43
N VAL Y 189 61.38 8.26 56.77
CA VAL Y 189 62.46 8.33 55.79
C VAL Y 189 63.61 7.42 56.15
N ASP Y 190 63.99 7.35 57.43
CA ASP Y 190 65.15 6.59 57.86
C ASP Y 190 64.70 5.46 58.79
N ILE Y 191 65.01 4.22 58.41
CA ILE Y 191 64.76 3.07 59.28
C ILE Y 191 65.96 2.14 59.21
N PRO Y 192 66.23 1.42 60.30
CA PRO Y 192 67.30 0.42 60.27
C PRO Y 192 67.00 -0.65 59.24
N LYS Y 193 68.05 -1.09 58.55
CA LYS Y 193 67.89 -2.06 57.48
C LYS Y 193 67.52 -3.43 58.06
N MET Y 194 66.48 -4.04 57.49
CA MET Y 194 66.05 -5.37 57.90
C MET Y 194 65.97 -6.27 56.69
N THR Y 195 66.18 -7.56 56.91
CA THR Y 195 66.08 -8.53 55.83
C THR Y 195 64.63 -8.93 55.60
N LYS Y 196 64.37 -9.45 54.40
CA LYS Y 196 63.02 -9.91 54.08
C LYS Y 196 62.63 -11.10 54.95
N VAL Y 197 63.57 -12.00 55.21
CA VAL Y 197 63.28 -13.18 56.04
C VAL Y 197 62.92 -12.74 57.46
N ASP Y 198 63.68 -11.79 58.02
CA ASP Y 198 63.39 -11.31 59.36
C ASP Y 198 62.02 -10.64 59.43
N ALA Y 199 61.69 -9.84 58.41
CA ALA Y 199 60.38 -9.18 58.38
C ALA Y 199 59.26 -10.20 58.29
N GLU Y 200 59.44 -11.22 57.44
CA GLU Y 200 58.42 -12.26 57.32
C GLU Y 200 58.25 -13.02 58.63
N SER Y 201 59.35 -13.33 59.31
CA SER Y 201 59.27 -14.01 60.60
C SER Y 201 58.56 -13.15 61.63
N ARG Y 202 58.87 -11.85 61.65
CA ARG Y 202 58.22 -10.95 62.59
C ARG Y 202 56.71 -10.87 62.32
N VAL Y 203 56.33 -10.80 61.04
CA VAL Y 203 54.90 -10.75 60.70
C VAL Y 203 54.21 -12.04 61.10
N ASN Y 204 54.84 -13.19 60.83
CA ASN Y 204 54.26 -14.47 61.22
C ASN Y 204 54.14 -14.61 62.73
N LYS Y 205 54.90 -13.82 63.50
CA LYS Y 205 54.75 -13.79 64.94
C LYS Y 205 53.53 -12.98 65.39
N GLY Y 206 52.84 -12.32 64.46
CA GLY Y 206 51.72 -11.48 64.81
C GLY Y 206 52.05 -10.04 65.11
N GLU Y 207 53.23 -9.58 64.71
CA GLU Y 207 53.69 -8.22 64.99
C GLU Y 207 53.50 -7.34 63.77
N LEU Y 208 53.28 -6.05 64.02
CA LEU Y 208 53.15 -5.04 62.98
C LEU Y 208 54.47 -4.30 62.84
N ILE Y 209 55.03 -4.30 61.63
CA ILE Y 209 56.33 -3.72 61.38
C ILE Y 209 56.29 -2.93 60.08
N LEU Y 210 57.32 -2.11 59.88
CA LEU Y 210 57.49 -1.32 58.66
C LEU Y 210 58.49 -2.00 57.73
N ILE Y 211 58.18 -1.99 56.44
CA ILE Y 211 59.06 -2.55 55.42
C ILE Y 211 59.25 -1.54 54.31
N LYS Y 212 60.40 -1.60 53.64
CA LYS Y 212 60.71 -0.73 52.52
C LYS Y 212 60.41 -1.51 51.23
N GLU Y 213 59.24 -1.26 50.65
CA GLU Y 213 58.79 -1.99 49.48
C GLU Y 213 58.11 -1.02 48.52
N ALA Y 214 58.17 -1.35 47.23
CA ALA Y 214 57.58 -0.54 46.17
C ALA Y 214 58.10 0.89 46.19
N GLY Y 215 59.38 1.04 46.50
CA GLY Y 215 59.99 2.36 46.57
C GLY Y 215 59.40 3.24 47.66
N ALA Y 216 58.98 2.66 48.78
CA ALA Y 216 58.39 3.42 49.86
C ALA Y 216 58.45 2.57 51.13
N ILE Y 217 58.18 3.23 52.26
CA ILE Y 217 58.17 2.57 53.56
C ILE Y 217 56.71 2.32 53.94
N ARG Y 218 56.33 1.05 54.03
CA ARG Y 218 54.97 0.66 54.32
C ARG Y 218 54.97 -0.49 55.33
N ILE Y 219 53.79 -0.81 55.84
CA ILE Y 219 53.65 -1.94 56.74
C ILE Y 219 53.35 -3.19 55.93
N ALA Y 220 53.84 -4.34 56.42
CA ALA Y 220 53.76 -5.57 55.64
C ALA Y 220 52.36 -6.17 55.66
N ARG Y 221 51.65 -6.05 56.78
CA ARG Y 221 50.36 -6.70 56.93
C ARG Y 221 49.53 -5.94 57.96
N GLY Y 222 48.28 -6.36 58.12
CA GLY Y 222 47.38 -5.76 59.08
C GLY Y 222 46.73 -6.78 59.99
N VAL Y 223 47.47 -7.84 60.34
CA VAL Y 223 46.95 -8.90 61.19
C VAL Y 223 46.79 -8.40 62.61
N ASN Y 224 46.02 -9.12 63.41
CA ASN Y 224 45.82 -8.75 64.81
C ASN Y 224 47.03 -9.13 65.65
N SER Y 225 47.08 -8.55 66.85
CA SER Y 225 48.16 -8.87 67.78
C SER Y 225 48.02 -10.27 68.36
N LEU Y 226 46.85 -10.89 68.25
CA LEU Y 226 46.63 -12.20 68.83
C LEU Y 226 47.35 -13.26 68.00
N THR Y 227 48.32 -13.93 68.62
CA THR Y 227 49.06 -14.98 67.93
C THR Y 227 48.24 -16.25 67.79
N GLU Y 228 47.50 -16.63 68.84
CA GLU Y 228 46.78 -17.90 68.89
C GLU Y 228 45.29 -17.65 68.74
N LEU Y 229 44.76 -17.95 67.55
CA LEU Y 229 43.32 -17.94 67.32
C LEU Y 229 42.80 -19.36 67.42
N THR Y 230 41.71 -19.54 68.16
CA THR Y 230 41.17 -20.87 68.35
C THR Y 230 40.62 -21.44 67.05
N ALA Y 231 40.18 -22.70 67.12
CA ALA Y 231 39.70 -23.39 65.92
C ALA Y 231 38.50 -22.68 65.32
N GLU Y 232 37.58 -22.21 66.17
CA GLU Y 232 36.39 -21.53 65.66
C GLU Y 232 36.73 -20.19 65.01
N LYS Y 233 37.69 -19.46 65.58
CA LYS Y 233 37.99 -18.10 65.10
C LYS Y 233 38.48 -18.10 63.66
N GLY Y 234 39.38 -19.02 63.33
CA GLY Y 234 39.83 -19.16 61.95
C GLY Y 234 40.79 -18.08 61.51
N GLU Y 235 41.07 -18.12 60.20
CA GLU Y 235 42.04 -17.20 59.62
C GLU Y 235 41.52 -15.77 59.60
N MET Y 236 40.24 -15.58 59.30
CA MET Y 236 39.70 -14.23 59.15
C MET Y 236 39.75 -13.47 60.48
N PHE Y 237 39.58 -14.18 61.60
CA PHE Y 237 39.66 -13.51 62.90
C PHE Y 237 41.09 -13.11 63.25
N GLN Y 238 42.08 -13.55 62.48
CA GLN Y 238 43.45 -13.07 62.65
C GLN Y 238 43.66 -11.71 62.02
N LYS Y 239 42.64 -11.11 61.42
CA LYS Y 239 42.73 -9.81 60.77
C LYS Y 239 41.93 -8.78 61.54
N ILE Y 240 42.51 -7.61 61.73
CA ILE Y 240 41.81 -6.52 62.43
C ILE Y 240 40.64 -6.02 61.59
N LYS Y 241 40.71 -6.16 60.27
CA LYS Y 241 39.66 -5.65 59.40
C LYS Y 241 38.33 -6.34 59.66
N ILE Y 242 38.35 -7.67 59.85
CA ILE Y 242 37.12 -8.40 60.12
C ILE Y 242 36.55 -8.02 61.48
N VAL Y 243 37.40 -8.02 62.51
CA VAL Y 243 36.93 -7.74 63.86
C VAL Y 243 36.41 -6.31 63.96
N ASP Y 244 36.95 -5.39 63.15
CA ASP Y 244 36.50 -4.01 63.19
C ASP Y 244 35.03 -3.91 62.75
N THR Y 245 34.70 -4.51 61.61
CA THR Y 245 33.32 -4.44 61.14
C THR Y 245 32.39 -5.27 62.02
N LEU Y 246 32.88 -6.38 62.57
CA LEU Y 246 32.05 -7.14 63.50
C LEU Y 246 31.73 -6.32 64.75
N ASP Y 247 32.73 -5.61 65.28
CA ASP Y 247 32.52 -4.76 66.45
C ASP Y 247 31.57 -3.61 66.12
N ILE Y 248 31.70 -3.03 64.93
CA ILE Y 248 30.81 -1.94 64.53
C ILE Y 248 29.37 -2.43 64.45
N ILE Y 249 29.17 -3.60 63.84
CA ILE Y 249 27.81 -4.17 63.76
C ILE Y 249 27.27 -4.46 65.15
N HIS Y 250 28.11 -5.03 66.03
CA HIS Y 250 27.69 -5.28 67.41
C HIS Y 250 27.25 -4.00 68.09
N SER Y 251 28.06 -2.95 67.99
CA SER Y 251 27.75 -1.69 68.65
C SER Y 251 26.47 -1.09 68.10
N ASP Y 252 26.29 -1.10 66.78
CA ASP Y 252 25.09 -0.53 66.19
C ASP Y 252 23.84 -1.29 66.62
N ILE Y 253 23.90 -2.63 66.62
CA ILE Y 253 22.75 -3.43 67.02
C ILE Y 253 22.42 -3.19 68.48
N ARG Y 254 23.44 -3.16 69.33
CA ARG Y 254 23.20 -2.91 70.76
C ARG Y 254 22.60 -1.53 70.97
N LYS Y 255 23.11 -0.53 70.25
CA LYS Y 255 22.60 0.83 70.40
C LYS Y 255 21.14 0.93 69.98
N VAL Y 256 20.79 0.34 68.82
CA VAL Y 256 19.41 0.44 68.37
C VAL Y 256 18.48 -0.35 69.29
N ILE Y 257 18.96 -1.49 69.81
CA ILE Y 257 18.15 -2.28 70.74
C ILE Y 257 17.86 -1.48 72.01
N ILE Y 258 18.90 -0.87 72.57
CA ILE Y 258 18.72 -0.06 73.78
C ILE Y 258 17.83 1.14 73.50
N ASP Y 259 17.96 1.74 72.31
CA ASP Y 259 17.15 2.92 71.99
C ASP Y 259 15.68 2.58 71.85
N ASP Y 260 15.36 1.44 71.24
CA ASP Y 260 13.98 1.16 70.84
C ASP Y 260 13.32 0.07 71.67
N TYR Y 261 13.92 -1.12 71.75
CA TYR Y 261 13.15 -2.30 72.13
C TYR Y 261 13.04 -2.50 73.64
N ILE Y 262 13.99 -2.03 74.43
CA ILE Y 262 13.91 -2.21 75.88
C ILE Y 262 12.94 -1.18 76.45
N GLY Y 263 11.97 -1.65 77.22
CA GLY Y 263 11.00 -0.77 77.84
C GLY Y 263 9.92 -0.26 76.91
N LYS Y 264 10.33 0.45 75.85
CA LYS Y 264 9.36 1.07 74.96
C LYS Y 264 8.53 0.04 74.23
N VAL Y 265 9.15 -1.02 73.72
CA VAL Y 265 8.48 -2.04 72.93
C VAL Y 265 8.13 -3.21 73.85
N THR Y 266 6.98 -3.84 73.59
CA THR Y 266 6.59 -5.03 74.33
C THR Y 266 7.04 -6.28 73.59
N ASN Y 267 6.78 -7.43 74.20
CA ASN Y 267 7.10 -8.73 73.61
C ASN Y 267 5.84 -9.34 73.01
N SER Y 268 5.88 -9.59 71.70
CA SER Y 268 4.77 -10.21 71.01
C SER Y 268 5.29 -10.81 69.71
N TYR Y 269 4.48 -11.68 69.12
CA TYR Y 269 4.84 -12.25 67.82
C TYR Y 269 4.95 -11.16 66.76
N ASP Y 270 4.02 -10.21 66.77
CA ASP Y 270 4.12 -9.07 65.86
C ASP Y 270 5.34 -8.22 66.18
N ASN Y 271 5.64 -8.04 67.47
CA ASN Y 271 6.85 -7.32 67.86
C ASN Y 271 8.09 -8.06 67.39
N LYS Y 272 8.08 -9.39 67.49
CA LYS Y 272 9.20 -10.19 67.00
C LYS Y 272 9.36 -10.00 65.49
N CYS Y 273 8.26 -10.01 64.75
CA CYS Y 273 8.33 -9.81 63.30
C CYS Y 273 8.87 -8.42 62.96
N LEU Y 274 8.43 -7.39 63.70
CA LEU Y 274 8.93 -6.04 63.45
C LEU Y 274 10.42 -5.95 63.75
N LEU Y 275 10.87 -6.58 64.84
CA LEU Y 275 12.29 -6.59 65.16
C LEU Y 275 13.09 -7.32 64.08
N ILE Y 276 12.56 -8.43 63.57
CA ILE Y 276 13.22 -9.15 62.49
C ILE Y 276 13.33 -8.28 61.25
N VAL Y 277 12.24 -7.56 60.93
CA VAL Y 277 12.26 -6.68 59.76
C VAL Y 277 13.29 -5.57 59.93
N ALA Y 278 13.37 -4.99 61.12
CA ALA Y 278 14.35 -3.93 61.37
C ALA Y 278 15.77 -4.47 61.27
N ILE Y 279 16.02 -5.66 61.81
CA ILE Y 279 17.34 -6.26 61.70
C ILE Y 279 17.69 -6.53 60.24
N LYS Y 280 16.72 -7.03 59.48
CA LYS Y 280 16.96 -7.28 58.06
C LYS Y 280 17.25 -5.98 57.32
N SER Y 281 16.55 -4.89 57.67
CA SER Y 281 16.81 -3.60 57.05
C SER Y 281 18.22 -3.11 57.38
N TYR Y 282 18.64 -3.26 58.63
CA TYR Y 282 20.00 -2.85 58.99
C TYR Y 282 21.04 -3.69 58.26
N LEU Y 283 20.79 -5.00 58.13
CA LEU Y 283 21.70 -5.85 57.39
C LEU Y 283 21.74 -5.46 55.91
N GLU Y 284 20.61 -5.06 55.35
CA GLU Y 284 20.59 -4.58 53.97
C GLU Y 284 21.39 -3.28 53.83
N GLU Y 285 21.28 -2.39 54.82
CA GLU Y 285 22.09 -1.18 54.81
C GLU Y 285 23.57 -1.51 54.84
N LEU Y 286 23.96 -2.49 55.65
CA LEU Y 286 25.34 -2.96 55.63
C LEU Y 286 25.70 -3.56 54.27
N GLU Y 287 24.76 -4.29 53.66
CA GLU Y 287 25.00 -4.89 52.35
C GLU Y 287 25.21 -3.82 51.28
N LYS Y 288 24.62 -2.64 51.47
CA LYS Y 288 24.86 -1.54 50.54
C LYS Y 288 26.34 -1.19 50.49
N SER Y 289 26.99 -1.14 51.64
CA SER Y 289 28.45 -1.07 51.68
C SER Y 289 29.05 -2.43 51.34
N ALA Y 290 30.30 -2.41 50.88
CA ALA Y 290 31.00 -3.62 50.51
C ALA Y 290 31.50 -4.42 51.71
N LEU Y 291 31.16 -4.00 52.94
CA LEU Y 291 31.73 -4.63 54.13
C LEU Y 291 31.27 -6.08 54.26
N ILE Y 292 30.00 -6.36 54.00
CA ILE Y 292 29.46 -7.70 54.19
C ILE Y 292 28.86 -8.19 52.88
N GLU Y 293 28.65 -9.50 52.81
CA GLU Y 293 28.05 -10.11 51.63
C GLU Y 293 26.61 -9.67 51.47
N SER Y 294 26.14 -9.65 50.22
CA SER Y 294 24.78 -9.23 49.92
C SER Y 294 23.72 -10.22 50.41
N ASP Y 295 24.11 -11.44 50.77
CA ASP Y 295 23.18 -12.47 51.19
C ASP Y 295 23.29 -12.71 52.69
N SER Y 296 22.17 -12.59 53.40
CA SER Y 296 22.11 -12.85 54.82
C SER Y 296 20.68 -13.18 55.20
N THR Y 297 20.52 -13.90 56.30
CA THR Y 297 19.21 -14.35 56.77
C THR Y 297 19.04 -13.99 58.24
N VAL Y 298 17.81 -13.66 58.61
CA VAL Y 298 17.42 -13.42 60.00
C VAL Y 298 16.32 -14.40 60.36
N GLU Y 299 16.49 -15.11 61.46
CA GLU Y 299 15.56 -16.16 61.84
C GLU Y 299 15.41 -16.20 63.35
N ILE Y 300 14.28 -16.76 63.80
CA ILE Y 300 14.05 -16.96 65.22
C ILE Y 300 14.83 -18.18 65.69
N ASP Y 301 15.53 -18.05 66.82
CA ASP Y 301 16.28 -19.16 67.38
C ASP Y 301 15.28 -20.20 67.90
N PHE Y 302 15.05 -21.24 67.11
CA PHE Y 302 14.00 -22.20 67.43
C PHE Y 302 14.42 -23.13 68.56
N GLU Y 303 15.69 -23.54 68.59
CA GLU Y 303 16.17 -24.41 69.66
C GLU Y 303 16.21 -23.68 71.00
N ALA Y 304 16.46 -22.37 70.98
CA ALA Y 304 16.36 -21.58 72.21
C ALA Y 304 14.92 -21.59 72.72
N GLN Y 305 13.95 -21.52 71.81
CA GLN Y 305 12.55 -21.67 72.21
C GLN Y 305 12.29 -23.05 72.78
N LYS Y 306 12.89 -24.09 72.20
CA LYS Y 306 12.78 -25.43 72.77
C LYS Y 306 13.28 -25.45 74.21
N SER Y 307 14.46 -24.86 74.43
CA SER Y 307 15.04 -24.85 75.78
C SER Y 307 14.16 -24.06 76.74
N TYR Y 308 13.59 -22.94 76.28
CA TYR Y 308 12.70 -22.18 77.14
C TYR Y 308 11.46 -22.98 77.51
N LEU Y 309 10.92 -23.74 76.55
CA LEU Y 309 9.77 -24.60 76.86
C LEU Y 309 10.15 -25.70 77.85
N LYS Y 310 11.33 -26.29 77.70
CA LYS Y 310 11.78 -27.29 78.66
C LYS Y 310 11.91 -26.70 80.05
N SER Y 311 12.43 -25.46 80.14
CA SER Y 311 12.46 -24.78 81.43
C SER Y 311 11.04 -24.58 81.97
N LYS Y 312 10.11 -24.18 81.10
CA LYS Y 312 8.71 -24.11 81.50
C LYS Y 312 8.14 -25.48 81.81
N GLY Y 313 8.51 -26.49 81.01
CA GLY Y 313 8.03 -27.84 81.21
C GLY Y 313 6.88 -28.26 80.32
N VAL Y 314 6.51 -27.46 79.32
CA VAL Y 314 5.42 -27.82 78.43
C VAL Y 314 5.87 -28.96 77.52
N ASP Y 315 5.02 -29.98 77.41
CA ASP Y 315 5.33 -31.11 76.54
C ASP Y 315 5.36 -30.68 75.08
N LEU Y 316 6.34 -31.21 74.34
CA LEU Y 316 6.52 -30.81 72.95
C LEU Y 316 5.54 -31.51 72.01
N SER Y 317 4.89 -32.57 72.46
CA SER Y 317 4.00 -33.32 71.59
C SER Y 317 2.65 -32.61 71.44
N TYR Y 318 1.86 -33.11 70.48
CA TYR Y 318 0.48 -32.69 70.24
C TYR Y 318 0.32 -31.17 70.09
N MET Y 319 1.22 -30.55 69.32
CA MET Y 319 0.88 -29.30 68.66
C MET Y 319 1.81 -29.10 67.47
N THR Y 320 1.43 -28.16 66.61
CA THR Y 320 2.23 -27.85 65.43
C THR Y 320 3.55 -27.19 65.86
N LEU Y 321 4.60 -27.44 65.08
CA LEU Y 321 5.90 -26.83 65.36
C LEU Y 321 5.82 -25.31 65.27
N GLN Y 322 4.90 -24.77 64.46
CA GLN Y 322 4.73 -23.33 64.39
C GLN Y 322 4.22 -22.76 65.71
N GLU Y 323 3.46 -23.55 66.46
CA GLU Y 323 2.97 -23.08 67.76
C GLU Y 323 4.11 -22.76 68.72
N ILE Y 324 5.27 -23.39 68.51
CA ILE Y 324 6.44 -23.05 69.32
C ILE Y 324 6.82 -21.59 69.11
N LYS Y 325 6.86 -21.16 67.85
CA LYS Y 325 7.08 -19.74 67.57
C LYS Y 325 5.93 -18.89 68.07
N GLU Y 326 4.70 -19.37 67.89
CA GLU Y 326 3.53 -18.61 68.35
C GLU Y 326 3.48 -18.53 69.88
N ALA Y 327 4.04 -19.51 70.58
CA ALA Y 327 4.02 -19.50 72.03
C ALA Y 327 4.81 -18.34 72.58
N ASN Y 328 4.29 -17.71 73.63
CA ASN Y 328 4.99 -16.60 74.26
C ASN Y 328 6.28 -17.07 74.91
N THR Y 329 7.32 -16.25 74.80
CA THR Y 329 8.62 -16.60 75.36
C THR Y 329 8.88 -16.02 76.75
N GLY Y 330 7.89 -15.35 77.32
CA GLY Y 330 8.05 -14.77 78.64
C GLY Y 330 8.99 -13.58 78.67
N SER Y 331 8.62 -12.50 77.98
CA SER Y 331 9.41 -11.28 77.93
C SER Y 331 10.80 -11.52 77.35
N LYS Y 332 10.92 -12.48 76.44
CA LYS Y 332 12.19 -12.84 75.85
C LYS Y 332 12.04 -13.00 74.34
N VAL Y 333 13.14 -12.83 73.62
CA VAL Y 333 13.20 -13.03 72.17
C VAL Y 333 14.47 -13.80 71.85
N PHE Y 334 14.35 -14.82 71.01
CA PHE Y 334 15.47 -15.64 70.57
C PHE Y 334 15.59 -15.53 69.06
N LEU Y 335 16.79 -15.21 68.58
CA LEU Y 335 17.01 -14.93 67.17
C LEU Y 335 18.26 -15.65 66.66
N LYS Y 336 18.25 -15.94 65.36
CA LYS Y 336 19.40 -16.52 64.66
C LYS Y 336 19.65 -15.75 63.38
N ALA Y 337 20.91 -15.48 63.10
CA ALA Y 337 21.29 -14.72 61.91
C ALA Y 337 22.49 -15.38 61.24
N LYS Y 338 22.46 -15.42 59.91
CA LYS Y 338 23.57 -15.95 59.11
C LYS Y 338 24.22 -14.78 58.37
N ILE Y 339 25.50 -14.55 58.65
CA ILE Y 339 26.23 -13.43 58.05
C ILE Y 339 27.58 -13.92 57.56
N LYS Y 340 28.21 -13.11 56.72
CA LYS Y 340 29.56 -13.40 56.23
C LYS Y 340 30.23 -12.08 55.87
N VAL Y 341 31.48 -11.93 56.28
CA VAL Y 341 32.20 -10.68 56.07
C VAL Y 341 32.79 -10.66 54.67
N LEU Y 342 32.43 -9.64 53.89
CA LEU Y 342 32.96 -9.46 52.55
C LEU Y 342 34.12 -8.46 52.57
N ASP Y 343 35.24 -8.91 53.13
CA ASP Y 343 36.48 -8.15 53.11
C ASP Y 343 37.39 -8.76 52.06
N ALA Y 344 37.78 -7.95 51.07
CA ALA Y 344 38.45 -8.46 49.89
C ALA Y 344 39.94 -8.72 50.13
N MET Y 345 40.69 -8.90 49.05
CA MET Y 345 42.01 -9.52 49.10
C MET Y 345 43.12 -8.48 49.03
N GLU Y 346 44.17 -8.70 49.83
CA GLU Y 346 45.30 -7.80 49.88
C GLU Y 346 46.33 -8.11 48.79
N ASP Y 347 46.87 -9.32 48.78
CA ASP Y 347 47.84 -9.76 47.79
C ASP Y 347 47.40 -11.10 47.21
N ILE Y 348 47.70 -11.32 45.93
CA ILE Y 348 47.03 -12.34 45.14
C ILE Y 348 48.06 -13.19 44.41
N ASP Y 349 47.57 -14.23 43.74
CA ASP Y 349 48.42 -15.15 42.98
C ASP Y 349 47.60 -15.80 41.89
N LEU Y 350 47.89 -15.46 40.63
CA LEU Y 350 47.16 -15.98 39.50
C LEU Y 350 48.07 -16.82 38.60
N SER Y 351 47.46 -17.49 37.62
CA SER Y 351 48.20 -18.37 36.73
C SER Y 351 48.03 -17.96 35.27
N ILE Y 352 48.98 -18.39 34.45
CA ILE Y 352 49.01 -18.10 33.01
C ILE Y 352 48.90 -19.42 32.27
N GLU Y 353 48.71 -19.35 30.95
CA GLU Y 353 48.88 -20.54 30.12
C GLU Y 353 49.90 -20.25 29.03
N ILE Z 3 -88.16 -6.09 60.53
CA ILE Z 3 -89.17 -6.73 59.69
C ILE Z 3 -89.91 -5.65 58.90
N GLY Z 4 -89.89 -4.43 59.40
CA GLY Z 4 -90.56 -3.32 58.77
C GLY Z 4 -89.59 -2.43 58.03
N LEU Z 5 -89.61 -2.51 56.70
CA LEU Z 5 -88.71 -1.78 55.82
C LEU Z 5 -87.27 -2.02 56.26
N PRO Z 6 -86.72 -3.21 56.02
CA PRO Z 6 -85.34 -3.46 56.43
C PRO Z 6 -84.36 -2.75 55.52
N SER Z 7 -83.80 -1.66 56.04
CA SER Z 7 -82.74 -0.91 55.37
C SER Z 7 -81.58 -0.78 56.33
N ILE Z 8 -80.71 -1.80 56.34
CA ILE Z 8 -79.66 -1.92 57.35
C ILE Z 8 -78.63 -0.83 57.11
N ASN Z 9 -78.23 -0.14 58.19
CA ASN Z 9 -77.26 0.93 58.16
C ASN Z 9 -75.87 0.35 57.97
N ILE Z 10 -74.95 1.15 57.45
CA ILE Z 10 -73.55 0.78 57.29
C ILE Z 10 -72.71 1.75 58.10
N SER Z 11 -72.00 1.21 59.09
CA SER Z 11 -71.16 2.02 59.96
C SER Z 11 -69.83 1.31 60.18
N PHE Z 12 -68.95 1.94 60.95
CA PHE Z 12 -67.61 1.42 61.19
C PHE Z 12 -67.29 1.43 62.68
N LYS Z 13 -66.49 0.47 63.10
CA LYS Z 13 -65.87 0.52 64.42
C LYS Z 13 -64.37 0.80 64.26
N GLU Z 14 -63.92 1.87 64.90
CA GLU Z 14 -62.52 2.25 64.78
C GLU Z 14 -61.65 1.22 65.49
N LEU Z 15 -60.47 0.97 64.92
CA LEU Z 15 -59.56 -0.06 65.44
C LEU Z 15 -58.66 0.55 66.51
N ALA Z 16 -58.81 0.07 67.74
CA ALA Z 16 -57.94 0.44 68.85
C ALA Z 16 -57.20 -0.80 69.32
N THR Z 17 -55.99 -0.60 69.81
CA THR Z 17 -55.17 -1.72 70.26
C THR Z 17 -55.83 -2.42 71.44
N THR Z 18 -56.05 -3.72 71.30
CA THR Z 18 -56.68 -4.49 72.36
C THR Z 18 -55.74 -4.62 73.55
N VAL Z 19 -56.27 -4.34 74.74
CA VAL Z 19 -55.49 -4.37 75.98
C VAL Z 19 -56.18 -5.31 76.95
N LYS Z 20 -55.43 -6.30 77.44
CA LYS Z 20 -55.96 -7.19 78.47
C LYS Z 20 -56.12 -6.42 79.77
N GLU Z 21 -57.24 -6.66 80.45
CA GLU Z 21 -57.58 -5.96 81.68
C GLU Z 21 -57.40 -6.92 82.85
N ARG Z 22 -56.59 -6.51 83.82
CA ARG Z 22 -56.33 -7.29 85.02
C ARG Z 22 -56.31 -6.35 86.22
N SER Z 23 -56.13 -6.93 87.41
CA SER Z 23 -56.11 -6.13 88.62
C SER Z 23 -54.92 -5.16 88.60
N ALA Z 24 -55.19 -3.92 88.99
CA ALA Z 24 -54.13 -2.91 89.02
C ALA Z 24 -53.08 -3.26 90.06
N ARG Z 25 -51.82 -3.02 89.71
CA ARG Z 25 -50.69 -3.34 90.56
C ARG Z 25 -49.82 -2.10 90.75
N GLY Z 26 -49.14 -2.04 91.90
CA GLY Z 26 -48.26 -0.94 92.20
C GLY Z 26 -48.92 0.33 92.68
N ILE Z 27 -50.24 0.32 92.87
CA ILE Z 27 -50.93 1.52 93.35
C ILE Z 27 -50.57 1.78 94.80
N ILE Z 28 -50.59 3.05 95.19
CA ILE Z 28 -50.27 3.48 96.54
C ILE Z 28 -51.53 4.03 97.19
N ALA Z 29 -51.85 3.53 98.37
CA ALA Z 29 -52.92 4.07 99.19
C ALA Z 29 -52.31 4.98 100.25
N MET Z 30 -52.63 6.26 100.18
CA MET Z 30 -52.03 7.27 101.05
C MET Z 30 -53.06 7.72 102.07
N VAL Z 31 -52.75 7.53 103.36
CA VAL Z 31 -53.62 7.91 104.45
C VAL Z 31 -52.86 8.86 105.37
N LEU Z 32 -53.52 9.95 105.77
CA LEU Z 32 -52.86 10.99 106.52
C LEU Z 32 -53.91 11.78 107.31
N LYS Z 33 -53.44 12.46 108.36
CA LYS Z 33 -54.32 13.21 109.26
C LYS Z 33 -54.10 14.70 109.08
N ASP Z 34 -55.21 15.44 109.06
CA ASP Z 34 -55.17 16.90 109.00
C ASP Z 34 -56.50 17.45 109.50
N ALA Z 35 -56.49 18.74 109.84
CA ALA Z 35 -57.68 19.43 110.32
C ALA Z 35 -58.35 20.28 109.24
N LYS Z 36 -57.87 20.20 108.00
CA LYS Z 36 -58.39 21.01 106.91
C LYS Z 36 -58.96 20.10 105.83
N ALA Z 37 -60.19 20.39 105.41
CA ALA Z 37 -60.86 19.72 104.29
C ALA Z 37 -60.74 18.20 104.38
N LEU Z 38 -61.37 17.66 105.42
CA LEU Z 38 -61.35 16.23 105.65
C LEU Z 38 -61.93 15.48 104.47
N GLY Z 39 -61.25 14.42 104.05
CA GLY Z 39 -61.68 13.59 102.94
C GLY Z 39 -60.52 13.21 102.04
N LEU Z 40 -60.78 12.19 101.23
CA LEU Z 40 -59.77 11.69 100.30
C LEU Z 40 -59.54 12.69 99.18
N ASN Z 41 -58.30 12.73 98.69
CA ASN Z 41 -57.88 13.73 97.72
C ASN Z 41 -57.76 13.19 96.29
N GLU Z 42 -57.59 11.87 96.14
CA GLU Z 42 -57.46 11.19 94.84
C GLU Z 42 -56.59 11.99 93.87
N ILE Z 43 -55.33 12.17 94.27
CA ILE Z 43 -54.39 12.99 93.48
C ILE Z 43 -53.78 12.05 92.43
N HIS Z 44 -54.48 11.93 91.31
CA HIS Z 44 -53.94 11.18 90.18
C HIS Z 44 -53.00 12.05 89.36
N GLU Z 45 -53.32 13.33 89.20
CA GLU Z 45 -52.47 14.23 88.46
C GLU Z 45 -51.19 14.52 89.24
N LYS Z 46 -50.08 14.65 88.52
CA LYS Z 46 -48.78 14.82 89.15
C LYS Z 46 -48.57 16.27 89.56
N GLU Z 47 -47.86 16.45 90.68
CA GLU Z 47 -47.49 17.77 91.20
C GLU Z 47 -48.72 18.64 91.46
N ASP Z 48 -49.70 18.07 92.15
CA ASP Z 48 -50.87 18.81 92.59
C ASP Z 48 -51.00 18.67 94.09
N ILE Z 49 -50.95 19.80 94.80
CA ILE Z 49 -51.03 19.83 96.25
C ILE Z 49 -52.34 20.52 96.64
N PRO Z 50 -53.34 19.79 97.11
CA PRO Z 50 -54.55 20.45 97.61
C PRO Z 50 -54.25 21.26 98.86
N VAL Z 51 -55.06 22.31 99.06
CA VAL Z 51 -54.82 23.25 100.16
C VAL Z 51 -54.99 22.59 101.52
N ASP Z 52 -55.67 21.43 101.58
CA ASP Z 52 -55.88 20.77 102.86
C ASP Z 52 -54.56 20.31 103.46
N LEU Z 53 -53.66 19.78 102.63
CA LEU Z 53 -52.43 19.18 103.12
C LEU Z 53 -51.38 20.27 103.41
N SER Z 54 -50.67 20.09 104.52
CA SER Z 54 -49.75 21.11 105.04
C SER Z 54 -48.39 20.99 104.35
N ALA Z 55 -47.41 21.75 104.86
CA ALA Z 55 -46.08 21.78 104.25
C ALA Z 55 -45.39 20.43 104.38
N GLU Z 56 -45.45 19.80 105.55
CA GLU Z 56 -44.89 18.46 105.69
C GLU Z 56 -45.63 17.47 104.80
N ASN Z 57 -46.97 17.60 104.74
CA ASN Z 57 -47.74 16.77 103.82
C ASN Z 57 -47.40 17.09 102.36
N LYS Z 58 -47.12 18.35 102.06
CA LYS Z 58 -46.67 18.71 100.71
C LYS Z 58 -45.36 18.00 100.38
N GLU Z 59 -44.42 17.97 101.32
CA GLU Z 59 -43.17 17.26 101.10
C GLU Z 59 -43.42 15.76 100.96
N TYR Z 60 -44.38 15.23 101.71
CA TYR Z 60 -44.76 13.82 101.55
C TYR Z 60 -45.24 13.54 100.13
N ILE Z 61 -46.11 14.42 99.61
CA ILE Z 61 -46.59 14.25 98.24
C ILE Z 61 -45.45 14.32 97.25
N ASN Z 62 -44.55 15.28 97.43
CA ASN Z 62 -43.43 15.44 96.51
C ASN Z 62 -42.53 14.20 96.53
N LEU Z 63 -42.27 13.65 97.72
CA LEU Z 63 -41.46 12.45 97.82
C LEU Z 63 -42.16 11.26 97.17
N ALA Z 64 -43.47 11.12 97.38
CA ALA Z 64 -44.19 9.96 96.86
C ALA Z 64 -44.32 10.02 95.35
N LEU Z 65 -44.56 11.21 94.78
CA LEU Z 65 -44.82 11.32 93.35
C LEU Z 65 -43.63 10.88 92.53
N MET Z 66 -42.43 11.30 92.90
CA MET Z 66 -41.24 10.97 92.14
C MET Z 66 -40.66 9.65 92.61
N GLY Z 67 -40.16 8.85 91.65
CA GLY Z 67 -39.63 7.54 91.95
C GLY Z 67 -38.31 7.31 91.24
N ASN Z 68 -37.75 6.12 91.46
CA ASN Z 68 -36.46 5.78 90.87
C ASN Z 68 -36.55 5.71 89.35
N VAL Z 69 -37.55 5.02 88.83
CA VAL Z 69 -37.69 4.76 87.39
C VAL Z 69 -38.90 5.50 86.83
N ASN Z 70 -40.08 5.26 87.39
CA ASN Z 70 -41.31 5.85 86.89
C ASN Z 70 -42.14 6.38 88.04
N THR Z 71 -42.98 7.36 87.74
CA THR Z 71 -43.94 7.85 88.71
C THR Z 71 -44.96 6.75 89.03
N PRO Z 72 -45.34 6.57 90.29
CA PRO Z 72 -46.39 5.60 90.60
C PRO Z 72 -47.67 5.91 89.85
N ASN Z 73 -48.37 4.85 89.44
CA ASN Z 73 -49.50 4.98 88.53
C ASN Z 73 -50.59 5.86 89.12
N LYS Z 74 -51.02 5.56 90.34
CA LYS Z 74 -52.10 6.30 90.98
C LYS Z 74 -51.76 6.57 92.43
N LEU Z 75 -52.08 7.78 92.89
CA LEU Z 75 -51.88 8.17 94.28
C LEU Z 75 -53.23 8.62 94.84
N LEU Z 76 -53.59 8.06 96.00
CA LEU Z 76 -54.88 8.32 96.64
C LEU Z 76 -54.61 8.77 98.08
N VAL Z 77 -54.62 10.08 98.30
CA VAL Z 77 -54.32 10.66 99.60
C VAL Z 77 -55.62 10.93 100.35
N TYR Z 78 -55.68 10.53 101.61
CA TYR Z 78 -56.85 10.70 102.45
C TYR Z 78 -56.56 11.70 103.57
N VAL Z 79 -57.56 12.50 103.90
CA VAL Z 79 -57.43 13.54 104.92
C VAL Z 79 -58.57 13.38 105.92
N ILE Z 80 -58.22 13.29 107.21
CA ILE Z 80 -59.20 13.26 108.30
C ILE Z 80 -58.51 13.81 109.54
N GLU Z 81 -59.32 14.13 110.56
CA GLU Z 81 -58.78 14.62 111.82
C GLU Z 81 -57.86 13.56 112.45
N GLY Z 82 -56.95 14.03 113.29
CA GLY Z 82 -55.95 13.14 113.86
C GLY Z 82 -56.56 12.01 114.67
N GLU Z 83 -57.65 12.28 115.38
CA GLU Z 83 -58.32 11.25 116.14
C GLU Z 83 -58.98 10.24 115.22
N ALA Z 84 -58.98 8.97 115.63
CA ALA Z 84 -59.62 7.88 114.90
C ALA Z 84 -59.09 7.75 113.48
N ASP Z 85 -57.77 7.91 113.31
CA ASP Z 85 -57.15 7.67 112.01
C ASP Z 85 -57.28 6.21 111.60
N ILE Z 86 -57.09 5.30 112.56
CA ILE Z 86 -57.05 3.87 112.23
C ILE Z 86 -58.40 3.37 111.72
N GLN Z 87 -59.49 3.80 112.36
CA GLN Z 87 -60.81 3.32 111.96
C GLN Z 87 -61.16 3.76 110.54
N THR Z 88 -61.00 5.05 110.25
CA THR Z 88 -61.34 5.55 108.92
C THR Z 88 -60.38 5.02 107.86
N ALA Z 89 -59.10 4.83 108.20
CA ALA Z 89 -58.17 4.24 107.27
C ALA Z 89 -58.58 2.82 106.94
N LEU Z 90 -58.96 2.04 107.96
CA LEU Z 90 -59.43 0.67 107.73
C LEU Z 90 -60.68 0.66 106.85
N ASP Z 91 -61.63 1.55 107.13
CA ASP Z 91 -62.86 1.59 106.34
C ASP Z 91 -62.57 1.94 104.89
N PHE Z 92 -61.75 2.96 104.65
CA PHE Z 92 -61.45 3.38 103.29
C PHE Z 92 -60.67 2.31 102.53
N LEU Z 93 -59.73 1.64 103.20
CA LEU Z 93 -58.99 0.58 102.53
C LEU Z 93 -59.86 -0.64 102.27
N GLU Z 94 -60.86 -0.89 103.13
CA GLU Z 94 -61.83 -1.94 102.83
C GLU Z 94 -62.70 -1.56 101.63
N THR Z 95 -63.04 -0.27 101.51
CA THR Z 95 -63.90 0.17 100.43
C THR Z 95 -63.26 -0.06 99.06
N LYS Z 96 -61.97 0.25 98.92
CA LYS Z 96 -61.28 0.18 97.64
C LYS Z 96 -59.95 -0.54 97.81
N GLU Z 97 -59.62 -1.39 96.83
CA GLU Z 97 -58.41 -2.18 96.88
C GLU Z 97 -57.17 -1.29 96.76
N PHE Z 98 -56.03 -1.84 97.18
CA PHE Z 98 -54.78 -1.11 97.17
C PHE Z 98 -53.63 -2.09 97.10
N ASN Z 99 -52.43 -1.56 96.82
CA ASN Z 99 -51.22 -2.35 96.78
C ASN Z 99 -50.15 -1.88 97.75
N TYR Z 100 -50.14 -0.59 98.11
CA TYR Z 100 -49.17 -0.05 99.05
C TYR Z 100 -49.88 0.81 100.07
N LEU Z 101 -49.32 0.85 101.29
CA LEU Z 101 -49.91 1.60 102.39
C LEU Z 101 -48.81 2.22 103.22
N CYS Z 102 -49.04 3.46 103.68
CA CYS Z 102 -48.07 4.16 104.50
C CYS Z 102 -48.78 5.24 105.30
N MET Z 103 -48.59 5.24 106.61
CA MET Z 103 -49.14 6.25 107.50
C MET Z 103 -48.03 7.10 108.07
N PRO Z 104 -47.93 8.38 107.70
CA PRO Z 104 -46.86 9.24 108.24
C PRO Z 104 -46.87 9.38 109.75
N LYS Z 105 -48.05 9.41 110.38
CA LYS Z 105 -48.15 9.66 111.81
C LYS Z 105 -48.61 8.43 112.59
N ALA Z 106 -48.28 7.24 112.12
CA ALA Z 106 -48.64 6.02 112.84
C ALA Z 106 -47.67 5.79 113.98
N VAL Z 107 -48.18 5.78 115.21
CA VAL Z 107 -47.39 5.42 116.38
C VAL Z 107 -47.15 3.92 116.36
N GLU Z 108 -46.27 3.44 117.24
CA GLU Z 108 -45.96 2.01 117.27
C GLU Z 108 -47.22 1.18 117.49
N ALA Z 109 -48.13 1.64 118.35
CA ALA Z 109 -49.41 0.97 118.49
C ALA Z 109 -50.22 1.04 117.20
N ASP Z 110 -50.22 2.20 116.54
CA ASP Z 110 -50.93 2.33 115.27
C ASP Z 110 -50.31 1.43 114.21
N LYS Z 111 -48.97 1.35 114.17
CA LYS Z 111 -48.31 0.48 113.21
C LYS Z 111 -48.64 -0.99 113.49
N THR Z 112 -48.67 -1.37 114.76
CA THR Z 112 -49.03 -2.75 115.11
C THR Z 112 -50.46 -3.07 114.69
N ALA Z 113 -51.39 -2.13 114.93
CA ALA Z 113 -52.77 -2.34 114.52
C ALA Z 113 -52.87 -2.45 113.00
N ILE Z 114 -52.12 -1.60 112.28
CA ILE Z 114 -52.10 -1.68 110.82
C ILE Z 114 -51.60 -3.04 110.36
N LYS Z 115 -50.51 -3.53 110.97
CA LYS Z 115 -49.96 -4.83 110.58
C LYS Z 115 -50.95 -5.95 110.87
N ASN Z 116 -51.62 -5.89 112.02
CA ASN Z 116 -52.61 -6.92 112.34
C ASN Z 116 -53.76 -6.91 111.35
N TRP Z 117 -54.23 -5.72 110.96
CA TRP Z 117 -55.31 -5.66 109.99
C TRP Z 117 -54.85 -6.16 108.63
N ILE Z 118 -53.61 -5.83 108.24
CA ILE Z 118 -53.04 -6.34 106.99
C ILE Z 118 -53.03 -7.86 106.99
N ILE Z 119 -52.51 -8.47 108.06
CA ILE Z 119 -52.40 -9.92 108.07
C ILE Z 119 -53.78 -10.57 108.14
N LYS Z 120 -54.72 -9.95 108.86
CA LYS Z 120 -56.07 -10.49 108.93
C LYS Z 120 -56.73 -10.50 107.56
N LEU Z 121 -56.61 -9.41 106.80
CA LEU Z 121 -57.21 -9.40 105.47
C LEU Z 121 -56.42 -10.23 104.47
N ARG Z 122 -55.12 -10.41 104.69
CA ARG Z 122 -54.37 -11.33 103.84
C ARG Z 122 -54.83 -12.77 104.06
N ASP Z 123 -55.16 -13.12 105.30
CA ASP Z 123 -55.67 -14.46 105.59
C ASP Z 123 -57.10 -14.62 105.04
N ILE Z 124 -57.97 -13.64 105.29
CA ILE Z 124 -59.37 -13.79 104.91
C ILE Z 124 -59.54 -13.70 103.39
N ASP Z 125 -58.95 -12.68 102.78
CA ASP Z 125 -59.11 -12.42 101.35
C ASP Z 125 -58.17 -13.25 100.49
N LYS Z 126 -57.20 -13.95 101.10
CA LYS Z 126 -56.17 -14.74 100.44
C LYS Z 126 -55.24 -13.90 99.58
N VAL Z 127 -55.43 -12.59 99.52
CA VAL Z 127 -54.59 -11.70 98.73
C VAL Z 127 -53.55 -11.09 99.66
N LYS Z 128 -52.28 -11.23 99.29
CA LYS Z 128 -51.17 -10.76 100.12
C LYS Z 128 -50.78 -9.35 99.70
N VAL Z 129 -50.66 -8.46 100.69
CA VAL Z 129 -50.34 -7.06 100.46
C VAL Z 129 -49.16 -6.67 101.33
N LYS Z 130 -48.54 -5.55 100.99
CA LYS Z 130 -47.33 -5.09 101.65
C LYS Z 130 -47.56 -3.73 102.29
N ALA Z 131 -46.88 -3.49 103.41
CA ALA Z 131 -46.92 -2.21 104.10
C ALA Z 131 -45.50 -1.80 104.47
N VAL Z 132 -45.18 -0.53 104.25
CA VAL Z 132 -43.86 0.01 104.56
C VAL Z 132 -43.98 0.83 105.85
N LEU Z 133 -43.27 0.41 106.88
CA LEU Z 133 -43.36 1.02 108.20
C LEU Z 133 -41.95 1.26 108.75
N GLY Z 134 -41.86 2.20 109.68
CA GLY Z 134 -40.57 2.63 110.20
C GLY Z 134 -39.88 1.64 111.12
N LYS Z 135 -40.54 1.25 112.21
CA LYS Z 135 -39.93 0.37 113.21
C LYS Z 135 -40.96 -0.69 113.61
N VAL Z 136 -40.93 -1.83 112.92
CA VAL Z 136 -41.80 -2.96 113.22
C VAL Z 136 -40.94 -4.22 113.28
N VAL Z 137 -40.99 -4.90 114.42
CA VAL Z 137 -40.25 -6.15 114.61
C VAL Z 137 -41.15 -7.37 114.44
N GLY Z 138 -42.29 -7.20 113.80
CA GLY Z 138 -43.27 -8.27 113.69
C GLY Z 138 -42.78 -9.42 112.83
N ASN Z 139 -43.51 -10.53 112.91
CA ASN Z 139 -43.17 -11.77 112.23
C ASN Z 139 -43.96 -11.95 110.94
N HIS Z 140 -44.19 -10.87 110.21
CA HIS Z 140 -44.97 -10.90 108.97
C HIS Z 140 -44.09 -10.48 107.80
N GLU Z 141 -44.30 -11.12 106.64
CA GLU Z 141 -43.46 -10.90 105.48
C GLU Z 141 -43.88 -9.71 104.65
N GLY Z 142 -45.19 -9.45 104.54
CA GLY Z 142 -45.66 -8.34 103.71
C GLY Z 142 -45.22 -7.00 104.25
N ILE Z 143 -45.27 -6.82 105.57
CA ILE Z 143 -44.82 -5.57 106.17
C ILE Z 143 -43.32 -5.41 105.95
N ILE Z 144 -42.87 -4.17 105.86
CA ILE Z 144 -41.47 -3.84 105.61
C ILE Z 144 -40.97 -2.93 106.73
N ASN Z 145 -39.82 -3.29 107.29
CA ASN Z 145 -39.21 -2.54 108.38
C ASN Z 145 -38.01 -1.77 107.85
N PHE Z 146 -37.97 -0.47 108.15
CA PHE Z 146 -36.91 0.42 107.69
C PHE Z 146 -36.29 1.09 108.92
N THR Z 147 -35.32 0.42 109.54
CA THR Z 147 -34.69 0.92 110.76
C THR Z 147 -33.47 1.76 110.41
N THR Z 148 -33.74 2.96 109.89
CA THR Z 148 -32.70 3.93 109.53
C THR Z 148 -33.14 5.29 110.05
N GLU Z 149 -32.65 5.66 111.23
CA GLU Z 149 -32.99 6.92 111.84
C GLU Z 149 -31.93 7.97 111.52
N ASP Z 150 -32.26 9.22 111.83
CA ASP Z 150 -31.36 10.37 111.61
C ASP Z 150 -30.95 10.48 110.15
N VAL Z 151 -31.90 10.25 109.25
CA VAL Z 151 -31.62 10.36 107.82
C VAL Z 151 -31.55 11.83 107.43
N LEU Z 152 -30.50 12.19 106.70
CA LEU Z 152 -30.27 13.56 106.24
C LEU Z 152 -30.36 13.56 104.72
N VAL Z 153 -31.50 13.99 104.20
CA VAL Z 153 -31.76 14.00 102.76
C VAL Z 153 -31.77 15.45 102.30
N GLY Z 154 -30.79 15.82 101.48
CA GLY Z 154 -30.72 17.17 100.96
C GLY Z 154 -30.58 18.24 102.03
N GLU Z 155 -29.78 17.98 103.05
CA GLU Z 155 -29.58 18.91 104.18
C GLU Z 155 -30.91 19.30 104.79
N LYS Z 156 -31.70 18.29 105.18
CA LYS Z 156 -32.98 18.50 105.83
C LYS Z 156 -33.27 17.32 106.74
N LYS Z 157 -33.73 17.62 107.95
CA LYS Z 157 -34.06 16.57 108.90
C LYS Z 157 -35.33 15.84 108.44
N TYR Z 158 -35.20 14.54 108.19
CA TYR Z 158 -36.29 13.71 107.73
C TYR Z 158 -36.62 12.68 108.80
N SER Z 159 -37.90 12.56 109.13
CA SER Z 159 -38.33 11.52 110.07
C SER Z 159 -38.25 10.15 109.41
N VAL Z 160 -38.30 9.11 110.24
CA VAL Z 160 -38.24 7.75 109.72
C VAL Z 160 -39.44 7.47 108.82
N ASP Z 161 -40.63 7.90 109.25
CA ASP Z 161 -41.83 7.64 108.46
C ASP Z 161 -41.80 8.37 107.12
N GLU Z 162 -41.22 9.57 107.08
CA GLU Z 162 -41.08 10.29 105.83
C GLU Z 162 -40.28 9.46 104.81
N PHE Z 163 -39.14 8.91 105.23
CA PHE Z 163 -38.34 8.16 104.29
C PHE Z 163 -38.93 6.78 104.01
N THR Z 164 -39.71 6.22 104.94
CA THR Z 164 -40.43 4.99 104.60
C THR Z 164 -41.47 5.23 103.52
N SER Z 165 -42.18 6.36 103.60
CA SER Z 165 -43.10 6.72 102.52
C SER Z 165 -42.36 6.95 101.21
N ARG Z 166 -41.20 7.61 101.29
CA ARG Z 166 -40.38 7.81 100.10
C ARG Z 166 -39.96 6.49 99.47
N VAL Z 167 -39.53 5.53 100.30
CA VAL Z 167 -39.10 4.23 99.81
C VAL Z 167 -40.28 3.47 99.23
N ALA Z 168 -41.46 3.60 99.85
CA ALA Z 168 -42.66 2.96 99.30
C ALA Z 168 -42.98 3.51 97.92
N GLY Z 169 -42.90 4.83 97.75
CA GLY Z 169 -43.12 5.41 96.44
C GLY Z 169 -42.09 4.96 95.43
N LEU Z 170 -40.83 4.87 95.85
CA LEU Z 170 -39.76 4.38 94.97
C LEU Z 170 -40.02 2.95 94.53
N ILE Z 171 -40.42 2.09 95.46
CA ILE Z 171 -40.69 0.69 95.14
C ILE Z 171 -41.88 0.58 94.20
N ALA Z 172 -42.93 1.36 94.46
CA ALA Z 172 -44.08 1.36 93.55
C ALA Z 172 -43.68 1.83 92.16
N GLY Z 173 -42.77 2.80 92.07
CA GLY Z 173 -42.25 3.22 90.78
C GLY Z 173 -41.24 2.28 90.17
N THR Z 174 -40.74 1.32 90.96
CA THR Z 174 -39.77 0.36 90.45
C THR Z 174 -40.48 -0.73 89.64
N PRO Z 175 -40.06 -0.97 88.40
CA PRO Z 175 -40.70 -2.03 87.60
C PRO Z 175 -40.32 -3.40 88.11
N LEU Z 176 -41.12 -4.38 87.69
CA LEU Z 176 -40.89 -5.77 88.10
C LEU Z 176 -39.56 -6.32 87.58
N SER Z 177 -39.05 -5.79 86.48
CA SER Z 177 -37.74 -6.23 85.99
C SER Z 177 -36.62 -5.79 86.91
N GLN Z 178 -36.74 -4.59 87.48
CA GLN Z 178 -35.70 -4.05 88.34
C GLN Z 178 -35.90 -4.50 89.79
N SER Z 179 -34.79 -4.56 90.52
CA SER Z 179 -34.79 -4.94 91.93
C SER Z 179 -34.34 -3.76 92.78
N VAL Z 180 -34.91 -3.68 93.99
CA VAL Z 180 -34.63 -2.57 94.89
C VAL Z 180 -33.25 -2.64 95.50
N THR Z 181 -32.55 -3.77 95.35
CA THR Z 181 -31.21 -3.89 95.90
C THR Z 181 -30.24 -2.96 95.17
N TYR Z 182 -29.39 -2.29 95.95
CA TYR Z 182 -28.33 -1.42 95.42
C TYR Z 182 -28.90 -0.32 94.52
N THR Z 183 -29.98 0.31 94.96
CA THR Z 183 -30.54 1.45 94.24
C THR Z 183 -30.05 2.75 94.86
N LYS Z 184 -29.47 3.62 94.04
CA LYS Z 184 -28.87 4.85 94.52
C LYS Z 184 -29.93 5.92 94.76
N LEU Z 185 -29.72 6.71 95.81
CA LEU Z 185 -30.58 7.84 96.15
C LEU Z 185 -29.77 9.11 96.00
N SER Z 186 -30.06 9.88 94.94
CA SER Z 186 -29.32 11.12 94.71
C SER Z 186 -29.71 12.20 95.71
N ASP Z 187 -30.98 12.23 96.14
CA ASP Z 187 -31.43 13.27 97.06
C ASP Z 187 -30.73 13.15 98.41
N VAL Z 188 -30.50 11.93 98.88
CA VAL Z 188 -29.90 11.72 100.20
C VAL Z 188 -28.45 12.17 100.15
N VAL Z 189 -28.06 13.00 101.13
CA VAL Z 189 -26.71 13.54 101.18
C VAL Z 189 -25.86 12.90 102.28
N ASP Z 190 -26.45 12.58 103.44
CA ASP Z 190 -25.68 12.04 104.54
C ASP Z 190 -26.52 11.05 105.33
N ILE Z 191 -25.89 9.98 105.79
CA ILE Z 191 -26.52 9.00 106.68
C ILE Z 191 -25.56 8.75 107.84
N PRO Z 192 -26.05 8.32 109.00
CA PRO Z 192 -25.15 8.06 110.12
C PRO Z 192 -24.12 6.98 109.78
N LYS Z 193 -22.90 7.19 110.24
CA LYS Z 193 -21.83 6.23 110.00
C LYS Z 193 -22.06 4.96 110.81
N MET Z 194 -21.90 3.82 110.17
CA MET Z 194 -22.16 2.54 110.81
C MET Z 194 -21.38 1.44 110.10
N THR Z 195 -21.01 0.41 110.87
CA THR Z 195 -20.16 -0.65 110.34
C THR Z 195 -20.93 -1.55 109.39
N LYS Z 196 -20.21 -2.11 108.42
CA LYS Z 196 -20.83 -3.02 107.46
C LYS Z 196 -21.25 -4.32 108.13
N VAL Z 197 -20.59 -4.72 109.21
CA VAL Z 197 -21.00 -5.90 109.96
C VAL Z 197 -22.40 -5.70 110.54
N ASP Z 198 -22.65 -4.51 111.09
CA ASP Z 198 -23.99 -4.19 111.59
C ASP Z 198 -25.02 -4.21 110.46
N ALA Z 199 -24.63 -3.73 109.27
CA ALA Z 199 -25.54 -3.78 108.13
C ALA Z 199 -25.88 -5.21 107.75
N GLU Z 200 -24.87 -6.08 107.72
CA GLU Z 200 -25.11 -7.48 107.41
C GLU Z 200 -26.01 -8.14 108.44
N SER Z 201 -25.77 -7.83 109.73
CA SER Z 201 -26.62 -8.37 110.79
C SER Z 201 -28.06 -7.89 110.64
N ARG Z 202 -28.25 -6.61 110.34
CA ARG Z 202 -29.59 -6.08 110.16
C ARG Z 202 -30.29 -6.72 108.98
N VAL Z 203 -29.56 -6.94 107.88
CA VAL Z 203 -30.14 -7.60 106.72
C VAL Z 203 -30.53 -9.04 107.06
N ASN Z 204 -29.68 -9.73 107.82
CA ASN Z 204 -30.03 -11.08 108.27
C ASN Z 204 -31.29 -11.05 109.13
N LYS Z 205 -31.43 -10.05 109.98
CA LYS Z 205 -32.67 -9.88 110.72
C LYS Z 205 -33.82 -9.53 109.78
N GLY Z 206 -33.52 -8.90 108.66
CA GLY Z 206 -34.53 -8.52 107.68
C GLY Z 206 -34.79 -7.03 107.58
N GLU Z 207 -34.19 -6.22 108.45
CA GLU Z 207 -34.44 -4.78 108.43
C GLU Z 207 -33.80 -4.15 107.19
N LEU Z 208 -34.52 -3.21 106.58
CA LEU Z 208 -34.02 -2.49 105.41
C LEU Z 208 -33.35 -1.19 105.87
N ILE Z 209 -32.12 -0.97 105.41
CA ILE Z 209 -31.34 0.19 105.81
C ILE Z 209 -30.62 0.77 104.60
N LEU Z 210 -30.12 1.99 104.77
CA LEU Z 210 -29.28 2.63 103.77
C LEU Z 210 -27.82 2.27 104.00
N ILE Z 211 -27.05 2.25 102.92
CA ILE Z 211 -25.62 1.94 102.97
C ILE Z 211 -24.88 2.86 102.02
N LYS Z 212 -23.65 3.20 102.39
CA LYS Z 212 -22.78 4.04 101.56
C LYS Z 212 -21.89 3.12 100.74
N GLU Z 213 -22.20 2.99 99.45
CA GLU Z 213 -21.43 2.12 98.57
C GLU Z 213 -21.34 2.74 97.18
N ALA Z 214 -20.27 2.40 96.47
CA ALA Z 214 -20.01 2.93 95.13
C ALA Z 214 -19.99 4.45 95.13
N GLY Z 215 -19.45 5.04 96.20
CA GLY Z 215 -19.42 6.49 96.32
C GLY Z 215 -20.79 7.14 96.38
N ALA Z 216 -21.77 6.45 96.95
CA ALA Z 216 -23.12 6.98 97.03
C ALA Z 216 -23.87 6.24 98.13
N ILE Z 217 -25.01 6.79 98.52
CA ILE Z 217 -25.87 6.19 99.52
C ILE Z 217 -26.94 5.38 98.79
N ARG Z 218 -26.93 4.07 98.99
CA ARG Z 218 -27.77 3.16 98.24
C ARG Z 218 -28.53 2.24 99.19
N ILE Z 219 -29.64 1.69 98.69
CA ILE Z 219 -30.43 0.74 99.46
C ILE Z 219 -29.62 -0.53 99.68
N ALA Z 220 -29.57 -0.98 100.93
CA ALA Z 220 -28.79 -2.18 101.25
C ALA Z 220 -29.42 -3.42 100.63
N ARG Z 221 -30.64 -3.75 101.03
CA ARG Z 221 -31.26 -5.00 100.60
C ARG Z 221 -32.76 -4.82 100.51
N GLY Z 222 -33.42 -5.79 99.86
CA GLY Z 222 -34.85 -5.80 99.74
C GLY Z 222 -35.50 -6.93 100.51
N VAL Z 223 -34.88 -7.33 101.63
CA VAL Z 223 -35.41 -8.43 102.43
C VAL Z 223 -36.65 -7.96 103.18
N ASN Z 224 -37.54 -8.92 103.45
CA ASN Z 224 -38.76 -8.64 104.18
C ASN Z 224 -38.45 -8.39 105.66
N SER Z 225 -39.42 -7.78 106.34
CA SER Z 225 -39.26 -7.50 107.76
C SER Z 225 -39.45 -8.74 108.62
N LEU Z 226 -39.97 -9.83 108.06
CA LEU Z 226 -40.21 -11.03 108.84
C LEU Z 226 -38.87 -11.62 109.28
N THR Z 227 -38.81 -12.06 110.55
CA THR Z 227 -37.53 -12.46 111.14
C THR Z 227 -37.13 -13.86 110.72
N GLU Z 228 -37.94 -14.86 111.06
CA GLU Z 228 -37.61 -16.27 110.84
C GLU Z 228 -38.68 -16.89 109.96
N LEU Z 229 -38.39 -17.04 108.67
CA LEU Z 229 -39.34 -17.62 107.74
C LEU Z 229 -39.49 -19.12 107.99
N THR Z 230 -40.67 -19.64 107.68
CA THR Z 230 -40.88 -21.08 107.76
C THR Z 230 -40.15 -21.80 106.63
N ALA Z 231 -39.90 -23.09 106.83
CA ALA Z 231 -39.19 -23.88 105.84
C ALA Z 231 -39.95 -23.98 104.53
N GLU Z 232 -41.28 -23.93 104.59
CA GLU Z 232 -42.09 -24.03 103.37
C GLU Z 232 -41.89 -22.79 102.49
N LYS Z 233 -41.78 -21.60 103.08
CA LYS Z 233 -41.67 -20.39 102.29
C LYS Z 233 -40.28 -20.28 101.65
N GLY Z 234 -39.24 -20.19 102.46
CA GLY Z 234 -37.88 -20.21 101.95
C GLY Z 234 -37.31 -18.84 101.62
N GLU Z 235 -36.04 -18.87 101.20
CA GLU Z 235 -35.32 -17.64 100.91
C GLU Z 235 -35.96 -16.88 99.75
N MET Z 236 -36.43 -17.60 98.72
CA MET Z 236 -37.09 -16.94 97.61
C MET Z 236 -38.37 -16.24 98.07
N PHE Z 237 -39.05 -16.81 99.07
CA PHE Z 237 -40.23 -16.15 99.63
C PHE Z 237 -39.85 -15.01 100.58
N GLN Z 238 -38.62 -15.00 101.08
CA GLN Z 238 -38.18 -13.87 101.90
C GLN Z 238 -38.19 -12.56 101.10
N LYS Z 239 -37.75 -12.63 99.84
CA LYS Z 239 -37.65 -11.41 99.03
C LYS Z 239 -39.04 -10.85 98.74
N ILE Z 240 -39.18 -9.53 98.94
CA ILE Z 240 -40.44 -8.86 98.65
C ILE Z 240 -40.71 -8.83 97.15
N LYS Z 241 -39.65 -8.66 96.35
CA LYS Z 241 -39.80 -8.63 94.90
C LYS Z 241 -40.36 -9.95 94.39
N ILE Z 242 -39.88 -11.07 94.93
CA ILE Z 242 -40.31 -12.38 94.44
C ILE Z 242 -41.76 -12.66 94.82
N VAL Z 243 -42.14 -12.29 96.05
CA VAL Z 243 -43.53 -12.51 96.47
C VAL Z 243 -44.47 -11.52 95.81
N ASP Z 244 -43.96 -10.40 95.29
CA ASP Z 244 -44.82 -9.42 94.64
C ASP Z 244 -45.50 -10.01 93.41
N THR Z 245 -44.74 -10.69 92.55
CA THR Z 245 -45.33 -11.30 91.37
C THR Z 245 -46.30 -12.42 91.74
N LEU Z 246 -46.01 -13.17 92.80
CA LEU Z 246 -46.95 -14.20 93.25
C LEU Z 246 -48.27 -13.58 93.69
N ASP Z 247 -48.21 -12.49 94.45
CA ASP Z 247 -49.42 -11.81 94.88
C ASP Z 247 -50.21 -11.26 93.70
N ILE Z 248 -49.50 -10.68 92.72
CA ILE Z 248 -50.17 -10.15 91.53
C ILE Z 248 -50.86 -11.27 90.76
N ILE Z 249 -50.16 -12.40 90.60
CA ILE Z 249 -50.73 -13.54 89.88
C ILE Z 249 -51.97 -14.06 90.59
N HIS Z 250 -51.89 -14.20 91.92
CA HIS Z 250 -53.04 -14.68 92.68
C HIS Z 250 -54.21 -13.72 92.56
N SER Z 251 -53.95 -12.41 92.65
CA SER Z 251 -55.03 -11.43 92.55
C SER Z 251 -55.70 -11.49 91.18
N ASP Z 252 -54.90 -11.56 90.11
CA ASP Z 252 -55.47 -11.62 88.77
C ASP Z 252 -56.27 -12.91 88.57
N ILE Z 253 -55.75 -14.04 89.05
CA ILE Z 253 -56.44 -15.31 88.90
C ILE Z 253 -57.77 -15.28 89.66
N ARG Z 254 -57.77 -14.78 90.88
CA ARG Z 254 -59.02 -14.70 91.63
C ARG Z 254 -60.00 -13.76 90.96
N LYS Z 255 -59.51 -12.63 90.42
CA LYS Z 255 -60.39 -11.69 89.74
C LYS Z 255 -61.08 -12.35 88.55
N VAL Z 256 -60.29 -13.03 87.70
CA VAL Z 256 -60.88 -13.64 86.51
C VAL Z 256 -61.82 -14.78 86.90
N ILE Z 257 -61.47 -15.53 87.95
CA ILE Z 257 -62.33 -16.63 88.40
C ILE Z 257 -63.66 -16.09 88.88
N ILE Z 258 -63.63 -15.03 89.68
CA ILE Z 258 -64.87 -14.42 90.17
C ILE Z 258 -65.67 -13.84 89.02
N ASP Z 259 -64.98 -13.26 88.03
CA ASP Z 259 -65.69 -12.68 86.88
C ASP Z 259 -66.40 -13.75 86.06
N ASP Z 260 -65.77 -14.92 85.90
CA ASP Z 260 -66.26 -15.91 84.94
C ASP Z 260 -66.93 -17.12 85.59
N TYR Z 261 -66.25 -17.78 86.52
CA TYR Z 261 -66.60 -19.16 86.84
C TYR Z 261 -67.71 -19.26 87.90
N ILE Z 262 -67.71 -18.41 88.91
CA ILE Z 262 -68.65 -18.57 90.01
C ILE Z 262 -70.06 -18.23 89.52
N GLY Z 263 -70.98 -19.16 89.73
CA GLY Z 263 -72.38 -18.94 89.38
C GLY Z 263 -72.75 -19.01 87.91
N LYS Z 264 -71.98 -18.35 87.05
CA LYS Z 264 -72.34 -18.27 85.64
C LYS Z 264 -72.31 -19.63 84.96
N VAL Z 265 -71.30 -20.45 85.25
CA VAL Z 265 -71.11 -21.74 84.60
C VAL Z 265 -71.27 -22.84 85.64
N THR Z 266 -72.00 -23.88 85.29
CA THR Z 266 -72.14 -25.05 86.16
C THR Z 266 -70.90 -25.93 86.06
N ASN Z 267 -70.45 -26.42 87.20
CA ASN Z 267 -69.25 -27.26 87.23
C ASN Z 267 -69.49 -28.55 86.45
N SER Z 268 -68.51 -28.90 85.60
CA SER Z 268 -68.57 -30.11 84.80
C SER Z 268 -67.16 -30.48 84.37
N TYR Z 269 -67.01 -31.71 83.89
CA TYR Z 269 -65.70 -32.17 83.45
C TYR Z 269 -65.19 -31.35 82.27
N ASP Z 270 -66.07 -31.07 81.30
CA ASP Z 270 -65.68 -30.19 80.19
C ASP Z 270 -65.40 -28.78 80.68
N ASN Z 271 -66.20 -28.30 81.64
CA ASN Z 271 -65.94 -27.00 82.22
C ASN Z 271 -64.61 -26.97 82.96
N LYS Z 272 -64.26 -28.07 83.64
CA LYS Z 272 -62.97 -28.16 84.29
C LYS Z 272 -61.84 -28.14 83.27
N CYS Z 273 -62.02 -28.83 82.14
CA CYS Z 273 -61.01 -28.80 81.08
C CYS Z 273 -60.85 -27.39 80.52
N LEU Z 274 -61.96 -26.68 80.33
CA LEU Z 274 -61.88 -25.30 79.85
C LEU Z 274 -61.17 -24.41 80.87
N LEU Z 275 -61.44 -24.63 82.16
CA LEU Z 275 -60.74 -23.88 83.19
C LEU Z 275 -59.24 -24.16 83.16
N ILE Z 276 -58.86 -25.43 82.94
CA ILE Z 276 -57.46 -25.78 82.83
C ILE Z 276 -56.82 -25.08 81.64
N VAL Z 277 -57.54 -25.04 80.51
CA VAL Z 277 -57.04 -24.36 79.32
C VAL Z 277 -56.84 -22.87 79.60
N ALA Z 278 -57.80 -22.25 80.29
CA ALA Z 278 -57.68 -20.83 80.62
C ALA Z 278 -56.50 -20.58 81.55
N ILE Z 279 -56.28 -21.47 82.53
CA ILE Z 279 -55.15 -21.32 83.44
C ILE Z 279 -53.84 -21.48 82.67
N LYS Z 280 -53.80 -22.41 81.72
CA LYS Z 280 -52.60 -22.57 80.90
C LYS Z 280 -52.35 -21.33 80.05
N SER Z 281 -53.41 -20.72 79.52
CA SER Z 281 -53.26 -19.47 78.78
C SER Z 281 -52.73 -18.37 79.68
N TYR Z 282 -53.22 -18.30 80.91
CA TYR Z 282 -52.72 -17.31 81.86
C TYR Z 282 -51.25 -17.54 82.18
N LEU Z 283 -50.86 -18.81 82.34
CA LEU Z 283 -49.45 -19.11 82.58
C LEU Z 283 -48.58 -18.74 81.38
N GLU Z 284 -49.09 -18.96 80.17
CA GLU Z 284 -48.38 -18.52 78.98
C GLU Z 284 -48.24 -17.00 78.94
N GLU Z 285 -49.28 -16.29 79.37
CA GLU Z 285 -49.20 -14.84 79.48
C GLU Z 285 -48.13 -14.42 80.48
N LEU Z 286 -48.06 -15.10 81.62
CA LEU Z 286 -47.02 -14.81 82.61
C LEU Z 286 -45.64 -15.06 82.03
N GLU Z 287 -45.47 -16.17 81.30
CA GLU Z 287 -44.17 -16.47 80.70
C GLU Z 287 -43.80 -15.41 79.67
N LYS Z 288 -44.76 -14.96 78.88
CA LYS Z 288 -44.49 -13.88 77.93
C LYS Z 288 -44.12 -12.59 78.65
N SER Z 289 -44.70 -12.35 79.82
CA SER Z 289 -44.32 -11.20 80.62
C SER Z 289 -42.89 -11.30 81.13
N ALA Z 290 -42.31 -12.51 81.11
CA ALA Z 290 -40.93 -12.78 81.50
C ALA Z 290 -40.63 -12.48 82.96
N LEU Z 291 -41.66 -12.17 83.75
CA LEU Z 291 -41.45 -11.95 85.18
C LEU Z 291 -41.06 -13.26 85.88
N ILE Z 292 -41.70 -14.36 85.50
CA ILE Z 292 -41.36 -15.69 85.99
C ILE Z 292 -41.21 -16.61 84.78
N GLU Z 293 -40.37 -17.64 84.94
CA GLU Z 293 -40.16 -18.59 83.86
C GLU Z 293 -41.40 -19.44 83.62
N SER Z 294 -41.97 -20.01 84.69
CA SER Z 294 -43.25 -20.71 84.65
C SER Z 294 -43.25 -21.86 83.64
N ASP Z 295 -42.36 -22.82 83.87
CA ASP Z 295 -42.34 -24.03 83.06
C ASP Z 295 -43.46 -24.99 83.44
N SER Z 296 -43.81 -25.05 84.72
CA SER Z 296 -44.76 -26.04 85.20
C SER Z 296 -46.17 -25.73 84.70
N THR Z 297 -47.04 -26.72 84.82
CA THR Z 297 -48.42 -26.63 84.35
C THR Z 297 -49.37 -26.96 85.48
N VAL Z 298 -50.58 -26.39 85.40
CA VAL Z 298 -51.62 -26.60 86.40
C VAL Z 298 -52.53 -27.70 85.90
N GLU Z 299 -52.77 -28.71 86.74
CA GLU Z 299 -53.59 -29.85 86.39
C GLU Z 299 -54.45 -30.23 87.59
N ILE Z 300 -55.46 -31.06 87.33
CA ILE Z 300 -56.33 -31.54 88.39
C ILE Z 300 -55.52 -32.42 89.34
N ASP Z 301 -55.59 -32.13 90.63
CA ASP Z 301 -54.88 -32.91 91.64
C ASP Z 301 -55.66 -34.19 91.90
N PHE Z 302 -55.05 -35.34 91.60
CA PHE Z 302 -55.73 -36.61 91.86
C PHE Z 302 -55.89 -36.86 93.35
N GLU Z 303 -55.02 -36.29 94.18
CA GLU Z 303 -55.22 -36.37 95.62
C GLU Z 303 -56.47 -35.63 96.04
N ALA Z 304 -56.66 -34.42 95.52
CA ALA Z 304 -57.88 -33.67 95.82
C ALA Z 304 -59.11 -34.36 95.25
N GLN Z 305 -58.98 -34.96 94.05
CA GLN Z 305 -60.08 -35.72 93.48
C GLN Z 305 -60.45 -36.90 94.37
N LYS Z 306 -59.45 -37.61 94.88
CA LYS Z 306 -59.71 -38.73 95.79
C LYS Z 306 -60.35 -38.24 97.08
N SER Z 307 -59.90 -37.09 97.59
CA SER Z 307 -60.50 -36.53 98.80
C SER Z 307 -61.97 -36.20 98.58
N TYR Z 308 -62.29 -35.59 97.44
CA TYR Z 308 -63.70 -35.25 97.18
C TYR Z 308 -64.52 -36.51 96.95
N LEU Z 309 -63.95 -37.52 96.30
CA LEU Z 309 -64.66 -38.78 96.11
C LEU Z 309 -64.94 -39.46 97.44
N LYS Z 310 -63.97 -39.40 98.36
CA LYS Z 310 -64.18 -39.91 99.70
C LYS Z 310 -65.28 -39.12 100.42
N SER Z 311 -65.29 -37.80 100.24
CA SER Z 311 -66.36 -36.99 100.82
C SER Z 311 -67.71 -37.40 100.27
N LYS Z 312 -67.79 -37.65 98.96
CA LYS Z 312 -69.00 -38.20 98.36
C LYS Z 312 -69.21 -39.66 98.74
N GLY Z 313 -68.17 -40.35 99.21
CA GLY Z 313 -68.29 -41.71 99.65
C GLY Z 313 -68.24 -42.76 98.55
N VAL Z 314 -67.94 -42.37 97.31
CA VAL Z 314 -67.88 -43.33 96.22
C VAL Z 314 -66.65 -44.23 96.41
N ASP Z 315 -66.81 -45.50 96.04
CA ASP Z 315 -65.77 -46.49 96.27
C ASP Z 315 -64.54 -46.21 95.42
N LEU Z 316 -63.39 -46.65 95.93
CA LEU Z 316 -62.12 -46.52 95.23
C LEU Z 316 -61.78 -47.74 94.38
N SER Z 317 -62.02 -48.94 94.91
CA SER Z 317 -61.69 -50.16 94.17
C SER Z 317 -62.63 -50.33 92.98
N TYR Z 318 -62.14 -51.06 91.97
CA TYR Z 318 -62.86 -51.39 90.75
C TYR Z 318 -63.19 -50.16 89.90
N MET Z 319 -62.77 -48.97 90.33
CA MET Z 319 -63.00 -47.73 89.60
C MET Z 319 -61.76 -47.40 88.78
N THR Z 320 -61.97 -47.10 87.49
CA THR Z 320 -60.88 -46.70 86.62
C THR Z 320 -60.29 -45.39 87.10
N LEU Z 321 -58.96 -45.27 86.98
CA LEU Z 321 -58.28 -44.04 87.39
C LEU Z 321 -58.81 -42.84 86.61
N GLN Z 322 -58.97 -43.00 85.30
CA GLN Z 322 -59.57 -41.94 84.49
C GLN Z 322 -61.00 -41.67 84.91
N GLU Z 323 -61.76 -42.73 85.20
CA GLU Z 323 -63.14 -42.55 85.65
C GLU Z 323 -63.20 -41.78 86.96
N ILE Z 324 -62.30 -42.10 87.90
CA ILE Z 324 -62.22 -41.35 89.15
C ILE Z 324 -61.88 -39.90 88.87
N LYS Z 325 -60.92 -39.65 87.98
CA LYS Z 325 -60.54 -38.29 87.65
C LYS Z 325 -61.70 -37.53 87.01
N GLU Z 326 -62.45 -38.17 86.13
CA GLU Z 326 -63.55 -37.54 85.42
C GLU Z 326 -64.88 -37.68 86.16
N ALA Z 327 -64.88 -38.22 87.36
CA ALA Z 327 -66.11 -38.37 88.12
C ALA Z 327 -66.69 -37.00 88.49
N ASN Z 328 -67.97 -37.00 88.84
CA ASN Z 328 -68.66 -35.77 89.16
C ASN Z 328 -68.01 -35.10 90.38
N THR Z 329 -67.72 -33.81 90.24
CA THR Z 329 -67.10 -33.03 91.30
C THR Z 329 -68.08 -32.12 92.03
N GLY Z 330 -69.37 -32.24 91.73
CA GLY Z 330 -70.35 -31.36 92.37
C GLY Z 330 -70.10 -29.92 92.00
N SER Z 331 -70.41 -29.02 92.94
CA SER Z 331 -70.14 -27.60 92.73
C SER Z 331 -68.66 -27.26 92.92
N LYS Z 332 -67.97 -28.00 93.80
CA LYS Z 332 -66.59 -27.67 94.13
C LYS Z 332 -65.64 -28.01 92.99
N VAL Z 333 -64.59 -27.20 92.86
CA VAL Z 333 -63.54 -27.40 91.87
C VAL Z 333 -62.20 -27.42 92.60
N PHE Z 334 -61.36 -28.40 92.29
CA PHE Z 334 -60.07 -28.58 92.94
C PHE Z 334 -58.96 -28.54 91.91
N LEU Z 335 -57.90 -27.79 92.20
CA LEU Z 335 -56.79 -27.62 91.29
C LEU Z 335 -55.47 -27.72 92.05
N LYS Z 336 -54.43 -28.11 91.32
CA LYS Z 336 -53.07 -28.17 91.85
C LYS Z 336 -52.22 -27.12 91.15
N ALA Z 337 -51.58 -26.26 91.93
CA ALA Z 337 -50.82 -25.14 91.40
C ALA Z 337 -49.33 -25.33 91.68
N LYS Z 338 -48.53 -25.25 90.62
CA LYS Z 338 -47.08 -25.28 90.74
C LYS Z 338 -46.50 -24.42 89.63
N ILE Z 339 -45.51 -23.59 89.97
CA ILE Z 339 -44.91 -22.64 89.04
C ILE Z 339 -43.42 -22.55 89.30
N LYS Z 340 -42.72 -21.90 88.37
CA LYS Z 340 -41.31 -21.57 88.51
C LYS Z 340 -41.18 -20.06 88.52
N VAL Z 341 -40.49 -19.53 89.54
CA VAL Z 341 -40.40 -18.09 89.75
C VAL Z 341 -38.99 -17.64 89.42
N LEU Z 342 -38.88 -16.59 88.61
CA LEU Z 342 -37.60 -16.04 88.20
C LEU Z 342 -37.07 -15.06 89.25
N ASP Z 343 -35.77 -15.14 89.51
CA ASP Z 343 -35.11 -14.32 90.51
C ASP Z 343 -34.15 -13.36 89.84
N ALA Z 344 -34.16 -12.10 90.28
CA ALA Z 344 -33.19 -11.13 89.78
C ALA Z 344 -31.83 -11.36 90.43
N MET Z 345 -30.77 -11.19 89.65
CA MET Z 345 -29.43 -11.41 90.17
C MET Z 345 -29.08 -10.31 91.16
N GLU Z 346 -28.37 -10.69 92.21
CA GLU Z 346 -27.90 -9.78 93.24
C GLU Z 346 -26.40 -9.81 93.39
N ASP Z 347 -25.73 -10.76 92.74
CA ASP Z 347 -24.31 -11.01 92.89
C ASP Z 347 -23.82 -11.86 91.72
N ILE Z 348 -22.54 -11.70 91.37
CA ILE Z 348 -21.95 -12.35 90.21
C ILE Z 348 -20.60 -12.94 90.61
N ASP Z 349 -20.37 -14.20 90.26
CA ASP Z 349 -19.07 -14.84 90.41
C ASP Z 349 -18.44 -15.00 89.03
N LEU Z 350 -17.13 -14.78 88.96
CA LEU Z 350 -16.38 -14.95 87.73
C LEU Z 350 -14.95 -15.38 88.07
N SER Z 351 -14.53 -16.49 87.47
CA SER Z 351 -13.21 -17.04 87.69
C SER Z 351 -12.40 -16.93 86.39
N ILE Z 352 -11.80 -15.76 86.18
CA ILE Z 352 -10.88 -15.55 85.06
C ILE Z 352 -9.57 -16.23 85.41
N GLU Z 353 -8.72 -16.45 84.41
CA GLU Z 353 -7.51 -17.22 84.60
C GLU Z 353 -6.41 -16.68 83.70
N ILE Z 354 -5.17 -16.98 84.08
CA ILE Z 354 -4.01 -16.53 83.31
C ILE Z 354 -3.60 -17.60 82.32
N GLY AA 4 -52.22 18.53 73.35
CA GLY AA 4 -51.36 19.58 72.83
C GLY AA 4 -51.62 19.90 71.38
N LEU AA 5 -51.31 21.13 70.98
CA LEU AA 5 -51.47 21.50 69.59
C LEU AA 5 -50.36 20.88 68.75
N PRO AA 6 -50.69 20.16 67.70
CA PRO AA 6 -49.64 19.62 66.82
C PRO AA 6 -49.04 20.70 65.94
N SER AA 7 -47.75 20.96 66.12
CA SER AA 7 -47.03 21.97 65.34
C SER AA 7 -45.67 21.43 64.96
N ILE AA 8 -45.12 21.96 63.88
CA ILE AA 8 -43.81 21.53 63.41
C ILE AA 8 -42.74 21.92 64.42
N ASN AA 9 -41.87 20.97 64.75
CA ASN AA 9 -40.78 21.20 65.68
C ASN AA 9 -39.51 20.58 65.11
N ILE AA 10 -38.65 21.43 64.54
CA ILE AA 10 -37.42 21.00 63.91
C ILE AA 10 -36.29 21.17 64.93
N SER AA 11 -35.61 20.07 65.25
CA SER AA 11 -34.54 20.06 66.22
C SER AA 11 -33.20 20.04 65.51
N PHE AA 12 -32.23 20.77 66.04
CA PHE AA 12 -30.88 20.81 65.50
C PHE AA 12 -29.90 20.51 66.62
N LYS AA 13 -29.11 19.44 66.45
CA LYS AA 13 -28.20 18.96 67.47
C LYS AA 13 -26.79 18.86 66.90
N GLU AA 14 -25.81 18.87 67.78
CA GLU AA 14 -24.42 18.78 67.36
C GLU AA 14 -23.88 17.37 67.65
N LEU AA 15 -23.20 16.80 66.66
CA LEU AA 15 -22.61 15.47 66.80
C LEU AA 15 -21.22 15.61 67.38
N ALA AA 16 -21.04 15.12 68.61
CA ALA AA 16 -19.73 14.92 69.20
C ALA AA 16 -19.56 13.42 69.42
N THR AA 17 -18.45 12.87 68.94
CA THR AA 17 -18.25 11.42 69.01
C THR AA 17 -18.23 10.96 70.47
N THR AA 18 -19.22 10.15 70.83
CA THR AA 18 -19.38 9.67 72.20
C THR AA 18 -18.84 8.25 72.30
N VAL AA 19 -17.86 8.06 73.17
CA VAL AA 19 -17.26 6.76 73.43
C VAL AA 19 -17.39 6.46 74.91
N LYS AA 20 -17.81 5.24 75.23
CA LYS AA 20 -17.96 4.85 76.63
C LYS AA 20 -16.62 4.96 77.36
N GLU AA 21 -16.65 5.58 78.53
CA GLU AA 21 -15.45 5.83 79.32
C GLU AA 21 -15.36 4.82 80.45
N ARG AA 22 -14.19 4.21 80.59
CA ARG AA 22 -13.96 3.22 81.62
C ARG AA 22 -13.40 3.91 82.87
N SER AA 23 -12.90 3.12 83.82
CA SER AA 23 -12.36 3.68 85.04
C SER AA 23 -11.13 4.53 84.74
N ALA AA 24 -11.01 5.64 85.46
CA ALA AA 24 -9.90 6.56 85.23
C ALA AA 24 -8.57 5.92 85.62
N ARG AA 25 -7.54 6.22 84.85
CA ARG AA 25 -6.21 5.69 85.08
C ARG AA 25 -5.18 6.81 85.02
N GLY AA 26 -4.07 6.63 85.73
CA GLY AA 26 -3.00 7.59 85.74
C GLY AA 26 -3.13 8.72 86.74
N ILE AA 27 -4.22 8.76 87.52
CA ILE AA 27 -4.38 9.80 88.52
C ILE AA 27 -3.40 9.57 89.65
N ILE AA 28 -3.02 10.65 90.33
CA ILE AA 28 -2.06 10.62 91.43
C ILE AA 28 -2.73 11.16 92.67
N ALA AA 29 -2.63 10.41 93.77
CA ALA AA 29 -3.16 10.83 95.07
C ALA AA 29 -1.99 11.41 95.86
N MET AA 30 -1.86 12.74 95.83
CA MET AA 30 -0.82 13.45 96.57
C MET AA 30 -1.39 13.88 97.91
N VAL AA 31 -0.84 13.33 98.99
CA VAL AA 31 -1.23 13.71 100.34
C VAL AA 31 0.03 14.09 101.11
N LEU AA 32 -0.02 15.24 101.79
CA LEU AA 32 1.14 15.73 102.52
C LEU AA 32 0.68 16.81 103.48
N LYS AA 33 1.49 17.04 104.51
CA LYS AA 33 1.11 17.88 105.64
C LYS AA 33 1.56 19.33 105.43
N ASP AA 34 0.74 20.27 105.90
CA ASP AA 34 1.08 21.68 105.90
C ASP AA 34 0.17 22.40 106.90
N ALA AA 35 0.59 23.61 107.28
CA ALA AA 35 -0.14 24.42 108.24
C ALA AA 35 -0.87 25.59 107.58
N LYS AA 36 -0.89 25.66 106.26
CA LYS AA 36 -1.51 26.76 105.54
C LYS AA 36 -2.65 26.23 104.68
N ALA AA 37 -3.82 26.85 104.81
CA ALA AA 37 -5.00 26.56 103.98
C ALA AA 37 -5.25 25.06 103.88
N LEU AA 38 -5.59 24.48 105.03
CA LEU AA 38 -5.84 23.05 105.11
C LEU AA 38 -6.97 22.65 104.18
N GLY AA 39 -6.75 21.56 103.44
CA GLY AA 39 -7.73 21.04 102.50
C GLY AA 39 -7.09 20.62 101.20
N LEU AA 40 -7.84 19.79 100.47
CA LEU AA 40 -7.37 19.27 99.20
C LEU AA 40 -7.30 20.38 98.15
N ASN AA 41 -6.34 20.25 97.23
CA ASN AA 41 -6.07 21.28 96.24
C ASN AA 41 -6.55 20.94 94.83
N GLU AA 42 -6.73 19.66 94.52
CA GLU AA 42 -7.21 19.18 93.22
C GLU AA 42 -6.58 19.95 92.05
N ILE AA 43 -5.25 19.88 91.98
CA ILE AA 43 -4.51 20.62 90.97
C ILE AA 43 -4.56 19.86 89.64
N HIS AA 44 -5.54 20.16 88.82
CA HIS AA 44 -5.63 19.57 87.48
C HIS AA 44 -4.88 20.38 86.44
N GLU AA 45 -4.92 21.71 86.55
CA GLU AA 45 -4.22 22.56 85.60
C GLU AA 45 -2.72 22.44 85.79
N LYS AA 46 -1.98 22.50 84.68
CA LYS AA 46 -0.53 22.34 84.74
C LYS AA 46 0.14 23.56 85.35
N GLU AA 47 1.14 23.30 86.19
CA GLU AA 47 2.00 24.33 86.78
C GLU AA 47 1.17 25.40 87.51
N ASP AA 48 0.47 24.95 88.56
CA ASP AA 48 -0.29 25.84 89.43
C ASP AA 48 0.00 25.44 90.87
N ILE AA 49 0.78 26.26 91.58
CA ILE AA 49 1.16 26.00 92.95
C ILE AA 49 0.36 26.94 93.85
N PRO AA 50 -0.60 26.44 94.62
CA PRO AA 50 -1.30 27.31 95.57
C PRO AA 50 -0.36 27.78 96.67
N VAL AA 51 -0.68 28.95 97.23
CA VAL AA 51 0.18 29.57 98.23
C VAL AA 51 0.27 28.76 99.51
N ASP AA 52 -0.66 27.83 99.73
CA ASP AA 52 -0.60 27.00 100.92
C ASP AA 52 0.64 26.12 100.94
N LEU AA 53 1.01 25.56 99.80
CA LEU AA 53 2.13 24.63 99.71
C LEU AA 53 3.46 25.37 99.68
N SER AA 54 4.43 24.82 100.41
CA SER AA 54 5.70 25.49 100.63
C SER AA 54 6.67 25.18 99.50
N ALA AA 55 7.94 25.58 99.67
CA ALA AA 55 8.94 25.41 98.62
C ALA AA 55 9.22 23.93 98.35
N GLU AA 56 9.38 23.13 99.41
CA GLU AA 56 9.53 21.69 99.22
C GLU AA 56 8.27 21.09 98.59
N ASN AA 57 7.10 21.58 99.01
CA ASN AA 57 5.85 21.15 98.39
C ASN AA 57 5.81 21.55 96.92
N LYS AA 58 6.28 22.75 96.61
CA LYS AA 58 6.33 23.20 95.22
C LYS AA 58 7.25 22.31 94.39
N GLU AA 59 8.40 21.92 94.96
CA GLU AA 59 9.30 21.02 94.25
C GLU AA 59 8.65 19.65 94.05
N TYR AA 60 7.90 19.18 95.05
CA TYR AA 60 7.16 17.92 94.91
C TYR AA 60 6.18 18.01 93.75
N ILE AA 61 5.42 19.11 93.67
CA ILE AA 61 4.46 19.28 92.58
C ILE AA 61 5.18 19.31 91.24
N ASN AA 62 6.29 20.04 91.16
CA ASN AA 62 7.03 20.14 89.91
C ASN AA 62 7.55 18.77 89.47
N LEU AA 63 8.05 17.99 90.42
CA LEU AA 63 8.52 16.64 90.09
C LEU AA 63 7.38 15.76 89.62
N ALA AA 64 6.21 15.86 90.27
CA ALA AA 64 5.09 14.99 89.91
C ALA AA 64 4.45 15.39 88.59
N LEU AA 65 4.46 16.69 88.25
CA LEU AA 65 3.73 17.16 87.08
C LEU AA 65 4.29 16.58 85.78
N MET AA 66 5.61 16.56 85.65
CA MET AA 66 6.23 16.08 84.42
C MET AA 66 6.54 14.60 84.53
N GLY AA 67 6.35 13.88 83.42
CA GLY AA 67 6.57 12.45 83.38
C GLY AA 67 7.48 12.06 82.23
N ASN AA 68 7.71 10.75 82.13
CA ASN AA 68 8.60 10.22 81.10
C ASN AA 68 8.01 10.42 79.71
N VAL AA 69 6.76 10.03 79.52
CA VAL AA 69 6.11 10.08 78.22
C VAL AA 69 5.11 11.23 78.14
N ASN AA 70 4.18 11.29 79.08
CA ASN AA 70 3.16 12.32 79.08
C ASN AA 70 2.92 12.80 80.51
N THR AA 71 2.37 14.01 80.62
CA THR AA 71 1.96 14.51 81.92
C THR AA 71 0.82 13.66 82.47
N PRO AA 72 0.85 13.31 83.76
CA PRO AA 72 -0.28 12.56 84.34
C PRO AA 72 -1.58 13.32 84.17
N ASN AA 73 -2.67 12.56 83.92
CA ASN AA 73 -3.93 13.17 83.55
C ASN AA 73 -4.46 14.08 84.64
N LYS AA 74 -4.50 13.59 85.88
CA LYS AA 74 -5.04 14.36 87.00
C LYS AA 74 -4.16 14.16 88.22
N LEU AA 75 -3.95 15.24 88.97
CA LEU AA 75 -3.21 15.22 90.21
C LEU AA 75 -4.05 15.88 91.29
N LEU AA 76 -4.17 15.20 92.44
CA LEU AA 76 -4.94 15.70 93.57
C LEU AA 76 -4.01 15.82 94.77
N VAL AA 77 -3.86 17.04 95.28
CA VAL AA 77 -2.96 17.34 96.40
C VAL AA 77 -3.81 17.73 97.60
N TYR AA 78 -3.51 17.12 98.75
CA TYR AA 78 -4.24 17.35 99.99
C TYR AA 78 -3.36 18.06 101.00
N VAL AA 79 -3.95 18.99 101.75
CA VAL AA 79 -3.24 19.77 102.74
C VAL AA 79 -3.97 19.64 104.08
N ILE AA 80 -3.23 19.26 105.12
CA ILE AA 80 -3.76 19.23 106.48
C ILE AA 80 -2.57 19.32 107.43
N GLU AA 81 -2.86 19.65 108.69
CA GLU AA 81 -1.81 19.73 109.70
C GLU AA 81 -1.13 18.38 109.87
N GLY AA 82 0.13 18.42 110.35
CA GLY AA 82 0.91 17.20 110.45
C GLY AA 82 0.28 16.15 111.34
N GLU AA 83 -0.41 16.58 112.39
CA GLU AA 83 -1.09 15.64 113.27
C GLU AA 83 -2.27 14.99 112.54
N ALA AA 84 -2.45 13.69 112.79
CA ALA AA 84 -3.55 12.91 112.21
C ALA AA 84 -3.55 12.96 110.69
N ASP AA 85 -2.35 12.87 110.08
CA ASP AA 85 -2.26 12.78 108.64
C ASP AA 85 -2.90 11.50 108.12
N ILE AA 86 -2.64 10.37 108.81
CA ILE AA 86 -3.04 9.08 108.30
C ILE AA 86 -4.57 8.95 108.29
N GLN AA 87 -5.24 9.45 109.33
CA GLN AA 87 -6.70 9.32 109.40
C GLN AA 87 -7.37 10.06 108.26
N THR AA 88 -7.03 11.34 108.07
CA THR AA 88 -7.66 12.12 107.01
C THR AA 88 -7.24 11.61 105.63
N ALA AA 89 -6.01 11.12 105.49
CA ALA AA 89 -5.60 10.54 104.22
C ALA AA 89 -6.45 9.32 103.87
N LEU AA 90 -6.67 8.45 104.87
CA LEU AA 90 -7.52 7.29 104.64
C LEU AA 90 -8.95 7.70 104.31
N ASP AA 91 -9.48 8.69 105.02
CA ASP AA 91 -10.84 9.13 104.75
C ASP AA 91 -10.98 9.69 103.34
N PHE AA 92 -10.02 10.52 102.92
CA PHE AA 92 -10.12 11.14 101.60
C PHE AA 92 -9.90 10.13 100.49
N LEU AA 93 -9.00 9.16 100.71
CA LEU AA 93 -8.79 8.12 99.70
C LEU AA 93 -9.98 7.18 99.62
N GLU AA 94 -10.68 6.97 100.73
CA GLU AA 94 -11.94 6.22 100.68
C GLU AA 94 -13.00 7.03 99.95
N THR AA 95 -13.00 8.35 100.12
CA THR AA 95 -13.99 9.20 99.45
C THR AA 95 -13.85 9.14 97.94
N LYS AA 96 -12.62 9.20 97.43
CA LYS AA 96 -12.37 9.26 95.99
C LYS AA 96 -11.26 8.29 95.61
N GLU AA 97 -11.46 7.60 94.49
CA GLU AA 97 -10.51 6.59 94.04
C GLU AA 97 -9.20 7.23 93.60
N PHE AA 98 -8.18 6.38 93.44
CA PHE AA 98 -6.86 6.85 93.03
C PHE AA 98 -6.11 5.67 92.42
N ASN AA 99 -5.02 5.99 91.72
CA ASN AA 99 -4.15 4.99 91.12
C ASN AA 99 -2.84 4.80 91.86
N TYR AA 100 -2.25 5.87 92.39
CA TYR AA 100 -0.97 5.80 93.07
C TYR AA 100 -1.03 6.62 94.35
N LEU AA 101 -0.23 6.21 95.33
CA LEU AA 101 -0.21 6.86 96.64
C LEU AA 101 1.23 7.05 97.09
N CYS AA 102 1.50 8.19 97.73
CA CYS AA 102 2.84 8.47 98.25
C CYS AA 102 2.71 9.50 99.37
N MET AA 103 3.29 9.18 100.53
CA MET AA 103 3.30 10.10 101.68
C MET AA 103 4.73 10.53 101.95
N PRO AA 104 5.12 11.75 101.57
CA PRO AA 104 6.52 12.18 101.76
C PRO AA 104 6.98 12.22 103.21
N LYS AA 105 6.06 12.39 104.16
CA LYS AA 105 6.42 12.46 105.57
C LYS AA 105 5.87 11.26 106.36
N ALA AA 106 5.80 10.10 105.71
CA ALA AA 106 5.35 8.89 106.39
C ALA AA 106 6.49 8.27 107.17
N VAL AA 107 6.28 8.08 108.47
CA VAL AA 107 7.24 7.37 109.32
C VAL AA 107 7.05 5.88 109.07
N GLU AA 108 7.97 5.06 109.60
CA GLU AA 108 7.90 3.62 109.37
C GLU AA 108 6.56 3.06 109.86
N ALA AA 109 6.07 3.52 111.01
CA ALA AA 109 4.75 3.13 111.46
C ALA AA 109 3.67 3.63 110.51
N ASP AA 110 3.81 4.86 110.02
CA ASP AA 110 2.85 5.38 109.05
C ASP AA 110 2.89 4.58 107.75
N LYS AA 111 4.09 4.22 107.29
CA LYS AA 111 4.21 3.41 106.08
C LYS AA 111 3.57 2.04 106.28
N THR AA 112 3.78 1.44 107.46
CA THR AA 112 3.16 0.14 107.74
C THR AA 112 1.64 0.25 107.75
N ALA AA 113 1.12 1.31 108.36
CA ALA AA 113 -0.34 1.52 108.37
C ALA AA 113 -0.87 1.72 106.95
N ILE AA 114 -0.14 2.47 106.14
CA ILE AA 114 -0.55 2.70 104.75
C ILE AA 114 -0.59 1.37 104.00
N LYS AA 115 0.45 0.55 104.17
CA LYS AA 115 0.47 -0.75 103.50
C LYS AA 115 -0.66 -1.64 103.98
N ASN AA 116 -0.95 -1.62 105.29
CA ASN AA 116 -2.06 -2.42 105.81
C ASN AA 116 -3.38 -1.97 105.22
N TRP AA 117 -3.59 -0.66 105.11
CA TRP AA 117 -4.83 -0.17 104.52
C TRP AA 117 -4.93 -0.56 103.05
N ILE AA 118 -3.82 -0.45 102.31
CA ILE AA 118 -3.80 -0.84 100.90
C ILE AA 118 -4.17 -2.31 100.74
N ILE AA 119 -3.52 -3.18 101.53
CA ILE AA 119 -3.78 -4.61 101.39
C ILE AA 119 -5.20 -4.95 101.85
N LYS AA 120 -5.70 -4.28 102.88
CA LYS AA 120 -7.07 -4.51 103.32
C LYS AA 120 -8.05 -4.18 102.23
N LEU AA 121 -7.86 -3.03 101.56
CA LEU AA 121 -8.73 -2.67 100.45
C LEU AA 121 -8.62 -3.71 99.33
N ARG AA 122 -7.40 -4.02 98.92
CA ARG AA 122 -7.20 -4.92 97.78
C ARG AA 122 -7.70 -6.34 98.07
N ASP AA 123 -7.80 -6.74 99.33
CA ASP AA 123 -8.21 -8.09 99.67
C ASP AA 123 -9.68 -8.22 100.05
N ILE AA 124 -10.29 -7.17 100.62
CA ILE AA 124 -11.68 -7.22 101.06
C ILE AA 124 -12.57 -6.32 100.20
N ASP AA 125 -12.17 -5.05 100.04
CA ASP AA 125 -12.99 -4.10 99.30
C ASP AA 125 -12.89 -4.28 97.79
N LYS AA 126 -11.97 -5.14 97.32
CA LYS AA 126 -11.76 -5.36 95.89
C LYS AA 126 -11.47 -4.05 95.16
N VAL AA 127 -10.72 -3.17 95.81
CA VAL AA 127 -10.30 -1.90 95.23
C VAL AA 127 -8.82 -2.02 94.90
N LYS AA 128 -8.51 -1.91 93.60
CA LYS AA 128 -7.14 -2.06 93.13
C LYS AA 128 -6.41 -0.73 93.28
N VAL AA 129 -5.54 -0.65 94.28
CA VAL AA 129 -4.79 0.56 94.59
C VAL AA 129 -3.32 0.21 94.74
N LYS AA 130 -2.45 1.13 94.33
CA LYS AA 130 -1.02 0.97 94.44
C LYS AA 130 -0.43 2.16 95.18
N ALA AA 131 0.66 1.92 95.90
CA ALA AA 131 1.33 2.96 96.67
C ALA AA 131 2.83 2.85 96.48
N VAL AA 132 3.50 4.01 96.51
CA VAL AA 132 4.95 4.08 96.39
C VAL AA 132 5.50 4.49 97.76
N LEU AA 133 6.42 3.68 98.28
CA LEU AA 133 6.95 3.87 99.62
C LEU AA 133 8.47 3.83 99.59
N GLY AA 134 9.08 4.52 100.56
CA GLY AA 134 10.52 4.64 100.60
C GLY AA 134 11.26 3.38 100.97
N LYS AA 135 11.06 2.89 102.18
CA LYS AA 135 11.75 1.69 102.68
C LYS AA 135 10.72 0.79 103.36
N VAL AA 136 10.14 -0.11 102.59
CA VAL AA 136 9.15 -1.06 103.10
C VAL AA 136 9.51 -2.45 102.58
N VAL AA 137 9.65 -3.40 103.49
CA VAL AA 137 10.02 -4.78 103.14
C VAL AA 137 8.76 -5.63 103.19
N GLY AA 138 7.61 -4.99 103.04
CA GLY AA 138 6.34 -5.68 103.19
C GLY AA 138 6.13 -6.78 102.18
N ASN AA 139 5.20 -7.67 102.50
CA ASN AA 139 4.98 -8.90 101.75
C ASN AA 139 3.78 -8.79 100.80
N HIS AA 140 3.59 -7.64 100.16
CA HIS AA 140 2.52 -7.47 99.20
C HIS AA 140 3.06 -6.85 97.92
N GLU AA 141 2.36 -7.10 96.81
CA GLU AA 141 2.78 -6.63 95.51
C GLU AA 141 2.25 -5.24 95.16
N GLY AA 142 1.14 -4.81 95.77
CA GLY AA 142 0.58 -3.51 95.46
C GLY AA 142 1.44 -2.36 95.93
N ILE AA 143 2.24 -2.58 96.97
CA ILE AA 143 3.14 -1.55 97.46
C ILE AA 143 4.42 -1.53 96.62
N ILE AA 144 5.10 -0.39 96.65
CA ILE AA 144 6.32 -0.19 95.88
C ILE AA 144 7.42 0.28 96.82
N ASN AA 145 8.57 -0.37 96.76
CA ASN AA 145 9.72 -0.07 97.62
C ASN AA 145 10.87 0.41 96.74
N PHE AA 146 11.46 1.55 97.12
CA PHE AA 146 12.56 2.15 96.38
C PHE AA 146 13.71 2.40 97.36
N THR AA 147 14.66 1.46 97.41
CA THR AA 147 15.77 1.52 98.37
C THR AA 147 16.99 2.10 97.68
N THR AA 148 16.99 3.43 97.55
CA THR AA 148 18.12 4.15 96.97
C THR AA 148 18.26 5.47 97.72
N GLU AA 149 19.24 5.54 98.62
CA GLU AA 149 19.48 6.74 99.41
C GLU AA 149 20.56 7.60 98.77
N ASP AA 150 20.70 8.83 99.28
CA ASP AA 150 21.71 9.78 98.82
C ASP AA 150 21.59 10.04 97.31
N VAL AA 151 20.36 10.17 96.83
CA VAL AA 151 20.14 10.46 95.42
C VAL AA 151 20.49 11.91 95.14
N LEU AA 152 21.24 12.14 94.06
CA LEU AA 152 21.67 13.47 93.65
C LEU AA 152 21.01 13.80 92.32
N VAL AA 153 19.98 14.63 92.35
CA VAL AA 153 19.23 15.04 91.17
C VAL AA 153 19.40 16.54 91.01
N GLY AA 154 19.92 16.96 89.84
CA GLY AA 154 20.10 18.37 89.56
C GLY AA 154 21.00 19.07 90.56
N GLU AA 155 22.15 18.45 90.87
CA GLU AA 155 23.13 18.92 91.85
C GLU AA 155 22.48 19.41 93.13
N LYS AA 156 21.36 18.80 93.50
CA LYS AA 156 20.62 19.16 94.70
C LYS AA 156 20.34 17.90 95.51
N LYS AA 157 20.51 17.99 96.82
CA LYS AA 157 20.22 16.87 97.70
C LYS AA 157 18.71 16.59 97.69
N TYR AA 158 18.35 15.34 97.44
CA TYR AA 158 16.95 14.91 97.40
C TYR AA 158 16.74 13.81 98.43
N SER AA 159 15.66 13.94 99.20
CA SER AA 159 15.27 12.87 100.10
C SER AA 159 14.76 11.67 99.31
N VAL AA 160 14.73 10.52 99.97
CA VAL AA 160 14.27 9.30 99.31
C VAL AA 160 12.81 9.45 98.89
N ASP AA 161 11.98 10.03 99.76
CA ASP AA 161 10.56 10.17 99.44
C ASP AA 161 10.33 11.15 98.29
N GLU AA 162 11.18 12.17 98.17
CA GLU AA 162 11.08 13.08 97.03
C GLU AA 162 11.21 12.32 95.71
N PHE AA 163 12.25 11.50 95.60
CA PHE AA 163 12.45 10.77 94.36
C PHE AA 163 11.45 9.63 94.18
N THR AA 164 10.93 9.05 95.27
CA THR AA 164 9.85 8.08 95.11
C THR AA 164 8.60 8.74 94.56
N SER AA 165 8.28 9.96 95.01
CA SER AA 165 7.17 10.70 94.43
C SER AA 165 7.44 11.04 92.97
N ARG AA 166 8.69 11.39 92.65
CA ARG AA 166 9.05 11.64 91.26
C ARG AA 166 8.82 10.39 90.40
N VAL AA 167 9.24 9.23 90.91
CA VAL AA 167 9.06 7.98 90.17
C VAL AA 167 7.58 7.64 90.04
N ALA AA 168 6.79 7.91 91.07
CA ALA AA 168 5.36 7.68 91.00
C ALA AA 168 4.72 8.54 89.92
N GLY AA 169 5.11 9.81 89.85
CA GLY AA 169 4.63 10.67 88.78
C GLY AA 169 5.05 10.18 87.41
N LEU AA 170 6.30 9.71 87.29
CA LEU AA 170 6.78 9.17 86.02
C LEU AA 170 5.97 7.95 85.60
N ILE AA 171 5.68 7.06 86.55
CA ILE AA 171 4.90 5.86 86.24
C ILE AA 171 3.47 6.24 85.85
N ALA AA 172 2.88 7.20 86.56
CA ALA AA 172 1.54 7.66 86.19
C ALA AA 172 1.54 8.25 84.80
N GLY AA 173 2.63 8.93 84.42
CA GLY AA 173 2.76 9.42 83.06
C GLY AA 173 3.15 8.36 82.04
N THR AA 174 3.49 7.16 82.50
CA THR AA 174 3.87 6.09 81.59
C THR AA 174 2.63 5.37 81.07
N PRO AA 175 2.47 5.24 79.76
CA PRO AA 175 1.32 4.51 79.21
C PRO AA 175 1.49 3.00 79.40
N LEU AA 176 0.49 2.25 78.92
CA LEU AA 176 0.52 0.80 79.07
C LEU AA 176 1.50 0.14 78.11
N SER AA 177 1.88 0.80 77.03
CA SER AA 177 2.79 0.20 76.06
C SER AA 177 4.23 0.20 76.55
N GLN AA 178 4.62 1.19 77.35
CA GLN AA 178 6.01 1.34 77.78
C GLN AA 178 6.24 0.61 79.11
N SER AA 179 7.45 0.08 79.26
CA SER AA 179 7.88 -0.59 80.48
C SER AA 179 8.87 0.31 81.21
N VAL AA 180 8.62 0.55 82.50
CA VAL AA 180 9.40 1.49 83.29
C VAL AA 180 10.87 1.10 83.41
N THR AA 181 11.21 -0.15 83.12
CA THR AA 181 12.59 -0.59 83.25
C THR AA 181 13.49 0.11 82.24
N TYR AA 182 14.70 0.46 82.68
CA TYR AA 182 15.72 1.09 81.84
C TYR AA 182 15.21 2.39 81.22
N THR AA 183 14.51 3.18 82.02
CA THR AA 183 14.04 4.49 81.59
C THR AA 183 15.03 5.56 82.07
N LYS AA 184 15.52 6.36 81.13
CA LYS AA 184 16.54 7.35 81.44
C LYS AA 184 15.93 8.57 82.12
N LEU AA 185 16.63 9.08 83.13
CA LEU AA 185 16.23 10.28 83.86
C LEU AA 185 17.28 11.35 83.64
N SER AA 186 16.95 12.36 82.84
CA SER AA 186 17.91 13.42 82.54
C SER AA 186 18.13 14.32 83.75
N ASP AA 187 17.12 14.49 84.60
CA ASP AA 187 17.25 15.38 85.75
C ASP AA 187 18.30 14.86 86.74
N VAL AA 188 18.34 13.55 86.94
CA VAL AA 188 19.31 12.96 87.88
C VAL AA 188 20.71 13.14 87.33
N VAL AA 189 21.62 13.63 88.17
CA VAL AA 189 22.98 13.91 87.76
C VAL AA 189 23.98 12.90 88.32
N ASP AA 190 23.77 12.40 89.54
CA ASP AA 190 24.71 11.47 90.15
C ASP AA 190 23.99 10.55 91.12
N ILE AA 191 24.50 9.34 91.24
CA ILE AA 191 24.02 8.37 92.23
C ILE AA 191 25.24 7.77 92.94
N PRO AA 192 25.10 7.33 94.19
CA PRO AA 192 26.25 6.72 94.87
C PRO AA 192 26.73 5.47 94.14
N LYS AA 193 28.03 5.26 94.15
CA LYS AA 193 28.62 4.08 93.51
C LYS AA 193 28.15 2.82 94.23
N MET AA 194 27.74 1.82 93.46
CA MET AA 194 27.15 0.62 94.02
C MET AA 194 27.31 -0.51 93.01
N THR AA 195 27.87 -1.63 93.48
CA THR AA 195 28.31 -2.70 92.59
C THR AA 195 27.14 -3.37 91.87
N LYS AA 196 27.39 -3.82 90.64
CA LYS AA 196 26.36 -4.46 89.85
C LYS AA 196 25.84 -5.73 90.51
N VAL AA 197 26.69 -6.44 91.26
CA VAL AA 197 26.23 -7.62 91.99
C VAL AA 197 25.22 -7.22 93.05
N ASP AA 198 25.49 -6.13 93.77
CA ASP AA 198 24.54 -5.64 94.76
C ASP AA 198 23.23 -5.20 94.09
N ALA AA 199 23.33 -4.58 92.92
CA ALA AA 199 22.13 -4.20 92.17
C ALA AA 199 21.31 -5.43 91.80
N GLU AA 200 21.97 -6.48 91.33
CA GLU AA 200 21.27 -7.71 90.99
C GLU AA 200 20.61 -8.33 92.22
N SER AA 201 21.32 -8.34 93.35
CA SER AA 201 20.73 -8.87 94.58
C SER AA 201 19.51 -8.06 94.99
N ARG AA 202 19.59 -6.73 94.90
CA ARG AA 202 18.46 -5.89 95.25
C ARG AA 202 17.28 -6.14 94.32
N VAL AA 203 17.54 -6.32 93.02
CA VAL AA 203 16.46 -6.63 92.09
C VAL AA 203 15.82 -7.96 92.44
N ASN AA 204 16.63 -8.97 92.76
CA ASN AA 204 16.07 -10.25 93.18
C ASN AA 204 15.22 -10.10 94.44
N LYS AA 205 15.64 -9.21 95.35
CA LYS AA 205 14.79 -8.88 96.49
C LYS AA 205 13.54 -8.12 96.07
N GLY AA 206 13.50 -7.59 94.85
CA GLY AA 206 12.36 -6.84 94.36
C GLY AA 206 12.48 -5.34 94.50
N GLU AA 207 13.49 -4.85 95.22
CA GLU AA 207 13.64 -3.42 95.43
C GLU AA 207 14.00 -2.74 94.12
N LEU AA 208 13.29 -1.66 93.80
CA LEU AA 208 13.57 -0.86 92.62
C LEU AA 208 14.66 0.15 92.95
N ILE AA 209 15.68 0.21 92.09
CA ILE AA 209 16.84 1.06 92.32
C ILE AA 209 17.27 1.70 91.01
N LEU AA 210 18.15 2.70 91.12
CA LEU AA 210 18.75 3.34 89.97
C LEU AA 210 20.06 2.66 89.60
N ILE AA 211 20.47 2.84 88.35
CA ILE AA 211 21.72 2.26 87.86
C ILE AA 211 22.25 3.13 86.74
N LYS AA 212 23.58 3.15 86.60
CA LYS AA 212 24.25 3.93 85.57
C LYS AA 212 24.50 3.00 84.37
N GLU AA 213 23.72 3.17 83.32
CA GLU AA 213 23.85 2.34 82.13
C GLU AA 213 23.53 3.17 80.89
N ALA AA 214 24.15 2.77 79.77
CA ALA AA 214 23.99 3.48 78.50
C ALA AA 214 24.34 4.95 78.63
N GLY AA 215 25.39 5.23 79.42
CA GLY AA 215 25.83 6.61 79.62
C GLY AA 215 24.80 7.49 80.30
N ALA AA 216 23.98 6.92 81.18
CA ALA AA 216 22.95 7.68 81.88
C ALA AA 216 22.52 6.90 83.10
N ILE AA 217 21.78 7.57 83.98
CA ILE AA 217 21.21 6.95 85.16
C ILE AA 217 19.78 6.53 84.83
N ARG AA 218 19.50 5.24 84.94
CA ARG AA 218 18.23 4.67 84.52
C ARG AA 218 17.69 3.76 85.62
N ILE AA 219 16.40 3.43 85.49
CA ILE AA 219 15.78 2.48 86.41
C ILE AA 219 16.38 1.10 86.18
N ALA AA 220 16.80 0.44 87.26
CA ALA AA 220 17.38 -0.89 87.14
C ALA AA 220 16.35 -1.88 86.60
N ARG AA 221 15.28 -2.12 87.35
CA ARG AA 221 14.22 -3.03 86.93
C ARG AA 221 12.89 -2.49 87.42
N GLY AA 222 11.82 -2.96 86.79
CA GLY AA 222 10.48 -2.56 87.16
C GLY AA 222 9.77 -3.56 88.06
N VAL AA 223 10.54 -4.41 88.73
CA VAL AA 223 9.96 -5.44 89.58
C VAL AA 223 9.22 -4.81 90.75
N ASN AA 224 8.22 -5.54 91.26
CA ASN AA 224 7.42 -5.06 92.38
C ASN AA 224 8.19 -5.20 93.69
N SER AA 225 7.69 -4.52 94.72
CA SER AA 225 8.32 -4.58 96.03
C SER AA 225 8.15 -5.94 96.70
N LEU AA 226 7.23 -6.77 96.21
CA LEU AA 226 6.97 -8.06 96.85
C LEU AA 226 8.17 -8.97 96.68
N THR AA 227 8.81 -9.31 97.81
CA THR AA 227 10.04 -10.10 97.76
C THR AA 227 9.74 -11.56 97.40
N GLU AA 228 8.74 -12.15 98.03
CA GLU AA 228 8.43 -13.56 97.85
C GLU AA 228 7.09 -13.72 97.15
N LEU AA 229 7.08 -14.45 96.05
CA LEU AA 229 5.88 -14.72 95.28
C LEU AA 229 5.52 -16.20 95.44
N THR AA 230 4.26 -16.46 95.78
CA THR AA 230 3.81 -17.83 95.99
C THR AA 230 3.76 -18.58 94.65
N ALA AA 231 3.46 -19.87 94.74
CA ALA AA 231 3.36 -20.69 93.54
C ALA AA 231 2.26 -20.18 92.61
N GLU AA 232 1.13 -19.77 93.18
CA GLU AA 232 0.03 -19.28 92.35
C GLU AA 232 0.35 -17.92 91.75
N LYS AA 233 0.94 -17.02 92.54
CA LYS AA 233 1.19 -15.67 92.06
C LYS AA 233 2.14 -15.66 90.86
N GLY AA 234 3.22 -16.43 90.94
CA GLY AA 234 4.10 -16.61 89.81
C GLY AA 234 5.04 -15.44 89.58
N GLU AA 235 5.89 -15.61 88.55
CA GLU AA 235 6.88 -14.60 88.21
C GLU AA 235 6.28 -13.42 87.45
N MET AA 236 5.22 -13.66 86.66
CA MET AA 236 4.64 -12.57 85.89
C MET AA 236 4.02 -11.50 86.78
N PHE AA 237 3.66 -11.85 88.01
CA PHE AA 237 3.10 -10.87 88.92
C PHE AA 237 4.16 -10.00 89.57
N GLN AA 238 5.44 -10.38 89.48
CA GLN AA 238 6.51 -9.57 90.04
C GLN AA 238 6.70 -8.26 89.28
N LYS AA 239 6.17 -8.15 88.07
CA LYS AA 239 6.27 -6.93 87.30
C LYS AA 239 5.04 -6.07 87.56
N ILE AA 240 5.28 -4.80 87.93
CA ILE AA 240 4.18 -3.88 88.18
C ILE AA 240 3.39 -3.62 86.90
N LYS AA 241 4.07 -3.63 85.75
CA LYS AA 241 3.38 -3.42 84.48
C LYS AA 241 2.34 -4.48 84.22
N ILE AA 242 2.67 -5.75 84.50
CA ILE AA 242 1.73 -6.83 84.25
C ILE AA 242 0.53 -6.74 85.18
N VAL AA 243 0.75 -6.44 86.46
CA VAL AA 243 -0.35 -6.37 87.41
C VAL AA 243 -1.19 -5.11 87.20
N ASP AA 244 -0.62 -4.07 86.60
CA ASP AA 244 -1.38 -2.83 86.39
C ASP AA 244 -2.55 -3.06 85.45
N THR AA 245 -2.33 -3.75 84.33
CA THR AA 245 -3.43 -4.01 83.41
C THR AA 245 -4.46 -4.96 84.01
N LEU AA 246 -4.03 -5.92 84.83
CA LEU AA 246 -4.98 -6.79 85.51
C LEU AA 246 -5.85 -5.98 86.46
N ASP AA 247 -5.25 -5.06 87.22
CA ASP AA 247 -6.01 -4.22 88.12
C ASP AA 247 -7.00 -3.34 87.36
N ILE AA 248 -6.56 -2.77 86.22
CA ILE AA 248 -7.45 -1.94 85.42
C ILE AA 248 -8.62 -2.75 84.88
N ILE AA 249 -8.34 -3.96 84.39
CA ILE AA 249 -9.41 -4.82 83.87
C ILE AA 249 -10.39 -5.17 84.98
N HIS AA 250 -9.88 -5.53 86.16
CA HIS AA 250 -10.76 -5.86 87.28
C HIS AA 250 -11.63 -4.66 87.66
N SER AA 251 -11.03 -3.47 87.73
CA SER AA 251 -11.80 -2.28 88.07
C SER AA 251 -12.88 -1.99 87.05
N ASP AA 252 -12.55 -2.10 85.76
CA ASP AA 252 -13.54 -1.86 84.71
C ASP AA 252 -14.68 -2.87 84.78
N ILE AA 253 -14.34 -4.15 84.98
CA ILE AA 253 -15.36 -5.18 85.06
C ILE AA 253 -16.27 -4.94 86.25
N ARG AA 254 -15.68 -4.63 87.41
CA ARG AA 254 -16.48 -4.35 88.60
C ARG AA 254 -17.39 -3.15 88.37
N LYS AA 255 -16.87 -2.08 87.76
CA LYS AA 255 -17.67 -0.89 87.53
C LYS AA 255 -18.85 -1.19 86.60
N VAL AA 256 -18.59 -1.87 85.49
CA VAL AA 256 -19.67 -2.12 84.53
C VAL AA 256 -20.69 -3.08 85.13
N ILE AA 257 -20.24 -4.07 85.90
CA ILE AA 257 -21.16 -5.03 86.52
C ILE AA 257 -22.06 -4.31 87.52
N ILE AA 258 -21.47 -3.46 88.36
CA ILE AA 258 -22.26 -2.71 89.33
C ILE AA 258 -23.25 -1.79 88.63
N ASP AA 259 -22.79 -1.11 87.57
CA ASP AA 259 -23.66 -0.16 86.87
C ASP AA 259 -24.84 -0.85 86.21
N ASP AA 260 -24.61 -2.02 85.60
CA ASP AA 260 -25.63 -2.62 84.74
C ASP AA 260 -26.42 -3.74 85.41
N TYR AA 261 -25.75 -4.72 86.01
CA TYR AA 261 -26.40 -6.00 86.27
C TYR AA 261 -27.13 -6.08 87.60
N ILE AA 262 -26.55 -5.61 88.70
CA ILE AA 262 -27.18 -5.78 90.00
C ILE AA 262 -28.46 -4.95 90.04
N GLY AA 263 -29.58 -5.60 90.37
CA GLY AA 263 -30.84 -4.93 90.57
C GLY AA 263 -31.62 -4.67 89.31
N LYS AA 264 -30.96 -4.11 88.28
CA LYS AA 264 -31.67 -3.63 87.09
C LYS AA 264 -32.33 -4.77 86.33
N VAL AA 265 -31.64 -5.91 86.19
CA VAL AA 265 -32.11 -7.00 85.36
C VAL AA 265 -32.35 -8.23 86.24
N THR AA 266 -32.78 -9.31 85.58
CA THR AA 266 -33.22 -10.53 86.24
C THR AA 266 -32.48 -11.74 85.66
N ASN AA 267 -32.19 -12.72 86.50
CA ASN AA 267 -31.49 -13.92 86.04
C ASN AA 267 -32.30 -14.64 84.99
N SER AA 268 -31.60 -15.19 84.00
CA SER AA 268 -32.17 -16.04 82.98
C SER AA 268 -31.03 -16.69 82.22
N TYR AA 269 -31.26 -17.91 81.74
CA TYR AA 269 -30.26 -18.58 80.92
C TYR AA 269 -29.93 -17.75 79.68
N ASP AA 270 -30.95 -17.16 79.07
CA ASP AA 270 -30.72 -16.19 78.01
C ASP AA 270 -29.96 -14.98 78.52
N ASN AA 271 -30.30 -14.50 79.72
CA ASN AA 271 -29.54 -13.40 80.32
C ASN AA 271 -28.12 -13.83 80.66
N LYS AA 272 -27.94 -15.09 81.07
CA LYS AA 272 -26.59 -15.62 81.25
C LYS AA 272 -25.80 -15.55 79.95
N CYS AA 273 -26.41 -15.96 78.84
CA CYS AA 273 -25.74 -15.89 77.55
C CYS AA 273 -25.42 -14.45 77.17
N LEU AA 274 -26.35 -13.53 77.42
CA LEU AA 274 -26.11 -12.13 77.12
C LEU AA 274 -24.95 -11.57 77.95
N LEU AA 275 -24.88 -11.94 79.23
CA LEU AA 275 -23.76 -11.51 80.05
C LEU AA 275 -22.45 -12.08 79.53
N ILE AA 276 -22.46 -13.35 79.11
CA ILE AA 276 -21.26 -13.96 78.53
C ILE AA 276 -20.83 -13.21 77.29
N VAL AA 277 -21.79 -12.85 76.42
CA VAL AA 277 -21.48 -12.13 75.20
C VAL AA 277 -20.93 -10.75 75.53
N ALA AA 278 -21.48 -10.09 76.56
CA ALA AA 278 -20.98 -8.78 76.95
C ALA AA 278 -19.54 -8.86 77.45
N ILE AA 279 -19.23 -9.87 78.27
CA ILE AA 279 -17.86 -10.02 78.75
C ILE AA 279 -16.92 -10.38 77.59
N LYS AA 280 -17.42 -11.16 76.63
CA LYS AA 280 -16.63 -11.47 75.44
C LYS AA 280 -16.34 -10.21 74.63
N SER AA 281 -17.32 -9.32 74.51
CA SER AA 281 -17.11 -8.05 73.83
C SER AA 281 -16.09 -7.19 74.57
N TYR AA 282 -16.15 -7.20 75.90
CA TYR AA 282 -15.16 -6.47 76.69
C TYR AA 282 -13.75 -7.03 76.46
N LEU AA 283 -13.64 -8.36 76.40
CA LEU AA 283 -12.34 -8.98 76.12
C LEU AA 283 -11.86 -8.64 74.72
N GLU AA 284 -12.78 -8.58 73.76
CA GLU AA 284 -12.43 -8.16 72.41
C GLU AA 284 -11.92 -6.72 72.39
N GLU AA 285 -12.56 -5.86 73.17
CA GLU AA 285 -12.08 -4.48 73.30
C GLU AA 285 -10.67 -4.44 73.89
N LEU AA 286 -10.42 -5.27 74.91
CA LEU AA 286 -9.08 -5.35 75.47
C LEU AA 286 -8.07 -5.82 74.43
N GLU AA 287 -8.45 -6.82 73.63
CA GLU AA 287 -7.56 -7.31 72.58
C GLU AA 287 -7.26 -6.23 71.55
N LYS AA 288 -8.30 -5.47 71.16
CA LYS AA 288 -8.09 -4.36 70.24
C LYS AA 288 -7.19 -3.29 70.86
N SER AA 289 -7.22 -3.14 72.19
CA SER AA 289 -6.29 -2.26 72.86
C SER AA 289 -4.86 -2.78 72.80
N ALA AA 290 -4.68 -4.04 72.42
CA ALA AA 290 -3.38 -4.70 72.26
C ALA AA 290 -2.59 -4.80 73.57
N LEU AA 291 -3.22 -4.49 74.71
CA LEU AA 291 -2.52 -4.61 75.98
C LEU AA 291 -2.33 -6.08 76.36
N ILE AA 292 -3.28 -6.93 76.02
CA ILE AA 292 -3.22 -8.36 76.31
C ILE AA 292 -3.56 -9.13 75.05
N GLU AA 293 -3.02 -10.35 74.94
CA GLU AA 293 -3.29 -11.18 73.78
C GLU AA 293 -4.73 -11.69 73.80
N SER AA 294 -5.18 -12.23 74.93
CA SER AA 294 -6.57 -12.62 75.16
C SER AA 294 -7.05 -13.63 74.13
N ASP AA 295 -6.41 -14.80 74.12
CA ASP AA 295 -6.80 -15.85 73.19
C ASP AA 295 -8.10 -16.52 73.60
N SER AA 296 -8.28 -16.80 74.89
CA SER AA 296 -9.38 -17.61 75.35
C SER AA 296 -10.61 -16.75 75.67
N THR AA 297 -11.70 -17.41 76.06
CA THR AA 297 -12.98 -16.74 76.26
C THR AA 297 -13.58 -17.06 77.62
N VAL AA 298 -14.84 -16.67 77.82
CA VAL AA 298 -15.55 -16.86 79.08
C VAL AA 298 -16.65 -17.89 78.87
N GLU AA 299 -16.97 -18.62 79.94
CA GLU AA 299 -18.03 -19.61 79.89
C GLU AA 299 -18.59 -19.81 81.31
N ILE AA 300 -19.47 -20.79 81.44
CA ILE AA 300 -20.11 -21.08 82.73
C ILE AA 300 -19.22 -22.02 83.52
N ASP AA 301 -19.01 -21.70 84.80
CA ASP AA 301 -18.23 -22.55 85.69
C ASP AA 301 -19.10 -23.74 86.10
N PHE AA 302 -18.82 -24.91 85.51
CA PHE AA 302 -19.62 -26.09 85.80
C PHE AA 302 -19.43 -26.55 87.24
N GLU AA 303 -18.21 -26.43 87.77
CA GLU AA 303 -17.97 -26.83 89.15
C GLU AA 303 -18.75 -25.96 90.12
N ALA AA 304 -18.79 -24.65 89.87
CA ALA AA 304 -19.56 -23.75 90.73
C ALA AA 304 -21.05 -24.08 90.67
N GLN AA 305 -21.57 -24.37 89.48
CA GLN AA 305 -22.97 -24.76 89.36
C GLN AA 305 -23.25 -26.05 90.10
N LYS AA 306 -22.35 -27.03 90.00
CA LYS AA 306 -22.52 -28.29 90.72
C LYS AA 306 -22.52 -28.04 92.23
N SER AA 307 -21.63 -27.17 92.71
CA SER AA 307 -21.60 -26.83 94.13
C SER AA 307 -22.90 -26.15 94.55
N TYR AA 308 -23.44 -25.28 93.70
CA TYR AA 308 -24.70 -24.61 94.03
C TYR AA 308 -25.85 -25.62 94.10
N LEU AA 309 -25.91 -26.55 93.16
CA LEU AA 309 -26.94 -27.58 93.19
C LEU AA 309 -26.79 -28.46 94.43
N LYS AA 310 -25.54 -28.78 94.80
CA LYS AA 310 -25.31 -29.55 96.02
C LYS AA 310 -25.80 -28.79 97.25
N SER AA 311 -25.55 -27.47 97.28
CA SER AA 311 -26.06 -26.65 98.38
C SER AA 311 -27.58 -26.66 98.39
N LYS AA 312 -28.21 -26.64 97.22
CA LYS AA 312 -29.66 -26.75 97.13
C LYS AA 312 -30.17 -28.09 97.62
N GLY AA 313 -29.30 -29.10 97.69
CA GLY AA 313 -29.71 -30.42 98.11
C GLY AA 313 -30.33 -31.28 97.04
N VAL AA 314 -30.38 -30.81 95.80
CA VAL AA 314 -30.97 -31.58 94.72
C VAL AA 314 -30.03 -32.72 94.33
N ASP AA 315 -30.59 -33.93 94.22
CA ASP AA 315 -29.80 -35.07 93.78
C ASP AA 315 -29.29 -34.84 92.36
N LEU AA 316 -28.00 -35.13 92.15
CA LEU AA 316 -27.37 -34.90 90.86
C LEU AA 316 -27.76 -35.92 89.81
N SER AA 317 -28.24 -37.09 90.21
CA SER AA 317 -28.50 -38.17 89.27
C SER AA 317 -29.67 -37.84 88.34
N TYR AA 318 -29.59 -38.37 87.12
CA TYR AA 318 -30.68 -38.38 86.15
C TYR AA 318 -31.06 -36.98 85.67
N MET AA 319 -30.06 -36.22 85.25
CA MET AA 319 -30.28 -35.02 84.44
C MET AA 319 -29.27 -34.99 83.30
N THR AA 320 -29.67 -34.33 82.22
CA THR AA 320 -28.75 -34.10 81.11
C THR AA 320 -27.71 -33.05 81.51
N LEU AA 321 -26.51 -33.17 80.94
CA LEU AA 321 -25.45 -32.21 81.22
C LEU AA 321 -25.86 -30.81 80.81
N GLN AA 322 -26.50 -30.67 79.65
CA GLN AA 322 -27.03 -29.38 79.22
C GLN AA 322 -28.09 -28.87 80.19
N GLU AA 323 -28.95 -29.77 80.67
CA GLU AA 323 -29.97 -29.38 81.64
C GLU AA 323 -29.33 -28.88 82.93
N ILE AA 324 -28.29 -29.57 83.40
CA ILE AA 324 -27.58 -29.12 84.59
C ILE AA 324 -26.94 -27.75 84.35
N LYS AA 325 -26.38 -27.55 83.16
CA LYS AA 325 -25.78 -26.26 82.84
C LYS AA 325 -26.82 -25.14 82.83
N GLU AA 326 -28.01 -25.40 82.29
CA GLU AA 326 -29.05 -24.40 82.18
C GLU AA 326 -29.99 -24.38 83.39
N ALA AA 327 -29.69 -25.16 84.43
CA ALA AA 327 -30.55 -25.20 85.61
C ALA AA 327 -30.51 -23.84 86.32
N ASN AA 328 -31.58 -23.58 87.07
CA ASN AA 328 -31.70 -22.31 87.78
C ASN AA 328 -30.60 -22.17 88.82
N THR AA 329 -30.00 -20.98 88.88
CA THR AA 329 -28.98 -20.66 89.87
C THR AA 329 -29.48 -19.67 90.91
N GLY AA 330 -30.78 -19.38 90.94
CA GLY AA 330 -31.29 -18.40 91.86
C GLY AA 330 -30.73 -17.02 91.56
N SER AA 331 -30.59 -16.21 92.61
CA SER AA 331 -29.93 -14.92 92.46
C SER AA 331 -28.43 -15.06 92.23
N LYS AA 332 -27.86 -16.22 92.58
CA LYS AA 332 -26.43 -16.44 92.41
C LYS AA 332 -26.06 -16.52 90.92
N VAL AA 333 -24.88 -16.00 90.60
CA VAL AA 333 -24.35 -16.02 89.25
C VAL AA 333 -22.95 -16.60 89.30
N PHE AA 334 -22.66 -17.58 88.44
CA PHE AA 334 -21.36 -18.23 88.38
C PHE AA 334 -20.82 -18.18 86.96
N LEU AA 335 -19.52 -17.92 86.83
CA LEU AA 335 -18.88 -17.82 85.53
C LEU AA 335 -17.43 -18.32 85.63
N LYS AA 336 -16.90 -18.73 84.49
CA LYS AA 336 -15.52 -19.21 84.39
C LYS AA 336 -14.90 -18.60 83.15
N ALA AA 337 -13.65 -18.13 83.27
CA ALA AA 337 -12.95 -17.52 82.16
C ALA AA 337 -11.45 -17.76 82.28
N LYS AA 338 -10.72 -17.30 81.27
CA LYS AA 338 -9.27 -17.43 81.21
C LYS AA 338 -8.74 -16.41 80.21
N ILE AA 339 -7.65 -15.73 80.58
CA ILE AA 339 -7.10 -14.64 79.79
C ILE AA 339 -5.62 -14.87 79.56
N LYS AA 340 -5.11 -14.26 78.50
CA LYS AA 340 -3.69 -14.26 78.19
C LYS AA 340 -3.19 -12.82 78.16
N VAL AA 341 -2.13 -12.53 78.90
CA VAL AA 341 -1.62 -11.18 79.09
C VAL AA 341 -0.33 -11.03 78.30
N LEU AA 342 -0.26 -9.99 77.48
CA LEU AA 342 0.96 -9.70 76.74
C LEU AA 342 2.04 -9.20 77.69
N ASP AA 343 3.29 -9.45 77.31
CA ASP AA 343 4.44 -9.12 78.13
C ASP AA 343 5.32 -8.08 77.44
N ALA AA 344 6.02 -7.29 78.25
CA ALA AA 344 6.95 -6.30 77.73
C ALA AA 344 8.22 -6.98 77.21
N MET AA 345 9.00 -6.23 76.45
CA MET AA 345 10.26 -6.71 75.88
C MET AA 345 11.39 -6.31 76.82
N GLU AA 346 12.03 -7.31 77.43
CA GLU AA 346 13.04 -7.02 78.43
C GLU AA 346 14.31 -7.84 78.24
N ASP AA 347 14.21 -8.99 77.58
CA ASP AA 347 15.34 -9.91 77.46
C ASP AA 347 15.48 -10.35 76.01
N ILE AA 348 16.25 -9.59 75.23
CA ILE AA 348 16.51 -9.92 73.83
C ILE AA 348 17.73 -10.83 73.78
N ASP AA 349 17.57 -12.00 73.15
CA ASP AA 349 18.64 -12.94 72.95
C ASP AA 349 18.79 -13.18 71.45
N LEU AA 350 20.04 -13.27 70.99
CA LEU AA 350 20.32 -13.40 69.57
C LEU AA 350 21.59 -14.21 69.38
N SER AA 351 21.73 -14.80 68.20
CA SER AA 351 22.95 -15.48 67.80
C SER AA 351 23.19 -15.23 66.31
N ILE AA 352 24.47 -15.03 65.97
CA ILE AA 352 24.87 -14.81 64.59
C ILE AA 352 25.63 -16.03 64.11
N GLU AA 353 25.69 -16.21 62.80
CA GLU AA 353 26.36 -17.35 62.18
C GLU AA 353 27.27 -16.86 61.07
N ILE AA 354 28.57 -16.91 61.32
CA ILE AA 354 29.55 -16.49 60.33
C ILE AA 354 29.72 -17.55 59.25
N MET BA 1 95.40 8.05 37.20
CA MET BA 1 96.00 8.59 35.99
C MET BA 1 95.28 8.08 34.75
N TYR BA 2 94.83 9.01 33.90
CA TYR BA 2 94.08 8.63 32.71
C TYR BA 2 94.94 7.83 31.74
N SER BA 3 96.22 8.21 31.58
CA SER BA 3 97.10 7.51 30.66
C SER BA 3 97.52 6.16 31.21
N ASP BA 4 97.61 6.02 32.53
CA ASP BA 4 98.01 4.74 33.12
C ASP BA 4 96.99 3.64 32.79
N GLN BA 5 95.71 3.98 32.88
CA GLN BA 5 94.66 3.01 32.53
C GLN BA 5 94.50 2.97 31.02
N THR BA 6 94.62 1.77 30.44
CA THR BA 6 94.48 1.57 29.01
C THR BA 6 93.46 0.47 28.75
N TYR BA 7 93.12 0.31 27.47
CA TYR BA 7 92.00 -0.54 27.06
C TYR BA 7 92.16 -1.97 27.58
N GLU BA 8 93.22 -2.65 27.13
CA GLU BA 8 93.36 -4.07 27.47
C GLU BA 8 93.64 -4.28 28.95
N VAL BA 9 94.39 -3.36 29.58
CA VAL BA 9 94.73 -3.54 30.99
C VAL BA 9 93.47 -3.49 31.84
N ILE BA 10 92.61 -2.50 31.62
CA ILE BA 10 91.39 -2.39 32.41
C ILE BA 10 90.42 -3.50 32.02
N LYS BA 11 90.43 -3.94 30.77
CA LYS BA 11 89.63 -5.10 30.37
C LYS BA 11 90.01 -6.32 31.18
N ASN BA 12 91.31 -6.62 31.24
CA ASN BA 12 91.77 -7.78 32.00
C ASN BA 12 91.51 -7.62 33.49
N ARG BA 13 91.65 -6.40 34.01
CA ARG BA 13 91.37 -6.17 35.42
C ARG BA 13 89.90 -6.42 35.73
N THR BA 14 88.99 -5.94 34.88
CA THR BA 14 87.57 -6.19 35.08
C THR BA 14 87.26 -7.67 35.00
N LEU BA 15 87.88 -8.38 34.06
CA LEU BA 15 87.66 -9.82 33.96
C LEU BA 15 88.18 -10.55 35.20
N GLU BA 16 89.33 -10.13 35.72
CA GLU BA 16 89.96 -10.85 36.83
C GLU BA 16 89.29 -10.55 38.18
N ASN BA 17 88.79 -9.32 38.36
CA ASN BA 17 88.30 -8.92 39.68
C ASN BA 17 87.13 -9.78 40.14
N ILE BA 18 86.29 -10.23 39.21
CA ILE BA 18 85.17 -11.10 39.54
C ILE BA 18 85.61 -12.55 39.38
N ASN BA 19 85.43 -13.34 40.43
CA ASN BA 19 85.75 -14.76 40.39
C ASN BA 19 84.56 -15.52 39.82
N LEU BA 20 84.79 -16.21 38.70
CA LEU BA 20 83.73 -16.92 38.00
C LEU BA 20 84.07 -18.41 37.96
N ASP BA 21 83.09 -19.24 38.28
CA ASP BA 21 83.20 -20.66 37.97
C ASP BA 21 83.10 -20.93 36.47
N ILE BA 22 82.71 -19.91 35.70
CA ILE BA 22 82.59 -20.02 34.25
C ILE BA 22 83.94 -19.76 33.62
N TYR BA 23 84.35 -20.64 32.71
CA TYR BA 23 85.57 -20.42 31.95
C TYR BA 23 85.40 -19.21 31.03
N LYS BA 24 86.45 -18.39 30.97
CA LYS BA 24 86.44 -17.18 30.15
C LYS BA 24 87.21 -17.46 28.87
N GLY BA 25 86.56 -17.23 27.72
CA GLY BA 25 87.19 -17.47 26.44
C GLY BA 25 86.93 -16.31 25.50
N GLU BA 26 87.71 -16.30 24.41
CA GLU BA 26 87.57 -15.26 23.40
C GLU BA 26 86.22 -15.41 22.68
N GLY BA 27 85.60 -14.27 22.39
CA GLY BA 27 84.32 -14.25 21.72
C GLY BA 27 83.13 -14.63 22.58
N SER BA 28 83.34 -14.89 23.87
CA SER BA 28 82.26 -15.27 24.76
C SER BA 28 81.32 -14.09 24.99
N PHE BA 29 80.06 -14.42 25.29
CA PHE BA 29 79.07 -13.38 25.57
C PHE BA 29 79.51 -12.51 26.75
N LEU BA 30 80.02 -13.13 27.81
CA LEU BA 30 80.61 -12.37 28.90
C LEU BA 30 81.80 -11.57 28.42
N ASN BA 31 82.65 -12.20 27.60
CA ASN BA 31 83.79 -11.48 27.04
C ASN BA 31 83.32 -10.34 26.14
N ASN BA 32 82.27 -10.56 25.36
CA ASN BA 32 81.77 -9.51 24.48
C ASN BA 32 81.24 -8.32 25.27
N MET BA 33 80.49 -8.58 26.35
CA MET BA 33 79.94 -7.46 27.13
C MET BA 33 81.06 -6.75 27.90
N VAL BA 34 82.04 -7.49 28.40
CA VAL BA 34 83.20 -6.86 29.02
C VAL BA 34 83.93 -5.99 28.00
N SER BA 35 84.03 -6.46 26.75
CA SER BA 35 84.67 -5.69 25.70
C SER BA 35 83.91 -4.41 25.40
N GLY BA 36 82.58 -4.48 25.37
CA GLY BA 36 81.79 -3.27 25.13
C GLY BA 36 81.94 -2.26 26.25
N ASN BA 37 81.86 -2.74 27.50
CA ASN BA 37 82.04 -1.84 28.64
C ASN BA 37 83.45 -1.26 28.66
N ASN BA 38 84.45 -2.06 28.30
CA ASN BA 38 85.82 -1.57 28.21
C ASN BA 38 85.98 -0.53 27.10
N LEU BA 39 85.28 -0.73 25.99
CA LEU BA 39 85.33 0.27 24.91
C LEU BA 39 84.75 1.60 25.38
N GLU BA 40 83.60 1.54 26.07
CA GLU BA 40 83.01 2.78 26.59
C GLU BA 40 83.92 3.42 27.62
N LEU BA 41 84.53 2.62 28.50
CA LEU BA 41 85.41 3.17 29.53
C LEU BA 41 86.68 3.77 28.91
N SER BA 42 87.20 3.15 27.85
CA SER BA 42 88.35 3.71 27.15
C SER BA 42 87.99 5.01 26.45
N LYS BA 43 86.77 5.10 25.91
CA LYS BA 43 86.29 6.35 25.36
C LYS BA 43 86.25 7.43 26.44
N ILE BA 44 85.78 7.07 27.64
CA ILE BA 44 85.73 8.02 28.75
C ILE BA 44 87.14 8.47 29.13
N TYR BA 45 88.07 7.51 29.20
CA TYR BA 45 89.45 7.86 29.57
C TYR BA 45 90.11 8.73 28.52
N LEU BA 46 89.85 8.46 27.23
CA LEU BA 46 90.37 9.31 26.17
C LEU BA 46 89.79 10.71 26.26
N GLU BA 47 88.49 10.81 26.57
CA GLU BA 47 87.89 12.12 26.77
C GLU BA 47 88.51 12.85 27.95
N LEU BA 48 88.81 12.13 29.03
CA LEU BA 48 89.46 12.76 30.18
C LEU BA 48 90.86 13.24 29.82
N SER BA 49 91.60 12.45 29.05
CA SER BA 49 92.91 12.89 28.58
C SER BA 49 92.79 14.13 27.71
N LYS BA 50 91.80 14.17 26.83
CA LYS BA 50 91.58 15.34 26.00
C LYS BA 50 91.23 16.56 26.85
N MET BA 51 90.43 16.36 27.91
CA MET BA 51 90.09 17.47 28.80
C MET BA 51 91.33 17.98 29.54
N HIS BA 52 92.22 17.08 29.96
CA HIS BA 52 93.48 17.50 30.57
C HIS BA 52 94.31 18.30 29.59
N LYS BA 53 94.38 17.84 28.33
CA LYS BA 53 95.10 18.59 27.30
C LYS BA 53 94.48 19.97 27.10
N MET BA 54 93.16 20.06 27.08
CA MET BA 54 92.48 21.34 26.95
C MET BA 54 92.82 22.25 28.12
N ALA BA 55 92.85 21.69 29.33
CA ALA BA 55 93.20 22.48 30.52
C ALA BA 55 94.61 23.04 30.39
N PHE BA 56 95.56 22.23 29.91
CA PHE BA 56 96.91 22.74 29.68
C PHE BA 56 97.10 23.30 28.28
N ILE BA 57 96.11 23.13 27.39
CA ILE BA 57 96.02 23.79 26.08
C ILE BA 57 97.35 23.78 25.33
N GLN BA 58 98.14 22.73 25.53
CA GLN BA 58 99.49 22.67 24.97
C GLN BA 58 99.45 22.72 23.44
N ASP BA 59 98.83 21.72 22.81
CA ASP BA 59 98.87 21.60 21.36
C ASP BA 59 97.67 22.25 20.69
N THR BA 60 96.47 21.81 21.04
CA THR BA 60 95.27 22.27 20.36
C THR BA 60 94.92 23.70 20.77
N TYR BA 61 94.42 24.48 19.81
CA TYR BA 61 93.98 25.84 20.07
C TYR BA 61 92.52 25.84 20.48
N ASN BA 62 92.19 26.59 21.54
CA ASN BA 62 90.82 26.69 22.00
C ASN BA 62 90.66 28.00 22.76
N GLN BA 63 89.42 28.26 23.19
CA GLN BA 63 89.13 29.47 23.94
C GLN BA 63 89.81 29.51 25.29
N PHE BA 64 90.22 28.35 25.82
CA PHE BA 64 90.95 28.33 27.08
C PHE BA 64 92.25 29.10 26.98
N LEU BA 65 92.98 28.91 25.88
CA LEU BA 65 94.25 29.62 25.69
C LEU BA 65 94.02 31.12 25.61
N ASP BA 66 93.02 31.55 24.84
CA ASP BA 66 92.74 32.97 24.70
C ASP BA 66 92.34 33.59 26.03
N LYS BA 67 91.48 32.90 26.79
CA LYS BA 67 91.06 33.42 28.08
C LYS BA 67 92.23 33.49 29.06
N ARG BA 68 93.11 32.48 29.06
CA ARG BA 68 94.27 32.50 29.95
C ARG BA 68 95.22 33.64 29.57
N VAL BA 69 95.41 33.86 28.26
CA VAL BA 69 96.24 34.97 27.82
C VAL BA 69 95.63 36.30 28.26
N ASN BA 70 94.29 36.42 28.18
CA ASN BA 70 93.63 37.61 28.69
C ASN BA 70 93.84 37.77 30.19
N GLU BA 71 93.86 36.65 30.93
CA GLU BA 71 94.20 36.71 32.35
C GLU BA 71 95.61 37.27 32.54
N PHE BA 72 96.55 36.84 31.70
CA PHE BA 72 97.91 37.36 31.78
C PHE BA 72 98.04 38.79 31.29
N GLY BA 73 96.99 39.36 30.70
CA GLY BA 73 96.96 40.75 30.32
C GLY BA 73 97.14 41.04 28.85
N VAL BA 74 97.58 40.07 28.06
CA VAL BA 74 97.75 40.27 26.62
C VAL BA 74 96.40 40.17 25.94
N TYR BA 75 96.14 41.09 25.01
CA TYR BA 75 94.84 41.22 24.36
C TYR BA 75 95.00 40.95 22.87
N ARG BA 76 94.00 40.27 22.29
CA ARG BA 76 94.02 39.93 20.87
C ARG BA 76 93.68 41.17 20.07
N LYS BA 77 94.66 41.68 19.32
CA LYS BA 77 94.48 42.88 18.50
C LYS BA 77 93.75 42.50 17.23
N LEU BA 78 92.46 42.82 17.16
CA LEU BA 78 91.66 42.44 16.01
C LEU BA 78 92.17 43.09 14.73
N GLY BA 79 92.51 44.37 14.79
CA GLY BA 79 93.05 45.08 13.65
C GLY BA 79 92.25 46.33 13.35
N THR BA 80 92.63 46.98 12.25
CA THR BA 80 92.00 48.23 11.81
C THR BA 80 91.56 48.08 10.36
N GLU BA 81 90.54 48.86 9.99
CA GLU BA 81 90.01 48.85 8.65
C GLU BA 81 90.77 49.83 7.76
N SER BA 82 90.87 49.48 6.48
CA SER BA 82 91.58 50.33 5.52
C SER BA 82 90.81 51.63 5.29
N ASN BA 83 91.55 52.71 5.09
CA ASN BA 83 90.99 54.03 4.86
C ASN BA 83 91.55 54.62 3.58
N GLY BA 84 90.71 55.37 2.87
CA GLY BA 84 91.14 56.00 1.63
C GLY BA 84 90.09 56.98 1.15
N GLU BA 85 90.39 57.62 0.03
CA GLU BA 85 89.49 58.60 -0.58
C GLU BA 85 89.29 58.25 -2.05
N VAL BA 86 88.05 58.36 -2.51
CA VAL BA 86 87.70 58.04 -3.88
C VAL BA 86 87.13 59.29 -4.55
N GLU BA 87 87.15 59.28 -5.87
CA GLU BA 87 86.64 60.39 -6.68
C GLU BA 87 85.37 59.95 -7.40
N PHE BA 88 84.31 60.74 -7.28
CA PHE BA 88 83.04 60.47 -7.93
C PHE BA 88 82.96 61.29 -9.20
N ILE BA 89 82.77 60.63 -10.33
CA ILE BA 89 82.71 61.28 -11.64
C ILE BA 89 81.34 61.02 -12.24
N GLY BA 90 80.66 62.09 -12.66
CA GLY BA 90 79.35 61.95 -13.26
C GLY BA 90 78.66 63.29 -13.42
N GLU BA 91 77.33 63.23 -13.46
CA GLU BA 91 76.53 64.43 -13.63
C GLU BA 91 76.71 65.37 -12.44
N LYS BA 92 76.86 66.67 -12.74
CA LYS BA 92 76.99 67.67 -11.70
C LYS BA 92 75.69 67.83 -10.94
N GLY BA 93 75.80 68.08 -9.63
CA GLY BA 93 74.65 68.28 -8.78
C GLY BA 93 74.18 67.06 -8.03
N THR BA 94 74.64 65.87 -8.42
CA THR BA 94 74.27 64.66 -7.69
C THR BA 94 74.93 64.64 -6.32
N VAL BA 95 74.16 64.26 -5.31
CA VAL BA 95 74.61 64.25 -3.92
C VAL BA 95 74.78 62.81 -3.47
N ILE BA 96 75.98 62.47 -3.01
CA ILE BA 96 76.28 61.15 -2.49
C ILE BA 96 76.32 61.28 -0.97
N ASN BA 97 75.25 60.83 -0.31
CA ASN BA 97 75.10 61.03 1.12
C ASN BA 97 76.02 60.09 1.89
N ASN BA 98 76.13 60.35 3.20
CA ASN BA 98 76.93 59.52 4.08
C ASN BA 98 76.33 58.11 4.17
N GLY BA 99 77.21 57.13 4.33
CA GLY BA 99 76.79 55.74 4.37
C GLY BA 99 76.59 55.10 3.01
N THR BA 100 76.95 55.78 1.93
CA THR BA 100 76.83 55.20 0.60
C THR BA 100 77.76 54.01 0.45
N ILE BA 101 77.27 52.96 -0.19
CA ILE BA 101 77.98 51.69 -0.30
C ILE BA 101 78.58 51.57 -1.69
N ILE BA 102 79.88 51.31 -1.75
CA ILE BA 102 80.60 51.07 -3.00
C ILE BA 102 81.36 49.76 -2.87
N SER BA 103 81.32 48.95 -3.93
CA SER BA 103 81.93 47.62 -3.91
C SER BA 103 83.00 47.53 -4.98
N TYR BA 104 84.17 47.04 -4.60
CA TYR BA 104 85.25 46.73 -5.53
C TYR BA 104 85.49 45.23 -5.46
N ARG BA 105 85.13 44.52 -6.53
CA ARG BA 105 85.23 43.06 -6.61
C ARG BA 105 84.42 42.50 -5.44
N ASP BA 106 84.95 41.56 -4.66
CA ASP BA 106 84.22 41.04 -3.50
C ASP BA 106 84.25 42.00 -2.33
N LEU BA 107 85.29 42.82 -2.22
CA LEU BA 107 85.42 43.74 -1.10
C LEU BA 107 84.33 44.80 -1.13
N LEU BA 108 83.90 45.21 0.06
CA LEU BA 108 82.83 46.18 0.23
C LEU BA 108 83.36 47.40 0.97
N PHE BA 109 82.95 48.59 0.51
CA PHE BA 109 83.41 49.85 1.07
C PHE BA 109 82.22 50.77 1.30
N VAL BA 110 82.41 51.74 2.19
CA VAL BA 110 81.37 52.69 2.57
C VAL BA 110 81.92 54.11 2.48
N VAL BA 111 81.11 55.02 1.96
CA VAL BA 111 81.48 56.43 1.88
C VAL BA 111 81.26 57.09 3.23
N ILE BA 112 82.21 57.90 3.66
CA ILE BA 112 82.20 58.50 4.99
C ILE BA 112 81.67 59.91 4.98
N LYS BA 113 81.97 60.69 3.93
CA LYS BA 113 81.59 62.09 3.87
C LYS BA 113 80.56 62.31 2.76
N ASP BA 114 79.56 63.13 3.06
CA ASP BA 114 78.55 63.49 2.08
C ASP BA 114 79.17 64.37 1.01
N VAL BA 115 79.32 63.84 -0.20
CA VAL BA 115 80.00 64.52 -1.29
C VAL BA 115 78.98 64.77 -2.41
N THR BA 116 79.03 65.98 -2.98
CA THR BA 116 78.20 66.35 -4.11
C THR BA 116 79.09 66.54 -5.34
N ILE BA 117 78.74 65.85 -6.42
CA ILE BA 117 79.54 65.92 -7.64
C ILE BA 117 79.40 67.30 -8.26
N GLY BA 118 80.54 67.93 -8.55
CA GLY BA 118 80.55 69.26 -9.14
C GLY BA 118 80.38 70.39 -8.16
N SER BA 119 80.29 70.10 -6.86
CA SER BA 119 80.15 71.14 -5.86
C SER BA 119 81.51 71.76 -5.54
N GLU BA 120 81.47 72.86 -4.78
CA GLU BA 120 82.69 73.55 -4.39
C GLU BA 120 83.51 72.76 -3.36
N GLU BA 121 82.95 71.70 -2.78
CA GLU BA 121 83.66 70.87 -1.82
C GLU BA 121 84.49 69.77 -2.49
N GLY BA 122 84.44 69.67 -3.82
CA GLY BA 122 85.18 68.66 -4.53
C GLY BA 122 84.39 67.37 -4.70
N ASP BA 123 84.92 66.50 -5.56
CA ASP BA 123 84.32 65.22 -5.86
C ASP BA 123 84.99 64.07 -5.12
N ASN BA 124 85.86 64.37 -4.16
CA ASN BA 124 86.58 63.36 -3.41
C ASN BA 124 85.99 63.22 -2.01
N SER BA 125 85.71 61.98 -1.60
CA SER BA 125 85.17 61.72 -0.28
C SER BA 125 85.94 60.57 0.37
N PRO BA 126 86.27 60.68 1.66
CA PRO BA 126 86.95 59.58 2.34
C PRO BA 126 86.09 58.33 2.39
N VAL BA 127 86.74 57.18 2.25
CA VAL BA 127 86.08 55.89 2.27
C VAL BA 127 86.84 54.96 3.22
N GLN BA 128 86.10 54.34 4.14
CA GLN BA 128 86.66 53.40 5.10
C GLN BA 128 86.23 51.99 4.74
N ALA BA 129 87.17 51.04 4.85
CA ALA BA 129 86.84 49.64 4.61
C ALA BA 129 85.82 49.15 5.62
N LEU BA 130 84.84 48.39 5.14
CA LEU BA 130 83.79 47.88 6.01
C LEU BA 130 84.22 46.66 6.81
N GLU BA 131 85.38 46.07 6.51
CA GLU BA 131 85.89 44.93 7.24
C GLU BA 131 87.39 45.07 7.44
N VAL BA 132 87.89 44.41 8.48
CA VAL BA 132 89.32 44.43 8.79
C VAL BA 132 90.04 43.44 7.90
N GLY BA 133 91.23 43.80 7.46
CA GLY BA 133 92.05 42.93 6.65
C GLY BA 133 92.97 43.72 5.74
N LYS BA 134 94.10 43.09 5.37
CA LYS BA 134 95.05 43.73 4.47
C LYS BA 134 94.54 43.75 3.03
N LYS BA 135 93.61 42.86 2.69
CA LYS BA 135 93.06 42.83 1.33
C LYS BA 135 92.35 44.13 0.97
N TYR BA 136 91.87 44.87 1.97
CA TYR BA 136 91.17 46.13 1.72
C TYR BA 136 92.11 47.29 1.42
N ASN BA 137 93.42 47.10 1.61
CA ASN BA 137 94.40 48.14 1.29
C ASN BA 137 94.62 48.18 -0.22
N LEU BA 138 93.61 48.73 -0.90
CA LEU BA 138 93.62 48.75 -2.35
C LEU BA 138 94.65 49.75 -2.87
N PRO BA 139 95.23 49.48 -4.05
CA PRO BA 139 96.14 50.46 -4.66
C PRO BA 139 95.38 51.64 -5.26
N THR BA 140 96.12 52.61 -5.78
CA THR BA 140 95.50 53.80 -6.35
C THR BA 140 94.85 53.48 -7.70
N ASN BA 141 93.94 54.38 -8.10
CA ASN BA 141 93.28 54.31 -9.41
C ASN BA 141 92.47 53.03 -9.59
N CYS BA 142 91.94 52.49 -8.49
CA CYS BA 142 91.05 51.33 -8.57
C CYS BA 142 89.63 51.80 -8.87
N GLU BA 143 88.94 51.04 -9.72
CA GLU BA 143 87.58 51.38 -10.11
C GLU BA 143 86.59 50.72 -9.16
N PHE BA 144 85.75 51.54 -8.53
CA PHE BA 144 84.77 51.08 -7.57
C PHE BA 144 83.38 51.08 -8.20
N LYS BA 145 82.53 50.18 -7.71
CA LYS BA 145 81.18 49.99 -8.24
C LYS BA 145 80.16 50.24 -7.15
N LEU BA 146 79.10 50.97 -7.48
CA LEU BA 146 78.06 51.30 -6.52
C LEU BA 146 77.15 50.08 -6.32
N VAL BA 147 77.02 49.64 -5.06
CA VAL BA 147 76.06 48.59 -4.74
C VAL BA 147 74.64 49.08 -5.00
N ASP BA 148 74.34 50.30 -4.56
CA ASP BA 148 73.06 50.94 -4.83
C ASP BA 148 73.26 51.94 -5.97
N ASN BA 149 72.52 51.76 -7.05
CA ASN BA 149 72.68 52.62 -8.21
C ASN BA 149 72.19 54.04 -7.90
N ILE BA 150 73.01 55.03 -8.25
CA ILE BA 150 72.68 56.43 -8.05
C ILE BA 150 72.71 57.11 -9.42
N SER BA 151 71.63 57.81 -9.75
CA SER BA 151 71.56 58.53 -11.02
C SER BA 151 72.60 59.65 -11.06
N GLY BA 152 73.25 59.80 -12.21
CA GLY BA 152 74.24 60.84 -12.38
C GLY BA 152 75.64 60.50 -11.91
N VAL BA 153 75.88 59.27 -11.48
CA VAL BA 153 77.20 58.81 -11.07
C VAL BA 153 77.69 57.79 -12.09
N THR BA 154 78.87 58.03 -12.64
CA THR BA 154 79.41 57.20 -13.71
C THR BA 154 80.66 56.45 -13.29
N LYS BA 155 81.69 57.14 -12.81
CA LYS BA 155 82.97 56.53 -12.48
C LYS BA 155 83.33 56.83 -11.03
N ILE BA 156 83.85 55.81 -10.34
CA ILE BA 156 84.35 55.95 -8.98
C ILE BA 156 85.77 55.41 -8.97
N THR BA 157 86.74 56.28 -8.68
CA THR BA 157 88.14 55.90 -8.63
C THR BA 157 88.80 56.60 -7.46
N ASN BA 158 89.87 55.99 -6.94
CA ASN BA 158 90.60 56.54 -5.81
C ASN BA 158 91.90 57.16 -6.29
N THR BA 159 92.15 58.41 -5.88
CA THR BA 159 93.36 59.10 -6.29
C THR BA 159 94.61 58.58 -5.59
N ARG BA 160 94.46 57.82 -4.52
CA ARG BA 160 95.60 57.29 -3.78
C ARG BA 160 95.25 55.90 -3.26
N SER BA 161 96.30 55.14 -2.94
CA SER BA 161 96.11 53.79 -2.42
C SER BA 161 95.52 53.84 -1.01
N PHE BA 162 94.67 52.86 -0.71
CA PHE BA 162 94.05 52.77 0.61
C PHE BA 162 95.04 52.23 1.62
N GLU BA 163 94.98 52.77 2.84
CA GLU BA 163 95.86 52.36 3.92
C GLU BA 163 95.07 52.22 5.20
N GLY BA 164 95.67 51.55 6.18
CA GLY BA 164 95.05 51.34 7.48
C GLY BA 164 94.41 49.99 7.67
N GLY BA 165 94.48 49.11 6.66
CA GLY BA 165 93.88 47.80 6.78
C GLY BA 165 94.80 46.77 7.41
N THR BA 166 95.01 46.86 8.72
CA THR BA 166 95.85 45.89 9.41
C THR BA 166 95.20 44.52 9.39
N ASP BA 167 96.04 43.49 9.31
CA ASP BA 167 95.56 42.13 9.19
C ASP BA 167 94.88 41.67 10.47
N ILE BA 168 93.94 40.75 10.33
CA ILE BA 168 93.23 40.20 11.48
C ILE BA 168 94.16 39.27 12.26
N GLU BA 169 94.05 39.33 13.59
CA GLU BA 169 94.91 38.52 14.44
C GLU BA 169 94.64 37.03 14.22
N THR BA 170 95.72 36.26 14.23
CA THR BA 170 95.65 34.80 14.18
C THR BA 170 96.15 34.23 15.50
N ASP BA 171 95.70 33.02 15.81
CA ASP BA 171 96.08 32.40 17.08
C ASP BA 171 97.58 32.15 17.15
N GLU BA 172 98.22 31.86 16.02
CA GLU BA 172 99.66 31.64 16.02
C GLU BA 172 100.42 32.89 16.44
N GLU BA 173 100.01 34.05 15.91
CA GLU BA 173 100.68 35.30 16.25
C GLU BA 173 100.52 35.63 17.72
N LEU BA 174 99.31 35.44 18.26
CA LEU BA 174 99.06 35.69 19.67
C LEU BA 174 99.89 34.74 20.54
N LYS BA 175 99.96 33.46 20.14
CA LYS BA 175 100.76 32.51 20.90
C LYS BA 175 102.24 32.88 20.88
N GLU BA 176 102.75 33.30 19.72
CA GLU BA 176 104.15 33.70 19.64
C GLU BA 176 104.42 34.92 20.50
N ARG BA 177 103.52 35.90 20.47
CA ARG BA 177 103.69 37.08 21.32
C ARG BA 177 103.67 36.72 22.79
N PHE BA 178 102.75 35.83 23.20
CA PHE BA 178 102.71 35.38 24.58
C PHE BA 178 103.99 34.67 24.97
N TYR BA 179 104.50 33.81 24.09
CA TYR BA 179 105.72 33.07 24.39
C TYR BA 179 106.93 33.99 24.51
N LYS BA 180 107.09 34.93 23.57
CA LYS BA 180 108.21 35.85 23.64
C LYS BA 180 108.10 36.77 24.85
N ILE BA 181 106.88 37.12 25.25
CA ILE BA 181 106.70 37.85 26.51
C ILE BA 181 107.12 36.97 27.68
N GLN BA 182 106.84 35.67 27.59
CA GLN BA 182 107.23 34.76 28.66
C GLN BA 182 108.74 34.72 28.82
N ARG BA 183 109.48 34.68 27.71
CA ARG BA 183 110.93 34.88 27.83
C ARG BA 183 111.26 36.28 28.32
N ASN BA 184 110.49 37.28 27.91
CA ASN BA 184 110.80 38.66 28.29
C ASN BA 184 110.58 38.87 29.78
N GLN BA 185 111.61 39.33 30.47
CA GLN BA 185 111.52 39.73 31.87
C GLN BA 185 111.39 41.26 31.87
N ALA BA 186 110.17 41.74 31.67
CA ALA BA 186 109.92 43.16 31.51
C ALA BA 186 110.15 43.90 32.82
N THR BA 187 110.17 45.22 32.72
CA THR BA 187 110.39 46.10 33.87
C THR BA 187 109.89 47.49 33.49
N SER BA 188 109.27 48.18 34.44
CA SER BA 188 108.82 49.55 34.18
C SER BA 188 110.02 50.39 33.75
N GLY BA 189 110.04 50.77 32.48
CA GLY BA 189 111.20 51.45 31.93
C GLY BA 189 112.38 50.53 31.64
N ASN BA 190 112.22 49.62 30.68
CA ASN BA 190 113.34 48.84 30.17
C ASN BA 190 113.06 48.46 28.73
N LYS BA 191 114.12 48.09 28.02
CA LYS BA 191 114.02 47.81 26.59
C LYS BA 191 112.94 46.78 26.29
N ALA BA 192 112.78 45.79 27.17
CA ALA BA 192 111.71 44.81 27.00
C ALA BA 192 110.34 45.48 27.08
N HIS BA 193 110.18 46.45 27.99
CA HIS BA 193 108.88 47.10 28.13
C HIS BA 193 108.56 47.92 26.88
N TYR BA 194 109.56 48.62 26.33
CA TYR BA 194 109.34 49.36 25.09
C TYR BA 194 109.04 48.44 23.91
N GLU BA 195 109.74 47.32 23.79
CA GLU BA 195 109.45 46.41 22.69
C GLU BA 195 108.09 45.76 22.85
N GLU BA 196 107.66 45.52 24.10
CA GLU BA 196 106.30 45.06 24.34
C GLU BA 196 105.29 46.12 23.94
N TRP BA 197 105.58 47.40 24.24
CA TRP BA 197 104.73 48.49 23.76
C TRP BA 197 104.60 48.46 22.25
N ALA BA 198 105.72 48.24 21.55
CA ALA BA 198 105.69 48.13 20.10
C ALA BA 198 104.85 46.95 19.65
N LEU BA 199 104.95 45.83 20.39
CA LEU BA 199 104.15 44.65 20.05
C LEU BA 199 102.65 44.92 20.21
N GLU BA 200 102.28 45.88 21.07
CA GLU BA 200 100.88 46.21 21.27
C GLU BA 200 100.25 46.83 20.02
N VAL BA 201 101.05 47.33 19.10
CA VAL BA 201 100.54 48.02 17.92
C VAL BA 201 100.31 47.01 16.80
N ASP BA 202 99.25 47.25 16.03
CA ASP BA 202 98.88 46.34 14.95
C ASP BA 202 99.96 46.32 13.87
N GLY BA 203 100.20 45.14 13.31
CA GLY BA 203 101.14 44.99 12.21
C GLY BA 203 102.60 45.04 12.59
N VAL BA 204 102.93 45.02 13.88
CA VAL BA 204 104.32 45.05 14.33
C VAL BA 204 104.75 43.60 14.51
N TYR BA 205 105.22 43.00 13.42
CA TYR BA 205 105.66 41.60 13.47
C TYR BA 205 107.01 41.46 14.14
N ASN BA 206 107.92 42.41 13.91
CA ASN BA 206 109.26 42.36 14.47
C ASN BA 206 109.61 43.70 15.09
N VAL BA 207 110.32 43.66 16.22
CA VAL BA 207 110.68 44.84 16.97
C VAL BA 207 112.20 44.87 17.15
N LYS BA 208 112.81 46.02 16.88
CA LYS BA 208 114.22 46.25 17.15
C LYS BA 208 114.38 47.56 17.91
N VAL BA 209 115.05 47.49 19.06
CA VAL BA 209 115.26 48.65 19.92
C VAL BA 209 116.76 48.86 20.09
N TYR BA 210 117.21 50.09 19.86
CA TYR BA 210 118.62 50.44 19.98
C TYR BA 210 118.80 51.53 21.02
N PRO BA 211 119.27 51.20 22.22
CA PRO BA 211 119.41 52.23 23.25
C PRO BA 211 120.66 53.08 23.05
N ARG BA 212 120.54 54.35 23.43
CA ARG BA 212 121.65 55.31 23.37
C ARG BA 212 122.20 55.44 21.95
N TRP BA 213 121.30 55.38 20.96
CA TRP BA 213 121.74 55.55 19.57
C TRP BA 213 122.31 56.94 19.35
N ASP BA 214 121.68 57.97 19.91
CA ASP BA 214 122.24 59.31 19.93
C ASP BA 214 122.83 59.67 21.29
N GLY BA 215 122.81 58.73 22.25
CA GLY BA 215 123.44 58.95 23.53
C GLY BA 215 122.45 59.22 24.64
N PRO BA 216 122.49 60.45 25.18
CA PRO BA 216 121.71 60.77 26.38
C PRO BA 216 120.21 60.80 26.09
N GLY BA 217 119.48 59.89 26.72
CA GLY BA 217 118.02 59.89 26.64
C GLY BA 217 117.47 59.71 25.24
N THR BA 218 118.07 58.81 24.46
CA THR BA 218 117.66 58.60 23.08
C THR BA 218 117.43 57.11 22.84
N VAL BA 219 116.30 56.79 22.22
CA VAL BA 219 115.93 55.42 21.88
C VAL BA 219 115.68 55.34 20.38
N LYS BA 220 116.29 54.35 19.74
CA LYS BA 220 116.06 54.09 18.32
C LYS BA 220 115.14 52.87 18.22
N VAL BA 221 113.96 53.07 17.65
CA VAL BA 221 112.96 52.02 17.53
C VAL BA 221 112.85 51.64 16.05
N LEU BA 222 113.07 50.36 15.76
CA LEU BA 222 112.96 49.82 14.41
C LEU BA 222 111.93 48.70 14.41
N ILE BA 223 111.00 48.76 13.46
CA ILE BA 223 109.91 47.80 13.35
C ILE BA 223 109.88 47.24 11.94
N PHE BA 224 109.28 46.07 11.80
CA PHE BA 224 109.18 45.38 10.53
C PHE BA 224 107.77 44.86 10.33
N GLY BA 225 107.39 44.69 9.07
CA GLY BA 225 106.11 44.10 8.71
C GLY BA 225 106.20 42.59 8.69
N LYS BA 226 105.22 41.98 8.03
CA LYS BA 226 105.21 40.53 7.90
C LYS BA 226 106.39 40.05 7.07
N ASN BA 227 107.04 38.98 7.54
CA ASN BA 227 108.21 38.41 6.88
C ASN BA 227 109.30 39.46 6.68
N ASN BA 228 109.49 40.30 7.69
CA ASN BA 228 110.49 41.37 7.67
C ASN BA 228 110.26 42.32 6.50
N GLN BA 229 109.06 42.89 6.44
CA GLN BA 229 108.68 43.85 5.41
C GLN BA 229 108.56 45.24 6.02
N ALA BA 230 108.26 46.22 5.16
CA ALA BA 230 108.07 47.59 5.59
C ALA BA 230 106.66 47.78 6.14
N VAL BA 231 106.49 48.87 6.89
CA VAL BA 231 105.21 49.23 7.49
C VAL BA 231 104.82 50.62 7.02
N ASP BA 232 103.53 50.82 6.81
CA ASP BA 232 103.04 52.11 6.33
C ASP BA 232 103.27 53.20 7.37
N THR BA 233 103.36 54.44 6.88
CA THR BA 233 103.63 55.57 7.76
C THR BA 233 102.51 55.77 8.78
N GLU BA 234 101.27 55.41 8.43
CA GLU BA 234 100.18 55.52 9.39
C GLU BA 234 100.40 54.57 10.58
N THR BA 235 100.86 53.35 10.30
CA THR BA 235 101.15 52.42 11.39
C THR BA 235 102.27 52.94 12.28
N ILE BA 236 103.31 53.53 11.68
CA ILE BA 236 104.40 54.10 12.46
C ILE BA 236 103.90 55.23 13.33
N GLU BA 237 103.05 56.10 12.76
CA GLU BA 237 102.50 57.21 13.54
C GLU BA 237 101.65 56.70 14.70
N ARG BA 238 100.81 55.71 14.46
CA ARG BA 238 99.99 55.16 15.54
C ARG BA 238 100.87 54.53 16.62
N CYS BA 239 101.89 53.79 16.22
CA CYS BA 239 102.78 53.17 17.19
C CYS BA 239 103.50 54.21 18.04
N GLN BA 240 104.03 55.25 17.39
CA GLN BA 240 104.78 56.25 18.13
C GLN BA 240 103.87 57.07 19.03
N GLN BA 241 102.65 57.38 18.60
CA GLN BA 241 101.74 58.13 19.47
C GLN BA 241 101.29 57.29 20.65
N HIS BA 242 101.04 55.98 20.43
CA HIS BA 242 100.71 55.11 21.56
C HIS BA 242 101.87 55.04 22.54
N ILE BA 243 103.09 54.89 22.03
CA ILE BA 243 104.26 54.87 22.91
C ILE BA 243 104.34 56.15 23.71
N ASP BA 244 104.26 57.30 23.02
CA ASP BA 244 104.31 58.58 23.72
C ASP BA 244 103.20 58.72 24.74
N GLU BA 245 102.05 58.10 24.49
CA GLU BA 245 101.01 58.04 25.52
C GLU BA 245 101.48 57.26 26.74
N GLU BA 246 102.19 56.15 26.52
CA GLU BA 246 102.66 55.34 27.64
C GLU BA 246 104.13 55.52 27.99
N LYS BA 247 104.95 56.08 27.09
CA LYS BA 247 106.39 56.14 27.32
C LYS BA 247 106.74 57.14 28.43
N PRO BA 248 107.92 56.99 29.03
CA PRO BA 248 108.41 58.04 29.93
C PRO BA 248 108.54 59.38 29.22
N ILE BA 249 108.27 60.45 29.95
CA ILE BA 249 108.33 61.79 29.39
C ILE BA 249 109.77 62.28 29.42
N GLY BA 250 110.28 62.69 28.26
CA GLY BA 250 111.64 63.19 28.17
C GLY BA 250 112.53 62.48 27.16
N PRO BA 251 112.47 61.15 27.11
CA PRO BA 251 113.23 60.43 26.08
C PRO BA 251 112.77 60.77 24.68
N THR BA 252 113.71 60.75 23.74
CA THR BA 252 113.44 60.96 22.33
C THR BA 252 113.36 59.60 21.64
N ILE BA 253 112.23 59.36 20.96
CA ILE BA 253 111.97 58.08 20.31
C ILE BA 253 111.86 58.29 18.82
N THR BA 254 112.61 57.50 18.06
CA THR BA 254 112.57 57.54 16.60
C THR BA 254 112.11 56.18 16.08
N VAL BA 255 111.05 56.18 15.27
CA VAL BA 255 110.49 54.97 14.69
C VAL BA 255 110.64 55.04 13.18
N VAL BA 256 111.25 54.01 12.61
CA VAL BA 256 111.53 53.97 11.18
C VAL BA 256 111.06 52.63 10.62
N THR BA 257 111.06 52.53 9.29
CA THR BA 257 110.65 51.35 8.57
C THR BA 257 111.73 50.96 7.58
N PRO BA 258 111.87 49.67 7.26
CA PRO BA 258 112.85 49.26 6.27
C PRO BA 258 112.54 49.83 4.90
N LEU BA 259 113.60 50.10 4.13
CA LEU BA 259 113.47 50.61 2.78
C LEU BA 259 114.03 49.62 1.77
N PRO BA 260 113.37 49.45 0.63
CA PRO BA 260 113.83 48.46 -0.35
C PRO BA 260 115.09 48.90 -1.06
N ILE BA 261 115.78 47.92 -1.64
CA ILE BA 261 116.95 48.14 -2.48
C ILE BA 261 116.59 47.71 -3.89
N GLU BA 262 116.69 48.64 -4.83
CA GLU BA 262 116.33 48.37 -6.22
C GLU BA 262 117.46 47.63 -6.93
N ILE BA 263 117.09 46.69 -7.78
CA ILE BA 263 118.05 45.90 -8.55
C ILE BA 263 117.62 45.89 -10.01
N SER BA 264 118.60 45.72 -10.89
CA SER BA 264 118.35 45.61 -12.33
C SER BA 264 119.11 44.39 -12.85
N ILE BA 265 118.45 43.60 -13.68
CA ILE BA 265 118.99 42.35 -14.20
C ILE BA 265 119.11 42.46 -15.71
N SER BA 266 120.32 42.19 -16.22
CA SER BA 266 120.59 42.22 -17.66
C SER BA 266 121.35 40.97 -18.04
N ALA BA 267 120.84 40.24 -19.02
CA ALA BA 267 121.50 39.01 -19.49
C ALA BA 267 120.99 38.69 -20.88
N VAL BA 268 121.77 37.86 -21.58
CA VAL BA 268 121.40 37.33 -22.89
C VAL BA 268 121.17 35.83 -22.73
N MET BA 269 119.94 35.39 -22.93
CA MET BA 269 119.53 34.02 -22.66
C MET BA 269 118.84 33.43 -23.87
N LYS BA 270 119.31 32.26 -24.30
CA LYS BA 270 118.73 31.54 -25.44
C LYS BA 270 117.52 30.76 -24.95
N LEU BA 271 116.34 31.16 -25.42
CA LEU BA 271 115.10 30.55 -24.97
C LEU BA 271 114.91 29.16 -25.58
N GLU BA 272 114.17 28.31 -24.87
CA GLU BA 272 113.85 27.00 -25.38
C GLU BA 272 112.66 27.08 -26.35
N ASP BA 273 112.42 25.98 -27.06
CA ASP BA 273 111.34 25.94 -28.02
C ASP BA 273 109.98 26.02 -27.33
N GLY BA 274 109.08 26.79 -27.90
CA GLY BA 274 107.74 26.93 -27.36
C GLY BA 274 107.62 27.84 -26.16
N TYR BA 275 108.67 28.56 -25.80
CA TYR BA 275 108.67 29.45 -24.64
C TYR BA 275 108.97 30.87 -25.10
N THR BA 276 108.15 31.81 -24.68
CA THR BA 276 108.32 33.21 -25.03
C THR BA 276 108.99 33.97 -23.87
N LEU BA 277 109.37 35.21 -24.15
CA LEU BA 277 110.10 36.01 -23.17
C LEU BA 277 109.25 36.31 -21.95
N ASP BA 278 107.95 36.59 -22.15
CA ASP BA 278 107.10 36.98 -21.03
C ASP BA 278 106.94 35.85 -20.03
N ASN BA 279 106.77 34.62 -20.51
CA ASN BA 279 106.55 33.49 -19.60
C ASN BA 279 107.77 33.23 -18.73
N VAL BA 280 108.95 33.15 -19.35
CA VAL BA 280 110.17 32.91 -18.59
C VAL BA 280 110.47 34.10 -17.68
N LYS BA 281 110.17 35.32 -18.12
CA LYS BA 281 110.38 36.49 -17.28
C LYS BA 281 109.50 36.43 -16.03
N GLU BA 282 108.23 36.06 -16.20
CA GLU BA 282 107.33 35.95 -15.05
C GLU BA 282 107.77 34.83 -14.11
N SER BA 283 108.17 33.68 -14.67
CA SER BA 283 108.62 32.58 -13.83
C SER BA 283 109.87 32.96 -13.04
N PHE BA 284 110.83 33.63 -13.70
CA PHE BA 284 112.02 34.09 -13.00
C PHE BA 284 111.69 35.17 -11.98
N LEU BA 285 110.68 36.01 -12.25
CA LEU BA 285 110.26 36.99 -11.27
C LEU BA 285 109.72 36.32 -10.02
N GLU BA 286 108.88 35.29 -10.20
CA GLU BA 286 108.38 34.55 -9.04
C GLU BA 286 109.52 33.87 -8.29
N SER BA 287 110.46 33.26 -9.02
CA SER BA 287 111.57 32.58 -8.38
C SER BA 287 112.44 33.55 -7.59
N ILE BA 288 112.75 34.71 -8.16
CA ILE BA 288 113.58 35.68 -7.46
C ILE BA 288 112.81 36.28 -6.29
N ASN BA 289 111.48 36.41 -6.40
CA ASN BA 289 110.69 36.92 -5.28
C ASN BA 289 110.74 35.95 -4.10
N THR BA 290 110.53 34.66 -4.37
CA THR BA 290 110.59 33.69 -3.27
C THR BA 290 112.01 33.53 -2.75
N TYR BA 291 113.02 33.70 -3.60
CA TYR BA 291 114.41 33.70 -3.13
C TYR BA 291 114.67 34.88 -2.20
N PHE BA 292 114.18 36.07 -2.55
CA PHE BA 292 114.32 37.23 -1.68
C PHE BA 292 113.58 37.02 -0.37
N ARG BA 293 112.41 36.39 -0.42
CA ARG BA 293 111.71 36.05 0.81
C ARG BA 293 112.52 35.08 1.66
N ASP BA 294 113.26 34.18 1.01
CA ASP BA 294 114.05 33.18 1.71
C ASP BA 294 115.52 33.56 1.86
N ILE BA 295 115.91 34.78 1.47
CA ILE BA 295 117.31 35.18 1.49
C ILE BA 295 117.64 35.79 2.85
N ARG BA 296 118.93 35.78 3.18
CA ARG BA 296 119.45 36.44 4.37
C ARG BA 296 120.91 36.80 4.12
N GLY BA 297 121.28 38.01 4.53
CA GLY BA 297 122.64 38.46 4.32
C GLY BA 297 122.82 39.34 3.10
N GLU BA 298 123.32 38.75 2.01
CA GLU BA 298 123.56 39.48 0.77
C GLU BA 298 123.00 38.69 -0.39
N ILE BA 299 122.65 39.40 -1.47
CA ILE BA 299 122.24 38.75 -2.70
C ILE BA 299 123.46 38.14 -3.36
N ILE BA 300 123.38 36.85 -3.69
CA ILE BA 300 124.49 36.12 -4.28
C ILE BA 300 124.25 35.99 -5.77
N TYR BA 301 125.20 36.50 -6.56
CA TYR BA 301 125.08 36.49 -8.01
C TYR BA 301 124.99 35.06 -8.55
N THR BA 302 125.62 34.11 -7.86
CA THR BA 302 125.59 32.73 -8.32
C THR BA 302 124.23 32.10 -8.07
N LYS BA 303 123.61 32.39 -6.92
CA LYS BA 303 122.25 31.93 -6.68
C LYS BA 303 121.29 32.54 -7.69
N VAL BA 304 121.52 33.80 -8.09
CA VAL BA 304 120.69 34.43 -9.11
C VAL BA 304 120.83 33.69 -10.43
N MET BA 305 122.07 33.37 -10.82
CA MET BA 305 122.26 32.64 -12.08
C MET BA 305 121.62 31.27 -12.03
N GLY BA 306 121.77 30.56 -10.91
CA GLY BA 306 121.18 29.24 -10.78
C GLY BA 306 119.67 29.27 -10.81
N ILE BA 307 119.06 30.25 -10.14
CA ILE BA 307 117.61 30.36 -10.13
C ILE BA 307 117.09 30.88 -11.47
N LEU BA 308 117.95 31.49 -12.29
CA LEU BA 308 117.52 31.84 -13.64
C LEU BA 308 117.60 30.64 -14.58
N ILE BA 309 118.68 29.85 -14.49
CA ILE BA 309 118.81 28.69 -15.37
C ILE BA 309 117.79 27.60 -15.02
N ASN BA 310 117.50 27.42 -13.72
CA ASN BA 310 116.50 26.44 -13.32
C ASN BA 310 115.10 26.80 -13.80
N THR BA 311 114.88 28.03 -14.24
CA THR BA 311 113.58 28.43 -14.76
C THR BA 311 113.25 27.61 -16.01
N THR BA 312 111.98 27.19 -16.10
CA THR BA 312 111.53 26.42 -17.25
C THR BA 312 111.59 27.25 -18.52
N GLY BA 313 112.01 26.61 -19.60
CA GLY BA 313 112.14 27.29 -20.88
C GLY BA 313 113.46 28.00 -21.10
N VAL BA 314 114.42 27.86 -20.19
CA VAL BA 314 115.71 28.53 -20.28
C VAL BA 314 116.75 27.51 -20.72
N HIS BA 315 117.36 27.75 -21.88
CA HIS BA 315 118.34 26.82 -22.45
C HIS BA 315 119.77 27.25 -22.22
N ASP BA 316 120.14 28.44 -22.67
CA ASP BA 316 121.52 28.91 -22.57
C ASP BA 316 121.51 30.42 -22.33
N LEU BA 317 122.18 30.84 -21.27
CA LEU BA 317 122.24 32.25 -20.90
C LEU BA 317 123.69 32.73 -20.89
N SER BA 318 123.86 34.05 -20.85
CA SER BA 318 125.19 34.63 -20.86
C SER BA 318 125.13 36.04 -20.31
N ASN BA 319 126.31 36.55 -19.94
CA ASN BA 319 126.51 37.92 -19.45
C ASN BA 319 125.40 38.35 -18.48
N LEU BA 320 125.19 37.52 -17.46
CA LEU BA 320 124.22 37.87 -16.42
C LEU BA 320 124.81 38.95 -15.53
N LEU BA 321 124.03 40.00 -15.28
CA LEU BA 321 124.47 41.13 -14.48
C LEU BA 321 123.36 41.56 -13.54
N ILE BA 322 123.69 41.73 -12.27
CA ILE BA 322 122.78 42.34 -11.30
C ILE BA 322 123.26 43.76 -11.05
N ASN BA 323 122.42 44.73 -11.40
CA ASN BA 323 122.79 46.15 -11.39
C ASN BA 323 124.04 46.39 -12.24
N GLY BA 324 124.14 45.68 -13.35
CA GLY BA 324 125.27 45.81 -14.25
C GLY BA 324 126.56 45.19 -13.78
N SER BA 325 126.52 44.37 -12.73
CA SER BA 325 127.72 43.76 -12.17
C SER BA 325 127.45 42.31 -11.81
N THR BA 326 128.53 41.55 -11.72
CA THR BA 326 128.48 40.14 -11.32
C THR BA 326 128.91 39.94 -9.86
N ASP BA 327 129.01 41.00 -9.08
CA ASP BA 327 129.47 40.93 -7.70
C ASP BA 327 128.27 40.91 -6.75
N ASN BA 328 128.42 40.17 -5.65
CA ASN BA 328 127.39 40.13 -4.63
C ASN BA 328 127.25 41.49 -3.97
N ILE BA 329 126.01 41.88 -3.67
CA ILE BA 329 125.69 43.18 -3.10
C ILE BA 329 125.17 42.96 -1.69
N THR BA 330 125.74 43.69 -0.72
CA THR BA 330 125.35 43.52 0.67
C THR BA 330 123.97 44.12 0.92
N ILE BA 331 123.12 43.36 1.59
CA ILE BA 331 121.80 43.83 2.01
C ILE BA 331 121.93 44.22 3.47
N ASN BA 332 121.95 45.53 3.74
CA ASN BA 332 122.18 46.02 5.09
C ASN BA 332 120.91 45.91 5.92
N GLU BA 333 120.98 46.41 7.16
CA GLU BA 333 119.84 46.39 8.04
C GLU BA 333 118.73 47.29 7.51
N ASP BA 334 117.50 46.98 7.93
CA ASP BA 334 116.27 47.63 7.47
C ASP BA 334 116.29 47.87 5.96
N LYS BA 335 116.76 46.88 5.21
CA LYS BA 335 116.84 46.97 3.76
C LYS BA 335 116.48 45.61 3.16
N ILE BA 336 115.73 45.65 2.06
CA ILE BA 336 115.34 44.43 1.37
C ILE BA 336 115.63 44.60 -0.13
N PRO BA 337 115.92 43.52 -0.85
CA PRO BA 337 116.11 43.63 -2.31
C PRO BA 337 114.78 43.73 -3.03
N SER BA 338 114.71 44.66 -3.98
CA SER BA 338 113.51 44.89 -4.78
C SER BA 338 113.87 44.81 -6.26
N VAL BA 339 113.08 44.06 -7.01
CA VAL BA 339 113.29 43.92 -8.45
C VAL BA 339 112.63 45.11 -9.15
N THR BA 340 113.42 45.82 -9.95
CA THR BA 340 112.92 47.00 -10.67
C THR BA 340 113.04 46.89 -12.18
N THR BA 341 114.16 46.39 -12.68
CA THR BA 341 114.39 46.29 -14.12
C THR BA 341 114.78 44.85 -14.47
N VAL BA 342 114.10 44.29 -15.46
CA VAL BA 342 114.39 42.95 -15.97
C VAL BA 342 114.71 43.08 -17.45
N ASN BA 343 115.93 42.71 -17.84
CA ASN BA 343 116.38 42.80 -19.22
C ASN BA 343 116.88 41.43 -19.65
N PHE BA 344 116.12 40.77 -20.52
CA PHE BA 344 116.47 39.46 -21.05
C PHE BA 344 116.38 39.48 -22.56
N SER BA 345 117.35 38.85 -23.22
CA SER BA 345 117.39 38.83 -24.68
C SER BA 345 117.95 37.50 -25.14
N GLU BA 346 117.69 37.19 -26.41
CA GLU BA 346 118.17 35.94 -27.01
C GLU BA 346 119.20 36.21 -28.09
N MET CA 1 68.00 -22.74 -41.91
CA MET CA 1 69.28 -23.40 -41.68
C MET CA 1 69.23 -24.26 -40.43
N TYR CA 2 70.39 -24.45 -39.78
CA TYR CA 2 70.46 -25.36 -38.64
C TYR CA 2 69.54 -24.93 -37.52
N SER CA 3 69.44 -23.62 -37.28
CA SER CA 3 68.52 -23.13 -36.26
C SER CA 3 67.08 -23.46 -36.63
N ASP CA 4 66.73 -23.35 -37.91
CA ASP CA 4 65.40 -23.76 -38.36
C ASP CA 4 65.19 -25.25 -38.16
N GLN CA 5 66.22 -26.05 -38.41
CA GLN CA 5 66.13 -27.49 -38.25
C GLN CA 5 65.95 -27.84 -36.78
N THR CA 6 64.76 -28.32 -36.42
CA THR CA 6 64.46 -28.74 -35.07
C THR CA 6 63.59 -29.99 -35.14
N TYR CA 7 63.29 -30.57 -33.97
CA TYR CA 7 62.53 -31.81 -33.92
C TYR CA 7 61.14 -31.64 -34.51
N GLU CA 8 60.45 -30.55 -34.16
CA GLU CA 8 59.09 -30.36 -34.63
C GLU CA 8 59.05 -30.05 -36.13
N VAL CA 9 59.97 -29.23 -36.61
CA VAL CA 9 59.97 -28.85 -38.02
C VAL CA 9 60.21 -30.07 -38.90
N ILE CA 10 61.26 -30.85 -38.58
CA ILE CA 10 61.52 -32.05 -39.36
C ILE CA 10 60.46 -33.11 -39.12
N LYS CA 11 59.80 -33.10 -37.97
CA LYS CA 11 58.68 -34.01 -37.75
C LYS CA 11 57.55 -33.72 -38.72
N ASN CA 12 57.17 -32.44 -38.85
CA ASN CA 12 56.15 -32.07 -39.81
C ASN CA 12 56.60 -32.36 -41.23
N ARG CA 13 57.88 -32.11 -41.53
CA ARG CA 13 58.41 -32.37 -42.87
C ARG CA 13 58.31 -33.84 -43.22
N THR CA 14 58.70 -34.72 -42.30
CA THR CA 14 58.64 -36.16 -42.56
C THR CA 14 57.21 -36.65 -42.63
N LEU CA 15 56.32 -36.08 -41.80
CA LEU CA 15 54.91 -36.42 -41.89
C LEU CA 15 54.35 -36.06 -43.26
N GLU CA 16 54.74 -34.91 -43.80
CA GLU CA 16 54.34 -34.55 -45.15
C GLU CA 16 54.97 -35.49 -46.19
N ASN CA 17 56.21 -35.92 -45.94
CA ASN CA 17 56.88 -36.82 -46.88
C ASN CA 17 56.17 -38.16 -46.99
N ILE CA 18 55.54 -38.62 -45.92
CA ILE CA 18 54.88 -39.92 -45.89
C ILE CA 18 53.39 -39.71 -46.13
N ASN CA 19 52.91 -40.21 -47.25
CA ASN CA 19 51.48 -40.24 -47.56
C ASN CA 19 51.04 -41.70 -47.57
N LEU CA 20 50.04 -42.02 -46.75
CA LEU CA 20 49.68 -43.40 -46.52
C LEU CA 20 48.21 -43.49 -46.13
N ASP CA 21 47.67 -44.70 -46.21
CA ASP CA 21 46.23 -44.89 -46.04
C ASP CA 21 45.78 -44.52 -44.64
N ILE CA 22 46.53 -44.94 -43.62
CA ILE CA 22 46.09 -44.71 -42.24
C ILE CA 22 46.26 -43.24 -41.89
N TYR CA 23 45.33 -42.71 -41.09
CA TYR CA 23 45.34 -41.30 -40.74
C TYR CA 23 46.47 -40.99 -39.77
N LYS CA 24 47.00 -39.77 -39.89
CA LYS CA 24 48.11 -39.31 -39.06
C LYS CA 24 47.57 -38.48 -37.91
N GLY CA 25 47.97 -38.83 -36.69
CA GLY CA 25 47.50 -38.12 -35.51
C GLY CA 25 48.48 -38.24 -34.38
N GLU CA 26 48.26 -37.41 -33.35
CA GLU CA 26 49.11 -37.43 -32.18
C GLU CA 26 48.96 -38.73 -31.41
N GLY CA 27 50.08 -39.28 -30.97
CA GLY CA 27 50.09 -40.54 -30.25
C GLY CA 27 50.07 -41.78 -31.12
N SER CA 28 50.11 -41.62 -32.44
CA SER CA 28 50.12 -42.77 -33.33
C SER CA 28 51.43 -43.54 -33.21
N PHE CA 29 51.37 -44.84 -33.52
CA PHE CA 29 52.57 -45.66 -33.49
C PHE CA 29 53.62 -45.12 -34.45
N LEU CA 30 53.25 -44.91 -35.71
CA LEU CA 30 54.17 -44.34 -36.69
C LEU CA 30 54.61 -42.95 -36.28
N ASN CA 31 53.72 -42.19 -35.61
CA ASN CA 31 54.10 -40.88 -35.11
C ASN CA 31 55.29 -40.96 -34.19
N ASN CA 32 55.24 -41.86 -33.20
CA ASN CA 32 56.36 -42.02 -32.27
C ASN CA 32 57.59 -42.59 -32.97
N MET CA 33 57.37 -43.53 -33.90
CA MET CA 33 58.50 -44.11 -34.64
C MET CA 33 59.28 -43.03 -35.36
N VAL CA 34 58.57 -42.12 -36.03
CA VAL CA 34 59.23 -41.02 -36.74
C VAL CA 34 59.82 -40.02 -35.75
N SER CA 35 59.11 -39.76 -34.65
CA SER CA 35 59.54 -38.72 -33.71
C SER CA 35 60.87 -39.06 -33.05
N GLY CA 36 61.06 -40.33 -32.69
CA GLY CA 36 62.34 -40.71 -32.08
C GLY CA 36 63.51 -40.48 -33.02
N ASN CA 37 63.38 -40.93 -34.27
CA ASN CA 37 64.44 -40.73 -35.25
C ASN CA 37 64.64 -39.25 -35.53
N ASN CA 38 63.57 -38.44 -35.48
CA ASN CA 38 63.73 -37.01 -35.72
C ASN CA 38 64.41 -36.31 -34.56
N LEU CA 39 64.19 -36.78 -33.33
CA LEU CA 39 64.98 -36.28 -32.21
C LEU CA 39 66.46 -36.62 -32.40
N GLU CA 40 66.73 -37.85 -32.86
CA GLU CA 40 68.11 -38.22 -33.19
C GLU CA 40 68.68 -37.28 -34.25
N LEU CA 41 67.88 -36.98 -35.27
CA LEU CA 41 68.34 -36.09 -36.35
C LEU CA 41 68.54 -34.67 -35.85
N SER CA 42 67.75 -34.22 -34.87
CA SER CA 42 67.99 -32.92 -34.26
C SER CA 42 69.33 -32.89 -33.53
N LYS CA 43 69.65 -33.97 -32.81
CA LYS CA 43 70.97 -34.07 -32.19
C LYS CA 43 72.07 -34.05 -33.25
N ILE CA 44 71.85 -34.75 -34.36
CA ILE CA 44 72.82 -34.74 -35.45
C ILE CA 44 72.97 -33.33 -36.03
N TYR CA 45 71.86 -32.59 -36.13
CA TYR CA 45 71.92 -31.22 -36.63
C TYR CA 45 72.72 -30.33 -35.70
N LEU CA 46 72.55 -30.51 -34.38
CA LEU CA 46 73.35 -29.75 -33.43
C LEU CA 46 74.83 -30.09 -33.58
N GLU CA 47 75.15 -31.37 -33.76
CA GLU CA 47 76.54 -31.77 -33.98
C GLU CA 47 77.10 -31.14 -35.25
N LEU CA 48 76.30 -31.12 -36.32
CA LEU CA 48 76.76 -30.51 -37.57
C LEU CA 48 76.93 -29.00 -37.42
N SER CA 49 76.10 -28.37 -36.59
CA SER CA 49 76.29 -26.95 -36.29
C SER CA 49 77.61 -26.72 -35.58
N LYS CA 50 77.93 -27.58 -34.59
CA LYS CA 50 79.21 -27.45 -33.90
C LYS CA 50 80.39 -27.78 -34.80
N MET CA 51 80.16 -28.55 -35.88
CA MET CA 51 81.21 -28.79 -36.86
C MET CA 51 81.76 -27.49 -37.41
N HIS CA 52 80.88 -26.53 -37.71
CA HIS CA 52 81.31 -25.24 -38.23
C HIS CA 52 82.26 -24.54 -37.26
N LYS CA 53 81.83 -24.42 -35.99
CA LYS CA 53 82.64 -23.69 -35.02
C LYS CA 53 83.97 -24.38 -34.76
N MET CA 54 83.97 -25.71 -34.66
CA MET CA 54 85.24 -26.40 -34.39
C MET CA 54 86.13 -26.44 -35.62
N ALA CA 55 85.57 -26.33 -36.82
CA ALA CA 55 86.39 -26.32 -38.03
C ALA CA 55 87.11 -24.98 -38.22
N PHE CA 56 86.55 -23.90 -37.71
CA PHE CA 56 87.12 -22.57 -37.92
C PHE CA 56 88.45 -22.43 -37.19
N ILE CA 57 89.34 -21.61 -37.77
CA ILE CA 57 90.62 -21.34 -37.14
C ILE CA 57 90.44 -20.56 -35.85
N GLN CA 58 89.46 -19.67 -35.80
CA GLN CA 58 89.20 -18.91 -34.59
C GLN CA 58 88.54 -19.80 -33.54
N ASP CA 59 88.45 -19.25 -32.32
CA ASP CA 59 87.82 -19.86 -31.15
C ASP CA 59 88.08 -21.37 -31.08
N THR CA 60 89.35 -21.75 -31.29
CA THR CA 60 89.75 -23.14 -31.21
C THR CA 60 90.11 -23.52 -29.77
N TYR CA 61 90.23 -24.82 -29.54
CA TYR CA 61 90.58 -25.36 -28.24
C TYR CA 61 92.09 -25.64 -28.21
N ASN CA 62 92.55 -26.29 -27.13
CA ASN CA 62 93.96 -26.58 -26.99
C ASN CA 62 94.43 -27.54 -28.09
N GLN CA 63 93.69 -28.62 -28.31
CA GLN CA 63 94.11 -29.61 -29.31
C GLN CA 63 93.98 -29.05 -30.72
N PHE CA 64 92.93 -28.28 -31.00
CA PHE CA 64 92.77 -27.70 -32.34
C PHE CA 64 93.92 -26.75 -32.66
N LEU CA 65 94.22 -25.82 -31.74
CA LEU CA 65 95.32 -24.91 -31.96
C LEU CA 65 96.65 -25.66 -32.04
N ASP CA 66 96.80 -26.71 -31.23
CA ASP CA 66 98.03 -27.50 -31.27
C ASP CA 66 98.22 -28.12 -32.65
N LYS CA 67 97.16 -28.71 -33.22
CA LYS CA 67 97.25 -29.27 -34.56
C LYS CA 67 97.56 -28.19 -35.59
N ARG CA 68 96.88 -27.05 -35.50
CA ARG CA 68 97.10 -25.99 -36.48
C ARG CA 68 98.54 -25.50 -36.43
N VAL CA 69 99.08 -25.28 -35.23
CA VAL CA 69 100.45 -24.76 -35.13
C VAL CA 69 101.47 -25.84 -35.46
N ASN CA 70 101.15 -27.11 -35.22
CA ASN CA 70 102.05 -28.17 -35.67
C ASN CA 70 102.12 -28.20 -37.19
N GLU CA 71 100.98 -27.97 -37.86
CA GLU CA 71 101.01 -27.79 -39.30
C GLU CA 71 101.82 -26.56 -39.67
N PHE CA 72 101.69 -25.48 -38.88
CA PHE CA 72 102.35 -24.22 -39.21
C PHE CA 72 103.77 -24.13 -38.65
N GLY CA 73 104.07 -24.86 -37.58
CA GLY CA 73 105.40 -24.85 -37.00
C GLY CA 73 105.64 -23.83 -35.89
N VAL CA 74 104.65 -22.98 -35.58
CA VAL CA 74 104.80 -21.97 -34.53
C VAL CA 74 104.32 -22.62 -33.23
N TYR CA 75 105.23 -23.34 -32.58
CA TYR CA 75 104.86 -24.10 -31.38
C TYR CA 75 104.54 -23.19 -30.21
N ARG CA 76 103.56 -23.60 -29.41
CA ARG CA 76 103.13 -22.85 -28.25
C ARG CA 76 104.18 -22.91 -27.14
N LYS CA 77 104.30 -21.82 -26.39
CA LYS CA 77 105.24 -21.74 -25.28
C LYS CA 77 104.59 -22.25 -24.00
N LEU CA 78 105.28 -23.14 -23.29
CA LEU CA 78 104.75 -23.73 -22.08
C LEU CA 78 105.11 -22.94 -20.82
N GLY CA 79 105.88 -21.87 -20.95
CA GLY CA 79 106.31 -21.08 -19.81
C GLY CA 79 107.60 -21.59 -19.20
N THR CA 80 108.18 -20.77 -18.34
CA THR CA 80 109.45 -21.05 -17.69
C THR CA 80 109.29 -20.95 -16.18
N GLU CA 81 109.95 -21.85 -15.46
CA GLU CA 81 109.94 -21.82 -14.00
C GLU CA 81 110.71 -20.62 -13.48
N SER CA 82 110.24 -20.06 -12.37
CA SER CA 82 110.91 -18.92 -11.75
C SER CA 82 112.23 -19.36 -11.13
N ASN CA 83 113.22 -18.46 -11.19
CA ASN CA 83 114.53 -18.71 -10.63
C ASN CA 83 114.94 -17.56 -9.73
N GLY CA 84 115.58 -17.88 -8.62
CA GLY CA 84 116.02 -16.87 -7.68
C GLY CA 84 117.05 -17.46 -6.73
N GLU CA 85 117.60 -16.59 -5.89
CA GLU CA 85 118.60 -16.97 -4.90
C GLU CA 85 118.10 -16.62 -3.51
N VAL CA 86 118.27 -17.56 -2.57
CA VAL CA 86 117.84 -17.36 -1.20
C VAL CA 86 119.04 -17.53 -0.28
N GLU CA 87 118.92 -16.99 0.93
CA GLU CA 87 119.96 -17.06 1.94
C GLU CA 87 119.49 -17.98 3.07
N PHE CA 88 120.35 -18.91 3.47
CA PHE CA 88 120.05 -19.87 4.53
C PHE CA 88 120.73 -19.40 5.81
N ILE CA 89 119.95 -19.24 6.87
CA ILE CA 89 120.44 -18.78 8.16
C ILE CA 89 120.13 -19.85 9.20
N GLY CA 90 121.16 -20.23 9.95
CA GLY CA 90 120.98 -21.26 10.96
C GLY CA 90 122.30 -21.65 11.58
N GLU CA 91 122.34 -22.86 12.13
CA GLU CA 91 123.54 -23.37 12.77
C GLU CA 91 124.67 -23.51 11.75
N LYS CA 92 125.87 -23.06 12.13
CA LYS CA 92 127.02 -23.15 11.25
C LYS CA 92 127.40 -24.62 11.04
N GLY CA 93 127.83 -24.93 9.81
CA GLY CA 93 128.19 -26.28 9.45
C GLY CA 93 127.05 -27.13 8.93
N THR CA 94 125.82 -26.63 8.97
CA THR CA 94 124.69 -27.38 8.44
C THR CA 94 124.79 -27.50 6.93
N VAL CA 95 124.61 -28.71 6.42
CA VAL CA 95 124.74 -29.01 4.99
C VAL CA 95 123.35 -29.33 4.46
N ILE CA 96 122.93 -28.59 3.43
CA ILE CA 96 121.66 -28.80 2.75
C ILE CA 96 121.97 -29.37 1.38
N ASN CA 97 121.54 -30.61 1.14
CA ASN CA 97 121.86 -31.30 -0.09
C ASN CA 97 120.99 -30.80 -1.24
N ASN CA 98 121.36 -31.20 -2.45
CA ASN CA 98 120.58 -30.85 -3.63
C ASN CA 98 119.25 -31.59 -3.64
N GLY CA 99 118.26 -30.98 -4.28
CA GLY CA 99 116.94 -31.55 -4.36
C GLY CA 99 116.01 -31.20 -3.21
N THR CA 100 116.52 -30.52 -2.18
CA THR CA 100 115.67 -30.10 -1.08
C THR CA 100 114.65 -29.07 -1.55
N ILE CA 101 113.43 -29.21 -1.07
CA ILE CA 101 112.31 -28.37 -1.49
C ILE CA 101 111.97 -27.40 -0.36
N ILE CA 102 111.78 -26.13 -0.71
CA ILE CA 102 111.41 -25.08 0.22
C ILE CA 102 110.06 -24.50 -0.21
N SER CA 103 109.19 -24.28 0.77
CA SER CA 103 107.85 -23.78 0.50
C SER CA 103 107.64 -22.42 1.17
N TYR CA 104 107.22 -21.45 0.39
CA TYR CA 104 106.79 -20.15 0.88
C TYR CA 104 105.29 -20.03 0.66
N ARG CA 105 104.54 -19.84 1.75
CA ARG CA 105 103.07 -19.85 1.71
C ARG CA 105 102.65 -21.20 1.13
N ASP CA 106 101.82 -21.24 0.09
CA ASP CA 106 101.46 -22.48 -0.57
C ASP CA 106 102.34 -22.79 -1.77
N LEU CA 107 103.26 -21.89 -2.13
CA LEU CA 107 104.13 -22.12 -3.26
C LEU CA 107 105.21 -23.14 -2.91
N LEU CA 108 105.74 -23.80 -3.95
CA LEU CA 108 106.78 -24.80 -3.79
C LEU CA 108 108.00 -24.41 -4.60
N PHE CA 109 109.18 -24.57 -4.00
CA PHE CA 109 110.44 -24.23 -4.63
C PHE CA 109 111.47 -25.30 -4.29
N VAL CA 110 112.50 -25.41 -5.14
CA VAL CA 110 113.54 -26.42 -4.97
C VAL CA 110 114.90 -25.75 -5.05
N VAL CA 111 115.85 -26.27 -4.27
CA VAL CA 111 117.21 -25.75 -4.22
C VAL CA 111 118.07 -26.58 -5.17
N ILE CA 112 118.84 -25.90 -6.02
CA ILE CA 112 119.63 -26.59 -7.04
C ILE CA 112 120.90 -27.17 -6.45
N LYS CA 113 121.77 -26.30 -5.92
CA LYS CA 113 123.09 -26.69 -5.47
C LYS CA 113 123.14 -26.80 -3.96
N ASP CA 114 124.09 -27.60 -3.47
CA ASP CA 114 124.29 -27.76 -2.05
C ASP CA 114 124.78 -26.46 -1.42
N VAL CA 115 124.27 -26.13 -0.25
CA VAL CA 115 124.64 -24.92 0.48
C VAL CA 115 124.97 -25.32 1.91
N THR CA 116 126.05 -24.75 2.45
CA THR CA 116 126.47 -25.00 3.82
C THR CA 116 126.43 -23.69 4.60
N ILE CA 117 125.79 -23.73 5.78
CA ILE CA 117 125.67 -22.54 6.60
C ILE CA 117 127.00 -22.25 7.27
N GLY CA 118 127.50 -21.03 7.10
CA GLY CA 118 128.77 -20.63 7.68
C GLY CA 118 129.99 -21.01 6.88
N SER CA 119 129.82 -21.67 5.73
CA SER CA 119 130.95 -22.05 4.91
C SER CA 119 131.51 -20.84 4.16
N GLU CA 120 132.74 -20.99 3.67
CA GLU CA 120 133.38 -19.92 2.91
C GLU CA 120 132.70 -19.66 1.58
N GLU CA 121 131.98 -20.65 1.03
CA GLU CA 121 131.28 -20.46 -0.22
C GLU CA 121 130.08 -19.53 -0.08
N GLY CA 122 129.60 -19.30 1.14
CA GLY CA 122 128.47 -18.44 1.38
C GLY CA 122 127.21 -19.23 1.70
N ASP CA 123 126.21 -18.51 2.20
CA ASP CA 123 124.92 -19.08 2.57
C ASP CA 123 123.86 -18.85 1.52
N ASN CA 124 124.24 -18.36 0.34
CA ASN CA 124 123.31 -18.08 -0.73
C ASN CA 124 123.34 -19.20 -1.76
N SER CA 125 122.17 -19.76 -2.06
CA SER CA 125 122.04 -20.82 -3.05
C SER CA 125 120.91 -20.52 -4.01
N PRO CA 126 121.11 -20.70 -5.31
CA PRO CA 126 120.03 -20.48 -6.27
C PRO CA 126 118.86 -21.44 -6.03
N VAL CA 127 117.66 -20.94 -6.26
CA VAL CA 127 116.43 -21.70 -6.06
C VAL CA 127 115.56 -21.54 -7.30
N GLN CA 128 115.09 -22.66 -7.84
CA GLN CA 128 114.25 -22.67 -9.03
C GLN CA 128 112.85 -23.13 -8.68
N ALA CA 129 111.85 -22.50 -9.28
CA ALA CA 129 110.46 -22.88 -9.04
C ALA CA 129 110.19 -24.28 -9.54
N LEU CA 130 109.35 -25.00 -8.80
CA LEU CA 130 108.99 -26.36 -9.21
C LEU CA 130 108.09 -26.36 -10.44
N GLU CA 131 107.24 -25.35 -10.58
CA GLU CA 131 106.32 -25.25 -11.70
C GLU CA 131 106.42 -23.86 -12.32
N VAL CA 132 105.99 -23.78 -13.58
CA VAL CA 132 105.98 -22.50 -14.28
C VAL CA 132 104.87 -21.61 -13.75
N GLY CA 133 104.98 -20.32 -14.03
CA GLY CA 133 103.96 -19.36 -13.64
C GLY CA 133 104.52 -18.11 -13.01
N LYS CA 134 103.81 -16.99 -13.22
CA LYS CA 134 104.22 -15.72 -12.62
C LYS CA 134 104.05 -15.71 -11.11
N LYS CA 135 103.15 -16.54 -10.57
CA LYS CA 135 102.98 -16.61 -9.13
C LYS CA 135 104.23 -17.09 -8.42
N TYR CA 136 105.10 -17.82 -9.13
CA TYR CA 136 106.37 -18.25 -8.56
C TYR CA 136 107.43 -17.17 -8.56
N ASN CA 137 107.18 -16.03 -9.24
CA ASN CA 137 108.11 -14.91 -9.25
C ASN CA 137 107.98 -14.15 -7.93
N LEU CA 138 108.47 -14.79 -6.87
CA LEU CA 138 108.38 -14.22 -5.53
C LEU CA 138 109.26 -12.97 -5.44
N PRO CA 139 108.81 -11.93 -4.75
CA PRO CA 139 109.63 -10.72 -4.62
C PRO CA 139 110.77 -10.90 -3.63
N THR CA 140 111.53 -9.84 -3.37
CA THR CA 140 112.60 -9.90 -2.41
C THR CA 140 112.06 -9.96 -0.98
N ASN CA 141 112.90 -10.45 -0.08
CA ASN CA 141 112.59 -10.53 1.35
C ASN CA 141 111.35 -11.40 1.60
N CYS CA 142 111.43 -12.65 1.16
CA CYS CA 142 110.41 -13.65 1.43
C CYS CA 142 111.01 -14.75 2.30
N GLU CA 143 110.35 -15.04 3.41
CA GLU CA 143 110.87 -15.99 4.40
C GLU CA 143 110.48 -17.40 3.97
N PHE CA 144 111.37 -18.07 3.25
CA PHE CA 144 111.12 -19.44 2.80
C PHE CA 144 111.21 -20.40 3.97
N LYS CA 145 110.43 -21.47 3.88
CA LYS CA 145 110.36 -22.50 4.90
C LYS CA 145 110.61 -23.87 4.29
N LEU CA 146 111.41 -24.68 4.97
CA LEU CA 146 111.69 -26.04 4.51
C LEU CA 146 110.41 -26.88 4.56
N VAL CA 147 110.13 -27.58 3.46
CA VAL CA 147 109.03 -28.54 3.46
C VAL CA 147 109.34 -29.69 4.41
N ASP CA 148 110.57 -30.19 4.35
CA ASP CA 148 111.04 -31.25 5.24
C ASP CA 148 111.97 -30.63 6.29
N ASN CA 149 111.73 -30.99 7.55
CA ASN CA 149 112.50 -30.41 8.64
C ASN CA 149 113.95 -30.89 8.58
N ILE CA 150 114.89 -29.94 8.64
CA ILE CA 150 116.32 -30.23 8.62
C ILE CA 150 116.93 -29.55 9.83
N SER CA 151 117.63 -30.31 10.66
CA SER CA 151 118.29 -29.76 11.83
C SER CA 151 119.43 -28.84 11.42
N GLY CA 152 119.60 -27.74 12.15
CA GLY CA 152 120.63 -26.77 11.86
C GLY CA 152 120.21 -25.63 10.97
N VAL CA 153 119.01 -25.67 10.41
CA VAL CA 153 118.47 -24.59 9.57
C VAL CA 153 117.34 -23.93 10.33
N THR CA 154 117.41 -22.60 10.47
CA THR CA 154 116.43 -21.85 11.23
C THR CA 154 115.58 -20.94 10.35
N LYS CA 155 116.20 -20.07 9.57
CA LYS CA 155 115.48 -19.11 8.73
C LYS CA 155 116.06 -19.11 7.33
N ILE CA 156 115.17 -19.07 6.33
CA ILE CA 156 115.55 -19.00 4.93
C ILE CA 156 114.84 -17.79 4.31
N THR CA 157 115.62 -16.91 3.68
CA THR CA 157 115.07 -15.73 3.03
C THR CA 157 115.84 -15.47 1.75
N ASN CA 158 115.21 -14.74 0.83
CA ASN CA 158 115.79 -14.42 -0.46
C ASN CA 158 116.24 -12.97 -0.47
N THR CA 159 117.49 -12.75 -0.88
CA THR CA 159 118.03 -11.40 -1.01
C THR CA 159 117.65 -10.74 -2.32
N ARG CA 160 117.15 -11.50 -3.30
CA ARG CA 160 116.75 -10.97 -4.59
C ARG CA 160 115.39 -11.51 -4.97
N SER CA 161 114.63 -10.71 -5.72
CA SER CA 161 113.32 -11.14 -6.18
C SER CA 161 113.44 -12.25 -7.21
N PHE CA 162 112.57 -13.25 -7.10
CA PHE CA 162 112.59 -14.36 -8.04
C PHE CA 162 112.11 -13.90 -9.41
N GLU CA 163 112.78 -14.40 -10.45
CA GLU CA 163 112.48 -14.03 -11.82
C GLU CA 163 112.47 -15.27 -12.70
N GLY CA 164 111.90 -15.13 -13.89
CA GLY CA 164 111.81 -16.21 -14.84
C GLY CA 164 110.48 -16.93 -14.87
N GLY CA 165 109.62 -16.71 -13.88
CA GLY CA 165 108.33 -17.34 -13.86
C GLY CA 165 107.39 -16.79 -14.91
N THR CA 166 107.11 -17.60 -15.94
CA THR CA 166 106.26 -17.20 -17.05
C THR CA 166 105.09 -18.17 -17.18
N ASP CA 167 103.90 -17.62 -17.42
CA ASP CA 167 102.71 -18.42 -17.58
C ASP CA 167 102.72 -19.15 -18.91
N ILE CA 168 101.84 -20.15 -19.03
CA ILE CA 168 101.68 -20.88 -20.27
C ILE CA 168 101.05 -19.96 -21.31
N GLU CA 169 101.61 -19.94 -22.51
CA GLU CA 169 101.08 -19.10 -23.59
C GLU CA 169 99.66 -19.54 -23.93
N THR CA 170 98.72 -18.60 -23.82
CA THR CA 170 97.33 -18.92 -24.11
C THR CA 170 97.13 -19.05 -25.62
N ASP CA 171 95.94 -19.53 -25.99
CA ASP CA 171 95.64 -19.74 -27.40
C ASP CA 171 95.65 -18.43 -28.17
N GLU CA 172 95.02 -17.39 -27.60
CA GLU CA 172 94.86 -16.12 -28.32
C GLU CA 172 96.20 -15.45 -28.59
N GLU CA 173 97.09 -15.45 -27.59
CA GLU CA 173 98.39 -14.79 -27.74
C GLU CA 173 99.19 -15.42 -28.87
N LEU CA 174 99.27 -16.75 -28.87
CA LEU CA 174 99.91 -17.44 -29.98
C LEU CA 174 99.18 -17.18 -31.29
N LYS CA 175 97.87 -16.96 -31.24
CA LYS CA 175 97.12 -16.66 -32.45
C LYS CA 175 97.56 -15.34 -33.07
N GLU CA 176 97.63 -14.27 -32.27
CA GLU CA 176 98.06 -13.00 -32.87
C GLU CA 176 99.55 -13.04 -33.22
N ARG CA 177 100.35 -13.81 -32.47
CA ARG CA 177 101.75 -13.96 -32.83
C ARG CA 177 101.88 -14.61 -34.20
N PHE CA 178 101.13 -15.68 -34.45
CA PHE CA 178 101.14 -16.32 -35.75
C PHE CA 178 100.61 -15.39 -36.84
N TYR CA 179 99.57 -14.62 -36.54
CA TYR CA 179 99.05 -13.69 -37.53
C TYR CA 179 100.09 -12.64 -37.91
N LYS CA 180 100.79 -12.10 -36.91
CA LYS CA 180 101.85 -11.13 -37.20
C LYS CA 180 102.99 -11.77 -37.99
N ILE CA 181 103.34 -13.01 -37.67
CA ILE CA 181 104.37 -13.71 -38.43
C ILE CA 181 103.94 -13.88 -39.88
N GLN CA 182 102.67 -14.22 -40.10
CA GLN CA 182 102.18 -14.40 -41.46
C GLN CA 182 102.17 -13.08 -42.23
N ARG CA 183 101.76 -11.98 -41.57
CA ARG CA 183 101.68 -10.71 -42.27
C ARG CA 183 103.06 -10.18 -42.63
N ASN CA 184 104.03 -10.30 -41.73
CA ASN CA 184 105.36 -9.71 -41.90
C ASN CA 184 106.41 -10.80 -41.93
N GLN CA 185 107.26 -10.78 -42.96
CA GLN CA 185 108.36 -11.71 -43.10
C GLN CA 185 109.68 -10.96 -43.14
N ALA CA 186 110.75 -11.67 -42.81
CA ALA CA 186 112.08 -11.07 -42.78
C ALA CA 186 112.46 -10.56 -44.17
N THR CA 187 112.94 -9.32 -44.22
CA THR CA 187 113.29 -8.66 -45.46
C THR CA 187 114.66 -8.00 -45.33
N SER CA 188 115.31 -7.82 -46.49
CA SER CA 188 116.68 -7.32 -46.51
C SER CA 188 116.76 -5.87 -46.07
N GLY CA 189 115.91 -5.01 -46.64
CA GLY CA 189 116.08 -3.58 -46.46
C GLY CA 189 115.30 -2.96 -45.34
N ASN CA 190 114.13 -3.51 -45.01
CA ASN CA 190 113.35 -2.99 -43.91
C ASN CA 190 114.15 -3.06 -42.62
N LYS CA 191 114.46 -1.89 -42.06
CA LYS CA 191 115.33 -1.83 -40.90
C LYS CA 191 114.77 -2.57 -39.69
N ALA CA 192 113.44 -2.72 -39.62
CA ALA CA 192 112.85 -3.47 -38.51
C ALA CA 192 113.32 -4.92 -38.51
N HIS CA 193 113.23 -5.58 -39.67
CA HIS CA 193 113.62 -6.98 -39.75
C HIS CA 193 115.11 -7.17 -39.45
N TYR CA 194 115.95 -6.29 -39.99
CA TYR CA 194 117.39 -6.43 -39.75
C TYR CA 194 117.75 -6.15 -38.30
N GLU CA 195 117.16 -5.10 -37.71
CA GLU CA 195 117.45 -4.75 -36.33
C GLU CA 195 116.82 -5.73 -35.34
N GLU CA 196 115.87 -6.55 -35.79
CA GLU CA 196 115.29 -7.56 -34.91
C GLU CA 196 116.36 -8.55 -34.45
N TRP CA 197 117.20 -9.01 -35.38
CA TRP CA 197 118.25 -9.97 -35.02
C TRP CA 197 119.28 -9.34 -34.09
N ALA CA 198 119.63 -8.08 -34.33
CA ALA CA 198 120.56 -7.39 -33.43
C ALA CA 198 119.96 -7.21 -32.04
N LEU CA 199 118.67 -6.86 -31.97
CA LEU CA 199 118.01 -6.66 -30.70
C LEU CA 199 117.86 -7.96 -29.91
N GLU CA 200 118.02 -9.12 -30.56
CA GLU CA 200 117.97 -10.39 -29.86
C GLU CA 200 119.10 -10.51 -28.84
N VAL CA 201 120.17 -9.75 -28.99
CA VAL CA 201 121.23 -9.71 -28.00
C VAL CA 201 120.78 -8.85 -26.82
N ASP CA 202 120.88 -9.42 -25.61
CA ASP CA 202 120.40 -8.71 -24.43
C ASP CA 202 121.22 -7.47 -24.12
N GLY CA 203 122.51 -7.47 -24.48
CA GLY CA 203 123.38 -6.35 -24.15
C GLY CA 203 122.95 -5.06 -24.82
N VAL CA 204 122.45 -5.12 -26.04
CA VAL CA 204 122.06 -3.94 -26.81
C VAL CA 204 120.57 -3.77 -26.74
N TYR CA 205 120.11 -2.52 -26.67
CA TYR CA 205 118.70 -2.19 -26.61
C TYR CA 205 118.23 -1.25 -27.69
N ASN CA 206 119.12 -0.50 -28.34
CA ASN CA 206 118.78 0.36 -29.46
C ASN CA 206 119.72 0.06 -30.61
N VAL CA 207 119.16 -0.22 -31.78
CA VAL CA 207 119.93 -0.57 -32.97
C VAL CA 207 119.54 0.39 -34.09
N LYS CA 208 120.54 0.94 -34.77
CA LYS CA 208 120.33 1.87 -35.88
C LYS CA 208 121.05 1.36 -37.12
N VAL CA 209 120.40 1.48 -38.26
CA VAL CA 209 120.94 1.06 -39.55
C VAL CA 209 121.22 2.29 -40.38
N TYR CA 210 122.43 2.38 -40.92
CA TYR CA 210 122.84 3.53 -41.73
C TYR CA 210 123.00 3.13 -43.18
N PRO CA 211 121.99 3.35 -44.03
CA PRO CA 211 122.15 3.02 -45.45
C PRO CA 211 123.10 3.97 -46.15
N ARG CA 212 123.71 3.46 -47.22
CA ARG CA 212 124.57 4.24 -48.11
C ARG CA 212 125.70 4.93 -47.34
N TRP CA 213 126.43 4.14 -46.57
CA TRP CA 213 127.56 4.64 -45.80
C TRP CA 213 128.89 4.44 -46.52
N ASP CA 214 128.98 3.46 -47.41
CA ASP CA 214 130.20 3.18 -48.16
C ASP CA 214 129.87 2.88 -49.61
N GLY CA 215 128.81 3.49 -50.13
CA GLY CA 215 128.34 3.24 -51.47
C GLY CA 215 127.08 2.39 -51.47
N PRO CA 216 126.57 2.08 -52.65
CA PRO CA 216 125.34 1.27 -52.74
C PRO CA 216 125.54 -0.12 -52.16
N GLY CA 217 124.50 -0.64 -51.54
CA GLY CA 217 124.55 -1.96 -50.95
C GLY CA 217 125.32 -2.05 -49.65
N THR CA 218 125.74 -0.92 -49.09
CA THR CA 218 126.53 -0.90 -47.87
C THR CA 218 125.62 -0.50 -46.70
N VAL CA 219 125.56 -1.35 -45.68
CA VAL CA 219 124.72 -1.13 -44.51
C VAL CA 219 125.62 -1.04 -43.29
N LYS CA 220 125.53 0.07 -42.57
CA LYS CA 220 126.29 0.27 -41.34
C LYS CA 220 125.38 0.01 -40.16
N VAL CA 221 125.79 -0.90 -39.28
CA VAL CA 221 125.00 -1.30 -38.13
C VAL CA 221 125.47 -0.51 -36.91
N LEU CA 222 124.56 0.25 -36.32
CA LEU CA 222 124.82 1.01 -35.10
C LEU CA 222 123.97 0.43 -33.98
N ILE CA 223 124.62 0.09 -32.87
CA ILE CA 223 123.94 -0.51 -31.73
C ILE CA 223 124.22 0.31 -30.48
N PHE CA 224 123.28 0.27 -29.54
CA PHE CA 224 123.42 0.97 -28.26
C PHE CA 224 123.20 -0.03 -27.14
N GLY CA 225 124.13 -0.06 -26.19
CA GLY CA 225 124.06 -0.97 -25.06
C GLY CA 225 123.10 -0.50 -24.00
N LYS CA 226 123.44 -0.80 -22.74
CA LYS CA 226 122.63 -0.37 -21.61
C LYS CA 226 122.77 1.13 -21.42
N ASN CA 227 121.70 1.86 -21.70
CA ASN CA 227 121.67 3.32 -21.58
C ASN CA 227 122.80 3.97 -22.39
N ASN CA 228 123.07 3.39 -23.56
CA ASN CA 228 124.05 3.92 -24.51
C ASN CA 228 125.46 3.94 -23.95
N GLN CA 229 125.81 2.81 -23.33
CA GLN CA 229 127.13 2.52 -22.77
C GLN CA 229 127.70 1.40 -23.65
N ALA CA 230 128.95 1.52 -24.08
CA ALA CA 230 129.53 0.55 -25.00
C ALA CA 230 129.52 -0.85 -24.40
N VAL CA 231 129.19 -1.84 -25.23
CA VAL CA 231 129.23 -3.24 -24.84
C VAL CA 231 130.64 -3.77 -25.05
N ASP CA 232 130.94 -4.94 -24.50
CA ASP CA 232 132.27 -5.52 -24.62
C ASP CA 232 132.55 -5.95 -26.05
N THR CA 233 133.85 -6.17 -26.34
CA THR CA 233 134.26 -6.55 -27.68
C THR CA 233 133.65 -7.89 -28.09
N GLU CA 234 133.59 -8.84 -27.14
CA GLU CA 234 133.00 -10.14 -27.45
C GLU CA 234 131.53 -10.01 -27.81
N THR CA 235 130.80 -9.12 -27.13
CA THR CA 235 129.40 -8.89 -27.48
C THR CA 235 129.28 -8.35 -28.91
N ILE CA 236 130.13 -7.38 -29.27
CA ILE CA 236 130.11 -6.85 -30.61
C ILE CA 236 130.39 -7.95 -31.63
N GLU CA 237 131.39 -8.79 -31.35
CA GLU CA 237 131.74 -9.87 -32.27
C GLU CA 237 130.57 -10.83 -32.45
N ARG CA 238 130.00 -11.31 -31.34
CA ARG CA 238 128.94 -12.31 -31.41
C ARG CA 238 127.71 -11.75 -32.12
N CYS CA 239 127.39 -10.47 -31.87
CA CYS CA 239 126.34 -9.83 -32.65
C CYS CA 239 126.70 -9.82 -34.12
N GLN CA 240 127.98 -9.63 -34.43
CA GLN CA 240 128.40 -9.60 -35.83
C GLN CA 240 128.17 -10.95 -36.52
N GLN CA 241 128.63 -12.04 -35.90
CA GLN CA 241 128.37 -13.34 -36.52
C GLN CA 241 126.89 -13.65 -36.56
N HIS CA 242 126.12 -13.28 -35.53
CA HIS CA 242 124.69 -13.56 -35.57
C HIS CA 242 124.03 -12.84 -36.74
N ILE CA 243 124.23 -11.53 -36.84
CA ILE CA 243 123.59 -10.77 -37.91
C ILE CA 243 124.07 -11.27 -39.26
N ASP CA 244 125.35 -11.66 -39.37
CA ASP CA 244 125.84 -12.25 -40.61
C ASP CA 244 125.09 -13.53 -40.93
N GLU CA 245 124.77 -14.33 -39.90
CA GLU CA 245 123.97 -15.53 -40.13
C GLU CA 245 122.59 -15.18 -40.66
N GLU CA 246 121.98 -14.10 -40.18
CA GLU CA 246 120.71 -13.65 -40.74
C GLU CA 246 120.79 -12.46 -41.68
N LYS CA 247 121.99 -12.00 -42.05
CA LYS CA 247 122.08 -10.89 -42.99
C LYS CA 247 121.69 -11.34 -44.40
N PRO CA 248 121.22 -10.42 -45.24
CA PRO CA 248 120.82 -10.80 -46.61
C PRO CA 248 122.01 -11.15 -47.49
N ILE CA 249 121.75 -11.35 -48.78
CA ILE CA 249 122.79 -11.80 -49.70
C ILE CA 249 123.67 -10.62 -50.10
N GLY CA 250 124.97 -10.75 -49.84
CA GLY CA 250 125.97 -9.81 -50.30
C GLY CA 250 125.91 -8.39 -49.78
N PRO CA 251 125.73 -8.19 -48.45
CA PRO CA 251 125.91 -6.84 -47.90
C PRO CA 251 127.30 -6.64 -47.31
N THR CA 252 127.69 -5.40 -47.09
CA THR CA 252 128.87 -5.07 -46.28
C THR CA 252 128.38 -4.54 -44.95
N ILE CA 253 128.75 -5.22 -43.86
CA ILE CA 253 128.18 -4.96 -42.55
C ILE CA 253 129.28 -4.53 -41.60
N THR CA 254 129.08 -3.39 -40.94
CA THR CA 254 130.00 -2.88 -39.94
C THR CA 254 129.22 -2.56 -38.67
N VAL CA 255 129.73 -3.03 -37.53
CA VAL CA 255 129.11 -2.83 -36.24
C VAL CA 255 129.94 -1.83 -35.44
N VAL CA 256 129.28 -0.81 -34.91
CA VAL CA 256 129.94 0.23 -34.14
C VAL CA 256 129.32 0.28 -32.75
N THR CA 257 130.05 0.91 -31.83
CA THR CA 257 129.64 1.00 -30.43
C THR CA 257 129.73 2.45 -29.98
N PRO CA 258 128.93 2.85 -28.98
CA PRO CA 258 129.06 4.21 -28.44
C PRO CA 258 130.46 4.47 -27.90
N LEU CA 259 130.95 5.68 -28.14
CA LEU CA 259 132.31 6.06 -27.77
C LEU CA 259 132.28 7.03 -26.60
N PRO CA 260 132.80 6.64 -25.43
CA PRO CA 260 132.83 7.59 -24.31
C PRO CA 260 133.72 8.78 -24.61
N ILE CA 261 133.33 9.93 -24.08
CA ILE CA 261 134.03 11.19 -24.29
C ILE CA 261 134.48 11.72 -22.94
N GLU CA 262 135.78 11.97 -22.79
CA GLU CA 262 136.30 12.48 -21.53
C GLU CA 262 135.83 13.91 -21.28
N ILE CA 263 135.58 14.23 -20.01
CA ILE CA 263 135.17 15.56 -19.60
C ILE CA 263 136.11 16.04 -18.51
N SER CA 264 136.70 17.21 -18.71
CA SER CA 264 137.56 17.85 -17.73
C SER CA 264 136.95 19.19 -17.34
N ILE CA 265 136.82 19.44 -16.04
CA ILE CA 265 136.18 20.63 -15.53
C ILE CA 265 137.10 21.31 -14.52
N SER CA 266 136.92 22.61 -14.37
CA SER CA 266 137.71 23.40 -13.43
C SER CA 266 136.94 24.66 -13.08
N ALA CA 267 136.82 24.93 -11.78
CA ALA CA 267 136.07 26.09 -11.31
C ALA CA 267 136.59 26.50 -9.95
N VAL CA 268 136.31 27.75 -9.59
CA VAL CA 268 136.65 28.31 -8.28
C VAL CA 268 135.35 28.64 -7.58
N MET CA 269 135.13 28.04 -6.41
CA MET CA 269 133.88 28.23 -5.68
C MET CA 269 134.15 28.39 -4.19
N LYS CA 270 133.18 29.02 -3.53
CA LYS CA 270 133.21 29.20 -2.08
C LYS CA 270 132.29 28.16 -1.44
N LEU CA 271 132.86 27.31 -0.60
CA LEU CA 271 132.09 26.24 0.02
C LEU CA 271 131.37 26.73 1.26
N GLU CA 272 130.15 26.23 1.47
CA GLU CA 272 129.40 26.56 2.66
C GLU CA 272 130.02 25.90 3.89
N ASP CA 273 129.65 26.40 5.06
CA ASP CA 273 130.16 25.87 6.31
C ASP CA 273 129.71 24.43 6.51
N GLY CA 274 130.61 23.60 7.04
CA GLY CA 274 130.31 22.21 7.27
C GLY CA 274 130.37 21.33 6.05
N TYR CA 275 130.82 21.85 4.91
CA TYR CA 275 130.92 21.09 3.67
C TYR CA 275 132.34 21.17 3.15
N THR CA 276 132.91 20.02 2.79
CA THR CA 276 134.27 19.94 2.28
C THR CA 276 134.24 19.76 0.77
N LEU CA 277 135.43 19.75 0.16
CA LEU CA 277 135.52 19.63 -1.28
C LEU CA 277 135.08 18.25 -1.76
N ASP CA 278 135.33 17.20 -0.97
CA ASP CA 278 134.99 15.85 -1.42
C ASP CA 278 133.47 15.65 -1.51
N ASN CA 279 132.72 16.18 -0.55
CA ASN CA 279 131.27 16.00 -0.56
C ASN CA 279 130.63 16.70 -1.75
N VAL CA 280 130.97 17.98 -1.96
CA VAL CA 280 130.43 18.71 -3.10
C VAL CA 280 130.91 18.09 -4.40
N LYS CA 281 132.15 17.60 -4.43
CA LYS CA 281 132.67 16.98 -5.64
C LYS CA 281 131.87 15.72 -6.00
N GLU CA 282 131.63 14.85 -5.02
CA GLU CA 282 130.89 13.63 -5.31
C GLU CA 282 129.43 13.92 -5.67
N SER CA 283 128.81 14.86 -4.97
CA SER CA 283 127.43 15.22 -5.30
C SER CA 283 127.33 15.80 -6.71
N PHE CA 284 128.24 16.70 -7.06
CA PHE CA 284 128.21 17.31 -8.39
C PHE CA 284 128.55 16.30 -9.47
N LEU CA 285 129.47 15.37 -9.21
CA LEU CA 285 129.78 14.38 -10.24
C LEU CA 285 128.61 13.43 -10.45
N GLU CA 286 127.91 13.05 -9.38
CA GLU CA 286 126.71 12.25 -9.54
C GLU CA 286 125.64 13.00 -10.33
N SER CA 287 125.42 14.28 -9.99
CA SER CA 287 124.43 15.07 -10.70
C SER CA 287 124.78 15.24 -12.17
N ILE CA 288 126.06 15.48 -12.47
CA ILE CA 288 126.46 15.69 -13.85
C ILE CA 288 126.48 14.37 -14.63
N ASN CA 289 126.71 13.24 -13.94
CA ASN CA 289 126.54 11.95 -14.59
C ASN CA 289 125.08 11.72 -14.97
N THR CA 290 124.15 12.06 -14.07
CA THR CA 290 122.75 11.98 -14.41
C THR CA 290 122.40 12.88 -15.58
N TYR CA 291 122.92 14.12 -15.57
CA TYR CA 291 122.67 15.05 -16.65
C TYR CA 291 123.22 14.53 -17.97
N PHE CA 292 124.43 13.96 -17.96
CA PHE CA 292 125.00 13.37 -19.15
C PHE CA 292 124.15 12.21 -19.65
N ARG CA 293 123.57 11.45 -18.72
CA ARG CA 293 122.65 10.38 -19.12
C ARG CA 293 121.40 10.95 -19.79
N ASP CA 294 120.89 12.07 -19.29
CA ASP CA 294 119.63 12.61 -19.80
C ASP CA 294 119.80 13.72 -20.84
N ILE CA 295 121.02 14.07 -21.22
CA ILE CA 295 121.24 15.15 -22.18
C ILE CA 295 121.21 14.59 -23.59
N ARG CA 296 120.48 15.25 -24.47
CA ARG CA 296 120.45 14.94 -25.89
C ARG CA 296 121.00 16.12 -26.68
N GLY CA 297 122.02 15.87 -27.48
CA GLY CA 297 122.65 16.94 -28.24
C GLY CA 297 123.93 17.44 -27.63
N GLU CA 298 124.25 18.71 -27.87
CA GLU CA 298 125.49 19.30 -27.38
C GLU CA 298 125.42 19.58 -25.88
N ILE CA 299 126.59 19.67 -25.26
CA ILE CA 299 126.69 20.01 -23.84
C ILE CA 299 126.32 21.47 -23.66
N ILE CA 300 125.51 21.74 -22.63
CA ILE CA 300 125.09 23.10 -22.31
C ILE CA 300 125.91 23.59 -21.13
N TYR CA 301 126.63 24.70 -21.33
CA TYR CA 301 127.43 25.29 -20.26
C TYR CA 301 126.54 25.74 -19.10
N THR CA 302 125.43 26.39 -19.40
CA THR CA 302 124.62 26.98 -18.35
C THR CA 302 123.88 25.90 -17.54
N LYS CA 303 123.48 24.81 -18.18
CA LYS CA 303 122.95 23.68 -17.42
C LYS CA 303 124.00 23.12 -16.47
N VAL CA 304 125.25 23.04 -16.91
CA VAL CA 304 126.32 22.52 -16.06
C VAL CA 304 126.53 23.44 -14.86
N MET CA 305 126.60 24.75 -15.10
CA MET CA 305 126.81 25.66 -13.97
C MET CA 305 125.60 25.70 -13.05
N GLY CA 306 124.39 25.55 -13.59
CA GLY CA 306 123.21 25.49 -12.75
C GLY CA 306 123.18 24.26 -11.87
N ILE CA 307 123.53 23.10 -12.43
CA ILE CA 307 123.58 21.90 -11.61
C ILE CA 307 124.75 21.95 -10.65
N LEU CA 308 125.78 22.75 -10.94
CA LEU CA 308 126.88 22.92 -10.00
C LEU CA 308 126.47 23.80 -8.82
N ILE CA 309 125.79 24.91 -9.08
CA ILE CA 309 125.37 25.79 -8.00
C ILE CA 309 124.26 25.12 -7.19
N ASN CA 310 123.37 24.37 -7.84
CA ASN CA 310 122.33 23.64 -7.12
C ASN CA 310 122.90 22.58 -6.20
N THR CA 311 124.13 22.12 -6.44
CA THR CA 311 124.77 21.16 -5.56
C THR CA 311 124.91 21.76 -4.17
N THR CA 312 124.53 20.98 -3.15
CA THR CA 312 124.54 21.47 -1.79
C THR CA 312 125.97 21.74 -1.33
N GLY CA 313 126.16 22.86 -0.64
CA GLY CA 313 127.47 23.29 -0.20
C GLY CA 313 128.15 24.31 -1.08
N VAL CA 314 127.46 24.85 -2.06
CA VAL CA 314 128.01 25.85 -2.97
C VAL CA 314 127.36 27.19 -2.66
N HIS CA 315 128.17 28.14 -2.19
CA HIS CA 315 127.70 29.50 -1.91
C HIS CA 315 127.98 30.44 -3.07
N ASP CA 316 129.24 30.53 -3.50
CA ASP CA 316 129.65 31.41 -4.57
C ASP CA 316 130.70 30.69 -5.40
N LEU CA 317 130.48 30.65 -6.72
CA LEU CA 317 131.41 30.02 -7.64
C LEU CA 317 131.74 30.97 -8.78
N SER CA 318 132.90 30.74 -9.39
CA SER CA 318 133.36 31.58 -10.49
C SER CA 318 134.40 30.81 -11.29
N ASN CA 319 134.68 31.33 -12.49
CA ASN CA 319 135.71 30.78 -13.37
C ASN CA 319 135.46 29.30 -13.70
N LEU CA 320 134.21 28.98 -14.03
CA LEU CA 320 133.88 27.61 -14.41
C LEU CA 320 134.37 27.35 -15.83
N LEU CA 321 135.20 26.32 -15.99
CA LEU CA 321 135.79 25.97 -17.27
C LEU CA 321 135.56 24.50 -17.52
N ILE CA 322 135.05 24.17 -18.71
CA ILE CA 322 134.78 22.79 -19.10
C ILE CA 322 135.64 22.47 -20.32
N ASN CA 323 136.58 21.55 -20.15
CA ASN CA 323 137.48 21.12 -21.23
C ASN CA 323 138.22 22.32 -21.83
N GLY CA 324 138.60 23.26 -20.97
CA GLY CA 324 139.35 24.42 -21.41
C GLY CA 324 138.51 25.53 -22.02
N SER CA 325 137.19 25.46 -21.95
CA SER CA 325 136.35 26.47 -22.56
C SER CA 325 135.05 26.60 -21.76
N THR CA 326 134.41 27.76 -21.92
CA THR CA 326 133.10 28.01 -21.33
C THR CA 326 131.97 27.96 -22.35
N ASP CA 327 132.27 27.62 -23.60
CA ASP CA 327 131.25 27.55 -24.63
C ASP CA 327 130.59 26.17 -24.62
N ASN CA 328 129.45 26.09 -25.31
CA ASN CA 328 128.75 24.81 -25.44
C ASN CA 328 129.61 23.81 -26.21
N ILE CA 329 129.71 22.60 -25.68
CA ILE CA 329 130.53 21.55 -26.27
C ILE CA 329 129.62 20.66 -27.11
N THR CA 330 129.91 20.57 -28.40
CA THR CA 330 129.10 19.76 -29.30
C THR CA 330 129.44 18.29 -29.13
N ILE CA 331 128.41 17.47 -28.94
CA ILE CA 331 128.57 16.02 -28.82
C ILE CA 331 128.27 15.39 -30.16
N ASN CA 332 129.23 14.64 -30.69
CA ASN CA 332 129.00 13.91 -31.93
C ASN CA 332 128.10 12.70 -31.67
N GLU CA 333 127.60 12.12 -32.75
CA GLU CA 333 126.73 10.96 -32.62
C GLU CA 333 127.49 9.78 -32.03
N ASP CA 334 126.77 8.94 -31.29
CA ASP CA 334 127.32 7.75 -30.66
C ASP CA 334 128.44 8.06 -29.68
N LYS CA 335 128.34 9.21 -29.00
CA LYS CA 335 129.33 9.63 -28.03
C LYS CA 335 128.64 10.06 -26.75
N ILE CA 336 129.21 9.65 -25.62
CA ILE CA 336 128.64 9.98 -24.31
C ILE CA 336 129.71 10.67 -23.46
N PRO CA 337 129.38 11.73 -22.75
CA PRO CA 337 130.36 12.40 -21.90
C PRO CA 337 130.76 11.51 -20.73
N SER CA 338 132.00 11.68 -20.28
CA SER CA 338 132.53 10.94 -19.15
C SER CA 338 133.45 11.86 -18.35
N VAL CA 339 133.15 12.02 -17.06
CA VAL CA 339 133.95 12.90 -16.21
C VAL CA 339 135.29 12.26 -15.92
N THR CA 340 136.36 12.99 -16.19
CA THR CA 340 137.72 12.50 -15.96
C THR CA 340 138.54 13.40 -15.05
N THR CA 341 138.39 14.72 -15.17
CA THR CA 341 139.15 15.66 -14.36
C THR CA 341 138.20 16.65 -13.71
N VAL CA 342 138.33 16.81 -12.40
CA VAL CA 342 137.57 17.81 -11.64
C VAL CA 342 138.56 18.64 -10.85
N ASN CA 343 138.57 19.95 -11.10
CA ASN CA 343 139.50 20.88 -10.46
C ASN CA 343 138.67 21.92 -9.70
N PHE CA 344 138.45 21.67 -8.41
CA PHE CA 344 137.68 22.55 -7.55
C PHE CA 344 138.60 23.21 -6.53
N SER CA 345 138.59 24.54 -6.49
CA SER CA 345 139.43 25.31 -5.59
C SER CA 345 138.56 26.25 -4.77
N GLU CA 346 138.83 26.33 -3.48
CA GLU CA 346 138.10 27.22 -2.59
C GLU CA 346 138.87 28.50 -2.36
N MET DA 1 67.96 -49.08 -28.95
CA MET DA 1 67.60 -49.27 -27.56
C MET DA 1 67.26 -47.95 -26.88
N LYS DA 2 67.77 -46.85 -27.44
CA LYS DA 2 67.50 -45.53 -26.88
C LYS DA 2 66.03 -45.16 -27.04
N LEU DA 3 65.48 -45.29 -28.25
CA LEU DA 3 64.12 -44.88 -28.49
C LEU DA 3 63.12 -45.74 -27.72
N ILE DA 4 63.33 -47.06 -27.69
CA ILE DA 4 62.40 -47.92 -26.97
C ILE DA 4 62.39 -47.58 -25.49
N ASP DA 5 63.53 -47.14 -24.94
CA ASP DA 5 63.54 -46.58 -23.60
C ASP DA 5 62.72 -45.30 -23.55
N LYS DA 6 62.86 -44.43 -24.56
CA LYS DA 6 62.01 -43.25 -24.64
C LYS DA 6 60.58 -43.61 -25.00
N LEU DA 7 60.38 -44.70 -25.74
CA LEU DA 7 59.05 -45.10 -26.18
C LEU DA 7 58.22 -45.61 -25.00
N PRO DA 8 56.90 -45.54 -25.11
CA PRO DA 8 56.03 -45.97 -24.00
C PRO DA 8 56.13 -47.45 -23.73
N SER DA 9 55.71 -47.83 -22.53
CA SER DA 9 55.85 -49.21 -22.06
C SER DA 9 55.01 -50.17 -22.89
N PHE DA 10 53.80 -49.77 -23.28
CA PHE DA 10 52.91 -50.67 -24.00
C PHE DA 10 53.41 -51.00 -25.40
N ASP DA 11 54.42 -50.29 -25.90
CA ASP DA 11 55.00 -50.55 -27.22
C ASP DA 11 56.28 -51.37 -27.11
N ARG DA 12 56.36 -52.29 -26.16
CA ARG DA 12 57.55 -53.11 -25.94
C ARG DA 12 57.54 -54.40 -26.75
N ASN DA 13 56.83 -54.43 -27.89
CA ASN DA 13 56.72 -55.64 -28.68
C ASN DA 13 57.97 -55.82 -29.56
N TYR DA 14 58.02 -56.97 -30.22
CA TYR DA 14 59.20 -57.34 -31.02
C TYR DA 14 59.36 -56.46 -32.25
N ILE DA 15 58.24 -56.03 -32.86
CA ILE DA 15 58.33 -55.19 -34.06
C ILE DA 15 59.04 -53.89 -33.74
N VAL DA 16 58.68 -53.25 -32.62
CA VAL DA 16 59.33 -52.01 -32.21
C VAL DA 16 60.80 -52.24 -31.96
N GLU DA 17 61.15 -53.35 -31.29
CA GLU DA 17 62.55 -53.64 -31.03
C GLU DA 17 63.35 -53.78 -32.32
N GLU DA 18 62.80 -54.51 -33.30
CA GLU DA 18 63.50 -54.68 -34.57
C GLU DA 18 63.67 -53.36 -35.29
N ILE DA 19 62.59 -52.56 -35.35
CA ILE DA 19 62.64 -51.29 -36.07
C ILE DA 19 63.67 -50.36 -35.44
N GLN DA 20 63.65 -50.24 -34.11
CA GLN DA 20 64.57 -49.33 -33.46
C GLN DA 20 66.00 -49.88 -33.44
N GLY DA 21 66.17 -51.21 -33.50
CA GLY DA 21 67.50 -51.74 -33.68
C GLY DA 21 68.09 -51.40 -35.04
N ALA DA 22 67.28 -51.50 -36.09
CA ALA DA 22 67.74 -51.07 -37.40
C ALA DA 22 68.06 -49.58 -37.42
N TYR DA 23 67.21 -48.78 -36.78
CA TYR DA 23 67.45 -47.35 -36.72
C TYR DA 23 68.72 -47.03 -35.93
N ASP DA 24 69.00 -47.81 -34.89
CA ASP DA 24 70.23 -47.60 -34.12
C ASP DA 24 71.46 -48.00 -34.91
N THR DA 25 71.36 -49.07 -35.71
CA THR DA 25 72.46 -49.39 -36.60
C THR DA 25 72.71 -48.26 -37.60
N GLU DA 26 71.63 -47.69 -38.14
CA GLU DA 26 71.77 -46.53 -39.01
C GLU DA 26 72.42 -45.37 -38.27
N LEU DA 27 72.05 -45.16 -37.01
CA LEU DA 27 72.65 -44.12 -36.20
C LEU DA 27 74.15 -44.34 -36.03
N ASN DA 28 74.55 -45.59 -35.79
CA ASN DA 28 75.98 -45.90 -35.66
C ASN DA 28 76.71 -45.61 -36.96
N ILE DA 29 76.12 -45.99 -38.08
CA ILE DA 29 76.74 -45.70 -39.38
C ILE DA 29 76.88 -44.19 -39.57
N LEU DA 30 75.84 -43.45 -39.25
CA LEU DA 30 75.88 -42.00 -39.43
C LEU DA 30 76.91 -41.34 -38.52
N LYS DA 31 77.00 -41.79 -37.27
CA LYS DA 31 77.95 -41.17 -36.35
C LYS DA 31 79.39 -41.52 -36.71
N GLU DA 32 79.63 -42.75 -37.18
CA GLU DA 32 80.99 -43.06 -37.62
C GLU DA 32 81.34 -42.30 -38.89
N ASP DA 33 80.37 -42.07 -39.78
CA ASP DA 33 80.62 -41.21 -40.93
C ASP DA 33 80.95 -39.79 -40.51
N ILE DA 34 80.23 -39.27 -39.50
CA ILE DA 34 80.52 -37.92 -39.02
C ILE DA 34 81.92 -37.85 -38.41
N ASP DA 35 82.29 -38.87 -37.64
CA ASP DA 35 83.64 -38.90 -37.07
C ASP DA 35 84.70 -38.97 -38.16
N ASP DA 36 84.46 -39.77 -39.19
CA ASP DA 36 85.41 -39.87 -40.30
C ASP DA 36 85.55 -38.53 -41.02
N THR DA 37 84.43 -37.84 -41.24
CA THR DA 37 84.50 -36.52 -41.88
C THR DA 37 85.25 -35.52 -41.02
N PHE DA 38 85.00 -35.53 -39.71
CA PHE DA 38 85.72 -34.64 -38.80
C PHE DA 38 87.21 -34.92 -38.82
N ASN DA 39 87.59 -36.20 -38.91
CA ASN DA 39 88.99 -36.55 -39.09
C ASN DA 39 89.52 -36.02 -40.42
N GLN DA 40 88.71 -36.11 -41.47
CA GLN DA 40 89.12 -35.60 -42.78
C GLN DA 40 89.32 -34.09 -42.75
N LEU DA 41 88.65 -33.39 -41.83
CA LEU DA 41 88.84 -31.94 -41.73
C LEU DA 41 90.28 -31.59 -41.39
N PHE DA 42 90.89 -32.33 -40.47
CA PHE DA 42 92.28 -32.06 -40.08
C PHE DA 42 93.24 -32.75 -41.05
N VAL DA 43 94.37 -32.08 -41.29
CA VAL DA 43 95.34 -32.57 -42.26
C VAL DA 43 95.92 -33.91 -41.81
N ASP DA 44 96.29 -34.01 -40.53
CA ASP DA 44 96.93 -35.22 -40.02
C ASP DA 44 95.99 -36.41 -40.10
N THR DA 45 94.72 -36.22 -39.75
CA THR DA 45 93.75 -37.32 -39.71
C THR DA 45 93.05 -37.55 -41.03
N ALA DA 46 93.25 -36.69 -42.02
CA ALA DA 46 92.65 -36.89 -43.33
C ALA DA 46 93.42 -37.94 -44.13
N THR DA 47 92.69 -38.78 -44.86
CA THR DA 47 93.31 -39.80 -45.70
C THR DA 47 93.05 -39.54 -47.18
N TRP DA 48 91.79 -39.46 -47.60
CA TRP DA 48 91.47 -39.20 -48.99
C TRP DA 48 91.22 -37.73 -49.28
N GLY DA 49 91.18 -36.88 -48.25
CA GLY DA 49 90.98 -35.46 -48.47
C GLY DA 49 92.23 -34.69 -48.85
N LEU DA 50 93.40 -35.33 -48.79
CA LEU DA 50 94.65 -34.65 -49.13
C LEU DA 50 94.72 -34.24 -50.59
N ASP DA 51 93.89 -34.85 -51.45
CA ASP DA 51 93.88 -34.46 -52.86
C ASP DA 51 93.50 -33.00 -53.02
N MET DA 52 92.45 -32.56 -52.31
CA MET DA 52 92.06 -31.16 -52.42
C MET DA 52 93.03 -30.25 -51.70
N TRP DA 53 93.71 -30.74 -50.66
CA TRP DA 53 94.78 -29.94 -50.06
C TRP DA 53 95.88 -29.67 -51.08
N GLU DA 54 96.27 -30.70 -51.83
CA GLU DA 54 97.26 -30.52 -52.89
C GLU DA 54 96.74 -29.60 -53.98
N ASP DA 55 95.45 -29.72 -54.33
CA ASP DA 55 94.87 -28.86 -55.35
C ASP DA 55 94.90 -27.40 -54.91
N ILE DA 56 94.59 -27.13 -53.64
CA ILE DA 56 94.71 -25.78 -53.11
C ILE DA 56 96.17 -25.32 -53.17
N LEU DA 57 97.09 -26.23 -52.86
CA LEU DA 57 98.52 -25.93 -53.02
C LEU DA 57 98.91 -25.78 -54.48
N CYS DA 58 98.03 -26.13 -55.42
CA CYS DA 58 98.27 -25.99 -56.86
C CYS DA 58 99.46 -26.83 -57.32
N ILE DA 59 99.72 -27.94 -56.63
CA ILE DA 59 100.73 -28.90 -57.04
C ILE DA 59 100.06 -30.25 -57.22
N GLU DA 60 100.31 -30.89 -58.35
CA GLU DA 60 99.71 -32.18 -58.68
C GLU DA 60 100.80 -33.25 -58.60
N LYS DA 61 100.57 -34.24 -57.74
CA LYS DA 61 101.53 -35.31 -57.52
C LYS DA 61 100.80 -36.64 -57.46
N LYS DA 62 101.41 -37.67 -58.03
CA LYS DA 62 100.83 -39.00 -57.97
C LYS DA 62 100.75 -39.49 -56.52
N GLU DA 63 99.71 -40.25 -56.22
CA GLU DA 63 99.48 -40.74 -54.87
C GLU DA 63 100.54 -41.76 -54.50
N LEU DA 64 101.31 -41.47 -53.45
CA LEU DA 64 102.34 -42.38 -52.95
C LEU DA 64 102.04 -42.88 -51.55
N ASP DA 65 101.80 -41.98 -50.60
CA ASP DA 65 101.46 -42.37 -49.25
C ASP DA 65 100.76 -41.19 -48.56
N PHE DA 66 99.90 -41.51 -47.59
CA PHE DA 66 99.22 -40.47 -46.83
C PHE DA 66 100.21 -39.64 -46.02
N ASP DA 67 101.12 -40.30 -45.32
CA ASP DA 67 102.15 -39.59 -44.57
C ASP DA 67 103.05 -38.79 -45.51
N THR DA 68 103.41 -39.38 -46.66
CA THR DA 68 104.21 -38.65 -47.64
C THR DA 68 103.46 -37.44 -48.17
N ARG DA 69 102.15 -37.59 -48.42
CA ARG DA 69 101.35 -36.46 -48.89
C ARG DA 69 101.31 -35.35 -47.85
N ARG DA 70 101.12 -35.71 -46.57
CA ARG DA 70 101.11 -34.71 -45.52
C ARG DA 70 102.47 -34.02 -45.39
N SER DA 71 103.55 -34.77 -45.52
CA SER DA 71 104.88 -34.18 -45.47
C SER DA 71 105.09 -33.21 -46.64
N ASN DA 72 104.62 -33.60 -47.83
CA ASN DA 72 104.74 -32.70 -48.98
C ASN DA 72 103.91 -31.44 -48.78
N ILE DA 73 102.72 -31.58 -48.19
CA ILE DA 73 101.90 -30.40 -47.91
C ILE DA 73 102.61 -29.48 -46.92
N LYS DA 74 103.20 -30.05 -45.87
CA LYS DA 74 103.93 -29.24 -44.90
C LYS DA 74 105.14 -28.56 -45.53
N ALA DA 75 105.82 -29.25 -46.43
CA ALA DA 75 106.98 -28.66 -47.10
C ALA DA 75 106.55 -27.54 -48.04
N LYS DA 76 105.43 -27.71 -48.75
CA LYS DA 76 104.97 -26.71 -49.69
C LYS DA 76 104.63 -25.40 -48.99
N MET DA 77 103.92 -25.47 -47.87
CA MET DA 77 103.60 -24.28 -47.12
C MET DA 77 104.85 -23.70 -46.45
N ARG DA 78 104.96 -22.38 -46.51
CA ARG DA 78 106.13 -21.60 -46.10
C ARG DA 78 107.44 -22.33 -46.38
N SER DA 79 108.34 -22.38 -45.39
CA SER DA 79 109.64 -23.03 -45.52
C SER DA 79 110.41 -22.49 -46.73
N ARG DA 80 110.35 -21.17 -46.92
CA ARG DA 80 110.99 -20.50 -48.05
C ARG DA 80 111.88 -19.38 -47.52
N GLY DA 81 112.58 -18.75 -48.44
CA GLY DA 81 113.43 -17.61 -48.09
C GLY DA 81 114.83 -18.02 -47.67
N THR DA 82 115.83 -17.46 -48.32
CA THR DA 82 117.23 -17.69 -47.96
C THR DA 82 117.65 -16.62 -46.98
N SER DA 83 117.91 -17.01 -45.74
CA SER DA 83 118.26 -16.05 -44.70
C SER DA 83 119.56 -15.33 -45.03
N THR DA 84 120.56 -16.06 -45.51
CA THR DA 84 121.88 -15.49 -45.79
C THR DA 84 122.43 -16.11 -47.07
N ILE DA 85 123.69 -15.77 -47.37
CA ILE DA 85 124.36 -16.29 -48.56
C ILE DA 85 124.56 -17.79 -48.44
N GLU DA 86 124.82 -18.27 -47.22
CA GLU DA 86 125.15 -19.69 -47.02
C GLU DA 86 124.04 -20.61 -47.50
N VAL DA 87 122.79 -20.18 -47.38
CA VAL DA 87 121.67 -21.00 -47.87
C VAL DA 87 121.80 -21.23 -49.37
N ILE DA 88 122.00 -20.14 -50.12
CA ILE DA 88 122.13 -20.26 -51.57
C ILE DA 88 123.38 -21.05 -51.94
N LYS DA 89 124.47 -20.84 -51.20
CA LYS DA 89 125.69 -21.58 -51.49
C LYS DA 89 125.51 -23.07 -51.29
N SER DA 90 124.86 -23.46 -50.19
CA SER DA 90 124.62 -24.87 -49.92
C SER DA 90 123.66 -25.48 -50.93
N ILE DA 91 122.65 -24.71 -51.36
CA ILE DA 91 121.72 -25.23 -52.36
C ILE DA 91 122.43 -25.42 -53.70
N CYS DA 92 123.31 -24.48 -54.07
CA CYS DA 92 123.97 -24.54 -55.36
C CYS DA 92 125.07 -25.60 -55.41
N GLU DA 93 125.80 -25.78 -54.30
CA GLU DA 93 126.89 -26.75 -54.31
C GLU DA 93 126.39 -28.18 -54.49
N ALA DA 94 125.13 -28.45 -54.15
CA ALA DA 94 124.55 -29.75 -54.45
C ALA DA 94 124.49 -29.99 -55.95
N TYR DA 95 124.09 -28.98 -56.72
CA TYR DA 95 124.08 -29.11 -58.17
C TYR DA 95 125.49 -29.14 -58.74
N THR DA 96 126.37 -28.28 -58.24
CA THR DA 96 127.73 -28.23 -58.77
C THR DA 96 128.57 -29.41 -58.31
N LYS DA 97 128.21 -30.01 -57.16
CA LYS DA 97 128.96 -31.14 -56.58
C LYS DA 97 130.42 -30.79 -56.34
N SER DA 98 130.70 -29.52 -56.02
CA SER DA 98 132.05 -29.08 -55.76
C SER DA 98 131.98 -27.79 -54.94
N GLU DA 99 133.11 -27.44 -54.33
CA GLU DA 99 133.19 -26.22 -53.55
C GLU DA 99 133.04 -25.01 -54.46
N THR DA 100 132.39 -23.96 -53.94
CA THR DA 100 132.16 -22.73 -54.68
C THR DA 100 132.55 -21.55 -53.81
N ASP DA 101 133.40 -20.67 -54.35
CA ASP DA 101 133.78 -19.44 -53.69
C ASP DA 101 133.05 -18.26 -54.33
N ILE DA 102 132.78 -17.24 -53.52
CA ILE DA 102 131.97 -16.10 -53.92
C ILE DA 102 132.78 -14.83 -53.78
N LYS DA 103 132.69 -13.97 -54.81
CA LYS DA 103 133.28 -12.64 -54.79
C LYS DA 103 132.14 -11.65 -55.02
N VAL DA 104 131.54 -11.16 -53.95
CA VAL DA 104 130.35 -10.31 -54.01
C VAL DA 104 130.74 -8.91 -53.56
N TYR DA 105 130.43 -7.93 -54.39
CA TYR DA 105 130.70 -6.52 -54.10
C TYR DA 105 129.38 -5.79 -53.94
N SER DA 106 129.22 -5.09 -52.81
CA SER DA 106 128.00 -4.31 -52.59
C SER DA 106 127.86 -3.20 -53.62
N ASP DA 107 128.96 -2.52 -53.95
CA ASP DA 107 128.91 -1.49 -54.98
C ASP DA 107 128.52 -2.08 -56.33
N GLU DA 108 129.08 -3.24 -56.68
CA GLU DA 108 128.74 -3.88 -57.95
C GLU DA 108 127.41 -4.61 -57.90
N PHE DA 109 126.92 -4.98 -56.71
CA PHE DA 109 125.72 -5.81 -56.57
C PHE DA 109 125.86 -7.10 -57.36
N THR DA 110 127.09 -7.59 -57.50
CA THR DA 110 127.42 -8.67 -58.42
C THR DA 110 127.71 -9.95 -57.64
N PHE DA 111 127.08 -11.05 -58.05
CA PHE DA 111 127.33 -12.37 -57.50
C PHE DA 111 128.04 -13.23 -58.54
N VAL DA 112 129.05 -13.97 -58.10
CA VAL DA 112 129.81 -14.84 -58.98
C VAL DA 112 130.03 -16.18 -58.28
N LEU DA 113 129.91 -17.25 -59.04
CA LEU DA 113 130.10 -18.61 -58.52
C LEU DA 113 131.13 -19.31 -59.40
N SER DA 114 132.19 -19.81 -58.78
CA SER DA 114 133.26 -20.52 -59.49
C SER DA 114 133.17 -22.01 -59.16
N PHE DA 115 133.25 -22.83 -60.19
CA PHE DA 115 133.09 -24.27 -60.05
C PHE DA 115 133.90 -24.98 -61.13
N ILE DA 116 134.23 -26.24 -60.86
CA ILE DA 116 134.97 -27.02 -61.84
C ILE DA 116 134.06 -27.38 -63.00
N ALA DA 117 134.53 -27.11 -64.22
CA ALA DA 117 133.71 -27.37 -65.41
C ALA DA 117 133.47 -28.85 -65.61
N ASN DA 118 134.49 -29.67 -65.36
CA ASN DA 118 134.38 -31.10 -65.62
C ASN DA 118 133.40 -31.79 -64.68
N ASN DA 119 133.17 -31.22 -63.50
CA ASN DA 119 132.30 -31.86 -62.52
C ASN DA 119 130.83 -31.74 -62.91
N CYS DA 120 130.42 -30.57 -63.39
CA CYS DA 120 129.02 -30.27 -63.64
C CYS DA 120 128.79 -30.05 -65.13
N ASP DA 121 127.78 -30.72 -65.67
CA ASP DA 121 127.50 -30.69 -67.10
C ASP DA 121 126.81 -29.38 -67.49
N TYR DA 122 126.75 -29.13 -68.80
CA TYR DA 122 126.19 -27.89 -69.31
C TYR DA 122 124.69 -27.79 -69.02
N LYS DA 123 123.93 -28.85 -69.27
CA LYS DA 123 122.48 -28.80 -69.09
C LYS DA 123 122.12 -28.62 -67.63
N THR DA 124 122.75 -29.38 -66.74
CA THR DA 124 122.49 -29.22 -65.32
C THR DA 124 123.02 -27.89 -64.80
N LEU DA 125 124.08 -27.36 -65.42
CA LEU DA 125 124.52 -26.01 -65.08
C LEU DA 125 123.45 -24.98 -65.42
N LEU DA 126 122.83 -25.12 -66.59
CA LEU DA 126 121.76 -24.20 -66.98
C LEU DA 126 120.56 -24.33 -66.04
N ASP DA 127 120.21 -25.57 -65.67
CA ASP DA 127 119.10 -25.77 -64.74
C ASP DA 127 119.41 -25.14 -63.38
N CYS DA 128 120.63 -25.31 -62.89
CA CYS DA 128 121.02 -24.71 -61.61
C CYS DA 128 121.00 -23.20 -61.69
N SER DA 129 121.44 -22.63 -62.82
CA SER DA 129 121.42 -21.19 -62.99
C SER DA 129 119.99 -20.66 -63.01
N ASP DA 130 119.09 -21.37 -63.70
CA ASP DA 130 117.68 -20.97 -63.72
C ASP DA 130 117.09 -21.03 -62.32
N MET DA 131 117.39 -22.09 -61.57
CA MET DA 131 116.91 -22.20 -60.20
C MET DA 131 117.46 -21.06 -59.34
N ILE DA 132 118.75 -20.74 -59.49
CA ILE DA 132 119.34 -19.65 -58.73
C ILE DA 132 118.62 -18.35 -59.04
N GLU DA 133 118.45 -18.04 -60.34
CA GLU DA 133 117.73 -16.83 -60.73
C GLU DA 133 116.32 -16.82 -60.14
N ARG DA 134 115.69 -18.00 -60.08
CA ARG DA 134 114.41 -18.13 -59.39
C ARG DA 134 114.53 -17.75 -57.92
N VAL DA 135 115.70 -17.97 -57.32
CA VAL DA 135 115.93 -17.64 -55.93
C VAL DA 135 116.68 -16.31 -55.81
N LYS DA 136 117.58 -16.04 -56.74
CA LYS DA 136 118.47 -14.89 -56.62
C LYS DA 136 117.70 -13.58 -56.84
N PRO DA 137 118.01 -12.52 -56.09
CA PRO DA 137 117.19 -11.30 -56.16
C PRO DA 137 117.26 -10.63 -57.53
N ALA DA 138 116.19 -9.90 -57.86
CA ALA DA 138 116.10 -9.28 -59.18
C ALA DA 138 117.23 -8.28 -59.41
N HIS DA 139 117.55 -7.47 -58.40
CA HIS DA 139 118.64 -6.50 -58.57
C HIS DA 139 119.99 -7.19 -58.68
N LEU DA 140 120.24 -8.18 -57.83
CA LEU DA 140 121.50 -8.90 -57.88
C LEU DA 140 121.61 -9.67 -59.20
N LEU DA 141 122.84 -9.93 -59.61
CA LEU DA 141 123.11 -10.73 -60.80
C LEU DA 141 124.17 -11.77 -60.46
N HIS DA 142 123.84 -13.04 -60.71
CA HIS DA 142 124.73 -14.14 -60.40
C HIS DA 142 125.48 -14.56 -61.66
N TYR DA 143 126.78 -14.83 -61.51
CA TYR DA 143 127.63 -15.24 -62.60
C TYR DA 143 128.10 -16.67 -62.36
N LEU DA 144 127.84 -17.54 -63.34
CA LEU DA 144 128.32 -18.91 -63.30
C LEU DA 144 129.67 -18.97 -64.02
N GLU DA 145 130.70 -19.39 -63.30
CA GLU DA 145 132.06 -19.42 -63.84
C GLU DA 145 132.62 -20.83 -63.80
N PRO DA 146 132.83 -21.48 -64.94
CA PRO DA 146 133.44 -22.82 -64.94
C PRO DA 146 134.96 -22.72 -64.92
N ILE DA 147 135.57 -23.40 -63.95
CA ILE DA 147 137.03 -23.39 -63.83
C ILE DA 147 137.63 -24.20 -64.98
N ILE DA 148 138.58 -23.59 -65.68
CA ILE DA 148 139.23 -24.26 -66.81
C ILE DA 148 140.46 -25.02 -66.33
N LEU EA 16 28.80 -18.85 -42.16
CA LEU EA 16 27.76 -19.49 -42.96
C LEU EA 16 28.07 -20.95 -43.33
N PRO EA 17 29.28 -21.25 -43.84
CA PRO EA 17 29.60 -22.64 -44.16
C PRO EA 17 29.57 -23.52 -42.91
N LYS EA 18 29.09 -24.74 -43.10
CA LYS EA 18 29.02 -25.69 -42.00
C LYS EA 18 30.40 -26.25 -41.67
N THR EA 19 30.55 -26.72 -40.43
CA THR EA 19 31.81 -27.29 -40.00
C THR EA 19 32.12 -28.57 -40.78
N GLU EA 20 33.36 -28.68 -41.23
CA GLU EA 20 33.79 -29.86 -41.98
C GLU EA 20 33.95 -31.04 -41.04
N GLU EA 21 33.38 -32.18 -41.41
CA GLU EA 21 33.44 -33.36 -40.58
C GLU EA 21 34.88 -33.87 -40.50
N LEU EA 22 35.22 -34.41 -39.33
CA LEU EA 22 36.55 -34.98 -39.15
C LEU EA 22 36.65 -36.30 -39.92
N PRO EA 23 37.66 -36.45 -40.77
CA PRO EA 23 37.81 -37.71 -41.52
C PRO EA 23 38.10 -38.87 -40.58
N ILE EA 24 37.72 -40.07 -41.05
CA ILE EA 24 37.88 -41.27 -40.23
C ILE EA 24 39.35 -41.47 -39.88
N PHE EA 25 39.63 -41.65 -38.59
CA PHE EA 25 40.98 -41.86 -38.11
C PHE EA 25 41.35 -43.32 -38.32
N ARG EA 26 42.37 -43.57 -39.13
CA ARG EA 26 42.84 -44.91 -39.44
C ARG EA 26 44.26 -45.09 -38.93
N GLU EA 27 44.53 -46.25 -38.36
CA GLU EA 27 45.83 -46.58 -37.79
C GLU EA 27 45.84 -48.08 -37.48
N VAL EA 28 46.91 -48.53 -36.84
CA VAL EA 28 47.02 -49.95 -36.50
C VAL EA 28 46.01 -50.32 -35.42
N ALA EA 29 45.79 -51.63 -35.27
CA ALA EA 29 44.84 -52.14 -34.30
C ALA EA 29 45.45 -53.33 -33.58
N TRP EA 30 44.92 -53.59 -32.38
CA TRP EA 30 45.32 -54.75 -31.59
C TRP EA 30 44.31 -54.93 -30.48
N ASP EA 31 44.41 -56.07 -29.80
CA ASP EA 31 43.57 -56.32 -28.63
C ASP EA 31 44.08 -55.51 -27.44
N PHE EA 32 43.17 -54.76 -26.82
CA PHE EA 32 43.56 -53.94 -25.67
C PHE EA 32 44.02 -54.79 -24.50
N GLU EA 33 43.49 -56.02 -24.38
CA GLU EA 33 43.95 -56.93 -23.35
C GLU EA 33 45.30 -57.55 -23.69
N LYS EA 34 45.56 -57.80 -24.98
CA LYS EA 34 46.83 -58.37 -25.37
C LYS EA 34 47.98 -57.38 -25.19
N ASP EA 35 47.72 -56.10 -25.44
CA ASP EA 35 48.72 -55.03 -25.37
C ASP EA 35 49.86 -55.24 -26.35
N GLU EA 36 49.65 -56.06 -27.38
CA GLU EA 36 50.63 -56.30 -28.42
C GLU EA 36 49.97 -56.14 -29.78
N PRO EA 37 50.65 -55.48 -30.74
CA PRO EA 37 50.04 -55.25 -32.05
C PRO EA 37 49.71 -56.56 -32.75
N ILE EA 38 48.58 -56.57 -33.46
CA ILE EA 38 48.11 -57.74 -34.18
C ILE EA 38 48.24 -57.48 -35.67
N LEU EA 39 48.47 -58.55 -36.43
CA LEU EA 39 48.65 -58.47 -37.87
C LEU EA 39 47.66 -59.41 -38.56
N GLU EA 40 46.87 -58.86 -39.48
CA GLU EA 40 45.98 -59.66 -40.31
C GLU EA 40 46.69 -59.93 -41.63
N LYS EA 41 47.08 -61.18 -41.86
CA LYS EA 41 47.84 -61.63 -43.03
C LYS EA 41 48.97 -60.66 -43.37
N GLY EA 42 49.58 -60.06 -42.36
CA GLY EA 42 50.61 -59.07 -42.54
C GLY EA 42 50.13 -57.63 -42.53
N ASP EA 43 48.83 -57.40 -42.56
CA ASP EA 43 48.27 -56.06 -42.54
C ASP EA 43 47.67 -55.78 -41.17
N PHE EA 44 48.04 -54.65 -40.58
CA PHE EA 44 47.42 -54.24 -39.32
C PHE EA 44 45.94 -54.01 -39.53
N LYS EA 45 45.14 -54.44 -38.56
CA LYS EA 45 43.69 -54.34 -38.66
C LYS EA 45 43.26 -52.88 -38.81
N ILE EA 46 42.34 -52.64 -39.72
CA ILE EA 46 41.87 -51.28 -40.01
C ILE EA 46 40.91 -50.84 -38.93
N ILE EA 47 41.08 -49.60 -38.48
CA ILE EA 47 40.23 -49.00 -37.45
C ILE EA 47 39.44 -47.85 -38.08
N GLU EA 48 38.11 -47.89 -37.91
CA GLU EA 48 37.22 -46.89 -38.46
C GLU EA 48 36.07 -46.67 -37.49
N LYS EA 49 35.46 -45.49 -37.59
CA LYS EA 49 34.32 -45.09 -36.76
C LYS EA 49 34.74 -45.18 -35.31
N LYS EA 50 34.07 -45.96 -34.46
CA LYS EA 50 34.46 -46.11 -33.06
C LYS EA 50 35.44 -47.28 -32.89
N GLU EA 51 36.60 -47.11 -33.49
CA GLU EA 51 37.74 -48.00 -33.28
C GLU EA 51 39.02 -47.24 -32.97
N ALA EA 52 39.21 -46.06 -33.56
CA ALA EA 52 40.44 -45.31 -33.35
C ALA EA 52 40.45 -44.62 -31.98
N LEU EA 53 39.30 -44.11 -31.55
CA LEU EA 53 39.26 -43.33 -30.32
C LEU EA 53 39.57 -44.18 -29.10
N LYS EA 54 39.13 -45.45 -29.09
CA LYS EA 54 39.48 -46.33 -28.00
C LYS EA 54 40.99 -46.53 -27.92
N VAL EA 55 41.64 -46.73 -29.06
CA VAL EA 55 43.10 -46.88 -29.08
C VAL EA 55 43.78 -45.62 -28.60
N TRP EA 56 43.30 -44.45 -29.04
CA TRP EA 56 43.91 -43.19 -28.62
C TRP EA 56 43.77 -42.99 -27.12
N ILE EA 57 42.59 -43.27 -26.57
CA ILE EA 57 42.37 -43.11 -25.13
C ILE EA 57 43.23 -44.08 -24.36
N TYR EA 58 43.35 -45.32 -24.84
CA TYR EA 58 44.19 -46.31 -24.18
C TYR EA 58 45.64 -45.85 -24.16
N LYS EA 59 46.14 -45.35 -25.30
CA LYS EA 59 47.52 -44.87 -25.35
C LYS EA 59 47.73 -43.68 -24.43
N CYS EA 60 46.78 -42.74 -24.40
CA CYS EA 60 46.93 -41.55 -23.57
C CYS EA 60 46.93 -41.91 -22.09
N ILE EA 61 45.98 -42.74 -21.67
CA ILE EA 61 45.85 -43.06 -20.25
C ILE EA 61 47.00 -43.94 -19.79
N LYS EA 62 47.43 -44.89 -20.64
CA LYS EA 62 48.36 -45.92 -20.19
C LYS EA 62 49.69 -45.32 -19.73
N THR EA 63 50.22 -44.35 -20.48
CA THR EA 63 51.55 -43.80 -20.21
C THR EA 63 51.45 -42.29 -20.02
N ASN EA 64 52.20 -41.79 -19.04
CA ASN EA 64 52.29 -40.35 -18.79
C ASN EA 64 53.34 -39.73 -19.72
N ARG EA 65 53.11 -38.47 -20.07
CA ARG EA 65 54.07 -37.77 -20.93
C ARG EA 65 55.33 -37.39 -20.16
N TYR EA 66 55.18 -36.97 -18.90
CA TYR EA 66 56.32 -36.46 -18.15
C TYR EA 66 57.39 -37.50 -17.94
N GLU EA 67 57.07 -38.78 -18.13
CA GLU EA 67 58.09 -39.82 -18.07
C GLU EA 67 58.96 -39.85 -19.33
N HIS EA 68 58.37 -39.55 -20.49
CA HIS EA 68 59.06 -39.68 -21.78
C HIS EA 68 59.19 -38.30 -22.41
N GLU EA 69 60.43 -37.91 -22.71
CA GLU EA 69 60.69 -36.58 -23.26
C GLU EA 69 60.17 -36.40 -24.67
N ILE EA 70 59.94 -37.50 -25.40
CA ILE EA 70 59.59 -37.40 -26.81
C ILE EA 70 58.20 -36.79 -27.00
N TYR EA 71 57.26 -37.13 -26.12
CA TYR EA 71 55.88 -36.73 -26.33
C TYR EA 71 55.69 -35.23 -26.06
N SER EA 72 54.66 -34.68 -26.69
CA SER EA 72 54.35 -33.26 -26.53
C SER EA 72 53.80 -32.98 -25.14
N LEU EA 73 54.02 -31.74 -24.67
CA LEU EA 73 53.66 -31.39 -23.30
C LEU EA 73 52.17 -31.53 -23.05
N GLU EA 74 51.34 -31.20 -24.04
CA GLU EA 74 49.89 -31.31 -23.86
C GLU EA 74 49.46 -32.75 -23.63
N TYR EA 75 50.21 -33.71 -24.17
CA TYR EA 75 49.91 -35.12 -23.97
C TYR EA 75 50.18 -35.52 -22.52
N GLY EA 76 49.62 -36.66 -22.13
CA GLY EA 76 49.92 -37.27 -20.85
C GLY EA 76 48.82 -37.07 -19.83
N THR EA 77 48.84 -37.91 -18.81
CA THR EA 77 47.90 -37.86 -17.70
C THR EA 77 48.67 -38.01 -16.39
N GLU EA 78 48.08 -37.47 -15.32
CA GLU EA 78 48.68 -37.51 -13.99
C GLU EA 78 47.94 -38.44 -13.04
N LEU EA 79 47.28 -39.46 -13.59
CA LEU EA 79 46.61 -40.44 -12.75
C LEU EA 79 47.60 -41.32 -12.01
N SER EA 80 48.78 -41.57 -12.60
CA SER EA 80 49.79 -42.40 -11.95
C SER EA 80 50.36 -41.74 -10.71
N GLU EA 81 50.18 -40.43 -10.54
CA GLU EA 81 50.57 -39.78 -9.29
C GLU EA 81 49.75 -40.32 -8.12
N LEU EA 82 48.45 -40.52 -8.34
CA LEU EA 82 47.61 -41.13 -7.32
C LEU EA 82 47.95 -42.59 -7.06
N ILE EA 83 48.65 -43.24 -7.98
CA ILE EA 83 49.10 -44.61 -7.77
C ILE EA 83 50.14 -44.62 -6.65
N GLY EA 84 49.97 -45.54 -5.71
CA GLY EA 84 50.83 -45.61 -4.54
C GLY EA 84 50.22 -45.04 -3.28
N GLN EA 85 48.95 -44.63 -3.31
CA GLN EA 85 48.22 -44.14 -2.14
C GLN EA 85 48.95 -42.93 -1.52
N LYS EA 86 48.94 -41.84 -2.28
CA LYS EA 86 49.47 -40.57 -1.82
C LYS EA 86 48.44 -39.71 -1.11
N TYR EA 87 47.15 -40.07 -1.17
CA TYR EA 87 46.11 -39.30 -0.50
C TYR EA 87 44.88 -40.18 -0.33
N THR EA 88 43.96 -39.71 0.52
CA THR EA 88 42.74 -40.45 0.80
C THR EA 88 41.83 -40.50 -0.43
N LYS EA 89 40.91 -41.47 -0.42
CA LYS EA 89 40.06 -41.72 -1.58
C LYS EA 89 38.97 -40.68 -1.76
N GLY EA 90 38.49 -40.08 -0.66
CA GLY EA 90 37.28 -39.27 -0.73
C GLY EA 90 37.38 -38.12 -1.71
N LEU EA 91 38.48 -37.38 -1.66
CA LEU EA 91 38.67 -36.26 -2.58
C LEU EA 91 39.40 -36.68 -3.85
N THR EA 92 40.29 -37.67 -3.76
CA THR EA 92 40.98 -38.13 -4.96
C THR EA 92 40.03 -38.79 -5.96
N GLU EA 93 38.83 -39.18 -5.55
CA GLU EA 93 37.84 -39.63 -6.53
C GLU EA 93 37.52 -38.50 -7.51
N SER EA 94 37.14 -37.33 -6.99
CA SER EA 94 36.85 -36.19 -7.84
C SER EA 94 38.12 -35.69 -8.53
N GLU EA 95 39.27 -35.77 -7.84
CA GLU EA 95 40.51 -35.35 -8.46
C GLU EA 95 40.85 -36.21 -9.67
N ALA EA 96 40.66 -37.53 -9.57
CA ALA EA 96 40.90 -38.42 -10.69
C ALA EA 96 39.87 -38.22 -11.80
N SER EA 97 38.62 -37.92 -11.43
CA SER EA 97 37.63 -37.56 -12.44
C SER EA 97 38.10 -36.35 -13.24
N ARG EA 98 38.58 -35.32 -12.55
CA ARG EA 98 39.07 -34.13 -13.22
C ARG EA 98 40.31 -34.45 -14.06
N PHE EA 99 41.19 -35.30 -13.55
CA PHE EA 99 42.39 -35.68 -14.31
C PHE EA 99 42.01 -36.39 -15.60
N ILE EA 100 41.05 -37.32 -15.54
CA ILE EA 100 40.59 -38.01 -16.73
C ILE EA 100 39.96 -37.03 -17.71
N LYS EA 101 39.16 -36.10 -17.20
CA LYS EA 101 38.55 -35.10 -18.07
C LYS EA 101 39.62 -34.26 -18.78
N GLU EA 102 40.65 -33.85 -18.05
CA GLU EA 102 41.73 -33.09 -18.66
C GLU EA 102 42.48 -33.92 -19.70
N ALA EA 103 42.69 -35.21 -19.40
CA ALA EA 103 43.51 -36.04 -20.28
C ALA EA 103 42.77 -36.46 -21.53
N LEU EA 104 41.44 -36.54 -21.49
CA LEU EA 104 40.70 -37.10 -22.61
C LEU EA 104 40.02 -36.06 -23.51
N LEU EA 105 39.66 -34.89 -22.98
CA LEU EA 105 39.05 -33.87 -23.83
C LEU EA 105 40.04 -33.14 -24.70
N ILE EA 106 41.34 -33.42 -24.58
CA ILE EA 106 42.31 -32.82 -25.49
C ILE EA 106 42.11 -33.29 -26.92
N ASN EA 107 41.60 -34.50 -27.09
CA ASN EA 107 41.36 -35.03 -28.43
C ASN EA 107 40.22 -34.27 -29.10
N PRO EA 108 40.41 -33.73 -30.30
CA PRO EA 108 39.30 -33.04 -30.98
C PRO EA 108 38.12 -33.95 -31.29
N TYR EA 109 38.37 -35.25 -31.53
CA TYR EA 109 37.28 -36.17 -31.83
C TYR EA 109 36.31 -36.30 -30.66
N ILE EA 110 36.85 -36.42 -29.44
CA ILE EA 110 36.02 -36.63 -28.26
C ILE EA 110 35.32 -35.34 -27.88
N LEU EA 111 34.02 -35.45 -27.55
CA LEU EA 111 33.23 -34.29 -27.18
C LEU EA 111 33.27 -34.04 -25.66
N GLU EA 112 32.87 -35.04 -24.88
CA GLU EA 112 32.85 -34.88 -23.42
C GLU EA 112 33.07 -36.24 -22.78
N VAL EA 113 33.51 -36.20 -21.52
CA VAL EA 113 33.79 -37.40 -20.73
C VAL EA 113 33.10 -37.25 -19.38
N ASN EA 114 32.39 -38.30 -18.96
CA ASN EA 114 31.64 -38.30 -17.71
C ASN EA 114 32.10 -39.45 -16.82
N VAL EA 115 32.21 -39.17 -15.53
CA VAL EA 115 32.61 -40.16 -14.53
C VAL EA 115 31.43 -40.37 -13.58
N LYS EA 116 31.03 -41.62 -13.41
CA LYS EA 116 29.84 -41.92 -12.61
C LYS EA 116 30.16 -41.96 -11.11
N SER EA 117 31.00 -42.90 -10.69
CA SER EA 117 31.30 -43.09 -9.28
C SER EA 117 32.51 -44.00 -9.14
N ALA EA 118 32.85 -44.33 -7.90
CA ALA EA 118 33.97 -45.20 -7.58
C ALA EA 118 33.53 -46.22 -6.53
N ASN EA 119 34.05 -47.44 -6.63
CA ASN EA 119 33.69 -48.53 -5.75
C ASN EA 119 34.87 -48.89 -4.85
N PHE EA 120 34.66 -48.83 -3.55
CA PHE EA 120 35.70 -49.11 -2.56
C PHE EA 120 35.60 -50.55 -2.12
N ASN EA 121 36.68 -51.32 -2.33
CA ASN EA 121 36.72 -52.72 -1.92
C ASN EA 121 38.17 -53.15 -1.84
N ARG EA 122 38.62 -53.53 -0.64
CA ARG EA 122 39.98 -54.01 -0.40
C ARG EA 122 40.94 -52.92 -0.89
N ASP EA 123 41.92 -53.25 -1.72
CA ASP EA 123 42.86 -52.26 -2.27
C ASP EA 123 42.56 -51.91 -3.71
N ILE EA 124 41.62 -52.61 -4.35
CA ILE EA 124 41.29 -52.41 -5.75
C ILE EA 124 40.14 -51.43 -5.85
N LEU EA 125 40.34 -50.33 -6.58
CA LEU EA 125 39.33 -49.31 -6.80
C LEU EA 125 38.77 -49.46 -8.21
N SER EA 126 37.45 -49.51 -8.32
CA SER EA 126 36.76 -49.61 -9.60
C SER EA 126 35.87 -48.39 -9.79
N ALA EA 127 35.97 -47.76 -10.96
CA ALA EA 127 35.19 -46.57 -11.28
C ALA EA 127 34.59 -46.71 -12.67
N ASN EA 128 33.47 -46.05 -12.88
CA ASN EA 128 32.76 -46.05 -14.16
C ASN EA 128 32.88 -44.68 -14.80
N VAL EA 129 33.43 -44.64 -16.01
CA VAL EA 129 33.67 -43.40 -16.75
C VAL EA 129 33.03 -43.54 -18.12
N LYS EA 130 32.47 -42.44 -18.62
CA LYS EA 130 31.70 -42.44 -19.85
C LYS EA 130 32.40 -41.60 -20.92
N VAL EA 131 32.23 -42.01 -22.18
CA VAL EA 131 32.84 -41.34 -23.32
C VAL EA 131 31.73 -40.97 -24.31
N SER EA 132 31.75 -39.72 -24.77
CA SER EA 132 30.85 -39.25 -25.82
C SER EA 132 31.65 -39.03 -27.08
N THR EA 133 31.11 -39.48 -28.22
CA THR EA 133 31.83 -39.47 -29.49
C THR EA 133 30.98 -38.79 -30.55
N ILE EA 134 31.57 -38.65 -31.74
CA ILE EA 134 30.91 -37.95 -32.84
C ILE EA 134 30.19 -38.92 -33.78
N TYR EA 135 30.85 -39.99 -34.18
CA TYR EA 135 30.21 -40.97 -35.06
C TYR EA 135 29.36 -41.94 -34.25
N PRO FA 6 53.60 -12.27 54.93
CA PRO FA 6 52.67 -11.18 54.60
C PRO FA 6 52.60 -10.90 53.10
N SER FA 7 53.39 -11.63 52.32
CA SER FA 7 53.49 -11.39 50.89
C SER FA 7 53.07 -12.63 50.11
N ILE FA 8 52.02 -12.50 49.31
CA ILE FA 8 51.63 -13.48 48.31
C ILE FA 8 51.86 -12.87 46.94
N ASN FA 9 52.70 -13.52 46.14
CA ASN FA 9 53.16 -12.98 44.87
C ASN FA 9 52.45 -13.66 43.72
N ILE FA 10 52.46 -13.02 42.56
CA ILE FA 10 51.87 -13.55 41.34
C ILE FA 10 52.85 -14.54 40.74
N SER FA 11 52.51 -15.83 40.80
CA SER FA 11 53.32 -16.90 40.23
C SER FA 11 52.50 -17.61 39.17
N PHE FA 12 52.83 -17.36 37.90
CA PHE FA 12 52.08 -17.89 36.77
C PHE FA 12 52.97 -18.83 35.97
N LYS FA 13 52.44 -20.01 35.64
CA LYS FA 13 53.16 -21.04 34.92
C LYS FA 13 52.35 -21.43 33.68
N GLU FA 14 52.99 -21.38 32.53
CA GLU FA 14 52.28 -21.54 31.27
C GLU FA 14 51.83 -22.99 31.09
N LEU FA 15 50.77 -23.16 30.28
CA LEU FA 15 50.18 -24.47 30.01
C LEU FA 15 49.96 -24.61 28.51
N ALA FA 16 50.35 -25.75 27.95
CA ALA FA 16 50.19 -26.04 26.54
C ALA FA 16 49.32 -27.27 26.37
N THR FA 17 48.38 -27.22 25.43
CA THR FA 17 47.47 -28.31 25.15
C THR FA 17 47.72 -28.85 23.76
N THR FA 18 47.90 -30.16 23.65
CA THR FA 18 48.11 -30.84 22.38
C THR FA 18 46.89 -31.70 22.06
N VAL FA 19 46.26 -31.44 20.92
CA VAL FA 19 45.12 -32.23 20.50
C VAL FA 19 45.54 -33.67 20.18
N LYS FA 20 46.74 -33.83 19.64
CA LYS FA 20 47.27 -35.13 19.26
C LYS FA 20 48.35 -35.54 20.24
N GLU FA 21 48.23 -36.75 20.79
CA GLU FA 21 49.21 -37.29 21.72
C GLU FA 21 50.00 -38.39 21.04
N ARG FA 22 51.32 -38.31 21.13
CA ARG FA 22 52.22 -39.24 20.44
C ARG FA 22 52.91 -40.12 21.48
N SER FA 23 52.95 -41.42 21.20
CA SER FA 23 53.57 -42.39 22.10
C SER FA 23 54.17 -43.52 21.30
N ALA FA 24 55.46 -43.77 21.50
CA ALA FA 24 56.18 -44.90 20.90
C ALA FA 24 56.05 -44.91 19.37
N ARG FA 25 56.30 -43.75 18.76
CA ARG FA 25 56.24 -43.62 17.31
C ARG FA 25 57.49 -42.90 16.82
N GLY FA 26 57.97 -43.30 15.64
CA GLY FA 26 59.13 -42.66 15.04
C GLY FA 26 60.43 -42.97 15.72
N ILE FA 27 60.51 -44.06 16.47
CA ILE FA 27 61.73 -44.44 17.18
C ILE FA 27 62.59 -45.31 16.29
N ILE FA 28 63.88 -45.03 16.26
CA ILE FA 28 64.85 -45.82 15.51
C ILE FA 28 65.88 -46.36 16.50
N ALA FA 29 66.05 -47.67 16.51
CA ALA FA 29 67.03 -48.32 17.38
C ALA FA 29 68.25 -48.67 16.53
N MET FA 30 69.41 -48.10 16.91
CA MET FA 30 70.65 -48.28 16.17
C MET FA 30 71.69 -48.87 17.10
N VAL FA 31 72.27 -50.00 16.70
CA VAL FA 31 73.35 -50.64 17.44
C VAL FA 31 74.47 -50.96 16.46
N LEU FA 32 75.69 -50.54 16.80
CA LEU FA 32 76.85 -50.75 15.95
C LEU FA 32 78.01 -51.26 16.78
N LYS FA 33 78.88 -52.03 16.13
CA LYS FA 33 80.02 -52.66 16.79
C LYS FA 33 81.26 -51.80 16.56
N ASP FA 34 81.65 -51.05 17.59
CA ASP FA 34 82.86 -50.25 17.56
C ASP FA 34 83.60 -50.40 18.87
N ALA FA 35 84.93 -50.37 18.81
CA ALA FA 35 85.77 -50.55 19.99
C ALA FA 35 86.18 -49.23 20.63
N LYS FA 36 85.68 -48.09 20.13
CA LYS FA 36 86.10 -46.79 20.61
C LYS FA 36 85.04 -46.09 21.46
N ALA FA 37 83.80 -46.01 20.96
CA ALA FA 37 82.76 -45.31 21.71
C ALA FA 37 82.29 -46.14 22.91
N LEU FA 38 81.73 -47.32 22.65
CA LEU FA 38 81.27 -48.24 23.68
C LEU FA 38 80.27 -47.56 24.62
N GLY FA 39 79.14 -47.14 24.05
CA GLY FA 39 78.12 -46.48 24.84
C GLY FA 39 76.91 -46.17 23.99
N LEU FA 40 75.88 -45.65 24.66
CA LEU FA 40 74.62 -45.27 24.01
C LEU FA 40 74.60 -43.77 23.75
N ASN FA 41 74.14 -43.41 22.55
CA ASN FA 41 74.05 -42.01 22.15
C ASN FA 41 72.68 -41.78 21.53
N GLU FA 42 71.89 -40.91 22.15
CA GLU FA 42 70.59 -40.50 21.61
C GLU FA 42 70.78 -39.20 20.83
N ILE FA 43 70.44 -39.23 19.55
CA ILE FA 43 70.64 -38.10 18.65
C ILE FA 43 69.27 -37.47 18.40
N HIS FA 44 69.09 -36.23 18.86
CA HIS FA 44 67.87 -35.48 18.61
C HIS FA 44 68.08 -34.31 17.66
N GLU FA 45 69.32 -33.87 17.47
CA GLU FA 45 69.65 -32.79 16.54
C GLU FA 45 70.51 -33.35 15.41
N LYS FA 46 70.24 -32.89 14.20
CA LYS FA 46 70.98 -33.35 13.03
C LYS FA 46 72.46 -32.99 13.15
N GLU FA 47 73.25 -33.54 12.22
CA GLU FA 47 74.70 -33.35 12.12
C GLU FA 47 75.40 -33.46 13.46
N ASP FA 48 74.85 -34.27 14.37
CA ASP FA 48 75.47 -34.54 15.66
C ASP FA 48 76.22 -35.87 15.54
N ILE FA 49 77.53 -35.79 15.36
CA ILE FA 49 78.36 -36.96 15.11
C ILE FA 49 79.41 -37.05 16.21
N PRO FA 50 79.44 -38.12 17.00
CA PRO FA 50 80.56 -38.31 17.94
C PRO FA 50 81.83 -38.66 17.18
N VAL FA 51 82.96 -38.15 17.69
CA VAL FA 51 84.25 -38.40 17.05
C VAL FA 51 84.66 -39.86 17.17
N ASP FA 52 84.10 -40.60 18.13
CA ASP FA 52 84.51 -41.98 18.35
C ASP FA 52 84.06 -42.91 17.23
N LEU FA 53 82.91 -42.63 16.63
CA LEU FA 53 82.32 -43.56 15.66
C LEU FA 53 83.12 -43.56 14.37
N SER FA 54 83.11 -44.71 13.70
CA SER FA 54 83.90 -44.90 12.49
C SER FA 54 83.21 -44.27 11.28
N ALA FA 55 83.94 -44.27 10.16
CA ALA FA 55 83.41 -43.68 8.93
C ALA FA 55 82.20 -44.46 8.43
N GLU FA 56 82.24 -45.79 8.49
CA GLU FA 56 81.09 -46.58 8.06
C GLU FA 56 79.90 -46.36 8.99
N ASN FA 57 80.14 -46.26 10.30
CA ASN FA 57 79.07 -45.93 11.22
C ASN FA 57 78.53 -44.53 10.97
N LYS FA 58 79.40 -43.59 10.62
CA LYS FA 58 78.94 -42.25 10.25
C LYS FA 58 78.08 -42.29 9.00
N GLU FA 59 78.44 -43.14 8.02
CA GLU FA 59 77.61 -43.30 6.83
C GLU FA 59 76.25 -43.89 7.19
N TYR FA 60 76.23 -44.86 8.10
CA TYR FA 60 74.96 -45.40 8.57
C TYR FA 60 74.10 -44.32 9.21
N ILE FA 61 74.71 -43.48 10.04
CA ILE FA 61 73.98 -42.40 10.70
C ILE FA 61 73.42 -41.44 9.65
N ASN FA 62 74.25 -41.07 8.67
CA ASN FA 62 73.81 -40.15 7.62
C ASN FA 62 72.66 -40.74 6.82
N LEU FA 63 72.73 -42.03 6.51
CA LEU FA 63 71.62 -42.68 5.83
C LEU FA 63 70.35 -42.64 6.67
N ALA FA 64 70.49 -42.86 7.98
CA ALA FA 64 69.33 -42.77 8.87
C ALA FA 64 68.85 -41.34 9.07
N LEU FA 65 69.65 -40.34 8.71
CA LEU FA 65 69.30 -38.96 9.02
C LEU FA 65 68.07 -38.50 8.25
N MET FA 66 68.05 -38.69 6.94
CA MET FA 66 66.97 -38.14 6.12
C MET FA 66 65.86 -39.16 5.90
N GLY FA 67 64.65 -38.64 5.68
CA GLY FA 67 63.51 -39.46 5.37
C GLY FA 67 62.84 -38.97 4.08
N ASN FA 68 61.84 -39.74 3.65
CA ASN FA 68 61.15 -39.40 2.41
C ASN FA 68 60.40 -38.08 2.54
N VAL FA 69 59.64 -37.91 3.62
CA VAL FA 69 58.83 -36.73 3.85
C VAL FA 69 59.36 -35.90 5.01
N ASN FA 70 59.66 -36.55 6.13
CA ASN FA 70 60.14 -35.86 7.32
C ASN FA 70 61.34 -36.59 7.90
N THR FA 71 62.18 -35.84 8.60
CA THR FA 71 63.28 -36.44 9.34
C THR FA 71 62.71 -37.31 10.46
N PRO FA 72 63.28 -38.49 10.70
CA PRO FA 72 62.79 -39.33 11.80
C PRO FA 72 62.85 -38.59 13.13
N ASN FA 73 61.80 -38.78 13.94
CA ASN FA 73 61.64 -37.99 15.16
C ASN FA 73 62.78 -38.23 16.14
N LYS FA 74 63.12 -39.50 16.38
CA LYS FA 74 64.16 -39.83 17.34
C LYS FA 74 65.10 -40.86 16.74
N LEU FA 75 66.40 -40.62 16.88
CA LEU FA 75 67.43 -41.56 16.46
C LEU FA 75 68.26 -41.92 17.70
N LEU FA 76 68.25 -43.21 18.05
CA LEU FA 76 68.95 -43.70 19.23
C LEU FA 76 70.02 -44.69 18.79
N VAL FA 77 71.26 -44.44 19.20
CA VAL FA 77 72.41 -45.23 18.79
C VAL FA 77 73.12 -45.76 20.02
N TYR FA 78 73.42 -47.05 20.02
CA TYR FA 78 74.19 -47.68 21.08
C TYR FA 78 75.43 -48.33 20.49
N VAL FA 79 76.55 -48.26 21.22
CA VAL FA 79 77.83 -48.77 20.75
C VAL FA 79 78.37 -49.75 21.79
N ILE FA 80 78.81 -50.92 21.32
CA ILE FA 80 79.51 -51.88 22.17
C ILE FA 80 80.37 -52.75 21.27
N GLU FA 81 81.31 -53.48 21.86
CA GLU FA 81 82.16 -54.39 21.11
C GLU FA 81 81.32 -55.47 20.44
N GLY FA 82 81.81 -55.96 19.29
CA GLY FA 82 81.08 -56.96 18.54
C GLY FA 82 80.83 -58.23 19.32
N GLU FA 83 81.77 -58.63 20.16
CA GLU FA 83 81.57 -59.80 21.00
C GLU FA 83 80.49 -59.53 22.04
N ALA FA 84 79.58 -60.50 22.21
CA ALA FA 84 78.45 -60.38 23.13
C ALA FA 84 77.61 -59.13 22.84
N ASP FA 85 77.49 -58.78 21.56
CA ASP FA 85 76.71 -57.60 21.19
C ASP FA 85 75.22 -57.86 21.32
N ILE FA 86 74.78 -59.08 20.99
CA ILE FA 86 73.35 -59.38 20.93
C ILE FA 86 72.72 -59.30 22.31
N GLN FA 87 73.40 -59.82 23.33
CA GLN FA 87 72.85 -59.81 24.69
C GLN FA 87 72.67 -58.38 25.19
N THR FA 88 73.69 -57.55 25.05
CA THR FA 88 73.60 -56.18 25.52
C THR FA 88 72.59 -55.38 24.71
N ALA FA 89 72.50 -55.64 23.40
CA ALA FA 89 71.51 -54.97 22.58
C ALA FA 89 70.10 -55.32 23.04
N LEU FA 90 69.86 -56.61 23.32
CA LEU FA 90 68.56 -57.01 23.83
C LEU FA 90 68.25 -56.37 25.17
N ASP FA 91 69.24 -56.32 26.07
CA ASP FA 91 69.03 -55.70 27.37
C ASP FA 91 68.71 -54.22 27.24
N PHE FA 92 69.43 -53.51 26.36
CA PHE FA 92 69.17 -52.08 26.19
C PHE FA 92 67.83 -51.82 25.53
N LEU FA 93 67.44 -52.65 24.55
CA LEU FA 93 66.13 -52.49 23.94
C LEU FA 93 65.02 -52.81 24.91
N GLU FA 94 65.26 -53.74 25.85
CA GLU FA 94 64.31 -53.96 26.93
C GLU FA 94 64.24 -52.73 27.84
N THR FA 95 65.39 -52.10 28.10
CA THR FA 95 65.42 -50.94 28.99
C THR FA 95 64.65 -49.77 28.39
N LYS FA 96 64.83 -49.52 27.10
CA LYS FA 96 64.21 -48.37 26.44
C LYS FA 96 63.43 -48.84 25.22
N GLU FA 97 62.17 -48.41 25.13
CA GLU FA 97 61.31 -48.85 24.03
C GLU FA 97 61.80 -48.31 22.69
N PHE FA 98 61.46 -49.03 21.63
CA PHE FA 98 61.86 -48.66 20.28
C PHE FA 98 60.77 -49.07 19.30
N ASN FA 99 60.81 -48.47 18.12
CA ASN FA 99 59.85 -48.76 17.06
C ASN FA 99 60.43 -49.61 15.94
N TYR FA 100 61.66 -49.33 15.52
CA TYR FA 100 62.30 -50.07 14.45
C TYR FA 100 63.74 -50.38 14.84
N LEU FA 101 64.24 -51.51 14.34
CA LEU FA 101 65.56 -52.01 14.69
C LEU FA 101 66.34 -52.37 13.43
N CYS FA 102 67.65 -52.13 13.47
CA CYS FA 102 68.53 -52.47 12.36
C CYS FA 102 69.93 -52.73 12.89
N MET FA 103 70.66 -53.61 12.21
CA MET FA 103 72.01 -54.00 12.61
C MET FA 103 72.91 -54.02 11.39
N PRO FA 104 74.02 -53.28 11.39
CA PRO FA 104 74.92 -53.29 10.22
C PRO FA 104 75.51 -54.65 9.91
N LYS FA 105 75.84 -55.44 10.93
CA LYS FA 105 76.54 -56.71 10.76
C LYS FA 105 75.74 -57.86 11.36
N ALA FA 106 74.43 -57.89 11.10
CA ALA FA 106 73.57 -58.94 11.60
C ALA FA 106 73.79 -60.20 10.76
N VAL FA 107 74.35 -61.23 11.39
CA VAL FA 107 74.54 -62.52 10.72
C VAL FA 107 73.22 -63.28 10.79
N GLU FA 108 73.13 -64.38 10.04
CA GLU FA 108 71.87 -65.13 9.98
C GLU FA 108 71.46 -65.64 11.35
N ALA FA 109 72.41 -66.12 12.15
CA ALA FA 109 72.10 -66.50 13.52
C ALA FA 109 71.66 -65.31 14.34
N ASP FA 110 72.34 -64.17 14.19
CA ASP FA 110 71.95 -62.96 14.90
C ASP FA 110 70.57 -62.50 14.47
N LYS FA 111 70.27 -62.55 13.17
CA LYS FA 111 68.95 -62.16 12.69
C LYS FA 111 67.88 -63.09 13.24
N THR FA 112 68.15 -64.39 13.28
CA THR FA 112 67.19 -65.35 13.82
C THR FA 112 66.94 -65.08 15.31
N ALA FA 113 68.01 -64.82 16.07
CA ALA FA 113 67.85 -64.52 17.48
C ALA FA 113 67.06 -63.23 17.68
N ILE FA 114 67.33 -62.22 16.86
CA ILE FA 114 66.60 -60.96 16.95
C ILE FA 114 65.12 -61.19 16.66
N LYS FA 115 64.82 -61.95 15.62
CA LYS FA 115 63.41 -62.23 15.28
C LYS FA 115 62.73 -63.00 16.40
N ASN FA 116 63.41 -63.99 16.98
CA ASN FA 116 62.83 -64.75 18.07
C ASN FA 116 62.54 -63.86 19.27
N TRP FA 117 63.47 -62.98 19.61
CA TRP FA 117 63.24 -62.06 20.73
C TRP FA 117 62.08 -61.12 20.43
N ILE FA 118 62.01 -60.62 19.19
CA ILE FA 118 60.94 -59.68 18.82
C ILE FA 118 59.58 -60.36 18.91
N ILE FA 119 59.48 -61.57 18.37
CA ILE FA 119 58.19 -62.27 18.39
C ILE FA 119 57.83 -62.69 19.82
N LYS FA 120 58.82 -63.04 20.63
CA LYS FA 120 58.55 -63.36 22.03
C LYS FA 120 58.01 -62.13 22.76
N LEU FA 121 58.60 -60.96 22.51
CA LEU FA 121 58.07 -59.73 23.10
C LEU FA 121 56.64 -59.49 22.65
N ARG FA 122 56.40 -59.56 21.34
CA ARG FA 122 55.07 -59.25 20.80
C ARG FA 122 54.01 -60.25 21.28
N ASP FA 123 54.41 -61.49 21.58
CA ASP FA 123 53.45 -62.52 21.93
C ASP FA 123 53.26 -62.71 23.43
N ILE FA 124 54.24 -62.33 24.26
CA ILE FA 124 54.10 -62.51 25.70
C ILE FA 124 54.10 -61.14 26.38
N ASP FA 125 55.12 -60.33 26.12
CA ASP FA 125 55.21 -59.03 26.75
C ASP FA 125 54.20 -58.03 26.20
N LYS FA 126 53.51 -58.37 25.10
CA LYS FA 126 52.53 -57.50 24.47
C LYS FA 126 53.14 -56.16 24.08
N VAL FA 127 54.41 -56.19 23.67
CA VAL FA 127 55.13 -55.01 23.24
C VAL FA 127 55.25 -55.07 21.72
N LYS FA 128 54.60 -54.13 21.05
CA LYS FA 128 54.56 -54.11 19.58
C LYS FA 128 55.81 -53.42 19.05
N VAL FA 129 56.75 -54.22 18.57
CA VAL FA 129 58.02 -53.72 18.03
C VAL FA 129 58.26 -54.33 16.67
N LYS FA 130 59.07 -53.64 15.87
CA LYS FA 130 59.36 -54.04 14.49
C LYS FA 130 60.86 -54.04 14.28
N ALA FA 131 61.32 -54.90 13.38
CA ALA FA 131 62.73 -55.01 13.04
C ALA FA 131 62.88 -55.14 11.53
N VAL FA 132 63.93 -54.53 10.99
CA VAL FA 132 64.24 -54.59 9.57
C VAL FA 132 65.49 -55.44 9.40
N LEU FA 133 65.40 -56.49 8.58
CA LEU FA 133 66.49 -57.44 8.41
C LEU FA 133 66.70 -57.71 6.92
N GLY FA 134 67.93 -58.10 6.57
CA GLY FA 134 68.31 -58.27 5.19
C GLY FA 134 67.77 -59.51 4.51
N LYS FA 135 68.10 -60.69 5.05
CA LYS FA 135 67.70 -61.97 4.46
C LYS FA 135 67.17 -62.87 5.57
N VAL FA 136 65.86 -62.80 5.81
CA VAL FA 136 65.21 -63.61 6.83
C VAL FA 136 63.93 -64.19 6.23
N VAL FA 137 63.76 -65.49 6.35
CA VAL FA 137 62.58 -66.18 5.84
C VAL FA 137 61.60 -66.51 6.98
N GLY FA 138 61.69 -65.77 8.09
CA GLY FA 138 60.89 -66.11 9.25
C GLY FA 138 59.40 -65.98 9.00
N ASN FA 139 58.64 -66.58 9.91
CA ASN FA 139 57.19 -66.72 9.78
C ASN FA 139 56.42 -65.69 10.61
N HIS FA 140 56.94 -64.47 10.72
CA HIS FA 140 56.26 -63.42 11.47
C HIS FA 140 56.19 -62.15 10.64
N GLU FA 141 55.12 -61.37 10.86
CA GLU FA 141 54.89 -60.13 10.13
C GLU FA 141 55.55 -58.92 10.77
N GLY FA 142 55.97 -59.03 12.03
CA GLY FA 142 56.62 -57.90 12.69
C GLY FA 142 58.01 -57.60 12.16
N ILE FA 143 58.66 -58.59 11.57
CA ILE FA 143 59.98 -58.39 10.98
C ILE FA 143 59.82 -57.93 9.54
N ILE FA 144 60.84 -57.25 9.03
CA ILE FA 144 60.86 -56.74 7.66
C ILE FA 144 62.06 -57.34 6.95
N ASN FA 145 61.80 -57.97 5.81
CA ASN FA 145 62.82 -58.65 5.02
C ASN FA 145 63.02 -57.89 3.71
N PHE FA 146 64.21 -57.34 3.52
CA PHE FA 146 64.55 -56.58 2.32
C PHE FA 146 65.65 -57.36 1.58
N THR FA 147 65.23 -58.20 0.62
CA THR FA 147 66.15 -59.02 -0.16
C THR FA 147 66.35 -58.35 -1.51
N THR FA 148 67.31 -57.43 -1.56
CA THR FA 148 67.70 -56.77 -2.81
C THR FA 148 69.22 -56.69 -2.82
N GLU FA 149 69.85 -57.50 -3.66
CA GLU FA 149 71.30 -57.60 -3.68
C GLU FA 149 71.90 -56.67 -4.72
N ASP FA 150 73.21 -56.43 -4.57
CA ASP FA 150 73.97 -55.58 -5.50
C ASP FA 150 73.37 -54.18 -5.62
N VAL FA 151 72.94 -53.63 -4.49
CA VAL FA 151 72.35 -52.29 -4.48
C VAL FA 151 73.46 -51.25 -4.43
N LEU FA 152 73.38 -50.27 -5.32
CA LEU FA 152 74.32 -49.16 -5.36
C LEU FA 152 73.54 -47.85 -5.32
N VAL FA 153 73.94 -46.95 -4.41
CA VAL FA 153 73.29 -45.67 -4.23
C VAL FA 153 74.33 -44.57 -4.42
N GLY FA 154 74.03 -43.62 -5.31
CA GLY FA 154 74.97 -42.54 -5.57
C GLY FA 154 76.29 -43.03 -6.10
N GLU FA 155 76.23 -43.90 -7.12
CA GLU FA 155 77.40 -44.55 -7.74
C GLU FA 155 78.38 -45.09 -6.69
N LYS FA 156 77.84 -45.48 -5.53
CA LYS FA 156 78.63 -46.05 -4.44
C LYS FA 156 78.05 -47.40 -4.07
N LYS FA 157 78.92 -48.40 -3.93
CA LYS FA 157 78.49 -49.73 -3.54
C LYS FA 157 77.95 -49.70 -2.11
N TYR FA 158 76.79 -50.30 -1.89
CA TYR FA 158 76.16 -50.36 -0.58
C TYR FA 158 75.83 -51.79 -0.23
N SER FA 159 76.10 -52.18 1.01
CA SER FA 159 75.73 -53.50 1.48
C SER FA 159 74.22 -53.57 1.70
N VAL FA 160 73.72 -54.79 1.85
CA VAL FA 160 72.28 -54.99 2.05
C VAL FA 160 71.83 -54.31 3.33
N ASP FA 161 72.59 -54.49 4.41
CA ASP FA 161 72.19 -53.92 5.70
C ASP FA 161 72.20 -52.40 5.68
N GLU FA 162 73.13 -51.79 4.94
CA GLU FA 162 73.15 -50.34 4.82
C GLU FA 162 71.84 -49.83 4.24
N PHE FA 163 71.39 -50.45 3.14
CA PHE FA 163 70.16 -49.97 2.52
C PHE FA 163 68.93 -50.36 3.33
N THR FA 164 68.98 -51.47 4.08
CA THR FA 164 67.87 -51.77 4.98
C THR FA 164 67.74 -50.71 6.06
N SER FA 165 68.87 -50.25 6.62
CA SER FA 165 68.84 -49.16 7.58
C SER FA 165 68.33 -47.88 6.94
N ARG FA 166 68.75 -47.60 5.71
CA ARG FA 166 68.27 -46.41 5.01
C ARG FA 166 66.76 -46.47 4.80
N VAL FA 167 66.25 -47.63 4.39
CA VAL FA 167 64.82 -47.78 4.15
C VAL FA 167 64.04 -47.69 5.46
N ALA FA 168 64.59 -48.24 6.54
CA ALA FA 168 63.93 -48.11 7.84
C ALA FA 168 63.85 -46.65 8.27
N GLY FA 169 64.93 -45.90 8.09
CA GLY FA 169 64.90 -44.49 8.39
C GLY FA 169 63.91 -43.72 7.53
N LEU FA 170 63.83 -44.09 6.24
CA LEU FA 170 62.87 -43.46 5.34
C LEU FA 170 61.44 -43.75 5.78
N ILE FA 171 61.16 -45.00 6.17
CA ILE FA 171 59.82 -45.38 6.61
C ILE FA 171 59.47 -44.66 7.92
N ALA FA 172 60.46 -44.47 8.79
CA ALA FA 172 60.22 -43.71 10.02
C ALA FA 172 59.72 -42.30 9.72
N GLY FA 173 60.20 -41.70 8.63
CA GLY FA 173 59.70 -40.41 8.20
C GLY FA 173 58.48 -40.44 7.33
N THR FA 174 57.96 -41.63 7.02
CA THR FA 174 56.78 -41.73 6.16
C THR FA 174 55.52 -41.47 6.97
N PRO FA 175 54.68 -40.53 6.56
CA PRO FA 175 53.42 -40.29 7.28
C PRO FA 175 52.45 -41.45 7.09
N LEU FA 176 51.52 -41.56 8.04
CA LEU FA 176 50.56 -42.65 8.00
C LEU FA 176 49.57 -42.50 6.85
N SER FA 177 49.21 -41.26 6.48
CA SER FA 177 48.33 -41.06 5.34
C SER FA 177 48.98 -41.56 4.05
N GLN FA 178 50.27 -41.29 3.88
CA GLN FA 178 51.00 -41.75 2.72
C GLN FA 178 51.31 -43.25 2.84
N SER FA 179 51.52 -43.89 1.70
CA SER FA 179 51.88 -45.29 1.64
C SER FA 179 53.29 -45.44 1.07
N VAL FA 180 54.03 -46.40 1.60
CA VAL FA 180 55.41 -46.61 1.17
C VAL FA 180 55.48 -47.15 -0.26
N THR FA 181 54.37 -47.63 -0.80
CA THR FA 181 54.38 -48.18 -2.15
C THR FA 181 54.64 -47.08 -3.18
N TYR FA 182 55.50 -47.40 -4.16
CA TYR FA 182 55.83 -46.48 -5.25
C TYR FA 182 56.43 -45.17 -4.76
N THR FA 183 57.29 -45.26 -3.74
CA THR FA 183 58.05 -44.10 -3.28
C THR FA 183 59.42 -44.13 -3.92
N LYS FA 184 59.73 -43.10 -4.70
CA LYS FA 184 60.95 -43.05 -5.49
C LYS FA 184 62.12 -42.53 -4.67
N LEU FA 185 63.31 -43.01 -4.99
CA LEU FA 185 64.55 -42.59 -4.35
C LEU FA 185 65.42 -41.87 -5.37
N SER FA 186 65.72 -40.60 -5.10
CA SER FA 186 66.58 -39.83 -5.99
C SER FA 186 68.05 -40.20 -5.81
N ASP FA 187 68.46 -40.56 -4.60
CA ASP FA 187 69.86 -40.91 -4.35
C ASP FA 187 70.28 -42.16 -5.11
N VAL FA 188 69.39 -43.16 -5.17
CA VAL FA 188 69.70 -44.39 -5.90
C VAL FA 188 69.72 -44.08 -7.39
N VAL FA 189 70.86 -44.36 -8.03
CA VAL FA 189 71.07 -44.04 -9.43
C VAL FA 189 71.38 -45.27 -10.26
N ASP FA 190 72.20 -46.19 -9.74
CA ASP FA 190 72.66 -47.36 -10.49
C ASP FA 190 72.18 -48.62 -9.80
N ILE FA 191 71.41 -49.43 -10.52
CA ILE FA 191 70.99 -50.75 -10.02
C ILE FA 191 71.11 -51.75 -11.14
N PRO FA 192 71.37 -53.01 -10.80
CA PRO FA 192 71.38 -54.07 -11.81
C PRO FA 192 70.01 -54.19 -12.48
N LYS FA 193 70.03 -54.42 -13.79
CA LYS FA 193 68.79 -54.49 -14.55
C LYS FA 193 68.02 -55.76 -14.18
N MET FA 194 66.74 -55.60 -13.89
CA MET FA 194 65.86 -56.73 -13.58
C MET FA 194 64.63 -56.67 -14.48
N THR FA 195 64.08 -57.85 -14.75
CA THR FA 195 62.87 -57.93 -15.56
C THR FA 195 61.64 -57.70 -14.71
N LYS FA 196 60.54 -57.31 -15.37
CA LYS FA 196 59.29 -57.09 -14.65
C LYS FA 196 58.76 -58.38 -14.05
N VAL FA 197 58.90 -59.49 -14.78
CA VAL FA 197 58.44 -60.78 -14.27
C VAL FA 197 59.22 -61.18 -13.03
N ASP FA 198 60.54 -60.99 -13.05
CA ASP FA 198 61.36 -61.33 -11.89
C ASP FA 198 60.98 -60.46 -10.69
N ALA FA 199 60.76 -59.17 -10.91
CA ALA FA 199 60.36 -58.29 -9.81
C ALA FA 199 59.01 -58.69 -9.24
N GLU FA 200 58.06 -59.02 -10.12
CA GLU FA 200 56.74 -59.44 -9.64
C GLU FA 200 56.84 -60.74 -8.84
N SER FA 201 57.65 -61.70 -9.32
CA SER FA 201 57.83 -62.94 -8.58
C SER FA 201 58.48 -62.69 -7.23
N ARG FA 202 59.48 -61.81 -7.18
CA ARG FA 202 60.13 -61.49 -5.92
C ARG FA 202 59.16 -60.86 -4.94
N VAL FA 203 58.32 -59.93 -5.41
CA VAL FA 203 57.35 -59.28 -4.54
C VAL FA 203 56.32 -60.29 -4.05
N ASN FA 204 55.83 -61.16 -4.94
CA ASN FA 204 54.88 -62.19 -4.54
C ASN FA 204 55.48 -63.15 -3.51
N LYS FA 205 56.81 -63.25 -3.45
CA LYS FA 205 57.46 -64.02 -2.40
C LYS FA 205 57.45 -63.31 -1.05
N GLY FA 206 56.98 -62.07 -1.00
CA GLY FA 206 56.98 -61.30 0.23
C GLY FA 206 58.21 -60.47 0.46
N GLU FA 207 59.02 -60.23 -0.58
CA GLU FA 207 60.26 -59.49 -0.46
C GLU FA 207 60.07 -58.04 -0.92
N LEU FA 208 60.86 -57.15 -0.33
CA LEU FA 208 60.87 -55.75 -0.68
C LEU FA 208 62.07 -55.48 -1.60
N ILE FA 209 61.79 -54.92 -2.78
CA ILE FA 209 62.81 -54.69 -3.79
C ILE FA 209 62.61 -53.32 -4.43
N LEU FA 210 63.62 -52.88 -5.16
CA LEU FA 210 63.59 -51.62 -5.90
C LEU FA 210 63.31 -51.89 -7.37
N ILE FA 211 62.47 -51.05 -7.96
CA ILE FA 211 62.14 -51.13 -9.38
C ILE FA 211 62.30 -49.76 -10.01
N LYS FA 212 62.62 -49.74 -11.30
CA LYS FA 212 62.78 -48.52 -12.07
C LYS FA 212 61.47 -48.28 -12.83
N GLU FA 213 60.61 -47.43 -12.27
CA GLU FA 213 59.30 -47.17 -12.84
C GLU FA 213 58.99 -45.68 -12.74
N ALA FA 214 58.17 -45.20 -13.68
CA ALA FA 214 57.77 -43.79 -13.75
C ALA FA 214 58.97 -42.87 -13.82
N GLY FA 215 60.00 -43.30 -14.54
CA GLY FA 215 61.22 -42.52 -14.68
C GLY FA 215 61.96 -42.31 -13.37
N ALA FA 216 61.91 -43.27 -12.46
CA ALA FA 216 62.57 -43.16 -11.17
C ALA FA 216 62.72 -44.55 -10.58
N ILE FA 217 63.56 -44.64 -9.55
CA ILE FA 217 63.81 -45.89 -8.85
C ILE FA 217 62.97 -45.87 -7.57
N ARG FA 218 62.00 -46.79 -7.48
CA ARG FA 218 61.09 -46.85 -6.36
C ARG FA 218 60.90 -48.30 -5.95
N ILE FA 219 60.31 -48.49 -4.77
CA ILE FA 219 59.99 -49.83 -4.29
C ILE FA 219 58.64 -50.25 -4.85
N ALA FA 220 58.50 -51.53 -5.15
CA ALA FA 220 57.32 -52.00 -5.86
C ALA FA 220 56.11 -52.11 -4.95
N ARG FA 221 56.32 -52.44 -3.68
CA ARG FA 221 55.20 -52.71 -2.78
C ARG FA 221 55.67 -52.47 -1.34
N GLY FA 222 54.73 -52.55 -0.41
CA GLY FA 222 55.02 -52.39 0.99
C GLY FA 222 54.44 -53.49 1.86
N VAL FA 223 54.39 -54.70 1.32
CA VAL FA 223 53.85 -55.86 2.03
C VAL FA 223 54.79 -56.25 3.16
N ASN FA 224 54.29 -57.05 4.09
CA ASN FA 224 55.10 -57.52 5.20
C ASN FA 224 56.04 -58.64 4.75
N SER FA 225 57.03 -58.93 5.60
CA SER FA 225 57.95 -60.03 5.30
C SER FA 225 57.29 -61.39 5.49
N LEU FA 226 56.16 -61.46 6.17
CA LEU FA 226 55.51 -62.73 6.42
C LEU FA 226 54.86 -63.26 5.15
N THR FA 227 55.34 -64.40 4.68
CA THR FA 227 54.79 -65.02 3.48
C THR FA 227 53.44 -65.67 3.74
N GLU FA 228 53.29 -66.35 4.88
CA GLU FA 228 52.11 -67.14 5.18
C GLU FA 228 51.29 -66.42 6.25
N LEU FA 229 50.19 -65.81 5.83
CA LEU FA 229 49.20 -65.25 6.75
C LEU FA 229 48.05 -66.23 6.89
N THR FA 230 47.67 -66.51 8.14
CA THR FA 230 46.62 -67.49 8.39
C THR FA 230 45.27 -66.99 7.87
N ALA FA 231 44.27 -67.86 7.97
CA ALA FA 231 42.95 -67.53 7.43
C ALA FA 231 42.36 -66.30 8.10
N GLU FA 232 42.56 -66.16 9.41
CA GLU FA 232 42.00 -65.01 10.12
C GLU FA 232 42.71 -63.71 9.74
N LYS FA 233 44.02 -63.76 9.51
CA LYS FA 233 44.79 -62.53 9.27
C LYS FA 233 44.34 -61.83 8.00
N GLY FA 234 44.13 -62.58 6.93
CA GLY FA 234 43.62 -62.01 5.70
C GLY FA 234 44.63 -61.23 4.90
N GLU FA 235 44.13 -60.57 3.86
CA GLU FA 235 44.99 -59.82 2.94
C GLU FA 235 45.56 -58.57 3.60
N MET FA 236 44.75 -57.88 4.41
CA MET FA 236 45.21 -56.62 4.99
C MET FA 236 46.38 -56.83 5.95
N PHE FA 237 46.39 -57.97 6.66
CA PHE FA 237 47.50 -58.25 7.56
C PHE FA 237 48.79 -58.58 6.82
N GLN FA 238 48.73 -58.74 5.50
CA GLN FA 238 49.93 -58.87 4.69
C GLN FA 238 50.58 -57.52 4.41
N LYS FA 239 50.01 -56.42 4.90
CA LYS FA 239 50.53 -55.08 4.69
C LYS FA 239 51.07 -54.52 5.99
N ILE FA 240 52.26 -53.91 5.92
CA ILE FA 240 52.85 -53.29 7.10
C ILE FA 240 52.03 -52.09 7.55
N LYS FA 241 51.31 -51.44 6.61
CA LYS FA 241 50.55 -50.25 6.96
C LYS FA 241 49.45 -50.54 7.98
N ILE FA 242 48.75 -51.66 7.81
CA ILE FA 242 47.70 -52.04 8.75
C ILE FA 242 48.29 -52.37 10.12
N VAL FA 243 49.33 -53.21 10.14
CA VAL FA 243 49.89 -53.64 11.41
C VAL FA 243 50.52 -52.47 12.15
N ASP FA 244 51.00 -51.46 11.41
CA ASP FA 244 51.59 -50.29 12.07
C ASP FA 244 50.55 -49.54 12.89
N THR FA 245 49.40 -49.23 12.29
CA THR FA 245 48.37 -48.51 13.03
C THR FA 245 47.75 -49.38 14.12
N LEU FA 246 47.64 -50.69 13.88
CA LEU FA 246 47.14 -51.57 14.93
C LEU FA 246 48.09 -51.58 16.12
N ASP FA 247 49.39 -51.64 15.86
CA ASP FA 247 50.38 -51.61 16.94
C ASP FA 247 50.35 -50.28 17.67
N ILE FA 248 50.18 -49.18 16.94
CA ILE FA 248 50.12 -47.86 17.57
C ILE FA 248 48.91 -47.77 18.49
N ILE FA 249 47.75 -48.25 18.02
CA ILE FA 249 46.55 -48.24 18.85
C ILE FA 249 46.75 -49.11 20.09
N HIS FA 250 47.34 -50.30 19.90
CA HIS FA 250 47.63 -51.18 21.03
C HIS FA 250 48.51 -50.48 22.06
N SER FA 251 49.59 -49.85 21.60
CA SER FA 251 50.52 -49.19 22.52
C SER FA 251 49.85 -48.04 23.25
N ASP FA 252 49.05 -47.24 22.53
CA ASP FA 252 48.38 -46.11 23.18
C ASP FA 252 47.38 -46.58 24.22
N ILE FA 253 46.59 -47.61 23.89
CA ILE FA 253 45.61 -48.12 24.85
C ILE FA 253 46.29 -48.70 26.08
N ARG FA 254 47.37 -49.48 25.86
CA ARG FA 254 48.09 -50.04 27.00
C ARG FA 254 48.70 -48.94 27.86
N LYS FA 255 49.25 -47.90 27.23
CA LYS FA 255 49.86 -46.81 27.98
C LYS FA 255 48.83 -46.08 28.82
N VAL FA 256 47.67 -45.75 28.23
CA VAL FA 256 46.67 -45.02 28.99
C VAL FA 256 46.09 -45.89 30.10
N ILE FA 257 45.93 -47.19 29.84
CA ILE FA 257 45.43 -48.09 30.88
C ILE FA 257 46.39 -48.15 32.05
N ILE FA 258 47.69 -48.30 31.76
CA ILE FA 258 48.68 -48.35 32.83
C ILE FA 258 48.75 -47.01 33.56
N ASP FA 259 48.59 -45.90 32.85
CA ASP FA 259 48.68 -44.59 33.48
C ASP FA 259 47.50 -44.34 34.41
N ASP FA 260 46.29 -44.76 34.03
CA ASP FA 260 45.09 -44.35 34.74
C ASP FA 260 44.44 -45.47 35.53
N TYR FA 261 44.11 -46.59 34.90
CA TYR FA 261 43.12 -47.49 35.48
C TYR FA 261 43.68 -48.49 36.49
N ILE FA 262 44.95 -48.86 36.36
CA ILE FA 262 45.53 -49.82 37.31
C ILE FA 262 45.87 -49.09 38.60
N GLY FA 263 45.38 -49.62 39.72
CA GLY FA 263 45.67 -49.03 41.02
C GLY FA 263 44.85 -47.79 41.33
N LYS FA 264 44.99 -46.75 40.51
CA LYS FA 264 44.33 -45.48 40.79
C LYS FA 264 42.82 -45.60 40.74
N VAL FA 265 42.29 -46.30 39.73
CA VAL FA 265 40.86 -46.42 39.53
C VAL FA 265 40.40 -47.74 40.14
N THR FA 266 39.18 -47.74 40.69
CA THR FA 266 38.58 -48.95 41.21
C THR FA 266 37.70 -49.61 40.14
N ASN FA 267 37.16 -50.78 40.49
CA ASN FA 267 36.26 -51.51 39.61
C ASN FA 267 34.83 -51.26 40.04
N SER FA 268 34.03 -50.71 39.12
CA SER FA 268 32.61 -50.46 39.38
C SER FA 268 31.90 -50.32 38.04
N TYR FA 269 30.58 -50.39 38.09
CA TYR FA 269 29.79 -50.17 36.89
C TYR FA 269 29.99 -48.76 36.35
N ASP FA 270 30.01 -47.77 37.24
CA ASP FA 270 30.31 -46.40 36.83
C ASP FA 270 31.74 -46.30 36.30
N ASN FA 271 32.69 -46.99 36.94
CA ASN FA 271 34.06 -47.01 36.43
C ASN FA 271 34.12 -47.66 35.05
N LYS FA 272 33.34 -48.73 34.85
CA LYS FA 272 33.27 -49.36 33.54
C LYS FA 272 32.71 -48.41 32.50
N CYS FA 273 31.67 -47.66 32.85
CA CYS FA 273 31.11 -46.68 31.92
C CYS FA 273 32.11 -45.58 31.59
N LEU FA 274 32.85 -45.10 32.59
CA LEU FA 274 33.87 -44.08 32.34
C LEU FA 274 34.98 -44.62 31.43
N LEU FA 275 35.40 -45.86 31.67
CA LEU FA 275 36.42 -46.46 30.80
C LEU FA 275 35.91 -46.61 29.38
N ILE FA 276 34.64 -47.01 29.22
CA ILE FA 276 34.05 -47.12 27.89
C ILE FA 276 34.02 -45.76 27.21
N VAL FA 277 33.64 -44.71 27.95
CA VAL FA 277 33.59 -43.37 27.39
C VAL FA 277 34.99 -42.93 26.95
N ALA FA 278 36.01 -43.19 27.78
CA ALA FA 278 37.36 -42.81 27.41
C ALA FA 278 37.85 -43.57 26.18
N ILE FA 279 37.53 -44.86 26.09
CA ILE FA 279 37.91 -45.64 24.92
C ILE FA 279 37.22 -45.11 23.68
N LYS FA 280 35.93 -44.76 23.81
CA LYS FA 280 35.20 -44.19 22.68
C LYS FA 280 35.80 -42.85 22.26
N SER FA 281 36.22 -42.04 23.23
CA SER FA 281 36.85 -40.76 22.90
C SER FA 281 38.17 -40.97 22.17
N TYR FA 282 38.98 -41.94 22.62
CA TYR FA 282 40.23 -42.23 21.92
C TYR FA 282 39.97 -42.74 20.51
N LEU FA 283 38.95 -43.59 20.35
CA LEU FA 283 38.60 -44.07 19.01
C LEU FA 283 38.11 -42.93 18.13
N GLU FA 284 37.39 -41.96 18.69
CA GLU FA 284 36.97 -40.79 17.93
C GLU FA 284 38.17 -39.95 17.52
N GLU FA 285 39.16 -39.82 18.41
CA GLU FA 285 40.40 -39.12 18.06
C GLU FA 285 41.09 -39.81 16.90
N LEU FA 286 41.13 -41.15 16.92
CA LEU FA 286 41.67 -41.88 15.78
C LEU FA 286 40.83 -41.65 14.52
N GLU FA 287 39.51 -41.59 14.69
CA GLU FA 287 38.62 -41.34 13.56
C GLU FA 287 38.86 -39.97 12.95
N LYS FA 288 39.32 -39.01 13.74
CA LYS FA 288 39.68 -37.71 13.20
C LYS FA 288 40.75 -37.85 12.13
N SER FA 289 41.76 -38.66 12.39
CA SER FA 289 42.70 -39.05 11.35
C SER FA 289 42.05 -40.06 10.40
N ALA FA 290 42.58 -40.13 9.20
CA ALA FA 290 42.06 -41.05 8.19
C ALA FA 290 42.50 -42.49 8.41
N LEU FA 291 43.17 -42.79 9.52
CA LEU FA 291 43.72 -44.12 9.73
C LEU FA 291 42.63 -45.17 9.85
N ILE FA 292 41.56 -44.88 10.59
CA ILE FA 292 40.50 -45.85 10.84
C ILE FA 292 39.17 -45.28 10.35
N GLU FA 293 38.20 -46.19 10.20
CA GLU FA 293 36.87 -45.79 9.76
C GLU FA 293 36.19 -44.94 10.83
N SER FA 294 35.28 -44.07 10.38
CA SER FA 294 34.56 -43.19 11.29
C SER FA 294 33.57 -43.91 12.18
N ASP FA 295 33.24 -45.17 11.88
CA ASP FA 295 32.25 -45.93 12.63
C ASP FA 295 32.94 -47.00 13.44
N SER FA 296 32.70 -47.00 14.76
CA SER FA 296 33.22 -48.01 15.65
C SER FA 296 32.34 -48.06 16.89
N THR FA 297 32.37 -49.22 17.55
CA THR FA 297 31.54 -49.44 18.75
C THR FA 297 32.40 -49.99 19.87
N VAL FA 298 32.06 -49.61 21.10
CA VAL FA 298 32.69 -50.11 22.31
C VAL FA 298 31.60 -50.75 23.17
N GLU FA 299 31.83 -51.99 23.58
CA GLU FA 299 30.81 -52.74 24.31
C GLU FA 299 31.46 -53.61 25.37
N ILE FA 300 30.68 -53.97 26.38
CA ILE FA 300 31.13 -54.89 27.42
C ILE FA 300 31.08 -56.31 26.88
N ASP FA 301 32.16 -57.07 27.09
CA ASP FA 301 32.21 -58.47 26.67
C ASP FA 301 31.23 -59.27 27.53
N PHE FA 302 30.05 -59.54 26.99
CA PHE FA 302 28.98 -60.15 27.79
C PHE FA 302 29.24 -61.63 28.00
N GLU FA 303 29.77 -62.32 26.99
CA GLU FA 303 30.07 -63.75 27.13
C GLU FA 303 31.22 -63.98 28.10
N ALA FA 304 32.17 -63.05 28.17
CA ALA FA 304 33.21 -63.13 29.19
C ALA FA 304 32.61 -63.02 30.58
N GLN FA 305 31.60 -62.17 30.74
CA GLN FA 305 30.88 -62.11 32.01
C GLN FA 305 30.15 -63.42 32.29
N LYS FA 306 29.57 -64.04 31.25
CA LYS FA 306 28.98 -65.35 31.42
C LYS FA 306 29.99 -66.35 31.96
N SER FA 307 31.19 -66.38 31.34
CA SER FA 307 32.22 -67.32 31.77
C SER FA 307 32.67 -67.04 33.20
N TYR FA 308 32.78 -65.75 33.56
CA TYR FA 308 33.15 -65.41 34.93
C TYR FA 308 32.09 -65.88 35.92
N LEU FA 309 30.81 -65.74 35.56
CA LEU FA 309 29.75 -66.24 36.43
C LEU FA 309 29.81 -67.76 36.56
N LYS FA 310 30.07 -68.46 35.45
CA LYS FA 310 30.21 -69.91 35.52
C LYS FA 310 31.36 -70.31 36.43
N SER FA 311 32.48 -69.58 36.36
CA SER FA 311 33.57 -69.81 37.30
C SER FA 311 33.11 -69.57 38.73
N LYS FA 312 32.35 -68.49 38.96
CA LYS FA 312 31.77 -68.25 40.27
C LYS FA 312 30.73 -69.32 40.61
N GLY FA 313 29.93 -69.73 39.63
CA GLY FA 313 28.91 -70.73 39.84
C GLY FA 313 27.51 -70.21 40.04
N VAL FA 314 27.27 -68.91 39.84
CA VAL FA 314 25.94 -68.35 40.00
C VAL FA 314 25.04 -68.81 38.88
N ASP FA 315 23.84 -69.28 39.22
CA ASP FA 315 22.89 -69.74 38.21
C ASP FA 315 22.43 -68.57 37.34
N LEU FA 316 22.33 -68.82 36.04
CA LEU FA 316 21.98 -67.77 35.09
C LEU FA 316 20.48 -67.47 35.08
N SER FA 317 19.66 -68.35 35.64
CA SER FA 317 18.22 -68.15 35.59
C SER FA 317 17.77 -67.13 36.64
N TYR FA 318 16.50 -66.74 36.52
CA TYR FA 318 15.81 -65.88 37.50
C TYR FA 318 16.57 -64.59 37.82
N MET FA 319 17.10 -63.93 36.80
CA MET FA 319 17.33 -62.50 36.88
C MET FA 319 17.40 -61.92 35.47
N THR FA 320 17.30 -60.60 35.40
CA THR FA 320 17.40 -59.91 34.12
C THR FA 320 18.81 -60.03 33.55
N LEU FA 321 18.90 -60.08 32.21
CA LEU FA 321 20.20 -60.14 31.56
C LEU FA 321 21.05 -58.91 31.86
N GLN FA 322 20.41 -57.77 32.14
CA GLN FA 322 21.15 -56.58 32.52
C GLN FA 322 21.86 -56.76 33.85
N GLU FA 323 21.30 -57.60 34.74
CA GLU FA 323 21.95 -57.85 36.02
C GLU FA 323 23.33 -58.48 35.85
N ILE FA 324 23.55 -59.18 34.73
CA ILE FA 324 24.87 -59.73 34.43
C ILE FA 324 25.89 -58.60 34.32
N LYS FA 325 25.53 -57.54 33.58
CA LYS FA 325 26.40 -56.37 33.52
C LYS FA 325 26.48 -55.68 34.88
N GLU FA 326 25.35 -55.59 35.59
CA GLU FA 326 25.35 -54.95 36.90
C GLU FA 326 26.14 -55.75 37.92
N ALA FA 327 26.23 -57.07 37.75
CA ALA FA 327 26.96 -57.91 38.69
C ALA FA 327 28.44 -57.56 38.68
N ASN FA 328 29.04 -57.55 39.87
CA ASN FA 328 30.47 -57.26 39.98
C ASN FA 328 31.29 -58.38 39.33
N THR FA 329 32.37 -57.99 38.66
CA THR FA 329 33.22 -58.96 37.97
C THR FA 329 34.45 -59.39 38.79
N GLY FA 330 34.52 -58.95 40.04
CA GLY FA 330 35.65 -59.31 40.88
C GLY FA 330 36.96 -58.70 40.43
N SER FA 331 37.06 -57.37 40.47
CA SER FA 331 38.27 -56.64 40.11
C SER FA 331 38.66 -56.88 38.66
N LYS FA 332 37.68 -57.12 37.79
CA LYS FA 332 37.93 -57.42 36.40
C LYS FA 332 36.98 -56.61 35.52
N VAL FA 333 37.38 -56.40 34.27
CA VAL FA 333 36.56 -55.73 33.27
C VAL FA 333 36.69 -56.48 31.95
N PHE FA 334 35.57 -56.73 31.29
CA PHE FA 334 35.53 -57.41 30.00
C PHE FA 334 34.91 -56.48 28.97
N LEU FA 335 35.58 -56.29 27.85
CA LEU FA 335 35.16 -55.33 26.85
C LEU FA 335 35.22 -55.92 25.45
N LYS FA 336 34.38 -55.39 24.57
CA LYS FA 336 34.34 -55.76 23.16
C LYS FA 336 34.30 -54.49 22.32
N ALA FA 337 35.10 -54.47 21.26
CA ALA FA 337 35.18 -53.31 20.39
C ALA FA 337 35.19 -53.75 18.93
N LYS FA 338 34.45 -53.02 18.11
CA LYS FA 338 34.38 -53.27 16.67
C LYS FA 338 35.13 -52.15 15.96
N ILE FA 339 36.17 -52.51 15.22
CA ILE FA 339 37.01 -51.54 14.53
C ILE FA 339 37.27 -52.01 13.11
N LYS FA 340 37.71 -51.08 12.27
CA LYS FA 340 38.09 -51.40 10.89
C LYS FA 340 39.12 -50.38 10.44
N VAL FA 341 40.18 -50.86 9.79
CA VAL FA 341 41.29 -50.00 9.39
C VAL FA 341 40.94 -49.34 8.06
N LEU FA 342 40.94 -48.00 8.05
CA LEU FA 342 40.68 -47.24 6.83
C LEU FA 342 42.01 -46.81 6.21
N ASP FA 343 42.74 -47.80 5.72
CA ASP FA 343 43.97 -47.55 4.96
C ASP FA 343 43.62 -47.63 3.49
N ALA FA 344 43.86 -46.53 2.76
CA ALA FA 344 43.31 -46.38 1.42
C ALA FA 344 44.12 -47.13 0.37
N MET FA 345 43.90 -46.79 -0.89
CA MET FA 345 44.19 -47.65 -2.02
C MET FA 345 45.48 -47.22 -2.72
N GLU FA 346 46.42 -48.17 -2.84
CA GLU FA 346 47.66 -47.97 -3.57
C GLU FA 346 47.49 -48.13 -5.07
N ASP FA 347 46.58 -49.01 -5.49
CA ASP FA 347 46.37 -49.33 -6.89
C ASP FA 347 44.89 -49.18 -7.24
N ILE FA 348 44.60 -48.96 -8.53
CA ILE FA 348 43.25 -48.72 -9.01
C ILE FA 348 43.06 -49.46 -10.33
N ASP FA 349 41.80 -49.75 -10.63
CA ASP FA 349 41.44 -50.40 -11.90
C ASP FA 349 39.99 -50.07 -12.20
N LEU FA 350 39.77 -49.12 -13.11
CA LEU FA 350 38.44 -48.63 -13.43
C LEU FA 350 38.04 -49.04 -14.85
N SER FA 351 36.75 -48.86 -15.15
CA SER FA 351 36.22 -49.23 -16.45
C SER FA 351 35.66 -48.02 -17.18
N ILE FA 352 35.63 -48.11 -18.50
CA ILE FA 352 35.13 -47.06 -19.38
C ILE FA 352 33.89 -47.59 -20.09
N GLU FA 353 33.17 -46.71 -20.77
CA GLU FA 353 32.11 -47.16 -21.67
C GLU FA 353 32.35 -46.59 -23.07
N ILE GA 3 -26.14 -14.51 102.88
CA ILE GA 3 -27.57 -14.24 102.94
C ILE GA 3 -27.81 -12.75 103.18
N GLY GA 4 -26.80 -12.08 103.75
CA GLY GA 4 -26.87 -10.67 104.04
C GLY GA 4 -26.10 -9.86 103.03
N LEU GA 5 -26.83 -9.15 102.15
CA LEU GA 5 -26.25 -8.36 101.08
C LEU GA 5 -25.30 -9.23 100.26
N PRO GA 6 -25.82 -10.17 99.47
CA PRO GA 6 -24.93 -11.03 98.69
C PRO GA 6 -24.33 -10.29 97.50
N SER GA 7 -23.02 -10.10 97.55
CA SER GA 7 -22.25 -9.53 96.46
C SER GA 7 -21.00 -10.37 96.25
N ILE GA 8 -21.11 -11.40 95.41
CA ILE GA 8 -20.01 -12.34 95.20
C ILE GA 8 -18.84 -11.61 94.56
N ASN GA 9 -17.65 -11.87 95.07
CA ASN GA 9 -16.43 -11.22 94.59
C ASN GA 9 -15.96 -11.91 93.32
N ILE GA 10 -15.27 -11.16 92.47
CA ILE GA 10 -14.70 -11.66 91.23
C ILE GA 10 -13.19 -11.65 91.36
N SER GA 11 -12.59 -12.84 91.32
CA SER GA 11 -11.15 -12.98 91.45
C SER GA 11 -10.66 -14.03 90.45
N PHE GA 12 -9.34 -14.19 90.37
CA PHE GA 12 -8.72 -15.08 89.41
C PHE GA 12 -7.79 -16.05 90.11
N LYS GA 13 -7.71 -17.27 89.58
CA LYS GA 13 -6.65 -18.20 89.95
C LYS GA 13 -5.68 -18.34 88.79
N GLU GA 14 -4.42 -17.99 89.05
CA GLU GA 14 -3.41 -18.04 88.00
C GLU GA 14 -3.13 -19.48 87.60
N LEU GA 15 -2.93 -19.70 86.31
CA LEU GA 15 -2.75 -21.05 85.78
C LEU GA 15 -1.29 -21.47 85.90
N ALA GA 16 -1.04 -22.47 86.73
CA ALA GA 16 0.27 -23.07 86.87
C ALA GA 16 0.20 -24.52 86.40
N THR GA 17 1.31 -25.00 85.84
CA THR GA 17 1.35 -26.34 85.28
C THR GA 17 1.12 -27.38 86.39
N THR GA 18 0.11 -28.21 86.19
CA THR GA 18 -0.20 -29.25 87.18
C THR GA 18 0.90 -30.30 87.21
N VAL GA 19 1.34 -30.64 88.42
CA VAL GA 19 2.42 -31.60 88.62
C VAL GA 19 1.92 -32.69 89.55
N LYS GA 20 2.01 -33.94 89.10
CA LYS GA 20 1.68 -35.06 89.96
C LYS GA 20 2.71 -35.20 91.07
N GLU GA 21 2.23 -35.44 92.29
CA GLU GA 21 3.09 -35.53 93.47
C GLU GA 21 3.19 -37.00 93.89
N ARG GA 22 4.43 -37.49 93.98
CA ARG GA 22 4.70 -38.85 94.39
C ARG GA 22 5.89 -38.85 95.34
N SER GA 23 6.26 -40.03 95.82
CA SER GA 23 7.39 -40.14 96.74
C SER GA 23 8.68 -39.72 96.04
N ALA GA 24 9.49 -38.94 96.74
CA ALA GA 24 10.76 -38.48 96.18
C ALA GA 24 11.70 -39.65 95.98
N ARG GA 25 12.44 -39.63 94.87
CA ARG GA 25 13.36 -40.69 94.50
C ARG GA 25 14.73 -40.11 94.22
N GLY GA 26 15.75 -40.92 94.47
CA GLY GA 26 17.13 -40.52 94.22
C GLY GA 26 17.75 -39.63 95.29
N ILE GA 27 17.06 -39.38 96.39
CA ILE GA 27 17.62 -38.55 97.45
C ILE GA 27 18.73 -39.30 98.16
N ILE GA 28 19.70 -38.55 98.68
CA ILE GA 28 20.84 -39.12 99.39
C ILE GA 28 20.76 -38.71 100.85
N ALA GA 29 20.85 -39.68 101.75
CA ALA GA 29 20.95 -39.43 103.18
C ALA GA 29 22.42 -39.54 103.58
N MET GA 30 22.99 -38.43 104.03
CA MET GA 30 24.40 -38.33 104.35
C MET GA 30 24.58 -38.30 105.86
N VAL GA 31 25.31 -39.27 106.39
CA VAL GA 31 25.58 -39.38 107.81
C VAL GA 31 27.08 -39.41 108.03
N LEU GA 32 27.55 -38.63 109.00
CA LEU GA 32 28.98 -38.46 109.21
C LEU GA 32 29.23 -38.01 110.63
N LYS GA 33 30.46 -38.23 111.11
CA LYS GA 33 30.85 -37.94 112.47
C LYS GA 33 31.82 -36.76 112.52
N ASP GA 34 31.60 -35.87 113.48
CA ASP GA 34 32.48 -34.73 113.71
C ASP GA 34 32.28 -34.23 115.13
N ALA GA 35 33.25 -33.44 115.60
CA ALA GA 35 33.20 -32.86 116.93
C ALA GA 35 32.78 -31.40 116.92
N LYS GA 36 32.38 -30.87 115.77
CA LYS GA 36 32.01 -29.47 115.63
C LYS GA 36 30.56 -29.37 115.18
N ALA GA 37 29.78 -28.55 115.89
CA ALA GA 37 28.41 -28.21 115.53
C ALA GA 37 27.59 -29.46 115.19
N LEU GA 38 27.40 -30.29 116.21
CA LEU GA 38 26.65 -31.53 116.05
C LEU GA 38 25.23 -31.24 115.58
N GLY GA 39 24.78 -32.01 114.59
CA GLY GA 39 23.45 -31.86 114.03
C GLY GA 39 23.45 -31.96 112.53
N LEU GA 40 22.26 -32.19 111.98
CA LEU GA 40 22.11 -32.32 110.54
C LEU GA 40 22.28 -30.97 109.86
N ASN GA 41 22.80 -31.02 108.63
CA ASN GA 41 23.17 -29.81 107.91
C ASN GA 41 22.19 -29.43 106.80
N GLU GA 42 21.40 -30.38 106.31
CA GLU GA 42 20.40 -30.18 105.25
C GLU GA 42 20.92 -29.26 104.14
N ILE GA 43 21.99 -29.72 103.49
CA ILE GA 43 22.67 -28.91 102.46
C ILE GA 43 21.93 -29.19 101.15
N HIS GA 44 20.84 -28.43 100.94
CA HIS GA 44 20.14 -28.50 99.66
C HIS GA 44 20.83 -27.63 98.61
N GLU GA 45 21.34 -26.47 99.02
CA GLU GA 45 22.04 -25.59 98.09
C GLU GA 45 23.38 -26.20 97.70
N LYS GA 46 23.76 -25.99 96.44
CA LYS GA 46 24.98 -26.60 95.91
C LYS GA 46 26.20 -25.79 96.32
N GLU GA 47 27.31 -26.51 96.53
CA GLU GA 47 28.61 -25.92 96.85
C GLU GA 47 28.53 -25.05 98.12
N ASP GA 48 27.95 -25.62 99.17
CA ASP GA 48 27.91 -24.97 100.48
C ASP GA 48 28.52 -25.92 101.50
N ILE GA 49 29.60 -25.48 102.14
CA ILE GA 49 30.30 -26.29 103.13
C ILE GA 49 30.14 -25.61 104.49
N PRO GA 50 29.32 -26.16 105.39
CA PRO GA 50 29.25 -25.60 106.74
C PRO GA 50 30.56 -25.78 107.48
N VAL GA 51 30.83 -24.87 108.42
CA VAL GA 51 32.11 -24.87 109.13
C VAL GA 51 32.29 -26.11 109.98
N ASP GA 52 31.21 -26.82 110.30
CA ASP GA 52 31.31 -28.02 111.12
C ASP GA 52 32.14 -29.10 110.44
N LEU GA 53 31.93 -29.28 109.13
CA LEU GA 53 32.56 -30.37 108.40
C LEU GA 53 34.00 -30.02 108.02
N SER GA 54 34.89 -30.99 108.16
CA SER GA 54 36.31 -30.79 108.02
C SER GA 54 36.73 -30.86 106.55
N ALA GA 55 38.04 -30.86 106.29
CA ALA GA 55 38.54 -30.87 104.92
C ALA GA 55 38.19 -32.17 104.20
N GLU GA 56 38.38 -33.31 104.87
CA GLU GA 56 37.96 -34.58 104.28
C GLU GA 56 36.45 -34.60 104.06
N ASN GA 57 35.69 -34.09 105.03
CA ASN GA 57 34.25 -33.96 104.85
C ASN GA 57 33.91 -32.96 103.75
N LYS GA 58 34.70 -31.90 103.60
CA LYS GA 58 34.51 -30.98 102.48
C LYS GA 58 34.69 -31.70 101.15
N GLU GA 59 35.72 -32.53 101.05
CA GLU GA 59 35.92 -33.31 99.82
C GLU GA 59 34.77 -34.30 99.61
N TYR GA 60 34.25 -34.87 100.71
CA TYR GA 60 33.07 -35.73 100.59
C TYR GA 60 31.90 -34.98 100.00
N ILE GA 61 31.64 -33.77 100.48
CA ILE GA 61 30.55 -32.95 99.95
C ILE GA 61 30.78 -32.65 98.48
N ASN GA 62 32.01 -32.28 98.12
CA ASN GA 62 32.32 -31.96 96.73
C ASN GA 62 32.11 -33.17 95.82
N LEU GA 63 32.52 -34.35 96.27
CA LEU GA 63 32.32 -35.56 95.49
C LEU GA 63 30.83 -35.89 95.35
N ALA GA 64 30.07 -35.73 96.43
CA ALA GA 64 28.66 -36.11 96.40
C ALA GA 64 27.84 -35.14 95.55
N LEU GA 65 28.16 -33.85 95.61
CA LEU GA 65 27.33 -32.85 94.93
C LEU GA 65 27.36 -33.05 93.41
N MET GA 66 28.54 -33.30 92.85
CA MET GA 66 28.66 -33.44 91.40
C MET GA 66 28.43 -34.90 91.00
N GLY GA 67 27.73 -35.10 89.88
CA GLY GA 67 27.40 -36.41 89.40
C GLY GA 67 27.71 -36.54 87.92
N ASN GA 68 27.42 -37.74 87.39
CA ASN GA 68 27.70 -38.02 85.98
C ASN GA 68 26.84 -37.15 85.07
N VAL GA 69 25.53 -37.11 85.33
CA VAL GA 69 24.57 -36.42 84.48
C VAL GA 69 24.01 -35.18 85.16
N ASN GA 70 23.44 -35.35 86.36
CA ASN GA 70 22.81 -34.25 87.07
C ASN GA 70 23.23 -34.28 88.54
N THR GA 71 23.17 -33.12 89.16
CA THR GA 71 23.38 -33.05 90.60
C THR GA 71 22.24 -33.77 91.33
N PRO GA 72 22.54 -34.53 92.38
CA PRO GA 72 21.47 -35.15 93.16
C PRO GA 72 20.50 -34.11 93.70
N ASN GA 73 19.23 -34.49 93.75
CA ASN GA 73 18.17 -33.53 94.04
C ASN GA 73 18.35 -32.89 95.40
N LYS GA 74 18.52 -33.71 96.45
CA LYS GA 74 18.65 -33.20 97.80
C LYS GA 74 19.77 -33.93 98.53
N LEU GA 75 20.55 -33.19 99.31
CA LEU GA 75 21.61 -33.75 100.12
C LEU GA 75 21.37 -33.37 101.58
N LEU GA 76 21.39 -34.37 102.47
CA LEU GA 76 21.10 -34.17 103.89
C LEU GA 76 22.26 -34.73 104.70
N VAL GA 77 23.19 -33.87 105.09
CA VAL GA 77 24.39 -34.26 105.82
C VAL GA 77 24.14 -34.12 107.31
N TYR GA 78 24.50 -35.14 108.08
CA TYR GA 78 24.32 -35.16 109.52
C TYR GA 78 25.68 -35.14 110.22
N VAL GA 79 25.75 -34.42 111.34
CA VAL GA 79 26.98 -34.28 112.10
C VAL GA 79 26.70 -34.65 113.56
N ILE GA 80 27.51 -35.56 114.11
CA ILE GA 80 27.45 -35.94 115.51
C ILE GA 80 28.84 -36.44 115.91
N GLU GA 81 29.06 -36.56 117.22
CA GLU GA 81 30.33 -37.08 117.72
C GLU GA 81 30.54 -38.51 117.23
N GLY GA 82 31.82 -38.91 117.17
CA GLY GA 82 32.15 -40.21 116.61
C GLY GA 82 31.50 -41.37 117.35
N GLU GA 83 31.38 -41.25 118.66
CA GLU GA 83 30.73 -42.29 119.45
C GLU GA 83 29.23 -42.33 119.15
N ALA GA 84 28.67 -43.54 119.13
CA ALA GA 84 27.25 -43.77 118.92
C ALA GA 84 26.76 -43.17 117.60
N ASP GA 85 27.57 -43.34 116.54
CA ASP GA 85 27.14 -42.94 115.21
C ASP GA 85 25.95 -43.78 114.75
N ILE GA 86 25.98 -45.08 115.02
CA ILE GA 86 24.97 -45.99 114.49
C ILE GA 86 23.59 -45.68 115.08
N GLN GA 87 23.52 -45.41 116.38
CA GLN GA 87 22.21 -45.17 117.00
C GLN GA 87 21.56 -43.91 116.46
N THR GA 88 22.31 -42.80 116.42
CA THR GA 88 21.73 -41.55 115.92
C THR GA 88 21.45 -41.62 114.43
N ALA GA 89 22.28 -42.33 113.66
CA ALA GA 89 22.00 -42.51 112.24
C ALA GA 89 20.71 -43.27 112.05
N LEU GA 90 20.51 -44.34 112.83
CA LEU GA 90 19.28 -45.11 112.75
C LEU GA 90 18.07 -44.26 113.11
N ASP GA 91 18.18 -43.47 114.19
CA ASP GA 91 17.07 -42.63 114.61
C ASP GA 91 16.72 -41.59 113.54
N PHE GA 92 17.74 -40.93 112.98
CA PHE GA 92 17.48 -39.90 111.98
C PHE GA 92 16.91 -40.50 110.70
N LEU GA 93 17.40 -41.66 110.29
CA LEU GA 93 16.86 -42.30 109.10
C LEU GA 93 15.44 -42.82 109.32
N GLU GA 94 15.12 -43.21 110.56
CA GLU GA 94 13.74 -43.56 110.88
C GLU GA 94 12.84 -42.33 110.85
N THR GA 95 13.37 -41.18 111.28
CA THR GA 95 12.57 -39.97 111.33
C THR GA 95 12.12 -39.53 109.94
N LYS GA 96 13.02 -39.58 108.96
CA LYS GA 96 12.75 -39.09 107.62
C LYS GA 96 13.18 -40.12 106.58
N GLU GA 97 12.35 -40.29 105.55
CA GLU GA 97 12.62 -41.28 104.51
C GLU GA 97 13.85 -40.88 103.69
N PHE GA 98 14.42 -41.87 103.00
CA PHE GA 98 15.62 -41.66 102.21
C PHE GA 98 15.67 -42.71 101.11
N ASN GA 99 16.56 -42.48 100.14
CA ASN GA 99 16.80 -43.41 99.05
C ASN GA 99 18.23 -43.93 98.98
N TYR GA 100 19.21 -43.16 99.45
CA TYR GA 100 20.61 -43.57 99.44
C TYR GA 100 21.23 -43.31 100.80
N LEU GA 101 22.21 -44.13 101.16
CA LEU GA 101 22.87 -44.03 102.45
C LEU GA 101 24.34 -44.36 102.28
N CYS GA 102 25.20 -43.63 103.01
CA CYS GA 102 26.63 -43.86 102.96
C CYS GA 102 27.27 -43.30 104.22
N MET GA 103 28.06 -44.12 104.91
CA MET GA 103 28.80 -43.70 106.08
C MET GA 103 30.29 -43.71 105.80
N PRO GA 104 30.95 -42.54 105.75
CA PRO GA 104 32.39 -42.51 105.47
C PRO GA 104 33.23 -43.28 106.46
N LYS GA 105 32.85 -43.29 107.75
CA LYS GA 105 33.68 -43.89 108.79
C LYS GA 105 33.04 -45.15 109.38
N ALA GA 106 32.26 -45.88 108.59
CA ALA GA 106 31.66 -47.11 109.06
C ALA GA 106 32.68 -48.24 109.01
N VAL GA 107 32.99 -48.82 110.17
CA VAL GA 107 33.85 -49.99 110.25
C VAL GA 107 33.05 -51.19 109.75
N GLU GA 108 33.74 -52.33 109.54
CA GLU GA 108 33.06 -53.52 109.05
C GLU GA 108 31.90 -53.91 109.95
N ALA GA 109 32.08 -53.79 111.27
CA ALA GA 109 30.96 -54.03 112.18
C ALA GA 109 29.86 -52.99 111.98
N ASP GA 110 30.24 -51.72 111.81
CA ASP GA 110 29.24 -50.68 111.54
C ASP GA 110 28.52 -50.93 110.23
N LYS GA 111 29.26 -51.35 109.19
CA LYS GA 111 28.64 -51.65 107.91
C LYS GA 111 27.68 -52.82 108.03
N THR GA 112 28.06 -53.86 108.79
CA THR GA 112 27.17 -55.00 108.99
C THR GA 112 25.92 -54.59 109.73
N ALA GA 113 26.05 -53.75 110.76
CA ALA GA 113 24.88 -53.26 111.48
C ALA GA 113 23.98 -52.43 110.57
N ILE GA 114 24.58 -51.60 109.72
CA ILE GA 114 23.80 -50.80 108.77
C ILE GA 114 23.04 -51.72 107.83
N LYS GA 115 23.70 -52.76 107.31
CA LYS GA 115 23.04 -53.69 106.40
C LYS GA 115 21.90 -54.43 107.09
N ASN GA 116 22.12 -54.86 108.32
CA ASN GA 116 21.05 -55.55 109.06
C ASN GA 116 19.86 -54.63 109.28
N TRP GA 117 20.12 -53.37 109.64
CA TRP GA 117 19.02 -52.43 109.84
C TRP GA 117 18.29 -52.17 108.52
N ILE GA 118 19.04 -52.05 107.42
CA ILE GA 118 18.43 -51.85 106.11
C ILE GA 118 17.52 -53.00 105.76
N ILE GA 119 17.99 -54.24 105.92
CA ILE GA 119 17.17 -55.39 105.55
C ILE GA 119 15.98 -55.53 106.49
N LYS GA 120 16.16 -55.20 107.77
CA LYS GA 120 15.04 -55.27 108.71
C LYS GA 120 13.94 -54.30 108.34
N LEU GA 121 14.30 -53.06 107.99
CA LEU GA 121 13.27 -52.10 107.59
C LEU GA 121 12.73 -52.39 106.19
N ARG GA 122 13.51 -53.03 105.33
CA ARG GA 122 12.96 -53.45 104.04
C ARG GA 122 11.92 -54.54 104.23
N ASP GA 123 12.13 -55.43 105.19
CA ASP GA 123 11.14 -56.46 105.48
C ASP GA 123 9.90 -55.86 106.16
N ILE GA 124 10.11 -55.02 107.17
CA ILE GA 124 8.98 -54.50 107.94
C ILE GA 124 8.17 -53.51 107.12
N ASP GA 125 8.84 -52.53 106.50
CA ASP GA 125 8.17 -51.47 105.76
C ASP GA 125 7.79 -51.87 104.35
N LYS GA 126 8.26 -53.02 103.87
CA LYS GA 126 8.05 -53.54 102.53
C LYS GA 126 8.69 -52.67 101.45
N VAL GA 127 9.36 -51.58 101.83
CA VAL GA 127 10.01 -50.68 100.89
C VAL GA 127 11.48 -51.05 100.82
N LYS GA 128 11.98 -51.33 99.62
CA LYS GA 128 13.34 -51.76 99.42
C LYS GA 128 14.25 -50.56 99.16
N VAL GA 129 15.36 -50.50 99.88
CA VAL GA 129 16.30 -49.39 99.78
C VAL GA 129 17.71 -49.94 99.54
N LYS GA 130 18.60 -49.06 99.08
CA LYS GA 130 19.94 -49.44 98.69
C LYS GA 130 20.96 -48.70 99.55
N ALA GA 131 22.09 -49.37 99.81
CA ALA GA 131 23.20 -48.80 100.54
C ALA GA 131 24.49 -49.10 99.80
N VAL GA 132 25.36 -48.10 99.68
CA VAL GA 132 26.64 -48.26 99.01
C VAL GA 132 27.72 -48.34 100.09
N LEU GA 133 28.42 -49.47 100.13
CA LEU GA 133 29.42 -49.74 101.16
C LEU GA 133 30.69 -50.27 100.50
N GLY GA 134 31.80 -50.14 101.23
CA GLY GA 134 33.10 -50.48 100.70
C GLY GA 134 33.36 -51.97 100.56
N LYS GA 135 33.29 -52.71 101.66
CA LYS GA 135 33.62 -54.14 101.66
C LYS GA 135 32.55 -54.89 102.46
N VAL GA 136 31.52 -55.35 101.78
CA VAL GA 136 30.46 -56.14 102.37
C VAL GA 136 30.23 -57.37 101.52
N VAL GA 137 30.35 -58.55 102.13
CA VAL GA 137 30.14 -59.82 101.44
C VAL GA 137 28.75 -60.39 101.76
N GLY GA 138 27.84 -59.55 102.24
CA GLY GA 138 26.54 -60.03 102.66
C GLY GA 138 25.69 -60.54 101.51
N ASN GA 139 24.60 -61.23 101.90
CA ASN GA 139 23.70 -61.87 100.96
C ASN GA 139 22.46 -61.04 100.68
N HIS GA 140 22.61 -59.71 100.60
CA HIS GA 140 21.50 -58.80 100.39
C HIS GA 140 21.70 -58.05 99.07
N GLU GA 141 20.59 -57.81 98.38
CA GLU GA 141 20.63 -57.21 97.05
C GLU GA 141 20.69 -55.69 97.09
N GLY GA 142 20.01 -55.05 98.04
CA GLY GA 142 19.99 -53.60 98.09
C GLY GA 142 21.36 -53.02 98.38
N ILE GA 143 22.11 -53.63 99.29
CA ILE GA 143 23.45 -53.15 99.59
C ILE GA 143 24.35 -53.35 98.37
N ILE GA 144 25.34 -52.48 98.23
CA ILE GA 144 26.25 -52.48 97.09
C ILE GA 144 27.68 -52.58 97.61
N ASN GA 145 28.45 -53.50 97.03
CA ASN GA 145 29.83 -53.74 97.43
C ASN GA 145 30.78 -53.18 96.39
N PHE GA 146 31.76 -52.40 96.84
CA PHE GA 146 32.73 -51.76 95.96
C PHE GA 146 34.13 -52.16 96.41
N THR GA 147 34.60 -53.31 95.93
CA THR GA 147 35.91 -53.85 96.31
C THR GA 147 36.98 -53.34 95.33
N THR GA 148 37.28 -52.05 95.46
CA THR GA 148 38.32 -51.40 94.65
C THR GA 148 39.14 -50.52 95.58
N GLU GA 149 40.27 -51.06 96.03
CA GLU GA 149 41.15 -50.33 96.94
C GLU GA 149 42.28 -49.66 96.17
N ASP GA 150 43.01 -48.79 96.88
CA ASP GA 150 44.15 -48.06 96.30
C ASP GA 150 43.72 -47.23 95.09
N VAL GA 151 42.55 -46.63 95.18
CA VAL GA 151 42.05 -45.79 94.08
C VAL GA 151 42.79 -44.46 94.08
N LEU GA 152 43.28 -44.07 92.90
CA LEU GA 152 44.03 -42.83 92.72
C LEU GA 152 43.21 -41.91 91.82
N VAL GA 153 42.50 -40.96 92.43
CA VAL GA 153 41.63 -40.04 91.71
C VAL GA 153 42.28 -38.67 91.73
N GLY GA 154 42.69 -38.19 90.56
CA GLY GA 154 43.31 -36.88 90.46
C GLY GA 154 44.58 -36.73 91.26
N GLU GA 155 45.42 -37.77 91.24
CA GLU GA 155 46.70 -37.78 91.98
C GLU GA 155 46.47 -37.47 93.46
N LYS GA 156 45.52 -38.18 94.05
CA LYS GA 156 45.21 -38.03 95.47
C LYS GA 156 44.78 -39.38 96.03
N LYS GA 157 45.30 -39.72 97.20
CA LYS GA 157 44.94 -40.98 97.85
C LYS GA 157 43.50 -40.91 98.35
N TYR GA 158 42.65 -41.79 97.82
CA TYR GA 158 41.24 -41.84 98.19
C TYR GA 158 40.95 -43.15 98.90
N SER GA 159 40.28 -43.07 100.04
CA SER GA 159 39.86 -44.27 100.75
C SER GA 159 38.73 -44.95 99.98
N VAL GA 160 38.47 -46.22 100.34
CA VAL GA 160 37.41 -46.97 99.68
C VAL GA 160 36.06 -46.31 99.95
N ASP GA 161 35.83 -45.89 101.19
CA ASP GA 161 34.54 -45.29 101.54
C ASP GA 161 34.33 -43.97 100.81
N GLU GA 162 35.40 -43.21 100.60
CA GLU GA 162 35.29 -41.97 99.84
C GLU GA 162 34.74 -42.23 98.44
N PHE GA 163 35.31 -43.21 97.74
CA PHE GA 163 34.85 -43.48 96.39
C PHE GA 163 33.50 -44.18 96.37
N THR GA 164 33.15 -44.94 97.43
CA THR GA 164 31.80 -45.47 97.50
C THR GA 164 30.77 -44.35 97.63
N SER GA 165 31.07 -43.34 98.44
CA SER GA 165 30.18 -42.17 98.52
C SER GA 165 30.11 -41.45 97.18
N ARG GA 166 31.26 -41.32 96.50
CA ARG GA 166 31.28 -40.70 95.18
C ARG GA 166 30.39 -41.48 94.20
N VAL GA 167 30.48 -42.81 94.21
CA VAL GA 167 29.69 -43.64 93.31
C VAL GA 167 28.21 -43.55 93.67
N ALA GA 168 27.89 -43.47 94.96
CA ALA GA 168 26.51 -43.29 95.36
C ALA GA 168 25.94 -41.98 94.85
N GLY GA 169 26.72 -40.90 94.96
CA GLY GA 169 26.29 -39.63 94.40
C GLY GA 169 26.12 -39.68 92.89
N LEU GA 170 27.03 -40.36 92.21
CA LEU GA 170 26.93 -40.51 90.76
C LEU GA 170 25.67 -41.28 90.37
N ILE GA 171 25.37 -42.36 91.09
CA ILE GA 171 24.18 -43.16 90.79
C ILE GA 171 22.92 -42.35 91.07
N ALA GA 172 22.89 -41.61 92.17
CA ALA GA 172 21.74 -40.75 92.45
C ALA GA 172 21.57 -39.69 91.37
N GLY GA 173 22.67 -39.17 90.82
CA GLY GA 173 22.59 -38.25 89.71
C GLY GA 173 22.32 -38.92 88.38
N THR GA 174 22.42 -40.24 88.30
CA THR GA 174 22.16 -40.95 87.07
C THR GA 174 20.66 -41.10 86.85
N PRO GA 175 20.13 -40.70 85.71
CA PRO GA 175 18.69 -40.84 85.45
C PRO GA 175 18.32 -42.30 85.22
N LEU GA 176 17.02 -42.57 85.34
CA LEU GA 176 16.52 -43.93 85.15
C LEU GA 176 16.71 -44.42 83.73
N SER GA 177 16.79 -43.52 82.74
CA SER GA 177 17.05 -43.95 81.38
C SER GA 177 18.47 -44.47 81.22
N GLN GA 178 19.43 -43.86 81.90
CA GLN GA 178 20.82 -44.24 81.80
C GLN GA 178 21.17 -45.37 82.76
N SER GA 179 22.17 -46.16 82.39
CA SER GA 179 22.65 -47.27 83.20
C SER GA 179 24.08 -47.00 83.65
N VAL GA 180 24.40 -47.47 84.86
CA VAL GA 180 25.71 -47.23 85.45
C VAL GA 180 26.81 -48.05 84.79
N THR GA 181 26.46 -49.01 83.96
CA THR GA 181 27.46 -49.81 83.27
C THR GA 181 28.27 -48.96 82.29
N TYR GA 182 29.58 -49.15 82.28
CA TYR GA 182 30.48 -48.49 81.34
C TYR GA 182 30.37 -46.97 81.40
N THR GA 183 30.32 -46.43 82.62
CA THR GA 183 30.33 -44.98 82.81
C THR GA 183 31.73 -44.49 83.11
N LYS GA 184 32.20 -43.53 82.33
CA LYS GA 184 33.56 -43.04 82.45
C LYS GA 184 33.70 -42.06 83.61
N LEU GA 185 34.85 -42.12 84.29
CA LEU GA 185 35.19 -41.22 85.37
C LEU GA 185 36.39 -40.39 84.94
N SER GA 186 36.16 -39.11 84.63
CA SER GA 186 37.24 -38.25 84.20
C SER GA 186 38.18 -37.89 85.34
N ASP GA 187 37.65 -37.76 86.56
CA ASP GA 187 38.49 -37.38 87.69
C ASP GA 187 39.52 -38.45 88.01
N VAL GA 188 39.14 -39.73 87.89
CA VAL GA 188 40.05 -40.81 88.23
C VAL GA 188 41.18 -40.86 87.22
N VAL GA 189 42.42 -40.91 87.72
CA VAL GA 189 43.59 -40.92 86.86
C VAL GA 189 44.27 -42.29 86.81
N ASP GA 190 44.32 -43.02 87.90
CA ASP GA 190 45.01 -44.31 87.93
C ASP GA 190 44.28 -45.27 88.85
N ILE GA 191 44.23 -46.54 88.45
CA ILE GA 191 43.70 -47.62 89.28
C ILE GA 191 44.72 -48.76 89.25
N PRO GA 192 44.75 -49.62 90.27
CA PRO GA 192 45.71 -50.74 90.25
C PRO GA 192 45.48 -51.65 89.06
N LYS GA 193 46.59 -52.11 88.48
CA LYS GA 193 46.51 -53.00 87.32
C LYS GA 193 46.01 -54.38 87.76
N MET GA 194 45.06 -54.93 87.00
CA MET GA 194 44.45 -56.20 87.33
C MET GA 194 43.89 -56.85 86.07
N THR GA 195 43.87 -58.18 86.07
CA THR GA 195 43.46 -58.93 84.90
C THR GA 195 41.95 -58.84 84.69
N LYS GA 196 41.55 -58.87 83.41
CA LYS GA 196 40.13 -58.84 83.08
C LYS GA 196 39.40 -60.09 83.55
N VAL GA 197 40.12 -61.22 83.67
CA VAL GA 197 39.52 -62.44 84.20
C VAL GA 197 39.10 -62.22 85.66
N ASP GA 198 39.95 -61.56 86.44
CA ASP GA 198 39.60 -61.23 87.81
C ASP GA 198 38.39 -60.30 87.86
N ALA GA 199 38.31 -59.35 86.92
CA ALA GA 199 37.16 -58.46 86.86
C ALA GA 199 35.88 -59.23 86.57
N GLU GA 200 35.94 -60.16 85.63
CA GLU GA 200 34.78 -60.98 85.32
C GLU GA 200 34.37 -61.84 86.52
N SER GA 201 35.34 -62.41 87.22
CA SER GA 201 35.03 -63.20 88.40
C SER GA 201 34.39 -62.34 89.48
N ARG GA 202 34.91 -61.13 89.69
CA ARG GA 202 34.34 -60.23 90.69
C ARG GA 202 32.91 -59.83 90.33
N VAL GA 203 32.67 -59.57 89.04
CA VAL GA 203 31.31 -59.24 88.60
C VAL GA 203 30.38 -60.42 88.82
N ASN GA 204 30.85 -61.64 88.53
CA ASN GA 204 30.05 -62.83 88.81
C ASN GA 204 29.73 -62.93 90.30
N LYS GA 205 30.71 -62.61 91.16
CA LYS GA 205 30.44 -62.55 92.59
C LYS GA 205 29.48 -61.42 92.92
N GLY GA 206 29.45 -60.38 92.09
CA GLY GA 206 28.58 -59.23 92.30
C GLY GA 206 29.32 -57.97 92.73
N GLU GA 207 30.62 -58.04 93.00
CA GLU GA 207 31.35 -56.86 93.42
C GLU GA 207 31.50 -55.87 92.28
N LEU GA 208 31.29 -54.59 92.57
CA LEU GA 208 31.41 -53.52 91.59
C LEU GA 208 32.81 -52.94 91.66
N ILE GA 209 33.49 -52.86 90.53
CA ILE GA 209 34.88 -52.40 90.49
C ILE GA 209 35.09 -51.48 89.30
N LEU GA 210 36.22 -50.79 89.30
CA LEU GA 210 36.64 -49.98 88.18
C LEU GA 210 37.41 -50.80 87.17
N ILE GA 211 37.32 -50.41 85.89
CA ILE GA 211 38.01 -51.08 84.81
C ILE GA 211 38.55 -50.05 83.84
N LYS GA 212 39.69 -50.35 83.23
CA LYS GA 212 40.30 -49.49 82.22
C LYS GA 212 39.85 -49.96 80.85
N GLU GA 213 38.94 -49.22 80.23
CA GLU GA 213 38.42 -49.60 78.93
C GLU GA 213 38.15 -48.34 78.11
N ALA GA 214 38.23 -48.48 76.79
CA ALA GA 214 38.04 -47.37 75.85
C ALA GA 214 38.98 -46.22 76.15
N GLY GA 215 40.21 -46.55 76.56
CA GLY GA 215 41.18 -45.53 76.90
C GLY GA 215 40.79 -44.69 78.09
N ALA GA 216 40.06 -45.25 79.04
CA ALA GA 216 39.61 -44.51 80.21
C ALA GA 216 39.26 -45.51 81.31
N ILE GA 217 39.12 -44.99 82.52
CA ILE GA 217 38.73 -45.78 83.68
C ILE GA 217 37.22 -45.67 83.84
N ARG GA 218 36.52 -46.79 83.69
CA ARG GA 218 35.07 -46.80 83.66
C ARG GA 218 34.52 -47.83 84.64
N ILE GA 219 33.28 -47.63 85.05
CA ILE GA 219 32.60 -48.57 85.93
C ILE GA 219 32.40 -49.89 85.21
N ALA GA 220 32.78 -50.98 85.87
CA ALA GA 220 32.67 -52.29 85.24
C ALA GA 220 31.22 -52.70 85.04
N ARG GA 221 30.48 -52.86 86.14
CA ARG GA 221 29.12 -53.36 86.05
C ARG GA 221 28.27 -52.71 87.13
N GLY GA 222 26.95 -52.94 87.03
CA GLY GA 222 26.02 -52.45 88.02
C GLY GA 222 25.33 -53.57 88.78
N VAL GA 223 26.03 -54.70 88.94
CA VAL GA 223 25.44 -55.84 89.63
C VAL GA 223 25.36 -55.58 91.13
N ASN GA 224 24.38 -56.22 91.76
CA ASN GA 224 24.20 -56.08 93.20
C ASN GA 224 25.28 -56.84 93.95
N SER GA 225 25.44 -56.49 95.23
CA SER GA 225 26.41 -57.15 96.08
C SER GA 225 25.98 -58.55 96.51
N LEU GA 226 24.71 -58.89 96.33
CA LEU GA 226 24.22 -60.20 96.74
C LEU GA 226 24.90 -61.29 95.91
N THR GA 227 25.30 -62.36 96.57
CA THR GA 227 26.12 -63.38 95.91
C THR GA 227 25.28 -64.33 95.06
N GLU GA 228 24.36 -65.06 95.68
CA GLU GA 228 23.58 -66.09 95.00
C GLU GA 228 22.10 -65.74 95.11
N LEU GA 229 21.53 -65.18 94.04
CA LEU GA 229 20.12 -64.81 94.05
C LEU GA 229 19.24 -66.05 94.01
N THR GA 230 18.05 -65.92 94.57
CA THR GA 230 17.08 -67.01 94.50
C THR GA 230 16.51 -67.11 93.08
N ALA GA 231 15.96 -68.28 92.77
CA ALA GA 231 15.40 -68.51 91.44
C ALA GA 231 14.22 -67.61 91.16
N GLU GA 232 13.47 -67.22 92.20
CA GLU GA 232 12.32 -66.35 92.00
C GLU GA 232 12.74 -64.96 91.55
N LYS GA 233 13.84 -64.44 92.09
CA LYS GA 233 14.27 -63.08 91.75
C LYS GA 233 14.84 -63.02 90.33
N GLY GA 234 15.94 -63.73 90.10
CA GLY GA 234 16.49 -63.84 88.76
C GLY GA 234 17.50 -62.77 88.41
N GLU GA 235 18.03 -62.90 87.19
CA GLU GA 235 19.07 -62.01 86.71
C GLU GA 235 18.56 -60.58 86.60
N MET GA 236 17.32 -60.39 86.16
CA MET GA 236 16.76 -59.04 86.08
C MET GA 236 16.65 -58.42 87.47
N PHE GA 237 16.40 -59.24 88.50
CA PHE GA 237 16.39 -58.72 89.86
C PHE GA 237 17.79 -58.52 90.42
N GLN GA 238 18.80 -59.15 89.82
CA GLN GA 238 20.18 -58.90 90.24
C GLN GA 238 20.56 -57.44 90.01
N LYS GA 239 20.15 -56.87 88.87
CA LYS GA 239 20.54 -55.51 88.52
C LYS GA 239 19.92 -54.51 89.50
N ILE GA 240 20.74 -53.58 89.99
CA ILE GA 240 20.24 -52.54 90.88
C ILE GA 240 19.33 -51.57 90.13
N LYS GA 241 19.67 -51.28 88.88
CA LYS GA 241 18.87 -50.37 88.07
C LYS GA 241 17.45 -50.92 87.89
N ILE GA 242 17.33 -52.22 87.65
CA ILE GA 242 16.02 -52.81 87.39
C ILE GA 242 15.18 -52.82 88.66
N VAL GA 243 15.78 -53.15 89.80
CA VAL GA 243 15.03 -53.17 91.04
C VAL GA 243 14.73 -51.75 91.54
N ASP GA 244 15.47 -50.75 91.05
CA ASP GA 244 15.23 -49.37 91.48
C ASP GA 244 13.82 -48.92 91.09
N THR GA 245 13.43 -49.15 89.84
CA THR GA 245 12.10 -48.75 89.40
C THR GA 245 11.01 -49.54 90.12
N LEU GA 246 11.26 -50.81 90.44
CA LEU GA 246 10.29 -51.59 91.20
C LEU GA 246 10.10 -51.00 92.60
N ASP GA 247 11.20 -50.63 93.25
CA ASP GA 247 11.11 -50.01 94.58
C ASP GA 247 10.37 -48.68 94.51
N ILE GA 248 10.65 -47.87 93.49
CA ILE GA 248 9.98 -46.58 93.35
C ILE GA 248 8.48 -46.79 93.13
N ILE GA 249 8.12 -47.76 92.28
CA ILE GA 249 6.71 -48.04 92.01
C ILE GA 249 6.00 -48.49 93.28
N HIS GA 250 6.65 -49.40 94.05
CA HIS GA 250 6.04 -49.87 95.28
C HIS GA 250 5.86 -48.73 96.28
N SER GA 251 6.87 -47.87 96.40
CA SER GA 251 6.77 -46.76 97.34
C SER GA 251 5.63 -45.81 96.96
N ASP GA 252 5.53 -45.47 95.68
CA ASP GA 252 4.46 -44.57 95.24
C ASP GA 252 3.09 -45.21 95.44
N ILE GA 253 2.96 -46.50 95.12
CA ILE GA 253 1.69 -47.18 95.29
C ILE GA 253 1.28 -47.22 96.75
N ARG GA 254 2.22 -47.56 97.64
CA ARG GA 254 1.89 -47.57 99.06
C ARG GA 254 1.54 -46.17 99.56
N LYS GA 255 2.25 -45.15 99.08
CA LYS GA 255 1.96 -43.79 99.51
C LYS GA 255 0.54 -43.39 99.12
N VAL GA 256 0.16 -43.64 97.85
CA VAL GA 256 -1.18 -43.25 97.41
C VAL GA 256 -2.25 -44.08 98.12
N ILE GA 257 -1.97 -45.36 98.38
CA ILE GA 257 -2.93 -46.21 99.08
C ILE GA 257 -3.17 -45.70 100.50
N ILE GA 258 -2.08 -45.36 101.20
CA ILE GA 258 -2.21 -44.83 102.56
C ILE GA 258 -2.92 -43.48 102.54
N ASP GA 259 -2.65 -42.66 101.52
CA ASP GA 259 -3.30 -41.36 101.43
C ASP GA 259 -4.80 -41.50 101.22
N ASP GA 260 -5.23 -42.47 100.40
CA ASP GA 260 -6.62 -42.52 99.95
C ASP GA 260 -7.43 -43.62 100.63
N TYR GA 261 -6.95 -44.87 100.56
CA TYR GA 261 -7.86 -46.00 100.75
C TYR GA 261 -8.06 -46.37 102.22
N ILE GA 262 -7.01 -46.31 103.04
CA ILE GA 262 -7.13 -46.80 104.41
C ILE GA 262 -8.01 -45.86 105.22
N GLY GA 263 -9.03 -46.42 105.85
CA GLY GA 263 -9.92 -45.65 106.72
C GLY GA 263 -10.93 -44.75 106.05
N LYS GA 264 -10.50 -43.98 105.05
CA LYS GA 264 -11.38 -42.98 104.44
C LYS GA 264 -12.54 -43.63 103.71
N VAL GA 265 -12.29 -44.71 102.98
CA VAL GA 265 -13.29 -45.38 102.17
C VAL GA 265 -13.54 -46.78 102.72
N THR GA 266 -14.81 -47.15 102.83
CA THR GA 266 -15.16 -48.50 103.25
C THR GA 266 -15.01 -49.46 102.07
N ASN GA 267 -14.46 -50.65 102.36
CA ASN GA 267 -14.25 -51.64 101.31
C ASN GA 267 -15.57 -52.09 100.72
N SER GA 268 -15.63 -52.15 99.39
CA SER GA 268 -16.83 -52.58 98.68
C SER GA 268 -16.42 -53.02 97.28
N TYR GA 269 -17.33 -53.72 96.61
CA TYR GA 269 -17.04 -54.19 95.25
C TYR GA 269 -16.82 -53.02 94.30
N ASP GA 270 -17.68 -51.99 94.38
CA ASP GA 270 -17.47 -50.79 93.58
C ASP GA 270 -16.19 -50.08 93.98
N ASN GA 271 -15.89 -50.04 95.28
CA ASN GA 271 -14.63 -49.47 95.73
C ASN GA 271 -13.44 -50.26 95.21
N LYS GA 272 -13.56 -51.59 95.15
CA LYS GA 272 -12.50 -52.41 94.59
C LYS GA 272 -12.33 -52.13 93.10
N CYS GA 273 -13.44 -51.94 92.37
CA CYS GA 273 -13.34 -51.59 90.96
C CYS GA 273 -12.67 -50.23 90.77
N LEU GA 274 -12.99 -49.26 91.62
CA LEU GA 274 -12.33 -47.96 91.54
C LEU GA 274 -10.85 -48.07 91.85
N LEU GA 275 -10.49 -48.92 92.81
CA LEU GA 275 -9.08 -49.15 93.11
C LEU GA 275 -8.37 -49.78 91.92
N ILE GA 276 -9.03 -50.72 91.24
CA ILE GA 276 -8.46 -51.32 90.04
C ILE GA 276 -8.26 -50.28 88.96
N VAL GA 277 -9.24 -49.38 88.79
CA VAL GA 277 -9.11 -48.32 87.79
C VAL GA 277 -7.94 -47.41 88.13
N ALA GA 278 -7.79 -47.07 89.41
CA ALA GA 278 -6.67 -46.21 89.82
C ALA GA 278 -5.33 -46.90 89.59
N ILE GA 279 -5.25 -48.20 89.86
CA ILE GA 279 -4.02 -48.94 89.63
C ILE GA 279 -3.71 -49.00 88.13
N LYS GA 280 -4.74 -49.17 87.30
CA LYS GA 280 -4.54 -49.15 85.86
C LYS GA 280 -4.05 -47.79 85.39
N SER GA 281 -4.59 -46.72 85.96
CA SER GA 281 -4.11 -45.38 85.63
C SER GA 281 -2.65 -45.21 86.04
N TYR GA 282 -2.28 -45.74 87.21
CA TYR GA 282 -0.88 -45.68 87.64
C TYR GA 282 0.02 -46.45 86.69
N LEU GA 283 -0.43 -47.63 86.24
CA LEU GA 283 0.34 -48.41 85.28
C LEU GA 283 0.49 -47.67 83.96
N GLU GA 284 -0.57 -46.98 83.52
CA GLU GA 284 -0.48 -46.16 82.32
C GLU GA 284 0.53 -45.03 82.51
N GLU GA 285 0.55 -44.43 83.71
CA GLU GA 285 1.55 -43.42 84.01
C GLU GA 285 2.96 -43.99 83.92
N LEU GA 286 3.16 -45.19 84.47
CA LEU GA 286 4.47 -45.84 84.37
C LEU GA 286 4.86 -46.09 82.93
N GLU GA 287 3.91 -46.57 82.11
CA GLU GA 287 4.19 -46.81 80.71
C GLU GA 287 4.55 -45.52 79.98
N LYS GA 288 3.84 -44.43 80.30
CA LYS GA 288 4.19 -43.13 79.71
C LYS GA 288 5.57 -42.69 80.16
N SER GA 289 5.96 -43.02 81.39
CA SER GA 289 7.31 -42.72 81.85
C SER GA 289 8.37 -43.51 81.08
N ALA GA 290 7.97 -44.58 80.39
CA ALA GA 290 8.83 -45.41 79.55
C ALA GA 290 9.93 -46.11 80.33
N LEU GA 291 9.90 -46.05 81.66
CA LEU GA 291 10.89 -46.78 82.45
C LEU GA 291 10.67 -48.28 82.35
N ILE GA 292 9.41 -48.71 82.35
CA ILE GA 292 9.04 -50.11 82.13
C ILE GA 292 7.96 -50.16 81.06
N GLU GA 293 7.91 -51.27 80.33
CA GLU GA 293 6.90 -51.42 79.29
C GLU GA 293 5.51 -51.57 79.88
N SER GA 294 5.37 -52.47 80.87
CA SER GA 294 4.14 -52.62 81.66
C SER GA 294 2.92 -52.89 80.78
N ASP GA 295 2.98 -54.02 80.06
CA ASP GA 295 1.83 -54.45 79.28
C ASP GA 295 0.76 -55.11 80.15
N SER GA 296 1.17 -55.79 81.22
CA SER GA 296 0.24 -56.54 82.05
C SER GA 296 -0.68 -55.61 82.83
N THR GA 297 -1.75 -56.18 83.35
CA THR GA 297 -2.76 -55.44 84.10
C THR GA 297 -2.97 -56.07 85.46
N VAL GA 298 -3.38 -55.26 86.42
CA VAL GA 298 -3.64 -55.70 87.80
C VAL GA 298 -5.12 -55.99 87.92
N GLU GA 299 -5.46 -57.17 88.43
CA GLU GA 299 -6.83 -57.60 88.60
C GLU GA 299 -6.98 -58.34 89.91
N ILE GA 300 -8.23 -58.54 90.33
CA ILE GA 300 -8.51 -59.28 91.54
C ILE GA 300 -8.08 -60.73 91.36
N ASP GA 301 -7.28 -61.23 92.30
CA ASP GA 301 -6.83 -62.61 92.25
C ASP GA 301 -7.96 -63.52 92.74
N PHE GA 302 -8.45 -64.39 91.85
CA PHE GA 302 -9.50 -65.32 92.26
C PHE GA 302 -9.00 -66.32 93.28
N GLU GA 303 -7.70 -66.63 93.27
CA GLU GA 303 -7.14 -67.48 94.31
C GLU GA 303 -7.21 -66.80 95.67
N ALA GA 304 -6.86 -65.51 95.73
CA ALA GA 304 -6.98 -64.77 96.99
C ALA GA 304 -8.45 -64.61 97.39
N GLN GA 305 -9.32 -64.41 96.42
CA GLN GA 305 -10.75 -64.34 96.71
C GLN GA 305 -11.26 -65.65 97.31
N LYS GA 306 -10.83 -66.78 96.75
CA LYS GA 306 -11.21 -68.08 97.29
C LYS GA 306 -10.64 -68.27 98.68
N SER GA 307 -9.40 -67.82 98.91
CA SER GA 307 -8.80 -67.94 100.23
C SER GA 307 -9.59 -67.13 101.26
N TYR GA 308 -9.99 -65.91 100.92
CA TYR GA 308 -10.76 -65.10 101.85
C TYR GA 308 -12.16 -65.67 102.07
N LEU GA 309 -12.76 -66.24 101.02
CA LEU GA 309 -14.07 -66.88 101.17
C LEU GA 309 -13.97 -68.09 102.08
N LYS GA 310 -12.88 -68.86 101.96
CA LYS GA 310 -12.64 -69.97 102.87
C LYS GA 310 -12.45 -69.48 104.30
N SER GA 311 -11.74 -68.36 104.46
CA SER GA 311 -11.59 -67.77 105.79
C SER GA 311 -12.95 -67.38 106.37
N LYS GA 312 -13.82 -66.79 105.53
CA LYS GA 312 -15.18 -66.51 105.95
C LYS GA 312 -16.03 -67.78 106.03
N GLY GA 313 -15.57 -68.87 105.43
CA GLY GA 313 -16.28 -70.14 105.51
C GLY GA 313 -17.44 -70.31 104.55
N VAL GA 314 -17.65 -69.36 103.64
CA VAL GA 314 -18.75 -69.49 102.69
C VAL GA 314 -18.47 -70.63 101.72
N ASP GA 315 -19.53 -71.35 101.34
CA ASP GA 315 -19.39 -72.53 100.50
C ASP GA 315 -18.89 -72.18 99.11
N LEU GA 316 -18.25 -73.15 98.48
CA LEU GA 316 -17.74 -73.02 97.11
C LEU GA 316 -18.71 -73.54 96.07
N SER GA 317 -19.34 -74.68 96.35
CA SER GA 317 -20.27 -75.27 95.39
C SER GA 317 -21.55 -74.44 95.30
N TYR GA 318 -22.23 -74.56 94.16
CA TYR GA 318 -23.49 -73.89 93.85
C TYR GA 318 -23.35 -72.37 93.80
N MET GA 319 -22.14 -71.84 94.01
CA MET GA 319 -21.88 -70.41 93.99
C MET GA 319 -21.34 -70.01 92.62
N THR GA 320 -21.92 -68.98 92.03
CA THR GA 320 -21.47 -68.49 90.74
C THR GA 320 -20.06 -67.92 90.86
N LEU GA 321 -19.24 -68.15 89.81
CA LEU GA 321 -17.88 -67.64 89.80
C LEU GA 321 -17.86 -66.12 89.95
N GLN GA 322 -18.72 -65.43 89.20
CA GLN GA 322 -18.84 -63.99 89.35
C GLN GA 322 -19.32 -63.61 90.74
N GLU GA 323 -20.30 -64.36 91.27
CA GLU GA 323 -20.79 -64.10 92.62
C GLU GA 323 -19.68 -64.26 93.66
N ILE GA 324 -18.85 -65.30 93.50
CA ILE GA 324 -17.72 -65.49 94.39
C ILE GA 324 -16.74 -64.32 94.27
N LYS GA 325 -16.49 -63.89 93.03
CA LYS GA 325 -15.58 -62.76 92.82
C LYS GA 325 -16.12 -61.48 93.44
N GLU GA 326 -17.43 -61.25 93.31
CA GLU GA 326 -18.05 -60.04 93.81
C GLU GA 326 -18.57 -60.19 95.24
N ALA GA 327 -18.28 -61.32 95.89
CA ALA GA 327 -18.73 -61.51 97.26
C ALA GA 327 -18.05 -60.53 98.21
N ASN GA 328 -18.66 -60.36 99.37
CA ASN GA 328 -18.14 -59.41 100.35
C ASN GA 328 -16.73 -59.78 100.78
N THR GA 329 -15.83 -58.81 100.75
CA THR GA 329 -14.43 -59.01 101.11
C THR GA 329 -14.10 -58.46 102.49
N GLY GA 330 -15.10 -58.01 103.25
CA GLY GA 330 -14.83 -57.44 104.55
C GLY GA 330 -13.97 -56.19 104.43
N SER GA 331 -13.13 -55.97 105.44
CA SER GA 331 -12.20 -54.84 105.40
C SER GA 331 -11.01 -55.12 104.49
N LYS GA 332 -10.60 -56.38 104.38
CA LYS GA 332 -9.40 -56.72 103.64
C LYS GA 332 -9.62 -56.59 102.13
N VAL GA 333 -8.54 -56.20 101.43
CA VAL GA 333 -8.53 -56.08 99.98
C VAL GA 333 -7.37 -56.90 99.44
N PHE GA 334 -7.63 -57.70 98.42
CA PHE GA 334 -6.63 -58.59 97.84
C PHE GA 334 -6.47 -58.28 96.36
N LEU GA 335 -5.21 -58.19 95.91
CA LEU GA 335 -4.90 -57.85 94.52
C LEU GA 335 -3.79 -58.75 94.01
N LYS GA 336 -3.76 -58.91 92.70
CA LYS GA 336 -2.71 -59.65 92.01
C LYS GA 336 -1.91 -58.69 91.14
N ALA GA 337 -0.59 -58.67 91.33
CA ALA GA 337 0.28 -57.73 90.67
C ALA GA 337 1.20 -58.46 89.70
N LYS GA 338 1.19 -58.02 88.44
CA LYS GA 338 2.12 -58.52 87.43
C LYS GA 338 2.43 -57.39 86.47
N ILE GA 339 3.71 -57.24 86.12
CA ILE GA 339 4.17 -56.15 85.27
C ILE GA 339 5.26 -56.66 84.34
N LYS GA 340 5.62 -55.83 83.38
CA LYS GA 340 6.74 -56.06 82.48
C LYS GA 340 7.77 -54.95 82.70
N VAL GA 341 9.01 -55.34 82.94
CA VAL GA 341 10.07 -54.40 83.30
C VAL GA 341 11.04 -54.27 82.14
N LEU GA 342 11.34 -53.03 81.77
CA LEU GA 342 12.24 -52.74 80.66
C LEU GA 342 13.69 -52.78 81.14
N ASP GA 343 14.57 -53.33 80.30
CA ASP GA 343 15.98 -53.49 80.61
C ASP GA 343 16.81 -52.65 79.67
N ALA GA 344 17.83 -51.98 80.19
CA ALA GA 344 18.76 -51.23 79.36
C ALA GA 344 19.76 -52.18 78.70
N MET GA 345 20.09 -51.88 77.44
CA MET GA 345 21.02 -52.74 76.71
C MET GA 345 22.42 -52.60 77.27
N GLU GA 346 23.16 -53.70 77.27
CA GLU GA 346 24.53 -53.76 77.75
C GLU GA 346 25.48 -54.33 76.72
N ASP GA 347 24.95 -54.90 75.65
CA ASP GA 347 25.74 -55.62 74.65
C ASP GA 347 24.90 -55.85 73.40
N ILE GA 348 25.57 -55.92 72.25
CA ILE GA 348 24.90 -55.92 70.95
C ILE GA 348 25.50 -57.00 70.06
N ASP GA 349 24.66 -57.89 69.55
CA ASP GA 349 24.99 -58.75 68.41
C ASP GA 349 24.73 -58.00 67.11
N LEU GA 350 25.62 -58.20 66.14
CA LEU GA 350 25.42 -57.72 64.78
C LEU GA 350 26.22 -58.60 63.84
N SER GA 351 25.52 -59.27 62.94
CA SER GA 351 26.13 -60.17 61.97
C SER GA 351 26.02 -59.57 60.59
N ILE GA 352 26.97 -58.71 60.24
CA ILE GA 352 27.09 -58.17 58.89
C ILE GA 352 27.66 -59.26 58.00
N GLU GA 353 27.49 -59.10 56.69
CA GLU GA 353 27.84 -60.16 55.75
C GLU GA 353 28.37 -59.54 54.48
N ILE GA 354 29.13 -60.34 53.73
CA ILE GA 354 29.71 -59.89 52.47
C ILE GA 354 28.79 -60.26 51.31
N GLY HA 4 17.10 -13.50 89.34
CA GLY HA 4 18.03 -12.64 88.63
C GLY HA 4 17.36 -11.48 87.93
N LEU HA 5 18.09 -10.40 87.71
CA LEU HA 5 17.52 -9.26 87.00
C LEU HA 5 17.40 -9.59 85.52
N PRO HA 6 16.22 -9.43 84.93
CA PRO HA 6 16.09 -9.62 83.49
C PRO HA 6 16.68 -8.46 82.71
N SER HA 7 17.69 -8.74 81.88
CA SER HA 7 18.35 -7.74 81.07
C SER HA 7 18.66 -8.32 79.70
N ILE HA 8 18.81 -7.43 78.71
CA ILE HA 8 19.09 -7.88 77.35
C ILE HA 8 20.48 -8.48 77.27
N ASN HA 9 20.58 -9.64 76.62
CA ASN HA 9 21.84 -10.33 76.44
C ASN HA 9 21.93 -10.83 75.00
N ILE HA 10 22.72 -10.14 74.19
CA ILE HA 10 22.89 -10.46 72.78
C ILE HA 10 24.18 -11.25 72.63
N SER HA 11 24.06 -12.46 72.08
CA SER HA 11 25.20 -13.35 71.90
C SER HA 11 25.63 -13.34 70.44
N PHE HA 12 26.94 -13.37 70.21
CA PHE HA 12 27.50 -13.41 68.86
C PHE HA 12 28.45 -14.59 68.76
N LYS HA 13 28.17 -15.48 67.81
CA LYS HA 13 28.90 -16.73 67.67
C LYS HA 13 29.39 -16.87 66.23
N GLU HA 14 30.42 -17.67 66.05
CA GLU HA 14 30.97 -17.88 64.72
C GLU HA 14 30.55 -19.24 64.17
N LEU HA 15 30.15 -19.27 62.90
CA LEU HA 15 29.75 -20.51 62.24
C LEU HA 15 30.99 -21.17 61.66
N ALA HA 16 31.35 -22.32 62.22
CA ALA HA 16 32.34 -23.21 61.64
C ALA HA 16 31.65 -24.53 61.35
N THR HA 17 31.75 -25.00 60.11
CA THR HA 17 31.04 -26.21 59.71
C THR HA 17 31.52 -27.39 60.53
N THR HA 18 30.60 -27.98 61.30
CA THR HA 18 30.90 -29.09 62.19
C THR HA 18 30.41 -30.38 61.56
N VAL HA 19 31.32 -31.33 61.38
CA VAL HA 19 31.01 -32.64 60.82
C VAL HA 19 31.51 -33.70 61.80
N LYS HA 20 30.67 -34.69 62.07
CA LYS HA 20 31.05 -35.76 62.98
C LYS HA 20 32.29 -36.47 62.46
N GLU HA 21 33.25 -36.68 63.36
CA GLU HA 21 34.54 -37.28 63.02
C GLU HA 21 34.54 -38.74 63.46
N ARG HA 22 34.93 -39.62 62.56
CA ARG HA 22 34.99 -41.05 62.84
C ARG HA 22 36.39 -41.41 63.35
N SER HA 23 36.68 -42.71 63.43
CA SER HA 23 37.98 -43.14 63.91
C SER HA 23 39.08 -42.67 62.98
N ALA HA 24 40.21 -42.28 63.57
CA ALA HA 24 41.33 -41.77 62.79
C ALA HA 24 41.93 -42.86 61.91
N ARG HA 25 42.35 -42.48 60.71
CA ARG HA 25 42.94 -43.40 59.75
C ARG HA 25 44.22 -42.80 59.18
N GLY HA 26 45.14 -43.68 58.77
CA GLY HA 26 46.38 -43.26 58.17
C GLY HA 26 47.50 -42.94 59.15
N ILE HA 27 47.26 -43.05 60.45
CA ILE HA 27 48.32 -42.80 61.42
C ILE HA 27 49.35 -43.92 61.37
N ILE HA 28 50.58 -43.59 61.73
CA ILE HA 28 51.70 -44.53 61.70
C ILE HA 28 52.25 -44.66 63.11
N ALA HA 29 52.41 -45.89 63.58
CA ALA HA 29 53.01 -46.17 64.88
C ALA HA 29 54.48 -46.53 64.64
N MET HA 30 55.35 -45.55 64.79
CA MET HA 30 56.78 -45.72 64.62
C MET HA 30 57.40 -46.01 65.99
N VAL HA 31 57.94 -47.21 66.15
CA VAL HA 31 58.63 -47.60 67.38
C VAL HA 31 60.01 -48.12 67.02
N LEU HA 32 61.03 -47.63 67.70
CA LEU HA 32 62.40 -48.02 67.42
C LEU HA 32 63.28 -47.63 68.59
N LYS HA 33 64.44 -48.27 68.69
CA LYS HA 33 65.30 -48.18 69.86
C LYS HA 33 66.36 -47.10 69.69
N ASP HA 34 66.66 -46.41 70.79
CA ASP HA 34 67.74 -45.44 70.83
C ASP HA 34 68.14 -45.21 72.28
N ALA HA 35 69.33 -44.64 72.46
CA ALA HA 35 69.88 -44.37 73.78
C ALA HA 35 69.84 -42.89 74.16
N LYS HA 36 69.20 -42.06 73.34
CA LYS HA 36 69.13 -40.62 73.57
C LYS HA 36 67.68 -40.20 73.77
N ALA HA 37 67.43 -39.47 74.86
CA ALA HA 37 66.12 -38.86 75.14
C ALA HA 37 64.98 -39.88 74.96
N LEU HA 38 65.02 -40.88 75.83
CA LEU HA 38 64.02 -41.95 75.77
C LEU HA 38 62.61 -41.39 75.94
N GLY HA 39 61.71 -41.84 75.08
CA GLY HA 39 60.32 -41.41 75.11
C GLY HA 39 59.78 -41.15 73.72
N LEU HA 40 58.45 -41.16 73.64
CA LEU HA 40 57.77 -40.95 72.36
C LEU HA 40 57.95 -39.51 71.88
N ASN HA 41 57.99 -39.35 70.56
CA ASN HA 41 58.29 -38.07 69.93
C ASN HA 41 57.08 -37.37 69.33
N GLU HA 42 56.03 -38.11 69.00
CA GLU HA 42 54.78 -37.58 68.43
C GLU HA 42 55.04 -36.50 67.38
N ILE HA 43 55.75 -36.89 66.34
CA ILE HA 43 56.14 -35.96 65.29
C ILE HA 43 54.98 -35.75 64.33
N HIS HA 44 54.15 -34.75 64.60
CA HIS HA 44 53.06 -34.41 63.70
C HIS HA 44 53.48 -33.39 62.63
N GLU HA 45 54.33 -32.43 63.01
CA GLU HA 45 54.79 -31.44 62.06
C GLU HA 45 55.72 -32.07 61.03
N LYS HA 46 55.64 -31.59 59.80
CA LYS HA 46 56.43 -32.17 58.72
C LYS HA 46 57.90 -31.79 58.85
N GLU HA 47 58.78 -32.76 58.59
CA GLU HA 47 60.23 -32.56 58.54
C GLU HA 47 60.76 -31.94 59.84
N ASP HA 48 60.59 -32.68 60.93
CA ASP HA 48 61.13 -32.30 62.23
C ASP HA 48 61.78 -33.52 62.85
N ILE HA 49 63.11 -33.53 62.89
CA ILE HA 49 63.88 -34.65 63.42
C ILE HA 49 64.44 -34.23 64.78
N PRO HA 50 63.94 -34.77 65.88
CA PRO HA 50 64.53 -34.46 67.19
C PRO HA 50 65.95 -35.02 67.29
N VAL HA 51 66.76 -34.36 68.12
CA VAL HA 51 68.17 -34.71 68.24
C VAL HA 51 68.38 -36.11 68.81
N ASP HA 52 67.35 -36.67 69.46
CA ASP HA 52 67.48 -38.02 70.02
C ASP HA 52 67.70 -39.05 68.92
N LEU HA 53 67.00 -38.91 67.81
CA LEU HA 53 67.04 -39.89 66.73
C LEU HA 53 68.28 -39.70 65.87
N SER HA 54 68.91 -40.82 65.50
CA SER HA 54 70.20 -40.81 64.82
C SER HA 54 70.01 -40.65 63.31
N ALA HA 55 71.12 -40.83 62.57
CA ALA HA 55 71.09 -40.63 61.12
C ALA HA 55 70.20 -41.67 60.45
N GLU HA 56 70.33 -42.94 60.83
CA GLU HA 56 69.44 -43.97 60.30
C GLU HA 56 68.00 -43.70 60.71
N ASN HA 57 67.81 -43.24 61.95
CA ASN HA 57 66.48 -42.84 62.40
C ASN HA 57 65.95 -41.67 61.58
N LYS HA 58 66.81 -40.70 61.28
CA LYS HA 58 66.41 -39.57 60.45
C LYS HA 58 65.99 -40.04 59.05
N GLU HA 59 66.74 -40.98 58.49
CA GLU HA 59 66.36 -41.53 57.19
C GLU HA 59 65.03 -42.26 57.26
N TYR HA 60 64.80 -42.99 58.35
CA TYR HA 60 63.51 -43.64 58.55
C TYR HA 60 62.38 -42.62 58.57
N ILE HA 61 62.57 -41.52 59.31
CA ILE HA 61 61.54 -40.49 59.36
C ILE HA 61 61.31 -39.89 57.98
N ASN HA 62 62.39 -39.60 57.25
CA ASN HA 62 62.24 -39.01 55.93
C ASN HA 62 61.51 -39.95 54.98
N LEU HA 63 61.80 -41.24 55.05
CA LEU HA 63 61.10 -42.21 54.22
C LEU HA 63 59.62 -42.28 54.59
N ALA HA 64 59.31 -42.24 55.89
CA ALA HA 64 57.93 -42.38 56.31
C ALA HA 64 57.11 -41.13 56.04
N LEU HA 65 57.74 -39.95 56.07
CA LEU HA 65 57.00 -38.69 55.98
C LEU HA 65 56.32 -38.54 54.62
N MET HA 66 57.03 -38.85 53.54
CA MET HA 66 56.49 -38.68 52.20
C MET HA 66 55.82 -39.96 51.73
N GLY HA 67 54.71 -39.81 51.01
CA GLY HA 67 53.94 -40.93 50.53
C GLY HA 67 53.65 -40.83 49.05
N ASN HA 68 52.94 -41.83 48.54
CA ASN HA 68 52.63 -41.88 47.12
C ASN HA 68 51.69 -40.75 46.71
N VAL HA 69 50.59 -40.58 47.45
CA VAL HA 69 49.58 -39.59 47.11
C VAL HA 69 49.65 -38.39 48.04
N ASN HA 70 49.60 -38.62 49.35
CA ASN HA 70 49.63 -37.54 50.33
C ASN HA 70 50.50 -37.94 51.50
N THR HA 71 50.96 -36.94 52.24
CA THR HA 71 51.68 -37.19 53.47
C THR HA 71 50.75 -37.84 54.49
N PRO HA 72 51.20 -38.86 55.21
CA PRO HA 72 50.37 -39.44 56.27
C PRO HA 72 49.96 -38.39 57.30
N ASN HA 73 48.72 -38.52 57.79
CA ASN HA 73 48.14 -37.47 58.62
C ASN HA 73 48.94 -37.27 59.91
N LYS HA 74 49.24 -38.34 60.61
CA LYS HA 74 49.95 -38.25 61.88
C LYS HA 74 50.98 -39.37 61.97
N LEU HA 75 52.15 -39.03 62.50
CA LEU HA 75 53.22 -39.99 62.73
C LEU HA 75 53.67 -39.88 64.19
N LEU HA 76 53.76 -41.03 64.87
CA LEU HA 76 54.17 -41.09 66.26
C LEU HA 76 55.42 -41.96 66.35
N VAL HA 77 56.52 -41.37 66.82
CA VAL HA 77 57.81 -42.06 66.91
C VAL HA 77 58.15 -42.22 68.39
N TYR HA 78 58.54 -43.43 68.77
CA TYR HA 78 58.86 -43.76 70.15
C TYR HA 78 60.36 -44.06 70.29
N VAL HA 79 60.95 -43.62 71.40
CA VAL HA 79 62.37 -43.81 71.66
C VAL HA 79 62.52 -44.47 73.02
N ILE HA 80 63.26 -45.59 73.05
CA ILE HA 80 63.62 -46.25 74.30
C ILE HA 80 64.87 -47.07 74.05
N GLU HA 81 65.54 -47.47 75.11
CA GLU HA 81 66.73 -48.31 75.00
C GLU HA 81 66.40 -49.62 74.32
N GLY HA 82 67.41 -50.22 73.70
CA GLY HA 82 67.19 -51.44 72.93
C GLY HA 82 66.62 -52.57 73.75
N GLU HA 83 67.01 -52.67 75.02
CA GLU HA 83 66.46 -53.70 75.89
C GLU HA 83 64.99 -53.43 76.17
N ALA HA 84 64.20 -54.51 76.20
CA ALA HA 84 62.77 -54.45 76.49
C ALA HA 84 62.02 -53.53 75.53
N ASP HA 85 62.38 -53.60 74.25
CA ASP HA 85 61.64 -52.84 73.24
C ASP HA 85 60.21 -53.34 73.11
N ILE HA 86 60.02 -54.66 73.13
CA ILE HA 86 58.72 -55.24 72.85
C ILE HA 86 57.72 -54.90 73.95
N GLN HA 87 58.15 -54.92 75.21
CA GLN HA 87 57.23 -54.65 76.31
C GLN HA 87 56.70 -53.22 76.25
N THR HA 88 57.59 -52.24 76.14
CA THR HA 88 57.15 -50.85 76.10
C THR HA 88 56.40 -50.55 74.81
N ALA HA 89 56.77 -51.20 73.69
CA ALA HA 89 56.01 -51.01 72.46
C ALA HA 89 54.58 -51.50 72.62
N LEU HA 90 54.40 -52.68 73.24
CA LEU HA 90 53.06 -53.19 73.49
C LEU HA 90 52.29 -52.27 74.42
N ASP HA 91 52.94 -51.78 75.48
CA ASP HA 91 52.25 -50.89 76.42
C ASP HA 91 51.80 -49.60 75.74
N PHE HA 92 52.67 -49.01 74.93
CA PHE HA 92 52.33 -47.75 74.29
C PHE HA 92 51.27 -47.93 73.21
N LEU HA 93 51.33 -49.05 72.47
CA LEU HA 93 50.30 -49.31 71.47
C LEU HA 93 48.96 -49.64 72.10
N GLU HA 94 48.97 -50.26 73.29
CA GLU HA 94 47.73 -50.42 74.04
C GLU HA 94 47.21 -49.08 74.53
N THR HA 95 48.12 -48.17 74.90
CA THR HA 95 47.71 -46.86 75.39
C THR HA 95 46.99 -46.05 74.31
N LYS HA 96 47.51 -46.07 73.09
CA LYS HA 96 46.96 -45.26 72.01
C LYS HA 96 46.84 -46.09 70.75
N GLU HA 97 45.73 -45.91 70.03
CA GLU HA 97 45.45 -46.69 68.84
C GLU HA 97 46.41 -46.33 67.71
N PHE HA 98 46.43 -47.16 66.68
CA PHE HA 98 47.30 -46.96 65.52
C PHE HA 98 46.72 -47.71 64.34
N ASN HA 99 47.22 -47.38 63.15
CA ASN HA 99 46.81 -48.04 61.92
C ASN HA 99 47.86 -48.99 61.37
N TYR HA 100 49.15 -48.65 61.49
CA TYR HA 100 50.22 -49.47 60.96
C TYR HA 100 51.34 -49.57 61.98
N LEU HA 101 52.08 -50.69 61.92
CA LEU HA 101 53.15 -50.96 62.86
C LEU HA 101 54.37 -51.50 62.12
N CYS HA 102 55.55 -51.08 62.56
CA CYS HA 102 56.79 -51.55 61.96
C CYS HA 102 57.92 -51.38 62.97
N MET HA 103 58.66 -52.46 63.22
CA MET HA 103 59.82 -52.43 64.12
C MET HA 103 61.09 -52.67 63.32
N PRO HA 104 61.87 -51.62 63.03
CA PRO HA 104 63.07 -51.81 62.20
C PRO HA 104 64.11 -52.74 62.79
N LYS HA 105 64.14 -52.93 64.11
CA LYS HA 105 65.12 -53.80 64.75
C LYS HA 105 64.45 -55.01 65.41
N ALA HA 106 63.37 -55.50 64.83
CA ALA HA 106 62.69 -56.68 65.35
C ALA HA 106 63.40 -57.94 64.86
N VAL HA 107 63.82 -58.78 65.81
CA VAL HA 107 64.38 -60.08 65.48
C VAL HA 107 63.23 -61.02 65.16
N GLU HA 108 63.54 -62.20 64.64
CA GLU HA 108 62.50 -63.16 64.26
C GLU HA 108 61.59 -63.49 65.44
N ALA HA 109 62.17 -63.66 66.63
CA ALA HA 109 61.36 -63.84 67.83
C ALA HA 109 60.53 -62.60 68.13
N ASP HA 110 61.12 -61.41 67.97
CA ASP HA 110 60.37 -60.17 68.17
C ASP HA 110 59.25 -60.03 67.15
N LYS HA 111 59.51 -60.39 65.89
CA LYS HA 111 58.47 -60.34 64.88
C LYS HA 111 57.35 -61.32 65.20
N THR HA 112 57.70 -62.52 65.65
CA THR HA 112 56.68 -63.49 66.03
C THR HA 112 55.83 -62.98 67.19
N ALA HA 113 56.48 -62.37 68.20
CA ALA HA 113 55.73 -61.81 69.33
C ALA HA 113 54.83 -60.67 68.87
N ILE HA 114 55.31 -59.84 67.95
CA ILE HA 114 54.50 -58.75 67.43
C ILE HA 114 53.27 -59.30 66.71
N LYS HA 115 53.47 -60.32 65.87
CA LYS HA 115 52.36 -60.93 65.17
C LYS HA 115 51.36 -61.56 66.13
N ASN HA 116 51.86 -62.23 67.18
CA ASN HA 116 50.98 -62.82 68.17
C ASN HA 116 50.15 -61.76 68.88
N TRP HA 117 50.77 -60.63 69.23
CA TRP HA 117 50.02 -59.57 69.88
C TRP HA 117 48.98 -58.97 68.94
N ILE HA 118 49.35 -58.79 67.66
CA ILE HA 118 48.40 -58.26 66.68
C ILE HA 118 47.20 -59.19 66.55
N ILE HA 119 47.44 -60.48 66.38
CA ILE HA 119 46.34 -61.42 66.20
C ILE HA 119 45.52 -61.55 67.47
N LYS HA 120 46.15 -61.49 68.64
CA LYS HA 120 45.41 -61.53 69.90
C LYS HA 120 44.46 -60.35 70.00
N LEU HA 121 44.95 -59.15 69.67
CA LEU HA 121 44.07 -57.98 69.69
C LEU HA 121 42.94 -58.14 68.68
N ARG HA 122 43.26 -58.49 67.44
CA ARG HA 122 42.25 -58.58 66.39
C ARG HA 122 41.23 -59.68 66.65
N ASP HA 123 41.57 -60.69 67.45
CA ASP HA 123 40.67 -61.80 67.69
C ASP HA 123 39.89 -61.70 69.01
N ILE HA 124 40.46 -61.05 70.03
CA ILE HA 124 39.81 -60.95 71.33
C ILE HA 124 39.40 -59.51 71.64
N ASP HA 125 40.33 -58.57 71.51
CA ASP HA 125 40.05 -57.17 71.83
C ASP HA 125 39.24 -56.47 70.76
N LYS HA 126 39.04 -57.11 69.60
CA LYS HA 126 38.31 -56.51 68.48
C LYS HA 126 38.91 -55.17 68.08
N VAL HA 127 40.23 -55.08 68.12
CA VAL HA 127 40.96 -53.89 67.70
C VAL HA 127 41.61 -54.20 66.36
N LYS HA 128 41.20 -53.48 65.33
CA LYS HA 128 41.68 -53.70 63.97
C LYS HA 128 43.02 -52.99 63.80
N VAL HA 129 44.11 -53.76 63.80
CA VAL HA 129 45.46 -53.24 63.69
C VAL HA 129 46.21 -54.01 62.62
N LYS HA 130 47.08 -53.32 61.90
CA LYS HA 130 47.91 -53.92 60.87
C LYS HA 130 49.37 -53.61 61.15
N ALA HA 131 50.25 -54.53 60.75
CA ALA HA 131 51.67 -54.38 60.95
C ALA HA 131 52.41 -54.78 59.68
N VAL HA 132 53.54 -54.12 59.45
CA VAL HA 132 54.41 -54.40 58.31
C VAL HA 132 55.68 -55.05 58.83
N LEU HA 133 56.01 -56.23 58.31
CA LEU HA 133 57.12 -57.01 58.82
C LEU HA 133 58.00 -57.46 57.66
N GLY HA 134 59.28 -57.68 57.95
CA GLY HA 134 60.25 -58.02 56.94
C GLY HA 134 60.10 -59.41 56.36
N LYS HA 135 60.30 -60.44 57.18
CA LYS HA 135 60.23 -61.84 56.74
C LYS HA 135 59.41 -62.62 57.76
N VAL HA 136 58.10 -62.68 57.52
CA VAL HA 136 57.18 -63.42 58.38
C VAL HA 136 56.28 -64.28 57.51
N VAL HA 137 56.25 -65.58 57.78
CA VAL HA 137 55.45 -66.53 57.00
C VAL HA 137 54.19 -66.84 57.79
N GLY HA 138 53.81 -65.94 58.69
CA GLY HA 138 52.70 -66.19 59.58
C GLY HA 138 51.38 -66.38 58.86
N ASN HA 139 50.44 -66.98 59.57
CA ASN HA 139 49.15 -67.41 59.02
C ASN HA 139 48.03 -66.43 59.33
N HIS HA 140 48.30 -65.13 59.30
CA HIS HA 140 47.28 -64.13 59.53
C HIS HA 140 47.33 -63.07 58.43
N GLU HA 141 46.19 -62.42 58.21
CA GLU HA 141 46.06 -61.40 57.16
C GLU HA 141 46.43 -60.00 57.63
N GLY HA 142 46.33 -59.72 58.92
CA GLY HA 142 46.63 -58.38 59.41
C GLY HA 142 48.10 -58.03 59.30
N ILE HA 143 48.97 -59.03 59.32
CA ILE HA 143 50.40 -58.79 59.18
C ILE HA 143 50.75 -58.66 57.70
N ILE HA 144 51.88 -58.01 57.42
CA ILE HA 144 52.35 -57.77 56.07
C ILE HA 144 53.78 -58.27 55.95
N ASN HA 145 54.04 -59.06 54.91
CA ASN HA 145 55.35 -59.66 54.67
C ASN HA 145 55.91 -59.10 53.36
N PHE HA 146 57.14 -58.63 53.39
CA PHE HA 146 57.81 -58.04 52.23
C PHE HA 146 59.15 -58.77 52.05
N THR HA 147 59.16 -59.78 51.18
CA THR HA 147 60.35 -60.61 50.98
C THR HA 147 61.10 -60.10 49.74
N THR HA 148 61.85 -59.02 49.93
CA THR HA 148 62.69 -58.47 48.86
C THR HA 148 63.97 -57.93 49.51
N GLU HA 149 65.06 -58.69 49.37
CA GLU HA 149 66.34 -58.30 49.93
C GLU HA 149 67.20 -57.58 48.90
N ASP HA 150 68.29 -56.99 49.38
CA ASP HA 150 69.25 -56.28 48.53
C ASP HA 150 68.58 -55.18 47.71
N VAL HA 151 67.68 -54.44 48.35
CA VAL HA 151 67.00 -53.34 47.68
C VAL HA 151 67.96 -52.17 47.53
N LEU HA 152 68.01 -51.59 46.34
CA LEU HA 152 68.87 -50.46 46.03
C LEU HA 152 68.00 -49.25 45.75
N VAL HA 153 67.91 -48.34 46.71
CA VAL HA 153 67.12 -47.12 46.60
C VAL HA 153 68.05 -45.93 46.67
N GLY HA 154 68.04 -45.09 45.64
CA GLY HA 154 68.87 -43.91 45.60
C GLY HA 154 70.35 -44.21 45.72
N GLU HA 155 70.81 -45.20 44.93
CA GLU HA 155 72.19 -45.69 44.91
C GLU HA 155 72.76 -45.87 46.32
N LYS HA 156 71.89 -46.23 47.26
CA LYS HA 156 72.27 -46.45 48.65
C LYS HA 156 71.74 -47.79 49.11
N LYS HA 157 72.57 -48.54 49.83
CA LYS HA 157 72.14 -49.82 50.38
C LYS HA 157 71.07 -49.59 51.44
N TYR HA 158 69.95 -50.29 51.30
CA TYR HA 158 68.82 -50.19 52.22
C TYR HA 158 68.54 -51.57 52.81
N SER HA 159 68.36 -51.61 54.13
CA SER HA 159 67.93 -52.84 54.77
C SER HA 159 66.48 -53.14 54.41
N VAL HA 160 66.08 -54.40 54.60
CA VAL HA 160 64.72 -54.80 54.28
C VAL HA 160 63.72 -54.02 55.13
N ASP HA 161 64.02 -53.86 56.43
CA ASP HA 161 63.10 -53.15 57.32
C ASP HA 161 62.98 -51.68 56.95
N GLU HA 162 64.05 -51.06 56.45
CA GLU HA 162 63.98 -49.68 55.98
C GLU HA 162 62.92 -49.54 54.90
N PHE HA 163 62.97 -50.40 53.88
CA PHE HA 163 62.01 -50.28 52.80
C PHE HA 163 60.62 -50.76 53.20
N THR HA 164 60.51 -51.69 54.15
CA THR HA 164 59.19 -52.02 54.67
C THR HA 164 58.55 -50.83 55.37
N SER HA 165 59.35 -50.08 56.15
CA SER HA 165 58.83 -48.86 56.77
C SER HA 165 58.46 -47.83 55.70
N ARG HA 166 59.26 -47.73 54.65
CA ARG HA 166 58.93 -46.84 53.54
C ARG HA 166 57.59 -47.22 52.91
N VAL HA 167 57.38 -48.52 52.68
CA VAL HA 167 56.14 -48.99 52.09
C VAL HA 167 54.96 -48.76 53.04
N ALA HA 168 55.18 -48.93 54.33
CA ALA HA 168 54.13 -48.65 55.31
C ALA HA 168 53.74 -47.18 55.27
N GLY HA 169 54.71 -46.29 55.19
CA GLY HA 169 54.40 -44.88 55.06
C GLY HA 169 53.66 -44.56 53.77
N LEU HA 170 54.07 -45.21 52.68
CA LEU HA 170 53.38 -45.02 51.40
C LEU HA 170 51.93 -45.47 51.48
N ILE HA 171 51.68 -46.62 52.11
CA ILE HA 171 50.32 -47.13 52.25
C ILE HA 171 49.50 -46.21 53.15
N ALA HA 172 50.10 -45.72 54.23
CA ALA HA 172 49.39 -44.77 55.09
C ALA HA 172 49.03 -43.50 54.33
N GLY HA 173 49.92 -43.06 53.43
CA GLY HA 173 49.59 -41.94 52.56
C GLY HA 173 48.67 -42.26 51.41
N THR HA 174 48.37 -43.54 51.20
CA THR HA 174 47.49 -43.95 50.12
C THR HA 174 46.03 -43.84 50.57
N PRO HA 175 45.18 -43.14 49.83
CA PRO HA 175 43.76 -43.04 50.18
C PRO HA 175 43.04 -44.34 49.86
N LEU HA 176 41.73 -44.35 50.15
CA LEU HA 176 40.93 -45.54 49.93
C LEU HA 176 40.62 -45.78 48.46
N SER HA 177 40.71 -44.74 47.62
CA SER HA 177 40.40 -44.91 46.20
C SER HA 177 41.51 -45.60 45.44
N GLN HA 178 42.77 -45.41 45.85
CA GLN HA 178 43.91 -45.96 45.13
C GLN HA 178 44.28 -47.34 45.65
N SER HA 179 44.76 -48.19 44.74
CA SER HA 179 45.24 -49.52 45.06
C SER HA 179 46.76 -49.55 44.97
N VAL HA 180 47.40 -50.05 46.03
CA VAL HA 180 48.86 -50.00 46.14
C VAL HA 180 49.56 -50.80 45.04
N THR HA 181 48.85 -51.67 44.34
CA THR HA 181 49.47 -52.49 43.31
C THR HA 181 49.94 -51.63 42.14
N TYR HA 182 51.11 -51.97 41.60
CA TYR HA 182 51.68 -51.29 40.43
C TYR HA 182 51.87 -49.80 40.68
N THR HA 183 52.31 -49.46 41.89
CA THR HA 183 52.63 -48.08 42.23
C THR HA 183 54.12 -47.83 42.01
N LYS HA 184 54.43 -46.82 41.22
CA LYS HA 184 55.82 -46.54 40.86
C LYS HA 184 56.55 -45.83 41.99
N LEU HA 185 57.80 -46.24 42.21
CA LEU HA 185 58.66 -45.64 43.22
C LEU HA 185 59.84 -45.00 42.50
N SER HA 186 59.85 -43.65 42.46
CA SER HA 186 60.93 -42.95 41.78
C SER HA 186 62.24 -43.04 42.56
N ASP HA 187 62.17 -43.11 43.89
CA ASP HA 187 63.39 -43.14 44.70
C ASP HA 187 64.20 -44.41 44.43
N VAL HA 188 63.51 -45.54 44.27
CA VAL HA 188 64.21 -46.80 44.03
C VAL HA 188 64.89 -46.76 42.67
N VAL HA 189 66.17 -47.13 42.63
CA VAL HA 189 66.94 -47.07 41.41
C VAL HA 189 67.21 -48.46 40.81
N ASP HA 190 67.39 -49.49 41.64
CA ASP HA 190 67.70 -50.82 41.14
C ASP HA 190 67.19 -51.87 42.10
N ILE HA 191 66.81 -53.02 41.55
CA ILE HA 191 66.43 -54.19 42.34
C ILE HA 191 67.16 -55.40 41.76
N PRO HA 192 67.44 -56.43 42.56
CA PRO HA 192 68.10 -57.62 42.02
C PRO HA 192 67.25 -58.28 40.94
N LYS HA 193 67.92 -58.82 39.93
CA LYS HA 193 67.23 -59.52 38.85
C LYS HA 193 66.53 -60.77 39.40
N MET HA 194 65.28 -60.97 39.00
CA MET HA 194 64.46 -62.04 39.55
C MET HA 194 63.35 -62.36 38.57
N THR HA 195 63.22 -63.64 38.21
CA THR HA 195 62.38 -64.05 37.10
C THR HA 195 60.91 -63.80 37.39
N LYS HA 196 60.15 -63.51 36.32
CA LYS HA 196 58.73 -63.23 36.46
C LYS HA 196 57.98 -64.44 37.01
N VAL HA 197 58.44 -65.65 36.70
CA VAL HA 197 57.81 -66.84 37.26
C VAL HA 197 57.99 -66.88 38.77
N ASP HA 198 59.19 -66.54 39.25
CA ASP HA 198 59.43 -66.47 40.69
C ASP HA 198 58.58 -65.38 41.32
N ALA HA 199 58.42 -64.25 40.64
CA ALA HA 199 57.55 -63.19 41.16
C ALA HA 199 56.11 -63.68 41.28
N GLU HA 200 55.63 -64.40 40.27
CA GLU HA 200 54.27 -64.93 40.31
C GLU HA 200 54.11 -65.93 41.46
N SER HA 201 55.10 -66.79 41.65
CA SER HA 201 55.06 -67.75 42.76
C SER HA 201 55.03 -67.02 44.10
N ARG HA 202 55.85 -65.98 44.24
CA ARG HA 202 55.86 -65.21 45.49
C ARG HA 202 54.53 -64.53 45.74
N VAL HA 203 53.91 -63.99 44.68
CA VAL HA 203 52.59 -63.38 44.83
C VAL HA 203 51.56 -64.41 45.25
N ASN HA 204 51.61 -65.60 44.65
CA ASN HA 204 50.71 -66.67 45.06
C ASN HA 204 50.93 -67.03 46.53
N LYS HA 205 52.17 -66.99 46.99
CA LYS HA 205 52.44 -67.15 48.41
C LYS HA 205 51.94 -65.97 49.23
N GLY HA 206 51.61 -64.85 48.57
CA GLY HA 206 51.14 -63.65 49.26
C GLY HA 206 52.20 -62.64 49.57
N GLU HA 207 53.47 -62.97 49.37
CA GLU HA 207 54.55 -62.04 49.68
C GLU HA 207 54.53 -60.86 48.72
N LEU HA 208 54.60 -59.65 49.28
CA LEU HA 208 54.66 -58.44 48.48
C LEU HA 208 56.11 -58.18 48.08
N ILE HA 209 56.32 -57.92 46.79
CA ILE HA 209 57.66 -57.73 46.24
C ILE HA 209 57.64 -56.60 45.22
N LEU HA 210 58.84 -56.16 44.85
CA LEU HA 210 59.01 -55.17 43.80
C LEU HA 210 59.19 -55.86 42.45
N ILE HA 211 58.91 -55.11 41.38
CA ILE HA 211 59.05 -55.63 40.02
C ILE HA 211 59.35 -54.47 39.09
N LYS HA 212 60.10 -54.75 38.03
CA LYS HA 212 60.45 -53.75 37.02
C LYS HA 212 59.43 -53.84 35.89
N GLU HA 213 58.52 -52.87 35.84
CA GLU HA 213 57.49 -52.86 34.81
C GLU HA 213 57.19 -51.41 34.43
N ALA HA 214 56.74 -51.24 33.19
CA ALA HA 214 56.42 -49.91 32.65
C ALA HA 214 57.62 -48.96 32.76
N GLY HA 215 58.81 -49.51 32.54
CA GLY HA 215 60.03 -48.71 32.62
C GLY HA 215 60.30 -48.14 33.99
N ALA HA 216 59.91 -48.84 35.05
CA ALA HA 216 60.11 -48.38 36.41
C ALA HA 216 59.98 -49.56 37.36
N ILE HA 217 60.40 -49.34 38.61
CA ILE HA 217 60.27 -50.34 39.66
C ILE HA 217 58.98 -50.06 40.41
N ARG HA 218 58.08 -51.03 40.43
CA ARG HA 218 56.74 -50.84 41.00
C ARG HA 218 56.42 -52.02 41.91
N ILE HA 219 55.38 -51.83 42.73
CA ILE HA 219 54.89 -52.90 43.58
C ILE HA 219 54.27 -53.98 42.71
N ALA HA 220 54.67 -55.23 42.95
CA ALA HA 220 54.12 -56.35 42.17
C ALA HA 220 52.62 -56.48 42.39
N ARG HA 221 52.21 -56.78 43.63
CA ARG HA 221 50.80 -56.91 43.96
C ARG HA 221 50.58 -56.40 45.38
N GLY HA 222 49.32 -56.11 45.69
CA GLY HA 222 48.95 -55.63 47.01
C GLY HA 222 48.35 -56.71 47.89
N VAL HA 223 48.67 -57.97 47.58
CA VAL HA 223 48.10 -59.09 48.32
C VAL HA 223 48.64 -59.10 49.75
N ASN HA 224 47.84 -59.66 50.66
CA ASN HA 224 48.23 -59.73 52.06
C ASN HA 224 49.27 -60.82 52.28
N SER HA 225 49.92 -60.77 53.45
CA SER HA 225 50.92 -61.77 53.80
C SER HA 225 50.32 -63.15 54.05
N LEU HA 226 49.01 -63.22 54.29
CA LEU HA 226 48.37 -64.48 54.61
C LEU HA 226 48.45 -65.43 53.43
N THR HA 227 49.20 -66.53 53.59
CA THR HA 227 49.42 -67.45 52.48
C THR HA 227 48.17 -68.27 52.17
N GLU HA 228 47.52 -68.80 53.20
CA GLU HA 228 46.37 -69.69 53.04
C GLU HA 228 45.11 -69.02 53.55
N LEU HA 229 44.09 -68.93 52.71
CA LEU HA 229 42.81 -68.35 53.06
C LEU HA 229 41.78 -69.47 53.16
N THR HA 230 41.03 -69.48 54.26
CA THR HA 230 40.04 -70.52 54.49
C THR HA 230 38.87 -70.36 53.52
N ALA HA 231 37.97 -71.35 53.55
CA ALA HA 231 36.81 -71.33 52.66
C ALA HA 231 35.93 -70.11 52.95
N GLU HA 232 35.90 -69.65 54.20
CA GLU HA 232 35.09 -68.49 54.54
C GLU HA 232 35.78 -67.19 54.15
N LYS HA 233 37.06 -67.04 54.49
CA LYS HA 233 37.74 -65.77 54.29
C LYS HA 233 37.76 -65.37 52.82
N GLY HA 234 38.07 -66.32 51.94
CA GLY HA 234 37.93 -66.10 50.52
C GLY HA 234 39.07 -65.30 49.90
N GLU HA 235 38.94 -65.09 48.59
CA GLU HA 235 39.98 -64.39 47.83
C GLU HA 235 39.94 -62.88 48.04
N MET HA 236 38.76 -62.30 48.25
CA MET HA 236 38.69 -60.85 48.42
C MET HA 236 39.35 -60.38 49.70
N PHE HA 237 39.56 -61.28 50.67
CA PHE HA 237 40.29 -60.90 51.87
C PHE HA 237 41.80 -60.93 51.66
N GLN HA 238 42.28 -61.53 50.58
CA GLN HA 238 43.71 -61.54 50.31
C GLN HA 238 44.26 -60.17 49.95
N LYS HA 239 43.39 -59.23 49.60
CA LYS HA 239 43.81 -57.87 49.30
C LYS HA 239 43.74 -57.01 50.55
N ILE HA 240 44.85 -56.33 50.86
CA ILE HA 240 44.89 -55.47 52.03
C ILE HA 240 43.93 -54.29 51.86
N LYS HA 241 43.74 -53.83 50.62
CA LYS HA 241 42.82 -52.72 50.37
C LYS HA 241 41.40 -53.07 50.77
N ILE HA 242 40.96 -54.29 50.44
CA ILE HA 242 39.59 -54.70 50.75
C ILE HA 242 39.41 -54.83 52.26
N VAL HA 243 40.38 -55.42 52.96
CA VAL HA 243 40.23 -55.60 54.40
C VAL HA 243 40.39 -54.28 55.14
N ASP HA 244 41.07 -53.30 54.55
CA ASP HA 244 41.27 -52.01 55.23
C ASP HA 244 39.95 -51.31 55.48
N THR HA 245 39.09 -51.25 54.46
CA THR HA 245 37.80 -50.59 54.63
C THR HA 245 36.90 -51.36 55.58
N LEU HA 246 36.98 -52.69 55.59
CA LEU HA 246 36.22 -53.49 56.55
C LEU HA 246 36.67 -53.18 57.97
N ASP HA 247 37.99 -53.09 58.19
CA ASP HA 247 38.50 -52.75 59.52
C ASP HA 247 38.06 -51.36 59.93
N ILE HA 248 38.10 -50.40 59.00
CA ILE HA 248 37.68 -49.03 59.32
C ILE HA 248 36.21 -49.00 59.69
N ILE HA 249 35.38 -49.72 58.93
CA ILE HA 249 33.94 -49.76 59.22
C ILE HA 249 33.68 -50.39 60.57
N HIS HA 250 34.38 -51.50 60.87
CA HIS HA 250 34.21 -52.15 62.17
C HIS HA 250 34.62 -51.22 63.30
N SER HA 251 35.74 -50.52 63.14
CA SER HA 251 36.20 -49.60 64.19
C SER HA 251 35.19 -48.47 64.40
N ASP HA 252 34.67 -47.90 63.32
CA ASP HA 252 33.69 -46.82 63.44
C ASP HA 252 32.42 -47.31 64.12
N ILE HA 253 31.93 -48.49 63.73
CA ILE HA 253 30.73 -49.03 64.33
C ILE HA 253 30.93 -49.29 65.82
N ARG HA 254 32.07 -49.88 66.17
CA ARG HA 254 32.36 -50.13 67.58
C ARG HA 254 32.43 -48.83 68.37
N LYS HA 255 33.10 -47.82 67.80
CA LYS HA 255 33.24 -46.54 68.49
C LYS HA 255 31.88 -45.89 68.73
N VAL HA 256 31.04 -45.83 67.69
CA VAL HA 256 29.74 -45.16 67.84
C VAL HA 256 28.84 -45.95 68.78
N ILE HA 257 28.89 -47.28 68.72
CA ILE HA 257 28.06 -48.10 69.61
C ILE HA 257 28.47 -47.89 71.07
N ILE HA 258 29.78 -47.89 71.33
CA ILE HA 258 30.26 -47.66 72.69
C ILE HA 258 29.87 -46.27 73.17
N ASP HA 259 30.02 -45.27 72.29
CA ASP HA 259 29.73 -43.89 72.70
C ASP HA 259 28.26 -43.69 73.00
N ASP HA 260 27.36 -44.29 72.22
CA ASP HA 260 25.95 -43.95 72.28
C ASP HA 260 25.11 -44.95 73.08
N TYR HA 261 25.23 -46.24 72.78
CA TYR HA 261 24.18 -47.18 73.16
C TYR HA 261 24.36 -47.81 74.53
N ILE HA 262 25.57 -48.25 74.88
CA ILE HA 262 25.76 -48.95 76.15
C ILE HA 262 25.51 -47.98 77.30
N GLY HA 263 24.60 -48.36 78.20
CA GLY HA 263 24.35 -47.60 79.40
C GLY HA 263 23.39 -46.44 79.23
N LYS HA 264 23.62 -45.62 78.22
CA LYS HA 264 22.88 -44.36 78.09
C LYS HA 264 21.40 -44.59 77.86
N VAL HA 265 21.04 -45.56 77.02
CA VAL HA 265 19.67 -45.79 76.62
C VAL HA 265 19.21 -47.17 77.10
N THR HA 266 17.96 -47.48 76.79
CA THR HA 266 17.28 -48.67 77.30
C THR HA 266 16.68 -49.46 76.13
N ASN HA 267 16.66 -50.78 76.25
CA ASN HA 267 16.12 -51.62 75.18
C ASN HA 267 14.65 -51.32 74.96
N SER HA 268 14.24 -51.39 73.70
CA SER HA 268 12.84 -51.27 73.30
C SER HA 268 12.75 -51.66 71.84
N TYR HA 269 11.60 -52.22 71.46
CA TYR HA 269 11.39 -52.54 70.04
C TYR HA 269 11.47 -51.29 69.19
N ASP HA 270 10.92 -50.18 69.69
CA ASP HA 270 11.11 -48.89 69.03
C ASP HA 270 12.57 -48.49 69.04
N ASN HA 271 13.27 -48.73 70.16
CA ASN HA 271 14.70 -48.45 70.20
C ASN HA 271 15.47 -49.38 69.28
N LYS HA 272 15.03 -50.62 69.14
CA LYS HA 272 15.62 -51.53 68.15
C LYS HA 272 15.48 -50.96 66.74
N CYS HA 273 14.29 -50.45 66.41
CA CYS HA 273 14.07 -49.84 65.10
C CYS HA 273 14.95 -48.60 64.92
N LEU HA 274 15.09 -47.79 65.96
CA LEU HA 274 15.94 -46.61 65.88
C LEU HA 274 17.39 -47.00 65.65
N LEU HA 275 17.87 -48.04 66.34
CA LEU HA 275 19.22 -48.52 66.11
C LEU HA 275 19.39 -49.03 64.68
N ILE HA 276 18.39 -49.74 64.17
CA ILE HA 276 18.45 -50.21 62.78
C ILE HA 276 18.54 -49.03 61.83
N VAL HA 277 17.74 -47.99 62.07
CA VAL HA 277 17.76 -46.81 61.22
C VAL HA 277 19.11 -46.11 61.29
N ALA HA 278 19.70 -46.05 62.48
CA ALA HA 278 21.02 -45.43 62.63
C ALA HA 278 22.08 -46.20 61.86
N ILE HA 279 22.05 -47.53 61.94
CA ILE HA 279 23.02 -48.32 61.19
C ILE HA 279 22.78 -48.19 59.68
N LYS HA 280 21.51 -48.08 59.29
CA LYS HA 280 21.20 -47.85 57.88
C LYS HA 280 21.75 -46.50 57.41
N SER HA 281 21.64 -45.48 58.25
CA SER HA 281 22.20 -44.17 57.90
C SER HA 281 23.72 -44.24 57.80
N TYR HA 282 24.35 -45.01 58.69
CA TYR HA 282 25.80 -45.19 58.59
C TYR HA 282 26.18 -45.89 57.29
N LEU HA 283 25.41 -46.91 56.90
CA LEU HA 283 25.67 -47.59 55.63
C LEU HA 283 25.45 -46.64 54.44
N GLU HA 284 24.44 -45.77 54.54
CA GLU HA 284 24.22 -44.78 53.49
C GLU HA 284 25.40 -43.82 53.41
N GLU HA 285 25.96 -43.42 54.56
CA GLU HA 285 27.16 -42.59 54.57
C GLU HA 285 28.32 -43.31 53.89
N LEU HA 286 28.49 -44.60 54.19
CA LEU HA 286 29.53 -45.39 53.52
C LEU HA 286 29.33 -45.42 52.02
N GLU HA 287 28.08 -45.60 51.59
CA GLU HA 287 27.77 -45.63 50.16
C GLU HA 287 28.10 -44.29 49.51
N LYS HA 288 27.74 -43.19 50.19
CA LYS HA 288 28.08 -41.87 49.68
C LYS HA 288 29.60 -41.68 49.61
N SER HA 289 30.34 -42.32 50.52
CA SER HA 289 31.79 -42.31 50.44
C SER HA 289 32.31 -43.09 49.23
N ALA HA 290 31.45 -43.88 48.59
CA ALA HA 290 31.74 -44.65 47.38
C ALA HA 290 32.81 -45.71 47.61
N LEU HA 291 33.21 -45.96 48.86
CA LEU HA 291 34.19 -47.00 49.13
C LEU HA 291 33.60 -48.40 48.93
N ILE HA 292 32.32 -48.57 49.24
CA ILE HA 292 31.63 -49.85 49.08
C ILE HA 292 30.30 -49.60 48.38
N GLU HA 293 29.83 -50.61 47.66
CA GLU HA 293 28.56 -50.49 46.95
C GLU HA 293 27.39 -50.47 47.93
N SER HA 294 27.38 -51.42 48.88
CA SER HA 294 26.41 -51.45 49.98
C SER HA 294 24.96 -51.47 49.46
N ASP HA 295 24.63 -52.54 48.75
CA ASP HA 295 23.27 -52.69 48.23
C ASP HA 295 22.29 -53.07 49.33
N SER HA 296 22.68 -53.98 50.21
CA SER HA 296 21.76 -54.56 51.17
C SER HA 296 21.71 -53.73 52.46
N THR HA 297 20.85 -54.14 53.39
CA THR HA 297 20.59 -53.39 54.60
C THR HA 297 20.73 -54.25 55.85
N VAL HA 298 20.30 -53.72 56.99
CA VAL HA 298 20.39 -54.38 58.28
C VAL HA 298 18.99 -54.73 58.76
N GLU HA 299 18.89 -55.82 59.53
CA GLU HA 299 17.61 -56.25 60.08
C GLU HA 299 17.88 -57.05 61.35
N ILE HA 300 16.80 -57.63 61.90
CA ILE HA 300 16.89 -58.41 63.12
C ILE HA 300 17.25 -59.85 62.77
N ASP HA 301 18.22 -60.41 63.50
CA ASP HA 301 18.61 -61.80 63.31
C ASP HA 301 17.58 -62.69 63.97
N PHE HA 302 16.72 -63.31 63.15
CA PHE HA 302 15.66 -64.15 63.69
C PHE HA 302 16.21 -65.40 64.36
N GLU HA 303 17.29 -65.97 63.82
CA GLU HA 303 17.89 -67.14 64.44
C GLU HA 303 18.46 -66.81 65.81
N ALA HA 304 19.11 -65.66 65.95
CA ALA HA 304 19.63 -65.25 67.25
C ALA HA 304 18.51 -65.04 68.26
N GLN HA 305 17.41 -64.43 67.82
CA GLN HA 305 16.27 -64.24 68.72
C GLN HA 305 15.67 -65.58 69.13
N LYS HA 306 15.57 -66.52 68.19
CA LYS HA 306 15.06 -67.85 68.53
C LYS HA 306 15.98 -68.54 69.53
N SER HA 307 17.30 -68.41 69.35
CA SER HA 307 18.23 -68.98 70.30
C SER HA 307 18.08 -68.34 71.68
N TYR HA 308 17.87 -67.02 71.73
CA TYR HA 308 17.68 -66.35 73.01
C TYR HA 308 16.41 -66.83 73.70
N LEU HA 309 15.32 -66.98 72.95
CA LEU HA 309 14.08 -67.49 73.54
C LEU HA 309 14.25 -68.93 74.02
N LYS HA 310 15.00 -69.75 73.26
CA LYS HA 310 15.29 -71.10 73.71
C LYS HA 310 16.08 -71.09 75.01
N SER HA 311 17.07 -70.19 75.12
CA SER HA 311 17.82 -70.05 76.36
C SER HA 311 16.91 -69.63 77.51
N LYS HA 312 15.94 -68.74 77.23
CA LYS HA 312 14.96 -68.36 78.23
C LYS HA 312 14.06 -69.52 78.63
N GLY HA 313 14.00 -70.59 77.83
CA GLY HA 313 13.16 -71.72 78.13
C GLY HA 313 11.71 -71.57 77.74
N VAL HA 314 11.34 -70.46 77.08
CA VAL HA 314 9.96 -70.26 76.68
C VAL HA 314 9.63 -71.16 75.51
N ASP HA 315 8.49 -71.86 75.60
CA ASP HA 315 8.04 -72.70 74.50
C ASP HA 315 7.77 -71.85 73.26
N LEU HA 316 8.25 -72.32 72.12
CA LEU HA 316 8.14 -71.57 70.87
C LEU HA 316 6.73 -71.63 70.29
N SER HA 317 5.93 -72.61 70.66
CA SER HA 317 4.63 -72.81 70.04
C SER HA 317 3.66 -71.69 70.39
N TYR HA 318 2.76 -71.39 69.43
CA TYR HA 318 1.60 -70.53 69.64
C TYR HA 318 1.98 -69.07 69.90
N MET HA 319 2.86 -68.53 69.03
CA MET HA 319 3.04 -67.09 68.93
C MET HA 319 3.09 -66.70 67.47
N THR HA 320 2.71 -65.45 67.20
CA THR HA 320 2.85 -64.89 65.86
C THR HA 320 4.31 -64.63 65.56
N LEU HA 321 4.68 -64.73 64.28
CA LEU HA 321 6.05 -64.48 63.87
C LEU HA 321 6.46 -63.05 64.20
N GLN HA 322 5.57 -62.09 63.97
CA GLN HA 322 5.84 -60.71 64.35
C GLN HA 322 6.00 -60.58 65.86
N GLU HA 323 5.16 -61.29 66.62
CA GLU HA 323 5.28 -61.27 68.08
C GLU HA 323 6.63 -61.83 68.52
N ILE HA 324 7.07 -62.92 67.91
CA ILE HA 324 8.39 -63.47 68.22
C ILE HA 324 9.49 -62.47 67.88
N LYS HA 325 9.34 -61.77 66.75
CA LYS HA 325 10.33 -60.78 66.36
C LYS HA 325 10.40 -59.63 67.36
N GLU HA 326 9.24 -59.19 67.86
CA GLU HA 326 9.18 -58.05 68.76
C GLU HA 326 9.24 -58.47 70.23
N ALA HA 327 9.45 -59.75 70.51
CA ALA HA 327 9.52 -60.22 71.88
C ALA HA 327 10.73 -59.62 72.59
N ASN HA 328 10.63 -59.55 73.92
CA ASN HA 328 11.70 -58.96 74.71
C ASN HA 328 12.98 -59.78 74.59
N THR HA 329 14.11 -59.08 74.43
CA THR HA 329 15.42 -59.71 74.36
C THR HA 329 16.27 -59.42 75.59
N GLY HA 330 15.68 -58.86 76.64
CA GLY HA 330 16.44 -58.49 77.82
C GLY HA 330 17.47 -57.43 77.48
N SER HA 331 18.59 -57.47 78.21
CA SER HA 331 19.70 -56.58 77.89
C SER HA 331 20.41 -56.99 76.60
N LYS HA 332 20.20 -58.22 76.15
CA LYS HA 332 20.83 -58.69 74.91
C LYS HA 332 20.23 -57.99 73.71
N VAL HA 333 21.08 -57.74 72.71
CA VAL HA 333 20.68 -57.12 71.46
C VAL HA 333 21.17 -58.01 70.31
N PHE HA 334 20.27 -58.29 69.36
CA PHE HA 334 20.59 -59.16 68.23
C PHE HA 334 20.27 -58.43 66.93
N LEU HA 335 21.17 -58.56 65.95
CA LEU HA 335 21.01 -57.91 64.66
C LEU HA 335 21.62 -58.77 63.57
N LYS HA 336 21.15 -58.57 62.35
CA LYS HA 336 21.67 -59.27 61.17
C LYS HA 336 21.79 -58.27 60.04
N ALA HA 337 22.90 -58.34 59.29
CA ALA HA 337 23.15 -57.42 58.20
C ALA HA 337 23.95 -58.11 57.10
N LYS HA 338 24.15 -57.38 56.01
CA LYS HA 338 24.91 -57.86 54.86
C LYS HA 338 25.34 -56.66 54.04
N ILE HA 339 26.60 -56.66 53.60
CA ILE HA 339 27.19 -55.52 52.91
C ILE HA 339 27.83 -56.00 51.61
N LYS HA 340 27.98 -55.06 50.68
CA LYS HA 340 28.67 -55.29 49.42
C LYS HA 340 29.84 -54.31 49.33
N VAL HA 341 31.03 -54.83 49.06
CA VAL HA 341 32.27 -54.07 49.08
C VAL HA 341 32.74 -53.86 47.65
N LEU HA 342 32.99 -52.60 47.28
CA LEU HA 342 33.53 -52.30 45.96
C LEU HA 342 34.98 -52.79 45.86
N ASP HA 343 35.38 -53.14 44.65
CA ASP HA 343 36.70 -53.70 44.39
C ASP HA 343 37.52 -52.75 43.51
N ALA HA 344 38.83 -52.83 43.65
CA ALA HA 344 39.75 -52.03 42.84
C ALA HA 344 39.84 -52.58 41.43
N MET HA 345 40.37 -51.78 40.52
CA MET HA 345 40.55 -52.16 39.12
C MET HA 345 41.96 -52.73 38.97
N GLU HA 346 42.05 -54.02 38.68
CA GLU HA 346 43.35 -54.67 38.64
C GLU HA 346 43.52 -55.56 37.40
N ASP HA 347 42.42 -56.03 36.82
CA ASP HA 347 42.49 -56.98 35.71
C ASP HA 347 41.57 -56.52 34.59
N ILE HA 348 42.10 -55.73 33.67
CA ILE HA 348 41.34 -55.25 32.52
C ILE HA 348 41.49 -56.27 31.39
N ASP HA 349 40.36 -56.74 30.87
CA ASP HA 349 40.32 -57.66 29.74
C ASP HA 349 39.51 -57.01 28.62
N LEU HA 350 39.96 -57.17 27.39
CA LEU HA 350 39.33 -56.52 26.26
C LEU HA 350 39.48 -57.41 25.03
N SER HA 351 38.61 -57.18 24.04
CA SER HA 351 38.71 -57.82 22.74
C SER HA 351 38.27 -56.85 21.66
N ILE HA 352 38.99 -56.84 20.56
CA ILE HA 352 38.69 -55.98 19.42
C ILE HA 352 38.14 -56.85 18.30
N GLU HA 353 37.37 -56.23 17.41
CA GLU HA 353 36.75 -56.92 16.29
C GLU HA 353 37.05 -56.17 15.00
N ILE HA 354 37.90 -56.77 14.15
CA ILE HA 354 38.25 -56.17 12.88
C ILE HA 354 37.15 -56.40 11.86
N MET IA 1 81.29 -42.88 -45.83
CA MET IA 1 81.38 -41.95 -46.93
C MET IA 1 80.00 -41.40 -47.29
N TYR IA 2 79.87 -40.07 -47.31
CA TYR IA 2 78.57 -39.46 -47.59
C TYR IA 2 78.11 -39.75 -49.02
N SER IA 3 79.04 -39.73 -49.98
CA SER IA 3 78.66 -39.98 -51.36
C SER IA 3 78.36 -41.45 -51.61
N ASP IA 4 79.01 -42.35 -50.87
CA ASP IA 4 78.76 -43.78 -51.05
C ASP IA 4 77.31 -44.13 -50.72
N GLN IA 5 76.77 -43.56 -49.65
CA GLN IA 5 75.38 -43.78 -49.28
C GLN IA 5 74.48 -42.89 -50.14
N THR IA 6 73.53 -43.50 -50.84
CA THR IA 6 72.60 -42.78 -51.68
C THR IA 6 71.17 -43.19 -51.32
N TYR IA 7 70.22 -42.46 -51.91
CA TYR IA 7 68.82 -42.54 -51.50
C TYR IA 7 68.30 -43.99 -51.59
N GLU IA 8 68.29 -44.54 -52.80
CA GLU IA 8 67.68 -45.86 -52.99
C GLU IA 8 68.46 -46.97 -52.31
N VAL IA 9 69.79 -46.86 -52.26
CA VAL IA 9 70.61 -47.91 -51.65
C VAL IA 9 70.31 -48.00 -50.16
N ILE IA 10 70.30 -46.86 -49.47
CA ILE IA 10 70.02 -46.90 -48.03
C ILE IA 10 68.55 -47.24 -47.78
N LYS IA 11 67.66 -46.84 -48.69
CA LYS IA 11 66.27 -47.26 -48.57
C LYS IA 11 66.15 -48.78 -48.58
N ASN IA 12 66.79 -49.41 -49.58
CA ASN IA 12 66.73 -50.87 -49.69
C ASN IA 12 67.43 -51.53 -48.51
N ARG IA 13 68.53 -50.94 -48.04
CA ARG IA 13 69.22 -51.50 -46.87
C ARG IA 13 68.34 -51.46 -45.64
N THR IA 14 67.65 -50.34 -45.41
CA THR IA 14 66.75 -50.24 -44.27
C THR IA 14 65.60 -51.22 -44.39
N LEU IA 15 65.07 -51.40 -45.60
CA LEU IA 15 64.00 -52.38 -45.79
C LEU IA 15 64.49 -53.81 -45.53
N GLU IA 16 65.71 -54.12 -45.97
CA GLU IA 16 66.21 -55.49 -45.89
C GLU IA 16 66.67 -55.85 -44.47
N ASN IA 17 67.22 -54.88 -43.73
CA ASN IA 17 67.83 -55.19 -42.44
C ASN IA 17 66.83 -55.77 -41.46
N ILE IA 18 65.58 -55.34 -41.53
CA ILE IA 18 64.53 -55.88 -40.67
C ILE IA 18 63.83 -57.01 -41.39
N ASN IA 19 63.76 -58.17 -40.75
CA ASN IA 19 63.06 -59.33 -41.30
C ASN IA 19 61.59 -59.23 -40.95
N LEU IA 20 60.74 -59.17 -41.96
CA LEU IA 20 59.30 -59.01 -41.78
C LEU IA 20 58.57 -60.21 -42.35
N ASP IA 21 57.63 -60.74 -41.59
CA ASP IA 21 56.66 -61.67 -42.15
C ASP IA 21 55.67 -60.98 -43.08
N ILE IA 22 55.69 -59.65 -43.10
CA ILE IA 22 54.80 -58.85 -43.94
C ILE IA 22 55.45 -58.68 -45.31
N TYR IA 23 54.69 -58.94 -46.37
CA TYR IA 23 55.17 -58.67 -47.71
C TYR IA 23 55.35 -57.18 -47.93
N LYS IA 24 56.44 -56.81 -48.58
CA LYS IA 24 56.76 -55.40 -48.85
C LYS IA 24 56.40 -55.09 -50.29
N GLY IA 25 55.56 -54.07 -50.48
CA GLY IA 25 55.13 -53.68 -51.81
C GLY IA 25 55.22 -52.17 -51.99
N GLU IA 26 55.16 -51.76 -53.25
CA GLU IA 26 55.20 -50.34 -53.57
C GLU IA 26 53.94 -49.65 -53.06
N GLY IA 27 54.12 -48.44 -52.53
CA GLY IA 27 53.03 -47.68 -51.99
C GLY IA 27 52.52 -48.12 -50.64
N SER IA 28 53.14 -49.13 -50.03
CA SER IA 28 52.70 -49.62 -48.74
C SER IA 28 52.98 -48.60 -47.65
N PHE IA 29 52.18 -48.66 -46.58
CA PHE IA 29 52.37 -47.74 -45.46
C PHE IA 29 53.76 -47.89 -44.86
N LEU IA 30 54.22 -49.13 -44.68
CA LEU IA 30 55.61 -49.35 -44.28
C LEU IA 30 56.57 -48.81 -45.32
N ASN IA 31 56.28 -49.05 -46.59
CA ASN IA 31 57.11 -48.50 -47.66
C ASN IA 31 57.09 -46.99 -47.65
N ASN IA 32 55.92 -46.40 -47.41
CA ASN IA 32 55.82 -44.94 -47.37
C ASN IA 32 56.63 -44.34 -46.24
N MET IA 33 56.57 -44.95 -45.05
CA MET IA 33 57.32 -44.40 -43.92
C MET IA 33 58.82 -44.62 -44.11
N VAL IA 34 59.21 -45.77 -44.67
CA VAL IA 34 60.61 -45.97 -45.01
C VAL IA 34 61.07 -44.94 -46.03
N SER IA 35 60.20 -44.60 -46.98
CA SER IA 35 60.54 -43.58 -47.98
C SER IA 35 60.72 -42.22 -47.33
N GLY IA 36 59.85 -41.86 -46.39
CA GLY IA 36 59.99 -40.59 -45.70
C GLY IA 36 61.28 -40.51 -44.88
N ASN IA 37 61.57 -41.58 -44.13
CA ASN IA 37 62.81 -41.61 -43.36
C ASN IA 37 64.03 -41.57 -44.28
N ASN IA 38 63.95 -42.27 -45.41
CA ASN IA 38 65.03 -42.23 -46.38
C ASN IA 38 65.21 -40.84 -46.99
N LEU IA 39 64.11 -40.14 -47.24
CA LEU IA 39 64.20 -38.77 -47.74
C LEU IA 39 64.90 -37.87 -46.73
N GLU IA 40 64.53 -37.99 -45.46
CA GLU IA 40 65.19 -37.19 -44.44
C GLU IA 40 66.68 -37.55 -44.32
N LEU IA 41 66.99 -38.84 -44.38
CA LEU IA 41 68.38 -39.28 -44.28
C LEU IA 41 69.19 -38.82 -45.48
N SER IA 42 68.59 -38.83 -46.66
CA SER IA 42 69.27 -38.33 -47.85
C SER IA 42 69.49 -36.83 -47.76
N LYS IA 43 68.54 -36.10 -47.18
CA LYS IA 43 68.76 -34.68 -46.91
C LYS IA 43 69.95 -34.49 -45.98
N ILE IA 44 70.03 -35.31 -44.93
CA ILE IA 44 71.16 -35.22 -44.00
C ILE IA 44 72.48 -35.52 -44.71
N TYR IA 45 72.49 -36.54 -45.56
CA TYR IA 45 73.71 -36.90 -46.28
C TYR IA 45 74.12 -35.81 -47.26
N LEU IA 46 73.15 -35.20 -47.94
CA LEU IA 46 73.44 -34.08 -48.82
C LEU IA 46 74.00 -32.90 -48.04
N GLU IA 47 73.44 -32.64 -46.85
CA GLU IA 47 73.98 -31.57 -46.02
C GLU IA 47 75.40 -31.87 -45.58
N LEU IA 48 75.69 -33.14 -45.25
CA LEU IA 48 77.05 -33.52 -44.88
C LEU IA 48 78.01 -33.33 -46.05
N SER IA 49 77.57 -33.71 -47.26
CA SER IA 49 78.40 -33.49 -48.44
C SER IA 49 78.65 -32.00 -48.65
N LYS IA 50 77.63 -31.17 -48.47
CA LYS IA 50 77.79 -29.72 -48.59
C LYS IA 50 78.76 -29.19 -47.54
N MET IA 51 78.70 -29.74 -46.33
CA MET IA 51 79.63 -29.32 -45.28
C MET IA 51 81.07 -29.70 -45.63
N HIS IA 52 81.26 -30.89 -46.20
CA HIS IA 52 82.59 -31.28 -46.67
C HIS IA 52 83.08 -30.34 -47.77
N LYS IA 53 82.19 -29.98 -48.70
CA LYS IA 53 82.54 -29.01 -49.74
C LYS IA 53 82.94 -27.68 -49.13
N MET IA 54 82.17 -27.21 -48.13
CA MET IA 54 82.51 -25.96 -47.45
C MET IA 54 83.87 -26.05 -46.79
N ALA IA 55 84.17 -27.18 -46.16
CA ALA IA 55 85.47 -27.38 -45.54
C ALA IA 55 86.59 -27.28 -46.55
N PHE IA 56 86.40 -27.89 -47.73
CA PHE IA 56 87.40 -27.77 -48.78
C PHE IA 56 87.16 -26.58 -49.71
N ILE IA 57 86.00 -25.93 -49.60
CA ILE IA 57 85.69 -24.65 -50.25
C ILE IA 57 86.10 -24.62 -51.73
N GLN IA 58 86.07 -25.78 -52.37
CA GLN IA 58 86.62 -25.91 -53.72
C GLN IA 58 85.86 -25.04 -54.73
N ASP IA 59 84.54 -24.98 -54.61
CA ASP IA 59 83.75 -24.28 -55.62
C ASP IA 59 83.03 -23.06 -55.06
N THR IA 60 82.22 -23.25 -54.02
CA THR IA 60 81.41 -22.16 -53.47
C THR IA 60 82.30 -21.20 -52.68
N TYR IA 61 81.97 -19.92 -52.77
CA TYR IA 61 82.67 -18.88 -52.01
C TYR IA 61 82.00 -18.70 -50.65
N ASN IA 62 82.81 -18.69 -49.59
CA ASN IA 62 82.29 -18.52 -48.25
C ASN IA 62 83.38 -17.93 -47.37
N GLN IA 63 83.02 -17.64 -46.12
CA GLN IA 63 83.97 -17.08 -45.16
C GLN IA 63 85.09 -18.04 -44.82
N PHE IA 64 84.89 -19.34 -45.03
CA PHE IA 64 85.96 -20.31 -44.78
C PHE IA 64 87.17 -20.03 -45.66
N LEU IA 65 86.94 -19.76 -46.94
CA LEU IA 65 88.04 -19.48 -47.86
C LEU IA 65 88.78 -18.21 -47.44
N ASP IA 66 88.05 -17.15 -47.09
CA ASP IA 66 88.69 -15.91 -46.69
C ASP IA 66 89.51 -16.09 -45.43
N LYS IA 67 88.95 -16.81 -44.45
CA LYS IA 67 89.67 -17.04 -43.20
C LYS IA 67 90.91 -17.90 -43.43
N ARG IA 68 90.82 -18.92 -44.29
CA ARG IA 68 91.99 -19.74 -44.58
C ARG IA 68 93.07 -18.94 -45.30
N VAL IA 69 92.66 -18.06 -46.22
CA VAL IA 69 93.61 -17.18 -46.90
C VAL IA 69 94.28 -16.27 -45.89
N ASN IA 70 93.52 -15.75 -44.92
CA ASN IA 70 94.11 -14.95 -43.86
C ASN IA 70 95.09 -15.76 -43.03
N GLU IA 71 94.79 -17.04 -42.80
CA GLU IA 71 95.76 -17.92 -42.15
C GLU IA 71 97.04 -18.00 -42.96
N PHE IA 72 96.92 -18.12 -44.28
CA PHE IA 72 98.09 -18.16 -45.14
C PHE IA 72 98.81 -16.82 -45.25
N GLY IA 73 98.21 -15.74 -44.73
CA GLY IA 73 98.87 -14.45 -44.66
C GLY IA 73 98.41 -13.43 -45.67
N VAL IA 74 97.67 -13.84 -46.71
CA VAL IA 74 97.18 -12.89 -47.71
C VAL IA 74 95.96 -12.19 -47.15
N TYR IA 75 95.90 -10.87 -47.36
CA TYR IA 75 94.86 -10.02 -46.79
C TYR IA 75 94.03 -9.40 -47.90
N ARG IA 76 92.72 -9.30 -47.66
CA ARG IA 76 91.80 -8.74 -48.64
C ARG IA 76 91.94 -7.22 -48.65
N LYS IA 77 92.48 -6.69 -49.75
CA LYS IA 77 92.71 -5.25 -49.88
C LYS IA 77 91.37 -4.58 -50.23
N LEU IA 78 90.76 -3.93 -49.25
CA LEU IA 78 89.45 -3.32 -49.46
C LEU IA 78 89.52 -2.23 -50.52
N GLY IA 79 90.54 -1.39 -50.48
CA GLY IA 79 90.73 -0.33 -51.45
C GLY IA 79 90.86 1.02 -50.79
N THR IA 80 90.93 2.05 -51.64
CA THR IA 80 91.09 3.42 -51.21
C THR IA 80 90.01 4.29 -51.82
N GLU IA 81 89.69 5.38 -51.13
CA GLU IA 81 88.68 6.32 -51.59
C GLU IA 81 89.29 7.35 -52.52
N SER IA 82 88.48 7.81 -53.47
CA SER IA 82 88.94 8.81 -54.44
C SER IA 82 89.16 10.16 -53.76
N ASN IA 83 90.17 10.88 -54.22
CA ASN IA 83 90.53 12.19 -53.66
C ASN IA 83 90.58 13.21 -54.78
N GLY IA 84 90.18 14.44 -54.46
CA GLY IA 84 90.19 15.51 -55.43
C GLY IA 84 89.92 16.84 -54.76
N GLU IA 85 89.92 17.90 -55.56
CA GLU IA 85 89.66 19.24 -55.08
C GLU IA 85 88.59 19.90 -55.94
N VAL IA 86 87.67 20.60 -55.28
CA VAL IA 86 86.57 21.26 -55.96
C VAL IA 86 86.66 22.76 -55.70
N GLU IA 87 85.99 23.53 -56.55
CA GLU IA 87 85.96 24.98 -56.47
C GLU IA 87 84.56 25.43 -56.07
N PHE IA 88 84.48 26.26 -55.04
CA PHE IA 88 83.21 26.80 -54.57
C PHE IA 88 83.01 28.20 -55.14
N ILE IA 89 81.91 28.40 -55.85
CA ILE IA 89 81.62 29.67 -56.51
C ILE IA 89 80.32 30.22 -55.92
N GLY IA 90 80.37 31.48 -55.47
CA GLY IA 90 79.18 32.08 -54.90
C GLY IA 90 79.50 33.40 -54.21
N GLU IA 91 78.66 33.75 -53.24
CA GLU IA 91 78.83 35.01 -52.52
C GLU IA 91 80.12 34.98 -51.70
N LYS IA 92 80.85 36.09 -51.74
CA LYS IA 92 82.08 36.20 -50.97
C LYS IA 92 81.78 36.26 -49.48
N GLY IA 93 82.66 35.66 -48.68
CA GLY IA 93 82.52 35.65 -47.24
C GLY IA 93 81.87 34.41 -46.67
N THR IA 94 81.21 33.61 -47.49
CA THR IA 94 80.61 32.37 -47.01
C THR IA 94 81.70 31.37 -46.64
N VAL IA 95 81.51 30.71 -45.50
CA VAL IA 95 82.49 29.77 -44.96
C VAL IA 95 81.93 28.36 -45.10
N ILE IA 96 82.68 27.49 -45.76
CA ILE IA 96 82.31 26.09 -45.93
C ILE IA 96 83.19 25.30 -44.96
N ASN IA 97 82.60 24.88 -43.85
CA ASN IA 97 83.37 24.24 -42.78
C ASN IA 97 83.74 22.81 -43.16
N ASN IA 98 84.61 22.22 -42.36
CA ASN IA 98 85.03 20.84 -42.57
C ASN IA 98 83.86 19.89 -42.36
N GLY IA 99 83.86 18.80 -43.11
CA GLY IA 99 82.78 17.85 -43.05
C GLY IA 99 81.58 18.20 -43.91
N THR IA 100 81.67 19.24 -44.73
CA THR IA 100 80.56 19.62 -45.60
C THR IA 100 80.32 18.53 -46.63
N ILE IA 101 79.04 18.24 -46.89
CA ILE IA 101 78.64 17.14 -47.74
C ILE IA 101 78.21 17.69 -49.10
N ILE IA 102 78.80 17.14 -50.16
CA ILE IA 102 78.45 17.48 -51.53
C ILE IA 102 78.17 16.20 -52.29
N SER IA 103 77.11 16.20 -53.10
CA SER IA 103 76.68 15.01 -53.81
C SER IA 103 76.72 15.27 -55.31
N TYR IA 104 77.31 14.33 -56.04
CA TYR IA 104 77.29 14.32 -57.51
C TYR IA 104 76.55 13.06 -57.94
N ARG IA 105 75.35 13.25 -58.51
CA ARG IA 105 74.48 12.14 -58.92
C ARG IA 105 74.24 11.27 -57.69
N ASP IA 106 74.37 9.95 -57.78
CA ASP IA 106 74.20 9.11 -56.61
C ASP IA 106 75.40 9.15 -55.68
N LEU IA 107 76.59 9.41 -56.22
CA LEU IA 107 77.80 9.41 -55.42
C LEU IA 107 77.79 10.55 -54.41
N LEU IA 108 78.39 10.30 -53.25
CA LEU IA 108 78.43 11.25 -52.14
C LEU IA 108 79.87 11.59 -51.82
N PHE IA 109 80.13 12.88 -51.56
CA PHE IA 109 81.46 13.37 -51.29
C PHE IA 109 81.44 14.28 -50.07
N VAL IA 110 82.60 14.45 -49.45
CA VAL IA 110 82.74 15.25 -48.24
C VAL IA 110 83.90 16.22 -48.42
N VAL IA 111 83.71 17.46 -47.95
CA VAL IA 111 84.76 18.46 -48.00
C VAL IA 111 85.71 18.24 -46.83
N ILE IA 112 87.01 18.34 -47.11
CA ILE IA 112 88.04 18.02 -46.13
C ILE IA 112 88.59 19.27 -45.44
N LYS IA 113 88.72 20.37 -46.18
CA LYS IA 113 89.32 21.58 -45.66
C LYS IA 113 88.28 22.69 -45.55
N ASP IA 114 88.33 23.43 -44.44
CA ASP IA 114 87.44 24.56 -44.23
C ASP IA 114 87.82 25.68 -45.19
N VAL IA 115 86.97 25.93 -46.19
CA VAL IA 115 87.24 26.90 -47.24
C VAL IA 115 86.22 28.03 -47.15
N THR IA 116 86.69 29.26 -47.29
CA THR IA 116 85.85 30.45 -47.32
C THR IA 116 85.87 31.04 -48.73
N ILE IA 117 84.69 31.25 -49.29
CA ILE IA 117 84.60 31.78 -50.65
C ILE IA 117 85.05 33.23 -50.66
N GLY IA 118 85.96 33.56 -51.57
CA GLY IA 118 86.50 34.90 -51.67
C GLY IA 118 87.60 35.25 -50.70
N SER IA 119 88.02 34.30 -49.86
CA SER IA 119 89.09 34.55 -48.90
C SER IA 119 90.45 34.44 -49.58
N GLU IA 120 91.48 34.84 -48.85
CA GLU IA 120 92.85 34.79 -49.36
C GLU IA 120 93.37 33.36 -49.50
N GLU IA 121 92.68 32.38 -48.92
CA GLU IA 121 93.08 30.98 -49.02
C GLU IA 121 92.56 30.30 -50.28
N GLY IA 122 91.80 31.01 -51.11
CA GLY IA 122 91.26 30.44 -52.32
C GLY IA 122 89.91 29.79 -52.11
N ASP IA 123 89.26 29.47 -53.23
CA ASP IA 123 87.95 28.83 -53.23
C ASP IA 123 88.03 27.34 -53.50
N ASN IA 124 89.22 26.76 -53.45
CA ASN IA 124 89.42 25.35 -53.73
C ASN IA 124 89.70 24.60 -52.43
N SER IA 125 88.97 23.51 -52.22
CA SER IA 125 89.14 22.68 -51.03
C SER IA 125 89.23 21.21 -51.42
N PRO IA 126 90.15 20.46 -50.83
CA PRO IA 126 90.24 19.03 -51.14
C PRO IA 126 88.97 18.30 -50.72
N VAL IA 127 88.59 17.31 -51.52
CA VAL IA 127 87.39 16.50 -51.28
C VAL IA 127 87.76 15.03 -51.43
N GLN IA 128 87.40 14.23 -50.43
CA GLN IA 128 87.66 12.80 -50.43
C GLN IA 128 86.34 12.06 -50.62
N ALA IA 129 86.38 11.01 -51.44
CA ALA IA 129 85.20 10.18 -51.64
C ALA IA 129 84.79 9.51 -50.34
N LEU IA 130 83.49 9.48 -50.07
CA LEU IA 130 82.98 8.89 -48.84
C LEU IA 130 82.91 7.36 -48.91
N GLU IA 131 83.08 6.78 -50.08
CA GLU IA 131 83.04 5.33 -50.24
C GLU IA 131 84.14 4.90 -51.19
N VAL IA 132 84.57 3.65 -51.04
CA VAL IA 132 85.61 3.07 -51.90
C VAL IA 132 84.98 2.62 -53.21
N GLY IA 133 85.69 2.82 -54.29
CA GLY IA 133 85.23 2.39 -55.61
C GLY IA 133 85.81 3.26 -56.71
N LYS IA 134 85.93 2.67 -57.90
CA LYS IA 134 86.43 3.40 -59.05
C LYS IA 134 85.42 4.40 -59.59
N LYS IA 135 84.12 4.20 -59.30
CA LYS IA 135 83.10 5.13 -59.76
C LYS IA 135 83.28 6.53 -59.19
N TYR IA 136 83.95 6.65 -58.04
CA TYR IA 136 84.17 7.95 -57.42
C TYR IA 136 85.31 8.73 -58.07
N ASN IA 137 86.07 8.11 -58.97
CA ASN IA 137 87.15 8.79 -59.69
C ASN IA 137 86.53 9.65 -60.80
N LEU IA 138 85.91 10.75 -60.38
CA LEU IA 138 85.20 11.61 -61.29
C LEU IA 138 86.17 12.37 -62.19
N PRO IA 139 85.76 12.69 -63.42
CA PRO IA 139 86.59 13.53 -64.28
C PRO IA 139 86.56 14.99 -63.86
N THR IA 140 87.34 15.83 -64.55
CA THR IA 140 87.41 17.24 -64.20
C THR IA 140 86.14 17.97 -64.63
N ASN IA 141 85.93 19.15 -64.04
CA ASN IA 141 84.83 20.04 -64.38
C ASN IA 141 83.46 19.41 -64.15
N CYS IA 142 83.37 18.50 -63.19
CA CYS IA 142 82.09 17.92 -62.80
C CYS IA 142 81.36 18.86 -61.84
N GLU IA 143 80.04 18.98 -62.03
CA GLU IA 143 79.23 19.85 -61.19
C GLU IA 143 78.72 19.08 -59.98
N PHE IA 144 79.04 19.57 -58.79
CA PHE IA 144 78.64 18.95 -57.54
C PHE IA 144 77.49 19.71 -56.91
N LYS IA 145 76.67 18.99 -56.15
CA LYS IA 145 75.48 19.54 -55.52
C LYS IA 145 75.57 19.38 -54.01
N LEU IA 146 75.21 20.44 -53.28
CA LEU IA 146 75.27 20.43 -51.82
C LEU IA 146 74.09 19.65 -51.27
N VAL IA 147 74.37 18.62 -50.47
CA VAL IA 147 73.31 17.91 -49.77
C VAL IA 147 72.62 18.84 -48.79
N ASP IA 148 73.41 19.59 -48.02
CA ASP IA 148 72.90 20.61 -47.11
C ASP IA 148 73.07 21.98 -47.77
N ASN IA 149 71.95 22.69 -47.95
CA ASN IA 149 71.99 23.97 -48.63
C ASN IA 149 72.72 25.00 -47.79
N ILE IA 150 73.65 25.73 -48.42
CA ILE IA 150 74.41 26.78 -47.77
C ILE IA 150 74.17 28.08 -48.50
N SER IA 151 73.78 29.11 -47.77
CA SER IA 151 73.53 30.42 -48.39
C SER IA 151 74.82 31.00 -48.94
N GLY IA 152 74.72 31.59 -50.12
CA GLY IA 152 75.87 32.21 -50.76
C GLY IA 152 76.73 31.27 -51.57
N VAL IA 153 76.34 30.01 -51.74
CA VAL IA 153 77.07 29.04 -52.54
C VAL IA 153 76.22 28.72 -53.76
N THR IA 154 76.80 28.89 -54.95
CA THR IA 154 76.07 28.72 -56.20
C THR IA 154 76.57 27.54 -57.02
N LYS IA 155 77.86 27.50 -57.34
CA LYS IA 155 78.42 26.47 -58.20
C LYS IA 155 79.56 25.75 -57.49
N ILE IA 156 79.60 24.43 -57.65
CA ILE IA 156 80.68 23.59 -57.12
C ILE IA 156 81.21 22.77 -58.28
N THR IA 157 82.47 23.00 -58.65
CA THR IA 157 83.10 22.27 -59.74
C THR IA 157 84.54 21.94 -59.34
N ASN IA 158 85.07 20.86 -59.93
CA ASN IA 158 86.41 20.41 -59.65
C ASN IA 158 87.34 20.79 -60.80
N THR IA 159 88.46 21.41 -60.47
CA THR IA 159 89.42 21.86 -61.48
C THR IA 159 90.20 20.69 -62.07
N ARG IA 160 90.18 19.52 -61.43
CA ARG IA 160 90.91 18.37 -61.93
C ARG IA 160 90.12 17.11 -61.62
N SER IA 161 90.45 16.05 -62.35
CA SER IA 161 89.77 14.77 -62.16
C SER IA 161 90.15 14.15 -60.82
N PHE IA 162 89.19 13.48 -60.19
CA PHE IA 162 89.43 12.83 -58.92
C PHE IA 162 90.21 11.54 -59.12
N GLU IA 163 91.12 11.25 -58.19
CA GLU IA 163 91.95 10.06 -58.24
C GLU IA 163 92.03 9.44 -56.86
N GLY IA 164 92.48 8.18 -56.83
CA GLY IA 164 92.64 7.45 -55.60
C GLY IA 164 91.52 6.48 -55.26
N GLY IA 165 90.51 6.38 -56.12
CA GLY IA 165 89.40 5.48 -55.87
C GLY IA 165 89.64 4.08 -56.38
N THR IA 166 90.49 3.33 -55.68
CA THR IA 166 90.75 1.95 -56.07
C THR IA 166 89.51 1.09 -55.89
N ASP IA 167 89.35 0.12 -56.78
CA ASP IA 167 88.15 -0.72 -56.77
C ASP IA 167 88.12 -1.63 -55.55
N ILE IA 168 86.91 -1.96 -55.11
CA ILE IA 168 86.73 -2.83 -53.96
C ILE IA 168 87.11 -4.27 -54.35
N GLU IA 169 87.76 -4.96 -53.42
CA GLU IA 169 88.20 -6.33 -53.68
C GLU IA 169 87.02 -7.24 -53.93
N THR IA 170 87.18 -8.15 -54.89
CA THR IA 170 86.23 -9.21 -55.16
C THR IA 170 86.85 -10.55 -54.81
N ASP IA 171 85.99 -11.53 -54.52
CA ASP IA 171 86.47 -12.85 -54.12
C ASP IA 171 87.27 -13.50 -55.24
N GLU IA 172 86.90 -13.25 -56.50
CA GLU IA 172 87.63 -13.83 -57.62
C GLU IA 172 89.07 -13.33 -57.67
N GLU IA 173 89.27 -12.03 -57.47
CA GLU IA 173 90.62 -11.48 -57.49
C GLU IA 173 91.47 -12.04 -56.36
N LEU IA 174 90.89 -12.14 -55.16
CA LEU IA 174 91.62 -12.72 -54.03
C LEU IA 174 91.97 -14.17 -54.29
N LYS IA 175 91.02 -14.94 -54.85
CA LYS IA 175 91.30 -16.33 -55.17
C LYS IA 175 92.41 -16.46 -56.20
N GLU IA 176 92.39 -15.61 -57.23
CA GLU IA 176 93.44 -15.66 -58.25
C GLU IA 176 94.79 -15.31 -57.65
N ARG IA 177 94.84 -14.30 -56.79
CA ARG IA 177 96.10 -13.93 -56.14
C ARG IA 177 96.61 -15.07 -55.27
N PHE IA 178 95.71 -15.71 -54.51
CA PHE IA 178 96.12 -16.84 -53.69
C PHE IA 178 96.65 -17.99 -54.55
N TYR IA 179 95.99 -18.26 -55.66
CA TYR IA 179 96.41 -19.36 -56.53
C TYR IA 179 97.76 -19.08 -57.17
N LYS IA 180 97.97 -17.86 -57.68
CA LYS IA 180 99.24 -17.52 -58.29
C LYS IA 180 100.36 -17.49 -57.25
N ILE IA 181 100.04 -17.11 -56.01
CA ILE IA 181 101.02 -17.24 -54.93
C ILE IA 181 101.33 -18.71 -54.68
N GLN IA 182 100.32 -19.56 -54.79
CA GLN IA 182 100.53 -20.99 -54.59
C GLN IA 182 101.50 -21.56 -55.63
N ARG IA 183 101.35 -21.16 -56.90
CA ARG IA 183 102.40 -21.49 -57.86
C ARG IA 183 103.72 -20.81 -57.51
N ASN IA 184 103.66 -19.58 -57.00
CA ASN IA 184 104.90 -18.85 -56.71
C ASN IA 184 105.63 -19.50 -55.54
N GLN IA 185 106.92 -19.81 -55.76
CA GLN IA 185 107.81 -20.28 -54.72
C GLN IA 185 108.67 -19.09 -54.31
N ALA IA 186 108.13 -18.27 -53.41
CA ALA IA 186 108.78 -17.02 -53.05
C ALA IA 186 110.04 -17.29 -52.24
N THR IA 187 110.82 -16.23 -52.05
CA THR IA 187 112.07 -16.28 -51.31
C THR IA 187 112.43 -14.87 -50.89
N SER IA 188 112.96 -14.71 -49.69
CA SER IA 188 113.40 -13.39 -49.23
C SER IA 188 114.42 -12.84 -50.22
N GLY IA 189 114.02 -11.83 -50.99
CA GLY IA 189 114.84 -11.32 -52.05
C GLY IA 189 114.86 -12.19 -53.29
N ASN IA 190 113.71 -12.28 -53.97
CA ASN IA 190 113.66 -12.90 -55.29
C ASN IA 190 112.51 -12.27 -56.08
N LYS IA 191 112.57 -12.46 -57.40
CA LYS IA 191 111.61 -11.80 -58.29
C LYS IA 191 110.17 -12.10 -57.89
N ALA IA 192 109.91 -13.33 -57.42
CA ALA IA 192 108.58 -13.66 -56.92
C ALA IA 192 108.21 -12.81 -55.72
N HIS IA 193 109.16 -12.56 -54.83
CA HIS IA 193 108.85 -11.76 -53.63
C HIS IA 193 108.54 -10.32 -54.02
N TYR IA 194 109.28 -9.76 -54.98
CA TYR IA 194 108.99 -8.41 -55.45
C TYR IA 194 107.63 -8.33 -56.15
N GLU IA 195 107.31 -9.32 -56.98
CA GLU IA 195 106.02 -9.28 -57.66
C GLU IA 195 104.87 -9.49 -56.67
N GLU IA 196 105.11 -10.27 -55.60
CA GLU IA 196 104.12 -10.37 -54.54
C GLU IA 196 103.96 -9.03 -53.81
N TRP IA 197 105.07 -8.32 -53.59
CA TRP IA 197 104.99 -6.98 -53.04
C TRP IA 197 104.13 -6.08 -53.91
N ALA IA 198 104.32 -6.17 -55.22
CA ALA IA 198 103.50 -5.39 -56.15
C ALA IA 198 102.03 -5.80 -56.05
N LEU IA 199 101.77 -7.10 -55.89
CA LEU IA 199 100.39 -7.56 -55.75
C LEU IA 199 99.75 -7.03 -54.47
N GLU IA 200 100.55 -6.69 -53.46
CA GLU IA 200 100.00 -6.15 -52.22
C GLU IA 200 99.37 -4.78 -52.41
N VAL IA 201 99.69 -4.09 -53.49
CA VAL IA 201 99.22 -2.73 -53.73
C VAL IA 201 97.89 -2.78 -54.47
N ASP IA 202 96.99 -1.85 -54.12
CA ASP IA 202 95.68 -1.81 -54.73
C ASP IA 202 95.77 -1.50 -56.22
N GLY IA 203 94.90 -2.14 -57.00
CA GLY IA 203 94.81 -1.88 -58.42
C GLY IA 203 95.91 -2.49 -59.26
N VAL IA 204 96.75 -3.35 -58.69
CA VAL IA 204 97.85 -3.98 -59.43
C VAL IA 204 97.30 -5.32 -59.93
N TYR IA 205 96.66 -5.27 -61.10
CA TYR IA 205 96.09 -6.49 -61.68
C TYR IA 205 97.16 -7.39 -62.30
N ASN IA 206 98.17 -6.80 -62.92
CA ASN IA 206 99.24 -7.54 -63.58
C ASN IA 206 100.59 -6.98 -63.16
N VAL IA 207 101.55 -7.87 -62.98
CA VAL IA 207 102.90 -7.51 -62.53
C VAL IA 207 103.91 -8.04 -63.53
N LYS IA 208 104.85 -7.17 -63.92
CA LYS IA 208 105.97 -7.56 -64.76
C LYS IA 208 107.26 -7.05 -64.12
N VAL IA 209 108.21 -7.95 -63.92
CA VAL IA 209 109.49 -7.64 -63.28
C VAL IA 209 110.60 -7.99 -64.25
N TYR IA 210 111.51 -7.06 -64.48
CA TYR IA 210 112.64 -7.27 -65.39
C TYR IA 210 113.94 -7.10 -64.62
N PRO IA 211 114.63 -8.17 -64.28
CA PRO IA 211 115.89 -8.03 -63.52
C PRO IA 211 117.05 -7.63 -64.41
N ARG IA 212 117.95 -6.85 -63.81
CA ARG IA 212 119.18 -6.40 -64.47
C ARG IA 212 118.87 -5.64 -65.76
N TRP IA 213 117.80 -4.84 -65.74
CA TRP IA 213 117.46 -4.03 -66.90
C TRP IA 213 118.55 -3.01 -67.20
N ASP IA 214 119.08 -2.37 -66.15
CA ASP IA 214 120.26 -1.53 -66.27
C ASP IA 214 121.52 -2.22 -65.78
N GLY IA 215 121.44 -3.47 -65.35
CA GLY IA 215 122.59 -4.24 -64.95
C GLY IA 215 122.73 -4.39 -63.46
N PRO IA 216 123.78 -3.78 -62.90
CA PRO IA 216 124.10 -4.00 -61.48
C PRO IA 216 123.07 -3.39 -60.55
N GLY IA 217 122.39 -4.24 -59.79
CA GLY IA 217 121.48 -3.78 -58.75
C GLY IA 217 120.32 -2.94 -59.27
N THR IA 218 119.73 -3.34 -60.40
CA THR IA 218 118.66 -2.59 -61.03
C THR IA 218 117.48 -3.52 -61.30
N VAL IA 219 116.28 -3.08 -60.92
CA VAL IA 219 115.05 -3.82 -61.15
C VAL IA 219 114.09 -2.94 -61.93
N LYS IA 220 113.52 -3.49 -62.99
CA LYS IA 220 112.50 -2.80 -63.78
C LYS IA 220 111.15 -3.40 -63.41
N VAL IA 221 110.27 -2.58 -62.85
CA VAL IA 221 108.95 -3.03 -62.40
C VAL IA 221 107.91 -2.43 -63.33
N LEU IA 222 107.10 -3.30 -63.95
CA LEU IA 222 106.02 -2.88 -64.83
C LEU IA 222 104.71 -3.44 -64.29
N ILE IA 223 103.70 -2.57 -64.20
CA ILE IA 223 102.40 -2.94 -63.65
C ILE IA 223 101.32 -2.53 -64.64
N PHE IA 224 100.17 -3.17 -64.51
CA PHE IA 224 99.03 -2.93 -65.39
C PHE IA 224 97.76 -2.79 -64.57
N GLY IA 225 96.79 -2.08 -65.14
CA GLY IA 225 95.48 -1.96 -64.53
C GLY IA 225 94.59 -3.12 -64.92
N LYS IA 226 93.28 -2.92 -64.74
CA LYS IA 226 92.32 -3.95 -65.10
C LYS IA 226 92.32 -4.17 -66.61
N ASN IA 227 92.29 -5.45 -67.01
CA ASN IA 227 92.31 -5.83 -68.42
C ASN IA 227 93.51 -5.22 -69.15
N ASN IA 228 94.67 -5.23 -68.47
CA ASN IA 228 95.91 -4.70 -69.01
C ASN IA 228 95.77 -3.22 -69.39
N GLN IA 229 95.36 -2.41 -68.42
CA GLN IA 229 95.20 -0.97 -68.59
C GLN IA 229 96.29 -0.23 -67.82
N ALA IA 230 96.28 1.09 -67.97
CA ALA IA 230 97.23 1.93 -67.26
C ALA IA 230 96.77 2.18 -65.83
N VAL IA 231 97.72 2.60 -64.99
CA VAL IA 231 97.47 2.89 -63.59
C VAL IA 231 97.84 4.35 -63.34
N ASP IA 232 97.11 4.99 -62.43
CA ASP IA 232 97.36 6.39 -62.11
C ASP IA 232 98.70 6.56 -61.41
N THR IA 233 99.25 7.77 -61.52
CA THR IA 233 100.56 8.05 -60.93
C THR IA 233 100.53 7.91 -59.41
N GLU IA 234 99.39 8.20 -58.78
CA GLU IA 234 99.28 8.03 -57.34
C GLU IA 234 99.44 6.56 -56.94
N THR IA 235 98.83 5.66 -57.70
CA THR IA 235 98.97 4.23 -57.43
C THR IA 235 100.42 3.79 -57.59
N ILE IA 236 101.10 4.28 -58.63
CA ILE IA 236 102.51 3.95 -58.82
C ILE IA 236 103.35 4.46 -57.66
N GLU IA 237 103.09 5.69 -57.21
CA GLU IA 237 103.83 6.24 -56.08
C GLU IA 237 103.61 5.43 -54.82
N ARG IA 238 102.35 5.05 -54.54
CA ARG IA 238 102.08 4.24 -53.37
C ARG IA 238 102.76 2.89 -53.46
N CYS IA 239 102.72 2.26 -54.62
CA CYS IA 239 103.37 0.96 -54.80
C CYS IA 239 104.87 1.06 -54.58
N GLN IA 240 105.51 2.08 -55.17
CA GLN IA 240 106.96 2.19 -55.05
C GLN IA 240 107.37 2.55 -53.63
N GLN IA 241 106.59 3.39 -52.94
CA GLN IA 241 106.95 3.72 -51.56
C GLN IA 241 106.76 2.52 -50.64
N HIS IA 242 105.70 1.72 -50.87
CA HIS IA 242 105.53 0.51 -50.09
C HIS IA 242 106.69 -0.46 -50.33
N ILE IA 243 107.07 -0.63 -51.60
CA ILE IA 243 108.21 -1.49 -51.91
C ILE IA 243 109.45 -1.00 -51.20
N ASP IA 244 109.76 0.30 -51.34
CA ASP IA 244 110.93 0.86 -50.68
C ASP IA 244 110.87 0.67 -49.16
N GLU IA 245 109.67 0.68 -48.59
CA GLU IA 245 109.53 0.34 -47.18
C GLU IA 245 109.96 -1.10 -46.93
N GLU IA 246 109.59 -2.02 -47.82
CA GLU IA 246 109.93 -3.42 -47.62
C GLU IA 246 111.11 -3.91 -48.46
N LYS IA 247 111.50 -3.21 -49.51
CA LYS IA 247 112.52 -3.70 -50.43
C LYS IA 247 113.90 -3.69 -49.78
N PRO IA 248 114.84 -4.48 -50.31
CA PRO IA 248 116.23 -4.35 -49.90
C PRO IA 248 116.76 -2.96 -50.17
N ILE IA 249 117.63 -2.49 -49.28
CA ILE IA 249 118.21 -1.16 -49.41
C ILE IA 249 119.40 -1.21 -50.36
N GLY IA 250 119.36 -0.39 -51.39
CA GLY IA 250 120.45 -0.32 -52.36
C GLY IA 250 120.03 -0.54 -53.81
N PRO IA 251 119.15 -1.51 -54.07
CA PRO IA 251 118.64 -1.67 -55.44
C PRO IA 251 117.87 -0.45 -55.91
N THR IA 252 117.95 -0.21 -57.22
CA THR IA 252 117.19 0.85 -57.87
C THR IA 252 115.96 0.25 -58.53
N ILE IA 253 114.78 0.77 -58.17
CA ILE IA 253 113.51 0.24 -58.65
C ILE IA 253 112.82 1.31 -59.48
N THR IA 254 112.39 0.94 -60.67
CA THR IA 254 111.65 1.82 -61.56
C THR IA 254 110.28 1.23 -61.83
N VAL IA 255 109.23 2.00 -61.56
CA VAL IA 255 107.85 1.57 -61.76
C VAL IA 255 107.22 2.46 -62.81
N VAL IA 256 106.66 1.84 -63.86
CA VAL IA 256 106.08 2.56 -64.98
C VAL IA 256 104.68 2.00 -65.25
N THR IA 257 103.95 2.71 -66.11
CA THR IA 257 102.61 2.33 -66.52
C THR IA 257 102.51 2.31 -68.03
N PRO IA 258 101.65 1.47 -68.59
CA PRO IA 258 101.48 1.45 -70.05
C PRO IA 258 100.94 2.78 -70.57
N LEU IA 259 101.36 3.12 -71.79
CA LEU IA 259 100.91 4.34 -72.43
C LEU IA 259 100.13 4.01 -73.70
N PRO IA 260 99.05 4.73 -73.96
CA PRO IA 260 98.21 4.41 -75.13
C PRO IA 260 98.89 4.81 -76.44
N ILE IA 261 98.40 4.20 -77.52
CA ILE IA 261 98.82 4.52 -78.87
C ILE IA 261 97.62 5.12 -79.60
N GLU IA 262 97.77 6.36 -80.07
CA GLU IA 262 96.69 7.04 -80.74
C GLU IA 262 96.56 6.59 -82.18
N ILE IA 263 95.31 6.47 -82.65
CA ILE IA 263 95.01 6.04 -84.01
C ILE IA 263 94.01 7.00 -84.61
N SER IA 264 94.04 7.10 -85.94
CA SER IA 264 93.10 7.91 -86.69
C SER IA 264 92.54 7.08 -87.84
N ILE IA 265 91.23 7.16 -88.03
CA ILE IA 265 90.53 6.34 -89.02
C ILE IA 265 89.90 7.26 -90.05
N SER IA 266 90.20 7.02 -91.32
CA SER IA 266 89.65 7.80 -92.43
C SER IA 266 89.15 6.85 -93.51
N ALA IA 267 87.89 7.02 -93.91
CA ALA IA 267 87.30 6.17 -94.93
C ALA IA 267 86.08 6.88 -95.51
N VAL IA 268 85.68 6.42 -96.69
CA VAL IA 268 84.46 6.88 -97.36
C VAL IA 268 83.49 5.71 -97.39
N MET IA 269 82.37 5.85 -96.67
CA MET IA 269 81.43 4.76 -96.49
C MET IA 269 80.03 5.21 -96.88
N LYS IA 270 79.38 4.43 -97.73
CA LYS IA 270 78.02 4.71 -98.19
C LYS IA 270 77.04 4.19 -97.13
N LEU IA 271 76.35 5.12 -96.47
CA LEU IA 271 75.45 4.75 -95.38
C LEU IA 271 74.19 4.11 -95.91
N GLU IA 272 73.57 3.26 -95.09
CA GLU IA 272 72.30 2.65 -95.44
C GLU IA 272 71.15 3.62 -95.16
N ASP IA 273 69.98 3.25 -95.66
CA ASP IA 273 68.80 4.09 -95.48
C ASP IA 273 68.39 4.14 -94.02
N GLY IA 274 68.02 5.33 -93.54
CA GLY IA 274 67.58 5.50 -92.17
C GLY IA 274 68.67 5.52 -91.13
N TYR IA 275 69.94 5.55 -91.54
CA TYR IA 275 71.06 5.57 -90.61
C TYR IA 275 71.89 6.83 -90.85
N THR IA 276 72.19 7.54 -89.78
CA THR IA 276 72.98 8.76 -89.83
C THR IA 276 74.42 8.47 -89.44
N LEU IA 277 75.29 9.47 -89.66
CA LEU IA 277 76.71 9.29 -89.41
C LEU IA 277 77.01 9.06 -87.94
N ASP IA 278 76.30 9.76 -87.05
CA ASP IA 278 76.59 9.65 -85.62
C ASP IA 278 76.31 8.24 -85.09
N ASN IA 279 75.20 7.64 -85.52
CA ASN IA 279 74.84 6.32 -85.02
C ASN IA 279 75.86 5.26 -85.43
N VAL IA 280 76.21 5.23 -86.72
CA VAL IA 280 77.17 4.25 -87.18
C VAL IA 280 78.55 4.54 -86.58
N LYS IA 281 78.90 5.81 -86.40
CA LYS IA 281 80.17 6.15 -85.78
C LYS IA 281 80.23 5.63 -84.34
N GLU IA 282 79.16 5.81 -83.57
CA GLU IA 282 79.14 5.32 -82.20
C GLU IA 282 79.19 3.79 -82.16
N SER IA 283 78.44 3.13 -83.04
CA SER IA 283 78.46 1.67 -83.08
C SER IA 283 79.84 1.14 -83.43
N PHE IA 284 80.50 1.76 -84.42
CA PHE IA 284 81.86 1.35 -84.76
C PHE IA 284 82.85 1.69 -83.65
N LEU IA 285 82.61 2.77 -82.91
CA LEU IA 285 83.46 3.07 -81.77
C LEU IA 285 83.35 1.99 -80.71
N GLU IA 286 82.14 1.54 -80.41
CA GLU IA 286 81.96 0.45 -79.45
C GLU IA 286 82.60 -0.82 -79.96
N SER IA 287 82.43 -1.13 -81.24
CA SER IA 287 82.99 -2.34 -81.82
C SER IA 287 84.52 -2.32 -81.76
N ILE IA 288 85.14 -1.19 -82.11
CA ILE IA 288 86.59 -1.11 -82.07
C ILE IA 288 87.10 -1.10 -80.64
N ASN IA 289 86.31 -0.55 -79.70
CA ASN IA 289 86.71 -0.60 -78.30
C ASN IA 289 86.74 -2.03 -77.78
N THR IA 290 85.69 -2.81 -78.06
CA THR IA 290 85.68 -4.19 -77.61
C THR IA 290 86.72 -5.03 -78.36
N TYR IA 291 87.00 -4.69 -79.62
CA TYR IA 291 88.07 -5.35 -80.35
C TYR IA 291 89.42 -5.08 -79.71
N PHE IA 292 89.67 -3.83 -79.33
CA PHE IA 292 90.92 -3.49 -78.64
C PHE IA 292 91.01 -4.21 -77.30
N ARG IA 293 89.89 -4.31 -76.59
CA ARG IA 293 89.88 -5.09 -75.35
C ARG IA 293 90.20 -6.55 -75.62
N ASP IA 294 89.77 -7.08 -76.77
CA ASP IA 294 89.99 -8.47 -77.12
C ASP IA 294 91.20 -8.68 -78.03
N ILE IA 295 91.98 -7.65 -78.32
CA ILE IA 295 93.08 -7.76 -79.26
C ILE IA 295 94.35 -8.18 -78.52
N ARG IA 296 95.28 -8.74 -79.29
CA ARG IA 296 96.60 -9.09 -78.78
C ARG IA 296 97.57 -9.08 -79.95
N GLY IA 297 98.76 -8.51 -79.72
CA GLY IA 297 99.75 -8.44 -80.78
C GLY IA 297 99.78 -7.11 -81.49
N GLU IA 298 99.17 -7.05 -82.67
CA GLU IA 298 99.12 -5.85 -83.49
C GLU IA 298 97.70 -5.60 -83.96
N ILE IA 299 97.39 -4.34 -84.22
CA ILE IA 299 96.12 -3.99 -84.83
C ILE IA 299 96.13 -4.43 -86.29
N ILE IA 300 95.13 -5.21 -86.69
CA ILE IA 300 95.07 -5.76 -88.03
C ILE IA 300 94.10 -4.92 -88.85
N TYR IA 301 94.61 -4.33 -89.93
CA TYR IA 301 93.79 -3.44 -90.76
C TYR IA 301 92.59 -4.19 -91.34
N THR IA 302 92.72 -5.50 -91.57
CA THR IA 302 91.62 -6.26 -92.13
C THR IA 302 90.54 -6.52 -91.08
N LYS IA 303 90.93 -6.78 -89.83
CA LYS IA 303 89.94 -6.90 -88.76
C LYS IA 303 89.22 -5.57 -88.56
N VAL IA 304 89.93 -4.46 -88.70
CA VAL IA 304 89.29 -3.15 -88.60
C VAL IA 304 88.26 -2.98 -89.71
N MET IA 305 88.63 -3.33 -90.95
CA MET IA 305 87.67 -3.22 -92.04
C MET IA 305 86.46 -4.10 -91.81
N GLY IA 306 86.68 -5.34 -91.35
CA GLY IA 306 85.58 -6.26 -91.13
C GLY IA 306 84.65 -5.81 -90.01
N ILE IA 307 85.22 -5.28 -88.93
CA ILE IA 307 84.39 -4.79 -87.84
C ILE IA 307 83.70 -3.49 -88.22
N LEU IA 308 84.19 -2.78 -89.24
CA LEU IA 308 83.46 -1.60 -89.72
C LEU IA 308 82.30 -1.98 -90.64
N ILE IA 309 82.53 -2.91 -91.57
CA ILE IA 309 81.46 -3.27 -92.50
C ILE IA 309 80.33 -3.99 -91.78
N ASN IA 310 80.66 -4.83 -90.80
CA ASN IA 310 79.63 -5.53 -90.04
C ASN IA 310 78.80 -4.60 -89.18
N THR IA 311 79.23 -3.35 -89.00
CA THR IA 311 78.44 -2.38 -88.25
C THR IA 311 77.09 -2.16 -88.93
N THR IA 312 76.04 -2.07 -88.13
CA THR IA 312 74.70 -1.86 -88.66
C THR IA 312 74.61 -0.50 -89.33
N GLY IA 313 73.92 -0.45 -90.47
CA GLY IA 313 73.80 0.77 -91.24
C GLY IA 313 74.93 1.02 -92.22
N VAL IA 314 75.86 0.08 -92.38
CA VAL IA 314 76.98 0.23 -93.29
C VAL IA 314 76.70 -0.58 -94.55
N HIS IA 315 76.63 0.10 -95.69
CA HIS IA 315 76.37 -0.55 -96.97
C HIS IA 315 77.63 -0.76 -97.79
N ASP IA 316 78.36 0.31 -98.09
CA ASP IA 316 79.54 0.23 -98.94
C ASP IA 316 80.56 1.24 -98.45
N LEU IA 317 81.79 0.78 -98.23
CA LEU IA 317 82.86 1.64 -97.75
C LEU IA 317 84.03 1.56 -98.72
N SER IA 318 84.97 2.51 -98.58
CA SER IA 318 86.13 2.57 -99.46
C SER IA 318 87.24 3.34 -98.77
N ASN IA 319 88.45 3.18 -99.31
CA ASN IA 319 89.66 3.87 -98.86
C ASN IA 319 89.75 3.96 -97.35
N LEU IA 320 89.64 2.80 -96.69
CA LEU IA 320 89.79 2.73 -95.25
C LEU IA 320 91.28 2.87 -94.90
N LEU IA 321 91.57 3.75 -93.95
CA LEU IA 321 92.94 4.01 -93.54
C LEU IA 321 93.01 4.12 -92.02
N ILE IA 322 93.96 3.41 -91.43
CA ILE IA 322 94.28 3.56 -90.01
C ILE IA 322 95.57 4.37 -89.92
N ASN IA 323 95.48 5.55 -89.30
CA ASN IA 323 96.58 6.52 -89.28
C ASN IA 323 97.03 6.85 -90.70
N GLY IA 324 96.09 6.91 -91.63
CA GLY IA 324 96.39 7.21 -93.01
C GLY IA 324 97.05 6.11 -93.79
N SER IA 325 97.08 4.89 -93.27
CA SER IA 325 97.74 3.77 -93.92
C SER IA 325 96.88 2.52 -93.84
N THR IA 326 97.15 1.58 -94.74
CA THR IA 326 96.46 0.30 -94.78
C THR IA 326 97.31 -0.83 -94.22
N ASP IA 327 98.39 -0.51 -93.50
CA ASP IA 327 99.30 -1.51 -92.97
C ASP IA 327 99.04 -1.72 -91.48
N ASN IA 328 99.20 -2.97 -91.05
CA ASN IA 328 99.07 -3.31 -89.64
C ASN IA 328 100.17 -2.62 -88.82
N ILE IA 329 99.81 -2.13 -87.65
CA ILE IA 329 100.72 -1.40 -86.78
C ILE IA 329 100.98 -2.23 -85.53
N THR IA 330 102.26 -2.40 -85.20
CA THR IA 330 102.63 -3.23 -84.06
C THR IA 330 102.29 -2.53 -82.75
N ILE IA 331 101.65 -3.26 -81.85
CA ILE IA 331 101.36 -2.77 -80.51
C ILE IA 331 102.43 -3.37 -79.60
N ASN IA 332 103.38 -2.53 -79.20
CA ASN IA 332 104.52 -2.99 -78.41
C ASN IA 332 104.10 -3.20 -76.95
N GLU IA 333 105.07 -3.56 -76.12
CA GLU IA 333 104.83 -3.77 -74.70
C GLU IA 333 104.44 -2.45 -74.03
N ASP IA 334 103.72 -2.57 -72.91
CA ASP IA 334 103.15 -1.46 -72.16
C ASP IA 334 102.54 -0.40 -73.08
N LYS IA 335 101.83 -0.86 -74.12
CA LYS IA 335 101.19 0.03 -75.07
C LYS IA 335 99.83 -0.54 -75.46
N ILE IA 336 98.85 0.33 -75.59
CA ILE IA 336 97.50 -0.08 -76.00
C ILE IA 336 97.02 0.83 -77.11
N PRO IA 337 96.17 0.35 -78.01
CA PRO IA 337 95.62 1.22 -79.06
C PRO IA 337 94.51 2.11 -78.51
N SER IA 338 94.56 3.39 -78.88
CA SER IA 338 93.57 4.37 -78.44
C SER IA 338 92.99 5.07 -79.66
N VAL IA 339 91.67 5.17 -79.71
CA VAL IA 339 90.99 5.84 -80.81
C VAL IA 339 90.96 7.34 -80.53
N THR IA 340 91.46 8.13 -81.46
CA THR IA 340 91.53 9.58 -81.31
C THR IA 340 90.77 10.34 -82.38
N THR IA 341 90.88 9.93 -83.64
CA THR IA 341 90.22 10.61 -84.74
C THR IA 341 89.40 9.62 -85.54
N VAL IA 342 88.14 9.97 -85.78
CA VAL IA 342 87.23 9.15 -86.60
C VAL IA 342 86.75 10.03 -87.75
N ASN IA 343 87.07 9.62 -88.99
CA ASN IA 343 86.69 10.36 -90.18
C ASN IA 343 85.93 9.42 -91.11
N PHE IA 344 84.62 9.65 -91.23
CA PHE IA 344 83.76 8.85 -92.09
C PHE IA 344 82.95 9.78 -92.98
N SER IA 345 82.81 9.40 -94.25
CA SER IA 345 82.09 10.22 -95.21
C SER IA 345 81.36 9.32 -96.20
N GLU IA 346 80.37 9.89 -96.87
CA GLU IA 346 79.59 9.15 -97.86
C GLU IA 346 79.83 9.69 -99.27
N MET JA 1 5.81 -12.54 -81.90
CA MET JA 1 6.29 -13.54 -82.84
C MET JA 1 6.37 -14.92 -82.18
N TYR JA 2 7.28 -15.77 -82.67
CA TYR JA 2 7.34 -17.14 -82.19
C TYR JA 2 7.63 -17.21 -80.70
N SER JA 3 8.50 -16.32 -80.21
CA SER JA 3 8.76 -16.27 -78.77
C SER JA 3 7.49 -15.91 -78.00
N ASP JA 4 6.70 -14.96 -78.53
CA ASP JA 4 5.42 -14.64 -77.91
C ASP JA 4 4.47 -15.83 -77.94
N GLN JA 5 4.48 -16.59 -79.04
CA GLN JA 5 3.62 -17.76 -79.15
C GLN JA 5 4.04 -18.83 -78.15
N THR JA 6 3.21 -19.06 -77.14
CA THR JA 6 3.46 -20.08 -76.14
C THR JA 6 2.13 -20.74 -75.79
N TYR JA 7 2.21 -21.77 -74.95
CA TYR JA 7 1.01 -22.53 -74.61
C TYR JA 7 -0.03 -21.67 -73.91
N GLU JA 8 0.41 -20.84 -72.95
CA GLU JA 8 -0.55 -20.02 -72.20
C GLU JA 8 -1.14 -18.92 -73.06
N VAL JA 9 -0.32 -18.27 -73.88
CA VAL JA 9 -0.81 -17.17 -74.70
C VAL JA 9 -1.85 -17.65 -75.69
N ILE JA 10 -1.55 -18.73 -76.42
CA ILE JA 10 -2.52 -19.27 -77.36
C ILE JA 10 -3.69 -19.91 -76.64
N LYS JA 11 -3.50 -20.38 -75.40
CA LYS JA 11 -4.62 -20.89 -74.61
C LYS JA 11 -5.62 -19.77 -74.34
N ASN JA 12 -5.13 -18.62 -73.87
CA ASN JA 12 -6.00 -17.48 -73.64
C ASN JA 12 -6.63 -17.01 -74.95
N ARG JA 13 -5.85 -17.01 -76.04
CA ARG JA 13 -6.37 -16.59 -77.33
C ARG JA 13 -7.52 -17.48 -77.79
N THR JA 14 -7.35 -18.79 -77.68
CA THR JA 14 -8.41 -19.71 -78.09
C THR JA 14 -9.61 -19.65 -77.16
N LEU JA 15 -9.37 -19.43 -75.87
CA LEU JA 15 -10.49 -19.23 -74.94
C LEU JA 15 -11.30 -18.01 -75.32
N GLU JA 16 -10.62 -16.93 -75.72
CA GLU JA 16 -11.34 -15.75 -76.22
C GLU JA 16 -12.05 -16.05 -77.52
N ASN JA 17 -11.45 -16.88 -78.38
CA ASN JA 17 -12.06 -17.21 -79.66
C ASN JA 17 -13.38 -17.96 -79.49
N ILE JA 18 -13.50 -18.75 -78.43
CA ILE JA 18 -14.68 -19.57 -78.19
C ILE JA 18 -15.57 -18.84 -77.19
N ASN JA 19 -16.75 -18.44 -77.64
CA ASN JA 19 -17.79 -17.88 -76.79
C ASN JA 19 -18.95 -18.86 -76.75
N LEU JA 20 -19.34 -19.29 -75.56
CA LEU JA 20 -20.29 -20.38 -75.42
C LEU JA 20 -21.02 -20.25 -74.10
N ASP JA 21 -22.14 -20.97 -73.99
CA ASP JA 21 -23.04 -20.80 -72.85
C ASP JA 21 -22.37 -21.20 -71.54
N ILE JA 22 -21.64 -22.32 -71.54
CA ILE JA 22 -21.07 -22.82 -70.29
C ILE JA 22 -19.88 -21.95 -69.90
N TYR JA 23 -19.70 -21.76 -68.59
CA TYR JA 23 -18.66 -20.88 -68.08
C TYR JA 23 -17.29 -21.53 -68.24
N LYS JA 24 -16.29 -20.69 -68.48
CA LYS JA 24 -14.92 -21.13 -68.67
C LYS JA 24 -14.14 -20.99 -67.37
N GLY JA 25 -13.50 -22.08 -66.95
CA GLY JA 25 -12.74 -22.08 -65.72
C GLY JA 25 -11.64 -23.11 -65.74
N GLU JA 26 -10.75 -23.01 -64.75
CA GLU JA 26 -9.64 -23.95 -64.63
C GLU JA 26 -10.16 -25.33 -64.29
N GLY JA 27 -9.59 -26.35 -64.94
CA GLY JA 27 -10.00 -27.72 -64.73
C GLY JA 27 -11.20 -28.15 -65.54
N SER JA 28 -11.74 -27.28 -66.40
CA SER JA 28 -12.89 -27.64 -67.22
C SER JA 28 -12.50 -28.67 -68.27
N PHE JA 29 -13.49 -29.46 -68.68
CA PHE JA 29 -13.27 -30.47 -69.73
C PHE JA 29 -12.81 -29.81 -71.02
N LEU JA 30 -13.55 -28.81 -71.49
CA LEU JA 30 -13.14 -28.08 -72.68
C LEU JA 30 -11.81 -27.37 -72.46
N ASN JA 31 -11.55 -26.92 -71.23
CA ASN JA 31 -10.27 -26.29 -70.92
C ASN JA 31 -9.11 -27.23 -71.23
N ASN JA 32 -9.17 -28.46 -70.71
CA ASN JA 32 -8.11 -29.42 -70.95
C ASN JA 32 -8.04 -29.84 -72.42
N MET JA 33 -9.21 -29.99 -73.05
CA MET JA 33 -9.25 -30.38 -74.45
C MET JA 33 -8.54 -29.35 -75.32
N VAL JA 34 -8.79 -28.07 -75.06
CA VAL JA 34 -8.10 -27.01 -75.80
C VAL JA 34 -6.62 -26.95 -75.41
N SER JA 35 -6.31 -27.18 -74.13
CA SER JA 35 -4.94 -27.03 -73.66
C SER JA 35 -4.01 -28.06 -74.29
N GLY JA 36 -4.48 -29.30 -74.46
CA GLY JA 36 -3.63 -30.30 -75.09
C GLY JA 36 -3.28 -29.93 -76.52
N ASN JA 37 -4.27 -29.53 -77.30
CA ASN JA 37 -4.00 -29.11 -78.67
C ASN JA 37 -3.13 -27.87 -78.71
N ASN JA 38 -3.26 -26.98 -77.72
CA ASN JA 38 -2.41 -25.80 -77.71
C ASN JA 38 -0.97 -26.12 -77.32
N LEU JA 39 -0.75 -27.13 -76.48
CA LEU JA 39 0.60 -27.62 -76.26
C LEU JA 39 1.18 -28.20 -77.55
N GLU JA 40 0.37 -28.95 -78.29
CA GLU JA 40 0.80 -29.43 -79.60
C GLU JA 40 1.18 -28.28 -80.51
N LEU JA 41 0.36 -27.21 -80.51
CA LEU JA 41 0.63 -26.05 -81.36
C LEU JA 41 1.87 -25.31 -80.90
N SER JA 42 2.17 -25.32 -79.60
CA SER JA 42 3.43 -24.74 -79.12
C SER JA 42 4.62 -25.54 -79.64
N LYS JA 43 4.52 -26.86 -79.64
CA LYS JA 43 5.57 -27.67 -80.25
C LYS JA 43 5.72 -27.35 -81.73
N ILE JA 44 4.59 -27.18 -82.42
CA ILE JA 44 4.62 -26.81 -83.84
C ILE JA 44 5.28 -25.46 -84.03
N TYR JA 45 5.02 -24.52 -83.13
CA TYR JA 45 5.64 -23.21 -83.20
C TYR JA 45 7.15 -23.29 -83.02
N LEU JA 46 7.60 -24.15 -82.09
CA LEU JA 46 9.04 -24.34 -81.93
C LEU JA 46 9.65 -24.94 -83.20
N GLU JA 47 8.96 -25.91 -83.81
CA GLU JA 47 9.44 -26.49 -85.06
C GLU JA 47 9.53 -25.42 -86.16
N LEU JA 48 8.51 -24.56 -86.25
CA LEU JA 48 8.52 -23.50 -87.24
C LEU JA 48 9.62 -22.48 -86.97
N SER JA 49 9.93 -22.25 -85.70
CA SER JA 49 11.08 -21.40 -85.35
C SER JA 49 12.38 -22.02 -85.84
N LYS JA 50 12.54 -23.32 -85.63
CA LYS JA 50 13.74 -24.01 -86.11
C LYS JA 50 13.80 -24.06 -87.63
N MET JA 51 12.64 -23.97 -88.30
CA MET JA 51 12.62 -23.89 -89.76
C MET JA 51 13.48 -22.72 -90.25
N HIS JA 52 13.38 -21.57 -89.59
CA HIS JA 52 14.17 -20.40 -89.98
C HIS JA 52 15.67 -20.71 -89.92
N LYS JA 53 16.13 -21.24 -88.78
CA LYS JA 53 17.55 -21.48 -88.61
C LYS JA 53 18.07 -22.53 -89.58
N MET JA 54 17.30 -23.61 -89.79
CA MET JA 54 17.78 -24.64 -90.69
C MET JA 54 17.66 -24.23 -92.16
N ALA JA 55 16.79 -23.27 -92.47
CA ALA JA 55 16.67 -22.81 -93.85
C ALA JA 55 17.82 -21.88 -94.23
N PHE JA 56 18.42 -21.20 -93.26
CA PHE JA 56 19.48 -20.23 -93.55
C PHE JA 56 20.73 -20.92 -94.06
N ILE JA 57 21.48 -20.21 -94.91
CA ILE JA 57 22.74 -20.74 -95.41
C ILE JA 57 23.77 -20.84 -94.29
N GLN JA 58 23.75 -19.91 -93.34
CA GLN JA 58 24.67 -19.95 -92.23
C GLN JA 58 24.28 -21.06 -91.25
N ASP JA 59 25.17 -21.32 -90.30
CA ASP JA 59 25.01 -22.29 -89.21
C ASP JA 59 24.27 -23.55 -89.67
N THR JA 60 24.69 -24.08 -90.81
CA THR JA 60 24.12 -25.31 -91.34
C THR JA 60 24.81 -26.53 -90.76
N TYR JA 61 24.23 -27.69 -91.02
CA TYR JA 61 24.76 -28.96 -90.57
C TYR JA 61 25.51 -29.63 -91.72
N ASN JA 62 25.94 -30.87 -91.50
CA ASN JA 62 26.69 -31.59 -92.54
C ASN JA 62 25.84 -31.82 -93.77
N GLN JA 63 24.60 -32.29 -93.59
CA GLN JA 63 23.74 -32.58 -94.73
C GLN JA 63 23.29 -31.30 -95.42
N PHE JA 64 23.00 -30.26 -94.65
CA PHE JA 64 22.58 -28.99 -95.26
C PHE JA 64 23.69 -28.40 -96.12
N LEU JA 65 24.90 -28.33 -95.58
CA LEU JA 65 26.02 -27.82 -96.36
C LEU JA 65 26.32 -28.72 -97.54
N ASP JA 66 26.18 -30.04 -97.36
CA ASP JA 66 26.40 -30.96 -98.47
C ASP JA 66 25.43 -30.70 -99.61
N LYS JA 67 24.15 -30.50 -99.30
CA LYS JA 67 23.18 -30.19 -100.34
C LYS JA 67 23.50 -28.85 -101.00
N ARG JA 68 23.83 -27.84 -100.20
CA ARG JA 68 24.12 -26.52 -100.78
C ARG JA 68 25.32 -26.58 -101.71
N VAL JA 69 26.38 -27.27 -101.31
CA VAL JA 69 27.58 -27.32 -102.16
C VAL JA 69 27.38 -28.26 -103.34
N ASN JA 70 26.52 -29.28 -103.22
CA ASN JA 70 26.17 -30.08 -104.38
C ASN JA 70 25.43 -29.24 -105.41
N GLU JA 71 24.54 -28.35 -104.94
CA GLU JA 71 23.94 -27.38 -105.84
C GLU JA 71 25.00 -26.44 -106.43
N PHE JA 72 25.98 -26.05 -105.62
CA PHE JA 72 26.99 -25.10 -106.05
C PHE JA 72 28.18 -25.75 -106.73
N GLY JA 73 28.47 -27.02 -106.43
CA GLY JA 73 29.58 -27.72 -107.04
C GLY JA 73 30.90 -27.65 -106.31
N VAL JA 74 30.98 -26.92 -105.20
CA VAL JA 74 32.22 -26.80 -104.43
C VAL JA 74 32.20 -27.91 -103.38
N TYR JA 75 32.64 -29.09 -103.79
CA TYR JA 75 32.55 -30.26 -102.93
C TYR JA 75 33.52 -30.15 -101.74
N ARG JA 76 33.08 -30.65 -100.59
CA ARG JA 76 33.88 -30.63 -99.38
C ARG JA 76 35.03 -31.63 -99.47
N LYS JA 77 36.16 -31.27 -98.86
CA LYS JA 77 37.33 -32.13 -98.84
C LYS JA 77 37.28 -33.07 -97.64
N LEU JA 78 37.51 -34.36 -97.89
CA LEU JA 78 37.45 -35.36 -96.84
C LEU JA 78 38.80 -35.59 -96.15
N GLY JA 79 39.86 -34.92 -96.60
CA GLY JA 79 41.17 -35.10 -96.02
C GLY JA 79 41.95 -36.21 -96.70
N THR JA 80 43.24 -36.26 -96.40
CA THR JA 80 44.16 -37.23 -96.99
C THR JA 80 44.90 -37.97 -95.91
N GLU JA 81 45.13 -39.26 -96.13
CA GLU JA 81 45.88 -40.07 -95.18
C GLU JA 81 47.35 -39.69 -95.17
N SER JA 82 47.96 -39.77 -94.01
CA SER JA 82 49.38 -39.47 -93.87
C SER JA 82 50.23 -40.54 -94.55
N ASN JA 83 51.35 -40.09 -95.13
CA ASN JA 83 52.27 -40.98 -95.82
C ASN JA 83 53.69 -40.75 -95.31
N GLY JA 84 54.44 -41.83 -95.14
CA GLY JA 84 55.80 -41.74 -94.67
C GLY JA 84 56.55 -43.03 -94.95
N GLU JA 85 57.83 -43.01 -94.65
CA GLU JA 85 58.71 -44.15 -94.85
C GLU JA 85 59.33 -44.56 -93.51
N VAL JA 86 59.33 -45.86 -93.23
CA VAL JA 86 59.89 -46.38 -92.00
C VAL JA 86 60.98 -47.39 -92.35
N GLU JA 87 61.85 -47.65 -91.38
CA GLU JA 87 62.95 -48.59 -91.52
C GLU JA 87 62.68 -49.81 -90.64
N PHE JA 88 62.81 -50.99 -91.23
CA PHE JA 88 62.59 -52.25 -90.52
C PHE JA 88 63.94 -52.84 -90.11
N ILE JA 89 64.11 -53.10 -88.83
CA ILE JA 89 65.34 -53.64 -88.28
C ILE JA 89 65.03 -54.97 -87.61
N GLY JA 90 65.79 -56.01 -87.96
CA GLY JA 90 65.56 -57.33 -87.40
C GLY JA 90 66.43 -58.36 -88.07
N GLU JA 91 65.99 -59.61 -88.00
CA GLU JA 91 66.73 -60.71 -88.60
C GLU JA 91 66.81 -60.54 -90.11
N LYS JA 92 68.00 -60.77 -90.67
CA LYS JA 92 68.18 -60.66 -92.10
C LYS JA 92 67.41 -61.76 -92.83
N GLY JA 93 66.85 -61.41 -93.98
CA GLY JA 93 66.06 -62.33 -94.76
C GLY JA 93 64.58 -62.35 -94.42
N THR JA 94 64.17 -61.64 -93.37
CA THR JA 94 62.75 -61.57 -93.01
C THR JA 94 61.98 -60.82 -94.09
N VAL JA 95 60.86 -61.40 -94.52
CA VAL JA 95 60.03 -60.84 -95.58
C VAL JA 95 58.72 -60.36 -94.96
N ILE JA 96 58.41 -59.09 -95.13
CA ILE JA 96 57.16 -58.50 -94.67
C ILE JA 96 56.30 -58.21 -95.89
N ASN JA 97 55.16 -58.91 -95.98
CA ASN JA 97 54.30 -58.80 -97.15
C ASN JA 97 53.50 -57.51 -97.13
N ASN JA 98 52.87 -57.21 -98.25
CA ASN JA 98 52.01 -56.04 -98.35
C ASN JA 98 50.75 -56.22 -97.52
N GLY JA 99 50.20 -55.10 -97.05
CA GLY JA 99 49.00 -55.10 -96.24
C GLY JA 99 49.25 -55.24 -94.75
N THR JA 100 50.50 -55.47 -94.33
CA THR JA 100 50.81 -55.54 -92.91
C THR JA 100 50.57 -54.19 -92.24
N ILE JA 101 50.00 -54.22 -91.05
CA ILE JA 101 49.63 -53.03 -90.32
C ILE JA 101 50.59 -52.84 -89.15
N ILE JA 102 51.08 -51.61 -88.97
CA ILE JA 102 51.97 -51.25 -87.89
C ILE JA 102 51.30 -50.18 -87.05
N SER JA 103 51.41 -50.31 -85.73
CA SER JA 103 50.77 -49.39 -84.80
C SER JA 103 51.82 -48.69 -83.95
N TYR JA 104 51.77 -47.37 -83.93
CA TYR JA 104 52.57 -46.56 -83.02
C TYR JA 104 51.61 -45.91 -82.03
N ARG JA 105 51.83 -46.17 -80.74
CA ARG JA 105 50.92 -45.74 -79.66
C ARG JA 105 49.54 -46.30 -80.00
N ASP JA 106 48.49 -45.49 -80.05
CA ASP JA 106 47.17 -45.95 -80.45
C ASP JA 106 46.90 -45.75 -81.93
N LEU JA 107 47.82 -45.11 -82.65
CA LEU JA 107 47.64 -44.88 -84.08
C LEU JA 107 47.84 -46.17 -84.87
N LEU JA 108 47.23 -46.23 -86.06
CA LEU JA 108 47.32 -47.38 -86.94
C LEU JA 108 47.89 -46.96 -88.29
N PHE JA 109 48.80 -47.77 -88.81
CA PHE JA 109 49.46 -47.51 -90.08
C PHE JA 109 49.60 -48.81 -90.85
N VAL JA 110 49.71 -48.70 -92.17
CA VAL JA 110 49.81 -49.87 -93.04
C VAL JA 110 51.01 -49.70 -93.97
N VAL JA 111 51.63 -50.83 -94.31
CA VAL JA 111 52.81 -50.85 -95.19
C VAL JA 111 52.33 -51.17 -96.60
N ILE JA 112 52.78 -50.38 -97.57
CA ILE JA 112 52.31 -50.54 -98.95
C ILE JA 112 53.04 -51.69 -99.63
N LYS JA 113 54.36 -51.59 -99.77
CA LYS JA 113 55.14 -52.53 -100.55
C LYS JA 113 55.88 -53.50 -99.64
N ASP JA 114 56.21 -54.67 -100.21
CA ASP JA 114 56.95 -55.67 -99.48
C ASP JA 114 58.37 -55.17 -99.18
N VAL JA 115 58.85 -55.47 -97.98
CA VAL JA 115 60.18 -55.08 -97.54
C VAL JA 115 60.87 -56.31 -96.96
N THR JA 116 62.14 -56.49 -97.30
CA THR JA 116 62.95 -57.59 -96.81
C THR JA 116 64.12 -57.04 -96.00
N ILE JA 117 64.31 -57.56 -94.79
CA ILE JA 117 65.39 -57.09 -93.94
C ILE JA 117 66.71 -57.65 -94.45
N GLY JA 118 67.68 -56.77 -94.67
CA GLY JA 118 68.98 -57.15 -95.16
C GLY JA 118 69.08 -57.34 -96.66
N SER JA 119 67.99 -57.12 -97.39
CA SER JA 119 68.02 -57.26 -98.84
C SER JA 119 68.72 -56.06 -99.49
N GLU JA 120 69.12 -56.24 -100.74
CA GLU JA 120 69.77 -55.18 -101.48
C GLU JA 120 68.85 -54.00 -101.77
N GLU JA 121 67.53 -54.24 -101.78
CA GLU JA 121 66.58 -53.16 -102.02
C GLU JA 121 66.50 -52.19 -100.85
N GLY JA 122 66.98 -52.59 -99.67
CA GLY JA 122 66.94 -51.76 -98.49
C GLY JA 122 65.87 -52.19 -97.51
N ASP JA 123 65.96 -51.64 -96.31
CA ASP JA 123 65.02 -51.92 -95.23
C ASP JA 123 63.98 -50.82 -95.06
N ASN JA 124 63.91 -49.89 -96.00
CA ASN JA 124 62.98 -48.77 -95.92
C ASN JA 124 61.78 -49.04 -96.83
N SER JA 125 60.58 -48.95 -96.27
CA SER JA 125 59.35 -49.16 -97.02
C SER JA 125 58.36 -48.04 -96.72
N PRO JA 126 57.71 -47.49 -97.74
CA PRO JA 126 56.71 -46.45 -97.50
C PRO JA 126 55.55 -46.98 -96.68
N VAL JA 127 55.01 -46.12 -95.82
CA VAL JA 127 53.90 -46.46 -94.93
C VAL JA 127 52.85 -45.37 -95.05
N GLN JA 128 51.60 -45.78 -95.26
CA GLN JA 128 50.48 -44.86 -95.41
C GLN JA 128 49.52 -45.01 -94.22
N ALA JA 129 49.01 -43.89 -93.74
CA ALA JA 129 48.07 -43.92 -92.63
C ALA JA 129 46.78 -44.62 -93.02
N LEU JA 130 46.20 -45.37 -92.08
CA LEU JA 130 44.95 -46.06 -92.35
C LEU JA 130 43.79 -45.09 -92.46
N GLU JA 131 43.82 -43.99 -91.71
CA GLU JA 131 42.76 -43.00 -91.71
C GLU JA 131 43.35 -41.61 -91.90
N VAL JA 132 42.51 -40.69 -92.35
CA VAL JA 132 42.93 -39.31 -92.55
C VAL JA 132 43.08 -38.62 -91.19
N GLY JA 133 43.78 -37.50 -91.20
CA GLY JA 133 43.96 -36.70 -89.99
C GLY JA 133 45.39 -36.28 -89.74
N LYS JA 134 45.54 -35.10 -89.13
CA LYS JA 134 46.87 -34.60 -88.79
C LYS JA 134 47.54 -35.42 -87.70
N LYS JA 135 46.76 -36.10 -86.86
CA LYS JA 135 47.35 -36.95 -85.82
C LYS JA 135 48.16 -38.09 -86.41
N TYR JA 136 47.89 -38.47 -87.65
CA TYR JA 136 48.67 -39.50 -88.33
C TYR JA 136 49.99 -38.97 -88.89
N ASN JA 137 50.18 -37.65 -88.90
CA ASN JA 137 51.43 -37.05 -89.36
C ASN JA 137 52.49 -37.22 -88.28
N LEU JA 138 52.93 -38.45 -88.10
CA LEU JA 138 53.91 -38.76 -87.07
C LEU JA 138 55.25 -38.12 -87.41
N PRO JA 139 55.97 -37.59 -86.42
CA PRO JA 139 57.28 -36.98 -86.70
C PRO JA 139 58.35 -38.02 -86.95
N THR JA 140 59.59 -37.57 -87.14
CA THR JA 140 60.70 -38.49 -87.35
C THR JA 140 61.05 -39.20 -86.04
N ASN JA 141 61.72 -40.35 -86.19
CA ASN JA 141 62.21 -41.15 -85.06
C ASN JA 141 61.05 -41.60 -84.16
N CYS JA 142 60.11 -42.33 -84.77
CA CYS JA 142 59.02 -42.95 -84.05
C CYS JA 142 59.15 -44.46 -84.16
N GLU JA 143 59.14 -45.15 -83.02
CA GLU JA 143 59.35 -46.59 -82.97
C GLU JA 143 58.04 -47.31 -83.24
N PHE JA 144 57.81 -47.65 -84.51
CA PHE JA 144 56.60 -48.36 -84.89
C PHE JA 144 56.64 -49.80 -84.40
N LYS JA 145 55.47 -50.34 -84.10
CA LYS JA 145 55.32 -51.70 -83.60
C LYS JA 145 54.32 -52.45 -84.47
N LEU JA 146 54.65 -53.71 -84.80
CA LEU JA 146 53.74 -54.55 -85.57
C LEU JA 146 52.49 -54.84 -84.77
N VAL JA 147 51.32 -54.66 -85.39
CA VAL JA 147 50.07 -55.08 -84.76
C VAL JA 147 50.03 -56.60 -84.64
N ASP JA 148 50.43 -57.30 -85.70
CA ASP JA 148 50.52 -58.74 -85.69
C ASP JA 148 51.99 -59.16 -85.59
N ASN JA 149 52.27 -60.10 -84.68
CA ASN JA 149 53.65 -60.52 -84.45
C ASN JA 149 54.19 -61.26 -85.66
N ILE JA 150 55.36 -60.84 -86.13
CA ILE JA 150 56.04 -61.47 -87.25
C ILE JA 150 57.45 -61.82 -86.81
N SER JA 151 57.82 -63.09 -86.96
CA SER JA 151 59.15 -63.53 -86.60
C SER JA 151 60.19 -62.91 -87.52
N GLY JA 152 61.34 -62.55 -86.95
CA GLY JA 152 62.41 -61.94 -87.70
C GLY JA 152 62.42 -60.43 -87.72
N VAL JA 153 61.38 -59.79 -87.18
CA VAL JA 153 61.30 -58.33 -87.10
C VAL JA 153 61.40 -57.94 -85.64
N THR JA 154 62.33 -57.03 -85.33
CA THR JA 154 62.59 -56.62 -83.96
C THR JA 154 62.18 -55.17 -83.71
N LYS JA 155 62.71 -54.23 -84.49
CA LYS JA 155 62.42 -52.81 -84.29
C LYS JA 155 62.07 -52.16 -85.61
N ILE JA 156 61.05 -51.30 -85.58
CA ILE JA 156 60.62 -50.53 -86.74
C ILE JA 156 60.62 -49.06 -86.35
N THR JA 157 61.31 -48.24 -87.15
CA THR JA 157 61.37 -46.81 -86.91
C THR JA 157 61.34 -46.08 -88.25
N ASN JA 158 60.94 -44.82 -88.21
CA ASN JA 158 60.83 -43.99 -89.40
C ASN JA 158 61.99 -43.00 -89.46
N THR JA 159 62.67 -42.95 -90.60
CA THR JA 159 63.76 -42.01 -90.80
C THR JA 159 63.28 -40.63 -91.23
N ARG JA 160 62.01 -40.50 -91.61
CA ARG JA 160 61.44 -39.23 -92.04
C ARG JA 160 60.08 -39.04 -91.38
N SER JA 161 59.74 -37.77 -91.12
CA SER JA 161 58.46 -37.45 -90.52
C SER JA 161 57.32 -37.74 -91.50
N PHE JA 162 56.24 -38.31 -90.99
CA PHE JA 162 55.09 -38.62 -91.82
C PHE JA 162 54.38 -37.33 -92.25
N GLU JA 163 53.95 -37.31 -93.51
CA GLU JA 163 53.29 -36.13 -94.08
C GLU JA 163 52.09 -36.58 -94.88
N GLY JA 164 51.22 -35.61 -95.19
CA GLY JA 164 50.02 -35.86 -95.95
C GLY JA 164 48.76 -36.02 -95.13
N GLY JA 165 48.88 -36.17 -93.81
CA GLY JA 165 47.71 -36.30 -92.96
C GLY JA 165 46.95 -35.00 -92.82
N THR JA 166 45.77 -34.94 -93.43
CA THR JA 166 44.94 -33.74 -93.43
C THR JA 166 43.57 -34.06 -92.84
N ASP JA 167 43.07 -33.16 -91.99
CA ASP JA 167 41.78 -33.34 -91.37
C ASP JA 167 40.65 -33.12 -92.37
N ILE JA 168 39.46 -33.56 -91.99
CA ILE JA 168 38.28 -33.35 -92.82
C ILE JA 168 37.93 -31.86 -92.82
N GLU JA 169 37.67 -31.32 -94.00
CA GLU JA 169 37.32 -29.91 -94.12
C GLU JA 169 36.03 -29.63 -93.37
N THR JA 170 36.08 -28.71 -92.42
CA THR JA 170 34.90 -28.38 -91.63
C THR JA 170 33.93 -27.55 -92.46
N ASP JA 171 32.73 -27.36 -91.91
CA ASP JA 171 31.70 -26.62 -92.63
C ASP JA 171 32.12 -25.17 -92.85
N GLU JA 172 32.67 -24.53 -91.82
CA GLU JA 172 32.98 -23.10 -91.90
C GLU JA 172 34.07 -22.82 -92.92
N GLU JA 173 35.12 -23.65 -92.95
CA GLU JA 173 36.23 -23.42 -93.88
C GLU JA 173 35.75 -23.48 -95.32
N LEU JA 174 34.97 -24.52 -95.65
CA LEU JA 174 34.37 -24.60 -96.97
C LEU JA 174 33.43 -23.42 -97.21
N LYS JA 175 32.80 -22.91 -96.16
CA LYS JA 175 31.91 -21.76 -96.31
C LYS JA 175 32.68 -20.52 -96.76
N GLU JA 176 33.78 -20.19 -96.08
CA GLU JA 176 34.51 -19.00 -96.53
C GLU JA 176 35.21 -19.25 -97.85
N ARG JA 177 35.61 -20.50 -98.14
CA ARG JA 177 36.17 -20.82 -99.45
C ARG JA 177 35.16 -20.55 -100.55
N PHE JA 178 33.92 -21.01 -100.36
CA PHE JA 178 32.86 -20.74 -101.32
C PHE JA 178 32.57 -19.25 -101.45
N TYR JA 179 32.57 -18.54 -100.32
CA TYR JA 179 32.32 -17.10 -100.37
C TYR JA 179 33.40 -16.38 -101.17
N LYS JA 180 34.67 -16.76 -100.95
CA LYS JA 180 35.76 -16.15 -101.72
C LYS JA 180 35.65 -16.50 -103.20
N ILE JA 181 35.26 -17.74 -103.51
CA ILE JA 181 35.06 -18.13 -104.90
C ILE JA 181 33.97 -17.28 -105.54
N GLN JA 182 32.88 -17.05 -104.81
CA GLN JA 182 31.78 -16.25 -105.35
C GLN JA 182 32.20 -14.80 -105.55
N ARG JA 183 32.95 -14.24 -104.61
CA ARG JA 183 33.34 -12.83 -104.73
C ARG JA 183 34.31 -12.62 -105.89
N ASN JA 184 35.28 -13.52 -106.06
CA ASN JA 184 36.35 -13.34 -107.04
C ASN JA 184 36.31 -14.45 -108.06
N GLN JA 185 36.30 -14.09 -109.34
CA GLN JA 185 36.32 -15.03 -110.45
C GLN JA 185 37.55 -14.81 -111.30
N ALA JA 186 37.93 -15.86 -112.03
CA ALA JA 186 39.12 -15.79 -112.88
C ALA JA 186 38.96 -14.70 -113.93
N THR JA 187 39.99 -13.87 -114.07
CA THR JA 187 39.97 -12.75 -114.99
C THR JA 187 41.26 -12.72 -115.79
N SER JA 188 41.19 -12.10 -116.97
CA SER JA 188 42.32 -12.10 -117.90
C SER JA 188 43.48 -11.26 -117.38
N GLY JA 189 43.21 -10.04 -116.93
CA GLY JA 189 44.27 -9.09 -116.66
C GLY JA 189 44.77 -9.05 -115.23
N ASN JA 190 43.89 -9.33 -114.27
CA ASN JA 190 44.29 -9.35 -112.87
C ASN JA 190 45.39 -10.38 -112.67
N LYS JA 191 46.58 -9.90 -112.30
CA LYS JA 191 47.74 -10.78 -112.19
C LYS JA 191 47.55 -11.89 -111.16
N ALA JA 192 46.69 -11.67 -110.16
CA ALA JA 192 46.44 -12.70 -109.17
C ALA JA 192 45.82 -13.94 -109.81
N HIS JA 193 44.78 -13.75 -110.62
CA HIS JA 193 44.11 -14.88 -111.26
C HIS JA 193 45.05 -15.62 -112.20
N TYR JA 194 45.82 -14.88 -113.00
CA TYR JA 194 46.73 -15.54 -113.95
C TYR JA 194 47.85 -16.27 -113.23
N GLU JA 195 48.45 -15.64 -112.21
CA GLU JA 195 49.53 -16.26 -111.47
C GLU JA 195 49.06 -17.40 -110.57
N GLU JA 196 47.74 -17.48 -110.31
CA GLU JA 196 47.23 -18.61 -109.54
C GLU JA 196 47.50 -19.94 -110.25
N TRP JA 197 47.26 -19.99 -111.56
CA TRP JA 197 47.49 -21.22 -112.31
C TRP JA 197 48.96 -21.58 -112.35
N ALA JA 198 49.84 -20.59 -112.51
CA ALA JA 198 51.27 -20.85 -112.49
C ALA JA 198 51.72 -21.35 -111.12
N LEU JA 199 51.20 -20.75 -110.05
CA LEU JA 199 51.56 -21.15 -108.70
C LEU JA 199 51.08 -22.56 -108.36
N GLU JA 200 50.14 -23.10 -109.13
CA GLU JA 200 49.69 -24.47 -108.90
C GLU JA 200 50.81 -25.49 -109.12
N VAL JA 201 51.84 -25.11 -109.86
CA VAL JA 201 53.02 -25.97 -110.01
C VAL JA 201 53.85 -25.87 -108.74
N ASP JA 202 54.19 -27.02 -108.16
CA ASP JA 202 54.93 -27.03 -106.90
C ASP JA 202 56.36 -26.50 -107.07
N GLY JA 203 56.94 -26.67 -108.26
CA GLY JA 203 58.32 -26.25 -108.46
C GLY JA 203 58.53 -24.76 -108.31
N VAL JA 204 57.56 -23.95 -108.73
CA VAL JA 204 57.66 -22.51 -108.69
C VAL JA 204 56.89 -21.98 -107.49
N TYR JA 205 57.43 -20.93 -106.86
CA TYR JA 205 56.81 -20.32 -105.69
C TYR JA 205 56.55 -18.83 -105.84
N ASN JA 206 57.22 -18.15 -106.77
CA ASN JA 206 56.96 -16.74 -107.05
C ASN JA 206 56.76 -16.57 -108.54
N VAL JA 207 55.66 -15.93 -108.92
CA VAL JA 207 55.31 -15.73 -110.32
C VAL JA 207 55.09 -14.25 -110.56
N LYS JA 208 55.69 -13.71 -111.62
CA LYS JA 208 55.58 -12.31 -111.97
C LYS JA 208 55.07 -12.18 -113.41
N VAL JA 209 54.17 -11.23 -113.62
CA VAL JA 209 53.58 -10.97 -114.93
C VAL JA 209 54.08 -9.62 -115.41
N TYR JA 210 54.60 -9.59 -116.64
CA TYR JA 210 55.14 -8.36 -117.22
C TYR JA 210 54.24 -7.87 -118.36
N PRO JA 211 53.35 -6.92 -118.10
CA PRO JA 211 52.51 -6.40 -119.19
C PRO JA 211 53.31 -5.54 -120.14
N ARG JA 212 52.82 -5.48 -121.39
CA ARG JA 212 53.36 -4.61 -122.43
C ARG JA 212 54.86 -4.87 -122.64
N TRP JA 213 55.20 -6.13 -122.84
CA TRP JA 213 56.58 -6.52 -123.10
C TRP JA 213 56.89 -6.64 -124.59
N ASP JA 214 55.90 -6.90 -125.42
CA ASP JA 214 56.08 -7.03 -126.86
C ASP JA 214 54.95 -6.31 -127.60
N GLY JA 215 54.46 -5.22 -127.02
CA GLY JA 215 53.34 -4.50 -127.57
C GLY JA 215 52.07 -4.79 -126.81
N PRO JA 216 50.95 -4.20 -127.25
CA PRO JA 216 49.68 -4.42 -126.54
C PRO JA 216 49.24 -5.87 -126.63
N GLY JA 217 48.59 -6.33 -125.56
CA GLY JA 217 48.10 -7.68 -125.50
C GLY JA 217 49.16 -8.73 -125.25
N THR JA 218 50.39 -8.32 -124.97
CA THR JA 218 51.50 -9.25 -124.76
C THR JA 218 51.80 -9.35 -123.27
N VAL JA 219 51.76 -10.57 -122.75
CA VAL JA 219 51.98 -10.84 -121.34
C VAL JA 219 53.20 -11.74 -121.21
N LYS JA 220 54.20 -11.29 -120.46
CA LYS JA 220 55.40 -12.06 -120.21
C LYS JA 220 55.30 -12.69 -118.83
N VAL JA 221 55.43 -14.01 -118.76
CA VAL JA 221 55.30 -14.76 -117.52
C VAL JA 221 56.69 -15.00 -116.94
N LEU JA 222 56.90 -14.50 -115.72
CA LEU JA 222 58.15 -14.70 -114.99
C LEU JA 222 57.85 -15.56 -113.78
N ILE JA 223 58.60 -16.65 -113.62
CA ILE JA 223 58.39 -17.58 -112.52
C ILE JA 223 59.70 -17.74 -111.76
N PHE JA 224 59.59 -18.05 -110.47
CA PHE JA 224 60.74 -18.30 -109.62
C PHE JA 224 60.57 -19.65 -108.94
N GLY JA 225 61.60 -20.49 -109.03
CA GLY JA 225 61.58 -21.82 -108.45
C GLY JA 225 61.82 -21.80 -106.96
N LYS JA 226 62.49 -22.85 -106.48
CA LYS JA 226 62.82 -22.95 -105.06
C LYS JA 226 63.94 -21.96 -104.74
N ASN JA 227 63.60 -20.93 -103.98
CA ASN JA 227 64.54 -19.88 -103.58
C ASN JA 227 65.21 -19.24 -104.80
N ASN JA 228 64.43 -19.08 -105.86
CA ASN JA 228 64.86 -18.40 -107.08
C ASN JA 228 66.00 -19.12 -107.78
N GLN JA 229 65.83 -20.44 -107.88
CA GLN JA 229 66.75 -21.36 -108.56
C GLN JA 229 65.94 -21.87 -109.77
N ALA JA 230 66.55 -21.89 -110.95
CA ALA JA 230 65.84 -22.27 -112.17
C ALA JA 230 65.27 -23.67 -112.06
N VAL JA 231 64.04 -23.84 -112.54
CA VAL JA 231 63.40 -25.15 -112.61
C VAL JA 231 63.82 -25.83 -113.91
N ASP JA 232 63.56 -27.13 -114.02
CA ASP JA 232 63.95 -27.88 -115.20
C ASP JA 232 63.12 -27.46 -116.42
N THR JA 233 63.63 -27.83 -117.60
CA THR JA 233 62.96 -27.47 -118.84
C THR JA 233 61.57 -28.09 -118.92
N GLU JA 234 61.42 -29.33 -118.48
CA GLU JA 234 60.12 -29.98 -118.49
C GLU JA 234 59.12 -29.24 -117.60
N THR JA 235 59.57 -28.75 -116.45
CA THR JA 235 58.69 -27.96 -115.59
C THR JA 235 58.23 -26.69 -116.29
N ILE JA 236 59.15 -26.00 -116.96
CA ILE JA 236 58.78 -24.80 -117.69
C ILE JA 236 57.76 -25.14 -118.76
N GLU JA 237 58.00 -26.23 -119.51
CA GLU JA 237 57.07 -26.61 -120.56
C GLU JA 237 55.68 -26.91 -120.01
N ARG JA 238 55.61 -27.76 -118.97
CA ARG JA 238 54.32 -28.17 -118.44
C ARG JA 238 53.56 -26.98 -117.86
N CYS JA 239 54.28 -26.06 -117.20
CA CYS JA 239 53.65 -24.81 -116.79
C CYS JA 239 53.12 -24.05 -117.99
N GLN JA 240 53.84 -24.09 -119.11
CA GLN JA 240 53.40 -23.38 -120.30
C GLN JA 240 52.10 -23.94 -120.84
N GLN JA 241 52.02 -25.27 -121.01
CA GLN JA 241 50.75 -25.83 -121.48
C GLN JA 241 49.64 -25.61 -120.47
N HIS JA 242 49.93 -25.71 -119.17
CA HIS JA 242 48.88 -25.49 -118.19
C HIS JA 242 48.32 -24.08 -118.29
N ILE JA 243 49.21 -23.07 -118.23
CA ILE JA 243 48.73 -21.69 -118.28
C ILE JA 243 48.03 -21.42 -119.60
N ASP JA 244 48.51 -22.03 -120.70
CA ASP JA 244 47.80 -21.90 -121.97
C ASP JA 244 46.40 -22.48 -121.89
N GLU JA 245 46.24 -23.59 -121.15
CA GLU JA 245 44.90 -24.14 -120.95
C GLU JA 245 44.01 -23.17 -120.18
N GLU JA 246 44.57 -22.45 -119.20
CA GLU JA 246 43.79 -21.42 -118.53
C GLU JA 246 44.09 -19.98 -118.95
N LYS JA 247 44.91 -19.76 -119.97
CA LYS JA 247 45.16 -18.39 -120.41
C LYS JA 247 43.93 -17.82 -121.10
N PRO JA 248 43.79 -16.49 -121.11
CA PRO JA 248 42.63 -15.88 -121.75
C PRO JA 248 42.68 -15.97 -123.28
N ILE JA 249 41.74 -15.30 -123.95
CA ILE JA 249 41.63 -15.41 -125.40
C ILE JA 249 42.67 -14.53 -126.06
N GLY JA 250 43.51 -15.16 -126.90
CA GLY JA 250 44.45 -14.47 -127.75
C GLY JA 250 45.56 -13.66 -127.09
N PRO JA 251 46.25 -14.22 -126.08
CA PRO JA 251 47.47 -13.56 -125.59
C PRO JA 251 48.73 -14.15 -126.21
N THR JA 252 49.85 -13.44 -126.08
CA THR JA 252 51.16 -14.02 -126.38
C THR JA 252 51.88 -14.23 -125.04
N ILE JA 253 52.23 -15.48 -124.77
CA ILE JA 253 52.71 -15.89 -123.45
C ILE JA 253 54.12 -16.43 -123.59
N THR JA 254 55.04 -15.90 -122.78
CA THR JA 254 56.42 -16.35 -122.72
C THR JA 254 56.79 -16.63 -121.27
N VAL JA 255 57.39 -17.78 -121.02
CA VAL JA 255 57.79 -18.20 -119.67
C VAL JA 255 59.31 -18.14 -119.60
N VAL JA 256 59.81 -17.47 -118.55
CA VAL JA 256 61.25 -17.32 -118.35
C VAL JA 256 61.61 -17.91 -116.99
N THR JA 257 62.90 -18.18 -116.81
CA THR JA 257 63.42 -18.79 -115.62
C THR JA 257 64.61 -17.98 -115.09
N PRO JA 258 64.86 -18.03 -113.79
CA PRO JA 258 66.05 -17.34 -113.26
C PRO JA 258 67.33 -17.86 -113.90
N LEU JA 259 68.26 -16.94 -114.17
CA LEU JA 259 69.49 -17.24 -114.88
C LEU JA 259 70.66 -17.19 -113.92
N PRO JA 260 71.32 -18.30 -113.62
CA PRO JA 260 72.50 -18.25 -112.73
C PRO JA 260 73.62 -17.41 -113.35
N ILE JA 261 74.36 -16.74 -112.49
CA ILE JA 261 75.45 -15.86 -112.89
C ILE JA 261 76.73 -16.37 -112.25
N GLU JA 262 77.75 -16.63 -113.07
CA GLU JA 262 79.02 -17.13 -112.57
C GLU JA 262 79.74 -16.05 -111.76
N ILE JA 263 80.43 -16.47 -110.71
CA ILE JA 263 81.21 -15.58 -109.87
C ILE JA 263 82.62 -16.12 -109.78
N SER JA 264 83.60 -15.27 -110.11
CA SER JA 264 85.02 -15.61 -110.00
C SER JA 264 85.67 -14.64 -109.02
N ILE JA 265 86.40 -15.18 -108.04
CA ILE JA 265 87.00 -14.38 -106.99
C ILE JA 265 88.49 -14.71 -106.89
N SER JA 266 89.25 -13.75 -106.39
CA SER JA 266 90.68 -13.93 -106.21
C SER JA 266 91.17 -12.94 -105.16
N ALA JA 267 91.93 -13.45 -104.18
CA ALA JA 267 92.44 -12.62 -103.10
C ALA JA 267 93.69 -13.25 -102.53
N VAL JA 268 94.48 -12.42 -101.84
CA VAL JA 268 95.68 -12.87 -101.16
C VAL JA 268 95.46 -12.65 -99.67
N MET JA 269 95.56 -13.73 -98.88
CA MET JA 269 95.28 -13.66 -97.46
C MET JA 269 96.30 -14.46 -96.67
N LYS JA 270 96.44 -14.09 -95.40
CA LYS JA 270 97.31 -14.79 -94.46
C LYS JA 270 96.44 -15.69 -93.59
N LEU JA 271 96.69 -16.99 -93.64
CA LEU JA 271 95.88 -17.94 -92.90
C LEU JA 271 96.38 -18.07 -91.47
N GLU JA 272 95.45 -18.24 -90.54
CA GLU JA 272 95.80 -18.47 -89.16
C GLU JA 272 96.40 -19.86 -88.98
N ASP JA 273 97.08 -20.05 -87.85
CA ASP JA 273 97.69 -21.33 -87.56
C ASP JA 273 96.64 -22.41 -87.39
N GLY JA 274 96.94 -23.61 -87.88
CA GLY JA 274 96.03 -24.72 -87.80
C GLY JA 274 94.90 -24.70 -88.80
N TYR JA 275 94.91 -23.77 -89.76
CA TYR JA 275 93.88 -23.66 -90.77
C TYR JA 275 94.52 -23.70 -92.15
N THR JA 276 93.98 -24.53 -93.03
CA THR JA 276 94.48 -24.69 -94.38
C THR JA 276 93.58 -23.94 -95.36
N LEU JA 277 93.99 -23.93 -96.63
CA LEU JA 277 93.23 -23.21 -97.65
C LEU JA 277 91.87 -23.85 -97.90
N ASP JA 278 91.78 -25.18 -97.81
CA ASP JA 278 90.52 -25.87 -98.10
C ASP JA 278 89.44 -25.52 -97.08
N ASN JA 279 89.80 -25.46 -95.79
CA ASN JA 279 88.81 -25.18 -94.77
C ASN JA 279 88.25 -23.77 -94.91
N VAL JA 280 89.13 -22.78 -95.03
CA VAL JA 280 88.67 -21.41 -95.20
C VAL JA 280 87.92 -21.25 -96.52
N LYS JA 281 88.35 -21.96 -97.56
CA LYS JA 281 87.67 -21.89 -98.84
C LYS JA 281 86.23 -22.41 -98.73
N GLU JA 282 86.05 -23.58 -98.10
CA GLU JA 282 84.70 -24.13 -97.98
C GLU JA 282 83.82 -23.27 -97.07
N SER JA 283 84.38 -22.78 -95.96
CA SER JA 283 83.60 -21.93 -95.08
C SER JA 283 83.18 -20.63 -95.78
N PHE JA 284 84.10 -20.01 -96.51
CA PHE JA 284 83.78 -18.77 -97.19
C PHE JA 284 82.81 -18.99 -98.35
N LEU JA 285 82.94 -20.12 -99.06
CA LEU JA 285 81.99 -20.37 -100.14
C LEU JA 285 80.59 -20.64 -99.60
N GLU JA 286 80.49 -21.34 -98.47
CA GLU JA 286 79.18 -21.52 -97.84
C GLU JA 286 78.61 -20.17 -97.40
N SER JA 287 79.43 -19.34 -96.77
CA SER JA 287 78.96 -18.03 -96.31
C SER JA 287 78.53 -17.16 -97.48
N ILE JA 288 79.29 -17.17 -98.57
CA ILE JA 288 78.96 -16.33 -99.71
C ILE JA 288 77.77 -16.89 -100.47
N ASN JA 289 77.56 -18.21 -100.44
CA ASN JA 289 76.32 -18.76 -101.00
C ASN JA 289 75.11 -18.30 -100.20
N THR JA 290 75.23 -18.30 -98.87
CA THR JA 290 74.15 -17.76 -98.05
C THR JA 290 73.90 -16.30 -98.35
N TYR JA 291 74.98 -15.52 -98.48
CA TYR JA 291 74.85 -14.10 -98.80
C TYR JA 291 74.19 -13.89 -100.16
N PHE JA 292 74.58 -14.69 -101.16
CA PHE JA 292 73.95 -14.60 -102.48
C PHE JA 292 72.47 -14.96 -102.39
N ARG JA 293 72.12 -15.91 -101.52
CA ARG JA 293 70.71 -16.22 -101.31
C ARG JA 293 69.96 -15.04 -100.70
N ASP JA 294 70.60 -14.33 -99.75
CA ASP JA 294 69.92 -13.26 -99.03
C ASP JA 294 70.17 -11.87 -99.59
N ILE JA 295 70.93 -11.73 -100.67
CA ILE JA 295 71.24 -10.42 -101.23
C ILE JA 295 70.14 -10.02 -102.22
N ARG JA 296 69.67 -8.78 -102.10
CA ARG JA 296 68.74 -8.20 -103.05
C ARG JA 296 69.39 -6.99 -103.71
N GLY JA 297 69.45 -7.01 -105.04
CA GLY JA 297 70.10 -5.93 -105.77
C GLY JA 297 71.50 -6.27 -106.23
N GLU JA 298 72.34 -5.25 -106.38
CA GLU JA 298 73.70 -5.45 -106.88
C GLU JA 298 74.58 -6.09 -105.81
N ILE JA 299 75.66 -6.74 -106.28
CA ILE JA 299 76.64 -7.33 -105.38
C ILE JA 299 77.40 -6.20 -104.68
N ILE JA 300 77.61 -6.36 -103.37
CA ILE JA 300 78.31 -5.38 -102.56
C ILE JA 300 79.71 -5.90 -102.30
N TYR JA 301 80.71 -5.12 -102.72
CA TYR JA 301 82.10 -5.51 -102.50
C TYR JA 301 82.43 -5.59 -101.01
N THR JA 302 81.97 -4.61 -100.22
CA THR JA 302 82.35 -4.56 -98.82
C THR JA 302 81.68 -5.67 -98.02
N LYS JA 303 80.45 -6.03 -98.37
CA LYS JA 303 79.84 -7.19 -97.73
C LYS JA 303 80.63 -8.46 -98.01
N VAL JA 304 81.11 -8.62 -99.25
CA VAL JA 304 81.88 -9.80 -99.61
C VAL JA 304 83.18 -9.84 -98.82
N MET JA 305 83.91 -8.72 -98.76
CA MET JA 305 85.17 -8.73 -98.03
C MET JA 305 84.95 -8.90 -96.53
N GLY JA 306 83.86 -8.34 -96.00
CA GLY JA 306 83.56 -8.52 -94.59
C GLY JA 306 83.24 -9.97 -94.25
N ILE JA 307 82.45 -10.63 -95.09
CA ILE JA 307 82.16 -12.04 -94.86
C ILE JA 307 83.39 -12.90 -95.11
N LEU JA 308 84.35 -12.40 -95.90
CA LEU JA 308 85.60 -13.13 -96.10
C LEU JA 308 86.51 -13.03 -94.88
N ILE JA 309 86.64 -11.82 -94.33
CA ILE JA 309 87.48 -11.66 -93.14
C ILE JA 309 86.84 -12.32 -91.93
N ASN JA 310 85.51 -12.26 -91.83
CA ASN JA 310 84.82 -12.92 -90.73
C ASN JA 310 84.94 -14.44 -90.81
N THR JA 311 85.29 -14.99 -91.97
CA THR JA 311 85.52 -16.42 -92.08
C THR JA 311 86.66 -16.84 -91.16
N THR JA 312 86.45 -17.90 -90.41
CA THR JA 312 87.44 -18.34 -89.44
C THR JA 312 88.70 -18.82 -90.16
N GLY JA 313 89.86 -18.44 -89.62
CA GLY JA 313 91.14 -18.77 -90.21
C GLY JA 313 91.75 -17.67 -91.06
N VAL JA 314 91.16 -16.48 -91.07
CA VAL JA 314 91.66 -15.35 -91.84
C VAL JA 314 92.24 -14.32 -90.89
N HIS JA 315 93.56 -14.11 -90.96
CA HIS JA 315 94.23 -13.10 -90.17
C HIS JA 315 94.36 -11.78 -90.93
N ASP JA 316 94.98 -11.83 -92.10
CA ASP JA 316 95.20 -10.65 -92.93
C ASP JA 316 94.96 -11.04 -94.39
N LEU JA 317 94.18 -10.22 -95.09
CA LEU JA 317 93.90 -10.44 -96.50
C LEU JA 317 94.11 -9.15 -97.29
N SER JA 318 94.35 -9.31 -98.58
CA SER JA 318 94.61 -8.17 -99.45
C SER JA 318 94.34 -8.57 -100.89
N ASN JA 319 94.21 -7.56 -101.75
CA ASN JA 319 94.04 -7.75 -103.19
C ASN JA 319 92.82 -8.62 -103.51
N LEU JA 320 91.70 -8.31 -102.88
CA LEU JA 320 90.45 -9.03 -103.14
C LEU JA 320 89.87 -8.56 -104.47
N LEU JA 321 89.68 -9.49 -105.40
CA LEU JA 321 89.16 -9.18 -106.73
C LEU JA 321 87.99 -10.11 -107.02
N ILE JA 322 86.87 -9.52 -107.47
CA ILE JA 322 85.67 -10.27 -107.80
C ILE JA 322 85.39 -10.05 -109.28
N ASN JA 323 85.47 -11.12 -110.06
CA ASN JA 323 85.21 -11.07 -111.51
C ASN JA 323 86.08 -10.02 -112.19
N GLY JA 324 87.32 -9.90 -111.74
CA GLY JA 324 88.26 -8.97 -112.32
C GLY JA 324 88.12 -7.53 -111.88
N SER JA 325 87.31 -7.25 -110.86
CA SER JA 325 87.12 -5.89 -110.41
C SER JA 325 86.83 -5.88 -108.92
N THR JA 326 87.06 -4.72 -108.30
CA THR JA 326 86.74 -4.49 -106.90
C THR JA 326 85.50 -3.62 -106.72
N ASP JA 327 84.84 -3.24 -107.80
CA ASP JA 327 83.64 -2.41 -107.71
C ASP JA 327 82.41 -3.28 -107.49
N ASN JA 328 81.32 -2.62 -107.09
CA ASN JA 328 80.05 -3.32 -106.92
C ASN JA 328 79.57 -3.88 -108.26
N ILE JA 329 79.15 -5.13 -108.24
CA ILE JA 329 78.69 -5.82 -109.44
C ILE JA 329 77.17 -5.75 -109.48
N THR JA 330 76.63 -5.15 -110.53
CA THR JA 330 75.19 -5.01 -110.67
C THR JA 330 74.58 -6.33 -111.12
N ILE JA 331 73.55 -6.78 -110.39
CA ILE JA 331 72.82 -7.99 -110.72
C ILE JA 331 71.57 -7.60 -111.48
N ASN JA 332 71.42 -8.14 -112.69
CA ASN JA 332 70.21 -7.91 -113.45
C ASN JA 332 69.06 -8.73 -112.86
N GLU JA 333 67.84 -8.40 -113.30
CA GLU JA 333 66.67 -9.11 -112.81
C GLU JA 333 66.70 -10.56 -113.24
N ASP JA 334 66.14 -11.43 -112.40
CA ASP JA 334 66.05 -12.87 -112.65
C ASP JA 334 67.43 -13.50 -112.79
N LYS JA 335 68.40 -12.99 -112.06
CA LYS JA 335 69.76 -13.52 -112.09
C LYS JA 335 70.26 -13.74 -110.67
N ILE JA 336 70.92 -14.88 -110.45
CA ILE JA 336 71.44 -15.23 -109.13
C ILE JA 336 72.94 -15.49 -109.25
N PRO JA 337 73.75 -14.99 -108.33
CA PRO JA 337 75.20 -15.27 -108.38
C PRO JA 337 75.49 -16.75 -108.12
N SER JA 338 76.56 -17.24 -108.73
CA SER JA 338 77.01 -18.61 -108.55
C SER JA 338 78.52 -18.64 -108.55
N VAL JA 339 79.11 -19.18 -107.47
CA VAL JA 339 80.56 -19.22 -107.34
C VAL JA 339 81.12 -20.27 -108.29
N THR JA 340 82.08 -19.86 -109.10
CA THR JA 340 82.72 -20.75 -110.07
C THR JA 340 84.22 -20.83 -109.92
N THR JA 341 84.89 -19.72 -109.61
CA THR JA 341 86.33 -19.69 -109.47
C THR JA 341 86.70 -19.03 -108.15
N VAL JA 342 87.54 -19.71 -107.36
CA VAL JA 342 88.08 -19.18 -106.12
C VAL JA 342 89.59 -19.28 -106.19
N ASN JA 343 90.27 -18.14 -106.09
CA ASN JA 343 91.72 -18.07 -106.18
C ASN JA 343 92.26 -17.49 -104.87
N PHE JA 344 92.63 -18.37 -103.95
CA PHE JA 344 93.14 -17.97 -102.65
C PHE JA 344 94.63 -18.32 -102.55
N SER JA 345 95.44 -17.32 -102.23
CA SER JA 345 96.88 -17.50 -102.13
C SER JA 345 97.36 -17.00 -100.77
N GLU JA 346 98.19 -17.79 -100.11
CA GLU JA 346 98.75 -17.42 -98.82
C GLU JA 346 100.12 -16.77 -98.98
N MET KA 1 -3.87 -40.09 -78.99
CA MET KA 1 -3.47 -40.97 -77.90
C MET KA 1 -2.51 -40.26 -76.94
N LYS KA 2 -1.81 -39.25 -77.46
CA LYS KA 2 -0.89 -38.49 -76.64
C LYS KA 2 -1.62 -37.70 -75.55
N LEU KA 3 -2.65 -36.94 -75.96
CA LEU KA 3 -3.34 -36.09 -75.00
C LEU KA 3 -4.09 -36.89 -73.95
N ILE KA 4 -4.76 -37.97 -74.36
CA ILE KA 4 -5.48 -38.80 -73.39
C ILE KA 4 -4.53 -39.39 -72.37
N ASP KA 5 -3.30 -39.70 -72.78
CA ASP KA 5 -2.26 -40.06 -71.80
C ASP KA 5 -1.95 -38.86 -70.90
N LYS KA 6 -1.85 -37.67 -71.49
CA LYS KA 6 -1.66 -36.47 -70.67
C LYS KA 6 -2.92 -36.12 -69.90
N LEU KA 7 -4.10 -36.45 -70.43
CA LEU KA 7 -5.35 -36.11 -69.79
C LEU KA 7 -5.57 -36.96 -68.54
N PRO KA 8 -6.38 -36.48 -67.59
CA PRO KA 8 -6.59 -37.22 -66.34
C PRO KA 8 -7.30 -38.54 -66.57
N SER KA 9 -7.17 -39.41 -65.56
CA SER KA 9 -7.70 -40.76 -65.66
C SER KA 9 -9.22 -40.78 -65.76
N PHE KA 10 -9.89 -39.90 -65.02
CA PHE KA 10 -11.36 -39.91 -65.00
C PHE KA 10 -11.97 -39.48 -66.33
N ASP KA 11 -11.18 -38.94 -67.25
CA ASP KA 11 -11.66 -38.54 -68.57
C ASP KA 11 -11.33 -39.58 -69.64
N ARG KA 12 -11.38 -40.86 -69.28
CA ARG KA 12 -11.06 -41.94 -70.19
C ARG KA 12 -12.26 -42.45 -70.97
N ASN KA 13 -13.27 -41.61 -71.16
CA ASN KA 13 -14.49 -42.04 -71.84
C ASN KA 13 -14.30 -42.03 -73.35
N TYR KA 14 -15.32 -42.55 -74.05
CA TYR KA 14 -15.24 -42.71 -75.50
C TYR KA 14 -15.22 -41.38 -76.25
N ILE KA 15 -15.95 -40.38 -75.74
CA ILE KA 15 -15.98 -39.08 -76.41
C ILE KA 15 -14.58 -38.47 -76.46
N VAL KA 16 -13.86 -38.53 -75.35
CA VAL KA 16 -12.50 -38.02 -75.31
C VAL KA 16 -11.62 -38.76 -76.31
N GLU KA 17 -11.73 -40.08 -76.34
CA GLU KA 17 -10.92 -40.88 -77.27
C GLU KA 17 -11.20 -40.48 -78.71
N GLU KA 18 -12.47 -40.32 -79.07
CA GLU KA 18 -12.82 -39.96 -80.44
C GLU KA 18 -12.28 -38.58 -80.81
N ILE KA 19 -12.50 -37.59 -79.95
CA ILE KA 19 -12.09 -36.22 -80.26
C ILE KA 19 -10.57 -36.14 -80.34
N GLN KA 20 -9.86 -36.79 -79.41
CA GLN KA 20 -8.41 -36.74 -79.45
C GLN KA 20 -7.85 -37.54 -80.60
N GLY KA 21 -8.53 -38.59 -81.04
CA GLY KA 21 -8.10 -39.29 -82.25
C GLY KA 21 -8.23 -38.41 -83.49
N ALA KA 22 -9.32 -37.66 -83.57
CA ALA KA 22 -9.46 -36.70 -84.67
C ALA KA 22 -8.37 -35.65 -84.60
N TYR KA 23 -8.08 -35.15 -83.41
CA TYR KA 23 -7.01 -34.15 -83.27
C TYR KA 23 -5.65 -34.74 -83.63
N ASP KA 24 -5.43 -36.02 -83.33
CA ASP KA 24 -4.18 -36.66 -83.69
C ASP KA 24 -4.07 -36.86 -85.20
N THR KA 25 -5.18 -37.17 -85.87
CA THR KA 25 -5.17 -37.22 -87.33
C THR KA 25 -4.84 -35.86 -87.91
N GLU KA 26 -5.41 -34.80 -87.32
CA GLU KA 26 -5.06 -33.45 -87.75
C GLU KA 26 -3.58 -33.17 -87.52
N LEU KA 27 -3.03 -33.64 -86.39
CA LEU KA 27 -1.61 -33.49 -86.11
C LEU KA 27 -0.77 -34.19 -87.17
N ASN KA 28 -1.17 -35.40 -87.57
CA ASN KA 28 -0.42 -36.11 -88.61
C ASN KA 28 -0.46 -35.35 -89.92
N ILE KA 29 -1.63 -34.81 -90.28
CA ILE KA 29 -1.73 -34.02 -91.51
C ILE KA 29 -0.81 -32.80 -91.42
N LEU KA 30 -0.82 -32.12 -90.28
CA LEU KA 30 0.00 -30.92 -90.13
C LEU KA 30 1.48 -31.25 -90.20
N LYS KA 31 1.90 -32.33 -89.55
CA LYS KA 31 3.32 -32.68 -89.54
C LYS KA 31 3.79 -33.14 -90.91
N GLU KA 32 2.95 -33.88 -91.64
CA GLU KA 32 3.35 -34.25 -93.00
C GLU KA 32 3.38 -33.03 -93.92
N ASP KA 33 2.49 -32.06 -93.71
CA ASP KA 33 2.57 -30.81 -94.46
C ASP KA 33 3.87 -30.07 -94.14
N ILE KA 34 4.26 -30.03 -92.87
CA ILE KA 34 5.51 -29.38 -92.49
C ILE KA 34 6.70 -30.08 -93.13
N ASP KA 35 6.70 -31.41 -93.13
CA ASP KA 35 7.78 -32.16 -93.77
C ASP KA 35 7.82 -31.88 -95.27
N ASP KA 36 6.66 -31.83 -95.92
CA ASP KA 36 6.62 -31.53 -97.34
C ASP KA 36 7.14 -30.13 -97.63
N THR KA 37 6.79 -29.14 -96.80
CA THR KA 37 7.31 -27.79 -96.99
C THR KA 37 8.82 -27.75 -96.80
N PHE KA 38 9.33 -28.45 -95.78
CA PHE KA 38 10.77 -28.49 -95.56
C PHE KA 38 11.49 -29.14 -96.74
N ASN KA 39 10.89 -30.17 -97.33
CA ASN KA 39 11.43 -30.72 -98.56
C ASN KA 39 11.39 -29.70 -99.69
N GLN KA 40 10.31 -28.93 -99.77
CA GLN KA 40 10.22 -27.90 -100.80
C GLN KA 40 11.27 -26.82 -100.63
N LEU KA 41 11.77 -26.64 -99.41
CA LEU KA 41 12.82 -25.65 -99.19
C LEU KA 41 14.08 -25.98 -99.98
N PHE KA 42 14.46 -27.26 -100.00
CA PHE KA 42 15.66 -27.68 -100.73
C PHE KA 42 15.33 -27.92 -102.19
N VAL KA 43 16.30 -27.58 -103.05
CA VAL KA 43 16.09 -27.69 -104.49
C VAL KA 43 15.84 -29.13 -104.91
N ASP KA 44 16.65 -30.05 -104.39
CA ASP KA 44 16.54 -31.45 -104.79
C ASP KA 44 15.21 -32.05 -104.39
N THR KA 45 14.74 -31.74 -103.17
CA THR KA 45 13.51 -32.33 -102.66
C THR KA 45 12.27 -31.53 -103.02
N ALA KA 46 12.41 -30.36 -103.63
CA ALA KA 46 11.25 -29.57 -104.05
C ALA KA 46 10.68 -30.14 -105.35
N THR KA 47 9.35 -30.14 -105.44
CA THR KA 47 8.67 -30.61 -106.64
C THR KA 47 7.92 -29.48 -107.34
N TRP KA 48 7.00 -28.82 -106.66
CA TRP KA 48 6.25 -27.72 -107.25
C TRP KA 48 6.85 -26.35 -106.94
N GLY KA 49 7.88 -26.29 -106.09
CA GLY KA 49 8.52 -25.02 -105.80
C GLY KA 49 9.55 -24.57 -106.81
N LEU KA 50 9.89 -25.43 -107.76
CA LEU KA 50 10.89 -25.08 -108.77
C LEU KA 50 10.44 -23.94 -109.66
N ASP KA 51 9.14 -23.66 -109.72
CA ASP KA 51 8.65 -22.55 -110.53
C ASP KA 51 9.22 -21.23 -110.04
N MET KA 52 9.22 -21.01 -108.72
CA MET KA 52 9.78 -19.78 -108.19
C MET KA 52 11.30 -19.76 -108.28
N TRP KA 53 11.94 -20.93 -108.23
CA TRP KA 53 13.38 -20.98 -108.48
C TRP KA 53 13.69 -20.49 -109.89
N GLU KA 54 12.91 -20.95 -110.87
CA GLU KA 54 13.08 -20.49 -112.24
C GLU KA 54 12.78 -19.00 -112.36
N ASP KA 55 11.75 -18.53 -111.65
CA ASP KA 55 11.41 -17.11 -111.68
C ASP KA 55 12.55 -16.26 -111.14
N ILE KA 56 13.17 -16.70 -110.04
CA ILE KA 56 14.34 -16.02 -109.51
C ILE KA 56 15.47 -16.05 -110.54
N LEU KA 57 15.64 -17.18 -111.22
CA LEU KA 57 16.59 -17.27 -112.32
C LEU KA 57 16.18 -16.42 -113.51
N CYS KA 58 14.95 -15.90 -113.53
CA CYS KA 58 14.45 -15.03 -114.59
C CYS KA 58 14.42 -15.73 -115.94
N ILE KA 59 14.25 -17.05 -115.92
CA ILE KA 59 14.07 -17.84 -117.14
C ILE KA 59 12.74 -18.57 -117.03
N GLU KA 60 11.92 -18.48 -118.07
CA GLU KA 60 10.61 -19.09 -118.10
C GLU KA 60 10.65 -20.27 -119.07
N LYS KA 61 10.34 -21.46 -118.56
CA LYS KA 61 10.38 -22.68 -119.35
C LYS KA 61 9.14 -23.51 -119.03
N LYS KA 62 8.59 -24.15 -120.07
CA LYS KA 62 7.45 -25.04 -119.87
C LYS KA 62 7.84 -26.22 -118.99
N GLU KA 63 6.89 -26.66 -118.17
CA GLU KA 63 7.16 -27.76 -117.25
C GLU KA 63 7.35 -29.05 -118.02
N LEU KA 64 8.52 -29.67 -117.86
CA LEU KA 64 8.83 -30.95 -118.49
C LEU KA 64 9.06 -32.06 -117.49
N ASP KA 65 9.96 -31.85 -116.52
CA ASP KA 65 10.20 -32.84 -115.47
C ASP KA 65 10.85 -32.14 -114.28
N PHE KA 66 10.64 -32.70 -113.10
CA PHE KA 66 11.24 -32.15 -111.90
C PHE KA 66 12.75 -32.27 -111.94
N ASP KA 67 13.26 -33.45 -112.31
CA ASP KA 67 14.70 -33.62 -112.45
C ASP KA 67 15.26 -32.73 -113.55
N THR KA 68 14.53 -32.62 -114.68
CA THR KA 68 14.96 -31.73 -115.74
C THR KA 68 14.98 -30.28 -115.28
N ARG KA 69 13.97 -29.87 -114.50
CA ARG KA 69 13.94 -28.52 -113.97
C ARG KA 69 15.13 -28.26 -113.04
N ARG KA 70 15.45 -29.22 -112.17
CA ARG KA 70 16.60 -29.06 -111.28
C ARG KA 70 17.90 -29.00 -112.07
N SER KA 71 18.03 -29.83 -113.11
CA SER KA 71 19.22 -29.77 -113.95
C SER KA 71 19.34 -28.42 -114.65
N ASN KA 72 18.23 -27.89 -115.14
CA ASN KA 72 18.25 -26.57 -115.78
C ASN KA 72 18.62 -25.49 -114.78
N ILE KA 73 18.13 -25.59 -113.55
CA ILE KA 73 18.49 -24.63 -112.51
C ILE KA 73 20.00 -24.70 -112.23
N LYS KA 74 20.53 -25.91 -112.12
CA LYS KA 74 21.96 -26.07 -111.86
C LYS KA 74 22.79 -25.53 -113.02
N ALA KA 75 22.32 -25.73 -114.26
CA ALA KA 75 23.04 -25.22 -115.42
C ALA KA 75 23.00 -23.69 -115.47
N LYS KA 76 21.85 -23.10 -115.12
CA LYS KA 76 21.71 -21.65 -115.18
C LYS KA 76 22.68 -20.97 -114.21
N MET KA 77 22.76 -21.47 -112.99
CA MET KA 77 23.69 -20.90 -112.01
C MET KA 77 25.13 -21.21 -112.41
N ARG KA 78 25.99 -20.20 -112.25
CA ARG KA 78 27.39 -20.18 -112.70
C ARG KA 78 27.59 -20.95 -114.01
N SER KA 79 28.60 -21.81 -114.06
CA SER KA 79 28.91 -22.61 -115.26
C SER KA 79 29.09 -21.71 -116.47
N ARG KA 80 29.77 -20.59 -116.28
CA ARG KA 80 29.99 -19.61 -117.34
C ARG KA 80 31.48 -19.32 -117.44
N GLY KA 81 31.84 -18.50 -118.43
CA GLY KA 81 33.22 -18.09 -118.61
C GLY KA 81 34.03 -19.04 -119.45
N THR KA 82 34.65 -18.53 -120.50
CA THR KA 82 35.53 -19.32 -121.36
C THR KA 82 36.95 -19.18 -120.83
N SER KA 83 37.49 -20.28 -120.32
CA SER KA 83 38.83 -20.24 -119.72
C SER KA 83 39.88 -19.88 -120.75
N THR KA 84 39.79 -20.44 -121.96
CA THR KA 84 40.80 -20.23 -122.99
C THR KA 84 40.11 -20.11 -124.35
N ILE KA 85 40.92 -20.03 -125.40
CA ILE KA 85 40.40 -19.93 -126.75
C ILE KA 85 39.65 -21.21 -127.13
N GLU KA 86 40.13 -22.36 -126.66
CA GLU KA 86 39.57 -23.64 -127.06
C GLU KA 86 38.09 -23.74 -126.72
N VAL KA 87 37.65 -23.12 -125.63
CA VAL KA 87 36.23 -23.15 -125.27
C VAL KA 87 35.40 -22.49 -126.37
N ILE KA 88 35.81 -21.29 -126.78
CA ILE KA 88 35.08 -20.56 -127.82
C ILE KA 88 35.16 -21.32 -129.15
N LYS KA 89 36.32 -21.89 -129.45
CA LYS KA 89 36.46 -22.64 -130.69
C LYS KA 89 35.53 -23.85 -130.73
N SER KA 90 35.46 -24.59 -129.63
CA SER KA 90 34.59 -25.75 -129.56
C SER KA 90 33.12 -25.36 -129.61
N ILE KA 91 32.76 -24.23 -128.99
CA ILE KA 91 31.38 -23.78 -129.03
C ILE KA 91 31.00 -23.35 -130.45
N CYS KA 92 31.92 -22.67 -131.15
CA CYS KA 92 31.64 -22.15 -132.48
C CYS KA 92 31.62 -23.25 -133.54
N GLU KA 93 32.51 -24.24 -133.42
CA GLU KA 93 32.56 -25.29 -134.43
C GLU KA 93 31.29 -26.13 -134.46
N ALA KA 94 30.54 -26.16 -133.36
CA ALA KA 94 29.24 -26.82 -133.39
C ALA KA 94 28.29 -26.12 -134.35
N TYR KA 95 28.28 -24.78 -134.33
CA TYR KA 95 27.45 -24.04 -135.28
C TYR KA 95 27.99 -24.15 -136.69
N THR KA 96 29.32 -24.02 -136.86
CA THR KA 96 29.89 -24.06 -138.20
C THR KA 96 29.90 -25.47 -138.77
N LYS KA 97 29.91 -26.50 -137.90
CA LYS KA 97 29.95 -27.90 -138.31
C LYS KA 97 31.18 -28.19 -139.18
N SER KA 98 32.28 -27.50 -138.92
CA SER KA 98 33.51 -27.69 -139.67
C SER KA 98 34.67 -27.17 -138.84
N GLU KA 99 35.88 -27.58 -139.22
CA GLU KA 99 37.07 -27.13 -138.53
C GLU KA 99 37.26 -25.63 -138.73
N THR KA 100 37.78 -24.96 -137.71
CA THR KA 100 38.02 -23.52 -137.76
C THR KA 100 39.42 -23.22 -137.26
N ASP KA 101 40.20 -22.49 -138.05
CA ASP KA 101 41.53 -22.05 -137.67
C ASP KA 101 41.49 -20.57 -137.29
N ILE KA 102 42.37 -20.20 -136.36
CA ILE KA 102 42.37 -18.86 -135.77
C ILE KA 102 43.71 -18.19 -136.04
N LYS KA 103 43.66 -16.93 -136.46
CA LYS KA 103 44.84 -16.08 -136.60
C LYS KA 103 44.65 -14.87 -135.70
N VAL KA 104 45.16 -14.95 -134.48
CA VAL KA 104 44.94 -13.92 -133.47
C VAL KA 104 46.26 -13.22 -133.20
N TYR KA 105 46.23 -11.89 -133.25
CA TYR KA 105 47.40 -11.06 -132.99
C TYR KA 105 47.14 -10.24 -131.73
N SER KA 106 48.06 -10.32 -130.77
CA SER KA 106 47.91 -9.52 -129.55
C SER KA 106 47.99 -8.03 -129.88
N ASP KA 107 48.90 -7.63 -130.77
CA ASP KA 107 48.97 -6.24 -131.19
C ASP KA 107 47.69 -5.80 -131.88
N GLU KA 108 47.15 -6.64 -132.76
CA GLU KA 108 45.91 -6.32 -133.45
C GLU KA 108 44.67 -6.50 -132.58
N PHE KA 109 44.75 -7.33 -131.53
CA PHE KA 109 43.59 -7.69 -130.73
C PHE KA 109 42.46 -8.25 -131.60
N THR KA 110 42.84 -8.89 -132.70
CA THR KA 110 41.90 -9.28 -133.75
C THR KA 110 41.70 -10.79 -133.74
N PHE KA 111 40.43 -11.20 -133.76
CA PHE KA 111 40.05 -12.60 -133.85
C PHE KA 111 39.42 -12.86 -135.22
N VAL KA 112 39.80 -13.97 -135.83
CA VAL KA 112 39.27 -14.34 -137.15
C VAL KA 112 38.95 -15.82 -137.14
N LEU KA 113 37.81 -16.18 -137.75
CA LEU KA 113 37.36 -17.56 -137.84
C LEU KA 113 37.10 -17.88 -139.30
N SER KA 114 37.76 -18.92 -139.80
CA SER KA 114 37.61 -19.36 -141.18
C SER KA 114 36.81 -20.66 -141.22
N PHE KA 115 35.82 -20.72 -142.10
CA PHE KA 115 34.92 -21.85 -142.18
C PHE KA 115 34.41 -21.98 -143.61
N ILE KA 116 33.97 -23.19 -143.96
CA ILE KA 116 33.44 -23.44 -145.29
C ILE KA 116 32.09 -22.78 -145.43
N ALA KA 117 31.91 -21.99 -146.49
CA ALA KA 117 30.66 -21.27 -146.69
C ALA KA 117 29.50 -22.21 -146.96
N ASN KA 118 29.75 -23.29 -147.71
CA ASN KA 118 28.67 -24.19 -148.09
C ASN KA 118 28.13 -24.97 -146.90
N ASN KA 119 28.94 -25.16 -145.86
CA ASN KA 119 28.51 -25.97 -144.72
C ASN KA 119 27.50 -25.22 -143.85
N CYS KA 120 27.73 -23.94 -143.62
CA CYS KA 120 26.95 -23.16 -142.66
C CYS KA 120 26.18 -22.06 -143.40
N ASP KA 121 24.89 -21.97 -143.13
CA ASP KA 121 24.01 -21.04 -143.83
C ASP KA 121 24.20 -19.62 -143.30
N TYR KA 122 23.65 -18.65 -144.04
CA TYR KA 122 23.82 -17.24 -143.68
C TYR KA 122 23.13 -16.91 -142.36
N LYS KA 123 21.89 -17.35 -142.17
CA LYS KA 123 21.14 -17.00 -140.98
C LYS KA 123 21.77 -17.62 -139.73
N THR KA 124 22.13 -18.90 -139.79
CA THR KA 124 22.80 -19.52 -138.66
C THR KA 124 24.19 -18.95 -138.45
N LEU KA 125 24.85 -18.50 -139.53
CA LEU KA 125 26.12 -17.79 -139.37
C LEU KA 125 25.93 -16.50 -138.57
N LEU KA 126 24.88 -15.74 -138.89
CA LEU KA 126 24.60 -14.51 -138.15
C LEU KA 126 24.27 -14.82 -136.69
N ASP KA 127 23.50 -15.87 -136.45
CA ASP KA 127 23.17 -16.25 -135.07
C ASP KA 127 24.43 -16.65 -134.31
N CYS KA 128 25.31 -17.41 -134.94
CA CYS KA 128 26.55 -17.81 -134.29
C CYS KA 128 27.44 -16.61 -134.02
N SER KA 129 27.49 -15.65 -134.96
CA SER KA 129 28.28 -14.44 -134.74
C SER KA 129 27.73 -13.62 -133.59
N ASP KA 130 26.39 -13.50 -133.50
CA ASP KA 130 25.79 -12.78 -132.39
C ASP KA 130 26.10 -13.47 -131.06
N MET KA 131 26.01 -14.79 -131.02
CA MET KA 131 26.35 -15.54 -129.81
C MET KA 131 27.81 -15.33 -129.45
N ILE KA 132 28.71 -15.37 -130.43
CA ILE KA 132 30.12 -15.15 -130.17
C ILE KA 132 30.33 -13.77 -129.57
N GLU KA 133 29.77 -12.74 -130.21
CA GLU KA 133 29.87 -11.38 -129.66
C GLU KA 133 29.33 -11.32 -128.24
N ARG KA 134 28.25 -12.06 -127.97
CA ARG KA 134 27.75 -12.19 -126.61
C ARG KA 134 28.80 -12.79 -125.69
N VAL KA 135 29.68 -13.64 -126.23
CA VAL KA 135 30.73 -14.26 -125.44
C VAL KA 135 32.07 -13.54 -125.65
N LYS KA 136 32.30 -13.05 -126.86
CA LYS KA 136 33.60 -12.49 -127.22
C LYS KA 136 33.83 -11.15 -126.50
N PRO KA 137 35.05 -10.87 -126.04
CA PRO KA 137 35.27 -9.66 -125.23
C PRO KA 137 35.02 -8.38 -126.01
N ALA KA 138 34.67 -7.33 -125.29
CA ALA KA 138 34.32 -6.06 -125.92
C ALA KA 138 35.49 -5.49 -126.72
N HIS KA 139 36.70 -5.53 -126.15
CA HIS KA 139 37.86 -5.02 -126.86
C HIS KA 139 38.21 -5.87 -128.07
N LEU KA 140 38.18 -7.18 -127.92
CA LEU KA 140 38.46 -8.07 -129.04
C LEU KA 140 37.38 -7.92 -130.12
N LEU KA 141 37.76 -8.24 -131.35
CA LEU KA 141 36.83 -8.23 -132.47
C LEU KA 141 37.00 -9.52 -133.25
N HIS KA 142 35.90 -10.25 -133.43
CA HIS KA 142 35.92 -11.52 -134.13
C HIS KA 142 35.48 -11.32 -135.57
N TYR KA 143 36.16 -12.00 -136.48
CA TYR KA 143 35.86 -11.92 -137.92
C TYR KA 143 35.38 -13.28 -138.39
N LEU KA 144 34.20 -13.30 -139.00
CA LEU KA 144 33.67 -14.51 -139.62
C LEU KA 144 34.08 -14.52 -141.09
N GLU KA 145 34.81 -15.56 -141.48
CA GLU KA 145 35.35 -15.65 -142.83
C GLU KA 145 34.84 -16.92 -143.52
N PRO KA 146 33.97 -16.80 -144.52
CA PRO KA 146 33.51 -18.00 -145.24
C PRO KA 146 34.50 -18.38 -146.34
N ILE KA 147 34.95 -19.63 -146.33
CA ILE KA 147 35.89 -20.10 -147.32
C ILE KA 147 35.18 -20.23 -148.67
N ILE KA 148 35.75 -19.64 -149.70
CA ILE KA 148 35.18 -19.67 -151.04
C ILE KA 148 35.70 -20.88 -151.80
N LEU LA 16 -15.57 1.79 -52.08
CA LEU LA 16 -17.00 2.06 -51.95
C LEU LA 16 -17.90 1.08 -52.73
N PRO LA 17 -17.61 0.81 -54.00
CA PRO LA 17 -18.43 -0.16 -54.73
C PRO LA 17 -18.36 -1.54 -54.10
N LYS LA 18 -19.50 -2.24 -54.10
CA LYS LA 18 -19.56 -3.58 -53.54
C LYS LA 18 -18.91 -4.58 -54.48
N THR LA 19 -18.48 -5.70 -53.90
CA THR LA 19 -17.86 -6.76 -54.68
C THR LA 19 -18.84 -7.36 -55.66
N GLU LA 20 -18.39 -7.54 -56.91
CA GLU LA 20 -19.23 -8.13 -57.94
C GLU LA 20 -19.38 -9.62 -57.69
N GLU LA 21 -20.62 -10.10 -57.74
CA GLU LA 21 -20.89 -11.51 -57.51
C GLU LA 21 -20.29 -12.37 -58.62
N LEU LA 22 -19.83 -13.56 -58.26
CA LEU LA 22 -19.29 -14.48 -59.24
C LEU LA 22 -20.42 -15.05 -60.08
N PRO LA 23 -20.34 -14.96 -61.40
CA PRO LA 23 -21.40 -15.53 -62.24
C PRO LA 23 -21.47 -17.04 -62.11
N ILE LA 24 -22.67 -17.59 -62.37
CA ILE LA 24 -22.89 -19.02 -62.21
C ILE LA 24 -21.95 -19.79 -63.11
N PHE LA 25 -21.24 -20.76 -62.54
CA PHE LA 25 -20.30 -21.58 -63.28
C PHE LA 25 -21.09 -22.68 -64.00
N ARG LA 26 -21.04 -22.68 -65.32
CA ARG LA 26 -21.74 -23.66 -66.14
C ARG LA 26 -20.73 -24.50 -66.90
N GLU LA 27 -20.99 -25.80 -66.97
CA GLU LA 27 -20.11 -26.76 -67.64
C GLU LA 27 -20.88 -28.07 -67.76
N VAL LA 28 -20.18 -29.11 -68.25
CA VAL LA 28 -20.80 -30.42 -68.41
C VAL LA 28 -21.11 -31.01 -67.04
N ALA LA 29 -21.96 -32.03 -67.05
CA ALA LA 29 -22.36 -32.72 -65.83
C ALA LA 29 -22.37 -34.22 -66.06
N TRP LA 30 -22.23 -34.97 -64.96
CA TRP LA 30 -22.31 -36.43 -65.00
C TRP LA 30 -22.46 -36.93 -63.58
N ASP LA 31 -22.75 -38.22 -63.46
CA ASP LA 31 -22.81 -38.86 -62.15
C ASP LA 31 -21.41 -39.07 -61.61
N PHE LA 32 -21.16 -38.60 -60.38
CA PHE LA 32 -19.84 -38.75 -59.78
C PHE LA 32 -19.49 -40.22 -59.55
N GLU LA 33 -20.50 -41.06 -59.32
CA GLU LA 33 -20.25 -42.49 -59.19
C GLU LA 33 -20.01 -43.16 -60.54
N LYS LA 34 -20.65 -42.67 -61.59
CA LYS LA 34 -20.46 -43.24 -62.92
C LYS LA 34 -19.06 -42.92 -63.45
N ASP LA 35 -18.55 -41.73 -63.17
CA ASP LA 35 -17.26 -41.25 -63.65
C ASP LA 35 -17.19 -41.15 -65.17
N GLU LA 36 -18.35 -41.12 -65.82
CA GLU LA 36 -18.43 -40.98 -67.27
C GLU LA 36 -19.42 -39.87 -67.61
N PRO LA 37 -19.10 -39.01 -68.58
CA PRO LA 37 -20.00 -37.90 -68.91
C PRO LA 37 -21.36 -38.40 -69.39
N ILE LA 38 -22.40 -37.67 -68.99
CA ILE LA 38 -23.77 -38.01 -69.33
C ILE LA 38 -24.28 -36.99 -70.34
N LEU LA 39 -25.21 -37.42 -71.19
CA LEU LA 39 -25.77 -36.58 -72.24
C LEU LA 39 -27.29 -36.62 -72.14
N GLU LA 40 -27.90 -35.43 -72.02
CA GLU LA 40 -29.35 -35.30 -72.05
C GLU LA 40 -29.76 -34.93 -73.49
N LYS LA 41 -30.41 -35.88 -74.18
CA LYS LA 41 -30.82 -35.76 -75.58
C LYS LA 41 -29.72 -35.14 -76.44
N GLY LA 42 -28.46 -35.43 -76.12
CA GLY LA 42 -27.33 -34.86 -76.81
C GLY LA 42 -26.73 -33.63 -76.15
N ASP LA 43 -27.39 -33.07 -75.14
CA ASP LA 43 -26.89 -31.90 -74.44
C ASP LA 43 -26.38 -32.32 -73.06
N PHE LA 44 -25.15 -31.91 -72.73
CA PHE LA 44 -24.64 -32.16 -71.39
C PHE LA 44 -25.50 -31.44 -70.36
N LYS LA 45 -25.75 -32.11 -69.24
CA LYS LA 45 -26.61 -31.54 -68.21
C LYS LA 45 -26.04 -30.23 -67.68
N ILE LA 46 -26.92 -29.25 -67.52
CA ILE LA 46 -26.51 -27.92 -67.08
C ILE LA 46 -26.28 -27.93 -65.57
N ILE LA 47 -25.18 -27.31 -65.15
CA ILE LA 47 -24.82 -27.20 -63.75
C ILE LA 47 -24.91 -25.73 -63.32
N GLU LA 48 -25.67 -25.47 -62.26
CA GLU LA 48 -25.86 -24.13 -61.74
C GLU LA 48 -25.92 -24.19 -60.22
N LYS LA 49 -25.61 -23.06 -59.59
CA LYS LA 49 -25.63 -22.91 -58.13
C LYS LA 49 -24.68 -23.95 -57.54
N LYS LA 50 -25.14 -24.85 -56.67
CA LYS LA 50 -24.28 -25.88 -56.10
C LYS LA 50 -24.32 -27.14 -56.96
N GLU LA 51 -23.82 -27.00 -58.17
CA GLU LA 51 -23.58 -28.13 -59.05
C GLU LA 51 -22.19 -28.13 -59.65
N ALA LA 52 -21.65 -26.94 -59.96
CA ALA LA 52 -20.34 -26.86 -60.59
C ALA LA 52 -19.22 -27.11 -59.59
N LEU LA 53 -19.39 -26.64 -58.35
CA LEU LA 53 -18.31 -26.74 -57.38
C LEU LA 53 -18.02 -28.18 -57.00
N LYS LA 54 -19.05 -29.03 -56.93
CA LYS LA 54 -18.81 -30.45 -56.68
C LYS LA 54 -17.98 -31.07 -57.79
N VAL LA 55 -18.28 -30.75 -59.04
CA VAL LA 55 -17.51 -31.27 -60.17
C VAL LA 55 -16.07 -30.78 -60.10
N TRP LA 56 -15.88 -29.49 -59.78
CA TRP LA 56 -14.53 -28.94 -59.70
C TRP LA 56 -13.73 -29.62 -58.60
N ILE LA 57 -14.33 -29.81 -57.43
CA ILE LA 57 -13.63 -30.46 -56.32
C ILE LA 57 -13.32 -31.90 -56.67
N TYR LA 58 -14.26 -32.60 -57.31
CA TYR LA 58 -14.01 -33.98 -57.72
C TYR LA 58 -12.85 -34.06 -58.68
N LYS LA 59 -12.82 -33.17 -59.68
CA LYS LA 59 -11.72 -33.17 -60.64
C LYS LA 59 -10.38 -32.85 -59.97
N CYS LA 60 -10.37 -31.88 -59.05
CA CYS LA 60 -9.12 -31.49 -58.40
C CYS LA 60 -8.60 -32.62 -57.51
N ILE LA 61 -9.47 -33.24 -56.73
CA ILE LA 61 -9.03 -34.28 -55.79
C ILE LA 61 -8.64 -35.54 -56.53
N LYS LA 62 -9.39 -35.90 -57.58
CA LYS LA 62 -9.22 -37.20 -58.22
C LYS LA 62 -7.82 -37.39 -58.79
N THR LA 63 -7.29 -36.38 -59.46
CA THR LA 63 -6.02 -36.49 -60.15
C THR LA 63 -5.05 -35.42 -59.67
N ASN LA 64 -3.79 -35.82 -59.49
CA ASN LA 64 -2.74 -34.90 -59.12
C ASN LA 64 -2.19 -34.19 -60.35
N ARG LA 65 -1.73 -32.95 -60.15
CA ARG LA 65 -1.17 -32.20 -61.26
C ARG LA 65 0.23 -32.71 -61.63
N TYR LA 66 1.03 -33.08 -60.64
CA TYR LA 66 2.42 -33.45 -60.91
C TYR LA 66 2.53 -34.68 -61.79
N GLU LA 67 1.45 -35.44 -61.93
CA GLU LA 67 1.46 -36.57 -62.87
C GLU LA 67 1.32 -36.10 -64.32
N HIS LA 68 0.55 -35.03 -64.56
CA HIS LA 68 0.24 -34.58 -65.91
C HIS LA 68 0.84 -33.20 -66.13
N GLU LA 69 1.68 -33.08 -67.17
CA GLU LA 69 2.37 -31.83 -67.43
C GLU LA 69 1.44 -30.72 -67.92
N ILE LA 70 0.26 -31.07 -68.43
CA ILE LA 70 -0.60 -30.07 -69.04
C ILE LA 70 -1.16 -29.11 -68.01
N TYR LA 71 -1.50 -29.60 -66.82
CA TYR LA 71 -2.18 -28.78 -65.83
C TYR LA 71 -1.23 -27.74 -65.22
N SER LA 72 -1.83 -26.66 -64.74
CA SER LA 72 -1.07 -25.58 -64.12
C SER LA 72 -0.52 -26.02 -62.77
N LEU LA 73 0.61 -25.41 -62.38
CA LEU LA 73 1.31 -25.83 -61.16
C LEU LA 73 0.45 -25.66 -59.92
N GLU LA 74 -0.35 -24.59 -59.86
CA GLU LA 74 -1.20 -24.37 -58.70
C GLU LA 74 -2.24 -25.48 -58.52
N TYR LA 75 -2.63 -26.11 -59.62
CA TYR LA 75 -3.58 -27.22 -59.56
C TYR LA 75 -2.94 -28.45 -58.92
N GLY LA 76 -3.78 -29.38 -58.48
CA GLY LA 76 -3.32 -30.66 -58.02
C GLY LA 76 -3.34 -30.79 -56.50
N THR LA 77 -3.33 -32.04 -56.05
CA THR LA 77 -3.29 -32.37 -54.63
C THR LA 77 -2.27 -33.46 -54.39
N GLU LA 78 -1.74 -33.51 -53.17
CA GLU LA 78 -0.72 -34.47 -52.78
C GLU LA 78 -1.26 -35.52 -51.82
N LEU LA 79 -2.57 -35.80 -51.88
CA LEU LA 79 -3.15 -36.84 -51.05
C LEU LA 79 -2.70 -38.23 -51.50
N SER LA 80 -2.45 -38.41 -52.80
CA SER LA 80 -2.02 -39.71 -53.30
C SER LA 80 -0.63 -40.09 -52.80
N GLU LA 81 0.16 -39.11 -52.33
CA GLU LA 81 1.42 -39.45 -51.69
C GLU LA 81 1.21 -40.27 -50.43
N LEU LA 82 0.18 -39.91 -49.64
CA LEU LA 82 -0.16 -40.70 -48.47
C LEU LA 82 -0.72 -42.07 -48.84
N ILE LA 83 -1.18 -42.24 -50.08
CA ILE LA 83 -1.66 -43.55 -50.53
C ILE LA 83 -0.49 -44.50 -50.65
N GLY LA 84 -0.64 -45.70 -50.10
CA GLY LA 84 0.42 -46.66 -50.04
C GLY LA 84 1.07 -46.82 -48.68
N GLN LA 85 0.55 -46.15 -47.65
CA GLN LA 85 1.02 -46.26 -46.27
C GLN LA 85 2.51 -45.89 -46.17
N LYS LA 86 2.76 -44.60 -46.41
CA LYS LA 86 4.10 -44.05 -46.25
C LYS LA 86 4.35 -43.50 -44.85
N TYR LA 87 3.32 -43.40 -44.01
CA TYR LA 87 3.49 -42.92 -42.64
C TYR LA 87 2.28 -43.34 -41.82
N THR LA 88 2.42 -43.25 -40.50
CA THR LA 88 1.36 -43.63 -39.59
C THR LA 88 0.16 -42.70 -39.71
N LYS LA 89 -1.00 -43.20 -39.26
CA LYS LA 89 -2.25 -42.47 -39.44
C LYS LA 89 -2.38 -41.27 -38.51
N GLY LA 90 -1.74 -41.32 -37.33
CA GLY LA 90 -2.02 -40.34 -36.30
C GLY LA 90 -1.73 -38.92 -36.74
N LEU LA 91 -0.57 -38.69 -37.37
CA LEU LA 91 -0.23 -37.36 -37.85
C LEU LA 91 -0.69 -37.13 -39.29
N THR LA 92 -0.73 -38.19 -40.11
CA THR LA 92 -1.22 -38.02 -41.47
C THR LA 92 -2.69 -37.65 -41.52
N GLU LA 93 -3.44 -37.85 -40.44
CA GLU LA 93 -4.80 -37.31 -40.40
C GLU LA 93 -4.79 -35.80 -40.55
N SER LA 94 -4.02 -35.11 -39.70
CA SER LA 94 -3.91 -33.66 -39.80
C SER LA 94 -3.19 -33.25 -41.08
N GLU LA 95 -2.21 -34.04 -41.51
CA GLU LA 95 -1.51 -33.72 -42.76
C GLU LA 95 -2.46 -33.76 -43.95
N ALA LA 96 -3.33 -34.76 -44.01
CA ALA LA 96 -4.31 -34.85 -45.08
C ALA LA 96 -5.36 -33.76 -44.97
N SER LA 97 -5.75 -33.39 -43.75
CA SER LA 97 -6.63 -32.24 -43.57
C SER LA 97 -6.02 -30.99 -44.19
N ARG LA 98 -4.74 -30.75 -43.89
CA ARG LA 98 -4.05 -29.59 -44.45
C ARG LA 98 -3.93 -29.70 -45.96
N PHE LA 99 -3.66 -30.90 -46.48
CA PHE LA 99 -3.56 -31.10 -47.91
C PHE LA 99 -4.88 -30.77 -48.61
N ILE LA 100 -5.99 -31.24 -48.04
CA ILE LA 100 -7.31 -30.95 -48.60
C ILE LA 100 -7.58 -29.45 -48.56
N LYS LA 101 -7.23 -28.80 -47.44
CA LYS LA 101 -7.42 -27.36 -47.35
C LYS LA 101 -6.62 -26.62 -48.42
N GLU LA 102 -5.38 -27.03 -48.63
CA GLU LA 102 -4.57 -26.41 -49.67
C GLU LA 102 -5.16 -26.65 -51.06
N ALA LA 103 -5.66 -27.87 -51.29
CA ALA LA 103 -6.13 -28.22 -52.63
C ALA LA 103 -7.48 -27.60 -52.96
N LEU LA 104 -8.30 -27.30 -51.96
CA LEU LA 104 -9.67 -26.87 -52.24
C LEU LA 104 -9.88 -25.37 -52.10
N LEU LA 105 -9.12 -24.68 -51.26
CA LEU LA 105 -9.30 -23.23 -51.12
C LEU LA 105 -8.69 -22.44 -52.27
N ILE LA 106 -8.02 -23.10 -53.22
CA ILE LA 106 -7.52 -22.40 -54.39
C ILE LA 106 -8.67 -21.87 -55.25
N ASN LA 107 -9.81 -22.54 -55.23
CA ASN LA 107 -10.96 -22.10 -56.02
C ASN LA 107 -11.52 -20.81 -55.43
N PRO LA 108 -11.69 -19.75 -56.23
CA PRO LA 108 -12.28 -18.51 -55.70
C PRO LA 108 -13.70 -18.70 -55.20
N TYR LA 109 -14.47 -19.61 -55.80
CA TYR LA 109 -15.85 -19.84 -55.37
C TYR LA 109 -15.91 -20.34 -53.93
N ILE LA 110 -15.04 -21.27 -53.57
CA ILE LA 110 -15.07 -21.89 -52.25
C ILE LA 110 -14.52 -20.93 -51.23
N LEU LA 111 -15.19 -20.83 -50.07
CA LEU LA 111 -14.77 -19.94 -49.00
C LEU LA 111 -13.83 -20.64 -48.03
N GLU LA 112 -14.27 -21.74 -47.42
CA GLU LA 112 -13.45 -22.46 -46.46
C GLU LA 112 -13.82 -23.94 -46.48
N VAL LA 113 -12.89 -24.76 -46.00
CA VAL LA 113 -13.06 -26.21 -45.95
C VAL LA 113 -12.70 -26.69 -44.55
N ASN LA 114 -13.56 -27.53 -43.97
CA ASN LA 114 -13.38 -28.02 -42.62
C ASN LA 114 -13.36 -29.55 -42.62
N VAL LA 115 -12.46 -30.12 -41.83
CA VAL LA 115 -12.32 -31.57 -41.69
C VAL LA 115 -12.67 -31.94 -40.26
N LYS LA 116 -13.61 -32.89 -40.10
CA LYS LA 116 -14.09 -33.24 -38.77
C LYS LA 116 -13.16 -34.23 -38.07
N SER LA 117 -13.03 -35.44 -38.63
CA SER LA 117 -12.26 -36.50 -37.99
C SER LA 117 -12.01 -37.61 -39.01
N ALA LA 118 -11.35 -38.67 -38.55
CA ALA LA 118 -11.05 -39.84 -39.36
C ALA LA 118 -11.40 -41.10 -38.58
N ASN LA 119 -11.83 -42.14 -39.28
CA ASN LA 119 -12.24 -43.39 -38.68
C ASN LA 119 -11.28 -44.50 -39.05
N PHE LA 120 -10.74 -45.19 -38.04
CA PHE LA 120 -9.77 -46.26 -38.25
C PHE LA 120 -10.51 -47.60 -38.23
N ASN LA 121 -10.41 -48.32 -39.34
CA ASN LA 121 -11.00 -49.67 -39.43
C ASN LA 121 -10.34 -50.40 -40.60
N ARG LA 122 -9.66 -51.50 -40.28
CA ARG LA 122 -9.03 -52.38 -41.28
C ARG LA 122 -8.10 -51.53 -42.15
N ASP LA 123 -8.17 -51.61 -43.48
CA ASP LA 123 -7.33 -50.83 -44.36
C ASP LA 123 -8.10 -49.71 -45.07
N ILE LA 124 -9.30 -49.38 -44.59
CA ILE LA 124 -10.14 -48.35 -45.21
C ILE LA 124 -10.34 -47.24 -44.20
N LEU LA 125 -9.87 -46.04 -44.55
CA LEU LA 125 -9.99 -44.86 -43.70
C LEU LA 125 -11.11 -43.98 -44.22
N SER LA 126 -12.06 -43.67 -43.33
CA SER LA 126 -13.17 -42.79 -43.65
C SER LA 126 -13.03 -41.51 -42.85
N ALA LA 127 -13.16 -40.37 -43.53
CA ALA LA 127 -13.04 -39.06 -42.91
C ALA LA 127 -14.18 -38.17 -43.37
N ASN LA 128 -14.59 -37.27 -42.49
CA ASN LA 128 -15.67 -36.33 -42.77
C ASN LA 128 -15.08 -34.94 -42.97
N VAL LA 129 -15.34 -34.37 -44.15
CA VAL LA 129 -14.81 -33.07 -44.53
C VAL LA 129 -15.98 -32.19 -44.96
N LYS LA 130 -15.88 -30.90 -44.66
CA LYS LA 130 -16.97 -29.95 -44.87
C LYS LA 130 -16.58 -28.91 -45.90
N VAL LA 131 -17.57 -28.44 -46.66
CA VAL LA 131 -17.39 -27.44 -47.71
C VAL LA 131 -18.32 -26.27 -47.44
N SER LA 132 -17.79 -25.05 -47.48
CA SER LA 132 -18.57 -23.83 -47.38
C SER LA 132 -18.59 -23.15 -48.74
N THR LA 133 -19.77 -22.70 -49.17
CA THR LA 133 -19.98 -22.16 -50.50
C THR LA 133 -20.60 -20.76 -50.40
N ILE LA 134 -20.78 -20.14 -51.57
CA ILE LA 134 -21.30 -18.77 -51.63
C ILE LA 134 -22.79 -18.75 -51.89
N TYR LA 135 -23.28 -19.54 -52.86
CA TYR LA 135 -24.71 -19.57 -53.14
C TYR LA 135 -25.41 -20.53 -52.19
N PRO MA 6 52.62 -56.34 -7.46
CA PRO MA 6 53.00 -54.96 -7.18
C PRO MA 6 52.76 -54.01 -8.35
N SER MA 7 52.70 -54.57 -9.56
CA SER MA 7 52.43 -53.80 -10.77
C SER MA 7 50.98 -53.99 -11.16
N ILE MA 8 50.21 -52.89 -11.11
CA ILE MA 8 48.78 -52.91 -11.37
C ILE MA 8 48.47 -51.79 -12.36
N ASN MA 9 47.42 -51.98 -13.17
CA ASN MA 9 47.13 -51.10 -14.29
C ASN MA 9 45.66 -50.71 -14.28
N ILE MA 10 45.34 -49.62 -14.97
CA ILE MA 10 43.97 -49.22 -15.24
C ILE MA 10 43.53 -49.90 -16.53
N SER MA 11 42.60 -50.84 -16.42
CA SER MA 11 42.10 -51.59 -17.57
C SER MA 11 40.64 -51.24 -17.79
N PHE MA 12 40.39 -50.36 -18.77
CA PHE MA 12 39.05 -49.88 -19.07
C PHE MA 12 38.62 -50.40 -20.42
N LYS MA 13 37.43 -51.00 -20.47
CA LYS MA 13 36.88 -51.62 -21.67
C LYS MA 13 35.53 -51.00 -21.96
N GLU MA 14 35.39 -50.46 -23.17
CA GLU MA 14 34.20 -49.67 -23.51
C GLU MA 14 32.95 -50.54 -23.56
N LEU MA 15 31.81 -49.93 -23.28
CA LEU MA 15 30.51 -50.59 -23.27
C LEU MA 15 29.53 -49.76 -24.07
N ALA MA 16 28.81 -50.40 -24.98
CA ALA MA 16 27.82 -49.75 -25.83
C ALA MA 16 26.44 -50.34 -25.55
N THR MA 17 25.45 -49.47 -25.40
CA THR MA 17 24.08 -49.87 -25.11
C THR MA 17 23.19 -49.53 -26.30
N THR MA 18 22.44 -50.52 -26.77
CA THR MA 18 21.51 -50.34 -27.88
C THR MA 18 20.08 -50.48 -27.35
N VAL MA 19 19.28 -49.43 -27.56
CA VAL MA 19 17.88 -49.46 -27.12
C VAL MA 19 17.10 -50.49 -27.94
N LYS MA 20 17.44 -50.64 -29.21
CA LYS MA 20 16.79 -51.57 -30.12
C LYS MA 20 17.69 -52.76 -30.37
N GLU MA 21 17.15 -53.97 -30.19
CA GLU MA 21 17.88 -55.20 -30.43
C GLU MA 21 17.33 -55.88 -31.68
N ARG MA 22 18.22 -56.24 -32.59
CA ARG MA 22 17.85 -56.81 -33.88
C ARG MA 22 18.25 -58.28 -33.92
N SER MA 23 17.33 -59.13 -34.39
CA SER MA 23 17.57 -60.56 -34.47
C SER MA 23 16.82 -61.13 -35.67
N ALA MA 24 17.56 -61.81 -36.55
CA ALA MA 24 16.99 -62.52 -37.70
C ALA MA 24 16.13 -61.61 -38.56
N ARG MA 25 16.69 -60.44 -38.91
CA ARG MA 25 16.00 -59.48 -39.77
C ARG MA 25 16.94 -59.01 -40.86
N GLY MA 26 16.38 -58.76 -42.04
CA GLY MA 26 17.16 -58.26 -43.15
C GLY MA 26 18.11 -59.26 -43.77
N ILE MA 27 17.87 -60.55 -43.57
CA ILE MA 27 18.74 -61.60 -44.10
C ILE MA 27 18.26 -62.00 -45.49
N ILE MA 28 19.20 -62.12 -46.41
CA ILE MA 28 18.92 -62.58 -47.77
C ILE MA 28 19.72 -63.85 -48.01
N ALA MA 29 19.02 -64.92 -48.40
CA ALA MA 29 19.64 -66.19 -48.72
C ALA MA 29 19.75 -66.31 -50.23
N MET MA 30 20.98 -66.44 -50.74
CA MET MA 30 21.24 -66.50 -52.17
C MET MA 30 21.98 -67.79 -52.47
N VAL MA 31 21.44 -68.58 -53.39
CA VAL MA 31 22.07 -69.82 -53.85
C VAL MA 31 22.06 -69.81 -55.37
N LEU MA 32 23.22 -70.04 -55.98
CA LEU MA 32 23.35 -70.02 -57.42
C LEU MA 32 24.17 -71.23 -57.87
N LYS MA 33 23.89 -71.69 -59.09
CA LYS MA 33 24.52 -72.88 -59.65
C LYS MA 33 25.68 -72.45 -60.53
N ASP MA 34 26.90 -72.60 -60.02
CA ASP MA 34 28.11 -72.30 -60.77
C ASP MA 34 29.13 -73.41 -60.51
N ALA MA 35 29.91 -73.72 -61.54
CA ALA MA 35 30.92 -74.78 -61.46
C ALA MA 35 32.30 -74.27 -61.08
N LYS MA 36 32.44 -72.97 -60.80
CA LYS MA 36 33.74 -72.37 -60.53
C LYS MA 36 33.95 -72.03 -59.07
N ALA MA 37 33.01 -71.33 -58.43
CA ALA MA 37 33.18 -70.93 -57.04
C ALA MA 37 33.00 -72.12 -56.11
N LEU MA 38 31.81 -72.71 -56.10
CA LEU MA 38 31.48 -73.88 -55.28
C LEU MA 38 31.78 -73.61 -53.80
N GLY MA 39 31.07 -72.64 -53.24
CA GLY MA 39 31.26 -72.30 -51.84
C GLY MA 39 30.29 -71.22 -51.42
N LEU MA 40 30.33 -70.92 -50.12
CA LEU MA 40 29.47 -69.90 -49.53
C LEU MA 40 30.25 -68.60 -49.37
N ASN MA 41 29.59 -67.49 -49.71
CA ASN MA 41 30.17 -66.17 -49.62
C ASN MA 41 29.19 -65.23 -48.94
N GLU MA 42 29.56 -64.70 -47.79
CA GLU MA 42 28.75 -63.71 -47.08
C GLU MA 42 29.26 -62.33 -47.44
N ILE MA 43 28.38 -61.50 -48.00
CA ILE MA 43 28.75 -60.18 -48.49
C ILE MA 43 28.17 -59.16 -47.52
N HIS MA 44 29.06 -58.43 -46.83
CA HIS MA 44 28.68 -57.36 -45.93
C HIS MA 44 29.03 -55.98 -46.44
N GLU MA 45 29.95 -55.89 -47.40
CA GLU MA 45 30.35 -54.63 -48.02
C GLU MA 45 29.94 -54.64 -49.48
N LYS MA 46 29.45 -53.51 -49.97
CA LYS MA 46 29.01 -53.39 -51.36
C LYS MA 46 30.19 -53.61 -52.31
N GLU MA 47 29.86 -53.72 -53.60
CA GLU MA 47 30.79 -53.93 -54.70
C GLU MA 47 31.84 -55.00 -54.39
N ASP MA 48 31.47 -55.98 -53.58
CA ASP MA 48 32.33 -57.12 -53.28
C ASP MA 48 31.90 -58.28 -54.17
N ILE MA 49 32.65 -58.49 -55.25
CA ILE MA 49 32.31 -59.47 -56.26
C ILE MA 49 33.45 -60.48 -56.37
N PRO MA 50 33.21 -61.76 -56.09
CA PRO MA 50 34.24 -62.77 -56.38
C PRO MA 50 34.42 -62.96 -57.88
N VAL MA 51 35.66 -63.20 -58.29
CA VAL MA 51 35.96 -63.38 -59.70
C VAL MA 51 35.38 -64.69 -60.23
N ASP MA 52 35.09 -65.65 -59.35
CA ASP MA 52 34.59 -66.94 -59.80
C ASP MA 52 33.17 -66.86 -60.37
N LEU MA 53 32.35 -65.98 -59.83
CA LEU MA 53 30.94 -65.95 -60.20
C LEU MA 53 30.76 -65.43 -61.63
N SER MA 54 29.71 -65.92 -62.28
CA SER MA 54 29.45 -65.59 -63.67
C SER MA 54 28.81 -64.21 -63.80
N ALA MA 55 28.67 -63.76 -65.05
CA ALA MA 55 28.09 -62.46 -65.32
C ALA MA 55 26.63 -62.40 -64.90
N GLU MA 56 25.87 -63.47 -65.16
CA GLU MA 56 24.46 -63.50 -64.74
C GLU MA 56 24.35 -63.51 -63.23
N ASN MA 57 25.22 -64.27 -62.55
CA ASN MA 57 25.25 -64.25 -61.10
C ASN MA 57 25.65 -62.88 -60.57
N LYS MA 58 26.59 -62.20 -61.24
CA LYS MA 58 26.94 -60.84 -60.87
C LYS MA 58 25.75 -59.90 -61.03
N GLU MA 59 24.97 -60.08 -62.09
CA GLU MA 59 23.76 -59.28 -62.27
C GLU MA 59 22.76 -59.54 -61.16
N TYR MA 60 22.61 -60.80 -60.75
CA TYR MA 60 21.75 -61.13 -59.61
C TYR MA 60 22.22 -60.42 -58.35
N ILE MA 61 23.53 -60.45 -58.10
CA ILE MA 61 24.08 -59.79 -56.91
C ILE MA 61 23.82 -58.29 -56.98
N ASN MA 62 24.03 -57.68 -58.14
CA ASN MA 62 23.80 -56.25 -58.30
C ASN MA 62 22.34 -55.90 -58.06
N LEU MA 63 21.42 -56.72 -58.58
CA LEU MA 63 20.01 -56.50 -58.31
C LEU MA 63 19.71 -56.59 -56.82
N ALA MA 64 20.32 -57.56 -56.13
CA ALA MA 64 20.13 -57.68 -54.70
C ALA MA 64 20.81 -56.57 -53.91
N LEU MA 65 21.72 -55.83 -54.54
CA LEU MA 65 22.53 -54.85 -53.80
C LEU MA 65 21.67 -53.71 -53.28
N MET MA 66 20.87 -53.08 -54.14
CA MET MA 66 20.15 -51.88 -53.75
C MET MA 66 18.75 -52.21 -53.26
N GLY MA 67 18.22 -51.34 -52.40
CA GLY MA 67 16.87 -51.46 -51.92
C GLY MA 67 16.12 -50.15 -52.13
N ASN MA 68 14.82 -50.19 -51.83
CA ASN MA 68 13.98 -49.02 -52.03
C ASN MA 68 14.41 -47.87 -51.11
N VAL MA 69 14.60 -48.16 -49.83
CA VAL MA 69 14.94 -47.15 -48.84
C VAL MA 69 16.37 -47.35 -48.32
N ASN MA 70 16.72 -48.58 -47.97
CA ASN MA 70 18.03 -48.88 -47.42
C ASN MA 70 18.60 -50.12 -48.09
N THR MA 71 19.93 -50.19 -48.13
CA THR MA 71 20.59 -51.39 -48.60
C THR MA 71 20.29 -52.54 -47.64
N PRO MA 72 20.03 -53.75 -48.14
CA PRO MA 72 19.78 -54.89 -47.25
C PRO MA 72 20.95 -55.10 -46.30
N ASN MA 73 20.61 -55.43 -45.05
CA ASN MA 73 21.62 -55.48 -44.00
C ASN MA 73 22.66 -56.56 -44.27
N LYS MA 74 22.21 -57.76 -44.63
CA LYS MA 74 23.12 -58.88 -44.85
C LYS MA 74 22.74 -59.58 -46.15
N LEU MA 75 23.74 -59.85 -46.98
CA LEU MA 75 23.58 -60.63 -48.20
C LEU MA 75 24.48 -61.85 -48.12
N LEU MA 76 23.87 -63.04 -48.15
CA LEU MA 76 24.59 -64.30 -48.02
C LEU MA 76 24.40 -65.09 -49.30
N VAL MA 77 25.51 -65.50 -49.90
CA VAL MA 77 25.50 -66.19 -51.19
C VAL MA 77 26.24 -67.51 -51.03
N TYR MA 78 25.62 -68.58 -51.54
CA TYR MA 78 26.25 -69.90 -51.56
C TYR MA 78 26.29 -70.42 -53.00
N VAL MA 79 27.37 -71.10 -53.35
CA VAL MA 79 27.60 -71.59 -54.70
C VAL MA 79 27.85 -73.09 -54.64
N ILE MA 80 27.16 -73.84 -55.50
CA ILE MA 80 27.43 -75.26 -55.68
C ILE MA 80 26.94 -75.65 -57.07
N GLU MA 81 27.36 -76.81 -57.55
CA GLU MA 81 26.93 -77.31 -58.84
C GLU MA 81 25.42 -77.50 -58.87
N GLY MA 82 24.84 -77.36 -60.06
CA GLY MA 82 23.39 -77.46 -60.19
C GLY MA 82 22.85 -78.82 -59.77
N GLU MA 83 23.60 -79.88 -60.02
CA GLU MA 83 23.19 -81.21 -59.58
C GLU MA 83 23.24 -81.29 -58.06
N ALA MA 84 22.18 -81.86 -57.47
CA ALA MA 84 22.05 -81.99 -56.02
C ALA MA 84 22.15 -80.64 -55.32
N ASP MA 85 21.66 -79.57 -55.98
CA ASP MA 85 21.73 -78.24 -55.39
C ASP MA 85 20.73 -78.09 -54.25
N ILE MA 86 19.55 -78.70 -54.40
CA ILE MA 86 18.47 -78.49 -53.43
C ILE MA 86 18.84 -79.05 -52.06
N GLN MA 87 19.45 -80.24 -52.03
CA GLN MA 87 19.81 -80.85 -50.74
C GLN MA 87 20.83 -80.01 -49.99
N THR MA 88 21.89 -79.58 -50.69
CA THR MA 88 22.92 -78.79 -50.03
C THR MA 88 22.39 -77.41 -49.63
N ALA MA 89 21.51 -76.83 -50.46
CA ALA MA 89 20.90 -75.55 -50.10
C ALA MA 89 20.06 -75.69 -48.83
N LEU MA 90 19.28 -76.76 -48.73
CA LEU MA 90 18.50 -77.00 -47.52
C LEU MA 90 19.40 -77.20 -46.32
N ASP MA 91 20.49 -77.97 -46.47
CA ASP MA 91 21.40 -78.19 -45.36
C ASP MA 91 22.04 -76.89 -44.90
N PHE MA 92 22.47 -76.05 -45.85
CA PHE MA 92 23.11 -74.79 -45.48
C PHE MA 92 22.12 -73.83 -44.84
N LEU MA 93 20.89 -73.78 -45.34
CA LEU MA 93 19.88 -72.91 -44.73
C LEU MA 93 19.49 -73.41 -43.34
N GLU MA 94 19.54 -74.72 -43.12
CA GLU MA 94 19.39 -75.25 -41.76
C GLU MA 94 20.57 -74.83 -40.89
N THR MA 95 21.79 -74.84 -41.44
CA THR MA 95 22.96 -74.47 -40.67
C THR MA 95 22.92 -73.01 -40.23
N LYS MA 96 22.53 -72.12 -41.13
CA LYS MA 96 22.52 -70.69 -40.86
C LYS MA 96 21.14 -70.12 -41.15
N GLU MA 97 20.59 -69.37 -40.19
CA GLU MA 97 19.25 -68.83 -40.33
C GLU MA 97 19.20 -67.77 -41.43
N PHE MA 98 18.01 -67.60 -42.01
CA PHE MA 98 17.79 -66.65 -43.08
C PHE MA 98 16.39 -66.08 -42.97
N ASN MA 99 16.18 -64.95 -43.64
CA ASN MA 99 14.88 -64.28 -43.65
C ASN MA 99 14.15 -64.45 -44.98
N TYR MA 100 14.85 -64.34 -46.10
CA TYR MA 100 14.24 -64.47 -47.41
C TYR MA 100 15.10 -65.35 -48.30
N LEU MA 101 14.46 -66.05 -49.22
CA LEU MA 101 15.13 -67.02 -50.08
C LEU MA 101 14.74 -66.79 -51.53
N CYS MA 102 15.70 -67.00 -52.44
CA CYS MA 102 15.45 -66.87 -53.87
C CYS MA 102 16.41 -67.78 -54.62
N MET MA 103 15.96 -68.26 -55.78
CA MET MA 103 16.74 -69.18 -56.61
C MET MA 103 16.65 -68.75 -58.06
N PRO MA 104 17.78 -68.50 -58.74
CA PRO MA 104 17.72 -68.09 -60.15
C PRO MA 104 17.08 -69.12 -61.07
N LYS MA 105 17.31 -70.40 -60.82
CA LYS MA 105 16.86 -71.47 -61.71
C LYS MA 105 15.97 -72.46 -60.97
N ALA MA 106 15.04 -71.95 -60.17
CA ALA MA 106 14.13 -72.80 -59.42
C ALA MA 106 13.05 -73.34 -60.37
N VAL MA 107 13.08 -74.65 -60.61
CA VAL MA 107 12.06 -75.29 -61.44
C VAL MA 107 10.83 -75.53 -60.58
N GLU MA 108 9.72 -75.91 -61.21
CA GLU MA 108 8.47 -76.10 -60.47
C GLU MA 108 8.62 -77.15 -59.38
N ALA MA 109 9.30 -78.26 -59.68
CA ALA MA 109 9.57 -79.26 -58.65
C ALA MA 109 10.46 -78.70 -57.56
N ASP MA 110 11.48 -77.93 -57.94
CA ASP MA 110 12.35 -77.32 -56.95
C ASP MA 110 11.59 -76.31 -56.09
N LYS MA 111 10.72 -75.51 -56.72
CA LYS MA 111 9.91 -74.56 -55.96
C LYS MA 111 8.97 -75.28 -54.99
N THR MA 112 8.36 -76.37 -55.45
CA THR MA 112 7.47 -77.14 -54.57
C THR MA 112 8.24 -77.74 -53.39
N ALA MA 113 9.43 -78.28 -53.65
CA ALA MA 113 10.24 -78.83 -52.56
C ALA MA 113 10.66 -77.74 -51.59
N ILE MA 114 11.02 -76.57 -52.11
CA ILE MA 114 11.41 -75.44 -51.25
C ILE MA 114 10.22 -75.04 -50.37
N LYS MA 115 9.03 -74.92 -50.96
CA LYS MA 115 7.86 -74.54 -50.19
C LYS MA 115 7.53 -75.58 -49.13
N ASN MA 116 7.64 -76.86 -49.48
CA ASN MA 116 7.37 -77.91 -48.50
C ASN MA 116 8.35 -77.85 -47.34
N TRP MA 117 9.63 -77.64 -47.64
CA TRP MA 117 10.63 -77.52 -46.58
C TRP MA 117 10.35 -76.30 -45.71
N ILE MA 118 9.99 -75.17 -46.33
CA ILE MA 118 9.73 -73.94 -45.59
C ILE MA 118 8.54 -74.12 -44.65
N ILE MA 119 7.46 -74.71 -45.16
CA ILE MA 119 6.26 -74.88 -44.34
C ILE MA 119 6.52 -75.92 -43.25
N LYS MA 120 7.31 -76.95 -43.54
CA LYS MA 120 7.66 -77.92 -42.51
C LYS MA 120 8.46 -77.25 -41.39
N LEU MA 121 9.41 -76.40 -41.75
CA LEU MA 121 10.15 -75.64 -40.74
C LEU MA 121 9.19 -74.79 -39.91
N ARG MA 122 8.34 -74.01 -40.57
CA ARG MA 122 7.46 -73.09 -39.87
C ARG MA 122 6.45 -73.81 -38.98
N ASP MA 123 6.09 -75.05 -39.34
CA ASP MA 123 5.05 -75.77 -38.61
C ASP MA 123 5.58 -76.72 -37.56
N ILE MA 124 6.82 -77.19 -37.67
CA ILE MA 124 7.37 -78.13 -36.70
C ILE MA 124 8.54 -77.49 -35.98
N ASP MA 125 9.53 -77.01 -36.74
CA ASP MA 125 10.71 -76.40 -36.14
C ASP MA 125 10.43 -75.04 -35.54
N LYS MA 126 9.24 -74.47 -35.79
CA LYS MA 126 8.87 -73.15 -35.28
C LYS MA 126 9.87 -72.08 -35.71
N VAL MA 127 10.40 -72.24 -36.92
CA VAL MA 127 11.35 -71.28 -37.50
C VAL MA 127 10.61 -70.49 -38.56
N LYS MA 128 10.44 -69.19 -38.32
CA LYS MA 128 9.67 -68.32 -39.20
C LYS MA 128 10.59 -67.84 -40.33
N VAL MA 129 10.43 -68.44 -41.51
CA VAL MA 129 11.22 -68.11 -42.68
C VAL MA 129 10.30 -67.85 -43.85
N LYS MA 130 10.81 -67.09 -44.83
CA LYS MA 130 10.04 -66.68 -46.00
C LYS MA 130 10.84 -66.97 -47.25
N ALA MA 131 10.13 -67.24 -48.35
CA ALA MA 131 10.75 -67.51 -49.64
C ALA MA 131 9.99 -66.78 -50.73
N VAL MA 132 10.71 -66.34 -51.75
CA VAL MA 132 10.14 -65.65 -52.90
C VAL MA 132 10.29 -66.54 -54.11
N LEU MA 133 9.16 -66.85 -54.77
CA LEU MA 133 9.15 -67.78 -55.89
C LEU MA 133 8.35 -67.18 -57.05
N GLY MA 134 8.68 -67.62 -58.26
CA GLY MA 134 8.10 -67.06 -59.46
C GLY MA 134 6.67 -67.46 -59.75
N LYS MA 135 6.42 -68.77 -59.88
CA LYS MA 135 5.10 -69.28 -60.23
C LYS MA 135 4.78 -70.47 -59.31
N VAL MA 136 4.16 -70.18 -58.17
CA VAL MA 136 3.78 -71.20 -57.21
C VAL MA 136 2.35 -70.93 -56.75
N VAL MA 137 1.51 -71.96 -56.81
CA VAL MA 137 0.11 -71.85 -56.39
C VAL MA 137 -0.09 -72.47 -55.01
N GLY MA 138 0.97 -72.57 -54.21
CA GLY MA 138 0.89 -73.26 -52.94
C GLY MA 138 -0.06 -72.59 -51.96
N ASN MA 139 -0.43 -73.36 -50.94
CA ASN MA 139 -1.46 -72.97 -49.98
C ASN MA 139 -0.86 -72.46 -48.67
N HIS MA 140 0.25 -71.73 -48.72
CA HIS MA 140 0.88 -71.18 -47.54
C HIS MA 140 1.20 -69.70 -47.75
N GLU MA 141 1.13 -68.94 -46.66
CA GLU MA 141 1.38 -67.50 -46.69
C GLU MA 141 2.85 -67.14 -46.54
N GLY MA 142 3.69 -68.08 -46.07
CA GLY MA 142 5.10 -67.78 -45.91
C GLY MA 142 5.85 -67.65 -47.21
N ILE MA 143 5.35 -68.25 -48.28
CA ILE MA 143 5.97 -68.13 -49.60
C ILE MA 143 5.42 -66.90 -50.30
N ILE MA 144 6.20 -66.37 -51.23
CA ILE MA 144 5.82 -65.19 -52.02
C ILE MA 144 5.82 -65.58 -53.49
N ASN MA 145 4.69 -65.33 -54.16
CA ASN MA 145 4.50 -65.69 -55.55
C ASN MA 145 4.40 -64.41 -56.37
N PHE MA 146 5.36 -64.22 -57.27
CA PHE MA 146 5.42 -63.04 -58.14
C PHE MA 146 5.22 -63.51 -59.57
N THR MA 147 3.98 -63.47 -60.04
CA THR MA 147 3.63 -63.91 -61.39
C THR MA 147 3.47 -62.68 -62.27
N THR MA 148 4.58 -62.22 -62.84
CA THR MA 148 4.58 -61.10 -63.77
C THR MA 148 5.55 -61.46 -64.89
N GLU MA 149 5.02 -61.79 -66.06
CA GLU MA 149 5.81 -62.26 -67.18
C GLU MA 149 6.22 -61.12 -68.09
N ASP MA 150 7.23 -61.39 -68.92
CA ASP MA 150 7.75 -60.44 -69.91
C ASP MA 150 8.18 -59.13 -69.25
N VAL MA 151 8.84 -59.24 -68.10
CA VAL MA 151 9.30 -58.06 -67.38
C VAL MA 151 10.63 -57.61 -67.96
N LEU MA 152 10.74 -56.32 -68.27
CA LEU MA 152 11.97 -55.72 -68.77
C LEU MA 152 12.33 -54.52 -67.89
N VAL MA 153 13.57 -54.48 -67.43
CA VAL MA 153 14.07 -53.42 -66.56
C VAL MA 153 15.26 -52.77 -67.24
N GLY MA 154 15.23 -51.45 -67.39
CA GLY MA 154 16.32 -50.74 -68.02
C GLY MA 154 16.54 -51.18 -69.46
N GLU MA 155 15.45 -51.24 -70.24
CA GLU MA 155 15.45 -51.72 -71.63
C GLU MA 155 16.24 -53.01 -71.79
N LYS MA 156 16.25 -53.83 -70.75
CA LYS MA 156 16.94 -55.11 -70.75
C LYS MA 156 15.94 -56.20 -70.37
N LYS MA 157 15.94 -57.29 -71.13
CA LYS MA 157 15.05 -58.41 -70.83
C LYS MA 157 15.48 -59.07 -69.53
N TYR MA 158 14.51 -59.31 -68.63
CA TYR MA 158 14.77 -59.93 -67.35
C TYR MA 158 13.86 -61.14 -67.18
N SER MA 159 14.43 -62.23 -66.66
CA SER MA 159 13.62 -63.40 -66.36
C SER MA 159 12.78 -63.14 -65.12
N VAL MA 160 11.81 -64.04 -64.88
CA VAL MA 160 10.93 -63.89 -63.73
C VAL MA 160 11.72 -63.98 -62.44
N ASP MA 161 12.62 -64.96 -62.34
CA ASP MA 161 13.38 -65.17 -61.12
C ASP MA 161 14.32 -63.99 -60.82
N GLU MA 162 14.88 -63.37 -61.86
CA GLU MA 162 15.72 -62.19 -61.66
C GLU MA 162 14.94 -61.09 -60.95
N PHE MA 163 13.73 -60.80 -61.43
CA PHE MA 163 12.96 -59.73 -60.82
C PHE MA 163 12.40 -60.14 -59.47
N THR MA 164 12.12 -61.43 -59.26
CA THR MA 164 11.73 -61.86 -57.91
C THR MA 164 12.86 -61.63 -56.92
N SER MA 165 14.10 -61.95 -57.31
CA SER MA 165 15.23 -61.66 -56.45
C SER MA 165 15.39 -60.17 -56.22
N ARG MA 166 15.20 -59.36 -57.26
CA ARG MA 166 15.28 -57.91 -57.12
C ARG MA 166 14.23 -57.40 -56.13
N VAL MA 167 13.00 -57.90 -56.24
CA VAL MA 167 11.92 -57.46 -55.36
C VAL MA 167 12.17 -57.93 -53.94
N ALA MA 168 12.71 -59.13 -53.77
CA ALA MA 168 13.05 -59.61 -52.42
C ALA MA 168 14.11 -58.72 -51.79
N GLY MA 169 15.14 -58.35 -52.57
CA GLY MA 169 16.15 -57.44 -52.05
C GLY MA 169 15.57 -56.08 -51.71
N LEU MA 170 14.66 -55.58 -52.54
CA LEU MA 170 14.01 -54.31 -52.26
C LEU MA 170 13.18 -54.37 -50.98
N ILE MA 171 12.45 -55.47 -50.79
CA ILE MA 171 11.63 -55.63 -49.58
C ILE MA 171 12.52 -55.74 -48.36
N ALA MA 172 13.68 -56.38 -48.49
CA ALA MA 172 14.62 -56.45 -47.39
C ALA MA 172 15.03 -55.06 -46.91
N GLY MA 173 15.14 -54.10 -47.84
CA GLY MA 173 15.42 -52.73 -47.48
C GLY MA 173 14.22 -51.89 -47.13
N THR MA 174 13.02 -52.47 -47.18
CA THR MA 174 11.81 -51.72 -46.87
C THR MA 174 11.62 -51.63 -45.37
N PRO MA 175 11.49 -50.43 -44.81
CA PRO MA 175 11.24 -50.30 -43.37
C PRO MA 175 9.85 -50.80 -43.00
N LEU MA 176 9.69 -51.17 -41.73
CA LEU MA 176 8.42 -51.70 -41.25
C LEU MA 176 7.34 -50.64 -41.23
N SER MA 177 7.70 -49.39 -40.94
CA SER MA 177 6.70 -48.31 -40.97
C SER MA 177 6.15 -48.13 -42.37
N GLN MA 178 7.00 -48.19 -43.38
CA GLN MA 178 6.56 -48.08 -44.77
C GLN MA 178 5.89 -49.38 -45.21
N SER MA 179 5.06 -49.27 -46.24
CA SER MA 179 4.38 -50.41 -46.84
C SER MA 179 4.86 -50.59 -48.27
N VAL MA 180 4.98 -51.85 -48.69
CA VAL MA 180 5.44 -52.15 -50.04
C VAL MA 180 4.42 -51.74 -51.10
N THR MA 181 3.18 -51.45 -50.70
CA THR MA 181 2.16 -51.08 -51.65
C THR MA 181 2.49 -49.73 -52.29
N TYR MA 182 2.29 -49.65 -53.62
CA TYR MA 182 2.49 -48.42 -54.38
C TYR MA 182 3.92 -47.89 -54.24
N THR MA 183 4.90 -48.80 -54.29
CA THR MA 183 6.30 -48.41 -54.32
C THR MA 183 6.80 -48.45 -55.76
N LYS MA 184 7.22 -47.30 -56.28
CA LYS MA 184 7.59 -47.16 -57.67
C LYS MA 184 9.03 -47.57 -57.90
N LEU MA 185 9.29 -48.09 -59.09
CA LEU MA 185 10.63 -48.49 -59.51
C LEU MA 185 11.08 -47.61 -60.67
N SER MA 186 12.17 -46.88 -60.45
CA SER MA 186 12.72 -46.03 -61.51
C SER MA 186 13.46 -46.82 -62.56
N ASP MA 187 14.11 -47.92 -62.16
CA ASP MA 187 14.87 -48.73 -63.12
C ASP MA 187 13.95 -49.36 -64.16
N VAL MA 188 12.78 -49.84 -63.75
CA VAL MA 188 11.84 -50.44 -64.69
C VAL MA 188 11.29 -49.35 -65.60
N VAL MA 189 11.48 -49.51 -66.91
CA VAL MA 189 11.08 -48.51 -67.89
C VAL MA 189 10.09 -49.07 -68.91
N ASP MA 190 10.29 -50.29 -69.37
CA ASP MA 190 9.47 -50.88 -70.42
C ASP MA 190 8.76 -52.10 -69.88
N ILE MA 191 7.43 -52.08 -69.93
CA ILE MA 191 6.62 -53.26 -69.58
C ILE MA 191 5.50 -53.41 -70.58
N PRO MA 192 5.06 -54.65 -70.81
CA PRO MA 192 3.90 -54.86 -71.69
C PRO MA 192 2.66 -54.18 -71.12
N LYS MA 193 1.86 -53.60 -72.02
CA LYS MA 193 0.69 -52.87 -71.59
C LYS MA 193 -0.37 -53.83 -71.05
N MET MA 194 -0.91 -53.50 -69.87
CA MET MA 194 -1.95 -54.30 -69.25
C MET MA 194 -3.13 -53.39 -68.91
N THR MA 195 -4.33 -53.96 -68.91
CA THR MA 195 -5.51 -53.20 -68.55
C THR MA 195 -5.69 -53.16 -67.04
N LYS MA 196 -6.44 -52.17 -66.58
CA LYS MA 196 -6.71 -52.04 -65.15
C LYS MA 196 -7.52 -53.23 -64.64
N VAL MA 197 -8.48 -53.70 -65.43
CA VAL MA 197 -9.30 -54.84 -65.03
C VAL MA 197 -8.43 -56.09 -64.87
N ASP MA 198 -7.53 -56.32 -65.83
CA ASP MA 198 -6.66 -57.49 -65.75
C ASP MA 198 -5.75 -57.41 -64.53
N ALA MA 199 -5.20 -56.22 -64.26
CA ALA MA 199 -4.34 -56.05 -63.08
C ALA MA 199 -5.12 -56.30 -61.79
N GLU MA 200 -6.34 -55.78 -61.72
CA GLU MA 200 -7.16 -56.00 -60.52
C GLU MA 200 -7.48 -57.48 -60.35
N SER MA 201 -7.80 -58.16 -61.44
CA SER MA 201 -8.08 -59.60 -61.36
C SER MA 201 -6.85 -60.37 -60.91
N ARG MA 202 -5.67 -60.01 -61.44
CA ARG MA 202 -4.45 -60.68 -61.03
C ARG MA 202 -4.16 -60.44 -59.55
N VAL MA 203 -4.38 -59.22 -59.07
CA VAL MA 203 -4.15 -58.94 -57.65
C VAL MA 203 -5.13 -59.73 -56.79
N ASN MA 204 -6.41 -59.77 -57.17
CA ASN MA 204 -7.39 -60.54 -56.43
C ASN MA 204 -7.08 -62.02 -56.42
N LYS MA 205 -6.28 -62.50 -57.38
CA LYS MA 205 -5.82 -63.88 -57.37
C LYS MA 205 -4.70 -64.13 -56.37
N GLY MA 206 -4.20 -63.08 -55.72
CA GLY MA 206 -3.11 -63.22 -54.78
C GLY MA 206 -1.72 -63.08 -55.39
N GLU MA 207 -1.63 -62.52 -56.59
CA GLU MA 207 -0.36 -62.39 -57.29
C GLU MA 207 0.18 -60.97 -57.15
N LEU MA 208 1.51 -60.87 -57.16
CA LEU MA 208 2.20 -59.58 -57.12
C LEU MA 208 2.60 -59.20 -58.53
N ILE MA 209 2.17 -58.01 -58.98
CA ILE MA 209 2.40 -57.54 -60.33
C ILE MA 209 2.80 -56.07 -60.31
N LEU MA 210 3.31 -55.61 -61.45
CA LEU MA 210 3.70 -54.22 -61.63
C LEU MA 210 2.62 -53.48 -62.41
N ILE MA 211 2.33 -52.25 -61.99
CA ILE MA 211 1.35 -51.40 -62.67
C ILE MA 211 1.98 -50.04 -62.91
N LYS MA 212 1.52 -49.37 -63.97
CA LYS MA 212 1.97 -48.03 -64.32
C LYS MA 212 0.96 -47.04 -63.77
N GLU MA 213 1.25 -46.47 -62.61
CA GLU MA 213 0.33 -45.56 -61.93
C GLU MA 213 1.11 -44.40 -61.33
N ALA MA 214 0.43 -43.25 -61.23
CA ALA MA 214 1.02 -42.02 -60.68
C ALA MA 214 2.28 -41.63 -61.43
N GLY MA 215 2.26 -41.82 -62.76
CA GLY MA 215 3.42 -41.49 -63.58
C GLY MA 215 4.65 -42.30 -63.26
N ALA MA 216 4.49 -43.56 -62.85
CA ALA MA 216 5.61 -44.41 -62.50
C ALA MA 216 5.14 -45.85 -62.52
N ILE MA 217 6.12 -46.75 -62.49
CA ILE MA 217 5.85 -48.19 -62.48
C ILE MA 217 6.00 -48.69 -61.05
N ARG MA 218 4.90 -49.16 -60.47
CA ARG MA 218 4.88 -49.60 -59.09
C ARG MA 218 4.07 -50.89 -58.99
N ILE MA 219 4.13 -51.52 -57.82
CA ILE MA 219 3.34 -52.71 -57.56
C ILE MA 219 1.99 -52.31 -56.98
N ALA MA 220 0.95 -53.07 -57.31
CA ALA MA 220 -0.40 -52.68 -56.95
C ALA MA 220 -0.69 -52.95 -55.48
N ARG MA 221 -0.14 -54.01 -54.92
CA ARG MA 221 -0.46 -54.42 -53.56
C ARG MA 221 0.71 -55.19 -52.96
N GLY MA 222 0.57 -55.53 -51.68
CA GLY MA 222 1.58 -56.31 -50.99
C GLY MA 222 0.99 -57.50 -50.25
N VAL MA 223 -0.05 -58.09 -50.83
CA VAL MA 223 -0.74 -59.23 -50.22
C VAL MA 223 0.15 -60.47 -50.28
N ASN MA 224 -0.16 -61.47 -49.48
CA ASN MA 224 0.59 -62.71 -49.46
C ASN MA 224 0.24 -63.57 -50.67
N SER MA 225 1.10 -64.55 -50.94
CA SER MA 225 0.84 -65.49 -52.03
C SER MA 225 -0.30 -66.45 -51.71
N LEU MA 226 -0.68 -66.57 -50.44
CA LEU MA 226 -1.72 -67.50 -50.05
C LEU MA 226 -3.08 -66.98 -50.49
N THR MA 227 -3.74 -67.72 -51.39
CA THR MA 227 -5.06 -67.32 -51.87
C THR MA 227 -6.14 -67.58 -50.83
N GLU MA 228 -6.06 -68.72 -50.14
CA GLU MA 228 -7.12 -69.16 -49.23
C GLU MA 228 -6.63 -69.01 -47.79
N LEU MA 229 -7.13 -67.99 -47.11
CA LEU MA 229 -6.91 -67.82 -45.68
C LEU MA 229 -8.13 -68.34 -44.93
N THR MA 230 -7.88 -69.14 -43.90
CA THR MA 230 -8.97 -69.74 -43.15
C THR MA 230 -9.76 -68.67 -42.39
N ALA MA 231 -10.85 -69.10 -41.77
CA ALA MA 231 -11.74 -68.16 -41.08
C ALA MA 231 -11.02 -67.45 -39.94
N GLU MA 232 -10.15 -68.16 -39.22
CA GLU MA 232 -9.42 -67.55 -38.12
C GLU MA 232 -8.40 -66.53 -38.61
N LYS MA 233 -7.73 -66.81 -39.73
CA LYS MA 233 -6.63 -65.96 -40.19
C LYS MA 233 -7.11 -64.56 -40.54
N GLY MA 234 -8.23 -64.46 -41.26
CA GLY MA 234 -8.82 -63.17 -41.53
C GLY MA 234 -8.12 -62.39 -42.62
N GLU MA 235 -8.57 -61.14 -42.79
CA GLU MA 235 -8.05 -60.28 -43.85
C GLU MA 235 -6.61 -59.88 -43.58
N MET MA 236 -6.27 -59.58 -42.32
CA MET MA 236 -4.93 -59.09 -42.02
C MET MA 236 -3.86 -60.14 -42.30
N PHE MA 237 -4.20 -61.42 -42.13
CA PHE MA 237 -3.23 -62.47 -42.44
C PHE MA 237 -3.03 -62.65 -43.94
N GLN MA 238 -3.84 -61.98 -44.77
CA GLN MA 238 -3.60 -61.95 -46.21
C GLN MA 238 -2.53 -60.95 -46.59
N LYS MA 239 -1.94 -60.24 -45.63
CA LYS MA 239 -0.91 -59.25 -45.89
C LYS MA 239 0.43 -59.73 -45.34
N ILE MA 240 1.48 -59.57 -46.15
CA ILE MA 240 2.82 -59.95 -45.70
C ILE MA 240 3.29 -59.05 -44.57
N LYS MA 241 2.78 -57.82 -44.50
CA LYS MA 241 3.24 -56.89 -43.47
C LYS MA 241 2.91 -57.40 -42.06
N ILE MA 242 1.70 -57.94 -41.88
CA ILE MA 242 1.32 -58.46 -40.57
C ILE MA 242 2.16 -59.68 -40.21
N VAL MA 243 2.28 -60.64 -41.14
CA VAL MA 243 3.00 -61.87 -40.84
C VAL MA 243 4.47 -61.58 -40.60
N ASP MA 244 5.01 -60.52 -41.21
CA ASP MA 244 6.42 -60.18 -40.99
C ASP MA 244 6.66 -59.80 -39.54
N THR MA 245 5.86 -58.88 -39.00
CA THR MA 245 6.06 -58.47 -37.62
C THR MA 245 5.70 -59.59 -36.65
N LEU MA 246 4.70 -60.41 -36.99
CA LEU MA 246 4.39 -61.56 -36.13
C LEU MA 246 5.58 -62.53 -36.08
N ASP MA 247 6.19 -62.80 -37.23
CA ASP MA 247 7.35 -63.68 -37.26
C ASP MA 247 8.53 -63.09 -36.50
N ILE MA 248 8.73 -61.78 -36.62
CA ILE MA 248 9.82 -61.12 -35.91
C ILE MA 248 9.61 -61.24 -34.40
N ILE MA 249 8.38 -61.00 -33.94
CA ILE MA 249 8.08 -61.13 -32.51
C ILE MA 249 8.29 -62.57 -32.06
N HIS MA 250 7.83 -63.53 -32.86
CA HIS MA 250 8.04 -64.95 -32.54
C HIS MA 250 9.52 -65.25 -32.39
N SER MA 251 10.33 -64.83 -33.36
CA SER MA 251 11.75 -65.12 -33.33
C SER MA 251 12.43 -64.48 -32.12
N ASP MA 252 12.08 -63.23 -31.82
CA ASP MA 252 12.69 -62.55 -30.68
C ASP MA 252 12.32 -63.22 -29.37
N ILE MA 253 11.05 -63.59 -29.20
CA ILE MA 253 10.63 -64.25 -27.97
C ILE MA 253 11.32 -65.59 -27.82
N ARG MA 254 11.37 -66.38 -28.90
CA ARG MA 254 12.04 -67.67 -28.84
C ARG MA 254 13.53 -67.50 -28.51
N LYS MA 255 14.18 -66.51 -29.12
CA LYS MA 255 15.59 -66.28 -28.88
C LYS MA 255 15.84 -65.92 -27.42
N VAL MA 256 15.05 -65.00 -26.87
CA VAL MA 256 15.28 -64.58 -25.49
C VAL MA 256 14.97 -65.72 -24.53
N ILE MA 257 13.94 -66.52 -24.83
CA ILE MA 257 13.61 -67.65 -23.97
C ILE MA 257 14.75 -68.66 -23.96
N ILE MA 258 15.28 -68.99 -25.14
CA ILE MA 258 16.39 -69.92 -25.21
C ILE MA 258 17.63 -69.36 -24.54
N ASP MA 259 17.85 -68.05 -24.64
CA ASP MA 259 19.03 -67.45 -24.04
C ASP MA 259 18.96 -67.46 -22.52
N ASP MA 260 17.78 -67.20 -21.95
CA ASP MA 260 17.68 -66.95 -20.52
C ASP MA 260 17.01 -68.08 -19.75
N TYR MA 261 15.79 -68.48 -20.14
CA TYR MA 261 14.94 -69.22 -19.22
C TYR MA 261 15.19 -70.72 -19.20
N ILE MA 262 15.63 -71.31 -20.30
CA ILE MA 262 15.88 -72.74 -20.32
C ILE MA 262 17.20 -73.04 -19.62
N GLY MA 263 17.15 -73.96 -18.65
CA GLY MA 263 18.34 -74.35 -17.92
C GLY MA 263 18.77 -73.35 -16.87
N LYS MA 264 19.07 -72.12 -17.29
CA LYS MA 264 19.60 -71.12 -16.35
C LYS MA 264 18.59 -70.77 -15.29
N VAL MA 265 17.33 -70.55 -15.67
CA VAL MA 265 16.28 -70.11 -14.76
C VAL MA 265 15.49 -71.33 -14.31
N THR MA 266 15.05 -71.32 -13.05
CA THR MA 266 14.20 -72.37 -12.52
C THR MA 266 12.72 -72.01 -12.69
N ASN MA 267 11.86 -72.94 -12.29
CA ASN MA 267 10.42 -72.72 -12.33
C ASN MA 267 9.93 -72.36 -10.94
N SER MA 268 9.32 -71.18 -10.80
CA SER MA 268 8.75 -70.75 -9.54
C SER MA 268 7.73 -69.65 -9.83
N TYR MA 269 6.91 -69.35 -8.83
CA TYR MA 269 5.95 -68.26 -8.97
C TYR MA 269 6.68 -66.94 -9.18
N ASP MA 270 7.76 -66.71 -8.43
CA ASP MA 270 8.57 -65.51 -8.63
C ASP MA 270 9.23 -65.53 -10.01
N ASN MA 271 9.69 -66.71 -10.45
CA ASN MA 271 10.25 -66.82 -11.79
C ASN MA 271 9.19 -66.53 -12.85
N LYS MA 272 7.97 -67.02 -12.63
CA LYS MA 272 6.88 -66.72 -13.56
C LYS MA 272 6.59 -65.23 -13.60
N CYS MA 273 6.60 -64.57 -12.44
CA CYS MA 273 6.37 -63.13 -12.41
C CYS MA 273 7.48 -62.37 -13.14
N LEU MA 274 8.73 -62.79 -12.94
CA LEU MA 274 9.84 -62.15 -13.65
C LEU MA 274 9.72 -62.34 -15.15
N LEU MA 275 9.34 -63.55 -15.59
CA LEU MA 275 9.16 -63.80 -17.01
C LEU MA 275 8.02 -62.93 -17.57
N ILE MA 276 6.93 -62.79 -16.81
CA ILE MA 276 5.82 -61.94 -17.24
C ILE MA 276 6.30 -60.49 -17.37
N VAL MA 277 7.09 -60.03 -16.40
CA VAL MA 277 7.61 -58.66 -16.45
C VAL MA 277 8.50 -58.46 -17.67
N ALA MA 278 9.36 -59.43 -17.96
CA ALA MA 278 10.23 -59.32 -19.13
C ALA MA 278 9.43 -59.32 -20.42
N ILE MA 279 8.40 -60.17 -20.51
CA ILE MA 279 7.55 -60.19 -21.70
C ILE MA 279 6.83 -58.85 -21.85
N LYS MA 280 6.33 -58.30 -20.75
CA LYS MA 280 5.68 -57.00 -20.80
C LYS MA 280 6.65 -55.91 -21.24
N SER MA 281 7.90 -55.97 -20.78
CA SER MA 281 8.89 -55.00 -21.19
C SER MA 281 9.18 -55.10 -22.69
N TYR MA 282 9.30 -56.32 -23.20
CA TYR MA 282 9.52 -56.51 -24.63
C TYR MA 282 8.33 -56.00 -25.44
N LEU MA 283 7.11 -56.26 -24.96
CA LEU MA 283 5.93 -55.74 -25.63
C LEU MA 283 5.89 -54.23 -25.60
N GLU MA 284 6.34 -53.61 -24.51
CA GLU MA 284 6.42 -52.15 -24.45
C GLU MA 284 7.45 -51.63 -25.43
N GLU MA 285 8.59 -52.33 -25.57
CA GLU MA 285 9.57 -51.94 -26.57
C GLU MA 285 8.98 -51.99 -27.97
N LEU MA 286 8.20 -53.04 -28.26
CA LEU MA 286 7.49 -53.09 -29.54
C LEU MA 286 6.48 -51.95 -29.66
N GLU MA 287 5.80 -51.62 -28.56
CA GLU MA 287 4.85 -50.52 -28.57
C GLU MA 287 5.52 -49.18 -28.86
N LYS MA 288 6.80 -49.05 -28.50
CA LYS MA 288 7.54 -47.84 -28.84
C LYS MA 288 7.56 -47.63 -30.35
N SER MA 289 7.81 -48.70 -31.10
CA SER MA 289 7.61 -48.66 -32.54
C SER MA 289 6.11 -48.68 -32.86
N ALA MA 290 5.78 -48.19 -34.05
CA ALA MA 290 4.39 -48.15 -34.49
C ALA MA 290 3.88 -49.51 -34.96
N LEU MA 291 4.67 -50.57 -34.82
CA LEU MA 291 4.29 -51.87 -35.36
C LEU MA 291 3.03 -52.43 -34.69
N ILE MA 292 2.95 -52.32 -33.37
CA ILE MA 292 1.84 -52.90 -32.62
C ILE MA 292 1.14 -51.81 -31.83
N GLU MA 293 -0.08 -52.12 -31.40
CA GLU MA 293 -0.86 -51.18 -30.60
C GLU MA 293 -0.21 -50.97 -29.24
N SER MA 294 -0.45 -49.79 -28.67
CA SER MA 294 0.13 -49.43 -27.38
C SER MA 294 -0.46 -50.23 -26.22
N ASP MA 295 -1.59 -50.91 -26.42
CA ASP MA 295 -2.27 -51.64 -25.36
C ASP MA 295 -2.10 -53.14 -25.57
N SER MA 296 -1.58 -53.83 -24.56
CA SER MA 296 -1.43 -55.27 -24.59
C SER MA 296 -1.37 -55.77 -23.16
N THR MA 297 -1.71 -57.05 -22.99
CA THR MA 297 -1.76 -57.67 -21.66
C THR MA 297 -1.00 -58.99 -21.69
N VAL MA 298 -0.35 -59.31 -20.58
CA VAL MA 298 0.33 -60.57 -20.37
C VAL MA 298 -0.28 -61.24 -19.15
N GLU MA 299 -0.70 -62.50 -19.30
CA GLU MA 299 -1.40 -63.20 -18.24
C GLU MA 299 -1.00 -64.66 -18.22
N ILE MA 300 -1.19 -65.30 -17.07
CA ILE MA 300 -0.95 -66.72 -16.94
C ILE MA 300 -2.12 -67.48 -17.54
N ASP MA 301 -1.82 -68.50 -18.34
CA ASP MA 301 -2.86 -69.33 -18.94
C ASP MA 301 -3.50 -70.17 -17.84
N PHE MA 302 -4.66 -69.72 -17.36
CA PHE MA 302 -5.28 -70.34 -16.20
C PHE MA 302 -5.93 -71.67 -16.55
N GLU MA 303 -6.55 -71.76 -17.73
CA GLU MA 303 -7.17 -73.01 -18.15
C GLU MA 303 -6.12 -74.08 -18.45
N ALA MA 304 -4.95 -73.68 -18.92
CA ALA MA 304 -3.85 -74.64 -19.06
C ALA MA 304 -3.45 -75.19 -17.70
N GLN MA 305 -3.45 -74.35 -16.66
CA GLN MA 305 -3.20 -74.83 -15.31
C GLN MA 305 -4.30 -75.78 -14.87
N LYS MA 306 -5.56 -75.49 -15.23
CA LYS MA 306 -6.64 -76.42 -14.95
C LYS MA 306 -6.37 -77.78 -15.57
N SER MA 307 -5.98 -77.79 -16.85
CA SER MA 307 -5.72 -79.04 -17.54
C SER MA 307 -4.54 -79.79 -16.91
N TYR MA 308 -3.51 -79.05 -16.50
CA TYR MA 308 -2.37 -79.69 -15.83
C TYR MA 308 -2.80 -80.33 -14.51
N LEU MA 309 -3.67 -79.64 -13.77
CA LEU MA 309 -4.18 -80.22 -12.52
C LEU MA 309 -5.02 -81.47 -12.80
N LYS MA 310 -5.85 -81.44 -13.84
CA LYS MA 310 -6.62 -82.62 -14.19
C LYS MA 310 -5.70 -83.79 -14.56
N SER MA 311 -4.61 -83.51 -15.28
CA SER MA 311 -3.62 -84.54 -15.55
C SER MA 311 -3.02 -85.06 -14.25
N LYS MA 312 -2.69 -84.15 -13.32
CA LYS MA 312 -2.25 -84.57 -11.99
C LYS MA 312 -3.35 -85.28 -11.23
N GLY MA 313 -4.58 -84.79 -11.34
CA GLY MA 313 -5.71 -85.39 -10.65
C GLY MA 313 -6.13 -84.70 -9.37
N VAL MA 314 -5.58 -83.53 -9.06
CA VAL MA 314 -5.95 -82.83 -7.84
C VAL MA 314 -7.35 -82.26 -7.99
N ASP MA 315 -8.19 -82.47 -6.98
CA ASP MA 315 -9.55 -81.96 -7.01
C ASP MA 315 -9.54 -80.44 -6.99
N LEU MA 316 -10.44 -79.84 -7.78
CA LEU MA 316 -10.47 -78.38 -7.90
C LEU MA 316 -11.20 -77.72 -6.73
N SER MA 317 -11.96 -78.48 -5.95
CA SER MA 317 -12.73 -77.90 -4.87
C SER MA 317 -11.84 -77.61 -3.65
N TYR MA 318 -12.41 -76.87 -2.71
CA TYR MA 318 -11.82 -76.57 -1.39
C TYR MA 318 -10.40 -75.99 -1.48
N MET MA 319 -10.20 -75.05 -2.40
CA MET MA 319 -9.13 -74.07 -2.23
C MET MA 319 -9.45 -72.84 -3.06
N THR MA 320 -8.73 -71.76 -2.77
CA THR MA 320 -8.90 -70.52 -3.50
C THR MA 320 -8.42 -70.68 -4.95
N LEU MA 321 -9.07 -69.96 -5.87
CA LEU MA 321 -8.65 -70.01 -7.27
C LEU MA 321 -7.23 -69.48 -7.45
N GLN MA 322 -6.78 -68.60 -6.56
CA GLN MA 322 -5.40 -68.12 -6.63
C GLN MA 322 -4.41 -69.24 -6.35
N GLU MA 323 -4.81 -70.23 -5.55
CA GLU MA 323 -3.92 -71.36 -5.27
C GLU MA 323 -3.58 -72.13 -6.53
N ILE MA 324 -4.43 -72.07 -7.54
CA ILE MA 324 -4.13 -72.70 -8.82
C ILE MA 324 -2.87 -72.07 -9.43
N LYS MA 325 -2.81 -70.74 -9.41
CA LYS MA 325 -1.60 -70.05 -9.85
C LYS MA 325 -0.44 -70.34 -8.90
N GLU MA 326 -0.70 -70.36 -7.61
CA GLU MA 326 0.36 -70.63 -6.64
C GLU MA 326 0.86 -72.07 -6.73
N ALA MA 327 0.01 -73.00 -7.18
CA ALA MA 327 0.42 -74.38 -7.30
C ALA MA 327 1.52 -74.55 -8.33
N ASN MA 328 2.50 -75.40 -8.02
CA ASN MA 328 3.58 -75.66 -8.94
C ASN MA 328 3.08 -76.37 -10.18
N THR MA 329 3.63 -75.99 -11.34
CA THR MA 329 3.21 -76.53 -12.62
C THR MA 329 4.15 -77.62 -13.15
N GLY MA 330 5.02 -78.15 -12.29
CA GLY MA 330 5.91 -79.23 -12.68
C GLY MA 330 6.85 -78.87 -13.80
N SER MA 331 7.76 -77.92 -13.54
CA SER MA 331 8.74 -77.46 -14.52
C SER MA 331 8.09 -76.94 -15.78
N LYS MA 332 6.92 -76.32 -15.65
CA LYS MA 332 6.17 -75.80 -16.79
C LYS MA 332 5.67 -74.40 -16.48
N VAL MA 333 5.41 -73.64 -17.54
CA VAL MA 333 4.82 -72.30 -17.45
C VAL MA 333 3.75 -72.18 -18.51
N PHE MA 334 2.59 -71.65 -18.12
CA PHE MA 334 1.48 -71.42 -19.03
C PHE MA 334 1.15 -69.93 -19.04
N LEU MA 335 1.10 -69.34 -20.23
CA LEU MA 335 0.93 -67.90 -20.37
C LEU MA 335 -0.12 -67.57 -21.42
N LYS MA 336 -0.74 -66.41 -21.25
CA LYS MA 336 -1.70 -65.86 -22.19
C LYS MA 336 -1.38 -64.39 -22.45
N ALA MA 337 -1.44 -63.99 -23.72
CA ALA MA 337 -1.13 -62.62 -24.10
C ALA MA 337 -2.14 -62.12 -25.11
N LYS MA 338 -2.54 -60.85 -24.96
CA LYS MA 338 -3.47 -60.20 -25.87
C LYS MA 338 -2.70 -59.13 -26.64
N ILE MA 339 -2.64 -59.26 -27.96
CA ILE MA 339 -1.89 -58.35 -28.82
C ILE MA 339 -2.75 -57.97 -30.01
N LYS MA 340 -2.34 -56.90 -30.69
CA LYS MA 340 -3.00 -56.46 -31.92
C LYS MA 340 -1.99 -55.73 -32.77
N VAL MA 341 -1.98 -56.03 -34.07
CA VAL MA 341 -0.99 -55.46 -34.98
C VAL MA 341 -1.46 -54.08 -35.43
N LEU MA 342 -0.64 -53.06 -35.17
CA LEU MA 342 -0.94 -51.70 -35.60
C LEU MA 342 -0.19 -51.40 -36.89
N ASP MA 343 -0.66 -52.01 -37.98
CA ASP MA 343 -0.16 -51.72 -39.31
C ASP MA 343 -1.18 -50.82 -40.00
N ALA MA 344 -0.73 -49.65 -40.42
CA ALA MA 344 -1.64 -48.60 -40.88
C ALA MA 344 -2.10 -48.82 -42.32
N MET MA 345 -2.69 -47.80 -42.92
CA MET MA 345 -3.54 -47.95 -44.08
C MET MA 345 -2.82 -47.52 -45.37
N GLU MA 346 -3.02 -48.31 -46.42
CA GLU MA 346 -2.41 -48.06 -47.72
C GLU MA 346 -3.25 -47.11 -48.58
N ASP MA 347 -4.50 -47.45 -48.84
CA ASP MA 347 -5.39 -46.63 -49.65
C ASP MA 347 -6.71 -46.43 -48.90
N ILE MA 348 -7.33 -45.26 -49.10
CA ILE MA 348 -8.36 -44.77 -48.19
C ILE MA 348 -9.57 -44.31 -48.99
N ASP MA 349 -10.64 -43.98 -48.27
CA ASP MA 349 -11.89 -43.52 -48.87
C ASP MA 349 -12.66 -42.67 -47.87
N LEU MA 350 -12.68 -41.36 -48.09
CA LEU MA 350 -13.34 -40.44 -47.17
C LEU MA 350 -14.53 -39.76 -47.86
N SER MA 351 -15.32 -39.05 -47.06
CA SER MA 351 -16.54 -38.41 -47.56
C SER MA 351 -16.50 -36.91 -47.33
N ILE MA 352 -17.36 -36.20 -48.06
CA ILE MA 352 -17.48 -34.75 -48.01
C ILE MA 352 -18.91 -34.42 -47.60
N GLU MA 353 -19.16 -33.15 -47.29
CA GLU MA 353 -20.54 -32.68 -47.16
C GLU MA 353 -20.75 -31.51 -48.12
N ILE NA 3 27.59 -63.34 81.84
CA ILE NA 3 26.96 -62.75 83.02
C ILE NA 3 27.92 -61.73 83.65
N GLY NA 4 29.19 -61.87 83.37
CA GLY NA 4 30.20 -60.97 83.90
C GLY NA 4 30.65 -59.97 82.86
N LEU NA 5 30.22 -58.72 83.03
CA LEU NA 5 30.49 -57.63 82.09
C LEU NA 5 30.10 -58.06 80.68
N PRO NA 6 28.81 -58.16 80.37
CA PRO NA 6 28.41 -58.56 79.02
C PRO NA 6 28.66 -57.44 78.03
N SER NA 7 29.71 -57.60 77.23
CA SER NA 7 30.03 -56.71 76.13
C SER NA 7 30.19 -57.55 74.88
N ILE NA 8 29.07 -57.81 74.21
CA ILE NA 8 29.05 -58.76 73.10
C ILE NA 8 29.81 -58.18 71.92
N ASN NA 9 30.66 -59.01 71.32
CA ASN NA 9 31.48 -58.63 70.18
C ASN NA 9 30.62 -58.57 68.92
N ILE NA 10 31.07 -57.80 67.94
CA ILE NA 10 30.40 -57.69 66.65
C ILE NA 10 31.37 -58.16 65.57
N SER NA 11 31.00 -59.23 64.88
CA SER NA 11 31.84 -59.81 63.83
C SER NA 11 30.96 -60.15 62.63
N PHE NA 12 31.61 -60.68 61.59
CA PHE NA 12 30.93 -61.00 60.34
C PHE NA 12 31.29 -62.40 59.88
N LYS NA 13 30.33 -63.06 59.22
CA LYS NA 13 30.63 -64.27 58.48
C LYS NA 13 30.56 -63.98 56.98
N GLU NA 14 31.66 -64.25 56.29
CA GLU NA 14 31.72 -63.99 54.86
C GLU NA 14 30.78 -64.92 54.12
N LEU NA 15 30.16 -64.41 53.06
CA LEU NA 15 29.16 -65.15 52.31
C LEU NA 15 29.84 -65.97 51.21
N ALA NA 16 29.75 -67.29 51.33
CA ALA NA 16 30.23 -68.21 50.32
C ALA NA 16 29.05 -69.00 49.75
N THR NA 17 29.14 -69.35 48.49
CA THR NA 17 28.04 -70.07 47.83
C THR NA 17 27.83 -71.42 48.49
N THR NA 18 26.61 -71.67 48.94
CA THR NA 18 26.28 -72.93 49.60
C THR NA 18 26.31 -74.07 48.58
N VAL NA 19 26.99 -75.15 48.95
CA VAL NA 19 27.16 -76.30 48.08
C VAL NA 19 26.66 -77.54 48.83
N LYS NA 20 25.73 -78.26 48.21
CA LYS NA 20 25.26 -79.52 48.78
C LYS NA 20 26.37 -80.57 48.69
N GLU NA 21 26.55 -81.31 49.78
CA GLU NA 21 27.61 -82.31 49.87
C GLU NA 21 27.00 -83.70 49.75
N ARG NA 22 27.48 -84.49 48.79
CA ARG NA 22 27.01 -85.84 48.57
C ARG NA 22 28.22 -86.72 48.29
N SER NA 23 27.97 -88.02 48.08
CA SER NA 23 29.05 -88.95 47.80
C SER NA 23 29.73 -88.60 46.48
N ALA NA 24 31.06 -88.64 46.48
CA ALA NA 24 31.82 -88.34 45.28
C ALA NA 24 31.57 -89.38 44.21
N ARG NA 25 31.46 -88.93 42.96
CA ARG NA 25 31.18 -89.80 41.83
C ARG NA 25 32.22 -89.58 40.75
N GLY NA 26 32.47 -90.64 39.97
CA GLY NA 26 33.42 -90.58 38.87
C GLY NA 26 34.87 -90.70 39.28
N ILE NA 27 35.17 -90.95 40.55
CA ILE NA 27 36.56 -91.09 40.97
C ILE NA 27 37.13 -92.39 40.43
N ILE NA 28 38.44 -92.40 40.21
CA ILE NA 28 39.14 -93.56 39.69
C ILE NA 28 40.09 -94.08 40.77
N ALA NA 29 40.00 -95.37 41.06
CA ALA NA 29 40.95 -96.04 41.95
C ALA NA 29 41.96 -96.77 41.08
N MET NA 30 43.22 -96.36 41.18
CA MET NA 30 44.30 -96.87 40.35
C MET NA 30 45.19 -97.78 41.19
N VAL NA 31 45.30 -99.03 40.79
CA VAL NA 31 46.13 -100.02 41.48
C VAL NA 31 47.12 -100.60 40.48
N LEU NA 32 48.38 -100.70 40.91
CA LEU NA 32 49.45 -101.11 40.01
C LEU NA 32 50.60 -101.66 40.82
N LYS NA 33 51.44 -102.46 40.16
CA LYS NA 33 52.56 -103.14 40.80
C LYS NA 33 53.88 -102.54 40.35
N ASP NA 34 54.80 -102.36 41.31
CA ASP NA 34 56.15 -101.88 41.03
C ASP NA 34 57.04 -102.26 42.19
N ALA NA 35 58.36 -102.22 41.93
CA ALA NA 35 59.36 -102.53 42.92
C ALA NA 35 60.00 -101.29 43.54
N LYS NA 36 59.50 -100.10 43.20
CA LYS NA 36 60.06 -98.84 43.68
C LYS NA 36 59.03 -98.09 44.50
N ALA NA 37 59.42 -97.65 45.70
CA ALA NA 37 58.61 -96.79 46.57
C ALA NA 37 57.17 -97.32 46.69
N LEU NA 38 57.07 -98.49 47.31
CA LEU NA 38 55.78 -99.13 47.52
C LEU NA 38 54.86 -98.23 48.34
N GLY NA 39 53.62 -98.11 47.89
CA GLY NA 39 52.62 -97.29 48.55
C GLY NA 39 51.79 -96.49 47.57
N LEU NA 40 50.66 -96.01 48.06
CA LEU NA 40 49.75 -95.22 47.25
C LEU NA 40 50.33 -93.86 46.95
N ASN NA 41 50.00 -93.32 45.78
CA ASN NA 41 50.59 -92.08 45.28
C ASN NA 41 49.67 -90.88 45.38
N GLU NA 42 48.37 -91.09 45.46
CA GLU NA 42 47.34 -90.04 45.58
C GLU NA 42 47.66 -88.84 44.67
N ILE NA 43 47.69 -89.13 43.37
CA ILE NA 43 48.07 -88.10 42.37
C ILE NA 43 46.79 -87.34 42.04
N HIS NA 44 46.49 -86.33 42.86
CA HIS NA 44 45.38 -85.44 42.56
C HIS NA 44 45.80 -84.36 41.56
N GLU NA 45 47.03 -83.87 41.68
CA GLU NA 45 47.52 -82.86 40.74
C GLU NA 45 47.75 -83.47 39.37
N LYS NA 46 47.47 -82.70 38.33
CA LYS NA 46 47.56 -83.20 36.96
C LYS NA 46 49.00 -83.18 36.47
N GLU NA 47 49.33 -84.16 35.64
CA GLU NA 47 50.64 -84.28 35.00
C GLU NA 47 51.77 -84.32 36.04
N ASP NA 48 51.61 -85.20 37.03
CA ASP NA 48 52.65 -85.45 38.02
C ASP NA 48 52.95 -86.94 38.02
N ILE NA 49 54.20 -87.29 37.72
CA ILE NA 49 54.64 -88.68 37.66
C ILE NA 49 55.64 -88.90 38.77
N PRO NA 50 55.27 -89.61 39.85
CA PRO NA 50 56.26 -89.95 40.88
C PRO NA 50 57.32 -90.90 40.32
N VAL NA 51 58.52 -90.82 40.91
CA VAL NA 51 59.65 -91.59 40.42
C VAL NA 51 59.42 -93.10 40.57
N ASP NA 52 58.49 -93.51 41.43
CA ASP NA 52 58.24 -94.93 41.62
C ASP NA 52 57.73 -95.58 40.36
N LEU NA 53 56.83 -94.91 39.64
CA LEU NA 53 56.17 -95.49 38.49
C LEU NA 53 57.06 -95.42 37.25
N SER NA 54 57.06 -96.50 36.48
CA SER NA 54 57.98 -96.67 35.36
C SER NA 54 57.43 -95.99 34.11
N ALA NA 55 58.10 -96.21 32.97
CA ALA NA 55 57.70 -95.56 31.72
C ALA NA 55 56.33 -96.04 31.26
N GLU NA 56 56.07 -97.35 31.32
CA GLU NA 56 54.74 -97.85 30.99
C GLU NA 56 53.71 -97.32 31.97
N ASN NA 57 54.06 -97.26 33.26
CA ASN NA 57 53.18 -96.65 34.24
C ASN NA 57 53.02 -95.16 34.00
N LYS NA 58 54.08 -94.49 33.53
CA LYS NA 58 53.96 -93.08 33.16
C LYS NA 58 52.95 -92.90 32.03
N GLU NA 59 53.00 -93.78 31.02
CA GLU NA 59 52.02 -93.71 29.94
C GLU NA 59 50.62 -94.01 30.45
N TYR NA 60 50.50 -94.92 31.41
CA TYR NA 60 49.22 -95.19 32.04
C TYR NA 60 48.66 -93.93 32.70
N ILE NA 61 49.50 -93.21 33.45
CA ILE NA 61 49.07 -91.97 34.08
C ILE NA 61 48.64 -90.96 33.03
N ASN NA 62 49.44 -90.83 31.96
CA ASN NA 62 49.12 -89.85 30.92
C ASN NA 62 47.78 -90.18 30.26
N LEU NA 63 47.53 -91.46 30.00
CA LEU NA 63 46.26 -91.87 29.40
C LEU NA 63 45.10 -91.62 30.35
N ALA NA 64 45.28 -91.91 31.64
CA ALA NA 64 44.18 -91.78 32.59
C ALA NA 64 43.85 -90.31 32.86
N LEU NA 65 44.87 -89.45 32.93
CA LEU NA 65 44.64 -88.06 33.30
C LEU NA 65 43.76 -87.34 32.28
N MET NA 66 44.03 -87.54 30.99
CA MET NA 66 43.28 -86.85 29.96
C MET NA 66 42.05 -87.66 29.57
N GLY NA 67 40.94 -86.96 29.34
CA GLY NA 67 39.68 -87.58 29.01
C GLY NA 67 39.03 -86.92 27.81
N ASN NA 68 37.86 -87.43 27.45
CA ASN NA 68 37.14 -86.91 26.29
C ASN NA 68 36.68 -85.48 26.54
N VAL NA 69 36.05 -85.23 27.68
CA VAL NA 69 35.46 -83.93 27.99
C VAL NA 69 36.23 -83.22 29.10
N ASN NA 70 36.39 -83.88 30.25
CA ASN NA 70 37.05 -83.27 31.40
C ASN NA 70 38.02 -84.26 32.00
N THR NA 71 39.02 -83.73 32.69
CA THR NA 71 39.93 -84.57 33.47
C THR NA 71 39.17 -85.21 34.61
N PRO NA 72 39.42 -86.49 34.90
CA PRO NA 72 38.80 -87.13 36.07
C PRO NA 72 39.12 -86.36 37.35
N ASN NA 73 38.14 -86.30 38.25
CA ASN NA 73 38.24 -85.43 39.42
C ASN NA 73 39.44 -85.79 40.29
N LYS NA 74 39.57 -87.07 40.65
CA LYS NA 74 40.66 -87.51 41.52
C LYS NA 74 41.24 -88.81 41.00
N LEU NA 75 42.56 -88.93 41.07
CA LEU NA 75 43.28 -90.13 40.68
C LEU NA 75 44.11 -90.61 41.87
N LEU NA 76 43.96 -91.89 42.21
CA LEU NA 76 44.63 -92.48 43.37
C LEU NA 76 45.39 -93.71 42.91
N VAL NA 77 46.68 -93.56 42.65
CA VAL NA 77 47.53 -94.63 42.14
C VAL NA 77 48.23 -95.31 43.30
N TYR NA 78 48.22 -96.63 43.31
CA TYR NA 78 48.82 -97.44 44.35
C TYR NA 78 50.01 -98.21 43.79
N VAL NA 79 51.07 -98.34 44.59
CA VAL NA 79 52.29 -99.03 44.20
C VAL NA 79 52.63 -100.07 45.25
N ILE NA 80 52.83 -101.31 44.82
CA ILE NA 80 53.29 -102.40 45.67
C ILE NA 80 54.01 -103.42 44.79
N GLU NA 81 54.74 -104.33 45.43
CA GLU NA 81 55.43 -105.38 44.70
C GLU NA 81 54.44 -106.25 43.93
N GLY NA 82 54.93 -106.88 42.86
CA GLY NA 82 54.04 -107.64 41.99
C GLY NA 82 53.32 -108.77 42.71
N GLU NA 83 53.99 -109.40 43.67
CA GLU NA 83 53.35 -110.46 44.44
C GLU NA 83 52.28 -109.89 45.35
N ALA NA 84 51.19 -110.65 45.50
CA ALA NA 84 50.07 -110.29 46.39
C ALA NA 84 49.48 -108.94 46.03
N ASP NA 85 49.32 -108.67 44.72
CA ASP NA 85 48.63 -107.48 44.28
C ASP NA 85 47.16 -107.50 44.69
N ILE NA 86 46.52 -108.66 44.58
CA ILE NA 86 45.08 -108.75 44.81
C ILE NA 86 44.74 -108.46 46.27
N GLN NA 87 45.51 -109.00 47.21
CA GLN NA 87 45.20 -108.81 48.62
C GLN NA 87 45.30 -107.34 49.02
N THR NA 88 46.41 -106.69 48.67
CA THR NA 88 46.58 -105.29 49.05
C THR NA 88 45.61 -104.38 48.29
N ALA NA 89 45.30 -104.71 47.04
CA ALA NA 89 44.29 -103.95 46.30
C ALA NA 89 42.93 -104.05 46.99
N LEU NA 90 42.55 -105.26 47.40
CA LEU NA 90 41.30 -105.44 48.11
C LEU NA 90 41.28 -104.67 49.42
N ASP NA 91 42.38 -104.72 50.18
CA ASP NA 91 42.44 -104.01 51.45
C ASP NA 91 42.32 -102.50 51.25
N PHE NA 92 43.07 -101.96 50.29
CA PHE NA 92 43.03 -100.51 50.06
C PHE NA 92 41.67 -100.07 49.55
N LEU NA 93 41.04 -100.85 48.67
CA LEU NA 93 39.72 -100.49 48.18
C LEU NA 93 38.67 -100.61 49.28
N GLU NA 94 38.86 -101.55 50.22
CA GLU NA 94 37.97 -101.60 51.37
C GLU NA 94 38.16 -100.38 52.27
N THR NA 95 39.41 -99.91 52.39
CA THR NA 95 39.69 -98.78 53.27
C THR NA 95 38.98 -97.51 52.80
N LYS NA 96 38.99 -97.24 51.50
CA LYS NA 96 38.45 -96.01 50.95
C LYS NA 96 37.56 -96.31 49.76
N GLU NA 97 36.43 -95.61 49.67
CA GLU NA 97 35.46 -95.84 48.62
C GLU NA 97 36.02 -95.41 47.26
N PHE NA 98 35.41 -95.93 46.20
CA PHE NA 98 35.86 -95.66 44.84
C PHE NA 98 34.69 -95.83 43.89
N ASN NA 99 34.88 -95.35 42.66
CA ASN NA 99 33.90 -95.49 41.60
C ASN NA 99 34.41 -96.25 40.39
N TYR NA 100 35.71 -96.22 40.11
CA TYR NA 100 36.29 -96.93 38.98
C TYR NA 100 37.52 -97.69 39.45
N LEU NA 101 37.78 -98.82 38.77
CA LEU NA 101 38.90 -99.68 39.12
C LEU NA 101 39.50 -100.25 37.85
N CYS NA 102 40.84 -100.35 37.82
CA CYS NA 102 41.53 -100.90 36.67
C CYS NA 102 42.92 -101.38 37.11
N MET NA 103 43.22 -102.64 36.79
CA MET NA 103 44.53 -103.23 37.08
C MET NA 103 45.27 -103.49 35.79
N PRO NA 104 46.36 -102.76 35.51
CA PRO NA 104 47.10 -102.99 34.26
C PRO NA 104 47.65 -104.40 34.11
N LYS NA 105 48.07 -105.04 35.21
CA LYS NA 105 48.73 -106.34 35.14
C LYS NA 105 47.88 -107.45 35.72
N ALA NA 106 46.55 -107.33 35.65
CA ALA NA 106 45.67 -108.38 36.14
C ALA NA 106 45.57 -109.51 35.13
N VAL NA 107 45.99 -110.70 35.52
CA VAL NA 107 45.81 -111.89 34.70
C VAL NA 107 44.34 -112.29 34.73
N GLU NA 108 43.96 -113.22 33.86
CA GLU NA 108 42.56 -113.65 33.80
C GLU NA 108 42.08 -114.15 35.16
N ALA NA 109 42.95 -114.86 35.89
CA ALA NA 109 42.61 -115.24 37.26
C ALA NA 109 42.47 -114.02 38.16
N ASP NA 110 43.38 -113.06 38.02
CA ASP NA 110 43.28 -111.83 38.81
C ASP NA 110 42.03 -111.05 38.44
N LYS NA 111 41.69 -110.99 37.15
CA LYS NA 111 40.47 -110.30 36.74
C LYS NA 111 39.23 -110.99 37.28
N THR NA 112 39.22 -112.33 37.27
CA THR NA 112 38.09 -113.07 37.82
C THR NA 112 37.95 -112.81 39.31
N ALA NA 113 39.07 -112.82 40.04
CA ALA NA 113 39.03 -112.53 41.47
C ALA NA 113 38.53 -111.11 41.73
N ILE NA 114 38.98 -110.15 40.92
CA ILE NA 114 38.51 -108.78 41.05
C ILE NA 114 37.01 -108.71 40.83
N LYS NA 115 36.51 -109.38 39.79
CA LYS NA 115 35.07 -109.36 39.51
C LYS NA 115 34.28 -110.00 40.64
N ASN NA 116 34.78 -111.11 41.19
CA ASN NA 116 34.09 -111.75 42.31
C ASN NA 116 34.04 -110.84 43.53
N TRP NA 117 35.14 -110.15 43.81
CA TRP NA 117 35.15 -109.24 44.95
C TRP NA 117 34.22 -108.06 44.72
N ILE NA 118 34.19 -107.55 43.48
CA ILE NA 118 33.26 -106.48 43.13
C ILE NA 118 31.82 -106.91 43.37
N ILE NA 119 31.44 -108.08 42.88
CA ILE NA 119 30.05 -108.51 43.01
C ILE NA 119 29.73 -108.81 44.47
N LYS NA 120 30.69 -109.36 45.22
CA LYS NA 120 30.45 -109.63 46.63
C LYS NA 120 30.20 -108.35 47.42
N LEU NA 121 30.99 -107.31 47.17
CA LEU NA 121 30.76 -106.06 47.89
C LEU NA 121 29.55 -105.31 47.35
N ARG NA 122 29.19 -105.51 46.08
CA ARG NA 122 27.95 -104.94 45.59
C ARG NA 122 26.73 -105.58 46.26
N ASP NA 123 26.81 -106.88 46.53
CA ASP NA 123 25.73 -107.54 47.24
C ASP NA 123 25.69 -107.13 48.71
N ILE NA 124 26.85 -107.12 49.37
CA ILE NA 124 26.88 -106.85 50.81
C ILE NA 124 26.58 -105.39 51.10
N ASP NA 125 27.27 -104.48 50.41
CA ASP NA 125 27.15 -103.05 50.65
C ASP NA 125 25.95 -102.43 49.95
N LYS NA 126 25.28 -103.17 49.06
CA LYS NA 126 24.16 -102.72 48.25
C LYS NA 126 24.53 -101.63 47.27
N VAL NA 127 25.80 -101.20 47.23
CA VAL NA 127 26.26 -100.15 46.33
C VAL NA 127 26.89 -100.82 45.12
N LYS NA 128 26.40 -100.46 43.93
CA LYS NA 128 26.86 -101.07 42.70
C LYS NA 128 28.01 -100.26 42.11
N VAL NA 129 29.09 -100.95 41.74
CA VAL NA 129 30.29 -100.31 41.21
C VAL NA 129 30.67 -101.00 39.91
N LYS NA 130 31.51 -100.32 39.13
CA LYS NA 130 31.90 -100.77 37.81
C LYS NA 130 33.40 -101.00 37.74
N ALA NA 131 33.79 -101.98 36.93
CA ALA NA 131 35.20 -102.29 36.67
C ALA NA 131 35.41 -102.46 35.18
N VAL NA 132 36.49 -101.88 34.67
CA VAL NA 132 36.84 -101.97 33.26
C VAL NA 132 37.97 -102.98 33.12
N LEU NA 133 37.72 -104.06 32.40
CA LEU NA 133 38.68 -105.14 32.25
C LEU NA 133 38.78 -105.54 30.78
N GLY NA 134 39.90 -106.16 30.44
CA GLY NA 134 40.21 -106.50 29.07
C GLY NA 134 39.40 -107.62 28.47
N LYS NA 135 39.44 -108.81 29.08
CA LYS NA 135 38.77 -110.00 28.54
C LYS NA 135 38.07 -110.72 29.70
N VAL NA 136 36.81 -110.38 29.93
CA VAL NA 136 35.99 -111.02 30.95
C VAL NA 136 34.66 -111.41 30.32
N VAL NA 137 34.32 -112.69 30.38
CA VAL NA 137 33.06 -113.19 29.84
C VAL NA 137 32.03 -113.41 30.95
N GLY NA 138 32.24 -112.81 32.11
CA GLY NA 138 31.38 -113.04 33.25
C GLY NA 138 29.97 -112.52 33.05
N ASN NA 139 29.09 -112.94 33.96
CA ASN NA 139 27.67 -112.64 33.90
C ASN NA 139 27.30 -111.48 34.83
N HIS NA 140 28.17 -110.48 34.93
CA HIS NA 140 27.96 -109.33 35.81
C HIS NA 140 27.86 -108.06 34.98
N GLU NA 141 26.99 -107.15 35.41
CA GLU NA 141 26.71 -105.94 34.65
C GLU NA 141 27.69 -104.81 34.94
N GLY NA 142 28.16 -104.69 36.19
CA GLY NA 142 29.06 -103.61 36.53
C GLY NA 142 30.39 -103.72 35.82
N ILE NA 143 30.94 -104.93 35.72
CA ILE NA 143 32.19 -105.12 35.01
C ILE NA 143 31.99 -104.82 33.53
N ILE NA 144 33.06 -104.37 32.88
CA ILE NA 144 33.04 -103.96 31.48
C ILE NA 144 34.09 -104.76 30.73
N ASN NA 145 33.70 -105.35 29.61
CA ASN NA 145 34.58 -106.16 28.78
C ASN NA 145 34.93 -105.39 27.52
N PHE NA 146 36.23 -105.30 27.23
CA PHE NA 146 36.73 -104.57 26.07
C PHE NA 146 37.58 -105.53 25.24
N THR NA 147 36.94 -106.27 24.34
CA THR NA 147 37.61 -107.28 23.53
C THR NA 147 38.08 -106.65 22.22
N THR NA 148 39.11 -105.81 22.33
CA THR NA 148 39.72 -105.15 21.19
C THR NA 148 41.24 -105.27 21.34
N GLU NA 149 41.81 -106.28 20.68
CA GLU NA 149 43.23 -106.52 20.74
C GLU NA 149 43.94 -105.88 19.55
N ASP NA 150 45.27 -105.84 19.63
CA ASP NA 150 46.12 -105.26 18.57
C ASP NA 150 45.74 -103.81 18.28
N VAL NA 151 45.46 -103.05 19.34
CA VAL NA 151 45.11 -101.65 19.18
C VAL NA 151 46.38 -100.85 18.88
N LEU NA 152 46.31 -100.02 17.84
CA LEU NA 152 47.43 -99.17 17.43
C LEU NA 152 47.03 -97.72 17.69
N VAL NA 153 47.47 -97.19 18.83
CA VAL NA 153 47.15 -95.82 19.24
C VAL NA 153 48.43 -95.00 19.13
N GLY NA 154 48.41 -93.98 18.26
CA GLY NA 154 49.58 -93.15 18.08
C GLY NA 154 50.79 -93.92 17.58
N GLU NA 155 50.61 -94.75 16.56
CA GLU NA 155 51.65 -95.62 15.98
C GLU NA 155 52.49 -96.29 17.07
N LYS NA 156 51.83 -96.69 18.16
CA LYS NA 156 52.49 -97.34 19.28
C LYS NA 156 51.67 -98.57 19.67
N LYS NA 157 52.38 -99.68 19.91
CA LYS NA 157 51.71 -100.91 20.33
C LYS NA 157 51.16 -100.73 21.74
N TYR NA 158 49.85 -100.92 21.88
CA TYR NA 158 49.16 -100.78 23.16
C TYR NA 158 48.54 -102.12 23.56
N SER NA 159 48.78 -102.52 24.80
CA SER NA 159 48.14 -103.72 25.31
C SER NA 159 46.66 -103.48 25.54
N VAL NA 160 45.91 -104.57 25.70
CA VAL NA 160 44.47 -104.47 25.92
C VAL NA 160 44.19 -103.73 27.24
N ASP NA 161 44.94 -104.07 28.29
CA ASP NA 161 44.71 -103.44 29.58
C ASP NA 161 45.02 -101.95 29.55
N GLU NA 162 46.03 -101.55 28.78
CA GLU NA 162 46.34 -100.14 28.63
C GLU NA 162 45.13 -99.36 28.10
N PHE NA 163 44.51 -99.87 27.03
CA PHE NA 163 43.38 -99.16 26.46
C PHE NA 163 42.13 -99.30 27.31
N THR NA 164 42.00 -100.39 28.09
CA THR NA 164 40.89 -100.45 29.03
C THR NA 164 41.01 -99.38 30.10
N SER NA 165 42.23 -99.16 30.61
CA SER NA 165 42.45 -98.07 31.55
C SER NA 165 42.18 -96.72 30.90
N ARG NA 166 42.60 -96.56 29.64
CA ARG NA 166 42.31 -95.33 28.91
C ARG NA 166 40.80 -95.09 28.79
N VAL NA 167 40.06 -96.14 28.46
CA VAL NA 167 38.61 -96.02 28.31
C VAL NA 167 37.96 -95.74 29.66
N ALA NA 168 38.47 -96.34 30.73
CA ALA NA 168 37.95 -96.04 32.06
C ALA NA 168 38.15 -94.57 32.41
N GLY NA 169 39.34 -94.04 32.13
CA GLY NA 169 39.57 -92.62 32.36
C GLY NA 169 38.67 -91.74 31.52
N LEU NA 170 38.45 -92.12 30.25
CA LEU NA 170 37.56 -91.37 29.38
C LEU NA 170 36.13 -91.37 29.92
N ILE NA 171 35.66 -92.52 30.38
CA ILE NA 171 34.29 -92.62 30.91
C ILE NA 171 34.17 -91.80 32.18
N ALA NA 172 35.17 -91.86 33.06
CA ALA NA 172 35.15 -91.04 34.26
C ALA NA 172 35.14 -89.56 33.92
N GLY NA 173 35.86 -89.16 32.87
CA GLY NA 173 35.80 -87.78 32.42
C GLY NA 173 34.56 -87.43 31.64
N THR NA 174 33.78 -88.43 31.24
CA THR NA 174 32.55 -88.18 30.50
C THR NA 174 31.44 -87.75 31.45
N PRO NA 175 30.78 -86.62 31.20
CA PRO NA 175 29.70 -86.17 32.08
C PRO NA 175 28.46 -87.04 31.91
N LEU NA 176 27.57 -86.94 32.90
CA LEU NA 176 26.34 -87.72 32.87
C LEU NA 176 25.42 -87.34 31.71
N SER NA 177 25.53 -86.10 31.22
CA SER NA 177 24.72 -85.69 30.06
C SER NA 177 25.19 -86.41 28.80
N GLN NA 178 26.48 -86.62 28.65
CA GLN NA 178 27.04 -87.25 27.46
C GLN NA 178 27.03 -88.77 27.60
N SER NA 179 26.96 -89.44 26.45
CA SER NA 179 26.99 -90.90 26.38
C SER NA 179 28.24 -91.36 25.66
N VAL NA 180 28.76 -92.51 26.11
CA VAL NA 180 30.01 -93.05 25.57
C VAL NA 180 29.83 -93.60 24.15
N THR NA 181 28.60 -93.73 23.68
CA THR NA 181 28.36 -94.23 22.34
C THR NA 181 28.87 -93.24 21.29
N TYR NA 182 29.54 -93.77 20.27
CA TYR NA 182 30.02 -92.98 19.13
C TYR NA 182 30.92 -91.83 19.58
N THR NA 183 31.85 -92.11 20.49
CA THR NA 183 32.83 -91.12 20.91
C THR NA 183 34.12 -91.34 20.14
N LYS NA 184 34.61 -90.28 19.51
CA LYS NA 184 35.79 -90.36 18.66
C LYS NA 184 37.07 -90.33 19.49
N LEU NA 185 38.06 -91.10 19.05
CA LEU NA 185 39.38 -91.14 19.68
C LEU NA 185 40.40 -90.60 18.68
N SER NA 186 40.88 -89.39 18.93
CA SER NA 186 41.86 -88.79 18.02
C SER NA 186 43.22 -89.46 18.12
N ASP NA 187 43.60 -89.92 19.31
CA ASP NA 187 44.91 -90.53 19.49
C ASP NA 187 45.03 -91.83 18.71
N VAL NA 188 43.96 -92.60 18.64
CA VAL NA 188 44.00 -93.89 17.96
C VAL NA 188 44.14 -93.65 16.45
N VAL NA 189 45.11 -94.34 15.85
CA VAL NA 189 45.39 -94.18 14.43
C VAL NA 189 44.93 -95.37 13.60
N ASP NA 190 45.04 -96.60 14.13
CA ASP NA 190 44.67 -97.78 13.36
C ASP NA 190 44.12 -98.85 14.29
N ILE NA 191 43.11 -99.57 13.80
CA ILE NA 191 42.55 -100.72 14.51
C ILE NA 191 42.45 -101.87 13.51
N PRO NA 192 42.46 -103.13 13.95
CA PRO NA 192 42.34 -104.24 13.00
C PRO NA 192 41.04 -104.17 12.23
N LYS NA 193 41.13 -104.51 10.93
CA LYS NA 193 39.95 -104.50 10.08
C LYS NA 193 39.03 -105.65 10.44
N MET NA 194 37.73 -105.35 10.55
CA MET NA 194 36.75 -106.35 10.96
C MET NA 194 35.38 -105.95 10.46
N THR NA 195 34.55 -106.96 10.19
CA THR NA 195 33.24 -106.72 9.59
C THR NA 195 32.27 -106.10 10.59
N LYS NA 196 31.35 -105.29 10.07
CA LYS NA 196 30.35 -104.65 10.92
C LYS NA 196 29.38 -105.69 11.51
N VAL NA 197 29.18 -106.81 10.82
CA VAL NA 197 28.34 -107.88 11.36
C VAL NA 197 28.96 -108.43 12.63
N ASP NA 198 30.29 -108.63 12.63
CA ASP NA 198 30.97 -109.08 13.83
C ASP NA 198 30.85 -108.04 14.95
N ALA NA 199 30.91 -106.76 14.61
CA ALA NA 199 30.73 -105.71 15.61
C ALA NA 199 29.34 -105.77 16.23
N GLU NA 200 28.31 -105.94 15.39
CA GLU NA 200 26.94 -106.05 15.90
C GLU NA 200 26.79 -107.28 16.80
N SER NA 201 27.38 -108.41 16.39
CA SER NA 201 27.31 -109.61 17.22
C SER NA 201 28.00 -109.40 18.55
N ARG NA 202 29.18 -108.75 18.54
CA ARG NA 202 29.89 -108.48 19.78
C ARG NA 202 29.10 -107.56 20.70
N VAL NA 203 28.46 -106.54 20.12
CA VAL NA 203 27.63 -105.64 20.92
C VAL NA 203 26.45 -106.39 21.52
N ASN NA 204 25.83 -107.27 20.73
CA ASN NA 204 24.75 -108.09 21.25
C ASN NA 204 25.23 -108.97 22.41
N LYS NA 205 26.44 -109.51 22.29
CA LYS NA 205 27.04 -110.22 23.41
C LYS NA 205 27.32 -109.27 24.57
N GLY NA 206 27.57 -108.00 24.28
CA GLY NA 206 27.85 -107.00 25.28
C GLY NA 206 29.28 -106.49 25.30
N GLU NA 207 30.17 -107.08 24.49
CA GLU NA 207 31.57 -106.66 24.49
C GLU NA 207 31.71 -105.26 23.87
N LEU NA 208 32.56 -104.44 24.46
CA LEU NA 208 32.83 -103.10 23.96
C LEU NA 208 34.05 -103.14 23.04
N ILE NA 209 33.90 -102.58 21.84
CA ILE NA 209 34.95 -102.60 20.83
C ILE NA 209 35.02 -101.25 20.14
N LEU NA 210 36.13 -101.05 19.42
CA LEU NA 210 36.30 -99.87 18.58
C LEU NA 210 35.74 -100.14 17.19
N ILE NA 211 35.28 -99.07 16.54
CA ILE NA 211 34.73 -99.15 15.20
C ILE NA 211 35.19 -97.93 14.39
N LYS NA 212 35.39 -98.15 13.10
CA LYS NA 212 35.77 -97.09 12.18
C LYS NA 212 34.51 -96.52 11.53
N GLU NA 213 34.10 -95.33 11.97
CA GLU NA 213 32.90 -94.71 11.46
C GLU NA 213 33.09 -93.20 11.40
N ALA NA 214 32.38 -92.57 10.46
CA ALA NA 214 32.46 -91.12 10.24
C ALA NA 214 33.89 -90.68 9.96
N GLY NA 215 34.63 -91.52 9.24
CA GLY NA 215 36.02 -91.22 8.94
C GLY NA 215 36.92 -91.15 10.15
N ALA NA 216 36.61 -91.92 11.19
CA ALA NA 216 37.39 -91.91 12.42
C ALA NA 216 37.13 -93.21 13.17
N ILE NA 217 37.98 -93.48 14.15
CA ILE NA 217 37.84 -94.64 15.02
C ILE NA 217 37.09 -94.21 16.27
N ARG NA 218 35.90 -94.78 16.47
CA ARG NA 218 35.00 -94.36 17.52
C ARG NA 218 34.55 -95.56 18.34
N ILE NA 219 34.11 -95.27 19.57
CA ILE NA 219 33.58 -96.31 20.44
C ILE NA 219 32.28 -96.86 19.85
N ALA NA 220 32.18 -98.19 19.75
CA ALA NA 220 30.99 -98.80 19.17
C ALA NA 220 29.77 -98.59 20.06
N ARG NA 221 29.81 -99.11 21.28
CA ARG NA 221 28.64 -99.07 22.14
C ARG NA 221 29.08 -98.98 23.60
N GLY NA 222 28.12 -98.69 24.46
CA GLY NA 222 28.36 -98.64 25.89
C GLY NA 222 27.61 -99.72 26.64
N VAL NA 223 27.40 -100.87 25.99
CA VAL NA 223 26.69 -101.97 26.63
C VAL NA 223 27.56 -102.62 27.70
N ASN NA 224 26.90 -103.18 28.71
CA ASN NA 224 27.59 -103.85 29.79
C ASN NA 224 28.17 -105.19 29.30
N SER NA 225 29.12 -105.70 30.08
CA SER NA 225 29.74 -106.99 29.75
C SER NA 225 28.83 -108.17 30.06
N LEU NA 226 27.76 -107.96 30.82
CA LEU NA 226 26.87 -109.06 31.17
C LEU NA 226 26.20 -109.60 29.92
N THR NA 227 26.11 -110.93 29.82
CA THR NA 227 25.65 -111.55 28.59
C THR NA 227 24.13 -111.54 28.47
N GLU NA 228 23.43 -112.19 29.40
CA GLU NA 228 21.99 -112.35 29.34
C GLU NA 228 21.38 -111.73 30.59
N LEU NA 229 20.83 -110.53 30.44
CA LEU NA 229 20.21 -109.84 31.56
C LEU NA 229 18.89 -110.51 31.94
N THR NA 230 18.53 -110.40 33.22
CA THR NA 230 17.24 -110.90 33.67
C THR NA 230 16.11 -109.99 33.18
N ALA NA 231 14.91 -110.56 33.15
CA ALA NA 231 13.75 -109.80 32.66
C ALA NA 231 13.45 -108.60 33.56
N GLU NA 232 13.77 -108.70 34.85
CA GLU NA 232 13.51 -107.59 35.76
C GLU NA 232 14.38 -106.38 35.45
N LYS NA 233 15.64 -106.62 35.07
CA LYS NA 233 16.56 -105.50 34.82
C LYS NA 233 16.22 -104.79 33.52
N GLY NA 234 16.32 -105.51 32.40
CA GLY NA 234 15.90 -104.97 31.12
C GLY NA 234 16.99 -104.23 30.36
N GLU NA 235 16.61 -103.79 29.16
CA GLU NA 235 17.55 -103.12 28.27
C GLU NA 235 18.08 -101.83 28.86
N MET NA 236 17.21 -101.07 29.55
CA MET NA 236 17.66 -99.85 30.19
C MET NA 236 18.69 -100.15 31.28
N PHE NA 237 18.54 -101.29 31.96
CA PHE NA 237 19.55 -101.69 32.93
C PHE NA 237 20.80 -102.26 32.29
N GLN NA 238 20.73 -102.68 31.02
CA GLN NA 238 21.92 -103.12 30.32
C GLN NA 238 22.94 -101.99 30.19
N LYS NA 239 22.46 -100.79 29.88
CA LYS NA 239 23.36 -99.67 29.65
C LYS NA 239 24.09 -99.28 30.94
N ILE NA 240 25.40 -99.10 30.84
CA ILE NA 240 26.20 -98.69 31.99
C ILE NA 240 25.87 -97.26 32.38
N LYS NA 241 25.62 -96.39 31.39
CA LYS NA 241 25.27 -95.01 31.67
C LYS NA 241 23.99 -94.91 32.49
N ILE NA 242 22.99 -95.72 32.16
CA ILE NA 242 21.72 -95.65 32.85
C ILE NA 242 21.83 -96.15 34.28
N VAL NA 243 22.58 -97.25 34.49
CA VAL NA 243 22.76 -97.76 35.84
C VAL NA 243 23.68 -96.88 36.66
N ASP NA 244 24.51 -96.06 36.01
CA ASP NA 244 25.42 -95.18 36.74
C ASP NA 244 24.66 -94.21 37.64
N THR NA 245 23.64 -93.55 37.08
CA THR NA 245 22.85 -92.61 37.88
C THR NA 245 22.09 -93.32 38.99
N LEU NA 246 21.61 -94.54 38.74
CA LEU NA 246 20.94 -95.30 39.79
C LEU NA 246 21.90 -95.60 40.94
N ASP NA 247 23.13 -96.01 40.61
CA ASP NA 247 24.12 -96.29 41.65
C ASP NA 247 24.45 -95.02 42.43
N ILE NA 248 24.61 -93.89 41.73
CA ILE NA 248 24.91 -92.64 42.41
C ILE NA 248 23.77 -92.24 43.34
N ILE NA 249 22.53 -92.39 42.88
CA ILE NA 249 21.37 -92.04 43.69
C ILE NA 249 21.32 -92.93 44.93
N HIS NA 250 21.53 -94.23 44.75
CA HIS NA 250 21.51 -95.14 45.90
C HIS NA 250 22.60 -94.80 46.89
N SER NA 251 23.81 -94.50 46.40
CA SER NA 251 24.91 -94.17 47.29
C SER NA 251 24.61 -92.91 48.09
N ASP NA 252 24.11 -91.87 47.42
CA ASP NA 252 23.79 -90.63 48.13
C ASP NA 252 22.67 -90.83 49.15
N ILE NA 253 21.64 -91.60 48.78
CA ILE NA 253 20.53 -91.85 49.69
C ILE NA 253 21.01 -92.61 50.93
N ARG NA 254 21.83 -93.65 50.71
CA ARG NA 254 22.34 -94.39 51.86
C ARG NA 254 23.25 -93.52 52.72
N LYS NA 255 24.06 -92.67 52.09
CA LYS NA 255 24.93 -91.79 52.87
C LYS NA 255 24.12 -90.85 53.75
N VAL NA 256 23.10 -90.20 53.19
CA VAL NA 256 22.31 -89.26 53.98
C VAL NA 256 21.51 -90.00 55.06
N ILE NA 257 21.03 -91.20 54.75
CA ILE NA 257 20.28 -91.98 55.74
C ILE NA 257 21.18 -92.35 56.91
N ILE NA 258 22.40 -92.81 56.62
CA ILE NA 258 23.34 -93.15 57.69
C ILE NA 258 23.73 -91.91 58.48
N ASP NA 259 23.87 -90.78 57.80
CA ASP NA 259 24.23 -89.55 58.49
C ASP NA 259 23.14 -89.09 59.45
N ASP NA 260 21.87 -89.23 59.05
CA ASP NA 260 20.77 -88.62 59.79
C ASP NA 260 19.95 -89.62 60.59
N TYR NA 261 19.44 -90.67 59.95
CA TYR NA 261 18.29 -91.39 60.50
C TYR NA 261 18.70 -92.46 61.51
N ILE NA 262 19.78 -93.20 61.27
CA ILE NA 262 20.10 -94.33 62.12
C ILE NA 262 20.56 -93.83 63.49
N GLY NA 263 19.92 -94.33 64.53
CA GLY NA 263 20.30 -93.98 65.91
C GLY NA 263 19.90 -92.62 66.41
N LYS NA 264 20.14 -91.57 65.62
CA LYS NA 264 19.90 -90.21 66.10
C LYS NA 264 18.43 -89.95 66.36
N VAL NA 265 17.55 -90.42 65.48
CA VAL NA 265 16.12 -90.16 65.58
C VAL NA 265 15.40 -91.47 65.83
N THR NA 266 14.45 -91.46 66.77
CA THR NA 266 13.62 -92.63 67.02
C THR NA 266 12.53 -92.73 65.97
N ASN NA 267 12.28 -93.94 65.50
CA ASN NA 267 11.26 -94.16 64.47
C ASN NA 267 9.88 -93.78 65.00
N SER NA 268 9.13 -93.04 64.19
CA SER NA 268 7.78 -92.62 64.53
C SER NA 268 7.04 -92.26 63.24
N TYR NA 269 5.73 -92.14 63.36
CA TYR NA 269 4.93 -91.79 62.18
C TYR NA 269 5.29 -90.41 61.65
N ASP NA 270 5.45 -89.43 62.55
CA ASP NA 270 5.89 -88.11 62.12
C ASP NA 270 7.31 -88.16 61.56
N ASN NA 271 8.18 -88.98 62.18
CA ASN NA 271 9.52 -89.16 61.64
C ASN NA 271 9.48 -89.80 60.26
N LYS NA 272 8.57 -90.76 60.06
CA LYS NA 272 8.41 -91.35 58.73
C LYS NA 272 7.93 -90.32 57.72
N CYS NA 273 7.01 -89.44 58.12
CA CYS NA 273 6.56 -88.38 57.22
C CYS NA 273 7.71 -87.43 56.87
N LEU NA 274 8.54 -87.09 57.86
CA LEU NA 274 9.70 -86.24 57.58
C LEU NA 274 10.67 -86.93 56.64
N LEU NA 275 10.88 -88.24 56.83
CA LEU NA 275 11.72 -88.99 55.91
C LEU NA 275 11.16 -88.98 54.50
N ILE NA 276 9.83 -89.11 54.37
CA ILE NA 276 9.20 -89.05 53.05
C ILE NA 276 9.41 -87.68 52.43
N VAL NA 277 9.28 -86.62 53.22
CA VAL NA 277 9.51 -85.26 52.72
C VAL NA 277 10.95 -85.10 52.25
N ALA NA 278 11.91 -85.62 53.02
CA ALA NA 278 13.31 -85.53 52.63
C ALA NA 278 13.57 -86.31 51.34
N ILE NA 279 12.97 -87.49 51.19
CA ILE NA 279 13.14 -88.26 49.97
C ILE NA 279 12.53 -87.52 48.79
N LYS NA 280 11.38 -86.88 48.99
CA LYS NA 280 10.78 -86.08 47.92
C LYS NA 280 11.67 -84.91 47.53
N SER NA 281 12.29 -84.27 48.52
CA SER NA 281 13.24 -83.20 48.23
C SER NA 281 14.43 -83.72 47.43
N TYR NA 282 14.93 -84.91 47.80
CA TYR NA 282 16.03 -85.51 47.05
C TYR NA 282 15.61 -85.83 45.61
N LEU NA 283 14.39 -86.32 45.42
CA LEU NA 283 13.89 -86.59 44.07
C LEU NA 283 13.76 -85.30 43.27
N GLU NA 284 13.32 -84.21 43.93
CA GLU NA 284 13.27 -82.91 43.26
C GLU NA 284 14.66 -82.45 42.86
N GLU NA 285 15.65 -82.70 43.73
CA GLU NA 285 17.03 -82.39 43.39
C GLU NA 285 17.49 -83.18 42.17
N LEU NA 286 17.14 -84.47 42.12
CA LEU NA 286 17.49 -85.29 40.95
C LEU NA 286 16.83 -84.75 39.69
N GLU NA 287 15.56 -84.36 39.79
CA GLU NA 287 14.86 -83.81 38.63
C GLU NA 287 15.51 -82.51 38.17
N LYS NA 288 15.91 -81.65 39.11
CA LYS NA 288 16.61 -80.43 38.75
C LYS NA 288 17.95 -80.73 38.09
N SER NA 289 18.62 -81.81 38.52
CA SER NA 289 19.83 -82.25 37.86
C SER NA 289 19.59 -82.70 36.44
N ALA NA 290 18.35 -83.01 36.08
CA ALA NA 290 17.93 -83.40 34.74
C ALA NA 290 18.56 -84.70 34.27
N LEU NA 291 19.27 -85.40 35.14
CA LEU NA 291 19.82 -86.71 34.77
C LEU NA 291 18.70 -87.73 34.55
N ILE NA 292 17.68 -87.70 35.40
CA ILE NA 292 16.49 -88.53 35.24
C ILE NA 292 15.27 -87.64 35.37
N GLU NA 293 14.18 -88.05 34.71
CA GLU NA 293 12.95 -87.27 34.76
C GLU NA 293 12.32 -87.33 36.15
N SER NA 294 12.18 -88.55 36.70
CA SER NA 294 11.76 -88.77 38.08
C SER NA 294 10.40 -88.13 38.36
N ASP NA 295 9.38 -88.59 37.64
CA ASP NA 295 8.03 -88.14 37.91
C ASP NA 295 7.42 -88.83 39.13
N SER NA 296 7.79 -90.09 39.37
CA SER NA 296 7.18 -90.87 40.43
C SER NA 296 7.59 -90.34 41.81
N THR NA 297 6.86 -90.79 42.82
CA THR NA 297 7.08 -90.36 44.19
C THR NA 297 7.27 -91.58 45.08
N VAL NA 298 8.00 -91.40 46.17
CA VAL NA 298 8.28 -92.45 47.14
C VAL NA 298 7.28 -92.33 48.28
N GLU NA 299 6.61 -93.43 48.60
CA GLU NA 299 5.59 -93.46 49.64
C GLU NA 299 5.72 -94.75 50.44
N ILE NA 300 5.07 -94.78 51.59
CA ILE NA 300 5.06 -95.98 52.42
C ILE NA 300 4.33 -97.09 51.69
N ASP NA 301 4.99 -98.25 51.58
CA ASP NA 301 4.37 -99.40 50.94
C ASP NA 301 3.40 -100.05 51.90
N PHE NA 302 2.11 -100.06 51.52
CA PHE NA 302 1.11 -100.69 52.38
C PHE NA 302 1.31 -102.21 52.45
N GLU NA 303 1.91 -102.80 51.41
CA GLU NA 303 2.25 -104.22 51.49
C GLU NA 303 3.32 -104.47 52.55
N ALA NA 304 4.36 -103.62 52.59
CA ALA NA 304 5.37 -103.74 53.62
C ALA NA 304 4.80 -103.44 55.00
N GLN NA 305 3.89 -102.47 55.07
CA GLN NA 305 3.22 -102.17 56.34
C GLN NA 305 2.43 -103.38 56.83
N LYS NA 306 1.70 -104.04 55.92
CA LYS NA 306 0.94 -105.23 56.29
C LYS NA 306 1.88 -106.35 56.71
N SER NA 307 3.01 -106.50 56.03
CA SER NA 307 3.98 -107.53 56.40
C SER NA 307 4.52 -107.29 57.80
N TYR NA 308 4.86 -106.03 58.13
CA TYR NA 308 5.37 -105.74 59.46
C TYR NA 308 4.28 -105.90 60.52
N LEU NA 309 3.03 -105.55 60.19
CA LEU NA 309 1.94 -105.75 61.13
C LEU NA 309 1.71 -107.23 61.39
N LYS NA 310 1.82 -108.05 60.34
CA LYS NA 310 1.75 -109.50 60.52
C LYS NA 310 2.90 -110.00 61.38
N SER NA 311 4.10 -109.46 61.18
CA SER NA 311 5.23 -109.83 62.04
C SER NA 311 4.95 -109.46 63.49
N LYS NA 312 4.37 -108.29 63.73
CA LYS NA 312 3.91 -107.93 65.07
C LYS NA 312 2.69 -108.70 65.49
N GLY NA 313 1.97 -109.31 64.54
CA GLY NA 313 0.82 -110.12 64.85
C GLY NA 313 -0.46 -109.37 65.09
N VAL NA 314 -0.50 -108.05 64.85
CA VAL NA 314 -1.71 -107.29 65.04
C VAL NA 314 -2.74 -107.67 63.99
N ASP NA 315 -4.01 -107.69 64.40
CA ASP NA 315 -5.08 -108.14 63.52
C ASP NA 315 -5.29 -107.20 62.34
N LEU NA 316 -5.80 -107.75 61.25
CA LEU NA 316 -6.09 -107.00 60.03
C LEU NA 316 -7.54 -106.53 59.99
N SER NA 317 -8.49 -107.37 60.39
CA SER NA 317 -9.89 -107.00 60.35
C SER NA 317 -10.21 -105.96 61.41
N TYR NA 318 -11.25 -105.18 61.14
CA TYR NA 318 -11.76 -104.14 62.03
C TYR NA 318 -10.77 -102.98 62.21
N MET NA 319 -9.62 -103.04 61.56
CA MET NA 319 -8.60 -101.99 61.63
C MET NA 319 -8.75 -101.06 60.44
N THR NA 320 -8.78 -99.76 60.72
CA THR NA 320 -8.84 -98.77 59.66
C THR NA 320 -7.59 -98.82 58.80
N LEU NA 321 -7.75 -98.62 57.49
CA LEU NA 321 -6.63 -98.63 56.58
C LEU NA 321 -5.61 -97.57 56.97
N GLN NA 322 -6.08 -96.36 57.27
CA GLN NA 322 -5.19 -95.31 57.75
C GLN NA 322 -4.53 -95.70 59.07
N GLU NA 323 -5.31 -96.30 59.98
CA GLU NA 323 -4.76 -96.74 61.25
C GLU NA 323 -3.67 -97.79 61.05
N ILE NA 324 -3.89 -98.73 60.13
CA ILE NA 324 -2.86 -99.72 59.82
C ILE NA 324 -1.62 -99.03 59.26
N LYS NA 325 -1.82 -98.06 58.36
CA LYS NA 325 -0.70 -97.33 57.78
C LYS NA 325 0.07 -96.56 58.84
N GLU NA 326 -0.63 -95.93 59.78
CA GLU NA 326 -0.01 -95.11 60.81
C GLU NA 326 0.31 -95.91 62.08
N ALA NA 327 0.13 -97.23 62.05
CA ALA NA 327 0.43 -98.04 63.21
C ALA NA 327 1.92 -98.04 63.51
N ASN NA 328 2.26 -98.42 64.74
CA ASN NA 328 3.65 -98.41 65.17
C ASN NA 328 4.49 -99.35 64.31
N THR NA 329 5.62 -98.85 63.82
CA THR NA 329 6.52 -99.61 62.97
C THR NA 329 7.76 -100.09 63.71
N GLY NA 330 7.82 -99.90 65.02
CA GLY NA 330 9.00 -100.29 65.77
C GLY NA 330 10.22 -99.53 65.31
N SER NA 331 11.38 -100.18 65.37
CA SER NA 331 12.60 -99.57 64.89
C SER NA 331 12.69 -99.60 63.36
N LYS NA 332 12.11 -100.61 62.73
CA LYS NA 332 12.25 -100.79 61.29
C LYS NA 332 11.44 -99.74 60.52
N VAL NA 333 11.96 -99.36 59.36
CA VAL NA 333 11.31 -98.42 58.46
C VAL NA 333 11.23 -99.07 57.08
N PHE NA 334 10.05 -99.01 56.46
CA PHE NA 334 9.82 -99.64 55.16
C PHE NA 334 9.36 -98.59 54.17
N LEU NA 335 9.94 -98.61 52.97
CA LEU NA 335 9.64 -97.64 51.93
C LEU NA 335 9.50 -98.35 50.59
N LYS NA 336 8.74 -97.72 49.69
CA LYS NA 336 8.56 -98.19 48.32
C LYS NA 336 9.20 -97.18 47.38
N ALA NA 337 10.10 -97.66 46.52
CA ALA NA 337 10.87 -96.79 45.64
C ALA NA 337 10.49 -97.06 44.18
N LYS NA 338 10.10 -95.99 43.48
CA LYS NA 338 9.84 -96.05 42.05
C LYS NA 338 10.24 -94.71 41.44
N ILE NA 339 10.93 -94.76 40.30
CA ILE NA 339 11.45 -93.57 39.64
C ILE NA 339 11.31 -93.74 38.13
N LYS NA 340 11.54 -92.64 37.42
CA LYS NA 340 11.62 -92.62 35.97
C LYS NA 340 13.03 -92.19 35.58
N VAL NA 341 13.67 -92.98 34.71
CA VAL NA 341 15.07 -92.79 34.36
C VAL NA 341 15.13 -92.28 32.93
N LEU NA 342 15.89 -91.21 32.72
CA LEU NA 342 16.04 -90.60 31.41
C LEU NA 342 17.15 -91.31 30.63
N ASP NA 343 16.90 -91.53 29.34
CA ASP NA 343 17.83 -92.22 28.46
C ASP NA 343 18.36 -91.26 27.41
N ALA NA 344 19.67 -91.32 27.16
CA ALA NA 344 20.27 -90.53 26.09
C ALA NA 344 19.96 -91.16 24.74
N MET NA 345 19.70 -90.31 23.75
CA MET NA 345 19.38 -90.82 22.42
C MET NA 345 20.61 -91.43 21.78
N GLU NA 346 20.41 -92.52 21.07
CA GLU NA 346 21.47 -93.23 20.36
C GLU NA 346 21.18 -93.33 18.87
N ASP NA 347 20.00 -92.89 18.45
CA ASP NA 347 19.52 -93.06 17.08
C ASP NA 347 18.30 -92.18 16.86
N ILE NA 348 18.11 -91.74 15.62
CA ILE NA 348 17.05 -90.81 15.26
C ILE NA 348 16.35 -91.31 14.01
N ASP NA 349 15.03 -91.33 14.02
CA ASP NA 349 14.20 -91.59 12.85
C ASP NA 349 13.59 -90.28 12.37
N LEU NA 350 13.50 -90.12 11.06
CA LEU NA 350 12.89 -88.95 10.45
C LEU NA 350 12.31 -89.32 9.10
N SER NA 351 11.03 -89.06 8.92
CA SER NA 351 10.32 -89.36 7.69
C SER NA 351 9.90 -88.04 7.03
N ILE NA 352 10.80 -87.46 6.25
CA ILE NA 352 10.50 -86.30 5.43
C ILE NA 352 9.73 -86.78 4.22
N GLU NA 353 9.06 -85.86 3.52
CA GLU NA 353 8.16 -86.23 2.45
C GLU NA 353 8.22 -85.19 1.35
N ILE NA 354 7.80 -85.59 0.15
CA ILE NA 354 7.80 -84.70 -1.00
C ILE NA 354 6.43 -84.03 -1.13
N GLY OA 4 47.43 -67.17 41.23
CA GLY OA 4 48.11 -66.35 40.24
C GLY OA 4 48.07 -64.87 40.56
N LEU OA 5 49.07 -64.13 40.08
CA LEU OA 5 49.05 -62.69 40.30
C LEU OA 5 48.03 -62.04 39.38
N PRO OA 6 47.11 -61.24 39.91
CA PRO OA 6 46.17 -60.52 39.04
C PRO OA 6 46.84 -59.34 38.36
N SER OA 7 46.87 -59.37 37.02
CA SER OA 7 47.48 -58.31 36.24
C SER OA 7 46.62 -58.03 35.02
N ILE OA 8 46.74 -56.81 34.48
CA ILE OA 8 45.95 -56.44 33.31
C ILE OA 8 46.41 -57.25 32.11
N ASN OA 9 45.43 -57.82 31.39
CA ASN OA 9 45.69 -58.60 30.20
C ASN OA 9 44.71 -58.18 29.11
N ILE OA 10 45.19 -57.37 28.17
CA ILE OA 10 44.38 -56.84 27.08
C ILE OA 10 44.59 -57.73 25.87
N SER OA 11 43.49 -58.29 25.35
CA SER OA 11 43.53 -59.20 24.21
C SER OA 11 43.05 -58.46 22.97
N PHE OA 12 43.72 -58.70 21.84
CA PHE OA 12 43.35 -58.11 20.57
C PHE OA 12 43.17 -59.23 19.55
N LYS OA 13 41.98 -59.33 18.99
CA LYS OA 13 41.61 -60.41 18.09
C LYS OA 13 41.09 -59.83 16.78
N GLU OA 14 41.18 -60.63 15.72
CA GLU OA 14 40.70 -60.20 14.42
C GLU OA 14 39.36 -60.85 14.10
N LEU OA 15 38.42 -60.04 13.64
CA LEU OA 15 37.09 -60.53 13.28
C LEU OA 15 37.11 -60.99 11.83
N ALA OA 16 36.94 -62.30 11.63
CA ALA OA 16 36.66 -62.87 10.32
C ALA OA 16 35.28 -63.51 10.39
N THR OA 17 34.42 -63.15 9.44
CA THR OA 17 33.04 -63.62 9.49
C THR OA 17 33.00 -65.14 9.42
N THR OA 18 32.51 -65.76 10.49
CA THR OA 18 32.46 -67.21 10.60
C THR OA 18 31.05 -67.70 10.32
N VAL OA 19 30.91 -68.55 9.30
CA VAL OA 19 29.65 -69.14 8.91
C VAL OA 19 29.79 -70.65 8.94
N LYS OA 20 28.81 -71.32 9.55
CA LYS OA 20 28.84 -72.77 9.62
C LYS OA 20 28.89 -73.38 8.22
N GLU OA 21 29.80 -74.33 8.04
CA GLU OA 21 30.03 -74.96 6.75
C GLU OA 21 29.36 -76.33 6.73
N ARG OA 22 28.60 -76.60 5.67
CA ARG OA 22 27.90 -77.86 5.52
C ARG OA 22 28.78 -78.82 4.74
N SER OA 23 28.20 -79.95 4.30
CA SER OA 23 28.96 -80.94 3.55
C SER OA 23 29.45 -80.35 2.23
N ALA OA 24 30.66 -80.72 1.84
CA ALA OA 24 31.25 -80.20 0.62
C ALA OA 24 30.50 -80.70 -0.60
N ARG OA 25 30.37 -79.83 -1.60
CA ARG OA 25 29.68 -80.15 -2.84
C ARG OA 25 30.53 -79.73 -4.02
N GLY OA 26 30.33 -80.42 -5.15
CA GLY OA 26 31.04 -80.11 -6.37
C GLY OA 26 32.39 -80.75 -6.52
N ILE OA 27 32.85 -81.52 -5.53
CA ILE OA 27 34.14 -82.19 -5.65
C ILE OA 27 34.04 -83.31 -6.68
N ILE OA 28 35.18 -83.63 -7.30
CA ILE OA 28 35.25 -84.65 -8.34
C ILE OA 28 36.23 -85.72 -7.89
N ALA OA 29 35.81 -86.98 -7.96
CA ALA OA 29 36.66 -88.12 -7.64
C ALA OA 29 37.21 -88.67 -8.95
N MET OA 30 38.41 -88.26 -9.31
CA MET OA 30 39.08 -88.72 -10.51
C MET OA 30 39.98 -89.90 -10.17
N VAL OA 31 39.65 -91.07 -10.71
CA VAL OA 31 40.44 -92.28 -10.51
C VAL OA 31 40.77 -92.86 -11.89
N LEU OA 32 42.05 -93.17 -12.10
CA LEU OA 32 42.48 -93.70 -13.39
C LEU OA 32 43.86 -94.33 -13.22
N LYS OA 33 44.20 -95.22 -14.15
CA LYS OA 33 45.38 -96.07 -14.03
C LYS OA 33 46.59 -95.44 -14.70
N ASP OA 34 47.76 -95.64 -14.09
CA ASP OA 34 49.03 -95.24 -14.66
C ASP OA 34 50.15 -96.03 -13.99
N ALA OA 35 51.31 -96.03 -14.64
CA ALA OA 35 52.48 -96.75 -14.16
C ALA OA 35 53.54 -95.82 -13.58
N LYS OA 36 53.26 -94.53 -13.45
CA LYS OA 36 54.22 -93.55 -12.96
C LYS OA 36 53.70 -92.93 -11.67
N ALA OA 37 54.55 -92.93 -10.65
CA ALA OA 37 54.28 -92.26 -9.37
C ALA OA 37 52.88 -92.60 -8.84
N LEU OA 38 52.72 -93.88 -8.52
CA LEU OA 38 51.44 -94.38 -8.04
C LEU OA 38 51.01 -93.65 -6.77
N GLY OA 39 49.75 -93.24 -6.73
CA GLY OA 39 49.19 -92.53 -5.60
C GLY OA 39 48.31 -91.38 -6.03
N LEU OA 40 47.47 -90.95 -5.09
CA LEU OA 40 46.55 -89.85 -5.35
C LEU OA 40 47.29 -88.53 -5.50
N ASN OA 41 46.73 -87.65 -6.33
CA ASN OA 41 47.39 -86.40 -6.69
C ASN OA 41 46.79 -85.17 -6.03
N GLU OA 42 45.52 -85.24 -5.60
CA GLU OA 42 44.80 -84.15 -4.93
C GLU OA 42 45.10 -82.79 -5.57
N ILE OA 43 44.76 -82.69 -6.85
CA ILE OA 43 45.03 -81.48 -7.62
C ILE OA 43 43.97 -80.42 -7.32
N HIS OA 44 44.21 -79.59 -6.32
CA HIS OA 44 43.31 -78.48 -6.01
C HIS OA 44 43.66 -77.22 -6.79
N GLU OA 45 44.94 -76.95 -7.00
CA GLU OA 45 45.35 -75.76 -7.74
C GLU OA 45 45.01 -75.92 -9.22
N LYS OA 46 44.62 -74.82 -9.85
CA LYS OA 46 44.20 -74.86 -11.23
C LYS OA 46 45.39 -75.06 -12.16
N GLU OA 47 45.19 -75.91 -13.19
CA GLU OA 47 46.17 -76.14 -14.25
C GLU OA 47 47.52 -76.56 -13.69
N ASP OA 48 47.52 -77.72 -13.03
CA ASP OA 48 48.74 -78.34 -12.52
C ASP OA 48 48.70 -79.82 -12.87
N ILE OA 49 49.51 -80.23 -13.83
CA ILE OA 49 49.56 -81.62 -14.29
C ILE OA 49 50.84 -82.23 -13.76
N PRO OA 50 50.77 -83.15 -12.80
CA PRO OA 50 51.98 -83.85 -12.35
C PRO OA 50 52.55 -84.73 -13.45
N VAL OA 51 53.86 -84.95 -13.39
CA VAL OA 51 54.56 -85.69 -14.44
C VAL OA 51 54.11 -87.14 -14.51
N ASP OA 52 53.48 -87.66 -13.45
CA ASP OA 52 53.01 -89.04 -13.47
C ASP OA 52 51.95 -89.26 -14.54
N LEU OA 53 51.05 -88.30 -14.69
CA LEU OA 53 49.93 -88.43 -15.62
C LEU OA 53 50.36 -88.14 -17.05
N SER OA 54 49.86 -88.96 -17.99
CA SER OA 54 50.30 -88.93 -19.37
C SER OA 54 49.52 -87.89 -20.16
N ALA OA 55 49.70 -87.90 -21.49
CA ALA OA 55 49.06 -86.89 -22.34
C ALA OA 55 47.54 -87.04 -22.34
N GLU OA 56 47.04 -88.27 -22.45
CA GLU OA 56 45.60 -88.49 -22.33
C GLU OA 56 45.11 -88.11 -20.94
N ASN OA 57 45.90 -88.43 -19.92
CA ASN OA 57 45.58 -88.01 -18.56
C ASN OA 57 45.57 -86.48 -18.45
N LYS OA 58 46.52 -85.82 -19.10
CA LYS OA 58 46.55 -84.37 -19.09
C LYS OA 58 45.31 -83.79 -19.75
N GLU OA 59 44.89 -84.39 -20.87
CA GLU OA 59 43.66 -83.94 -21.53
C GLU OA 59 42.45 -84.17 -20.63
N TYR OA 60 42.41 -85.28 -19.91
CA TYR OA 60 41.33 -85.53 -18.96
C TYR OA 60 41.28 -84.44 -17.90
N ILE OA 61 42.45 -84.08 -17.34
CA ILE OA 61 42.50 -83.03 -16.33
C ILE OA 61 42.02 -81.71 -16.92
N ASN OA 62 42.48 -81.37 -18.13
CA ASN OA 62 42.09 -80.11 -18.75
C ASN OA 62 40.59 -80.06 -18.99
N LEU OA 63 40.00 -81.18 -19.42
CA LEU OA 63 38.55 -81.22 -19.63
C LEU OA 63 37.81 -81.07 -18.31
N ALA OA 64 38.31 -81.70 -17.25
CA ALA OA 64 37.61 -81.67 -15.96
C ALA OA 64 37.75 -80.32 -15.26
N LEU OA 65 38.86 -79.61 -15.49
CA LEU OA 65 39.14 -78.40 -14.72
C LEU OA 65 38.13 -77.30 -15.03
N MET OA 66 37.83 -77.08 -16.30
CA MET OA 66 36.93 -76.01 -16.69
C MET OA 66 35.50 -76.53 -16.77
N GLY OA 67 34.55 -75.67 -16.41
CA GLY OA 67 33.15 -76.05 -16.38
C GLY OA 67 32.28 -75.03 -17.11
N ASN OA 68 30.98 -75.30 -17.10
CA ASN OA 68 30.04 -74.42 -17.78
C ASN OA 68 29.95 -73.06 -17.10
N VAL OA 69 29.78 -73.04 -15.78
CA VAL OA 69 29.61 -71.81 -15.03
C VAL OA 69 30.86 -71.45 -14.24
N ASN OA 70 31.35 -72.38 -13.43
CA ASN OA 70 32.52 -72.13 -12.60
C ASN OA 70 33.40 -73.37 -12.58
N THR OA 71 34.67 -73.16 -12.26
CA THR OA 71 35.58 -74.28 -12.06
C THR OA 71 35.13 -75.09 -10.85
N PRO OA 72 35.15 -76.43 -10.93
CA PRO OA 72 34.82 -77.24 -9.75
C PRO OA 72 35.74 -76.91 -8.59
N ASN OA 73 35.17 -76.93 -7.39
CA ASN OA 73 35.89 -76.45 -6.20
C ASN OA 73 37.14 -77.27 -5.94
N LYS OA 74 37.02 -78.60 -5.93
CA LYS OA 74 38.16 -79.47 -5.65
C LYS OA 74 38.14 -80.67 -6.59
N LEU OA 75 39.32 -81.05 -7.05
CA LEU OA 75 39.50 -82.22 -7.89
C LEU OA 75 40.57 -83.12 -7.28
N LEU OA 76 40.26 -84.41 -7.15
CA LEU OA 76 41.18 -85.38 -6.59
C LEU OA 76 41.45 -86.45 -7.63
N VAL OA 77 42.71 -86.60 -8.04
CA VAL OA 77 43.12 -87.54 -9.07
C VAL OA 77 43.97 -88.62 -8.42
N TYR OA 78 43.66 -89.88 -8.72
CA TYR OA 78 44.36 -91.02 -8.15
C TYR OA 78 45.13 -91.76 -9.23
N VAL OA 79 46.32 -92.24 -8.88
CA VAL OA 79 47.20 -92.93 -9.81
C VAL OA 79 47.58 -94.28 -9.19
N ILE OA 80 47.35 -95.36 -9.95
CA ILE OA 80 47.80 -96.69 -9.55
C ILE OA 80 47.92 -97.53 -10.82
N GLU OA 81 48.62 -98.66 -10.72
CA GLU OA 81 48.77 -99.55 -11.85
C GLU OA 81 47.42 -100.07 -12.31
N GLY OA 82 47.34 -100.47 -13.58
CA GLY OA 82 46.07 -100.87 -14.16
C GLY OA 82 45.44 -102.04 -13.43
N GLU OA 83 46.27 -102.97 -12.94
CA GLU OA 83 45.74 -104.11 -12.19
C GLU OA 83 45.16 -103.64 -10.86
N ALA OA 84 44.04 -104.25 -10.47
CA ALA OA 84 43.36 -103.96 -9.21
C ALA OA 84 42.99 -102.49 -9.08
N ASP OA 85 42.51 -101.89 -10.17
CA ASP OA 85 42.02 -100.52 -10.12
C ASP OA 85 40.78 -100.42 -9.23
N ILE OA 86 39.87 -101.39 -9.35
CA ILE OA 86 38.57 -101.29 -8.67
C ILE OA 86 38.75 -101.37 -7.16
N GLN OA 87 39.63 -102.26 -6.69
CA GLN OA 87 39.82 -102.43 -5.25
C GLN OA 87 40.33 -101.15 -4.60
N THR OA 88 41.42 -100.60 -5.13
CA THR OA 88 41.98 -99.38 -4.56
C THR OA 88 41.06 -98.18 -4.75
N ALA OA 89 40.31 -98.14 -5.86
CA ALA OA 89 39.34 -97.07 -6.05
C ALA OA 89 38.26 -97.13 -4.97
N LEU OA 90 37.76 -98.33 -4.70
CA LEU OA 90 36.75 -98.48 -3.64
C LEU OA 90 37.32 -98.10 -2.28
N ASP OA 91 38.56 -98.53 -1.99
CA ASP OA 91 39.17 -98.21 -0.70
C ASP OA 91 39.33 -96.71 -0.53
N PHE OA 92 39.82 -96.02 -1.58
CA PHE OA 92 40.06 -94.59 -1.47
C PHE OA 92 38.76 -93.80 -1.41
N LEU OA 93 37.74 -94.24 -2.15
CA LEU OA 93 36.45 -93.56 -2.08
C LEU OA 93 35.76 -93.81 -0.73
N GLU OA 94 35.99 -94.96 -0.12
CA GLU OA 94 35.52 -95.17 1.24
C GLU OA 94 36.28 -94.28 2.23
N THR OA 95 37.57 -94.07 1.98
CA THR OA 95 38.38 -93.24 2.86
C THR OA 95 37.89 -91.79 2.87
N LYS OA 96 37.58 -91.24 1.71
CA LYS OA 96 37.20 -89.84 1.59
C LYS OA 96 35.97 -89.71 0.71
N GLU OA 97 35.05 -88.83 1.12
CA GLU OA 97 33.79 -88.66 0.41
C GLU OA 97 34.03 -88.00 -0.96
N PHE OA 98 33.00 -88.04 -1.80
CA PHE OA 98 33.05 -87.46 -3.13
C PHE OA 98 31.64 -87.18 -3.61
N ASN OA 99 31.54 -86.38 -4.67
CA ASN OA 99 30.27 -86.05 -5.28
C ASN OA 99 30.04 -86.76 -6.61
N TYR OA 100 31.09 -86.94 -7.42
CA TYR OA 100 30.96 -87.56 -8.72
C TYR OA 100 32.09 -88.55 -8.94
N LEU OA 101 31.82 -89.57 -9.75
CA LEU OA 101 32.79 -90.64 -10.00
C LEU OA 101 32.80 -90.96 -11.49
N CYS OA 102 34.00 -91.23 -12.01
CA CYS OA 102 34.15 -91.61 -13.41
C CYS OA 102 35.45 -92.39 -13.57
N MET OA 103 35.36 -93.57 -14.18
CA MET OA 103 36.54 -94.39 -14.46
C MET OA 103 36.74 -94.48 -15.97
N PRO OA 104 37.72 -93.74 -16.53
CA PRO OA 104 37.90 -93.75 -17.99
C PRO OA 104 38.25 -95.11 -18.57
N LYS OA 105 38.83 -96.01 -17.79
CA LYS OA 105 39.21 -97.33 -18.28
C LYS OA 105 38.39 -98.44 -17.62
N ALA OA 106 37.14 -98.16 -17.29
CA ALA OA 106 36.26 -99.16 -16.70
C ALA OA 106 35.67 -100.04 -17.78
N VAL OA 107 35.90 -101.35 -17.67
CA VAL OA 107 35.27 -102.32 -18.56
C VAL OA 107 33.84 -102.52 -18.09
N GLU OA 108 33.04 -103.23 -18.91
CA GLU OA 108 31.63 -103.42 -18.56
C GLU OA 108 31.49 -104.11 -17.20
N ALA OA 109 32.34 -105.09 -16.92
CA ALA OA 109 32.34 -105.70 -15.59
C ALA OA 109 32.75 -104.68 -14.53
N ASP OA 110 33.76 -103.85 -14.83
CA ASP OA 110 34.18 -102.82 -13.89
C ASP OA 110 33.06 -101.80 -13.68
N LYS OA 111 32.37 -101.41 -14.75
CA LYS OA 111 31.24 -100.48 -14.61
C LYS OA 111 30.13 -101.08 -13.76
N THR OA 112 29.84 -102.37 -13.98
CA THR OA 112 28.82 -103.04 -13.17
C THR OA 112 29.21 -103.09 -11.70
N ALA OA 113 30.48 -103.39 -11.42
CA ALA OA 113 30.95 -103.40 -10.04
C ALA OA 113 30.87 -102.01 -9.42
N ILE OA 114 31.21 -100.98 -10.19
CA ILE OA 114 31.12 -99.60 -9.70
C ILE OA 114 29.67 -99.27 -9.35
N LYS OA 115 28.74 -99.62 -10.25
CA LYS OA 115 27.33 -99.35 -9.99
C LYS OA 115 26.85 -100.11 -8.76
N ASN OA 116 27.27 -101.36 -8.61
CA ASN OA 116 26.87 -102.15 -7.44
C ASN OA 116 27.39 -101.51 -6.16
N TRP OA 117 28.63 -101.03 -6.17
CA TRP OA 117 29.17 -100.38 -4.98
C TRP OA 117 28.43 -99.08 -4.68
N ILE OA 118 28.10 -98.31 -5.72
CA ILE OA 118 27.36 -97.06 -5.54
C ILE OA 118 26.01 -97.34 -4.91
N ILE OA 119 25.27 -98.31 -5.46
CA ILE OA 119 23.93 -98.59 -4.95
C ILE OA 119 24.01 -99.19 -3.55
N LYS OA 120 25.02 -100.02 -3.27
CA LYS OA 120 25.18 -100.56 -1.93
C LYS OA 120 25.40 -99.45 -0.92
N LEU OA 121 26.26 -98.49 -1.24
CA LEU OA 121 26.45 -97.35 -0.35
C LEU OA 121 25.16 -96.56 -0.18
N ARG OA 122 24.51 -96.20 -1.28
CA ARG OA 122 23.31 -95.37 -1.21
C ARG OA 122 22.16 -96.06 -0.50
N ASP OA 123 22.15 -97.39 -0.46
CA ASP OA 123 21.04 -98.13 0.14
C ASP OA 123 21.30 -98.58 1.57
N ILE OA 124 22.56 -98.85 1.94
CA ILE OA 124 22.90 -99.34 3.27
C ILE OA 124 23.69 -98.30 4.07
N ASP OA 125 24.76 -97.77 3.48
CA ASP OA 125 25.61 -96.83 4.19
C ASP OA 125 25.02 -95.43 4.26
N LYS OA 126 23.91 -95.19 3.56
CA LYS OA 126 23.27 -93.87 3.53
C LYS OA 126 24.26 -92.79 3.08
N VAL OA 127 25.11 -93.13 2.13
CA VAL OA 127 26.07 -92.20 1.55
C VAL OA 127 25.58 -91.85 0.15
N LYS OA 128 25.27 -90.57 -0.06
CA LYS OA 128 24.73 -90.10 -1.34
C LYS OA 128 25.89 -89.84 -2.29
N VAL OA 129 26.08 -90.74 -3.25
CA VAL OA 129 27.16 -90.66 -4.22
C VAL OA 129 26.59 -90.84 -5.62
N LYS OA 130 27.18 -90.15 -6.58
CA LYS OA 130 26.78 -90.24 -7.98
C LYS OA 130 28.00 -90.58 -8.83
N ALA OA 131 27.76 -91.31 -9.92
CA ALA OA 131 28.82 -91.72 -10.83
C ALA OA 131 28.38 -91.49 -12.26
N VAL OA 132 29.34 -91.17 -13.12
CA VAL OA 132 29.11 -90.98 -14.54
C VAL OA 132 29.75 -92.14 -15.28
N LEU OA 133 28.96 -92.83 -16.10
CA LEU OA 133 29.40 -94.04 -16.78
C LEU OA 133 29.06 -93.97 -18.26
N GLY OA 134 29.86 -94.67 -19.06
CA GLY OA 134 29.71 -94.61 -20.50
C GLY OA 134 28.47 -95.30 -21.04
N LYS OA 135 28.38 -96.62 -20.87
CA LYS OA 135 27.25 -97.40 -21.40
C LYS OA 135 26.79 -98.36 -20.29
N VAL OA 136 25.84 -97.89 -19.48
CA VAL OA 136 25.27 -98.69 -18.40
C VAL OA 136 23.76 -98.57 -18.48
N VAL OA 137 23.07 -99.71 -18.53
CA VAL OA 137 21.62 -99.75 -18.62
C VAL OA 137 21.06 -100.10 -17.24
N GLY OA 138 21.85 -99.82 -16.21
CA GLY OA 138 21.49 -100.22 -14.87
C GLY OA 138 20.21 -99.56 -14.38
N ASN OA 139 19.63 -100.17 -13.35
CA ASN OA 139 18.32 -99.81 -12.83
C ASN OA 139 18.39 -98.92 -11.59
N HIS OA 140 19.34 -97.98 -11.55
CA HIS OA 140 19.44 -97.06 -10.44
C HIS OA 140 19.56 -95.63 -10.96
N GLU OA 141 19.17 -94.67 -10.12
CA GLU OA 141 19.19 -93.26 -10.49
C GLU OA 141 20.50 -92.57 -10.18
N GLY OA 142 21.28 -93.07 -9.22
CA GLY OA 142 22.52 -92.42 -8.86
C GLY OA 142 23.58 -92.52 -9.95
N ILE OA 143 23.50 -93.54 -10.80
CA ILE OA 143 24.43 -93.68 -11.90
C ILE OA 143 23.98 -92.82 -13.07
N ILE OA 144 24.92 -92.49 -13.95
CA ILE OA 144 24.67 -91.65 -15.11
C ILE OA 144 25.16 -92.37 -16.36
N ASN OA 145 24.31 -92.44 -17.38
CA ASN OA 145 24.60 -93.14 -18.62
C ASN OA 145 24.61 -92.12 -19.75
N PHE OA 146 25.67 -92.13 -20.56
CA PHE OA 146 25.83 -91.21 -21.68
C PHE OA 146 26.10 -92.02 -22.94
N THR OA 147 25.05 -92.30 -23.70
CA THR OA 147 25.14 -93.15 -24.89
C THR OA 147 25.28 -92.27 -26.12
N THR OA 148 26.50 -91.78 -26.35
CA THR OA 148 26.80 -90.98 -27.53
C THR OA 148 28.22 -91.31 -27.97
N GLU OA 149 28.35 -92.11 -29.02
CA GLU OA 149 29.64 -92.50 -29.54
C GLU OA 149 30.07 -91.60 -30.69
N ASP OA 150 31.34 -91.74 -31.09
CA ASP OA 150 31.92 -90.99 -32.19
C ASP OA 150 31.79 -89.48 -31.99
N VAL OA 151 32.01 -89.03 -30.76
CA VAL OA 151 31.94 -87.61 -30.45
C VAL OA 151 33.17 -86.90 -31.01
N LEU OA 152 32.95 -85.78 -31.69
CA LEU OA 152 34.01 -85.00 -32.31
C LEU OA 152 34.09 -83.65 -31.58
N VAL OA 153 35.09 -83.49 -30.72
CA VAL OA 153 35.29 -82.27 -29.96
C VAL OA 153 36.63 -81.68 -30.37
N GLY OA 154 36.61 -80.44 -30.83
CA GLY OA 154 37.82 -79.76 -31.23
C GLY OA 154 38.58 -80.47 -32.33
N GLU OA 155 37.87 -80.89 -33.37
CA GLU OA 155 38.39 -81.66 -34.51
C GLU OA 155 39.33 -82.77 -34.07
N LYS OA 156 39.06 -83.35 -32.90
CA LYS OA 156 39.86 -84.42 -32.34
C LYS OA 156 38.95 -85.58 -31.93
N LYS OA 157 39.36 -86.80 -32.24
CA LYS OA 157 38.59 -87.96 -31.83
C LYS OA 157 38.62 -88.10 -30.32
N TYR OA 158 37.44 -88.23 -29.72
CA TYR OA 158 37.29 -88.37 -28.27
C TYR OA 158 36.58 -89.68 -27.96
N SER OA 159 37.12 -90.42 -27.01
CA SER OA 159 36.44 -91.61 -26.52
C SER OA 159 35.19 -91.22 -25.75
N VAL OA 160 34.27 -92.17 -25.59
CA VAL OA 160 33.04 -91.91 -24.85
C VAL OA 160 33.35 -91.52 -23.41
N ASP OA 161 34.29 -92.23 -22.78
CA ASP OA 161 34.61 -91.95 -21.38
C ASP OA 161 35.26 -90.57 -21.22
N GLU OA 162 36.03 -90.12 -22.22
CA GLU OA 162 36.60 -88.78 -22.17
C GLU OA 162 35.50 -87.73 -22.05
N PHE OA 163 34.48 -87.82 -22.91
CA PHE OA 163 33.42 -86.83 -22.86
C PHE OA 163 32.49 -87.02 -21.67
N THR OA 164 32.34 -88.25 -21.16
CA THR OA 164 31.60 -88.42 -19.92
C THR OA 164 32.32 -87.74 -18.76
N SER OA 165 33.64 -87.86 -18.70
CA SER OA 165 34.39 -87.14 -17.68
C SER OA 165 34.26 -85.62 -17.86
N ARG OA 166 34.27 -85.16 -19.12
CA ARG OA 166 34.05 -83.76 -19.40
C ARG OA 166 32.68 -83.30 -18.87
N VAL OA 167 31.65 -84.10 -19.12
CA VAL OA 167 30.30 -83.75 -18.66
C VAL OA 167 30.22 -83.79 -17.14
N ALA OA 168 30.91 -84.74 -16.51
CA ALA OA 168 30.95 -84.78 -15.05
C ALA OA 168 31.59 -83.52 -14.49
N GLY OA 169 32.70 -83.08 -15.10
CA GLY OA 169 33.30 -81.83 -14.66
C GLY OA 169 32.39 -80.63 -14.87
N LEU OA 170 31.68 -80.61 -15.99
CA LEU OA 170 30.74 -79.53 -16.26
C LEU OA 170 29.63 -79.50 -15.20
N ILE OA 171 29.09 -80.67 -14.86
CA ILE OA 171 28.03 -80.75 -13.86
C ILE OA 171 28.55 -80.33 -12.50
N ALA OA 172 29.76 -80.76 -12.14
CA ALA OA 172 30.35 -80.34 -10.88
C ALA OA 172 30.54 -78.83 -10.85
N GLY OA 173 30.87 -78.22 -11.99
CA GLY OA 173 30.93 -76.78 -12.08
C GLY OA 173 29.59 -76.09 -12.18
N THR OA 174 28.52 -76.85 -12.35
CA THR OA 174 27.19 -76.27 -12.46
C THR OA 174 26.60 -76.04 -11.07
N PRO OA 175 26.15 -74.83 -10.76
CA PRO OA 175 25.54 -74.56 -9.47
C PRO OA 175 24.13 -75.15 -9.40
N LEU OA 176 23.48 -74.95 -8.25
CA LEU OA 176 22.15 -75.50 -8.04
C LEU OA 176 21.08 -74.73 -8.80
N SER OA 177 21.34 -73.48 -9.17
CA SER OA 177 20.34 -72.68 -9.86
C SER OA 177 20.19 -73.08 -11.33
N GLN OA 178 21.25 -73.61 -11.94
CA GLN OA 178 21.23 -73.91 -13.36
C GLN OA 178 20.88 -75.37 -13.60
N SER OA 179 20.18 -75.62 -14.71
CA SER OA 179 19.82 -76.97 -15.14
C SER OA 179 20.67 -77.36 -16.33
N VAL OA 180 21.30 -78.54 -16.25
CA VAL OA 180 22.26 -78.98 -17.25
C VAL OA 180 21.64 -79.15 -18.63
N THR OA 181 20.31 -79.21 -18.73
CA THR OA 181 19.66 -79.40 -20.02
C THR OA 181 19.88 -78.20 -20.93
N TYR OA 182 20.10 -78.47 -22.21
CA TYR OA 182 20.27 -77.44 -23.24
C TYR OA 182 21.43 -76.50 -22.91
N THR OA 183 22.53 -77.08 -22.42
CA THR OA 183 23.74 -76.32 -22.16
C THR OA 183 24.68 -76.43 -23.35
N LYS OA 184 25.10 -75.29 -23.88
CA LYS OA 184 25.91 -75.26 -25.08
C LYS OA 184 27.36 -75.58 -24.76
N LEU OA 185 27.99 -76.38 -25.63
CA LEU OA 185 29.39 -76.76 -25.50
C LEU OA 185 30.14 -76.20 -26.70
N SER OA 186 30.94 -75.15 -26.48
CA SER OA 186 31.68 -74.53 -27.58
C SER OA 186 32.82 -75.41 -28.06
N ASP OA 187 33.39 -76.22 -27.17
CA ASP OA 187 34.52 -77.07 -27.56
C ASP OA 187 34.10 -78.12 -28.59
N VAL OA 188 32.90 -78.69 -28.43
CA VAL OA 188 32.43 -79.70 -29.36
C VAL OA 188 32.18 -79.07 -30.72
N VAL OA 189 32.70 -79.69 -31.77
CA VAL OA 189 32.59 -79.16 -33.12
C VAL OA 189 31.60 -79.94 -33.98
N ASP OA 190 31.49 -81.26 -33.80
CA ASP OA 190 30.61 -82.06 -34.63
C ASP OA 190 30.14 -83.28 -33.85
N ILE OA 191 28.93 -83.73 -34.16
CA ILE OA 191 28.38 -84.97 -33.63
C ILE OA 191 27.79 -85.75 -34.81
N PRO OA 192 27.75 -87.08 -34.74
CA PRO OA 192 27.16 -87.85 -35.84
C PRO OA 192 25.69 -87.49 -36.03
N LYS OA 193 25.26 -87.48 -37.29
CA LYS OA 193 23.86 -87.19 -37.60
C LYS OA 193 22.97 -88.25 -36.98
N MET OA 194 21.89 -87.81 -36.34
CA MET OA 194 21.04 -88.71 -35.57
C MET OA 194 19.66 -88.07 -35.44
N THR OA 195 18.63 -88.84 -35.77
CA THR OA 195 17.28 -88.30 -35.93
C THR OA 195 16.71 -87.82 -34.60
N LYS OA 196 15.87 -86.80 -34.67
CA LYS OA 196 15.25 -86.26 -33.46
C LYS OA 196 14.33 -87.27 -32.78
N VAL OA 197 13.68 -88.13 -33.57
CA VAL OA 197 12.81 -89.15 -32.98
C VAL OA 197 13.63 -90.13 -32.15
N ASP OA 198 14.79 -90.55 -32.66
CA ASP OA 198 15.66 -91.43 -31.89
C ASP OA 198 16.18 -90.72 -30.64
N ALA OA 199 16.44 -89.42 -30.74
CA ALA OA 199 16.84 -88.65 -29.56
C ALA OA 199 15.74 -88.65 -28.51
N GLU OA 200 14.49 -88.46 -28.93
CA GLU OA 200 13.38 -88.50 -27.99
C GLU OA 200 13.24 -89.87 -27.35
N SER OA 201 13.40 -90.94 -28.15
CA SER OA 201 13.34 -92.29 -27.61
C SER OA 201 14.44 -92.52 -26.58
N ARG OA 202 15.66 -92.05 -26.88
CA ARG OA 202 16.77 -92.19 -25.94
C ARG OA 202 16.50 -91.42 -24.65
N VAL OA 203 15.94 -90.22 -24.76
CA VAL OA 203 15.60 -89.45 -23.57
C VAL OA 203 14.57 -90.18 -22.73
N ASN OA 204 13.54 -90.75 -23.39
CA ASN OA 204 12.56 -91.54 -22.66
C ASN OA 204 13.21 -92.73 -21.98
N LYS OA 205 14.21 -93.33 -22.61
CA LYS OA 205 15.01 -94.36 -21.96
C LYS OA 205 15.85 -93.80 -20.82
N GLY OA 206 16.04 -92.49 -20.77
CA GLY OA 206 16.84 -91.85 -19.74
C GLY OA 206 18.26 -91.55 -20.13
N GLU OA 207 18.72 -92.06 -21.26
CA GLU OA 207 20.10 -91.84 -21.69
C GLU OA 207 20.31 -90.38 -22.04
N LEU OA 208 21.41 -89.80 -21.54
CA LEU OA 208 21.77 -88.43 -21.84
C LEU OA 208 22.60 -88.41 -23.11
N ILE OA 209 22.24 -87.53 -24.05
CA ILE OA 209 22.88 -87.46 -25.35
C ILE OA 209 23.04 -85.99 -25.75
N LEU OA 210 23.85 -85.78 -26.78
CA LEU OA 210 24.03 -84.46 -27.37
C LEU OA 210 23.04 -84.25 -28.51
N ILE OA 211 22.76 -82.98 -28.80
CA ILE OA 211 21.85 -82.63 -29.88
C ILE OA 211 22.28 -81.28 -30.45
N LYS OA 212 22.02 -81.11 -31.74
CA LYS OA 212 22.33 -79.86 -32.45
C LYS OA 212 21.08 -78.97 -32.42
N GLU OA 213 21.11 -77.94 -31.58
CA GLU OA 213 19.97 -77.05 -31.46
C GLU OA 213 20.48 -75.64 -31.17
N ALA OA 214 19.69 -74.64 -31.59
CA ALA OA 214 20.03 -73.23 -31.45
C ALA OA 214 21.40 -72.92 -32.07
N GLY OA 215 21.67 -73.55 -33.21
CA GLY OA 215 22.93 -73.34 -33.90
C GLY OA 215 24.15 -73.78 -33.11
N ALA OA 216 24.02 -74.82 -32.29
CA ALA OA 216 25.12 -75.31 -31.48
C ALA OA 216 24.79 -76.73 -31.03
N ILE OA 217 25.81 -77.40 -30.50
CA ILE OA 217 25.66 -78.74 -29.93
C ILE OA 217 25.44 -78.59 -28.44
N ARG OA 218 24.30 -79.07 -27.95
CA ARG OA 218 23.91 -78.89 -26.56
C ARG OA 218 23.43 -80.22 -25.98
N ILE OA 219 23.33 -80.25 -24.65
CA ILE OA 219 22.80 -81.42 -23.97
C ILE OA 219 21.32 -81.57 -24.29
N ALA OA 220 20.92 -82.77 -24.70
CA ALA OA 220 19.52 -83.01 -25.02
C ALA OA 220 18.63 -82.83 -23.79
N ARG OA 221 18.83 -83.66 -22.77
CA ARG OA 221 18.06 -83.56 -21.53
C ARG OA 221 18.96 -83.94 -20.37
N GLY OA 222 18.55 -83.52 -19.18
CA GLY OA 222 19.30 -83.80 -17.96
C GLY OA 222 18.73 -84.97 -17.18
N VAL OA 223 17.96 -85.83 -17.85
CA VAL OA 223 17.31 -86.96 -17.18
C VAL OA 223 18.37 -87.93 -16.67
N ASN OA 224 18.01 -88.66 -15.61
CA ASN OA 224 18.91 -89.64 -15.02
C ASN OA 224 19.00 -90.90 -15.87
N SER OA 225 20.01 -91.72 -15.60
CA SER OA 225 20.19 -92.97 -16.32
C SER OA 225 19.12 -93.99 -15.99
N LEU OA 226 18.39 -93.80 -14.90
CA LEU OA 226 17.39 -94.79 -14.47
C LEU OA 226 16.25 -94.85 -15.48
N THR OA 227 16.12 -95.99 -16.16
CA THR OA 227 15.12 -96.12 -17.21
C THR OA 227 13.71 -96.20 -16.64
N GLU OA 228 13.51 -97.01 -15.61
CA GLU OA 228 12.19 -97.26 -15.05
C GLU OA 228 12.11 -96.68 -13.63
N LEU OA 229 11.12 -95.83 -13.41
CA LEU OA 229 10.89 -95.22 -12.11
C LEU OA 229 9.61 -95.80 -11.51
N THR OA 230 9.70 -96.25 -10.26
CA THR OA 230 8.55 -96.85 -9.60
C THR OA 230 7.49 -95.79 -9.31
N ALA OA 231 6.35 -96.25 -8.78
CA ALA OA 231 5.27 -95.34 -8.45
C ALA OA 231 5.70 -94.35 -7.37
N GLU OA 232 6.46 -94.81 -6.39
CA GLU OA 232 6.91 -93.92 -5.33
C GLU OA 232 7.96 -92.93 -5.82
N LYS OA 233 8.92 -93.40 -6.61
CA LYS OA 233 10.02 -92.53 -7.04
C LYS OA 233 9.51 -91.35 -7.86
N GLY OA 234 8.61 -91.62 -8.80
CA GLY OA 234 7.95 -90.56 -9.55
C GLY OA 234 8.82 -89.97 -10.65
N GLU OA 235 8.22 -89.00 -11.36
CA GLU OA 235 8.89 -88.35 -12.48
C GLU OA 235 9.91 -87.32 -12.02
N MET OA 236 9.68 -86.68 -10.87
CA MET OA 236 10.61 -85.65 -10.41
C MET OA 236 11.99 -86.23 -10.07
N PHE OA 237 12.06 -87.52 -9.76
CA PHE OA 237 13.34 -88.14 -9.45
C PHE OA 237 14.13 -88.48 -10.71
N GLN OA 238 13.49 -88.46 -11.89
CA GLN OA 238 14.20 -88.72 -13.13
C GLN OA 238 15.19 -87.61 -13.47
N LYS OA 239 15.06 -86.44 -12.86
CA LYS OA 239 15.99 -85.35 -13.09
C LYS OA 239 17.12 -85.40 -12.06
N ILE OA 240 18.36 -85.38 -12.54
CA ILE OA 240 19.51 -85.40 -11.65
C ILE OA 240 19.56 -84.14 -10.81
N LYS OA 241 19.10 -83.02 -11.36
CA LYS OA 241 19.09 -81.76 -10.62
C LYS OA 241 18.21 -81.86 -9.38
N ILE OA 242 17.04 -82.48 -9.51
CA ILE OA 242 16.13 -82.58 -8.37
C ILE OA 242 16.70 -83.50 -7.30
N VAL OA 243 17.29 -84.63 -7.70
CA VAL OA 243 17.82 -85.56 -6.72
C VAL OA 243 19.11 -85.05 -6.09
N ASP OA 244 19.83 -84.14 -6.76
CA ASP OA 244 21.08 -83.62 -6.22
C ASP OA 244 20.84 -82.84 -4.94
N THR OA 245 19.84 -81.96 -4.93
CA THR OA 245 19.55 -81.19 -3.73
C THR OA 245 19.02 -82.07 -2.61
N LEU OA 246 18.25 -83.11 -2.95
CA LEU OA 246 17.80 -84.05 -1.93
C LEU OA 246 18.98 -84.77 -1.29
N ASP OA 247 19.94 -85.21 -2.12
CA ASP OA 247 21.13 -85.87 -1.59
C ASP OA 247 21.94 -84.92 -0.71
N ILE OA 248 22.08 -83.66 -1.14
CA ILE OA 248 22.82 -82.68 -0.34
C ILE OA 248 22.14 -82.46 1.01
N ILE OA 249 20.81 -82.32 0.99
CA ILE OA 249 20.07 -82.10 2.23
C ILE OA 249 20.21 -83.31 3.15
N HIS OA 250 20.10 -84.51 2.60
CA HIS OA 250 20.26 -85.71 3.42
C HIS OA 250 21.66 -85.79 4.03
N SER OA 251 22.68 -85.48 3.23
CA SER OA 251 24.05 -85.51 3.75
C SER OA 251 24.25 -84.49 4.86
N ASP OA 252 23.74 -83.27 4.67
CA ASP OA 252 23.87 -82.24 5.69
C ASP OA 252 23.15 -82.64 6.97
N ILE OA 253 21.94 -83.17 6.85
CA ILE OA 253 21.18 -83.59 8.02
C ILE OA 253 21.91 -84.70 8.76
N ARG OA 254 22.41 -85.69 8.02
CA ARG OA 254 23.14 -86.79 8.65
C ARG OA 254 24.39 -86.27 9.36
N LYS OA 255 25.12 -85.36 8.71
CA LYS OA 255 26.34 -84.83 9.31
C LYS OA 255 26.03 -84.09 10.61
N VAL OA 256 25.05 -83.20 10.58
CA VAL OA 256 24.75 -82.40 11.77
C VAL OA 256 24.21 -83.29 12.89
N ILE OA 257 23.39 -84.29 12.53
CA ILE OA 257 22.84 -85.19 13.54
C ILE OA 257 23.94 -85.99 14.21
N ILE OA 258 24.87 -86.53 13.40
CA ILE OA 258 25.99 -87.28 13.97
C ILE OA 258 26.85 -86.38 14.84
N ASP OA 259 27.12 -85.15 14.38
CA ASP OA 259 27.99 -84.26 15.12
C ASP OA 259 27.39 -83.86 16.47
N ASP OA 260 26.08 -83.60 16.50
CA ASP OA 260 25.47 -82.98 17.68
C ASP OA 260 24.75 -83.96 18.60
N TYR OA 261 23.87 -84.80 18.05
CA TYR OA 261 22.85 -85.42 18.89
C TYR OA 261 23.27 -86.77 19.49
N ILE OA 262 23.90 -87.65 18.73
CA ILE OA 262 24.23 -88.97 19.25
C ILE OA 262 25.27 -88.83 20.36
N GLY OA 263 24.93 -89.38 21.53
CA GLY OA 263 25.86 -89.43 22.64
C GLY OA 263 25.91 -88.18 23.48
N LYS OA 264 26.05 -87.02 22.83
CA LYS OA 264 26.32 -85.78 23.56
C LYS OA 264 25.16 -85.39 24.47
N VAL OA 265 23.93 -85.55 24.01
CA VAL OA 265 22.76 -85.08 24.73
C VAL OA 265 21.88 -86.28 25.10
N THR OA 266 20.77 -85.98 25.78
CA THR OA 266 19.88 -86.97 26.35
C THR OA 266 18.44 -86.72 25.91
N ASN OA 267 17.69 -87.80 25.71
CA ASN OA 267 16.30 -87.68 25.27
C ASN OA 267 15.49 -86.89 26.28
N SER OA 268 14.55 -86.09 25.77
CA SER OA 268 13.58 -85.38 26.58
C SER OA 268 12.55 -84.79 25.63
N TYR OA 269 11.31 -84.68 26.12
CA TYR OA 269 10.27 -84.05 25.32
C TYR OA 269 10.65 -82.62 24.97
N ASP OA 270 11.24 -81.90 25.93
CA ASP OA 270 11.82 -80.60 25.63
C ASP OA 270 12.96 -80.72 24.63
N ASN OA 271 13.79 -81.75 24.77
CA ASN OA 271 14.85 -81.98 23.78
C ASN OA 271 14.27 -82.37 22.43
N LYS OA 272 13.15 -83.10 22.43
CA LYS OA 272 12.45 -83.38 21.18
C LYS OA 272 12.00 -82.08 20.51
N CYS OA 273 11.44 -81.16 21.29
CA CYS OA 273 11.02 -79.87 20.74
C CYS OA 273 12.22 -79.09 20.22
N LEU OA 274 13.33 -79.11 20.95
CA LEU OA 274 14.53 -78.41 20.49
C LEU OA 274 15.06 -78.99 19.18
N LEU OA 275 15.05 -80.31 19.06
CA LEU OA 275 15.46 -80.95 17.81
C LEU OA 275 14.52 -80.56 16.67
N ILE OA 276 13.22 -80.51 16.94
CA ILE OA 276 12.26 -80.09 15.93
C ILE OA 276 12.54 -78.66 15.49
N VAL OA 277 12.82 -77.77 16.45
CA VAL OA 277 13.12 -76.37 16.13
C VAL OA 277 14.41 -76.28 15.32
N ALA OA 278 15.41 -77.10 15.65
CA ALA OA 278 16.66 -77.08 14.89
C ALA OA 278 16.44 -77.53 13.45
N ILE OA 279 15.65 -78.58 13.26
CA ILE OA 279 15.36 -79.02 11.89
C ILE OA 279 14.54 -77.98 11.14
N LYS OA 280 13.64 -77.30 11.85
CA LYS OA 280 12.87 -76.22 11.23
C LYS OA 280 13.79 -75.08 10.81
N SER OA 281 14.78 -74.75 11.64
CA SER OA 281 15.75 -73.73 11.27
C SER OA 281 16.57 -74.15 10.06
N TYR OA 282 16.93 -75.43 9.99
CA TYR OA 282 17.65 -75.93 8.82
C TYR OA 282 16.78 -75.81 7.56
N LEU OA 283 15.49 -76.14 7.67
CA LEU OA 283 14.59 -75.99 6.54
C LEU OA 283 14.44 -74.52 6.14
N GLU OA 284 14.41 -73.63 7.13
CA GLU OA 284 14.37 -72.20 6.83
C GLU OA 284 15.62 -71.75 6.10
N GLU OA 285 16.78 -72.28 6.50
CA GLU OA 285 18.02 -72.00 5.77
C GLU OA 285 17.94 -72.49 4.33
N LEU OA 286 17.39 -73.69 4.13
CA LEU OA 286 17.21 -74.20 2.78
C LEU OA 286 16.29 -73.30 1.97
N GLU OA 287 15.21 -72.83 2.58
CA GLU OA 287 14.29 -71.92 1.90
C GLU OA 287 14.97 -70.62 1.52
N LYS OA 288 15.79 -70.07 2.44
CA LYS OA 288 16.54 -68.87 2.13
C LYS OA 288 17.54 -69.12 1.00
N SER OA 289 18.04 -70.35 0.89
CA SER OA 289 18.89 -70.70 -0.25
C SER OA 289 18.10 -70.73 -1.55
N ALA OA 290 16.77 -70.73 -1.48
CA ALA OA 290 15.86 -70.70 -2.62
C ALA OA 290 15.97 -71.95 -3.49
N LEU OA 291 16.70 -72.97 -3.04
CA LEU OA 291 16.78 -74.21 -3.82
C LEU OA 291 15.47 -74.98 -3.79
N ILE OA 292 14.76 -74.93 -2.68
CA ILE OA 292 13.47 -75.61 -2.53
C ILE OA 292 12.47 -74.64 -1.94
N GLU OA 293 11.19 -74.87 -2.25
CA GLU OA 293 10.14 -74.00 -1.73
C GLU OA 293 9.94 -74.22 -0.23
N SER OA 294 9.83 -75.48 0.19
CA SER OA 294 9.79 -75.87 1.61
C SER OA 294 8.65 -75.17 2.35
N ASP OA 295 7.42 -75.48 1.92
CA ASP OA 295 6.25 -74.89 2.57
C ASP OA 295 5.98 -75.53 3.93
N SER OA 296 6.10 -76.86 4.01
CA SER OA 296 5.67 -77.58 5.21
C SER OA 296 6.81 -77.69 6.22
N THR OA 297 6.50 -78.30 7.37
CA THR OA 297 7.43 -78.35 8.49
C THR OA 297 7.62 -79.77 9.01
N VAL OA 298 8.27 -79.90 10.15
CA VAL OA 298 8.57 -81.19 10.77
C VAL OA 298 7.76 -81.33 12.05
N GLU OA 299 7.42 -82.58 12.39
CA GLU OA 299 6.68 -82.86 13.61
C GLU OA 299 6.98 -84.29 14.05
N ILE OA 300 6.26 -84.74 15.08
CA ILE OA 300 6.45 -86.07 15.64
C ILE OA 300 5.62 -87.07 14.84
N ASP OA 301 6.23 -88.19 14.47
CA ASP OA 301 5.52 -89.26 13.76
C ASP OA 301 4.68 -90.02 14.77
N PHE OA 302 3.36 -89.77 14.76
CA PHE OA 302 2.48 -90.42 15.72
C PHE OA 302 2.40 -91.92 15.49
N GLU OA 303 2.42 -92.35 14.22
CA GLU OA 303 2.37 -93.78 13.92
C GLU OA 303 3.61 -94.50 14.44
N ALA OA 304 4.79 -93.88 14.29
CA ALA OA 304 6.01 -94.48 14.81
C ALA OA 304 5.98 -94.58 16.33
N GLN OA 305 5.47 -93.55 17.00
CA GLN OA 305 5.34 -93.59 18.45
C GLN OA 305 4.37 -94.68 18.88
N LYS OA 306 3.25 -94.83 18.17
CA LYS OA 306 2.30 -95.89 18.48
C LYS OA 306 2.93 -97.26 18.30
N SER OA 307 3.72 -97.43 17.23
CA SER OA 307 4.42 -98.69 17.02
C SER OA 307 5.42 -98.96 18.14
N TYR OA 308 6.13 -97.92 18.59
CA TYR OA 308 7.08 -98.09 19.69
C TYR OA 308 6.37 -98.49 20.98
N LEU OA 309 5.24 -97.85 21.29
CA LEU OA 309 4.48 -98.24 22.47
C LEU OA 309 3.94 -99.66 22.36
N LYS OA 310 3.51 -100.06 21.15
CA LYS OA 310 3.08 -101.43 20.95
C LYS OA 310 4.23 -102.41 21.18
N SER OA 311 5.42 -102.06 20.71
CA SER OA 311 6.60 -102.90 20.97
C SER OA 311 6.89 -102.98 22.46
N LYS OA 312 6.71 -101.86 23.18
CA LYS OA 312 6.85 -101.87 24.64
C LYS OA 312 5.81 -102.74 25.31
N GLY OA 313 4.71 -103.06 24.63
CA GLY OA 313 3.66 -103.86 25.22
C GLY OA 313 2.68 -103.10 26.09
N VAL OA 314 2.80 -101.78 26.17
CA VAL OA 314 1.89 -100.99 26.98
C VAL OA 314 0.54 -100.90 26.30
N ASP OA 315 -0.53 -101.16 27.06
CA ASP OA 315 -1.88 -101.03 26.53
C ASP OA 315 -2.15 -99.59 26.11
N LEU OA 316 -2.72 -99.42 24.92
CA LEU OA 316 -2.97 -98.10 24.37
C LEU OA 316 -4.14 -97.39 25.03
N SER OA 317 -5.05 -98.13 25.66
CA SER OA 317 -6.27 -97.55 26.19
C SER OA 317 -5.99 -96.62 27.37
N TYR OA 318 -6.84 -95.59 27.49
CA TYR OA 318 -6.90 -94.71 28.66
C TYR OA 318 -5.64 -93.86 28.84
N MET OA 319 -5.23 -93.20 27.76
CA MET OA 319 -4.28 -92.09 27.84
C MET OA 319 -4.75 -90.96 26.96
N THR OA 320 -4.36 -89.74 27.33
CA THR OA 320 -4.60 -88.58 26.49
C THR OA 320 -3.71 -88.63 25.26
N LEU OA 321 -4.22 -88.06 24.15
CA LEU OA 321 -3.42 -88.02 22.92
C LEU OA 321 -2.13 -87.24 23.13
N GLN OA 322 -2.20 -86.12 23.84
CA GLN OA 322 -0.99 -85.36 24.17
C GLN OA 322 -0.05 -86.19 25.03
N GLU OA 323 -0.61 -86.93 25.99
CA GLU OA 323 0.22 -87.80 26.83
C GLU OA 323 0.92 -88.87 26.00
N ILE OA 324 0.20 -89.46 25.05
CA ILE OA 324 0.81 -90.46 24.16
C ILE OA 324 1.92 -89.81 23.34
N LYS OA 325 1.68 -88.58 22.86
CA LYS OA 325 2.69 -87.88 22.08
C LYS OA 325 3.95 -87.61 22.90
N GLU OA 326 3.78 -87.21 24.16
CA GLU OA 326 4.89 -86.87 25.02
C GLU OA 326 5.42 -88.06 25.82
N ALA OA 327 4.90 -89.26 25.58
CA ALA OA 327 5.36 -90.43 26.31
C ALA OA 327 6.81 -90.74 25.98
N ASN OA 328 7.47 -91.42 26.92
CA ASN OA 328 8.89 -91.74 26.74
C ASN OA 328 9.10 -92.65 25.54
N THR OA 329 10.11 -92.34 24.75
CA THR OA 329 10.49 -93.15 23.59
C THR OA 329 11.80 -93.89 23.82
N GLY OA 330 12.31 -93.90 25.04
CA GLY OA 330 13.60 -94.52 25.30
C GLY OA 330 14.70 -93.81 24.54
N SER OA 331 15.72 -94.58 24.16
CA SER OA 331 16.78 -94.04 23.31
C SER OA 331 16.30 -93.80 21.89
N LYS OA 332 15.20 -94.45 21.48
CA LYS OA 332 14.68 -94.28 20.14
C LYS OA 332 14.12 -92.88 19.93
N VAL OA 333 14.28 -92.36 18.72
CA VAL OA 333 13.79 -91.05 18.32
C VAL OA 333 12.99 -91.21 17.04
N PHE OA 334 11.79 -90.65 17.01
CA PHE OA 334 10.91 -90.73 15.85
C PHE OA 334 10.47 -89.34 15.45
N LEU OA 335 10.42 -89.09 14.14
CA LEU OA 335 10.04 -87.78 13.61
C LEU OA 335 9.32 -87.96 12.28
N LYS OA 336 8.54 -86.95 11.91
CA LYS OA 336 7.80 -86.94 10.65
C LYS OA 336 7.90 -85.55 10.05
N ALA OA 337 8.15 -85.48 8.74
CA ALA OA 337 8.29 -84.21 8.05
C ALA OA 337 7.78 -84.33 6.62
N LYS OA 338 7.83 -83.20 5.92
CA LYS OA 338 7.41 -83.12 4.52
C LYS OA 338 8.00 -81.86 3.91
N ILE OA 339 8.52 -81.98 2.69
CA ILE OA 339 9.24 -80.90 2.04
C ILE OA 339 8.69 -80.68 0.64
N LYS OA 340 8.89 -79.47 0.13
CA LYS OA 340 8.53 -79.12 -1.24
C LYS OA 340 9.78 -78.66 -1.97
N VAL OA 341 10.04 -79.24 -3.13
CA VAL OA 341 11.27 -79.01 -3.89
C VAL OA 341 10.95 -78.16 -5.10
N LEU OA 342 11.68 -77.07 -5.27
CA LEU OA 342 11.53 -76.23 -6.44
C LEU OA 342 12.04 -76.95 -7.68
N ASP OA 343 11.47 -76.61 -8.83
CA ASP OA 343 11.79 -77.25 -10.10
C ASP OA 343 12.41 -76.26 -11.05
N ALA OA 344 13.23 -76.77 -11.97
CA ALA OA 344 13.84 -75.94 -13.00
C ALA OA 344 12.81 -75.59 -14.08
N MET OA 345 13.16 -74.61 -14.90
CA MET OA 345 12.31 -74.16 -15.99
C MET OA 345 12.72 -74.89 -17.27
N GLU OA 346 11.84 -75.74 -17.77
CA GLU OA 346 12.18 -76.59 -18.91
C GLU OA 346 11.11 -76.58 -19.99
N ASP OA 347 9.86 -76.30 -19.62
CA ASP OA 347 8.73 -76.41 -20.54
C ASP OA 347 7.90 -75.13 -20.46
N ILE OA 348 8.27 -74.13 -21.24
CA ILE OA 348 7.52 -72.88 -21.29
C ILE OA 348 6.42 -73.02 -22.35
N ASP OA 349 5.18 -72.76 -21.94
CA ASP OA 349 4.04 -72.79 -22.84
C ASP OA 349 3.37 -71.42 -22.80
N LEU OA 350 2.93 -70.95 -23.96
CA LEU OA 350 2.36 -69.62 -24.09
C LEU OA 350 1.29 -69.62 -25.18
N SER OA 351 0.41 -68.64 -25.12
CA SER OA 351 -0.58 -68.40 -26.16
C SER OA 351 -0.80 -66.91 -26.31
N ILE OA 352 -0.91 -66.46 -27.55
CA ILE OA 352 -1.16 -65.06 -27.86
C ILE OA 352 -2.58 -64.92 -28.35
N GLU OA 353 -3.13 -63.71 -28.25
CA GLU OA 353 -4.49 -63.42 -28.64
C GLU OA 353 -4.51 -62.17 -29.53
N ILE OA 354 -4.74 -62.37 -30.82
CA ILE OA 354 -4.79 -61.27 -31.76
C ILE OA 354 -6.12 -60.53 -31.64
N MET PA 1 -0.55 -29.43 -98.42
CA MET PA 1 -0.49 -28.09 -98.99
C MET PA 1 -1.16 -27.08 -98.07
N TYR PA 2 -0.43 -26.01 -97.72
CA TYR PA 2 -0.97 -25.01 -96.81
C TYR PA 2 -2.16 -24.28 -97.44
N SER PA 3 -2.08 -23.97 -98.72
CA SER PA 3 -3.17 -23.25 -99.38
C SER PA 3 -4.38 -24.14 -99.61
N ASP PA 4 -4.17 -25.45 -99.81
CA ASP PA 4 -5.29 -26.36 -100.03
C ASP PA 4 -6.20 -26.40 -98.81
N GLN PA 5 -5.63 -26.44 -97.62
CA GLN PA 5 -6.42 -26.42 -96.40
C GLN PA 5 -6.85 -24.99 -96.08
N THR PA 6 -8.16 -24.78 -95.94
CA THR PA 6 -8.71 -23.47 -95.64
C THR PA 6 -9.61 -23.57 -94.43
N TYR PA 7 -10.05 -22.41 -93.94
CA TYR PA 7 -10.75 -22.31 -92.66
C TYR PA 7 -11.98 -23.21 -92.62
N GLU PA 8 -12.95 -22.93 -93.50
CA GLU PA 8 -14.23 -23.64 -93.43
C GLU PA 8 -14.08 -25.11 -93.81
N VAL PA 9 -13.20 -25.43 -94.75
CA VAL PA 9 -13.04 -26.81 -95.19
C VAL PA 9 -12.52 -27.68 -94.04
N ILE PA 10 -11.47 -27.21 -93.36
CA ILE PA 10 -10.93 -27.98 -92.25
C ILE PA 10 -11.89 -27.98 -91.06
N LYS PA 11 -12.65 -26.89 -90.88
CA LYS PA 11 -13.70 -26.88 -89.86
C LYS PA 11 -14.71 -27.99 -90.10
N ASN PA 12 -15.22 -28.08 -91.34
CA ASN PA 12 -16.20 -29.11 -91.66
C ASN PA 12 -15.59 -30.50 -91.56
N ARG PA 13 -14.32 -30.65 -91.97
CA ARG PA 13 -13.66 -31.95 -91.85
C ARG PA 13 -13.53 -32.37 -90.40
N THR PA 14 -13.15 -31.46 -89.52
CA THR PA 14 -13.05 -31.78 -88.10
C THR PA 14 -14.40 -32.14 -87.53
N LEU PA 15 -15.46 -31.41 -87.93
CA LEU PA 15 -16.79 -31.74 -87.46
C LEU PA 15 -17.25 -33.12 -87.95
N GLU PA 16 -16.93 -33.44 -89.20
CA GLU PA 16 -17.43 -34.68 -89.80
C GLU PA 16 -16.65 -35.91 -89.31
N ASN PA 17 -15.35 -35.76 -89.07
CA ASN PA 17 -14.52 -36.93 -88.76
C ASN PA 17 -14.98 -37.66 -87.52
N ILE PA 18 -15.50 -36.92 -86.53
CA ILE PA 18 -16.01 -37.54 -85.31
C ILE PA 18 -17.51 -37.78 -85.48
N ASN PA 19 -17.93 -39.02 -85.26
CA ASN PA 19 -19.34 -39.38 -85.32
C ASN PA 19 -19.98 -39.10 -83.98
N LEU PA 20 -20.97 -38.20 -83.98
CA LEU PA 20 -21.64 -37.78 -82.75
C LEU PA 20 -23.11 -38.14 -82.82
N ASP PA 21 -23.63 -38.72 -81.74
CA ASP PA 21 -25.07 -38.83 -81.59
C ASP PA 21 -25.71 -37.48 -81.31
N ILE PA 22 -24.90 -36.46 -81.03
CA ILE PA 22 -25.38 -35.11 -80.75
C ILE PA 22 -25.57 -34.37 -82.06
N TYR PA 23 -26.73 -33.74 -82.22
CA TYR PA 23 -26.97 -32.90 -83.39
C TYR PA 23 -26.06 -31.68 -83.36
N LYS PA 24 -25.50 -31.34 -84.51
CA LYS PA 24 -24.60 -30.20 -84.63
C LYS PA 24 -25.35 -29.02 -85.23
N GLY PA 25 -25.32 -27.89 -84.53
CA GLY PA 25 -26.00 -26.70 -84.99
C GLY PA 25 -25.11 -25.48 -84.84
N GLU PA 26 -25.52 -24.42 -85.53
CA GLU PA 26 -24.77 -23.17 -85.47
C GLU PA 26 -24.86 -22.55 -84.08
N GLY PA 27 -23.74 -22.03 -83.60
CA GLY PA 27 -23.68 -21.42 -82.29
C GLY PA 27 -23.57 -22.40 -81.13
N SER PA 28 -23.51 -23.70 -81.41
CA SER PA 28 -23.42 -24.69 -80.35
C SER PA 28 -22.06 -24.62 -79.66
N PHE PA 29 -22.04 -25.05 -78.40
CA PHE PA 29 -20.79 -25.06 -77.64
C PHE PA 29 -19.74 -25.92 -78.32
N LEU PA 30 -20.13 -27.10 -78.81
CA LEU PA 30 -19.23 -27.91 -79.62
C LEU PA 30 -18.84 -27.16 -80.89
N ASN PA 31 -19.81 -26.52 -81.54
CA ASN PA 31 -19.50 -25.73 -82.73
C ASN PA 31 -18.59 -24.57 -82.39
N ASN PA 32 -18.81 -23.92 -81.24
CA ASN PA 32 -17.96 -22.80 -80.85
C ASN PA 32 -16.52 -23.24 -80.61
N MET PA 33 -16.33 -24.37 -79.93
CA MET PA 33 -14.97 -24.83 -79.66
C MET PA 33 -14.29 -25.33 -80.93
N VAL PA 34 -15.04 -25.98 -81.82
CA VAL PA 34 -14.49 -26.34 -83.13
C VAL PA 34 -14.10 -25.09 -83.89
N SER PA 35 -14.90 -24.03 -83.79
CA SER PA 35 -14.57 -22.77 -84.47
C SER PA 35 -13.31 -22.16 -83.91
N GLY PA 36 -13.13 -22.19 -82.59
CA GLY PA 36 -11.91 -21.66 -82.01
C GLY PA 36 -10.68 -22.45 -82.42
N ASN PA 37 -10.77 -23.78 -82.38
CA ASN PA 37 -9.65 -24.61 -82.82
C ASN PA 37 -9.36 -24.39 -84.30
N ASN PA 38 -10.41 -24.24 -85.11
CA ASN PA 38 -10.23 -23.96 -86.54
C ASN PA 38 -9.58 -22.60 -86.75
N LEU PA 39 -9.93 -21.60 -85.94
CA LEU PA 39 -9.30 -20.30 -86.06
C LEU PA 39 -7.81 -20.39 -85.75
N GLU PA 40 -7.45 -21.12 -84.69
CA GLU PA 40 -6.04 -21.28 -84.37
C GLU PA 40 -5.31 -22.06 -85.48
N LEU PA 41 -5.94 -23.10 -86.02
CA LEU PA 41 -5.33 -23.88 -87.07
C LEU PA 41 -5.17 -23.07 -88.35
N SER PA 42 -6.14 -22.22 -88.66
CA SER PA 42 -6.03 -21.34 -89.81
C SER PA 42 -4.92 -20.31 -89.62
N LYS PA 43 -4.75 -19.83 -88.39
CA LYS PA 43 -3.61 -18.96 -88.09
C LYS PA 43 -2.31 -19.69 -88.34
N ILE PA 44 -2.23 -20.95 -87.91
CA ILE PA 44 -1.02 -21.76 -88.14
C ILE PA 44 -0.76 -21.94 -89.63
N TYR PA 45 -1.82 -22.23 -90.39
CA TYR PA 45 -1.67 -22.43 -91.83
C TYR PA 45 -1.25 -21.15 -92.54
N LEU PA 46 -1.82 -20.01 -92.12
CA LEU PA 46 -1.39 -18.73 -92.67
C LEU PA 46 0.07 -18.44 -92.35
N GLU PA 47 0.49 -18.77 -91.13
CA GLU PA 47 1.90 -18.61 -90.77
C GLU PA 47 2.80 -19.49 -91.63
N LEU PA 48 2.35 -20.73 -91.89
CA LEU PA 48 3.12 -21.62 -92.74
C LEU PA 48 3.22 -21.08 -94.17
N SER PA 49 2.12 -20.54 -94.68
CA SER PA 49 2.16 -19.91 -96.00
C SER PA 49 3.12 -18.73 -96.02
N LYS PA 50 3.09 -17.91 -94.97
CA LYS PA 50 4.03 -16.79 -94.88
C LYS PA 50 5.47 -17.28 -94.82
N MET PA 51 5.72 -18.38 -94.11
CA MET PA 51 7.07 -18.94 -94.05
C MET PA 51 7.52 -19.44 -95.42
N HIS PA 52 6.60 -20.07 -96.17
CA HIS PA 52 6.93 -20.48 -97.53
C HIS PA 52 7.26 -19.28 -98.41
N LYS PA 53 6.48 -18.20 -98.28
CA LYS PA 53 6.77 -16.98 -99.01
C LYS PA 53 8.14 -16.41 -98.63
N MET PA 54 8.46 -16.43 -97.34
CA MET PA 54 9.77 -15.96 -96.89
C MET PA 54 10.88 -16.82 -97.49
N ALA PA 55 10.67 -18.13 -97.53
CA ALA PA 55 11.66 -19.03 -98.13
C ALA PA 55 11.89 -18.70 -99.59
N PHE PA 56 10.82 -18.42 -100.33
CA PHE PA 56 10.97 -18.00 -101.72
C PHE PA 56 11.09 -16.49 -101.88
N ILE PA 57 10.87 -15.72 -100.80
CA ILE PA 57 11.15 -14.29 -100.70
C ILE PA 57 10.69 -13.52 -101.94
N GLN PA 58 9.59 -13.98 -102.55
CA GLN PA 58 9.12 -13.40 -103.80
C GLN PA 58 8.77 -11.92 -103.63
N ASP PA 59 7.78 -11.63 -102.80
CA ASP PA 59 7.27 -10.27 -102.69
C ASP PA 59 7.92 -9.49 -101.55
N THR PA 60 7.84 -9.99 -100.33
CA THR PA 60 8.32 -9.27 -99.17
C THR PA 60 9.84 -9.27 -99.11
N TYR PA 61 10.41 -8.16 -98.66
CA TYR PA 61 11.86 -8.03 -98.50
C TYR PA 61 12.25 -8.48 -97.10
N ASN PA 62 13.29 -9.30 -97.01
CA ASN PA 62 13.78 -9.78 -95.72
C ASN PA 62 15.24 -10.14 -95.86
N GLN PA 63 15.85 -10.52 -94.73
CA GLN PA 63 17.26 -10.91 -94.71
C GLN PA 63 17.52 -12.16 -95.52
N PHE PA 64 16.50 -12.99 -95.77
CA PHE PA 64 16.68 -14.17 -96.60
C PHE PA 64 17.13 -13.79 -98.00
N LEU PA 65 16.50 -12.77 -98.59
CA LEU PA 65 16.89 -12.34 -99.93
C LEU PA 65 18.32 -11.84 -99.95
N ASP PA 66 18.70 -11.03 -98.97
CA ASP PA 66 20.07 -10.49 -98.94
C ASP PA 66 21.08 -11.61 -98.77
N LYS PA 67 20.80 -12.57 -97.88
CA LYS PA 67 21.74 -13.67 -97.68
C LYS PA 67 21.84 -14.55 -98.93
N ARG PA 68 20.72 -14.80 -99.61
CA ARG PA 68 20.76 -15.59 -100.83
C ARG PA 68 21.54 -14.87 -101.93
N VAL PA 69 21.37 -13.54 -102.04
CA VAL PA 69 22.13 -12.76 -102.99
C VAL PA 69 23.62 -12.84 -102.67
N ASN PA 70 23.97 -12.80 -101.38
CA ASN PA 70 25.36 -12.96 -100.97
C ASN PA 70 25.88 -14.34 -101.35
N GLU PA 71 25.02 -15.37 -101.24
CA GLU PA 71 25.40 -16.70 -101.73
C GLU PA 71 25.71 -16.66 -103.21
N PHE PA 72 24.89 -15.94 -103.98
CA PHE PA 72 25.13 -15.81 -105.41
C PHE PA 72 26.33 -14.93 -105.74
N GLY PA 73 26.91 -14.24 -104.74
CA GLY PA 73 28.12 -13.48 -104.93
C GLY PA 73 27.95 -11.98 -105.02
N VAL PA 74 26.74 -11.49 -105.22
CA VAL PA 74 26.50 -10.05 -105.29
C VAL PA 74 26.48 -9.47 -103.88
N TYR PA 75 27.17 -8.34 -103.70
CA TYR PA 75 27.36 -7.73 -102.39
C TYR PA 75 26.67 -6.38 -102.35
N ARG PA 76 26.05 -6.07 -101.21
CA ARG PA 76 25.35 -4.80 -101.02
C ARG PA 76 26.36 -3.69 -100.83
N LYS PA 77 26.46 -2.79 -101.81
CA LYS PA 77 27.41 -1.68 -101.77
C LYS PA 77 26.84 -0.59 -100.87
N LEU PA 78 27.38 -0.49 -99.65
CA LEU PA 78 26.85 0.48 -98.69
C LEU PA 78 27.01 1.92 -99.19
N GLY PA 79 28.17 2.23 -99.76
CA GLY PA 79 28.43 3.55 -100.29
C GLY PA 79 29.68 4.16 -99.70
N THR PA 80 29.92 5.41 -100.07
CA THR PA 80 31.09 6.18 -99.64
C THR PA 80 30.64 7.50 -99.05
N GLU PA 81 31.47 8.02 -98.14
CA GLU PA 81 31.20 9.30 -97.49
C GLU PA 81 31.74 10.45 -98.33
N SER PA 82 31.05 11.59 -98.24
CA SER PA 82 31.46 12.77 -98.99
C SER PA 82 32.76 13.33 -98.44
N ASN PA 83 33.58 13.86 -99.34
CA ASN PA 83 34.88 14.43 -98.98
C ASN PA 83 34.97 15.85 -99.52
N GLY PA 84 35.65 16.71 -98.77
CA GLY PA 84 35.83 18.09 -99.18
C GLY PA 84 36.82 18.78 -98.28
N GLU PA 85 37.06 20.05 -98.57
CA GLU PA 85 37.99 20.88 -97.80
C GLU PA 85 37.30 22.18 -97.41
N VAL PA 86 37.51 22.59 -96.17
CA VAL PA 86 36.90 23.81 -95.64
C VAL PA 86 38.02 24.78 -95.24
N GLU PA 87 37.64 26.05 -95.13
CA GLU PA 87 38.56 27.12 -94.75
C GLU PA 87 38.20 27.63 -93.36
N PHE PA 88 39.18 27.69 -92.47
CA PHE PA 88 39.00 28.19 -91.12
C PHE PA 88 39.45 29.64 -91.07
N ILE PA 89 38.55 30.52 -90.65
CA ILE PA 89 38.81 31.96 -90.59
C ILE PA 89 38.67 32.41 -89.14
N GLY PA 90 39.68 33.09 -88.63
CA GLY PA 90 39.65 33.57 -87.25
C GLY PA 90 40.99 34.07 -86.79
N GLU PA 91 41.19 34.02 -85.48
CA GLU PA 91 42.44 34.50 -84.89
C GLU PA 91 43.62 33.64 -85.33
N LYS PA 92 44.72 34.30 -85.68
CA LYS PA 92 45.93 33.59 -86.07
C LYS PA 92 46.54 32.85 -84.89
N GLY PA 93 47.10 31.68 -85.16
CA GLY PA 93 47.74 30.87 -84.15
C GLY PA 93 46.88 29.78 -83.55
N THR PA 94 45.57 29.84 -83.75
CA THR PA 94 44.69 28.79 -83.25
C THR PA 94 44.91 27.50 -84.03
N VAL PA 95 44.98 26.39 -83.30
CA VAL PA 95 45.27 25.08 -83.87
C VAL PA 95 44.00 24.24 -83.83
N ILE PA 96 43.57 23.76 -84.99
CA ILE PA 96 42.41 22.89 -85.11
C ILE PA 96 42.93 21.47 -85.31
N ASN PA 97 42.89 20.67 -84.24
CA ASN PA 97 43.50 19.35 -84.27
C ASN PA 97 42.65 18.38 -85.08
N ASN PA 98 43.23 17.21 -85.35
CA ASN PA 98 42.53 16.16 -86.08
C ASN PA 98 41.34 15.65 -85.26
N GLY PA 99 40.29 15.25 -85.96
CA GLY PA 99 39.08 14.81 -85.31
C GLY PA 99 38.14 15.91 -84.89
N THR PA 100 38.42 17.15 -85.26
CA THR PA 100 37.54 18.26 -84.91
C THR PA 100 36.20 18.11 -85.62
N ILE PA 101 35.12 18.40 -84.89
CA ILE PA 101 33.76 18.17 -85.36
C ILE PA 101 33.16 19.49 -85.79
N ILE PA 102 32.64 19.53 -87.02
CA ILE PA 102 31.94 20.69 -87.55
C ILE PA 102 30.59 20.23 -88.10
N SER PA 103 29.55 21.00 -87.82
CA SER PA 103 28.19 20.64 -88.19
C SER PA 103 27.61 21.69 -89.13
N TYR PA 104 27.02 21.23 -90.23
CA TYR PA 104 26.27 22.08 -91.15
C TYR PA 104 24.82 21.59 -91.13
N ARG PA 105 23.94 22.40 -90.55
CA ARG PA 105 22.51 22.06 -90.39
C ARG PA 105 22.45 20.75 -89.61
N ASP PA 106 21.67 19.75 -90.04
CA ASP PA 106 21.64 18.48 -89.34
C ASP PA 106 22.87 17.62 -89.64
N LEU PA 107 23.47 17.79 -90.82
CA LEU PA 107 24.62 16.98 -91.21
C LEU PA 107 25.83 17.27 -90.32
N LEU PA 108 26.62 16.23 -90.08
CA LEU PA 108 27.78 16.30 -89.21
C LEU PA 108 29.03 15.96 -90.02
N PHE PA 109 30.10 16.72 -89.78
CA PHE PA 109 31.35 16.56 -90.50
C PHE PA 109 32.52 16.55 -89.50
N VAL PA 110 33.64 15.98 -89.94
CA VAL PA 110 34.83 15.84 -89.12
C VAL PA 110 36.03 16.35 -89.90
N VAL PA 111 36.92 17.08 -89.21
CA VAL PA 111 38.15 17.58 -89.81
C VAL PA 111 39.18 16.46 -89.83
N ILE PA 112 39.88 16.32 -90.95
CA ILE PA 112 40.81 15.21 -91.16
C ILE PA 112 42.24 15.61 -90.87
N LYS PA 113 42.63 16.84 -91.22
CA LYS PA 113 44.00 17.29 -91.08
C LYS PA 113 44.11 18.37 -90.01
N ASP PA 114 45.15 18.26 -89.18
CA ASP PA 114 45.43 19.27 -88.16
C ASP PA 114 45.85 20.57 -88.83
N VAL PA 115 44.98 21.57 -88.77
CA VAL PA 115 45.21 22.86 -89.45
C VAL PA 115 45.33 23.95 -88.39
N THR PA 116 46.31 24.84 -88.59
CA THR PA 116 46.50 26.00 -87.74
C THR PA 116 46.18 27.26 -88.52
N ILE PA 117 45.30 28.09 -87.97
CA ILE PA 117 44.88 29.30 -88.65
C ILE PA 117 46.05 30.29 -88.70
N GLY PA 118 46.34 30.80 -89.89
CA GLY PA 118 47.43 31.73 -90.08
C GLY PA 118 48.79 31.11 -90.20
N SER PA 119 48.89 29.79 -90.18
CA SER PA 119 50.17 29.11 -90.31
C SER PA 119 50.59 29.03 -91.78
N GLU PA 120 51.84 28.62 -92.00
CA GLU PA 120 52.36 28.48 -93.35
C GLU PA 120 51.73 27.32 -94.13
N GLU PA 121 51.00 26.45 -93.44
CA GLU PA 121 50.34 25.32 -94.09
C GLU PA 121 48.97 25.67 -94.64
N GLY PA 122 48.52 26.91 -94.46
CA GLY PA 122 47.23 27.35 -94.94
C GLY PA 122 46.12 27.12 -93.93
N ASP PA 123 44.96 27.71 -94.23
CA ASP PA 123 43.79 27.61 -93.38
C ASP PA 123 42.78 26.59 -93.91
N ASN PA 124 43.16 25.80 -94.90
CA ASN PA 124 42.27 24.82 -95.51
C ASN PA 124 42.63 23.42 -95.05
N SER PA 125 41.63 22.66 -94.60
CA SER PA 125 41.84 21.30 -94.14
C SER PA 125 40.79 20.38 -94.75
N PRO PA 126 41.18 19.19 -95.21
CA PRO PA 126 40.20 18.25 -95.76
C PRO PA 126 39.20 17.82 -94.70
N VAL PA 127 37.95 17.64 -95.13
CA VAL PA 127 36.86 17.24 -94.26
C VAL PA 127 36.11 16.10 -94.92
N GLN PA 128 35.90 15.01 -94.19
CA GLN PA 128 35.17 13.84 -94.67
C GLN PA 128 33.83 13.77 -93.96
N ALA PA 129 32.78 13.43 -94.73
CA ALA PA 129 31.46 13.26 -94.14
C ALA PA 129 31.47 12.10 -93.15
N LEU PA 130 30.81 12.31 -92.02
CA LEU PA 130 30.76 11.28 -90.98
C LEU PA 130 29.75 10.19 -91.27
N GLU PA 131 28.90 10.36 -92.28
CA GLU PA 131 27.91 9.36 -92.64
C GLU PA 131 27.82 9.26 -94.16
N VAL PA 132 27.39 8.10 -94.63
CA VAL PA 132 27.21 7.87 -96.06
C VAL PA 132 25.89 8.47 -96.52
N GLY PA 133 25.89 9.04 -97.71
CA GLY PA 133 24.69 9.61 -98.29
C GLY PA 133 25.01 10.74 -99.24
N LYS PA 134 24.11 10.96 -100.20
CA LYS PA 134 24.27 12.04 -101.16
C LYS PA 134 24.00 13.40 -100.54
N LYS PA 135 23.24 13.45 -99.44
CA LYS PA 135 22.96 14.72 -98.77
C LYS PA 135 24.22 15.40 -98.26
N TYR PA 136 25.29 14.64 -98.00
CA TYR PA 136 26.53 15.21 -97.51
C TYR PA 136 27.36 15.86 -98.62
N ASN PA 137 26.98 15.68 -99.88
CA ASN PA 137 27.69 16.31 -101.00
C ASN PA 137 27.29 17.78 -101.07
N LEU PA 138 27.80 18.56 -100.11
CA LEU PA 138 27.43 19.95 -100.00
C LEU PA 138 28.03 20.78 -101.13
N PRO PA 139 27.35 21.85 -101.54
CA PRO PA 139 27.93 22.75 -102.55
C PRO PA 139 29.03 23.62 -101.95
N THR PA 140 29.67 24.43 -102.79
CA THR PA 140 30.74 25.29 -102.34
C THR PA 140 30.21 26.46 -101.51
N ASN PA 141 31.11 27.07 -100.75
CA ASN PA 141 30.83 28.27 -99.96
C ASN PA 141 29.73 28.04 -98.92
N CYS PA 142 29.61 26.81 -98.42
CA CYS PA 142 28.68 26.53 -97.35
C CYS PA 142 29.30 26.89 -96.00
N GLU PA 143 28.49 27.45 -95.11
CA GLU PA 143 28.95 27.87 -93.80
C GLU PA 143 28.78 26.73 -92.80
N PHE PA 144 29.89 26.33 -92.18
CA PHE PA 144 29.91 25.23 -91.22
C PHE PA 144 30.00 25.78 -89.80
N LYS PA 145 29.45 25.03 -88.87
CA LYS PA 145 29.39 25.42 -87.47
C LYS PA 145 30.11 24.40 -86.61
N LEU PA 146 30.91 24.89 -85.66
CA LEU PA 146 31.68 24.02 -84.77
C LEU PA 146 30.77 23.44 -83.70
N VAL PA 147 30.72 22.11 -83.62
CA VAL PA 147 30.00 21.47 -82.52
C VAL PA 147 30.65 21.80 -81.20
N ASP PA 148 31.98 21.70 -81.14
CA ASP PA 148 32.75 22.10 -79.98
C ASP PA 148 33.36 23.47 -80.25
N ASN PA 149 33.04 24.43 -79.38
CA ASN PA 149 33.50 25.80 -79.58
C ASN PA 149 35.01 25.89 -79.37
N ILE PA 150 35.69 26.53 -80.32
CA ILE PA 150 37.14 26.74 -80.26
C ILE PA 150 37.40 28.23 -80.28
N SER PA 151 38.19 28.71 -79.31
CA SER PA 151 38.52 30.12 -79.25
C SER PA 151 39.37 30.52 -80.45
N GLY PA 152 39.08 31.69 -81.00
CA GLY PA 152 39.83 32.19 -82.15
C GLY PA 152 39.36 31.71 -83.50
N VAL PA 153 38.27 30.95 -83.56
CA VAL PA 153 37.70 30.47 -84.81
C VAL PA 153 36.37 31.19 -85.02
N THR PA 154 36.21 31.83 -86.18
CA THR PA 154 35.04 32.65 -86.46
C THR PA 154 34.20 32.07 -87.60
N LYS PA 155 34.79 31.86 -88.77
CA LYS PA 155 34.06 31.41 -89.94
C LYS PA 155 34.66 30.12 -90.50
N ILE PA 156 33.79 29.20 -90.89
CA ILE PA 156 34.19 27.95 -91.53
C ILE PA 156 33.42 27.84 -92.83
N THR PA 157 34.13 27.87 -93.95
CA THR PA 157 33.52 27.76 -95.27
C THR PA 157 34.38 26.88 -96.15
N ASN PA 158 33.74 26.25 -97.14
CA ASN PA 158 34.41 25.35 -98.06
C ASN PA 158 34.62 26.04 -99.39
N THR PA 159 35.86 26.00 -99.89
CA THR PA 159 36.18 26.65 -101.16
C THR PA 159 35.63 25.88 -102.36
N ARG PA 160 35.23 24.63 -102.17
CA ARG PA 160 34.72 23.82 -103.27
C ARG PA 160 33.62 22.91 -102.74
N SER PA 161 32.78 22.44 -103.66
CA SER PA 161 31.69 21.55 -103.30
C SER PA 161 32.23 20.19 -102.85
N PHE PA 162 31.55 19.59 -101.87
CA PHE PA 162 31.95 18.28 -101.37
C PHE PA 162 31.53 17.19 -102.35
N GLU PA 163 32.37 16.17 -102.49
CA GLU PA 163 32.11 15.06 -103.40
C GLU PA 163 32.48 13.77 -102.71
N GLY PA 164 32.00 12.66 -103.28
CA GLY PA 164 32.27 11.33 -102.76
C GLY PA 164 31.16 10.74 -101.91
N GLY PA 165 30.06 11.44 -101.73
CA GLY PA 165 28.96 10.93 -100.93
C GLY PA 165 27.99 10.09 -101.72
N THR PA 166 28.39 8.87 -102.06
CA THR PA 166 27.51 7.97 -102.78
C THR PA 166 26.33 7.56 -101.92
N ASP PA 167 25.18 7.39 -102.56
CA ASP PA 167 23.94 7.09 -101.84
C ASP PA 167 23.99 5.69 -101.22
N ILE PA 168 23.27 5.54 -100.11
CA ILE PA 168 23.21 4.25 -99.43
C ILE PA 168 22.37 3.28 -100.25
N GLU PA 169 22.80 2.01 -100.27
CA GLU PA 169 22.10 1.01 -101.05
C GLU PA 169 20.68 0.78 -100.52
N THR PA 170 19.75 0.59 -101.44
CA THR PA 170 18.39 0.23 -101.12
C THR PA 170 18.11 -1.17 -101.63
N ASP PA 171 17.14 -1.85 -101.01
CA ASP PA 171 16.81 -3.22 -101.40
C ASP PA 171 16.32 -3.30 -102.84
N GLU PA 172 15.62 -2.27 -103.31
CA GLU PA 172 15.13 -2.27 -104.68
C GLU PA 172 16.28 -2.28 -105.68
N GLU PA 173 17.31 -1.45 -105.43
CA GLU PA 173 18.45 -1.40 -106.35
C GLU PA 173 19.19 -2.74 -106.37
N LEU PA 174 19.40 -3.35 -105.20
CA LEU PA 174 20.06 -4.65 -105.14
C LEU PA 174 19.24 -5.71 -105.86
N LYS PA 175 17.92 -5.69 -105.67
CA LYS PA 175 17.07 -6.65 -106.37
C LYS PA 175 17.13 -6.47 -107.87
N GLU PA 176 17.11 -5.22 -108.34
CA GLU PA 176 17.19 -4.97 -109.78
C GLU PA 176 18.54 -5.43 -110.34
N ARG PA 177 19.62 -5.17 -109.61
CA ARG PA 177 20.93 -5.64 -110.06
C ARG PA 177 20.99 -7.16 -110.12
N PHE PA 178 20.44 -7.82 -109.11
CA PHE PA 178 20.40 -9.29 -109.11
C PHE PA 178 19.59 -9.81 -110.29
N TYR PA 179 18.44 -9.18 -110.56
CA TYR PA 179 17.59 -9.63 -111.66
C TYR PA 179 18.26 -9.43 -113.01
N LYS PA 180 18.86 -8.27 -113.23
CA LYS PA 180 19.54 -8.02 -114.50
C LYS PA 180 20.76 -8.93 -114.67
N ILE PA 181 21.43 -9.26 -113.56
CA ILE PA 181 22.49 -10.26 -113.63
C ILE PA 181 21.90 -11.62 -113.99
N GLN PA 182 20.71 -11.92 -113.49
CA GLN PA 182 20.06 -13.19 -113.81
C GLN PA 182 19.77 -13.30 -115.31
N ARG PA 183 19.29 -12.21 -115.93
CA ARG PA 183 19.24 -12.21 -117.39
C ARG PA 183 20.63 -12.26 -118.00
N ASN PA 184 21.61 -11.60 -117.39
CA ASN PA 184 22.94 -11.57 -117.96
C ASN PA 184 23.59 -12.95 -117.91
N GLN PA 185 24.03 -13.43 -119.07
CA GLN PA 185 24.80 -14.66 -119.18
C GLN PA 185 26.26 -14.23 -119.33
N ALA PA 186 26.90 -13.96 -118.19
CA ALA PA 186 28.24 -13.41 -118.18
C ALA PA 186 29.25 -14.45 -118.65
N THR PA 187 30.47 -13.98 -118.90
CA THR PA 187 31.56 -14.82 -119.36
C THR PA 187 32.87 -14.08 -119.07
N SER PA 188 33.90 -14.83 -118.68
CA SER PA 188 35.20 -14.21 -118.45
C SER PA 188 35.65 -13.51 -119.72
N GLY PA 189 35.66 -12.18 -119.69
CA GLY PA 189 35.93 -11.41 -120.89
C GLY PA 189 34.76 -11.35 -121.86
N ASN PA 190 33.68 -10.69 -121.46
CA ASN PA 190 32.60 -10.38 -122.38
C ASN PA 190 31.89 -9.11 -121.91
N LYS PA 191 31.14 -8.50 -122.82
CA LYS PA 191 30.51 -7.21 -122.54
C LYS PA 191 29.67 -7.26 -121.27
N ALA PA 192 29.00 -8.39 -121.02
CA ALA PA 192 28.25 -8.55 -119.79
C ALA PA 192 29.15 -8.50 -118.58
N HIS PA 193 30.34 -9.09 -118.66
CA HIS PA 193 31.23 -9.09 -117.52
C HIS PA 193 31.74 -7.69 -117.23
N TYR PA 194 32.05 -6.91 -118.28
CA TYR PA 194 32.46 -5.52 -118.08
C TYR PA 194 31.33 -4.68 -117.50
N GLU PA 195 30.11 -4.85 -118.00
CA GLU PA 195 29.01 -4.06 -117.46
C GLU PA 195 28.70 -4.46 -116.02
N GLU PA 196 28.90 -5.73 -115.68
CA GLU PA 196 28.78 -6.15 -114.28
C GLU PA 196 29.87 -5.51 -113.42
N TRP PA 197 31.09 -5.42 -113.97
CA TRP PA 197 32.15 -4.69 -113.28
C TRP PA 197 31.74 -3.25 -113.01
N ALA PA 198 31.13 -2.61 -114.00
CA ALA PA 198 30.64 -1.25 -113.82
C ALA PA 198 29.56 -1.20 -112.76
N LEU PA 199 28.68 -2.20 -112.72
CA LEU PA 199 27.64 -2.24 -111.69
C LEU PA 199 28.23 -2.39 -110.30
N GLU PA 200 29.43 -2.96 -110.18
CA GLU PA 200 30.07 -3.10 -108.87
C GLU PA 200 30.43 -1.76 -108.25
N VAL PA 201 30.50 -0.70 -109.03
CA VAL PA 201 30.92 0.60 -108.55
C VAL PA 201 29.72 1.38 -108.04
N ASP PA 202 29.93 2.14 -106.98
CA ASP PA 202 28.85 2.90 -106.36
C ASP PA 202 28.33 3.98 -107.31
N GLY PA 203 27.02 4.19 -107.30
CA GLY PA 203 26.41 5.24 -108.09
C GLY PA 203 26.28 4.95 -109.56
N VAL PA 204 26.54 3.72 -110.00
CA VAL PA 204 26.43 3.35 -111.41
C VAL PA 204 25.02 2.79 -111.60
N TYR PA 205 24.06 3.67 -111.86
CA TYR PA 205 22.68 3.26 -112.04
C TYR PA 205 22.47 2.63 -113.41
N ASN PA 206 23.13 3.15 -114.44
CA ASN PA 206 22.97 2.66 -115.81
C ASN PA 206 24.35 2.46 -116.43
N VAL PA 207 24.47 1.39 -117.22
CA VAL PA 207 25.73 1.02 -117.86
C VAL PA 207 25.51 0.92 -119.36
N LYS PA 208 26.41 1.53 -120.13
CA LYS PA 208 26.43 1.40 -121.57
C LYS PA 208 27.84 1.05 -122.02
N VAL PA 209 27.96 -0.03 -122.80
CA VAL PA 209 29.25 -0.52 -123.27
C VAL PA 209 29.20 -0.56 -124.79
N TYR PA 210 30.22 0.02 -125.43
CA TYR PA 210 30.30 0.06 -126.89
C TYR PA 210 31.58 -0.61 -127.34
N PRO PA 211 31.52 -1.83 -127.86
CA PRO PA 211 32.74 -2.53 -128.27
C PRO PA 211 33.24 -2.05 -129.62
N ARG PA 212 34.57 -2.06 -129.76
CA ARG PA 212 35.25 -1.68 -131.01
C ARG PA 212 34.88 -0.26 -131.43
N TRP PA 213 34.73 0.64 -130.45
CA TRP PA 213 34.42 2.03 -130.78
C TRP PA 213 35.57 2.67 -131.57
N ASP PA 214 36.81 2.39 -131.17
CA ASP PA 214 37.98 2.77 -131.96
C ASP PA 214 38.57 1.59 -132.72
N GLY PA 215 37.95 0.42 -132.63
CA GLY PA 215 38.38 -0.72 -133.41
C GLY PA 215 39.14 -1.76 -132.59
N PRO PA 216 40.42 -1.92 -132.88
CA PRO PA 216 41.20 -3.01 -132.28
C PRO PA 216 41.44 -2.78 -130.79
N GLY PA 217 40.90 -3.68 -129.97
CA GLY PA 217 41.15 -3.66 -128.54
C GLY PA 217 40.70 -2.39 -127.84
N THR PA 218 39.54 -1.87 -128.20
CA THR PA 218 39.03 -0.62 -127.63
C THR PA 218 37.62 -0.82 -127.13
N VAL PA 219 37.36 -0.38 -125.91
CA VAL PA 219 36.04 -0.45 -125.27
C VAL PA 219 35.61 0.94 -124.88
N LYS PA 220 34.38 1.31 -125.25
CA LYS PA 220 33.78 2.58 -124.84
C LYS PA 220 32.79 2.29 -123.72
N VAL PA 221 33.05 2.85 -122.55
CA VAL PA 221 32.21 2.63 -121.37
C VAL PA 221 31.47 3.92 -121.06
N LEU PA 222 30.14 3.84 -121.03
CA LEU PA 222 29.30 4.98 -120.71
C LEU PA 222 28.44 4.63 -119.50
N ILE PA 223 28.41 5.53 -118.51
CA ILE PA 223 27.69 5.30 -117.27
C ILE PA 223 26.78 6.50 -117.01
N PHE PA 224 25.75 6.27 -116.19
CA PHE PA 224 24.77 7.29 -115.86
C PHE PA 224 24.50 7.27 -114.37
N GLY PA 225 24.07 8.42 -113.86
CA GLY PA 225 23.65 8.54 -112.48
C GLY PA 225 22.21 8.14 -112.30
N LYS PA 226 21.64 8.56 -111.17
CA LYS PA 226 20.24 8.26 -110.90
C LYS PA 226 19.34 8.97 -111.90
N ASN PA 227 18.34 8.24 -112.39
CA ASN PA 227 17.39 8.76 -113.38
C ASN PA 227 18.12 9.30 -114.61
N ASN PA 228 19.16 8.58 -115.04
CA ASN PA 228 19.96 8.95 -116.21
C ASN PA 228 20.59 10.32 -116.03
N GLN PA 229 21.34 10.50 -114.95
CA GLN PA 229 22.04 11.73 -114.64
C GLN PA 229 23.54 11.55 -114.82
N ALA PA 230 24.27 12.64 -114.63
CA ALA PA 230 25.72 12.60 -114.72
C ALA PA 230 26.33 12.08 -113.42
N VAL PA 231 27.58 11.64 -113.50
CA VAL PA 231 28.32 11.14 -112.36
C VAL PA 231 29.56 11.98 -112.18
N ASP PA 232 29.98 12.17 -110.93
CA ASP PA 232 31.14 12.97 -110.63
C ASP PA 232 32.41 12.31 -111.15
N THR PA 233 33.44 13.13 -111.38
CA THR PA 233 34.70 12.62 -111.91
C THR PA 233 35.38 11.65 -110.96
N GLU PA 234 35.18 11.82 -109.66
CA GLU PA 234 35.74 10.88 -108.69
C GLU PA 234 35.14 9.50 -108.85
N THR PA 235 33.82 9.42 -109.07
CA THR PA 235 33.18 8.14 -109.29
C THR PA 235 33.70 7.48 -110.57
N ILE PA 236 33.89 8.27 -111.63
CA ILE PA 236 34.44 7.72 -112.87
C ILE PA 236 35.84 7.19 -112.65
N GLU PA 237 36.66 7.94 -111.91
CA GLU PA 237 38.03 7.50 -111.64
C GLU PA 237 38.03 6.20 -110.83
N ARG PA 238 37.18 6.11 -109.81
CA ARG PA 238 37.11 4.89 -109.01
C ARG PA 238 36.66 3.71 -109.86
N CYS PA 239 35.64 3.93 -110.71
CA CYS PA 239 35.16 2.85 -111.57
C CYS PA 239 36.23 2.37 -112.53
N GLN PA 240 36.94 3.31 -113.17
CA GLN PA 240 37.94 2.92 -114.14
C GLN PA 240 39.14 2.25 -113.47
N GLN PA 241 39.54 2.70 -112.28
CA GLN PA 241 40.65 2.05 -111.61
C GLN PA 241 40.27 0.66 -111.13
N HIS PA 242 39.03 0.48 -110.64
CA HIS PA 242 38.57 -0.86 -110.27
C HIS PA 242 38.55 -1.78 -111.49
N ILE PA 243 38.04 -1.28 -112.61
CA ILE PA 243 38.03 -2.07 -113.83
C ILE PA 243 39.45 -2.47 -114.20
N ASP PA 244 40.36 -1.49 -114.26
CA ASP PA 244 41.75 -1.79 -114.59
C ASP PA 244 42.36 -2.79 -113.63
N GLU PA 245 41.94 -2.76 -112.36
CA GLU PA 245 42.36 -3.81 -111.44
C GLU PA 245 41.86 -5.18 -111.89
N GLU PA 246 40.62 -5.26 -112.36
CA GLU PA 246 40.07 -6.54 -112.79
C GLU PA 246 40.05 -6.76 -114.30
N LYS PA 247 40.18 -5.71 -115.11
CA LYS PA 247 40.03 -5.86 -116.55
C LYS PA 247 41.20 -6.62 -117.17
N PRO PA 248 41.00 -7.18 -118.36
CA PRO PA 248 42.14 -7.73 -119.11
C PRO PA 248 43.18 -6.66 -119.40
N ILE PA 249 44.44 -7.07 -119.38
CA ILE PA 249 45.55 -6.14 -119.62
C ILE PA 249 45.74 -5.98 -121.11
N GLY PA 250 45.71 -4.74 -121.59
CA GLY PA 250 45.90 -4.45 -122.99
C GLY PA 250 44.79 -3.65 -123.65
N PRO PA 251 43.52 -3.99 -123.36
CA PRO PA 251 42.42 -3.16 -123.88
C PRO PA 251 42.46 -1.74 -123.35
N THR PA 252 42.00 -0.82 -124.20
CA THR PA 252 41.86 0.59 -123.83
C THR PA 252 40.41 0.86 -123.45
N ILE PA 253 40.21 1.39 -122.25
CA ILE PA 253 38.88 1.64 -121.71
C ILE PA 253 38.70 3.13 -121.51
N THR PA 254 37.60 3.66 -122.02
CA THR PA 254 37.24 5.06 -121.85
C THR PA 254 35.92 5.15 -121.12
N VAL PA 255 35.90 5.89 -120.01
CA VAL PA 255 34.71 6.07 -119.20
C VAL PA 255 34.33 7.55 -119.23
N VAL PA 256 33.09 7.84 -119.59
CA VAL PA 256 32.60 9.20 -119.72
C VAL PA 256 31.28 9.33 -118.97
N THR PA 257 30.83 10.58 -118.83
CA THR PA 257 29.59 10.92 -118.16
C THR PA 257 28.75 11.81 -119.06
N PRO PA 258 27.43 11.74 -118.94
CA PRO PA 258 26.58 12.62 -119.75
C PRO PA 258 26.79 14.08 -119.41
N LEU PA 259 26.64 14.94 -120.43
CA LEU PA 259 26.79 16.37 -120.26
C LEU PA 259 25.47 17.07 -120.54
N PRO PA 260 25.12 18.10 -119.76
CA PRO PA 260 23.83 18.77 -119.94
C PRO PA 260 23.81 19.63 -121.20
N ILE PA 261 22.60 19.93 -121.65
CA ILE PA 261 22.36 20.84 -122.76
C ILE PA 261 21.64 22.07 -122.20
N GLU PA 262 22.25 23.24 -122.37
CA GLU PA 262 21.67 24.46 -121.84
C GLU PA 262 20.58 24.99 -122.76
N ILE PA 263 19.52 25.53 -122.15
CA ILE PA 263 18.38 26.07 -122.88
C ILE PA 263 18.07 27.46 -122.32
N SER PA 264 17.48 28.29 -123.17
CA SER PA 264 17.03 29.62 -122.78
C SER PA 264 15.60 29.81 -123.27
N ILE PA 265 14.74 30.35 -122.39
CA ILE PA 265 13.31 30.51 -122.67
C ILE PA 265 12.99 31.99 -122.67
N SER PA 266 12.37 32.46 -123.76
CA SER PA 266 11.96 33.85 -123.89
C SER PA 266 10.52 33.90 -124.39
N ALA PA 267 9.68 34.62 -123.68
CA ALA PA 267 8.26 34.75 -124.06
C ALA PA 267 7.68 35.98 -123.39
N VAL PA 268 6.55 36.44 -123.93
CA VAL PA 268 5.77 37.53 -123.36
C VAL PA 268 4.45 36.94 -122.90
N MET PA 269 4.22 36.95 -121.58
CA MET PA 269 3.08 36.28 -120.98
C MET PA 269 2.32 37.23 -120.09
N LYS PA 270 1.01 37.34 -120.30
CA LYS PA 270 0.14 38.19 -119.50
C LYS PA 270 -0.23 37.46 -118.22
N LEU PA 271 0.23 37.98 -117.09
CA LEU PA 271 0.02 37.32 -115.81
C LEU PA 271 -1.43 37.50 -115.34
N GLU PA 272 -1.89 36.55 -114.53
CA GLU PA 272 -3.21 36.65 -113.94
C GLU PA 272 -3.17 37.57 -112.71
N ASP PA 273 -4.35 37.90 -112.21
CA ASP PA 273 -4.46 38.77 -111.05
C ASP PA 273 -3.94 38.07 -109.79
N GLY PA 274 -3.19 38.81 -108.98
CA GLY PA 274 -2.66 38.27 -107.74
C GLY PA 274 -1.46 37.37 -107.89
N TYR PA 275 -0.86 37.28 -109.08
CA TYR PA 275 0.29 36.43 -109.34
C TYR PA 275 1.44 37.29 -109.85
N THR PA 276 2.61 37.12 -109.24
CA THR PA 276 3.81 37.85 -109.62
C THR PA 276 4.70 36.99 -110.51
N LEU PA 277 5.73 37.63 -111.08
CA LEU PA 277 6.60 36.94 -112.03
C LEU PA 277 7.39 35.83 -111.35
N ASP PA 278 7.84 36.04 -110.12
CA ASP PA 278 8.68 35.05 -109.45
C ASP PA 278 7.92 33.75 -109.20
N ASN PA 279 6.65 33.85 -108.76
CA ASN PA 279 5.89 32.66 -108.43
C ASN PA 279 5.64 31.80 -109.67
N VAL PA 280 5.18 32.42 -110.75
CA VAL PA 280 4.92 31.67 -111.98
C VAL PA 280 6.22 31.15 -112.56
N LYS PA 281 7.32 31.92 -112.44
CA LYS PA 281 8.60 31.44 -112.92
C LYS PA 281 9.07 30.20 -112.17
N GLU PA 282 8.92 30.20 -110.84
CA GLU PA 282 9.30 29.03 -110.06
C GLU PA 282 8.42 27.83 -110.38
N SER PA 283 7.10 28.06 -110.51
CA SER PA 283 6.20 26.95 -110.84
C SER PA 283 6.53 26.35 -112.21
N PHE PA 284 6.80 27.21 -113.20
CA PHE PA 284 7.19 26.73 -114.51
C PHE PA 284 8.55 26.04 -114.47
N LEU PA 285 9.46 26.51 -113.61
CA LEU PA 285 10.74 25.83 -113.46
C LEU PA 285 10.55 24.41 -112.92
N GLU PA 286 9.70 24.26 -111.92
CA GLU PA 286 9.41 22.92 -111.40
C GLU PA 286 8.74 22.05 -112.46
N SER PA 287 7.80 22.62 -113.21
CA SER PA 287 7.11 21.86 -114.24
C SER PA 287 8.07 21.41 -115.33
N ILE PA 288 8.95 22.30 -115.78
CA ILE PA 288 9.89 21.94 -116.83
C ILE PA 288 10.93 20.96 -116.29
N ASN PA 289 11.28 21.05 -115.02
CA ASN PA 289 12.21 20.09 -114.43
C ASN PA 289 11.61 18.69 -114.41
N THR PA 290 10.36 18.56 -113.96
CA THR PA 290 9.73 17.24 -113.96
C THR PA 290 9.45 16.75 -115.37
N TYR PA 291 9.19 17.66 -116.31
CA TYR PA 291 9.05 17.27 -117.71
C TYR PA 291 10.36 16.72 -118.26
N PHE PA 292 11.48 17.37 -117.95
CA PHE PA 292 12.79 16.88 -118.38
C PHE PA 292 13.08 15.53 -117.74
N ARG PA 293 12.70 15.35 -116.47
CA ARG PA 293 12.85 14.05 -115.84
C ARG PA 293 12.01 12.99 -116.55
N ASP PA 294 10.84 13.38 -117.06
CA ASP PA 294 9.94 12.46 -117.73
C ASP PA 294 10.06 12.49 -119.25
N ILE PA 295 11.03 13.22 -119.80
CA ILE PA 295 11.14 13.37 -121.24
C ILE PA 295 12.03 12.26 -121.80
N ARG PA 296 11.86 12.00 -123.10
CA ARG PA 296 12.70 11.06 -123.83
C ARG PA 296 12.70 11.47 -125.29
N GLY PA 297 13.88 11.44 -125.91
CA GLY PA 297 13.99 11.81 -127.31
C GLY PA 297 14.46 13.23 -127.52
N GLU PA 298 13.53 14.14 -127.80
CA GLU PA 298 13.82 15.54 -128.05
C GLU PA 298 12.87 16.41 -127.24
N ILE PA 299 13.32 17.62 -126.93
CA ILE PA 299 12.45 18.60 -126.29
C ILE PA 299 11.45 19.12 -127.33
N ILE PA 300 10.17 19.08 -126.98
CA ILE PA 300 9.10 19.48 -127.88
C ILE PA 300 8.63 20.87 -127.49
N TYR PA 301 8.72 21.81 -128.42
CA TYR PA 301 8.34 23.19 -128.16
C TYR PA 301 6.87 23.31 -127.78
N THR PA 302 6.04 22.40 -128.31
CA THR PA 302 4.61 22.43 -127.98
C THR PA 302 4.34 21.96 -126.58
N LYS PA 303 5.06 20.91 -126.13
CA LYS PA 303 4.95 20.49 -124.74
C LYS PA 303 5.43 21.58 -123.80
N VAL PA 304 6.47 22.33 -124.20
CA VAL PA 304 6.95 23.44 -123.40
C VAL PA 304 5.86 24.52 -123.29
N MET PA 305 5.23 24.86 -124.42
CA MET PA 305 4.17 25.86 -124.36
C MET PA 305 3.00 25.39 -123.50
N GLY PA 306 2.62 24.12 -123.63
CA GLY PA 306 1.51 23.61 -122.84
C GLY PA 306 1.81 23.58 -121.36
N ILE PA 307 3.04 23.17 -121.00
CA ILE PA 307 3.40 23.14 -119.59
C ILE PA 307 3.61 24.55 -119.04
N LEU PA 308 3.81 25.54 -119.91
CA LEU PA 308 3.85 26.92 -119.44
C LEU PA 308 2.46 27.49 -119.23
N ILE PA 309 1.54 27.26 -120.18
CA ILE PA 309 0.19 27.80 -120.04
C ILE PA 309 -0.55 27.11 -118.89
N ASN PA 310 -0.32 25.82 -118.68
CA ASN PA 310 -0.96 25.12 -117.57
C ASN PA 310 -0.49 25.61 -116.21
N THR PA 311 0.61 26.37 -116.16
CA THR PA 311 1.07 26.92 -114.90
C THR PA 311 0.04 27.86 -114.30
N THR PA 312 -0.15 27.75 -112.99
CA THR PA 312 -1.11 28.60 -112.30
C THR PA 312 -0.68 30.06 -112.37
N GLY PA 313 -1.64 30.95 -112.59
CA GLY PA 313 -1.37 32.36 -112.73
C GLY PA 313 -1.00 32.81 -114.12
N VAL PA 314 -1.07 31.92 -115.11
CA VAL PA 314 -0.73 32.25 -116.49
C VAL PA 314 -2.03 32.43 -117.27
N HIS PA 315 -2.23 33.63 -117.82
CA HIS PA 315 -3.43 33.97 -118.56
C HIS PA 315 -3.24 33.92 -120.07
N ASP PA 316 -2.30 34.70 -120.60
CA ASP PA 316 -2.09 34.79 -122.02
C ASP PA 316 -0.60 34.99 -122.29
N LEU PA 317 -0.04 34.13 -123.14
CA LEU PA 317 1.38 34.21 -123.48
C LEU PA 317 1.53 34.40 -124.98
N SER PA 318 2.76 34.75 -125.39
CA SER PA 318 3.05 34.99 -126.79
C SER PA 318 4.54 34.85 -127.03
N ASN PA 319 4.89 34.68 -128.31
CA ASN PA 319 6.28 34.60 -128.79
C ASN PA 319 7.16 33.75 -127.87
N LEU PA 320 6.70 32.54 -127.61
CA LEU PA 320 7.50 31.60 -126.82
C LEU PA 320 8.65 31.06 -127.66
N LEU PA 321 9.85 31.10 -127.11
CA LEU PA 321 11.05 30.66 -127.82
C LEU PA 321 11.92 29.84 -126.88
N ILE PA 322 12.36 28.68 -127.36
CA ILE PA 322 13.38 27.88 -126.66
C ILE PA 322 14.70 28.07 -127.40
N ASN PA 323 15.68 28.65 -126.70
CA ASN PA 323 16.94 29.07 -127.31
C ASN PA 323 16.71 30.00 -128.49
N GLY PA 324 15.71 30.86 -128.37
CA GLY PA 324 15.38 31.81 -129.42
C GLY PA 324 14.69 31.22 -130.62
N SER PA 325 14.18 29.99 -130.53
CA SER PA 325 13.54 29.33 -131.67
C SER PA 325 12.32 28.57 -131.18
N THR PA 326 11.42 28.30 -132.13
CA THR PA 326 10.22 27.52 -131.88
C THR PA 326 10.33 26.09 -132.39
N ASP PA 327 11.53 25.64 -132.74
CA ASP PA 327 11.74 24.31 -133.30
C ASP PA 327 12.21 23.36 -132.20
N ASN PA 328 11.79 22.10 -132.33
CA ASN PA 328 12.23 21.07 -131.41
C ASN PA 328 13.72 20.81 -131.56
N ILE PA 329 14.40 20.58 -130.44
CA ILE PA 329 15.85 20.39 -130.40
C ILE PA 329 16.12 18.96 -129.98
N THR PA 330 16.96 18.27 -130.77
CA THR PA 330 17.26 16.87 -130.49
C THR PA 330 18.15 16.74 -129.26
N ILE PA 331 17.77 15.85 -128.35
CA ILE PA 331 18.58 15.52 -127.18
C ILE PA 331 19.33 14.23 -127.52
N ASN PA 332 20.62 14.36 -127.81
CA ASN PA 332 21.41 13.22 -128.24
C ASN PA 332 21.77 12.33 -127.04
N GLU PA 333 22.57 11.30 -127.32
CA GLU PA 333 23.01 10.39 -126.27
C GLU PA 333 23.92 11.11 -125.29
N ASP PA 334 23.98 10.57 -124.06
CA ASP PA 334 24.70 11.16 -122.93
C ASP PA 334 24.52 12.67 -122.86
N LYS PA 335 23.29 13.12 -123.07
CA LYS PA 335 22.96 14.54 -123.03
C LYS PA 335 21.59 14.72 -122.38
N ILE PA 336 21.47 15.75 -121.54
CA ILE PA 336 20.20 16.05 -120.88
C ILE PA 336 19.90 17.54 -121.05
N PRO PA 337 18.64 17.93 -121.09
CA PRO PA 337 18.31 19.37 -121.17
C PRO PA 337 18.46 20.05 -119.82
N SER PA 338 19.08 21.21 -119.82
CA SER PA 338 19.32 21.99 -118.62
C SER PA 338 18.78 23.40 -118.81
N VAL PA 339 18.02 23.88 -117.84
CA VAL PA 339 17.46 25.22 -117.90
C VAL PA 339 18.51 26.20 -117.38
N THR PA 340 18.82 27.21 -118.20
CA THR PA 340 19.84 28.20 -117.85
C THR PA 340 19.29 29.62 -117.81
N THR PA 341 18.47 30.01 -118.77
CA THR PA 341 17.94 31.37 -118.85
C THR PA 341 16.42 31.31 -118.95
N VAL PA 342 15.75 32.07 -118.10
CA VAL PA 342 14.29 32.19 -118.11
C VAL PA 342 13.94 33.67 -118.30
N ASN PA 343 13.27 33.98 -119.39
CA ASN PA 343 12.88 35.35 -119.73
C ASN PA 343 11.38 35.39 -119.94
N PHE PA 344 10.67 36.01 -118.99
CA PHE PA 344 9.22 36.15 -119.07
C PHE PA 344 8.85 37.62 -118.84
N SER PA 345 7.89 38.10 -119.62
CA SER PA 345 7.47 39.49 -119.53
C SER PA 345 5.98 39.58 -119.80
N GLU PA 346 5.39 40.70 -119.37
CA GLU PA 346 3.98 40.94 -119.56
C GLU PA 346 3.73 42.11 -120.52
#